data_6S6X
#
_entry.id   6S6X
#
_cell.length_a   1.00
_cell.length_b   1.00
_cell.length_c   1.00
_cell.angle_alpha   90.00
_cell.angle_beta   90.00
_cell.angle_gamma   90.00
#
_symmetry.space_group_name_H-M   'P 1'
#
loop_
_entity.id
_entity.type
_entity.pdbx_description
1 polymer 'Glutamate synthase [NADPH] large chain'
2 polymer 'Glutamate synthase [NADPH] small chain'
3 non-polymer 'FLAVIN MONONUCLEOTIDE'
4 non-polymer 'FE3-S4 CLUSTER'
5 non-polymer 'IRON/SULFUR CLUSTER'
6 non-polymer 'FLAVIN-ADENINE DINUCLEOTIDE'
#
loop_
_entity_poly.entity_id
_entity_poly.type
_entity_poly.pdbx_seq_one_letter_code
_entity_poly.pdbx_strand_id
1 'polypeptide(L)'
;MTTELNQGEQFVADFRANAAALTTANAYNPEDEHDACGVGFIAAIDGKPRRSVVEKGIEALKAVWHRGAVDADGKTGDGA
GIHVAVPQKFFKDHVKVIGHRAPDNKLAVGQVFLPRISLDAQEACRCIVETEILAFGYYIYGWRQVPINVDIIGEKANAT
RPEIEQIIVGNNKGVSDEQFELDLYIIRRRIEKAVKGEQINDFYICSLSARSIIYKGMFLAEQLTTFYPDLLDERFESDF
AIYHQRYSTNTFPTWPLAQPFRMLAHNGEINTVKGNVNWMKAHETRMEHPAFGTHMQDLKPVIGVGLSDSGSLDTVFEVM
VRAGRTAPMVKMMLVPQALTSSQTTPDNHKALIQYCNSVMEPWDGPAALAMTDGRWVVGGMDRNGLRPMRYTITTDGLII
GGSETGMVKIDETQVIEKGRLGPGEMIAVDLQSGKLYRDRELKDHLATLKPWDKWVQNTTHLDELVKTASLKGEPSDMDK
AELRRRQQAFGLTMEDMELILHPMVEDGKEAIGSMGDDSPIAVLSDKYRGLHHFFRQNFSQVTNPPIDSLRERRVMSLKT
RLGNLGNILDEDETQTRLLQLESPVLTTAEFRAMRDYMGDTAAEIDATFPVDGGPEALRDALRRIRQETEDAVRGGATHV
ILTDEAMGPARAAIPAILATGAVHTHLIRSNLRTFTSLNVRTAEGLDTHYFAVLIGVGATTVNAYLAQEAIAERHRRGLF
GSMPLEKGMANYKKAIDDGLLKIMSKMGISVISSYRGGGNFEAIGLSRALVAEHFPAMVSRISGIGLNGIQKKVLEQHAT
AYNEEVVALPVGGFYRFRKSGDRHGWEGGVIHTLQQAVTNDSYTTFKKYSEQVNKRPPMQLRDLLELRSTKAPVPVDEVE
SITAIRKRFITPGMSMGALSPEAHGTLNVAMNRIGAKSDSGEGGEDPARFRPDKNGDNWNSAIKQVASGRFGVTAEYLNQ
CRELEIKVAQGAKPGEGGQLPGFKVTEMIARLRHSTPGVMLISPPPHHDIYSIEDLAQLIYDLKQINPDAKVTVKLVSRS
GIGTIAAGVAKANADIILISGNSGGTGASPQTSIKFAGLPWEMGLSEVHQVLTLNRLRHRVRLRTDGGLKTGRDIVIAAM
LGAEEFGIGTASLIAMGCIMVRQCHSNTCPVGVCVQDDKLRQKFVGTPEKVVNLFTFLAEEVREILAGLGFRSLNEVIGR
TDLLHQVSRGAEHLDDLDLNPRLAQVDPGENARYCTLQGRNEVPDTLDARIVADARPLFEEGEKMQLAYNARNTQRAIGT
RLSSMVTRKFGMFGLQPGHITIRLRGTAGQSLGAFAVQGIKLEVMGDANDYVGKGLSGGTIVVRPTTSSPLETNKNTIIG
NTVLYGATAGKLFAAGQAGERFAVRNSGATVVVEGCGSNGCEYMTGGTAVILGRVGDNFAAGMTGGMAYVYDLDDSLPLY
INDESVIFQRIEVGHYESQLKHLIEEHVTETQSRFAAEILNDWAREVTKFWQVVPKEMLNRLEVPVHLPKAISAE
;
A,B,C,D,E,F
2 'polypeptide(L)'
;MANQRMLGFVHTAQRMPDKRPAAERRQDFAEIYARFSDERANEQANRCSQCGVPFCQVHCPVSNNIPDWLKLTSEGRLEE
AYEVSQATNNFPEICGRICPQDRLCEGNCVIEQSTHGAVTIGSVEKYINDTAWDQGWVKPRTPSRELGLSVGVIGAGPAG
LAAAEELRAKGYEVHVYDRYDRMGGLLVYGIPGFKLEKSVVERRVKLLADAGVIYHPNFEVGRDASLPELRRKHVAVLVA
TGVYKARDIKAPGSGLGNIVAALDYLTTSNKVSLGDTVEAYENGSLNAAGKHVVVLGGGDTAMDCVRTAIRQGATSVKCL
YRRDRKNMPGSQREVAHAEEEGVEFIWQAAPEGFTGDTVVTGVRAVRIHLGVADATGRQTPQVIEGSEFTVQADLVIKAL
GFEPEDLPNAFDEPELKVTRWGTLLVDHRTKMTNMDGVFAAGDIVRGASLVVWAIRDGRDAAEGIHAYAKAKAEAPVAVA
AE
;
G,H,I,J,K,L
#
loop_
_chem_comp.id
_chem_comp.type
_chem_comp.name
_chem_comp.formula
F3S non-polymer 'FE3-S4 CLUSTER' 'Fe3 S4'
FAD non-polymer 'FLAVIN-ADENINE DINUCLEOTIDE' 'C27 H33 N9 O15 P2'
FMN non-polymer 'FLAVIN MONONUCLEOTIDE' 'C17 H21 N4 O9 P'
SF4 non-polymer 'IRON/SULFUR CLUSTER' 'Fe4 S4'
#
# COMPACT_ATOMS: atom_id res chain seq x y z
N CYS A 37 13.83 38.46 -18.12
CA CYS A 37 14.56 39.17 -19.17
C CYS A 37 14.46 40.67 -18.98
N GLY A 38 15.61 41.34 -18.94
CA GLY A 38 15.63 42.78 -18.83
C GLY A 38 16.96 43.28 -18.31
N VAL A 39 17.18 44.57 -18.53
CA VAL A 39 18.35 45.29 -18.03
C VAL A 39 17.86 46.34 -17.04
N GLY A 40 18.79 46.83 -16.22
CA GLY A 40 18.45 47.91 -15.32
C GLY A 40 19.69 48.50 -14.69
N PHE A 41 19.57 49.75 -14.25
CA PHE A 41 20.68 50.46 -13.65
C PHE A 41 20.19 51.44 -12.61
N ILE A 42 21.00 51.62 -11.58
CA ILE A 42 20.71 52.52 -10.47
C ILE A 42 21.96 53.36 -10.21
N ALA A 43 21.78 54.66 -10.02
CA ALA A 43 22.92 55.54 -9.85
C ALA A 43 22.61 56.63 -8.83
N ALA A 44 23.58 56.90 -7.95
CA ALA A 44 23.51 58.02 -7.05
C ALA A 44 24.00 59.27 -7.77
N ILE A 45 23.15 60.29 -7.85
CA ILE A 45 23.45 61.43 -8.71
C ILE A 45 24.69 62.16 -8.23
N ASP A 46 24.75 62.47 -6.93
CA ASP A 46 25.90 63.22 -6.41
C ASP A 46 27.19 62.41 -6.45
N GLY A 47 27.09 61.10 -6.34
CA GLY A 47 28.26 60.25 -6.46
C GLY A 47 28.89 59.83 -5.14
N LYS A 48 28.06 59.52 -4.15
CA LYS A 48 28.55 59.07 -2.87
C LYS A 48 28.11 57.63 -2.63
N PRO A 49 29.04 56.72 -2.33
CA PRO A 49 28.66 55.32 -2.13
C PRO A 49 27.72 55.14 -0.96
N ARG A 50 26.79 54.20 -1.10
CA ARG A 50 25.85 53.88 -0.04
C ARG A 50 25.27 52.49 -0.30
N ARG A 51 24.86 51.84 0.79
CA ARG A 51 24.35 50.47 0.69
C ARG A 51 22.98 50.42 0.02
N SER A 52 22.23 51.52 0.07
CA SER A 52 20.89 51.54 -0.51
C SER A 52 20.92 51.22 -2.00
N VAL A 53 22.00 51.58 -2.69
CA VAL A 53 22.08 51.30 -4.13
C VAL A 53 22.07 49.80 -4.38
N VAL A 54 22.91 49.06 -3.68
CA VAL A 54 22.97 47.61 -3.86
C VAL A 54 21.68 46.97 -3.37
N GLU A 55 21.12 47.48 -2.28
CA GLU A 55 19.85 46.94 -1.78
C GLU A 55 18.75 47.07 -2.82
N LYS A 56 18.62 48.26 -3.42
CA LYS A 56 17.61 48.46 -4.44
C LYS A 56 17.89 47.67 -5.70
N GLY A 57 19.17 47.46 -6.04
CA GLY A 57 19.49 46.62 -7.18
C GLY A 57 19.04 45.18 -6.98
N ILE A 58 19.30 44.63 -5.79
CA ILE A 58 18.84 43.27 -5.50
C ILE A 58 17.32 43.21 -5.48
N GLU A 59 16.67 44.23 -4.91
CA GLU A 59 15.21 44.25 -4.88
C GLU A 59 14.64 44.30 -6.29
N ALA A 60 15.31 45.03 -7.20
CA ALA A 60 14.84 45.09 -8.58
C ALA A 60 15.05 43.77 -9.28
N LEU A 61 16.17 43.09 -9.00
CA LEU A 61 16.38 41.77 -9.59
C LEU A 61 15.35 40.77 -9.10
N LYS A 62 14.85 40.95 -7.88
CA LYS A 62 13.87 40.01 -7.34
C LYS A 62 12.50 40.08 -8.01
N ALA A 63 12.28 40.96 -8.99
CA ALA A 63 10.94 41.17 -9.53
C ALA A 63 10.96 41.21 -11.06
N VAL A 64 11.66 40.26 -11.68
CA VAL A 64 11.62 40.12 -13.13
C VAL A 64 11.33 38.67 -13.48
N TRP A 65 10.73 37.92 -12.56
CA TRP A 65 10.51 36.50 -12.77
C TRP A 65 9.33 36.20 -13.70
N HIS A 66 8.49 37.19 -14.00
CA HIS A 66 7.34 36.93 -14.86
C HIS A 66 7.70 36.94 -16.34
N ARG A 67 8.82 37.56 -16.72
CA ARG A 67 9.22 37.62 -18.11
C ARG A 67 10.08 36.44 -18.53
N GLY A 68 10.79 35.81 -17.59
CA GLY A 68 11.63 34.68 -17.91
C GLY A 68 10.81 33.44 -18.26
N ALA A 69 11.54 32.39 -18.63
CA ALA A 69 10.93 31.13 -19.04
C ALA A 69 10.81 30.21 -17.83
N VAL A 70 9.59 29.94 -17.40
CA VAL A 70 9.38 29.05 -16.26
C VAL A 70 9.73 27.62 -16.67
N ASP A 71 10.18 26.83 -15.70
CA ASP A 71 10.51 25.43 -15.93
C ASP A 71 9.85 24.57 -14.87
N ALA A 72 9.51 23.34 -15.26
CA ALA A 72 8.86 22.42 -14.33
C ALA A 72 9.78 21.98 -13.21
N ASP A 73 11.10 22.13 -13.37
CA ASP A 73 12.02 21.74 -12.31
C ASP A 73 11.95 22.71 -11.14
N GLY A 74 11.94 24.01 -11.42
CA GLY A 74 11.90 25.02 -10.39
C GLY A 74 13.25 25.59 -10.02
N LYS A 75 14.35 24.94 -10.41
CA LYS A 75 15.68 25.43 -10.10
C LYS A 75 16.47 25.86 -11.32
N THR A 76 16.06 25.45 -12.52
CA THR A 76 16.85 25.71 -13.71
C THR A 76 16.58 27.12 -14.21
N GLY A 77 17.63 27.96 -14.20
CA GLY A 77 17.59 29.27 -14.80
C GLY A 77 18.33 29.31 -16.12
N ASP A 78 18.48 30.52 -16.64
CA ASP A 78 19.18 30.69 -17.91
C ASP A 78 20.10 31.90 -17.91
N GLY A 79 20.47 32.41 -16.74
CA GLY A 79 21.42 33.50 -16.65
C GLY A 79 20.95 34.62 -15.75
N ALA A 80 21.89 35.23 -15.04
CA ALA A 80 21.62 36.39 -14.22
C ALA A 80 22.94 37.03 -13.85
N GLY A 81 22.93 38.34 -13.63
CA GLY A 81 24.17 39.01 -13.27
C GLY A 81 23.95 40.39 -12.70
N ILE A 82 24.85 40.80 -11.81
CA ILE A 82 24.91 42.14 -11.26
C ILE A 82 26.34 42.63 -11.35
N HIS A 83 26.49 43.95 -11.39
CA HIS A 83 27.78 44.61 -11.62
C HIS A 83 27.82 45.85 -10.76
N VAL A 84 28.72 45.88 -9.78
CA VAL A 84 28.78 46.93 -8.76
C VAL A 84 30.21 47.40 -8.62
N ALA A 85 30.43 48.31 -7.67
CA ALA A 85 31.74 48.83 -7.36
C ALA A 85 32.42 47.97 -6.30
N VAL A 86 33.74 48.06 -6.24
CA VAL A 86 34.53 47.20 -5.36
C VAL A 86 34.42 47.71 -3.93
N PRO A 87 34.08 46.85 -2.96
CA PRO A 87 34.04 47.28 -1.56
C PRO A 87 35.41 47.29 -0.91
N GLN A 88 36.14 48.40 -1.05
CA GLN A 88 37.54 48.46 -0.60
C GLN A 88 37.70 48.02 0.85
N LYS A 89 36.79 48.44 1.73
CA LYS A 89 36.95 48.11 3.14
C LYS A 89 36.82 46.61 3.37
N PHE A 90 35.96 45.93 2.61
CA PHE A 90 35.82 44.49 2.74
C PHE A 90 37.15 43.78 2.50
N PHE A 91 37.73 44.00 1.33
CA PHE A 91 38.96 43.31 0.99
C PHE A 91 40.14 43.79 1.83
N LYS A 92 40.14 45.05 2.24
CA LYS A 92 41.23 45.51 3.10
C LYS A 92 41.15 44.87 4.47
N ASP A 93 39.95 44.70 5.02
CA ASP A 93 39.81 43.97 6.27
C ASP A 93 40.22 42.51 6.10
N HIS A 94 39.88 41.92 4.95
CA HIS A 94 40.29 40.54 4.69
C HIS A 94 41.82 40.43 4.68
N VAL A 95 42.49 41.36 4.01
CA VAL A 95 43.95 41.35 3.95
C VAL A 95 44.53 41.54 5.35
N LYS A 96 43.97 42.48 6.12
CA LYS A 96 44.42 42.67 7.50
C LYS A 96 44.30 41.37 8.30
N VAL A 97 43.18 40.67 8.13
CA VAL A 97 42.97 39.43 8.88
C VAL A 97 44.01 38.38 8.47
N ILE A 98 44.31 38.31 7.17
CA ILE A 98 45.29 37.33 6.70
C ILE A 98 46.64 37.56 7.36
N GLY A 99 47.07 38.82 7.45
CA GLY A 99 48.31 39.12 8.14
C GLY A 99 49.19 40.16 7.48
N HIS A 100 48.79 40.67 6.33
CA HIS A 100 49.56 41.70 5.64
C HIS A 100 49.21 43.07 6.22
N ARG A 101 49.63 44.12 5.53
CA ARG A 101 49.32 45.49 5.91
C ARG A 101 48.41 46.12 4.88
N ALA A 102 47.42 46.87 5.35
CA ALA A 102 46.48 47.51 4.43
C ALA A 102 47.19 48.58 3.62
N PRO A 103 47.22 48.47 2.29
CA PRO A 103 47.92 49.49 1.49
C PRO A 103 47.18 50.81 1.49
N ASP A 104 47.82 51.81 0.90
CA ASP A 104 47.28 53.17 0.91
C ASP A 104 46.27 53.38 -0.22
N ASN A 105 46.62 52.94 -1.43
CA ASN A 105 45.80 53.18 -2.60
C ASN A 105 44.63 52.20 -2.66
N LYS A 106 43.95 52.21 -3.80
CA LYS A 106 42.86 51.28 -4.01
C LYS A 106 43.40 49.91 -4.41
N LEU A 107 42.59 48.90 -4.15
CA LEU A 107 42.95 47.51 -4.43
C LEU A 107 42.49 47.12 -5.83
N ALA A 108 43.02 45.99 -6.30
CA ALA A 108 42.59 45.41 -7.56
C ALA A 108 42.12 43.99 -7.30
N VAL A 109 40.92 43.66 -7.78
CA VAL A 109 40.32 42.36 -7.52
C VAL A 109 39.90 41.75 -8.84
N GLY A 110 40.32 40.52 -9.09
CA GLY A 110 39.91 39.78 -10.27
C GLY A 110 39.09 38.57 -9.88
N GLN A 111 38.10 38.25 -10.70
CA GLN A 111 37.24 37.10 -10.49
C GLN A 111 37.37 36.16 -11.68
N VAL A 112 37.71 34.90 -11.41
CA VAL A 112 38.04 33.96 -12.47
C VAL A 112 37.23 32.69 -12.31
N PHE A 113 36.93 32.06 -13.46
CA PHE A 113 36.32 30.74 -13.55
C PHE A 113 37.39 29.79 -14.07
N LEU A 114 37.78 28.82 -13.24
CA LEU A 114 38.75 27.79 -13.57
C LEU A 114 38.05 26.46 -13.80
N PRO A 115 38.71 25.52 -14.46
CA PRO A 115 38.13 24.18 -14.62
C PRO A 115 37.90 23.51 -13.28
N ARG A 116 36.93 22.59 -13.26
CA ARG A 116 36.57 21.89 -12.03
C ARG A 116 36.82 20.39 -12.09
N ILE A 117 36.79 19.78 -13.28
CA ILE A 117 36.95 18.33 -13.36
C ILE A 117 38.36 17.92 -12.95
N SER A 118 39.37 18.39 -13.66
CA SER A 118 40.74 18.02 -13.37
C SER A 118 41.35 18.99 -12.38
N LEU A 119 42.15 18.44 -11.46
CA LEU A 119 42.85 19.25 -10.48
C LEU A 119 44.23 19.68 -10.95
N ASP A 120 44.61 19.35 -12.18
CA ASP A 120 45.89 19.78 -12.73
C ASP A 120 45.77 20.98 -13.65
N ALA A 121 44.66 21.11 -14.39
CA ALA A 121 44.47 22.30 -15.20
C ALA A 121 44.35 23.56 -14.35
N GLN A 122 43.77 23.43 -13.16
CA GLN A 122 43.69 24.57 -12.24
C GLN A 122 45.08 25.10 -11.92
N GLU A 123 46.03 24.21 -11.66
CA GLU A 123 47.37 24.64 -11.32
C GLU A 123 48.05 25.35 -12.50
N ALA A 124 47.83 24.84 -13.70
CA ALA A 124 48.39 25.49 -14.88
C ALA A 124 47.80 26.89 -15.06
N CYS A 125 46.49 27.02 -14.91
CA CYS A 125 45.87 28.34 -15.02
C CYS A 125 46.41 29.29 -13.96
N ARG A 126 46.56 28.81 -12.72
CA ARG A 126 47.06 29.67 -11.66
C ARG A 126 48.49 30.12 -11.94
N CYS A 127 49.36 29.20 -12.37
CA CYS A 127 50.73 29.59 -12.63
C CYS A 127 50.83 30.53 -13.82
N ILE A 128 49.95 30.38 -14.82
CA ILE A 128 49.94 31.31 -15.94
C ILE A 128 49.55 32.71 -15.47
N VAL A 129 48.48 32.79 -14.67
CA VAL A 129 48.04 34.09 -14.17
C VAL A 129 49.13 34.74 -13.34
N GLU A 130 49.80 33.97 -12.48
CA GLU A 130 50.80 34.56 -11.62
C GLU A 130 52.07 34.93 -12.37
N THR A 131 52.43 34.19 -13.41
CA THR A 131 53.60 34.56 -14.19
C THR A 131 53.32 35.70 -15.15
N GLU A 132 52.06 35.97 -15.45
CA GLU A 132 51.76 37.13 -16.30
C GLU A 132 51.51 38.40 -15.50
N ILE A 133 51.00 38.29 -14.28
CA ILE A 133 50.77 39.49 -13.47
C ILE A 133 52.09 40.02 -12.94
N LEU A 134 52.96 39.13 -12.46
CA LEU A 134 54.24 39.54 -11.89
C LEU A 134 55.22 40.06 -12.93
N ALA A 135 54.89 39.96 -14.21
CA ALA A 135 55.78 40.48 -15.24
C ALA A 135 55.79 42.01 -15.28
N PHE A 136 54.74 42.64 -14.77
CA PHE A 136 54.69 44.09 -14.69
C PHE A 136 55.29 44.63 -13.41
N GLY A 137 55.26 43.85 -12.34
CA GLY A 137 55.83 44.26 -11.06
C GLY A 137 54.83 44.43 -9.94
N TYR A 138 53.55 44.15 -10.15
CA TYR A 138 52.57 44.34 -9.10
C TYR A 138 52.65 43.21 -8.08
N TYR A 139 52.23 43.52 -6.86
CA TYR A 139 52.34 42.61 -5.73
C TYR A 139 51.04 41.83 -5.57
N ILE A 140 51.15 40.50 -5.56
CA ILE A 140 49.98 39.63 -5.46
C ILE A 140 49.75 39.29 -3.99
N TYR A 141 48.57 39.64 -3.48
CA TYR A 141 48.28 39.37 -2.08
C TYR A 141 47.82 37.94 -1.85
N GLY A 142 47.09 37.36 -2.78
CA GLY A 142 46.71 35.96 -2.68
C GLY A 142 45.37 35.69 -3.32
N TRP A 143 44.98 34.42 -3.25
CA TRP A 143 43.71 33.94 -3.77
C TRP A 143 42.71 33.78 -2.65
N ARG A 144 41.42 33.85 -3.02
CA ARG A 144 40.32 33.66 -2.10
C ARG A 144 39.23 32.85 -2.80
N GLN A 145 38.59 31.96 -2.08
CA GLN A 145 37.52 31.13 -2.62
C GLN A 145 36.18 31.76 -2.27
N VAL A 146 35.39 32.06 -3.28
CA VAL A 146 34.09 32.70 -3.07
C VAL A 146 33.13 31.69 -2.44
N PRO A 147 32.45 32.02 -1.34
CA PRO A 147 31.48 31.08 -0.76
C PRO A 147 30.25 30.99 -1.64
N ILE A 148 29.79 29.76 -1.89
CA ILE A 148 28.65 29.50 -2.74
C ILE A 148 27.71 28.54 -2.03
N ASN A 149 26.57 28.28 -2.66
CA ASN A 149 25.54 27.41 -2.08
C ASN A 149 24.90 26.65 -3.24
N VAL A 150 25.35 25.43 -3.47
CA VAL A 150 25.04 24.69 -4.69
C VAL A 150 23.73 23.92 -4.55
N ASP A 151 22.98 24.16 -3.48
CA ASP A 151 21.72 23.46 -3.28
C ASP A 151 20.57 24.08 -4.06
N ILE A 152 20.78 25.21 -4.73
CA ILE A 152 19.71 25.91 -5.44
C ILE A 152 19.80 25.75 -6.95
N ILE A 153 20.94 25.33 -7.49
CA ILE A 153 21.09 25.19 -8.94
C ILE A 153 20.43 23.88 -9.37
N GLY A 154 19.95 23.85 -10.62
CA GLY A 154 19.38 22.65 -11.18
C GLY A 154 20.41 21.58 -11.45
N GLU A 155 20.10 20.64 -12.33
CA GLU A 155 21.05 19.58 -12.67
C GLU A 155 21.83 19.86 -13.94
N LYS A 156 21.17 20.38 -14.98
CA LYS A 156 21.86 20.65 -16.22
C LYS A 156 22.80 21.84 -16.11
N ALA A 157 22.48 22.80 -15.26
CA ALA A 157 23.36 23.94 -15.02
C ALA A 157 24.45 23.63 -14.00
N ASN A 158 24.40 22.46 -13.37
CA ASN A 158 25.39 22.08 -12.38
C ASN A 158 26.46 21.15 -12.91
N ALA A 159 26.19 20.44 -14.02
CA ALA A 159 27.19 19.54 -14.57
C ALA A 159 28.33 20.27 -15.23
N THR A 160 28.15 21.54 -15.58
CA THR A 160 29.19 22.35 -16.21
C THR A 160 29.60 23.53 -15.34
N ARG A 161 29.33 23.47 -14.05
CA ARG A 161 29.65 24.59 -13.17
C ARG A 161 31.16 24.76 -13.06
N PRO A 162 31.68 25.98 -13.19
CA PRO A 162 33.12 26.20 -13.07
C PRO A 162 33.50 26.53 -11.63
N GLU A 163 34.80 26.49 -11.38
CA GLU A 163 35.35 26.81 -10.06
C GLU A 163 35.57 28.32 -9.98
N ILE A 164 34.82 28.97 -9.09
CA ILE A 164 34.87 30.43 -8.97
C ILE A 164 35.91 30.80 -7.93
N GLU A 165 36.82 31.70 -8.29
CA GLU A 165 37.85 32.15 -7.36
C GLU A 165 38.11 33.64 -7.59
N GLN A 166 38.81 34.26 -6.65
CA GLN A 166 39.20 35.65 -6.74
C GLN A 166 40.68 35.80 -6.43
N ILE A 167 41.32 36.76 -7.10
CA ILE A 167 42.72 37.08 -6.89
C ILE A 167 42.80 38.54 -6.47
N ILE A 168 43.62 38.82 -5.46
CA ILE A 168 43.73 40.16 -4.89
C ILE A 168 45.11 40.70 -5.25
N VAL A 169 45.16 41.63 -6.20
CA VAL A 169 46.40 42.24 -6.67
C VAL A 169 46.45 43.67 -6.18
N GLY A 170 47.54 44.03 -5.51
CA GLY A 170 47.75 45.37 -5.02
C GLY A 170 48.75 46.13 -5.87
N ASN A 171 48.64 47.45 -5.82
CA ASN A 171 49.53 48.34 -6.57
C ASN A 171 50.58 48.90 -5.62
N ASN A 172 51.85 48.60 -5.90
CA ASN A 172 52.95 49.09 -5.08
C ASN A 172 53.85 50.08 -5.80
N LYS A 173 53.76 50.18 -7.13
CA LYS A 173 54.59 51.10 -7.89
C LYS A 173 54.16 52.55 -7.75
N GLY A 174 53.00 52.81 -7.16
CA GLY A 174 52.54 54.16 -6.96
C GLY A 174 52.12 54.90 -8.21
N VAL A 175 51.79 54.19 -9.27
CA VAL A 175 51.33 54.82 -10.51
C VAL A 175 49.91 55.32 -10.31
N SER A 176 49.45 56.17 -11.22
CA SER A 176 48.12 56.77 -11.10
C SER A 176 47.04 55.73 -11.35
N ASP A 177 45.79 56.17 -11.28
CA ASP A 177 44.67 55.24 -11.42
C ASP A 177 44.49 54.79 -12.86
N GLU A 178 44.52 55.73 -13.81
CA GLU A 178 44.26 55.40 -15.20
C GLU A 178 45.34 54.50 -15.78
N GLN A 179 46.60 54.79 -15.45
CA GLN A 179 47.68 53.91 -15.87
C GLN A 179 47.52 52.52 -15.28
N PHE A 180 47.04 52.45 -14.04
CA PHE A 180 46.81 51.15 -13.40
C PHE A 180 45.72 50.37 -14.12
N GLU A 181 44.63 51.04 -14.48
CA GLU A 181 43.57 50.40 -15.24
C GLU A 181 44.07 49.90 -16.59
N LEU A 182 44.90 50.71 -17.26
CA LEU A 182 45.44 50.29 -18.55
C LEU A 182 46.33 49.06 -18.39
N ASP A 183 47.17 49.05 -17.36
CA ASP A 183 48.00 47.87 -17.11
C ASP A 183 47.15 46.64 -16.85
N LEU A 184 46.07 46.79 -16.07
CA LEU A 184 45.22 45.64 -15.79
C LEU A 184 44.55 45.12 -17.05
N TYR A 185 44.11 46.02 -17.93
CA TYR A 185 43.50 45.56 -19.17
C TYR A 185 44.50 44.82 -20.05
N ILE A 186 45.72 45.36 -20.16
CA ILE A 186 46.75 44.70 -20.96
C ILE A 186 47.06 43.32 -20.38
N ILE A 187 47.13 43.23 -19.05
CA ILE A 187 47.43 41.95 -18.40
C ILE A 187 46.32 40.95 -18.66
N ARG A 188 45.07 41.40 -18.62
CA ARG A 188 43.95 40.51 -18.91
C ARG A 188 44.03 39.97 -20.33
N ARG A 189 44.28 40.85 -21.30
CA ARG A 189 44.38 40.39 -22.69
C ARG A 189 45.53 39.39 -22.86
N ARG A 190 46.68 39.67 -22.22
CA ARG A 190 47.81 38.77 -22.34
C ARG A 190 47.51 37.42 -21.72
N ILE A 191 46.84 37.42 -20.56
CA ILE A 191 46.48 36.15 -19.91
C ILE A 191 45.54 35.35 -20.79
N GLU A 192 44.55 36.02 -21.39
CA GLU A 192 43.63 35.33 -22.28
C GLU A 192 44.38 34.68 -23.45
N LYS A 193 45.27 35.45 -24.08
CA LYS A 193 46.02 34.89 -25.21
C LYS A 193 46.89 33.73 -24.79
N ALA A 194 47.57 33.85 -23.64
CA ALA A 194 48.46 32.78 -23.19
C ALA A 194 47.70 31.51 -22.86
N VAL A 195 46.55 31.63 -22.18
CA VAL A 195 45.76 30.45 -21.87
C VAL A 195 45.09 29.88 -23.11
N LYS A 196 44.86 30.69 -24.13
CA LYS A 196 44.39 30.14 -25.40
C LYS A 196 45.51 29.40 -26.12
N GLY A 197 46.75 29.81 -25.90
CA GLY A 197 47.86 29.12 -26.54
C GLY A 197 47.98 27.67 -26.14
N GLU A 198 47.75 27.37 -24.85
CA GLU A 198 47.88 26.01 -24.36
C GLU A 198 46.62 25.17 -24.57
N GLN A 199 45.59 25.74 -25.19
CA GLN A 199 44.34 25.04 -25.48
C GLN A 199 43.73 24.44 -24.21
N ILE A 200 43.44 25.31 -23.26
CA ILE A 200 42.78 24.94 -22.01
C ILE A 200 41.35 25.47 -22.06
N ASN A 201 40.40 24.58 -21.87
CA ASN A 201 38.98 24.92 -21.94
C ASN A 201 38.44 25.24 -20.56
N ASP A 202 37.26 25.86 -20.54
CA ASP A 202 36.56 26.20 -19.31
C ASP A 202 37.40 27.12 -18.43
N PHE A 203 37.77 28.26 -19.01
CA PHE A 203 38.55 29.27 -18.29
C PHE A 203 38.02 30.64 -18.69
N TYR A 204 37.77 31.50 -17.71
CA TYR A 204 37.17 32.79 -18.00
C TYR A 204 37.57 33.79 -16.94
N ILE A 205 37.62 35.07 -17.32
CA ILE A 205 37.91 36.15 -16.39
C ILE A 205 36.70 37.09 -16.42
N CYS A 206 35.87 37.02 -15.36
CA CYS A 206 34.64 37.80 -15.36
C CYS A 206 34.92 39.29 -15.17
N SER A 207 36.05 39.64 -14.56
CA SER A 207 36.46 41.03 -14.40
C SER A 207 37.86 41.07 -13.83
N LEU A 208 38.59 42.13 -14.15
CA LEU A 208 39.89 42.38 -13.53
C LEU A 208 40.10 43.89 -13.57
N SER A 209 39.81 44.56 -12.44
CA SER A 209 39.87 46.01 -12.40
C SER A 209 39.96 46.44 -10.95
N ALA A 210 40.30 47.72 -10.76
CA ALA A 210 40.37 48.33 -9.45
C ALA A 210 39.14 49.16 -9.13
N ARG A 211 38.13 49.13 -9.98
CA ARG A 211 36.95 49.96 -9.85
C ARG A 211 35.66 49.18 -9.65
N SER A 212 35.49 48.08 -10.36
CA SER A 212 34.20 47.40 -10.39
C SER A 212 34.38 45.89 -10.25
N ILE A 213 33.27 45.21 -10.02
CA ILE A 213 33.24 43.76 -9.86
C ILE A 213 31.90 43.25 -10.39
N ILE A 214 31.89 41.98 -10.80
CA ILE A 214 30.76 41.37 -11.48
C ILE A 214 30.44 40.04 -10.81
N TYR A 215 29.19 39.88 -10.38
CA TYR A 215 28.70 38.62 -9.82
C TYR A 215 27.62 38.10 -10.76
N LYS A 216 27.92 37.02 -11.48
CA LYS A 216 27.00 36.49 -12.47
C LYS A 216 27.03 34.98 -12.46
N GLY A 217 25.98 34.38 -13.02
CA GLY A 217 25.90 32.93 -13.05
C GLY A 217 24.67 32.46 -13.79
N MET A 218 24.38 31.18 -13.63
CA MET A 218 23.29 30.50 -14.32
C MET A 218 22.22 30.04 -13.34
N PHE A 219 21.86 30.89 -12.40
CA PHE A 219 20.80 30.66 -11.45
C PHE A 219 19.58 31.50 -11.81
N LEU A 220 18.53 31.36 -11.02
CA LEU A 220 17.36 32.21 -11.21
C LEU A 220 17.66 33.64 -10.74
N ALA A 221 16.78 34.56 -11.13
CA ALA A 221 17.00 35.95 -10.79
C ALA A 221 16.89 36.19 -9.29
N GLU A 222 15.84 35.66 -8.66
CA GLU A 222 15.64 35.91 -7.24
C GLU A 222 16.65 35.18 -6.37
N GLN A 223 17.27 34.12 -6.87
CA GLN A 223 18.22 33.33 -6.10
C GLN A 223 19.65 33.84 -6.24
N LEU A 224 19.84 35.08 -6.71
CA LEU A 224 21.19 35.60 -6.86
C LEU A 224 21.87 35.80 -5.52
N THR A 225 21.17 36.42 -4.57
CA THR A 225 21.75 36.64 -3.25
C THR A 225 21.81 35.36 -2.43
N THR A 226 21.19 34.27 -2.87
CA THR A 226 21.28 32.99 -2.19
C THR A 226 22.52 32.22 -2.62
N PHE A 227 22.85 32.25 -3.91
CA PHE A 227 24.05 31.58 -4.38
C PHE A 227 25.31 32.33 -3.97
N TYR A 228 25.25 33.66 -3.89
CA TYR A 228 26.38 34.50 -3.51
C TYR A 228 26.06 35.20 -2.20
N PRO A 229 26.34 34.58 -1.05
CA PRO A 229 26.05 35.25 0.23
C PRO A 229 26.92 36.46 0.50
N ASP A 230 27.99 36.67 -0.26
CA ASP A 230 28.85 37.82 -0.06
C ASP A 230 28.07 39.12 -0.18
N LEU A 231 27.09 39.16 -1.09
CA LEU A 231 26.31 40.38 -1.29
C LEU A 231 25.39 40.67 -0.12
N LEU A 232 25.16 39.70 0.76
CA LEU A 232 24.35 39.93 1.95
C LEU A 232 25.13 40.63 3.05
N ASP A 233 26.36 41.04 2.78
CA ASP A 233 27.17 41.70 3.79
C ASP A 233 26.70 43.13 3.99
N GLU A 234 27.20 43.76 5.06
CA GLU A 234 26.86 45.12 5.39
C GLU A 234 27.86 46.13 4.85
N ARG A 235 28.97 45.67 4.28
CA ARG A 235 30.02 46.57 3.79
C ARG A 235 30.00 46.75 2.28
N PHE A 236 29.21 45.98 1.56
CA PHE A 236 29.09 46.15 0.11
C PHE A 236 28.26 47.40 -0.21
N GLU A 237 28.91 48.53 -0.39
CA GLU A 237 28.24 49.77 -0.76
C GLU A 237 28.82 50.31 -2.06
N SER A 238 27.96 50.85 -2.91
CA SER A 238 28.36 51.35 -4.20
C SER A 238 27.60 52.62 -4.51
N ASP A 239 28.06 53.35 -5.52
CA ASP A 239 27.36 54.52 -6.03
C ASP A 239 26.68 54.24 -7.36
N PHE A 240 26.85 53.05 -7.92
CA PHE A 240 26.16 52.65 -9.13
C PHE A 240 26.00 51.14 -9.10
N ALA A 241 25.00 50.66 -9.86
CA ALA A 241 24.75 49.24 -9.94
C ALA A 241 24.04 48.95 -11.25
N ILE A 242 24.45 47.87 -11.92
CA ILE A 242 23.78 47.41 -13.13
C ILE A 242 23.38 45.97 -12.94
N TYR A 243 22.22 45.59 -13.48
CA TYR A 243 21.75 44.22 -13.36
C TYR A 243 21.13 43.79 -14.68
N HIS A 244 21.23 42.49 -14.96
CA HIS A 244 20.71 41.95 -16.20
C HIS A 244 20.25 40.52 -15.99
N GLN A 245 19.18 40.16 -16.69
CA GLN A 245 18.71 38.79 -16.78
C GLN A 245 18.32 38.52 -18.22
N ARG A 246 18.64 37.32 -18.72
CA ARG A 246 18.48 37.01 -20.12
C ARG A 246 17.44 35.92 -20.32
N TYR A 247 17.14 35.66 -21.59
CA TYR A 247 16.14 34.68 -22.00
C TYR A 247 16.71 33.90 -23.17
N SER A 248 17.08 32.65 -22.94
CA SER A 248 17.77 31.85 -23.92
C SER A 248 16.79 31.08 -24.79
N THR A 249 17.25 30.71 -25.99
CA THR A 249 16.46 29.95 -26.93
C THR A 249 16.77 28.46 -26.91
N ASN A 250 17.77 28.04 -26.14
CA ASN A 250 18.12 26.63 -26.02
C ASN A 250 18.24 26.27 -24.55
N THR A 251 18.45 24.98 -24.29
CA THR A 251 18.52 24.49 -22.92
C THR A 251 19.87 23.83 -22.63
N PHE A 252 20.96 24.46 -23.05
CA PHE A 252 22.31 24.01 -22.73
C PHE A 252 23.11 25.23 -22.28
N PRO A 253 23.04 25.56 -21.00
CA PRO A 253 23.66 26.81 -20.53
C PRO A 253 25.16 26.67 -20.35
N THR A 254 25.87 27.75 -20.64
CA THR A 254 27.29 27.86 -20.37
C THR A 254 27.52 29.14 -19.57
N TRP A 255 28.31 29.04 -18.51
CA TRP A 255 28.45 30.16 -17.58
C TRP A 255 29.12 31.40 -18.17
N PRO A 256 30.14 31.30 -19.04
CA PRO A 256 30.77 32.53 -19.55
C PRO A 256 29.91 33.35 -20.50
N LEU A 257 28.65 32.97 -20.70
CA LEU A 257 27.76 33.72 -21.59
C LEU A 257 26.64 34.42 -20.83
N ALA A 258 26.86 34.80 -19.58
CA ALA A 258 25.86 35.47 -18.78
C ALA A 258 26.26 36.93 -18.60
N GLN A 259 25.35 37.84 -18.93
CA GLN A 259 25.59 39.26 -18.79
C GLN A 259 25.30 39.68 -17.35
N PRO A 260 25.76 40.87 -16.92
CA PRO A 260 26.47 41.94 -17.64
C PRO A 260 27.90 41.59 -17.97
N PHE A 261 28.42 42.17 -19.03
CA PHE A 261 29.83 42.08 -19.35
C PHE A 261 30.59 43.25 -18.72
N ARG A 262 31.82 43.43 -19.18
CA ARG A 262 32.75 44.40 -18.62
C ARG A 262 32.65 45.69 -19.41
N MET A 263 31.95 46.67 -18.81
CA MET A 263 31.65 47.96 -19.45
C MET A 263 30.61 47.81 -20.57
N LEU A 264 29.60 46.98 -20.34
CA LEU A 264 28.45 46.90 -21.23
C LEU A 264 27.39 45.99 -20.62
N ALA A 265 26.13 46.31 -20.91
CA ALA A 265 25.00 45.43 -20.63
C ALA A 265 23.97 45.67 -21.72
N HIS A 266 23.49 44.60 -22.35
CA HIS A 266 22.73 44.69 -23.57
C HIS A 266 21.42 43.93 -23.46
N ASN A 267 20.35 44.54 -23.97
CA ASN A 267 19.07 43.84 -24.12
C ASN A 267 18.65 43.94 -25.57
N GLY A 268 18.19 42.83 -26.13
CA GLY A 268 17.83 42.76 -27.54
C GLY A 268 18.77 41.84 -28.31
N GLU A 269 18.98 42.17 -29.58
CA GLU A 269 19.86 41.37 -30.41
C GLU A 269 20.30 42.20 -31.61
N ILE A 270 21.53 41.99 -32.03
CA ILE A 270 22.14 42.77 -33.10
C ILE A 270 22.01 42.01 -34.40
N ASN A 271 21.47 42.68 -35.43
CA ASN A 271 21.25 42.03 -36.71
C ASN A 271 22.56 41.81 -37.48
N THR A 272 23.44 42.80 -37.47
CA THR A 272 24.62 42.81 -38.33
C THR A 272 25.86 42.50 -37.49
N VAL A 273 26.17 41.21 -37.36
CA VAL A 273 27.40 40.78 -36.75
C VAL A 273 28.31 40.06 -37.74
N LYS A 274 27.74 39.36 -38.72
CA LYS A 274 28.55 38.73 -39.74
C LYS A 274 29.24 39.75 -40.63
N GLY A 275 28.72 40.98 -40.68
CA GLY A 275 29.31 42.02 -41.50
C GLY A 275 30.21 42.95 -40.71
N ASN A 276 29.90 43.14 -39.42
CA ASN A 276 30.71 44.02 -38.60
C ASN A 276 32.03 43.35 -38.22
N VAL A 277 32.02 42.03 -38.00
CA VAL A 277 33.26 41.33 -37.71
C VAL A 277 34.19 41.35 -38.91
N ASN A 278 33.63 41.21 -40.12
CA ASN A 278 34.46 41.26 -41.31
C ASN A 278 35.06 42.65 -41.52
N TRP A 279 34.39 43.70 -41.05
CA TRP A 279 34.97 45.03 -41.14
C TRP A 279 35.98 45.28 -40.04
N MET A 280 35.79 44.68 -38.87
CA MET A 280 36.82 44.79 -37.83
C MET A 280 38.08 44.07 -38.25
N LYS A 281 37.95 42.96 -38.98
CA LYS A 281 39.11 42.24 -39.47
C LYS A 281 39.95 43.07 -40.43
N ALA A 282 39.35 44.08 -41.06
CA ALA A 282 40.10 45.01 -41.91
C ALA A 282 40.51 46.28 -41.20
N HIS A 283 39.76 46.68 -40.17
CA HIS A 283 40.14 47.85 -39.39
C HIS A 283 41.36 47.58 -38.52
N GLU A 284 41.52 46.33 -38.06
CA GLU A 284 42.61 46.03 -37.13
C GLU A 284 43.98 46.33 -37.73
N THR A 285 44.15 46.06 -39.02
CA THR A 285 45.48 46.08 -39.62
C THR A 285 46.09 47.47 -39.73
N ARG A 286 45.40 48.52 -39.29
CA ARG A 286 45.93 49.88 -39.39
C ARG A 286 45.78 50.68 -38.10
N MET A 287 45.16 50.13 -37.07
CA MET A 287 44.93 50.86 -35.84
C MET A 287 46.17 50.80 -34.95
N GLU A 288 46.42 51.89 -34.23
CA GLU A 288 47.54 52.01 -33.31
C GLU A 288 47.34 53.27 -32.49
N HIS A 289 47.91 53.27 -31.28
CA HIS A 289 47.78 54.43 -30.41
C HIS A 289 48.94 54.46 -29.43
N PRO A 290 49.50 55.63 -29.12
CA PRO A 290 50.65 55.67 -28.22
C PRO A 290 50.33 55.33 -26.77
N ALA A 291 49.06 55.27 -26.39
CA ALA A 291 48.71 54.91 -25.03
C ALA A 291 49.08 53.47 -24.73
N PHE A 292 48.76 52.56 -25.64
CA PHE A 292 49.14 51.16 -25.46
C PHE A 292 50.64 50.98 -25.61
N GLY A 293 51.18 51.37 -26.77
CA GLY A 293 52.59 51.21 -27.04
C GLY A 293 52.90 49.91 -27.77
N THR A 294 54.07 49.35 -27.50
CA THR A 294 54.45 48.09 -28.15
C THR A 294 53.45 46.99 -27.86
N HIS A 295 52.87 46.98 -26.66
CA HIS A 295 51.87 45.97 -26.30
C HIS A 295 50.67 45.98 -27.23
N MET A 296 50.54 46.99 -28.09
CA MET A 296 49.51 46.98 -29.13
C MET A 296 49.57 45.70 -29.95
N GLN A 297 50.77 45.14 -30.14
CA GLN A 297 50.90 43.91 -30.91
C GLN A 297 50.07 42.77 -30.32
N ASP A 298 49.84 42.81 -29.01
CA ASP A 298 49.08 41.75 -28.33
C ASP A 298 47.59 42.04 -28.28
N LEU A 299 47.11 43.07 -28.97
CA LEU A 299 45.69 43.36 -29.05
C LEU A 299 45.20 43.42 -30.50
N LYS A 300 45.88 42.74 -31.41
CA LYS A 300 45.48 42.82 -32.82
C LYS A 300 44.22 42.03 -33.08
N PRO A 301 44.10 40.74 -32.75
CA PRO A 301 42.80 40.07 -32.95
C PRO A 301 41.85 40.43 -31.81
N VAL A 302 41.20 41.59 -31.96
CA VAL A 302 40.43 42.14 -30.85
C VAL A 302 39.19 41.28 -30.56
N ILE A 303 38.58 40.73 -31.61
CA ILE A 303 37.37 39.92 -31.46
C ILE A 303 37.78 38.46 -31.52
N GLY A 304 37.78 37.80 -30.36
CA GLY A 304 38.13 36.40 -30.29
C GLY A 304 37.04 35.48 -30.81
N VAL A 305 37.15 34.19 -30.50
CA VAL A 305 36.18 33.20 -30.94
C VAL A 305 35.40 32.71 -29.72
N GLY A 306 34.18 32.24 -29.97
CA GLY A 306 33.35 31.73 -28.91
C GLY A 306 32.57 32.79 -28.18
N LEU A 307 32.24 33.89 -28.84
CA LEU A 307 31.51 35.00 -28.23
C LEU A 307 30.16 35.17 -28.91
N SER A 308 29.27 35.88 -28.24
CA SER A 308 27.99 36.24 -28.82
C SER A 308 28.09 37.60 -29.51
N ASP A 309 26.96 38.15 -29.92
CA ASP A 309 26.97 39.50 -30.49
C ASP A 309 27.24 40.54 -29.42
N SER A 310 26.55 40.44 -28.29
CA SER A 310 26.75 41.35 -27.17
C SER A 310 28.09 41.17 -26.50
N GLY A 311 28.89 40.17 -26.90
CA GLY A 311 30.24 40.03 -26.41
C GLY A 311 31.23 40.73 -27.30
N SER A 312 31.06 40.59 -28.62
CA SER A 312 31.92 41.30 -29.56
C SER A 312 31.69 42.80 -29.48
N LEU A 313 30.43 43.23 -29.40
CA LEU A 313 30.16 44.64 -29.23
C LEU A 313 30.81 45.18 -27.97
N ASP A 314 30.78 44.40 -26.88
CA ASP A 314 31.40 44.83 -25.65
C ASP A 314 32.92 44.91 -25.79
N THR A 315 33.52 43.96 -26.51
CA THR A 315 34.96 43.97 -26.68
C THR A 315 35.41 45.22 -27.44
N VAL A 316 34.72 45.53 -28.54
CA VAL A 316 35.12 46.72 -29.30
C VAL A 316 34.82 47.98 -28.51
N PHE A 317 33.73 47.98 -27.73
CA PHE A 317 33.44 49.13 -26.86
C PHE A 317 34.57 49.37 -25.88
N GLU A 318 35.06 48.30 -25.25
CA GLU A 318 36.12 48.46 -24.26
C GLU A 318 37.42 48.91 -24.90
N VAL A 319 37.76 48.32 -26.06
CA VAL A 319 39.03 48.70 -26.69
C VAL A 319 38.98 50.12 -27.22
N MET A 320 37.78 50.65 -27.51
CA MET A 320 37.69 52.06 -27.89
C MET A 320 37.67 52.99 -26.69
N VAL A 321 37.10 52.55 -25.58
CA VAL A 321 37.05 53.42 -24.40
C VAL A 321 38.45 53.53 -23.78
N ARG A 322 39.18 52.43 -23.70
CA ARG A 322 40.47 52.43 -23.02
C ARG A 322 41.53 53.25 -23.73
N ALA A 323 41.20 53.89 -24.87
CA ALA A 323 42.19 54.62 -25.65
C ALA A 323 41.98 56.13 -25.60
N GLY A 324 41.14 56.63 -24.69
CA GLY A 324 41.02 58.06 -24.52
C GLY A 324 39.62 58.60 -24.56
N ARG A 325 38.75 58.03 -25.39
CA ARG A 325 37.40 58.53 -25.54
C ARG A 325 36.60 58.31 -24.25
N THR A 326 35.38 58.84 -24.24
CA THR A 326 34.46 58.68 -23.12
C THR A 326 33.26 57.87 -23.59
N ALA A 327 32.54 57.31 -22.61
CA ALA A 327 31.41 56.44 -22.94
C ALA A 327 30.37 57.08 -23.85
N PRO A 328 29.95 58.34 -23.66
CA PRO A 328 29.00 58.91 -24.62
C PRO A 328 29.55 58.99 -26.03
N MET A 329 30.82 59.35 -26.19
CA MET A 329 31.39 59.45 -27.52
C MET A 329 31.45 58.09 -28.21
N VAL A 330 31.80 57.04 -27.45
CA VAL A 330 31.84 55.70 -28.04
C VAL A 330 30.44 55.23 -28.38
N LYS A 331 29.46 55.52 -27.53
CA LYS A 331 28.09 55.14 -27.85
C LYS A 331 27.60 55.85 -29.10
N MET A 332 28.01 57.10 -29.29
CA MET A 332 27.59 57.83 -30.48
C MET A 332 28.33 57.33 -31.71
N MET A 333 29.56 56.85 -31.55
CA MET A 333 30.32 56.36 -32.70
C MET A 333 29.92 54.96 -33.11
N LEU A 334 29.43 54.15 -32.17
CA LEU A 334 29.04 52.78 -32.48
C LEU A 334 27.58 52.68 -32.90
N VAL A 335 26.67 53.19 -32.08
CA VAL A 335 25.25 53.17 -32.40
C VAL A 335 24.77 54.62 -32.54
N PRO A 336 24.92 55.22 -33.69
CA PRO A 336 24.61 56.66 -33.84
C PRO A 336 23.12 56.90 -33.92
N GLN A 337 22.77 58.16 -34.12
CA GLN A 337 21.38 58.56 -34.28
C GLN A 337 21.02 58.63 -35.76
N ALA A 338 19.72 58.67 -36.03
CA ALA A 338 19.25 58.78 -37.40
C ALA A 338 19.51 60.19 -37.92
N LEU A 339 20.46 60.31 -38.84
CA LEU A 339 20.79 61.62 -39.40
C LEU A 339 19.65 62.06 -40.30
N THR A 340 18.76 62.89 -39.78
CA THR A 340 17.57 63.32 -40.50
C THR A 340 17.83 64.60 -41.28
N SER A 341 17.14 64.73 -42.41
CA SER A 341 17.19 65.95 -43.21
C SER A 341 16.07 66.91 -42.82
N SER A 342 15.98 67.21 -41.53
CA SER A 342 14.93 68.08 -41.00
C SER A 342 15.56 69.23 -40.22
N GLN A 343 14.87 70.36 -40.21
CA GLN A 343 15.33 71.55 -39.51
C GLN A 343 14.99 71.52 -38.02
N THR A 344 14.65 70.35 -37.47
CA THR A 344 14.29 70.23 -36.07
C THR A 344 15.49 69.91 -35.19
N THR A 345 16.70 69.97 -35.73
CA THR A 345 17.92 69.70 -34.96
C THR A 345 18.94 70.75 -35.36
N PRO A 346 19.69 71.32 -34.42
CA PRO A 346 20.73 72.28 -34.78
C PRO A 346 21.81 71.63 -35.63
N ASP A 347 22.55 72.46 -36.36
CA ASP A 347 23.55 71.95 -37.29
C ASP A 347 24.76 71.35 -36.58
N ASN A 348 24.97 71.69 -35.31
CA ASN A 348 26.10 71.11 -34.57
C ASN A 348 25.94 69.61 -34.42
N HIS A 349 24.76 69.17 -33.96
CA HIS A 349 24.49 67.75 -33.84
C HIS A 349 24.57 67.06 -35.20
N LYS A 350 24.14 67.75 -36.27
CA LYS A 350 24.23 67.17 -37.60
C LYS A 350 25.68 66.94 -38.00
N ALA A 351 26.56 67.91 -37.73
CA ALA A 351 27.97 67.74 -38.06
C ALA A 351 28.59 66.63 -37.24
N LEU A 352 28.24 66.56 -35.95
CA LEU A 352 28.76 65.49 -35.11
C LEU A 352 28.33 64.12 -35.62
N ILE A 353 27.05 63.99 -35.99
CA ILE A 353 26.56 62.71 -36.49
C ILE A 353 27.18 62.37 -37.84
N GLN A 354 27.43 63.38 -38.68
CA GLN A 354 28.12 63.13 -39.94
C GLN A 354 29.51 62.57 -39.70
N TYR A 355 30.26 63.20 -38.79
CA TYR A 355 31.59 62.72 -38.47
C TYR A 355 31.54 61.28 -37.94
N CYS A 356 30.64 61.02 -37.00
CA CYS A 356 30.53 59.68 -36.42
C CYS A 356 30.18 58.64 -37.47
N ASN A 357 29.22 58.97 -38.34
CA ASN A 357 28.80 58.04 -39.39
C ASN A 357 29.93 57.78 -40.37
N SER A 358 30.74 58.80 -40.66
CA SER A 358 31.82 58.62 -41.61
C SER A 358 32.93 57.75 -41.02
N VAL A 359 33.24 57.93 -39.74
CA VAL A 359 34.42 57.25 -39.21
C VAL A 359 34.18 55.75 -38.96
N MET A 360 32.95 55.35 -38.61
CA MET A 360 32.70 53.98 -38.20
C MET A 360 31.35 53.52 -38.76
N GLU A 361 31.22 52.19 -38.92
CA GLU A 361 30.00 51.56 -39.41
C GLU A 361 29.05 51.29 -38.24
N PRO A 362 27.80 51.69 -38.35
CA PRO A 362 26.87 51.50 -37.22
C PRO A 362 26.62 50.03 -36.94
N TRP A 363 26.27 49.76 -35.68
CA TRP A 363 25.91 48.42 -35.22
C TRP A 363 24.39 48.44 -35.00
N ASP A 364 23.64 48.09 -36.03
CA ASP A 364 22.20 48.20 -36.00
C ASP A 364 21.60 47.08 -35.15
N GLY A 365 20.27 47.01 -35.12
CA GLY A 365 19.58 45.98 -34.37
C GLY A 365 18.87 46.54 -33.15
N PRO A 366 17.81 45.87 -32.71
CA PRO A 366 17.13 46.29 -31.48
C PRO A 366 18.04 46.13 -30.28
N ALA A 367 18.30 47.24 -29.59
CA ALA A 367 19.28 47.26 -28.52
C ALA A 367 18.92 48.32 -27.52
N ALA A 368 18.76 47.91 -26.26
CA ALA A 368 18.70 48.81 -25.12
C ALA A 368 19.98 48.60 -24.31
N LEU A 369 20.76 49.67 -24.14
CA LEU A 369 22.08 49.57 -23.54
C LEU A 369 22.13 50.31 -22.22
N ALA A 370 22.82 49.72 -21.25
CA ALA A 370 23.10 50.34 -19.95
C ALA A 370 24.58 50.10 -19.67
N MET A 371 25.42 51.04 -20.08
CA MET A 371 26.86 50.87 -20.00
C MET A 371 27.45 51.80 -18.95
N THR A 372 28.68 51.52 -18.56
CA THR A 372 29.34 52.30 -17.52
C THR A 372 30.84 52.38 -17.81
N ASP A 373 31.30 53.58 -18.13
CA ASP A 373 32.73 53.85 -18.13
C ASP A 373 33.24 53.87 -16.69
N GLY A 374 34.54 54.09 -16.52
CA GLY A 374 35.06 54.27 -15.19
C GLY A 374 34.50 55.48 -14.47
N ARG A 375 34.00 56.47 -15.22
CA ARG A 375 33.50 57.70 -14.64
C ARG A 375 32.04 57.96 -14.98
N TRP A 376 31.64 57.81 -16.24
CA TRP A 376 30.27 58.05 -16.65
C TRP A 376 29.41 56.81 -16.44
N VAL A 377 28.09 57.03 -16.41
CA VAL A 377 27.11 55.96 -16.43
C VAL A 377 26.03 56.33 -17.43
N VAL A 378 25.92 55.54 -18.51
CA VAL A 378 25.10 55.91 -19.65
C VAL A 378 24.00 54.88 -19.86
N GLY A 379 22.80 55.36 -20.17
CA GLY A 379 21.72 54.50 -20.62
C GLY A 379 21.21 54.99 -21.96
N GLY A 380 21.22 54.11 -22.98
CA GLY A 380 20.97 54.55 -24.33
C GLY A 380 20.10 53.57 -25.10
N MET A 381 19.63 54.06 -26.24
CA MET A 381 18.71 53.34 -27.12
C MET A 381 19.29 53.35 -28.54
N ASP A 382 18.73 52.49 -29.39
CA ASP A 382 19.21 52.31 -30.75
C ASP A 382 18.54 53.29 -31.70
N ARG A 383 18.69 53.07 -33.00
CA ARG A 383 18.24 54.03 -33.99
C ARG A 383 16.71 54.05 -34.11
N ASN A 384 16.08 52.87 -34.12
CA ASN A 384 14.63 52.81 -34.28
C ASN A 384 13.87 52.93 -32.97
N GLY A 385 14.51 52.61 -31.84
CA GLY A 385 13.83 52.69 -30.56
C GLY A 385 12.77 51.63 -30.40
N LEU A 386 13.18 50.36 -30.38
CA LEU A 386 12.23 49.26 -30.29
C LEU A 386 12.01 48.82 -28.84
N ARG A 387 13.09 48.49 -28.14
CA ARG A 387 12.96 48.07 -26.75
C ARG A 387 12.61 49.26 -25.87
N PRO A 388 11.94 49.03 -24.74
CA PRO A 388 11.56 50.14 -23.87
C PRO A 388 12.59 50.41 -22.78
N MET A 389 12.68 51.68 -22.40
CA MET A 389 13.56 52.10 -21.31
C MET A 389 12.92 53.29 -20.60
N ARG A 390 12.69 53.15 -19.29
CA ARG A 390 12.03 54.17 -18.49
C ARG A 390 12.81 54.39 -17.21
N TYR A 391 12.92 55.66 -16.81
CA TYR A 391 13.74 56.04 -15.67
C TYR A 391 12.93 56.90 -14.70
N THR A 392 13.54 57.21 -13.56
CA THR A 392 12.87 57.94 -12.50
C THR A 392 13.92 58.58 -11.59
N ILE A 393 13.68 59.84 -11.22
CA ILE A 393 14.52 60.59 -10.30
C ILE A 393 13.78 60.75 -8.97
N THR A 394 14.45 60.43 -7.87
CA THR A 394 13.88 60.66 -6.55
C THR A 394 14.50 61.89 -5.91
N THR A 395 13.93 62.30 -4.79
CA THR A 395 14.46 63.45 -4.06
C THR A 395 15.73 63.11 -3.27
N ASP A 396 16.14 61.85 -3.23
CA ASP A 396 17.43 61.47 -2.66
C ASP A 396 18.57 61.55 -3.66
N GLY A 397 18.37 62.20 -4.80
CA GLY A 397 19.41 62.26 -5.81
C GLY A 397 19.76 60.86 -6.29
N LEU A 398 18.72 60.10 -6.65
CA LEU A 398 18.87 58.72 -7.07
C LEU A 398 18.09 58.53 -8.36
N ILE A 399 18.74 57.97 -9.37
CA ILE A 399 18.11 57.71 -10.66
C ILE A 399 18.04 56.21 -10.86
N ILE A 400 16.85 55.73 -11.23
CA ILE A 400 16.60 54.31 -11.43
C ILE A 400 16.02 54.14 -12.82
N GLY A 401 16.66 53.31 -13.64
CA GLY A 401 16.18 53.07 -14.99
C GLY A 401 16.12 51.59 -15.30
N GLY A 402 15.14 51.22 -16.12
CA GLY A 402 14.98 49.83 -16.47
C GLY A 402 13.91 49.66 -17.52
N SER A 403 13.62 48.38 -17.83
CA SER A 403 12.62 48.06 -18.84
C SER A 403 11.20 48.19 -18.32
N GLU A 404 10.99 48.15 -17.01
CA GLU A 404 9.66 48.27 -16.44
C GLU A 404 9.68 49.33 -15.35
N THR A 405 8.59 50.09 -15.25
CA THR A 405 8.53 51.24 -14.37
C THR A 405 7.95 50.92 -12.99
N GLY A 406 7.99 49.66 -12.57
CA GLY A 406 7.46 49.30 -11.27
C GLY A 406 8.31 48.26 -10.57
N MET A 407 9.59 48.18 -10.92
CA MET A 407 10.46 47.16 -10.36
C MET A 407 10.83 47.47 -8.91
N VAL A 408 11.35 48.67 -8.66
CA VAL A 408 11.76 49.09 -7.33
C VAL A 408 10.62 49.87 -6.69
N LYS A 409 10.20 49.43 -5.51
CA LYS A 409 9.11 50.10 -4.81
C LYS A 409 9.59 51.43 -4.27
N ILE A 410 8.88 52.50 -4.63
CA ILE A 410 9.23 53.86 -4.24
C ILE A 410 7.95 54.56 -3.77
N ASP A 411 7.98 55.13 -2.57
CA ASP A 411 6.83 55.87 -2.08
C ASP A 411 6.46 56.98 -3.05
N GLU A 412 5.17 57.13 -3.31
CA GLU A 412 4.72 57.90 -4.45
C GLU A 412 4.86 59.41 -4.24
N THR A 413 5.33 59.86 -3.09
CA THR A 413 5.61 61.26 -2.85
C THR A 413 7.11 61.54 -2.75
N GLN A 414 7.92 60.82 -3.53
CA GLN A 414 9.36 61.07 -3.58
C GLN A 414 9.90 61.27 -4.99
N VAL A 415 9.05 61.24 -5.99
CA VAL A 415 9.52 61.33 -7.36
C VAL A 415 9.52 62.79 -7.77
N ILE A 416 10.48 63.14 -8.61
CA ILE A 416 10.61 64.49 -9.13
C ILE A 416 10.28 64.54 -10.61
N GLU A 417 10.71 63.55 -11.39
CA GLU A 417 10.44 63.53 -12.82
C GLU A 417 10.47 62.09 -13.30
N LYS A 418 9.41 61.68 -13.99
CA LYS A 418 9.40 60.42 -14.72
C LYS A 418 9.58 60.70 -16.21
N GLY A 419 10.08 59.71 -16.92
CA GLY A 419 10.36 59.93 -18.33
C GLY A 419 10.58 58.62 -19.06
N ARG A 420 11.03 58.75 -20.30
CA ARG A 420 11.26 57.61 -21.18
C ARG A 420 12.50 57.89 -22.00
N LEU A 421 12.71 57.08 -23.03
CA LEU A 421 13.82 57.27 -23.97
C LEU A 421 13.32 56.94 -25.37
N GLY A 422 13.40 57.92 -26.26
CA GLY A 422 12.98 57.72 -27.63
C GLY A 422 14.04 57.03 -28.45
N PRO A 423 13.92 57.11 -29.77
CA PRO A 423 14.94 56.50 -30.64
C PRO A 423 16.21 57.33 -30.65
N GLY A 424 17.35 56.66 -30.42
CA GLY A 424 18.62 57.32 -30.43
C GLY A 424 18.92 58.18 -29.22
N GLU A 425 17.96 58.35 -28.30
CA GLU A 425 18.20 59.18 -27.14
C GLU A 425 19.12 58.47 -26.15
N MET A 426 19.54 59.22 -25.14
CA MET A 426 20.42 58.69 -24.11
C MET A 426 20.33 59.59 -22.88
N ILE A 427 20.77 59.05 -21.76
CA ILE A 427 20.81 59.80 -20.50
C ILE A 427 22.06 59.37 -19.74
N ALA A 428 22.82 60.35 -19.24
CA ALA A 428 24.11 60.06 -18.65
C ALA A 428 24.22 60.68 -17.27
N VAL A 429 25.07 60.08 -16.44
CA VAL A 429 25.38 60.59 -15.12
C VAL A 429 26.88 60.67 -14.97
N ASP A 430 27.38 61.85 -14.58
CA ASP A 430 28.79 62.06 -14.29
C ASP A 430 28.98 61.87 -12.79
N LEU A 431 29.66 60.77 -12.42
CA LEU A 431 29.87 60.45 -11.02
C LEU A 431 30.98 61.31 -10.41
N GLN A 432 32.05 61.56 -11.16
CA GLN A 432 33.17 62.29 -10.61
C GLN A 432 32.80 63.75 -10.31
N SER A 433 31.91 64.33 -11.09
CA SER A 433 31.42 65.67 -10.84
C SER A 433 30.02 65.68 -10.21
N GLY A 434 29.32 64.54 -10.23
CA GLY A 434 28.00 64.46 -9.64
C GLY A 434 26.96 65.29 -10.37
N LYS A 435 26.74 65.01 -11.65
CA LYS A 435 25.78 65.76 -12.44
C LYS A 435 24.97 64.79 -13.31
N LEU A 436 23.81 65.25 -13.74
CA LEU A 436 22.89 64.46 -14.55
C LEU A 436 22.65 65.17 -15.88
N TYR A 437 22.99 64.52 -16.98
CA TYR A 437 22.80 65.08 -18.31
C TYR A 437 21.67 64.33 -19.00
N ARG A 438 20.61 65.05 -19.35
CA ARG A 438 19.54 64.51 -20.18
C ARG A 438 20.01 64.49 -21.62
N ASP A 439 19.10 64.24 -22.56
CA ASP A 439 19.50 64.06 -23.96
C ASP A 439 20.05 65.35 -24.56
N ARG A 440 19.25 66.42 -24.53
CA ARG A 440 19.63 67.63 -25.24
C ARG A 440 20.85 68.28 -24.61
N GLU A 441 20.91 68.33 -23.28
CA GLU A 441 22.07 68.90 -22.61
C GLU A 441 23.33 68.09 -22.91
N LEU A 442 23.19 66.76 -22.96
CA LEU A 442 24.36 65.94 -23.26
C LEU A 442 24.84 66.16 -24.68
N LYS A 443 23.92 66.28 -25.63
CA LYS A 443 24.33 66.56 -27.01
C LYS A 443 25.01 67.91 -27.12
N ASP A 444 24.46 68.92 -26.46
CA ASP A 444 25.07 70.25 -26.52
C ASP A 444 26.43 70.28 -25.84
N HIS A 445 26.61 69.49 -24.78
CA HIS A 445 27.91 69.37 -24.15
C HIS A 445 28.90 68.58 -24.99
N LEU A 446 28.43 67.60 -25.75
CA LEU A 446 29.32 66.77 -26.56
C LEU A 446 29.70 67.45 -27.86
N ALA A 447 28.90 68.40 -28.34
CA ALA A 447 29.21 69.13 -29.55
C ALA A 447 30.15 70.30 -29.31
N THR A 448 30.91 70.28 -28.23
CA THR A 448 31.81 71.38 -27.87
C THR A 448 33.28 71.01 -27.93
N LEU A 449 33.61 69.71 -27.77
CA LEU A 449 35.00 69.29 -27.66
C LEU A 449 35.82 69.70 -28.88
N LYS A 450 35.36 69.30 -30.06
CA LYS A 450 36.14 69.55 -31.27
C LYS A 450 35.30 70.35 -32.27
N PRO A 451 35.94 71.18 -33.09
CA PRO A 451 35.20 71.93 -34.11
C PRO A 451 34.72 71.04 -35.24
N TRP A 452 33.61 70.33 -35.01
CA TRP A 452 33.12 69.37 -36.00
C TRP A 452 32.68 70.07 -37.29
N ASP A 453 32.07 71.24 -37.16
CA ASP A 453 31.56 71.94 -38.34
C ASP A 453 32.69 72.33 -39.29
N LYS A 454 33.82 72.78 -38.73
CA LYS A 454 34.97 73.09 -39.58
C LYS A 454 35.58 71.85 -40.20
N TRP A 455 35.41 70.69 -39.57
CA TRP A 455 36.02 69.47 -40.09
C TRP A 455 35.19 68.85 -41.21
N VAL A 456 33.85 68.90 -41.08
CA VAL A 456 32.99 68.19 -42.02
C VAL A 456 33.10 68.76 -43.44
N GLN A 457 33.63 69.97 -43.59
CA GLN A 457 33.65 70.63 -44.90
C GLN A 457 34.66 70.03 -45.86
N ASN A 458 35.45 69.03 -45.46
CA ASN A 458 36.42 68.44 -46.37
C ASN A 458 35.80 67.51 -47.38
N THR A 459 34.63 66.94 -47.07
CA THR A 459 34.02 65.96 -47.97
C THR A 459 33.53 66.63 -49.24
N THR A 460 33.59 65.88 -50.34
CA THR A 460 33.10 66.34 -51.63
C THR A 460 32.04 65.39 -52.14
N HIS A 461 30.99 65.94 -52.75
CA HIS A 461 29.89 65.14 -53.27
C HIS A 461 30.18 64.78 -54.73
N LEU A 462 29.21 64.16 -55.39
CA LEU A 462 29.36 63.76 -56.78
C LEU A 462 28.49 64.53 -57.74
N ASP A 463 27.31 65.01 -57.30
CA ASP A 463 26.46 65.79 -58.19
C ASP A 463 27.20 67.02 -58.72
N GLU A 464 28.04 67.64 -57.88
CA GLU A 464 28.87 68.73 -58.36
C GLU A 464 29.81 68.26 -59.46
N LEU A 465 30.35 67.04 -59.32
CA LEU A 465 31.29 66.53 -60.31
C LEU A 465 30.59 66.24 -61.63
N VAL A 466 29.36 65.72 -61.58
CA VAL A 466 28.63 65.42 -62.81
C VAL A 466 28.01 66.68 -63.40
N LYS A 467 27.91 67.77 -62.63
CA LYS A 467 27.44 69.02 -63.21
C LYS A 467 28.57 69.81 -63.85
N THR A 468 29.72 69.88 -63.19
CA THR A 468 30.87 70.54 -63.78
C THR A 468 31.46 69.75 -64.94
N ALA A 469 31.12 68.47 -65.06
CA ALA A 469 31.59 67.67 -66.18
C ALA A 469 31.00 68.21 -67.47
N SER A 470 31.86 68.50 -68.44
CA SER A 470 31.40 69.12 -69.68
C SER A 470 30.48 68.18 -70.45
N LEU A 471 29.62 68.78 -71.27
CA LEU A 471 28.65 68.04 -72.07
C LEU A 471 29.33 67.46 -73.32
N LYS A 472 30.34 66.64 -73.09
CA LYS A 472 31.13 66.07 -74.16
C LYS A 472 31.56 64.65 -73.79
N GLY A 473 32.09 63.94 -74.77
CA GLY A 473 32.55 62.58 -74.56
C GLY A 473 31.47 61.53 -74.60
N GLU A 474 30.29 61.85 -75.07
CA GLU A 474 29.20 60.88 -75.15
C GLU A 474 29.53 59.81 -76.19
N PRO A 475 29.73 58.56 -75.79
CA PRO A 475 30.08 57.52 -76.76
C PRO A 475 28.86 57.08 -77.55
N SER A 476 29.14 56.32 -78.61
CA SER A 476 28.09 55.82 -79.49
C SER A 476 27.59 54.46 -78.98
N ASP A 477 26.28 54.27 -79.05
CA ASP A 477 25.67 53.04 -78.58
C ASP A 477 26.03 51.87 -79.50
N MET A 478 26.02 50.67 -78.94
CA MET A 478 26.38 49.48 -79.69
C MET A 478 25.35 49.19 -80.77
N ASP A 479 25.73 48.31 -81.69
CA ASP A 479 24.84 47.89 -82.76
C ASP A 479 23.80 46.91 -82.24
N LYS A 480 22.65 46.87 -82.91
CA LYS A 480 21.60 45.93 -82.54
C LYS A 480 22.11 44.49 -82.55
N ALA A 481 22.90 44.13 -83.56
CA ALA A 481 23.44 42.78 -83.62
C ALA A 481 24.40 42.53 -82.47
N GLU A 482 25.28 43.48 -82.17
CA GLU A 482 26.22 43.33 -81.06
C GLU A 482 25.48 43.25 -79.73
N LEU A 483 24.45 44.09 -79.56
CA LEU A 483 23.69 44.06 -78.32
C LEU A 483 22.98 42.71 -78.16
N ARG A 484 22.39 42.19 -79.23
CA ARG A 484 21.72 40.90 -79.13
C ARG A 484 22.72 39.78 -78.86
N ARG A 485 23.90 39.86 -79.45
CA ARG A 485 24.90 38.82 -79.20
C ARG A 485 25.42 38.87 -77.78
N ARG A 486 25.54 40.07 -77.19
CA ARG A 486 25.99 40.16 -75.81
C ARG A 486 24.88 39.85 -74.81
N GLN A 487 23.62 40.03 -75.21
CA GLN A 487 22.52 39.63 -74.34
C GLN A 487 22.32 38.12 -74.36
N GLN A 488 22.43 37.51 -75.53
CA GLN A 488 22.24 36.06 -75.63
C GLN A 488 23.31 35.29 -74.88
N ALA A 489 24.49 35.89 -74.68
CA ALA A 489 25.57 35.20 -74.01
C ALA A 489 25.30 34.98 -72.52
N PHE A 490 24.34 35.71 -71.95
CA PHE A 490 24.04 35.58 -70.53
C PHE A 490 22.67 34.99 -70.25
N GLY A 491 21.84 34.78 -71.27
CA GLY A 491 20.54 34.17 -71.07
C GLY A 491 19.40 35.13 -70.88
N LEU A 492 19.54 36.39 -71.30
CA LEU A 492 18.45 37.35 -71.19
C LEU A 492 17.45 37.11 -72.32
N THR A 493 16.23 36.73 -71.95
CA THR A 493 15.18 36.49 -72.93
C THR A 493 14.45 37.80 -73.21
N MET A 494 13.43 37.73 -74.07
CA MET A 494 12.60 38.91 -74.32
C MET A 494 11.59 39.15 -73.22
N GLU A 495 11.37 38.16 -72.34
CA GLU A 495 10.41 38.32 -71.26
C GLU A 495 11.01 39.02 -70.05
N ASP A 496 12.33 39.10 -69.96
CA ASP A 496 12.98 39.92 -68.94
C ASP A 496 13.03 41.39 -69.32
N MET A 497 12.55 41.75 -70.51
CA MET A 497 12.48 43.14 -70.93
C MET A 497 11.06 43.64 -71.13
N GLU A 498 10.11 42.75 -71.43
CA GLU A 498 8.72 43.14 -71.57
C GLU A 498 7.93 43.04 -70.27
N LEU A 499 8.43 42.27 -69.30
CA LEU A 499 7.71 42.02 -68.06
C LEU A 499 8.33 42.68 -66.84
N ILE A 500 9.65 42.62 -66.69
CA ILE A 500 10.32 43.10 -65.49
C ILE A 500 11.19 44.33 -65.72
N LEU A 501 11.34 44.78 -66.96
CA LEU A 501 12.10 45.99 -67.25
C LEU A 501 11.24 47.16 -67.70
N HIS A 502 10.16 46.89 -68.43
CA HIS A 502 9.25 47.95 -68.87
C HIS A 502 8.58 48.65 -67.70
N PRO A 503 8.08 47.94 -66.67
CA PRO A 503 7.49 48.64 -65.53
C PRO A 503 8.47 49.54 -64.80
N MET A 504 9.73 49.13 -64.69
CA MET A 504 10.73 49.96 -64.00
C MET A 504 10.90 51.30 -64.69
N VAL A 505 11.17 51.29 -66.00
CA VAL A 505 11.41 52.53 -66.71
C VAL A 505 10.12 53.33 -66.89
N GLU A 506 8.98 52.65 -66.93
CA GLU A 506 7.71 53.35 -67.17
C GLU A 506 7.23 54.06 -65.91
N ASP A 507 7.16 53.34 -64.80
CA ASP A 507 6.58 53.85 -63.56
C ASP A 507 7.62 54.17 -62.50
N GLY A 508 8.49 53.23 -62.18
CA GLY A 508 9.42 53.38 -61.09
C GLY A 508 9.26 52.36 -59.99
N LYS A 509 8.48 51.31 -60.20
CA LYS A 509 8.29 50.25 -59.22
C LYS A 509 8.38 48.91 -59.93
N GLU A 510 8.67 47.87 -59.16
CA GLU A 510 8.95 46.57 -59.73
C GLU A 510 7.66 45.87 -60.14
N ALA A 511 7.80 44.70 -60.76
CA ALA A 511 6.65 43.94 -61.20
C ALA A 511 5.93 43.31 -60.01
N ILE A 512 4.77 42.74 -60.28
CA ILE A 512 3.93 42.12 -59.26
C ILE A 512 3.37 40.81 -59.82
N GLY A 513 3.57 39.73 -59.06
CA GLY A 513 3.07 38.43 -59.45
C GLY A 513 1.94 37.98 -58.54
N SER A 514 1.22 36.94 -58.93
CA SER A 514 0.03 36.54 -58.18
C SER A 514 -0.07 35.04 -58.03
N MET A 515 1.06 34.37 -57.80
CA MET A 515 1.04 32.94 -57.50
C MET A 515 2.43 32.52 -57.07
N GLY A 516 2.51 31.34 -56.46
CA GLY A 516 3.77 30.84 -55.94
C GLY A 516 4.74 30.46 -57.04
N ASP A 517 5.90 29.98 -56.61
CA ASP A 517 6.97 29.55 -57.50
C ASP A 517 6.96 28.04 -57.63
N ASP A 518 6.70 27.54 -58.83
CA ASP A 518 6.67 26.11 -59.11
C ASP A 518 7.72 25.70 -60.13
N SER A 519 8.74 26.50 -60.31
CA SER A 519 9.87 26.25 -61.17
C SER A 519 10.94 25.48 -60.42
N PRO A 520 11.71 24.63 -61.10
CA PRO A 520 12.72 23.83 -60.40
C PRO A 520 13.82 24.69 -59.81
N ILE A 521 14.50 24.13 -58.80
CA ILE A 521 15.60 24.79 -58.14
C ILE A 521 16.79 24.83 -59.08
N ALA A 522 17.82 25.60 -58.72
CA ALA A 522 18.88 25.94 -59.66
C ALA A 522 19.64 24.72 -60.15
N VAL A 523 20.11 23.87 -59.22
CA VAL A 523 20.98 22.77 -59.60
C VAL A 523 20.22 21.70 -60.38
N LEU A 524 18.96 21.46 -60.04
CA LEU A 524 18.17 20.46 -60.74
C LEU A 524 17.63 20.97 -62.06
N SER A 525 17.91 22.21 -62.43
CA SER A 525 17.45 22.76 -63.70
C SER A 525 18.26 22.19 -64.85
N ASP A 526 17.91 22.60 -66.06
CA ASP A 526 18.62 22.17 -67.26
C ASP A 526 18.94 23.31 -68.23
N LYS A 527 18.39 24.50 -68.03
CA LYS A 527 18.73 25.65 -68.83
C LYS A 527 19.96 26.33 -68.23
N TYR A 528 20.30 27.53 -68.72
CA TYR A 528 21.39 28.30 -68.15
C TYR A 528 20.82 29.26 -67.12
N ARG A 529 20.83 28.84 -65.86
CA ARG A 529 20.43 29.70 -64.75
C ARG A 529 21.65 30.44 -64.23
N GLY A 530 21.56 31.77 -64.18
CA GLY A 530 22.68 32.56 -63.72
C GLY A 530 23.10 32.21 -62.31
N LEU A 531 24.35 32.57 -61.98
CA LEU A 531 24.90 32.21 -60.68
C LEU A 531 24.17 32.90 -59.54
N HIS A 532 23.47 34.00 -59.81
CA HIS A 532 22.75 34.70 -58.76
C HIS A 532 21.44 34.04 -58.40
N HIS A 533 21.10 32.90 -59.01
CA HIS A 533 19.92 32.14 -58.65
C HIS A 533 20.17 31.15 -57.54
N PHE A 534 21.44 30.88 -57.20
CA PHE A 534 21.78 29.92 -56.17
C PHE A 534 21.76 30.53 -54.77
N PHE A 535 21.61 31.84 -54.65
CA PHE A 535 21.67 32.53 -53.37
C PHE A 535 20.27 32.97 -52.96
N ARG A 536 19.74 32.36 -51.91
CA ARG A 536 18.47 32.77 -51.34
C ARG A 536 18.69 33.92 -50.36
N GLN A 537 17.73 34.83 -50.31
CA GLN A 537 17.81 35.96 -49.40
C GLN A 537 17.59 35.50 -47.97
N ASN A 538 17.70 36.45 -47.04
CA ASN A 538 17.47 36.19 -45.62
C ASN A 538 16.33 37.07 -45.13
N PHE A 539 15.90 36.80 -43.91
CA PHE A 539 14.83 37.55 -43.24
C PHE A 539 14.90 37.23 -41.76
N SER A 540 13.91 37.71 -41.00
CA SER A 540 13.94 37.62 -39.55
C SER A 540 12.61 37.06 -39.05
N GLN A 541 12.69 35.99 -38.27
CA GLN A 541 11.55 35.47 -37.52
C GLN A 541 11.54 36.12 -36.14
N VAL A 542 10.81 35.53 -35.20
CA VAL A 542 10.46 36.12 -33.91
C VAL A 542 11.66 36.73 -33.18
N THR A 543 12.88 36.30 -33.51
CA THR A 543 14.03 36.79 -32.77
C THR A 543 14.34 38.26 -33.09
N ASN A 544 13.99 38.73 -34.28
CA ASN A 544 14.22 40.10 -34.69
C ASN A 544 13.04 40.58 -35.51
N PRO A 545 12.69 41.86 -35.42
CA PRO A 545 11.61 42.38 -36.25
C PRO A 545 12.15 42.98 -37.53
N PRO A 546 11.42 42.84 -38.64
CA PRO A 546 11.81 43.55 -39.85
C PRO A 546 11.53 45.05 -39.74
N ILE A 547 11.88 45.82 -40.77
CA ILE A 547 11.72 47.26 -40.75
C ILE A 547 10.81 47.66 -41.91
N ASP A 548 9.86 48.55 -41.63
CA ASP A 548 8.98 49.05 -42.68
C ASP A 548 9.70 50.12 -43.48
N SER A 549 9.77 49.92 -44.80
CA SER A 549 10.50 50.81 -45.68
C SER A 549 9.60 51.77 -46.46
N LEU A 550 8.29 51.66 -46.32
CA LEU A 550 7.38 52.56 -47.01
C LEU A 550 7.09 53.81 -46.20
N ARG A 551 7.08 53.70 -44.88
CA ARG A 551 6.74 54.81 -43.99
C ARG A 551 7.92 55.26 -43.16
N GLU A 552 8.66 54.33 -42.55
CA GLU A 552 9.87 54.65 -41.81
C GLU A 552 11.09 54.71 -42.73
N ARG A 553 10.99 55.48 -43.80
CA ARG A 553 12.07 55.61 -44.75
C ARG A 553 13.07 56.70 -44.35
N ARG A 554 12.74 57.52 -43.37
CA ARG A 554 13.63 58.60 -42.95
C ARG A 554 14.83 58.09 -42.16
N VAL A 555 14.82 56.85 -41.70
CA VAL A 555 15.89 56.30 -40.89
C VAL A 555 16.72 55.28 -41.68
N MET A 556 16.60 55.28 -43.01
CA MET A 556 17.34 54.37 -43.87
C MET A 556 18.17 55.19 -44.84
N SER A 557 19.48 54.94 -44.86
CA SER A 557 20.42 55.70 -45.67
C SER A 557 21.14 54.78 -46.64
N LEU A 558 21.41 55.29 -47.83
CA LEU A 558 22.15 54.57 -48.86
C LEU A 558 23.47 55.26 -49.20
N LYS A 559 24.10 55.89 -48.21
CA LYS A 559 25.34 56.61 -48.44
C LYS A 559 26.48 55.66 -48.76
N THR A 560 27.35 56.08 -49.68
CA THR A 560 28.55 55.33 -50.02
C THR A 560 29.73 56.28 -49.96
N ARG A 561 30.85 55.81 -49.42
CA ARG A 561 32.03 56.64 -49.27
C ARG A 561 33.26 55.92 -49.80
N LEU A 562 33.98 56.58 -50.69
CA LEU A 562 35.27 56.10 -51.19
C LEU A 562 36.39 56.88 -50.52
N GLY A 563 37.40 56.16 -50.05
CA GLY A 563 38.49 56.78 -49.31
C GLY A 563 38.17 57.02 -47.86
N ASN A 564 37.55 56.05 -47.19
CA ASN A 564 37.03 56.23 -45.84
C ASN A 564 37.82 55.48 -44.79
N LEU A 565 38.18 54.23 -45.04
CA LEU A 565 38.79 53.39 -44.02
C LEU A 565 40.14 53.96 -43.59
N GLY A 566 40.37 53.96 -42.30
CA GLY A 566 41.63 54.45 -41.76
C GLY A 566 41.79 54.10 -40.31
N ASN A 567 42.64 54.87 -39.63
CA ASN A 567 42.85 54.67 -38.20
C ASN A 567 41.58 55.06 -37.45
N ILE A 568 40.99 54.09 -36.74
CA ILE A 568 39.74 54.32 -36.03
C ILE A 568 40.01 54.73 -34.60
N LEU A 569 41.26 55.11 -34.31
CA LEU A 569 41.64 55.57 -32.99
C LEU A 569 42.24 56.96 -33.02
N ASP A 570 41.76 57.80 -33.93
CA ASP A 570 42.29 59.15 -34.10
C ASP A 570 41.15 60.15 -34.16
N GLU A 571 41.50 61.43 -33.96
CA GLU A 571 40.55 62.54 -34.01
C GLU A 571 41.28 63.71 -34.68
N ASP A 572 41.10 63.83 -36.00
CA ASP A 572 41.76 64.89 -36.75
C ASP A 572 40.97 65.12 -38.03
N GLU A 573 41.32 66.20 -38.73
CA GLU A 573 40.59 66.60 -39.92
C GLU A 573 40.86 65.71 -41.12
N THR A 574 41.97 64.97 -41.12
CA THR A 574 42.26 64.08 -42.23
C THR A 574 41.36 62.84 -42.26
N GLN A 575 40.57 62.62 -41.21
CA GLN A 575 39.68 61.46 -41.15
C GLN A 575 38.44 61.63 -42.02
N THR A 576 38.05 62.87 -42.31
CA THR A 576 36.81 63.17 -43.03
C THR A 576 37.07 63.76 -44.40
N ARG A 577 38.10 63.26 -45.09
CA ARG A 577 38.43 63.69 -46.45
C ARG A 577 38.24 62.49 -47.37
N LEU A 578 37.13 62.47 -48.09
CA LEU A 578 36.77 61.34 -48.94
C LEU A 578 35.82 61.81 -50.02
N LEU A 579 35.31 60.86 -50.80
CA LEU A 579 34.28 61.15 -51.79
C LEU A 579 33.00 60.44 -51.41
N GLN A 580 31.87 61.14 -51.51
CA GLN A 580 30.59 60.63 -51.03
C GLN A 580 29.60 60.57 -52.18
N LEU A 581 29.05 59.38 -52.41
CA LEU A 581 27.97 59.16 -53.36
C LEU A 581 26.68 58.87 -52.60
N GLU A 582 25.56 59.32 -53.17
CA GLU A 582 24.26 59.17 -52.54
C GLU A 582 23.56 57.87 -52.90
N SER A 583 24.21 56.99 -53.67
CA SER A 583 23.61 55.72 -54.05
C SER A 583 24.72 54.79 -54.52
N PRO A 584 24.71 53.51 -54.16
CA PRO A 584 25.79 52.62 -54.59
C PRO A 584 25.72 52.24 -56.06
N VAL A 585 24.61 52.48 -56.73
CA VAL A 585 24.49 52.16 -58.16
C VAL A 585 24.79 53.41 -58.96
N LEU A 586 25.54 53.24 -60.05
CA LEU A 586 26.00 54.36 -60.87
C LEU A 586 25.51 54.22 -62.30
N THR A 587 25.25 55.35 -62.92
CA THR A 587 24.95 55.39 -64.35
C THR A 587 26.29 55.48 -65.09
N THR A 588 26.26 55.40 -66.42
CA THR A 588 27.51 55.43 -67.17
C THR A 588 28.19 56.79 -67.10
N ALA A 589 27.41 57.87 -67.19
CA ALA A 589 27.99 59.21 -67.10
C ALA A 589 28.57 59.45 -65.71
N GLU A 590 27.84 59.05 -64.67
CA GLU A 590 28.37 59.20 -63.31
C GLU A 590 29.60 58.34 -63.11
N PHE A 591 29.63 57.15 -63.72
CA PHE A 591 30.82 56.31 -63.62
C PHE A 591 32.01 56.95 -64.30
N ARG A 592 31.81 57.58 -65.45
CA ARG A 592 32.92 58.24 -66.13
C ARG A 592 33.41 59.44 -65.33
N ALA A 593 32.49 60.20 -64.73
CA ALA A 593 32.90 61.31 -63.88
C ALA A 593 33.73 60.82 -62.70
N MET A 594 33.27 59.76 -62.04
CA MET A 594 34.02 59.21 -60.91
C MET A 594 35.37 58.67 -61.35
N ARG A 595 35.44 58.05 -62.53
CA ARG A 595 36.70 57.52 -63.02
C ARG A 595 37.69 58.63 -63.32
N ASP A 596 37.21 59.73 -63.92
CA ASP A 596 38.09 60.86 -64.18
C ASP A 596 38.53 61.55 -62.90
N TYR A 597 37.67 61.54 -61.88
CA TYR A 597 38.09 62.08 -60.58
C TYR A 597 39.14 61.18 -59.95
N MET A 598 38.99 59.87 -60.07
CA MET A 598 39.98 58.94 -59.54
C MET A 598 41.33 59.14 -60.22
N GLY A 599 41.36 59.00 -61.54
CA GLY A 599 42.56 59.32 -62.29
C GLY A 599 43.58 58.20 -62.21
N ASP A 600 44.83 58.57 -61.89
CA ASP A 600 45.96 57.67 -61.98
C ASP A 600 46.15 56.82 -60.73
N THR A 601 45.12 56.71 -59.88
CA THR A 601 45.18 55.84 -58.73
C THR A 601 44.39 54.55 -58.91
N ALA A 602 43.61 54.44 -59.98
CA ALA A 602 42.81 53.26 -60.24
C ALA A 602 43.59 52.26 -61.08
N ALA A 603 43.22 50.99 -60.95
CA ALA A 603 43.84 49.91 -61.71
C ALA A 603 42.75 48.98 -62.22
N GLU A 604 42.68 48.83 -63.54
CA GLU A 604 41.67 47.99 -64.16
C GLU A 604 42.15 46.54 -64.21
N ILE A 605 41.22 45.61 -63.96
CA ILE A 605 41.51 44.20 -63.92
C ILE A 605 40.55 43.49 -64.86
N ASP A 606 41.10 42.66 -65.76
CA ASP A 606 40.26 41.89 -66.66
C ASP A 606 39.57 40.76 -65.90
N ALA A 607 38.42 40.34 -66.40
CA ALA A 607 37.63 39.30 -65.76
C ALA A 607 37.11 38.32 -66.79
N THR A 608 37.94 37.95 -67.76
CA THR A 608 37.56 37.04 -68.82
C THR A 608 38.53 35.86 -68.86
N PHE A 609 38.00 34.68 -69.15
CA PHE A 609 38.89 33.55 -69.32
C PHE A 609 38.79 33.00 -70.74
N PRO A 610 39.90 32.52 -71.29
CA PRO A 610 39.89 32.05 -72.68
C PRO A 610 39.04 30.80 -72.84
N VAL A 611 38.22 30.81 -73.90
CA VAL A 611 37.36 29.66 -74.18
C VAL A 611 38.20 28.45 -74.56
N ASP A 612 39.40 28.67 -75.11
CA ASP A 612 40.31 27.60 -75.48
C ASP A 612 41.34 27.33 -74.38
N GLY A 613 41.05 27.72 -73.15
CA GLY A 613 42.01 27.51 -72.07
C GLY A 613 42.20 26.05 -71.74
N GLY A 614 41.11 25.32 -71.58
CA GLY A 614 41.17 23.91 -71.26
C GLY A 614 40.18 23.51 -70.19
N PRO A 615 40.41 22.36 -69.56
CA PRO A 615 39.46 21.88 -68.54
C PRO A 615 39.55 22.63 -67.22
N GLU A 616 40.58 23.44 -67.01
CA GLU A 616 40.74 24.20 -65.77
C GLU A 616 41.10 25.64 -66.08
N ALA A 617 40.36 26.26 -66.99
CA ALA A 617 40.65 27.65 -67.37
C ALA A 617 40.07 28.63 -66.36
N LEU A 618 38.90 28.34 -65.80
CA LEU A 618 38.26 29.26 -64.88
C LEU A 618 39.06 29.40 -63.59
N ARG A 619 39.57 28.29 -63.07
CA ARG A 619 40.40 28.34 -61.87
C ARG A 619 41.66 29.15 -62.12
N ASP A 620 42.29 28.96 -63.28
CA ASP A 620 43.49 29.73 -63.62
C ASP A 620 43.17 31.22 -63.71
N ALA A 621 42.03 31.56 -64.31
CA ALA A 621 41.66 32.97 -64.41
C ALA A 621 41.41 33.58 -63.04
N LEU A 622 40.75 32.83 -62.16
CA LEU A 622 40.54 33.31 -60.80
C LEU A 622 41.87 33.56 -60.09
N ARG A 623 42.77 32.57 -60.16
CA ARG A 623 44.12 32.74 -59.61
C ARG A 623 44.78 34.00 -60.14
N ARG A 624 44.72 34.18 -61.47
CA ARG A 624 45.41 35.30 -62.11
C ARG A 624 44.88 36.63 -61.61
N ILE A 625 43.55 36.79 -61.58
CA ILE A 625 43.00 38.09 -61.19
C ILE A 625 43.24 38.34 -59.70
N ARG A 626 43.13 37.31 -58.87
CA ARG A 626 43.33 37.54 -57.44
C ARG A 626 44.80 37.74 -57.10
N GLN A 627 45.72 37.39 -58.00
CA GLN A 627 47.10 37.78 -57.80
C GLN A 627 47.39 39.18 -58.33
N GLU A 628 46.84 39.53 -59.50
CA GLU A 628 47.08 40.87 -60.04
C GLU A 628 46.52 41.94 -59.13
N THR A 629 45.36 41.69 -58.51
CA THR A 629 44.78 42.69 -57.61
C THR A 629 45.71 42.98 -56.44
N GLU A 630 46.24 41.92 -55.81
CA GLU A 630 47.16 42.11 -54.69
C GLU A 630 48.44 42.79 -55.14
N ASP A 631 48.97 42.40 -56.30
CA ASP A 631 50.20 43.03 -56.78
C ASP A 631 49.99 44.50 -57.13
N ALA A 632 48.78 44.87 -57.54
CA ALA A 632 48.52 46.26 -57.87
C ALA A 632 48.23 47.11 -56.63
N VAL A 633 47.64 46.51 -55.60
CA VAL A 633 47.36 47.27 -54.39
C VAL A 633 48.65 47.62 -53.66
N ARG A 634 49.62 46.71 -53.63
CA ARG A 634 50.90 46.98 -53.00
C ARG A 634 51.67 48.08 -53.73
N GLY A 635 51.34 48.34 -54.99
CA GLY A 635 52.03 49.33 -55.80
C GLY A 635 51.48 50.73 -55.73
N GLY A 636 50.58 51.03 -54.79
CA GLY A 636 50.07 52.36 -54.61
C GLY A 636 48.66 52.57 -55.14
N ALA A 637 48.13 51.64 -55.91
CA ALA A 637 46.76 51.78 -56.41
C ALA A 637 45.77 51.74 -55.26
N THR A 638 44.84 52.70 -55.25
CA THR A 638 43.85 52.80 -54.20
C THR A 638 42.42 52.63 -54.70
N HIS A 639 42.25 52.14 -55.92
CA HIS A 639 40.93 51.90 -56.48
C HIS A 639 41.04 50.76 -57.47
N VAL A 640 40.12 49.80 -57.36
CA VAL A 640 40.14 48.60 -58.19
C VAL A 640 38.87 48.57 -59.02
N ILE A 641 39.02 48.65 -60.34
CA ILE A 641 37.90 48.62 -61.27
C ILE A 641 37.93 47.27 -61.97
N LEU A 642 36.98 46.41 -61.63
CA LEU A 642 36.94 45.03 -62.12
C LEU A 642 35.94 44.99 -63.28
N THR A 643 36.47 45.07 -64.50
CA THR A 643 35.64 45.17 -65.69
C THR A 643 35.71 43.89 -66.51
N ASP A 644 34.74 43.73 -67.41
CA ASP A 644 34.66 42.56 -68.29
C ASP A 644 34.25 42.98 -69.70
N GLU A 645 34.69 44.16 -70.12
CA GLU A 645 34.38 44.64 -71.46
C GLU A 645 35.20 43.96 -72.56
N ALA A 646 36.07 43.03 -72.19
CA ALA A 646 36.88 42.30 -73.17
C ALA A 646 36.22 41.01 -73.64
N MET A 647 34.94 40.82 -73.34
CA MET A 647 34.26 39.59 -73.73
C MET A 647 34.01 39.58 -75.23
N GLY A 648 34.53 38.58 -75.90
CA GLY A 648 34.38 38.46 -77.34
C GLY A 648 34.20 37.03 -77.78
N PRO A 649 34.36 36.77 -79.08
CA PRO A 649 34.16 35.40 -79.59
C PRO A 649 35.16 34.38 -79.07
N ALA A 650 36.24 34.81 -78.42
CA ALA A 650 37.26 33.88 -77.94
C ALA A 650 37.54 34.02 -76.45
N ARG A 651 36.80 34.86 -75.73
CA ARG A 651 36.99 35.05 -74.30
C ARG A 651 35.64 35.08 -73.62
N ALA A 652 35.39 34.12 -72.74
CA ALA A 652 34.14 34.09 -71.99
C ALA A 652 34.26 34.94 -70.73
N ALA A 653 33.13 35.37 -70.21
CA ALA A 653 33.09 36.27 -69.07
C ALA A 653 32.97 35.49 -67.78
N ILE A 654 33.89 35.72 -66.85
CA ILE A 654 33.78 35.12 -65.52
C ILE A 654 32.51 35.62 -64.86
N PRO A 655 31.75 34.77 -64.16
CA PRO A 655 30.59 35.28 -63.40
C PRO A 655 31.04 36.34 -62.41
N ALA A 656 30.37 37.50 -62.45
CA ALA A 656 30.84 38.65 -61.71
C ALA A 656 30.86 38.39 -60.21
N ILE A 657 29.86 37.66 -59.70
CA ILE A 657 29.79 37.38 -58.27
C ILE A 657 31.01 36.60 -57.81
N LEU A 658 31.40 35.58 -58.57
CA LEU A 658 32.56 34.79 -58.21
C LEU A 658 33.83 35.64 -58.21
N ALA A 659 33.99 36.48 -59.24
CA ALA A 659 35.17 37.33 -59.31
C ALA A 659 35.27 38.27 -58.13
N THR A 660 34.19 39.00 -57.85
CA THR A 660 34.24 39.96 -56.75
C THR A 660 34.40 39.26 -55.41
N GLY A 661 33.79 38.07 -55.25
CA GLY A 661 33.98 37.33 -54.00
C GLY A 661 35.42 36.93 -53.79
N ALA A 662 36.04 36.34 -54.81
CA ALA A 662 37.44 35.95 -54.71
C ALA A 662 38.32 37.15 -54.40
N VAL A 663 38.11 38.26 -55.11
CA VAL A 663 38.97 39.42 -54.92
C VAL A 663 38.81 40.00 -53.52
N HIS A 664 37.56 40.16 -53.07
CA HIS A 664 37.33 40.76 -51.76
C HIS A 664 37.87 39.86 -50.64
N THR A 665 37.65 38.55 -50.75
CA THR A 665 38.15 37.64 -49.73
C THR A 665 39.68 37.65 -49.69
N HIS A 666 40.32 37.65 -50.86
CA HIS A 666 41.78 37.70 -50.89
C HIS A 666 42.30 38.99 -50.27
N LEU A 667 41.66 40.12 -50.59
CA LEU A 667 42.11 41.38 -50.02
C LEU A 667 41.91 41.42 -48.52
N ILE A 668 40.84 40.80 -48.02
CA ILE A 668 40.62 40.77 -46.58
C ILE A 668 41.65 39.88 -45.90
N ARG A 669 41.98 38.74 -46.50
CA ARG A 669 42.92 37.82 -45.87
C ARG A 669 44.33 38.37 -45.85
N SER A 670 44.69 39.20 -46.82
CA SER A 670 46.05 39.70 -46.97
C SER A 670 46.26 41.06 -46.32
N ASN A 671 45.28 41.55 -45.57
CA ASN A 671 45.37 42.86 -44.90
C ASN A 671 45.65 43.98 -45.89
N LEU A 672 44.84 44.03 -46.95
CA LEU A 672 44.94 45.10 -47.94
C LEU A 672 43.60 45.71 -48.31
N ARG A 673 42.47 45.09 -47.92
CA ARG A 673 41.17 45.68 -48.19
C ARG A 673 41.01 47.04 -47.55
N THR A 674 41.76 47.31 -46.48
CA THR A 674 41.69 48.60 -45.81
C THR A 674 42.28 49.74 -46.63
N PHE A 675 42.86 49.44 -47.79
CA PHE A 675 43.54 50.46 -48.58
C PHE A 675 42.73 50.96 -49.77
N THR A 676 41.88 50.11 -50.35
CA THR A 676 41.25 50.45 -51.62
C THR A 676 39.73 50.37 -51.57
N SER A 677 39.10 50.51 -52.73
CA SER A 677 37.68 50.26 -52.92
C SER A 677 37.53 49.11 -53.91
N LEU A 678 36.28 48.86 -54.33
CA LEU A 678 36.03 47.74 -55.23
C LEU A 678 34.85 48.12 -56.12
N ASN A 679 35.13 48.44 -57.37
CA ASN A 679 34.13 48.87 -58.34
C ASN A 679 33.99 47.80 -59.41
N VAL A 680 32.74 47.44 -59.71
CA VAL A 680 32.44 46.34 -60.63
C VAL A 680 31.62 46.88 -61.79
N ARG A 681 32.00 46.51 -63.00
CA ARG A 681 31.23 46.78 -64.21
C ARG A 681 30.67 45.46 -64.72
N THR A 682 29.38 45.26 -64.55
CA THR A 682 28.73 44.01 -64.91
C THR A 682 27.96 44.16 -66.22
N ALA A 683 27.81 43.04 -66.92
CA ALA A 683 27.02 43.00 -68.14
C ALA A 683 25.73 42.19 -68.00
N GLU A 684 25.55 41.50 -66.87
CA GLU A 684 24.36 40.72 -66.62
C GLU A 684 23.37 41.41 -65.69
N GLY A 685 23.77 42.52 -65.07
CA GLY A 685 22.91 43.20 -64.12
C GLY A 685 21.67 43.81 -64.75
N LEU A 686 20.52 43.21 -64.48
CA LEU A 686 19.26 43.76 -64.94
C LEU A 686 18.17 43.78 -63.88
N ASP A 687 18.25 42.94 -62.86
CA ASP A 687 17.25 42.85 -61.81
C ASP A 687 17.83 43.33 -60.49
N THR A 688 16.94 43.61 -59.53
CA THR A 688 17.35 44.13 -58.24
C THR A 688 18.08 43.10 -57.39
N HIS A 689 17.85 41.81 -57.63
CA HIS A 689 18.51 40.79 -56.82
C HIS A 689 19.99 40.66 -57.15
N TYR A 690 20.41 41.09 -58.34
CA TYR A 690 21.81 41.09 -58.72
C TYR A 690 22.60 42.11 -57.89
N PHE A 691 22.16 43.36 -57.91
CA PHE A 691 22.85 44.39 -57.14
C PHE A 691 22.91 44.01 -55.67
N ALA A 692 21.84 43.41 -55.14
CA ALA A 692 21.81 43.01 -53.75
C ALA A 692 22.94 42.03 -53.43
N VAL A 693 23.08 40.97 -54.24
CA VAL A 693 24.10 39.98 -53.93
C VAL A 693 25.49 40.53 -54.19
N LEU A 694 25.66 41.38 -55.20
CA LEU A 694 26.99 41.96 -55.44
C LEU A 694 27.43 42.85 -54.28
N ILE A 695 26.52 43.66 -53.74
CA ILE A 695 26.90 44.49 -52.60
C ILE A 695 27.03 43.67 -51.34
N GLY A 696 26.27 42.58 -51.21
CA GLY A 696 26.41 41.73 -50.05
C GLY A 696 27.71 40.96 -50.04
N VAL A 697 28.25 40.66 -51.22
CA VAL A 697 29.51 39.92 -51.28
C VAL A 697 30.68 40.83 -50.96
N GLY A 698 30.60 42.13 -51.24
CA GLY A 698 31.66 43.02 -50.86
C GLY A 698 31.94 44.18 -51.81
N ALA A 699 31.29 44.22 -52.96
CA ALA A 699 31.50 45.32 -53.90
C ALA A 699 31.10 46.65 -53.27
N THR A 700 31.77 47.71 -53.70
CA THR A 700 31.49 49.05 -53.19
C THR A 700 30.45 49.76 -54.05
N THR A 701 30.76 49.96 -55.34
CA THR A 701 29.83 50.55 -56.29
C THR A 701 29.64 49.59 -57.46
N VAL A 702 28.42 49.54 -57.98
CA VAL A 702 28.08 48.61 -59.05
C VAL A 702 27.60 49.43 -60.25
N ASN A 703 28.17 49.12 -61.42
CA ASN A 703 27.80 49.77 -62.67
C ASN A 703 27.23 48.74 -63.63
N ALA A 704 26.07 49.03 -64.20
CA ALA A 704 25.40 48.15 -65.16
C ALA A 704 25.20 48.94 -66.45
N TYR A 705 26.02 48.67 -67.45
CA TYR A 705 25.96 49.41 -68.70
C TYR A 705 25.07 48.76 -69.75
N LEU A 706 24.97 47.43 -69.74
CA LEU A 706 24.16 46.76 -70.75
C LEU A 706 22.68 47.06 -70.56
N ALA A 707 22.22 47.17 -69.32
CA ALA A 707 20.84 47.54 -69.07
C ALA A 707 20.55 48.94 -69.61
N GLN A 708 21.48 49.86 -69.43
CA GLN A 708 21.31 51.22 -69.96
C GLN A 708 21.29 51.20 -71.48
N GLU A 709 22.16 50.41 -72.10
CA GLU A 709 22.16 50.29 -73.55
C GLU A 709 20.83 49.75 -74.06
N ALA A 710 20.30 48.73 -73.38
CA ALA A 710 19.01 48.17 -73.78
C ALA A 710 17.88 49.17 -73.61
N ILE A 711 17.92 49.95 -72.53
CA ILE A 711 16.89 50.97 -72.33
C ILE A 711 16.95 52.01 -73.45
N ALA A 712 18.16 52.46 -73.80
CA ALA A 712 18.29 53.44 -74.87
C ALA A 712 17.80 52.87 -76.20
N GLU A 713 18.14 51.61 -76.49
CA GLU A 713 17.73 51.00 -77.74
C GLU A 713 16.21 50.84 -77.80
N ARG A 714 15.59 50.43 -76.70
CA ARG A 714 14.14 50.32 -76.67
C ARG A 714 13.47 51.70 -76.75
N HIS A 715 14.17 52.74 -76.30
CA HIS A 715 13.60 54.08 -76.36
C HIS A 715 13.63 54.64 -77.78
N ARG A 716 14.75 54.47 -78.49
CA ARG A 716 14.83 55.04 -79.83
C ARG A 716 13.81 54.44 -80.79
N ARG A 717 13.34 53.22 -80.52
CA ARG A 717 12.23 52.67 -81.28
C ARG A 717 10.90 53.33 -80.92
N GLY A 718 10.86 54.11 -79.85
CA GLY A 718 9.65 54.79 -79.45
C GLY A 718 8.63 53.89 -78.79
N LEU A 719 9.04 53.17 -77.75
CA LEU A 719 8.14 52.29 -77.02
C LEU A 719 7.58 52.91 -75.76
N PHE A 720 8.37 53.74 -75.07
CA PHE A 720 7.90 54.36 -73.84
C PHE A 720 6.91 55.48 -74.09
N GLY A 721 6.82 56.00 -75.31
CA GLY A 721 5.87 57.04 -75.62
C GLY A 721 6.51 58.40 -75.83
N SER A 722 6.27 59.33 -74.91
CA SER A 722 6.74 60.70 -75.05
C SER A 722 7.64 61.13 -73.90
N MET A 723 8.31 60.19 -73.25
CA MET A 723 9.13 60.68 -72.16
C MET A 723 10.60 60.74 -72.58
N PRO A 724 11.34 61.72 -72.08
CA PRO A 724 12.76 61.83 -72.41
C PRO A 724 13.56 60.66 -71.88
N LEU A 725 14.82 60.60 -72.28
CA LEU A 725 15.69 59.50 -71.85
C LEU A 725 16.16 59.68 -70.41
N GLU A 726 16.44 60.92 -70.01
CA GLU A 726 16.92 61.17 -68.66
C GLU A 726 15.85 60.83 -67.64
N LYS A 727 14.58 61.12 -67.94
CA LYS A 727 13.50 60.73 -67.05
C LYS A 727 13.41 59.22 -66.92
N GLY A 728 13.60 58.50 -68.02
CA GLY A 728 13.59 57.05 -67.96
C GLY A 728 14.71 56.50 -67.10
N MET A 729 15.92 57.02 -67.28
CA MET A 729 17.04 56.56 -66.47
C MET A 729 16.82 56.88 -65.00
N ALA A 730 16.27 58.06 -64.71
CA ALA A 730 15.99 58.41 -63.32
C ALA A 730 14.96 57.47 -62.71
N ASN A 731 13.91 57.15 -63.46
CA ASN A 731 12.91 56.21 -62.96
C ASN A 731 13.51 54.85 -62.71
N TYR A 732 14.35 54.38 -63.62
CA TYR A 732 14.99 53.07 -63.45
C TYR A 732 15.87 53.06 -62.21
N LYS A 733 16.66 54.11 -62.01
CA LYS A 733 17.54 54.16 -60.84
C LYS A 733 16.73 54.24 -59.55
N LYS A 734 15.64 55.00 -59.56
CA LYS A 734 14.79 55.08 -58.38
C LYS A 734 14.18 53.73 -58.05
N ALA A 735 13.72 53.00 -59.07
CA ALA A 735 13.16 51.68 -58.83
C ALA A 735 14.22 50.74 -58.26
N ILE A 736 15.44 50.80 -58.78
CA ILE A 736 16.50 49.94 -58.27
C ILE A 736 16.82 50.27 -56.81
N ASP A 737 16.85 51.57 -56.48
CA ASP A 737 17.15 51.95 -55.09
C ASP A 737 16.03 51.51 -54.16
N ASP A 738 14.78 51.64 -54.59
CA ASP A 738 13.67 51.20 -53.74
C ASP A 738 13.69 49.68 -53.54
N GLY A 739 14.03 48.93 -54.59
CA GLY A 739 14.16 47.49 -54.43
C GLY A 739 15.30 47.12 -53.52
N LEU A 740 16.41 47.86 -53.59
CA LEU A 740 17.51 47.63 -52.66
C LEU A 740 17.09 47.89 -51.23
N LEU A 741 16.34 48.97 -51.00
CA LEU A 741 15.84 49.25 -49.65
C LEU A 741 14.92 48.14 -49.17
N LYS A 742 14.06 47.61 -50.06
CA LYS A 742 13.17 46.54 -49.67
C LYS A 742 13.94 45.28 -49.28
N ILE A 743 14.94 44.92 -50.09
CA ILE A 743 15.74 43.72 -49.79
C ILE A 743 16.52 43.93 -48.50
N MET A 744 17.01 45.14 -48.28
CA MET A 744 17.78 45.43 -47.07
C MET A 744 16.91 45.40 -45.82
N SER A 745 15.65 45.79 -45.94
CA SER A 745 14.78 45.91 -44.78
C SER A 745 14.15 44.59 -44.36
N LYS A 746 14.28 43.53 -45.16
CA LYS A 746 13.75 42.23 -44.74
C LYS A 746 14.51 41.66 -43.55
N MET A 747 15.73 42.13 -43.30
CA MET A 747 16.54 41.61 -42.22
C MET A 747 16.57 42.51 -40.99
N GLY A 748 16.25 43.78 -41.15
CA GLY A 748 16.34 44.74 -40.06
C GLY A 748 17.51 45.67 -40.12
N ILE A 749 18.18 45.78 -41.27
CA ILE A 749 19.34 46.65 -41.44
C ILE A 749 18.88 47.93 -42.12
N SER A 750 19.14 49.06 -41.47
CA SER A 750 18.72 50.36 -41.99
C SER A 750 19.86 51.15 -42.63
N VAL A 751 21.05 50.58 -42.72
CA VAL A 751 22.21 51.26 -43.31
C VAL A 751 22.88 50.30 -44.28
N ILE A 752 23.42 50.86 -45.37
CA ILE A 752 24.08 50.03 -46.36
C ILE A 752 25.55 49.80 -46.01
N SER A 753 26.14 50.71 -45.23
CA SER A 753 27.57 50.61 -44.95
C SER A 753 27.90 49.38 -44.11
N SER A 754 26.99 48.95 -43.25
CA SER A 754 27.20 47.76 -42.44
C SER A 754 26.61 46.51 -43.07
N TYR A 755 25.86 46.65 -44.16
CA TYR A 755 25.33 45.51 -44.90
C TYR A 755 26.29 45.01 -45.97
N ARG A 756 27.20 45.86 -46.44
CA ARG A 756 28.09 45.48 -47.52
C ARG A 756 29.15 44.51 -47.02
N GLY A 757 29.39 43.45 -47.79
CA GLY A 757 30.42 42.49 -47.44
C GLY A 757 30.14 41.72 -46.17
N GLY A 758 28.90 41.29 -45.98
CA GLY A 758 28.56 40.54 -44.78
C GLY A 758 28.11 39.12 -45.10
N GLY A 759 27.56 38.93 -46.29
CA GLY A 759 27.08 37.62 -46.69
C GLY A 759 25.74 37.28 -46.09
N ASN A 760 24.78 38.18 -46.23
CA ASN A 760 23.43 37.97 -45.71
C ASN A 760 22.57 37.17 -46.68
N PHE A 761 23.09 36.01 -47.09
CA PHE A 761 22.41 35.15 -48.05
C PHE A 761 22.66 33.71 -47.65
N GLU A 762 22.11 32.78 -48.43
CA GLU A 762 22.34 31.36 -48.19
C GLU A 762 22.44 30.65 -49.53
N ALA A 763 23.55 29.95 -49.75
CA ALA A 763 23.77 29.25 -50.99
C ALA A 763 23.19 27.85 -50.92
N ILE A 764 22.37 27.49 -51.90
CA ILE A 764 21.77 26.17 -51.99
C ILE A 764 22.17 25.57 -53.34
N GLY A 765 23.10 24.63 -53.31
CA GLY A 765 23.57 23.98 -54.51
C GLY A 765 25.00 24.29 -54.90
N LEU A 766 25.75 25.01 -54.08
CA LEU A 766 27.16 25.26 -54.32
C LEU A 766 27.99 24.43 -53.36
N SER A 767 29.09 23.87 -53.88
CA SER A 767 29.90 22.93 -53.10
C SER A 767 30.44 23.60 -51.85
N ARG A 768 30.63 22.79 -50.80
CA ARG A 768 31.08 23.31 -49.52
C ARG A 768 32.44 23.97 -49.64
N ALA A 769 33.37 23.35 -50.36
CA ALA A 769 34.71 23.92 -50.50
C ALA A 769 34.68 25.26 -51.21
N LEU A 770 33.91 25.36 -52.30
CA LEU A 770 33.86 26.60 -53.07
C LEU A 770 33.35 27.75 -52.23
N VAL A 771 32.24 27.53 -51.51
CA VAL A 771 31.67 28.59 -50.69
C VAL A 771 32.60 28.94 -49.54
N ALA A 772 33.14 27.93 -48.87
CA ALA A 772 34.03 28.18 -47.74
C ALA A 772 35.34 28.84 -48.16
N GLU A 773 35.69 28.78 -49.44
CA GLU A 773 36.94 29.35 -49.92
C GLU A 773 36.77 30.75 -50.51
N HIS A 774 35.72 30.97 -51.30
CA HIS A 774 35.57 32.23 -52.02
C HIS A 774 34.53 33.17 -51.42
N PHE A 775 33.71 32.70 -50.48
CA PHE A 775 32.70 33.58 -49.92
C PHE A 775 32.87 33.68 -48.41
N PRO A 776 32.70 34.88 -47.83
CA PRO A 776 33.11 35.11 -46.44
C PRO A 776 32.45 34.21 -45.42
N ALA A 777 31.13 34.28 -45.30
CA ALA A 777 30.42 33.51 -44.28
C ALA A 777 29.03 33.18 -44.81
N MET A 778 28.90 32.02 -45.42
CA MET A 778 27.61 31.50 -45.87
C MET A 778 27.57 30.01 -45.61
N VAL A 779 26.37 29.48 -45.49
CA VAL A 779 26.14 28.08 -45.16
C VAL A 779 25.58 27.39 -46.40
N SER A 780 26.17 26.26 -46.76
CA SER A 780 25.68 25.40 -47.83
C SER A 780 25.49 24.03 -47.20
N ARG A 781 24.29 23.79 -46.67
CA ARG A 781 24.07 22.57 -45.90
C ARG A 781 24.15 21.32 -46.76
N ILE A 782 23.92 21.45 -48.07
CA ILE A 782 24.14 20.38 -49.02
C ILE A 782 25.12 20.85 -50.07
N SER A 783 26.19 20.08 -50.28
CA SER A 783 27.15 20.43 -51.30
C SER A 783 26.50 20.36 -52.68
N GLY A 784 27.10 21.07 -53.63
CA GLY A 784 26.56 21.11 -54.97
C GLY A 784 27.63 21.07 -56.04
N ILE A 785 27.45 21.87 -57.10
CA ILE A 785 28.42 21.89 -58.18
C ILE A 785 29.67 22.62 -57.73
N GLY A 786 30.81 22.15 -58.23
CA GLY A 786 32.07 22.82 -57.95
C GLY A 786 32.33 23.94 -58.94
N LEU A 787 33.52 23.94 -59.54
CA LEU A 787 33.85 24.90 -60.57
C LEU A 787 33.68 24.35 -61.98
N ASN A 788 33.79 23.03 -62.14
CA ASN A 788 33.70 22.44 -63.47
C ASN A 788 32.30 22.59 -64.05
N GLY A 789 31.26 22.41 -63.23
CA GLY A 789 29.90 22.60 -63.73
C GLY A 789 29.63 24.03 -64.16
N ILE A 790 30.10 24.99 -63.36
CA ILE A 790 29.95 26.39 -63.73
C ILE A 790 30.66 26.68 -65.05
N GLN A 791 31.90 26.18 -65.18
CA GLN A 791 32.63 26.38 -66.42
C GLN A 791 31.90 25.77 -67.60
N LYS A 792 31.37 24.56 -67.43
CA LYS A 792 30.66 23.90 -68.52
C LYS A 792 29.45 24.70 -68.95
N LYS A 793 28.63 25.13 -67.99
CA LYS A 793 27.43 25.89 -68.33
C LYS A 793 27.79 27.19 -69.04
N VAL A 794 28.78 27.91 -68.52
CA VAL A 794 29.18 29.18 -69.11
C VAL A 794 29.68 28.97 -70.54
N LEU A 795 30.51 27.95 -70.75
CA LEU A 795 31.05 27.71 -72.08
C LEU A 795 29.96 27.30 -73.05
N GLU A 796 28.99 26.48 -72.60
CA GLU A 796 27.91 26.07 -73.50
C GLU A 796 27.08 27.27 -73.94
N GLN A 797 26.69 28.13 -73.00
CA GLN A 797 25.91 29.29 -73.38
C GLN A 797 26.71 30.23 -74.27
N HIS A 798 28.00 30.40 -73.98
CA HIS A 798 28.83 31.29 -74.78
C HIS A 798 28.96 30.78 -76.21
N ALA A 799 29.20 29.48 -76.38
CA ALA A 799 29.29 28.91 -77.72
C ALA A 799 27.97 29.05 -78.46
N THR A 800 26.87 28.73 -77.80
CA THR A 800 25.56 28.90 -78.42
C THR A 800 25.34 30.33 -78.89
N ALA A 801 25.82 31.30 -78.11
CA ALA A 801 25.59 32.69 -78.48
C ALA A 801 26.50 33.15 -79.61
N TYR A 802 27.75 32.68 -79.63
CA TYR A 802 28.74 33.29 -80.50
C TYR A 802 29.10 32.48 -81.74
N ASN A 803 28.62 31.25 -81.87
CA ASN A 803 28.84 30.50 -83.10
C ASN A 803 27.57 30.27 -83.91
N GLU A 804 26.41 30.66 -83.39
CA GLU A 804 25.16 30.56 -84.12
C GLU A 804 24.70 31.95 -84.54
N GLU A 805 24.21 32.05 -85.77
CA GLU A 805 23.75 33.32 -86.30
C GLU A 805 22.45 33.71 -85.58
N VAL A 806 22.57 34.58 -84.60
CA VAL A 806 21.42 34.97 -83.81
C VAL A 806 20.63 36.06 -84.53
N VAL A 807 19.32 35.91 -84.56
CA VAL A 807 18.45 36.90 -85.18
C VAL A 807 17.40 37.44 -84.22
N ALA A 808 17.10 36.75 -83.13
CA ALA A 808 16.15 37.25 -82.14
C ALA A 808 16.43 36.53 -80.82
N LEU A 809 15.78 37.01 -79.80
CA LEU A 809 15.95 36.37 -78.50
C LEU A 809 14.85 35.33 -78.26
N PRO A 810 15.15 34.27 -77.53
CA PRO A 810 14.12 33.29 -77.21
C PRO A 810 13.06 33.90 -76.31
N VAL A 811 11.82 33.42 -76.48
CA VAL A 811 10.72 33.96 -75.69
C VAL A 811 10.93 33.65 -74.21
N GLY A 812 11.37 32.44 -73.90
CA GLY A 812 11.80 32.11 -72.56
C GLY A 812 10.67 31.88 -71.58
N GLY A 813 10.77 30.83 -70.77
CA GLY A 813 9.81 30.65 -69.72
C GLY A 813 10.44 30.58 -68.35
N PHE A 814 10.27 31.62 -67.57
CA PHE A 814 10.67 31.63 -66.16
C PHE A 814 9.54 32.10 -65.27
N TYR A 815 8.73 33.07 -65.73
CA TYR A 815 7.57 33.53 -64.98
C TYR A 815 6.26 33.03 -65.54
N ARG A 816 6.23 32.66 -66.82
CA ARG A 816 5.04 32.08 -67.44
C ARG A 816 5.45 30.87 -68.26
N PHE A 817 4.58 29.87 -68.28
CA PHE A 817 4.89 28.62 -68.96
C PHE A 817 4.96 28.83 -70.47
N ARG A 818 6.02 28.32 -71.09
CA ARG A 818 6.17 28.31 -72.53
C ARG A 818 6.76 26.98 -72.95
N LYS A 819 6.44 26.56 -74.18
CA LYS A 819 6.89 25.25 -74.65
C LYS A 819 8.41 25.19 -74.78
N SER A 820 9.06 26.32 -75.05
CA SER A 820 10.51 26.34 -75.19
C SER A 820 11.22 26.56 -73.87
N GLY A 821 10.54 27.13 -72.87
CA GLY A 821 11.17 27.41 -71.60
C GLY A 821 11.38 26.18 -70.72
N ASP A 822 11.58 26.41 -69.43
CA ASP A 822 11.80 25.32 -68.49
C ASP A 822 10.50 24.58 -68.19
N ARG A 823 10.61 23.53 -67.40
CA ARG A 823 9.43 22.79 -66.98
C ARG A 823 8.81 23.45 -65.75
N HIS A 824 7.50 23.22 -65.58
CA HIS A 824 6.76 23.76 -64.46
C HIS A 824 6.07 22.64 -63.72
N GLY A 825 5.76 22.90 -62.45
CA GLY A 825 5.06 21.90 -61.66
C GLY A 825 3.62 21.71 -62.09
N TRP A 826 2.96 22.79 -62.48
CA TRP A 826 1.56 22.76 -62.90
C TRP A 826 1.51 23.03 -64.40
N GLU A 827 1.43 21.97 -65.18
CA GLU A 827 1.25 22.08 -66.63
C GLU A 827 -0.24 22.00 -66.95
N GLY A 828 -0.59 21.87 -68.22
CA GLY A 828 -1.97 21.84 -68.63
C GLY A 828 -2.64 20.50 -68.45
N GLY A 829 -2.00 19.44 -68.95
CA GLY A 829 -2.59 18.12 -68.83
C GLY A 829 -2.80 17.71 -67.39
N VAL A 830 -1.89 18.10 -66.50
CA VAL A 830 -2.04 17.79 -65.08
C VAL A 830 -3.30 18.43 -64.53
N ILE A 831 -3.50 19.72 -64.82
CA ILE A 831 -4.66 20.44 -64.31
C ILE A 831 -5.95 19.81 -64.85
N HIS A 832 -5.98 19.54 -66.16
CA HIS A 832 -7.19 18.98 -66.74
C HIS A 832 -7.50 17.60 -66.17
N THR A 833 -6.49 16.76 -66.00
CA THR A 833 -6.71 15.42 -65.46
C THR A 833 -7.21 15.49 -64.02
N LEU A 834 -6.61 16.38 -63.21
CA LEU A 834 -7.07 16.50 -61.84
C LEU A 834 -8.50 16.99 -61.76
N GLN A 835 -8.86 17.99 -62.58
CA GLN A 835 -10.23 18.49 -62.55
C GLN A 835 -11.22 17.42 -63.01
N GLN A 836 -10.86 16.64 -64.03
CA GLN A 836 -11.74 15.58 -64.48
C GLN A 836 -11.92 14.53 -63.39
N ALA A 837 -10.83 14.10 -62.77
CA ALA A 837 -10.92 13.07 -61.74
C ALA A 837 -11.71 13.56 -60.52
N VAL A 838 -11.65 14.85 -60.23
CA VAL A 838 -12.39 15.37 -59.09
C VAL A 838 -13.86 15.55 -59.42
N THR A 839 -14.18 15.98 -60.65
CA THR A 839 -15.57 16.21 -61.01
C THR A 839 -16.31 14.88 -61.20
N ASN A 840 -15.79 14.00 -62.05
CA ASN A 840 -16.49 12.77 -62.36
C ASN A 840 -16.39 11.71 -61.27
N ASP A 841 -15.51 11.90 -60.28
CA ASP A 841 -15.34 10.98 -59.16
C ASP A 841 -14.99 9.57 -59.65
N SER A 842 -13.81 9.48 -60.24
CA SER A 842 -13.25 8.21 -60.70
C SER A 842 -11.83 8.10 -60.18
N TYR A 843 -11.62 7.20 -59.22
CA TYR A 843 -10.30 7.08 -58.59
C TYR A 843 -9.22 6.70 -59.58
N THR A 844 -9.59 5.98 -60.65
CA THR A 844 -8.59 5.58 -61.64
C THR A 844 -7.99 6.81 -62.33
N THR A 845 -8.82 7.80 -62.64
CA THR A 845 -8.29 9.03 -63.23
C THR A 845 -7.38 9.76 -62.25
N PHE A 846 -7.68 9.69 -60.95
CA PHE A 846 -6.80 10.32 -59.98
C PHE A 846 -5.45 9.61 -59.93
N LYS A 847 -5.46 8.28 -60.03
CA LYS A 847 -4.20 7.56 -60.10
C LYS A 847 -3.43 7.91 -61.37
N LYS A 848 -4.14 8.11 -62.48
CA LYS A 848 -3.51 8.60 -63.70
C LYS A 848 -2.81 9.94 -63.47
N TYR A 849 -3.52 10.87 -62.84
CA TYR A 849 -2.94 12.17 -62.48
C TYR A 849 -1.70 12.00 -61.62
N SER A 850 -1.78 11.16 -60.58
CA SER A 850 -0.65 10.99 -59.68
C SER A 850 0.56 10.41 -60.40
N GLU A 851 0.34 9.44 -61.28
CA GLU A 851 1.42 8.87 -62.06
C GLU A 851 2.05 9.91 -62.99
N GLN A 852 1.22 10.70 -63.67
CA GLN A 852 1.74 11.77 -64.51
C GLN A 852 2.59 12.75 -63.71
N VAL A 853 2.20 13.02 -62.46
CA VAL A 853 2.99 13.92 -61.64
C VAL A 853 4.31 13.26 -61.24
N ASN A 854 4.27 12.00 -60.82
CA ASN A 854 5.45 11.32 -60.31
C ASN A 854 6.34 10.73 -61.40
N LYS A 855 6.06 11.01 -62.66
CA LYS A 855 6.93 10.51 -63.73
C LYS A 855 7.87 11.54 -64.32
N ARG A 856 7.72 12.83 -64.01
CA ARG A 856 8.61 13.82 -64.58
C ARG A 856 10.02 13.69 -64.01
N PRO A 857 11.02 14.22 -64.71
CA PRO A 857 12.38 14.23 -64.16
C PRO A 857 12.43 14.97 -62.83
N PRO A 858 13.49 14.77 -62.05
CA PRO A 858 13.55 15.42 -60.73
C PRO A 858 13.49 16.94 -60.85
N MET A 859 12.67 17.55 -59.99
CA MET A 859 12.52 18.99 -59.97
C MET A 859 12.65 19.60 -58.58
N GLN A 860 12.46 18.85 -57.51
CA GLN A 860 12.58 19.35 -56.15
C GLN A 860 13.43 18.39 -55.33
N LEU A 861 13.70 18.78 -54.08
CA LEU A 861 14.58 17.99 -53.22
C LEU A 861 13.99 16.61 -52.93
N ARG A 862 12.67 16.52 -52.79
CA ARG A 862 12.01 15.28 -52.45
C ARG A 862 11.88 14.32 -53.62
N ASP A 863 12.49 14.63 -54.76
CA ASP A 863 12.46 13.74 -55.92
C ASP A 863 13.65 12.79 -55.96
N LEU A 864 14.69 13.05 -55.17
CA LEU A 864 15.83 12.14 -55.09
C LEU A 864 15.70 11.13 -53.96
N LEU A 865 14.75 11.32 -53.05
CA LEU A 865 14.52 10.35 -51.98
C LEU A 865 13.66 9.21 -52.49
N GLU A 866 13.91 8.02 -51.95
CA GLU A 866 13.19 6.82 -52.34
C GLU A 866 12.90 5.98 -51.10
N LEU A 867 11.66 5.50 -51.02
CA LEU A 867 11.22 4.71 -49.89
C LEU A 867 11.70 3.27 -50.03
N ARG A 868 12.14 2.69 -48.92
CA ARG A 868 12.69 1.34 -48.93
C ARG A 868 12.51 0.75 -47.54
N SER A 869 11.58 -0.19 -47.41
CA SER A 869 11.32 -0.86 -46.15
C SER A 869 11.94 -2.25 -46.15
N THR A 870 11.77 -2.97 -45.04
CA THR A 870 12.32 -4.30 -44.90
C THR A 870 11.30 -5.33 -44.44
N LYS A 871 10.06 -4.94 -44.15
CA LYS A 871 9.04 -5.87 -43.69
C LYS A 871 8.32 -6.47 -44.89
N ALA A 872 7.27 -7.24 -44.63
CA ALA A 872 6.48 -7.82 -45.70
C ALA A 872 5.16 -7.08 -45.85
N PRO A 873 4.69 -6.89 -47.09
CA PRO A 873 3.44 -6.16 -47.32
C PRO A 873 2.26 -6.71 -46.55
N VAL A 874 1.30 -5.86 -46.24
CA VAL A 874 0.09 -6.26 -45.52
C VAL A 874 -1.11 -5.95 -46.39
N PRO A 875 -2.24 -6.59 -46.15
CA PRO A 875 -3.44 -6.27 -46.94
C PRO A 875 -3.87 -4.83 -46.72
N VAL A 876 -4.42 -4.23 -47.78
CA VAL A 876 -4.75 -2.82 -47.75
C VAL A 876 -5.82 -2.52 -46.72
N ASP A 877 -6.85 -3.38 -46.64
CA ASP A 877 -7.98 -3.14 -45.75
C ASP A 877 -7.59 -3.18 -44.28
N GLU A 878 -6.36 -3.56 -43.95
CA GLU A 878 -5.93 -3.63 -42.56
C GLU A 878 -5.48 -2.29 -42.01
N VAL A 879 -5.08 -1.36 -42.88
CA VAL A 879 -4.63 -0.03 -42.46
C VAL A 879 -5.81 0.75 -41.92
N GLU A 880 -5.54 1.86 -41.23
CA GLU A 880 -6.57 2.64 -40.57
C GLU A 880 -7.59 3.16 -41.59
N SER A 881 -8.72 3.62 -41.05
CA SER A 881 -9.81 4.09 -41.90
C SER A 881 -9.45 5.39 -42.60
N ILE A 882 -10.22 5.71 -43.64
CA ILE A 882 -9.99 6.94 -44.37
C ILE A 882 -10.34 8.15 -43.50
N THR A 883 -11.33 8.02 -42.63
CA THR A 883 -11.71 9.14 -41.79
C THR A 883 -10.58 9.54 -40.84
N ALA A 884 -9.98 8.55 -40.19
CA ALA A 884 -8.90 8.83 -39.24
C ALA A 884 -7.67 9.43 -39.93
N ILE A 885 -7.56 9.31 -41.25
CA ILE A 885 -6.49 9.94 -41.99
C ILE A 885 -6.92 11.30 -42.55
N ARG A 886 -8.16 11.38 -43.05
CA ARG A 886 -8.66 12.68 -43.53
C ARG A 886 -8.70 13.70 -42.41
N LYS A 887 -8.84 13.27 -41.17
CA LYS A 887 -8.81 14.19 -40.05
C LYS A 887 -7.41 14.69 -39.72
N ARG A 888 -6.44 14.41 -40.58
CA ARG A 888 -5.08 14.92 -40.44
C ARG A 888 -4.74 15.99 -41.47
N PHE A 889 -5.59 16.21 -42.45
CA PHE A 889 -5.38 17.24 -43.46
C PHE A 889 -6.15 18.50 -43.07
N ILE A 890 -5.52 19.66 -43.30
CA ILE A 890 -6.18 20.94 -43.12
C ILE A 890 -5.92 21.78 -44.36
N THR A 891 -6.76 22.78 -44.56
CA THR A 891 -6.53 23.72 -45.64
C THR A 891 -5.98 25.01 -45.08
N PRO A 892 -4.98 25.60 -45.73
CA PRO A 892 -4.34 26.80 -45.18
C PRO A 892 -5.27 28.01 -45.30
N GLY A 893 -4.85 29.09 -44.65
CA GLY A 893 -5.65 30.31 -44.63
C GLY A 893 -5.46 31.12 -45.90
N MET A 894 -6.57 31.56 -46.48
CA MET A 894 -6.54 32.46 -47.64
C MET A 894 -7.57 33.54 -47.41
N SER A 895 -7.10 34.79 -47.34
CA SER A 895 -7.95 35.90 -46.89
C SER A 895 -9.14 36.11 -47.81
N MET A 896 -10.18 36.74 -47.26
CA MET A 896 -11.32 37.14 -48.07
C MET A 896 -11.00 38.30 -48.99
N GLY A 897 -9.95 39.06 -48.72
CA GLY A 897 -9.53 40.08 -49.66
C GLY A 897 -9.05 39.49 -50.97
N ALA A 898 -8.27 38.41 -50.89
CA ALA A 898 -7.78 37.77 -52.10
C ALA A 898 -8.88 36.95 -52.77
N LEU A 899 -9.42 35.98 -52.06
CA LEU A 899 -10.47 35.13 -52.60
C LEU A 899 -11.80 35.88 -52.68
N SER A 900 -12.78 35.23 -53.25
CA SER A 900 -14.14 35.75 -53.27
C SER A 900 -14.94 35.17 -52.12
N PRO A 901 -16.06 35.80 -51.74
CA PRO A 901 -16.88 35.22 -50.68
C PRO A 901 -17.35 33.80 -50.96
N GLU A 902 -17.73 33.52 -52.21
CA GLU A 902 -18.23 32.19 -52.55
C GLU A 902 -17.16 31.13 -52.34
N ALA A 903 -15.94 31.38 -52.82
CA ALA A 903 -14.88 30.38 -52.69
C ALA A 903 -14.49 30.17 -51.24
N HIS A 904 -14.36 31.26 -50.48
CA HIS A 904 -14.05 31.15 -49.06
C HIS A 904 -15.09 30.32 -48.33
N GLY A 905 -16.36 30.67 -48.50
CA GLY A 905 -17.42 29.91 -47.87
C GLY A 905 -17.47 28.47 -48.33
N THR A 906 -17.16 28.21 -49.60
CA THR A 906 -17.19 26.86 -50.12
C THR A 906 -16.11 26.01 -49.48
N LEU A 907 -14.89 26.53 -49.39
CA LEU A 907 -13.84 25.81 -48.69
C LEU A 907 -14.22 25.54 -47.24
N ASN A 908 -14.78 26.55 -46.57
CA ASN A 908 -15.14 26.38 -45.16
C ASN A 908 -16.21 25.31 -44.98
N VAL A 909 -17.23 25.30 -45.85
CA VAL A 909 -18.30 24.32 -45.67
C VAL A 909 -17.83 22.93 -46.08
N ALA A 910 -16.91 22.84 -47.05
CA ALA A 910 -16.42 21.54 -47.46
C ALA A 910 -15.49 20.91 -46.44
N MET A 911 -14.71 21.72 -45.72
CA MET A 911 -13.77 21.13 -44.77
C MET A 911 -14.43 20.79 -43.44
N ASN A 912 -15.53 21.46 -43.09
CA ASN A 912 -16.25 21.13 -41.86
C ASN A 912 -17.16 19.94 -42.03
N ARG A 913 -17.28 19.39 -43.22
CA ARG A 913 -18.17 18.26 -43.47
C ARG A 913 -17.49 16.92 -43.24
N ILE A 914 -16.20 16.79 -43.56
CA ILE A 914 -15.49 15.55 -43.34
C ILE A 914 -14.90 15.44 -41.94
N GLY A 915 -14.86 16.53 -41.18
CA GLY A 915 -14.37 16.51 -39.82
C GLY A 915 -13.01 17.18 -39.61
N ALA A 916 -12.40 17.71 -40.66
CA ALA A 916 -11.09 18.32 -40.54
C ALA A 916 -11.21 19.83 -40.34
N LYS A 917 -10.11 20.44 -39.93
CA LYS A 917 -10.07 21.87 -39.67
C LYS A 917 -9.82 22.65 -40.94
N SER A 918 -10.49 23.79 -41.06
CA SER A 918 -10.26 24.75 -42.14
C SER A 918 -9.52 25.95 -41.56
N ASP A 919 -9.36 26.99 -42.38
CA ASP A 919 -8.64 28.18 -41.94
C ASP A 919 -9.21 29.39 -42.64
N SER A 920 -9.24 30.51 -41.92
CA SER A 920 -9.81 31.75 -42.43
C SER A 920 -8.77 32.75 -42.91
N GLY A 921 -7.53 32.63 -42.47
CA GLY A 921 -6.52 33.60 -42.86
C GLY A 921 -6.84 34.98 -42.33
N GLU A 922 -5.98 35.92 -42.73
CA GLU A 922 -6.16 37.32 -42.33
C GLU A 922 -7.39 37.90 -43.01
N GLY A 923 -7.69 39.15 -42.68
CA GLY A 923 -8.82 39.83 -43.28
C GLY A 923 -10.13 39.67 -42.54
N GLY A 924 -10.12 39.07 -41.36
CA GLY A 924 -11.34 38.95 -40.59
C GLY A 924 -12.31 37.93 -41.17
N GLU A 925 -13.53 37.98 -40.65
CA GLU A 925 -14.58 37.05 -41.07
C GLU A 925 -15.93 37.69 -40.83
N ASP A 926 -16.95 37.13 -41.47
CA ASP A 926 -18.31 37.65 -41.40
C ASP A 926 -19.04 37.05 -40.20
N PRO A 927 -19.57 37.88 -39.30
CA PRO A 927 -20.22 37.31 -38.10
C PRO A 927 -21.51 36.56 -38.40
N ALA A 928 -22.26 36.95 -39.44
CA ALA A 928 -23.51 36.26 -39.76
C ALA A 928 -23.28 34.78 -40.06
N ARG A 929 -22.04 34.38 -40.27
CA ARG A 929 -21.64 33.01 -40.54
C ARG A 929 -21.30 32.23 -39.29
N PHE A 930 -21.72 32.72 -38.11
CA PHE A 930 -21.33 32.10 -36.86
C PHE A 930 -22.28 30.98 -36.43
N ARG A 931 -23.36 30.76 -37.15
CA ARG A 931 -24.34 29.74 -36.82
C ARG A 931 -24.61 28.84 -38.02
N PRO A 932 -24.86 27.55 -37.79
CA PRO A 932 -25.15 26.65 -38.90
C PRO A 932 -26.40 27.09 -39.66
N ASP A 933 -26.41 26.78 -40.96
CA ASP A 933 -27.51 27.16 -41.82
C ASP A 933 -28.70 26.23 -41.57
N LYS A 934 -29.78 26.45 -42.32
CA LYS A 934 -30.96 25.61 -42.19
C LYS A 934 -30.77 24.24 -42.82
N ASN A 935 -29.91 24.15 -43.84
CA ASN A 935 -29.63 22.88 -44.50
C ASN A 935 -28.56 22.07 -43.78
N GLY A 936 -27.97 22.59 -42.71
CA GLY A 936 -26.94 21.91 -41.97
C GLY A 936 -25.54 22.35 -42.27
N ASP A 937 -25.34 23.18 -43.29
CA ASP A 937 -23.99 23.64 -43.63
C ASP A 937 -23.46 24.59 -42.58
N ASN A 938 -22.18 24.42 -42.25
CA ASN A 938 -21.52 25.21 -41.22
C ASN A 938 -20.43 26.05 -41.89
N TRP A 939 -20.72 27.33 -42.11
CA TRP A 939 -19.83 28.21 -42.87
C TRP A 939 -18.70 28.79 -42.02
N ASN A 940 -18.55 28.36 -40.78
CA ASN A 940 -17.54 28.92 -39.90
C ASN A 940 -16.16 28.36 -40.27
N SER A 941 -15.13 28.81 -39.56
CA SER A 941 -13.77 28.32 -39.73
C SER A 941 -13.16 28.04 -38.38
N ALA A 942 -12.57 26.87 -38.22
CA ALA A 942 -12.09 26.41 -36.92
C ALA A 942 -10.70 26.92 -36.57
N ILE A 943 -10.08 27.72 -37.42
CA ILE A 943 -8.75 28.26 -37.16
C ILE A 943 -8.74 29.72 -37.55
N LYS A 944 -8.60 30.61 -36.57
CA LYS A 944 -8.54 32.04 -36.80
C LYS A 944 -7.10 32.52 -36.73
N GLN A 945 -6.76 33.47 -37.59
CA GLN A 945 -5.40 33.98 -37.69
C GLN A 945 -5.29 35.38 -37.10
N VAL A 946 -4.12 35.68 -36.56
CA VAL A 946 -3.80 37.00 -36.01
C VAL A 946 -2.64 37.52 -36.83
N ALA A 947 -2.94 38.33 -37.85
CA ALA A 947 -1.93 38.80 -38.79
C ALA A 947 -1.20 40.01 -38.21
N SER A 948 -0.41 40.67 -39.05
CA SER A 948 0.33 41.84 -38.61
C SER A 948 -0.53 43.10 -38.64
N GLY A 949 -1.64 43.09 -39.38
CA GLY A 949 -2.50 44.24 -39.42
C GLY A 949 -3.62 44.26 -38.41
N ARG A 950 -3.98 43.09 -37.87
CA ARG A 950 -5.11 42.94 -36.95
C ARG A 950 -6.36 43.58 -37.56
N PHE A 951 -6.76 43.05 -38.71
CA PHE A 951 -7.77 43.72 -39.52
C PHE A 951 -9.19 43.38 -39.10
N GLY A 952 -9.39 42.30 -38.35
CA GLY A 952 -10.72 41.95 -37.91
C GLY A 952 -10.72 41.39 -36.50
N VAL A 953 -9.58 41.53 -35.81
CA VAL A 953 -9.42 40.94 -34.49
C VAL A 953 -10.28 41.72 -33.50
N THR A 954 -11.39 41.12 -33.08
CA THR A 954 -12.24 41.66 -32.04
C THR A 954 -12.26 40.68 -30.86
N ALA A 955 -13.09 40.98 -29.87
CA ALA A 955 -13.23 40.07 -28.74
C ALA A 955 -14.12 38.88 -29.06
N GLU A 956 -15.02 39.00 -30.04
CA GLU A 956 -15.85 37.89 -30.46
C GLU A 956 -15.22 37.07 -31.57
N TYR A 957 -14.33 37.67 -32.35
CA TYR A 957 -13.61 36.96 -33.39
C TYR A 957 -12.68 35.89 -32.82
N LEU A 958 -12.34 35.96 -31.55
CA LEU A 958 -11.44 35.01 -30.93
C LEU A 958 -12.16 33.94 -30.11
N ASN A 959 -13.41 34.18 -29.70
CA ASN A 959 -14.18 33.19 -28.95
C ASN A 959 -15.04 32.32 -29.84
N GLN A 960 -14.67 32.16 -31.11
CA GLN A 960 -15.44 31.36 -32.05
C GLN A 960 -14.50 30.48 -32.87
N CYS A 961 -13.56 29.83 -32.18
CA CYS A 961 -12.58 29.00 -32.86
C CYS A 961 -12.08 27.93 -31.90
N ARG A 962 -11.44 26.91 -32.48
CA ARG A 962 -10.85 25.83 -31.71
C ARG A 962 -9.33 25.86 -31.72
N GLU A 963 -8.71 26.72 -32.51
CA GLU A 963 -7.26 26.84 -32.54
C GLU A 963 -6.88 28.20 -33.09
N LEU A 964 -6.19 29.00 -32.31
CA LEU A 964 -5.70 30.28 -32.78
C LEU A 964 -4.39 30.07 -33.53
N GLU A 965 -3.91 31.12 -34.19
CA GLU A 965 -2.70 31.00 -34.99
C GLU A 965 -2.05 32.37 -35.14
N ILE A 966 -0.74 32.42 -34.96
CA ILE A 966 0.05 33.63 -35.11
C ILE A 966 0.89 33.50 -36.37
N LYS A 967 0.72 34.44 -37.30
CA LYS A 967 1.41 34.41 -38.58
C LYS A 967 2.62 35.32 -38.49
N VAL A 968 3.80 34.72 -38.37
CA VAL A 968 5.03 35.50 -38.27
C VAL A 968 5.60 35.82 -39.66
N ALA A 969 5.52 34.88 -40.59
CA ALA A 969 6.02 35.11 -41.94
C ALA A 969 5.35 34.14 -42.89
N GLN A 970 5.02 34.63 -44.08
CA GLN A 970 4.36 33.81 -45.08
C GLN A 970 5.39 33.12 -45.97
N GLY A 971 4.94 32.09 -46.68
CA GLY A 971 5.85 31.29 -47.47
C GLY A 971 6.34 32.01 -48.72
N ALA A 972 5.44 32.68 -49.44
CA ALA A 972 5.81 33.30 -50.69
C ALA A 972 6.66 34.55 -50.46
N LYS A 973 6.17 35.46 -49.60
CA LYS A 973 6.86 36.72 -49.32
C LYS A 973 7.28 36.72 -47.85
N PRO A 974 8.43 36.14 -47.53
CA PRO A 974 8.88 36.15 -46.13
C PRO A 974 9.41 37.51 -45.73
N GLY A 975 9.14 37.89 -44.50
CA GLY A 975 9.58 39.18 -43.99
C GLY A 975 8.94 40.36 -44.67
N GLU A 976 7.62 40.30 -44.88
CA GLU A 976 6.92 41.37 -45.57
C GLU A 976 5.44 41.28 -45.20
N GLY A 977 4.68 42.26 -45.65
CA GLY A 977 3.26 42.36 -45.36
C GLY A 977 2.43 42.14 -46.62
N GLY A 978 1.27 41.51 -46.45
CA GLY A 978 0.39 41.29 -47.58
C GLY A 978 -0.16 42.60 -48.13
N GLN A 979 -0.50 42.57 -49.41
CA GLN A 979 -1.00 43.76 -50.10
C GLN A 979 -2.42 43.51 -50.59
N LEU A 980 -3.07 44.61 -50.96
CA LEU A 980 -4.43 44.55 -51.51
C LEU A 980 -4.67 45.78 -52.37
N PRO A 981 -4.98 45.60 -53.65
CA PRO A 981 -5.15 46.74 -54.55
C PRO A 981 -6.27 47.66 -54.10
N GLY A 982 -6.29 48.86 -54.69
CA GLY A 982 -7.29 49.84 -54.33
C GLY A 982 -8.69 49.50 -54.83
N PHE A 983 -8.77 48.79 -55.94
CA PHE A 983 -10.06 48.40 -56.51
C PHE A 983 -10.56 47.05 -56.01
N LYS A 984 -9.73 46.29 -55.30
CA LYS A 984 -10.22 45.08 -54.65
C LYS A 984 -11.04 45.38 -53.41
N VAL A 985 -10.91 46.59 -52.85
CA VAL A 985 -11.62 46.94 -51.63
C VAL A 985 -13.01 47.45 -51.99
N THR A 986 -13.99 46.56 -51.96
CA THR A 986 -15.38 46.92 -52.22
C THR A 986 -16.00 47.48 -50.93
N GLU A 987 -17.31 47.68 -50.92
CA GLU A 987 -17.95 48.14 -49.69
C GLU A 987 -17.99 47.06 -48.63
N MET A 988 -18.19 45.80 -49.02
CA MET A 988 -18.32 44.74 -48.03
C MET A 988 -17.01 44.52 -47.28
N ILE A 989 -15.89 44.45 -48.01
CA ILE A 989 -14.60 44.27 -47.34
C ILE A 989 -14.25 45.51 -46.53
N ALA A 990 -14.62 46.69 -47.00
CA ALA A 990 -14.38 47.91 -46.24
C ALA A 990 -15.09 47.85 -44.89
N ARG A 991 -16.35 47.41 -44.89
CA ARG A 991 -17.07 47.26 -43.62
C ARG A 991 -16.50 46.13 -42.78
N LEU A 992 -15.97 45.08 -43.43
CA LEU A 992 -15.48 43.93 -42.69
C LEU A 992 -14.13 44.18 -42.02
N ARG A 993 -13.32 45.06 -42.59
CA ARG A 993 -12.01 45.38 -42.04
C ARG A 993 -11.99 46.71 -41.31
N HIS A 994 -13.11 47.42 -41.26
CA HIS A 994 -13.19 48.76 -40.66
C HIS A 994 -12.16 49.69 -41.30
N SER A 995 -12.34 49.92 -42.60
CA SER A 995 -11.39 50.72 -43.37
C SER A 995 -12.17 51.64 -44.31
N THR A 996 -11.45 52.27 -45.22
CA THR A 996 -12.01 53.21 -46.20
C THR A 996 -12.23 52.51 -47.52
N PRO A 997 -13.41 52.64 -48.13
CA PRO A 997 -13.65 51.99 -49.43
C PRO A 997 -12.78 52.58 -50.52
N GLY A 998 -11.94 51.74 -51.12
CA GLY A 998 -11.14 52.15 -52.25
C GLY A 998 -9.80 52.76 -51.90
N VAL A 999 -8.99 52.05 -51.12
CA VAL A 999 -7.65 52.50 -50.78
C VAL A 999 -6.76 51.28 -50.61
N MET A 1000 -5.55 51.35 -51.17
CA MET A 1000 -4.63 50.23 -51.09
C MET A 1000 -4.26 49.93 -49.65
N LEU A 1001 -4.50 48.70 -49.23
CA LEU A 1001 -4.21 48.25 -47.86
C LEU A 1001 -2.97 47.36 -47.92
N ILE A 1002 -1.87 47.86 -47.37
CA ILE A 1002 -0.61 47.13 -47.32
C ILE A 1002 -0.27 46.90 -45.85
N SER A 1003 0.02 45.65 -45.51
CA SER A 1003 0.27 45.30 -44.11
C SER A 1003 1.67 45.74 -43.69
N PRO A 1004 1.86 46.05 -42.42
CA PRO A 1004 3.21 46.38 -41.94
C PRO A 1004 4.08 45.15 -41.88
N PRO A 1005 5.32 45.24 -42.35
CA PRO A 1005 6.24 44.09 -42.25
C PRO A 1005 6.43 43.63 -40.81
N PRO A 1006 6.76 44.54 -39.85
CA PRO A 1006 6.96 44.04 -38.48
C PRO A 1006 5.64 43.78 -37.79
N HIS A 1007 5.69 43.46 -36.50
CA HIS A 1007 4.51 43.07 -35.77
C HIS A 1007 4.02 44.13 -34.79
N HIS A 1008 4.90 45.06 -34.39
CA HIS A 1008 4.58 46.09 -33.41
C HIS A 1008 4.16 45.50 -32.06
N ASP A 1009 4.17 44.18 -31.94
CA ASP A 1009 3.88 43.53 -30.67
C ASP A 1009 4.98 42.52 -30.41
N ILE A 1010 5.53 41.95 -31.48
CA ILE A 1010 6.56 40.93 -31.38
C ILE A 1010 7.90 41.51 -31.80
N TYR A 1011 8.67 42.02 -30.84
CA TYR A 1011 10.00 42.53 -31.10
C TYR A 1011 11.09 41.63 -30.55
N SER A 1012 10.73 40.55 -29.87
CA SER A 1012 11.65 39.57 -29.33
C SER A 1012 10.85 38.34 -28.95
N ILE A 1013 11.47 37.39 -28.25
CA ILE A 1013 10.75 36.19 -27.85
C ILE A 1013 10.00 36.36 -26.54
N GLU A 1014 10.42 37.27 -25.67
CA GLU A 1014 9.62 37.52 -24.47
C GLU A 1014 8.30 38.18 -24.83
N ASP A 1015 8.31 39.05 -25.85
CA ASP A 1015 7.04 39.61 -26.32
C ASP A 1015 6.17 38.54 -26.96
N LEU A 1016 6.78 37.56 -27.64
CA LEU A 1016 6.00 36.45 -28.16
C LEU A 1016 5.37 35.64 -27.05
N ALA A 1017 6.12 35.40 -25.97
CA ALA A 1017 5.55 34.71 -24.82
C ALA A 1017 4.40 35.51 -24.23
N GLN A 1018 4.55 36.83 -24.15
CA GLN A 1018 3.47 37.66 -23.63
C GLN A 1018 2.23 37.59 -24.51
N LEU A 1019 2.42 37.63 -25.83
CA LEU A 1019 1.28 37.56 -26.74
C LEU A 1019 0.60 36.21 -26.65
N ILE A 1020 1.36 35.13 -26.51
CA ILE A 1020 0.76 33.81 -26.39
C ILE A 1020 0.00 33.70 -25.08
N TYR A 1021 0.54 34.29 -24.00
CA TYR A 1021 -0.20 34.33 -22.74
C TYR A 1021 -1.51 35.07 -22.89
N ASP A 1022 -1.48 36.22 -23.57
CA ASP A 1022 -2.72 36.97 -23.80
C ASP A 1022 -3.74 36.13 -24.57
N LEU A 1023 -3.30 35.49 -25.65
CA LEU A 1023 -4.21 34.71 -26.47
C LEU A 1023 -4.77 33.52 -25.69
N LYS A 1024 -3.96 32.91 -24.84
CA LYS A 1024 -4.46 31.80 -24.03
C LYS A 1024 -5.37 32.27 -22.91
N GLN A 1025 -5.28 33.54 -22.53
CA GLN A 1025 -6.20 34.10 -21.55
C GLN A 1025 -7.55 34.42 -22.18
N ILE A 1026 -7.55 34.98 -23.38
CA ILE A 1026 -8.82 35.44 -23.98
C ILE A 1026 -9.69 34.26 -24.39
N ASN A 1027 -9.08 33.15 -24.79
CA ASN A 1027 -9.82 31.97 -25.26
C ASN A 1027 -9.35 30.77 -24.45
N PRO A 1028 -10.13 30.34 -23.45
CA PRO A 1028 -9.65 29.29 -22.54
C PRO A 1028 -9.69 27.88 -23.11
N ASP A 1029 -10.11 27.69 -24.36
CA ASP A 1029 -10.24 26.34 -24.92
C ASP A 1029 -9.36 26.08 -26.13
N ALA A 1030 -8.80 27.11 -26.76
CA ALA A 1030 -8.12 26.93 -28.04
C ALA A 1030 -6.61 26.74 -27.84
N LYS A 1031 -5.95 26.32 -28.91
CA LYS A 1031 -4.52 26.15 -28.97
C LYS A 1031 -3.89 27.26 -29.79
N VAL A 1032 -2.61 27.51 -29.56
CA VAL A 1032 -1.89 28.60 -30.21
C VAL A 1032 -0.87 28.01 -31.18
N THR A 1033 -0.94 28.41 -32.43
CA THR A 1033 -0.03 27.95 -33.47
C THR A 1033 0.85 29.10 -33.93
N VAL A 1034 2.15 28.82 -34.09
CA VAL A 1034 3.10 29.79 -34.60
C VAL A 1034 3.56 29.33 -35.97
N LYS A 1035 3.46 30.22 -36.96
CA LYS A 1035 3.78 29.90 -38.34
C LYS A 1035 5.11 30.55 -38.71
N LEU A 1036 6.07 29.73 -39.16
CA LEU A 1036 7.39 30.20 -39.54
C LEU A 1036 7.64 29.88 -41.01
N VAL A 1037 8.86 30.13 -41.46
CA VAL A 1037 9.28 29.88 -42.83
C VAL A 1037 10.63 29.17 -42.79
N SER A 1038 10.81 28.21 -43.69
CA SER A 1038 12.04 27.42 -43.72
C SER A 1038 13.24 28.29 -44.07
N ARG A 1039 14.32 28.12 -43.31
CA ARG A 1039 15.60 28.77 -43.58
C ARG A 1039 16.63 28.13 -42.67
N SER A 1040 17.86 28.63 -42.73
CA SER A 1040 18.93 28.16 -41.87
C SER A 1040 18.90 28.94 -40.56
N GLY A 1041 19.09 28.23 -39.46
CA GLY A 1041 18.95 28.82 -38.15
C GLY A 1041 17.56 28.78 -37.58
N ILE A 1042 16.67 27.98 -38.17
CA ILE A 1042 15.31 27.86 -37.65
C ILE A 1042 15.25 26.92 -36.45
N GLY A 1043 16.26 26.08 -36.25
CA GLY A 1043 16.23 25.16 -35.13
C GLY A 1043 16.22 25.86 -33.80
N THR A 1044 17.07 26.88 -33.63
CA THR A 1044 17.11 27.61 -32.37
C THR A 1044 15.82 28.39 -32.16
N ILE A 1045 15.27 28.98 -33.22
CA ILE A 1045 14.01 29.70 -33.09
C ILE A 1045 12.89 28.76 -32.69
N ALA A 1046 12.89 27.55 -33.23
CA ALA A 1046 11.86 26.57 -32.87
C ALA A 1046 12.03 26.10 -31.44
N ALA A 1047 13.28 25.93 -30.99
CA ALA A 1047 13.51 25.56 -29.60
C ALA A 1047 13.11 26.69 -28.65
N GLY A 1048 13.19 27.93 -29.12
CA GLY A 1048 12.80 29.06 -28.31
C GLY A 1048 11.30 29.23 -28.21
N VAL A 1049 10.60 29.07 -29.34
CA VAL A 1049 9.15 29.21 -29.34
C VAL A 1049 8.48 28.03 -28.65
N ALA A 1050 9.16 26.89 -28.56
CA ALA A 1050 8.60 25.76 -27.83
C ALA A 1050 8.61 25.98 -26.33
N LYS A 1051 9.48 26.85 -25.84
CA LYS A 1051 9.52 27.19 -24.43
C LYS A 1051 8.52 28.26 -24.04
N ALA A 1052 7.92 28.94 -25.01
CA ALA A 1052 6.92 29.96 -24.76
C ALA A 1052 5.51 29.39 -24.66
N ASN A 1053 5.39 28.11 -24.33
CA ASN A 1053 4.11 27.42 -24.17
C ASN A 1053 3.30 27.35 -25.46
N ALA A 1054 3.94 27.57 -26.61
CA ALA A 1054 3.30 27.24 -27.88
C ALA A 1054 3.23 25.73 -28.04
N ASP A 1055 2.18 25.27 -28.70
CA ASP A 1055 1.93 23.83 -28.78
C ASP A 1055 1.70 23.31 -30.19
N ILE A 1056 1.73 24.16 -31.21
CA ILE A 1056 1.71 23.72 -32.60
C ILE A 1056 2.66 24.61 -33.39
N ILE A 1057 3.53 24.00 -34.18
CA ILE A 1057 4.46 24.70 -35.04
C ILE A 1057 4.12 24.41 -36.49
N LEU A 1058 4.19 25.42 -37.34
CA LEU A 1058 3.86 25.28 -38.75
C LEU A 1058 5.06 25.78 -39.57
N ILE A 1059 5.59 24.91 -40.42
CA ILE A 1059 6.79 25.19 -41.18
C ILE A 1059 6.40 25.28 -42.64
N SER A 1060 6.25 26.50 -43.14
CA SER A 1060 5.94 26.71 -44.55
C SER A 1060 7.20 26.54 -45.40
N GLY A 1061 6.99 26.56 -46.71
CA GLY A 1061 8.07 26.42 -47.66
C GLY A 1061 8.22 27.65 -48.54
N ASN A 1062 9.15 27.55 -49.49
CA ASN A 1062 9.42 28.64 -50.41
C ASN A 1062 8.54 28.61 -51.64
N SER A 1063 7.70 27.60 -51.81
CA SER A 1063 6.90 27.43 -53.01
C SER A 1063 5.42 27.68 -52.77
N GLY A 1064 5.08 28.35 -51.68
CA GLY A 1064 3.68 28.62 -51.38
C GLY A 1064 3.12 29.73 -52.23
N GLY A 1065 1.82 29.64 -52.49
CA GLY A 1065 1.13 30.63 -53.29
C GLY A 1065 0.86 31.91 -52.52
N THR A 1066 0.36 32.91 -53.24
CA THR A 1066 0.00 34.19 -52.64
C THR A 1066 -0.95 34.92 -53.56
N GLY A 1067 -1.58 35.95 -53.02
CA GLY A 1067 -2.53 36.73 -53.78
C GLY A 1067 -1.89 37.82 -54.62
N ALA A 1068 -0.93 38.53 -54.05
CA ALA A 1068 -0.22 39.59 -54.77
C ALA A 1068 1.05 39.93 -54.01
N SER A 1069 2.17 39.93 -54.72
CA SER A 1069 3.48 40.18 -54.11
C SER A 1069 4.49 40.37 -55.23
N PRO A 1070 5.60 41.07 -54.96
CA PRO A 1070 6.62 41.27 -56.00
C PRO A 1070 7.20 39.95 -56.47
N GLN A 1071 7.83 40.00 -57.66
CA GLN A 1071 8.36 38.78 -58.26
C GLN A 1071 9.66 38.34 -57.61
N THR A 1072 10.52 39.29 -57.26
CA THR A 1072 11.81 38.92 -56.67
C THR A 1072 11.62 38.25 -55.31
N SER A 1073 10.61 38.68 -54.55
CA SER A 1073 10.33 38.01 -53.30
C SER A 1073 9.74 36.63 -53.51
N ILE A 1074 8.98 36.45 -54.60
CA ILE A 1074 8.43 35.13 -54.90
C ILE A 1074 9.55 34.16 -55.26
N LYS A 1075 10.42 34.56 -56.17
CA LYS A 1075 11.37 33.62 -56.76
C LYS A 1075 12.67 33.50 -55.98
N PHE A 1076 13.08 34.53 -55.25
CA PHE A 1076 14.41 34.58 -54.67
C PHE A 1076 14.36 34.76 -53.16
N ALA A 1077 13.47 34.04 -52.47
CA ALA A 1077 13.37 34.15 -51.03
C ALA A 1077 12.74 32.89 -50.48
N GLY A 1078 13.38 32.30 -49.47
CA GLY A 1078 12.89 31.09 -48.83
C GLY A 1078 13.78 29.90 -49.15
N LEU A 1079 13.37 28.75 -48.61
CA LEU A 1079 14.09 27.49 -48.79
C LEU A 1079 13.08 26.37 -48.75
N PRO A 1080 13.36 25.24 -49.39
CA PRO A 1080 12.41 24.13 -49.38
C PRO A 1080 12.19 23.58 -47.97
N TRP A 1081 10.98 23.11 -47.71
CA TRP A 1081 10.64 22.68 -46.36
C TRP A 1081 11.36 21.41 -45.94
N GLU A 1082 12.00 20.69 -46.88
CA GLU A 1082 12.80 19.53 -46.50
C GLU A 1082 13.92 19.91 -45.55
N MET A 1083 14.44 21.13 -45.67
CA MET A 1083 15.50 21.60 -44.79
C MET A 1083 14.94 22.03 -43.44
N GLY A 1084 13.95 22.92 -43.46
CA GLY A 1084 13.42 23.44 -42.22
C GLY A 1084 12.80 22.39 -41.33
N LEU A 1085 12.00 21.50 -41.92
CA LEU A 1085 11.32 20.48 -41.12
C LEU A 1085 12.32 19.53 -40.49
N SER A 1086 13.28 19.05 -41.28
CA SER A 1086 14.27 18.11 -40.75
C SER A 1086 15.25 18.77 -39.80
N GLU A 1087 15.39 20.10 -39.84
CA GLU A 1087 16.19 20.77 -38.82
C GLU A 1087 15.41 20.94 -37.53
N VAL A 1088 14.16 21.38 -37.63
CA VAL A 1088 13.36 21.61 -36.44
C VAL A 1088 13.13 20.31 -35.69
N HIS A 1089 12.88 19.22 -36.40
CA HIS A 1089 12.65 17.94 -35.74
C HIS A 1089 13.87 17.53 -34.91
N GLN A 1090 15.06 17.59 -35.52
CA GLN A 1090 16.27 17.16 -34.81
C GLN A 1090 16.57 18.09 -33.64
N VAL A 1091 16.45 19.40 -33.83
CA VAL A 1091 16.79 20.32 -32.76
C VAL A 1091 15.81 20.17 -31.60
N LEU A 1092 14.53 19.91 -31.90
CA LEU A 1092 13.56 19.71 -30.84
C LEU A 1092 13.79 18.39 -30.11
N THR A 1093 14.19 17.35 -30.84
CA THR A 1093 14.49 16.08 -30.19
C THR A 1093 15.71 16.20 -29.29
N LEU A 1094 16.70 17.00 -29.70
CA LEU A 1094 17.92 17.12 -28.94
C LEU A 1094 17.70 17.78 -27.58
N ASN A 1095 16.72 18.68 -27.49
CA ASN A 1095 16.46 19.42 -26.26
C ASN A 1095 15.41 18.76 -25.39
N ARG A 1096 15.02 17.52 -25.70
CA ARG A 1096 13.99 16.80 -24.94
C ARG A 1096 12.69 17.57 -24.91
N LEU A 1097 12.30 18.14 -26.06
CA LEU A 1097 11.12 18.99 -26.14
C LEU A 1097 10.13 18.54 -27.20
N ARG A 1098 10.45 17.49 -27.97
CA ARG A 1098 9.57 17.09 -29.07
C ARG A 1098 8.24 16.56 -28.56
N HIS A 1099 8.22 15.95 -27.38
CA HIS A 1099 7.00 15.35 -26.84
C HIS A 1099 5.97 16.36 -26.40
N ARG A 1100 6.14 17.66 -26.64
CA ARG A 1100 5.16 18.65 -26.22
C ARG A 1100 4.45 19.36 -27.36
N VAL A 1101 5.10 19.54 -28.50
CA VAL A 1101 4.53 20.32 -29.59
C VAL A 1101 4.36 19.43 -30.81
N ARG A 1102 3.43 19.82 -31.67
CA ARG A 1102 3.18 19.15 -32.93
C ARG A 1102 3.87 19.91 -34.05
N LEU A 1103 4.07 19.22 -35.17
CA LEU A 1103 4.69 19.81 -36.35
C LEU A 1103 3.72 19.71 -37.51
N ARG A 1104 3.69 20.75 -38.34
CA ARG A 1104 2.77 20.84 -39.46
C ARG A 1104 3.49 21.49 -40.62
N THR A 1105 3.38 20.90 -41.81
CA THR A 1105 4.08 21.40 -42.98
C THR A 1105 3.09 21.62 -44.11
N ASP A 1106 3.50 22.46 -45.07
CA ASP A 1106 2.69 22.75 -46.24
C ASP A 1106 3.55 23.46 -47.26
N GLY A 1107 3.08 23.46 -48.50
CA GLY A 1107 3.79 24.09 -49.59
C GLY A 1107 4.34 23.10 -50.58
N GLY A 1108 3.64 22.91 -51.70
CA GLY A 1108 4.07 21.98 -52.72
C GLY A 1108 3.62 20.55 -52.54
N LEU A 1109 2.54 20.31 -51.81
CA LEU A 1109 2.04 18.96 -51.60
C LEU A 1109 0.97 18.67 -52.65
N LYS A 1110 1.20 17.62 -53.46
CA LYS A 1110 0.33 17.34 -54.59
C LYS A 1110 -0.20 15.92 -54.60
N THR A 1111 0.62 14.96 -54.16
CA THR A 1111 0.22 13.56 -54.19
C THR A 1111 0.35 12.91 -52.82
N GLY A 1112 0.19 11.59 -52.75
CA GLY A 1112 0.29 10.88 -51.49
C GLY A 1112 1.72 10.54 -51.11
N ARG A 1113 2.57 10.33 -52.13
CA ARG A 1113 3.99 10.09 -51.87
C ARG A 1113 4.60 11.28 -51.12
N ASP A 1114 4.24 12.49 -51.51
CA ASP A 1114 4.74 13.67 -50.82
C ASP A 1114 4.30 13.68 -49.36
N ILE A 1115 3.07 13.28 -49.10
CA ILE A 1115 2.56 13.27 -47.73
C ILE A 1115 3.28 12.24 -46.90
N VAL A 1116 3.54 11.05 -47.47
CA VAL A 1116 4.24 10.02 -46.72
C VAL A 1116 5.68 10.45 -46.44
N ILE A 1117 6.33 11.11 -47.40
CA ILE A 1117 7.69 11.58 -47.17
C ILE A 1117 7.70 12.64 -46.07
N ALA A 1118 6.74 13.57 -46.11
CA ALA A 1118 6.67 14.60 -45.07
C ALA A 1118 6.41 13.99 -43.71
N ALA A 1119 5.61 12.92 -43.65
CA ALA A 1119 5.37 12.27 -42.37
C ALA A 1119 6.62 11.56 -41.87
N MET A 1120 7.39 10.97 -42.78
CA MET A 1120 8.65 10.34 -42.37
C MET A 1120 9.62 11.38 -41.82
N LEU A 1121 9.67 12.55 -42.45
CA LEU A 1121 10.64 13.55 -42.02
C LEU A 1121 10.34 14.11 -40.64
N GLY A 1122 9.09 14.02 -40.17
CA GLY A 1122 8.78 14.46 -38.83
C GLY A 1122 7.44 15.12 -38.62
N ALA A 1123 6.79 15.56 -39.71
CA ALA A 1123 5.53 16.25 -39.59
C ALA A 1123 4.42 15.29 -39.16
N GLU A 1124 3.30 15.87 -38.73
CA GLU A 1124 2.15 15.08 -38.27
C GLU A 1124 0.88 15.47 -39.00
N GLU A 1125 0.72 16.75 -39.31
CA GLU A 1125 -0.42 17.25 -40.05
C GLU A 1125 0.07 17.92 -41.32
N PHE A 1126 -0.85 18.18 -42.24
CA PHE A 1126 -0.47 18.64 -43.57
C PHE A 1126 -1.46 19.68 -44.08
N GLY A 1127 -0.94 20.65 -44.82
CA GLY A 1127 -1.77 21.64 -45.49
C GLY A 1127 -1.61 21.51 -46.99
N ILE A 1128 -2.70 21.74 -47.72
CA ILE A 1128 -2.77 21.48 -49.15
C ILE A 1128 -2.76 22.78 -49.95
N GLY A 1129 -3.79 23.60 -49.79
CA GLY A 1129 -3.80 24.92 -50.39
C GLY A 1129 -4.10 24.98 -51.88
N THR A 1130 -3.07 25.24 -52.69
CA THR A 1130 -3.27 25.56 -54.10
C THR A 1130 -4.02 24.46 -54.82
N ALA A 1131 -3.67 23.19 -54.57
CA ALA A 1131 -4.37 22.09 -55.22
C ALA A 1131 -5.87 22.17 -55.00
N SER A 1132 -6.28 22.51 -53.77
CA SER A 1132 -7.70 22.69 -53.49
C SER A 1132 -8.32 23.72 -54.42
N LEU A 1133 -7.65 24.86 -54.61
CA LEU A 1133 -8.15 25.87 -55.54
C LEU A 1133 -8.31 25.30 -56.94
N ILE A 1134 -7.43 24.40 -57.34
CA ILE A 1134 -7.56 23.81 -58.67
C ILE A 1134 -8.77 22.89 -58.72
N ALA A 1135 -9.09 22.23 -57.60
CA ALA A 1135 -10.28 21.39 -57.57
C ALA A 1135 -11.57 22.19 -57.69
N MET A 1136 -11.55 23.48 -57.36
CA MET A 1136 -12.74 24.31 -57.45
C MET A 1136 -12.85 25.06 -58.77
N GLY A 1137 -11.85 24.98 -59.63
CA GLY A 1137 -11.97 25.59 -60.95
C GLY A 1137 -10.79 26.42 -61.40
N CYS A 1138 -9.91 26.82 -60.48
CA CYS A 1138 -8.78 27.65 -60.85
C CYS A 1138 -7.87 26.91 -61.82
N ILE A 1139 -7.42 27.61 -62.86
CA ILE A 1139 -6.66 27.00 -63.94
C ILE A 1139 -5.33 27.71 -64.11
N MET A 1140 -4.82 28.29 -63.02
CA MET A 1140 -3.50 28.92 -62.99
C MET A 1140 -3.39 30.02 -64.05
N VAL A 1141 -4.27 31.01 -63.93
CA VAL A 1141 -4.23 32.14 -64.85
C VAL A 1141 -3.15 33.12 -64.44
N ARG A 1142 -2.89 33.25 -63.13
CA ARG A 1142 -1.88 34.15 -62.59
C ARG A 1142 -2.22 35.61 -62.90
N GLN A 1143 -3.46 35.99 -62.63
CA GLN A 1143 -3.88 37.39 -62.68
C GLN A 1143 -4.77 37.72 -61.49
N CYS A 1144 -4.42 37.18 -60.32
CA CYS A 1144 -5.23 37.43 -59.14
C CYS A 1144 -5.17 38.88 -58.72
N HIS A 1145 -4.03 39.53 -58.90
CA HIS A 1145 -3.87 40.92 -58.47
C HIS A 1145 -4.61 41.91 -59.37
N SER A 1146 -4.93 41.52 -60.61
CA SER A 1146 -5.60 42.42 -61.53
C SER A 1146 -7.11 42.43 -61.39
N ASN A 1147 -7.66 41.58 -60.53
CA ASN A 1147 -9.10 41.55 -60.26
C ASN A 1147 -9.91 41.17 -61.49
N THR A 1148 -9.34 40.35 -62.38
CA THR A 1148 -10.04 39.89 -63.57
C THR A 1148 -9.80 38.40 -63.80
N CYS A 1149 -9.90 37.60 -62.75
CA CYS A 1149 -9.78 36.16 -62.93
C CYS A 1149 -11.03 35.64 -63.62
N PRO A 1150 -10.90 34.93 -64.75
CA PRO A 1150 -12.09 34.60 -65.54
C PRO A 1150 -13.04 33.65 -64.84
N VAL A 1151 -12.52 32.62 -64.17
CA VAL A 1151 -13.39 31.64 -63.52
C VAL A 1151 -14.13 32.29 -62.36
N GLY A 1152 -13.46 33.15 -61.60
CA GLY A 1152 -14.12 33.86 -60.52
C GLY A 1152 -13.74 33.35 -59.15
N VAL A 1153 -12.50 32.91 -58.99
CA VAL A 1153 -12.01 32.43 -57.70
C VAL A 1153 -11.48 33.57 -56.86
N CYS A 1154 -10.55 34.36 -57.39
CA CYS A 1154 -10.05 35.55 -56.71
C CYS A 1154 -10.53 36.77 -57.49
N VAL A 1155 -11.77 37.17 -57.24
CA VAL A 1155 -12.38 38.32 -57.89
C VAL A 1155 -13.32 38.97 -56.88
N GLN A 1156 -13.37 40.31 -56.90
CA GLN A 1156 -14.34 41.05 -56.11
C GLN A 1156 -15.42 41.71 -56.95
N ASP A 1157 -15.30 41.69 -58.27
CA ASP A 1157 -16.36 42.18 -59.14
C ASP A 1157 -17.55 41.23 -59.09
N ASP A 1158 -18.69 41.72 -59.57
CA ASP A 1158 -19.93 40.94 -59.52
C ASP A 1158 -20.14 40.11 -60.79
N LYS A 1159 -20.00 40.74 -61.96
CA LYS A 1159 -20.21 40.06 -63.22
C LYS A 1159 -19.25 38.89 -63.41
N LEU A 1160 -18.08 38.93 -62.77
CA LEU A 1160 -17.17 37.80 -62.79
C LEU A 1160 -17.46 36.79 -61.70
N ARG A 1161 -17.88 37.25 -60.52
CA ARG A 1161 -18.27 36.32 -59.46
C ARG A 1161 -19.46 35.48 -59.86
N GLN A 1162 -20.28 35.97 -60.80
CA GLN A 1162 -21.41 35.16 -61.27
C GLN A 1162 -20.98 33.96 -62.11
N LYS A 1163 -19.69 33.79 -62.37
CA LYS A 1163 -19.19 32.69 -63.17
C LYS A 1163 -18.66 31.53 -62.32
N PHE A 1164 -18.86 31.57 -61.00
CA PHE A 1164 -18.29 30.55 -60.14
C PHE A 1164 -18.90 29.19 -60.44
N VAL A 1165 -18.07 28.15 -60.35
CA VAL A 1165 -18.49 26.80 -60.69
C VAL A 1165 -18.08 25.83 -59.58
N GLY A 1166 -17.64 26.36 -58.46
CA GLY A 1166 -17.18 25.53 -57.36
C GLY A 1166 -18.31 24.74 -56.72
N THR A 1167 -17.91 23.74 -55.93
CA THR A 1167 -18.83 22.83 -55.28
C THR A 1167 -18.10 22.04 -54.20
N PRO A 1168 -18.66 21.93 -52.99
CA PRO A 1168 -17.92 21.29 -51.89
C PRO A 1168 -17.60 19.82 -52.14
N GLU A 1169 -18.49 19.09 -52.81
CA GLU A 1169 -18.23 17.68 -53.10
C GLU A 1169 -16.93 17.50 -53.88
N LYS A 1170 -16.53 18.50 -54.67
CA LYS A 1170 -15.25 18.43 -55.37
C LYS A 1170 -14.10 18.32 -54.38
N VAL A 1171 -14.07 19.23 -53.40
CA VAL A 1171 -12.99 19.20 -52.41
C VAL A 1171 -13.05 17.92 -51.59
N VAL A 1172 -14.26 17.45 -51.27
CA VAL A 1172 -14.38 16.22 -50.49
C VAL A 1172 -13.80 15.05 -51.27
N ASN A 1173 -14.09 14.96 -52.57
CA ASN A 1173 -13.55 13.89 -53.38
C ASN A 1173 -12.02 13.99 -53.47
N LEU A 1174 -11.51 15.22 -53.61
CA LEU A 1174 -10.07 15.42 -53.62
C LEU A 1174 -9.42 14.83 -52.37
N PHE A 1175 -9.95 15.20 -51.21
CA PHE A 1175 -9.35 14.73 -49.96
C PHE A 1175 -9.51 13.21 -49.80
N THR A 1176 -10.63 12.66 -50.25
CA THR A 1176 -10.82 11.22 -50.17
C THR A 1176 -9.79 10.48 -51.00
N PHE A 1177 -9.57 10.92 -52.24
CA PHE A 1177 -8.57 10.28 -53.08
C PHE A 1177 -7.18 10.42 -52.47
N LEU A 1178 -6.87 11.61 -51.96
CA LEU A 1178 -5.55 11.85 -51.39
C LEU A 1178 -5.29 10.97 -50.19
N ALA A 1179 -6.32 10.69 -49.39
CA ALA A 1179 -6.15 9.79 -48.25
C ALA A 1179 -6.06 8.33 -48.68
N GLU A 1180 -6.83 7.93 -49.68
CA GLU A 1180 -6.76 6.55 -50.15
C GLU A 1180 -5.39 6.23 -50.74
N GLU A 1181 -4.76 7.21 -51.39
CA GLU A 1181 -3.40 6.98 -51.89
C GLU A 1181 -2.43 6.71 -50.75
N VAL A 1182 -2.52 7.48 -49.68
CA VAL A 1182 -1.64 7.27 -48.53
C VAL A 1182 -1.89 5.90 -47.91
N ARG A 1183 -3.16 5.49 -47.85
CA ARG A 1183 -3.45 4.15 -47.34
C ARG A 1183 -2.80 3.08 -48.21
N GLU A 1184 -2.90 3.24 -49.53
CA GLU A 1184 -2.29 2.27 -50.44
C GLU A 1184 -0.78 2.19 -50.22
N ILE A 1185 -0.13 3.34 -50.09
CA ILE A 1185 1.32 3.36 -49.93
C ILE A 1185 1.73 2.73 -48.60
N LEU A 1186 1.04 3.09 -47.52
CA LEU A 1186 1.38 2.54 -46.21
C LEU A 1186 1.14 1.04 -46.16
N ALA A 1187 0.10 0.56 -46.84
CA ALA A 1187 -0.11 -0.88 -46.92
C ALA A 1187 1.02 -1.55 -47.69
N GLY A 1188 1.41 -0.98 -48.83
CA GLY A 1188 2.50 -1.54 -49.59
C GLY A 1188 3.82 -1.56 -48.84
N LEU A 1189 4.01 -0.61 -47.91
CA LEU A 1189 5.24 -0.57 -47.14
C LEU A 1189 5.27 -1.65 -46.06
N GLY A 1190 4.21 -1.76 -45.27
CA GLY A 1190 4.16 -2.78 -44.25
C GLY A 1190 3.71 -2.32 -42.88
N PHE A 1191 3.21 -1.09 -42.78
CA PHE A 1191 2.72 -0.55 -41.53
C PHE A 1191 1.20 -0.38 -41.60
N ARG A 1192 0.59 -0.21 -40.42
CA ARG A 1192 -0.86 -0.13 -40.31
C ARG A 1192 -1.35 1.19 -39.74
N SER A 1193 -0.47 2.19 -39.63
CA SER A 1193 -0.87 3.49 -39.11
C SER A 1193 0.23 4.50 -39.38
N LEU A 1194 -0.16 5.77 -39.49
CA LEU A 1194 0.82 6.83 -39.71
C LEU A 1194 1.70 7.06 -38.48
N ASN A 1195 1.20 6.72 -37.28
CA ASN A 1195 2.01 6.91 -36.09
C ASN A 1195 3.24 6.02 -36.10
N GLU A 1196 3.18 4.87 -36.78
CA GLU A 1196 4.30 3.95 -36.83
C GLU A 1196 5.42 4.42 -37.74
N VAL A 1197 5.16 5.40 -38.60
CA VAL A 1197 6.14 5.84 -39.60
C VAL A 1197 6.67 7.24 -39.33
N ILE A 1198 6.07 7.99 -38.41
CA ILE A 1198 6.52 9.34 -38.14
C ILE A 1198 7.91 9.29 -37.50
N GLY A 1199 8.84 10.05 -38.06
CA GLY A 1199 10.18 10.15 -37.52
C GLY A 1199 11.14 9.07 -37.97
N ARG A 1200 10.64 7.96 -38.50
CA ARG A 1200 11.50 6.84 -38.91
C ARG A 1200 12.22 7.22 -40.19
N THR A 1201 13.27 8.01 -40.04
CA THR A 1201 13.98 8.55 -41.20
C THR A 1201 14.74 7.47 -41.95
N ASP A 1202 15.14 6.40 -41.27
CA ASP A 1202 15.95 5.36 -41.88
C ASP A 1202 15.23 4.57 -42.97
N LEU A 1203 13.96 4.88 -43.26
CA LEU A 1203 13.24 4.27 -44.36
C LEU A 1203 13.38 5.06 -45.66
N LEU A 1204 14.41 5.90 -45.77
CA LEU A 1204 14.59 6.76 -46.93
C LEU A 1204 16.02 6.61 -47.44
N HIS A 1205 16.18 6.49 -48.75
CA HIS A 1205 17.49 6.42 -49.37
C HIS A 1205 17.62 7.50 -50.42
N GLN A 1206 18.86 7.87 -50.74
CA GLN A 1206 19.15 8.88 -51.73
C GLN A 1206 19.72 8.21 -52.97
N VAL A 1207 19.09 8.46 -54.12
CA VAL A 1207 19.55 7.92 -55.38
C VAL A 1207 20.02 9.07 -56.27
N SER A 1208 20.99 8.77 -57.12
CA SER A 1208 21.56 9.77 -58.02
C SER A 1208 20.79 9.80 -59.33
N ARG A 1209 20.82 10.97 -59.98
CA ARG A 1209 20.16 11.12 -61.27
C ARG A 1209 20.88 10.37 -62.38
N GLY A 1210 22.15 10.04 -62.20
CA GLY A 1210 22.90 9.33 -63.21
C GLY A 1210 24.34 9.81 -63.23
N ALA A 1211 25.13 9.14 -64.06
CA ALA A 1211 26.55 9.44 -64.22
C ALA A 1211 26.82 10.46 -65.32
N GLU A 1212 25.83 11.28 -65.67
CA GLU A 1212 25.98 12.28 -66.72
C GLU A 1212 25.63 13.69 -66.27
N HIS A 1213 25.14 13.87 -65.05
CA HIS A 1213 24.81 15.19 -64.53
C HIS A 1213 25.84 15.72 -63.55
N LEU A 1214 26.44 14.84 -62.73
CA LEU A 1214 27.59 15.18 -61.90
C LEU A 1214 27.27 16.31 -60.91
N ASP A 1215 26.24 16.11 -60.11
CA ASP A 1215 25.98 16.95 -58.95
C ASP A 1215 26.28 16.16 -57.69
N ASP A 1216 27.00 16.78 -56.75
CA ASP A 1216 27.46 16.12 -55.55
C ASP A 1216 26.55 16.38 -54.36
N LEU A 1217 25.25 16.53 -54.61
CA LEU A 1217 24.29 16.73 -53.52
C LEU A 1217 24.31 15.55 -52.56
N ASP A 1218 24.46 15.84 -51.28
CA ASP A 1218 24.38 14.83 -50.23
C ASP A 1218 23.30 15.25 -49.24
N LEU A 1219 22.19 14.53 -49.25
CA LEU A 1219 21.07 14.86 -48.38
C LEU A 1219 21.19 14.26 -47.00
N ASN A 1220 22.32 13.62 -46.69
CA ASN A 1220 22.52 13.04 -45.37
C ASN A 1220 22.30 14.01 -44.22
N PRO A 1221 22.60 15.33 -44.33
CA PRO A 1221 22.27 16.24 -43.23
C PRO A 1221 20.82 16.20 -42.79
N ARG A 1222 19.90 15.76 -43.64
CA ARG A 1222 18.50 15.62 -43.27
C ARG A 1222 18.08 14.17 -43.10
N LEU A 1223 18.97 13.21 -43.32
CA LEU A 1223 18.70 11.82 -43.02
C LEU A 1223 19.33 11.36 -41.73
N ALA A 1224 20.07 12.22 -41.05
CA ALA A 1224 20.64 11.88 -39.75
C ALA A 1224 19.52 11.66 -38.74
N GLN A 1225 19.65 10.61 -37.94
CA GLN A 1225 18.63 10.20 -37.00
C GLN A 1225 19.14 10.45 -35.58
N VAL A 1226 18.44 11.33 -34.86
CA VAL A 1226 18.73 11.58 -33.46
C VAL A 1226 17.85 10.67 -32.62
N ASP A 1227 18.48 9.83 -31.80
CA ASP A 1227 17.72 8.84 -31.05
C ASP A 1227 16.95 9.52 -29.93
N PRO A 1228 15.64 9.30 -29.84
CA PRO A 1228 14.81 10.06 -28.88
C PRO A 1228 15.10 9.74 -27.43
N GLY A 1229 15.12 8.45 -27.08
CA GLY A 1229 15.33 8.05 -25.70
C GLY A 1229 14.12 7.38 -25.09
N GLU A 1230 13.55 7.99 -24.06
CA GLU A 1230 12.39 7.43 -23.39
C GLU A 1230 11.08 7.83 -24.06
N ASN A 1231 10.95 9.11 -24.42
CA ASN A 1231 9.72 9.61 -25.00
C ASN A 1231 9.57 9.15 -26.45
N ALA A 1232 8.35 9.24 -26.95
CA ALA A 1232 8.06 8.85 -28.33
C ALA A 1232 8.56 9.93 -29.28
N ARG A 1233 8.24 9.78 -30.57
CA ARG A 1233 8.68 10.72 -31.59
C ARG A 1233 7.57 11.65 -32.04
N TYR A 1234 6.55 11.87 -31.21
CA TYR A 1234 5.47 12.78 -31.56
C TYR A 1234 4.80 13.26 -30.29
N CYS A 1235 3.84 14.17 -30.46
CA CYS A 1235 3.13 14.74 -29.32
C CYS A 1235 2.38 13.67 -28.56
N THR A 1236 2.53 13.65 -27.24
CA THR A 1236 1.90 12.67 -26.39
C THR A 1236 1.26 13.34 -25.17
N LEU A 1237 0.55 14.44 -25.40
CA LEU A 1237 -0.24 15.06 -24.35
C LEU A 1237 -1.50 15.64 -24.95
N GLN A 1238 -2.59 15.56 -24.20
CA GLN A 1238 -3.88 16.08 -24.62
C GLN A 1238 -4.12 17.44 -23.98
N GLY A 1239 -4.83 18.29 -24.70
CA GLY A 1239 -5.09 19.64 -24.23
C GLY A 1239 -3.87 20.53 -24.36
N ARG A 1240 -4.12 21.84 -24.33
CA ARG A 1240 -3.07 22.82 -24.50
C ARG A 1240 -2.14 22.84 -23.28
N ASN A 1241 -0.97 23.43 -23.48
CA ASN A 1241 0.00 23.62 -22.39
C ASN A 1241 -0.48 24.78 -21.52
N GLU A 1242 -0.72 24.49 -20.25
CA GLU A 1242 -1.36 25.47 -19.37
C GLU A 1242 -0.38 26.57 -18.97
N VAL A 1243 -0.94 27.67 -18.47
CA VAL A 1243 -0.17 28.86 -18.11
C VAL A 1243 -0.55 29.27 -16.70
N PRO A 1244 0.31 30.03 -16.03
CA PRO A 1244 -0.03 30.52 -14.68
C PRO A 1244 -1.27 31.40 -14.71
N ASP A 1245 -1.76 31.72 -13.51
CA ASP A 1245 -3.04 32.39 -13.34
C ASP A 1245 -2.81 33.77 -12.73
N THR A 1246 -3.41 34.79 -13.35
CA THR A 1246 -3.23 36.18 -12.94
C THR A 1246 -4.34 36.60 -11.98
N LEU A 1247 -4.44 37.92 -11.74
CA LEU A 1247 -5.44 38.45 -10.83
C LEU A 1247 -6.86 38.15 -11.27
N ASP A 1248 -7.07 37.98 -12.59
CA ASP A 1248 -8.43 37.84 -13.12
C ASP A 1248 -9.23 36.80 -12.38
N ALA A 1249 -8.59 35.69 -11.99
CA ALA A 1249 -9.29 34.62 -11.29
C ALA A 1249 -10.04 35.15 -10.07
N ARG A 1250 -9.34 35.89 -9.20
CA ARG A 1250 -10.00 36.46 -8.03
C ARG A 1250 -11.23 37.26 -8.42
N ILE A 1251 -11.12 38.07 -9.47
CA ILE A 1251 -12.25 38.88 -9.91
C ILE A 1251 -13.42 37.98 -10.28
N VAL A 1252 -13.15 36.90 -11.01
CA VAL A 1252 -14.22 35.98 -11.39
C VAL A 1252 -14.83 35.33 -10.16
N ALA A 1253 -14.04 35.17 -9.09
CA ALA A 1253 -14.57 34.62 -7.86
C ALA A 1253 -15.34 35.63 -7.04
N ASP A 1254 -15.19 36.92 -7.34
CA ASP A 1254 -15.83 37.97 -6.55
C ASP A 1254 -17.07 38.55 -7.21
N ALA A 1255 -17.05 38.72 -8.53
CA ALA A 1255 -18.21 39.26 -9.24
C ALA A 1255 -19.08 38.13 -9.81
N ARG A 1256 -19.51 37.25 -8.91
CA ARG A 1256 -20.39 36.17 -9.28
C ARG A 1256 -21.83 36.65 -9.49
N PRO A 1257 -22.36 37.57 -8.66
CA PRO A 1257 -23.68 38.13 -8.95
C PRO A 1257 -23.83 38.69 -10.35
N LEU A 1258 -22.75 39.18 -10.97
CA LEU A 1258 -22.88 39.65 -12.35
C LEU A 1258 -23.18 38.50 -13.29
N PHE A 1259 -22.58 37.33 -13.04
CA PHE A 1259 -22.72 36.20 -13.95
C PHE A 1259 -23.94 35.35 -13.66
N GLU A 1260 -24.46 35.39 -12.43
CA GLU A 1260 -25.66 34.66 -12.07
C GLU A 1260 -26.88 35.54 -11.93
N GLU A 1261 -26.73 36.70 -11.28
CA GLU A 1261 -27.89 37.51 -10.94
C GLU A 1261 -28.18 38.56 -12.01
N GLY A 1262 -27.13 39.10 -12.62
CA GLY A 1262 -27.27 40.12 -13.64
C GLY A 1262 -27.32 41.53 -13.08
N GLU A 1263 -26.35 41.90 -12.26
CA GLU A 1263 -26.37 43.16 -11.53
C GLU A 1263 -25.03 43.87 -11.62
N LYS A 1264 -25.04 45.16 -11.26
CA LYS A 1264 -23.82 45.95 -11.26
C LYS A 1264 -22.88 45.49 -10.15
N MET A 1265 -21.60 45.85 -10.30
CA MET A 1265 -20.59 45.54 -9.30
C MET A 1265 -19.60 46.69 -9.25
N GLN A 1266 -18.68 46.60 -8.28
CA GLN A 1266 -17.63 47.61 -8.11
C GLN A 1266 -16.53 46.99 -7.27
N LEU A 1267 -15.34 46.84 -7.84
CA LEU A 1267 -14.26 46.13 -7.18
C LEU A 1267 -13.02 47.01 -7.08
N ALA A 1268 -12.21 46.75 -6.06
CA ALA A 1268 -10.99 47.51 -5.82
C ALA A 1268 -9.89 46.57 -5.37
N TYR A 1269 -8.77 46.57 -6.09
CA TYR A 1269 -7.65 45.70 -5.77
C TYR A 1269 -6.36 46.52 -5.80
N ASN A 1270 -5.23 45.83 -5.66
CA ASN A 1270 -3.91 46.43 -5.74
C ASN A 1270 -3.16 45.78 -6.89
N ALA A 1271 -2.76 46.59 -7.86
CA ALA A 1271 -2.08 46.08 -9.05
C ALA A 1271 -0.58 46.15 -8.87
N ARG A 1272 0.12 45.12 -9.35
CA ARG A 1272 1.57 45.06 -9.33
C ARG A 1272 2.07 44.72 -10.72
N ASN A 1273 3.31 45.15 -11.01
CA ASN A 1273 3.86 44.96 -12.34
C ASN A 1273 4.07 43.50 -12.71
N THR A 1274 3.94 42.58 -11.75
CA THR A 1274 4.09 41.16 -12.00
C THR A 1274 2.78 40.49 -12.35
N GLN A 1275 1.77 41.25 -12.74
CA GLN A 1275 0.44 40.73 -13.09
C GLN A 1275 0.11 41.18 -14.50
N ARG A 1276 0.04 40.24 -15.43
CA ARG A 1276 -0.14 40.54 -16.83
C ARG A 1276 -1.58 40.32 -17.27
N ALA A 1277 -2.03 41.15 -18.21
CA ALA A 1277 -3.35 41.01 -18.85
C ALA A 1277 -4.46 41.02 -17.82
N ILE A 1278 -4.57 42.14 -17.10
CA ILE A 1278 -5.61 42.30 -16.10
C ILE A 1278 -6.91 42.66 -16.80
N GLY A 1279 -7.92 41.83 -16.65
CA GLY A 1279 -9.23 42.08 -17.22
C GLY A 1279 -9.49 41.45 -18.56
N THR A 1280 -8.76 40.40 -18.94
CA THR A 1280 -8.99 39.70 -20.19
C THR A 1280 -9.91 38.50 -20.02
N ARG A 1281 -9.71 37.70 -18.95
CA ARG A 1281 -10.58 36.56 -18.72
C ARG A 1281 -12.01 37.00 -18.43
N LEU A 1282 -12.17 38.07 -17.64
CA LEU A 1282 -13.49 38.64 -17.40
C LEU A 1282 -14.15 39.03 -18.71
N SER A 1283 -13.38 39.59 -19.64
CA SER A 1283 -13.92 39.92 -20.95
C SER A 1283 -14.40 38.68 -21.68
N SER A 1284 -13.68 37.57 -21.53
CA SER A 1284 -14.11 36.32 -22.16
C SER A 1284 -15.43 35.85 -21.60
N MET A 1285 -15.56 35.85 -20.26
CA MET A 1285 -16.83 35.42 -19.66
C MET A 1285 -17.97 36.33 -20.09
N VAL A 1286 -17.73 37.64 -20.13
CA VAL A 1286 -18.80 38.56 -20.51
C VAL A 1286 -19.20 38.37 -21.96
N THR A 1287 -18.20 38.17 -22.84
CA THR A 1287 -18.50 37.93 -24.25
C THR A 1287 -19.32 36.67 -24.43
N ARG A 1288 -18.94 35.59 -23.74
CA ARG A 1288 -19.70 34.35 -23.87
C ARG A 1288 -21.09 34.48 -23.28
N LYS A 1289 -21.27 35.30 -22.25
CA LYS A 1289 -22.58 35.41 -21.61
C LYS A 1289 -23.50 36.35 -22.36
N PHE A 1290 -23.12 37.62 -22.49
CA PHE A 1290 -23.99 38.63 -23.08
C PHE A 1290 -23.60 39.02 -24.50
N GLY A 1291 -22.32 38.99 -24.84
CA GLY A 1291 -21.83 39.47 -26.12
C GLY A 1291 -21.03 40.74 -25.95
N MET A 1292 -20.61 41.28 -27.10
CA MET A 1292 -19.75 42.46 -27.08
C MET A 1292 -20.52 43.71 -26.63
N PHE A 1293 -21.77 43.86 -27.07
CA PHE A 1293 -22.53 45.07 -26.76
C PHE A 1293 -23.81 44.73 -26.02
N GLY A 1294 -23.74 43.86 -25.02
CA GLY A 1294 -24.92 43.45 -24.29
C GLY A 1294 -25.13 44.21 -23.00
N LEU A 1295 -24.11 44.93 -22.54
CA LEU A 1295 -24.18 45.64 -21.27
C LEU A 1295 -23.99 47.13 -21.48
N GLN A 1296 -24.67 47.91 -20.64
CA GLN A 1296 -24.49 49.36 -20.65
C GLN A 1296 -23.05 49.71 -20.25
N PRO A 1297 -22.57 50.89 -20.63
CA PRO A 1297 -21.22 51.29 -20.22
C PRO A 1297 -21.10 51.40 -18.71
N GLY A 1298 -19.97 50.95 -18.18
CA GLY A 1298 -19.73 51.03 -16.76
C GLY A 1298 -20.54 50.06 -15.93
N HIS A 1299 -20.87 48.89 -16.48
CA HIS A 1299 -21.66 47.92 -15.72
C HIS A 1299 -20.82 47.28 -14.62
N ILE A 1300 -19.56 46.97 -14.91
CA ILE A 1300 -18.63 46.45 -13.91
C ILE A 1300 -17.36 47.28 -13.96
N THR A 1301 -16.96 47.82 -12.82
CA THR A 1301 -15.83 48.72 -12.74
C THR A 1301 -14.83 48.22 -11.70
N ILE A 1302 -13.55 48.36 -12.03
CA ILE A 1302 -12.45 47.90 -11.21
C ILE A 1302 -11.49 49.07 -10.99
N ARG A 1303 -10.99 49.18 -9.76
CA ARG A 1303 -10.07 50.25 -9.38
C ARG A 1303 -8.76 49.63 -8.88
N LEU A 1304 -7.67 49.96 -9.54
CA LEU A 1304 -6.35 49.45 -9.18
C LEU A 1304 -5.44 50.60 -8.76
N ARG A 1305 -4.55 50.33 -7.82
CA ARG A 1305 -3.63 51.32 -7.28
C ARG A 1305 -2.22 50.78 -7.38
N GLY A 1306 -1.42 51.31 -8.30
CA GLY A 1306 -0.05 50.88 -8.46
C GLY A 1306 0.29 50.62 -9.90
N THR A 1307 1.55 50.27 -10.13
CA THR A 1307 2.05 49.99 -11.46
C THR A 1307 1.42 48.71 -12.00
N ALA A 1308 0.56 48.84 -13.00
CA ALA A 1308 -0.01 47.67 -13.65
C ALA A 1308 1.05 46.97 -14.50
N GLY A 1309 0.73 45.75 -14.92
CA GLY A 1309 1.65 44.97 -15.72
C GLY A 1309 1.67 45.39 -17.17
N GLN A 1310 1.78 44.41 -18.07
CA GLN A 1310 1.72 44.67 -19.50
C GLN A 1310 0.38 44.20 -20.05
N SER A 1311 0.02 44.77 -21.21
CA SER A 1311 -1.21 44.42 -21.91
C SER A 1311 -2.43 44.62 -21.02
N LEU A 1312 -2.40 45.67 -20.20
CA LEU A 1312 -3.48 45.93 -19.26
C LEU A 1312 -4.79 46.16 -20.01
N GLY A 1313 -5.79 45.34 -19.69
CA GLY A 1313 -7.09 45.49 -20.31
C GLY A 1313 -7.12 45.14 -21.78
N ALA A 1314 -6.39 44.13 -22.20
CA ALA A 1314 -6.40 43.72 -23.60
C ALA A 1314 -7.70 42.99 -23.93
N PHE A 1315 -8.29 43.34 -25.07
CA PHE A 1315 -9.49 42.70 -25.58
C PHE A 1315 -10.67 42.87 -24.62
N ALA A 1316 -10.81 44.08 -24.08
CA ALA A 1316 -11.90 44.39 -23.17
C ALA A 1316 -13.14 44.81 -23.95
N VAL A 1317 -14.29 44.34 -23.50
CA VAL A 1317 -15.55 44.58 -24.19
C VAL A 1317 -16.30 45.70 -23.49
N GLN A 1318 -17.34 46.21 -24.15
CA GLN A 1318 -18.17 47.25 -23.55
C GLN A 1318 -18.87 46.73 -22.31
N GLY A 1319 -18.97 47.58 -21.29
CA GLY A 1319 -19.49 47.18 -20.01
C GLY A 1319 -18.45 46.98 -18.94
N ILE A 1320 -17.17 47.15 -19.27
CA ILE A 1320 -16.06 46.98 -18.33
C ILE A 1320 -15.32 48.30 -18.26
N LYS A 1321 -15.07 48.77 -17.04
CA LYS A 1321 -14.36 50.04 -16.84
C LYS A 1321 -13.22 49.84 -15.84
N LEU A 1322 -12.00 49.97 -16.32
CA LEU A 1322 -10.81 49.89 -15.47
C LEU A 1322 -10.32 51.28 -15.13
N GLU A 1323 -9.84 51.46 -13.90
CA GLU A 1323 -9.35 52.76 -13.44
C GLU A 1323 -8.06 52.53 -12.66
N VAL A 1324 -6.93 52.91 -13.24
CA VAL A 1324 -5.62 52.70 -12.65
C VAL A 1324 -5.12 54.01 -12.09
N MET A 1325 -4.59 53.96 -10.86
CA MET A 1325 -3.97 55.12 -10.22
C MET A 1325 -2.49 54.81 -10.10
N GLY A 1326 -1.68 55.52 -10.89
CA GLY A 1326 -0.28 55.16 -11.05
C GLY A 1326 0.15 55.20 -12.51
N ASP A 1327 0.54 54.06 -13.06
CA ASP A 1327 0.99 54.00 -14.44
C ASP A 1327 0.83 52.60 -14.98
N ALA A 1328 0.96 52.47 -16.29
CA ALA A 1328 0.93 51.19 -16.98
C ALA A 1328 2.23 51.02 -17.75
N ASN A 1329 2.61 49.75 -17.96
CA ASN A 1329 3.92 49.48 -18.55
C ASN A 1329 3.90 49.59 -20.07
N ASP A 1330 3.15 48.73 -20.75
CA ASP A 1330 3.16 48.69 -22.20
C ASP A 1330 1.90 48.02 -22.70
N TYR A 1331 1.64 48.20 -24.00
CA TYR A 1331 0.53 47.55 -24.69
C TYR A 1331 -0.80 47.81 -24.00
N VAL A 1332 -0.92 48.94 -23.33
CA VAL A 1332 -2.17 49.25 -22.62
C VAL A 1332 -3.29 49.42 -23.63
N GLY A 1333 -4.39 48.72 -23.40
CA GLY A 1333 -5.50 48.79 -24.31
C GLY A 1333 -5.27 48.15 -25.66
N LYS A 1334 -4.43 47.11 -25.72
CA LYS A 1334 -4.20 46.43 -26.98
C LYS A 1334 -5.46 45.69 -27.41
N GLY A 1335 -5.88 45.90 -28.65
CA GLY A 1335 -7.04 45.20 -29.17
C GLY A 1335 -8.32 45.49 -28.43
N LEU A 1336 -8.53 46.76 -28.05
CA LEU A 1336 -9.74 47.13 -27.35
C LEU A 1336 -10.97 46.79 -28.18
N SER A 1337 -12.05 46.44 -27.49
CA SER A 1337 -13.28 46.02 -28.17
C SER A 1337 -14.51 46.61 -27.50
N GLY A 1338 -14.45 47.89 -27.17
CA GLY A 1338 -15.58 48.60 -26.60
C GLY A 1338 -15.46 48.96 -25.13
N GLY A 1339 -14.41 48.51 -24.46
CA GLY A 1339 -14.24 48.81 -23.05
C GLY A 1339 -13.91 50.26 -22.77
N THR A 1340 -13.40 50.54 -21.57
CA THR A 1340 -13.06 51.90 -21.18
C THR A 1340 -11.93 51.83 -20.17
N ILE A 1341 -10.85 52.57 -20.43
CA ILE A 1341 -9.68 52.59 -19.56
C ILE A 1341 -9.39 54.03 -19.17
N VAL A 1342 -9.00 54.23 -17.91
CA VAL A 1342 -8.68 55.54 -17.39
C VAL A 1342 -7.42 55.42 -16.54
N VAL A 1343 -6.38 56.17 -16.91
CA VAL A 1343 -5.10 56.16 -16.20
C VAL A 1343 -4.81 57.57 -15.75
N ARG A 1344 -4.54 57.75 -14.47
CA ARG A 1344 -4.28 59.06 -13.88
C ARG A 1344 -3.29 58.92 -12.74
N PRO A 1345 -2.50 59.95 -12.47
CA PRO A 1345 -1.57 59.88 -11.33
C PRO A 1345 -2.34 59.92 -10.02
N THR A 1346 -1.72 59.36 -8.99
CA THR A 1346 -2.36 59.32 -7.68
C THR A 1346 -2.58 60.73 -7.15
N THR A 1347 -3.58 60.87 -6.29
CA THR A 1347 -4.00 62.19 -5.84
C THR A 1347 -2.92 62.91 -5.05
N SER A 1348 -2.06 62.17 -4.37
CA SER A 1348 -1.04 62.75 -3.49
C SER A 1348 0.33 62.84 -4.17
N SER A 1349 0.36 62.95 -5.50
CA SER A 1349 1.64 63.04 -6.18
C SER A 1349 1.89 64.46 -6.65
N PRO A 1350 3.02 65.06 -6.30
CA PRO A 1350 3.31 66.44 -6.72
C PRO A 1350 4.01 66.49 -8.08
N LEU A 1351 3.28 66.14 -9.13
CA LEU A 1351 3.82 66.06 -10.47
C LEU A 1351 2.97 66.85 -11.45
N GLU A 1352 3.63 67.55 -12.36
CA GLU A 1352 2.93 68.15 -13.50
C GLU A 1352 2.44 67.05 -14.41
N THR A 1353 1.13 66.98 -14.62
CA THR A 1353 0.55 65.86 -15.34
C THR A 1353 1.00 65.82 -16.80
N ASN A 1354 1.34 66.97 -17.38
CA ASN A 1354 1.64 67.05 -18.80
C ASN A 1354 3.13 66.99 -19.10
N LYS A 1355 3.96 66.62 -18.12
CA LYS A 1355 5.41 66.55 -18.35
C LYS A 1355 6.01 65.30 -17.73
N ASN A 1356 5.25 64.20 -17.67
CA ASN A 1356 5.76 62.94 -17.16
C ASN A 1356 5.10 61.80 -17.92
N THR A 1357 5.90 60.82 -18.32
CA THR A 1357 5.38 59.67 -19.04
C THR A 1357 4.54 58.80 -18.11
N ILE A 1358 3.34 58.46 -18.55
CA ILE A 1358 2.44 57.66 -17.74
C ILE A 1358 2.17 56.28 -18.34
N ILE A 1359 2.15 56.13 -19.66
CA ILE A 1359 1.96 54.84 -20.31
C ILE A 1359 3.10 54.61 -21.29
N GLY A 1360 3.19 53.38 -21.78
CA GLY A 1360 4.35 52.98 -22.56
C GLY A 1360 4.13 52.85 -24.05
N ASN A 1361 4.91 51.99 -24.68
CA ASN A 1361 4.92 51.84 -26.13
C ASN A 1361 3.71 51.05 -26.60
N THR A 1362 3.33 51.30 -27.86
CA THR A 1362 2.30 50.52 -28.56
C THR A 1362 0.98 50.52 -27.80
N VAL A 1363 0.41 51.71 -27.71
CA VAL A 1363 -0.88 51.91 -27.06
C VAL A 1363 -1.99 51.73 -28.09
N LEU A 1364 -3.06 51.05 -27.70
CA LEU A 1364 -4.25 50.89 -28.52
C LEU A 1364 -3.91 50.26 -29.88
N TYR A 1365 -3.12 49.21 -29.85
CA TYR A 1365 -2.69 48.54 -31.07
C TYR A 1365 -3.87 47.76 -31.65
N GLY A 1366 -4.44 48.28 -32.74
CA GLY A 1366 -5.51 47.58 -33.41
C GLY A 1366 -6.84 47.57 -32.69
N ALA A 1367 -7.18 48.65 -32.02
CA ALA A 1367 -8.45 48.73 -31.32
C ALA A 1367 -9.59 48.93 -32.32
N THR A 1368 -10.77 48.45 -31.95
CA THR A 1368 -11.95 48.56 -32.79
C THR A 1368 -13.05 49.43 -32.22
N ALA A 1369 -13.12 49.60 -30.90
CA ALA A 1369 -14.14 50.42 -30.26
C ALA A 1369 -13.75 50.58 -28.80
N GLY A 1370 -14.24 51.65 -28.19
CA GLY A 1370 -13.98 51.94 -26.80
C GLY A 1370 -13.34 53.31 -26.63
N LYS A 1371 -12.89 53.58 -25.41
CA LYS A 1371 -12.33 54.87 -25.07
C LYS A 1371 -11.15 54.69 -24.12
N LEU A 1372 -10.23 55.66 -24.15
CA LEU A 1372 -9.06 55.63 -23.28
C LEU A 1372 -8.68 57.07 -22.95
N PHE A 1373 -8.70 57.41 -21.65
CA PHE A 1373 -8.31 58.72 -21.18
C PHE A 1373 -7.09 58.58 -20.28
N ALA A 1374 -5.96 59.12 -20.72
CA ALA A 1374 -4.75 59.15 -19.93
C ALA A 1374 -4.40 60.60 -19.59
N ALA A 1375 -3.77 60.78 -18.42
CA ALA A 1375 -3.43 62.10 -17.92
C ALA A 1375 -1.92 62.32 -17.94
N GLY A 1376 -1.26 61.81 -18.96
CA GLY A 1376 0.17 61.98 -19.11
C GLY A 1376 0.59 61.88 -20.54
N GLN A 1377 1.84 61.52 -20.75
CA GLN A 1377 2.39 61.34 -22.08
C GLN A 1377 2.52 59.86 -22.40
N ALA A 1378 2.23 59.50 -23.64
CA ALA A 1378 2.34 58.12 -24.09
C ALA A 1378 3.77 57.83 -24.53
N GLY A 1379 3.98 56.67 -25.12
CA GLY A 1379 5.28 56.26 -25.59
C GLY A 1379 5.42 56.41 -27.09
N GLU A 1380 6.03 55.41 -27.72
CA GLU A 1380 6.22 55.39 -29.16
C GLU A 1380 5.12 54.60 -29.83
N ARG A 1381 4.90 54.89 -31.12
CA ARG A 1381 3.89 54.23 -31.92
C ARG A 1381 2.52 54.30 -31.25
N PHE A 1382 2.20 55.48 -30.73
CA PHE A 1382 0.94 55.67 -30.02
C PHE A 1382 -0.22 55.52 -30.99
N ALA A 1383 -1.16 54.62 -30.66
CA ALA A 1383 -2.38 54.42 -31.42
C ALA A 1383 -2.09 54.01 -32.86
N VAL A 1384 -1.33 52.95 -33.02
CA VAL A 1384 -1.10 52.38 -34.34
C VAL A 1384 -2.25 51.47 -34.70
N ARG A 1385 -2.65 51.51 -35.98
CA ARG A 1385 -3.75 50.69 -36.49
C ARG A 1385 -5.04 50.89 -35.70
N ASN A 1386 -5.26 52.09 -35.20
CA ASN A 1386 -6.54 52.39 -34.55
C ASN A 1386 -7.65 52.36 -35.59
N SER A 1387 -8.78 51.78 -35.23
CA SER A 1387 -9.89 51.61 -36.15
C SER A 1387 -11.20 52.23 -35.68
N GLY A 1388 -11.50 52.16 -34.39
CA GLY A 1388 -12.71 52.78 -33.89
C GLY A 1388 -12.58 53.41 -32.52
N ALA A 1389 -11.38 53.35 -31.93
CA ALA A 1389 -11.19 53.82 -30.58
C ALA A 1389 -11.19 55.34 -30.53
N THR A 1390 -11.28 55.87 -29.31
CA THR A 1390 -11.24 57.30 -29.05
C THR A 1390 -10.35 57.54 -27.85
N VAL A 1391 -9.29 58.31 -28.02
CA VAL A 1391 -8.26 58.46 -27.00
C VAL A 1391 -7.94 59.95 -26.84
N VAL A 1392 -7.79 60.38 -25.60
CA VAL A 1392 -7.39 61.73 -25.26
C VAL A 1392 -6.15 61.62 -24.39
N VAL A 1393 -4.99 61.98 -24.93
CA VAL A 1393 -3.73 61.86 -24.23
C VAL A 1393 -3.05 63.22 -24.20
N GLU A 1394 -2.23 63.45 -23.17
CA GLU A 1394 -1.59 64.73 -22.93
C GLU A 1394 -0.16 64.78 -23.46
N GLY A 1395 0.10 64.11 -24.57
CA GLY A 1395 1.43 64.07 -25.14
C GLY A 1395 1.58 62.83 -25.99
N CYS A 1396 2.76 62.71 -26.58
CA CYS A 1396 3.06 61.58 -27.45
C CYS A 1396 4.56 61.51 -27.67
N GLY A 1397 4.97 60.52 -28.45
CA GLY A 1397 6.38 60.35 -28.78
C GLY A 1397 6.59 60.30 -30.29
N SER A 1398 7.60 59.55 -30.73
CA SER A 1398 7.88 59.46 -32.15
C SER A 1398 6.96 58.44 -32.81
N ASN A 1399 6.82 58.57 -34.12
CA ASN A 1399 6.04 57.65 -34.96
C ASN A 1399 4.60 57.52 -34.52
N GLY A 1400 4.08 58.50 -33.76
CA GLY A 1400 2.75 58.38 -33.21
C GLY A 1400 1.67 58.44 -34.27
N CYS A 1401 0.53 57.82 -33.96
CA CYS A 1401 -0.64 57.83 -34.84
C CYS A 1401 -0.31 57.27 -36.22
N GLU A 1402 0.47 56.21 -36.25
CA GLU A 1402 0.96 55.64 -37.50
C GLU A 1402 -0.05 54.69 -38.10
N TYR A 1403 -0.33 54.88 -39.40
CA TYR A 1403 -1.15 53.96 -40.18
C TYR A 1403 -2.53 53.79 -39.55
N MET A 1404 -3.04 54.84 -38.91
CA MET A 1404 -4.37 54.81 -38.32
C MET A 1404 -5.43 54.75 -39.42
N THR A 1405 -6.58 54.16 -39.08
CA THR A 1405 -7.65 53.97 -40.04
C THR A 1405 -9.00 54.52 -39.61
N GLY A 1406 -9.27 54.64 -38.32
CA GLY A 1406 -10.53 55.18 -37.87
C GLY A 1406 -10.54 55.58 -36.40
N GLY A 1407 -11.35 56.56 -36.07
CA GLY A 1407 -11.43 57.07 -34.71
C GLY A 1407 -10.95 58.51 -34.63
N THR A 1408 -10.98 59.03 -33.40
CA THR A 1408 -10.53 60.39 -33.12
C THR A 1408 -9.48 60.34 -32.03
N ALA A 1409 -8.40 61.09 -32.20
CA ALA A 1409 -7.30 61.13 -31.24
C ALA A 1409 -6.92 62.57 -30.97
N VAL A 1410 -7.02 62.99 -29.72
CA VAL A 1410 -6.70 64.35 -29.30
C VAL A 1410 -5.41 64.30 -28.49
N ILE A 1411 -4.44 65.12 -28.88
CA ILE A 1411 -3.13 65.16 -28.23
C ILE A 1411 -2.89 66.57 -27.73
N LEU A 1412 -2.90 66.74 -26.42
CA LEU A 1412 -2.71 68.06 -25.81
C LEU A 1412 -1.25 68.23 -25.38
N GLY A 1413 -0.39 68.31 -26.39
CA GLY A 1413 1.03 68.52 -26.14
C GLY A 1413 1.88 68.48 -27.39
N ARG A 1414 3.10 67.96 -27.25
CA ARG A 1414 4.03 67.85 -28.38
C ARG A 1414 4.00 66.45 -28.95
N VAL A 1415 4.54 66.32 -30.16
CA VAL A 1415 4.63 65.04 -30.83
C VAL A 1415 6.05 64.81 -31.29
N GLY A 1416 6.32 63.63 -31.87
CA GLY A 1416 7.63 63.28 -32.35
C GLY A 1416 7.72 63.31 -33.86
N ASP A 1417 8.87 62.89 -34.35
CA ASP A 1417 9.10 62.86 -35.79
C ASP A 1417 8.21 61.81 -36.45
N ASN A 1418 8.00 61.98 -37.75
CA ASN A 1418 7.25 61.03 -38.57
C ASN A 1418 5.83 60.84 -38.04
N PHE A 1419 5.23 61.92 -37.56
CA PHE A 1419 3.89 61.85 -37.02
C PHE A 1419 2.86 61.59 -38.12
N ALA A 1420 1.85 60.80 -37.79
CA ALA A 1420 0.73 60.50 -38.69
C ALA A 1420 1.23 59.96 -40.03
N ALA A 1421 2.11 58.97 -39.95
CA ALA A 1421 2.66 58.37 -41.15
C ALA A 1421 1.73 57.27 -41.66
N GLY A 1422 1.46 57.29 -42.97
CA GLY A 1422 0.61 56.28 -43.56
C GLY A 1422 -0.83 56.32 -43.14
N MET A 1423 -1.26 57.38 -42.46
CA MET A 1423 -2.66 57.48 -42.03
C MET A 1423 -3.58 57.53 -43.23
N THR A 1424 -4.71 56.83 -43.13
CA THR A 1424 -5.64 56.75 -44.25
C THR A 1424 -7.09 56.87 -43.82
N GLY A 1425 -7.37 57.25 -42.58
CA GLY A 1425 -8.75 57.38 -42.13
C GLY A 1425 -8.86 57.82 -40.69
N GLY A 1426 -9.84 58.68 -40.41
CA GLY A 1426 -10.05 59.20 -39.08
C GLY A 1426 -9.84 60.71 -39.03
N MET A 1427 -9.37 61.19 -37.89
CA MET A 1427 -9.11 62.60 -37.68
C MET A 1427 -8.22 62.76 -36.46
N ALA A 1428 -7.48 63.87 -36.41
CA ALA A 1428 -6.63 64.14 -35.27
C ALA A 1428 -6.65 65.63 -34.95
N TYR A 1429 -6.42 65.94 -33.68
CA TYR A 1429 -6.29 67.33 -33.24
C TYR A 1429 -5.04 67.45 -32.37
N VAL A 1430 -4.19 68.40 -32.68
CA VAL A 1430 -2.96 68.63 -31.95
C VAL A 1430 -2.99 70.02 -31.33
N TYR A 1431 -2.66 70.11 -30.05
CA TYR A 1431 -2.64 71.37 -29.33
C TYR A 1431 -1.20 71.88 -29.33
N ASP A 1432 -0.86 72.67 -30.35
CA ASP A 1432 0.50 73.14 -30.56
C ASP A 1432 0.63 74.56 -30.02
N LEU A 1433 1.36 74.71 -28.92
CA LEU A 1433 1.64 76.02 -28.35
C LEU A 1433 2.87 76.67 -28.97
N ASP A 1434 3.84 75.86 -29.40
CA ASP A 1434 5.09 76.38 -29.95
C ASP A 1434 5.06 76.53 -31.45
N ASP A 1435 3.97 76.13 -32.11
CA ASP A 1435 3.85 76.18 -33.57
C ASP A 1435 5.03 75.46 -34.23
N SER A 1436 5.14 74.17 -33.93
CA SER A 1436 6.22 73.34 -34.45
C SER A 1436 5.69 72.07 -35.10
N LEU A 1437 4.44 72.05 -35.52
CA LEU A 1437 3.87 70.88 -36.18
C LEU A 1437 4.33 70.74 -37.63
N PRO A 1438 4.36 71.81 -38.43
CA PRO A 1438 4.80 71.65 -39.83
C PRO A 1438 6.22 71.13 -39.99
N LEU A 1439 6.98 70.99 -38.89
CA LEU A 1439 8.31 70.42 -38.97
C LEU A 1439 8.33 68.92 -38.67
N TYR A 1440 7.40 68.45 -37.84
CA TYR A 1440 7.37 67.05 -37.44
C TYR A 1440 6.43 66.19 -38.27
N ILE A 1441 5.40 66.77 -38.85
CA ILE A 1441 4.37 65.96 -39.49
C ILE A 1441 4.92 65.29 -40.75
N ASN A 1442 4.31 64.17 -41.12
CA ASN A 1442 4.64 63.47 -42.36
C ASN A 1442 3.57 63.84 -43.39
N ASP A 1443 3.73 65.03 -43.96
CA ASP A 1443 2.71 65.64 -44.79
C ASP A 1443 2.67 65.11 -46.23
N GLU A 1444 2.31 63.84 -46.40
CA GLU A 1444 2.12 63.28 -47.72
C GLU A 1444 0.72 62.71 -47.90
N SER A 1445 0.19 62.04 -46.87
CA SER A 1445 -1.12 61.41 -46.95
C SER A 1445 -2.19 62.14 -46.15
N VAL A 1446 -1.81 63.17 -45.40
CA VAL A 1446 -2.75 63.90 -44.56
C VAL A 1446 -2.51 65.39 -44.75
N ILE A 1447 -3.56 66.18 -44.57
CA ILE A 1447 -3.48 67.63 -44.62
C ILE A 1447 -3.87 68.18 -43.26
N PHE A 1448 -3.21 69.25 -42.84
CA PHE A 1448 -3.46 69.88 -41.55
C PHE A 1448 -3.83 71.33 -41.75
N GLN A 1449 -4.86 71.76 -41.03
CA GLN A 1449 -5.39 73.12 -41.14
C GLN A 1449 -5.81 73.57 -39.75
N ARG A 1450 -6.55 74.68 -39.70
CA ARG A 1450 -7.12 75.19 -38.47
C ARG A 1450 -8.63 74.98 -38.48
N ILE A 1451 -9.20 74.83 -37.28
CA ILE A 1451 -10.61 74.53 -37.16
C ILE A 1451 -11.42 75.74 -37.62
N GLU A 1452 -12.29 75.53 -38.61
CA GLU A 1452 -13.12 76.60 -39.14
C GLU A 1452 -14.60 76.26 -39.16
N VAL A 1453 -15.00 75.10 -38.65
CA VAL A 1453 -16.40 74.68 -38.63
C VAL A 1453 -16.80 74.41 -37.19
N GLY A 1454 -17.97 74.91 -36.79
CA GLY A 1454 -18.40 74.76 -35.41
C GLY A 1454 -18.75 73.35 -35.03
N HIS A 1455 -19.24 72.55 -35.99
CA HIS A 1455 -19.60 71.18 -35.68
C HIS A 1455 -18.38 70.36 -35.25
N TYR A 1456 -17.20 70.71 -35.76
CA TYR A 1456 -15.98 70.06 -35.31
C TYR A 1456 -15.40 70.70 -34.07
N GLU A 1457 -15.86 71.90 -33.71
CA GLU A 1457 -15.44 72.50 -32.45
C GLU A 1457 -16.21 71.91 -31.27
N SER A 1458 -17.51 71.69 -31.45
CA SER A 1458 -18.28 71.05 -30.38
C SER A 1458 -17.77 69.65 -30.09
N GLN A 1459 -17.27 68.95 -31.11
CA GLN A 1459 -16.71 67.61 -30.92
C GLN A 1459 -15.51 67.66 -29.98
N LEU A 1460 -14.54 68.54 -30.29
CA LEU A 1460 -13.38 68.70 -29.43
C LEU A 1460 -13.78 69.14 -28.03
N LYS A 1461 -14.74 70.05 -27.93
CA LYS A 1461 -15.20 70.53 -26.63
C LYS A 1461 -15.73 69.37 -25.80
N HIS A 1462 -16.57 68.53 -26.39
CA HIS A 1462 -17.15 67.42 -25.65
C HIS A 1462 -16.09 66.40 -25.27
N LEU A 1463 -15.13 66.15 -26.15
CA LEU A 1463 -14.06 65.20 -25.82
C LEU A 1463 -13.24 65.69 -24.63
N ILE A 1464 -12.86 66.96 -24.64
CA ILE A 1464 -12.05 67.48 -23.54
C ILE A 1464 -12.87 67.54 -22.26
N GLU A 1465 -14.18 67.83 -22.36
CA GLU A 1465 -15.02 67.81 -21.17
C GLU A 1465 -15.08 66.42 -20.56
N GLU A 1466 -15.23 65.40 -21.41
CA GLU A 1466 -15.23 64.02 -20.91
C GLU A 1466 -13.89 63.68 -20.26
N HIS A 1467 -12.79 64.13 -20.86
CA HIS A 1467 -11.48 63.93 -20.25
C HIS A 1467 -11.42 64.53 -18.85
N VAL A 1468 -11.82 65.80 -18.73
CA VAL A 1468 -11.79 66.47 -17.42
C VAL A 1468 -12.65 65.72 -16.42
N THR A 1469 -13.82 65.27 -16.85
CA THR A 1469 -14.72 64.56 -15.94
C THR A 1469 -14.11 63.26 -15.46
N GLU A 1470 -13.45 62.51 -16.35
CA GLU A 1470 -12.93 61.21 -15.96
C GLU A 1470 -11.66 61.33 -15.13
N THR A 1471 -10.62 61.95 -15.67
CA THR A 1471 -9.32 61.93 -15.01
C THR A 1471 -9.09 63.09 -14.06
N GLN A 1472 -10.02 64.06 -14.01
CA GLN A 1472 -9.91 65.21 -13.10
C GLN A 1472 -8.57 65.93 -13.28
N SER A 1473 -8.14 66.07 -14.53
CA SER A 1473 -6.87 66.72 -14.80
C SER A 1473 -6.97 68.21 -14.51
N ARG A 1474 -5.80 68.87 -14.54
CA ARG A 1474 -5.74 70.31 -14.35
C ARG A 1474 -5.34 71.06 -15.61
N PHE A 1475 -4.52 70.45 -16.47
CA PHE A 1475 -4.17 71.09 -17.74
C PHE A 1475 -5.41 71.25 -18.62
N ALA A 1476 -6.16 70.17 -18.80
CA ALA A 1476 -7.36 70.24 -19.63
C ALA A 1476 -8.41 71.16 -19.02
N ALA A 1477 -8.47 71.24 -17.69
CA ALA A 1477 -9.37 72.20 -17.06
C ALA A 1477 -9.00 73.63 -17.45
N GLU A 1478 -7.71 73.95 -17.43
CA GLU A 1478 -7.27 75.28 -17.85
C GLU A 1478 -7.58 75.54 -19.31
N ILE A 1479 -7.37 74.54 -20.16
CA ILE A 1479 -7.68 74.69 -21.59
C ILE A 1479 -9.17 74.95 -21.79
N LEU A 1480 -10.01 74.28 -21.00
CA LEU A 1480 -11.45 74.49 -21.13
C LEU A 1480 -11.87 75.85 -20.57
N ASN A 1481 -11.17 76.34 -19.56
CA ASN A 1481 -11.50 77.65 -19.00
C ASN A 1481 -11.29 78.76 -20.02
N ASP A 1482 -10.09 78.82 -20.59
CA ASP A 1482 -9.75 79.83 -21.60
C ASP A 1482 -9.93 79.24 -22.99
N TRP A 1483 -11.20 79.05 -23.35
CA TRP A 1483 -11.50 78.33 -24.60
C TRP A 1483 -11.39 79.23 -25.82
N ALA A 1484 -11.88 80.47 -25.73
CA ALA A 1484 -11.95 81.33 -26.90
C ALA A 1484 -10.58 81.69 -27.44
N ARG A 1485 -9.57 81.80 -26.58
CA ARG A 1485 -8.23 82.13 -27.04
C ARG A 1485 -7.37 80.91 -27.35
N GLU A 1486 -7.75 79.73 -26.85
CA GLU A 1486 -6.99 78.53 -27.11
C GLU A 1486 -7.52 77.73 -28.29
N VAL A 1487 -8.76 77.99 -28.73
CA VAL A 1487 -9.29 77.28 -29.89
C VAL A 1487 -8.44 77.56 -31.12
N THR A 1488 -7.78 78.70 -31.17
CA THR A 1488 -6.95 79.07 -32.31
C THR A 1488 -5.53 78.49 -32.22
N LYS A 1489 -5.30 77.54 -31.32
CA LYS A 1489 -4.01 76.87 -31.21
C LYS A 1489 -4.06 75.43 -31.69
N PHE A 1490 -5.23 74.91 -32.05
CA PHE A 1490 -5.37 73.51 -32.44
C PHE A 1490 -5.18 73.35 -33.93
N TRP A 1491 -4.37 72.37 -34.31
CA TRP A 1491 -4.26 71.92 -35.70
C TRP A 1491 -5.15 70.70 -35.89
N GLN A 1492 -5.91 70.70 -36.98
CA GLN A 1492 -6.75 69.57 -37.34
C GLN A 1492 -6.10 68.82 -38.50
N VAL A 1493 -5.89 67.53 -38.33
CA VAL A 1493 -5.24 66.68 -39.32
C VAL A 1493 -6.29 65.72 -39.86
N VAL A 1494 -6.46 65.72 -41.18
CA VAL A 1494 -7.45 64.90 -41.86
C VAL A 1494 -6.79 64.19 -43.03
N PRO A 1495 -7.03 62.89 -43.22
CA PRO A 1495 -6.44 62.19 -44.37
C PRO A 1495 -6.93 62.76 -45.69
N LYS A 1496 -6.15 62.52 -46.74
CA LYS A 1496 -6.51 63.04 -48.05
C LYS A 1496 -7.65 62.24 -48.67
N GLU A 1497 -7.67 60.94 -48.46
CA GLU A 1497 -8.69 60.09 -49.08
C GLU A 1497 -10.08 60.36 -48.51
N MET A 1498 -10.18 60.86 -47.29
CA MET A 1498 -11.47 61.14 -46.67
C MET A 1498 -11.90 62.59 -46.85
N LEU A 1499 -11.31 63.30 -47.82
CA LEU A 1499 -11.64 64.70 -48.03
C LEU A 1499 -12.94 64.88 -48.82
N ASN A 1500 -13.38 63.86 -49.56
CA ASN A 1500 -14.61 63.93 -50.34
C ASN A 1500 -15.61 62.86 -49.94
N ARG A 1501 -15.43 62.26 -48.75
CA ARG A 1501 -16.35 61.24 -48.26
C ARG A 1501 -17.06 61.64 -46.98
N LEU A 1502 -16.56 62.61 -46.23
CA LEU A 1502 -17.18 63.03 -44.98
C LEU A 1502 -18.54 63.67 -45.25
N GLU A 1503 -19.35 63.73 -44.19
CA GLU A 1503 -20.63 64.42 -44.28
C GLU A 1503 -20.45 65.92 -44.38
N VAL A 1504 -19.88 66.52 -43.33
CA VAL A 1504 -19.72 67.98 -43.26
C VAL A 1504 -18.32 68.31 -43.80
N PRO A 1505 -18.22 69.12 -44.85
CA PRO A 1505 -16.89 69.46 -45.38
C PRO A 1505 -16.11 70.30 -44.39
N VAL A 1506 -14.81 70.02 -44.30
CA VAL A 1506 -13.94 70.78 -43.42
C VAL A 1506 -13.78 72.22 -43.90
N HIS A 1507 -14.01 72.49 -45.18
CA HIS A 1507 -13.94 73.84 -45.71
C HIS A 1507 -15.33 74.49 -45.67
N LEU A 1508 -15.44 75.65 -46.28
CA LEU A 1508 -16.71 76.36 -46.34
C LEU A 1508 -17.23 76.44 -47.77
N CYS B 37 -21.22 -21.22 -37.15
CA CYS B 37 -22.28 -21.89 -37.90
C CYS B 37 -22.16 -21.63 -39.40
N GLY B 38 -21.86 -22.68 -40.15
CA GLY B 38 -21.77 -22.54 -41.59
C GLY B 38 -21.02 -23.67 -42.27
N VAL B 39 -21.36 -23.91 -43.54
CA VAL B 39 -20.65 -24.84 -44.39
C VAL B 39 -19.92 -24.07 -45.46
N GLY B 40 -18.96 -24.72 -46.09
CA GLY B 40 -18.26 -24.11 -47.21
C GLY B 40 -17.43 -25.09 -48.00
N PHE B 41 -17.20 -24.82 -49.27
CA PHE B 41 -16.45 -25.73 -50.11
C PHE B 41 -15.65 -24.95 -51.15
N ILE B 42 -14.44 -25.43 -51.41
CA ILE B 42 -13.52 -24.83 -52.37
C ILE B 42 -13.07 -25.94 -53.31
N ALA B 43 -13.06 -25.64 -54.62
CA ALA B 43 -12.70 -26.66 -55.60
C ALA B 43 -11.89 -26.05 -56.73
N ALA B 44 -10.86 -26.79 -57.16
CA ALA B 44 -10.10 -26.43 -58.35
C ALA B 44 -10.80 -27.01 -59.57
N ILE B 45 -11.18 -26.14 -60.50
CA ILE B 45 -12.01 -26.57 -61.62
C ILE B 45 -11.27 -27.54 -62.51
N ASP B 46 -10.01 -27.25 -62.83
CA ASP B 46 -9.25 -28.12 -63.72
C ASP B 46 -8.98 -29.48 -63.09
N GLY B 47 -8.75 -29.53 -61.79
CA GLY B 47 -8.56 -30.79 -61.11
C GLY B 47 -7.11 -31.15 -60.85
N LYS B 48 -6.29 -30.16 -60.51
CA LYS B 48 -4.89 -30.39 -60.18
C LYS B 48 -4.64 -30.02 -58.73
N PRO B 49 -3.99 -30.88 -57.95
CA PRO B 49 -3.75 -30.56 -56.54
C PRO B 49 -2.88 -29.32 -56.37
N ARG B 50 -3.09 -28.61 -55.27
CA ARG B 50 -2.31 -27.44 -54.95
C ARG B 50 -2.59 -27.03 -53.51
N ARG B 51 -1.60 -26.36 -52.89
CA ARG B 51 -1.72 -25.92 -51.51
C ARG B 51 -2.71 -24.77 -51.36
N SER B 52 -3.00 -24.08 -52.47
CA SER B 52 -3.85 -22.89 -52.41
C SER B 52 -5.23 -23.21 -51.86
N VAL B 53 -5.84 -24.32 -52.29
CA VAL B 53 -7.20 -24.63 -51.86
C VAL B 53 -7.23 -24.88 -50.35
N VAL B 54 -6.22 -25.57 -49.83
CA VAL B 54 -6.19 -25.86 -48.40
C VAL B 54 -5.97 -24.60 -47.59
N GLU B 55 -5.04 -23.74 -48.01
CA GLU B 55 -4.82 -22.51 -47.25
C GLU B 55 -6.02 -21.59 -47.31
N LYS B 56 -6.71 -21.52 -48.46
CA LYS B 56 -7.92 -20.73 -48.53
C LYS B 56 -9.04 -21.33 -47.69
N GLY B 57 -9.10 -22.66 -47.57
CA GLY B 57 -10.08 -23.26 -46.68
C GLY B 57 -9.83 -22.89 -45.24
N ILE B 58 -8.57 -22.95 -44.81
CA ILE B 58 -8.23 -22.53 -43.45
C ILE B 58 -8.58 -21.05 -43.23
N GLU B 59 -8.28 -20.21 -44.23
CA GLU B 59 -8.61 -18.80 -44.12
C GLU B 59 -10.11 -18.58 -43.99
N ALA B 60 -10.89 -19.33 -44.76
CA ALA B 60 -12.35 -19.21 -44.68
C ALA B 60 -12.85 -19.66 -43.32
N LEU B 61 -12.28 -20.72 -42.77
CA LEU B 61 -12.69 -21.16 -41.44
C LEU B 61 -12.32 -20.14 -40.37
N LYS B 62 -11.24 -19.39 -40.58
CA LYS B 62 -10.82 -18.41 -39.57
C LYS B 62 -11.74 -17.21 -39.44
N ALA B 63 -12.85 -17.14 -40.18
CA ALA B 63 -13.67 -15.93 -40.21
C ALA B 63 -15.16 -16.28 -40.14
N VAL B 64 -15.52 -17.19 -39.24
CA VAL B 64 -16.93 -17.50 -39.01
C VAL B 64 -17.21 -17.41 -37.52
N TRP B 65 -16.37 -16.65 -36.80
CA TRP B 65 -16.50 -16.56 -35.36
C TRP B 65 -17.64 -15.67 -34.90
N HIS B 66 -18.23 -14.88 -35.78
CA HIS B 66 -19.31 -14.00 -35.35
C HIS B 66 -20.63 -14.73 -35.21
N ARG B 67 -20.84 -15.79 -36.00
CA ARG B 67 -22.09 -16.54 -35.94
C ARG B 67 -22.10 -17.58 -34.83
N GLY B 68 -20.93 -18.02 -34.36
CA GLY B 68 -20.87 -19.04 -33.34
C GLY B 68 -21.35 -18.53 -31.99
N ALA B 69 -21.36 -19.44 -31.02
CA ALA B 69 -21.82 -19.13 -29.66
C ALA B 69 -20.61 -18.68 -28.86
N VAL B 70 -20.43 -17.36 -28.77
CA VAL B 70 -19.34 -16.80 -27.97
C VAL B 70 -19.57 -17.14 -26.50
N ASP B 71 -18.49 -17.41 -25.79
CA ASP B 71 -18.55 -17.88 -24.42
C ASP B 71 -17.59 -17.06 -23.56
N ALA B 72 -17.93 -16.97 -22.26
CA ALA B 72 -17.08 -16.25 -21.33
C ALA B 72 -15.71 -16.88 -21.17
N ASP B 73 -15.59 -18.18 -21.46
CA ASP B 73 -14.29 -18.84 -21.35
C ASP B 73 -13.36 -18.42 -22.48
N GLY B 74 -13.83 -18.50 -23.73
CA GLY B 74 -13.02 -18.21 -24.88
C GLY B 74 -12.31 -19.42 -25.46
N LYS B 75 -12.30 -20.55 -24.76
CA LYS B 75 -11.71 -21.78 -25.26
C LYS B 75 -12.74 -22.83 -25.62
N THR B 76 -13.95 -22.75 -25.07
CA THR B 76 -14.97 -23.77 -25.28
C THR B 76 -15.68 -23.54 -26.60
N GLY B 77 -15.56 -24.50 -27.52
CA GLY B 77 -16.32 -24.51 -28.74
C GLY B 77 -17.45 -25.52 -28.71
N ASP B 78 -18.02 -25.74 -29.90
CA ASP B 78 -19.11 -26.70 -30.01
C ASP B 78 -18.96 -27.60 -31.23
N GLY B 79 -17.82 -27.58 -31.89
CA GLY B 79 -17.59 -28.44 -33.03
C GLY B 79 -17.08 -27.71 -34.25
N ALA B 80 -16.07 -28.27 -34.90
CA ALA B 80 -15.54 -27.69 -36.13
C ALA B 80 -14.82 -28.78 -36.90
N GLY B 81 -14.71 -28.60 -38.21
CA GLY B 81 -14.03 -29.61 -38.99
C GLY B 81 -13.73 -29.25 -40.43
N ILE B 82 -12.74 -29.94 -41.00
CA ILE B 82 -12.34 -29.79 -42.39
C ILE B 82 -12.15 -31.17 -42.99
N HIS B 83 -12.32 -31.25 -44.30
CA HIS B 83 -12.31 -32.51 -45.04
C HIS B 83 -11.59 -32.25 -46.35
N VAL B 84 -10.43 -32.90 -46.52
CA VAL B 84 -9.53 -32.59 -47.63
C VAL B 84 -9.10 -33.91 -48.28
N ALA B 85 -8.23 -33.79 -49.28
CA ALA B 85 -7.68 -34.94 -49.97
C ALA B 85 -6.48 -35.50 -49.20
N VAL B 86 -6.06 -36.70 -49.56
CA VAL B 86 -5.00 -37.38 -48.83
C VAL B 86 -3.65 -36.89 -49.36
N PRO B 87 -2.76 -36.40 -48.49
CA PRO B 87 -1.43 -35.99 -48.95
C PRO B 87 -0.47 -37.16 -49.10
N GLN B 88 -0.49 -37.80 -50.28
CA GLN B 88 0.27 -39.03 -50.50
C GLN B 88 1.74 -38.85 -50.17
N LYS B 89 2.35 -37.75 -50.60
CA LYS B 89 3.79 -37.59 -50.41
C LYS B 89 4.16 -37.50 -48.94
N PHE B 90 3.32 -36.86 -48.13
CA PHE B 90 3.58 -36.77 -46.69
C PHE B 90 3.71 -38.14 -46.07
N PHE B 91 2.69 -38.99 -46.22
CA PHE B 91 2.71 -40.29 -45.59
C PHE B 91 3.73 -41.23 -46.24
N LYS B 92 3.99 -41.06 -47.53
CA LYS B 92 5.02 -41.87 -48.16
C LYS B 92 6.39 -41.53 -47.62
N ASP B 93 6.67 -40.24 -47.40
CA ASP B 93 7.94 -39.87 -46.79
C ASP B 93 8.01 -40.35 -45.35
N HIS B 94 6.89 -40.33 -44.63
CA HIS B 94 6.86 -40.90 -43.29
C HIS B 94 7.25 -42.37 -43.31
N VAL B 95 6.63 -43.15 -44.21
CA VAL B 95 6.93 -44.57 -44.31
C VAL B 95 8.38 -44.80 -44.69
N LYS B 96 8.89 -44.02 -45.64
CA LYS B 96 10.30 -44.12 -46.01
C LYS B 96 11.20 -43.88 -44.81
N VAL B 97 10.89 -42.85 -44.01
CA VAL B 97 11.70 -42.53 -42.84
C VAL B 97 11.65 -43.68 -41.84
N ILE B 98 10.49 -44.33 -41.70
CA ILE B 98 10.38 -45.45 -40.77
C ILE B 98 11.32 -46.58 -41.17
N GLY B 99 11.39 -46.89 -42.46
CA GLY B 99 12.33 -47.90 -42.93
C GLY B 99 11.77 -48.85 -43.96
N HIS B 100 10.52 -48.68 -44.35
CA HIS B 100 9.90 -49.54 -45.35
C HIS B 100 10.16 -48.98 -46.74
N ARG B 101 9.48 -49.54 -47.74
CA ARG B 101 9.58 -49.09 -49.12
C ARG B 101 8.26 -48.44 -49.52
N ALA B 102 8.33 -47.27 -50.14
CA ALA B 102 7.13 -46.58 -50.57
C ALA B 102 6.49 -47.34 -51.72
N PRO B 103 5.22 -47.74 -51.61
CA PRO B 103 4.60 -48.53 -52.69
C PRO B 103 4.33 -47.68 -53.91
N ASP B 104 3.89 -48.34 -54.97
CA ASP B 104 3.59 -47.67 -56.22
C ASP B 104 2.20 -47.04 -56.20
N ASN B 105 1.22 -47.79 -55.71
CA ASN B 105 -0.16 -47.33 -55.71
C ASN B 105 -0.37 -46.27 -54.62
N LYS B 106 -1.63 -45.83 -54.51
CA LYS B 106 -1.98 -44.86 -53.49
C LYS B 106 -2.03 -45.54 -52.12
N LEU B 107 -2.05 -44.71 -51.08
CA LEU B 107 -2.09 -45.16 -49.71
C LEU B 107 -3.51 -45.11 -49.16
N ALA B 108 -3.70 -45.71 -47.99
CA ALA B 108 -4.95 -45.62 -47.26
C ALA B 108 -4.64 -45.23 -45.83
N VAL B 109 -5.32 -44.21 -45.32
CA VAL B 109 -5.05 -43.70 -43.98
C VAL B 109 -6.38 -43.62 -43.23
N GLY B 110 -6.45 -44.30 -42.10
CA GLY B 110 -7.65 -44.30 -41.26
C GLY B 110 -7.39 -43.53 -39.98
N GLN B 111 -8.31 -42.66 -39.62
CA GLN B 111 -8.21 -41.85 -38.42
C GLN B 111 -9.21 -42.38 -37.39
N VAL B 112 -8.73 -42.70 -36.20
CA VAL B 112 -9.55 -43.36 -35.19
C VAL B 112 -9.48 -42.59 -33.87
N PHE B 113 -10.61 -42.62 -33.15
CA PHE B 113 -10.74 -42.12 -31.79
C PHE B 113 -10.88 -43.33 -30.88
N LEU B 114 -9.85 -43.59 -30.08
CA LEU B 114 -9.84 -44.64 -29.09
C LEU B 114 -10.08 -44.07 -27.70
N PRO B 115 -10.54 -44.89 -26.75
CA PRO B 115 -10.71 -44.41 -25.38
C PRO B 115 -9.39 -43.95 -24.79
N ARG B 116 -9.47 -43.00 -23.86
CA ARG B 116 -8.29 -42.42 -23.24
C ARG B 116 -8.12 -42.78 -21.79
N ILE B 117 -9.19 -43.17 -21.10
CA ILE B 117 -9.13 -43.36 -19.65
C ILE B 117 -8.50 -44.71 -19.32
N SER B 118 -8.66 -45.70 -20.18
CA SER B 118 -8.19 -47.05 -19.93
C SER B 118 -7.05 -47.41 -20.87
N LEU B 119 -6.40 -48.53 -20.56
CA LEU B 119 -5.35 -49.06 -21.40
C LEU B 119 -5.67 -50.44 -21.95
N ASP B 120 -6.77 -51.06 -21.52
CA ASP B 120 -7.25 -52.27 -22.16
C ASP B 120 -8.18 -51.94 -23.33
N ALA B 121 -9.00 -50.92 -23.16
CA ALA B 121 -9.85 -50.47 -24.27
C ALA B 121 -9.03 -50.13 -25.49
N GLN B 122 -7.92 -49.40 -25.31
CA GLN B 122 -7.04 -49.10 -26.42
C GLN B 122 -6.49 -50.39 -27.04
N GLU B 123 -6.01 -51.30 -26.20
CA GLU B 123 -5.43 -52.54 -26.72
C GLU B 123 -6.50 -53.42 -27.36
N ALA B 124 -7.68 -53.49 -26.76
CA ALA B 124 -8.75 -54.29 -27.34
C ALA B 124 -9.18 -53.75 -28.70
N CYS B 125 -9.31 -52.43 -28.82
CA CYS B 125 -9.69 -51.84 -30.10
C CYS B 125 -8.60 -52.03 -31.15
N ARG B 126 -7.34 -51.86 -30.76
CA ARG B 126 -6.25 -52.09 -31.71
C ARG B 126 -6.27 -53.54 -32.20
N CYS B 127 -6.43 -54.49 -31.28
CA CYS B 127 -6.50 -55.89 -31.69
C CYS B 127 -7.66 -56.12 -32.64
N ILE B 128 -8.84 -55.56 -32.34
CA ILE B 128 -9.99 -55.77 -33.21
C ILE B 128 -9.70 -55.23 -34.61
N VAL B 129 -9.19 -54.00 -34.69
CA VAL B 129 -8.89 -53.40 -35.98
C VAL B 129 -7.89 -54.26 -36.75
N GLU B 130 -6.86 -54.75 -36.07
CA GLU B 130 -5.80 -55.46 -36.79
C GLU B 130 -6.26 -56.84 -37.26
N THR B 131 -6.98 -57.60 -36.44
CA THR B 131 -7.51 -58.85 -36.97
C THR B 131 -8.65 -58.65 -37.94
N GLU B 132 -9.21 -57.45 -38.04
CA GLU B 132 -10.29 -57.28 -39.00
C GLU B 132 -9.78 -56.75 -40.34
N ILE B 133 -8.64 -56.07 -40.35
CA ILE B 133 -8.05 -55.64 -41.61
C ILE B 133 -7.31 -56.78 -42.28
N LEU B 134 -6.55 -57.55 -41.51
CA LEU B 134 -5.74 -58.64 -42.06
C LEU B 134 -6.58 -59.80 -42.56
N ALA B 135 -7.87 -59.86 -42.24
CA ALA B 135 -8.71 -60.93 -42.74
C ALA B 135 -8.97 -60.82 -44.24
N PHE B 136 -8.67 -59.68 -44.84
CA PHE B 136 -8.84 -59.49 -46.27
C PHE B 136 -7.57 -59.72 -47.06
N GLY B 137 -6.41 -59.44 -46.48
CA GLY B 137 -5.13 -59.65 -47.14
C GLY B 137 -4.30 -58.41 -47.33
N TYR B 138 -4.72 -57.25 -46.83
CA TYR B 138 -3.95 -56.03 -47.03
C TYR B 138 -2.80 -55.94 -46.03
N TYR B 139 -1.84 -55.08 -46.36
CA TYR B 139 -0.62 -54.94 -45.57
C TYR B 139 -0.69 -53.69 -44.71
N ILE B 140 -0.46 -53.85 -43.42
CA ILE B 140 -0.50 -52.75 -42.46
C ILE B 140 0.91 -52.19 -42.30
N TYR B 141 1.07 -50.88 -42.54
CA TYR B 141 2.37 -50.26 -42.40
C TYR B 141 2.67 -49.81 -40.98
N GLY B 142 1.65 -49.44 -40.22
CA GLY B 142 1.85 -49.11 -38.82
C GLY B 142 0.90 -48.02 -38.36
N TRP B 143 1.01 -47.72 -37.08
CA TRP B 143 0.21 -46.67 -36.43
C TRP B 143 1.04 -45.41 -36.28
N ARG B 144 0.35 -44.29 -36.11
CA ARG B 144 0.99 -43.00 -35.91
C ARG B 144 0.12 -42.17 -34.97
N GLN B 145 0.77 -41.48 -34.02
CA GLN B 145 0.06 -40.65 -33.06
C GLN B 145 0.08 -39.21 -33.54
N VAL B 146 -1.10 -38.65 -33.78
CA VAL B 146 -1.20 -37.30 -34.33
C VAL B 146 -0.73 -36.28 -33.31
N PRO B 147 0.15 -35.35 -33.69
CA PRO B 147 0.57 -34.32 -32.73
C PRO B 147 -0.55 -33.31 -32.50
N ILE B 148 -0.85 -33.05 -31.22
CA ILE B 148 -1.92 -32.16 -30.83
C ILE B 148 -1.39 -31.18 -29.79
N ASN B 149 -2.22 -30.21 -29.42
CA ASN B 149 -1.85 -29.21 -28.42
C ASN B 149 -3.10 -28.94 -27.59
N VAL B 150 -3.09 -29.36 -26.33
CA VAL B 150 -4.30 -29.30 -25.51
C VAL B 150 -4.37 -27.97 -24.79
N ASP B 151 -3.52 -27.02 -25.20
CA ASP B 151 -3.48 -25.72 -24.57
C ASP B 151 -4.71 -24.87 -24.88
N ILE B 152 -5.42 -25.17 -25.97
CA ILE B 152 -6.51 -24.32 -26.41
C ILE B 152 -7.90 -24.84 -26.05
N ILE B 153 -8.01 -26.08 -25.61
CA ILE B 153 -9.30 -26.65 -25.25
C ILE B 153 -9.66 -26.26 -23.83
N GLY B 154 -10.95 -25.99 -23.61
CA GLY B 154 -11.46 -25.68 -22.29
C GLY B 154 -11.50 -26.90 -21.39
N GLU B 155 -12.34 -26.83 -20.35
CA GLU B 155 -12.49 -27.97 -19.45
C GLU B 155 -13.43 -29.01 -20.01
N LYS B 156 -14.71 -28.66 -20.15
CA LYS B 156 -15.73 -29.68 -20.37
C LYS B 156 -15.59 -30.31 -21.75
N ALA B 157 -14.86 -29.66 -22.66
CA ALA B 157 -14.47 -30.27 -23.92
C ALA B 157 -13.18 -31.07 -23.80
N ASN B 158 -12.56 -31.11 -22.62
CA ASN B 158 -11.34 -31.87 -22.40
C ASN B 158 -11.55 -33.11 -21.55
N ALA B 159 -12.61 -33.15 -20.74
CA ALA B 159 -12.88 -34.33 -19.93
C ALA B 159 -13.33 -35.51 -20.77
N THR B 160 -13.78 -35.26 -22.00
CA THR B 160 -14.20 -36.32 -22.91
C THR B 160 -13.35 -36.38 -24.17
N ARG B 161 -12.12 -35.85 -24.09
CA ARG B 161 -11.24 -35.88 -25.25
C ARG B 161 -10.76 -37.30 -25.52
N PRO B 162 -10.94 -37.82 -26.73
CA PRO B 162 -10.46 -39.17 -27.03
C PRO B 162 -9.02 -39.16 -27.51
N GLU B 163 -8.44 -40.35 -27.57
CA GLU B 163 -7.09 -40.53 -28.09
C GLU B 163 -7.15 -40.64 -29.60
N ILE B 164 -6.51 -39.71 -30.30
CA ILE B 164 -6.55 -39.66 -31.75
C ILE B 164 -5.35 -40.40 -32.30
N GLU B 165 -5.60 -41.33 -33.23
CA GLU B 165 -4.52 -42.08 -33.86
C GLU B 165 -4.81 -42.28 -35.33
N GLN B 166 -3.78 -42.68 -36.07
CA GLN B 166 -3.91 -42.96 -37.50
C GLN B 166 -3.29 -44.31 -37.79
N ILE B 167 -3.90 -45.05 -38.72
CA ILE B 167 -3.41 -46.34 -39.15
C ILE B 167 -3.15 -46.26 -40.65
N ILE B 168 -1.99 -46.76 -41.07
CA ILE B 168 -1.56 -46.66 -42.47
C ILE B 168 -1.68 -48.05 -43.09
N VAL B 169 -2.59 -48.18 -44.06
CA VAL B 169 -2.83 -49.44 -44.75
C VAL B 169 -2.44 -49.26 -46.21
N GLY B 170 -1.62 -50.18 -46.71
CA GLY B 170 -1.20 -50.17 -48.10
C GLY B 170 -1.84 -51.33 -48.85
N ASN B 171 -2.01 -51.15 -50.15
CA ASN B 171 -2.63 -52.15 -51.01
C ASN B 171 -1.54 -52.91 -51.75
N ASN B 172 -1.41 -54.20 -51.45
CA ASN B 172 -0.41 -55.04 -52.10
C ASN B 172 -1.00 -56.04 -53.08
N LYS B 173 -2.30 -56.29 -53.03
CA LYS B 173 -2.92 -57.22 -53.97
C LYS B 173 -3.04 -56.66 -55.37
N GLY B 174 -2.75 -55.37 -55.57
CA GLY B 174 -2.82 -54.78 -56.88
C GLY B 174 -4.22 -54.59 -57.42
N VAL B 175 -5.23 -54.55 -56.55
CA VAL B 175 -6.61 -54.36 -56.97
C VAL B 175 -6.81 -52.95 -57.49
N SER B 176 -7.92 -52.71 -58.17
CA SER B 176 -8.22 -51.39 -58.70
C SER B 176 -8.60 -50.44 -57.56
N ASP B 177 -8.99 -49.22 -57.93
CA ASP B 177 -9.36 -48.23 -56.92
C ASP B 177 -10.76 -48.47 -56.39
N GLU B 178 -11.72 -48.76 -57.27
CA GLU B 178 -13.10 -48.95 -56.83
C GLU B 178 -13.22 -50.15 -55.91
N GLN B 179 -12.59 -51.27 -56.28
CA GLN B 179 -12.60 -52.44 -55.41
C GLN B 179 -11.96 -52.12 -54.07
N PHE B 180 -10.85 -51.40 -54.09
CA PHE B 180 -10.16 -51.05 -52.85
C PHE B 180 -11.06 -50.23 -51.94
N GLU B 181 -11.74 -49.23 -52.50
CA GLU B 181 -12.66 -48.42 -51.72
C GLU B 181 -13.80 -49.26 -51.16
N LEU B 182 -14.32 -50.20 -51.97
CA LEU B 182 -15.42 -51.04 -51.51
C LEU B 182 -14.99 -51.90 -50.32
N ASP B 183 -13.83 -52.55 -50.43
CA ASP B 183 -13.36 -53.35 -49.29
C ASP B 183 -13.05 -52.49 -48.08
N LEU B 184 -12.55 -51.27 -48.28
CA LEU B 184 -12.33 -50.39 -47.13
C LEU B 184 -13.63 -50.06 -46.42
N TYR B 185 -14.68 -49.76 -47.18
CA TYR B 185 -15.97 -49.49 -46.55
C TYR B 185 -16.50 -50.71 -45.80
N ILE B 186 -16.41 -51.88 -46.42
CA ILE B 186 -16.90 -53.09 -45.77
C ILE B 186 -16.11 -53.36 -44.48
N ILE B 187 -14.80 -53.13 -44.52
CA ILE B 187 -13.97 -53.33 -43.34
C ILE B 187 -14.37 -52.36 -42.24
N ARG B 188 -14.64 -51.10 -42.60
CA ARG B 188 -15.09 -50.14 -41.60
C ARG B 188 -16.37 -50.60 -40.93
N ARG B 189 -17.35 -51.03 -41.73
CA ARG B 189 -18.63 -51.46 -41.17
C ARG B 189 -18.45 -52.67 -40.25
N ARG B 190 -17.64 -53.63 -40.67
CA ARG B 190 -17.47 -54.83 -39.86
C ARG B 190 -16.73 -54.51 -38.57
N ILE B 191 -15.75 -53.60 -38.63
CA ILE B 191 -15.05 -53.18 -37.41
C ILE B 191 -16.03 -52.52 -36.45
N GLU B 192 -16.89 -51.65 -36.97
CA GLU B 192 -17.89 -51.00 -36.12
C GLU B 192 -18.77 -52.03 -35.44
N LYS B 193 -19.29 -52.99 -36.20
CA LYS B 193 -20.16 -54.01 -35.62
C LYS B 193 -19.43 -54.84 -34.58
N ALA B 194 -18.19 -55.24 -34.87
CA ALA B 194 -17.46 -56.07 -33.93
C ALA B 194 -17.16 -55.33 -32.63
N VAL B 195 -16.77 -54.06 -32.73
CA VAL B 195 -16.50 -53.28 -31.53
C VAL B 195 -17.78 -53.09 -30.72
N LYS B 196 -18.89 -52.83 -31.40
CA LYS B 196 -20.16 -52.70 -30.68
C LYS B 196 -20.57 -54.01 -30.02
N GLY B 197 -20.14 -55.14 -30.60
CA GLY B 197 -20.51 -56.43 -30.02
C GLY B 197 -20.01 -56.61 -28.60
N GLU B 198 -18.79 -56.16 -28.32
CA GLU B 198 -18.24 -56.24 -26.98
C GLU B 198 -18.67 -55.06 -26.11
N GLN B 199 -19.58 -54.22 -26.60
CA GLN B 199 -20.07 -53.05 -25.86
C GLN B 199 -18.92 -52.13 -25.44
N ILE B 200 -17.86 -52.14 -26.23
CA ILE B 200 -16.70 -51.29 -25.97
C ILE B 200 -17.06 -49.87 -26.37
N ASN B 201 -17.14 -48.99 -25.39
CA ASN B 201 -17.55 -47.61 -25.53
C ASN B 201 -16.39 -46.68 -25.87
N ASP B 202 -16.72 -45.43 -26.20
CA ASP B 202 -15.78 -44.35 -26.52
C ASP B 202 -14.97 -44.61 -27.79
N PHE B 203 -15.49 -45.36 -28.75
CA PHE B 203 -14.74 -45.70 -29.95
C PHE B 203 -15.38 -45.07 -31.18
N TYR B 204 -14.55 -44.60 -32.11
CA TYR B 204 -15.08 -43.96 -33.31
C TYR B 204 -14.05 -44.02 -34.42
N ILE B 205 -14.52 -43.93 -35.65
CA ILE B 205 -13.67 -43.91 -36.85
C ILE B 205 -14.08 -42.73 -37.70
N CYS B 206 -13.18 -41.74 -37.83
CA CYS B 206 -13.51 -40.51 -38.55
C CYS B 206 -13.35 -40.65 -40.05
N SER B 207 -12.58 -41.61 -40.52
CA SER B 207 -12.43 -41.89 -41.94
C SER B 207 -11.59 -43.14 -42.12
N LEU B 208 -11.84 -43.86 -43.20
CA LEU B 208 -10.95 -44.94 -43.63
C LEU B 208 -11.11 -45.06 -45.15
N SER B 209 -10.22 -44.40 -45.88
CA SER B 209 -10.32 -44.37 -47.33
C SER B 209 -8.96 -44.04 -47.92
N ALA B 210 -8.84 -44.23 -49.23
CA ALA B 210 -7.63 -43.95 -49.96
C ALA B 210 -7.66 -42.62 -50.67
N ARG B 211 -8.73 -41.86 -50.53
CA ARG B 211 -8.92 -40.63 -51.29
C ARG B 211 -8.95 -39.38 -50.43
N SER B 212 -9.61 -39.42 -49.27
CA SER B 212 -9.84 -38.21 -48.50
C SER B 212 -9.60 -38.47 -47.02
N ILE B 213 -9.38 -37.38 -46.28
CA ILE B 213 -9.14 -37.41 -44.84
C ILE B 213 -9.95 -36.29 -44.19
N ILE B 214 -10.19 -36.44 -42.89
CA ILE B 214 -11.06 -35.55 -42.13
C ILE B 214 -10.36 -35.17 -40.84
N TYR B 215 -10.23 -33.87 -40.59
CA TYR B 215 -9.69 -33.35 -39.34
C TYR B 215 -10.80 -32.56 -38.66
N LYS B 216 -11.32 -33.08 -37.55
CA LYS B 216 -12.44 -32.44 -36.86
C LYS B 216 -12.24 -32.54 -35.36
N GLY B 217 -12.96 -31.69 -34.64
CA GLY B 217 -12.84 -31.70 -33.19
C GLY B 217 -13.83 -30.75 -32.54
N MET B 218 -13.63 -30.54 -31.25
CA MET B 218 -14.50 -29.73 -30.41
C MET B 218 -13.82 -28.45 -29.96
N PHE B 219 -13.08 -27.80 -30.85
CA PHE B 219 -12.39 -26.56 -30.58
C PHE B 219 -13.09 -25.42 -31.31
N LEU B 220 -12.59 -24.21 -31.12
CA LEU B 220 -13.11 -23.07 -31.85
C LEU B 220 -12.73 -23.17 -33.33
N ALA B 221 -13.41 -22.39 -34.16
CA ALA B 221 -13.16 -22.44 -35.59
C ALA B 221 -11.77 -21.91 -35.93
N GLU B 222 -11.37 -20.79 -35.32
CA GLU B 222 -10.10 -20.18 -35.66
C GLU B 222 -8.91 -20.94 -35.10
N GLN B 223 -9.12 -21.80 -34.11
CA GLN B 223 -8.04 -22.54 -33.47
C GLN B 223 -7.84 -23.93 -34.06
N LEU B 224 -8.31 -24.16 -35.28
CA LEU B 224 -8.16 -25.48 -35.88
C LEU B 224 -6.73 -25.76 -36.29
N THR B 225 -6.04 -24.75 -36.85
CA THR B 225 -4.66 -24.93 -37.27
C THR B 225 -3.68 -24.92 -36.09
N THR B 226 -4.15 -24.60 -34.90
CA THR B 226 -3.29 -24.65 -33.71
C THR B 226 -3.38 -26.00 -33.00
N PHE B 227 -4.58 -26.59 -32.96
CA PHE B 227 -4.72 -27.91 -32.38
C PHE B 227 -4.07 -28.97 -33.26
N TYR B 228 -4.23 -28.84 -34.58
CA TYR B 228 -3.67 -29.78 -35.55
C TYR B 228 -2.57 -29.08 -36.34
N PRO B 229 -1.32 -29.09 -35.85
CA PRO B 229 -0.25 -28.44 -36.61
C PRO B 229 0.10 -29.13 -37.91
N ASP B 230 -0.38 -30.36 -38.13
CA ASP B 230 -0.09 -31.07 -39.37
C ASP B 230 -0.54 -30.27 -40.59
N LEU B 231 -1.70 -29.60 -40.48
CA LEU B 231 -2.21 -28.82 -41.59
C LEU B 231 -1.35 -27.61 -41.92
N LEU B 232 -0.41 -27.24 -41.05
CA LEU B 232 0.50 -26.15 -41.35
C LEU B 232 1.67 -26.58 -42.23
N ASP B 233 1.74 -27.84 -42.63
CA ASP B 233 2.84 -28.33 -43.43
C ASP B 233 2.75 -27.78 -44.85
N GLU B 234 3.84 -27.96 -45.59
CA GLU B 234 3.92 -27.51 -46.97
C GLU B 234 3.46 -28.57 -47.97
N ARG B 235 3.34 -29.82 -47.54
CA ARG B 235 3.01 -30.92 -48.44
C ARG B 235 1.53 -31.27 -48.43
N PHE B 236 0.72 -30.57 -47.62
CA PHE B 236 -0.73 -30.79 -47.61
C PHE B 236 -1.36 -29.98 -48.75
N GLU B 237 -1.32 -30.56 -49.94
CA GLU B 237 -1.97 -29.97 -51.10
C GLU B 237 -3.14 -30.84 -51.52
N SER B 238 -4.19 -30.22 -52.03
CA SER B 238 -5.39 -30.91 -52.44
C SER B 238 -5.98 -30.24 -53.66
N ASP B 239 -7.09 -30.80 -54.15
CA ASP B 239 -7.86 -30.22 -55.23
C ASP B 239 -9.29 -29.89 -54.81
N PHE B 240 -9.63 -30.12 -53.55
CA PHE B 240 -10.95 -29.76 -53.03
C PHE B 240 -10.86 -29.72 -51.51
N ALA B 241 -11.78 -28.97 -50.92
CA ALA B 241 -11.82 -28.85 -49.47
C ALA B 241 -13.23 -28.50 -49.02
N ILE B 242 -13.68 -29.13 -47.96
CA ILE B 242 -14.97 -28.82 -47.34
C ILE B 242 -14.73 -28.47 -45.88
N TYR B 243 -15.46 -27.48 -45.38
CA TYR B 243 -15.30 -27.07 -44.00
C TYR B 243 -16.65 -26.77 -43.39
N HIS B 244 -16.77 -27.03 -42.08
CA HIS B 244 -18.05 -26.88 -41.40
C HIS B 244 -17.83 -26.47 -39.95
N GLN B 245 -18.75 -25.64 -39.45
CA GLN B 245 -18.81 -25.31 -38.03
C GLN B 245 -20.27 -25.30 -37.60
N ARG B 246 -20.55 -25.84 -36.42
CA ARG B 246 -21.91 -26.03 -35.97
C ARG B 246 -22.22 -25.15 -34.76
N TYR B 247 -23.50 -25.15 -34.37
CA TYR B 247 -24.03 -24.33 -33.28
C TYR B 247 -24.98 -25.21 -32.49
N SER B 248 -24.47 -25.87 -31.45
CA SER B 248 -25.26 -26.83 -30.70
C SER B 248 -26.13 -26.11 -29.67
N THR B 249 -27.21 -26.78 -29.29
CA THR B 249 -28.18 -26.20 -28.36
C THR B 249 -27.86 -26.47 -26.90
N ASN B 250 -27.05 -27.48 -26.60
CA ASN B 250 -26.68 -27.82 -25.24
C ASN B 250 -25.20 -27.52 -25.01
N THR B 251 -24.75 -27.72 -23.78
CA THR B 251 -23.37 -27.44 -23.38
C THR B 251 -22.67 -28.69 -22.86
N PHE B 252 -22.84 -29.81 -23.56
CA PHE B 252 -22.12 -31.05 -23.26
C PHE B 252 -21.61 -31.62 -24.56
N PRO B 253 -20.34 -31.37 -24.89
CA PRO B 253 -19.84 -31.75 -26.21
C PRO B 253 -19.46 -33.22 -26.29
N THR B 254 -19.74 -33.82 -27.44
CA THR B 254 -19.37 -35.20 -27.74
C THR B 254 -18.58 -35.20 -29.04
N TRP B 255 -17.32 -35.62 -28.95
CA TRP B 255 -16.42 -35.49 -30.10
C TRP B 255 -16.88 -36.24 -31.36
N PRO B 256 -17.45 -37.44 -31.28
CA PRO B 256 -17.88 -38.11 -32.52
C PRO B 256 -19.09 -37.47 -33.19
N LEU B 257 -19.54 -36.33 -32.69
CA LEU B 257 -20.72 -35.65 -33.24
C LEU B 257 -20.38 -34.39 -34.01
N ALA B 258 -19.11 -34.19 -34.35
CA ALA B 258 -18.69 -32.99 -35.08
C ALA B 258 -18.62 -33.29 -36.57
N GLN B 259 -19.14 -32.38 -37.37
CA GLN B 259 -19.10 -32.48 -38.82
C GLN B 259 -17.81 -31.86 -39.34
N PRO B 260 -17.46 -32.07 -40.62
CA PRO B 260 -18.12 -32.78 -41.71
C PRO B 260 -18.11 -34.28 -41.52
N PHE B 261 -19.02 -34.97 -42.19
CA PHE B 261 -19.02 -36.42 -42.19
C PHE B 261 -18.36 -36.97 -43.44
N ARG B 262 -18.23 -38.29 -43.46
CA ARG B 262 -17.66 -39.05 -44.55
C ARG B 262 -18.60 -39.00 -45.74
N MET B 263 -18.26 -38.17 -46.72
CA MET B 263 -19.02 -37.99 -47.96
C MET B 263 -20.32 -37.21 -47.72
N LEU B 264 -20.28 -36.24 -46.81
CA LEU B 264 -21.41 -35.34 -46.57
C LEU B 264 -21.04 -34.19 -45.63
N ALA B 265 -21.74 -33.07 -45.76
CA ALA B 265 -21.64 -31.95 -44.84
C ALA B 265 -22.95 -31.19 -44.90
N HIS B 266 -23.55 -30.93 -43.73
CA HIS B 266 -24.93 -30.46 -43.66
C HIS B 266 -25.02 -29.20 -42.83
N ASN B 267 -25.69 -28.17 -43.37
CA ASN B 267 -26.14 -27.04 -42.58
C ASN B 267 -27.66 -27.01 -42.62
N GLY B 268 -28.26 -26.49 -41.55
CA GLY B 268 -29.70 -26.58 -41.42
C GLY B 268 -30.03 -27.66 -40.41
N GLU B 269 -31.26 -28.18 -40.45
CA GLU B 269 -31.66 -29.15 -39.43
C GLU B 269 -32.89 -29.89 -39.93
N ILE B 270 -32.79 -31.20 -40.02
CA ILE B 270 -33.76 -32.02 -40.73
C ILE B 270 -35.00 -32.22 -39.87
N ASN B 271 -36.18 -32.20 -40.52
CA ASN B 271 -37.44 -32.38 -39.83
C ASN B 271 -37.76 -33.85 -39.59
N THR B 272 -37.92 -34.61 -40.66
CA THR B 272 -38.49 -35.96 -40.61
C THR B 272 -37.37 -36.99 -40.57
N VAL B 273 -37.06 -37.45 -39.35
CA VAL B 273 -36.11 -38.55 -39.19
C VAL B 273 -36.79 -39.68 -38.45
N LYS B 274 -37.80 -39.36 -37.65
CA LYS B 274 -38.55 -40.41 -36.97
C LYS B 274 -39.42 -41.20 -37.93
N GLY B 275 -39.67 -40.67 -39.13
CA GLY B 275 -40.43 -41.37 -40.13
C GLY B 275 -39.55 -42.03 -41.18
N ASN B 276 -38.39 -41.41 -41.46
CA ASN B 276 -37.49 -41.97 -42.46
C ASN B 276 -36.76 -43.19 -41.92
N VAL B 277 -36.41 -43.18 -40.63
CA VAL B 277 -35.77 -44.34 -40.03
C VAL B 277 -36.71 -45.54 -40.05
N ASN B 278 -37.99 -45.30 -39.75
CA ASN B 278 -38.96 -46.39 -39.75
C ASN B 278 -39.14 -46.97 -41.15
N TRP B 279 -39.02 -46.15 -42.19
CA TRP B 279 -39.15 -46.67 -43.53
C TRP B 279 -37.88 -47.36 -43.99
N MET B 280 -36.72 -46.90 -43.51
CA MET B 280 -35.49 -47.63 -43.79
C MET B 280 -35.51 -49.00 -43.12
N LYS B 281 -36.14 -49.10 -41.95
CA LYS B 281 -36.28 -50.39 -41.28
C LYS B 281 -37.09 -51.38 -42.10
N ALA B 282 -37.93 -50.91 -43.02
CA ALA B 282 -38.64 -51.80 -43.92
C ALA B 282 -37.93 -51.98 -45.24
N HIS B 283 -37.18 -50.98 -45.69
CA HIS B 283 -36.44 -51.10 -46.93
C HIS B 283 -35.25 -52.05 -46.79
N GLU B 284 -34.70 -52.18 -45.58
CA GLU B 284 -33.51 -53.02 -45.42
C GLU B 284 -33.78 -54.48 -45.74
N THR B 285 -35.02 -54.95 -45.52
CA THR B 285 -35.31 -56.37 -45.61
C THR B 285 -35.39 -56.90 -47.03
N ARG B 286 -35.22 -56.05 -48.05
CA ARG B 286 -35.26 -56.53 -49.42
C ARG B 286 -34.07 -56.05 -50.26
N MET B 287 -33.29 -55.10 -49.78
CA MET B 287 -32.24 -54.52 -50.60
C MET B 287 -31.05 -55.45 -50.68
N GLU B 288 -30.43 -55.51 -51.86
CA GLU B 288 -29.29 -56.36 -52.13
C GLU B 288 -28.72 -55.98 -53.48
N HIS B 289 -27.41 -56.15 -53.64
CA HIS B 289 -26.72 -55.74 -54.85
C HIS B 289 -25.52 -56.65 -55.07
N PRO B 290 -25.22 -57.00 -56.33
CA PRO B 290 -24.10 -57.92 -56.58
C PRO B 290 -22.73 -57.31 -56.34
N ALA B 291 -22.64 -56.00 -56.17
CA ALA B 291 -21.33 -55.38 -55.91
C ALA B 291 -20.80 -55.79 -54.54
N PHE B 292 -21.68 -55.88 -53.55
CA PHE B 292 -21.25 -56.25 -52.20
C PHE B 292 -21.04 -57.76 -52.09
N GLY B 293 -22.06 -58.54 -52.46
CA GLY B 293 -21.98 -59.99 -52.34
C GLY B 293 -22.47 -60.48 -51.00
N THR B 294 -21.93 -61.60 -50.53
CA THR B 294 -22.32 -62.15 -49.23
C THR B 294 -22.13 -61.12 -48.12
N HIS B 295 -21.11 -60.27 -48.24
CA HIS B 295 -20.84 -59.25 -47.24
C HIS B 295 -22.04 -58.35 -46.98
N MET B 296 -22.98 -58.29 -47.93
CA MET B 296 -24.23 -57.56 -47.71
C MET B 296 -24.85 -57.88 -46.36
N GLN B 297 -24.70 -59.13 -45.90
CA GLN B 297 -25.33 -59.54 -44.65
C GLN B 297 -24.90 -58.67 -43.47
N ASP B 298 -23.68 -58.14 -43.49
CA ASP B 298 -23.21 -57.34 -42.37
C ASP B 298 -23.44 -55.84 -42.56
N LEU B 299 -24.37 -55.46 -43.44
CA LEU B 299 -24.83 -54.08 -43.55
C LEU B 299 -26.33 -53.97 -43.37
N LYS B 300 -26.97 -54.94 -42.71
CA LYS B 300 -28.43 -54.94 -42.63
C LYS B 300 -28.95 -53.82 -41.74
N PRO B 301 -28.48 -53.65 -40.49
CA PRO B 301 -28.92 -52.46 -39.75
C PRO B 301 -28.09 -51.23 -40.14
N VAL B 302 -28.46 -50.61 -41.26
CA VAL B 302 -27.62 -49.58 -41.84
C VAL B 302 -27.54 -48.35 -40.95
N ILE B 303 -28.64 -48.00 -40.29
CA ILE B 303 -28.69 -46.84 -39.41
C ILE B 303 -28.50 -47.35 -37.99
N GLY B 304 -27.30 -47.16 -37.45
CA GLY B 304 -26.99 -47.63 -36.11
C GLY B 304 -27.64 -46.80 -35.02
N VAL B 305 -27.08 -46.84 -33.82
CA VAL B 305 -27.62 -46.13 -32.68
C VAL B 305 -26.61 -45.07 -32.23
N GLY B 306 -27.14 -43.96 -31.73
CA GLY B 306 -26.29 -42.87 -31.28
C GLY B 306 -25.89 -41.91 -32.37
N LEU B 307 -26.74 -41.70 -33.37
CA LEU B 307 -26.48 -40.77 -34.45
C LEU B 307 -27.54 -39.68 -34.46
N SER B 308 -27.18 -38.54 -35.02
CA SER B 308 -28.12 -37.45 -35.23
C SER B 308 -28.78 -37.63 -36.59
N ASP B 309 -29.53 -36.61 -37.04
CA ASP B 309 -30.12 -36.65 -38.37
C ASP B 309 -29.04 -36.58 -39.44
N SER B 310 -28.06 -35.71 -39.26
CA SER B 310 -26.96 -35.57 -40.21
C SER B 310 -26.08 -36.81 -40.24
N GLY B 311 -26.21 -37.72 -39.29
CA GLY B 311 -25.49 -38.97 -39.32
C GLY B 311 -26.23 -40.03 -40.09
N SER B 312 -27.53 -40.14 -39.84
CA SER B 312 -28.33 -41.14 -40.55
C SER B 312 -28.44 -40.81 -42.03
N LEU B 313 -28.68 -39.53 -42.34
CA LEU B 313 -28.69 -39.12 -43.75
C LEU B 313 -27.36 -39.44 -44.40
N ASP B 314 -26.25 -39.19 -43.70
CA ASP B 314 -24.94 -39.46 -44.26
C ASP B 314 -24.74 -40.95 -44.50
N THR B 315 -25.18 -41.79 -43.56
CA THR B 315 -25.04 -43.23 -43.74
C THR B 315 -25.81 -43.72 -44.94
N VAL B 316 -27.07 -43.29 -45.07
CA VAL B 316 -27.86 -43.70 -46.23
C VAL B 316 -27.23 -43.21 -47.52
N PHE B 317 -26.74 -41.97 -47.54
CA PHE B 317 -26.12 -41.42 -48.73
C PHE B 317 -24.89 -42.22 -49.11
N GLU B 318 -24.06 -42.58 -48.13
CA GLU B 318 -22.84 -43.34 -48.41
C GLU B 318 -23.16 -44.72 -48.94
N VAL B 319 -24.15 -45.39 -48.35
CA VAL B 319 -24.53 -46.71 -48.84
C VAL B 319 -25.03 -46.62 -50.27
N MET B 320 -25.84 -45.61 -50.58
CA MET B 320 -26.38 -45.52 -51.93
C MET B 320 -25.32 -45.13 -52.95
N VAL B 321 -24.30 -44.39 -52.52
CA VAL B 321 -23.24 -44.01 -53.44
C VAL B 321 -22.32 -45.20 -53.72
N ARG B 322 -21.96 -45.94 -52.67
CA ARG B 322 -21.01 -47.04 -52.83
C ARG B 322 -21.54 -48.20 -53.65
N ALA B 323 -22.77 -48.14 -54.15
CA ALA B 323 -23.38 -49.25 -54.86
C ALA B 323 -23.57 -48.96 -56.35
N GLY B 324 -23.03 -47.87 -56.86
CA GLY B 324 -23.08 -47.63 -58.29
C GLY B 324 -23.50 -46.25 -58.72
N ARG B 325 -24.38 -45.61 -57.95
CA ARG B 325 -24.86 -44.29 -58.34
C ARG B 325 -23.80 -43.23 -58.09
N THR B 326 -24.06 -42.04 -58.61
CA THR B 326 -23.17 -40.89 -58.46
C THR B 326 -23.80 -39.88 -57.52
N ALA B 327 -22.95 -39.00 -56.98
CA ALA B 327 -23.42 -38.02 -56.00
C ALA B 327 -24.60 -37.18 -56.49
N PRO B 328 -24.62 -36.64 -57.71
CA PRO B 328 -25.82 -35.90 -58.14
C PRO B 328 -27.07 -36.76 -58.17
N MET B 329 -26.96 -38.01 -58.62
CA MET B 329 -28.14 -38.87 -58.68
C MET B 329 -28.67 -39.18 -57.29
N VAL B 330 -27.78 -39.46 -56.33
CA VAL B 330 -28.24 -39.73 -54.99
C VAL B 330 -28.84 -38.48 -54.35
N LYS B 331 -28.24 -37.32 -54.61
CA LYS B 331 -28.81 -36.09 -54.07
C LYS B 331 -30.21 -35.84 -54.63
N MET B 332 -30.41 -36.17 -55.91
CA MET B 332 -31.75 -36.02 -56.49
C MET B 332 -32.71 -37.06 -55.94
N MET B 333 -32.23 -38.27 -55.63
CA MET B 333 -33.11 -39.32 -55.16
C MET B 333 -33.51 -39.13 -53.70
N LEU B 334 -32.66 -38.50 -52.90
CA LEU B 334 -32.96 -38.31 -51.48
C LEU B 334 -33.66 -36.98 -51.22
N VAL B 335 -33.09 -35.89 -51.72
CA VAL B 335 -33.68 -34.57 -51.56
C VAL B 335 -34.11 -34.08 -52.94
N PRO B 336 -35.32 -34.40 -53.38
CA PRO B 336 -35.73 -34.10 -54.75
C PRO B 336 -36.14 -32.64 -54.89
N GLN B 337 -36.49 -32.28 -56.12
CA GLN B 337 -37.05 -30.98 -56.42
C GLN B 337 -38.56 -30.99 -56.22
N ALA B 338 -39.15 -29.79 -56.26
CA ALA B 338 -40.59 -29.64 -56.12
C ALA B 338 -41.23 -29.85 -57.48
N LEU B 339 -41.96 -30.95 -57.63
CA LEU B 339 -42.60 -31.29 -58.91
C LEU B 339 -43.88 -30.48 -59.04
N THR B 340 -43.84 -29.43 -59.85
CA THR B 340 -44.99 -28.57 -60.08
C THR B 340 -45.63 -28.88 -61.43
N SER B 341 -46.93 -28.59 -61.52
CA SER B 341 -47.70 -28.84 -62.75
C SER B 341 -47.72 -27.60 -63.65
N SER B 342 -46.54 -27.10 -63.99
CA SER B 342 -46.40 -25.93 -64.84
C SER B 342 -45.47 -26.24 -66.00
N GLN B 343 -45.52 -25.40 -67.03
CA GLN B 343 -44.79 -25.63 -68.27
C GLN B 343 -43.44 -24.93 -68.31
N THR B 344 -42.81 -24.72 -67.15
CA THR B 344 -41.53 -24.01 -67.08
C THR B 344 -40.33 -24.95 -66.98
N THR B 345 -40.53 -26.25 -67.17
CA THR B 345 -39.41 -27.18 -67.30
C THR B 345 -39.70 -28.15 -68.43
N PRO B 346 -38.67 -28.63 -69.12
CA PRO B 346 -38.88 -29.70 -70.10
C PRO B 346 -39.41 -30.94 -69.41
N ASP B 347 -40.15 -31.74 -70.19
CA ASP B 347 -40.78 -32.94 -69.63
C ASP B 347 -39.75 -33.96 -69.17
N ASN B 348 -38.49 -33.83 -69.61
CA ASN B 348 -37.44 -34.73 -69.18
C ASN B 348 -37.24 -34.66 -67.68
N HIS B 349 -37.05 -33.44 -67.16
CA HIS B 349 -36.89 -33.26 -65.71
C HIS B 349 -38.12 -33.73 -64.96
N LYS B 350 -39.31 -33.53 -65.54
CA LYS B 350 -40.52 -34.00 -64.86
C LYS B 350 -40.55 -35.52 -64.74
N ALA B 351 -40.19 -36.22 -65.81
CA ALA B 351 -40.15 -37.68 -65.74
C ALA B 351 -39.09 -38.14 -64.74
N LEU B 352 -37.93 -37.49 -64.74
CA LEU B 352 -36.87 -37.84 -63.81
C LEU B 352 -37.32 -37.65 -62.36
N ILE B 353 -37.97 -36.53 -62.08
CA ILE B 353 -38.44 -36.26 -60.72
C ILE B 353 -39.54 -37.22 -60.33
N GLN B 354 -40.40 -37.60 -61.29
CA GLN B 354 -41.42 -38.60 -61.00
C GLN B 354 -40.79 -39.92 -60.59
N TYR B 355 -39.80 -40.37 -61.36
CA TYR B 355 -39.10 -41.61 -61.00
C TYR B 355 -38.47 -41.51 -59.61
N CYS B 356 -37.76 -40.41 -59.35
CA CYS B 356 -37.06 -40.26 -58.09
C CYS B 356 -38.03 -40.23 -56.90
N ASN B 357 -39.13 -39.50 -57.05
CA ASN B 357 -40.13 -39.44 -55.97
C ASN B 357 -40.85 -40.77 -55.81
N SER B 358 -40.94 -41.56 -56.88
CA SER B 358 -41.61 -42.85 -56.79
C SER B 358 -40.73 -43.90 -56.11
N VAL B 359 -39.42 -43.80 -56.26
CA VAL B 359 -38.57 -44.86 -55.74
C VAL B 359 -38.27 -44.69 -54.25
N MET B 360 -38.25 -43.46 -53.73
CA MET B 360 -37.80 -43.22 -52.37
C MET B 360 -38.61 -42.10 -51.74
N GLU B 361 -38.69 -42.13 -50.40
CA GLU B 361 -39.32 -41.06 -49.64
C GLU B 361 -38.34 -39.92 -49.44
N PRO B 362 -38.73 -38.67 -49.66
CA PRO B 362 -37.80 -37.55 -49.49
C PRO B 362 -37.41 -37.35 -48.04
N TRP B 363 -36.30 -36.65 -47.85
CA TRP B 363 -35.80 -36.25 -46.53
C TRP B 363 -35.96 -34.74 -46.44
N ASP B 364 -37.12 -34.30 -45.98
CA ASP B 364 -37.46 -32.88 -46.00
C ASP B 364 -36.68 -32.13 -44.92
N GLY B 365 -36.95 -30.83 -44.81
CA GLY B 365 -36.33 -30.00 -43.81
C GLY B 365 -35.33 -29.02 -44.42
N PRO B 366 -35.03 -27.94 -43.69
CA PRO B 366 -34.03 -26.98 -44.16
C PRO B 366 -32.66 -27.64 -44.24
N ALA B 367 -32.06 -27.61 -45.42
CA ALA B 367 -30.80 -28.32 -45.65
C ALA B 367 -30.00 -27.62 -46.74
N ALA B 368 -28.81 -27.15 -46.39
CA ALA B 368 -27.80 -26.72 -47.35
C ALA B 368 -26.68 -27.75 -47.30
N LEU B 369 -26.48 -28.47 -48.40
CA LEU B 369 -25.60 -29.61 -48.43
C LEU B 369 -24.37 -29.32 -49.29
N ALA B 370 -23.22 -29.83 -48.85
CA ALA B 370 -21.97 -29.73 -49.60
C ALA B 370 -21.31 -31.11 -49.51
N MET B 371 -21.59 -31.97 -50.47
CA MET B 371 -21.15 -33.34 -50.44
C MET B 371 -20.13 -33.61 -51.55
N THR B 372 -19.47 -34.75 -51.44
CA THR B 372 -18.42 -35.10 -52.40
C THR B 372 -18.32 -36.61 -52.55
N ASP B 373 -18.42 -37.08 -53.79
CA ASP B 373 -18.03 -38.44 -54.11
C ASP B 373 -16.51 -38.50 -54.26
N GLY B 374 -15.99 -39.67 -54.63
CA GLY B 374 -14.58 -39.75 -54.98
C GLY B 374 -14.23 -38.96 -56.23
N ARG B 375 -15.23 -38.63 -57.06
CA ARG B 375 -15.00 -37.92 -58.30
C ARG B 375 -15.73 -36.58 -58.36
N TRP B 376 -17.00 -36.54 -57.99
CA TRP B 376 -17.80 -35.33 -58.07
C TRP B 376 -17.71 -34.53 -56.77
N VAL B 377 -18.00 -33.23 -56.89
CA VAL B 377 -18.18 -32.36 -55.73
C VAL B 377 -19.44 -31.55 -55.97
N VAL B 378 -20.44 -31.74 -55.11
CA VAL B 378 -21.78 -31.19 -55.33
C VAL B 378 -22.14 -30.26 -54.18
N GLY B 379 -22.79 -29.15 -54.51
CA GLY B 379 -23.40 -28.27 -53.52
C GLY B 379 -24.85 -28.04 -53.86
N GLY B 380 -25.74 -28.34 -52.90
CA GLY B 380 -27.16 -28.37 -53.20
C GLY B 380 -28.00 -27.78 -52.08
N MET B 381 -29.28 -27.58 -52.41
CA MET B 381 -30.26 -26.97 -51.52
C MET B 381 -31.49 -27.86 -51.47
N ASP B 382 -32.36 -27.61 -50.49
CA ASP B 382 -33.54 -28.43 -50.27
C ASP B 382 -34.70 -27.94 -51.14
N ARG B 383 -35.91 -28.42 -50.84
CA ARG B 383 -37.07 -28.10 -51.68
C ARG B 383 -37.47 -26.63 -51.52
N ASN B 384 -37.60 -26.16 -50.28
CA ASN B 384 -38.08 -24.80 -50.06
C ASN B 384 -36.98 -23.76 -50.23
N GLY B 385 -35.71 -24.14 -50.11
CA GLY B 385 -34.64 -23.18 -50.24
C GLY B 385 -34.63 -22.16 -49.12
N LEU B 386 -34.35 -22.63 -47.90
CA LEU B 386 -34.41 -21.76 -46.72
C LEU B 386 -33.03 -21.18 -46.38
N ARG B 387 -32.04 -22.04 -46.22
CA ARG B 387 -30.69 -21.57 -45.94
C ARG B 387 -30.10 -20.90 -47.17
N PRO B 388 -29.13 -20.00 -46.99
CA PRO B 388 -28.49 -19.35 -48.14
C PRO B 388 -27.23 -20.07 -48.58
N MET B 389 -26.95 -19.96 -49.88
CA MET B 389 -25.73 -20.54 -50.46
C MET B 389 -25.31 -19.68 -51.64
N ARG B 390 -24.09 -19.13 -51.58
CA ARG B 390 -23.56 -18.24 -52.58
C ARG B 390 -22.18 -18.71 -53.00
N TYR B 391 -21.90 -18.64 -54.30
CA TYR B 391 -20.64 -19.14 -54.85
C TYR B 391 -19.99 -18.07 -55.72
N THR B 392 -18.78 -18.37 -56.17
CA THR B 392 -17.98 -17.43 -56.95
C THR B 392 -16.92 -18.19 -57.73
N ILE B 393 -16.74 -17.81 -58.99
CA ILE B 393 -15.72 -18.38 -59.86
C ILE B 393 -14.64 -17.32 -60.08
N THR B 394 -13.38 -17.72 -59.93
CA THR B 394 -12.27 -16.83 -60.24
C THR B 394 -11.55 -17.31 -61.49
N THR B 395 -10.74 -16.43 -62.07
CA THR B 395 -10.00 -16.75 -63.29
C THR B 395 -8.94 -17.81 -63.09
N ASP B 396 -8.67 -18.24 -61.86
CA ASP B 396 -7.70 -19.28 -61.60
C ASP B 396 -8.29 -20.69 -61.70
N GLY B 397 -9.48 -20.82 -62.27
CA GLY B 397 -10.16 -22.11 -62.30
C GLY B 397 -10.51 -22.56 -60.91
N LEU B 398 -11.01 -21.64 -60.09
CA LEU B 398 -11.27 -21.90 -58.68
C LEU B 398 -12.68 -21.47 -58.34
N ILE B 399 -13.46 -22.38 -57.78
CA ILE B 399 -14.82 -22.09 -57.34
C ILE B 399 -14.87 -22.14 -55.83
N ILE B 400 -15.49 -21.13 -55.23
CA ILE B 400 -15.62 -21.00 -53.78
C ILE B 400 -17.08 -20.78 -53.45
N GLY B 401 -17.66 -21.66 -52.65
CA GLY B 401 -19.05 -21.53 -52.25
C GLY B 401 -19.19 -21.65 -50.76
N GLY B 402 -20.22 -20.98 -50.24
CA GLY B 402 -20.45 -21.01 -48.81
C GLY B 402 -21.70 -20.27 -48.44
N SER B 403 -21.93 -20.16 -47.13
CA SER B 403 -23.12 -19.48 -46.62
C SER B 403 -22.97 -17.96 -46.62
N GLU B 404 -21.75 -17.45 -46.74
CA GLU B 404 -21.51 -16.01 -46.79
C GLU B 404 -20.56 -15.69 -47.93
N THR B 405 -20.80 -14.56 -48.59
CA THR B 405 -20.07 -14.20 -49.80
C THR B 405 -18.85 -13.33 -49.53
N GLY B 406 -18.37 -13.28 -48.29
CA GLY B 406 -17.22 -12.46 -47.98
C GLY B 406 -16.22 -13.15 -47.07
N MET B 407 -16.17 -14.48 -47.13
CA MET B 407 -15.30 -15.23 -46.23
C MET B 407 -13.86 -15.22 -46.72
N VAL B 408 -13.64 -15.43 -48.02
CA VAL B 408 -12.30 -15.45 -48.60
C VAL B 408 -12.05 -14.14 -49.32
N LYS B 409 -10.92 -13.51 -49.00
CA LYS B 409 -10.56 -12.23 -49.61
C LYS B 409 -10.16 -12.44 -51.07
N ILE B 410 -10.90 -11.81 -51.98
CA ILE B 410 -10.66 -11.92 -53.41
C ILE B 410 -10.99 -10.59 -54.06
N ASP B 411 -10.06 -10.07 -54.85
CA ASP B 411 -10.29 -8.80 -55.55
C ASP B 411 -11.20 -9.00 -56.74
N GLU B 412 -12.02 -7.97 -57.02
CA GLU B 412 -13.00 -8.09 -58.09
C GLU B 412 -12.37 -8.12 -59.46
N THR B 413 -11.07 -7.84 -59.57
CA THR B 413 -10.34 -8.02 -60.83
C THR B 413 -9.94 -9.46 -61.07
N GLN B 414 -10.50 -10.39 -60.29
CA GLN B 414 -10.23 -11.81 -60.45
C GLN B 414 -11.51 -12.62 -60.65
N VAL B 415 -12.68 -12.02 -60.50
CA VAL B 415 -13.93 -12.76 -60.52
C VAL B 415 -14.40 -12.90 -61.95
N ILE B 416 -15.24 -13.91 -62.18
CA ILE B 416 -15.86 -14.13 -63.47
C ILE B 416 -17.38 -14.09 -63.37
N GLU B 417 -17.93 -14.71 -62.33
CA GLU B 417 -19.38 -14.74 -62.15
C GLU B 417 -19.69 -14.98 -60.68
N LYS B 418 -20.63 -14.22 -60.14
CA LYS B 418 -21.20 -14.48 -58.83
C LYS B 418 -22.62 -15.01 -58.98
N GLY B 419 -23.02 -15.88 -58.06
CA GLY B 419 -24.32 -16.51 -58.20
C GLY B 419 -24.86 -16.96 -56.86
N ARG B 420 -25.95 -17.72 -56.94
CA ARG B 420 -26.64 -18.22 -55.76
C ARG B 420 -27.23 -19.58 -56.11
N LEU B 421 -27.98 -20.15 -55.17
CA LEU B 421 -28.65 -21.44 -55.38
C LEU B 421 -30.10 -21.30 -54.96
N GLY B 422 -31.01 -21.46 -55.91
CA GLY B 422 -32.42 -21.38 -55.64
C GLY B 422 -32.95 -22.64 -55.00
N PRO B 423 -34.27 -22.73 -54.85
CA PRO B 423 -34.86 -23.92 -54.23
C PRO B 423 -34.73 -25.13 -55.13
N GLY B 424 -34.13 -26.19 -54.60
CA GLY B 424 -33.95 -27.42 -55.35
C GLY B 424 -32.79 -27.43 -56.32
N GLU B 425 -32.04 -26.34 -56.42
CA GLU B 425 -30.95 -26.28 -57.37
C GLU B 425 -29.72 -27.02 -56.83
N MET B 426 -28.71 -27.13 -57.69
CA MET B 426 -27.45 -27.77 -57.33
C MET B 426 -26.39 -27.34 -58.32
N ILE B 427 -25.14 -27.37 -57.86
CA ILE B 427 -23.98 -27.05 -58.71
C ILE B 427 -22.93 -28.13 -58.49
N ALA B 428 -22.37 -28.65 -59.58
CA ALA B 428 -21.46 -29.78 -59.50
C ALA B 428 -20.15 -29.47 -60.18
N VAL B 429 -19.10 -30.14 -59.73
CA VAL B 429 -17.78 -30.05 -60.33
C VAL B 429 -17.26 -31.48 -60.51
N ASP B 430 -16.88 -31.81 -61.74
CA ASP B 430 -16.31 -33.11 -62.07
C ASP B 430 -14.80 -32.96 -62.08
N LEU B 431 -14.13 -33.65 -61.17
CA LEU B 431 -12.67 -33.54 -61.04
C LEU B 431 -11.94 -34.45 -62.02
N GLN B 432 -12.53 -35.59 -62.37
CA GLN B 432 -11.86 -36.52 -63.27
C GLN B 432 -11.62 -35.89 -64.64
N SER B 433 -12.63 -35.20 -65.18
CA SER B 433 -12.49 -34.50 -66.44
C SER B 433 -12.31 -32.99 -66.27
N GLY B 434 -12.50 -32.48 -65.05
CA GLY B 434 -12.31 -31.06 -64.80
C GLY B 434 -13.33 -30.19 -65.49
N LYS B 435 -14.59 -30.28 -65.08
CA LYS B 435 -15.65 -29.46 -65.66
C LYS B 435 -16.57 -28.95 -64.57
N LEU B 436 -17.32 -27.91 -64.90
CA LEU B 436 -18.22 -27.24 -63.96
C LEU B 436 -19.62 -27.23 -64.53
N TYR B 437 -20.55 -27.94 -63.88
CA TYR B 437 -21.93 -28.03 -64.32
C TYR B 437 -22.80 -27.17 -63.41
N ARG B 438 -23.51 -26.22 -64.00
CA ARG B 438 -24.49 -25.43 -63.28
C ARG B 438 -25.79 -26.24 -63.16
N ASP B 439 -26.87 -25.58 -62.74
CA ASP B 439 -28.12 -26.28 -62.49
C ASP B 439 -28.66 -26.93 -63.76
N ARG B 440 -28.99 -26.12 -64.76
CA ARG B 440 -29.68 -26.64 -65.94
C ARG B 440 -28.81 -27.61 -66.72
N GLU B 441 -27.53 -27.29 -66.89
CA GLU B 441 -26.64 -28.19 -67.61
C GLU B 441 -26.55 -29.54 -66.92
N LEU B 442 -26.45 -29.54 -65.59
CA LEU B 442 -26.41 -30.79 -64.85
C LEU B 442 -27.71 -31.56 -64.98
N LYS B 443 -28.84 -30.87 -64.98
CA LYS B 443 -30.13 -31.55 -65.15
C LYS B 443 -30.22 -32.21 -66.53
N ASP B 444 -29.85 -31.49 -67.58
CA ASP B 444 -29.88 -32.09 -68.91
C ASP B 444 -28.91 -33.25 -69.03
N HIS B 445 -27.73 -33.13 -68.43
CA HIS B 445 -26.76 -34.23 -68.48
C HIS B 445 -27.21 -35.42 -67.65
N LEU B 446 -28.02 -35.21 -66.63
CA LEU B 446 -28.47 -36.30 -65.78
C LEU B 446 -29.72 -36.98 -66.35
N ALA B 447 -30.54 -36.26 -67.10
CA ALA B 447 -31.75 -36.81 -67.68
C ALA B 447 -31.50 -37.56 -68.98
N THR B 448 -30.27 -37.98 -69.23
CA THR B 448 -29.91 -38.67 -70.46
C THR B 448 -29.49 -40.13 -70.23
N LEU B 449 -29.05 -40.46 -69.02
CA LEU B 449 -28.50 -41.79 -68.75
C LEU B 449 -29.51 -42.89 -69.09
N LYS B 450 -30.74 -42.75 -68.61
CA LYS B 450 -31.75 -43.79 -68.79
C LYS B 450 -33.00 -43.22 -69.42
N PRO B 451 -33.75 -44.04 -70.16
CA PRO B 451 -35.03 -43.59 -70.75
C PRO B 451 -36.16 -43.50 -69.72
N TRP B 452 -36.19 -42.37 -69.02
CA TRP B 452 -37.17 -42.19 -67.95
C TRP B 452 -38.59 -42.08 -68.49
N ASP B 453 -38.76 -41.38 -69.62
CA ASP B 453 -40.10 -41.14 -70.15
C ASP B 453 -40.81 -42.44 -70.50
N LYS B 454 -40.08 -43.37 -71.12
CA LYS B 454 -40.66 -44.67 -71.47
C LYS B 454 -40.94 -45.51 -70.23
N TRP B 455 -40.21 -45.27 -69.14
CA TRP B 455 -40.40 -46.06 -67.93
C TRP B 455 -41.60 -45.58 -67.12
N VAL B 456 -41.78 -44.25 -67.05
CA VAL B 456 -42.82 -43.68 -66.20
C VAL B 456 -44.21 -44.09 -66.68
N GLN B 457 -44.36 -44.38 -67.97
CA GLN B 457 -45.67 -44.68 -68.54
C GLN B 457 -46.30 -45.93 -67.97
N ASN B 458 -45.60 -46.64 -67.09
CA ASN B 458 -46.16 -47.82 -66.43
C ASN B 458 -47.12 -47.45 -65.30
N THR B 459 -47.17 -46.20 -64.89
CA THR B 459 -48.04 -45.80 -63.80
C THR B 459 -49.50 -45.77 -64.24
N THR B 460 -50.39 -46.18 -63.36
CA THR B 460 -51.82 -46.18 -63.61
C THR B 460 -52.54 -45.40 -62.51
N HIS B 461 -53.49 -44.57 -62.91
CA HIS B 461 -54.21 -43.72 -61.97
C HIS B 461 -55.53 -44.38 -61.56
N LEU B 462 -56.38 -43.63 -60.87
CA LEU B 462 -57.65 -44.18 -60.42
C LEU B 462 -58.87 -43.48 -60.96
N ASP B 463 -58.79 -42.17 -61.27
CA ASP B 463 -59.93 -41.52 -61.91
C ASP B 463 -60.28 -42.20 -63.23
N GLU B 464 -59.28 -42.65 -63.99
CA GLU B 464 -59.57 -43.48 -65.15
C GLU B 464 -60.35 -44.71 -64.73
N LEU B 465 -59.92 -45.36 -63.65
CA LEU B 465 -60.59 -46.57 -63.19
C LEU B 465 -61.99 -46.28 -62.65
N VAL B 466 -62.18 -45.15 -61.97
CA VAL B 466 -63.51 -44.85 -61.44
C VAL B 466 -64.44 -44.39 -62.56
N LYS B 467 -63.89 -43.92 -63.68
CA LYS B 467 -64.74 -43.55 -64.81
C LYS B 467 -65.13 -44.77 -65.63
N THR B 468 -64.20 -45.70 -65.84
CA THR B 468 -64.61 -46.99 -66.40
C THR B 468 -65.53 -47.75 -65.48
N ALA B 469 -65.46 -47.51 -64.17
CA ALA B 469 -66.38 -48.12 -63.22
C ALA B 469 -67.80 -47.64 -63.51
N SER B 470 -68.68 -48.56 -63.88
CA SER B 470 -70.04 -48.20 -64.27
C SER B 470 -70.82 -47.67 -63.08
N LEU B 471 -71.89 -46.93 -63.39
CA LEU B 471 -72.79 -46.38 -62.38
C LEU B 471 -73.84 -47.43 -61.98
N LYS B 472 -73.33 -48.58 -61.55
CA LYS B 472 -74.17 -49.69 -61.16
C LYS B 472 -73.59 -50.36 -59.93
N GLY B 473 -74.45 -51.04 -59.18
CA GLY B 473 -74.03 -51.79 -58.02
C GLY B 473 -73.96 -51.02 -56.71
N GLU B 474 -74.48 -49.80 -56.68
CA GLU B 474 -74.49 -49.03 -55.45
C GLU B 474 -75.52 -49.59 -54.49
N PRO B 475 -75.17 -49.84 -53.23
CA PRO B 475 -76.14 -50.42 -52.29
C PRO B 475 -77.14 -49.39 -51.81
N SER B 476 -78.21 -49.88 -51.20
CA SER B 476 -79.27 -49.03 -50.69
C SER B 476 -78.85 -48.36 -49.39
N ASP B 477 -79.38 -47.16 -49.15
CA ASP B 477 -78.99 -46.38 -47.98
C ASP B 477 -79.40 -47.09 -46.70
N MET B 478 -78.64 -46.81 -45.63
CA MET B 478 -78.95 -47.36 -44.33
C MET B 478 -80.19 -46.72 -43.75
N ASP B 479 -80.84 -47.45 -42.85
CA ASP B 479 -82.00 -46.94 -42.17
C ASP B 479 -81.62 -45.85 -41.17
N LYS B 480 -82.58 -44.95 -40.91
CA LYS B 480 -82.32 -43.86 -39.98
C LYS B 480 -82.05 -44.37 -38.57
N ALA B 481 -82.82 -45.36 -38.12
CA ALA B 481 -82.62 -45.92 -36.79
C ALA B 481 -81.26 -46.60 -36.68
N GLU B 482 -80.87 -47.36 -37.71
CA GLU B 482 -79.56 -47.99 -37.68
C GLU B 482 -78.44 -46.96 -37.65
N LEU B 483 -78.58 -45.89 -38.43
CA LEU B 483 -77.58 -44.84 -38.44
C LEU B 483 -77.46 -44.18 -37.07
N ARG B 484 -78.60 -43.89 -36.43
CA ARG B 484 -78.55 -43.27 -35.10
C ARG B 484 -77.96 -44.21 -34.07
N ARG B 485 -78.28 -45.51 -34.16
CA ARG B 485 -77.72 -46.44 -33.20
C ARG B 485 -76.22 -46.59 -33.37
N ARG B 486 -75.73 -46.56 -34.62
CA ARG B 486 -74.30 -46.65 -34.83
C ARG B 486 -73.60 -45.36 -34.43
N GLN B 487 -74.24 -44.21 -34.62
CA GLN B 487 -73.62 -42.95 -34.23
C GLN B 487 -73.57 -42.80 -32.71
N GLN B 488 -74.61 -43.24 -32.02
CA GLN B 488 -74.61 -43.19 -30.56
C GLN B 488 -73.55 -44.08 -29.96
N ALA B 489 -73.19 -45.17 -30.65
CA ALA B 489 -72.19 -46.10 -30.14
C ALA B 489 -70.81 -45.46 -30.04
N PHE B 490 -70.54 -44.42 -30.82
CA PHE B 490 -69.25 -43.76 -30.81
C PHE B 490 -69.28 -42.42 -30.08
N GLY B 491 -70.45 -41.96 -29.65
CA GLY B 491 -70.55 -40.74 -28.90
C GLY B 491 -70.65 -39.48 -29.71
N LEU B 492 -71.25 -39.54 -30.90
CA LEU B 492 -71.41 -38.36 -31.74
C LEU B 492 -72.69 -37.63 -31.37
N THR B 493 -72.56 -36.34 -31.11
CA THR B 493 -73.69 -35.50 -30.74
C THR B 493 -74.11 -34.65 -31.93
N MET B 494 -75.28 -34.00 -31.80
CA MET B 494 -75.77 -33.15 -32.87
C MET B 494 -74.92 -31.90 -33.07
N GLU B 495 -74.20 -31.46 -32.04
CA GLU B 495 -73.29 -30.34 -32.22
C GLU B 495 -72.07 -30.73 -33.03
N ASP B 496 -71.79 -32.03 -33.17
CA ASP B 496 -70.75 -32.48 -34.08
C ASP B 496 -71.21 -32.47 -35.53
N MET B 497 -72.49 -32.22 -35.78
CA MET B 497 -73.03 -32.20 -37.13
C MET B 497 -73.51 -30.83 -37.57
N GLU B 498 -73.90 -29.96 -36.63
CA GLU B 498 -74.35 -28.62 -36.96
C GLU B 498 -73.23 -27.59 -36.91
N LEU B 499 -72.14 -27.89 -36.21
CA LEU B 499 -71.06 -26.93 -36.02
C LEU B 499 -69.82 -27.25 -36.83
N ILE B 500 -69.38 -28.51 -36.87
CA ILE B 500 -68.14 -28.87 -37.53
C ILE B 500 -68.35 -29.74 -38.75
N LEU B 501 -69.58 -30.12 -39.07
CA LEU B 501 -69.89 -30.86 -40.30
C LEU B 501 -70.60 -30.02 -41.34
N HIS B 502 -71.53 -29.16 -40.92
CA HIS B 502 -72.25 -28.32 -41.87
C HIS B 502 -71.32 -27.35 -42.61
N PRO B 503 -70.41 -26.61 -41.96
CA PRO B 503 -69.56 -25.70 -42.73
C PRO B 503 -68.68 -26.40 -43.75
N MET B 504 -68.24 -27.63 -43.49
CA MET B 504 -67.39 -28.33 -44.45
C MET B 504 -68.13 -28.55 -45.75
N VAL B 505 -69.31 -29.18 -45.69
CA VAL B 505 -70.06 -29.46 -46.91
C VAL B 505 -70.74 -28.23 -47.49
N GLU B 506 -70.89 -27.16 -46.71
CA GLU B 506 -71.52 -25.95 -47.21
C GLU B 506 -70.55 -24.98 -47.86
N ASP B 507 -69.32 -24.94 -47.39
CA ASP B 507 -68.40 -23.86 -47.71
C ASP B 507 -67.13 -24.32 -48.40
N GLY B 508 -66.61 -25.48 -48.03
CA GLY B 508 -65.31 -25.91 -48.48
C GLY B 508 -64.18 -25.63 -47.51
N LYS B 509 -64.49 -25.10 -46.33
CA LYS B 509 -63.48 -24.83 -45.32
C LYS B 509 -63.99 -25.26 -43.96
N GLU B 510 -63.15 -25.09 -42.95
CA GLU B 510 -63.39 -25.67 -41.65
C GLU B 510 -63.98 -24.65 -40.69
N ALA B 511 -64.37 -25.13 -39.51
CA ALA B 511 -65.01 -24.29 -38.52
C ALA B 511 -63.99 -23.34 -37.89
N ILE B 512 -64.51 -22.37 -37.13
CA ILE B 512 -63.68 -21.35 -36.50
C ILE B 512 -64.22 -21.07 -35.11
N GLY B 513 -63.33 -21.06 -34.12
CA GLY B 513 -63.68 -20.68 -32.76
C GLY B 513 -62.86 -19.49 -32.30
N SER B 514 -63.28 -18.81 -31.24
CA SER B 514 -62.61 -17.57 -30.86
C SER B 514 -62.43 -17.47 -29.36
N MET B 515 -62.02 -18.56 -28.72
CA MET B 515 -61.70 -18.50 -27.30
C MET B 515 -60.93 -19.76 -26.92
N GLY B 516 -60.22 -19.69 -25.81
CA GLY B 516 -59.39 -20.79 -25.37
C GLY B 516 -60.20 -22.02 -24.99
N ASP B 517 -59.47 -23.10 -24.75
CA ASP B 517 -60.06 -24.39 -24.43
C ASP B 517 -59.99 -24.61 -22.92
N ASP B 518 -61.15 -24.56 -22.26
CA ASP B 518 -61.25 -24.80 -20.83
C ASP B 518 -61.85 -26.16 -20.51
N SER B 519 -61.83 -27.05 -21.45
CA SER B 519 -62.34 -28.39 -21.23
C SER B 519 -61.34 -29.23 -20.44
N PRO B 520 -61.80 -30.19 -19.65
CA PRO B 520 -60.87 -31.07 -18.93
C PRO B 520 -60.08 -31.93 -19.91
N ILE B 521 -58.91 -32.38 -19.45
CA ILE B 521 -58.07 -33.25 -20.26
C ILE B 521 -58.73 -34.62 -20.35
N ALA B 522 -58.27 -35.45 -21.27
CA ALA B 522 -59.02 -36.66 -21.63
C ALA B 522 -59.11 -37.64 -20.48
N VAL B 523 -58.01 -37.81 -19.73
CA VAL B 523 -58.00 -38.85 -18.69
C VAL B 523 -58.85 -38.43 -17.50
N LEU B 524 -58.85 -37.14 -17.16
CA LEU B 524 -59.60 -36.69 -16.00
C LEU B 524 -61.08 -36.47 -16.29
N SER B 525 -61.50 -36.54 -17.55
CA SER B 525 -62.90 -36.35 -17.86
C SER B 525 -63.69 -37.59 -17.47
N ASP B 526 -65.01 -37.50 -17.62
CA ASP B 526 -65.89 -38.57 -17.17
C ASP B 526 -66.84 -39.11 -18.24
N LYS B 527 -67.01 -38.40 -19.35
CA LYS B 527 -67.84 -38.89 -20.44
C LYS B 527 -67.00 -39.81 -21.33
N TYR B 528 -67.53 -40.16 -22.50
CA TYR B 528 -66.80 -41.00 -23.44
C TYR B 528 -66.02 -40.10 -24.39
N ARG B 529 -64.73 -39.93 -24.12
CA ARG B 529 -63.84 -39.22 -25.03
C ARG B 529 -63.11 -40.24 -25.90
N GLY B 530 -63.22 -40.04 -27.22
CA GLY B 530 -62.59 -40.97 -28.15
C GLY B 530 -61.09 -41.04 -27.95
N LEU B 531 -60.51 -42.12 -28.46
CA LEU B 531 -59.07 -42.33 -28.31
C LEU B 531 -58.25 -41.29 -29.05
N HIS B 532 -58.83 -40.60 -30.03
CA HIS B 532 -58.10 -39.59 -30.78
C HIS B 532 -58.00 -38.27 -30.02
N HIS B 533 -58.52 -38.19 -28.80
CA HIS B 533 -58.34 -37.00 -27.98
C HIS B 533 -57.09 -37.06 -27.11
N PHE B 534 -56.48 -38.23 -26.97
CA PHE B 534 -55.29 -38.38 -26.15
C PHE B 534 -54.02 -37.99 -26.88
N PHE B 535 -54.09 -37.66 -28.17
CA PHE B 535 -52.92 -37.39 -28.99
C PHE B 535 -52.88 -35.90 -29.33
N ARG B 536 -51.93 -35.19 -28.73
CA ARG B 536 -51.70 -33.80 -29.08
C ARG B 536 -50.75 -33.71 -30.26
N GLN B 537 -50.97 -32.71 -31.10
CA GLN B 537 -50.17 -32.52 -32.30
C GLN B 537 -48.82 -31.92 -31.97
N ASN B 538 -47.98 -31.80 -33.00
CA ASN B 538 -46.63 -31.26 -32.87
C ASN B 538 -46.48 -29.99 -33.70
N PHE B 539 -45.42 -29.26 -33.41
CA PHE B 539 -45.10 -28.03 -34.13
C PHE B 539 -43.61 -27.77 -33.96
N SER B 540 -43.14 -26.61 -34.43
CA SER B 540 -41.72 -26.31 -34.48
C SER B 540 -41.47 -24.94 -33.87
N GLN B 541 -40.67 -24.91 -32.81
CA GLN B 541 -40.11 -23.66 -32.30
C GLN B 541 -38.90 -23.28 -33.14
N VAL B 542 -38.09 -22.35 -32.61
CA VAL B 542 -37.10 -21.62 -33.40
C VAL B 542 -36.24 -22.56 -34.24
N THR B 543 -35.96 -23.75 -33.73
CA THR B 543 -35.02 -24.65 -34.40
C THR B 543 -35.45 -25.02 -35.82
N ASN B 544 -36.74 -24.95 -36.12
CA ASN B 544 -37.25 -25.25 -37.45
C ASN B 544 -38.36 -24.26 -37.78
N PRO B 545 -38.45 -23.84 -39.04
CA PRO B 545 -39.53 -22.95 -39.43
C PRO B 545 -40.74 -23.73 -39.89
N PRO B 546 -41.94 -23.36 -39.44
CA PRO B 546 -43.15 -23.94 -40.01
C PRO B 546 -43.33 -23.48 -41.45
N ILE B 547 -43.97 -24.32 -42.25
CA ILE B 547 -44.16 -24.08 -43.67
C ILE B 547 -45.51 -23.41 -43.85
N ASP B 548 -45.49 -22.16 -44.31
CA ASP B 548 -46.72 -21.52 -44.75
C ASP B 548 -47.30 -22.30 -45.93
N SER B 549 -48.62 -22.34 -46.01
CA SER B 549 -49.29 -23.21 -46.97
C SER B 549 -50.35 -22.53 -47.82
N LEU B 550 -50.85 -21.36 -47.41
CA LEU B 550 -51.85 -20.68 -48.23
C LEU B 550 -51.22 -19.98 -49.43
N ARG B 551 -49.90 -19.91 -49.49
CA ARG B 551 -49.20 -19.26 -50.60
C ARG B 551 -48.28 -20.21 -51.34
N GLU B 552 -47.45 -20.97 -50.64
CA GLU B 552 -46.63 -22.01 -51.27
C GLU B 552 -47.31 -23.37 -51.19
N ARG B 553 -48.52 -23.41 -51.73
CA ARG B 553 -49.25 -24.68 -51.85
C ARG B 553 -48.79 -25.49 -53.04
N ARG B 554 -47.84 -24.97 -53.83
CA ARG B 554 -47.34 -25.69 -54.99
C ARG B 554 -46.25 -26.69 -54.65
N VAL B 555 -45.64 -26.58 -53.47
CA VAL B 555 -44.55 -27.47 -53.09
C VAL B 555 -45.01 -28.57 -52.15
N MET B 556 -46.30 -28.59 -51.81
CA MET B 556 -46.87 -29.61 -50.93
C MET B 556 -47.64 -30.61 -51.78
N SER B 557 -47.33 -31.90 -51.61
CA SER B 557 -47.94 -32.95 -52.40
C SER B 557 -48.62 -33.96 -51.47
N LEU B 558 -49.72 -34.52 -51.94
CA LEU B 558 -50.48 -35.54 -51.21
C LEU B 558 -50.56 -36.85 -51.99
N LYS B 559 -49.55 -37.13 -52.81
CA LYS B 559 -49.59 -38.32 -53.64
C LYS B 559 -49.48 -39.57 -52.79
N THR B 560 -50.22 -40.62 -53.19
CA THR B 560 -50.17 -41.90 -52.50
C THR B 560 -49.93 -42.99 -53.54
N ARG B 561 -49.09 -43.96 -53.19
CA ARG B 561 -48.73 -45.03 -54.13
C ARG B 561 -48.86 -46.37 -53.45
N LEU B 562 -49.62 -47.27 -54.08
CA LEU B 562 -49.78 -48.65 -53.62
C LEU B 562 -49.01 -49.57 -54.55
N GLY B 563 -48.34 -50.56 -53.98
CA GLY B 563 -47.43 -51.40 -54.73
C GLY B 563 -46.11 -50.73 -55.04
N ASN B 564 -45.52 -50.06 -54.06
CA ASN B 564 -44.38 -49.18 -54.26
C ASN B 564 -43.08 -49.73 -53.69
N LEU B 565 -43.11 -50.21 -52.44
CA LEU B 565 -41.88 -50.59 -51.77
C LEU B 565 -41.21 -51.78 -52.47
N GLY B 566 -39.90 -51.72 -52.55
CA GLY B 566 -39.14 -52.78 -53.17
C GLY B 566 -37.66 -52.59 -52.96
N ASN B 567 -36.87 -53.11 -53.90
CA ASN B 567 -35.42 -52.93 -53.84
C ASN B 567 -35.09 -51.49 -54.21
N ILE B 568 -34.35 -50.80 -53.32
CA ILE B 568 -33.98 -49.42 -53.56
C ILE B 568 -32.61 -49.29 -54.22
N LEU B 569 -31.92 -50.40 -54.46
CA LEU B 569 -30.61 -50.38 -55.09
C LEU B 569 -30.65 -50.92 -56.51
N ASP B 570 -31.75 -50.68 -57.21
CA ASP B 570 -31.97 -51.22 -58.55
C ASP B 570 -32.34 -50.10 -59.50
N GLU B 571 -32.40 -50.44 -60.78
CA GLU B 571 -32.80 -49.49 -61.82
C GLU B 571 -33.40 -50.30 -62.97
N ASP B 572 -34.72 -50.31 -63.07
CA ASP B 572 -35.42 -51.03 -64.13
C ASP B 572 -36.85 -50.52 -64.20
N GLU B 573 -37.56 -50.95 -65.25
CA GLU B 573 -38.92 -50.48 -65.48
C GLU B 573 -39.91 -51.04 -64.47
N THR B 574 -39.60 -52.19 -63.85
CA THR B 574 -40.54 -52.78 -62.89
C THR B 574 -40.64 -51.99 -61.60
N GLN B 575 -39.75 -51.02 -61.37
CA GLN B 575 -39.77 -50.23 -60.15
C GLN B 575 -40.86 -49.16 -60.17
N THR B 576 -41.36 -48.79 -61.34
CA THR B 576 -42.37 -47.75 -61.48
C THR B 576 -43.70 -48.30 -62.00
N ARG B 577 -44.06 -49.51 -61.60
CA ARG B 577 -45.32 -50.12 -61.98
C ARG B 577 -46.13 -50.30 -60.71
N LEU B 578 -47.08 -49.39 -60.48
CA LEU B 578 -47.82 -49.33 -59.24
C LEU B 578 -49.15 -48.64 -59.49
N LEU B 579 -49.94 -48.47 -58.43
CA LEU B 579 -51.18 -47.71 -58.49
C LEU B 579 -50.97 -46.39 -57.76
N GLN B 580 -51.50 -45.31 -58.33
CA GLN B 580 -51.28 -43.97 -57.79
C GLN B 580 -52.60 -43.27 -57.54
N LEU B 581 -52.78 -42.77 -56.32
CA LEU B 581 -53.93 -41.97 -55.94
C LEU B 581 -53.50 -40.55 -55.62
N GLU B 582 -54.42 -39.62 -55.83
CA GLU B 582 -54.16 -38.20 -55.70
C GLU B 582 -54.36 -37.68 -54.28
N SER B 583 -54.89 -38.51 -53.39
CA SER B 583 -55.16 -38.12 -52.01
C SER B 583 -55.37 -39.37 -51.18
N PRO B 584 -54.85 -39.41 -49.94
CA PRO B 584 -54.99 -40.62 -49.13
C PRO B 584 -56.41 -40.87 -48.66
N VAL B 585 -57.29 -39.89 -48.73
CA VAL B 585 -58.69 -40.05 -48.32
C VAL B 585 -59.51 -40.46 -49.53
N LEU B 586 -60.31 -41.51 -49.38
CA LEU B 586 -61.13 -42.03 -50.45
C LEU B 586 -62.61 -42.00 -50.06
N THR B 587 -63.45 -41.78 -51.06
CA THR B 587 -64.89 -41.84 -50.86
C THR B 587 -65.33 -43.31 -50.94
N THR B 588 -66.64 -43.55 -50.97
CA THR B 588 -67.11 -44.93 -51.04
C THR B 588 -67.02 -45.49 -52.45
N ALA B 589 -67.42 -44.69 -53.45
CA ALA B 589 -67.32 -45.16 -54.83
C ALA B 589 -65.87 -45.38 -55.24
N GLU B 590 -64.99 -44.46 -54.87
CA GLU B 590 -63.57 -44.64 -55.16
C GLU B 590 -63.01 -45.86 -54.44
N PHE B 591 -63.46 -46.10 -53.21
CA PHE B 591 -63.01 -47.28 -52.49
C PHE B 591 -63.48 -48.55 -53.17
N ARG B 592 -64.71 -48.56 -53.70
CA ARG B 592 -65.19 -49.75 -54.38
C ARG B 592 -64.47 -49.97 -55.71
N ALA B 593 -64.12 -48.89 -56.40
CA ALA B 593 -63.34 -49.03 -57.63
C ALA B 593 -61.93 -49.55 -57.33
N MET B 594 -61.29 -49.02 -56.30
CA MET B 594 -59.98 -49.52 -55.91
C MET B 594 -60.05 -50.96 -55.43
N ARG B 595 -61.13 -51.32 -54.75
CA ARG B 595 -61.30 -52.72 -54.33
C ARG B 595 -61.53 -53.62 -55.53
N ASP B 596 -62.20 -53.10 -56.57
CA ASP B 596 -62.26 -53.81 -57.84
C ASP B 596 -60.86 -54.07 -58.39
N TYR B 597 -60.02 -53.03 -58.44
CA TYR B 597 -58.69 -53.21 -59.01
C TYR B 597 -57.88 -54.19 -58.18
N MET B 598 -57.98 -54.12 -56.85
CA MET B 598 -57.27 -55.04 -55.98
C MET B 598 -57.81 -56.45 -56.17
N GLY B 599 -59.05 -56.69 -55.76
CA GLY B 599 -59.75 -57.91 -56.05
C GLY B 599 -59.22 -59.17 -55.40
N ASP B 600 -58.68 -60.03 -56.24
CA ASP B 600 -58.35 -61.41 -55.89
C ASP B 600 -57.00 -61.56 -55.18
N THR B 601 -56.38 -60.48 -54.74
CA THR B 601 -55.16 -60.57 -53.95
C THR B 601 -55.30 -60.02 -52.53
N ALA B 602 -56.36 -59.27 -52.25
CA ALA B 602 -56.51 -58.60 -50.97
C ALA B 602 -57.16 -59.53 -49.93
N ALA B 603 -56.92 -59.20 -48.66
CA ALA B 603 -57.48 -59.95 -47.54
C ALA B 603 -58.09 -58.98 -46.55
N GLU B 604 -59.34 -59.25 -46.15
CA GLU B 604 -60.05 -58.43 -45.17
C GLU B 604 -59.88 -59.01 -43.78
N ILE B 605 -59.86 -58.14 -42.78
CA ILE B 605 -59.62 -58.51 -41.40
C ILE B 605 -60.73 -57.92 -40.54
N ASP B 606 -61.30 -58.72 -39.65
CA ASP B 606 -62.28 -58.22 -38.70
C ASP B 606 -61.58 -57.43 -37.60
N ALA B 607 -62.28 -56.43 -37.08
CA ALA B 607 -61.73 -55.56 -36.05
C ALA B 607 -62.75 -55.34 -34.94
N THR B 608 -63.50 -56.38 -34.59
CA THR B 608 -64.50 -56.32 -33.55
C THR B 608 -64.23 -57.40 -32.52
N PHE B 609 -64.65 -57.15 -31.28
CA PHE B 609 -64.47 -58.12 -30.23
C PHE B 609 -65.78 -58.39 -29.49
N PRO B 610 -66.01 -59.61 -29.03
CA PRO B 610 -67.26 -59.92 -28.35
C PRO B 610 -67.38 -59.18 -27.04
N VAL B 611 -68.58 -58.64 -26.78
CA VAL B 611 -68.81 -57.85 -25.58
C VAL B 611 -68.76 -58.72 -24.34
N ASP B 612 -69.14 -60.00 -24.45
CA ASP B 612 -69.18 -60.92 -23.33
C ASP B 612 -67.91 -61.74 -23.20
N GLY B 613 -66.80 -61.31 -23.81
CA GLY B 613 -65.58 -62.10 -23.76
C GLY B 613 -65.00 -62.17 -22.37
N GLY B 614 -65.19 -61.14 -21.56
CA GLY B 614 -64.69 -61.12 -20.21
C GLY B 614 -63.81 -59.92 -19.94
N PRO B 615 -63.03 -59.98 -18.86
CA PRO B 615 -62.19 -58.84 -18.48
C PRO B 615 -60.99 -58.62 -19.40
N GLU B 616 -60.66 -59.57 -20.26
CA GLU B 616 -59.47 -59.49 -21.10
C GLU B 616 -59.82 -59.81 -22.56
N ALA B 617 -60.88 -59.19 -23.05
CA ALA B 617 -61.34 -59.44 -24.41
C ALA B 617 -60.60 -58.60 -25.44
N LEU B 618 -60.32 -57.34 -25.13
CA LEU B 618 -59.68 -56.45 -26.09
C LEU B 618 -58.26 -56.91 -26.41
N ARG B 619 -57.51 -57.33 -25.38
CA ARG B 619 -56.17 -57.84 -25.61
C ARG B 619 -56.19 -59.08 -26.49
N ASP B 620 -57.12 -60.00 -26.23
CA ASP B 620 -57.22 -61.20 -27.06
C ASP B 620 -57.58 -60.86 -28.50
N ALA B 621 -58.47 -59.88 -28.69
CA ALA B 621 -58.81 -59.47 -30.05
C ALA B 621 -57.61 -58.88 -30.76
N LEU B 622 -56.83 -58.04 -30.07
CA LEU B 622 -55.61 -57.50 -30.65
C LEU B 622 -54.65 -58.61 -31.05
N ARG B 623 -54.42 -59.57 -30.15
CA ARG B 623 -53.57 -60.71 -30.44
C ARG B 623 -54.06 -61.45 -31.69
N ARG B 624 -55.36 -61.71 -31.74
CA ARG B 624 -55.92 -62.50 -32.85
C ARG B 624 -55.72 -61.78 -34.17
N ILE B 625 -56.03 -60.49 -34.22
CA ILE B 625 -55.94 -59.78 -35.50
C ILE B 625 -54.48 -59.64 -35.93
N ARG B 626 -53.57 -59.39 -34.97
CA ARG B 626 -52.18 -59.25 -35.38
C ARG B 626 -51.53 -60.57 -35.70
N GLN B 627 -52.14 -61.70 -35.31
CA GLN B 627 -51.67 -62.98 -35.80
C GLN B 627 -52.25 -63.31 -37.17
N GLU B 628 -53.54 -63.06 -37.38
CA GLU B 628 -54.14 -63.34 -38.68
C GLU B 628 -53.52 -62.49 -39.78
N THR B 629 -53.19 -61.23 -39.47
CA THR B 629 -52.58 -60.37 -40.48
C THR B 629 -51.25 -60.95 -40.96
N GLU B 630 -50.41 -61.38 -40.01
CA GLU B 630 -49.14 -61.97 -40.38
C GLU B 630 -49.32 -63.28 -41.13
N ASP B 631 -50.26 -64.12 -40.69
CA ASP B 631 -50.47 -65.41 -41.36
C ASP B 631 -51.05 -65.24 -42.75
N ALA B 632 -51.77 -64.14 -42.99
CA ALA B 632 -52.33 -63.91 -44.32
C ALA B 632 -51.33 -63.24 -45.26
N VAL B 633 -50.48 -62.35 -44.73
CA VAL B 633 -49.48 -61.71 -45.57
C VAL B 633 -48.47 -62.72 -46.09
N ARG B 634 -48.05 -63.66 -45.23
CA ARG B 634 -47.14 -64.72 -45.65
C ARG B 634 -47.75 -65.63 -46.71
N GLY B 635 -49.07 -65.63 -46.86
CA GLY B 635 -49.76 -66.48 -47.81
C GLY B 635 -49.86 -65.90 -49.20
N GLY B 636 -49.22 -64.77 -49.47
CA GLY B 636 -49.22 -64.18 -50.79
C GLY B 636 -50.06 -62.92 -50.93
N ALA B 637 -50.78 -62.52 -49.89
CA ALA B 637 -51.62 -61.33 -49.97
C ALA B 637 -50.75 -60.08 -50.03
N THR B 638 -51.23 -59.08 -50.77
CA THR B 638 -50.52 -57.82 -50.92
C THR B 638 -51.34 -56.62 -50.47
N HIS B 639 -52.55 -56.83 -49.95
CA HIS B 639 -53.39 -55.73 -49.52
C HIS B 639 -54.24 -56.18 -48.35
N VAL B 640 -54.19 -55.42 -47.26
CA VAL B 640 -54.92 -55.74 -46.03
C VAL B 640 -55.95 -54.65 -45.79
N ILE B 641 -57.21 -55.03 -45.73
CA ILE B 641 -58.31 -54.11 -45.47
C ILE B 641 -58.82 -54.39 -44.06
N LEU B 642 -58.69 -53.40 -43.19
CA LEU B 642 -59.02 -53.56 -41.77
C LEU B 642 -60.35 -52.84 -41.52
N THR B 643 -61.43 -53.62 -41.43
CA THR B 643 -62.76 -53.06 -41.30
C THR B 643 -63.39 -53.44 -39.96
N ASP B 644 -64.22 -52.54 -39.45
CA ASP B 644 -65.11 -52.81 -38.34
C ASP B 644 -66.56 -52.92 -38.81
N GLU B 645 -66.75 -53.43 -40.03
CA GLU B 645 -68.05 -53.43 -40.67
C GLU B 645 -69.07 -54.35 -39.99
N ALA B 646 -68.63 -55.33 -39.22
CA ALA B 646 -69.53 -56.29 -38.59
C ALA B 646 -69.92 -55.89 -37.17
N MET B 647 -69.90 -54.60 -36.86
CA MET B 647 -70.26 -54.16 -35.52
C MET B 647 -71.75 -54.32 -35.28
N GLY B 648 -72.11 -55.05 -34.23
CA GLY B 648 -73.49 -55.33 -33.93
C GLY B 648 -73.79 -55.31 -32.46
N PRO B 649 -75.00 -55.73 -32.08
CA PRO B 649 -75.41 -55.68 -30.66
C PRO B 649 -74.63 -56.60 -29.75
N ALA B 650 -73.81 -57.51 -30.29
CA ALA B 650 -73.02 -58.42 -29.48
C ALA B 650 -71.53 -58.32 -29.74
N ARG B 651 -71.10 -57.43 -30.65
CA ARG B 651 -69.68 -57.26 -30.96
C ARG B 651 -69.36 -55.77 -30.92
N ALA B 652 -68.51 -55.38 -29.97
CA ALA B 652 -68.07 -54.00 -29.92
C ALA B 652 -66.92 -53.77 -30.89
N ALA B 653 -66.72 -52.51 -31.26
CA ALA B 653 -65.73 -52.16 -32.27
C ALA B 653 -64.42 -51.77 -31.59
N ILE B 654 -63.32 -52.34 -32.09
CA ILE B 654 -61.99 -51.95 -31.63
C ILE B 654 -61.69 -50.53 -32.13
N PRO B 655 -61.15 -49.64 -31.30
CA PRO B 655 -60.77 -48.32 -31.80
C PRO B 655 -59.78 -48.44 -32.94
N ALA B 656 -60.12 -47.79 -34.07
CA ALA B 656 -59.34 -47.99 -35.29
C ALA B 656 -57.87 -47.61 -35.11
N ILE B 657 -57.59 -46.58 -34.30
CA ILE B 657 -56.21 -46.16 -34.08
C ILE B 657 -55.40 -47.30 -33.47
N LEU B 658 -55.92 -47.91 -32.42
CA LEU B 658 -55.21 -49.01 -31.77
C LEU B 658 -54.99 -50.17 -32.72
N ALA B 659 -56.02 -50.49 -33.52
CA ALA B 659 -55.91 -51.61 -34.45
C ALA B 659 -54.82 -51.36 -35.48
N THR B 660 -54.86 -50.21 -36.15
CA THR B 660 -53.85 -49.95 -37.17
C THR B 660 -52.46 -49.81 -36.56
N GLY B 661 -52.36 -49.28 -35.34
CA GLY B 661 -51.06 -49.22 -34.69
C GLY B 661 -50.48 -50.58 -34.44
N ALA B 662 -51.27 -51.47 -33.84
CA ALA B 662 -50.79 -52.82 -33.56
C ALA B 662 -50.40 -53.53 -34.86
N VAL B 663 -51.24 -53.43 -35.89
CA VAL B 663 -50.97 -54.15 -37.13
C VAL B 663 -49.71 -53.61 -37.80
N HIS B 664 -49.59 -52.29 -37.91
CA HIS B 664 -48.42 -51.72 -38.57
C HIS B 664 -47.15 -52.03 -37.81
N THR B 665 -47.18 -51.94 -36.49
CA THR B 665 -45.98 -52.23 -35.71
C THR B 665 -45.57 -53.68 -35.86
N HIS B 666 -46.55 -54.60 -35.82
CA HIS B 666 -46.23 -56.01 -35.97
C HIS B 666 -45.67 -56.30 -37.36
N LEU B 667 -46.21 -55.66 -38.39
CA LEU B 667 -45.70 -55.88 -39.74
C LEU B 667 -44.29 -55.34 -39.89
N ILE B 668 -43.98 -54.22 -39.23
CA ILE B 668 -42.62 -53.69 -39.27
C ILE B 668 -41.67 -54.63 -38.54
N ARG B 669 -42.09 -55.16 -37.39
CA ARG B 669 -41.21 -56.00 -36.58
C ARG B 669 -41.02 -57.39 -37.17
N SER B 670 -41.85 -57.79 -38.13
CA SER B 670 -41.78 -59.12 -38.73
C SER B 670 -41.23 -59.10 -40.14
N ASN B 671 -40.70 -57.95 -40.60
CA ASN B 671 -40.11 -57.83 -41.93
C ASN B 671 -41.12 -58.18 -43.02
N LEU B 672 -42.34 -57.66 -42.87
CA LEU B 672 -43.39 -57.88 -43.85
C LEU B 672 -44.10 -56.61 -44.29
N ARG B 673 -43.88 -55.47 -43.63
CA ARG B 673 -44.52 -54.23 -44.05
C ARG B 673 -44.10 -53.83 -45.45
N THR B 674 -42.90 -54.24 -45.88
CA THR B 674 -42.42 -53.95 -47.22
C THR B 674 -43.22 -54.65 -48.31
N PHE B 675 -44.10 -55.60 -47.95
CA PHE B 675 -44.80 -56.39 -48.95
C PHE B 675 -46.17 -55.86 -49.30
N THR B 676 -46.94 -55.40 -48.32
CA THR B 676 -48.34 -55.08 -48.52
C THR B 676 -48.60 -53.59 -48.29
N SER B 677 -49.86 -53.22 -48.34
CA SER B 677 -50.36 -51.90 -47.99
C SER B 677 -51.27 -52.05 -46.78
N LEU B 678 -51.93 -50.95 -46.40
CA LEU B 678 -52.75 -50.98 -45.19
C LEU B 678 -53.91 -50.00 -45.40
N ASN B 679 -55.10 -50.55 -45.64
CA ASN B 679 -56.31 -49.77 -45.87
C ASN B 679 -57.25 -49.93 -44.68
N VAL B 680 -57.83 -48.83 -44.23
CA VAL B 680 -58.67 -48.81 -43.04
C VAL B 680 -60.05 -48.28 -43.40
N ARG B 681 -61.07 -49.03 -43.02
CA ARG B 681 -62.45 -48.57 -43.06
C ARG B 681 -62.89 -48.28 -41.64
N THR B 682 -63.21 -47.01 -41.35
CA THR B 682 -63.58 -46.60 -40.02
C THR B 682 -64.99 -46.03 -40.01
N ALA B 683 -65.62 -46.09 -38.83
CA ALA B 683 -66.96 -45.57 -38.64
C ALA B 683 -67.01 -44.36 -37.72
N GLU B 684 -65.87 -43.90 -37.22
CA GLU B 684 -65.82 -42.77 -36.31
C GLU B 684 -65.24 -41.52 -36.95
N GLY B 685 -64.61 -41.62 -38.11
CA GLY B 685 -63.95 -40.49 -38.73
C GLY B 685 -64.91 -39.40 -39.18
N LEU B 686 -64.89 -38.27 -38.48
CA LEU B 686 -65.72 -37.13 -38.84
C LEU B 686 -64.97 -35.81 -38.85
N ASP B 687 -63.87 -35.69 -38.11
CA ASP B 687 -63.10 -34.45 -38.05
C ASP B 687 -61.73 -34.67 -38.69
N THR B 688 -61.10 -33.56 -39.06
CA THR B 688 -59.81 -33.62 -39.75
C THR B 688 -58.67 -34.09 -38.85
N HIS B 689 -58.90 -34.20 -37.54
CA HIS B 689 -57.86 -34.68 -36.64
C HIS B 689 -57.80 -36.20 -36.57
N TYR B 690 -58.86 -36.89 -36.99
CA TYR B 690 -58.85 -38.34 -37.06
C TYR B 690 -57.91 -38.82 -38.17
N PHE B 691 -58.14 -38.33 -39.39
CA PHE B 691 -57.33 -38.77 -40.52
C PHE B 691 -55.86 -38.47 -40.30
N ALA B 692 -55.56 -37.33 -39.67
CA ALA B 692 -54.16 -36.99 -39.40
C ALA B 692 -53.49 -38.06 -38.55
N VAL B 693 -54.11 -38.43 -37.43
CA VAL B 693 -53.47 -39.39 -36.55
C VAL B 693 -53.45 -40.79 -37.17
N LEU B 694 -54.48 -41.14 -37.96
CA LEU B 694 -54.46 -42.44 -38.61
C LEU B 694 -53.31 -42.53 -39.62
N ILE B 695 -53.13 -41.52 -40.45
CA ILE B 695 -52.04 -41.56 -41.41
C ILE B 695 -50.70 -41.44 -40.69
N GLY B 696 -50.66 -40.78 -39.54
CA GLY B 696 -49.43 -40.72 -38.78
C GLY B 696 -49.06 -42.03 -38.13
N VAL B 697 -50.05 -42.86 -37.84
CA VAL B 697 -49.77 -44.15 -37.23
C VAL B 697 -49.20 -45.13 -38.26
N GLY B 698 -49.63 -45.04 -39.51
CA GLY B 698 -49.08 -45.91 -40.53
C GLY B 698 -50.02 -46.37 -41.62
N ALA B 699 -51.30 -46.06 -41.50
CA ALA B 699 -52.27 -46.44 -42.52
C ALA B 699 -51.93 -45.79 -43.86
N THR B 700 -52.27 -46.48 -44.93
CA THR B 700 -52.01 -45.96 -46.27
C THR B 700 -53.19 -45.12 -46.78
N THR B 701 -54.38 -45.73 -46.85
CA THR B 701 -55.59 -45.02 -47.20
C THR B 701 -56.61 -45.16 -46.08
N VAL B 702 -57.52 -44.20 -45.99
CA VAL B 702 -58.54 -44.17 -44.95
C VAL B 702 -59.88 -43.93 -45.62
N ASN B 703 -60.88 -44.75 -45.26
CA ASN B 703 -62.24 -44.60 -45.77
C ASN B 703 -63.19 -44.39 -44.61
N ALA B 704 -63.97 -43.31 -44.67
CA ALA B 704 -64.96 -42.98 -43.64
C ALA B 704 -66.33 -43.04 -44.30
N TYR B 705 -67.06 -44.13 -44.07
CA TYR B 705 -68.34 -44.34 -44.71
C TYR B 705 -69.52 -43.81 -43.88
N LEU B 706 -69.40 -43.82 -42.56
CA LEU B 706 -70.50 -43.31 -41.73
C LEU B 706 -70.68 -41.82 -41.92
N ALA B 707 -69.59 -41.08 -42.09
CA ALA B 707 -69.70 -39.65 -42.34
C ALA B 707 -70.39 -39.37 -43.66
N GLN B 708 -70.08 -40.15 -44.70
CA GLN B 708 -70.76 -39.97 -45.98
C GLN B 708 -72.23 -40.33 -45.88
N GLU B 709 -72.55 -41.39 -45.13
CA GLU B 709 -73.96 -41.72 -44.91
C GLU B 709 -74.70 -40.59 -44.20
N ALA B 710 -74.05 -39.98 -43.20
CA ALA B 710 -74.67 -38.86 -42.51
C ALA B 710 -74.86 -37.67 -43.44
N ILE B 711 -73.88 -37.41 -44.31
CA ILE B 711 -74.00 -36.33 -45.27
C ILE B 711 -75.20 -36.57 -46.19
N ALA B 712 -75.31 -37.80 -46.70
CA ALA B 712 -76.43 -38.11 -47.59
C ALA B 712 -77.76 -37.98 -46.87
N GLU B 713 -77.84 -38.47 -45.63
CA GLU B 713 -79.10 -38.39 -44.88
C GLU B 713 -79.47 -36.94 -44.59
N ARG B 714 -78.48 -36.09 -44.31
CA ARG B 714 -78.77 -34.69 -44.08
C ARG B 714 -79.14 -33.97 -45.36
N HIS B 715 -78.66 -34.47 -46.51
CA HIS B 715 -79.00 -33.84 -47.77
C HIS B 715 -80.40 -34.21 -48.22
N ARG B 716 -80.82 -35.46 -48.00
CA ARG B 716 -82.15 -35.86 -48.45
C ARG B 716 -83.26 -35.12 -47.73
N ARG B 717 -82.99 -34.59 -46.53
CA ARG B 717 -83.99 -33.83 -45.80
C ARG B 717 -84.10 -32.39 -46.28
N GLY B 718 -83.30 -31.99 -47.27
CA GLY B 718 -83.34 -30.63 -47.77
C GLY B 718 -82.78 -29.63 -46.80
N LEU B 719 -81.54 -29.82 -46.38
CA LEU B 719 -80.88 -28.92 -45.45
C LEU B 719 -79.79 -28.07 -46.09
N PHE B 720 -79.20 -28.53 -47.19
CA PHE B 720 -78.16 -27.77 -47.87
C PHE B 720 -78.70 -26.82 -48.92
N GLY B 721 -79.97 -26.96 -49.30
CA GLY B 721 -80.55 -26.07 -50.28
C GLY B 721 -80.75 -26.71 -51.64
N SER B 722 -79.95 -26.30 -52.62
CA SER B 722 -80.09 -26.75 -54.00
C SER B 722 -78.81 -27.38 -54.53
N MET B 723 -77.86 -27.71 -53.67
CA MET B 723 -76.66 -28.27 -54.26
C MET B 723 -76.76 -29.79 -54.37
N PRO B 724 -76.19 -30.36 -55.42
CA PRO B 724 -76.22 -31.82 -55.57
C PRO B 724 -75.42 -32.54 -54.49
N LEU B 725 -75.46 -33.87 -54.50
CA LEU B 725 -74.71 -34.64 -53.51
C LEU B 725 -73.24 -34.73 -53.88
N GLU B 726 -72.94 -34.85 -55.17
CA GLU B 726 -71.55 -34.96 -55.60
C GLU B 726 -70.77 -33.68 -55.30
N LYS B 727 -71.40 -32.52 -55.47
CA LYS B 727 -70.74 -31.27 -55.11
C LYS B 727 -70.46 -31.21 -53.62
N GLY B 728 -71.40 -31.69 -52.80
CA GLY B 728 -71.16 -31.72 -51.37
C GLY B 728 -70.01 -32.63 -50.99
N MET B 729 -69.95 -33.82 -51.61
CA MET B 729 -68.85 -34.73 -51.31
C MET B 729 -67.51 -34.14 -51.77
N ALA B 730 -67.50 -33.47 -52.92
CA ALA B 730 -66.28 -32.83 -53.39
C ALA B 730 -65.83 -31.74 -52.44
N ASN B 731 -66.77 -30.93 -51.95
CA ASN B 731 -66.42 -29.88 -51.00
C ASN B 731 -65.89 -30.48 -49.70
N TYR B 732 -66.50 -31.57 -49.23
CA TYR B 732 -66.03 -32.21 -48.02
C TYR B 732 -64.61 -32.75 -48.19
N LYS B 733 -64.34 -33.39 -49.32
CA LYS B 733 -63.00 -33.92 -49.55
C LYS B 733 -61.98 -32.79 -49.67
N LYS B 734 -62.35 -31.69 -50.33
CA LYS B 734 -61.41 -30.57 -50.45
C LYS B 734 -61.11 -29.97 -49.09
N ALA B 735 -62.13 -29.81 -48.24
CA ALA B 735 -61.90 -29.30 -46.90
C ALA B 735 -61.01 -30.23 -46.09
N ILE B 736 -61.25 -31.54 -46.21
CA ILE B 736 -60.43 -32.51 -45.47
C ILE B 736 -58.97 -32.43 -45.93
N ASP B 737 -58.74 -32.34 -47.24
CA ASP B 737 -57.37 -32.26 -47.73
C ASP B 737 -56.70 -30.96 -47.31
N ASP B 738 -57.43 -29.85 -47.32
CA ASP B 738 -56.85 -28.59 -46.87
C ASP B 738 -56.48 -28.65 -45.39
N GLY B 739 -57.35 -29.22 -44.57
CA GLY B 739 -57.03 -29.37 -43.15
C GLY B 739 -55.87 -30.31 -42.92
N LEU B 740 -55.77 -31.37 -43.70
CA LEU B 740 -54.62 -32.27 -43.60
C LEU B 740 -53.34 -31.55 -43.95
N LEU B 741 -53.36 -30.73 -45.00
CA LEU B 741 -52.18 -29.95 -45.35
C LEU B 741 -51.82 -28.97 -44.25
N LYS B 742 -52.83 -28.37 -43.62
CA LYS B 742 -52.56 -27.46 -42.50
C LYS B 742 -51.89 -28.20 -41.35
N ILE B 743 -52.41 -29.37 -40.99
CA ILE B 743 -51.81 -30.13 -39.90
C ILE B 743 -50.41 -30.57 -40.25
N MET B 744 -50.18 -30.93 -41.52
CA MET B 744 -48.86 -31.37 -41.94
C MET B 744 -47.87 -30.21 -42.00
N SER B 745 -48.36 -28.99 -42.16
CA SER B 745 -47.49 -27.83 -42.31
C SER B 745 -47.11 -27.19 -40.98
N LYS B 746 -47.76 -27.55 -39.88
CA LYS B 746 -47.37 -27.01 -38.58
C LYS B 746 -45.97 -27.46 -38.19
N MET B 747 -45.50 -28.59 -38.72
CA MET B 747 -44.21 -29.15 -38.33
C MET B 747 -43.09 -28.85 -39.32
N GLY B 748 -43.41 -28.65 -40.58
CA GLY B 748 -42.40 -28.43 -41.60
C GLY B 748 -42.27 -29.53 -42.63
N ILE B 749 -43.26 -30.41 -42.74
CA ILE B 749 -43.23 -31.52 -43.69
C ILE B 749 -44.12 -31.16 -44.87
N SER B 750 -43.57 -31.27 -46.08
CA SER B 750 -44.28 -30.86 -47.29
C SER B 750 -44.72 -32.02 -48.16
N VAL B 751 -44.48 -33.26 -47.74
CA VAL B 751 -44.91 -34.44 -48.49
C VAL B 751 -45.52 -35.45 -47.52
N ILE B 752 -46.57 -36.13 -47.96
CA ILE B 752 -47.26 -37.07 -47.09
C ILE B 752 -46.52 -38.39 -46.96
N SER B 753 -45.70 -38.76 -47.96
CA SER B 753 -45.03 -40.05 -47.92
C SER B 753 -44.02 -40.13 -46.79
N SER B 754 -43.36 -39.02 -46.48
CA SER B 754 -42.41 -38.98 -45.38
C SER B 754 -43.05 -38.69 -44.04
N TYR B 755 -44.33 -38.30 -44.03
CA TYR B 755 -45.08 -38.08 -42.80
C TYR B 755 -45.81 -39.33 -42.32
N ARG B 756 -46.09 -40.26 -43.22
CA ARG B 756 -46.86 -41.43 -42.87
C ARG B 756 -46.02 -42.40 -42.03
N GLY B 757 -46.63 -42.91 -40.96
CA GLY B 757 -45.96 -43.90 -40.13
C GLY B 757 -44.79 -43.35 -39.35
N GLY B 758 -44.74 -42.04 -39.14
CA GLY B 758 -43.66 -41.44 -38.39
C GLY B 758 -44.02 -41.16 -36.95
N GLY B 759 -45.32 -41.03 -36.69
CA GLY B 759 -45.79 -40.77 -35.34
C GLY B 759 -45.36 -39.40 -34.84
N ASN B 760 -45.86 -38.35 -35.47
CA ASN B 760 -45.56 -36.98 -35.07
C ASN B 760 -46.65 -36.45 -34.14
N PHE B 761 -46.80 -37.14 -33.01
CA PHE B 761 -47.81 -36.81 -32.02
C PHE B 761 -47.22 -37.08 -30.63
N GLU B 762 -47.95 -36.67 -29.60
CA GLU B 762 -47.62 -37.08 -28.24
C GLU B 762 -48.87 -37.53 -27.51
N ALA B 763 -48.80 -38.67 -26.85
CA ALA B 763 -49.90 -39.19 -26.06
C ALA B 763 -49.75 -38.75 -24.61
N ILE B 764 -50.72 -37.99 -24.12
CA ILE B 764 -50.74 -37.54 -22.74
C ILE B 764 -51.87 -38.27 -22.03
N GLY B 765 -51.51 -39.17 -21.13
CA GLY B 765 -52.48 -39.94 -20.38
C GLY B 765 -52.62 -41.39 -20.79
N LEU B 766 -51.67 -41.94 -21.54
CA LEU B 766 -51.66 -43.34 -21.89
C LEU B 766 -50.51 -44.04 -21.20
N SER B 767 -50.70 -45.32 -20.90
CA SER B 767 -49.69 -46.08 -20.18
C SER B 767 -48.40 -46.16 -21.00
N ARG B 768 -47.27 -46.11 -20.30
CA ARG B 768 -45.99 -46.24 -20.98
C ARG B 768 -45.88 -47.57 -21.71
N ALA B 769 -46.43 -48.63 -21.12
CA ALA B 769 -46.37 -49.95 -21.75
C ALA B 769 -47.15 -49.97 -23.05
N LEU B 770 -48.39 -49.48 -23.03
CA LEU B 770 -49.23 -49.51 -24.22
C LEU B 770 -48.59 -48.73 -25.36
N VAL B 771 -48.11 -47.52 -25.06
CA VAL B 771 -47.51 -46.68 -26.10
C VAL B 771 -46.22 -47.31 -26.62
N ALA B 772 -45.34 -47.72 -25.71
CA ALA B 772 -44.06 -48.28 -26.13
C ALA B 772 -44.21 -49.65 -26.80
N GLU B 773 -45.36 -50.29 -26.68
CA GLU B 773 -45.56 -51.60 -27.29
C GLU B 773 -46.31 -51.53 -28.61
N HIS B 774 -47.33 -50.67 -28.73
CA HIS B 774 -48.15 -50.64 -29.94
C HIS B 774 -47.86 -49.44 -30.84
N PHE B 775 -47.20 -48.41 -30.34
CA PHE B 775 -46.96 -47.24 -31.17
C PHE B 775 -45.47 -47.05 -31.43
N PRO B 776 -45.09 -46.64 -32.65
CA PRO B 776 -43.67 -46.63 -33.02
C PRO B 776 -42.79 -45.76 -32.15
N ALA B 777 -43.05 -44.45 -32.11
CA ALA B 777 -42.17 -43.53 -31.41
C ALA B 777 -43.00 -42.37 -30.86
N MET B 778 -43.46 -42.52 -29.62
CA MET B 778 -44.11 -41.47 -28.88
C MET B 778 -43.69 -41.58 -27.42
N VAL B 779 -43.68 -40.43 -26.73
CA VAL B 779 -43.25 -40.37 -25.35
C VAL B 779 -44.46 -40.05 -24.49
N SER B 780 -44.66 -40.82 -23.43
CA SER B 780 -45.70 -40.59 -22.43
C SER B 780 -44.99 -40.24 -21.13
N ARG B 781 -44.76 -38.96 -20.91
CA ARG B 781 -44.01 -38.55 -19.71
C ARG B 781 -44.78 -38.88 -18.44
N ILE B 782 -46.10 -38.97 -18.51
CA ILE B 782 -46.91 -39.47 -17.41
C ILE B 782 -47.77 -40.61 -17.94
N SER B 783 -47.60 -41.79 -17.36
CA SER B 783 -48.39 -42.93 -17.80
C SER B 783 -49.84 -42.74 -17.42
N GLY B 784 -50.72 -43.46 -18.10
CA GLY B 784 -52.14 -43.33 -17.85
C GLY B 784 -52.87 -44.66 -17.86
N ILE B 785 -54.10 -44.65 -18.40
CA ILE B 785 -54.91 -45.85 -18.41
C ILE B 785 -54.30 -46.88 -19.36
N GLY B 786 -54.46 -48.15 -19.01
CA GLY B 786 -53.97 -49.24 -19.84
C GLY B 786 -55.02 -49.71 -20.82
N LEU B 787 -55.18 -51.02 -20.93
CA LEU B 787 -56.21 -51.58 -21.81
C LEU B 787 -57.53 -51.77 -21.08
N ASN B 788 -57.51 -51.96 -19.76
CA ASN B 788 -58.74 -52.18 -19.02
C ASN B 788 -59.63 -50.96 -19.03
N GLY B 789 -59.05 -49.76 -18.88
CA GLY B 789 -59.85 -48.55 -18.92
C GLY B 789 -60.49 -48.32 -20.28
N ILE B 790 -59.73 -48.55 -21.35
CA ILE B 790 -60.27 -48.41 -22.70
C ILE B 790 -61.39 -49.42 -22.91
N GLN B 791 -61.20 -50.66 -22.48
CA GLN B 791 -62.24 -51.66 -22.63
C GLN B 791 -63.49 -51.28 -21.85
N LYS B 792 -63.32 -50.77 -20.64
CA LYS B 792 -64.48 -50.36 -19.84
C LYS B 792 -65.25 -49.24 -20.52
N LYS B 793 -64.53 -48.22 -21.00
CA LYS B 793 -65.19 -47.11 -21.67
C LYS B 793 -65.95 -47.59 -22.91
N VAL B 794 -65.29 -48.41 -23.74
CA VAL B 794 -65.90 -48.87 -24.98
C VAL B 794 -67.15 -49.70 -24.68
N LEU B 795 -67.04 -50.64 -23.74
CA LEU B 795 -68.18 -51.48 -23.41
C LEU B 795 -69.32 -50.67 -22.83
N GLU B 796 -69.01 -49.69 -21.99
CA GLU B 796 -70.04 -48.85 -21.41
C GLU B 796 -70.81 -48.10 -22.48
N GLN B 797 -70.09 -47.45 -23.40
CA GLN B 797 -70.77 -46.71 -24.46
C GLN B 797 -71.55 -47.64 -25.37
N HIS B 798 -71.00 -48.81 -25.68
CA HIS B 798 -71.70 -49.75 -26.54
C HIS B 798 -73.00 -50.24 -25.90
N ALA B 799 -72.96 -50.57 -24.61
CA ALA B 799 -74.18 -50.97 -23.91
C ALA B 799 -75.19 -49.84 -23.89
N THR B 800 -74.74 -48.63 -23.57
CA THR B 800 -75.65 -47.48 -23.53
C THR B 800 -76.30 -47.26 -24.90
N ALA B 801 -75.58 -47.55 -25.98
CA ALA B 801 -76.15 -47.30 -27.30
C ALA B 801 -77.04 -48.43 -27.79
N TYR B 802 -76.75 -49.69 -27.43
CA TYR B 802 -77.43 -50.81 -28.04
C TYR B 802 -78.47 -51.49 -27.17
N ASN B 803 -78.36 -51.40 -25.84
CA ASN B 803 -79.40 -51.95 -24.97
C ASN B 803 -80.41 -50.90 -24.52
N GLU B 804 -80.01 -49.64 -24.44
CA GLU B 804 -80.89 -48.53 -24.15
C GLU B 804 -81.57 -48.04 -25.42
N GLU B 805 -82.88 -47.82 -25.33
CA GLU B 805 -83.75 -47.59 -26.48
C GLU B 805 -83.64 -46.13 -26.89
N VAL B 806 -82.68 -45.82 -27.75
CA VAL B 806 -82.42 -44.44 -28.14
C VAL B 806 -83.48 -43.97 -29.12
N VAL B 807 -83.77 -42.67 -29.07
CA VAL B 807 -84.67 -42.05 -30.02
C VAL B 807 -84.05 -40.84 -30.72
N ALA B 808 -83.04 -40.21 -30.13
CA ALA B 808 -82.38 -39.05 -30.73
C ALA B 808 -81.03 -38.88 -30.06
N LEU B 809 -80.18 -38.09 -30.70
CA LEU B 809 -78.85 -37.91 -30.15
C LEU B 809 -78.85 -36.78 -29.12
N PRO B 810 -77.99 -36.87 -28.10
CA PRO B 810 -77.88 -35.76 -27.15
C PRO B 810 -77.28 -34.54 -27.82
N VAL B 811 -77.64 -33.37 -27.30
CA VAL B 811 -77.12 -32.13 -27.87
C VAL B 811 -75.61 -32.05 -27.69
N GLY B 812 -75.12 -32.46 -26.52
CA GLY B 812 -73.69 -32.54 -26.28
C GLY B 812 -73.05 -31.19 -26.06
N GLY B 813 -72.19 -31.10 -25.06
CA GLY B 813 -71.41 -29.88 -24.88
C GLY B 813 -69.93 -30.15 -24.87
N PHE B 814 -69.25 -29.75 -25.92
CA PHE B 814 -67.79 -29.82 -25.98
C PHE B 814 -67.17 -28.49 -26.38
N TYR B 815 -67.81 -27.74 -27.28
CA TYR B 815 -67.37 -26.41 -27.64
C TYR B 815 -68.19 -25.32 -26.97
N ARG B 816 -69.40 -25.66 -26.53
CA ARG B 816 -70.28 -24.73 -25.83
C ARG B 816 -70.83 -25.43 -24.59
N PHE B 817 -71.10 -24.65 -23.55
CA PHE B 817 -71.53 -25.21 -22.29
C PHE B 817 -72.99 -25.65 -22.38
N ARG B 818 -73.27 -26.87 -21.91
CA ARG B 818 -74.62 -27.41 -21.87
C ARG B 818 -74.77 -28.22 -20.60
N LYS B 819 -75.94 -28.10 -19.95
CA LYS B 819 -76.14 -28.79 -18.68
C LYS B 819 -76.05 -30.30 -18.85
N SER B 820 -76.64 -30.83 -19.92
CA SER B 820 -76.51 -32.26 -20.18
C SER B 820 -75.10 -32.63 -20.63
N GLY B 821 -74.30 -31.65 -21.05
CA GLY B 821 -73.01 -31.92 -21.64
C GLY B 821 -71.87 -32.13 -20.66
N ASP B 822 -70.69 -31.66 -21.00
CA ASP B 822 -69.48 -31.86 -20.22
C ASP B 822 -69.20 -30.64 -19.35
N ARG B 823 -68.32 -30.83 -18.37
CA ARG B 823 -67.98 -29.75 -17.45
C ARG B 823 -66.97 -28.81 -18.09
N HIS B 824 -66.95 -27.58 -17.58
CA HIS B 824 -66.11 -26.53 -18.13
C HIS B 824 -65.42 -25.77 -17.01
N GLY B 825 -64.39 -25.01 -17.38
CA GLY B 825 -63.68 -24.22 -16.39
C GLY B 825 -64.41 -22.94 -16.03
N TRP B 826 -64.96 -22.26 -17.03
CA TRP B 826 -65.72 -21.03 -16.83
C TRP B 826 -67.20 -21.34 -16.98
N GLU B 827 -67.90 -21.37 -15.85
CA GLU B 827 -69.34 -21.52 -15.83
C GLU B 827 -70.00 -20.17 -15.58
N GLY B 828 -71.31 -20.16 -15.37
CA GLY B 828 -72.01 -18.91 -15.17
C GLY B 828 -71.85 -18.33 -13.78
N GLY B 829 -72.08 -19.15 -12.75
CA GLY B 829 -72.00 -18.66 -11.39
C GLY B 829 -70.63 -18.11 -11.04
N VAL B 830 -69.57 -18.77 -11.51
CA VAL B 830 -68.22 -18.31 -11.22
C VAL B 830 -68.01 -16.92 -11.79
N ILE B 831 -68.45 -16.70 -13.04
CA ILE B 831 -68.24 -15.42 -13.69
C ILE B 831 -69.04 -14.33 -12.99
N HIS B 832 -70.31 -14.60 -12.69
CA HIS B 832 -71.13 -13.60 -12.00
C HIS B 832 -70.53 -13.24 -10.65
N THR B 833 -70.10 -14.24 -9.88
CA THR B 833 -69.56 -13.96 -8.56
C THR B 833 -68.24 -13.20 -8.66
N LEU B 834 -67.43 -13.49 -9.68
CA LEU B 834 -66.18 -12.74 -9.85
C LEU B 834 -66.45 -11.29 -10.22
N GLN B 835 -67.37 -11.07 -11.16
CA GLN B 835 -67.70 -9.70 -11.55
C GLN B 835 -68.27 -8.91 -10.38
N GLN B 836 -69.11 -9.56 -9.57
CA GLN B 836 -69.66 -8.88 -8.40
C GLN B 836 -68.58 -8.53 -7.40
N ALA B 837 -67.70 -9.49 -7.10
CA ALA B 837 -66.60 -9.21 -6.16
C ALA B 837 -65.71 -8.10 -6.68
N VAL B 838 -65.56 -7.98 -7.98
CA VAL B 838 -64.68 -6.96 -8.52
C VAL B 838 -65.36 -5.59 -8.50
N THR B 839 -66.63 -5.52 -8.89
CA THR B 839 -67.30 -4.23 -9.00
C THR B 839 -67.71 -3.67 -7.64
N ASN B 840 -68.02 -4.54 -6.66
CA ASN B 840 -68.35 -4.03 -5.34
C ASN B 840 -67.12 -3.77 -4.49
N ASP B 841 -65.94 -4.21 -4.91
CA ASP B 841 -64.68 -3.94 -4.22
C ASP B 841 -64.75 -4.45 -2.78
N SER B 842 -64.91 -5.76 -2.67
CA SER B 842 -65.05 -6.44 -1.39
C SER B 842 -64.31 -7.76 -1.47
N TYR B 843 -63.54 -8.08 -0.43
CA TYR B 843 -62.66 -9.25 -0.48
C TYR B 843 -63.37 -10.55 -0.15
N THR B 844 -64.27 -10.53 0.85
CA THR B 844 -64.97 -11.75 1.23
C THR B 844 -65.73 -12.35 0.06
N THR B 845 -66.30 -11.51 -0.80
CA THR B 845 -66.90 -12.01 -2.04
C THR B 845 -65.87 -12.75 -2.89
N PHE B 846 -64.65 -12.22 -2.95
CA PHE B 846 -63.62 -12.86 -3.76
C PHE B 846 -63.18 -14.18 -3.15
N LYS B 847 -63.18 -14.29 -1.82
CA LYS B 847 -62.88 -15.57 -1.20
C LYS B 847 -64.01 -16.56 -1.43
N LYS B 848 -65.26 -16.09 -1.47
CA LYS B 848 -66.36 -16.96 -1.87
C LYS B 848 -66.14 -17.47 -3.30
N TYR B 849 -65.66 -16.59 -4.18
CA TYR B 849 -65.34 -17.00 -5.54
C TYR B 849 -64.27 -18.07 -5.55
N SER B 850 -63.20 -17.85 -4.78
CA SER B 850 -62.11 -18.81 -4.70
C SER B 850 -62.61 -20.15 -4.17
N GLU B 851 -63.50 -20.13 -3.18
CA GLU B 851 -64.02 -21.37 -2.64
C GLU B 851 -64.89 -22.09 -3.66
N GLN B 852 -65.64 -21.34 -4.46
CA GLN B 852 -66.43 -21.97 -5.52
C GLN B 852 -65.52 -22.62 -6.56
N VAL B 853 -64.43 -21.96 -6.92
CA VAL B 853 -63.61 -22.48 -8.03
C VAL B 853 -62.67 -23.59 -7.55
N ASN B 854 -62.29 -23.61 -6.26
CA ASN B 854 -61.37 -24.61 -5.74
C ASN B 854 -62.09 -25.78 -5.09
N LYS B 855 -63.27 -26.15 -5.57
CA LYS B 855 -64.01 -27.26 -5.00
C LYS B 855 -64.56 -28.24 -6.02
N ARG B 856 -64.48 -27.95 -7.31
CA ARG B 856 -64.95 -28.88 -8.31
C ARG B 856 -64.03 -30.10 -8.36
N PRO B 857 -64.51 -31.21 -8.92
CA PRO B 857 -63.63 -32.35 -9.17
C PRO B 857 -62.44 -31.95 -10.02
N PRO B 858 -61.34 -32.71 -9.98
CA PRO B 858 -60.14 -32.31 -10.72
C PRO B 858 -60.41 -32.19 -12.22
N MET B 859 -59.84 -31.15 -12.82
CA MET B 859 -59.99 -30.90 -14.24
C MET B 859 -58.68 -30.63 -14.97
N GLN B 860 -57.61 -30.28 -14.27
CA GLN B 860 -56.32 -30.02 -14.90
C GLN B 860 -55.24 -30.72 -14.11
N LEU B 861 -54.00 -30.65 -14.62
CA LEU B 861 -52.89 -31.33 -13.97
C LEU B 861 -52.64 -30.80 -12.56
N ARG B 862 -52.72 -29.48 -12.40
CA ARG B 862 -52.43 -28.81 -11.14
C ARG B 862 -53.52 -28.98 -10.10
N ASP B 863 -54.50 -29.85 -10.35
CA ASP B 863 -55.54 -30.14 -9.37
C ASP B 863 -55.22 -31.31 -8.47
N LEU B 864 -54.27 -32.17 -8.87
CA LEU B 864 -53.94 -33.34 -8.09
C LEU B 864 -52.84 -33.10 -7.07
N LEU B 865 -52.02 -32.07 -7.26
CA LEU B 865 -50.94 -31.81 -6.32
C LEU B 865 -51.49 -31.13 -5.06
N GLU B 866 -50.69 -31.18 -4.01
CA GLU B 866 -51.09 -30.77 -2.68
C GLU B 866 -49.92 -30.11 -1.98
N LEU B 867 -50.21 -29.01 -1.29
CA LEU B 867 -49.19 -28.27 -0.56
C LEU B 867 -49.05 -28.85 0.84
N ARG B 868 -47.80 -28.98 1.29
CA ARG B 868 -47.53 -29.58 2.59
C ARG B 868 -46.17 -29.07 3.08
N SER B 869 -46.17 -28.36 4.20
CA SER B 869 -44.95 -27.86 4.82
C SER B 869 -44.69 -28.60 6.13
N THR B 870 -43.56 -28.28 6.74
CA THR B 870 -43.19 -28.84 8.04
C THR B 870 -42.81 -27.79 9.05
N LYS B 871 -43.00 -26.50 8.74
CA LYS B 871 -42.63 -25.42 9.63
C LYS B 871 -43.87 -24.90 10.35
N ALA B 872 -43.66 -23.86 11.17
CA ALA B 872 -44.83 -23.35 11.86
C ALA B 872 -45.33 -22.08 11.20
N PRO B 873 -46.65 -21.88 11.16
CA PRO B 873 -47.21 -20.69 10.53
C PRO B 873 -46.69 -19.40 11.15
N VAL B 874 -46.69 -18.35 10.34
CA VAL B 874 -46.26 -17.02 10.78
C VAL B 874 -47.42 -16.07 10.54
N PRO B 875 -47.46 -14.94 11.24
CA PRO B 875 -48.61 -14.04 11.11
C PRO B 875 -48.70 -13.39 9.73
N VAL B 876 -49.88 -12.86 9.44
CA VAL B 876 -50.14 -12.29 8.12
C VAL B 876 -49.39 -10.98 7.93
N ASP B 877 -49.14 -10.25 9.01
CA ASP B 877 -48.53 -8.93 8.84
C ASP B 877 -47.02 -8.97 8.66
N GLU B 878 -46.44 -10.15 8.47
CA GLU B 878 -44.99 -10.30 8.40
C GLU B 878 -44.49 -10.54 6.97
N VAL B 879 -45.32 -11.12 6.11
CA VAL B 879 -44.95 -11.39 4.73
C VAL B 879 -44.84 -10.08 3.94
N GLU B 880 -44.30 -10.16 2.72
CA GLU B 880 -44.14 -9.00 1.85
C GLU B 880 -45.43 -8.22 1.69
N SER B 881 -45.32 -6.93 1.39
CA SER B 881 -46.50 -6.11 1.17
C SER B 881 -47.11 -6.42 -0.20
N ILE B 882 -48.29 -5.87 -0.43
CA ILE B 882 -49.01 -6.13 -1.68
C ILE B 882 -48.30 -5.51 -2.88
N THR B 883 -47.54 -4.43 -2.67
CA THR B 883 -46.89 -3.75 -3.80
C THR B 883 -45.82 -4.63 -4.43
N ALA B 884 -44.90 -5.13 -3.60
CA ALA B 884 -43.81 -5.97 -4.09
C ALA B 884 -44.29 -7.27 -4.71
N ILE B 885 -45.52 -7.69 -4.40
CA ILE B 885 -46.06 -8.89 -5.02
C ILE B 885 -46.87 -8.54 -6.26
N ARG B 886 -47.63 -7.44 -6.23
CA ARG B 886 -48.35 -7.01 -7.42
C ARG B 886 -47.41 -6.65 -8.56
N LYS B 887 -46.20 -6.19 -8.23
CA LYS B 887 -45.28 -5.89 -9.34
C LYS B 887 -44.72 -7.15 -9.99
N ARG B 888 -45.22 -8.33 -9.65
CA ARG B 888 -44.83 -9.56 -10.30
C ARG B 888 -45.85 -10.04 -11.33
N PHE B 889 -47.00 -9.36 -11.43
CA PHE B 889 -48.05 -9.73 -12.35
C PHE B 889 -48.02 -8.82 -13.57
N ILE B 890 -48.24 -9.42 -14.75
CA ILE B 890 -48.39 -8.68 -15.99
C ILE B 890 -49.60 -9.23 -16.74
N THR B 891 -50.00 -8.52 -17.79
CA THR B 891 -51.06 -8.99 -18.66
C THR B 891 -50.50 -9.30 -20.03
N PRO B 892 -50.86 -10.44 -20.62
CA PRO B 892 -50.30 -10.80 -21.92
C PRO B 892 -50.78 -9.87 -23.02
N GLY B 893 -50.22 -10.07 -24.21
CA GLY B 893 -50.55 -9.22 -25.33
C GLY B 893 -51.89 -9.57 -25.96
N MET B 894 -52.65 -8.54 -26.29
CA MET B 894 -53.91 -8.69 -27.00
C MET B 894 -53.97 -7.60 -28.06
N SER B 895 -53.95 -8.00 -29.33
CA SER B 895 -53.83 -7.05 -30.43
C SER B 895 -55.01 -6.09 -30.46
N MET B 896 -54.77 -4.92 -31.09
CA MET B 896 -55.84 -3.97 -31.30
C MET B 896 -56.80 -4.38 -32.41
N GLY B 897 -56.39 -5.28 -33.30
CA GLY B 897 -57.31 -5.80 -34.29
C GLY B 897 -58.43 -6.61 -33.66
N ALA B 898 -58.12 -7.36 -32.61
CA ALA B 898 -59.14 -8.16 -31.93
C ALA B 898 -59.91 -7.30 -30.93
N LEU B 899 -59.21 -6.73 -29.95
CA LEU B 899 -59.87 -5.94 -28.93
C LEU B 899 -60.29 -4.58 -29.46
N SER B 900 -61.14 -3.92 -28.74
CA SER B 900 -61.54 -2.58 -29.09
C SER B 900 -60.56 -1.57 -28.50
N PRO B 901 -60.40 -0.41 -29.13
CA PRO B 901 -59.45 0.59 -28.60
C PRO B 901 -59.71 0.96 -27.16
N GLU B 902 -60.98 1.00 -26.74
CA GLU B 902 -61.30 1.40 -25.38
C GLU B 902 -60.79 0.37 -24.37
N ALA B 903 -61.02 -0.92 -24.64
CA ALA B 903 -60.57 -1.95 -23.71
C ALA B 903 -59.05 -2.03 -23.66
N HIS B 904 -58.40 -1.92 -24.82
CA HIS B 904 -56.94 -1.92 -24.86
C HIS B 904 -56.38 -0.76 -24.05
N GLY B 905 -56.91 0.43 -24.26
CA GLY B 905 -56.45 1.58 -23.49
C GLY B 905 -56.73 1.44 -22.01
N THR B 906 -57.87 0.85 -21.67
CA THR B 906 -58.20 0.66 -20.26
C THR B 906 -57.20 -0.27 -19.59
N LEU B 907 -56.87 -1.38 -20.25
CA LEU B 907 -55.87 -2.29 -19.70
C LEU B 907 -54.52 -1.60 -19.54
N ASN B 908 -54.11 -0.85 -20.58
CA ASN B 908 -52.82 -0.17 -20.52
C ASN B 908 -52.77 0.83 -19.37
N VAL B 909 -53.87 1.57 -19.15
CA VAL B 909 -53.90 2.54 -18.08
C VAL B 909 -53.92 1.87 -16.72
N ALA B 910 -54.70 0.80 -16.56
CA ALA B 910 -54.81 0.14 -15.28
C ALA B 910 -53.50 -0.51 -14.86
N MET B 911 -52.81 -1.16 -15.80
CA MET B 911 -51.62 -1.90 -15.40
C MET B 911 -50.45 -0.98 -15.08
N ASN B 912 -50.43 0.22 -15.67
CA ASN B 912 -49.38 1.19 -15.35
C ASN B 912 -49.64 1.95 -14.07
N ARG B 913 -50.87 1.92 -13.56
CA ARG B 913 -51.20 2.66 -12.34
C ARG B 913 -50.61 2.01 -11.10
N ILE B 914 -50.48 0.68 -11.09
CA ILE B 914 -50.00 -0.03 -9.92
C ILE B 914 -48.51 -0.33 -10.00
N GLY B 915 -47.84 0.06 -11.07
CA GLY B 915 -46.42 -0.15 -11.22
C GLY B 915 -46.02 -1.39 -11.99
N ALA B 916 -46.97 -2.21 -12.41
CA ALA B 916 -46.67 -3.42 -13.15
C ALA B 916 -46.49 -3.09 -14.63
N LYS B 917 -46.37 -4.13 -15.45
CA LYS B 917 -46.21 -3.97 -16.89
C LYS B 917 -47.40 -4.52 -17.64
N SER B 918 -47.72 -3.88 -18.76
CA SER B 918 -48.77 -4.30 -19.66
C SER B 918 -48.13 -4.81 -20.95
N ASP B 919 -48.97 -5.12 -21.94
CA ASP B 919 -48.48 -5.61 -23.21
C ASP B 919 -49.36 -5.07 -24.32
N SER B 920 -48.73 -4.74 -25.45
CA SER B 920 -49.46 -4.24 -26.61
C SER B 920 -49.75 -5.32 -27.65
N GLY B 921 -48.98 -6.40 -27.65
CA GLY B 921 -49.20 -7.45 -28.61
C GLY B 921 -48.96 -6.98 -30.04
N GLU B 922 -49.31 -7.87 -30.96
CA GLU B 922 -49.18 -7.56 -32.38
C GLU B 922 -50.20 -6.48 -32.77
N GLY B 923 -50.08 -6.01 -34.01
CA GLY B 923 -50.97 -5.00 -34.52
C GLY B 923 -50.54 -3.57 -34.28
N GLY B 924 -49.37 -3.35 -33.70
CA GLY B 924 -48.88 -2.00 -33.51
C GLY B 924 -49.62 -1.26 -32.40
N GLU B 925 -49.33 0.03 -32.32
CA GLU B 925 -49.93 0.88 -31.30
C GLU B 925 -50.07 2.30 -31.84
N ASP B 926 -50.90 3.07 -31.18
CA ASP B 926 -51.14 4.46 -31.58
C ASP B 926 -49.97 5.34 -31.17
N PRO B 927 -49.34 6.06 -32.10
CA PRO B 927 -48.27 6.97 -31.69
C PRO B 927 -48.75 8.09 -30.79
N ALA B 928 -49.95 8.62 -31.03
CA ALA B 928 -50.46 9.73 -30.23
C ALA B 928 -50.63 9.38 -28.77
N ARG B 929 -50.64 8.08 -28.42
CA ARG B 929 -50.74 7.67 -27.03
C ARG B 929 -49.39 7.62 -26.34
N PHE B 930 -48.35 8.16 -26.96
CA PHE B 930 -46.99 8.03 -26.45
C PHE B 930 -46.68 9.04 -25.34
N ARG B 931 -47.65 9.83 -24.90
CA ARG B 931 -47.45 10.82 -23.86
C ARG B 931 -48.53 10.68 -22.81
N PRO B 932 -48.20 10.93 -21.54
CA PRO B 932 -49.20 10.78 -20.48
C PRO B 932 -50.39 11.69 -20.70
N ASP B 933 -51.58 11.18 -20.42
CA ASP B 933 -52.78 12.01 -20.46
C ASP B 933 -52.73 12.99 -19.30
N LYS B 934 -53.79 13.78 -19.16
CA LYS B 934 -53.68 14.97 -18.33
C LYS B 934 -54.08 14.66 -16.90
N ASN B 935 -54.88 13.61 -16.70
CA ASN B 935 -54.99 12.93 -15.41
C ASN B 935 -53.77 12.11 -15.06
N GLY B 936 -52.68 12.23 -15.81
CA GLY B 936 -51.54 11.37 -15.60
C GLY B 936 -51.74 9.95 -16.05
N ASP B 937 -52.94 9.59 -16.48
CA ASP B 937 -53.18 8.23 -16.96
C ASP B 937 -52.45 8.02 -18.27
N ASN B 938 -51.29 7.38 -18.21
CA ASN B 938 -50.47 7.15 -19.39
C ASN B 938 -51.02 5.93 -20.12
N TRP B 939 -51.29 6.09 -21.41
CA TRP B 939 -51.91 5.02 -22.19
C TRP B 939 -50.87 4.15 -22.89
N ASN B 940 -49.59 4.38 -22.63
CA ASN B 940 -48.53 3.62 -23.27
C ASN B 940 -48.51 2.20 -22.73
N SER B 941 -47.66 1.36 -23.32
CA SER B 941 -47.48 -0.02 -22.89
C SER B 941 -45.98 -0.28 -22.73
N ALA B 942 -45.63 -0.95 -21.64
CA ALA B 942 -44.23 -1.18 -21.30
C ALA B 942 -43.62 -2.37 -22.04
N ILE B 943 -44.40 -3.08 -22.85
CA ILE B 943 -43.90 -4.25 -23.56
C ILE B 943 -44.40 -4.20 -24.99
N LYS B 944 -43.48 -4.28 -25.96
CA LYS B 944 -43.83 -4.26 -27.36
C LYS B 944 -43.46 -5.61 -27.99
N GLN B 945 -44.32 -6.09 -28.88
CA GLN B 945 -44.15 -7.38 -29.51
C GLN B 945 -43.58 -7.22 -30.92
N VAL B 946 -42.79 -8.20 -31.34
CA VAL B 946 -42.31 -8.30 -32.72
C VAL B 946 -42.99 -9.51 -33.31
N ALA B 947 -44.13 -9.29 -33.96
CA ALA B 947 -44.95 -10.38 -34.47
C ALA B 947 -44.29 -11.01 -35.70
N SER B 948 -44.97 -11.97 -36.32
CA SER B 948 -44.46 -12.60 -37.52
C SER B 948 -44.76 -11.79 -38.77
N GLY B 949 -45.66 -10.83 -38.70
CA GLY B 949 -46.02 -10.03 -39.85
C GLY B 949 -45.36 -8.66 -39.85
N ARG B 950 -44.89 -8.22 -38.69
CA ARG B 950 -44.30 -6.89 -38.52
C ARG B 950 -45.24 -5.82 -39.06
N PHE B 951 -46.45 -5.80 -38.49
CA PHE B 951 -47.51 -4.99 -39.07
C PHE B 951 -47.39 -3.52 -38.72
N GLY B 952 -46.71 -3.17 -37.64
CA GLY B 952 -46.54 -1.79 -37.28
C GLY B 952 -45.17 -1.49 -36.72
N VAL B 953 -44.24 -2.43 -36.89
CA VAL B 953 -42.92 -2.32 -36.29
C VAL B 953 -42.13 -1.25 -37.06
N THR B 954 -41.83 -0.14 -36.39
CA THR B 954 -41.00 0.91 -36.97
C THR B 954 -39.85 1.23 -36.03
N ALA B 955 -39.11 2.30 -36.31
CA ALA B 955 -38.00 2.67 -35.45
C ALA B 955 -38.47 3.36 -34.17
N GLU B 956 -39.56 4.12 -34.24
CA GLU B 956 -40.10 4.75 -33.05
C GLU B 956 -40.87 3.76 -32.18
N TYR B 957 -41.48 2.75 -32.80
CA TYR B 957 -42.24 1.76 -32.06
C TYR B 957 -41.35 0.93 -31.15
N LEU B 958 -40.05 0.85 -31.41
CA LEU B 958 -39.13 0.06 -30.60
C LEU B 958 -38.33 0.91 -29.62
N ASN B 959 -38.34 2.23 -29.75
CA ASN B 959 -37.67 3.11 -28.81
C ASN B 959 -38.62 3.75 -27.81
N GLN B 960 -39.86 3.28 -27.74
CA GLN B 960 -40.86 3.79 -26.82
C GLN B 960 -41.35 2.67 -25.93
N CYS B 961 -40.42 1.86 -25.42
CA CYS B 961 -40.74 0.78 -24.51
C CYS B 961 -39.58 0.58 -23.54
N ARG B 962 -39.83 -0.22 -22.52
CA ARG B 962 -38.79 -0.62 -21.58
C ARG B 962 -38.34 -2.05 -21.76
N GLU B 963 -39.15 -2.90 -22.36
CA GLU B 963 -38.89 -4.33 -22.31
C GLU B 963 -39.56 -4.99 -23.51
N LEU B 964 -38.77 -5.63 -24.37
CA LEU B 964 -39.28 -6.15 -25.63
C LEU B 964 -39.73 -7.61 -25.49
N GLU B 965 -40.28 -8.16 -26.56
CA GLU B 965 -40.81 -9.52 -26.56
C GLU B 965 -40.89 -10.06 -27.98
N ILE B 966 -40.25 -11.20 -28.21
CA ILE B 966 -40.32 -11.93 -29.47
C ILE B 966 -41.37 -13.02 -29.32
N LYS B 967 -42.30 -13.09 -30.26
CA LYS B 967 -43.38 -14.08 -30.22
C LYS B 967 -43.11 -15.12 -31.30
N VAL B 968 -42.77 -16.33 -30.87
CA VAL B 968 -42.51 -17.42 -31.82
C VAL B 968 -43.76 -18.24 -32.08
N ALA B 969 -44.52 -18.56 -31.03
CA ALA B 969 -45.73 -19.36 -31.17
C ALA B 969 -46.69 -19.00 -30.06
N GLN B 970 -47.98 -18.98 -30.38
CA GLN B 970 -49.02 -18.61 -29.42
C GLN B 970 -49.57 -19.86 -28.74
N GLY B 971 -50.18 -19.64 -27.57
CA GLY B 971 -50.65 -20.76 -26.78
C GLY B 971 -51.82 -21.49 -27.40
N ALA B 972 -52.76 -20.75 -27.99
CA ALA B 972 -53.95 -21.37 -28.55
C ALA B 972 -53.67 -22.05 -29.87
N LYS B 973 -53.02 -21.34 -30.81
CA LYS B 973 -52.72 -21.86 -32.14
C LYS B 973 -51.21 -21.92 -32.31
N PRO B 974 -50.57 -23.00 -31.86
CA PRO B 974 -49.12 -23.13 -32.07
C PRO B 974 -48.82 -23.49 -33.52
N GLY B 975 -47.71 -22.96 -34.01
CA GLY B 975 -47.34 -23.19 -35.40
C GLY B 975 -48.32 -22.59 -36.38
N GLU B 976 -48.87 -21.42 -36.06
CA GLU B 976 -49.86 -20.79 -36.91
C GLU B 976 -49.80 -19.29 -36.69
N GLY B 977 -50.34 -18.55 -37.65
CA GLY B 977 -50.35 -17.10 -37.62
C GLY B 977 -51.72 -16.56 -37.26
N GLY B 978 -51.73 -15.41 -36.59
CA GLY B 978 -53.00 -14.80 -36.23
C GLY B 978 -53.79 -14.37 -37.44
N GLN B 979 -55.12 -14.36 -37.28
CA GLN B 979 -56.03 -13.98 -38.35
C GLN B 979 -56.82 -12.75 -37.95
N LEU B 980 -57.42 -12.12 -38.96
CA LEU B 980 -58.25 -10.95 -38.76
C LEU B 980 -59.26 -10.85 -39.91
N PRO B 981 -60.55 -10.94 -39.63
CA PRO B 981 -61.54 -10.98 -40.71
C PRO B 981 -61.53 -9.73 -41.57
N GLY B 982 -62.13 -9.86 -42.76
CA GLY B 982 -62.07 -8.78 -43.74
C GLY B 982 -62.94 -7.58 -43.39
N PHE B 983 -63.90 -7.76 -42.50
CA PHE B 983 -64.76 -6.67 -42.07
C PHE B 983 -64.33 -6.07 -40.73
N LYS B 984 -63.38 -6.70 -40.03
CA LYS B 984 -62.85 -6.13 -38.81
C LYS B 984 -61.89 -4.98 -39.07
N VAL B 985 -61.39 -4.86 -40.30
CA VAL B 985 -60.32 -3.90 -40.62
C VAL B 985 -61.00 -2.59 -40.96
N THR B 986 -61.18 -1.74 -39.96
CA THR B 986 -61.72 -0.41 -40.17
C THR B 986 -60.64 0.48 -40.78
N GLU B 987 -60.96 1.75 -41.03
CA GLU B 987 -59.98 2.66 -41.60
C GLU B 987 -58.87 2.95 -40.59
N MET B 988 -59.22 3.04 -39.31
CA MET B 988 -58.22 3.32 -38.29
C MET B 988 -57.19 2.20 -38.20
N ILE B 989 -57.65 0.96 -38.18
CA ILE B 989 -56.73 -0.17 -38.12
C ILE B 989 -55.93 -0.27 -39.42
N ALA B 990 -56.56 0.05 -40.55
CA ALA B 990 -55.85 0.03 -41.83
C ALA B 990 -54.70 1.04 -41.83
N ARG B 991 -54.94 2.23 -41.26
CA ARG B 991 -53.88 3.21 -41.16
C ARG B 991 -52.83 2.81 -40.12
N LEU B 992 -53.25 2.15 -39.06
CA LEU B 992 -52.32 1.77 -38.00
C LEU B 992 -51.42 0.62 -38.41
N ARG B 993 -51.89 -0.23 -39.32
CA ARG B 993 -51.12 -1.38 -39.79
C ARG B 993 -50.56 -1.20 -41.18
N HIS B 994 -50.80 -0.07 -41.84
CA HIS B 994 -50.33 0.19 -43.20
C HIS B 994 -50.81 -0.90 -44.15
N SER B 995 -52.12 -1.01 -44.27
CA SER B 995 -52.73 -2.07 -45.07
C SER B 995 -53.89 -1.48 -45.86
N THR B 996 -54.70 -2.37 -46.45
CA THR B 996 -55.84 -1.98 -47.27
C THR B 996 -57.13 -2.18 -46.50
N PRO B 997 -58.00 -1.17 -46.43
CA PRO B 997 -59.26 -1.33 -45.70
C PRO B 997 -60.14 -2.39 -46.33
N GLY B 998 -60.73 -3.23 -45.48
CA GLY B 998 -61.66 -4.24 -45.93
C GLY B 998 -60.99 -5.44 -46.58
N VAL B 999 -59.86 -5.87 -46.03
CA VAL B 999 -59.12 -7.02 -46.55
C VAL B 999 -58.75 -7.92 -45.38
N MET B 1000 -58.94 -9.23 -45.56
CA MET B 1000 -58.54 -10.19 -44.54
C MET B 1000 -57.03 -10.20 -44.40
N LEU B 1001 -56.55 -10.17 -43.16
CA LEU B 1001 -55.13 -10.15 -42.86
C LEU B 1001 -54.76 -11.40 -42.08
N ILE B 1002 -54.00 -12.29 -42.72
CA ILE B 1002 -53.55 -13.53 -42.11
C ILE B 1002 -52.03 -13.47 -42.02
N SER B 1003 -51.51 -13.59 -40.80
CA SER B 1003 -50.07 -13.52 -40.60
C SER B 1003 -49.40 -14.79 -41.15
N PRO B 1004 -48.15 -14.67 -41.60
CA PRO B 1004 -47.43 -15.86 -42.08
C PRO B 1004 -47.03 -16.75 -40.93
N PRO B 1005 -47.24 -18.05 -41.03
CA PRO B 1005 -46.84 -18.98 -39.97
C PRO B 1005 -45.36 -18.85 -39.63
N PRO B 1006 -44.44 -18.91 -40.63
CA PRO B 1006 -43.03 -18.76 -40.26
C PRO B 1006 -42.67 -17.31 -39.99
N HIS B 1007 -41.39 -17.04 -39.77
CA HIS B 1007 -40.93 -15.69 -39.47
C HIS B 1007 -40.19 -15.03 -40.61
N HIS B 1008 -39.70 -15.81 -41.58
CA HIS B 1008 -38.88 -15.34 -42.70
C HIS B 1008 -37.61 -14.63 -42.24
N ASP B 1009 -37.32 -14.67 -40.95
CA ASP B 1009 -36.15 -14.02 -40.39
C ASP B 1009 -35.48 -15.01 -39.44
N ILE B 1010 -36.26 -15.98 -38.96
CA ILE B 1010 -35.80 -16.98 -38.00
C ILE B 1010 -35.98 -18.33 -38.66
N TYR B 1011 -34.92 -18.84 -39.28
CA TYR B 1011 -34.93 -20.17 -39.85
C TYR B 1011 -34.08 -21.17 -39.05
N SER B 1012 -33.31 -20.70 -38.08
CA SER B 1012 -32.53 -21.55 -37.19
C SER B 1012 -32.05 -20.69 -36.04
N ILE B 1013 -31.40 -21.33 -35.07
CA ILE B 1013 -31.00 -20.64 -33.85
C ILE B 1013 -29.97 -19.55 -34.13
N GLU B 1014 -29.16 -19.70 -35.17
CA GLU B 1014 -28.20 -18.64 -35.49
C GLU B 1014 -28.93 -17.38 -35.96
N ASP B 1015 -30.01 -17.54 -36.72
CA ASP B 1015 -30.82 -16.39 -37.11
C ASP B 1015 -31.52 -15.78 -35.90
N LEU B 1016 -31.88 -16.59 -34.92
CA LEU B 1016 -32.47 -16.05 -33.70
C LEU B 1016 -31.44 -15.21 -32.94
N ALA B 1017 -30.20 -15.68 -32.87
CA ALA B 1017 -29.15 -14.88 -32.23
C ALA B 1017 -28.93 -13.59 -32.99
N GLN B 1018 -28.96 -13.65 -34.33
CA GLN B 1018 -28.81 -12.44 -35.13
C GLN B 1018 -29.92 -11.45 -34.86
N LEU B 1019 -31.17 -11.93 -34.78
CA LEU B 1019 -32.29 -11.04 -34.53
C LEU B 1019 -32.22 -10.45 -33.13
N ILE B 1020 -31.77 -11.25 -32.15
CA ILE B 1020 -31.63 -10.72 -30.80
C ILE B 1020 -30.56 -9.65 -30.75
N TYR B 1021 -29.46 -9.86 -31.47
CA TYR B 1021 -28.44 -8.82 -31.57
C TYR B 1021 -29.00 -7.55 -32.21
N ASP B 1022 -29.80 -7.71 -33.27
CA ASP B 1022 -30.44 -6.56 -33.90
C ASP B 1022 -31.31 -5.80 -32.91
N LEU B 1023 -32.17 -6.52 -32.18
CA LEU B 1023 -33.09 -5.87 -31.25
C LEU B 1023 -32.33 -5.19 -30.11
N LYS B 1024 -31.25 -5.79 -29.65
CA LYS B 1024 -30.46 -5.17 -28.58
C LYS B 1024 -29.64 -4.00 -29.09
N GLN B 1025 -29.39 -3.92 -30.40
CA GLN B 1025 -28.70 -2.76 -30.95
C GLN B 1025 -29.65 -1.60 -31.20
N ILE B 1026 -30.87 -1.88 -31.68
CA ILE B 1026 -31.78 -0.79 -32.02
C ILE B 1026 -32.27 -0.09 -30.76
N ASN B 1027 -32.40 -0.79 -29.65
CA ASN B 1027 -32.84 -0.21 -28.39
C ASN B 1027 -31.81 -0.56 -27.33
N PRO B 1028 -31.04 0.41 -26.84
CA PRO B 1028 -29.92 0.11 -25.93
C PRO B 1028 -30.32 -0.05 -24.48
N ASP B 1029 -31.62 0.02 -24.15
CA ASP B 1029 -32.08 -0.04 -22.78
C ASP B 1029 -33.03 -1.19 -22.48
N ALA B 1030 -33.58 -1.86 -23.49
CA ALA B 1030 -34.63 -2.84 -23.25
C ALA B 1030 -34.06 -4.26 -23.17
N LYS B 1031 -34.89 -5.17 -22.68
CA LYS B 1031 -34.58 -6.59 -22.64
C LYS B 1031 -35.34 -7.31 -23.74
N VAL B 1032 -34.93 -8.55 -24.01
CA VAL B 1032 -35.51 -9.35 -25.09
C VAL B 1032 -36.15 -10.59 -24.49
N THR B 1033 -37.43 -10.76 -24.75
CA THR B 1033 -38.20 -11.89 -24.21
C THR B 1033 -38.61 -12.80 -25.36
N VAL B 1034 -38.43 -14.10 -25.16
CA VAL B 1034 -38.81 -15.11 -26.13
C VAL B 1034 -40.03 -15.85 -25.59
N LYS B 1035 -41.03 -16.05 -26.44
CA LYS B 1035 -42.27 -16.69 -26.05
C LYS B 1035 -42.39 -18.02 -26.76
N LEU B 1036 -42.46 -19.10 -26.00
CA LEU B 1036 -42.58 -20.46 -26.53
C LEU B 1036 -43.91 -21.06 -26.12
N VAL B 1037 -44.11 -22.32 -26.49
CA VAL B 1037 -45.31 -23.07 -26.16
C VAL B 1037 -44.89 -24.42 -25.59
N SER B 1038 -45.56 -24.84 -24.53
CA SER B 1038 -45.16 -26.05 -23.81
C SER B 1038 -45.35 -27.30 -24.67
N ARG B 1039 -44.31 -28.12 -24.74
CA ARG B 1039 -44.34 -29.42 -25.41
C ARG B 1039 -43.08 -30.17 -24.99
N SER B 1040 -42.96 -31.41 -25.44
CA SER B 1040 -41.78 -32.21 -25.15
C SER B 1040 -40.64 -31.79 -26.07
N GLY B 1041 -39.42 -31.82 -25.52
CA GLY B 1041 -38.27 -31.32 -26.24
C GLY B 1041 -38.05 -29.84 -26.12
N ILE B 1042 -38.85 -29.14 -25.33
CA ILE B 1042 -38.66 -27.70 -25.16
C ILE B 1042 -37.43 -27.41 -24.30
N GLY B 1043 -36.94 -28.40 -23.55
CA GLY B 1043 -35.80 -28.15 -22.69
C GLY B 1043 -34.54 -27.81 -23.47
N THR B 1044 -34.25 -28.58 -24.52
CA THR B 1044 -33.07 -28.29 -25.32
C THR B 1044 -33.21 -26.96 -26.05
N ILE B 1045 -34.41 -26.65 -26.54
CA ILE B 1045 -34.64 -25.37 -27.20
C ILE B 1045 -34.41 -24.22 -26.22
N ALA B 1046 -34.84 -24.41 -24.96
CA ALA B 1046 -34.64 -23.37 -23.96
C ALA B 1046 -33.17 -23.22 -23.60
N ALA B 1047 -32.44 -24.34 -23.52
CA ALA B 1047 -31.02 -24.26 -23.27
C ALA B 1047 -30.27 -23.63 -24.43
N GLY B 1048 -30.83 -23.72 -25.63
CA GLY B 1048 -30.22 -23.11 -26.80
C GLY B 1048 -30.48 -21.61 -26.89
N VAL B 1049 -31.72 -21.20 -26.60
CA VAL B 1049 -32.04 -19.77 -26.67
C VAL B 1049 -31.34 -19.01 -25.55
N ALA B 1050 -31.06 -19.68 -24.42
CA ALA B 1050 -30.36 -19.01 -23.34
C ALA B 1050 -28.92 -18.68 -23.70
N LYS B 1051 -28.33 -19.41 -24.66
CA LYS B 1051 -27.01 -19.09 -25.16
C LYS B 1051 -27.03 -17.98 -26.19
N ALA B 1052 -28.19 -17.63 -26.73
CA ALA B 1052 -28.33 -16.54 -27.68
C ALA B 1052 -28.59 -15.20 -27.01
N ASN B 1053 -28.19 -15.05 -25.75
CA ASN B 1053 -28.27 -13.80 -24.99
C ASN B 1053 -29.70 -13.36 -24.73
N ALA B 1054 -30.66 -14.28 -24.78
CA ALA B 1054 -32.01 -13.97 -24.32
C ALA B 1054 -32.07 -14.06 -22.80
N ASP B 1055 -32.78 -13.14 -22.17
CA ASP B 1055 -32.77 -13.03 -20.72
C ASP B 1055 -34.13 -13.24 -20.07
N ILE B 1056 -35.21 -13.41 -20.84
CA ILE B 1056 -36.52 -13.76 -20.29
C ILE B 1056 -37.16 -14.79 -21.21
N ILE B 1057 -37.61 -15.90 -20.63
CA ILE B 1057 -38.32 -16.95 -21.37
C ILE B 1057 -39.76 -16.98 -20.88
N LEU B 1058 -40.69 -17.15 -21.81
CA LEU B 1058 -42.11 -17.20 -21.49
C LEU B 1058 -42.67 -18.51 -22.01
N ILE B 1059 -43.36 -19.25 -21.14
CA ILE B 1059 -43.87 -20.58 -21.46
C ILE B 1059 -45.38 -20.52 -21.36
N SER B 1060 -46.06 -20.54 -22.51
CA SER B 1060 -47.51 -20.55 -22.51
C SER B 1060 -48.04 -21.98 -22.56
N GLY B 1061 -49.29 -22.15 -22.12
CA GLY B 1061 -49.94 -23.42 -22.11
C GLY B 1061 -50.86 -23.62 -23.30
N ASN B 1062 -51.64 -24.69 -23.23
CA ASN B 1062 -52.57 -25.03 -24.30
C ASN B 1062 -53.97 -24.44 -24.09
N SER B 1063 -54.25 -23.92 -22.90
CA SER B 1063 -55.58 -23.42 -22.56
C SER B 1063 -55.69 -21.90 -22.67
N GLY B 1064 -54.89 -21.28 -23.52
CA GLY B 1064 -54.93 -19.84 -23.67
C GLY B 1064 -55.95 -19.39 -24.71
N GLY B 1065 -56.50 -18.19 -24.49
CA GLY B 1065 -57.48 -17.63 -25.39
C GLY B 1065 -56.88 -17.14 -26.68
N THR B 1066 -57.75 -16.69 -27.58
CA THR B 1066 -57.33 -16.19 -28.88
C THR B 1066 -58.45 -15.35 -29.47
N GLY B 1067 -58.14 -14.68 -30.58
CA GLY B 1067 -59.11 -13.85 -31.26
C GLY B 1067 -59.89 -14.59 -32.34
N ALA B 1068 -59.20 -15.46 -33.07
CA ALA B 1068 -59.83 -16.26 -34.11
C ALA B 1068 -58.89 -17.40 -34.47
N SER B 1069 -59.40 -18.63 -34.41
CA SER B 1069 -58.57 -19.80 -34.66
C SER B 1069 -59.47 -20.96 -35.06
N PRO B 1070 -58.98 -21.90 -35.86
CA PRO B 1070 -59.74 -23.11 -36.12
C PRO B 1070 -59.94 -23.91 -34.84
N GLN B 1071 -61.01 -24.69 -34.80
CA GLN B 1071 -61.33 -25.43 -33.59
C GLN B 1071 -60.36 -26.58 -33.35
N THR B 1072 -59.85 -27.19 -34.42
CA THR B 1072 -58.92 -28.30 -34.27
C THR B 1072 -57.61 -27.83 -33.66
N SER B 1073 -57.14 -26.65 -34.03
CA SER B 1073 -55.91 -26.12 -33.44
C SER B 1073 -56.13 -25.66 -32.01
N ILE B 1074 -57.37 -25.31 -31.66
CA ILE B 1074 -57.66 -24.88 -30.29
C ILE B 1074 -57.73 -26.09 -29.36
N LYS B 1075 -58.43 -27.13 -29.79
CA LYS B 1075 -58.69 -28.27 -28.92
C LYS B 1075 -57.62 -29.36 -28.98
N PHE B 1076 -56.85 -29.43 -30.06
CA PHE B 1076 -55.96 -30.57 -30.28
C PHE B 1076 -54.54 -30.12 -30.58
N ALA B 1077 -54.02 -29.16 -29.82
CA ALA B 1077 -52.66 -28.68 -30.06
C ALA B 1077 -52.13 -28.04 -28.79
N GLY B 1078 -50.92 -28.43 -28.40
CA GLY B 1078 -50.27 -27.88 -27.22
C GLY B 1078 -50.25 -28.88 -26.08
N LEU B 1079 -49.74 -28.42 -24.95
CA LEU B 1079 -49.65 -29.21 -23.73
C LEU B 1079 -49.80 -28.28 -22.54
N PRO B 1080 -50.21 -28.79 -21.39
CA PRO B 1080 -50.32 -27.92 -20.21
C PRO B 1080 -48.95 -27.42 -19.78
N TRP B 1081 -48.93 -26.18 -19.28
CA TRP B 1081 -47.65 -25.56 -18.93
C TRP B 1081 -46.99 -26.24 -17.75
N GLU B 1082 -47.71 -27.06 -16.99
CA GLU B 1082 -47.10 -27.79 -15.88
C GLU B 1082 -45.95 -28.66 -16.34
N MET B 1083 -46.03 -29.21 -17.56
CA MET B 1083 -44.96 -30.03 -18.08
C MET B 1083 -43.79 -29.17 -18.56
N GLY B 1084 -44.08 -28.22 -19.44
CA GLY B 1084 -43.02 -27.45 -20.06
C GLY B 1084 -42.24 -26.60 -19.08
N LEU B 1085 -42.93 -26.01 -18.10
CA LEU B 1085 -42.24 -25.17 -17.13
C LEU B 1085 -41.24 -25.97 -16.32
N SER B 1086 -41.66 -27.13 -15.81
CA SER B 1086 -40.76 -27.98 -15.05
C SER B 1086 -39.62 -28.50 -15.90
N GLU B 1087 -39.90 -28.86 -17.16
CA GLU B 1087 -38.84 -29.34 -18.04
C GLU B 1087 -37.80 -28.26 -18.29
N VAL B 1088 -38.25 -27.04 -18.62
CA VAL B 1088 -37.32 -25.94 -18.86
C VAL B 1088 -36.51 -25.65 -17.61
N HIS B 1089 -37.17 -25.67 -16.44
CA HIS B 1089 -36.45 -25.38 -15.20
C HIS B 1089 -35.35 -26.41 -14.96
N GLN B 1090 -35.69 -27.70 -15.08
CA GLN B 1090 -34.69 -28.74 -14.82
C GLN B 1090 -33.56 -28.68 -15.84
N VAL B 1091 -33.88 -28.48 -17.12
CA VAL B 1091 -32.83 -28.47 -18.13
C VAL B 1091 -31.92 -27.25 -17.95
N LEU B 1092 -32.50 -26.11 -17.59
CA LEU B 1092 -31.69 -24.91 -17.39
C LEU B 1092 -30.82 -25.04 -16.16
N THR B 1093 -31.32 -25.71 -15.11
CA THR B 1093 -30.49 -25.94 -13.92
C THR B 1093 -29.37 -26.94 -14.21
N LEU B 1094 -29.64 -27.90 -15.09
CA LEU B 1094 -28.62 -28.91 -15.40
C LEU B 1094 -27.43 -28.31 -16.12
N ASN B 1095 -27.66 -27.28 -16.96
CA ASN B 1095 -26.61 -26.70 -17.77
C ASN B 1095 -26.00 -25.45 -17.13
N ARG B 1096 -26.24 -25.21 -15.85
CA ARG B 1096 -25.67 -24.07 -15.14
C ARG B 1096 -26.05 -22.76 -15.80
N LEU B 1097 -27.28 -22.69 -16.32
CA LEU B 1097 -27.75 -21.50 -17.02
C LEU B 1097 -28.95 -20.85 -16.37
N ARG B 1098 -29.47 -21.40 -15.27
CA ARG B 1098 -30.67 -20.85 -14.66
C ARG B 1098 -30.42 -19.48 -14.04
N HIS B 1099 -29.21 -19.23 -13.58
CA HIS B 1099 -28.92 -17.94 -12.93
C HIS B 1099 -28.81 -16.79 -13.90
N ARG B 1100 -29.07 -16.94 -15.20
CA ARG B 1100 -28.97 -15.83 -16.14
C ARG B 1100 -30.29 -15.36 -16.70
N VAL B 1101 -31.32 -16.20 -16.69
CA VAL B 1101 -32.60 -15.86 -17.31
C VAL B 1101 -33.70 -15.91 -16.26
N ARG B 1102 -34.84 -15.32 -16.60
CA ARG B 1102 -36.05 -15.35 -15.81
C ARG B 1102 -37.09 -16.21 -16.51
N LEU B 1103 -38.01 -16.75 -15.72
CA LEU B 1103 -39.07 -17.60 -16.25
C LEU B 1103 -40.42 -16.95 -15.97
N ARG B 1104 -41.28 -16.93 -16.99
CA ARG B 1104 -42.61 -16.35 -16.89
C ARG B 1104 -43.59 -17.34 -17.51
N THR B 1105 -44.75 -17.50 -16.86
CA THR B 1105 -45.75 -18.43 -17.32
C THR B 1105 -47.13 -17.77 -17.31
N ASP B 1106 -48.02 -18.32 -18.11
CA ASP B 1106 -49.40 -17.87 -18.15
C ASP B 1106 -50.25 -18.96 -18.79
N GLY B 1107 -51.57 -18.77 -18.72
CA GLY B 1107 -52.50 -19.73 -19.28
C GLY B 1107 -53.29 -20.45 -18.20
N GLY B 1108 -54.53 -20.01 -17.99
CA GLY B 1108 -55.40 -20.67 -17.03
C GLY B 1108 -55.13 -20.33 -15.58
N LEU B 1109 -54.54 -19.17 -15.30
CA LEU B 1109 -54.29 -18.74 -13.93
C LEU B 1109 -55.52 -17.99 -13.43
N LYS B 1110 -56.08 -18.45 -12.33
CA LYS B 1110 -57.33 -17.88 -11.83
C LYS B 1110 -57.26 -17.44 -10.38
N THR B 1111 -56.57 -18.18 -9.53
CA THR B 1111 -56.58 -17.95 -8.09
C THR B 1111 -55.16 -17.74 -7.58
N GLY B 1112 -55.02 -17.70 -6.25
CA GLY B 1112 -53.73 -17.56 -5.62
C GLY B 1112 -53.03 -18.89 -5.47
N ARG B 1113 -53.80 -19.96 -5.25
CA ARG B 1113 -53.22 -21.29 -5.18
C ARG B 1113 -52.51 -21.65 -6.47
N ASP B 1114 -53.10 -21.29 -7.61
CA ASP B 1114 -52.47 -21.56 -8.90
C ASP B 1114 -51.13 -20.83 -9.01
N ILE B 1115 -51.10 -19.58 -8.57
CA ILE B 1115 -49.89 -18.78 -8.65
C ILE B 1115 -48.81 -19.35 -7.74
N VAL B 1116 -49.19 -19.81 -6.54
CA VAL B 1116 -48.22 -20.38 -5.63
C VAL B 1116 -47.65 -21.68 -6.19
N ILE B 1117 -48.50 -22.50 -6.81
CA ILE B 1117 -48.01 -23.74 -7.42
C ILE B 1117 -47.05 -23.41 -8.56
N ALA B 1118 -47.41 -22.46 -9.41
CA ALA B 1118 -46.53 -22.07 -10.51
C ALA B 1118 -45.21 -21.53 -10.00
N ALA B 1119 -45.23 -20.79 -8.89
CA ALA B 1119 -43.99 -20.26 -8.32
C ALA B 1119 -43.14 -21.38 -7.76
N MET B 1120 -43.77 -22.39 -7.15
CA MET B 1120 -43.02 -23.55 -6.70
C MET B 1120 -42.39 -24.29 -7.86
N LEU B 1121 -43.06 -24.30 -9.02
CA LEU B 1121 -42.52 -25.05 -10.16
C LEU B 1121 -41.28 -24.38 -10.74
N GLY B 1122 -41.14 -23.07 -10.58
CA GLY B 1122 -39.93 -22.41 -11.07
C GLY B 1122 -40.13 -21.02 -11.64
N ALA B 1123 -41.37 -20.64 -11.93
CA ALA B 1123 -41.64 -19.35 -12.51
C ALA B 1123 -41.37 -18.23 -11.51
N GLU B 1124 -41.20 -17.01 -12.05
CA GLU B 1124 -40.94 -15.84 -11.21
C GLU B 1124 -41.94 -14.74 -11.47
N GLU B 1125 -42.48 -14.68 -12.69
CA GLU B 1125 -43.52 -13.74 -13.05
C GLU B 1125 -44.72 -14.50 -13.59
N PHE B 1126 -45.87 -13.83 -13.63
CA PHE B 1126 -47.12 -14.49 -13.97
C PHE B 1126 -47.97 -13.60 -14.85
N GLY B 1127 -48.59 -14.20 -15.86
CA GLY B 1127 -49.54 -13.52 -16.71
C GLY B 1127 -50.94 -14.05 -16.45
N ILE B 1128 -51.93 -13.18 -16.57
CA ILE B 1128 -53.32 -13.50 -16.20
C ILE B 1128 -54.20 -13.64 -17.43
N GLY B 1129 -54.35 -12.57 -18.20
CA GLY B 1129 -55.05 -12.65 -19.47
C GLY B 1129 -56.57 -12.63 -19.39
N THR B 1130 -57.20 -13.78 -19.67
CA THR B 1130 -58.65 -13.79 -19.89
C THR B 1130 -59.42 -13.37 -18.64
N ALA B 1131 -58.90 -13.65 -17.45
CA ALA B 1131 -59.57 -13.20 -16.23
C ALA B 1131 -59.73 -11.69 -16.24
N SER B 1132 -58.70 -10.97 -16.69
CA SER B 1132 -58.82 -9.52 -16.84
C SER B 1132 -60.01 -9.14 -17.71
N LEU B 1133 -60.21 -9.86 -18.81
CA LEU B 1133 -61.33 -9.57 -19.69
C LEU B 1133 -62.65 -9.76 -18.96
N ILE B 1134 -62.71 -10.72 -18.02
CA ILE B 1134 -63.92 -10.91 -17.26
C ILE B 1134 -64.11 -9.80 -16.25
N ALA B 1135 -63.00 -9.23 -15.75
CA ALA B 1135 -63.12 -8.13 -14.81
C ALA B 1135 -63.62 -6.87 -15.49
N MET B 1136 -63.39 -6.73 -16.79
CA MET B 1136 -63.85 -5.55 -17.52
C MET B 1136 -65.24 -5.71 -18.10
N GLY B 1137 -65.77 -6.93 -18.19
CA GLY B 1137 -67.14 -7.11 -18.64
C GLY B 1137 -67.41 -8.30 -19.53
N CYS B 1138 -66.37 -8.93 -20.06
CA CYS B 1138 -66.57 -10.08 -20.94
C CYS B 1138 -67.18 -11.24 -20.17
N ILE B 1139 -68.20 -11.87 -20.75
CA ILE B 1139 -68.90 -12.97 -20.11
C ILE B 1139 -68.84 -14.23 -20.96
N MET B 1140 -67.75 -14.40 -21.71
CA MET B 1140 -67.48 -15.65 -22.42
C MET B 1140 -68.58 -15.97 -23.42
N VAL B 1141 -68.85 -15.01 -24.30
CA VAL B 1141 -69.86 -15.23 -25.33
C VAL B 1141 -69.29 -16.08 -26.46
N ARG B 1142 -67.98 -16.02 -26.69
CA ARG B 1142 -67.29 -16.81 -27.70
C ARG B 1142 -67.77 -16.46 -29.11
N GLN B 1143 -67.97 -15.16 -29.35
CA GLN B 1143 -68.32 -14.64 -30.67
C GLN B 1143 -67.43 -13.45 -30.99
N CYS B 1144 -66.13 -13.61 -30.75
CA CYS B 1144 -65.20 -12.52 -31.02
C CYS B 1144 -64.96 -12.36 -32.51
N HIS B 1145 -64.97 -13.45 -33.26
CA HIS B 1145 -64.72 -13.40 -34.71
C HIS B 1145 -65.90 -12.85 -35.50
N SER B 1146 -67.07 -12.68 -34.88
CA SER B 1146 -68.23 -12.19 -35.60
C SER B 1146 -68.36 -10.68 -35.60
N ASN B 1147 -67.52 -9.98 -34.84
CA ASN B 1147 -67.59 -8.53 -34.70
C ASN B 1147 -68.93 -8.09 -34.13
N THR B 1148 -69.55 -8.95 -33.33
CA THR B 1148 -70.84 -8.66 -32.69
C THR B 1148 -70.81 -9.07 -31.22
N CYS B 1149 -69.79 -8.66 -30.50
CA CYS B 1149 -69.75 -8.94 -29.07
C CYS B 1149 -70.71 -7.98 -28.36
N PRO B 1150 -71.66 -8.49 -27.56
CA PRO B 1150 -72.68 -7.60 -26.99
C PRO B 1150 -72.09 -6.55 -26.07
N VAL B 1151 -71.22 -6.94 -25.14
CA VAL B 1151 -70.65 -5.98 -24.20
C VAL B 1151 -69.80 -4.94 -24.95
N GLY B 1152 -69.04 -5.39 -25.94
CA GLY B 1152 -68.21 -4.48 -26.70
C GLY B 1152 -66.76 -4.50 -26.28
N VAL B 1153 -66.23 -5.69 -26.02
CA VAL B 1153 -64.84 -5.82 -25.62
C VAL B 1153 -63.98 -6.04 -26.86
N CYS B 1154 -64.25 -7.13 -27.59
CA CYS B 1154 -63.59 -7.41 -28.86
C CYS B 1154 -64.54 -7.02 -29.97
N VAL B 1155 -64.50 -5.75 -30.36
CA VAL B 1155 -65.45 -5.20 -31.31
C VAL B 1155 -64.80 -4.03 -32.04
N GLN B 1156 -65.25 -3.78 -33.27
CA GLN B 1156 -64.81 -2.64 -34.05
C GLN B 1156 -65.99 -1.81 -34.57
N ASP B 1157 -67.19 -2.06 -34.07
CA ASP B 1157 -68.35 -1.25 -34.43
C ASP B 1157 -68.32 0.09 -33.70
N ASP B 1158 -69.37 0.86 -33.91
CA ASP B 1158 -69.65 2.03 -33.08
C ASP B 1158 -70.86 1.78 -32.20
N LYS B 1159 -71.92 1.23 -32.81
CA LYS B 1159 -73.10 0.79 -32.07
C LYS B 1159 -72.72 -0.03 -30.84
N LEU B 1160 -71.76 -0.94 -30.99
CA LEU B 1160 -71.40 -1.83 -29.89
C LEU B 1160 -70.28 -1.29 -29.03
N ARG B 1161 -69.35 -0.52 -29.60
CA ARG B 1161 -68.34 0.14 -28.75
C ARG B 1161 -68.99 1.13 -27.80
N GLN B 1162 -70.16 1.64 -28.13
CA GLN B 1162 -70.83 2.54 -27.21
C GLN B 1162 -71.38 1.83 -25.98
N LYS B 1163 -71.36 0.50 -25.94
CA LYS B 1163 -71.88 -0.26 -24.82
C LYS B 1163 -70.81 -0.72 -23.84
N PHE B 1164 -69.61 -0.14 -23.89
CA PHE B 1164 -68.53 -0.59 -23.03
C PHE B 1164 -68.79 -0.15 -21.58
N VAL B 1165 -68.34 -0.96 -20.63
CA VAL B 1165 -68.62 -0.73 -19.22
C VAL B 1165 -67.35 -0.86 -18.39
N GLY B 1166 -66.21 -0.90 -19.06
CA GLY B 1166 -64.97 -1.15 -18.36
C GLY B 1166 -64.48 0.04 -17.57
N THR B 1167 -63.66 -0.25 -16.55
CA THR B 1167 -63.02 0.77 -15.73
C THR B 1167 -61.74 0.21 -15.13
N PRO B 1168 -60.68 1.02 -15.04
CA PRO B 1168 -59.40 0.48 -14.54
C PRO B 1168 -59.45 0.01 -13.10
N GLU B 1169 -60.26 0.67 -12.27
CA GLU B 1169 -60.34 0.28 -10.86
C GLU B 1169 -60.76 -1.17 -10.69
N LYS B 1170 -61.58 -1.68 -11.61
CA LYS B 1170 -61.96 -3.08 -11.57
C LYS B 1170 -60.74 -3.98 -11.66
N VAL B 1171 -59.87 -3.72 -12.63
CA VAL B 1171 -58.69 -4.55 -12.83
C VAL B 1171 -57.72 -4.39 -11.67
N VAL B 1172 -57.57 -3.16 -11.17
CA VAL B 1172 -56.71 -2.92 -10.01
C VAL B 1172 -57.19 -3.74 -8.82
N ASN B 1173 -58.50 -3.76 -8.59
CA ASN B 1173 -59.04 -4.51 -7.47
C ASN B 1173 -58.84 -6.01 -7.66
N LEU B 1174 -59.03 -6.50 -8.89
CA LEU B 1174 -58.76 -7.90 -9.17
C LEU B 1174 -57.32 -8.27 -8.81
N PHE B 1175 -56.36 -7.46 -9.26
CA PHE B 1175 -54.97 -7.77 -8.99
C PHE B 1175 -54.67 -7.68 -7.49
N THR B 1176 -55.27 -6.71 -6.80
CA THR B 1176 -55.03 -6.59 -5.37
C THR B 1176 -55.52 -7.83 -4.62
N PHE B 1177 -56.73 -8.28 -4.94
CA PHE B 1177 -57.25 -9.50 -4.30
C PHE B 1177 -56.37 -10.69 -4.62
N LEU B 1178 -55.95 -10.81 -5.88
CA LEU B 1178 -55.16 -11.97 -6.28
C LEU B 1178 -53.82 -12.00 -5.57
N ALA B 1179 -53.23 -10.82 -5.34
CA ALA B 1179 -51.94 -10.77 -4.64
C ALA B 1179 -52.10 -11.04 -3.15
N GLU B 1180 -53.15 -10.48 -2.53
CA GLU B 1180 -53.32 -10.72 -1.11
C GLU B 1180 -53.71 -12.15 -0.81
N GLU B 1181 -54.35 -12.86 -1.75
CA GLU B 1181 -54.55 -14.29 -1.58
C GLU B 1181 -53.22 -15.04 -1.47
N VAL B 1182 -52.27 -14.68 -2.34
CA VAL B 1182 -50.94 -15.27 -2.26
C VAL B 1182 -50.29 -14.96 -0.93
N ARG B 1183 -50.45 -13.72 -0.45
CA ARG B 1183 -49.95 -13.39 0.88
C ARG B 1183 -50.55 -14.30 1.94
N GLU B 1184 -51.87 -14.50 1.88
CA GLU B 1184 -52.56 -15.37 2.83
C GLU B 1184 -51.98 -16.78 2.81
N ILE B 1185 -51.84 -17.35 1.62
CA ILE B 1185 -51.36 -18.72 1.51
C ILE B 1185 -49.93 -18.84 1.98
N LEU B 1186 -49.10 -17.85 1.67
CA LEU B 1186 -47.71 -17.89 2.11
C LEU B 1186 -47.62 -17.80 3.62
N ALA B 1187 -48.37 -16.88 4.23
CA ALA B 1187 -48.35 -16.75 5.67
C ALA B 1187 -48.85 -18.02 6.35
N GLY B 1188 -49.85 -18.68 5.76
CA GLY B 1188 -50.29 -19.95 6.31
C GLY B 1188 -49.30 -21.08 6.08
N LEU B 1189 -48.45 -20.95 5.07
CA LEU B 1189 -47.50 -21.99 4.72
C LEU B 1189 -46.27 -21.97 5.63
N GLY B 1190 -45.73 -20.78 5.91
CA GLY B 1190 -44.61 -20.67 6.82
C GLY B 1190 -43.44 -19.87 6.27
N PHE B 1191 -43.66 -19.11 5.21
CA PHE B 1191 -42.62 -18.29 4.58
C PHE B 1191 -43.03 -16.83 4.59
N ARG B 1192 -42.10 -15.97 4.18
CA ARG B 1192 -42.30 -14.52 4.21
C ARG B 1192 -41.98 -13.83 2.89
N SER B 1193 -41.66 -14.58 1.84
CA SER B 1193 -41.36 -13.98 0.55
C SER B 1193 -41.42 -15.06 -0.52
N LEU B 1194 -41.72 -14.64 -1.75
CA LEU B 1194 -41.79 -15.59 -2.84
C LEU B 1194 -40.42 -16.16 -3.19
N ASN B 1195 -39.33 -15.44 -2.90
CA ASN B 1195 -38.00 -15.97 -3.16
C ASN B 1195 -37.66 -17.14 -2.24
N GLU B 1196 -38.35 -17.27 -1.10
CA GLU B 1196 -38.15 -18.42 -0.23
C GLU B 1196 -38.71 -19.70 -0.82
N VAL B 1197 -39.65 -19.60 -1.75
CA VAL B 1197 -40.39 -20.77 -2.20
C VAL B 1197 -40.11 -21.14 -3.65
N ILE B 1198 -39.53 -20.24 -4.45
CA ILE B 1198 -39.34 -20.53 -5.88
C ILE B 1198 -38.38 -21.70 -6.04
N GLY B 1199 -38.81 -22.69 -6.82
CA GLY B 1199 -38.00 -23.85 -7.10
C GLY B 1199 -38.08 -24.96 -6.07
N ARG B 1200 -38.61 -24.68 -4.87
CA ARG B 1200 -38.68 -25.68 -3.81
C ARG B 1200 -39.79 -26.67 -4.15
N THR B 1201 -39.44 -27.65 -4.98
CA THR B 1201 -40.43 -28.61 -5.47
C THR B 1201 -40.87 -29.56 -4.37
N ASP B 1202 -40.02 -29.81 -3.37
CA ASP B 1202 -40.32 -30.80 -2.34
C ASP B 1202 -41.47 -30.40 -1.43
N LEU B 1203 -42.11 -29.25 -1.64
CA LEU B 1203 -43.29 -28.86 -0.89
C LEU B 1203 -44.58 -29.35 -1.54
N LEU B 1204 -44.49 -30.11 -2.62
CA LEU B 1204 -45.66 -30.57 -3.35
C LEU B 1204 -45.73 -32.08 -3.27
N HIS B 1205 -46.93 -32.60 -3.00
CA HIS B 1205 -47.18 -34.03 -2.97
C HIS B 1205 -48.27 -34.36 -3.98
N GLN B 1206 -48.40 -35.63 -4.31
CA GLN B 1206 -49.40 -36.09 -5.29
C GLN B 1206 -50.35 -37.06 -4.61
N VAL B 1207 -51.64 -36.74 -4.64
CA VAL B 1207 -52.68 -37.66 -4.23
C VAL B 1207 -53.62 -37.89 -5.40
N SER B 1208 -54.02 -39.14 -5.60
CA SER B 1208 -54.83 -39.49 -6.75
C SER B 1208 -56.31 -39.49 -6.37
N ARG B 1209 -57.16 -39.60 -7.39
CA ARG B 1209 -58.59 -39.38 -7.20
C ARG B 1209 -59.28 -40.49 -6.43
N GLY B 1210 -58.62 -41.63 -6.24
CA GLY B 1210 -59.21 -42.68 -5.43
C GLY B 1210 -59.05 -44.08 -6.00
N ALA B 1211 -59.54 -45.08 -5.26
CA ALA B 1211 -59.47 -46.47 -5.69
C ALA B 1211 -60.67 -46.88 -6.52
N GLU B 1212 -61.38 -45.93 -7.12
CA GLU B 1212 -62.53 -46.21 -7.96
C GLU B 1212 -62.33 -45.74 -9.39
N HIS B 1213 -61.25 -45.03 -9.69
CA HIS B 1213 -60.94 -44.57 -11.03
C HIS B 1213 -59.75 -45.30 -11.65
N LEU B 1214 -58.66 -45.44 -10.90
CA LEU B 1214 -57.46 -46.16 -11.35
C LEU B 1214 -56.90 -45.56 -12.64
N ASP B 1215 -56.54 -44.28 -12.57
CA ASP B 1215 -55.60 -43.69 -13.52
C ASP B 1215 -54.23 -43.71 -12.86
N ASP B 1216 -53.25 -44.24 -13.57
CA ASP B 1216 -51.91 -44.44 -13.02
C ASP B 1216 -50.99 -43.27 -13.29
N LEU B 1217 -51.52 -42.05 -13.32
CA LEU B 1217 -50.70 -40.87 -13.53
C LEU B 1217 -49.64 -40.75 -12.45
N ASP B 1218 -48.37 -40.79 -12.86
CA ASP B 1218 -47.25 -40.58 -11.96
C ASP B 1218 -46.59 -39.25 -12.35
N LEU B 1219 -46.75 -38.25 -11.50
CA LEU B 1219 -46.20 -36.93 -11.75
C LEU B 1219 -44.80 -36.75 -11.19
N ASN B 1220 -44.11 -37.86 -10.93
CA ASN B 1220 -42.75 -37.83 -10.40
C ASN B 1220 -41.77 -37.19 -11.40
N PRO B 1221 -41.87 -37.47 -12.72
CA PRO B 1221 -41.06 -36.71 -13.67
C PRO B 1221 -41.28 -35.21 -13.55
N ARG B 1222 -42.44 -34.84 -13.03
CA ARG B 1222 -42.80 -33.45 -12.81
C ARG B 1222 -42.28 -32.90 -11.49
N LEU B 1223 -41.95 -33.76 -10.53
CA LEU B 1223 -41.51 -33.34 -9.21
C LEU B 1223 -40.04 -33.62 -8.95
N ALA B 1224 -39.28 -33.97 -9.98
CA ALA B 1224 -37.85 -34.23 -9.80
C ALA B 1224 -37.12 -32.96 -9.43
N GLN B 1225 -36.22 -33.06 -8.46
CA GLN B 1225 -35.48 -31.91 -7.94
C GLN B 1225 -34.01 -32.04 -8.35
N VAL B 1226 -33.58 -31.17 -9.25
CA VAL B 1226 -32.18 -31.10 -9.65
C VAL B 1226 -31.48 -30.08 -8.76
N ASP B 1227 -30.39 -30.50 -8.14
CA ASP B 1227 -29.71 -29.66 -7.16
C ASP B 1227 -28.86 -28.60 -7.85
N PRO B 1228 -29.06 -27.32 -7.54
CA PRO B 1228 -28.23 -26.28 -8.16
C PRO B 1228 -26.79 -26.26 -7.67
N GLY B 1229 -26.60 -26.36 -6.35
CA GLY B 1229 -25.27 -26.34 -5.79
C GLY B 1229 -24.81 -24.96 -5.34
N GLU B 1230 -23.97 -24.32 -6.15
CA GLU B 1230 -23.52 -22.97 -5.82
C GLU B 1230 -24.54 -21.90 -6.16
N ASN B 1231 -25.30 -22.08 -7.24
CA ASN B 1231 -26.08 -20.99 -7.76
C ASN B 1231 -27.45 -20.93 -7.07
N ALA B 1232 -28.08 -19.78 -7.16
CA ALA B 1232 -29.44 -19.62 -6.67
C ALA B 1232 -30.41 -20.28 -7.62
N ARG B 1233 -31.70 -20.24 -7.28
CA ARG B 1233 -32.73 -20.83 -8.11
C ARG B 1233 -33.54 -19.78 -8.87
N TYR B 1234 -32.92 -18.63 -9.16
CA TYR B 1234 -33.59 -17.57 -9.91
C TYR B 1234 -32.53 -16.65 -10.48
N CYS B 1235 -32.97 -15.62 -11.20
CA CYS B 1235 -32.06 -14.68 -11.82
C CYS B 1235 -31.34 -13.86 -10.76
N THR B 1236 -30.02 -13.68 -10.93
CA THR B 1236 -29.22 -12.96 -9.95
C THR B 1236 -28.34 -11.91 -10.62
N LEU B 1237 -28.65 -11.52 -11.85
CA LEU B 1237 -27.83 -10.54 -12.56
C LEU B 1237 -28.60 -9.23 -12.71
N GLN B 1238 -27.85 -8.16 -12.97
CA GLN B 1238 -28.40 -6.81 -13.02
C GLN B 1238 -28.41 -6.35 -14.47
N GLY B 1239 -29.56 -5.85 -14.93
CA GLY B 1239 -29.68 -5.38 -16.29
C GLY B 1239 -29.66 -6.51 -17.29
N ARG B 1240 -29.60 -6.13 -18.57
CA ARG B 1240 -29.58 -7.13 -19.63
C ARG B 1240 -28.18 -7.70 -19.81
N ASN B 1241 -28.02 -8.50 -20.86
CA ASN B 1241 -26.73 -9.08 -21.22
C ASN B 1241 -26.18 -8.34 -22.43
N GLU B 1242 -25.21 -7.46 -22.19
CA GLU B 1242 -24.66 -6.66 -23.27
C GLU B 1242 -23.95 -7.54 -24.29
N VAL B 1243 -23.78 -6.99 -25.49
CA VAL B 1243 -23.23 -7.71 -26.63
C VAL B 1243 -22.05 -6.93 -27.17
N PRO B 1244 -21.16 -7.58 -27.92
CA PRO B 1244 -20.01 -6.87 -28.48
C PRO B 1244 -20.44 -5.76 -29.45
N ASP B 1245 -19.56 -4.77 -29.59
CA ASP B 1245 -19.85 -3.59 -30.39
C ASP B 1245 -19.46 -3.83 -31.84
N THR B 1246 -20.29 -3.33 -32.75
CA THR B 1246 -20.00 -3.35 -34.18
C THR B 1246 -19.33 -2.04 -34.57
N LEU B 1247 -19.23 -1.78 -35.88
CA LEU B 1247 -18.60 -0.55 -36.36
C LEU B 1247 -19.34 0.68 -35.89
N ASP B 1248 -20.65 0.56 -35.63
CA ASP B 1248 -21.47 1.69 -35.24
C ASP B 1248 -20.82 2.50 -34.12
N ALA B 1249 -20.18 1.81 -33.17
CA ALA B 1249 -19.51 2.50 -32.05
C ALA B 1249 -18.60 3.61 -32.56
N ARG B 1250 -17.67 3.26 -33.46
CA ARG B 1250 -16.76 4.27 -33.97
C ARG B 1250 -17.51 5.42 -34.60
N ILE B 1251 -18.58 5.13 -35.34
CA ILE B 1251 -19.37 6.18 -35.97
C ILE B 1251 -19.90 7.14 -34.91
N VAL B 1252 -20.38 6.60 -33.78
CA VAL B 1252 -20.93 7.46 -32.74
C VAL B 1252 -19.83 8.32 -32.13
N ALA B 1253 -18.58 7.84 -32.17
CA ALA B 1253 -17.47 8.63 -31.68
C ALA B 1253 -16.97 9.64 -32.71
N ASP B 1254 -17.48 9.57 -33.94
CA ASP B 1254 -17.02 10.45 -35.02
C ASP B 1254 -18.04 11.50 -35.41
N ALA B 1255 -19.32 11.14 -35.44
CA ALA B 1255 -20.37 12.07 -35.83
C ALA B 1255 -20.93 12.81 -34.62
N ARG B 1256 -20.03 13.47 -33.90
CA ARG B 1256 -20.43 14.28 -32.75
C ARG B 1256 -20.99 15.63 -33.18
N PRO B 1257 -20.39 16.32 -34.17
CA PRO B 1257 -21.02 17.56 -34.65
C PRO B 1257 -22.48 17.40 -35.06
N LEU B 1258 -22.87 16.22 -35.54
CA LEU B 1258 -24.27 16.03 -35.93
C LEU B 1258 -25.17 16.02 -34.70
N PHE B 1259 -24.68 15.52 -33.57
CA PHE B 1259 -25.48 15.45 -32.36
C PHE B 1259 -25.37 16.68 -31.48
N GLU B 1260 -24.36 17.53 -31.70
CA GLU B 1260 -24.18 18.74 -30.91
C GLU B 1260 -24.55 20.01 -31.67
N GLU B 1261 -24.00 20.20 -32.88
CA GLU B 1261 -24.41 21.31 -33.72
C GLU B 1261 -25.60 20.96 -34.58
N GLY B 1262 -25.73 19.71 -35.01
CA GLY B 1262 -26.76 19.35 -35.95
C GLY B 1262 -26.41 19.79 -37.35
N GLU B 1263 -25.24 19.40 -37.82
CA GLU B 1263 -24.73 19.81 -39.12
C GLU B 1263 -24.52 18.59 -40.01
N LYS B 1264 -24.27 18.83 -41.28
CA LYS B 1264 -24.09 17.76 -42.24
C LYS B 1264 -22.74 17.07 -42.01
N MET B 1265 -22.69 15.78 -42.32
CA MET B 1265 -21.49 14.97 -42.14
C MET B 1265 -21.30 14.06 -43.33
N GLN B 1266 -20.13 13.43 -43.39
CA GLN B 1266 -19.80 12.53 -44.49
C GLN B 1266 -18.64 11.65 -44.02
N LEU B 1267 -18.89 10.33 -43.94
CA LEU B 1267 -17.90 9.42 -43.39
C LEU B 1267 -17.60 8.30 -44.38
N ALA B 1268 -16.40 7.73 -44.26
CA ALA B 1268 -15.97 6.64 -45.11
C ALA B 1268 -15.25 5.61 -44.27
N TYR B 1269 -15.61 4.34 -44.43
CA TYR B 1269 -15.01 3.26 -43.66
C TYR B 1269 -14.81 2.04 -44.56
N ASN B 1270 -14.24 0.99 -43.97
CA ASN B 1270 -14.04 -0.28 -44.65
C ASN B 1270 -14.87 -1.34 -43.95
N ALA B 1271 -15.74 -2.00 -44.71
CA ALA B 1271 -16.64 -3.00 -44.16
C ALA B 1271 -16.08 -4.40 -44.33
N ARG B 1272 -16.58 -5.32 -43.51
CA ARG B 1272 -16.19 -6.71 -43.57
C ARG B 1272 -17.36 -7.57 -43.10
N ASN B 1273 -17.36 -8.84 -43.53
CA ASN B 1273 -18.49 -9.71 -43.23
C ASN B 1273 -18.60 -10.06 -41.75
N THR B 1274 -17.60 -9.71 -40.94
CA THR B 1274 -17.65 -9.94 -39.50
C THR B 1274 -18.21 -8.74 -38.74
N GLN B 1275 -19.03 -7.93 -39.39
CA GLN B 1275 -19.60 -6.73 -38.78
C GLN B 1275 -21.09 -6.70 -39.09
N ARG B 1276 -21.93 -6.92 -38.08
CA ARG B 1276 -23.36 -7.05 -38.28
C ARG B 1276 -24.08 -5.76 -37.88
N ALA B 1277 -25.19 -5.50 -38.56
CA ALA B 1277 -26.08 -4.38 -38.25
C ALA B 1277 -25.31 -3.05 -38.27
N ILE B 1278 -24.78 -2.72 -39.44
CA ILE B 1278 -24.05 -1.48 -39.62
C ILE B 1278 -25.04 -0.35 -39.82
N GLY B 1279 -25.03 0.63 -38.91
CA GLY B 1279 -25.91 1.77 -39.04
C GLY B 1279 -27.24 1.63 -38.33
N THR B 1280 -27.29 0.87 -37.24
CA THR B 1280 -28.51 0.73 -36.46
C THR B 1280 -28.48 1.54 -35.17
N ARG B 1281 -27.37 1.50 -34.43
CA ARG B 1281 -27.26 2.32 -33.22
C ARG B 1281 -27.33 3.80 -33.55
N LEU B 1282 -26.68 4.21 -34.64
CA LEU B 1282 -26.79 5.59 -35.11
C LEU B 1282 -28.24 5.97 -35.36
N SER B 1283 -29.01 5.06 -35.95
CA SER B 1283 -30.42 5.32 -36.18
C SER B 1283 -31.16 5.50 -34.86
N SER B 1284 -30.76 4.75 -33.83
CA SER B 1284 -31.39 4.90 -32.53
C SER B 1284 -31.11 6.27 -31.93
N MET B 1285 -29.85 6.71 -31.99
CA MET B 1285 -29.51 8.04 -31.49
C MET B 1285 -30.27 9.12 -32.25
N VAL B 1286 -30.35 8.98 -33.58
CA VAL B 1286 -31.04 9.99 -34.39
C VAL B 1286 -32.52 10.03 -34.04
N THR B 1287 -33.13 8.85 -33.83
CA THR B 1287 -34.54 8.80 -33.46
C THR B 1287 -34.77 9.47 -32.11
N ARG B 1288 -33.92 9.18 -31.13
CA ARG B 1288 -34.08 9.80 -29.81
C ARG B 1288 -33.88 11.30 -29.88
N LYS B 1289 -33.00 11.78 -30.77
CA LYS B 1289 -32.72 13.21 -30.81
C LYS B 1289 -33.76 13.98 -31.61
N PHE B 1290 -33.90 13.67 -32.90
CA PHE B 1290 -34.77 14.43 -33.78
C PHE B 1290 -36.07 13.73 -34.15
N GLY B 1291 -36.08 12.41 -34.18
CA GLY B 1291 -37.25 11.66 -34.60
C GLY B 1291 -37.06 11.03 -35.97
N MET B 1292 -38.08 10.30 -36.39
CA MET B 1292 -37.98 9.53 -37.62
C MET B 1292 -37.89 10.44 -38.85
N PHE B 1293 -38.58 11.56 -38.84
CA PHE B 1293 -38.68 12.43 -40.01
C PHE B 1293 -38.25 13.85 -39.67
N GLY B 1294 -37.16 14.00 -38.93
CA GLY B 1294 -36.70 15.30 -38.51
C GLY B 1294 -35.58 15.87 -39.37
N LEU B 1295 -34.86 14.98 -40.07
CA LEU B 1295 -33.72 15.37 -40.87
C LEU B 1295 -34.04 15.26 -42.34
N GLN B 1296 -33.51 16.17 -43.14
CA GLN B 1296 -33.70 16.11 -44.58
C GLN B 1296 -33.00 14.88 -45.16
N PRO B 1297 -33.46 14.38 -46.29
CA PRO B 1297 -32.84 13.18 -46.88
C PRO B 1297 -31.39 13.42 -47.23
N GLY B 1298 -30.53 12.52 -46.77
CA GLY B 1298 -29.11 12.64 -47.05
C GLY B 1298 -28.35 13.56 -46.13
N HIS B 1299 -28.77 13.67 -44.88
CA HIS B 1299 -28.06 14.55 -43.94
C HIS B 1299 -26.71 13.98 -43.57
N ILE B 1300 -26.67 12.73 -43.11
CA ILE B 1300 -25.43 12.03 -42.81
C ILE B 1300 -25.31 10.85 -43.77
N THR B 1301 -24.16 10.74 -44.42
CA THR B 1301 -23.91 9.69 -45.40
C THR B 1301 -22.61 8.98 -45.09
N ILE B 1302 -22.63 7.66 -45.26
CA ILE B 1302 -21.50 6.79 -44.98
C ILE B 1302 -21.19 6.00 -46.25
N ARG B 1303 -19.90 5.81 -46.51
CA ARG B 1303 -19.44 5.07 -47.68
C ARG B 1303 -18.60 3.88 -47.22
N LEU B 1304 -19.09 2.69 -47.52
CA LEU B 1304 -18.41 1.44 -47.16
C LEU B 1304 -17.85 0.80 -48.42
N ARG B 1305 -16.66 0.20 -48.29
CA ARG B 1305 -15.98 -0.46 -49.40
C ARG B 1305 -15.69 -1.89 -48.98
N GLY B 1306 -16.43 -2.85 -49.52
CA GLY B 1306 -16.21 -4.25 -49.19
C GLY B 1306 -17.49 -5.01 -48.94
N THR B 1307 -17.39 -6.32 -48.81
CA THR B 1307 -18.54 -7.17 -48.54
C THR B 1307 -18.99 -6.95 -47.09
N ALA B 1308 -20.17 -6.38 -46.92
CA ALA B 1308 -20.69 -6.08 -45.59
C ALA B 1308 -21.33 -7.32 -44.97
N GLY B 1309 -21.67 -7.20 -43.69
CA GLY B 1309 -22.24 -8.31 -42.96
C GLY B 1309 -23.72 -8.49 -43.20
N GLN B 1310 -24.45 -8.87 -42.16
CA GLN B 1310 -25.88 -9.09 -42.24
C GLN B 1310 -26.63 -7.96 -41.55
N SER B 1311 -27.91 -7.83 -41.90
CA SER B 1311 -28.78 -6.81 -41.33
C SER B 1311 -28.22 -5.41 -41.55
N LEU B 1312 -27.67 -5.18 -42.75
CA LEU B 1312 -27.07 -3.89 -43.06
C LEU B 1312 -28.14 -2.81 -43.09
N GLY B 1313 -27.97 -1.79 -42.25
CA GLY B 1313 -28.93 -0.70 -42.21
C GLY B 1313 -30.31 -1.09 -41.74
N ALA B 1314 -30.41 -2.07 -40.85
CA ALA B 1314 -31.71 -2.47 -40.33
C ALA B 1314 -32.28 -1.37 -39.44
N PHE B 1315 -33.55 -1.04 -39.66
CA PHE B 1315 -34.26 -0.01 -38.90
C PHE B 1315 -33.59 1.35 -39.04
N ALA B 1316 -33.33 1.74 -40.29
CA ALA B 1316 -32.73 3.04 -40.57
C ALA B 1316 -33.81 4.07 -40.83
N VAL B 1317 -33.64 5.25 -40.25
CA VAL B 1317 -34.61 6.32 -40.34
C VAL B 1317 -34.17 7.31 -41.42
N GLN B 1318 -35.09 8.19 -41.81
CA GLN B 1318 -34.78 9.20 -42.81
C GLN B 1318 -33.68 10.13 -42.33
N GLY B 1319 -32.80 10.52 -43.25
CA GLY B 1319 -31.66 11.34 -42.93
C GLY B 1319 -30.34 10.59 -42.88
N ILE B 1320 -30.34 9.29 -43.16
CA ILE B 1320 -29.14 8.47 -43.15
C ILE B 1320 -29.02 7.81 -44.52
N LYS B 1321 -27.83 7.91 -45.13
CA LYS B 1321 -27.60 7.37 -46.45
C LYS B 1321 -26.36 6.48 -46.43
N LEU B 1322 -26.55 5.17 -46.58
CA LEU B 1322 -25.44 4.23 -46.66
C LEU B 1322 -25.18 3.87 -48.11
N GLU B 1323 -23.90 3.87 -48.50
CA GLU B 1323 -23.51 3.52 -49.87
C GLU B 1323 -22.43 2.45 -49.79
N VAL B 1324 -22.76 1.24 -50.22
CA VAL B 1324 -21.85 0.10 -50.17
C VAL B 1324 -21.30 -0.15 -51.57
N MET B 1325 -19.99 -0.34 -51.66
CA MET B 1325 -19.33 -0.74 -52.90
C MET B 1325 -18.84 -2.16 -52.72
N GLY B 1326 -19.49 -3.10 -53.41
CA GLY B 1326 -19.28 -4.51 -53.16
C GLY B 1326 -20.59 -5.27 -53.15
N ASP B 1327 -20.93 -5.89 -52.02
CA ASP B 1327 -22.18 -6.63 -51.93
C ASP B 1327 -22.59 -6.74 -50.47
N ALA B 1328 -23.85 -7.12 -50.26
CA ALA B 1328 -24.40 -7.35 -48.93
C ALA B 1328 -24.78 -8.81 -48.79
N ASN B 1329 -24.76 -9.31 -47.56
CA ASN B 1329 -24.94 -10.75 -47.34
C ASN B 1329 -26.42 -11.13 -47.32
N ASP B 1330 -27.16 -10.64 -46.33
CA ASP B 1330 -28.54 -11.06 -46.11
C ASP B 1330 -29.26 -10.03 -45.27
N TYR B 1331 -30.60 -10.08 -45.33
CA TYR B 1331 -31.47 -9.22 -44.51
C TYR B 1331 -31.11 -7.75 -44.65
N VAL B 1332 -30.61 -7.35 -45.81
CA VAL B 1332 -30.26 -5.95 -46.02
C VAL B 1332 -31.54 -5.13 -46.08
N GLY B 1333 -31.57 -4.03 -45.32
CA GLY B 1333 -32.75 -3.21 -45.28
C GLY B 1333 -33.92 -3.84 -44.57
N LYS B 1334 -33.67 -4.71 -43.61
CA LYS B 1334 -34.76 -5.29 -42.83
C LYS B 1334 -35.44 -4.22 -42.01
N GLY B 1335 -36.75 -4.08 -42.19
CA GLY B 1335 -37.50 -3.08 -41.43
C GLY B 1335 -37.03 -1.65 -41.69
N LEU B 1336 -36.84 -1.29 -42.94
CA LEU B 1336 -36.44 0.07 -43.29
C LEU B 1336 -37.49 1.05 -42.82
N SER B 1337 -37.05 2.14 -42.19
CA SER B 1337 -37.93 3.11 -41.56
C SER B 1337 -37.67 4.51 -42.09
N GLY B 1338 -37.48 4.63 -43.41
CA GLY B 1338 -37.35 5.91 -44.06
C GLY B 1338 -35.95 6.25 -44.56
N GLY B 1339 -34.96 5.41 -44.29
CA GLY B 1339 -33.60 5.70 -44.70
C GLY B 1339 -33.37 5.58 -46.20
N THR B 1340 -32.12 5.33 -46.59
CA THR B 1340 -31.78 5.17 -48.00
C THR B 1340 -30.52 4.34 -48.11
N ILE B 1341 -30.58 3.25 -48.88
CA ILE B 1341 -29.46 2.35 -49.06
C ILE B 1341 -29.20 2.19 -50.55
N VAL B 1342 -27.92 2.18 -50.94
CA VAL B 1342 -27.52 2.02 -52.33
C VAL B 1342 -26.37 1.02 -52.38
N VAL B 1343 -26.51 -0.01 -53.20
CA VAL B 1343 -25.50 -1.05 -53.35
C VAL B 1343 -25.12 -1.16 -54.82
N ARG B 1344 -23.83 -1.05 -55.11
CA ARG B 1344 -23.30 -1.11 -56.47
C ARG B 1344 -21.97 -1.83 -56.45
N PRO B 1345 -21.59 -2.46 -57.56
CA PRO B 1345 -20.26 -3.07 -57.64
C PRO B 1345 -19.17 -2.00 -57.75
N THR B 1346 -17.93 -2.45 -57.62
CA THR B 1346 -16.80 -1.54 -57.71
C THR B 1346 -16.68 -0.99 -59.13
N THR B 1347 -15.98 0.14 -59.25
CA THR B 1347 -15.79 0.75 -60.56
C THR B 1347 -14.84 -0.05 -61.43
N SER B 1348 -13.95 -0.83 -60.82
CA SER B 1348 -12.99 -1.66 -61.55
C SER B 1348 -13.47 -3.10 -61.70
N SER B 1349 -14.78 -3.30 -61.82
CA SER B 1349 -15.34 -4.65 -61.88
C SER B 1349 -15.60 -5.05 -63.32
N PRO B 1350 -15.05 -6.16 -63.79
CA PRO B 1350 -15.39 -6.68 -65.12
C PRO B 1350 -16.57 -7.64 -65.07
N LEU B 1351 -17.73 -7.11 -64.64
CA LEU B 1351 -18.92 -7.91 -64.45
C LEU B 1351 -20.12 -7.24 -65.08
N GLU B 1352 -20.99 -8.04 -65.69
CA GLU B 1352 -22.28 -7.54 -66.14
C GLU B 1352 -23.18 -7.36 -64.93
N THR B 1353 -23.58 -6.11 -64.66
CA THR B 1353 -24.30 -5.81 -63.43
C THR B 1353 -25.69 -6.44 -63.39
N ASN B 1354 -26.21 -6.91 -64.53
CA ASN B 1354 -27.53 -7.52 -64.58
C ASN B 1354 -27.47 -9.04 -64.62
N LYS B 1355 -26.32 -9.63 -64.30
CA LYS B 1355 -26.17 -11.07 -64.36
C LYS B 1355 -25.41 -11.64 -63.16
N ASN B 1356 -25.30 -10.89 -62.07
CA ASN B 1356 -24.57 -11.35 -60.90
C ASN B 1356 -25.31 -10.91 -59.64
N THR B 1357 -25.43 -11.83 -58.69
CA THR B 1357 -26.15 -11.55 -57.46
C THR B 1357 -25.35 -10.59 -56.58
N ILE B 1358 -26.02 -9.56 -56.09
CA ILE B 1358 -25.39 -8.58 -55.22
C ILE B 1358 -25.94 -8.61 -53.79
N ILE B 1359 -27.23 -8.91 -53.60
CA ILE B 1359 -27.82 -8.99 -52.28
C ILE B 1359 -28.47 -10.36 -52.10
N GLY B 1360 -28.59 -10.78 -50.85
CA GLY B 1360 -29.00 -12.12 -50.50
C GLY B 1360 -30.49 -12.27 -50.36
N ASN B 1361 -30.91 -13.03 -49.34
CA ASN B 1361 -32.29 -13.42 -49.17
C ASN B 1361 -33.01 -12.51 -48.18
N THR B 1362 -34.33 -12.40 -48.35
CA THR B 1362 -35.21 -11.66 -47.44
C THR B 1362 -34.77 -10.20 -47.34
N VAL B 1363 -34.87 -9.51 -48.46
CA VAL B 1363 -34.53 -8.10 -48.55
C VAL B 1363 -35.78 -7.29 -48.28
N LEU B 1364 -35.64 -6.23 -47.48
CA LEU B 1364 -36.75 -5.33 -47.16
C LEU B 1364 -37.91 -6.08 -46.51
N TYR B 1365 -37.64 -6.68 -45.36
CA TYR B 1365 -38.65 -7.45 -44.63
C TYR B 1365 -39.41 -6.51 -43.71
N GLY B 1366 -40.64 -6.19 -44.09
CA GLY B 1366 -41.48 -5.35 -43.24
C GLY B 1366 -41.05 -3.89 -43.17
N ALA B 1367 -40.69 -3.31 -44.31
CA ALA B 1367 -40.28 -1.92 -44.36
C ALA B 1367 -41.49 -1.01 -44.55
N THR B 1368 -41.42 0.18 -43.97
CA THR B 1368 -42.52 1.13 -44.03
C THR B 1368 -42.21 2.39 -44.82
N ALA B 1369 -40.94 2.72 -45.03
CA ALA B 1369 -40.57 3.92 -45.77
C ALA B 1369 -39.09 3.83 -46.14
N GLY B 1370 -38.70 4.61 -47.13
CA GLY B 1370 -37.32 4.68 -47.57
C GLY B 1370 -37.18 4.27 -49.02
N LYS B 1371 -35.93 4.15 -49.44
CA LYS B 1371 -35.61 3.74 -50.80
C LYS B 1371 -34.39 2.84 -50.78
N LEU B 1372 -34.31 1.94 -51.76
CA LEU B 1372 -33.21 1.00 -51.87
C LEU B 1372 -32.94 0.73 -53.35
N PHE B 1373 -31.75 1.05 -53.81
CA PHE B 1373 -31.34 0.83 -55.19
C PHE B 1373 -30.16 -0.11 -55.22
N ALA B 1374 -30.30 -1.22 -55.94
CA ALA B 1374 -29.23 -2.19 -56.10
C ALA B 1374 -28.92 -2.37 -57.59
N ALA B 1375 -27.69 -2.78 -57.86
CA ALA B 1375 -27.20 -2.95 -59.23
C ALA B 1375 -26.91 -4.41 -59.53
N GLY B 1376 -27.80 -5.30 -59.12
CA GLY B 1376 -27.63 -6.71 -59.36
C GLY B 1376 -28.95 -7.44 -59.22
N GLN B 1377 -28.85 -8.73 -58.90
CA GLN B 1377 -30.02 -9.54 -58.64
C GLN B 1377 -30.12 -9.83 -57.15
N ALA B 1378 -31.36 -10.00 -56.69
CA ALA B 1378 -31.62 -10.33 -55.29
C ALA B 1378 -31.82 -11.83 -55.14
N GLY B 1379 -31.98 -12.28 -53.90
CA GLY B 1379 -32.15 -13.68 -53.59
C GLY B 1379 -33.60 -14.09 -53.60
N GLU B 1380 -33.96 -14.99 -52.68
CA GLU B 1380 -35.33 -15.46 -52.56
C GLU B 1380 -36.11 -14.57 -51.60
N ARG B 1381 -37.44 -14.63 -51.73
CA ARG B 1381 -38.34 -13.87 -50.87
C ARG B 1381 -38.01 -12.39 -50.89
N PHE B 1382 -37.78 -11.86 -52.09
CA PHE B 1382 -37.43 -10.47 -52.23
C PHE B 1382 -38.64 -9.58 -51.93
N ALA B 1383 -38.46 -8.65 -51.00
CA ALA B 1383 -39.48 -7.67 -50.64
C ALA B 1383 -40.76 -8.34 -50.17
N VAL B 1384 -40.63 -9.11 -49.09
CA VAL B 1384 -41.78 -9.72 -48.44
C VAL B 1384 -42.32 -8.77 -47.39
N ARG B 1385 -43.64 -8.69 -47.29
CA ARG B 1385 -44.32 -7.82 -46.33
C ARG B 1385 -43.89 -6.37 -46.47
N ASN B 1386 -43.60 -5.93 -47.70
CA ASN B 1386 -43.30 -4.52 -47.92
C ASN B 1386 -44.55 -3.69 -47.68
N SER B 1387 -44.37 -2.54 -47.04
CA SER B 1387 -45.50 -1.70 -46.67
C SER B 1387 -45.46 -0.30 -47.26
N GLY B 1388 -44.28 0.34 -47.30
CA GLY B 1388 -44.20 1.67 -47.87
C GLY B 1388 -42.92 1.96 -48.62
N ALA B 1389 -42.04 0.97 -48.74
CA ALA B 1389 -40.73 1.20 -49.32
C ALA B 1389 -40.80 1.23 -50.84
N THR B 1390 -39.73 1.73 -51.45
CA THR B 1390 -39.58 1.81 -52.90
C THR B 1390 -38.22 1.24 -53.26
N VAL B 1391 -38.21 0.23 -54.13
CA VAL B 1391 -36.99 -0.51 -54.44
C VAL B 1391 -36.87 -0.68 -55.94
N VAL B 1392 -35.66 -0.55 -56.46
CA VAL B 1392 -35.35 -0.75 -57.87
C VAL B 1392 -34.14 -1.69 -57.93
N VAL B 1393 -34.36 -2.90 -58.43
CA VAL B 1393 -33.32 -3.91 -58.47
C VAL B 1393 -33.34 -4.56 -59.85
N GLU B 1394 -32.16 -5.00 -60.31
CA GLU B 1394 -31.97 -5.51 -61.66
C GLU B 1394 -32.25 -7.00 -61.77
N GLY B 1395 -33.04 -7.56 -60.88
CA GLY B 1395 -33.35 -8.97 -60.94
C GLY B 1395 -34.06 -9.41 -59.68
N CYS B 1396 -34.39 -10.70 -59.65
CA CYS B 1396 -35.10 -11.27 -58.51
C CYS B 1396 -34.97 -12.78 -58.56
N GLY B 1397 -35.41 -13.43 -57.48
CA GLY B 1397 -35.39 -14.87 -57.40
C GLY B 1397 -36.78 -15.45 -57.30
N SER B 1398 -36.94 -16.52 -56.52
CA SER B 1398 -38.25 -17.11 -56.34
C SER B 1398 -38.98 -16.44 -55.17
N ASN B 1399 -40.31 -16.57 -55.19
CA ASN B 1399 -41.17 -16.06 -54.13
C ASN B 1399 -41.02 -14.56 -53.94
N GLY B 1400 -40.77 -13.83 -55.04
CA GLY B 1400 -40.58 -12.40 -54.94
C GLY B 1400 -41.89 -11.66 -54.68
N CYS B 1401 -41.79 -10.60 -53.89
CA CYS B 1401 -42.94 -9.74 -53.57
C CYS B 1401 -44.08 -10.56 -52.97
N GLU B 1402 -43.73 -11.53 -52.14
CA GLU B 1402 -44.74 -12.39 -51.53
C GLU B 1402 -45.46 -11.64 -50.42
N TYR B 1403 -46.78 -11.59 -50.52
CA TYR B 1403 -47.64 -11.00 -49.48
C TYR B 1403 -47.27 -9.54 -49.24
N MET B 1404 -47.03 -8.80 -50.32
CA MET B 1404 -46.71 -7.39 -50.23
C MET B 1404 -47.98 -6.59 -49.94
N THR B 1405 -47.80 -5.43 -49.30
CA THR B 1405 -48.93 -4.62 -48.86
C THR B 1405 -48.91 -3.19 -49.38
N GLY B 1406 -47.74 -2.61 -49.64
CA GLY B 1406 -47.69 -1.24 -50.13
C GLY B 1406 -46.33 -0.80 -50.63
N GLY B 1407 -46.32 0.12 -51.57
CA GLY B 1407 -45.09 0.60 -52.18
C GLY B 1407 -45.00 0.20 -53.63
N THR B 1408 -43.84 0.53 -54.23
CA THR B 1408 -43.58 0.22 -55.62
C THR B 1408 -42.28 -0.56 -55.73
N ALA B 1409 -42.23 -1.50 -56.66
CA ALA B 1409 -41.06 -2.34 -56.90
C ALA B 1409 -40.85 -2.51 -58.39
N VAL B 1410 -39.67 -2.15 -58.88
CA VAL B 1410 -39.32 -2.26 -60.28
C VAL B 1410 -38.23 -3.34 -60.41
N ILE B 1411 -38.51 -4.34 -61.23
CA ILE B 1411 -37.60 -5.47 -61.43
C ILE B 1411 -37.19 -5.49 -62.89
N LEU B 1412 -35.94 -5.17 -63.18
CA LEU B 1412 -35.43 -5.12 -64.55
C LEU B 1412 -34.73 -6.43 -64.87
N GLY B 1413 -35.52 -7.50 -64.94
CA GLY B 1413 -34.97 -8.81 -65.23
C GLY B 1413 -35.99 -9.93 -65.16
N ARG B 1414 -35.54 -11.11 -64.73
CA ARG B 1414 -36.41 -12.28 -64.64
C ARG B 1414 -36.84 -12.52 -63.20
N VAL B 1415 -37.89 -13.31 -63.05
CA VAL B 1415 -38.44 -13.68 -61.75
C VAL B 1415 -38.64 -15.19 -61.72
N GLY B 1416 -39.05 -15.70 -60.55
CA GLY B 1416 -39.28 -17.11 -60.35
C GLY B 1416 -40.75 -17.44 -60.12
N ASP B 1417 -40.99 -18.73 -59.88
CA ASP B 1417 -42.35 -19.19 -59.66
C ASP B 1417 -42.93 -18.58 -58.40
N ASN B 1418 -44.27 -18.62 -58.31
CA ASN B 1418 -45.00 -18.11 -57.15
C ASN B 1418 -44.69 -16.63 -56.91
N PHE B 1419 -44.43 -15.90 -57.98
CA PHE B 1419 -44.18 -14.47 -57.87
C PHE B 1419 -45.48 -13.73 -57.55
N ALA B 1420 -45.37 -12.71 -56.71
CA ALA B 1420 -46.50 -11.88 -56.32
C ALA B 1420 -47.64 -12.71 -55.73
N ALA B 1421 -47.27 -13.71 -54.94
CA ALA B 1421 -48.26 -14.57 -54.30
C ALA B 1421 -48.74 -13.92 -53.01
N GLY B 1422 -50.06 -13.86 -52.84
CA GLY B 1422 -50.62 -13.21 -51.67
C GLY B 1422 -50.48 -11.72 -51.65
N MET B 1423 -50.11 -11.09 -52.76
CA MET B 1423 -50.00 -9.64 -52.82
C MET B 1423 -51.39 -9.02 -52.64
N THR B 1424 -51.47 -7.98 -51.81
CA THR B 1424 -52.75 -7.37 -51.47
C THR B 1424 -52.71 -5.85 -51.52
N GLY B 1425 -51.60 -5.24 -51.96
CA GLY B 1425 -51.52 -3.80 -52.05
C GLY B 1425 -50.21 -3.31 -52.62
N GLY B 1426 -50.27 -2.23 -53.40
CA GLY B 1426 -49.08 -1.67 -54.01
C GLY B 1426 -49.15 -1.74 -55.52
N MET B 1427 -47.99 -1.96 -56.14
CA MET B 1427 -47.88 -2.04 -57.59
C MET B 1427 -46.51 -2.60 -57.95
N ALA B 1428 -46.42 -3.22 -59.12
CA ALA B 1428 -45.14 -3.76 -59.57
C ALA B 1428 -45.00 -3.57 -61.07
N TYR B 1429 -43.75 -3.45 -61.51
CA TYR B 1429 -43.42 -3.36 -62.94
C TYR B 1429 -42.30 -4.32 -63.24
N VAL B 1430 -42.52 -5.21 -64.20
CA VAL B 1430 -41.54 -6.20 -64.63
C VAL B 1430 -41.09 -5.87 -66.04
N TYR B 1431 -39.79 -6.07 -66.31
CA TYR B 1431 -39.22 -5.82 -67.62
C TYR B 1431 -38.97 -7.16 -68.31
N ASP B 1432 -39.78 -7.46 -69.31
CA ASP B 1432 -39.84 -8.78 -69.92
C ASP B 1432 -39.22 -8.75 -71.32
N LEU B 1433 -38.08 -9.41 -71.50
CA LEU B 1433 -37.60 -9.69 -72.85
C LEU B 1433 -38.06 -11.05 -73.33
N ASP B 1434 -38.07 -12.04 -72.44
CA ASP B 1434 -38.40 -13.41 -72.78
C ASP B 1434 -39.89 -13.62 -73.02
N ASP B 1435 -40.72 -12.64 -72.64
CA ASP B 1435 -42.17 -12.76 -72.73
C ASP B 1435 -42.63 -14.04 -72.04
N SER B 1436 -42.17 -14.22 -70.80
CA SER B 1436 -42.41 -15.45 -70.05
C SER B 1436 -42.90 -15.14 -68.64
N LEU B 1437 -43.54 -14.00 -68.45
CA LEU B 1437 -44.11 -13.67 -67.15
C LEU B 1437 -45.38 -14.47 -66.86
N PRO B 1438 -46.30 -14.63 -67.80
CA PRO B 1438 -47.52 -15.42 -67.50
C PRO B 1438 -47.24 -16.86 -67.09
N LEU B 1439 -46.02 -17.35 -67.28
CA LEU B 1439 -45.67 -18.69 -66.83
C LEU B 1439 -45.17 -18.71 -65.40
N TYR B 1440 -44.67 -17.58 -64.89
CA TYR B 1440 -44.11 -17.52 -63.55
C TYR B 1440 -45.03 -16.87 -62.54
N ILE B 1441 -45.89 -15.94 -62.98
CA ILE B 1441 -46.72 -15.19 -62.04
C ILE B 1441 -47.78 -16.10 -61.43
N ASN B 1442 -48.28 -15.69 -60.26
CA ASN B 1442 -49.36 -16.40 -59.57
C ASN B 1442 -50.63 -15.59 -59.77
N ASP B 1443 -51.32 -15.87 -60.88
CA ASP B 1443 -52.53 -15.13 -61.22
C ASP B 1443 -53.70 -15.57 -60.35
N GLU B 1444 -53.62 -15.28 -59.06
CA GLU B 1444 -54.68 -15.62 -58.12
C GLU B 1444 -55.34 -14.37 -57.53
N SER B 1445 -54.56 -13.42 -57.04
CA SER B 1445 -55.09 -12.20 -56.45
C SER B 1445 -54.58 -10.93 -57.12
N VAL B 1446 -53.77 -11.04 -58.17
CA VAL B 1446 -53.24 -9.88 -58.86
C VAL B 1446 -53.54 -10.01 -60.35
N ILE B 1447 -53.61 -8.88 -61.03
CA ILE B 1447 -53.81 -8.84 -62.47
C ILE B 1447 -52.60 -8.16 -63.09
N PHE B 1448 -52.21 -8.65 -64.27
CA PHE B 1448 -51.05 -8.13 -64.98
C PHE B 1448 -51.49 -7.68 -66.38
N GLN B 1449 -51.06 -6.49 -66.77
CA GLN B 1449 -51.43 -5.92 -68.07
C GLN B 1449 -50.24 -5.10 -68.56
N ARG B 1450 -50.48 -4.30 -69.60
CA ARG B 1450 -49.45 -3.42 -70.14
C ARG B 1450 -49.80 -1.97 -69.82
N ILE B 1451 -48.75 -1.14 -69.75
CA ILE B 1451 -48.92 0.26 -69.36
C ILE B 1451 -49.72 0.99 -70.43
N GLU B 1452 -50.77 1.70 -70.02
CA GLU B 1452 -51.63 2.44 -70.94
C GLU B 1452 -51.93 3.85 -70.47
N VAL B 1453 -51.32 4.31 -69.37
CA VAL B 1453 -51.58 5.64 -68.83
C VAL B 1453 -50.24 6.34 -68.66
N GLY B 1454 -50.16 7.58 -69.16
CA GLY B 1454 -48.92 8.34 -69.03
C GLY B 1454 -48.60 8.72 -67.60
N HIS B 1455 -49.63 8.81 -66.75
CA HIS B 1455 -49.39 9.09 -65.33
C HIS B 1455 -48.54 8.01 -64.69
N TYR B 1456 -48.84 6.74 -65.01
CA TYR B 1456 -48.02 5.64 -64.51
C TYR B 1456 -46.72 5.48 -65.27
N GLU B 1457 -46.57 6.16 -66.40
CA GLU B 1457 -45.32 6.14 -67.14
C GLU B 1457 -44.31 7.13 -66.58
N SER B 1458 -44.77 8.31 -66.16
CA SER B 1458 -43.89 9.26 -65.51
C SER B 1458 -43.29 8.66 -64.24
N GLN B 1459 -44.08 7.86 -63.52
CA GLN B 1459 -43.58 7.19 -62.33
C GLN B 1459 -42.38 6.31 -62.65
N LEU B 1460 -42.55 5.39 -63.60
CA LEU B 1460 -41.46 4.49 -63.98
C LEU B 1460 -40.26 5.25 -64.51
N LYS B 1461 -40.50 6.27 -65.34
CA LYS B 1461 -39.40 7.05 -65.89
C LYS B 1461 -38.59 7.70 -64.79
N HIS B 1462 -39.26 8.34 -63.83
CA HIS B 1462 -38.55 9.01 -62.76
C HIS B 1462 -37.82 8.02 -61.86
N LEU B 1463 -38.42 6.85 -61.63
CA LEU B 1463 -37.76 5.84 -60.80
C LEU B 1463 -36.48 5.35 -61.46
N ILE B 1464 -36.54 5.05 -62.76
CA ILE B 1464 -35.34 4.59 -63.44
C ILE B 1464 -34.30 5.70 -63.55
N GLU B 1465 -34.73 6.95 -63.69
CA GLU B 1465 -33.78 8.05 -63.71
C GLU B 1465 -33.08 8.20 -62.37
N GLU B 1466 -33.82 8.06 -61.26
CA GLU B 1466 -33.20 8.11 -59.95
C GLU B 1466 -32.23 6.96 -59.75
N HIS B 1467 -32.60 5.76 -60.23
CA HIS B 1467 -31.68 4.63 -60.18
C HIS B 1467 -30.39 4.93 -60.91
N VAL B 1468 -30.50 5.40 -62.16
CA VAL B 1468 -29.32 5.72 -62.96
C VAL B 1468 -28.48 6.79 -62.26
N THR B 1469 -29.14 7.76 -61.64
CA THR B 1469 -28.42 8.83 -60.95
C THR B 1469 -27.61 8.28 -59.79
N GLU B 1470 -28.23 7.44 -58.97
CA GLU B 1470 -27.53 6.92 -57.79
C GLU B 1470 -26.47 5.88 -58.16
N THR B 1471 -26.88 4.75 -58.72
CA THR B 1471 -25.93 3.65 -58.87
C THR B 1471 -25.05 3.78 -60.11
N GLN B 1472 -25.32 4.74 -61.00
CA GLN B 1472 -24.55 4.92 -62.22
C GLN B 1472 -24.51 3.65 -63.05
N SER B 1473 -25.63 2.93 -63.07
CA SER B 1473 -25.70 1.67 -63.79
C SER B 1473 -25.63 1.91 -65.30
N ARG B 1474 -25.37 0.83 -66.03
CA ARG B 1474 -25.29 0.87 -67.48
C ARG B 1474 -26.46 0.19 -68.16
N PHE B 1475 -27.03 -0.85 -67.54
CA PHE B 1475 -28.24 -1.46 -68.07
C PHE B 1475 -29.39 -0.46 -68.06
N ALA B 1476 -29.67 0.14 -66.91
CA ALA B 1476 -30.78 1.08 -66.80
C ALA B 1476 -30.56 2.32 -67.66
N ALA B 1477 -29.30 2.75 -67.80
CA ALA B 1477 -29.01 3.88 -68.68
C ALA B 1477 -29.37 3.56 -70.12
N GLU B 1478 -29.04 2.36 -70.59
CA GLU B 1478 -29.36 1.98 -71.95
C GLU B 1478 -30.85 1.76 -72.13
N ILE B 1479 -31.55 1.35 -71.07
CA ILE B 1479 -33.01 1.28 -71.15
C ILE B 1479 -33.60 2.68 -71.28
N LEU B 1480 -33.05 3.63 -70.52
CA LEU B 1480 -33.54 5.01 -70.60
C LEU B 1480 -33.23 5.63 -71.95
N ASN B 1481 -32.13 5.23 -72.59
CA ASN B 1481 -31.83 5.74 -73.92
C ASN B 1481 -32.93 5.37 -74.91
N ASP B 1482 -33.23 4.08 -75.02
CA ASP B 1482 -34.30 3.61 -75.88
C ASP B 1482 -35.57 3.43 -75.05
N TRP B 1483 -36.24 4.56 -74.81
CA TRP B 1483 -37.44 4.54 -73.99
C TRP B 1483 -38.69 4.23 -74.80
N ALA B 1484 -38.79 4.78 -76.02
CA ALA B 1484 -40.01 4.65 -76.79
C ALA B 1484 -40.30 3.22 -77.20
N ARG B 1485 -39.26 2.42 -77.47
CA ARG B 1485 -39.45 1.04 -77.89
C ARG B 1485 -39.36 0.04 -76.74
N GLU B 1486 -38.90 0.47 -75.57
CA GLU B 1486 -38.85 -0.42 -74.41
C GLU B 1486 -39.99 -0.19 -73.43
N VAL B 1487 -40.72 0.92 -73.55
CA VAL B 1487 -41.86 1.13 -72.66
C VAL B 1487 -42.92 0.07 -72.90
N THR B 1488 -42.97 -0.51 -74.09
CA THR B 1488 -43.93 -1.55 -74.41
C THR B 1488 -43.41 -2.95 -74.09
N LYS B 1489 -42.32 -3.05 -73.33
CA LYS B 1489 -41.82 -4.34 -72.86
C LYS B 1489 -42.06 -4.55 -71.38
N PHE B 1490 -42.85 -3.69 -70.74
CA PHE B 1490 -43.08 -3.76 -69.30
C PHE B 1490 -44.46 -4.31 -69.00
N TRP B 1491 -44.54 -5.16 -67.99
CA TRP B 1491 -45.79 -5.61 -67.43
C TRP B 1491 -46.07 -4.89 -66.13
N GLN B 1492 -47.31 -4.44 -65.96
CA GLN B 1492 -47.76 -3.79 -64.74
C GLN B 1492 -48.63 -4.76 -63.96
N VAL B 1493 -48.30 -4.98 -62.69
CA VAL B 1493 -48.99 -5.92 -61.82
C VAL B 1493 -49.67 -5.11 -60.72
N VAL B 1494 -50.99 -5.31 -60.59
CA VAL B 1494 -51.81 -4.56 -59.65
C VAL B 1494 -52.72 -5.54 -58.90
N PRO B 1495 -52.85 -5.42 -57.58
CA PRO B 1495 -53.72 -6.34 -56.84
C PRO B 1495 -55.18 -6.19 -57.25
N LYS B 1496 -55.98 -7.19 -56.88
CA LYS B 1496 -57.39 -7.19 -57.23
C LYS B 1496 -58.21 -6.31 -56.29
N GLU B 1497 -57.88 -6.31 -54.99
CA GLU B 1497 -58.61 -5.47 -54.05
C GLU B 1497 -58.43 -3.98 -54.31
N MET B 1498 -57.41 -3.61 -55.06
CA MET B 1498 -57.11 -2.20 -55.36
C MET B 1498 -57.66 -1.79 -56.73
N LEU B 1499 -58.84 -2.26 -57.11
CA LEU B 1499 -59.41 -1.90 -58.39
C LEU B 1499 -60.43 -0.79 -58.30
N ASN B 1500 -61.12 -0.64 -57.16
CA ASN B 1500 -61.96 0.53 -56.96
C ASN B 1500 -61.18 1.69 -56.37
N ARG B 1501 -60.15 1.40 -55.59
CA ARG B 1501 -59.53 2.36 -54.71
C ARG B 1501 -58.44 3.17 -55.37
N LEU B 1502 -57.89 2.69 -56.49
CA LEU B 1502 -56.98 3.51 -57.27
C LEU B 1502 -57.68 4.77 -57.75
N GLU B 1503 -56.92 5.84 -57.83
CA GLU B 1503 -57.45 7.19 -57.98
C GLU B 1503 -57.32 7.72 -59.40
N VAL B 1504 -56.23 7.35 -60.07
CA VAL B 1504 -56.14 7.44 -61.52
C VAL B 1504 -56.32 6.03 -62.05
N PRO B 1505 -57.50 5.67 -62.55
CA PRO B 1505 -57.76 4.27 -62.92
C PRO B 1505 -56.77 3.77 -63.96
N VAL B 1506 -56.59 2.44 -63.96
CA VAL B 1506 -55.60 1.83 -64.84
C VAL B 1506 -56.11 1.64 -66.26
N HIS B 1507 -57.43 1.61 -66.45
CA HIS B 1507 -58.02 1.35 -67.75
C HIS B 1507 -58.35 2.67 -68.44
N LEU B 1508 -58.93 2.56 -69.64
CA LEU B 1508 -59.28 3.73 -70.43
C LEU B 1508 -60.79 4.00 -70.37
N CYS C 37 -37.06 19.77 28.80
CA CYS C 37 -37.62 20.89 29.54
C CYS C 37 -39.11 20.69 29.81
N GLY C 38 -39.48 20.64 31.09
CA GLY C 38 -40.87 20.51 31.44
C GLY C 38 -41.12 19.87 32.79
N VAL C 39 -42.28 20.16 33.37
CA VAL C 39 -42.73 19.54 34.60
C VAL C 39 -43.92 18.66 34.29
N GLY C 40 -44.25 17.77 35.22
CA GLY C 40 -45.43 16.96 35.08
C GLY C 40 -45.82 16.26 36.36
N PHE C 41 -47.11 15.98 36.55
CA PHE C 41 -47.57 15.36 37.78
C PHE C 41 -48.76 14.45 37.48
N ILE C 42 -48.70 13.25 38.07
CA ILE C 42 -49.75 12.25 37.96
C ILE C 42 -50.27 11.94 39.35
N ALA C 43 -51.58 11.87 39.50
CA ALA C 43 -52.17 11.66 40.81
C ALA C 43 -53.37 10.72 40.72
N ALA C 44 -53.46 9.80 41.67
CA ALA C 44 -54.63 8.94 41.81
C ALA C 44 -55.67 9.67 42.65
N ILE C 45 -56.85 9.86 42.08
CA ILE C 45 -57.86 10.72 42.72
C ILE C 45 -58.36 10.09 44.01
N ASP C 46 -58.65 8.78 43.99
CA ASP C 46 -59.20 8.13 45.17
C ASP C 46 -58.19 8.09 46.32
N GLY C 47 -56.92 7.93 46.02
CA GLY C 47 -55.89 7.90 47.02
C GLY C 47 -55.37 6.53 47.39
N LYS C 48 -55.29 5.60 46.44
CA LYS C 48 -54.78 4.27 46.71
C LYS C 48 -53.51 4.04 45.91
N PRO C 49 -52.44 3.54 46.55
CA PRO C 49 -51.20 3.30 45.81
C PRO C 49 -51.37 2.26 44.72
N ARG C 50 -50.60 2.42 43.65
CA ARG C 50 -50.63 1.50 42.52
C ARG C 50 -49.44 1.77 41.61
N ARG C 51 -49.02 0.72 40.89
CA ARG C 51 -47.79 0.78 40.11
C ARG C 51 -47.98 1.58 38.82
N SER C 52 -49.20 1.62 38.29
CA SER C 52 -49.46 2.31 37.04
C SER C 52 -49.07 3.78 37.12
N VAL C 53 -49.31 4.42 38.27
CA VAL C 53 -48.91 5.81 38.44
C VAL C 53 -47.41 5.98 38.17
N VAL C 54 -46.61 5.14 38.83
CA VAL C 54 -45.16 5.28 38.71
C VAL C 54 -44.69 5.01 37.29
N GLU C 55 -45.18 3.94 36.66
CA GLU C 55 -44.67 3.64 35.34
C GLU C 55 -45.12 4.69 34.33
N LYS C 56 -46.35 5.19 34.48
CA LYS C 56 -46.81 6.26 33.61
C LYS C 56 -45.99 7.52 33.79
N GLY C 57 -45.53 7.80 35.01
CA GLY C 57 -44.57 8.87 35.18
C GLY C 57 -43.30 8.62 34.39
N ILE C 58 -42.78 7.40 34.45
CA ILE C 58 -41.58 7.06 33.69
C ILE C 58 -41.83 7.22 32.19
N GLU C 59 -42.99 6.79 31.73
CA GLU C 59 -43.33 6.88 30.32
C GLU C 59 -43.44 8.33 29.87
N ALA C 60 -44.01 9.18 30.71
CA ALA C 60 -44.08 10.61 30.38
C ALA C 60 -42.68 11.21 30.34
N LEU C 61 -41.79 10.77 31.23
CA LEU C 61 -40.41 11.26 31.19
C LEU C 61 -39.69 10.80 29.94
N LYS C 62 -40.03 9.62 29.42
CA LYS C 62 -39.35 9.08 28.25
C LYS C 62 -39.67 9.81 26.96
N ALA C 63 -40.52 10.83 26.98
CA ALA C 63 -40.97 11.48 25.75
C ALA C 63 -40.92 12.99 25.88
N VAL C 64 -39.82 13.53 26.40
CA VAL C 64 -39.61 14.97 26.42
C VAL C 64 -38.23 15.28 25.84
N TRP C 65 -37.73 14.36 25.02
CA TRP C 65 -36.38 14.50 24.48
C TRP C 65 -36.29 15.52 23.35
N HIS C 66 -37.41 15.98 22.80
CA HIS C 66 -37.35 16.93 21.70
C HIS C 66 -37.07 18.35 22.20
N ARG C 67 -37.54 18.69 23.40
CA ARG C 67 -37.33 20.03 23.93
C ARG C 67 -35.95 20.20 24.55
N GLY C 68 -35.28 19.13 24.92
CA GLY C 68 -33.97 19.22 25.54
C GLY C 68 -32.92 19.70 24.57
N ALA C 69 -31.71 19.89 25.11
CA ALA C 69 -30.57 20.36 24.34
C ALA C 69 -29.86 19.14 23.74
N VAL C 70 -29.97 18.99 22.42
CA VAL C 70 -29.27 17.90 21.74
C VAL C 70 -27.77 18.12 21.84
N ASP C 71 -27.02 17.03 21.96
CA ASP C 71 -25.58 17.08 22.08
C ASP C 71 -24.95 16.03 21.17
N ALA C 72 -23.79 16.37 20.61
CA ALA C 72 -23.08 15.44 19.73
C ALA C 72 -22.63 14.18 20.47
N ASP C 73 -22.57 14.22 21.80
CA ASP C 73 -22.19 13.04 22.57
C ASP C 73 -23.31 12.01 22.54
N GLY C 74 -24.50 12.39 22.97
CA GLY C 74 -25.59 11.46 23.15
C GLY C 74 -25.70 10.90 24.55
N LYS C 75 -24.78 11.26 25.44
CA LYS C 75 -24.81 10.84 26.83
C LYS C 75 -24.93 11.99 27.82
N THR C 76 -24.50 13.19 27.44
CA THR C 76 -24.49 14.32 28.36
C THR C 76 -25.87 14.94 28.44
N GLY C 77 -26.46 14.93 29.64
CA GLY C 77 -27.67 15.65 29.91
C GLY C 77 -27.41 16.93 30.69
N ASP C 78 -28.49 17.51 31.20
CA ASP C 78 -28.37 18.73 31.99
C ASP C 78 -29.26 18.71 33.22
N GLY C 79 -29.79 17.55 33.60
CA GLY C 79 -30.60 17.46 34.80
C GLY C 79 -31.93 16.80 34.55
N ALA C 80 -32.31 15.86 35.43
CA ALA C 80 -33.61 15.21 35.32
C ALA C 80 -33.95 14.63 36.69
N GLY C 81 -35.24 14.44 36.93
CA GLY C 81 -35.63 13.88 38.21
C GLY C 81 -37.08 13.48 38.36
N ILE C 82 -37.32 12.59 39.31
CA ILE C 82 -38.67 12.12 39.66
C ILE C 82 -38.79 12.12 41.18
N HIS C 83 -40.03 12.25 41.64
CA HIS C 83 -40.34 12.41 43.05
C HIS C 83 -41.62 11.63 43.32
N VAL C 84 -41.51 10.57 44.14
CA VAL C 84 -42.58 9.62 44.35
C VAL C 84 -42.75 9.38 45.84
N ALA C 85 -43.66 8.48 46.18
CA ALA C 85 -43.89 8.09 47.57
C ALA C 85 -42.93 6.97 47.96
N VAL C 86 -42.87 6.70 49.26
CA VAL C 86 -41.90 5.75 49.79
C VAL C 86 -42.46 4.34 49.63
N PRO C 87 -41.72 3.42 49.01
CA PRO C 87 -42.18 2.02 48.93
C PRO C 87 -41.90 1.23 50.20
N GLN C 88 -42.83 1.31 51.16
CA GLN C 88 -42.60 0.72 52.49
C GLN C 88 -42.22 -0.75 52.42
N LYS C 89 -42.92 -1.53 51.58
CA LYS C 89 -42.69 -2.97 51.56
C LYS C 89 -41.28 -3.30 51.07
N PHE C 90 -40.78 -2.54 50.10
CA PHE C 90 -39.42 -2.74 49.59
C PHE C 90 -38.41 -2.68 50.73
N PHE C 91 -38.36 -1.55 51.44
CA PHE C 91 -37.37 -1.37 52.48
C PHE C 91 -37.63 -2.26 53.68
N LYS C 92 -38.90 -2.59 53.95
CA LYS C 92 -39.18 -3.50 55.05
C LYS C 92 -38.68 -4.90 54.75
N ASP C 93 -38.84 -5.38 53.52
CA ASP C 93 -38.25 -6.66 53.15
C ASP C 93 -36.74 -6.59 53.14
N HIS C 94 -36.16 -5.46 52.76
CA HIS C 94 -34.71 -5.29 52.86
C HIS C 94 -34.24 -5.47 54.30
N VAL C 95 -34.91 -4.78 55.23
CA VAL C 95 -34.53 -4.88 56.64
C VAL C 95 -34.72 -6.30 57.15
N LYS C 96 -35.84 -6.93 56.80
CA LYS C 96 -36.08 -8.32 57.21
C LYS C 96 -34.96 -9.23 56.72
N VAL C 97 -34.54 -9.08 55.46
CA VAL C 97 -33.47 -9.90 54.93
C VAL C 97 -32.17 -9.61 55.65
N ILE C 98 -31.93 -8.35 56.00
CA ILE C 98 -30.70 -7.99 56.70
C ILE C 98 -30.61 -8.71 58.03
N GLY C 99 -31.72 -8.82 58.75
CA GLY C 99 -31.73 -9.58 59.97
C GLY C 99 -32.41 -8.93 61.16
N HIS C 100 -33.02 -7.78 60.95
CA HIS C 100 -33.75 -7.09 62.01
C HIS C 100 -35.22 -7.49 61.97
N ARG C 101 -36.05 -6.77 62.73
CA ARG C 101 -37.49 -6.98 62.75
C ARG C 101 -38.17 -5.77 62.13
N ALA C 102 -39.10 -6.00 61.22
CA ALA C 102 -39.82 -4.91 60.58
C ALA C 102 -40.76 -4.25 61.58
N PRO C 103 -40.68 -2.94 61.79
CA PRO C 103 -41.56 -2.29 62.75
C PRO C 103 -42.98 -2.19 62.23
N ASP C 104 -43.85 -1.62 63.06
CA ASP C 104 -45.25 -1.48 62.70
C ASP C 104 -45.53 -0.14 62.02
N ASN C 105 -44.87 0.91 62.48
CA ASN C 105 -45.05 2.24 61.91
C ASN C 105 -44.37 2.35 60.56
N LYS C 106 -44.49 3.52 59.95
CA LYS C 106 -43.84 3.76 58.67
C LYS C 106 -42.34 3.95 58.86
N LEU C 107 -41.60 3.70 57.79
CA LEU C 107 -40.16 3.87 57.78
C LEU C 107 -39.80 5.29 57.36
N ALA C 108 -38.54 5.66 57.59
CA ALA C 108 -38.00 6.90 57.08
C ALA C 108 -36.68 6.61 56.39
N VAL C 109 -36.50 7.14 55.19
CA VAL C 109 -35.29 6.88 54.41
C VAL C 109 -34.79 8.20 53.87
N GLY C 110 -33.48 8.40 53.94
CA GLY C 110 -32.85 9.63 53.50
C GLY C 110 -31.79 9.34 52.45
N GLN C 111 -31.87 10.04 51.33
CA GLN C 111 -30.93 9.87 50.23
C GLN C 111 -29.89 10.99 50.29
N VAL C 112 -28.62 10.60 50.30
CA VAL C 112 -27.53 11.55 50.49
C VAL C 112 -26.50 11.43 49.38
N PHE C 113 -25.89 12.56 49.04
CA PHE C 113 -24.75 12.67 48.13
C PHE C 113 -23.52 13.00 48.98
N LEU C 114 -22.58 12.07 49.06
CA LEU C 114 -21.32 12.23 49.75
C LEU C 114 -20.20 12.45 48.74
N PRO C 115 -19.09 13.06 49.17
CA PRO C 115 -17.94 13.19 48.26
C PRO C 115 -17.38 11.84 47.86
N ARG C 116 -16.64 11.84 46.75
CA ARG C 116 -16.17 10.61 46.15
C ARG C 116 -14.65 10.52 46.01
N ILE C 117 -13.94 11.64 46.07
CA ILE C 117 -12.50 11.63 45.76
C ILE C 117 -11.70 11.02 46.91
N SER C 118 -11.96 11.45 48.14
CA SER C 118 -11.19 11.01 49.28
C SER C 118 -12.03 10.14 50.20
N LEU C 119 -11.38 9.52 51.18
CA LEU C 119 -12.04 8.61 52.10
C LEU C 119 -12.24 9.20 53.49
N ASP C 120 -11.85 10.46 53.71
CA ASP C 120 -12.18 11.14 54.95
C ASP C 120 -13.54 11.80 54.89
N ALA C 121 -13.83 12.51 53.79
CA ALA C 121 -15.10 13.23 53.69
C ALA C 121 -16.28 12.30 53.87
N GLN C 122 -16.23 11.11 53.28
CA GLN C 122 -17.28 10.13 53.50
C GLN C 122 -17.42 9.79 54.97
N GLU C 123 -16.29 9.48 55.62
CA GLU C 123 -16.34 9.08 57.03
C GLU C 123 -16.76 10.24 57.91
N ALA C 124 -16.27 11.45 57.63
CA ALA C 124 -16.64 12.61 58.44
C ALA C 124 -18.13 12.90 58.32
N CYS C 125 -18.66 12.85 57.09
CA CYS C 125 -20.09 13.11 56.91
C CYS C 125 -20.94 12.02 57.57
N ARG C 126 -20.51 10.76 57.46
CA ARG C 126 -21.25 9.70 58.14
C ARG C 126 -21.26 9.91 59.65
N CYS C 127 -20.10 10.26 60.23
CA CYS C 127 -20.06 10.52 61.66
C CYS C 127 -20.98 11.67 62.04
N ILE C 128 -20.99 12.75 61.24
CA ILE C 128 -21.84 13.89 61.55
C ILE C 128 -23.31 13.48 61.52
N VAL C 129 -23.72 12.78 60.46
CA VAL C 129 -25.11 12.36 60.34
C VAL C 129 -25.52 11.46 61.50
N GLU C 130 -24.66 10.51 61.86
CA GLU C 130 -25.04 9.58 62.92
C GLU C 130 -25.05 10.22 64.29
N THR C 131 -24.13 11.15 64.55
CA THR C 131 -24.20 11.88 65.81
C THR C 131 -25.42 12.79 65.87
N GLU C 132 -25.89 13.28 64.72
CA GLU C 132 -26.97 14.24 64.77
C GLU C 132 -28.35 13.58 64.77
N ILE C 133 -28.45 12.37 64.23
CA ILE C 133 -29.72 11.64 64.29
C ILE C 133 -29.93 11.06 65.68
N LEU C 134 -28.88 10.46 66.26
CA LEU C 134 -29.02 9.81 67.56
C LEU C 134 -29.19 10.79 68.71
N ALA C 135 -28.96 12.09 68.49
CA ALA C 135 -29.17 13.06 69.53
C ALA C 135 -30.64 13.26 69.87
N PHE C 136 -31.55 12.79 69.02
CA PHE C 136 -32.98 12.89 69.26
C PHE C 136 -33.57 11.64 69.89
N GLY C 137 -33.00 10.47 69.61
CA GLY C 137 -33.48 9.23 70.19
C GLY C 137 -33.96 8.21 69.19
N TYR C 138 -33.88 8.47 67.89
CA TYR C 138 -34.40 7.53 66.90
C TYR C 138 -33.39 6.42 66.65
N TYR C 139 -33.89 5.33 66.06
CA TYR C 139 -33.10 4.12 65.83
C TYR C 139 -32.67 4.05 64.38
N ILE C 140 -31.38 3.83 64.15
CA ILE C 140 -30.81 3.75 62.81
C ILE C 140 -30.73 2.28 62.42
N TYR C 141 -31.34 1.94 61.29
CA TYR C 141 -31.31 0.55 60.81
C TYR C 141 -30.08 0.25 59.98
N GLY C 142 -29.54 1.22 59.28
CA GLY C 142 -28.30 1.01 58.54
C GLY C 142 -28.27 1.81 57.26
N TRP C 143 -27.14 1.70 56.58
CA TRP C 143 -26.90 2.36 55.30
C TRP C 143 -27.08 1.35 54.16
N ARG C 144 -27.33 1.88 52.97
CA ARG C 144 -27.49 1.06 51.78
C ARG C 144 -26.91 1.83 50.59
N GLN C 145 -26.20 1.12 49.73
CA GLN C 145 -25.58 1.73 48.55
C GLN C 145 -26.48 1.48 47.35
N VAL C 146 -26.96 2.56 46.75
CA VAL C 146 -27.92 2.45 45.64
C VAL C 146 -27.23 1.86 44.42
N PRO C 147 -27.79 0.85 43.78
CA PRO C 147 -27.19 0.31 42.55
C PRO C 147 -27.36 1.27 41.39
N ILE C 148 -26.26 1.57 40.71
CA ILE C 148 -26.24 2.51 39.60
C ILE C 148 -25.50 1.87 38.43
N ASN C 149 -25.47 2.58 37.32
CA ASN C 149 -24.80 2.11 36.10
C ASN C 149 -24.22 3.33 35.41
N VAL C 150 -22.89 3.45 35.43
CA VAL C 150 -22.24 4.66 34.96
C VAL C 150 -21.94 4.55 33.47
N ASP C 151 -22.50 3.53 32.82
CA ASP C 151 -22.28 3.33 31.40
C ASP C 151 -22.98 4.38 30.54
N ILE C 152 -24.01 5.03 31.06
CA ILE C 152 -24.80 5.97 30.27
C ILE C 152 -24.41 7.42 30.46
N ILE C 153 -23.65 7.75 31.50
CA ILE C 153 -23.28 9.14 31.76
C ILE C 153 -22.12 9.55 30.87
N GLY C 154 -22.13 10.80 30.44
CA GLY C 154 -21.04 11.35 29.66
C GLY C 154 -19.80 11.57 30.51
N GLU C 155 -18.87 12.36 29.98
CA GLU C 155 -17.63 12.61 30.70
C GLU C 155 -17.78 13.75 31.71
N LYS C 156 -18.03 14.96 31.23
CA LYS C 156 -18.13 16.10 32.14
C LYS C 156 -19.23 15.91 33.19
N ALA C 157 -20.21 15.07 32.91
CA ALA C 157 -21.20 14.74 33.92
C ALA C 157 -20.74 13.62 34.83
N ASN C 158 -19.53 13.09 34.62
CA ASN C 158 -18.99 12.02 35.45
C ASN C 158 -17.83 12.46 36.32
N ALA C 159 -17.15 13.55 35.98
CA ALA C 159 -16.04 14.02 36.79
C ALA C 159 -16.51 14.60 38.12
N THR C 160 -17.78 14.97 38.22
CA THR C 160 -18.35 15.51 39.44
C THR C 160 -19.46 14.62 40.00
N ARG C 161 -19.46 13.35 39.65
CA ARG C 161 -20.47 12.43 40.15
C ARG C 161 -20.24 12.15 41.62
N PRO C 162 -21.24 12.38 42.48
CA PRO C 162 -21.07 12.10 43.90
C PRO C 162 -21.42 10.64 44.23
N GLU C 163 -21.09 10.25 45.45
CA GLU C 163 -21.42 8.93 45.95
C GLU C 163 -22.84 8.96 46.54
N ILE C 164 -23.73 8.18 45.95
CA ILE C 164 -25.13 8.16 46.35
C ILE C 164 -25.33 7.06 47.38
N GLU C 165 -25.97 7.41 48.50
CA GLU C 165 -26.24 6.43 49.54
C GLU C 165 -27.60 6.71 50.15
N GLN C 166 -28.11 5.74 50.90
CA GLN C 166 -29.38 5.87 51.60
C GLN C 166 -29.20 5.44 53.05
N ILE C 167 -29.86 6.14 53.96
CA ILE C 167 -29.84 5.83 55.37
C ILE C 167 -31.26 5.52 55.82
N ILE C 168 -31.43 4.42 56.55
CA ILE C 168 -32.75 3.95 56.96
C ILE C 168 -32.92 4.17 58.45
N VAL C 169 -33.81 5.08 58.82
CA VAL C 169 -34.12 5.38 60.22
C VAL C 169 -35.58 5.02 60.48
N GLY C 170 -35.82 4.40 61.63
CA GLY C 170 -37.16 4.02 62.04
C GLY C 170 -37.56 4.72 63.32
N ASN C 171 -38.85 4.91 63.50
CA ASN C 171 -39.39 5.61 64.67
C ASN C 171 -39.73 4.57 65.72
N ASN C 172 -39.03 4.63 66.86
CA ASN C 172 -39.29 3.72 67.96
C ASN C 172 -39.96 4.38 69.16
N LYS C 173 -39.94 5.71 69.24
CA LYS C 173 -40.59 6.41 70.34
C LYS C 173 -42.11 6.41 70.22
N GLY C 174 -42.66 5.88 69.13
CA GLY C 174 -44.10 5.83 68.97
C GLY C 174 -44.77 7.16 68.74
N VAL C 175 -44.01 8.18 68.33
CA VAL C 175 -44.60 9.49 68.07
C VAL C 175 -45.48 9.44 66.83
N SER C 176 -46.33 10.45 66.70
CA SER C 176 -47.20 10.57 65.53
C SER C 176 -46.38 10.90 64.29
N ASP C 177 -47.02 10.74 63.12
CA ASP C 177 -46.38 11.16 61.87
C ASP C 177 -46.05 12.65 61.87
N GLU C 178 -46.88 13.46 62.51
CA GLU C 178 -46.73 14.90 62.40
C GLU C 178 -45.45 15.37 63.08
N GLN C 179 -45.30 15.02 64.36
CA GLN C 179 -44.07 15.34 65.07
C GLN C 179 -42.87 14.66 64.41
N PHE C 180 -43.06 13.46 63.87
CA PHE C 180 -41.96 12.74 63.24
C PHE C 180 -41.43 13.52 62.06
N GLU C 181 -42.31 13.97 61.16
CA GLU C 181 -41.88 14.80 60.05
C GLU C 181 -41.21 16.07 60.54
N LEU C 182 -41.72 16.65 61.62
CA LEU C 182 -41.15 17.90 62.14
C LEU C 182 -39.69 17.71 62.59
N ASP C 183 -39.45 16.71 63.46
CA ASP C 183 -38.08 16.41 63.86
C ASP C 183 -37.22 16.01 62.67
N LEU C 184 -37.75 15.29 61.69
CA LEU C 184 -36.91 14.98 60.53
C LEU C 184 -36.44 16.25 59.82
N TYR C 185 -37.34 17.21 59.62
CA TYR C 185 -36.93 18.47 59.01
C TYR C 185 -35.87 19.18 59.85
N ILE C 186 -36.09 19.24 61.18
CA ILE C 186 -35.14 19.91 62.04
C ILE C 186 -33.78 19.23 62.00
N ILE C 187 -33.77 17.90 61.96
CA ILE C 187 -32.52 17.15 61.90
C ILE C 187 -31.80 17.43 60.59
N ARG C 188 -32.55 17.50 59.49
CA ARG C 188 -31.92 17.82 58.21
C ARG C 188 -31.25 19.19 58.25
N ARG C 189 -31.95 20.19 58.79
CA ARG C 189 -31.36 21.53 58.86
C ARG C 189 -30.11 21.54 59.73
N ARG C 190 -30.16 20.86 60.88
CA ARG C 190 -29.01 20.87 61.76
C ARG C 190 -27.83 20.15 61.12
N ILE C 191 -28.08 19.05 60.41
CA ILE C 191 -27.00 18.35 59.72
C ILE C 191 -26.37 19.25 58.67
N GLU C 192 -27.21 19.97 57.90
CA GLU C 192 -26.68 20.88 56.89
C GLU C 192 -25.78 21.93 57.53
N LYS C 193 -26.24 22.54 58.61
CA LYS C 193 -25.42 23.57 59.27
C LYS C 193 -24.12 22.99 59.80
N ALA C 194 -24.18 21.83 60.45
CA ALA C 194 -22.98 21.24 61.03
C ALA C 194 -21.97 20.88 59.97
N VAL C 195 -22.43 20.31 58.84
CA VAL C 195 -21.50 19.95 57.77
C VAL C 195 -20.90 21.20 57.15
N LYS C 196 -21.71 22.24 56.94
CA LYS C 196 -21.18 23.49 56.43
C LYS C 196 -20.18 24.11 57.40
N GLY C 197 -20.28 23.77 58.69
CA GLY C 197 -19.34 24.30 59.66
C GLY C 197 -17.91 23.98 59.31
N GLU C 198 -17.67 22.77 58.79
CA GLU C 198 -16.33 22.28 58.60
C GLU C 198 -15.86 22.49 57.16
N GLN C 199 -16.65 23.23 56.39
CA GLN C 199 -16.35 23.57 55.02
C GLN C 199 -16.10 22.35 54.14
N ILE C 200 -16.89 21.29 54.35
CA ILE C 200 -16.81 20.07 53.56
C ILE C 200 -17.61 20.28 52.28
N ASN C 201 -16.99 20.02 51.15
CA ASN C 201 -17.57 20.33 49.85
C ASN C 201 -18.26 19.11 49.25
N ASP C 202 -19.25 19.38 48.39
CA ASP C 202 -19.98 18.35 47.65
C ASP C 202 -20.68 17.38 48.60
N PHE C 203 -21.53 17.94 49.47
CA PHE C 203 -22.38 17.17 50.35
C PHE C 203 -23.81 17.65 50.18
N TYR C 204 -24.74 16.72 50.03
CA TYR C 204 -26.11 17.13 49.75
C TYR C 204 -27.08 16.09 50.30
N ILE C 205 -28.29 16.51 50.59
CA ILE C 205 -29.34 15.62 51.09
C ILE C 205 -30.56 15.80 50.19
N CYS C 206 -30.83 14.82 49.33
CA CYS C 206 -31.91 14.94 48.36
C CYS C 206 -33.29 14.75 48.97
N SER C 207 -33.38 14.11 50.14
CA SER C 207 -34.63 13.97 50.87
C SER C 207 -34.33 13.32 52.20
N LEU C 208 -35.15 13.65 53.20
CA LEU C 208 -35.15 12.92 54.47
C LEU C 208 -36.55 13.03 55.05
N SER C 209 -37.37 12.01 54.79
CA SER C 209 -38.77 12.04 55.21
C SER C 209 -39.31 10.62 55.22
N ALA C 210 -40.47 10.47 55.85
CA ALA C 210 -41.16 9.20 55.95
C ALA C 210 -42.26 9.05 54.92
N ARG C 211 -42.42 10.01 54.03
CA ARG C 211 -43.52 10.03 53.09
C ARG C 211 -43.09 9.92 51.63
N SER C 212 -42.04 10.61 51.24
CA SER C 212 -41.68 10.69 49.83
C SER C 212 -40.18 10.53 49.64
N ILE C 213 -39.80 10.18 48.41
CA ILE C 213 -38.41 10.00 48.02
C ILE C 213 -38.19 10.66 46.66
N ILE C 214 -36.94 10.96 46.36
CA ILE C 214 -36.56 11.71 45.17
C ILE C 214 -35.40 11.01 44.50
N TYR C 215 -35.56 10.69 43.21
CA TYR C 215 -34.49 10.12 42.40
C TYR C 215 -34.17 11.12 41.30
N LYS C 216 -33.00 11.75 41.36
CA LYS C 216 -32.63 12.79 40.42
C LYS C 216 -31.16 12.66 40.06
N GLY C 217 -30.79 13.27 38.95
CA GLY C 217 -29.40 13.20 38.51
C GLY C 217 -29.16 14.07 37.30
N MET C 218 -27.99 13.86 36.70
CA MET C 218 -27.51 14.64 35.56
C MET C 218 -27.41 13.78 34.30
N PHE C 219 -28.41 12.96 34.06
CA PHE C 219 -28.48 12.09 32.89
C PHE C 219 -29.58 12.58 31.96
N LEU C 220 -29.72 11.92 30.83
CA LEU C 220 -30.82 12.23 29.92
C LEU C 220 -32.15 11.81 30.52
N ALA C 221 -33.23 12.34 29.96
CA ALA C 221 -34.55 12.05 30.48
C ALA C 221 -34.93 10.58 30.27
N GLU C 222 -34.68 10.05 29.07
CA GLU C 222 -35.08 8.69 28.77
C GLU C 222 -34.23 7.65 29.47
N GLN C 223 -33.03 8.02 29.92
CA GLN C 223 -32.11 7.10 30.56
C GLN C 223 -32.23 7.10 32.08
N LEU C 224 -33.36 7.53 32.62
CA LEU C 224 -33.52 7.58 34.08
C LEU C 224 -33.68 6.18 34.66
N THR C 225 -34.48 5.34 34.00
CA THR C 225 -34.70 3.98 34.49
C THR C 225 -33.52 3.06 34.24
N THR C 226 -32.53 3.49 33.46
CA THR C 226 -31.33 2.70 33.23
C THR C 226 -30.26 3.00 34.28
N PHE C 227 -30.13 4.26 34.68
CA PHE C 227 -29.18 4.62 35.73
C PHE C 227 -29.66 4.11 37.08
N TYR C 228 -30.96 4.18 37.34
CA TYR C 228 -31.55 3.74 38.60
C TYR C 228 -32.43 2.52 38.34
N PRO C 229 -31.87 1.31 38.35
CA PRO C 229 -32.71 0.12 38.12
C PRO C 229 -33.71 -0.14 39.22
N ASP C 230 -33.57 0.51 40.38
CA ASP C 230 -34.50 0.29 41.48
C ASP C 230 -35.94 0.57 41.06
N LEU C 231 -36.14 1.61 40.24
CA LEU C 231 -37.48 1.96 39.80
C LEU C 231 -38.09 0.93 38.87
N LEU C 232 -37.31 -0.03 38.39
CA LEU C 232 -37.85 -1.10 37.57
C LEU C 232 -38.46 -2.22 38.39
N ASP C 233 -38.44 -2.11 39.72
CA ASP C 233 -38.96 -3.16 40.57
C ASP C 233 -40.48 -3.20 40.49
N GLU C 234 -41.05 -4.28 41.03
CA GLU C 234 -42.50 -4.45 41.06
C GLU C 234 -43.15 -3.88 42.29
N ARG C 235 -42.38 -3.58 43.33
CA ARG C 235 -42.91 -3.09 44.59
C ARG C 235 -42.92 -1.58 44.70
N PHE C 236 -42.44 -0.86 43.68
CA PHE C 236 -42.46 0.60 43.69
C PHE C 236 -43.83 1.07 43.19
N GLU C 237 -44.81 1.04 44.08
CA GLU C 237 -46.13 1.56 43.80
C GLU C 237 -46.36 2.82 44.61
N SER C 238 -47.09 3.77 44.04
CA SER C 238 -47.34 5.05 44.68
C SER C 238 -48.73 5.54 44.31
N ASP C 239 -49.11 6.66 44.93
CA ASP C 239 -50.37 7.31 44.65
C ASP C 239 -50.20 8.70 44.03
N PHE C 240 -48.96 9.13 43.83
CA PHE C 240 -48.69 10.39 43.15
C PHE C 240 -47.25 10.36 42.66
N ALA C 241 -46.98 11.17 41.64
CA ALA C 241 -45.63 11.25 41.09
C ALA C 241 -45.43 12.60 40.42
N ILE C 242 -44.26 13.18 40.62
CA ILE C 242 -43.87 14.42 39.97
C ILE C 242 -42.58 14.16 39.21
N TYR C 243 -42.45 14.76 38.02
CA TYR C 243 -41.25 14.59 37.23
C TYR C 243 -40.87 15.91 36.59
N HIS C 244 -39.56 16.11 36.41
CA HIS C 244 -39.07 17.38 35.88
C HIS C 244 -37.80 17.15 35.07
N GLN C 245 -37.65 17.94 34.02
CA GLN C 245 -36.41 18.00 33.26
C GLN C 245 -36.12 19.46 32.92
N ARG C 246 -34.86 19.85 33.01
CA ARG C 246 -34.48 21.25 32.87
C ARG C 246 -33.64 21.46 31.61
N TYR C 247 -33.33 22.72 31.35
CA TYR C 247 -32.58 23.15 30.16
C TYR C 247 -31.62 24.24 30.62
N SER C 248 -30.41 23.85 30.98
CA SER C 248 -29.44 24.78 31.54
C SER C 248 -28.73 25.56 30.43
N THR C 249 -28.25 26.75 30.79
CA THR C 249 -27.62 27.65 29.84
C THR C 249 -26.13 27.41 29.68
N ASN C 250 -25.48 26.79 30.65
CA ASN C 250 -24.05 26.52 30.58
C ASN C 250 -23.82 25.02 30.45
N THR C 251 -22.55 24.63 30.31
CA THR C 251 -22.16 23.24 30.12
C THR C 251 -21.25 22.75 31.24
N PHE C 252 -21.57 23.12 32.47
CA PHE C 252 -20.88 22.60 33.65
C PHE C 252 -21.94 22.09 34.63
N PRO C 253 -22.21 20.79 34.63
CA PRO C 253 -23.32 20.28 35.46
C PRO C 253 -22.90 20.13 36.91
N THR C 254 -23.84 20.47 37.80
CA THR C 254 -23.66 20.31 39.23
C THR C 254 -24.84 19.49 39.76
N TRP C 255 -24.53 18.30 40.28
CA TRP C 255 -25.58 17.36 40.65
C TRP C 255 -26.58 17.89 41.68
N PRO C 256 -26.18 18.63 42.72
CA PRO C 256 -27.18 19.12 43.68
C PRO C 256 -28.10 20.20 43.12
N LEU C 257 -28.02 20.49 41.83
CA LEU C 257 -28.83 21.54 41.22
C LEU C 257 -29.92 20.98 40.31
N ALA C 258 -30.24 19.70 40.40
CA ALA C 258 -31.24 19.08 39.56
C ALA C 258 -32.57 19.01 40.32
N GLN C 259 -33.64 19.37 39.65
CA GLN C 259 -34.99 19.30 40.20
C GLN C 259 -35.57 17.91 39.95
N PRO C 260 -36.70 17.55 40.60
CA PRO C 260 -37.57 18.29 41.52
C PRO C 260 -36.93 18.51 42.87
N PHE C 261 -37.41 19.49 43.62
CA PHE C 261 -36.96 19.69 44.98
C PHE C 261 -37.95 19.09 45.97
N ARG C 262 -37.58 19.18 47.23
CA ARG C 262 -38.34 18.66 48.36
C ARG C 262 -39.55 19.55 48.59
N MET C 263 -40.72 19.07 48.14
CA MET C 263 -42.00 19.79 48.22
C MET C 263 -42.04 20.99 47.26
N LEU C 264 -41.47 20.82 46.06
CA LEU C 264 -41.59 21.81 45.00
C LEU C 264 -41.02 21.31 43.68
N ALA C 265 -41.58 21.78 42.58
CA ALA C 265 -41.02 21.58 41.25
C ALA C 265 -41.39 22.77 40.40
N HIS C 266 -40.41 23.35 39.73
CA HIS C 266 -40.59 24.65 39.08
C HIS C 266 -40.19 24.58 37.62
N ASN C 267 -41.02 25.13 36.75
CA ASN C 267 -40.64 25.41 35.37
C ASN C 267 -40.73 26.90 35.13
N GLY C 268 -39.76 27.43 34.40
CA GLY C 268 -39.69 28.84 34.14
C GLY C 268 -38.46 29.47 34.76
N GLU C 269 -38.61 30.73 35.18
CA GLU C 269 -37.49 31.50 35.67
C GLU C 269 -38.02 32.67 36.49
N ILE C 270 -37.54 32.82 37.71
CA ILE C 270 -38.05 33.85 38.61
C ILE C 270 -37.29 35.14 38.40
N ASN C 271 -38.01 36.25 38.35
CA ASN C 271 -37.40 37.55 38.12
C ASN C 271 -36.78 38.13 39.39
N THR C 272 -37.57 38.25 40.45
CA THR C 272 -37.18 38.99 41.64
C THR C 272 -36.64 38.01 42.69
N VAL C 273 -35.34 37.83 42.69
CA VAL C 273 -34.67 37.09 43.75
C VAL C 273 -33.63 37.93 44.48
N LYS C 274 -33.05 38.94 43.85
CA LYS C 274 -32.14 39.83 44.54
C LYS C 274 -32.87 40.76 45.50
N GLY C 275 -34.19 40.84 45.41
CA GLY C 275 -34.97 41.67 46.32
C GLY C 275 -35.72 40.85 47.34
N ASN C 276 -36.15 39.64 46.97
CA ASN C 276 -36.86 38.79 47.90
C ASN C 276 -35.93 38.24 48.98
N VAL C 277 -34.69 37.93 48.61
CA VAL C 277 -33.72 37.47 49.60
C VAL C 277 -33.43 38.58 50.61
N ASN C 278 -33.29 39.82 50.13
CA ASN C 278 -33.04 40.93 51.05
C ASN C 278 -34.19 41.14 52.01
N TRP C 279 -35.43 40.92 51.55
CA TRP C 279 -36.56 41.08 52.46
C TRP C 279 -36.70 39.90 53.41
N MET C 280 -36.31 38.71 52.97
CA MET C 280 -36.26 37.59 53.91
C MET C 280 -35.22 37.83 54.98
N LYS C 281 -34.12 38.50 54.64
CA LYS C 281 -33.10 38.83 55.63
C LYS C 281 -33.63 39.76 56.71
N ALA C 282 -34.70 40.50 56.44
CA ALA C 282 -35.33 41.31 57.47
C ALA C 282 -36.49 40.58 58.14
N HIS C 283 -37.17 39.69 57.42
CA HIS C 283 -38.26 38.94 58.02
C HIS C 283 -37.77 37.91 59.02
N GLU C 284 -36.54 37.42 58.85
CA GLU C 284 -36.05 36.36 59.73
C GLU C 284 -35.93 36.83 61.18
N THR C 285 -35.66 38.12 61.39
CA THR C 285 -35.32 38.59 62.73
C THR C 285 -36.52 38.72 63.67
N ARG C 286 -37.74 38.41 63.22
CA ARG C 286 -38.90 38.50 64.10
C ARG C 286 -39.77 37.26 64.10
N MET C 287 -39.52 36.31 63.20
CA MET C 287 -40.41 35.18 63.04
C MET C 287 -40.12 34.12 64.09
N GLU C 288 -41.18 33.47 64.55
CA GLU C 288 -41.10 32.40 65.54
C GLU C 288 -42.43 31.67 65.56
N HIS C 289 -42.40 30.39 65.94
CA HIS C 289 -43.62 29.62 66.03
C HIS C 289 -43.46 28.59 67.12
N PRO C 290 -44.50 28.36 67.93
CA PRO C 290 -44.37 27.38 69.03
C PRO C 290 -44.24 25.94 68.58
N ALA C 291 -44.47 25.65 67.29
CA ALA C 291 -44.30 24.28 66.81
C ALA C 291 -42.84 23.88 66.82
N PHE C 292 -41.94 24.81 66.50
CA PHE C 292 -40.52 24.50 66.49
C PHE C 292 -39.95 24.52 67.90
N GLY C 293 -40.16 25.63 68.62
CA GLY C 293 -39.61 25.77 69.96
C GLY C 293 -38.24 26.39 69.97
N THR C 294 -37.42 26.02 70.96
CA THR C 294 -36.05 26.52 71.00
C THR C 294 -35.31 26.23 69.70
N HIS C 295 -35.59 25.07 69.09
CA HIS C 295 -34.94 24.70 67.85
C HIS C 295 -35.11 25.75 66.76
N MET C 296 -36.09 26.65 66.87
CA MET C 296 -36.19 27.76 65.91
C MET C 296 -34.82 28.37 65.64
N GLN C 297 -33.91 28.31 66.62
CA GLN C 297 -32.64 29.01 66.50
C GLN C 297 -31.80 28.53 65.32
N ASP C 298 -31.90 27.26 64.91
CA ASP C 298 -30.99 26.86 63.84
C ASP C 298 -31.61 27.07 62.47
N LEU C 299 -32.76 27.73 62.40
CA LEU C 299 -33.40 28.03 61.12
C LEU C 299 -33.38 29.52 60.83
N LYS C 300 -32.48 30.27 61.47
CA LYS C 300 -32.48 31.72 61.28
C LYS C 300 -31.98 32.10 59.90
N PRO C 301 -30.82 31.63 59.42
CA PRO C 301 -30.51 31.91 58.00
C PRO C 301 -31.18 30.89 57.08
N VAL C 302 -32.46 31.13 56.79
CA VAL C 302 -33.26 30.14 56.10
C VAL C 302 -32.77 29.93 54.67
N ILE C 303 -32.36 31.00 54.01
CA ILE C 303 -31.88 30.93 52.62
C ILE C 303 -30.35 30.89 52.70
N GLY C 304 -29.79 29.70 52.53
CA GLY C 304 -28.36 29.52 52.60
C GLY C 304 -27.61 30.02 51.38
N VAL C 305 -26.42 29.48 51.15
CA VAL C 305 -25.58 29.86 50.03
C VAL C 305 -25.52 28.71 49.04
N GLY C 306 -25.27 29.04 47.78
CA GLY C 306 -25.14 28.02 46.75
C GLY C 306 -26.46 27.51 46.23
N LEU C 307 -27.49 28.35 46.19
CA LEU C 307 -28.80 27.95 45.69
C LEU C 307 -29.21 28.87 44.54
N SER C 308 -30.09 28.36 43.70
CA SER C 308 -30.68 29.13 42.62
C SER C 308 -31.98 29.75 43.12
N ASP C 309 -32.77 30.30 42.19
CA ASP C 309 -34.08 30.84 42.57
C ASP C 309 -35.03 29.73 42.98
N SER C 310 -35.04 28.64 42.21
CA SER C 310 -35.90 27.50 42.52
C SER C 310 -35.49 26.80 43.80
N GLY C 311 -34.32 27.10 44.35
CA GLY C 311 -33.92 26.55 45.63
C GLY C 311 -34.39 27.42 46.78
N SER C 312 -34.21 28.73 46.65
CA SER C 312 -34.66 29.64 47.70
C SER C 312 -36.17 29.64 47.82
N LEU C 313 -36.88 29.68 46.69
CA LEU C 313 -38.33 29.58 46.74
C LEU C 313 -38.76 28.30 47.42
N ASP C 314 -38.10 27.19 47.11
CA ASP C 314 -38.44 25.91 47.71
C ASP C 314 -38.19 25.92 49.20
N THR C 315 -37.08 26.52 49.64
CA THR C 315 -36.79 26.58 51.07
C THR C 315 -37.84 27.37 51.82
N VAL C 316 -38.19 28.56 51.31
CA VAL C 316 -39.22 29.37 51.96
C VAL C 316 -40.55 28.62 51.99
N PHE C 317 -40.90 27.96 50.88
CA PHE C 317 -42.15 27.23 50.81
C PHE C 317 -42.18 26.11 51.86
N GLU C 318 -41.09 25.36 51.97
CA GLU C 318 -41.05 24.26 52.93
C GLU C 318 -41.13 24.77 54.36
N VAL C 319 -40.43 25.86 54.66
CA VAL C 319 -40.51 26.42 56.01
C VAL C 319 -41.93 26.86 56.33
N MET C 320 -42.59 27.52 55.38
CA MET C 320 -43.94 28.00 55.66
C MET C 320 -44.93 26.87 55.75
N VAL C 321 -44.70 25.77 55.05
CA VAL C 321 -45.62 24.63 55.13
C VAL C 321 -45.45 23.90 56.45
N ARG C 322 -44.19 23.68 56.86
CA ARG C 322 -43.92 22.89 58.06
C ARG C 322 -44.38 23.57 59.35
N ALA C 323 -45.00 24.75 59.28
CA ALA C 323 -45.38 25.50 60.46
C ALA C 323 -46.90 25.60 60.63
N GLY C 324 -47.68 24.87 59.83
CA GLY C 324 -49.11 24.84 60.05
C GLY C 324 -49.96 25.04 58.82
N ARG C 325 -49.49 25.84 57.87
CA ARG C 325 -50.29 26.13 56.70
C ARG C 325 -50.31 24.93 55.74
N THR C 326 -51.19 25.01 54.76
CA THR C 326 -51.33 23.97 53.74
C THR C 326 -50.78 24.46 52.42
N ALA C 327 -50.48 23.52 51.53
CA ALA C 327 -49.88 23.87 50.24
C ALA C 327 -50.70 24.90 49.46
N PRO C 328 -52.03 24.79 49.32
CA PRO C 328 -52.76 25.85 48.63
C PRO C 328 -52.61 27.22 49.27
N MET C 329 -52.65 27.27 50.60
CA MET C 329 -52.52 28.56 51.28
C MET C 329 -51.16 29.18 51.05
N VAL C 330 -50.09 28.37 51.13
CA VAL C 330 -48.75 28.92 50.90
C VAL C 330 -48.60 29.35 49.45
N LYS C 331 -49.15 28.58 48.51
CA LYS C 331 -49.05 28.97 47.11
C LYS C 331 -49.78 30.29 46.87
N MET C 332 -50.90 30.50 47.56
CA MET C 332 -51.60 31.77 47.43
C MET C 332 -50.85 32.91 48.11
N MET C 333 -50.12 32.61 49.19
CA MET C 333 -49.43 33.66 49.92
C MET C 333 -48.14 34.08 49.24
N LEU C 334 -47.48 33.18 48.51
CA LEU C 334 -46.22 33.51 47.86
C LEU C 334 -46.43 34.00 46.43
N VAL C 335 -47.22 33.27 45.64
CA VAL C 335 -47.51 33.65 44.26
C VAL C 335 -49.00 33.96 44.18
N PRO C 336 -49.42 35.17 44.50
CA PRO C 336 -50.84 35.48 44.59
C PRO C 336 -51.46 35.69 43.22
N GLN C 337 -52.78 35.80 43.20
CA GLN C 337 -53.50 36.20 42.00
C GLN C 337 -53.39 37.71 41.80
N ALA C 338 -53.68 38.15 40.58
CA ALA C 338 -53.71 39.57 40.28
C ALA C 338 -54.98 40.16 40.87
N LEU C 339 -54.83 41.09 41.81
CA LEU C 339 -55.99 41.73 42.43
C LEU C 339 -56.52 42.80 41.48
N THR C 340 -57.56 42.44 40.71
CA THR C 340 -58.16 43.38 39.77
C THR C 340 -59.48 43.90 40.32
N SER C 341 -59.77 45.16 40.02
CA SER C 341 -60.93 45.86 40.58
C SER C 341 -62.17 45.75 39.69
N SER C 342 -62.59 44.53 39.40
CA SER C 342 -63.79 44.31 38.62
C SER C 342 -64.75 43.40 39.39
N GLN C 343 -66.00 43.35 38.93
CA GLN C 343 -67.05 42.64 39.62
C GLN C 343 -67.19 41.19 39.18
N THR C 344 -66.10 40.58 38.68
CA THR C 344 -66.13 39.22 38.17
C THR C 344 -65.70 38.18 39.19
N THR C 345 -65.41 38.57 40.42
CA THR C 345 -65.14 37.59 41.48
C THR C 345 -65.97 37.94 42.71
N PRO C 346 -66.36 36.93 43.49
CA PRO C 346 -66.97 37.22 44.79
C PRO C 346 -66.00 37.98 45.67
N ASP C 347 -66.54 38.87 46.50
CA ASP C 347 -65.69 39.71 47.35
C ASP C 347 -64.88 38.88 48.34
N ASN C 348 -65.26 37.63 48.60
CA ASN C 348 -64.48 36.78 49.48
C ASN C 348 -63.06 36.62 48.96
N HIS C 349 -62.93 36.26 47.68
CA HIS C 349 -61.60 36.12 47.09
C HIS C 349 -60.84 37.43 47.11
N LYS C 350 -61.54 38.56 46.94
CA LYS C 350 -60.86 39.84 46.99
C LYS C 350 -60.27 40.11 48.37
N ALA C 351 -61.04 39.84 49.43
CA ALA C 351 -60.52 40.03 50.77
C ALA C 351 -59.35 39.09 51.05
N LEU C 352 -59.46 37.83 50.60
CA LEU C 352 -58.38 36.88 50.79
C LEU C 352 -57.11 37.34 50.10
N ILE C 353 -57.23 37.81 48.86
CA ILE C 353 -56.07 38.26 48.11
C ILE C 353 -55.49 39.51 48.74
N GLN C 354 -56.34 40.39 49.27
CA GLN C 354 -55.85 41.56 49.98
C GLN C 354 -55.00 41.16 51.17
N TYR C 355 -55.50 40.23 51.99
CA TYR C 355 -54.74 39.75 53.13
C TYR C 355 -53.41 39.15 52.70
N CYS C 356 -53.44 38.27 51.68
CA CYS C 356 -52.23 37.59 51.24
C CYS C 356 -51.20 38.58 50.72
N ASN C 357 -51.64 39.55 49.91
CA ASN C 357 -50.70 40.54 49.39
C ASN C 357 -50.21 41.48 50.49
N SER C 358 -50.99 41.64 51.56
CA SER C 358 -50.57 42.52 52.64
C SER C 358 -49.54 41.84 53.54
N VAL C 359 -49.60 40.51 53.68
CA VAL C 359 -48.71 39.88 54.64
C VAL C 359 -47.32 39.61 54.06
N MET C 360 -47.20 39.41 52.74
CA MET C 360 -45.94 38.97 52.15
C MET C 360 -45.74 39.62 50.80
N GLU C 361 -44.46 39.69 50.37
CA GLU C 361 -44.07 40.16 49.05
C GLU C 361 -44.23 39.04 48.03
N PRO C 362 -44.79 39.30 46.85
CA PRO C 362 -44.91 38.25 45.85
C PRO C 362 -43.57 37.86 45.26
N TRP C 363 -43.53 36.67 44.66
CA TRP C 363 -42.38 36.16 43.96
C TRP C 363 -42.75 36.08 42.48
N ASP C 364 -42.49 37.15 41.75
CA ASP C 364 -42.95 37.29 40.38
C ASP C 364 -42.15 36.39 39.43
N GLY C 365 -42.44 36.51 38.14
CA GLY C 365 -41.73 35.78 37.12
C GLY C 365 -42.53 34.64 36.53
N PRO C 366 -42.18 34.22 35.31
CA PRO C 366 -42.84 33.06 34.71
C PRO C 366 -42.57 31.80 35.53
N ALA C 367 -43.65 31.19 36.00
CA ALA C 367 -43.54 30.06 36.92
C ALA C 367 -44.71 29.12 36.73
N ALA C 368 -44.44 27.90 36.31
CA ALA C 368 -45.40 26.81 36.33
C ALA C 368 -44.97 25.86 37.45
N LEU C 369 -45.81 25.75 38.48
CA LEU C 369 -45.44 25.03 39.69
C LEU C 369 -46.25 23.75 39.82
N ALA C 370 -45.60 22.70 40.31
CA ALA C 370 -46.25 21.42 40.61
C ALA C 370 -45.69 20.96 41.96
N MET C 371 -46.35 21.34 43.03
CA MET C 371 -45.86 21.11 44.38
C MET C 371 -46.73 20.11 45.11
N THR C 372 -46.20 19.60 46.23
CA THR C 372 -46.92 18.60 47.00
C THR C 372 -46.59 18.74 48.48
N ASP C 373 -47.64 18.87 49.29
CA ASP C 373 -47.52 18.70 50.72
C ASP C 373 -47.54 17.21 51.06
N GLY C 374 -47.50 16.88 52.34
CA GLY C 374 -47.70 15.50 52.75
C GLY C 374 -49.09 14.99 52.45
N ARG C 375 -50.05 15.89 52.26
CA ARG C 375 -51.44 15.51 52.00
C ARG C 375 -51.95 16.02 50.67
N TRP C 376 -51.73 17.29 50.34
CA TRP C 376 -52.24 17.87 49.11
C TRP C 376 -51.25 17.70 47.97
N VAL C 377 -51.78 17.81 46.74
CA VAL C 377 -50.97 17.88 45.53
C VAL C 377 -51.53 19.01 44.69
N VAL C 378 -50.74 20.05 44.47
CA VAL C 378 -51.22 21.28 43.84
C VAL C 378 -50.44 21.53 42.56
N GLY C 379 -51.15 21.98 41.53
CA GLY C 379 -50.53 22.47 40.32
C GLY C 379 -51.01 23.88 40.01
N GLY C 380 -50.09 24.83 39.88
CA GLY C 380 -50.46 26.23 39.81
C GLY C 380 -49.64 27.01 38.80
N MET C 381 -50.10 28.23 38.55
CA MET C 381 -49.53 29.13 37.57
C MET C 381 -49.30 30.49 38.23
N ASP C 382 -48.51 31.33 37.58
CA ASP C 382 -48.13 32.62 38.11
C ASP C 382 -49.21 33.66 37.79
N ARG C 383 -48.87 34.94 37.97
CA ARG C 383 -49.85 36.02 37.80
C ARG C 383 -50.22 36.20 36.33
N ASN C 384 -49.22 36.27 35.45
CA ASN C 384 -49.46 36.55 34.04
C ASN C 384 -49.83 35.31 33.24
N GLY C 385 -49.52 34.12 33.74
CA GLY C 385 -49.83 32.91 33.00
C GLY C 385 -49.06 32.81 31.70
N LEU C 386 -47.74 32.68 31.81
CA LEU C 386 -46.88 32.65 30.64
C LEU C 386 -46.61 31.22 30.15
N ARG C 387 -46.16 30.36 31.06
CA ARG C 387 -45.92 28.97 30.70
C ARG C 387 -47.26 28.25 30.53
N PRO C 388 -47.29 27.17 29.75
CA PRO C 388 -48.53 26.40 29.59
C PRO C 388 -48.63 25.24 30.57
N MET C 389 -49.87 24.90 30.90
CA MET C 389 -50.14 23.77 31.78
C MET C 389 -51.50 23.17 31.41
N ARG C 390 -51.49 21.90 31.03
CA ARG C 390 -52.68 21.20 30.56
C ARG C 390 -52.83 19.89 31.30
N TYR C 391 -54.07 19.55 31.67
CA TYR C 391 -54.34 18.36 32.47
C TYR C 391 -55.46 17.55 31.82
N THR C 392 -55.72 16.38 32.41
CA THR C 392 -56.69 15.43 31.86
C THR C 392 -57.11 14.46 32.96
N ILE C 393 -58.40 14.18 33.01
CA ILE C 393 -58.98 13.20 33.94
C ILE C 393 -59.41 11.97 33.15
N THR C 394 -59.03 10.80 33.64
CA THR C 394 -59.49 9.55 33.04
C THR C 394 -60.48 8.86 33.97
N THR C 395 -61.20 7.87 33.43
CA THR C 395 -62.22 7.18 34.20
C THR C 395 -61.66 6.30 35.31
N ASP C 396 -60.34 6.10 35.35
CA ASP C 396 -59.73 5.32 36.42
C ASP C 396 -59.45 6.14 37.67
N GLY C 397 -60.05 7.32 37.80
CA GLY C 397 -59.76 8.19 38.92
C GLY C 397 -58.32 8.65 38.90
N LEU C 398 -57.86 9.07 37.72
CA LEU C 398 -56.46 9.42 37.50
C LEU C 398 -56.38 10.76 36.81
N ILE C 399 -55.60 11.68 37.38
CA ILE C 399 -55.39 12.99 36.78
C ILE C 399 -53.94 13.09 36.35
N ILE C 400 -53.73 13.57 35.12
CA ILE C 400 -52.40 13.72 34.54
C ILE C 400 -52.27 15.14 34.04
N GLY C 401 -51.26 15.86 34.53
CA GLY C 401 -51.03 17.22 34.11
C GLY C 401 -49.58 17.45 33.75
N GLY C 402 -49.36 18.40 32.86
CA GLY C 402 -48.01 18.70 32.44
C GLY C 402 -47.97 19.85 31.45
N SER C 403 -46.87 19.92 30.71
CA SER C 403 -46.66 20.98 29.73
C SER C 403 -47.23 20.64 28.36
N GLU C 404 -47.37 19.36 28.04
CA GLU C 404 -47.87 18.93 26.74
C GLU C 404 -48.97 17.91 26.93
N THR C 405 -50.00 17.97 26.08
CA THR C 405 -51.17 17.13 26.22
C THR C 405 -51.05 15.80 25.49
N GLY C 406 -49.83 15.37 25.17
CA GLY C 406 -49.64 14.12 24.48
C GLY C 406 -48.48 13.31 24.99
N MET C 407 -48.11 13.52 26.26
CA MET C 407 -46.95 12.85 26.83
C MET C 407 -47.26 11.40 27.17
N VAL C 408 -48.40 11.16 27.82
CA VAL C 408 -48.82 9.81 28.20
C VAL C 408 -49.87 9.33 27.21
N LYS C 409 -49.60 8.20 26.57
CA LYS C 409 -50.54 7.61 25.63
C LYS C 409 -51.78 7.13 26.37
N ILE C 410 -52.94 7.62 25.95
CA ILE C 410 -54.21 7.29 26.58
C ILE C 410 -55.26 7.12 25.49
N ASP C 411 -55.99 6.02 25.54
CA ASP C 411 -57.05 5.78 24.57
C ASP C 411 -58.15 6.81 24.72
N GLU C 412 -58.64 7.28 23.57
CA GLU C 412 -59.55 8.43 23.55
C GLU C 412 -60.86 8.14 24.27
N THR C 413 -61.25 6.87 24.34
CA THR C 413 -62.50 6.48 24.99
C THR C 413 -62.36 6.32 26.49
N GLN C 414 -61.34 6.92 27.11
CA GLN C 414 -61.14 6.84 28.54
C GLN C 414 -61.13 8.20 29.23
N VAL C 415 -61.27 9.28 28.48
CA VAL C 415 -61.15 10.61 29.04
C VAL C 415 -62.51 11.06 29.56
N ILE C 416 -62.49 11.99 30.51
CA ILE C 416 -63.69 12.58 31.07
C ILE C 416 -63.74 14.08 30.83
N GLU C 417 -62.61 14.76 30.99
CA GLU C 417 -62.55 16.20 30.79
C GLU C 417 -61.11 16.62 30.54
N LYS C 418 -60.91 17.43 29.52
CA LYS C 418 -59.64 18.09 29.29
C LYS C 418 -59.74 19.56 29.66
N GLY C 419 -58.63 20.12 30.10
CA GLY C 419 -58.65 21.50 30.56
C GLY C 419 -57.28 22.14 30.51
N ARG C 420 -57.21 23.33 31.09
CA ARG C 420 -55.99 24.12 31.11
C ARG C 420 -55.96 24.89 32.43
N LEU C 421 -54.94 25.73 32.59
CA LEU C 421 -54.80 26.57 33.77
C LEU C 421 -54.54 28.00 33.31
N GLY C 422 -55.49 28.90 33.61
CA GLY C 422 -55.34 30.29 33.26
C GLY C 422 -54.38 31.01 34.19
N PRO C 423 -54.31 32.33 34.07
CA PRO C 423 -53.40 33.09 34.94
C PRO C 423 -53.91 33.11 36.37
N GLY C 424 -53.04 32.76 37.30
CA GLY C 424 -53.38 32.74 38.70
C GLY C 424 -54.20 31.56 39.16
N GLU C 425 -54.57 30.65 38.26
CA GLU C 425 -55.40 29.52 38.64
C GLU C 425 -54.57 28.45 39.33
N MET C 426 -55.25 27.42 39.84
CA MET C 426 -54.61 26.29 40.49
C MET C 426 -55.60 25.14 40.55
N ILE C 427 -55.06 23.93 40.56
CA ILE C 427 -55.87 22.72 40.70
C ILE C 427 -55.25 21.85 41.79
N ALA C 428 -56.09 21.35 42.69
CA ALA C 428 -55.61 20.64 43.86
C ALA C 428 -56.23 19.26 43.96
N VAL C 429 -55.51 18.35 44.59
CA VAL C 429 -55.99 17.00 44.86
C VAL C 429 -55.69 16.69 46.32
N ASP C 430 -56.73 16.32 47.07
CA ASP C 430 -56.59 15.94 48.47
C ASP C 430 -56.53 14.41 48.53
N LEU C 431 -55.38 13.88 48.94
CA LEU C 431 -55.19 12.44 48.97
C LEU C 431 -55.77 11.80 50.22
N GLN C 432 -55.84 12.55 51.32
CA GLN C 432 -56.37 11.98 52.57
C GLN C 432 -57.83 11.59 52.40
N SER C 433 -58.66 12.51 51.91
CA SER C 433 -60.06 12.23 51.65
C SER C 433 -60.32 11.85 50.20
N GLY C 434 -59.33 12.00 49.32
CA GLY C 434 -59.49 11.63 47.94
C GLY C 434 -60.50 12.47 47.18
N LYS C 435 -60.19 13.75 46.97
CA LYS C 435 -61.07 14.64 46.25
C LYS C 435 -60.26 15.52 45.30
N LEU C 436 -60.94 16.06 44.30
CA LEU C 436 -60.32 16.89 43.27
C LEU C 436 -60.98 18.25 43.26
N TYR C 437 -60.22 19.29 43.60
CA TYR C 437 -60.73 20.66 43.65
C TYR C 437 -60.21 21.41 42.43
N ARG C 438 -61.13 21.96 41.65
CA ARG C 438 -60.77 22.84 40.55
C ARG C 438 -60.51 24.24 41.11
N ASP C 439 -60.39 25.22 40.21
CA ASP C 439 -60.03 26.57 40.65
C ASP C 439 -61.08 27.18 41.57
N ARG C 440 -62.30 27.34 41.05
CA ARG C 440 -63.33 28.06 41.81
C ARG C 440 -63.72 27.31 43.08
N GLU C 441 -63.85 25.99 42.99
CA GLU C 441 -64.18 25.21 44.18
C GLU C 441 -63.11 25.34 45.25
N LEU C 442 -61.84 25.31 44.84
CA LEU C 442 -60.76 25.47 45.81
C LEU C 442 -60.78 26.86 46.43
N LYS C 443 -61.02 27.89 45.63
CA LYS C 443 -61.09 29.24 46.18
C LYS C 443 -62.23 29.35 47.19
N ASP C 444 -63.40 28.80 46.85
CA ASP C 444 -64.52 28.85 47.79
C ASP C 444 -64.19 28.11 49.07
N HIS C 445 -63.65 26.89 48.96
CA HIS C 445 -63.29 26.11 50.14
C HIS C 445 -62.19 26.76 50.96
N LEU C 446 -61.35 27.58 50.35
CA LEU C 446 -60.26 28.21 51.07
C LEU C 446 -60.70 29.52 51.73
N ALA C 447 -61.70 30.19 51.16
CA ALA C 447 -62.14 31.48 51.69
C ALA C 447 -63.07 31.35 52.89
N THR C 448 -63.19 30.16 53.50
CA THR C 448 -64.04 29.97 54.66
C THR C 448 -63.29 29.60 55.92
N LEU C 449 -61.96 29.49 55.87
CA LEU C 449 -61.21 29.09 57.05
C LEU C 449 -61.22 30.19 58.11
N LYS C 450 -60.96 31.43 57.71
CA LYS C 450 -60.88 32.54 58.63
C LYS C 450 -61.75 33.68 58.14
N PRO C 451 -62.22 34.53 59.06
CA PRO C 451 -63.03 35.71 58.65
C PRO C 451 -62.18 36.84 58.06
N TRP C 452 -61.90 36.72 56.76
CA TRP C 452 -61.03 37.69 56.11
C TRP C 452 -61.70 39.05 55.98
N ASP C 453 -63.00 39.07 55.66
CA ASP C 453 -63.69 40.34 55.45
C ASP C 453 -63.67 41.21 56.70
N LYS C 454 -63.88 40.61 57.87
CA LYS C 454 -63.84 41.35 59.11
C LYS C 454 -62.43 41.78 59.48
N TRP C 455 -61.40 41.11 58.93
CA TRP C 455 -60.04 41.45 59.28
C TRP C 455 -59.49 42.58 58.41
N VAL C 456 -59.83 42.57 57.12
CA VAL C 456 -59.29 43.57 56.20
C VAL C 456 -59.78 44.97 56.53
N GLN C 457 -60.91 45.08 57.22
CA GLN C 457 -61.50 46.39 57.51
C GLN C 457 -60.63 47.22 58.46
N ASN C 458 -59.51 46.65 58.92
CA ASN C 458 -58.60 47.39 59.79
C ASN C 458 -57.68 48.32 59.01
N THR C 459 -57.63 48.19 57.68
CA THR C 459 -56.74 49.01 56.87
C THR C 459 -57.22 50.45 56.84
N THR C 460 -56.28 51.39 56.94
CA THR C 460 -56.58 52.81 56.88
C THR C 460 -55.87 53.44 55.69
N HIS C 461 -56.63 54.13 54.85
CA HIS C 461 -56.07 54.78 53.69
C HIS C 461 -55.62 56.19 54.05
N LEU C 462 -54.90 56.84 53.14
CA LEU C 462 -54.55 58.23 53.29
C LEU C 462 -55.44 59.14 52.45
N ASP C 463 -56.08 58.60 51.42
CA ASP C 463 -57.00 59.37 50.60
C ASP C 463 -58.06 60.04 51.49
N GLU C 464 -58.67 59.26 52.40
CA GLU C 464 -59.59 59.85 53.35
C GLU C 464 -58.89 60.83 54.28
N LEU C 465 -57.64 60.53 54.65
CA LEU C 465 -56.91 61.40 55.56
C LEU C 465 -56.58 62.74 54.91
N VAL C 466 -56.33 62.74 53.60
CA VAL C 466 -56.07 64.01 52.92
C VAL C 466 -57.37 64.71 52.52
N LYS C 467 -58.47 63.96 52.38
CA LYS C 467 -59.76 64.58 52.14
C LYS C 467 -60.26 65.34 53.38
N THR C 468 -60.19 64.69 54.54
CA THR C 468 -60.68 65.30 55.77
C THR C 468 -59.76 66.39 56.30
N ALA C 469 -58.50 66.43 55.86
CA ALA C 469 -57.59 67.48 56.29
C ALA C 469 -58.06 68.81 55.72
N SER C 470 -58.62 69.66 56.58
CA SER C 470 -59.19 70.91 56.13
C SER C 470 -58.14 71.78 55.44
N LEU C 471 -58.61 72.65 54.54
CA LEU C 471 -57.73 73.42 53.66
C LEU C 471 -57.08 74.58 54.42
N LYS C 472 -56.20 74.23 55.35
CA LYS C 472 -55.47 75.21 56.16
C LYS C 472 -54.01 74.79 56.26
N GLY C 473 -53.18 75.70 56.75
CA GLY C 473 -51.74 75.45 56.84
C GLY C 473 -51.01 75.63 55.54
N GLU C 474 -51.56 76.40 54.61
CA GLU C 474 -50.95 76.66 53.31
C GLU C 474 -49.64 77.43 53.48
N PRO C 475 -48.52 76.84 53.04
CA PRO C 475 -47.23 77.52 53.22
C PRO C 475 -46.98 78.59 52.17
N SER C 476 -46.25 79.62 52.59
CA SER C 476 -45.86 80.71 51.70
C SER C 476 -44.80 80.23 50.72
N ASP C 477 -44.91 80.68 49.48
CA ASP C 477 -44.01 80.20 48.43
C ASP C 477 -42.59 80.72 48.63
N MET C 478 -41.63 79.96 48.12
CA MET C 478 -40.23 80.36 48.19
C MET C 478 -39.95 81.51 47.22
N ASP C 479 -38.94 82.30 47.56
CA ASP C 479 -38.57 83.43 46.72
C ASP C 479 -37.87 82.95 45.45
N LYS C 480 -37.98 83.76 44.39
CA LYS C 480 -37.40 83.39 43.11
C LYS C 480 -35.89 83.24 43.19
N ALA C 481 -35.23 84.17 43.87
CA ALA C 481 -33.78 84.11 44.00
C ALA C 481 -33.34 82.87 44.78
N GLU C 482 -34.06 82.55 45.86
CA GLU C 482 -33.74 81.35 46.62
C GLU C 482 -33.95 80.10 45.78
N LEU C 483 -35.03 80.05 45.02
CA LEU C 483 -35.27 78.90 44.14
C LEU C 483 -34.15 78.73 43.13
N ARG C 484 -33.73 79.84 42.49
CA ARG C 484 -32.67 79.75 41.50
C ARG C 484 -31.34 79.35 42.13
N ARG C 485 -31.05 79.85 43.34
CA ARG C 485 -29.80 79.49 44.00
C ARG C 485 -29.79 78.02 44.39
N ARG C 486 -30.93 77.49 44.82
CA ARG C 486 -30.99 76.07 45.16
C ARG C 486 -30.95 75.20 43.91
N GLN C 487 -31.55 75.65 42.81
CA GLN C 487 -31.51 74.88 41.58
C GLN C 487 -30.11 74.87 40.98
N GLN C 488 -29.38 75.98 41.09
CA GLN C 488 -28.02 76.03 40.57
C GLN C 488 -27.09 75.12 41.35
N ALA C 489 -27.38 74.89 42.63
CA ALA C 489 -26.51 74.05 43.46
C ALA C 489 -26.50 72.60 43.03
N PHE C 490 -27.52 72.16 42.30
CA PHE C 490 -27.61 70.78 41.84
C PHE C 490 -27.34 70.64 40.36
N GLY C 491 -27.16 71.74 39.64
CA GLY C 491 -26.86 71.68 38.23
C GLY C 491 -28.05 71.57 37.30
N LEU C 492 -29.18 72.17 37.65
CA LEU C 492 -30.36 72.14 36.81
C LEU C 492 -30.32 73.32 35.84
N THR C 493 -30.46 73.03 34.56
CA THR C 493 -30.44 74.04 33.51
C THR C 493 -31.85 74.33 33.03
N MET C 494 -31.98 75.35 32.19
CA MET C 494 -33.28 75.71 31.65
C MET C 494 -33.80 74.68 30.66
N GLU C 495 -32.92 73.90 30.04
CA GLU C 495 -33.36 72.84 29.15
C GLU C 495 -33.96 71.67 29.91
N ASP C 496 -33.69 71.56 31.22
CA ASP C 496 -34.36 70.57 32.03
C ASP C 496 -35.78 70.97 32.40
N MET C 497 -36.16 72.22 32.14
CA MET C 497 -37.49 72.72 32.45
C MET C 497 -38.36 72.98 31.24
N GLU C 498 -37.74 73.23 30.07
CA GLU C 498 -38.49 73.46 28.85
C GLU C 498 -38.66 72.21 28.00
N LEU C 499 -37.82 71.20 28.19
CA LEU C 499 -37.84 70.01 27.36
C LEU C 499 -38.43 68.79 28.06
N ILE C 500 -37.99 68.50 29.28
CA ILE C 500 -38.40 67.28 29.98
C ILE C 500 -39.34 67.56 31.13
N LEU C 501 -39.67 68.82 31.39
CA LEU C 501 -40.66 69.16 32.41
C LEU C 501 -41.98 69.61 31.81
N HIS C 502 -41.94 70.60 30.92
CA HIS C 502 -43.15 71.16 30.32
C HIS C 502 -44.09 70.11 29.72
N PRO C 503 -43.63 69.12 28.95
CA PRO C 503 -44.55 68.09 28.47
C PRO C 503 -45.22 67.31 29.58
N MET C 504 -44.52 67.10 30.71
CA MET C 504 -45.14 66.40 31.83
C MET C 504 -46.32 67.19 32.38
N VAL C 505 -46.13 68.50 32.59
CA VAL C 505 -47.21 69.30 33.18
C VAL C 505 -48.36 69.47 32.20
N GLU C 506 -48.06 69.67 30.91
CA GLU C 506 -49.16 69.93 29.98
C GLU C 506 -49.88 68.66 29.57
N ASP C 507 -49.15 67.66 29.07
CA ASP C 507 -49.75 66.53 28.39
C ASP C 507 -50.16 65.39 29.31
N GLY C 508 -49.44 65.19 30.40
CA GLY C 508 -49.63 64.00 31.21
C GLY C 508 -48.82 62.81 30.76
N LYS C 509 -48.05 62.94 29.68
CA LYS C 509 -47.14 61.90 29.23
C LYS C 509 -45.71 62.44 29.24
N GLU C 510 -44.79 61.65 28.70
CA GLU C 510 -43.37 61.83 28.90
C GLU C 510 -42.68 62.25 27.61
N ALA C 511 -41.48 62.81 27.76
CA ALA C 511 -40.74 63.39 26.64
C ALA C 511 -40.30 62.29 25.66
N ILE C 512 -39.90 62.72 24.47
CA ILE C 512 -39.54 61.81 23.39
C ILE C 512 -38.34 62.36 22.64
N GLY C 513 -37.34 61.51 22.41
CA GLY C 513 -36.20 61.83 21.58
C GLY C 513 -36.09 60.86 20.43
N SER C 514 -35.28 61.24 19.43
CA SER C 514 -35.26 60.45 18.20
C SER C 514 -33.85 60.27 17.64
N MET C 515 -32.85 60.10 18.50
CA MET C 515 -31.51 59.79 17.99
C MET C 515 -30.69 59.22 19.12
N GLY C 516 -29.61 58.53 18.76
CA GLY C 516 -28.76 57.89 19.74
C GLY C 516 -28.09 58.87 20.68
N ASP C 517 -27.51 58.30 21.73
CA ASP C 517 -26.84 59.08 22.77
C ASP C 517 -25.34 59.07 22.51
N ASP C 518 -24.80 60.22 22.10
CA ASP C 518 -23.37 60.40 21.92
C ASP C 518 -22.72 61.21 23.05
N SER C 519 -23.36 61.30 24.15
CA SER C 519 -22.81 62.00 25.30
C SER C 519 -21.72 61.16 25.95
N PRO C 520 -20.69 61.80 26.51
CA PRO C 520 -19.66 61.04 27.22
C PRO C 520 -20.24 60.34 28.45
N ILE C 521 -19.57 59.28 28.88
CA ILE C 521 -19.99 58.55 30.06
C ILE C 521 -19.72 59.41 31.30
N ALA C 522 -20.30 59.04 32.43
CA ALA C 522 -20.35 59.93 33.59
C ALA C 522 -18.95 60.20 34.15
N VAL C 523 -18.09 59.18 34.20
CA VAL C 523 -16.81 59.34 34.87
C VAL C 523 -15.85 60.15 34.01
N LEU C 524 -15.94 60.02 32.69
CA LEU C 524 -15.03 60.74 31.81
C LEU C 524 -15.47 62.16 31.51
N SER C 525 -16.69 62.53 31.90
CA SER C 525 -17.16 63.88 31.63
C SER C 525 -16.46 64.87 32.58
N ASP C 526 -16.71 66.15 32.36
CA ASP C 526 -16.02 67.20 33.10
C ASP C 526 -16.96 68.16 33.82
N LYS C 527 -18.25 68.15 33.53
CA LYS C 527 -19.20 69.00 34.21
C LYS C 527 -19.70 68.29 35.47
N TYR C 528 -20.73 68.83 36.11
CA TYR C 528 -21.31 68.19 37.28
C TYR C 528 -22.43 67.27 36.84
N ARG C 529 -22.13 65.97 36.75
CA ARG C 529 -23.14 64.96 36.47
C ARG C 529 -23.61 64.37 37.79
N GLY C 530 -24.93 64.40 38.02
CA GLY C 530 -25.47 63.87 39.25
C GLY C 530 -25.15 62.40 39.45
N LEU C 531 -25.23 61.97 40.70
CA LEU C 531 -24.91 60.58 41.02
C LEU C 531 -25.88 59.60 40.38
N HIS C 532 -27.06 60.06 39.97
CA HIS C 532 -28.03 59.17 39.33
C HIS C 532 -27.70 58.90 37.87
N HIS C 533 -26.61 59.43 37.35
CA HIS C 533 -26.16 59.10 36.00
C HIS C 533 -25.24 57.90 35.95
N PHE C 534 -24.72 57.46 37.09
CA PHE C 534 -23.80 56.33 37.13
C PHE C 534 -24.51 54.99 37.16
N PHE C 535 -25.84 54.97 37.23
CA PHE C 535 -26.62 53.75 37.38
C PHE C 535 -27.40 53.49 36.10
N ARG C 536 -27.01 52.47 35.35
CA ARG C 536 -27.77 52.06 34.18
C ARG C 536 -28.88 51.11 34.61
N GLN C 537 -29.97 51.13 33.85
CA GLN C 537 -31.11 50.28 34.16
C GLN C 537 -30.88 48.86 33.66
N ASN C 538 -31.82 47.98 34.00
CA ASN C 538 -31.75 46.57 33.64
C ASN C 538 -32.91 46.20 32.73
N PHE C 539 -32.78 45.04 32.08
CA PHE C 539 -33.81 44.51 31.21
C PHE C 539 -33.59 43.01 31.11
N SER C 540 -34.35 42.36 30.22
CA SER C 540 -34.36 40.91 30.13
C SER C 540 -34.23 40.47 28.68
N GLN C 541 -33.18 39.72 28.39
CA GLN C 541 -33.06 39.03 27.12
C GLN C 541 -33.88 37.74 27.18
N VAL C 542 -33.62 36.84 26.23
CA VAL C 542 -34.51 35.70 25.94
C VAL C 542 -34.95 34.97 27.20
N THR C 543 -34.07 34.88 28.22
CA THR C 543 -34.36 34.05 29.38
C THR C 543 -35.62 34.50 30.11
N ASN C 544 -36.02 35.77 29.96
CA ASN C 544 -37.22 36.28 30.60
C ASN C 544 -37.95 37.19 29.63
N PRO C 545 -39.27 37.18 29.64
CA PRO C 545 -40.01 38.11 28.81
C PRO C 545 -40.30 39.40 29.53
N PRO C 546 -40.07 40.54 28.89
CA PRO C 546 -40.52 41.81 29.48
C PRO C 546 -42.05 41.89 29.45
N ILE C 547 -42.59 42.62 30.42
CA ILE C 547 -44.03 42.74 30.59
C ILE C 547 -44.47 44.03 29.89
N ASP C 548 -45.23 43.89 28.82
CA ASP C 548 -45.85 45.06 28.21
C ASP C 548 -46.86 45.67 29.19
N SER C 549 -47.01 46.99 29.13
CA SER C 549 -47.76 47.71 30.15
C SER C 549 -48.85 48.61 29.61
N LEU C 550 -48.95 48.79 28.29
CA LEU C 550 -50.02 49.62 27.75
C LEU C 550 -51.32 48.85 27.57
N ARG C 551 -51.29 47.53 27.63
CA ARG C 551 -52.48 46.70 27.46
C ARG C 551 -52.88 45.94 28.72
N GLU C 552 -51.98 45.14 29.29
CA GLU C 552 -52.30 44.47 30.55
C GLU C 552 -51.76 45.28 31.73
N ARG C 553 -52.23 46.51 31.81
CA ARG C 553 -51.94 47.37 32.95
C ARG C 553 -52.75 46.99 34.19
N ARG C 554 -53.69 46.06 34.06
CA ARG C 554 -54.53 45.67 35.18
C ARG C 554 -53.81 44.79 36.19
N VAL C 555 -52.68 44.19 35.82
CA VAL C 555 -51.95 43.29 36.70
C VAL C 555 -50.76 43.95 37.37
N MET C 556 -50.52 45.22 37.10
CA MET C 556 -49.41 45.96 37.70
C MET C 556 -49.97 46.84 38.81
N SER C 557 -49.38 46.74 40.00
CA SER C 557 -49.85 47.47 41.17
C SER C 557 -48.71 48.31 41.74
N LEU C 558 -49.06 49.47 42.28
CA LEU C 558 -48.11 50.37 42.91
C LEU C 558 -48.44 50.61 44.37
N LYS C 559 -49.09 49.65 45.02
CA LYS C 559 -49.52 49.83 46.40
C LYS C 559 -48.31 49.91 47.32
N THR C 560 -48.40 50.78 48.32
CA THR C 560 -47.36 50.95 49.32
C THR C 560 -47.98 50.85 50.70
N ARG C 561 -47.32 50.15 51.62
CA ARG C 561 -47.85 49.94 52.94
C ARG C 561 -46.80 50.28 53.99
N LEU C 562 -47.17 51.14 54.93
CA LEU C 562 -46.33 51.50 56.06
C LEU C 562 -46.89 50.85 57.33
N GLY C 563 -45.99 50.34 58.15
CA GLY C 563 -46.39 49.56 59.31
C GLY C 563 -46.80 48.14 58.95
N ASN C 564 -46.03 47.49 58.08
CA ASN C 564 -46.42 46.23 57.48
C ASN C 564 -45.60 45.04 57.99
N LEU C 565 -44.29 45.18 58.06
CA LEU C 565 -43.42 44.04 58.38
C LEU C 565 -43.68 43.54 59.79
N GLY C 566 -43.63 42.22 59.95
CA GLY C 566 -43.86 41.62 61.24
C GLY C 566 -43.60 40.14 61.19
N ASN C 567 -44.26 39.41 62.09
CA ASN C 567 -44.16 37.95 62.09
C ASN C 567 -44.94 37.39 60.92
N ILE C 568 -44.26 36.63 60.06
CA ILE C 568 -44.91 36.04 58.88
C ILE C 568 -45.47 34.65 59.16
N LEU C 569 -45.38 34.16 60.39
CA LEU C 569 -45.85 32.83 60.76
C LEU C 569 -47.03 32.90 61.71
N ASP C 570 -47.90 33.88 61.50
CA ASP C 570 -49.05 34.11 62.38
C ASP C 570 -50.31 34.30 61.53
N GLU C 571 -51.44 34.37 62.22
CA GLU C 571 -52.73 34.61 61.57
C GLU C 571 -53.65 35.27 62.60
N ASP C 572 -53.81 36.58 62.48
CA ASP C 572 -54.65 37.33 63.40
C ASP C 572 -54.99 38.69 62.78
N GLU C 573 -55.89 39.41 63.44
CA GLU C 573 -56.35 40.68 62.90
C GLU C 573 -55.30 41.79 63.00
N THR C 574 -54.32 41.65 63.88
CA THR C 574 -53.31 42.69 64.03
C THR C 574 -52.33 42.74 62.86
N GLN C 575 -52.31 41.71 62.01
CA GLN C 575 -51.40 41.68 60.88
C GLN C 575 -51.83 42.59 59.74
N THR C 576 -53.11 42.98 59.70
CA THR C 576 -53.64 43.80 58.62
C THR C 576 -54.04 45.19 59.11
N ARG C 577 -53.31 45.74 60.08
CA ARG C 577 -53.56 47.08 60.59
C ARG C 577 -52.34 47.93 60.26
N LEU C 578 -52.46 48.75 59.23
CA LEU C 578 -51.33 49.52 58.71
C LEU C 578 -51.88 50.74 57.97
N LEU C 579 -50.97 51.50 57.37
CA LEU C 579 -51.33 52.62 56.52
C LEU C 579 -51.04 52.27 55.07
N GLN C 580 -51.95 52.62 54.17
CA GLN C 580 -51.83 52.21 52.78
C GLN C 580 -51.90 53.43 51.86
N LEU C 581 -50.90 53.59 51.01
CA LEU C 581 -50.88 54.60 49.97
C LEU C 581 -50.96 53.93 48.61
N GLU C 582 -51.52 54.68 47.65
CA GLU C 582 -51.81 54.17 46.31
C GLU C 582 -50.71 54.47 45.32
N SER C 583 -49.62 55.12 45.76
CA SER C 583 -48.48 55.44 44.90
C SER C 583 -47.34 55.82 45.81
N PRO C 584 -46.12 55.34 45.54
CA PRO C 584 -45.00 55.65 46.44
C PRO C 584 -44.55 57.10 46.39
N VAL C 585 -44.94 57.85 45.35
CA VAL C 585 -44.58 59.26 45.24
C VAL C 585 -45.67 60.10 45.88
N LEU C 586 -45.27 61.06 46.71
CA LEU C 586 -46.20 61.91 47.43
C LEU C 586 -45.95 63.36 47.08
N THR C 587 -47.04 64.13 47.03
CA THR C 587 -46.95 65.57 46.86
C THR C 587 -46.61 66.21 48.20
N THR C 588 -46.70 67.54 48.28
CA THR C 588 -46.38 68.20 49.55
C THR C 588 -47.56 68.14 50.51
N ALA C 589 -48.78 68.37 50.01
CA ALA C 589 -49.95 68.30 50.88
C ALA C 589 -50.16 66.89 51.41
N GLU C 590 -50.02 65.88 50.54
CA GLU C 590 -50.13 64.50 50.99
C GLU C 590 -49.04 64.17 52.00
N PHE C 591 -47.83 64.70 51.80
CA PHE C 591 -46.76 64.47 52.74
C PHE C 591 -47.07 65.10 54.09
N ARG C 592 -47.65 66.29 54.10
CA ARG C 592 -48.01 66.92 55.36
C ARG C 592 -49.13 66.16 56.06
N ALA C 593 -50.08 65.62 55.30
CA ALA C 593 -51.14 64.82 55.93
C ALA C 593 -50.59 63.53 56.51
N MET C 594 -49.72 62.84 55.76
CA MET C 594 -49.11 61.63 56.29
C MET C 594 -48.22 61.93 57.49
N ARG C 595 -47.55 63.09 57.48
CA ARG C 595 -46.75 63.46 58.63
C ARG C 595 -47.64 63.79 59.82
N ASP C 596 -48.83 64.34 59.56
CA ASP C 596 -49.83 64.46 60.62
C ASP C 596 -50.16 63.11 61.23
N TYR C 597 -50.45 62.12 60.38
CA TYR C 597 -50.83 60.82 60.91
C TYR C 597 -49.68 60.19 61.69
N MET C 598 -48.45 60.33 61.20
CA MET C 598 -47.28 59.84 61.92
C MET C 598 -47.10 60.58 63.23
N GLY C 599 -46.79 61.87 63.15
CA GLY C 599 -46.74 62.76 64.29
C GLY C 599 -45.67 62.46 65.32
N ASP C 600 -46.16 62.10 66.49
CA ASP C 600 -45.41 61.90 67.72
C ASP C 600 -44.69 60.55 67.80
N THR C 601 -44.47 59.86 66.67
CA THR C 601 -43.68 58.64 66.65
C THR C 601 -42.53 58.68 65.65
N ALA C 602 -42.43 59.71 64.82
CA ALA C 602 -41.41 59.78 63.78
C ALA C 602 -40.17 60.50 64.28
N ALA C 603 -39.07 60.33 63.55
CA ALA C 603 -37.80 60.96 63.87
C ALA C 603 -37.15 61.45 62.58
N GLU C 604 -36.84 62.74 62.52
CA GLU C 604 -36.24 63.35 61.34
C GLU C 604 -34.73 63.41 61.48
N ILE C 605 -34.03 63.21 60.35
CA ILE C 605 -32.58 63.19 60.31
C ILE C 605 -32.12 64.08 59.17
N ASP C 606 -31.16 64.96 59.45
CA ASP C 606 -30.61 65.82 58.41
C ASP C 606 -29.56 65.06 57.61
N ALA C 607 -29.34 65.51 56.38
CA ALA C 607 -28.41 64.87 55.45
C ALA C 607 -27.51 65.90 54.79
N THR C 608 -26.97 66.81 55.60
CA THR C 608 -26.08 67.86 55.12
C THR C 608 -24.76 67.78 55.86
N PHE C 609 -23.68 68.14 55.16
CA PHE C 609 -22.37 68.14 55.79
C PHE C 609 -21.70 69.50 55.64
N PRO C 610 -20.91 69.91 56.61
CA PRO C 610 -20.27 71.24 56.53
C PRO C 610 -19.28 71.31 55.38
N VAL C 611 -19.35 72.42 54.64
CA VAL C 611 -18.49 72.59 53.47
C VAL C 611 -17.03 72.75 53.88
N ASP C 612 -16.78 73.28 55.08
CA ASP C 612 -15.43 73.52 55.58
C ASP C 612 -14.95 72.43 56.54
N GLY C 613 -15.54 71.24 56.48
CA GLY C 613 -15.15 70.19 57.40
C GLY C 613 -13.74 69.69 57.15
N GLY C 614 -13.35 69.60 55.89
CA GLY C 614 -12.03 69.14 55.53
C GLY C 614 -12.05 68.12 54.43
N PRO C 615 -10.95 67.35 54.30
CA PRO C 615 -10.87 66.37 53.20
C PRO C 615 -11.74 65.15 53.41
N GLU C 616 -12.29 64.94 54.60
CA GLU C 616 -13.09 63.76 54.91
C GLU C 616 -14.39 64.15 55.57
N ALA C 617 -15.07 65.14 55.01
CA ALA C 617 -16.34 65.59 55.59
C ALA C 617 -17.49 64.66 55.21
N LEU C 618 -17.51 64.18 53.96
CA LEU C 618 -18.62 63.36 53.50
C LEU C 618 -18.66 62.01 54.23
N ARG C 619 -17.50 61.38 54.41
CA ARG C 619 -17.46 60.11 55.12
C ARG C 619 -17.91 60.27 56.57
N ASP C 620 -17.47 61.35 57.24
CA ASP C 620 -17.89 61.57 58.61
C ASP C 620 -19.38 61.84 58.70
N ALA C 621 -19.94 62.57 57.72
CA ALA C 621 -21.38 62.79 57.71
C ALA C 621 -22.13 61.48 57.54
N LEU C 622 -21.65 60.63 56.63
CA LEU C 622 -22.27 59.31 56.46
C LEU C 622 -22.25 58.52 57.77
N ARG C 623 -21.08 58.49 58.43
CA ARG C 623 -20.96 57.80 59.71
C ARG C 623 -21.96 58.35 60.72
N ARG C 624 -22.03 59.68 60.82
CA ARG C 624 -22.87 60.31 61.82
C ARG C 624 -24.34 59.96 61.59
N ILE C 625 -24.80 60.07 60.34
CA ILE C 625 -26.21 59.83 60.08
C ILE C 625 -26.55 58.35 60.25
N ARG C 626 -25.64 57.45 59.87
CA ARG C 626 -25.96 56.04 60.04
C ARG C 626 -25.81 55.57 61.48
N GLN C 627 -25.18 56.37 62.34
CA GLN C 627 -25.21 56.07 63.77
C GLN C 627 -26.46 56.65 64.42
N GLU C 628 -26.83 57.89 64.07
CA GLU C 628 -28.04 58.48 64.64
C GLU C 628 -29.28 57.71 64.25
N THR C 629 -29.32 57.18 63.02
CA THR C 629 -30.49 56.40 62.62
C THR C 629 -30.68 55.18 63.52
N GLU C 630 -29.59 54.45 63.80
CA GLU C 630 -29.68 53.28 64.65
C GLU C 630 -30.00 53.68 66.09
N ASP C 631 -29.41 54.77 66.58
CA ASP C 631 -29.69 55.19 67.96
C ASP C 631 -31.12 55.69 68.12
N ALA C 632 -31.74 56.17 67.04
CA ALA C 632 -33.12 56.62 67.13
C ALA C 632 -34.10 55.46 66.95
N VAL C 633 -33.79 54.50 66.08
CA VAL C 633 -34.69 53.37 65.88
C VAL C 633 -34.79 52.53 67.15
N ARG C 634 -33.66 52.32 67.84
CA ARG C 634 -33.67 51.57 69.08
C ARG C 634 -34.43 52.28 70.20
N GLY C 635 -34.67 53.58 70.07
CA GLY C 635 -35.38 54.35 71.07
C GLY C 635 -36.88 54.34 70.94
N GLY C 636 -37.44 53.46 70.10
CA GLY C 636 -38.87 53.37 69.91
C GLY C 636 -39.42 54.06 68.69
N ALA C 637 -38.57 54.73 67.91
CA ALA C 637 -39.03 55.38 66.70
C ALA C 637 -39.49 54.35 65.68
N THR C 638 -40.53 54.70 64.92
CA THR C 638 -41.12 53.80 63.95
C THR C 638 -41.06 54.36 62.53
N HIS C 639 -40.77 55.64 62.39
CA HIS C 639 -40.72 56.25 61.06
C HIS C 639 -39.52 57.20 61.01
N VAL C 640 -38.70 57.05 59.96
CA VAL C 640 -37.51 57.86 59.78
C VAL C 640 -37.71 58.72 58.54
N ILE C 641 -37.55 60.02 58.69
CA ILE C 641 -37.67 60.98 57.60
C ILE C 641 -36.30 61.57 57.35
N LEU C 642 -35.69 61.19 56.23
CA LEU C 642 -34.34 61.60 55.87
C LEU C 642 -34.46 62.78 54.89
N THR C 643 -34.10 63.97 55.36
CA THR C 643 -34.32 65.18 54.59
C THR C 643 -33.06 66.02 54.55
N ASP C 644 -32.90 66.76 53.46
CA ASP C 644 -31.81 67.72 53.31
C ASP C 644 -32.29 69.16 53.37
N GLU C 645 -33.41 69.37 54.08
CA GLU C 645 -34.10 70.64 54.26
C GLU C 645 -33.22 71.75 54.83
N ALA C 646 -32.08 71.43 55.45
CA ALA C 646 -31.24 72.42 56.09
C ALA C 646 -30.06 72.87 55.24
N MET C 647 -30.14 72.68 53.93
CA MET C 647 -29.04 73.05 53.06
C MET C 647 -28.90 74.57 52.98
N GLY C 648 -27.70 75.07 53.25
CA GLY C 648 -27.45 76.48 53.26
C GLY C 648 -26.10 76.85 52.69
N PRO C 649 -25.70 78.12 52.82
CA PRO C 649 -24.43 78.58 52.24
C PRO C 649 -23.20 77.96 52.88
N ALA C 650 -23.34 77.30 54.04
CA ALA C 650 -22.21 76.68 54.70
C ALA C 650 -22.37 75.18 54.89
N ARG C 651 -23.46 74.60 54.40
CA ARG C 651 -23.72 73.16 54.52
C ARG C 651 -24.10 72.62 53.15
N ALA C 652 -23.26 71.76 52.60
CA ALA C 652 -23.59 71.11 51.33
C ALA C 652 -24.50 69.92 51.58
N ALA C 653 -25.23 69.54 50.54
CA ALA C 653 -26.21 68.47 50.64
C ALA C 653 -25.58 67.14 50.23
N ILE C 654 -25.78 66.12 51.05
CA ILE C 654 -25.36 64.77 50.68
C ILE C 654 -26.25 64.26 49.55
N PRO C 655 -25.69 63.62 48.53
CA PRO C 655 -26.55 63.01 47.49
C PRO C 655 -27.51 62.02 48.11
N ALA C 656 -28.81 62.24 47.84
CA ALA C 656 -29.85 61.46 48.52
C ALA C 656 -29.69 59.97 48.29
N ILE C 657 -29.22 59.58 47.10
CA ILE C 657 -29.03 58.16 46.81
C ILE C 657 -28.04 57.53 47.79
N LEU C 658 -26.89 58.18 47.98
CA LEU C 658 -25.89 57.65 48.89
C LEU C 658 -26.44 57.58 50.32
N ALA C 659 -27.17 58.61 50.74
CA ALA C 659 -27.70 58.63 52.10
C ALA C 659 -28.67 57.48 52.32
N THR C 660 -29.67 57.34 51.45
CA THR C 660 -30.64 56.27 51.65
C THR C 660 -29.99 54.90 51.51
N GLY C 661 -28.99 54.76 50.63
CA GLY C 661 -28.30 53.49 50.52
C GLY C 661 -27.59 53.11 51.81
N ALA C 662 -26.80 54.03 52.36
CA ALA C 662 -26.09 53.76 53.60
C ALA C 662 -27.07 53.43 54.72
N VAL C 663 -28.14 54.22 54.84
CA VAL C 663 -29.07 54.02 55.95
C VAL C 663 -29.79 52.68 55.81
N HIS C 664 -30.28 52.36 54.62
CA HIS C 664 -31.00 51.11 54.43
C HIS C 664 -30.09 49.91 54.65
N THR C 665 -28.87 49.97 54.14
CA THR C 665 -27.95 48.86 54.33
C THR C 665 -27.62 48.66 55.80
N HIS C 666 -27.38 49.76 56.52
CA HIS C 666 -27.08 49.63 57.94
C HIS C 666 -28.26 49.08 58.71
N LEU C 667 -29.47 49.52 58.38
CA LEU C 667 -30.65 49.00 59.08
C LEU C 667 -30.87 47.53 58.78
N ILE C 668 -30.53 47.08 57.58
CA ILE C 668 -30.62 45.65 57.27
C ILE C 668 -29.58 44.87 58.04
N ARG C 669 -28.36 45.40 58.14
CA ARG C 669 -27.27 44.68 58.79
C ARG C 669 -27.39 44.67 60.31
N SER C 670 -28.26 45.52 60.88
CA SER C 670 -28.42 45.60 62.32
C SER C 670 -29.74 45.03 62.81
N ASN C 671 -30.48 44.34 61.95
CA ASN C 671 -31.75 43.71 62.32
C ASN C 671 -32.75 44.74 62.86
N LEU C 672 -32.83 45.87 62.17
CA LEU C 672 -33.77 46.91 62.55
C LEU C 672 -34.64 47.42 61.40
N ARG C 673 -34.30 47.08 60.15
CA ARG C 673 -35.14 47.50 59.03
C ARG C 673 -36.56 46.97 59.13
N THR C 674 -36.74 45.84 59.82
CA THR C 674 -38.06 45.27 60.04
C THR C 674 -38.95 46.12 60.95
N PHE C 675 -38.39 47.13 61.61
CA PHE C 675 -39.14 47.90 62.60
C PHE C 675 -39.73 49.18 62.03
N THR C 676 -39.02 49.87 61.15
CA THR C 676 -39.39 51.21 60.72
C THR C 676 -39.65 51.24 59.22
N SER C 677 -39.93 52.45 58.72
CA SER C 677 -40.04 52.75 57.30
C SER C 677 -38.92 53.72 56.95
N LEU C 678 -38.93 54.23 55.71
CA LEU C 678 -37.86 55.11 55.27
C LEU C 678 -38.44 56.11 54.28
N ASN C 679 -38.58 57.35 54.72
CA ASN C 679 -39.12 58.43 53.90
C ASN C 679 -38.01 59.43 53.57
N VAL C 680 -37.96 59.85 52.31
CA VAL C 680 -36.90 60.71 51.82
C VAL C 680 -37.49 61.98 51.26
N ARG C 681 -36.98 63.12 51.71
CA ARG C 681 -37.28 64.42 51.11
C ARG C 681 -36.05 64.86 50.33
N THR C 682 -36.18 64.94 49.01
CA THR C 682 -35.06 65.28 48.14
C THR C 682 -35.33 66.60 47.43
N ALA C 683 -34.26 67.24 46.99
CA ALA C 683 -34.34 68.51 46.29
C ALA C 683 -33.81 68.44 44.86
N GLU C 684 -33.60 67.22 44.33
CA GLU C 684 -33.07 67.06 42.99
C GLU C 684 -33.99 66.26 42.08
N GLY C 685 -35.00 65.58 42.62
CA GLY C 685 -35.87 64.76 41.82
C GLY C 685 -36.70 65.55 40.82
N LEU C 686 -36.37 65.40 39.54
CA LEU C 686 -37.10 66.11 38.49
C LEU C 686 -37.49 65.16 37.37
N ASP C 687 -36.72 64.09 37.20
CA ASP C 687 -36.94 63.12 36.13
C ASP C 687 -37.34 61.78 36.72
N THR C 688 -38.02 60.98 35.90
CA THR C 688 -38.54 59.69 36.35
C THR C 688 -37.45 58.66 36.60
N HIS C 689 -36.19 58.98 36.34
CA HIS C 689 -35.11 58.05 36.63
C HIS C 689 -34.57 58.21 38.04
N TYR C 690 -34.83 59.35 38.68
CA TYR C 690 -34.44 59.53 40.08
C TYR C 690 -35.28 58.66 41.00
N PHE C 691 -36.61 58.77 40.89
CA PHE C 691 -37.49 58.01 41.76
C PHE C 691 -37.27 56.52 41.59
N ALA C 692 -37.00 56.08 40.37
CA ALA C 692 -36.73 54.66 40.13
C ALA C 692 -35.56 54.17 40.96
N VAL C 693 -34.43 54.88 40.90
CA VAL C 693 -33.26 54.41 41.61
C VAL C 693 -33.43 54.56 43.11
N LEU C 694 -34.13 55.61 43.56
CA LEU C 694 -34.36 55.76 45.00
C LEU C 694 -35.21 54.62 45.56
N ILE C 695 -36.30 54.28 44.86
CA ILE C 695 -37.12 53.16 45.34
C ILE C 695 -36.39 51.84 45.18
N GLY C 696 -35.48 51.75 44.20
CA GLY C 696 -34.71 50.52 44.05
C GLY C 696 -33.67 50.36 45.13
N VAL C 697 -33.19 51.46 45.70
CA VAL C 697 -32.20 51.37 46.76
C VAL C 697 -32.82 50.94 48.08
N GLY C 698 -34.08 51.32 48.33
CA GLY C 698 -34.72 50.88 49.56
C GLY C 698 -35.69 51.85 50.20
N ALA C 699 -35.77 53.07 49.69
CA ALA C 699 -36.69 54.05 50.24
C ALA C 699 -38.13 53.57 50.09
N THR C 700 -38.97 53.94 51.06
CA THR C 700 -40.39 53.58 51.02
C THR C 700 -41.20 54.61 50.24
N THR C 701 -41.19 55.86 50.68
CA THR C 701 -41.82 56.95 49.97
C THR C 701 -40.79 58.02 49.64
N VAL C 702 -41.06 58.76 48.57
CA VAL C 702 -40.17 59.81 48.10
C VAL C 702 -40.96 61.09 47.92
N ASN C 703 -40.44 62.19 48.45
CA ASN C 703 -41.06 63.50 48.31
C ASN C 703 -40.10 64.43 47.59
N ALA C 704 -40.56 65.01 46.48
CA ALA C 704 -39.79 65.96 45.70
C ALA C 704 -40.51 67.30 45.74
N TYR C 705 -39.99 68.22 46.55
CA TYR C 705 -40.64 69.51 46.76
C TYR C 705 -40.10 70.63 45.88
N LEU C 706 -38.82 70.57 45.52
CA LEU C 706 -38.27 71.61 44.65
C LEU C 706 -38.92 71.58 43.27
N ALA C 707 -39.22 70.38 42.76
CA ALA C 707 -39.90 70.27 41.48
C ALA C 707 -41.30 70.86 41.55
N GLN C 708 -42.01 70.63 42.66
CA GLN C 708 -43.34 71.21 42.81
C GLN C 708 -43.27 72.72 42.93
N GLU C 709 -42.27 73.24 43.64
CA GLU C 709 -42.08 74.68 43.70
C GLU C 709 -41.80 75.27 42.32
N ALA C 710 -40.98 74.59 41.52
CA ALA C 710 -40.71 75.07 40.17
C ALA C 710 -41.97 75.04 39.32
N ILE C 711 -42.79 74.00 39.46
CA ILE C 711 -44.05 73.93 38.72
C ILE C 711 -44.95 75.09 39.10
N ALA C 712 -45.06 75.38 40.40
CA ALA C 712 -45.91 76.48 40.84
C ALA C 712 -45.39 77.81 40.32
N GLU C 713 -44.07 78.02 40.37
CA GLU C 713 -43.50 79.27 39.89
C GLU C 713 -43.71 79.44 38.39
N ARG C 714 -43.60 78.35 37.62
CA ARG C 714 -43.84 78.44 36.19
C ARG C 714 -45.32 78.63 35.89
N HIS C 715 -46.20 78.17 36.78
CA HIS C 715 -47.63 78.36 36.56
C HIS C 715 -48.06 79.79 36.86
N ARG C 716 -47.50 80.40 37.90
CA ARG C 716 -47.92 81.75 38.25
C ARG C 716 -47.55 82.77 37.20
N ARG C 717 -46.58 82.47 36.34
CA ARG C 717 -46.20 83.38 35.26
C ARG C 717 -47.10 83.24 34.03
N GLY C 718 -48.13 82.40 34.09
CA GLY C 718 -49.02 82.24 32.96
C GLY C 718 -48.37 81.58 31.77
N LEU C 719 -47.82 80.37 32.00
CA LEU C 719 -47.17 79.63 30.93
C LEU C 719 -47.93 78.40 30.48
N PHE C 720 -48.85 77.89 31.29
CA PHE C 720 -49.61 76.70 30.92
C PHE C 720 -50.97 77.02 30.31
N GLY C 721 -51.40 78.29 30.36
CA GLY C 721 -52.67 78.67 29.78
C GLY C 721 -53.75 78.92 30.81
N SER C 722 -54.78 78.07 30.82
CA SER C 722 -55.91 78.23 31.71
C SER C 722 -56.06 77.04 32.66
N MET C 723 -55.06 76.16 32.72
CA MET C 723 -55.30 75.03 33.60
C MET C 723 -54.95 75.38 35.04
N PRO C 724 -55.71 74.86 36.01
CA PRO C 724 -55.41 75.15 37.41
C PRO C 724 -54.10 74.52 37.87
N LEU C 725 -53.74 74.72 39.13
CA LEU C 725 -52.50 74.15 39.65
C LEU C 725 -52.68 72.68 40.01
N GLU C 726 -53.81 72.33 40.61
CA GLU C 726 -54.06 70.96 41.01
C GLU C 726 -54.15 70.02 39.81
N LYS C 727 -54.71 70.49 38.70
CA LYS C 727 -54.73 69.68 37.48
C LYS C 727 -53.31 69.42 37.00
N GLY C 728 -52.45 70.43 37.04
CA GLY C 728 -51.07 70.25 36.65
C GLY C 728 -50.34 69.26 37.55
N MET C 729 -50.56 69.36 38.86
CA MET C 729 -49.92 68.42 39.78
C MET C 729 -50.42 67.00 39.55
N ALA C 730 -51.72 66.85 39.28
CA ALA C 730 -52.26 65.51 38.99
C ALA C 730 -51.66 64.95 37.71
N ASN C 731 -51.52 65.78 36.68
CA ASN C 731 -50.90 65.32 35.45
C ASN C 731 -49.45 64.91 35.68
N TYR C 732 -48.73 65.69 36.49
CA TYR C 732 -47.34 65.37 36.78
C TYR C 732 -47.23 64.04 37.52
N LYS C 733 -48.09 63.82 38.51
CA LYS C 733 -48.05 62.57 39.25
C LYS C 733 -48.43 61.38 38.36
N LYS C 734 -49.41 61.57 37.49
CA LYS C 734 -49.80 60.49 36.58
C LYS C 734 -48.65 60.14 35.64
N ALA C 735 -47.96 61.15 35.11
CA ALA C 735 -46.82 60.89 34.23
C ALA C 735 -45.70 60.18 34.99
N ILE C 736 -45.45 60.58 36.23
CA ILE C 736 -44.41 59.93 37.03
C ILE C 736 -44.77 58.48 37.26
N ASP C 737 -46.01 58.18 37.62
CA ASP C 737 -46.40 56.80 37.85
C ASP C 737 -46.33 55.98 36.58
N ASP C 738 -46.69 56.57 35.44
CA ASP C 738 -46.59 55.84 34.18
C ASP C 738 -45.15 55.52 33.83
N GLY C 739 -44.25 56.50 34.01
CA GLY C 739 -42.84 56.24 33.77
C GLY C 739 -42.25 55.23 34.72
N LEU C 740 -42.68 55.25 35.98
CA LEU C 740 -42.23 54.26 36.94
C LEU C 740 -42.68 52.86 36.54
N LEU C 741 -43.92 52.73 36.09
CA LEU C 741 -44.40 51.44 35.62
C LEU C 741 -43.62 50.99 34.39
N LYS C 742 -43.27 51.93 33.51
CA LYS C 742 -42.47 51.58 32.34
C LYS C 742 -41.10 51.05 32.75
N ILE C 743 -40.45 51.74 33.69
CA ILE C 743 -39.13 51.29 34.14
C ILE C 743 -39.23 49.94 34.84
N MET C 744 -40.29 49.74 35.62
CA MET C 744 -40.47 48.48 36.32
C MET C 744 -40.80 47.35 35.38
N SER C 745 -41.38 47.66 34.22
CA SER C 745 -41.82 46.64 33.28
C SER C 745 -40.73 46.21 32.30
N LYS C 746 -39.62 46.94 32.22
CA LYS C 746 -38.53 46.51 31.35
C LYS C 746 -37.91 45.19 31.82
N MET C 747 -38.09 44.83 33.09
CA MET C 747 -37.46 43.65 33.64
C MET C 747 -38.40 42.48 33.85
N GLY C 748 -39.70 42.73 34.00
CA GLY C 748 -40.65 41.68 34.24
C GLY C 748 -41.27 41.68 35.62
N ILE C 749 -41.13 42.76 36.38
CA ILE C 749 -41.71 42.86 37.71
C ILE C 749 -43.01 43.65 37.62
N SER C 750 -44.06 43.12 38.22
CA SER C 750 -45.39 43.71 38.11
C SER C 750 -45.88 44.33 39.41
N VAL C 751 -45.11 44.25 40.50
CA VAL C 751 -45.48 44.84 41.77
C VAL C 751 -44.29 45.61 42.32
N ILE C 752 -44.58 46.73 43.00
CA ILE C 752 -43.51 47.58 43.50
C ILE C 752 -42.94 47.03 44.81
N SER C 753 -43.71 46.25 45.56
CA SER C 753 -43.27 45.77 46.85
C SER C 753 -42.07 44.84 46.72
N SER C 754 -42.04 44.02 45.67
CA SER C 754 -40.93 43.11 45.45
C SER C 754 -39.79 43.75 44.67
N TYR C 755 -40.00 44.94 44.10
CA TYR C 755 -38.95 45.68 43.42
C TYR C 755 -38.20 46.61 44.35
N ARG C 756 -38.83 47.05 45.44
CA ARG C 756 -38.19 47.98 46.36
C ARG C 756 -37.06 47.31 47.12
N GLY C 757 -35.94 48.02 47.24
CA GLY C 757 -34.82 47.53 48.03
C GLY C 757 -34.14 46.33 47.44
N GLY C 758 -34.41 46.01 46.18
CA GLY C 758 -33.73 44.92 45.53
C GLY C 758 -32.55 45.41 44.71
N GLY C 759 -32.66 46.64 44.21
CA GLY C 759 -31.59 47.27 43.49
C GLY C 759 -31.24 46.58 42.20
N ASN C 760 -32.18 46.55 41.25
CA ASN C 760 -31.90 46.01 39.93
C ASN C 760 -31.40 47.09 38.98
N PHE C 761 -30.31 47.75 39.37
CA PHE C 761 -29.59 48.68 38.53
C PHE C 761 -28.17 48.15 38.39
N GLU C 762 -27.33 48.90 37.69
CA GLU C 762 -25.94 48.49 37.59
C GLU C 762 -25.05 49.71 37.50
N ALA C 763 -24.06 49.79 38.38
CA ALA C 763 -23.18 50.94 38.46
C ALA C 763 -21.97 50.75 37.56
N ILE C 764 -21.70 51.74 36.71
CA ILE C 764 -20.53 51.75 35.86
C ILE C 764 -19.73 53.00 36.19
N GLY C 765 -18.55 52.82 36.76
CA GLY C 765 -17.70 53.93 37.12
C GLY C 765 -17.65 54.27 38.59
N LEU C 766 -18.03 53.37 39.48
CA LEU C 766 -17.91 53.57 40.91
C LEU C 766 -16.95 52.56 41.50
N SER C 767 -16.28 52.96 42.57
CA SER C 767 -15.30 52.09 43.21
C SER C 767 -15.97 50.83 43.73
N ARG C 768 -15.24 49.71 43.65
CA ARG C 768 -15.78 48.45 44.13
C ARG C 768 -16.06 48.51 45.62
N ALA C 769 -15.20 49.18 46.38
CA ALA C 769 -15.41 49.29 47.82
C ALA C 769 -16.70 50.03 48.14
N LEU C 770 -16.90 51.19 47.51
CA LEU C 770 -18.08 52.00 47.78
C LEU C 770 -19.35 51.23 47.49
N VAL C 771 -19.41 50.58 46.32
CA VAL C 771 -20.61 49.85 45.93
C VAL C 771 -20.84 48.66 46.84
N ALA C 772 -19.80 47.85 47.06
CA ALA C 772 -19.95 46.67 47.89
C ALA C 772 -20.18 46.99 49.36
N GLU C 773 -19.95 48.24 49.78
CA GLU C 773 -20.16 48.62 51.16
C GLU C 773 -21.50 49.31 51.41
N HIS C 774 -21.92 50.19 50.51
CA HIS C 774 -23.13 50.96 50.73
C HIS C 774 -24.33 50.48 49.93
N PHE C 775 -24.14 49.63 48.92
CA PHE C 775 -25.26 49.22 48.11
C PHE C 775 -25.45 47.70 48.19
N PRO C 776 -26.70 47.24 48.23
CA PRO C 776 -26.95 45.82 48.53
C PRO C 776 -26.33 44.85 47.54
N ALA C 777 -26.71 44.92 46.26
CA ALA C 777 -26.26 43.95 45.28
C ALA C 777 -26.17 44.64 43.92
N MET C 778 -24.99 45.16 43.61
CA MET C 778 -24.69 45.70 42.29
C MET C 778 -23.26 45.32 41.94
N VAL C 779 -22.99 45.23 40.65
CA VAL C 779 -21.67 44.85 40.16
C VAL C 779 -21.04 46.06 39.51
N SER C 780 -19.76 46.29 39.81
CA SER C 780 -18.96 47.35 39.21
C SER C 780 -17.74 46.65 38.61
N ARG C 781 -17.88 46.20 37.36
CA ARG C 781 -16.79 45.46 36.73
C ARG C 781 -15.54 46.30 36.55
N ILE C 782 -15.67 47.63 36.56
CA ILE C 782 -14.52 48.53 36.58
C ILE C 782 -14.73 49.53 37.71
N SER C 783 -13.72 49.68 38.56
CA SER C 783 -13.81 50.64 39.64
C SER C 783 -13.78 52.05 39.08
N GLY C 784 -14.22 52.99 39.90
CA GLY C 784 -14.27 54.39 39.51
C GLY C 784 -13.89 55.28 40.67
N ILE C 785 -14.45 56.48 40.69
CA ILE C 785 -14.15 57.43 41.74
C ILE C 785 -14.68 56.91 43.08
N GLY C 786 -13.96 57.22 44.14
CA GLY C 786 -14.37 56.84 45.48
C GLY C 786 -15.26 57.90 46.11
N LEU C 787 -14.97 58.25 47.35
CA LEU C 787 -15.70 59.31 48.03
C LEU C 787 -15.08 60.68 47.81
N ASN C 788 -13.76 60.73 47.56
CA ASN C 788 -13.09 62.00 47.38
C ASN C 788 -13.56 62.71 46.12
N GLY C 789 -13.73 61.97 45.02
CA GLY C 789 -14.22 62.59 43.80
C GLY C 789 -15.63 63.14 43.94
N ILE C 790 -16.51 62.36 44.59
CA ILE C 790 -17.87 62.84 44.83
C ILE C 790 -17.85 64.09 45.69
N GLN C 791 -17.04 64.09 46.75
CA GLN C 791 -16.95 65.26 47.61
C GLN C 791 -16.43 66.47 46.85
N LYS C 792 -15.43 66.28 46.00
CA LYS C 792 -14.88 67.39 45.22
C LYS C 792 -15.93 67.97 44.29
N LYS C 793 -16.64 67.10 43.57
CA LYS C 793 -17.68 67.58 42.65
C LYS C 793 -18.76 68.34 43.40
N VAL C 794 -19.23 67.78 44.51
CA VAL C 794 -20.31 68.41 45.27
C VAL C 794 -19.87 69.77 45.79
N LEU C 795 -18.67 69.83 46.38
CA LEU C 795 -18.18 71.08 46.92
C LEU C 795 -17.97 72.12 45.83
N GLU C 796 -17.47 71.70 44.67
CA GLU C 796 -17.26 72.62 43.56
C GLU C 796 -18.58 73.24 43.12
N GLN C 797 -19.59 72.41 42.90
CA GLN C 797 -20.88 72.93 42.45
C GLN C 797 -21.51 73.81 43.52
N HIS C 798 -21.40 73.42 44.79
CA HIS C 798 -21.96 74.23 45.87
C HIS C 798 -21.29 75.59 45.94
N ALA C 799 -19.97 75.63 45.81
CA ALA C 799 -19.27 76.91 45.83
C ALA C 799 -19.68 77.77 44.65
N THR C 800 -19.72 77.19 43.45
CA THR C 800 -20.14 77.93 42.27
C THR C 800 -21.53 78.53 42.45
N ALA C 801 -22.43 77.79 43.12
CA ALA C 801 -23.79 78.28 43.23
C ALA C 801 -23.97 79.29 44.35
N TYR C 802 -23.24 79.14 45.46
CA TYR C 802 -23.52 79.93 46.65
C TYR C 802 -22.51 81.05 46.92
N ASN C 803 -21.42 81.10 46.17
CA ASN C 803 -20.48 82.20 46.28
C ASN C 803 -20.45 83.08 45.05
N GLU C 804 -20.90 82.57 43.91
CA GLU C 804 -21.00 83.36 42.70
C GLU C 804 -22.42 83.89 42.56
N GLU C 805 -22.53 85.00 41.84
CA GLU C 805 -23.69 85.87 41.96
C GLU C 805 -24.65 85.55 40.82
N VAL C 806 -25.54 84.58 41.03
CA VAL C 806 -26.37 84.03 39.96
C VAL C 806 -27.45 85.03 39.56
N VAL C 807 -27.71 85.12 38.26
CA VAL C 807 -28.77 85.98 37.73
C VAL C 807 -29.77 85.15 36.94
N ALA C 808 -29.30 84.02 36.39
CA ALA C 808 -30.12 83.14 35.59
C ALA C 808 -29.39 81.81 35.45
N LEU C 809 -30.14 80.78 35.12
CA LEU C 809 -29.56 79.45 34.96
C LEU C 809 -28.89 79.32 33.60
N PRO C 810 -27.83 78.51 33.50
CA PRO C 810 -27.19 78.31 32.20
C PRO C 810 -28.11 77.52 31.28
N VAL C 811 -27.91 77.73 29.97
CA VAL C 811 -28.72 77.05 28.98
C VAL C 811 -28.54 75.54 29.08
N GLY C 812 -27.29 75.08 29.12
CA GLY C 812 -27.02 73.67 29.33
C GLY C 812 -27.19 72.84 28.08
N GLY C 813 -26.21 72.00 27.78
CA GLY C 813 -26.37 71.08 26.67
C GLY C 813 -26.17 69.63 27.10
N PHE C 814 -27.25 68.88 27.15
CA PHE C 814 -27.18 67.45 27.42
C PHE C 814 -27.93 66.63 26.39
N TYR C 815 -29.08 67.12 25.92
CA TYR C 815 -29.81 66.46 24.85
C TYR C 815 -29.59 67.12 23.49
N ARG C 816 -29.23 68.40 23.49
CA ARG C 816 -28.90 69.14 22.28
C ARG C 816 -27.60 69.88 22.54
N PHE C 817 -26.80 70.06 21.49
CA PHE C 817 -25.53 70.74 21.67
C PHE C 817 -25.70 72.24 21.87
N ARG C 818 -24.92 72.76 22.81
CA ARG C 818 -24.78 74.19 23.06
C ARG C 818 -23.32 74.43 23.41
N LYS C 819 -22.77 75.57 22.97
CA LYS C 819 -21.35 75.81 23.12
C LYS C 819 -20.94 75.83 24.59
N SER C 820 -21.85 76.21 25.48
CA SER C 820 -21.54 76.28 26.89
C SER C 820 -21.60 74.91 27.56
N GLY C 821 -22.29 73.94 26.96
CA GLY C 821 -22.52 72.65 27.58
C GLY C 821 -21.38 71.67 27.42
N ASP C 822 -21.74 70.39 27.36
CA ASP C 822 -20.75 69.31 27.30
C ASP C 822 -20.26 69.12 25.86
N ARG C 823 -19.41 68.13 25.67
CA ARG C 823 -18.96 67.72 24.36
C ARG C 823 -19.83 66.59 23.83
N HIS C 824 -19.77 66.37 22.52
CA HIS C 824 -20.59 65.36 21.88
C HIS C 824 -19.75 64.62 20.86
N GLY C 825 -20.30 63.52 20.36
CA GLY C 825 -19.62 62.72 19.36
C GLY C 825 -19.71 63.31 17.96
N TRP C 826 -20.93 63.48 17.45
CA TRP C 826 -21.14 64.00 16.10
C TRP C 826 -21.42 65.50 16.20
N GLU C 827 -20.56 66.31 15.62
CA GLU C 827 -20.80 67.76 15.60
C GLU C 827 -20.41 68.38 14.27
N GLY C 828 -20.48 69.72 14.23
CA GLY C 828 -20.54 70.42 12.96
C GLY C 828 -19.29 70.22 12.12
N GLY C 829 -18.12 70.46 12.71
CA GLY C 829 -16.89 70.35 11.97
C GLY C 829 -16.69 68.96 11.39
N VAL C 830 -16.85 67.93 12.22
CA VAL C 830 -16.60 66.57 11.77
C VAL C 830 -17.64 66.15 10.72
N ILE C 831 -18.89 66.59 10.89
CA ILE C 831 -19.93 66.18 9.95
C ILE C 831 -19.71 66.84 8.59
N HIS C 832 -19.44 68.15 8.59
CA HIS C 832 -19.15 68.83 7.33
C HIS C 832 -17.94 68.23 6.64
N THR C 833 -16.88 67.96 7.40
CA THR C 833 -15.68 67.41 6.79
C THR C 833 -15.91 66.00 6.26
N LEU C 834 -16.74 65.20 6.95
CA LEU C 834 -17.05 63.87 6.46
C LEU C 834 -17.89 63.94 5.19
N GLN C 835 -18.89 64.82 5.16
CA GLN C 835 -19.71 64.96 3.96
C GLN C 835 -18.87 65.45 2.78
N GLN C 836 -17.92 66.35 3.03
CA GLN C 836 -17.06 66.83 1.95
C GLN C 836 -16.16 65.71 1.44
N ALA C 837 -15.53 64.97 2.36
CA ALA C 837 -14.69 63.86 1.94
C ALA C 837 -15.46 62.81 1.17
N VAL C 838 -16.73 62.61 1.51
CA VAL C 838 -17.51 61.57 0.84
C VAL C 838 -18.04 62.07 -0.50
N THR C 839 -18.34 63.36 -0.61
CA THR C 839 -18.91 63.89 -1.84
C THR C 839 -17.83 64.12 -2.90
N ASN C 840 -16.71 64.73 -2.52
CA ASN C 840 -15.65 64.99 -3.49
C ASN C 840 -14.87 63.74 -3.85
N ASP C 841 -14.93 62.70 -3.02
CA ASP C 841 -14.24 61.43 -3.25
C ASP C 841 -12.73 61.66 -3.34
N SER C 842 -12.18 62.06 -2.19
CA SER C 842 -10.75 62.23 -2.01
C SER C 842 -10.36 61.68 -0.65
N TYR C 843 -9.24 60.93 -0.60
CA TYR C 843 -8.89 60.22 0.62
C TYR C 843 -8.30 61.14 1.67
N THR C 844 -7.38 62.03 1.27
CA THR C 844 -6.74 62.91 2.25
C THR C 844 -7.75 63.69 3.07
N THR C 845 -8.88 64.06 2.47
CA THR C 845 -9.95 64.69 3.24
C THR C 845 -10.46 63.74 4.32
N PHE C 846 -10.58 62.46 4.00
CA PHE C 846 -11.06 61.50 4.99
C PHE C 846 -10.03 61.29 6.09
N LYS C 847 -8.74 61.34 5.76
CA LYS C 847 -7.75 61.27 6.83
C LYS C 847 -7.78 62.51 7.69
N LYS C 848 -8.07 63.66 7.11
CA LYS C 848 -8.27 64.87 7.91
C LYS C 848 -9.45 64.67 8.87
N TYR C 849 -10.50 64.04 8.38
CA TYR C 849 -11.66 63.74 9.23
C TYR C 849 -11.27 62.85 10.41
N SER C 850 -10.61 61.74 10.10
CA SER C 850 -10.19 60.82 11.15
C SER C 850 -9.21 61.48 12.12
N GLU C 851 -8.34 62.35 11.61
CA GLU C 851 -7.39 63.05 12.47
C GLU C 851 -8.12 63.99 13.42
N GLN C 852 -9.16 64.66 12.94
CA GLN C 852 -9.96 65.51 13.82
C GLN C 852 -10.66 64.70 14.88
N VAL C 853 -11.29 63.58 14.49
CA VAL C 853 -12.10 62.84 15.46
C VAL C 853 -11.24 62.05 16.45
N ASN C 854 -10.01 61.68 16.10
CA ASN C 854 -9.14 60.93 16.99
C ASN C 854 -8.23 61.82 17.81
N LYS C 855 -8.65 63.05 18.12
CA LYS C 855 -7.82 63.96 18.89
C LYS C 855 -8.53 64.62 20.07
N ARG C 856 -9.84 64.48 20.19
CA ARG C 856 -10.54 65.05 21.33
C ARG C 856 -10.15 64.33 22.61
N PRO C 857 -10.37 64.95 23.76
CA PRO C 857 -10.20 64.24 25.03
C PRO C 857 -11.06 62.99 25.07
N PRO C 858 -10.71 62.01 25.91
CA PRO C 858 -11.44 60.75 25.91
C PRO C 858 -12.92 60.95 26.23
N MET C 859 -13.76 60.23 25.49
CA MET C 859 -15.21 60.29 25.68
C MET C 859 -15.86 58.93 25.86
N GLN C 860 -15.22 57.84 25.45
CA GLN C 860 -15.78 56.51 25.59
C GLN C 860 -14.70 55.58 26.14
N LEU C 861 -15.10 54.34 26.43
CA LEU C 861 -14.16 53.39 27.02
C LEU C 861 -13.01 53.08 26.07
N ARG C 862 -13.30 52.94 24.78
CA ARG C 862 -12.30 52.57 23.80
C ARG C 862 -11.34 53.70 23.46
N ASP C 863 -11.40 54.84 24.16
CA ASP C 863 -10.46 55.93 23.95
C ASP C 863 -9.23 55.83 24.83
N LEU C 864 -9.29 55.06 25.91
CA LEU C 864 -8.16 54.94 26.83
C LEU C 864 -7.18 53.85 26.41
N LEU C 865 -7.63 52.82 25.70
CA LEU C 865 -6.76 51.73 25.29
C LEU C 865 -5.83 52.17 24.17
N GLU C 866 -4.77 51.42 23.99
CA GLU C 866 -3.69 51.86 23.11
C GLU C 866 -3.13 50.63 22.42
N LEU C 867 -2.86 50.74 21.12
CA LEU C 867 -2.25 49.65 20.38
C LEU C 867 -0.75 49.66 20.56
N ARG C 868 -0.17 48.46 20.67
CA ARG C 868 1.27 48.33 20.87
C ARG C 868 1.71 46.94 20.41
N SER C 869 2.49 46.88 19.34
CA SER C 869 2.99 45.62 18.82
C SER C 869 4.48 45.47 19.13
N THR C 870 5.03 44.31 18.77
CA THR C 870 6.44 44.04 18.96
C THR C 870 7.12 43.49 17.72
N LYS C 871 6.44 43.46 16.57
CA LYS C 871 7.02 42.99 15.34
C LYS C 871 7.46 44.19 14.49
N ALA C 872 7.94 43.92 13.28
CA ALA C 872 8.37 45.02 12.43
C ALA C 872 7.33 45.31 11.37
N PRO C 873 7.15 46.58 11.01
CA PRO C 873 6.14 46.94 10.01
C PRO C 873 6.38 46.25 8.67
N VAL C 874 5.29 46.06 7.95
CA VAL C 874 5.33 45.46 6.61
C VAL C 874 4.69 46.45 5.65
N PRO C 875 5.01 46.37 4.36
CA PRO C 875 4.52 47.38 3.41
C PRO C 875 3.01 47.30 3.21
N VAL C 876 2.48 48.35 2.58
CA VAL C 876 1.04 48.48 2.42
C VAL C 876 0.51 47.52 1.36
N ASP C 877 1.33 47.16 0.38
CA ASP C 877 0.88 46.34 -0.74
C ASP C 877 0.76 44.87 -0.37
N GLU C 878 1.15 44.49 0.84
CA GLU C 878 1.19 43.09 1.23
C GLU C 878 -0.06 42.64 1.98
N VAL C 879 -0.78 43.56 2.63
CA VAL C 879 -1.99 43.26 3.38
C VAL C 879 -3.11 42.89 2.42
N GLU C 880 -4.22 42.36 2.96
CA GLU C 880 -5.39 42.00 2.18
C GLU C 880 -5.86 43.13 1.28
N SER C 881 -6.56 42.79 0.20
CA SER C 881 -7.13 43.81 -0.67
C SER C 881 -8.36 44.41 -0.01
N ILE C 882 -8.80 45.56 -0.54
CA ILE C 882 -9.98 46.23 -0.02
C ILE C 882 -11.23 45.38 -0.19
N THR C 883 -11.24 44.45 -1.14
CA THR C 883 -12.43 43.66 -1.41
C THR C 883 -12.79 42.77 -0.22
N ALA C 884 -11.88 41.86 0.15
CA ALA C 884 -12.15 40.92 1.23
C ALA C 884 -12.33 41.60 2.58
N ILE C 885 -11.88 42.84 2.72
CA ILE C 885 -12.12 43.57 3.96
C ILE C 885 -13.46 44.28 3.92
N ARG C 886 -13.83 44.85 2.77
CA ARG C 886 -15.15 45.47 2.66
C ARG C 886 -16.26 44.45 2.78
N LYS C 887 -16.01 43.20 2.38
CA LYS C 887 -17.09 42.24 2.58
C LYS C 887 -17.32 41.88 4.04
N ARG C 888 -16.61 42.50 4.99
CA ARG C 888 -16.82 42.27 6.41
C ARG C 888 -17.73 43.32 7.04
N PHE C 889 -18.12 44.33 6.29
CA PHE C 889 -18.99 45.39 6.79
C PHE C 889 -20.42 45.15 6.33
N ILE C 890 -21.38 45.44 7.21
CA ILE C 890 -22.79 45.39 6.87
C ILE C 890 -23.46 46.67 7.37
N THR C 891 -24.70 46.85 6.95
CA THR C 891 -25.50 47.98 7.39
C THR C 891 -26.59 47.51 8.34
N PRO C 892 -26.74 48.12 9.50
CA PRO C 892 -27.78 47.67 10.44
C PRO C 892 -29.17 47.92 9.89
N GLY C 893 -30.16 47.45 10.65
CA GLY C 893 -31.54 47.55 10.21
C GLY C 893 -32.13 48.92 10.51
N MET C 894 -32.85 49.44 9.52
CA MET C 894 -33.60 50.70 9.67
C MET C 894 -34.92 50.52 8.95
N SER C 895 -36.02 50.55 9.71
CA SER C 895 -37.33 50.23 9.17
C SER C 895 -37.76 51.23 8.12
N MET C 896 -38.71 50.82 7.27
CA MET C 896 -39.29 51.72 6.28
C MET C 896 -40.30 52.68 6.90
N GLY C 897 -40.82 52.37 8.08
CA GLY C 897 -41.68 53.33 8.75
C GLY C 897 -40.95 54.58 9.18
N ALA C 898 -39.69 54.42 9.60
CA ALA C 898 -38.89 55.57 10.01
C ALA C 898 -38.25 56.25 8.81
N LEU C 899 -37.45 55.52 8.05
CA LEU C 899 -36.76 56.09 6.90
C LEU C 899 -37.73 56.28 5.75
N SER C 900 -37.32 57.07 4.80
CA SER C 900 -38.11 57.24 3.60
C SER C 900 -37.78 56.15 2.59
N PRO C 901 -38.73 55.81 1.71
CA PRO C 901 -38.45 54.75 0.73
C PRO C 901 -37.21 54.99 -0.10
N GLU C 902 -36.93 56.24 -0.45
CA GLU C 902 -35.77 56.54 -1.29
C GLU C 902 -34.46 56.23 -0.57
N ALA C 903 -34.34 56.63 0.70
CA ALA C 903 -33.11 56.35 1.44
C ALA C 903 -32.93 54.86 1.69
N HIS C 904 -34.01 54.17 2.04
CA HIS C 904 -33.95 52.72 2.23
C HIS C 904 -33.48 52.02 0.96
N GLY C 905 -34.10 52.38 -0.18
CA GLY C 905 -33.68 51.78 -1.44
C GLY C 905 -32.25 52.12 -1.80
N THR C 906 -31.82 53.35 -1.50
CA THR C 906 -30.45 53.75 -1.79
C THR C 906 -29.46 52.91 -0.99
N LEU C 907 -29.73 52.71 0.29
CA LEU C 907 -28.87 51.86 1.10
C LEU C 907 -28.84 50.43 0.56
N ASN C 908 -30.00 49.88 0.23
CA ASN C 908 -30.06 48.51 -0.27
C ASN C 908 -29.29 48.36 -1.57
N VAL C 909 -29.35 49.38 -2.44
CA VAL C 909 -28.62 49.30 -3.70
C VAL C 909 -27.13 49.46 -3.48
N ALA C 910 -26.71 50.39 -2.62
CA ALA C 910 -25.29 50.63 -2.42
C ALA C 910 -24.62 49.42 -1.77
N MET C 911 -25.29 48.78 -0.82
CA MET C 911 -24.62 47.70 -0.10
C MET C 911 -24.51 46.44 -0.94
N ASN C 912 -25.41 46.24 -1.90
CA ASN C 912 -25.34 45.10 -2.80
C ASN C 912 -24.33 45.29 -3.92
N ARG C 913 -23.92 46.53 -4.18
CA ARG C 913 -23.01 46.80 -5.30
C ARG C 913 -21.59 46.36 -4.99
N ILE C 914 -21.16 46.44 -3.72
CA ILE C 914 -19.80 46.08 -3.35
C ILE C 914 -19.69 44.64 -2.86
N GLY C 915 -20.80 43.91 -2.82
CA GLY C 915 -20.78 42.52 -2.40
C GLY C 915 -21.02 42.29 -0.92
N ALA C 916 -21.32 43.33 -0.16
CA ALA C 916 -21.57 43.18 1.27
C ALA C 916 -23.04 42.87 1.51
N LYS C 917 -23.46 42.94 2.77
CA LYS C 917 -24.82 42.66 3.16
C LYS C 917 -25.50 43.92 3.67
N SER C 918 -26.79 44.04 3.38
CA SER C 918 -27.64 45.11 3.88
C SER C 918 -28.67 44.53 4.85
N ASP C 919 -29.57 45.38 5.32
CA ASP C 919 -30.60 44.93 6.24
C ASP C 919 -31.88 45.69 5.98
N SER C 920 -33.01 44.98 6.09
CA SER C 920 -34.31 45.59 5.88
C SER C 920 -34.99 46.01 7.18
N GLY C 921 -34.60 45.42 8.31
CA GLY C 921 -35.21 45.77 9.58
C GLY C 921 -36.69 45.41 9.61
N GLU C 922 -37.33 45.84 10.69
CA GLU C 922 -38.76 45.64 10.86
C GLU C 922 -39.53 46.46 9.85
N GLY C 923 -40.84 46.24 9.80
CA GLY C 923 -41.70 46.97 8.90
C GLY C 923 -41.87 46.36 7.52
N GLY C 924 -41.33 45.17 7.29
CA GLY C 924 -41.53 44.50 6.02
C GLY C 924 -40.76 45.14 4.88
N GLU C 925 -41.08 44.68 3.67
CA GLU C 925 -40.42 45.16 2.47
C GLU C 925 -41.36 45.06 1.29
N ASP C 926 -41.04 45.79 0.23
CA ASP C 926 -41.84 45.82 -0.99
C ASP C 926 -41.61 44.55 -1.80
N PRO C 927 -42.67 43.80 -2.11
CA PRO C 927 -42.48 42.62 -2.97
C PRO C 927 -41.99 42.97 -4.36
N ALA C 928 -42.48 44.08 -4.93
CA ALA C 928 -42.10 44.45 -6.29
C ALA C 928 -40.61 44.71 -6.44
N ARG C 929 -39.89 44.89 -5.34
CA ARG C 929 -38.43 45.08 -5.39
C ARG C 929 -37.68 43.76 -5.40
N PHE C 930 -38.36 42.65 -5.64
CA PHE C 930 -37.76 41.33 -5.49
C PHE C 930 -37.00 40.87 -6.73
N ARG C 931 -36.94 41.68 -7.78
CA ARG C 931 -36.20 41.29 -8.98
C ARG C 931 -35.15 42.34 -9.30
N PRO C 932 -33.99 41.93 -9.81
CA PRO C 932 -32.94 42.90 -10.13
C PRO C 932 -33.42 43.91 -11.16
N ASP C 933 -33.00 45.14 -10.97
CA ASP C 933 -33.35 46.16 -11.95
C ASP C 933 -32.53 45.97 -13.22
N LYS C 934 -33.05 46.54 -14.30
CA LYS C 934 -32.41 46.56 -15.61
C LYS C 934 -31.40 47.69 -15.74
N ASN C 935 -31.23 48.51 -14.70
CA ASN C 935 -29.98 49.22 -14.50
C ASN C 935 -28.91 48.32 -13.89
N GLY C 936 -29.26 47.09 -13.52
CA GLY C 936 -28.41 46.25 -12.73
C GLY C 936 -28.54 46.44 -11.24
N ASP C 937 -29.14 47.53 -10.79
CA ASP C 937 -29.16 47.85 -9.37
C ASP C 937 -30.15 46.95 -8.65
N ASN C 938 -29.67 46.15 -7.70
CA ASN C 938 -30.51 45.20 -6.98
C ASN C 938 -31.03 45.88 -5.71
N TRP C 939 -32.33 46.17 -5.69
CA TRP C 939 -32.94 46.86 -4.57
C TRP C 939 -33.31 45.93 -3.42
N ASN C 940 -33.05 44.64 -3.54
CA ASN C 940 -33.38 43.69 -2.49
C ASN C 940 -32.47 43.88 -1.28
N SER C 941 -32.78 43.19 -0.19
CA SER C 941 -31.97 43.19 1.01
C SER C 941 -31.59 41.77 1.37
N ALA C 942 -30.32 41.57 1.71
CA ALA C 942 -29.80 40.23 1.97
C ALA C 942 -30.11 39.72 3.37
N ILE C 943 -30.65 40.56 4.26
CA ILE C 943 -30.93 40.16 5.63
C ILE C 943 -32.32 40.64 5.99
N LYS C 944 -33.18 39.73 6.44
CA LYS C 944 -34.53 40.05 6.85
C LYS C 944 -34.66 39.88 8.36
N GLN C 945 -35.47 40.73 8.98
CA GLN C 945 -35.65 40.73 10.42
C GLN C 945 -36.99 40.11 10.79
N VAL C 946 -37.03 39.48 11.96
CA VAL C 946 -38.27 38.98 12.54
C VAL C 946 -38.48 39.76 13.83
N ALA C 947 -39.21 40.87 13.73
CA ALA C 947 -39.48 41.67 14.90
C ALA C 947 -40.47 40.95 15.80
N SER C 948 -40.76 41.60 16.93
CA SER C 948 -41.75 41.08 17.85
C SER C 948 -43.16 41.44 17.44
N GLY C 949 -43.32 42.31 16.45
CA GLY C 949 -44.65 42.68 15.97
C GLY C 949 -45.10 41.86 14.79
N ARG C 950 -44.16 41.29 14.03
CA ARG C 950 -44.46 40.51 12.84
C ARG C 950 -45.38 41.28 11.90
N PHE C 951 -44.91 42.45 11.48
CA PHE C 951 -45.78 43.37 10.77
C PHE C 951 -45.92 43.02 9.29
N GLY C 952 -44.91 42.41 8.70
CA GLY C 952 -45.00 42.02 7.31
C GLY C 952 -44.43 40.64 7.04
N VAL C 953 -44.28 39.84 8.10
CA VAL C 953 -43.63 38.54 7.98
C VAL C 953 -44.62 37.58 7.32
N THR C 954 -44.30 37.14 6.09
CA THR C 954 -45.11 36.16 5.39
C THR C 954 -44.23 34.99 4.95
N ALA C 955 -44.77 34.11 4.12
CA ALA C 955 -43.98 32.97 3.65
C ALA C 955 -43.02 33.37 2.54
N GLU C 956 -43.40 34.36 1.71
CA GLU C 956 -42.48 34.82 0.68
C GLU C 956 -41.44 35.78 1.22
N TYR C 957 -41.76 36.49 2.30
CA TYR C 957 -40.80 37.41 2.91
C TYR C 957 -39.60 36.70 3.52
N LEU C 958 -39.74 35.41 3.84
CA LEU C 958 -38.66 34.65 4.44
C LEU C 958 -37.92 33.76 3.44
N ASN C 959 -38.47 33.56 2.24
CA ASN C 959 -37.80 32.79 1.20
C ASN C 959 -37.12 33.68 0.16
N GLN C 960 -36.98 34.98 0.45
CA GLN C 960 -36.33 35.92 -0.44
C GLN C 960 -35.17 36.61 0.27
N CYS C 961 -34.36 35.80 0.95
CA CYS C 961 -33.20 36.31 1.66
C CYS C 961 -32.14 35.21 1.70
N ARG C 962 -30.92 35.61 2.08
CA ARG C 962 -29.85 34.66 2.30
C ARG C 962 -29.57 34.41 3.76
N GLU C 963 -29.99 35.30 4.66
CA GLU C 963 -29.50 35.25 6.03
C GLU C 963 -30.51 35.97 6.92
N LEU C 964 -31.05 35.27 7.92
CA LEU C 964 -32.13 35.81 8.74
C LEU C 964 -31.57 36.45 10.02
N GLU C 965 -32.46 37.14 10.75
CA GLU C 965 -32.03 37.86 11.96
C GLU C 965 -33.19 37.97 12.92
N ILE C 966 -33.02 37.46 14.14
CA ILE C 966 -34.00 37.61 15.20
C ILE C 966 -33.60 38.81 16.05
N LYS C 967 -34.54 39.71 16.30
CA LYS C 967 -34.28 40.92 17.08
C LYS C 967 -34.95 40.77 18.44
N VAL C 968 -34.15 40.62 19.48
CA VAL C 968 -34.68 40.48 20.83
C VAL C 968 -34.77 41.84 21.54
N ALA C 969 -33.74 42.66 21.42
CA ALA C 969 -33.74 43.97 22.05
C ALA C 969 -32.85 44.91 21.25
N GLN C 970 -33.27 46.16 21.17
CA GLN C 970 -32.55 47.17 20.39
C GLN C 970 -31.55 47.91 21.27
N GLY C 971 -30.55 48.51 20.62
CA GLY C 971 -29.48 49.15 21.36
C GLY C 971 -29.92 50.40 22.09
N ALA C 972 -30.78 51.22 21.45
CA ALA C 972 -31.18 52.47 22.06
C ALA C 972 -32.22 52.26 23.16
N LYS C 973 -33.27 51.51 22.86
CA LYS C 973 -34.37 51.26 23.79
C LYS C 973 -34.43 49.77 24.11
N PRO C 974 -33.62 49.30 25.06
CA PRO C 974 -33.70 47.89 25.44
C PRO C 974 -34.93 47.60 26.27
N GLY C 975 -35.48 46.41 26.09
CA GLY C 975 -36.69 46.04 26.78
C GLY C 975 -37.90 46.86 26.38
N GLU C 976 -37.96 47.26 25.11
CA GLU C 976 -39.03 48.10 24.62
C GLU C 976 -39.26 47.83 23.14
N GLY C 977 -40.42 48.24 22.66
CA GLY C 977 -40.80 48.04 21.27
C GLY C 977 -40.74 49.34 20.49
N GLY C 978 -40.44 49.23 19.20
CA GLY C 978 -40.40 50.41 18.36
C GLY C 978 -41.74 51.08 18.24
N GLN C 979 -41.71 52.38 17.98
CA GLN C 979 -42.92 53.19 17.87
C GLN C 979 -43.01 53.81 16.48
N LEU C 980 -44.21 54.26 16.14
CA LEU C 980 -44.46 54.94 14.87
C LEU C 980 -45.66 55.85 15.02
N PRO C 981 -45.49 57.16 14.86
CA PRO C 981 -46.59 58.11 15.11
C PRO C 981 -47.78 57.86 14.20
N GLY C 982 -48.92 58.43 14.61
CA GLY C 982 -50.16 58.18 13.90
C GLY C 982 -50.24 58.83 12.54
N PHE C 983 -49.44 59.88 12.30
CA PHE C 983 -49.43 60.55 11.01
C PHE C 983 -48.32 60.08 10.10
N LYS C 984 -47.44 59.19 10.57
CA LYS C 984 -46.39 58.64 9.72
C LYS C 984 -46.90 57.50 8.84
N VAL C 985 -48.13 57.04 9.05
CA VAL C 985 -48.65 55.86 8.36
C VAL C 985 -49.50 56.34 7.19
N THR C 986 -48.98 56.17 5.97
CA THR C 986 -49.68 56.48 4.74
C THR C 986 -50.34 55.23 4.19
N GLU C 987 -50.88 55.35 2.97
CA GLU C 987 -51.39 54.18 2.27
C GLU C 987 -50.30 53.16 2.00
N MET C 988 -49.11 53.60 1.59
CA MET C 988 -48.06 52.65 1.23
C MET C 988 -47.64 51.85 2.44
N ILE C 989 -47.42 52.51 3.57
CA ILE C 989 -47.00 51.81 4.78
C ILE C 989 -48.15 50.96 5.34
N ALA C 990 -49.39 51.47 5.28
CA ALA C 990 -50.51 50.71 5.80
C ALA C 990 -50.72 49.43 5.00
N ARG C 991 -50.52 49.50 3.69
CA ARG C 991 -50.62 48.31 2.85
C ARG C 991 -49.42 47.39 3.05
N LEU C 992 -48.25 47.96 3.31
CA LEU C 992 -47.06 47.15 3.48
C LEU C 992 -47.03 46.44 4.83
N ARG C 993 -47.76 46.96 5.81
CA ARG C 993 -47.80 46.38 7.15
C ARG C 993 -49.14 45.74 7.49
N HIS C 994 -50.12 45.80 6.59
CA HIS C 994 -51.45 45.23 6.81
C HIS C 994 -52.06 45.81 8.10
N SER C 995 -52.18 47.13 8.11
CA SER C 995 -52.67 47.84 9.29
C SER C 995 -53.70 48.88 8.83
N THR C 996 -54.09 49.74 9.76
CA THR C 996 -55.09 50.76 9.50
C THR C 996 -54.43 52.11 9.25
N PRO C 997 -54.78 52.80 8.17
CA PRO C 997 -54.13 54.08 7.86
C PRO C 997 -54.44 55.13 8.92
N GLY C 998 -53.43 55.92 9.27
CA GLY C 998 -53.61 56.99 10.23
C GLY C 998 -53.72 56.53 11.66
N VAL C 999 -52.97 55.48 12.04
CA VAL C 999 -53.06 54.87 13.35
C VAL C 999 -51.66 54.72 13.92
N MET C 1000 -51.50 55.06 15.20
CA MET C 1000 -50.23 54.82 15.87
C MET C 1000 -49.99 53.33 16.01
N LEU C 1001 -48.78 52.89 15.68
CA LEU C 1001 -48.40 51.49 15.74
C LEU C 1001 -47.25 51.34 16.71
N ILE C 1002 -47.50 50.70 17.85
CA ILE C 1002 -46.50 50.47 18.88
C ILE C 1002 -46.30 48.97 19.01
N SER C 1003 -45.07 48.51 18.82
CA SER C 1003 -44.78 47.09 18.90
C SER C 1003 -44.82 46.62 20.35
N PRO C 1004 -45.21 45.37 20.57
CA PRO C 1004 -45.21 44.83 21.93
C PRO C 1004 -43.80 44.58 22.42
N PRO C 1005 -43.47 45.01 23.63
CA PRO C 1005 -42.15 44.73 24.20
C PRO C 1005 -41.87 43.24 24.26
N PRO C 1006 -42.75 42.41 24.84
CA PRO C 1006 -42.42 40.98 24.84
C PRO C 1006 -42.54 40.42 23.44
N HIS C 1007 -42.44 39.10 23.35
CA HIS C 1007 -42.29 38.43 22.07
C HIS C 1007 -43.48 37.54 21.74
N HIS C 1008 -44.24 37.10 22.74
CA HIS C 1008 -45.39 36.21 22.66
C HIS C 1008 -45.07 34.88 22.00
N ASP C 1009 -43.81 34.64 21.70
CA ASP C 1009 -43.38 33.40 21.09
C ASP C 1009 -42.14 32.92 21.83
N ILE C 1010 -41.46 33.85 22.50
CA ILE C 1010 -40.22 33.59 23.22
C ILE C 1010 -40.43 33.95 24.68
N TYR C 1011 -40.77 32.95 25.49
CA TYR C 1011 -40.89 33.13 26.93
C TYR C 1011 -39.76 32.48 27.70
N SER C 1012 -38.95 31.66 27.05
CA SER C 1012 -37.79 31.02 27.67
C SER C 1012 -36.92 30.46 26.56
N ILE C 1013 -35.78 29.90 26.95
CA ILE C 1013 -34.80 29.46 25.96
C ILE C 1013 -35.31 28.27 25.15
N GLU C 1014 -36.19 27.45 25.73
CA GLU C 1014 -36.76 26.36 24.93
C GLU C 1014 -37.65 26.91 23.81
N ASP C 1015 -38.38 27.99 24.09
CA ASP C 1015 -39.17 28.61 23.05
C ASP C 1015 -38.27 29.25 21.99
N LEU C 1016 -37.11 29.76 22.40
CA LEU C 1016 -36.16 30.29 21.42
C LEU C 1016 -35.63 29.18 20.52
N ALA C 1017 -35.31 28.02 21.10
CA ALA C 1017 -34.88 26.89 20.28
C ALA C 1017 -35.99 26.46 19.33
N GLN C 1018 -37.23 26.47 19.80
CA GLN C 1018 -38.36 26.12 18.93
C GLN C 1018 -38.49 27.10 17.78
N LEU C 1019 -38.37 28.39 18.05
CA LEU C 1019 -38.48 29.39 16.99
C LEU C 1019 -37.32 29.27 16.01
N ILE C 1020 -36.12 28.97 16.50
CA ILE C 1020 -34.98 28.80 15.60
C ILE C 1020 -35.20 27.58 14.71
N TYR C 1021 -35.75 26.51 15.28
CA TYR C 1021 -36.08 25.34 14.47
C TYR C 1021 -37.11 25.69 13.41
N ASP C 1022 -38.12 26.47 13.77
CA ASP C 1022 -39.12 26.91 12.79
C ASP C 1022 -38.46 27.69 11.66
N LEU C 1023 -37.62 28.65 12.01
CA LEU C 1023 -37.00 29.50 10.99
C LEU C 1023 -36.08 28.69 10.09
N LYS C 1024 -35.37 27.72 10.66
CA LYS C 1024 -34.49 26.89 9.85
C LYS C 1024 -35.26 25.87 9.01
N GLN C 1025 -36.52 25.59 9.38
CA GLN C 1025 -37.33 24.72 8.54
C GLN C 1025 -38.00 25.48 7.40
N ILE C 1026 -38.47 26.70 7.66
CA ILE C 1026 -39.18 27.44 6.62
C ILE C 1026 -38.24 27.86 5.49
N ASN C 1027 -36.98 28.15 5.80
CA ASN C 1027 -35.99 28.54 4.81
C ASN C 1027 -34.81 27.59 4.94
N PRO C 1028 -34.59 26.70 3.97
CA PRO C 1028 -33.56 25.67 4.13
C PRO C 1028 -32.15 26.11 3.79
N ASP C 1029 -31.94 27.39 3.45
CA ASP C 1029 -30.64 27.88 3.04
C ASP C 1029 -30.10 29.03 3.88
N ALA C 1030 -30.90 29.63 4.74
CA ALA C 1030 -30.45 30.83 5.45
C ALA C 1030 -29.90 30.48 6.82
N LYS C 1031 -29.22 31.45 7.42
CA LYS C 1031 -28.72 31.37 8.78
C LYS C 1031 -29.59 32.20 9.72
N VAL C 1032 -29.47 31.94 11.01
CA VAL C 1032 -30.30 32.58 12.02
C VAL C 1032 -29.39 33.41 12.92
N THR C 1033 -29.66 34.71 13.00
CA THR C 1033 -28.87 35.65 13.78
C THR C 1033 -29.69 36.16 14.94
N VAL C 1034 -29.10 36.15 16.13
CA VAL C 1034 -29.74 36.66 17.34
C VAL C 1034 -29.08 37.99 17.70
N LYS C 1035 -29.90 38.97 18.05
CA LYS C 1035 -29.42 40.31 18.36
C LYS C 1035 -29.70 40.62 19.82
N LEU C 1036 -28.65 40.83 20.59
CA LEU C 1036 -28.74 41.13 22.01
C LEU C 1036 -28.27 42.56 22.28
N VAL C 1037 -28.25 42.93 23.55
CA VAL C 1037 -27.80 44.24 24.00
C VAL C 1037 -26.81 44.03 25.14
N SER C 1038 -25.73 44.80 25.12
CA SER C 1038 -24.65 44.59 26.08
C SER C 1038 -25.09 44.95 27.49
N ARG C 1039 -24.88 44.01 28.42
CA ARG C 1039 -25.11 44.22 29.84
C ARG C 1039 -24.36 43.13 30.59
N SER C 1040 -24.51 43.12 31.91
CA SER C 1040 -23.90 42.07 32.71
C SER C 1040 -24.75 40.82 32.70
N GLY C 1041 -24.11 39.67 32.84
CA GLY C 1041 -24.82 38.41 32.73
C GLY C 1041 -25.12 37.98 31.32
N ILE C 1042 -24.67 38.75 30.32
CA ILE C 1042 -24.92 38.37 28.93
C ILE C 1042 -24.09 37.15 28.53
N GLY C 1043 -23.03 36.84 29.27
CA GLY C 1043 -22.21 35.69 28.92
C GLY C 1043 -22.97 34.38 29.02
N THR C 1044 -23.72 34.19 30.10
CA THR C 1044 -24.49 32.95 30.24
C THR C 1044 -25.60 32.88 29.19
N ILE C 1045 -26.24 34.01 28.90
CA ILE C 1045 -27.27 34.01 27.86
C ILE C 1045 -26.67 33.66 26.51
N ALA C 1046 -25.46 34.14 26.23
CA ALA C 1046 -24.81 33.82 24.97
C ALA C 1046 -24.40 32.35 24.92
N ALA C 1047 -23.93 31.80 26.04
CA ALA C 1047 -23.61 30.38 26.07
C ALA C 1047 -24.87 29.52 25.93
N GLY C 1048 -26.02 30.04 26.34
CA GLY C 1048 -27.26 29.32 26.20
C GLY C 1048 -27.82 29.35 24.79
N VAL C 1049 -27.77 30.52 24.15
CA VAL C 1049 -28.30 30.63 22.79
C VAL C 1049 -27.42 29.86 21.81
N ALA C 1050 -26.13 29.72 22.10
CA ALA C 1050 -25.26 28.95 21.22
C ALA C 1050 -25.61 27.47 21.21
N LYS C 1051 -26.22 26.97 22.29
CA LYS C 1051 -26.69 25.59 22.31
C LYS C 1051 -28.03 25.42 21.59
N ALA C 1052 -28.72 26.51 21.28
CA ALA C 1052 -29.98 26.46 20.54
C ALA C 1052 -29.78 26.55 19.03
N ASN C 1053 -28.60 26.15 18.54
CA ASN C 1053 -28.29 26.07 17.13
C ASN C 1053 -28.26 27.43 16.43
N ALA C 1054 -28.11 28.52 17.19
CA ALA C 1054 -27.87 29.82 16.58
C ALA C 1054 -26.41 29.93 16.18
N ASP C 1055 -26.15 30.53 15.03
CA ASP C 1055 -24.80 30.55 14.48
C ASP C 1055 -24.21 31.94 14.31
N ILE C 1056 -24.97 33.01 14.56
CA ILE C 1056 -24.44 34.37 14.56
C ILE C 1056 -25.04 35.13 15.72
N ILE C 1057 -24.20 35.72 16.55
CA ILE C 1057 -24.63 36.56 17.66
C ILE C 1057 -24.26 38.00 17.35
N LEU C 1058 -25.15 38.92 17.68
CA LEU C 1058 -24.94 40.34 17.44
C LEU C 1058 -25.05 41.08 18.76
N ILE C 1059 -24.04 41.87 19.10
CA ILE C 1059 -23.96 42.57 20.38
C ILE C 1059 -24.03 44.06 20.09
N SER C 1060 -25.16 44.68 20.39
CA SER C 1060 -25.27 46.13 20.27
C SER C 1060 -24.97 46.79 21.61
N GLY C 1061 -24.61 48.07 21.53
CA GLY C 1061 -24.32 48.86 22.70
C GLY C 1061 -25.41 49.86 23.01
N ASN C 1062 -25.13 50.72 23.99
CA ASN C 1062 -26.05 51.76 24.40
C ASN C 1062 -25.94 53.02 23.54
N SER C 1063 -25.02 53.04 22.59
CA SER C 1063 -24.74 54.23 21.80
C SER C 1063 -25.39 54.20 20.43
N GLY C 1064 -26.45 53.41 20.25
CA GLY C 1064 -27.09 53.28 18.96
C GLY C 1064 -28.24 54.25 18.78
N GLY C 1065 -28.48 54.62 17.52
CA GLY C 1065 -29.57 55.50 17.17
C GLY C 1065 -30.91 54.78 17.19
N THR C 1066 -31.97 55.55 16.91
CA THR C 1066 -33.31 55.01 16.91
C THR C 1066 -34.23 55.96 16.13
N GLY C 1067 -35.47 55.53 15.99
CA GLY C 1067 -36.47 56.33 15.29
C GLY C 1067 -37.27 57.20 16.24
N ALA C 1068 -37.73 56.62 17.35
CA ALA C 1068 -38.49 57.36 18.34
C ALA C 1068 -38.53 56.55 19.62
N SER C 1069 -38.19 57.18 20.74
CA SER C 1069 -38.17 56.52 22.03
C SER C 1069 -38.02 57.59 23.11
N PRO C 1070 -38.49 57.32 24.33
CA PRO C 1070 -38.35 58.29 25.40
C PRO C 1070 -36.88 58.58 25.69
N GLN C 1071 -36.64 59.76 26.28
CA GLN C 1071 -35.28 60.20 26.54
C GLN C 1071 -34.63 59.40 27.66
N THR C 1072 -35.41 58.97 28.65
CA THR C 1072 -34.84 58.19 29.75
C THR C 1072 -34.32 56.85 29.27
N SER C 1073 -35.00 56.23 28.31
CA SER C 1073 -34.52 54.97 27.77
C SER C 1073 -33.30 55.17 26.86
N ILE C 1074 -33.15 56.36 26.29
CA ILE C 1074 -31.99 56.63 25.45
C ILE C 1074 -30.76 56.88 26.30
N LYS C 1075 -30.90 57.73 27.33
CA LYS C 1075 -29.76 58.17 28.11
C LYS C 1075 -29.41 57.27 29.28
N PHE C 1076 -30.35 56.48 29.77
CA PHE C 1076 -30.17 55.75 31.02
C PHE C 1076 -30.49 54.28 30.87
N ALA C 1077 -30.05 53.66 29.78
CA ALA C 1077 -30.31 52.24 29.57
C ALA C 1077 -29.28 51.67 28.61
N GLY C 1078 -28.73 50.52 28.97
CA GLY C 1078 -27.73 49.85 28.16
C GLY C 1078 -26.33 50.02 28.73
N LEU C 1079 -25.36 49.55 27.97
CA LEU C 1079 -23.96 49.61 28.36
C LEU C 1079 -23.10 49.66 27.10
N PRO C 1080 -21.87 50.14 27.20
CA PRO C 1080 -20.99 50.13 26.03
C PRO C 1080 -20.64 48.71 25.61
N TRP C 1081 -20.56 48.50 24.31
CA TRP C 1081 -20.32 47.16 23.78
C TRP C 1081 -18.94 46.62 24.14
N GLU C 1082 -18.03 47.49 24.58
CA GLU C 1082 -16.70 47.02 24.99
C GLU C 1082 -16.78 45.99 26.10
N MET C 1083 -17.76 46.13 27.00
CA MET C 1083 -17.93 45.17 28.08
C MET C 1083 -18.57 43.88 27.57
N GLY C 1084 -19.73 44.00 26.92
CA GLY C 1084 -20.48 42.83 26.54
C GLY C 1084 -19.75 41.97 25.52
N LEU C 1085 -19.06 42.59 24.58
CA LEU C 1085 -18.34 41.83 23.57
C LEU C 1085 -17.26 40.96 24.20
N SER C 1086 -16.44 41.56 25.07
CA SER C 1086 -15.40 40.79 25.74
C SER C 1086 -15.99 39.72 26.64
N GLU C 1087 -17.08 40.03 27.34
CA GLU C 1087 -17.71 39.03 28.19
C GLU C 1087 -18.19 37.83 27.38
N VAL C 1088 -18.91 38.09 26.29
CA VAL C 1088 -19.41 37.00 25.44
C VAL C 1088 -18.24 36.20 24.88
N HIS C 1089 -17.18 36.88 24.45
CA HIS C 1089 -16.05 36.16 23.87
C HIS C 1089 -15.40 35.24 24.90
N GLN C 1090 -15.15 35.75 26.11
CA GLN C 1090 -14.50 34.92 27.13
C GLN C 1090 -15.41 33.75 27.54
N VAL C 1091 -16.70 34.01 27.73
CA VAL C 1091 -17.59 32.95 28.18
C VAL C 1091 -17.74 31.89 27.10
N LEU C 1092 -17.78 32.30 25.83
CA LEU C 1092 -17.91 31.33 24.75
C LEU C 1092 -16.64 30.52 24.58
N THR C 1093 -15.47 31.15 24.78
CA THR C 1093 -14.22 30.41 24.70
C THR C 1093 -14.09 29.43 25.85
N LEU C 1094 -14.61 29.80 27.03
CA LEU C 1094 -14.51 28.92 28.19
C LEU C 1094 -15.31 27.65 28.03
N ASN C 1095 -16.45 27.71 27.35
CA ASN C 1095 -17.34 26.56 27.20
C ASN C 1095 -17.07 25.78 25.91
N ARG C 1096 -15.94 26.03 25.25
CA ARG C 1096 -15.58 25.31 24.03
C ARG C 1096 -16.64 25.48 22.95
N LEU C 1097 -17.24 26.67 22.88
CA LEU C 1097 -18.30 26.94 21.94
C LEU C 1097 -17.98 28.06 20.95
N ARG C 1098 -16.80 28.68 21.06
CA ARG C 1098 -16.48 29.81 20.20
C ARG C 1098 -16.30 29.38 18.75
N HIS C 1099 -15.84 28.17 18.52
CA HIS C 1099 -15.58 27.73 17.15
C HIS C 1099 -16.85 27.41 16.38
N ARG C 1100 -18.05 27.65 16.90
CA ARG C 1100 -19.27 27.33 16.17
C ARG C 1100 -20.06 28.56 15.72
N VAL C 1101 -19.89 29.71 16.38
CA VAL C 1101 -20.68 30.89 16.09
C VAL C 1101 -19.75 32.01 15.66
N ARG C 1102 -20.35 33.04 15.07
CA ARG C 1102 -19.66 34.26 14.68
C ARG C 1102 -20.13 35.40 15.56
N LEU C 1103 -19.29 36.42 15.71
CA LEU C 1103 -19.62 37.57 16.53
C LEU C 1103 -19.65 38.82 15.67
N ARG C 1104 -20.67 39.64 15.86
CA ARG C 1104 -20.86 40.87 15.11
C ARG C 1104 -21.22 41.96 16.10
N THR C 1105 -20.66 43.16 15.89
CA THR C 1105 -20.89 44.27 16.79
C THR C 1105 -21.17 45.54 15.98
N ASP C 1106 -21.86 46.47 16.62
CA ASP C 1106 -22.10 47.79 16.07
C ASP C 1106 -22.37 48.76 17.21
N GLY C 1107 -22.53 50.03 16.85
CA GLY C 1107 -22.80 51.07 17.81
C GLY C 1107 -21.62 52.00 18.01
N GLY C 1108 -21.66 53.18 17.40
CA GLY C 1108 -20.61 54.16 17.59
C GLY C 1108 -19.33 53.90 16.85
N LEU C 1109 -19.37 53.13 15.77
CA LEU C 1109 -18.18 52.86 14.97
C LEU C 1109 -18.02 53.98 13.94
N LYS C 1110 -16.89 54.65 13.97
CA LYS C 1110 -16.68 55.82 13.12
C LYS C 1110 -15.46 55.70 12.22
N THR C 1111 -14.35 55.17 12.73
CA THR C 1111 -13.08 55.20 12.02
C THR C 1111 -12.54 53.77 11.86
N GLY C 1112 -11.31 53.67 11.38
CA GLY C 1112 -10.67 52.37 11.27
C GLY C 1112 -10.04 51.90 12.56
N ARG C 1113 -9.56 52.82 13.38
CA ARG C 1113 -9.02 52.46 14.69
C ARG C 1113 -10.06 51.75 15.54
N ASP C 1114 -11.28 52.28 15.56
CA ASP C 1114 -12.36 51.65 16.29
C ASP C 1114 -12.61 50.23 15.79
N ILE C 1115 -12.58 50.05 14.46
CA ILE C 1115 -12.83 48.72 13.90
C ILE C 1115 -11.70 47.76 14.27
N VAL C 1116 -10.46 48.23 14.26
CA VAL C 1116 -9.34 47.36 14.63
C VAL C 1116 -9.43 46.97 16.11
N ILE C 1117 -9.82 47.92 16.97
CA ILE C 1117 -9.98 47.61 18.39
C ILE C 1117 -11.08 46.57 18.59
N ALA C 1118 -12.22 46.77 17.91
CA ALA C 1118 -13.31 45.81 18.02
C ALA C 1118 -12.90 44.43 17.50
N ALA C 1119 -12.10 44.38 16.45
CA ALA C 1119 -11.64 43.10 15.94
C ALA C 1119 -10.68 42.43 16.91
N MET C 1120 -9.84 43.21 17.58
CA MET C 1120 -9.00 42.65 18.62
C MET C 1120 -9.83 42.09 19.77
N LEU C 1121 -10.95 42.74 20.07
CA LEU C 1121 -11.78 42.29 21.19
C LEU C 1121 -12.43 40.95 20.92
N GLY C 1122 -12.70 40.62 19.66
CA GLY C 1122 -13.25 39.32 19.33
C GLY C 1122 -14.25 39.29 18.20
N ALA C 1123 -14.73 40.45 17.76
CA ALA C 1123 -15.72 40.51 16.70
C ALA C 1123 -15.10 40.10 15.36
N GLU C 1124 -15.96 39.75 14.41
CA GLU C 1124 -15.52 39.33 13.09
C GLU C 1124 -16.20 40.15 11.99
N GLU C 1125 -17.38 40.68 12.27
CA GLU C 1125 -18.10 41.56 11.36
C GLU C 1125 -18.46 42.84 12.09
N PHE C 1126 -18.79 43.87 11.32
CA PHE C 1126 -19.01 45.19 11.89
C PHE C 1126 -20.17 45.88 11.20
N GLY C 1127 -21.00 46.56 12.00
CA GLY C 1127 -22.08 47.38 11.49
C GLY C 1127 -21.78 48.84 11.74
N ILE C 1128 -22.25 49.71 10.84
CA ILE C 1128 -21.91 51.13 10.85
C ILE C 1128 -23.10 51.99 11.25
N GLY C 1129 -24.16 51.98 10.46
CA GLY C 1129 -25.38 52.67 10.82
C GLY C 1129 -25.37 54.18 10.65
N THR C 1130 -25.28 54.90 11.76
CA THR C 1130 -25.50 56.35 11.74
C THR C 1130 -24.57 57.05 10.77
N ALA C 1131 -23.29 56.67 10.76
CA ALA C 1131 -22.34 57.30 9.85
C ALA C 1131 -22.83 57.23 8.41
N SER C 1132 -23.40 56.09 8.02
CA SER C 1132 -23.95 55.95 6.68
C SER C 1132 -25.01 57.00 6.40
N LEU C 1133 -25.90 57.23 7.36
CA LEU C 1133 -26.92 58.27 7.21
C LEU C 1133 -26.28 59.63 6.99
N ILE C 1134 -25.13 59.88 7.61
CA ILE C 1134 -24.47 61.17 7.42
C ILE C 1134 -23.86 61.24 6.03
N ALA C 1135 -23.45 60.09 5.47
CA ALA C 1135 -22.91 60.09 4.12
C ALA C 1135 -23.98 60.40 3.08
N MET C 1136 -25.23 60.07 3.38
CA MET C 1136 -26.32 60.32 2.44
C MET C 1136 -26.92 61.71 2.57
N GLY C 1137 -26.63 62.43 3.67
CA GLY C 1137 -27.11 63.80 3.78
C GLY C 1137 -27.64 64.20 5.14
N CYS C 1138 -27.89 63.23 6.02
CA CYS C 1138 -28.41 63.56 7.34
C CYS C 1138 -27.42 64.46 8.07
N ILE C 1139 -27.96 65.42 8.82
CA ILE C 1139 -27.14 66.48 9.39
C ILE C 1139 -27.41 66.56 10.90
N MET C 1140 -27.98 65.49 11.45
CA MET C 1140 -28.21 65.36 12.89
C MET C 1140 -29.14 66.47 13.40
N VAL C 1141 -30.35 66.51 12.82
CA VAL C 1141 -31.35 67.46 13.30
C VAL C 1141 -32.02 66.94 14.57
N ARG C 1142 -32.13 65.61 14.70
CA ARG C 1142 -32.79 64.98 15.86
C ARG C 1142 -34.28 65.34 15.91
N GLN C 1143 -34.92 65.35 14.74
CA GLN C 1143 -36.37 65.56 14.62
C GLN C 1143 -36.97 64.51 13.69
N CYS C 1144 -36.57 63.26 13.89
CA CYS C 1144 -37.10 62.18 13.05
C CYS C 1144 -38.55 61.87 13.41
N HIS C 1145 -38.92 62.05 14.67
CA HIS C 1145 -40.28 61.75 15.11
C HIS C 1145 -41.29 62.81 14.68
N SER C 1146 -40.84 63.93 14.14
CA SER C 1146 -41.75 65.02 13.77
C SER C 1146 -42.25 64.92 12.34
N ASN C 1147 -41.68 64.02 11.53
CA ASN C 1147 -42.03 63.88 10.12
C ASN C 1147 -41.74 65.16 9.35
N THR C 1148 -40.78 65.95 9.82
CA THR C 1148 -40.36 67.19 9.17
C THR C 1148 -38.84 67.28 9.12
N CYS C 1149 -38.18 66.22 8.68
CA CYS C 1149 -36.74 66.28 8.52
C CYS C 1149 -36.40 67.08 7.27
N PRO C 1150 -35.51 68.08 7.37
CA PRO C 1150 -35.32 68.99 6.23
C PRO C 1150 -34.74 68.32 4.99
N VAL C 1151 -33.65 67.58 5.14
CA VAL C 1151 -32.99 67.02 3.95
C VAL C 1151 -33.88 65.98 3.28
N GLY C 1152 -34.69 65.27 4.07
CA GLY C 1152 -35.59 64.29 3.50
C GLY C 1152 -35.12 62.86 3.64
N VAL C 1153 -34.54 62.52 4.79
CA VAL C 1153 -34.03 61.17 5.00
C VAL C 1153 -35.11 60.32 5.68
N CYS C 1154 -35.59 60.76 6.84
CA CYS C 1154 -36.64 60.07 7.58
C CYS C 1154 -37.88 60.96 7.63
N VAL C 1155 -38.70 60.89 6.59
CA VAL C 1155 -39.94 61.66 6.52
C VAL C 1155 -40.87 60.97 5.53
N GLN C 1156 -42.17 60.99 5.83
CA GLN C 1156 -43.16 60.37 4.97
C GLN C 1156 -44.00 61.38 4.19
N ASP C 1157 -43.57 62.63 4.13
CA ASP C 1157 -44.19 63.62 3.26
C ASP C 1157 -43.77 63.40 1.81
N ASP C 1158 -44.35 64.19 0.92
CA ASP C 1158 -43.90 64.22 -0.47
C ASP C 1158 -43.07 65.46 -0.76
N LYS C 1159 -43.55 66.62 -0.30
CA LYS C 1159 -42.84 67.87 -0.49
C LYS C 1159 -41.46 67.86 0.15
N LEU C 1160 -41.26 67.06 1.19
CA LEU C 1160 -39.94 66.92 1.80
C LEU C 1160 -39.15 65.74 1.27
N ARG C 1161 -39.80 64.67 0.85
CA ARG C 1161 -39.08 63.60 0.16
C ARG C 1161 -38.49 64.10 -1.16
N GLN C 1162 -39.06 65.14 -1.75
CA GLN C 1162 -38.49 65.67 -2.99
C GLN C 1162 -37.16 66.36 -2.78
N LYS C 1163 -36.70 66.53 -1.54
CA LYS C 1163 -35.43 67.20 -1.27
C LYS C 1163 -34.28 66.24 -1.02
N PHE C 1164 -34.45 64.97 -1.34
CA PHE C 1164 -33.39 64.00 -1.08
C PHE C 1164 -32.21 64.23 -2.02
N VAL C 1165 -31.00 64.00 -1.49
CA VAL C 1165 -29.78 64.28 -2.23
C VAL C 1165 -28.83 63.09 -2.17
N GLY C 1166 -29.32 61.96 -1.67
CA GLY C 1166 -28.48 60.80 -1.52
C GLY C 1166 -28.18 60.10 -2.84
N THR C 1167 -27.09 59.33 -2.82
CA THR C 1167 -26.68 58.55 -3.98
C THR C 1167 -25.77 57.44 -3.51
N PRO C 1168 -25.80 56.25 -4.13
CA PRO C 1168 -25.03 55.12 -3.60
C PRO C 1168 -23.53 55.31 -3.62
N GLU C 1169 -23.01 56.10 -4.57
CA GLU C 1169 -21.57 56.28 -4.68
C GLU C 1169 -20.98 56.87 -3.40
N LYS C 1170 -21.75 57.70 -2.71
CA LYS C 1170 -21.30 58.25 -1.43
C LYS C 1170 -21.03 57.14 -0.42
N VAL C 1171 -21.99 56.22 -0.27
CA VAL C 1171 -21.84 55.13 0.69
C VAL C 1171 -20.69 54.21 0.28
N VAL C 1172 -20.58 53.93 -1.02
CA VAL C 1172 -19.48 53.08 -1.50
C VAL C 1172 -18.14 53.71 -1.16
N ASN C 1173 -18.01 55.02 -1.38
CA ASN C 1173 -16.75 55.70 -1.09
C ASN C 1173 -16.46 55.69 0.41
N LEU C 1174 -17.48 55.91 1.23
CA LEU C 1174 -17.30 55.85 2.68
C LEU C 1174 -16.74 54.49 3.10
N PHE C 1175 -17.35 53.41 2.60
CA PHE C 1175 -16.88 52.08 2.98
C PHE C 1175 -15.47 51.82 2.47
N THR C 1176 -15.16 52.29 1.26
CA THR C 1176 -13.81 52.09 0.72
C THR C 1176 -12.77 52.78 1.60
N PHE C 1177 -13.02 54.03 1.97
CA PHE C 1177 -12.09 54.75 2.84
C PHE C 1177 -11.96 54.04 4.19
N LEU C 1178 -13.08 53.60 4.76
CA LEU C 1178 -13.05 52.98 6.07
C LEU C 1178 -12.26 51.68 6.05
N ALA C 1179 -12.34 50.93 4.95
CA ALA C 1179 -11.58 49.69 4.85
C ALA C 1179 -10.09 49.95 4.61
N GLU C 1180 -9.77 50.92 3.77
CA GLU C 1180 -8.36 51.18 3.50
C GLU C 1180 -7.67 51.80 4.71
N GLU C 1181 -8.42 52.47 5.59
CA GLU C 1181 -7.85 52.89 6.87
C GLU C 1181 -7.41 51.68 7.70
N VAL C 1182 -8.26 50.65 7.76
CA VAL C 1182 -7.89 49.42 8.46
C VAL C 1182 -6.65 48.80 7.82
N ARG C 1183 -6.58 48.84 6.50
CA ARG C 1183 -5.38 48.33 5.84
C ARG C 1183 -4.15 49.10 6.28
N GLU C 1184 -4.23 50.43 6.33
CA GLU C 1184 -3.14 51.26 6.81
C GLU C 1184 -2.68 50.83 8.20
N ILE C 1185 -3.63 50.73 9.12
CA ILE C 1185 -3.30 50.42 10.51
C ILE C 1185 -2.69 49.04 10.63
N LEU C 1186 -3.25 48.06 9.90
CA LEU C 1186 -2.71 46.71 9.96
C LEU C 1186 -1.29 46.66 9.41
N ALA C 1187 -1.04 47.33 8.28
CA ALA C 1187 0.31 47.35 7.72
C ALA C 1187 1.28 48.04 8.66
N GLY C 1188 0.82 49.08 9.36
CA GLY C 1188 1.69 49.76 10.30
C GLY C 1188 1.96 48.94 11.56
N LEU C 1189 1.05 48.03 11.90
CA LEU C 1189 1.22 47.25 13.11
C LEU C 1189 2.08 46.00 12.90
N GLY C 1190 1.91 45.31 11.77
CA GLY C 1190 2.79 44.21 11.45
C GLY C 1190 2.13 42.93 11.00
N PHE C 1191 0.83 42.96 10.72
CA PHE C 1191 0.12 41.78 10.26
C PHE C 1191 -0.37 41.98 8.83
N ARG C 1192 -0.92 40.90 8.26
CA ARG C 1192 -1.33 40.89 6.87
C ARG C 1192 -2.77 40.43 6.68
N SER C 1193 -3.52 40.20 7.75
CA SER C 1193 -4.89 39.76 7.62
C SER C 1193 -5.60 39.96 8.95
N LEU C 1194 -6.92 40.21 8.87
CA LEU C 1194 -7.70 40.38 10.08
C LEU C 1194 -7.83 39.08 10.87
N ASN C 1195 -7.68 37.93 10.22
CA ASN C 1195 -7.78 36.66 10.95
C ASN C 1195 -6.62 36.45 11.90
N GLU C 1196 -5.50 37.12 11.67
CA GLU C 1196 -4.35 36.99 12.55
C GLU C 1196 -4.38 37.96 13.73
N VAL C 1197 -5.36 38.86 13.78
CA VAL C 1197 -5.46 39.81 14.88
C VAL C 1197 -6.68 39.58 15.74
N ILE C 1198 -7.67 38.82 15.27
CA ILE C 1198 -8.90 38.63 16.03
C ILE C 1198 -8.60 37.84 17.29
N GLY C 1199 -9.06 38.36 18.43
CA GLY C 1199 -8.89 37.69 19.70
C GLY C 1199 -7.59 37.97 20.41
N ARG C 1200 -6.58 38.48 19.71
CA ARG C 1200 -5.27 38.74 20.30
C ARG C 1200 -5.38 39.97 21.19
N THR C 1201 -5.88 39.75 22.41
CA THR C 1201 -6.13 40.86 23.33
C THR C 1201 -4.83 41.48 23.83
N ASP C 1202 -3.75 40.71 23.88
CA ASP C 1202 -2.51 41.20 24.47
C ASP C 1202 -1.84 42.30 23.66
N LEU C 1203 -2.44 42.75 22.56
CA LEU C 1203 -1.92 43.87 21.79
C LEU C 1203 -2.47 45.21 22.29
N LEU C 1204 -3.26 45.20 23.35
CA LEU C 1204 -3.89 46.41 23.86
C LEU C 1204 -3.35 46.72 25.25
N HIS C 1205 -3.08 47.99 25.50
CA HIS C 1205 -2.61 48.45 26.80
C HIS C 1205 -3.54 49.55 27.28
N GLN C 1206 -3.49 49.82 28.58
CA GLN C 1206 -4.34 50.85 29.19
C GLN C 1206 -3.46 51.96 29.73
N VAL C 1207 -3.71 53.19 29.29
CA VAL C 1207 -3.10 54.38 29.86
C VAL C 1207 -4.19 55.30 30.35
N SER C 1208 -3.99 55.88 31.52
CA SER C 1208 -5.01 56.71 32.14
C SER C 1208 -4.77 58.19 31.84
N ARG C 1209 -5.78 59.00 32.11
CA ARG C 1209 -5.77 60.39 31.67
C ARG C 1209 -4.75 61.24 32.40
N GLY C 1210 -4.25 60.80 33.54
CA GLY C 1210 -3.20 61.55 34.22
C GLY C 1210 -3.33 61.60 35.72
N ALA C 1211 -2.40 62.29 36.37
CA ALA C 1211 -2.37 62.42 37.82
C ALA C 1211 -3.15 63.63 38.31
N GLU C 1212 -4.06 64.17 37.50
CA GLU C 1212 -4.88 65.30 37.89
C GLU C 1212 -6.36 64.97 37.93
N HIS C 1213 -6.75 63.76 37.51
CA HIS C 1213 -8.13 63.32 37.56
C HIS C 1213 -8.39 62.24 38.60
N LEU C 1214 -7.52 61.24 38.67
CA LEU C 1214 -7.64 60.14 39.63
C LEU C 1214 -8.99 59.44 39.52
N ASP C 1215 -9.29 58.96 38.33
CA ASP C 1215 -10.31 57.94 38.14
C ASP C 1215 -9.60 56.60 38.04
N ASP C 1216 -9.99 55.66 38.88
CA ASP C 1216 -9.27 54.40 39.04
C ASP C 1216 -9.80 53.29 38.14
N LEU C 1217 -10.25 53.64 36.93
CA LEU C 1217 -10.74 52.63 35.99
C LEU C 1217 -9.67 51.60 35.71
N ASP C 1218 -9.96 50.35 36.07
CA ASP C 1218 -9.09 49.21 35.77
C ASP C 1218 -9.79 48.34 34.74
N LEU C 1219 -9.31 48.38 33.51
CA LEU C 1219 -9.90 47.61 32.41
C LEU C 1219 -9.32 46.21 32.30
N ASN C 1220 -8.68 45.72 33.36
CA ASN C 1220 -8.11 44.37 33.31
C ASN C 1220 -9.18 43.29 33.19
N PRO C 1221 -10.31 43.35 33.89
CA PRO C 1221 -11.40 42.40 33.58
C PRO C 1221 -11.79 42.42 32.12
N ARG C 1222 -11.50 43.51 31.41
CA ARG C 1222 -11.81 43.65 30.00
C ARG C 1222 -10.71 43.12 29.09
N LEU C 1223 -9.50 42.92 29.62
CA LEU C 1223 -8.37 42.48 28.83
C LEU C 1223 -7.91 41.08 29.18
N ALA C 1224 -8.67 40.34 29.98
CA ALA C 1224 -8.28 38.98 30.34
C ALA C 1224 -8.27 38.10 29.10
N GLN C 1225 -7.29 37.21 29.02
CA GLN C 1225 -7.09 36.34 27.87
C GLN C 1225 -7.34 34.90 28.30
N VAL C 1226 -8.42 34.31 27.82
CA VAL C 1226 -8.70 32.91 28.04
C VAL C 1226 -8.10 32.09 26.91
N ASP C 1227 -7.31 31.08 27.25
CA ASP C 1227 -6.61 30.31 26.23
C ASP C 1227 -7.57 29.34 25.56
N PRO C 1228 -7.64 29.31 24.24
CA PRO C 1228 -8.62 28.47 23.55
C PRO C 1228 -8.34 26.98 23.68
N GLY C 1229 -7.09 26.59 23.45
CA GLY C 1229 -6.74 25.19 23.42
C GLY C 1229 -6.31 24.75 22.04
N GLU C 1230 -7.03 23.79 21.46
CA GLU C 1230 -6.72 23.34 20.11
C GLU C 1230 -7.51 24.08 19.05
N ASN C 1231 -8.66 24.63 19.41
CA ASN C 1231 -9.52 25.32 18.47
C ASN C 1231 -8.98 26.71 18.16
N ALA C 1232 -9.45 27.28 17.06
CA ALA C 1232 -9.09 28.64 16.67
C ALA C 1232 -9.91 29.64 17.47
N ARG C 1233 -9.70 30.92 17.18
CA ARG C 1233 -10.40 32.00 17.87
C ARG C 1233 -11.50 32.62 17.02
N TYR C 1234 -12.08 31.85 16.11
CA TYR C 1234 -13.17 32.34 15.27
C TYR C 1234 -13.92 31.13 14.71
N CYS C 1235 -14.96 31.41 13.93
CA CYS C 1235 -15.77 30.35 13.33
C CYS C 1235 -14.95 29.59 12.31
N THR C 1236 -15.04 28.26 12.35
CA THR C 1236 -14.27 27.39 11.47
C THR C 1236 -15.14 26.31 10.87
N LEU C 1237 -16.44 26.57 10.75
CA LEU C 1237 -17.35 25.59 10.18
C LEU C 1237 -17.97 26.14 8.90
N GLN C 1238 -18.53 25.23 8.10
CA GLN C 1238 -19.07 25.55 6.79
C GLN C 1238 -20.58 25.38 6.81
N GLY C 1239 -21.30 26.40 6.36
CA GLY C 1239 -22.74 26.37 6.36
C GLY C 1239 -23.31 26.58 7.75
N ARG C 1240 -24.62 26.39 7.85
CA ARG C 1240 -25.30 26.59 9.12
C ARG C 1240 -25.23 25.33 9.97
N ASN C 1241 -25.49 25.50 11.26
CA ASN C 1241 -25.59 24.36 12.16
C ASN C 1241 -26.79 23.50 11.76
N GLU C 1242 -26.56 22.20 11.63
CA GLU C 1242 -27.56 21.34 11.04
C GLU C 1242 -28.65 21.00 12.05
N VAL C 1243 -29.82 20.62 11.53
CA VAL C 1243 -30.97 20.31 12.37
C VAL C 1243 -31.57 18.98 11.94
N PRO C 1244 -32.20 18.24 12.85
CA PRO C 1244 -32.86 16.99 12.46
C PRO C 1244 -34.05 17.24 11.56
N ASP C 1245 -34.61 16.14 11.05
CA ASP C 1245 -35.77 16.18 10.18
C ASP C 1245 -37.01 15.75 10.95
N THR C 1246 -38.11 16.46 10.72
CA THR C 1246 -39.40 16.10 11.26
C THR C 1246 -40.13 15.21 10.26
N LEU C 1247 -41.44 15.03 10.48
CA LEU C 1247 -42.24 14.19 9.58
C LEU C 1247 -42.21 14.71 8.15
N ASP C 1248 -42.07 16.02 7.97
CA ASP C 1248 -42.21 16.63 6.64
C ASP C 1248 -41.36 15.94 5.59
N ALA C 1249 -40.18 15.45 5.99
CA ALA C 1249 -39.30 14.76 5.05
C ALA C 1249 -40.05 13.67 4.30
N ARG C 1250 -40.70 12.77 5.03
CA ARG C 1250 -41.46 11.70 4.38
C ARG C 1250 -42.49 12.27 3.41
N ILE C 1251 -43.16 13.35 3.79
CA ILE C 1251 -44.16 13.95 2.91
C ILE C 1251 -43.50 14.37 1.60
N VAL C 1252 -42.30 14.96 1.68
CA VAL C 1252 -41.64 15.40 0.46
C VAL C 1252 -41.21 14.21 -0.38
N ALA C 1253 -41.00 13.06 0.25
CA ALA C 1253 -40.69 11.84 -0.50
C ALA C 1253 -41.93 11.19 -1.07
N ASP C 1254 -43.13 11.66 -0.72
CA ASP C 1254 -44.38 11.05 -1.13
C ASP C 1254 -45.14 11.89 -2.14
N ALA C 1255 -45.12 13.22 -2.00
CA ALA C 1255 -45.87 14.11 -2.88
C ALA C 1255 -44.98 14.63 -4.01
N ARG C 1256 -44.43 13.69 -4.77
CA ARG C 1256 -43.63 14.03 -5.94
C ARG C 1256 -44.50 14.37 -7.16
N PRO C 1257 -45.59 13.62 -7.41
CA PRO C 1257 -46.51 14.03 -8.48
C PRO C 1257 -47.00 15.46 -8.36
N LEU C 1258 -47.18 15.96 -7.14
CA LEU C 1258 -47.60 17.34 -6.98
C LEU C 1258 -46.54 18.31 -7.47
N PHE C 1259 -45.28 18.03 -7.22
CA PHE C 1259 -44.21 18.95 -7.58
C PHE C 1259 -43.72 18.77 -9.00
N GLU C 1260 -44.05 17.67 -9.68
CA GLU C 1260 -43.47 17.47 -10.99
C GLU C 1260 -44.51 17.41 -12.11
N GLU C 1261 -45.66 16.79 -11.88
CA GLU C 1261 -46.78 16.93 -12.81
C GLU C 1261 -47.79 18.00 -12.39
N GLY C 1262 -47.85 18.31 -11.09
CA GLY C 1262 -48.77 19.32 -10.60
C GLY C 1262 -50.20 18.83 -10.51
N GLU C 1263 -50.39 17.70 -9.83
CA GLU C 1263 -51.71 17.09 -9.70
C GLU C 1263 -52.10 17.01 -8.23
N LYS C 1264 -53.39 16.78 -8.00
CA LYS C 1264 -53.93 16.73 -6.65
C LYS C 1264 -53.38 15.52 -5.90
N MET C 1265 -53.28 15.66 -4.58
CA MET C 1265 -52.78 14.59 -3.73
C MET C 1265 -53.62 14.52 -2.46
N GLN C 1266 -53.40 13.46 -1.69
CA GLN C 1266 -54.15 13.23 -0.45
C GLN C 1266 -53.36 12.24 0.40
N LEU C 1267 -52.92 12.67 1.58
CA LEU C 1267 -52.05 11.86 2.41
C LEU C 1267 -52.65 11.68 3.80
N ALA C 1268 -52.25 10.61 4.48
CA ALA C 1268 -52.70 10.31 5.82
C ALA C 1268 -51.54 9.82 6.65
N TYR C 1269 -51.44 10.29 7.89
CA TYR C 1269 -50.33 9.94 8.77
C TYR C 1269 -50.78 9.94 10.23
N ASN C 1270 -49.93 9.40 11.09
CA ASN C 1270 -50.14 9.39 12.53
C ASN C 1270 -49.19 10.40 13.16
N ALA C 1271 -49.74 11.34 13.91
CA ALA C 1271 -48.97 12.40 14.53
C ALA C 1271 -48.63 12.05 15.97
N ARG C 1272 -47.56 12.66 16.48
CA ARG C 1272 -47.14 12.48 17.85
C ARG C 1272 -46.51 13.78 18.34
N ASN C 1273 -46.56 13.98 19.66
CA ASN C 1273 -46.08 15.24 20.24
C ASN C 1273 -44.59 15.45 20.07
N THR C 1274 -43.84 14.43 19.66
CA THR C 1274 -42.41 14.56 19.40
C THR C 1274 -42.10 14.95 17.96
N GLN C 1275 -43.04 15.61 17.29
CA GLN C 1275 -42.88 16.02 15.90
C GLN C 1275 -43.32 17.47 15.79
N ARG C 1276 -42.36 18.37 15.56
CA ARG C 1276 -42.61 19.80 15.57
C ARG C 1276 -42.69 20.34 14.15
N ALA C 1277 -43.51 21.38 13.98
CA ALA C 1277 -43.63 22.13 12.73
C ALA C 1277 -43.98 21.19 11.57
N ILE C 1278 -45.14 20.55 11.69
CA ILE C 1278 -45.63 19.65 10.66
C ILE C 1278 -46.28 20.47 9.56
N GLY C 1279 -45.71 20.40 8.35
CA GLY C 1279 -46.24 21.11 7.22
C GLY C 1279 -45.61 22.46 6.94
N THR C 1280 -44.32 22.63 7.24
CA THR C 1280 -43.61 23.87 6.97
C THR C 1280 -42.65 23.74 5.80
N ARG C 1281 -41.85 22.68 5.77
CA ARG C 1281 -40.93 22.47 4.66
C ARG C 1281 -41.71 22.30 3.35
N LEU C 1282 -42.82 21.56 3.40
CA LEU C 1282 -43.70 21.45 2.24
C LEU C 1282 -44.16 22.81 1.77
N SER C 1283 -44.50 23.70 2.70
CA SER C 1283 -44.89 25.05 2.34
C SER C 1283 -43.75 25.79 1.66
N SER C 1284 -42.52 25.53 2.09
CA SER C 1284 -41.35 26.15 1.45
C SER C 1284 -41.22 25.69 0.01
N MET C 1285 -41.31 24.38 -0.21
CA MET C 1285 -41.23 23.88 -1.58
C MET C 1285 -42.35 24.45 -2.44
N VAL C 1286 -43.56 24.52 -1.90
CA VAL C 1286 -44.69 25.03 -2.68
C VAL C 1286 -44.48 26.50 -3.02
N THR C 1287 -43.96 27.28 -2.07
CA THR C 1287 -43.70 28.70 -2.33
C THR C 1287 -42.64 28.87 -3.40
N ARG C 1288 -41.54 28.09 -3.32
CA ARG C 1288 -40.51 28.20 -4.33
C ARG C 1288 -41.01 27.76 -5.71
N LYS C 1289 -41.93 26.81 -5.76
CA LYS C 1289 -42.38 26.30 -7.06
C LYS C 1289 -43.47 27.20 -7.66
N PHE C 1290 -44.61 27.33 -7.00
CA PHE C 1290 -45.74 28.04 -7.55
C PHE C 1290 -45.97 29.42 -6.96
N GLY C 1291 -45.57 29.65 -5.72
CA GLY C 1291 -45.83 30.91 -5.04
C GLY C 1291 -46.93 30.77 -4.00
N MET C 1292 -47.20 31.88 -3.33
CA MET C 1292 -48.13 31.86 -2.21
C MET C 1292 -49.55 31.57 -2.66
N PHE C 1293 -49.97 32.13 -3.80
CA PHE C 1293 -51.35 32.05 -4.25
C PHE C 1293 -51.44 31.42 -5.64
N GLY C 1294 -50.68 30.36 -5.87
CA GLY C 1294 -50.67 29.72 -7.17
C GLY C 1294 -51.55 28.49 -7.25
N LEU C 1295 -51.89 27.91 -6.09
CA LEU C 1295 -52.67 26.69 -6.03
C LEU C 1295 -54.06 26.99 -5.52
N GLN C 1296 -55.04 26.26 -6.05
CA GLN C 1296 -56.41 26.41 -5.58
C GLN C 1296 -56.54 25.89 -4.15
N PRO C 1297 -57.50 26.42 -3.39
CA PRO C 1297 -57.64 25.98 -1.99
C PRO C 1297 -57.96 24.50 -1.90
N GLY C 1298 -57.12 23.77 -1.16
CA GLY C 1298 -57.34 22.34 -0.98
C GLY C 1298 -56.67 21.48 -2.03
N HIS C 1299 -55.56 21.94 -2.60
CA HIS C 1299 -54.87 21.14 -3.61
C HIS C 1299 -54.25 19.89 -3.00
N ILE C 1300 -53.43 20.07 -1.96
CA ILE C 1300 -52.84 18.96 -1.23
C ILE C 1300 -53.40 18.98 0.18
N THR C 1301 -53.89 17.83 0.64
CA THR C 1301 -54.49 17.70 1.95
C THR C 1301 -53.87 16.53 2.70
N ILE C 1302 -53.63 16.75 3.99
CA ILE C 1302 -53.03 15.77 4.88
C ILE C 1302 -53.99 15.54 6.04
N ARG C 1303 -54.11 14.28 6.45
CA ARG C 1303 -54.97 13.88 7.56
C ARG C 1303 -54.10 13.26 8.64
N LEU C 1304 -53.88 13.99 9.73
CA LEU C 1304 -53.10 13.51 10.86
C LEU C 1304 -54.04 12.94 11.92
N ARG C 1305 -53.65 11.80 12.49
CA ARG C 1305 -54.41 11.17 13.57
C ARG C 1305 -53.50 11.06 14.79
N GLY C 1306 -53.83 11.78 15.85
CA GLY C 1306 -53.05 11.75 17.06
C GLY C 1306 -52.95 13.12 17.66
N THR C 1307 -51.95 13.31 18.52
CA THR C 1307 -51.67 14.60 19.14
C THR C 1307 -50.59 15.31 18.35
N ALA C 1308 -50.92 16.47 17.79
CA ALA C 1308 -49.95 17.23 17.03
C ALA C 1308 -48.93 17.88 17.95
N GLY C 1309 -47.74 18.15 17.41
CA GLY C 1309 -46.69 18.79 18.18
C GLY C 1309 -46.91 20.28 18.32
N GLN C 1310 -45.83 21.05 18.31
CA GLN C 1310 -45.90 22.50 18.39
C GLN C 1310 -45.65 23.11 17.02
N SER C 1311 -46.11 24.35 16.86
CA SER C 1311 -45.94 25.10 15.62
C SER C 1311 -46.52 24.33 14.44
N LEU C 1312 -47.66 23.68 14.67
CA LEU C 1312 -48.28 22.88 13.64
C LEU C 1312 -48.78 23.77 12.51
N GLY C 1313 -48.28 23.53 11.30
CA GLY C 1313 -48.69 24.31 10.16
C GLY C 1313 -48.24 25.75 10.19
N ALA C 1314 -47.10 26.03 10.81
CA ALA C 1314 -46.57 27.39 10.84
C ALA C 1314 -46.11 27.81 9.45
N PHE C 1315 -46.52 29.01 9.03
CA PHE C 1315 -46.15 29.57 7.74
C PHE C 1315 -46.64 28.70 6.59
N ALA C 1316 -47.93 28.37 6.62
CA ALA C 1316 -48.54 27.57 5.58
C ALA C 1316 -49.18 28.47 4.53
N VAL C 1317 -48.98 28.15 3.27
CA VAL C 1317 -49.48 28.94 2.17
C VAL C 1317 -50.77 28.34 1.64
N GLN C 1318 -51.48 29.10 0.81
CA GLN C 1318 -52.73 28.62 0.24
C GLN C 1318 -52.47 27.41 -0.65
N GLY C 1319 -53.39 26.45 -0.59
CA GLY C 1319 -53.26 25.20 -1.32
C GLY C 1319 -52.90 24.01 -0.45
N ILE C 1320 -52.74 24.20 0.85
CA ILE C 1320 -52.40 23.13 1.77
C ILE C 1320 -53.48 23.05 2.84
N LYS C 1321 -54.02 21.86 3.07
CA LYS C 1321 -55.09 21.65 4.03
C LYS C 1321 -54.70 20.56 5.01
N LEU C 1322 -54.47 20.93 6.26
CA LEU C 1322 -54.16 19.99 7.32
C LEU C 1322 -55.41 19.72 8.14
N GLU C 1323 -55.68 18.45 8.42
CA GLU C 1323 -56.83 18.05 9.22
C GLU C 1323 -56.34 17.15 10.34
N VAL C 1324 -56.43 17.63 11.58
CA VAL C 1324 -55.94 16.90 12.74
C VAL C 1324 -57.10 16.29 13.49
N MET C 1325 -56.99 15.00 13.83
CA MET C 1325 -57.96 14.32 14.67
C MET C 1325 -57.26 14.03 15.99
N GLY C 1326 -57.67 14.74 17.04
CA GLY C 1326 -56.95 14.76 18.29
C GLY C 1326 -56.84 16.15 18.86
N ASP C 1327 -55.63 16.67 19.02
CA ASP C 1327 -55.44 18.02 19.53
C ASP C 1327 -54.06 18.52 19.14
N ALA C 1328 -53.90 19.84 19.22
CA ALA C 1328 -52.62 20.49 18.97
C ALA C 1328 -52.13 21.15 20.26
N ASN C 1329 -50.81 21.20 20.41
CA ASN C 1329 -50.24 21.64 21.68
C ASN C 1329 -50.19 23.16 21.78
N ASP C 1330 -49.35 23.80 20.98
CA ASP C 1330 -49.04 25.22 21.14
C ASP C 1330 -48.74 25.83 19.78
N TYR C 1331 -48.88 27.16 19.70
CA TYR C 1331 -48.46 27.95 18.54
C TYR C 1331 -49.03 27.39 17.24
N VAL C 1332 -50.21 26.79 17.29
CA VAL C 1332 -50.81 26.24 16.09
C VAL C 1332 -51.22 27.39 15.17
N GLY C 1333 -50.84 27.30 13.91
CA GLY C 1333 -51.15 28.35 12.97
C GLY C 1333 -50.37 29.63 13.18
N LYS C 1334 -49.15 29.54 13.72
CA LYS C 1334 -48.31 30.71 13.89
C LYS C 1334 -47.92 31.26 12.52
N GLY C 1335 -48.23 32.52 12.27
CA GLY C 1335 -47.87 33.16 11.02
C GLY C 1335 -48.49 32.49 9.81
N LEU C 1336 -49.79 32.21 9.89
CA LEU C 1336 -50.49 31.61 8.76
C LEU C 1336 -50.44 32.53 7.56
N SER C 1337 -50.19 31.95 6.39
CA SER C 1337 -50.00 32.71 5.15
C SER C 1337 -50.90 32.18 4.05
N GLY C 1338 -52.16 31.94 4.37
CA GLY C 1338 -53.16 31.57 3.38
C GLY C 1338 -53.60 30.13 3.41
N GLY C 1339 -53.02 29.30 4.26
CA GLY C 1339 -53.39 27.90 4.31
C GLY C 1339 -54.75 27.62 4.90
N THR C 1340 -54.95 26.42 5.44
CA THR C 1340 -56.21 26.05 6.06
C THR C 1340 -55.95 24.93 7.05
N ILE C 1341 -56.36 25.13 8.30
CA ILE C 1341 -56.16 24.15 9.36
C ILE C 1341 -57.50 23.86 10.02
N VAL C 1342 -57.75 22.59 10.30
CA VAL C 1342 -58.99 22.15 10.93
C VAL C 1342 -58.64 21.16 12.04
N VAL C 1343 -59.15 21.42 13.24
CA VAL C 1343 -58.90 20.57 14.40
C VAL C 1343 -60.24 20.15 14.98
N ARG C 1344 -60.44 18.85 15.13
CA ARG C 1344 -61.68 18.29 15.65
C ARG C 1344 -61.35 17.08 16.51
N PRO C 1345 -62.18 16.77 17.49
CA PRO C 1345 -61.96 15.56 18.30
C PRO C 1345 -62.28 14.30 17.51
N THR C 1346 -61.89 13.17 18.08
CA THR C 1346 -62.15 11.88 17.46
C THR C 1346 -63.66 11.60 17.43
N THR C 1347 -64.09 10.94 16.36
CA THR C 1347 -65.52 10.63 16.20
C THR C 1347 -66.03 9.75 17.33
N SER C 1348 -65.14 8.95 17.95
CA SER C 1348 -65.51 8.08 19.05
C SER C 1348 -65.16 8.69 20.41
N SER C 1349 -65.15 10.02 20.52
CA SER C 1349 -64.80 10.67 21.77
C SER C 1349 -66.07 11.03 22.52
N PRO C 1350 -66.23 10.60 23.76
CA PRO C 1350 -67.40 10.98 24.58
C PRO C 1350 -67.17 12.29 25.33
N LEU C 1351 -67.06 13.38 24.58
CA LEU C 1351 -66.75 14.68 25.15
C LEU C 1351 -67.68 15.74 24.57
N GLU C 1352 -68.02 16.73 25.39
CA GLU C 1352 -68.71 17.90 24.91
C GLU C 1352 -67.71 18.83 24.22
N THR C 1353 -67.88 19.01 22.91
CA THR C 1353 -66.86 19.72 22.13
C THR C 1353 -66.79 21.20 22.49
N ASN C 1354 -67.74 21.72 23.25
CA ASN C 1354 -67.73 23.13 23.63
C ASN C 1354 -67.31 23.33 25.07
N LYS C 1355 -66.71 22.32 25.70
CA LYS C 1355 -66.32 22.43 27.10
C LYS C 1355 -64.95 21.82 27.38
N ASN C 1356 -64.14 21.59 26.34
CA ASN C 1356 -62.82 20.99 26.52
C ASN C 1356 -61.82 21.67 25.62
N THR C 1357 -60.64 21.97 26.17
CA THR C 1357 -59.60 22.63 25.41
C THR C 1357 -59.03 21.70 24.35
N ILE C 1358 -58.80 22.25 23.15
CA ILE C 1358 -58.29 21.44 22.05
C ILE C 1358 -57.00 22.05 21.50
N ILE C 1359 -56.80 23.35 21.71
CA ILE C 1359 -55.58 24.03 21.28
C ILE C 1359 -55.08 24.91 22.40
N GLY C 1360 -53.77 25.12 22.42
CA GLY C 1360 -53.09 25.76 23.53
C GLY C 1360 -52.99 27.27 23.37
N ASN C 1361 -51.83 27.81 23.72
CA ASN C 1361 -51.64 29.24 23.82
C ASN C 1361 -51.05 29.82 22.54
N THR C 1362 -51.31 31.12 22.33
CA THR C 1362 -50.75 31.89 21.22
C THR C 1362 -51.08 31.23 19.87
N VAL C 1363 -52.36 31.22 19.57
CA VAL C 1363 -52.87 30.69 18.32
C VAL C 1363 -52.97 31.83 17.32
N LEU C 1364 -52.52 31.59 16.09
CA LEU C 1364 -52.58 32.57 15.00
C LEU C 1364 -51.82 33.84 15.37
N TYR C 1365 -50.51 33.69 15.60
CA TYR C 1365 -49.66 34.82 15.96
C TYR C 1365 -49.12 35.46 14.70
N GLY C 1366 -49.64 36.65 14.37
CA GLY C 1366 -49.16 37.37 13.22
C GLY C 1366 -49.52 36.76 11.88
N ALA C 1367 -50.74 36.25 11.75
CA ALA C 1367 -51.18 35.68 10.49
C ALA C 1367 -51.72 36.77 9.57
N THR C 1368 -51.55 36.55 8.28
CA THR C 1368 -52.03 37.42 7.22
C THR C 1368 -53.10 36.86 6.28
N ALA C 1369 -53.30 35.55 6.24
CA ALA C 1369 -54.35 35.00 5.41
C ALA C 1369 -54.55 33.54 5.80
N GLY C 1370 -55.70 33.01 5.43
CA GLY C 1370 -56.04 31.63 5.66
C GLY C 1370 -57.29 31.50 6.51
N LYS C 1371 -57.56 30.26 6.92
CA LYS C 1371 -58.71 29.95 7.74
C LYS C 1371 -58.31 28.89 8.76
N LEU C 1372 -58.95 28.93 9.92
CA LEU C 1372 -58.68 27.98 10.99
C LEU C 1372 -59.97 27.71 11.76
N PHE C 1373 -60.44 26.47 11.73
CA PHE C 1373 -61.66 26.07 12.42
C PHE C 1373 -61.31 25.02 13.46
N ALA C 1374 -61.63 25.30 14.72
CA ALA C 1374 -61.40 24.38 15.81
C ALA C 1374 -62.73 24.03 16.47
N ALA C 1375 -62.77 22.87 17.10
CA ALA C 1375 -63.99 22.36 17.74
C ALA C 1375 -63.82 22.25 19.25
N GLY C 1376 -63.22 23.26 19.85
CA GLY C 1376 -63.03 23.29 21.29
C GLY C 1376 -62.76 24.69 21.74
N GLN C 1377 -62.07 24.81 22.88
CA GLN C 1377 -61.66 26.10 23.41
C GLN C 1377 -60.17 26.31 23.19
N ALA C 1378 -59.78 27.56 23.06
CA ALA C 1378 -58.38 27.91 22.89
C ALA C 1378 -57.79 28.35 24.23
N GLY C 1379 -56.48 28.57 24.26
CA GLY C 1379 -55.76 28.95 25.45
C GLY C 1379 -55.76 30.45 25.66
N GLU C 1380 -54.63 30.96 26.12
CA GLU C 1380 -54.48 32.39 26.37
C GLU C 1380 -53.90 33.08 25.13
N ARG C 1381 -54.11 34.39 25.07
CA ARG C 1381 -53.60 35.22 23.97
C ARG C 1381 -54.05 34.68 22.63
N PHE C 1382 -55.33 34.33 22.54
CA PHE C 1382 -55.89 33.79 21.31
C PHE C 1382 -55.95 34.87 20.24
N ALA C 1383 -55.34 34.60 19.09
CA ALA C 1383 -55.37 35.49 17.93
C ALA C 1383 -54.80 36.86 18.28
N VAL C 1384 -53.54 36.88 18.65
CA VAL C 1384 -52.81 38.13 18.87
C VAL C 1384 -52.13 38.55 17.59
N ARG C 1385 -52.18 39.85 17.30
CA ARG C 1385 -51.57 40.43 16.11
C ARG C 1385 -52.10 39.79 14.83
N ASN C 1386 -53.38 39.38 14.84
CA ASN C 1386 -53.99 38.87 13.62
C ASN C 1386 -54.11 39.99 12.59
N SER C 1387 -53.88 39.65 11.34
CA SER C 1387 -53.88 40.69 10.31
C SER C 1387 -54.87 40.42 9.18
N GLY C 1388 -55.01 39.18 8.74
CA GLY C 1388 -55.96 38.87 7.69
C GLY C 1388 -56.66 37.54 7.84
N ALA C 1389 -56.38 36.81 8.91
CA ALA C 1389 -56.89 35.47 9.06
C ALA C 1389 -58.36 35.48 9.47
N THR C 1390 -59.00 34.32 9.34
CA THR C 1390 -60.38 34.12 9.73
C THR C 1390 -60.45 32.85 10.56
N VAL C 1391 -60.97 32.96 11.78
CA VAL C 1391 -60.95 31.86 12.74
C VAL C 1391 -62.33 31.71 13.36
N VAL C 1392 -62.75 30.47 13.55
CA VAL C 1392 -64.01 30.14 14.22
C VAL C 1392 -63.70 29.09 15.27
N VAL C 1393 -63.82 29.45 16.54
CA VAL C 1393 -63.47 28.58 17.65
C VAL C 1393 -64.58 28.65 18.69
N GLU C 1394 -64.77 27.53 19.40
CA GLU C 1394 -65.88 27.36 20.33
C GLU C 1394 -65.56 27.84 21.74
N GLY C 1395 -64.60 28.73 21.89
CA GLY C 1395 -64.23 29.24 23.20
C GLY C 1395 -62.96 30.05 23.11
N CYS C 1396 -62.56 30.59 24.26
CA CYS C 1396 -61.38 31.43 24.33
C CYS C 1396 -60.93 31.54 25.79
N GLY C 1397 -59.77 32.15 25.97
CA GLY C 1397 -59.23 32.38 27.30
C GLY C 1397 -58.97 33.85 27.56
N SER C 1398 -58.08 34.15 28.51
CA SER C 1398 -57.81 35.53 28.85
C SER C 1398 -56.90 36.18 27.82
N ASN C 1399 -56.97 37.51 27.76
CA ASN C 1399 -56.18 38.32 26.82
C ASN C 1399 -56.40 37.88 25.38
N GLY C 1400 -57.62 37.47 25.03
CA GLY C 1400 -57.90 37.05 23.68
C GLY C 1400 -58.07 38.23 22.75
N CYS C 1401 -57.74 38.01 21.47
CA CYS C 1401 -57.85 39.04 20.43
C CYS C 1401 -57.12 40.32 20.84
N GLU C 1402 -55.97 40.15 21.48
CA GLU C 1402 -55.21 41.28 21.98
C GLU C 1402 -54.45 41.92 20.83
N TYR C 1403 -54.65 43.23 20.64
CA TYR C 1403 -53.91 44.03 19.67
C TYR C 1403 -54.08 43.47 18.25
N MET C 1404 -55.30 43.03 17.96
CA MET C 1404 -55.62 42.51 16.63
C MET C 1404 -55.67 43.65 15.63
N THR C 1405 -55.38 43.34 14.37
CA THR C 1405 -55.27 44.35 13.33
C THR C 1405 -56.21 44.15 12.15
N GLY C 1406 -56.56 42.91 11.81
CA GLY C 1406 -57.48 42.69 10.71
C GLY C 1406 -57.97 41.26 10.61
N GLY C 1407 -59.14 41.09 10.03
CA GLY C 1407 -59.76 39.78 9.91
C GLY C 1407 -61.02 39.69 10.76
N THR C 1408 -61.55 38.47 10.82
CA THR C 1408 -62.76 38.18 11.59
C THR C 1408 -62.49 37.04 12.55
N ALA C 1409 -63.12 37.11 13.72
CA ALA C 1409 -62.98 36.09 14.75
C ALA C 1409 -64.34 35.85 15.39
N VAL C 1410 -64.82 34.61 15.31
CA VAL C 1410 -66.11 34.22 15.87
C VAL C 1410 -65.83 33.30 17.06
N ILE C 1411 -66.34 33.66 18.22
CA ILE C 1411 -66.13 32.90 19.44
C ILE C 1411 -67.49 32.45 19.95
N LEU C 1412 -67.77 31.15 19.85
CA LEU C 1412 -69.06 30.59 20.25
C LEU C 1412 -68.96 30.07 21.68
N GLY C 1413 -68.81 31.01 22.61
CA GLY C 1413 -68.73 30.65 24.01
C GLY C 1413 -68.34 31.80 24.91
N ARG C 1414 -67.69 31.48 26.02
CA ARG C 1414 -67.24 32.49 26.98
C ARG C 1414 -65.84 32.97 26.64
N VAL C 1415 -65.52 34.19 27.08
CA VAL C 1415 -64.22 34.78 26.86
C VAL C 1415 -63.52 34.96 28.19
N GLY C 1416 -62.24 35.32 28.13
CA GLY C 1416 -61.47 35.61 29.32
C GLY C 1416 -61.44 37.09 29.64
N ASP C 1417 -60.83 37.41 30.78
CA ASP C 1417 -60.78 38.79 31.20
C ASP C 1417 -59.79 39.57 30.34
N ASN C 1418 -59.99 40.89 30.29
CA ASN C 1418 -59.20 41.78 29.45
C ASN C 1418 -59.27 41.37 27.98
N PHE C 1419 -60.47 41.10 27.51
CA PHE C 1419 -60.67 40.73 26.11
C PHE C 1419 -60.60 41.95 25.22
N ALA C 1420 -60.06 41.76 24.01
CA ALA C 1420 -60.00 42.79 22.98
C ALA C 1420 -59.29 44.05 23.48
N ALA C 1421 -58.10 43.85 24.04
CA ALA C 1421 -57.28 44.95 24.51
C ALA C 1421 -56.34 45.41 23.41
N GLY C 1422 -56.35 46.71 23.13
CA GLY C 1422 -55.50 47.24 22.08
C GLY C 1422 -55.92 46.90 20.67
N MET C 1423 -57.13 46.40 20.48
CA MET C 1423 -57.61 46.08 19.15
C MET C 1423 -57.76 47.37 18.34
N THR C 1424 -57.30 47.35 17.09
CA THR C 1424 -57.33 48.55 16.26
C THR C 1424 -57.81 48.28 14.84
N GLY C 1425 -58.29 47.08 14.54
CA GLY C 1425 -58.77 46.77 13.21
C GLY C 1425 -59.35 45.39 13.09
N GLY C 1426 -60.43 45.24 12.31
CA GLY C 1426 -61.09 43.97 12.13
C GLY C 1426 -62.52 44.00 12.68
N MET C 1427 -62.93 42.87 13.22
CA MET C 1427 -64.28 42.71 13.78
C MET C 1427 -64.32 41.43 14.57
N ALA C 1428 -65.23 41.37 15.55
CA ALA C 1428 -65.39 40.17 16.35
C ALA C 1428 -66.87 39.95 16.67
N TYR C 1429 -67.23 38.69 16.87
CA TYR C 1429 -68.58 38.32 17.27
C TYR C 1429 -68.51 37.33 18.42
N VAL C 1430 -69.24 37.62 19.49
CA VAL C 1430 -69.27 36.77 20.68
C VAL C 1430 -70.69 36.25 20.89
N TYR C 1431 -70.80 34.96 21.19
CA TYR C 1431 -72.08 34.32 21.45
C TYR C 1431 -72.30 34.32 22.96
N ASP C 1432 -73.17 35.21 23.44
CA ASP C 1432 -73.30 35.49 24.86
C ASP C 1432 -74.61 34.90 25.38
N LEU C 1433 -74.51 33.77 26.10
CA LEU C 1433 -75.62 33.23 26.87
C LEU C 1433 -75.62 33.69 28.32
N ASP C 1434 -74.45 33.86 28.91
CA ASP C 1434 -74.38 34.33 30.29
C ASP C 1434 -74.69 35.83 30.42
N ASP C 1435 -74.71 36.55 29.30
CA ASP C 1435 -74.88 38.00 29.30
C ASP C 1435 -73.90 38.65 30.26
N SER C 1436 -72.61 38.33 30.08
CA SER C 1436 -71.56 38.77 30.98
C SER C 1436 -70.36 39.29 30.20
N LEU C 1437 -70.58 39.78 28.98
CA LEU C 1437 -69.50 40.34 28.19
C LEU C 1437 -69.09 41.74 28.66
N PRO C 1438 -70.02 42.65 29.01
CA PRO C 1438 -69.60 43.97 29.48
C PRO C 1438 -68.76 43.94 30.75
N LEU C 1439 -68.67 42.80 31.43
CA LEU C 1439 -67.81 42.70 32.61
C LEU C 1439 -66.39 42.28 32.25
N TYR C 1440 -66.19 41.62 31.12
CA TYR C 1440 -64.87 41.13 30.73
C TYR C 1440 -64.18 42.00 29.70
N ILE C 1441 -64.94 42.67 28.83
CA ILE C 1441 -64.35 43.38 27.71
C ILE C 1441 -63.57 44.59 28.22
N ASN C 1442 -62.56 45.00 27.44
CA ASN C 1442 -61.78 46.20 27.75
C ASN C 1442 -62.31 47.33 26.87
N ASP C 1443 -63.39 47.96 27.34
CA ASP C 1443 -64.05 49.00 26.56
C ASP C 1443 -63.24 50.28 26.51
N GLU C 1444 -62.08 50.22 25.86
CA GLU C 1444 -61.20 51.38 25.75
C GLU C 1444 -61.10 51.88 24.31
N SER C 1445 -60.80 50.99 23.36
CA SER C 1445 -60.67 51.37 21.96
C SER C 1445 -61.66 50.64 21.05
N VAL C 1446 -62.55 49.83 21.61
CA VAL C 1446 -63.53 49.09 20.82
C VAL C 1446 -64.91 49.36 21.38
N ILE C 1447 -65.92 49.26 20.52
CA ILE C 1447 -67.31 49.39 20.92
C ILE C 1447 -68.02 48.07 20.63
N PHE C 1448 -68.97 47.74 21.48
CA PHE C 1448 -69.73 46.49 21.36
C PHE C 1448 -71.21 46.80 21.31
N GLN C 1449 -71.89 46.22 20.34
CA GLN C 1449 -73.32 46.46 20.15
C GLN C 1449 -73.95 45.14 19.69
N ARG C 1450 -75.19 45.22 19.20
CA ARG C 1450 -75.90 44.06 18.68
C ARG C 1450 -76.05 44.18 17.17
N ILE C 1451 -76.15 43.03 16.51
CA ILE C 1451 -76.22 43.00 15.05
C ILE C 1451 -77.52 43.63 14.59
N GLU C 1452 -77.42 44.57 13.65
CA GLU C 1452 -78.59 45.28 13.14
C GLU C 1452 -78.60 45.40 11.62
N VAL C 1453 -77.66 44.74 10.93
CA VAL C 1453 -77.57 44.81 9.47
C VAL C 1453 -77.57 43.39 8.93
N GLY C 1454 -78.39 43.14 7.91
CA GLY C 1454 -78.43 41.82 7.30
C GLY C 1454 -77.15 41.46 6.57
N HIS C 1455 -76.42 42.47 6.09
CA HIS C 1455 -75.14 42.22 5.44
C HIS C 1455 -74.16 41.57 6.40
N TYR C 1456 -74.11 42.05 7.65
CA TYR C 1456 -73.26 41.44 8.66
C TYR C 1456 -73.85 40.15 9.21
N GLU C 1457 -75.12 39.88 8.95
CA GLU C 1457 -75.74 38.62 9.36
C GLU C 1457 -75.41 37.50 8.39
N SER C 1458 -75.44 37.78 7.09
CA SER C 1458 -75.02 36.78 6.11
C SER C 1458 -73.58 36.35 6.33
N GLN C 1459 -72.72 37.27 6.75
CA GLN C 1459 -71.33 36.94 7.05
C GLN C 1459 -71.25 35.87 8.14
N LEU C 1460 -71.87 36.14 9.29
CA LEU C 1460 -71.84 35.19 10.39
C LEU C 1460 -72.49 33.87 10.01
N LYS C 1461 -73.60 33.93 9.29
CA LYS C 1461 -74.29 32.70 8.87
C LYS C 1461 -73.38 31.85 8.01
N HIS C 1462 -72.71 32.45 7.03
CA HIS C 1462 -71.84 31.69 6.15
C HIS C 1462 -70.63 31.15 6.90
N LEU C 1463 -70.09 31.92 7.85
CA LEU C 1463 -68.96 31.44 8.62
C LEU C 1463 -69.33 30.22 9.44
N ILE C 1464 -70.47 30.27 10.13
CA ILE C 1464 -70.88 29.13 10.93
C ILE C 1464 -71.25 27.95 10.04
N GLU C 1465 -71.79 28.20 8.85
CA GLU C 1465 -72.08 27.10 7.93
C GLU C 1465 -70.80 26.42 7.47
N GLU C 1466 -69.76 27.20 7.17
CA GLU C 1466 -68.48 26.59 6.79
C GLU C 1466 -67.89 25.82 7.96
N HIS C 1467 -68.01 26.35 9.18
CA HIS C 1467 -67.56 25.62 10.36
C HIS C 1467 -68.25 24.27 10.45
N VAL C 1468 -69.59 24.27 10.40
CA VAL C 1468 -70.35 23.02 10.49
C VAL C 1468 -69.96 22.07 9.37
N THR C 1469 -69.72 22.62 8.17
CA THR C 1469 -69.35 21.77 7.03
C THR C 1469 -68.02 21.07 7.29
N GLU C 1470 -67.02 21.81 7.76
CA GLU C 1470 -65.69 21.21 7.93
C GLU C 1470 -65.61 20.33 9.17
N THR C 1471 -65.83 20.91 10.36
CA THR C 1471 -65.56 20.13 11.56
C THR C 1471 -66.70 19.19 11.94
N GLN C 1472 -67.85 19.28 11.27
CA GLN C 1472 -69.00 18.44 11.57
C GLN C 1472 -69.41 18.57 13.04
N SER C 1473 -69.31 19.79 13.56
CA SER C 1473 -69.62 20.03 14.96
C SER C 1473 -71.11 19.86 15.22
N ARG C 1474 -71.45 19.71 16.50
CA ARG C 1474 -72.83 19.57 16.93
C ARG C 1474 -73.37 20.80 17.64
N PHE C 1475 -72.51 21.52 18.36
CA PHE C 1475 -72.93 22.78 18.96
C PHE C 1475 -73.32 23.80 17.89
N ALA C 1476 -72.40 24.09 16.96
CA ALA C 1476 -72.69 25.05 15.91
C ALA C 1476 -73.85 24.59 15.04
N ALA C 1477 -74.02 23.27 14.88
CA ALA C 1477 -75.13 22.76 14.09
C ALA C 1477 -76.46 23.17 14.69
N GLU C 1478 -76.62 23.00 15.99
CA GLU C 1478 -77.90 23.32 16.61
C GLU C 1478 -78.04 24.82 16.85
N ILE C 1479 -76.93 25.56 16.88
CA ILE C 1479 -77.02 27.02 16.78
C ILE C 1479 -77.60 27.42 15.43
N LEU C 1480 -77.13 26.79 14.34
CA LEU C 1480 -77.65 27.10 13.02
C LEU C 1480 -79.10 26.65 12.87
N ASN C 1481 -79.49 25.58 13.55
CA ASN C 1481 -80.88 25.14 13.54
C ASN C 1481 -81.79 26.23 14.08
N ASP C 1482 -81.50 26.72 15.29
CA ASP C 1482 -82.25 27.80 15.90
C ASP C 1482 -81.53 29.12 15.63
N TRP C 1483 -81.71 29.62 14.40
CA TRP C 1483 -81.02 30.86 14.01
C TRP C 1483 -81.84 32.09 14.38
N ALA C 1484 -83.16 32.04 14.21
CA ALA C 1484 -83.97 33.23 14.39
C ALA C 1484 -83.97 33.72 15.84
N ARG C 1485 -83.87 32.82 16.80
CA ARG C 1485 -83.87 33.20 18.21
C ARG C 1485 -82.48 33.32 18.81
N GLU C 1486 -81.45 32.83 18.13
CA GLU C 1486 -80.08 32.96 18.62
C GLU C 1486 -79.30 34.08 17.94
N VAL C 1487 -79.81 34.63 16.84
CA VAL C 1487 -79.14 35.76 16.21
C VAL C 1487 -79.11 36.97 17.14
N THR C 1488 -80.07 37.04 18.07
CA THR C 1488 -80.15 38.14 19.01
C THR C 1488 -79.35 37.92 20.28
N LYS C 1489 -78.48 36.90 20.31
CA LYS C 1489 -77.61 36.65 21.44
C LYS C 1489 -76.16 36.97 21.15
N PHE C 1490 -75.86 37.60 20.03
CA PHE C 1490 -74.49 37.87 19.62
C PHE C 1490 -74.14 39.33 19.84
N TRP C 1491 -72.95 39.56 20.40
CA TRP C 1491 -72.36 40.88 20.49
C TRP C 1491 -71.37 41.07 19.36
N GLN C 1492 -71.45 42.22 18.69
CA GLN C 1492 -70.52 42.59 17.64
C GLN C 1492 -69.56 43.63 18.21
N VAL C 1493 -68.25 43.35 18.10
CA VAL C 1493 -67.20 44.21 18.61
C VAL C 1493 -66.45 44.80 17.42
N VAL C 1494 -66.40 46.13 17.37
CA VAL C 1494 -65.79 46.86 16.26
C VAL C 1494 -64.87 47.93 16.84
N PRO C 1495 -63.65 48.07 16.32
CA PRO C 1495 -62.75 49.13 16.82
C PRO C 1495 -63.32 50.51 16.59
N LYS C 1496 -62.82 51.46 17.38
CA LYS C 1496 -63.27 52.84 17.27
C LYS C 1496 -62.76 53.50 16.00
N GLU C 1497 -61.55 53.15 15.57
CA GLU C 1497 -60.94 53.73 14.40
C GLU C 1497 -61.49 53.16 13.11
N MET C 1498 -62.20 52.03 13.17
CA MET C 1498 -62.90 51.45 12.04
C MET C 1498 -64.34 51.97 11.91
N LEU C 1499 -64.65 53.15 12.45
CA LEU C 1499 -66.01 53.68 12.37
C LEU C 1499 -66.24 54.55 11.15
N ASN C 1500 -65.19 55.19 10.63
CA ASN C 1500 -65.29 56.05 9.46
C ASN C 1500 -64.85 55.33 8.19
N ARG C 1501 -64.42 54.08 8.29
CA ARG C 1501 -63.77 53.41 7.17
C ARG C 1501 -64.44 52.12 6.72
N LEU C 1502 -65.36 51.56 7.50
CA LEU C 1502 -66.07 50.38 7.05
C LEU C 1502 -66.86 50.68 5.78
N GLU C 1503 -67.21 49.61 5.05
CA GLU C 1503 -67.67 49.80 3.69
C GLU C 1503 -69.14 50.22 3.69
N VAL C 1504 -69.95 49.58 4.51
CA VAL C 1504 -71.29 50.05 4.86
C VAL C 1504 -71.29 50.38 6.35
N PRO C 1505 -72.04 51.38 6.79
CA PRO C 1505 -72.03 51.71 8.22
C PRO C 1505 -72.65 50.60 9.05
N VAL C 1506 -72.28 50.56 10.33
CA VAL C 1506 -72.82 49.55 11.23
C VAL C 1506 -74.16 49.96 11.85
N HIS C 1507 -74.51 51.23 11.78
CA HIS C 1507 -75.74 51.75 12.36
C HIS C 1507 -76.83 51.83 11.31
N LEU C 1508 -77.98 52.39 11.71
CA LEU C 1508 -79.12 52.54 10.81
C LEU C 1508 -79.25 53.97 10.33
N CYS D 37 40.32 -5.42 -18.80
CA CYS D 37 41.63 -4.88 -19.15
C CYS D 37 42.48 -5.92 -19.86
N GLY D 38 42.99 -5.57 -21.03
CA GLY D 38 43.87 -6.47 -21.75
C GLY D 38 43.93 -6.13 -23.22
N VAL D 39 44.97 -6.64 -23.87
CA VAL D 39 45.19 -6.53 -25.30
C VAL D 39 45.11 -7.92 -25.90
N GLY D 40 44.90 -7.96 -27.21
CA GLY D 40 44.93 -9.25 -27.90
C GLY D 40 44.96 -9.06 -29.40
N PHE D 41 45.45 -10.09 -30.08
CA PHE D 41 45.58 -10.04 -31.53
C PHE D 41 45.41 -11.42 -32.12
N ILE D 42 44.84 -11.46 -33.31
CA ILE D 42 44.59 -12.69 -34.06
C ILE D 42 45.06 -12.47 -35.49
N ALA D 43 45.77 -13.46 -36.03
CA ALA D 43 46.33 -13.31 -37.37
C ALA D 43 46.27 -14.62 -38.14
N ALA D 44 45.88 -14.54 -39.41
CA ALA D 44 45.95 -15.67 -40.31
C ALA D 44 47.36 -15.75 -40.88
N ILE D 45 48.02 -16.88 -40.66
CA ILE D 45 49.45 -16.98 -40.98
C ILE D 45 49.68 -16.80 -42.48
N ASP D 46 48.92 -17.53 -43.30
CA ASP D 46 49.14 -17.46 -44.74
C ASP D 46 48.75 -16.11 -45.31
N GLY D 47 47.78 -15.43 -44.71
CA GLY D 47 47.41 -14.09 -45.14
C GLY D 47 46.21 -14.03 -46.06
N LYS D 48 45.20 -14.85 -45.80
CA LYS D 48 43.99 -14.84 -46.59
C LYS D 48 42.82 -14.38 -45.74
N PRO D 49 42.07 -13.36 -46.16
CA PRO D 49 40.96 -12.86 -45.33
C PRO D 49 39.88 -13.92 -45.14
N ARG D 50 39.29 -13.90 -43.96
CA ARG D 50 38.20 -14.82 -43.63
C ARG D 50 37.42 -14.26 -42.46
N ARG D 51 36.14 -14.63 -42.38
CA ARG D 51 35.27 -14.12 -41.33
C ARG D 51 35.61 -14.70 -39.97
N SER D 52 36.23 -15.87 -39.93
CA SER D 52 36.56 -16.51 -38.66
C SER D 52 37.46 -15.62 -37.81
N VAL D 53 38.31 -14.80 -38.42
CA VAL D 53 39.19 -13.94 -37.65
C VAL D 53 38.38 -12.93 -36.84
N VAL D 54 37.45 -12.24 -37.48
CA VAL D 54 36.63 -11.27 -36.78
C VAL D 54 35.72 -11.96 -35.77
N GLU D 55 35.20 -13.14 -36.12
CA GLU D 55 34.36 -13.88 -35.18
C GLU D 55 35.13 -14.21 -33.91
N LYS D 56 36.34 -14.74 -34.05
CA LYS D 56 37.14 -15.07 -32.88
C LYS D 56 37.56 -13.83 -32.12
N GLY D 57 37.80 -12.71 -32.82
CA GLY D 57 38.11 -11.48 -32.11
C GLY D 57 36.97 -11.01 -31.22
N ILE D 58 35.75 -11.05 -31.74
CA ILE D 58 34.59 -10.68 -30.93
C ILE D 58 34.40 -11.66 -29.79
N GLU D 59 34.59 -12.95 -30.05
CA GLU D 59 34.46 -13.94 -28.98
C GLU D 59 35.50 -13.73 -27.89
N ALA D 60 36.71 -13.31 -28.26
CA ALA D 60 37.74 -13.02 -27.27
C ALA D 60 37.38 -11.77 -26.47
N LEU D 61 36.84 -10.75 -27.14
CA LEU D 61 36.42 -9.56 -26.41
C LEU D 61 35.29 -9.87 -25.44
N LYS D 62 34.46 -10.87 -25.73
CA LYS D 62 33.35 -11.20 -24.85
C LYS D 62 33.78 -11.85 -23.54
N ALA D 63 35.06 -12.07 -23.29
CA ALA D 63 35.49 -12.84 -22.12
C ALA D 63 36.65 -12.15 -21.41
N VAL D 64 36.54 -10.85 -21.19
CA VAL D 64 37.52 -10.13 -20.38
C VAL D 64 36.79 -9.30 -19.33
N TRP D 65 35.56 -9.68 -19.01
CA TRP D 65 34.75 -8.88 -18.09
C TRP D 65 35.13 -9.07 -16.63
N HIS D 66 35.94 -10.07 -16.30
CA HIS D 66 36.31 -10.28 -14.91
C HIS D 66 37.44 -9.38 -14.45
N ARG D 67 38.23 -8.84 -15.37
CA ARG D 67 39.34 -7.98 -15.00
C ARG D 67 38.94 -6.51 -14.91
N GLY D 68 37.90 -6.10 -15.61
CA GLY D 68 37.45 -4.73 -15.56
C GLY D 68 36.82 -4.37 -14.22
N ALA D 69 36.47 -3.09 -14.11
CA ALA D 69 35.87 -2.57 -12.88
C ALA D 69 34.36 -2.64 -12.99
N VAL D 70 33.74 -3.48 -12.16
CA VAL D 70 32.30 -3.60 -12.17
C VAL D 70 31.68 -2.34 -11.57
N ASP D 71 30.48 -2.01 -12.04
CA ASP D 71 29.74 -0.86 -11.54
C ASP D 71 28.32 -1.27 -11.17
N ALA D 72 27.77 -0.58 -10.17
CA ALA D 72 26.42 -0.88 -9.73
C ALA D 72 25.37 -0.52 -10.78
N ASP D 73 25.71 0.34 -11.74
CA ASP D 73 24.74 0.70 -12.77
C ASP D 73 24.51 -0.45 -13.73
N GLY D 74 25.58 -1.11 -14.17
CA GLY D 74 25.48 -2.20 -15.11
C GLY D 74 25.71 -1.81 -16.55
N LYS D 75 25.66 -0.52 -16.88
CA LYS D 75 25.86 -0.06 -18.24
C LYS D 75 27.14 0.75 -18.42
N THR D 76 27.71 1.27 -17.35
CA THR D 76 28.85 2.18 -17.46
C THR D 76 30.14 1.39 -17.66
N GLY D 77 30.76 1.57 -18.82
CA GLY D 77 32.08 1.04 -19.07
C GLY D 77 33.15 2.10 -19.00
N ASP D 78 34.36 1.72 -19.40
CA ASP D 78 35.47 2.66 -19.37
C ASP D 78 36.36 2.55 -20.61
N GLY D 79 35.87 1.97 -21.69
CA GLY D 79 36.61 1.92 -22.94
C GLY D 79 36.64 0.52 -23.53
N ALA D 80 36.61 0.46 -24.86
CA ALA D 80 36.75 -0.79 -25.59
C ALA D 80 37.02 -0.45 -27.04
N GLY D 81 37.72 -1.34 -27.74
CA GLY D 81 38.00 -1.09 -29.13
C GLY D 81 38.47 -2.31 -29.86
N ILE D 82 38.17 -2.35 -31.16
CA ILE D 82 38.66 -3.37 -32.08
C ILE D 82 39.18 -2.66 -33.33
N HIS D 83 40.09 -3.34 -34.02
CA HIS D 83 40.81 -2.76 -35.16
C HIS D 83 41.00 -3.88 -36.18
N VAL D 84 40.37 -3.73 -37.35
CA VAL D 84 40.32 -4.78 -38.36
C VAL D 84 40.66 -4.18 -39.71
N ALA D 85 40.58 -5.01 -40.75
CA ALA D 85 40.81 -4.59 -42.12
C ALA D 85 39.50 -4.10 -42.76
N VAL D 86 39.65 -3.31 -43.81
CA VAL D 86 38.49 -2.68 -44.43
C VAL D 86 37.76 -3.70 -45.29
N PRO D 87 36.44 -3.85 -45.13
CA PRO D 87 35.68 -4.77 -45.98
C PRO D 87 35.32 -4.15 -47.33
N GLN D 88 36.23 -4.27 -48.30
CA GLN D 88 36.06 -3.59 -49.58
C GLN D 88 34.71 -3.87 -50.23
N LYS D 89 34.25 -5.12 -50.17
CA LYS D 89 33.00 -5.46 -50.83
C LYS D 89 31.82 -4.76 -50.18
N PHE D 90 31.86 -4.58 -48.85
CA PHE D 90 30.79 -3.87 -48.16
C PHE D 90 30.61 -2.46 -48.71
N PHE D 91 31.69 -1.67 -48.67
CA PHE D 91 31.59 -0.28 -49.10
C PHE D 91 31.38 -0.17 -50.61
N LYS D 92 31.91 -1.12 -51.38
CA LYS D 92 31.69 -1.06 -52.82
C LYS D 92 30.23 -1.35 -53.16
N ASP D 93 29.60 -2.29 -52.45
CA ASP D 93 28.17 -2.51 -52.64
C ASP D 93 27.37 -1.30 -52.19
N HIS D 94 27.80 -0.65 -51.11
CA HIS D 94 27.12 0.56 -50.66
C HIS D 94 27.18 1.65 -51.74
N VAL D 95 28.36 1.83 -52.33
CA VAL D 95 28.52 2.83 -53.39
C VAL D 95 27.67 2.47 -54.60
N LYS D 96 27.67 1.20 -54.98
CA LYS D 96 26.81 0.76 -56.08
C LYS D 96 25.35 1.09 -55.80
N VAL D 97 24.89 0.84 -54.57
CA VAL D 97 23.51 1.11 -54.23
C VAL D 97 23.21 2.59 -54.31
N ILE D 98 24.15 3.43 -53.86
CA ILE D 98 23.93 4.87 -53.91
C ILE D 98 23.73 5.33 -55.35
N GLY D 99 24.52 4.83 -56.28
CA GLY D 99 24.32 5.15 -57.68
C GLY D 99 25.57 5.42 -58.48
N HIS D 100 26.74 5.36 -57.84
CA HIS D 100 28.00 5.59 -58.54
C HIS D 100 28.45 4.27 -59.19
N ARG D 101 29.70 4.24 -59.64
CA ARG D 101 30.30 3.05 -60.22
C ARG D 101 31.41 2.54 -59.31
N ALA D 102 31.47 1.23 -59.14
CA ALA D 102 32.48 0.63 -58.29
C ALA D 102 33.86 0.83 -58.89
N PRO D 103 34.78 1.53 -58.22
CA PRO D 103 36.11 1.74 -58.80
C PRO D 103 36.92 0.46 -58.86
N ASP D 104 38.09 0.56 -59.48
CA ASP D 104 38.93 -0.61 -59.69
C ASP D 104 39.82 -0.88 -58.49
N ASN D 105 40.45 0.15 -57.96
CA ASN D 105 41.41 -0.01 -56.87
C ASN D 105 40.70 -0.18 -55.54
N LYS D 106 41.50 -0.11 -54.47
CA LYS D 106 40.94 -0.18 -53.13
C LYS D 106 40.37 1.17 -52.72
N LEU D 107 39.43 1.13 -51.79
CA LEU D 107 38.75 2.30 -51.29
C LEU D 107 39.49 2.87 -50.09
N ALA D 108 39.14 4.10 -49.73
CA ALA D 108 39.66 4.74 -48.53
C ALA D 108 38.47 5.15 -47.67
N VAL D 109 38.50 4.77 -46.39
CA VAL D 109 37.39 5.03 -45.49
C VAL D 109 37.92 5.71 -44.24
N GLY D 110 37.33 6.83 -43.87
CA GLY D 110 37.69 7.54 -42.66
C GLY D 110 36.51 7.55 -41.69
N GLN D 111 36.83 7.44 -40.41
CA GLN D 111 35.82 7.46 -39.35
C GLN D 111 36.11 8.65 -38.44
N VAL D 112 35.09 9.51 -38.26
CA VAL D 112 35.29 10.77 -37.55
C VAL D 112 34.24 10.91 -36.44
N PHE D 113 34.66 11.60 -35.38
CA PHE D 113 33.80 12.03 -34.29
C PHE D 113 33.64 13.54 -34.39
N LEU D 114 32.42 14.00 -34.65
CA LEU D 114 32.07 15.39 -34.75
C LEU D 114 31.29 15.84 -33.51
N PRO D 115 31.21 17.14 -33.25
CA PRO D 115 30.40 17.62 -32.13
C PRO D 115 28.93 17.25 -32.32
N ARG D 116 28.22 17.16 -31.20
CA ARG D 116 26.81 16.78 -31.21
C ARG D 116 25.89 17.86 -30.69
N ILE D 117 26.35 18.74 -29.82
CA ILE D 117 25.47 19.75 -29.23
C ILE D 117 25.01 20.74 -30.29
N SER D 118 25.95 21.45 -30.90
CA SER D 118 25.61 22.45 -31.90
C SER D 118 25.56 21.83 -33.29
N LEU D 119 24.59 22.27 -34.08
CA LEU D 119 24.46 21.81 -35.45
C LEU D 119 25.23 22.68 -36.44
N ASP D 120 25.95 23.70 -35.96
CA ASP D 120 26.76 24.53 -36.83
C ASP D 120 28.23 24.15 -36.84
N ALA D 121 28.76 23.67 -35.72
CA ALA D 121 30.15 23.21 -35.71
C ALA D 121 30.33 21.99 -36.61
N GLN D 122 29.31 21.14 -36.71
CA GLN D 122 29.38 20.01 -37.61
C GLN D 122 29.61 20.45 -39.04
N GLU D 123 28.92 21.50 -39.47
CA GLU D 123 29.07 21.97 -40.84
C GLU D 123 30.47 22.53 -41.08
N ALA D 124 31.01 23.25 -40.09
CA ALA D 124 32.37 23.76 -40.22
C ALA D 124 33.38 22.62 -40.32
N CYS D 125 33.24 21.60 -39.48
CA CYS D 125 34.14 20.46 -39.57
C CYS D 125 34.03 19.77 -40.92
N ARG D 126 32.81 19.59 -41.42
CA ARG D 126 32.64 18.93 -42.72
C ARG D 126 33.27 19.74 -43.84
N CYS D 127 33.05 21.06 -43.85
CA CYS D 127 33.63 21.85 -44.93
C CYS D 127 35.15 21.90 -44.83
N ILE D 128 35.70 21.85 -43.62
CA ILE D 128 37.16 21.81 -43.50
C ILE D 128 37.70 20.50 -44.05
N VAL D 129 37.07 19.38 -43.69
CA VAL D 129 37.53 18.09 -44.20
C VAL D 129 37.44 18.05 -45.71
N GLU D 130 36.34 18.56 -46.28
CA GLU D 130 36.17 18.48 -47.73
C GLU D 130 37.10 19.45 -48.47
N THR D 131 37.42 20.60 -47.87
CA THR D 131 38.34 21.51 -48.53
C THR D 131 39.78 21.08 -48.36
N GLU D 132 40.08 20.21 -47.40
CA GLU D 132 41.44 19.72 -47.29
C GLU D 132 41.68 18.42 -48.06
N ILE D 133 40.65 17.60 -48.23
CA ILE D 133 40.83 16.37 -49.00
C ILE D 133 40.91 16.68 -50.50
N LEU D 134 40.03 17.58 -50.98
CA LEU D 134 40.00 17.92 -52.39
C LEU D 134 41.20 18.73 -52.84
N ALA D 135 42.06 19.15 -51.92
CA ALA D 135 43.25 19.90 -52.31
C ALA D 135 44.29 19.02 -52.98
N PHE D 136 44.24 17.71 -52.74
CA PHE D 136 45.15 16.79 -53.41
C PHE D 136 44.60 16.28 -54.73
N GLY D 137 43.28 16.24 -54.88
CA GLY D 137 42.66 15.79 -56.11
C GLY D 137 41.85 14.52 -56.00
N TYR D 138 41.71 13.93 -54.82
CA TYR D 138 40.97 12.69 -54.70
C TYR D 138 39.46 12.95 -54.75
N TYR D 139 38.73 11.95 -55.18
CA TYR D 139 37.29 12.06 -55.41
C TYR D 139 36.54 11.58 -54.17
N ILE D 140 35.66 12.43 -53.65
CA ILE D 140 34.90 12.13 -52.45
C ILE D 140 33.57 11.51 -52.84
N TYR D 141 33.32 10.29 -52.38
CA TYR D 141 32.07 9.62 -52.73
C TYR D 141 30.91 10.07 -51.86
N GLY D 142 31.15 10.34 -50.58
CA GLY D 142 30.12 10.88 -49.73
C GLY D 142 30.29 10.44 -48.29
N TRP D 143 29.36 10.91 -47.46
CA TRP D 143 29.32 10.60 -46.05
C TRP D 143 28.29 9.51 -45.77
N ARG D 144 28.48 8.80 -44.68
CA ARG D 144 27.59 7.75 -44.21
C ARG D 144 27.48 7.83 -42.70
N GLN D 145 26.29 7.61 -42.19
CA GLN D 145 26.04 7.63 -40.75
C GLN D 145 26.09 6.21 -40.21
N VAL D 146 26.96 5.97 -39.25
CA VAL D 146 27.11 4.62 -38.68
C VAL D 146 25.89 4.31 -37.83
N PRO D 147 25.24 3.16 -38.01
CA PRO D 147 24.10 2.81 -37.15
C PRO D 147 24.58 2.45 -35.76
N ILE D 148 23.91 3.00 -34.74
CA ILE D 148 24.27 2.78 -33.36
C ILE D 148 23.01 2.40 -32.58
N ASN D 149 23.21 2.09 -31.29
CA ASN D 149 22.11 1.66 -30.43
C ASN D 149 22.42 2.21 -29.03
N VAL D 150 21.81 3.35 -28.70
CA VAL D 150 22.19 4.13 -27.53
C VAL D 150 21.47 3.66 -26.28
N ASP D 151 20.76 2.53 -26.37
CA ASP D 151 20.05 2.02 -25.21
C ASP D 151 20.93 1.24 -24.24
N ILE D 152 22.21 1.02 -24.59
CA ILE D 152 23.09 0.21 -23.76
C ILE D 152 24.12 1.05 -23.01
N ILE D 153 24.34 2.30 -23.40
CA ILE D 153 25.32 3.13 -22.72
C ILE D 153 24.73 3.68 -21.43
N GLY D 154 25.60 3.94 -20.45
CA GLY D 154 25.15 4.53 -19.20
C GLY D 154 24.74 5.97 -19.37
N GLU D 155 24.75 6.73 -18.26
CA GLU D 155 24.37 8.14 -18.33
C GLU D 155 25.57 9.07 -18.40
N LYS D 156 26.62 8.79 -17.64
CA LYS D 156 27.80 9.66 -17.66
C LYS D 156 28.58 9.52 -18.95
N ALA D 157 28.56 8.33 -19.57
CA ALA D 157 29.22 8.14 -20.85
C ALA D 157 28.35 8.58 -22.02
N ASN D 158 27.10 8.97 -21.77
CA ASN D 158 26.20 9.40 -22.82
C ASN D 158 26.07 10.91 -22.93
N ALA D 159 26.40 11.65 -21.87
CA ALA D 159 26.29 13.10 -21.92
C ALA D 159 27.38 13.73 -22.79
N THR D 160 28.47 13.00 -23.06
CA THR D 160 29.56 13.50 -23.88
C THR D 160 29.74 12.67 -25.14
N ARG D 161 28.72 11.94 -25.56
CA ARG D 161 28.83 11.09 -26.73
C ARG D 161 29.00 11.94 -27.99
N PRO D 162 29.96 11.63 -28.86
CA PRO D 162 30.14 12.38 -30.09
C PRO D 162 29.32 11.79 -31.23
N GLU D 163 29.22 12.57 -32.31
CA GLU D 163 28.50 12.14 -33.50
C GLU D 163 29.47 11.35 -34.39
N ILE D 164 29.19 10.07 -34.57
CA ILE D 164 30.06 9.18 -35.32
C ILE D 164 29.62 9.17 -36.79
N GLU D 165 30.57 9.40 -37.68
CA GLU D 165 30.28 9.39 -39.11
C GLU D 165 31.46 8.80 -39.87
N GLN D 166 31.22 8.46 -41.13
CA GLN D 166 32.26 7.93 -42.00
C GLN D 166 32.26 8.68 -43.32
N ILE D 167 33.44 8.83 -43.90
CA ILE D 167 33.63 9.48 -45.19
C ILE D 167 34.29 8.48 -46.12
N ILE D 168 33.79 8.39 -47.35
CA ILE D 168 34.28 7.42 -48.32
C ILE D 168 35.03 8.16 -49.42
N VAL D 169 36.36 8.08 -49.40
CA VAL D 169 37.22 8.76 -50.36
C VAL D 169 37.82 7.70 -51.29
N GLY D 170 37.65 7.92 -52.60
CA GLY D 170 38.20 7.03 -53.59
C GLY D 170 39.42 7.62 -54.27
N ASN D 171 40.25 6.74 -54.81
CA ASN D 171 41.48 7.15 -55.50
C ASN D 171 41.22 7.08 -57.00
N ASN D 172 41.36 8.23 -57.67
CA ASN D 172 41.17 8.30 -59.11
C ASN D 172 42.44 8.63 -59.87
N LYS D 173 43.49 9.11 -59.20
CA LYS D 173 44.73 9.46 -59.86
C LYS D 173 45.56 8.25 -60.26
N GLY D 174 45.19 7.05 -59.80
CA GLY D 174 45.90 5.85 -60.19
C GLY D 174 47.27 5.70 -59.59
N VAL D 175 47.57 6.39 -58.48
CA VAL D 175 48.86 6.27 -57.82
C VAL D 175 48.92 4.94 -57.10
N SER D 176 50.12 4.53 -56.68
CA SER D 176 50.31 3.24 -56.03
C SER D 176 49.71 3.27 -54.63
N ASP D 177 49.84 2.14 -53.94
CA ASP D 177 49.23 2.02 -52.61
C ASP D 177 49.98 2.82 -51.57
N GLU D 178 51.32 2.71 -51.54
CA GLU D 178 52.10 3.36 -50.51
C GLU D 178 52.03 4.87 -50.63
N GLN D 179 52.09 5.40 -51.86
CA GLN D 179 51.91 6.83 -52.05
C GLN D 179 50.53 7.27 -51.59
N PHE D 180 49.52 6.44 -51.82
CA PHE D 180 48.17 6.76 -51.38
C PHE D 180 48.09 6.84 -49.86
N GLU D 181 48.71 5.88 -49.17
CA GLU D 181 48.74 5.90 -47.71
C GLU D 181 49.47 7.14 -47.21
N LEU D 182 50.57 7.51 -47.85
CA LEU D 182 51.30 8.71 -47.44
C LEU D 182 50.45 9.95 -47.61
N ASP D 183 49.74 10.06 -48.74
CA ASP D 183 48.85 11.20 -48.95
C ASP D 183 47.76 11.24 -47.88
N LEU D 184 47.20 10.09 -47.54
CA LEU D 184 46.14 10.08 -46.53
C LEU D 184 46.67 10.52 -45.17
N TYR D 185 47.88 10.08 -44.82
CA TYR D 185 48.45 10.51 -43.53
C TYR D 185 48.70 12.01 -43.52
N ILE D 186 49.25 12.55 -44.61
CA ILE D 186 49.49 13.99 -44.68
C ILE D 186 48.17 14.76 -44.58
N ILE D 187 47.14 14.26 -45.25
CA ILE D 187 45.83 14.92 -45.22
C ILE D 187 45.26 14.90 -43.81
N ARG D 188 45.42 13.78 -43.10
CA ARG D 188 44.94 13.70 -41.72
C ARG D 188 45.64 14.72 -40.83
N ARG D 189 46.97 14.80 -40.94
CA ARG D 189 47.70 15.78 -40.13
C ARG D 189 47.27 17.20 -40.44
N ARG D 190 47.08 17.51 -41.73
CA ARG D 190 46.68 18.86 -42.11
C ARG D 190 45.28 19.18 -41.58
N ILE D 191 44.36 18.21 -41.65
CA ILE D 191 43.02 18.43 -41.14
C ILE D 191 43.06 18.69 -39.64
N GLU D 192 43.86 17.90 -38.91
CA GLU D 192 43.98 18.11 -37.47
C GLU D 192 44.48 19.51 -37.17
N LYS D 193 45.54 19.94 -37.86
CA LYS D 193 46.08 21.27 -37.62
C LYS D 193 45.06 22.36 -37.94
N ALA D 194 44.34 22.21 -39.06
CA ALA D 194 43.39 23.23 -39.47
C ALA D 194 42.23 23.33 -38.49
N VAL D 195 41.70 22.20 -38.03
CA VAL D 195 40.61 22.24 -37.07
C VAL D 195 41.09 22.69 -35.70
N LYS D 196 42.38 22.52 -35.38
CA LYS D 196 42.91 23.11 -34.15
C LYS D 196 43.05 24.61 -34.29
N GLY D 197 43.27 25.10 -35.52
CA GLY D 197 43.38 26.54 -35.72
C GLY D 197 42.13 27.30 -35.34
N GLU D 198 40.96 26.74 -35.67
CA GLU D 198 39.69 27.41 -35.39
C GLU D 198 39.19 27.18 -33.98
N GLN D 199 39.94 26.43 -33.16
CA GLN D 199 39.58 26.15 -31.77
C GLN D 199 38.18 25.52 -31.68
N ILE D 200 38.03 24.38 -32.33
CA ILE D 200 36.80 23.60 -32.29
C ILE D 200 37.06 22.37 -31.43
N ASN D 201 36.23 22.17 -30.41
CA ASN D 201 36.40 21.06 -29.49
C ASN D 201 35.53 19.88 -29.90
N ASP D 202 35.83 18.72 -29.33
CA ASP D 202 35.08 17.49 -29.56
C ASP D 202 35.11 17.11 -31.04
N PHE D 203 36.33 16.95 -31.55
CA PHE D 203 36.54 16.52 -32.93
C PHE D 203 37.70 15.55 -32.96
N TYR D 204 37.52 14.42 -33.65
CA TYR D 204 38.54 13.39 -33.64
C TYR D 204 38.45 12.57 -34.91
N ILE D 205 39.58 12.02 -35.35
CA ILE D 205 39.63 11.14 -36.51
C ILE D 205 40.16 9.80 -36.02
N CYS D 206 39.28 8.82 -35.89
CA CYS D 206 39.68 7.53 -35.34
C CYS D 206 40.54 6.74 -36.31
N SER D 207 40.43 7.00 -37.60
CA SER D 207 41.28 6.38 -38.62
C SER D 207 40.99 7.03 -39.96
N LEU D 208 42.00 7.03 -40.83
CA LEU D 208 41.83 7.45 -42.21
C LEU D 208 42.87 6.71 -43.03
N SER D 209 42.46 5.62 -43.66
CA SER D 209 43.39 4.78 -44.40
C SER D 209 42.61 3.91 -45.38
N ALA D 210 43.35 3.29 -46.28
CA ALA D 210 42.80 2.38 -47.28
C ALA D 210 43.00 0.93 -46.89
N ARG D 211 43.51 0.66 -45.70
CA ARG D 211 43.86 -0.68 -45.27
C ARG D 211 43.09 -1.16 -44.05
N SER D 212 42.87 -0.29 -43.07
CA SER D 212 42.32 -0.73 -41.80
C SER D 212 41.25 0.22 -41.33
N ILE D 213 40.50 -0.21 -40.30
CA ILE D 213 39.43 0.56 -39.70
C ILE D 213 39.37 0.23 -38.22
N ILE D 214 38.83 1.15 -37.44
CA ILE D 214 38.82 1.07 -35.98
C ILE D 214 37.41 1.34 -35.47
N TYR D 215 36.88 0.42 -34.68
CA TYR D 215 35.58 0.60 -34.02
C TYR D 215 35.83 0.62 -32.52
N LYS D 216 35.68 1.78 -31.90
CA LYS D 216 35.99 1.92 -30.49
C LYS D 216 34.98 2.85 -29.83
N GLY D 217 34.90 2.76 -28.52
CA GLY D 217 33.96 3.59 -27.78
C GLY D 217 34.08 3.38 -26.29
N MET D 218 33.09 3.89 -25.57
CA MET D 218 33.05 3.88 -24.12
C MET D 218 31.93 3.00 -23.59
N PHE D 219 31.76 1.82 -24.18
CA PHE D 219 30.80 0.83 -23.75
C PHE D 219 31.52 -0.31 -23.04
N LEU D 220 30.75 -1.30 -22.59
CA LEU D 220 31.35 -2.48 -22.02
C LEU D 220 31.98 -3.35 -23.11
N ALA D 221 32.80 -4.31 -22.69
CA ALA D 221 33.50 -5.15 -23.65
C ALA D 221 32.52 -6.04 -24.41
N GLU D 222 31.61 -6.71 -23.70
CA GLU D 222 30.70 -7.63 -24.37
C GLU D 222 29.67 -6.92 -25.22
N GLN D 223 29.38 -5.65 -24.95
CA GLN D 223 28.38 -4.89 -25.69
C GLN D 223 28.94 -4.19 -26.91
N LEU D 224 30.13 -4.59 -27.37
CA LEU D 224 30.71 -3.94 -28.54
C LEU D 224 29.90 -4.22 -29.79
N THR D 225 29.56 -5.48 -30.03
CA THR D 225 28.77 -5.83 -31.21
C THR D 225 27.32 -5.40 -31.08
N THR D 226 26.88 -4.96 -29.90
CA THR D 226 25.53 -4.44 -29.73
C THR D 226 25.44 -2.96 -30.09
N PHE D 227 26.45 -2.18 -29.72
CA PHE D 227 26.46 -0.77 -30.07
C PHE D 227 26.76 -0.57 -31.55
N TYR D 228 27.58 -1.44 -32.14
CA TYR D 228 27.96 -1.36 -33.54
C TYR D 228 27.42 -2.58 -34.28
N PRO D 229 26.18 -2.54 -34.77
CA PRO D 229 25.65 -3.71 -35.49
C PRO D 229 26.33 -3.99 -36.81
N ASP D 230 27.12 -3.05 -37.32
CA ASP D 230 27.82 -3.26 -38.59
C ASP D 230 28.70 -4.50 -38.53
N LEU D 231 29.33 -4.75 -37.38
CA LEU D 231 30.21 -5.90 -37.25
C LEU D 231 29.44 -7.22 -37.27
N LEU D 232 28.13 -7.19 -37.10
CA LEU D 232 27.33 -8.41 -37.19
C LEU D 232 27.04 -8.82 -38.62
N ASP D 233 27.62 -8.11 -39.59
CA ASP D 233 27.39 -8.43 -40.99
C ASP D 233 28.15 -9.69 -41.40
N GLU D 234 27.81 -10.20 -42.57
CA GLU D 234 28.45 -11.40 -43.10
C GLU D 234 29.61 -11.09 -44.04
N ARG D 235 29.84 -9.82 -44.37
CA ARG D 235 30.87 -9.43 -45.31
C ARG D 235 32.11 -8.87 -44.64
N PHE D 236 32.07 -8.62 -43.34
CA PHE D 236 33.25 -8.15 -42.62
C PHE D 236 34.24 -9.28 -42.41
N GLU D 237 35.19 -9.44 -43.32
CA GLU D 237 36.22 -10.47 -43.19
C GLU D 237 37.59 -9.80 -43.24
N SER D 238 38.50 -10.31 -42.42
CA SER D 238 39.84 -9.76 -42.30
C SER D 238 40.84 -10.90 -42.15
N ASP D 239 42.12 -10.55 -42.33
CA ASP D 239 43.20 -11.48 -42.09
C ASP D 239 43.95 -11.17 -40.80
N PHE D 240 43.58 -10.09 -40.11
CA PHE D 240 44.17 -9.76 -38.82
C PHE D 240 43.12 -8.98 -38.03
N ALA D 241 43.27 -9.01 -36.71
CA ALA D 241 42.37 -8.29 -35.83
C ALA D 241 43.09 -8.00 -34.52
N ILE D 242 42.91 -6.78 -34.02
CA ILE D 242 43.45 -6.41 -32.71
C ILE D 242 42.31 -5.90 -31.85
N TYR D 243 42.35 -6.20 -30.56
CA TYR D 243 41.32 -5.75 -29.64
C TYR D 243 41.94 -5.31 -28.34
N HIS D 244 41.31 -4.34 -27.69
CA HIS D 244 41.82 -3.79 -26.45
C HIS D 244 40.67 -3.34 -25.56
N GLN D 245 40.86 -3.54 -24.26
CA GLN D 245 39.97 -2.98 -23.24
C GLN D 245 40.83 -2.42 -22.12
N ARG D 246 40.43 -1.28 -21.58
CA ARG D 246 41.25 -0.56 -20.62
C ARG D 246 40.59 -0.52 -19.25
N TYR D 247 41.33 0.02 -18.29
CA TYR D 247 40.90 0.12 -16.89
C TYR D 247 41.29 1.50 -16.40
N SER D 248 40.32 2.38 -16.22
CA SER D 248 40.59 3.76 -15.89
C SER D 248 40.62 3.97 -14.38
N THR D 249 41.32 5.03 -13.96
CA THR D 249 41.44 5.38 -12.55
C THR D 249 40.46 6.47 -12.14
N ASN D 250 39.70 7.04 -13.06
CA ASN D 250 38.71 8.06 -12.75
C ASN D 250 37.39 7.69 -13.41
N THR D 251 36.35 8.47 -13.10
CA THR D 251 35.02 8.18 -13.61
C THR D 251 34.48 9.34 -14.45
N PHE D 252 35.31 9.88 -15.34
CA PHE D 252 34.89 10.90 -16.31
C PHE D 252 35.44 10.50 -17.66
N PRO D 253 34.71 9.67 -18.40
CA PRO D 253 35.24 9.13 -19.65
C PRO D 253 35.15 10.13 -20.80
N THR D 254 36.14 10.08 -21.67
CA THR D 254 36.14 10.84 -22.91
C THR D 254 36.42 9.87 -24.05
N TRP D 255 35.64 9.98 -25.12
CA TRP D 255 35.71 8.98 -26.18
C TRP D 255 37.03 8.96 -26.95
N PRO D 256 37.69 10.08 -27.24
CA PRO D 256 38.94 10.00 -28.00
C PRO D 256 40.12 9.37 -27.27
N LEU D 257 39.91 8.85 -26.06
CA LEU D 257 40.98 8.22 -25.31
C LEU D 257 40.79 6.72 -25.15
N ALA D 258 40.12 6.07 -26.11
CA ALA D 258 39.89 4.64 -26.08
C ALA D 258 40.76 3.95 -27.11
N GLN D 259 41.53 2.96 -26.69
CA GLN D 259 42.38 2.21 -27.58
C GLN D 259 41.58 1.12 -28.25
N PRO D 260 42.10 0.52 -29.35
CA PRO D 260 43.39 0.68 -30.01
C PRO D 260 43.53 1.98 -30.75
N PHE D 261 44.76 2.48 -30.88
CA PHE D 261 45.06 3.60 -31.73
C PHE D 261 45.43 3.12 -33.13
N ARG D 262 46.00 4.03 -33.90
CA ARG D 262 46.31 3.83 -35.31
C ARG D 262 47.74 3.34 -35.42
N MET D 263 47.90 2.03 -35.64
CA MET D 263 49.20 1.35 -35.69
C MET D 263 49.83 1.26 -34.31
N LEU D 264 49.02 0.98 -33.29
CA LEU D 264 49.53 0.66 -31.95
C LEU D 264 48.38 0.23 -31.06
N ALA D 265 48.69 -0.66 -30.11
CA ALA D 265 47.80 -1.01 -29.02
C ALA D 265 48.68 -1.35 -27.83
N HIS D 266 48.39 -0.75 -26.68
CA HIS D 266 49.30 -0.75 -25.55
C HIS D 266 48.59 -1.22 -24.29
N ASN D 267 49.27 -2.07 -23.51
CA ASN D 267 48.81 -2.43 -22.18
C ASN D 267 49.92 -2.11 -21.18
N GLY D 268 49.55 -1.49 -20.07
CA GLY D 268 50.52 -1.05 -19.07
C GLY D 268 50.56 0.46 -18.97
N GLU D 269 51.74 0.98 -18.64
CA GLU D 269 51.91 2.42 -18.54
C GLU D 269 53.39 2.75 -18.64
N ILE D 270 53.68 3.90 -19.26
CA ILE D 270 55.04 4.32 -19.54
C ILE D 270 55.50 5.28 -18.46
N ASN D 271 56.65 4.99 -17.85
CA ASN D 271 57.14 5.82 -16.76
C ASN D 271 57.69 7.15 -17.25
N THR D 272 58.41 7.15 -18.36
CA THR D 272 59.16 8.31 -18.82
C THR D 272 58.45 8.94 -20.02
N VAL D 273 57.52 9.85 -19.73
CA VAL D 273 56.89 10.65 -20.75
C VAL D 273 57.23 12.13 -20.61
N LYS D 274 57.43 12.61 -19.39
CA LYS D 274 57.85 14.00 -19.20
C LYS D 274 59.25 14.25 -19.74
N GLY D 275 60.05 13.19 -19.88
CA GLY D 275 61.41 13.34 -20.38
C GLY D 275 61.52 13.02 -21.86
N ASN D 276 60.66 12.11 -22.35
CA ASN D 276 60.71 11.76 -23.76
C ASN D 276 60.10 12.86 -24.63
N VAL D 277 59.07 13.54 -24.13
CA VAL D 277 58.49 14.65 -24.88
C VAL D 277 59.48 15.79 -24.98
N ASN D 278 60.23 16.05 -23.91
CA ASN D 278 61.23 17.12 -23.95
C ASN D 278 62.35 16.78 -24.92
N TRP D 279 62.64 15.49 -25.14
CA TRP D 279 63.65 15.14 -26.12
C TRP D 279 63.09 15.15 -27.54
N MET D 280 61.81 14.85 -27.70
CA MET D 280 61.20 15.00 -29.02
C MET D 280 61.13 16.46 -29.44
N LYS D 281 60.93 17.36 -28.48
CA LYS D 281 60.92 18.79 -28.78
C LYS D 281 62.26 19.28 -29.29
N ALA D 282 63.35 18.57 -28.99
CA ALA D 282 64.66 18.89 -29.54
C ALA D 282 65.00 18.08 -30.78
N HIS D 283 64.45 16.88 -30.91
CA HIS D 283 64.67 16.09 -32.11
C HIS D 283 63.95 16.67 -33.32
N GLU D 284 62.81 17.32 -33.11
CA GLU D 284 62.01 17.79 -34.23
C GLU D 284 62.78 18.79 -35.08
N THR D 285 63.58 19.65 -34.46
CA THR D 285 64.15 20.79 -35.16
C THR D 285 65.21 20.42 -36.19
N ARG D 286 65.51 19.14 -36.37
CA ARG D 286 66.53 18.72 -37.32
C ARG D 286 66.11 17.56 -38.22
N MET D 287 64.92 17.01 -38.01
CA MET D 287 64.47 15.86 -38.78
C MET D 287 63.88 16.32 -40.11
N GLU D 288 64.09 15.51 -41.15
CA GLU D 288 63.58 15.77 -42.49
C GLU D 288 63.80 14.51 -43.32
N HIS D 289 62.95 14.34 -44.34
CA HIS D 289 63.06 13.16 -45.18
C HIS D 289 62.46 13.48 -46.54
N PRO D 290 63.06 13.01 -47.64
CA PRO D 290 62.51 13.35 -48.97
C PRO D 290 61.19 12.67 -49.29
N ALA D 291 60.76 11.69 -48.50
CA ALA D 291 59.47 11.06 -48.76
C ALA D 291 58.32 12.03 -48.53
N PHE D 292 58.36 12.78 -47.43
CA PHE D 292 57.33 13.77 -47.17
C PHE D 292 57.47 14.94 -48.12
N GLY D 293 58.63 15.59 -48.13
CA GLY D 293 58.85 16.75 -48.98
C GLY D 293 58.55 18.05 -48.25
N THR D 294 58.09 19.06 -48.99
CA THR D 294 57.77 20.34 -48.40
C THR D 294 56.72 20.21 -47.28
N HIS D 295 55.78 19.28 -47.45
CA HIS D 295 54.76 19.05 -46.43
C HIS D 295 55.35 18.67 -45.09
N MET D 296 56.65 18.37 -45.03
CA MET D 296 57.31 18.17 -43.73
C MET D 296 57.07 19.35 -42.80
N GLN D 297 56.95 20.56 -43.35
CA GLN D 297 56.72 21.72 -42.50
C GLN D 297 55.45 21.59 -41.66
N ASP D 298 54.48 20.82 -42.15
CA ASP D 298 53.22 20.64 -41.45
C ASP D 298 53.22 19.45 -40.50
N LEU D 299 54.39 18.84 -40.27
CA LEU D 299 54.51 17.75 -39.30
C LEU D 299 55.58 18.05 -38.26
N LYS D 300 55.87 19.33 -38.00
CA LYS D 300 56.93 19.64 -37.04
C LYS D 300 56.50 19.40 -35.61
N PRO D 301 55.38 19.95 -35.11
CA PRO D 301 54.97 19.57 -33.75
C PRO D 301 54.27 18.21 -33.76
N VAL D 302 55.09 17.15 -33.73
CA VAL D 302 54.56 15.81 -33.95
C VAL D 302 53.69 15.37 -32.79
N ILE D 303 54.03 15.77 -31.57
CA ILE D 303 53.28 15.38 -30.38
C ILE D 303 52.39 16.55 -29.98
N GLY D 304 51.09 16.41 -30.25
CA GLY D 304 50.14 17.45 -29.92
C GLY D 304 49.82 17.51 -28.44
N VAL D 305 48.75 18.20 -28.10
CA VAL D 305 48.32 18.36 -26.72
C VAL D 305 47.02 17.59 -26.51
N GLY D 306 46.80 17.16 -25.27
CA GLY D 306 45.59 16.42 -24.94
C GLY D 306 45.68 14.94 -25.20
N LEU D 307 46.88 14.37 -25.13
CA LEU D 307 47.09 12.96 -25.39
C LEU D 307 47.60 12.27 -24.12
N SER D 308 47.49 10.94 -24.11
CA SER D 308 48.04 10.15 -23.03
C SER D 308 49.46 9.72 -23.40
N ASP D 309 50.04 8.82 -22.60
CA ASP D 309 51.36 8.29 -22.93
C ASP D 309 51.27 7.36 -24.14
N SER D 310 50.31 6.46 -24.14
CA SER D 310 50.10 5.54 -25.25
C SER D 310 49.60 6.24 -26.50
N GLY D 311 49.32 7.53 -26.44
CA GLY D 311 48.97 8.30 -27.61
C GLY D 311 50.19 8.93 -28.23
N SER D 312 51.06 9.50 -27.39
CA SER D 312 52.30 10.08 -27.88
C SER D 312 53.23 9.00 -28.44
N LEU D 313 53.33 7.87 -27.74
CA LEU D 313 54.12 6.77 -28.25
C LEU D 313 53.59 6.32 -29.61
N ASP D 314 52.27 6.27 -29.76
CA ASP D 314 51.70 5.87 -31.03
C ASP D 314 51.98 6.89 -32.13
N THR D 315 51.93 8.17 -31.78
CA THR D 315 52.21 9.21 -32.77
C THR D 315 53.64 9.11 -33.30
N VAL D 316 54.60 8.95 -32.38
CA VAL D 316 55.99 8.86 -32.83
C VAL D 316 56.22 7.55 -33.59
N PHE D 317 55.54 6.47 -33.16
CA PHE D 317 55.63 5.21 -33.88
C PHE D 317 55.16 5.37 -35.32
N GLU D 318 54.02 6.03 -35.52
CA GLU D 318 53.49 6.20 -36.86
C GLU D 318 54.39 7.09 -37.71
N VAL D 319 54.90 8.20 -37.13
CA VAL D 319 55.72 9.09 -37.93
C VAL D 319 57.05 8.45 -38.27
N MET D 320 57.51 7.47 -37.49
CA MET D 320 58.72 6.75 -37.87
C MET D 320 58.45 5.64 -38.86
N VAL D 321 57.28 5.00 -38.79
CA VAL D 321 56.97 3.93 -39.73
C VAL D 321 56.72 4.50 -41.12
N ARG D 322 55.98 5.61 -41.21
CA ARG D 322 55.59 6.16 -42.50
C ARG D 322 56.78 6.70 -43.30
N ALA D 323 58.00 6.62 -42.80
CA ALA D 323 59.15 7.19 -43.47
C ALA D 323 60.10 6.12 -44.02
N GLY D 324 59.68 4.87 -44.08
CA GLY D 324 60.50 3.86 -44.72
C GLY D 324 60.76 2.61 -43.90
N ARG D 325 60.92 2.77 -42.58
CA ARG D 325 61.25 1.63 -41.74
C ARG D 325 60.07 0.66 -41.67
N THR D 326 60.31 -0.48 -41.01
CA THR D 326 59.29 -1.50 -40.81
C THR D 326 58.99 -1.61 -39.32
N ALA D 327 57.83 -2.19 -39.02
CA ALA D 327 57.39 -2.26 -37.62
C ALA D 327 58.40 -2.93 -36.68
N PRO D 328 59.05 -4.04 -37.04
CA PRO D 328 60.07 -4.58 -36.12
C PRO D 328 61.22 -3.62 -35.86
N MET D 329 61.69 -2.93 -36.89
CA MET D 329 62.80 -1.99 -36.70
C MET D 329 62.40 -0.84 -35.80
N VAL D 330 61.18 -0.32 -35.95
CA VAL D 330 60.73 0.76 -35.10
C VAL D 330 60.54 0.28 -33.67
N LYS D 331 60.02 -0.94 -33.49
CA LYS D 331 59.88 -1.48 -32.14
C LYS D 331 61.24 -1.65 -31.49
N MET D 332 62.24 -2.05 -32.26
CA MET D 332 63.58 -2.21 -31.70
C MET D 332 64.23 -0.87 -31.41
N MET D 333 63.90 0.16 -32.19
CA MET D 333 64.50 1.47 -31.97
C MET D 333 63.83 2.22 -30.83
N LEU D 334 62.56 1.96 -30.56
CA LEU D 334 61.84 2.66 -29.49
C LEU D 334 61.95 1.94 -28.16
N VAL D 335 61.61 0.66 -28.12
CA VAL D 335 61.70 -0.13 -26.90
C VAL D 335 62.72 -1.24 -27.14
N PRO D 336 64.00 -0.98 -26.94
CA PRO D 336 65.03 -1.96 -27.29
C PRO D 336 65.11 -3.07 -26.25
N GLN D 337 66.06 -3.97 -26.46
CA GLN D 337 66.33 -5.05 -25.53
C GLN D 337 67.45 -4.67 -24.57
N ALA D 338 67.56 -5.42 -23.49
CA ALA D 338 68.60 -5.18 -22.50
C ALA D 338 69.95 -5.60 -23.09
N LEU D 339 70.80 -4.63 -23.39
CA LEU D 339 72.11 -4.94 -23.95
C LEU D 339 72.98 -5.55 -22.86
N THR D 340 73.06 -6.87 -22.83
CA THR D 340 73.77 -7.59 -21.78
C THR D 340 75.22 -7.83 -22.17
N SER D 341 76.09 -7.85 -21.16
CA SER D 341 77.50 -8.18 -21.36
C SER D 341 77.75 -9.67 -21.15
N SER D 342 76.98 -10.49 -21.86
CA SER D 342 77.07 -11.95 -21.73
C SER D 342 77.30 -12.57 -23.10
N GLN D 343 78.01 -13.70 -23.10
CA GLN D 343 78.31 -14.42 -24.34
C GLN D 343 77.15 -15.30 -24.80
N THR D 344 75.94 -15.09 -24.29
CA THR D 344 74.78 -15.89 -24.66
C THR D 344 74.02 -15.31 -25.84
N THR D 345 74.57 -14.28 -26.51
CA THR D 345 73.94 -13.67 -27.66
C THR D 345 75.02 -13.44 -28.70
N PRO D 346 74.75 -13.71 -29.98
CA PRO D 346 75.75 -13.42 -31.02
C PRO D 346 76.05 -11.93 -31.09
N ASP D 347 77.21 -11.61 -31.66
CA ASP D 347 77.65 -10.21 -31.72
C ASP D 347 76.83 -9.38 -32.69
N ASN D 348 76.13 -10.01 -33.63
CA ASN D 348 75.31 -9.26 -34.57
C ASN D 348 74.17 -8.55 -33.85
N HIS D 349 73.45 -9.27 -33.00
CA HIS D 349 72.39 -8.65 -32.21
C HIS D 349 72.95 -7.58 -31.29
N LYS D 350 74.15 -7.79 -30.77
CA LYS D 350 74.77 -6.78 -29.91
C LYS D 350 75.05 -5.50 -30.68
N ALA D 351 75.57 -5.62 -31.91
CA ALA D 351 75.83 -4.43 -32.72
C ALA D 351 74.53 -3.73 -33.08
N LEU D 352 73.49 -4.49 -33.43
CA LEU D 352 72.19 -3.90 -33.75
C LEU D 352 71.64 -3.14 -32.55
N ILE D 353 71.70 -3.74 -31.36
CA ILE D 353 71.20 -3.08 -30.17
C ILE D 353 72.02 -1.86 -29.81
N GLN D 354 73.34 -1.91 -30.04
CA GLN D 354 74.17 -0.73 -29.81
C GLN D 354 73.75 0.41 -30.72
N TYR D 355 73.55 0.12 -32.00
CA TYR D 355 73.10 1.15 -32.93
C TYR D 355 71.76 1.73 -32.51
N CYS D 356 70.80 0.87 -32.18
CA CYS D 356 69.48 1.32 -31.78
C CYS D 356 69.54 2.18 -30.53
N ASN D 357 70.31 1.74 -29.54
CA ASN D 357 70.43 2.50 -28.30
C ASN D 357 71.10 3.85 -28.53
N SER D 358 72.06 3.90 -29.45
CA SER D 358 72.74 5.17 -29.70
C SER D 358 71.83 6.15 -30.41
N VAL D 359 71.01 5.68 -31.36
CA VAL D 359 70.28 6.62 -32.20
C VAL D 359 69.07 7.23 -31.46
N MET D 360 68.45 6.50 -30.55
CA MET D 360 67.21 6.96 -29.93
C MET D 360 67.19 6.59 -28.45
N GLU D 361 66.42 7.36 -27.68
CA GLU D 361 66.25 7.17 -26.24
C GLU D 361 65.13 6.17 -25.99
N PRO D 362 65.36 5.15 -25.18
CA PRO D 362 64.32 4.13 -24.97
C PRO D 362 63.10 4.70 -24.26
N TRP D 363 61.96 4.08 -24.50
CA TRP D 363 60.70 4.42 -23.85
C TRP D 363 60.41 3.31 -22.84
N ASP D 364 60.89 3.49 -21.62
CA ASP D 364 60.81 2.43 -20.61
C ASP D 364 59.38 2.33 -20.08
N GLY D 365 59.19 1.47 -19.08
CA GLY D 365 57.89 1.28 -18.47
C GLY D 365 57.29 -0.06 -18.80
N PRO D 366 56.43 -0.58 -17.92
CA PRO D 366 55.73 -1.84 -18.21
C PRO D 366 54.81 -1.68 -19.40
N ALA D 367 55.07 -2.48 -20.44
CA ALA D 367 54.37 -2.31 -21.71
C ALA D 367 54.29 -3.66 -22.41
N ALA D 368 53.07 -4.07 -22.74
CA ALA D 368 52.82 -5.18 -23.66
C ALA D 368 52.19 -4.57 -24.91
N LEU D 369 52.84 -4.76 -26.05
CA LEU D 369 52.45 -4.10 -27.28
C LEU D 369 51.96 -5.11 -28.31
N ALA D 370 50.92 -4.73 -29.04
CA ALA D 370 50.39 -5.51 -30.16
C ALA D 370 50.16 -4.51 -31.29
N MET D 371 51.16 -4.33 -32.13
CA MET D 371 51.12 -3.31 -33.17
C MET D 371 51.01 -3.95 -34.55
N THR D 372 50.64 -3.14 -35.53
CA THR D 372 50.45 -3.63 -36.89
C THR D 372 50.84 -2.57 -37.89
N ASP D 373 51.91 -2.82 -38.62
CA ASP D 373 52.23 -2.03 -39.80
C ASP D 373 51.22 -2.36 -40.90
N GLY D 374 51.36 -1.71 -42.05
CA GLY D 374 50.52 -2.07 -43.18
C GLY D 374 50.75 -3.49 -43.67
N ARG D 375 51.91 -4.07 -43.38
CA ARG D 375 52.27 -5.40 -43.84
C ARG D 375 52.56 -6.37 -42.72
N TRP D 376 53.35 -5.97 -41.73
CA TRP D 376 53.70 -6.84 -40.61
C TRP D 376 52.64 -6.77 -39.51
N VAL D 377 52.65 -7.79 -38.65
CA VAL D 377 51.86 -7.79 -37.42
C VAL D 377 52.76 -8.27 -36.30
N VAL D 378 53.03 -7.40 -35.33
CA VAL D 378 54.05 -7.64 -34.32
C VAL D 378 53.42 -7.66 -32.94
N GLY D 379 53.86 -8.59 -32.10
CA GLY D 379 53.53 -8.59 -30.69
C GLY D 379 54.79 -8.62 -29.86
N GLY D 380 54.98 -7.63 -28.99
CA GLY D 380 56.25 -7.44 -28.32
C GLY D 380 56.10 -7.09 -26.86
N MET D 381 57.22 -7.17 -26.16
CA MET D 381 57.32 -6.96 -24.72
C MET D 381 58.43 -5.94 -24.45
N ASP D 382 58.43 -5.41 -23.24
CA ASP D 382 59.37 -4.36 -22.84
C ASP D 382 60.66 -4.97 -22.31
N ARG D 383 61.49 -4.14 -21.68
CA ARG D 383 62.84 -4.57 -21.28
C ARG D 383 62.80 -5.53 -20.11
N ASN D 384 61.97 -5.26 -19.10
CA ASN D 384 61.92 -6.11 -17.92
C ASN D 384 60.95 -7.27 -18.06
N GLY D 385 59.96 -7.18 -18.94
CA GLY D 385 59.00 -8.24 -19.10
C GLY D 385 58.09 -8.39 -17.90
N LEU D 386 57.26 -7.38 -17.66
CA LEU D 386 56.38 -7.39 -16.51
C LEU D 386 55.00 -7.92 -16.86
N ARG D 387 54.35 -7.34 -17.86
CA ARG D 387 53.04 -7.80 -18.24
C ARG D 387 53.14 -9.14 -18.96
N PRO D 388 52.09 -9.96 -18.92
CA PRO D 388 52.14 -11.27 -19.57
C PRO D 388 51.60 -11.24 -20.99
N MET D 389 52.17 -12.12 -21.83
CA MET D 389 51.72 -12.28 -23.21
C MET D 389 51.92 -13.72 -23.62
N ARG D 390 50.85 -14.38 -24.03
CA ARG D 390 50.87 -15.79 -24.39
C ARG D 390 50.14 -15.99 -25.71
N TYR D 391 50.68 -16.85 -26.56
CA TYR D 391 50.17 -17.05 -27.90
C TYR D 391 49.94 -18.54 -28.16
N THR D 392 49.36 -18.83 -29.33
CA THR D 392 49.01 -20.20 -29.68
C THR D 392 48.85 -20.30 -31.19
N ILE D 393 49.38 -21.38 -31.76
CA ILE D 393 49.27 -21.68 -33.19
C ILE D 393 48.34 -22.86 -33.36
N THR D 394 47.36 -22.73 -34.26
CA THR D 394 46.48 -23.84 -34.59
C THR D 394 46.89 -24.45 -35.93
N THR D 395 46.27 -25.59 -36.24
CA THR D 395 46.54 -26.24 -37.52
C THR D 395 45.83 -25.58 -38.70
N ASP D 396 45.00 -24.56 -38.45
CA ASP D 396 44.45 -23.73 -39.51
C ASP D 396 45.34 -22.57 -39.91
N GLY D 397 46.60 -22.57 -39.49
CA GLY D 397 47.47 -21.47 -39.79
C GLY D 397 46.94 -20.19 -39.17
N LEU D 398 46.61 -20.26 -37.89
CA LEU D 398 46.03 -19.15 -37.17
C LEU D 398 46.78 -18.97 -35.87
N ILE D 399 47.21 -17.74 -35.60
CA ILE D 399 47.94 -17.42 -34.37
C ILE D 399 47.08 -16.48 -33.54
N ILE D 400 46.94 -16.82 -32.26
CA ILE D 400 46.12 -16.05 -31.33
C ILE D 400 47.00 -15.71 -30.14
N GLY D 401 47.11 -14.42 -29.83
CA GLY D 401 47.90 -13.97 -28.71
C GLY D 401 47.14 -13.00 -27.84
N GLY D 402 47.42 -13.06 -26.55
CA GLY D 402 46.75 -12.17 -25.62
C GLY D 402 47.31 -12.30 -24.23
N SER D 403 46.68 -11.60 -23.28
CA SER D 403 47.12 -11.60 -21.90
C SER D 403 46.69 -12.86 -21.15
N GLU D 404 45.69 -13.57 -21.63
CA GLU D 404 45.22 -14.78 -20.98
C GLU D 404 45.12 -15.90 -22.00
N THR D 405 45.44 -17.11 -21.58
CA THR D 405 45.55 -18.25 -22.49
C THR D 405 44.27 -19.06 -22.60
N GLY D 406 43.12 -18.47 -22.26
CA GLY D 406 41.86 -19.19 -22.36
C GLY D 406 40.73 -18.34 -22.87
N MET D 407 41.05 -17.28 -23.61
CA MET D 407 40.04 -16.35 -24.07
C MET D 407 39.20 -16.95 -25.19
N VAL D 408 39.85 -17.43 -26.25
CA VAL D 408 39.18 -18.01 -27.40
C VAL D 408 39.12 -19.52 -27.22
N LYS D 409 37.92 -20.08 -27.28
CA LYS D 409 37.75 -21.51 -27.13
C LYS D 409 38.28 -22.23 -28.36
N ILE D 410 39.19 -23.18 -28.13
CA ILE D 410 39.83 -23.94 -29.21
C ILE D 410 39.84 -25.40 -28.80
N ASP D 411 39.33 -26.27 -29.67
CA ASP D 411 39.35 -27.70 -29.40
C ASP D 411 40.78 -28.16 -29.15
N GLU D 412 40.94 -29.00 -28.12
CA GLU D 412 42.28 -29.23 -27.58
C GLU D 412 43.13 -30.13 -28.46
N THR D 413 42.62 -30.60 -29.59
CA THR D 413 43.40 -31.36 -30.55
C THR D 413 43.64 -30.58 -31.84
N GLN D 414 43.81 -29.27 -31.72
CA GLN D 414 44.13 -28.44 -32.89
C GLN D 414 45.37 -27.55 -32.68
N VAL D 415 46.02 -27.65 -31.54
CA VAL D 415 47.14 -26.77 -31.25
C VAL D 415 48.41 -27.46 -31.72
N ILE D 416 49.35 -26.64 -32.17
CA ILE D 416 50.64 -27.12 -32.62
C ILE D 416 51.76 -26.70 -31.67
N GLU D 417 51.71 -25.47 -31.15
CA GLU D 417 52.73 -25.00 -30.23
C GLU D 417 52.15 -23.90 -29.37
N LYS D 418 52.29 -24.04 -28.06
CA LYS D 418 51.99 -22.97 -27.12
C LYS D 418 53.30 -22.34 -26.65
N GLY D 419 53.21 -21.09 -26.23
CA GLY D 419 54.42 -20.40 -25.83
C GLY D 419 54.12 -19.15 -25.04
N ARG D 420 55.16 -18.36 -24.83
CA ARG D 420 55.07 -17.14 -24.05
C ARG D 420 56.00 -16.11 -24.69
N LEU D 421 56.23 -15.02 -23.97
CA LEU D 421 57.15 -13.98 -24.42
C LEU D 421 57.93 -13.47 -23.22
N GLY D 422 59.25 -13.60 -23.27
CA GLY D 422 60.09 -13.14 -22.20
C GLY D 422 60.34 -11.65 -22.27
N PRO D 423 61.36 -11.17 -21.56
CA PRO D 423 61.68 -9.74 -21.61
C PRO D 423 62.36 -9.39 -22.93
N GLY D 424 61.85 -8.35 -23.57
CA GLY D 424 62.41 -7.88 -24.83
C GLY D 424 62.10 -8.75 -26.03
N GLU D 425 61.47 -9.90 -25.85
CA GLU D 425 61.17 -10.77 -26.96
C GLU D 425 60.03 -10.18 -27.82
N MET D 426 59.82 -10.80 -28.98
CA MET D 426 58.79 -10.38 -29.89
C MET D 426 58.46 -11.52 -30.84
N ILE D 427 57.30 -11.43 -31.48
CA ILE D 427 56.87 -12.41 -32.47
C ILE D 427 56.14 -11.68 -33.58
N ALA D 428 56.49 -11.98 -34.83
CA ALA D 428 55.97 -11.22 -35.96
C ALA D 428 55.36 -12.14 -37.00
N VAL D 429 54.43 -11.59 -37.77
CA VAL D 429 53.81 -12.30 -38.88
C VAL D 429 53.89 -11.41 -40.11
N ASP D 430 54.43 -11.95 -41.20
CA ASP D 430 54.48 -11.28 -42.49
C ASP D 430 53.24 -11.71 -43.29
N LEU D 431 52.31 -10.79 -43.46
CA LEU D 431 51.08 -11.09 -44.18
C LEU D 431 51.29 -11.15 -45.68
N GLN D 432 52.10 -10.24 -46.22
CA GLN D 432 52.29 -10.18 -47.66
C GLN D 432 53.00 -11.42 -48.20
N SER D 433 53.89 -12.01 -47.40
CA SER D 433 54.55 -13.26 -47.77
C SER D 433 53.96 -14.47 -47.04
N GLY D 434 53.16 -14.25 -46.01
CA GLY D 434 52.55 -15.34 -45.28
C GLY D 434 53.54 -16.20 -44.52
N LYS D 435 54.29 -15.58 -43.60
CA LYS D 435 55.28 -16.32 -42.83
C LYS D 435 55.22 -15.88 -41.37
N LEU D 436 55.75 -16.73 -40.50
CA LEU D 436 55.74 -16.50 -39.06
C LEU D 436 57.17 -16.50 -38.54
N TYR D 437 57.60 -15.37 -37.97
CA TYR D 437 58.93 -15.23 -37.41
C TYR D 437 58.84 -15.22 -35.89
N ARG D 438 59.50 -16.19 -35.26
CA ARG D 438 59.65 -16.20 -33.82
C ARG D 438 60.76 -15.22 -33.44
N ASP D 439 61.20 -15.26 -32.19
CA ASP D 439 62.15 -14.25 -31.71
C ASP D 439 63.50 -14.38 -32.41
N ARG D 440 64.12 -15.56 -32.31
CA ARG D 440 65.49 -15.71 -32.79
C ARG D 440 65.57 -15.57 -34.30
N GLU D 441 64.61 -16.17 -35.02
CA GLU D 441 64.60 -16.04 -36.48
C GLU D 441 64.40 -14.58 -36.90
N LEU D 442 63.54 -13.86 -36.18
CA LEU D 442 63.31 -12.46 -36.53
C LEU D 442 64.56 -11.62 -36.27
N LYS D 443 65.27 -11.88 -35.18
CA LYS D 443 66.50 -11.15 -34.92
C LYS D 443 67.54 -11.45 -35.99
N ASP D 444 67.68 -12.72 -36.37
CA ASP D 444 68.66 -13.07 -37.39
C ASP D 444 68.30 -12.50 -38.75
N HIS D 445 67.00 -12.39 -39.05
CA HIS D 445 66.57 -11.74 -40.28
C HIS D 445 66.76 -10.24 -40.24
N LEU D 446 66.62 -9.61 -39.07
CA LEU D 446 66.75 -8.17 -38.96
C LEU D 446 68.21 -7.72 -38.90
N ALA D 447 69.12 -8.61 -38.50
CA ALA D 447 70.54 -8.30 -38.46
C ALA D 447 71.22 -8.47 -39.81
N THR D 448 70.47 -8.45 -40.91
CA THR D 448 71.01 -8.67 -42.24
C THR D 448 70.94 -7.44 -43.13
N LEU D 449 70.00 -6.53 -42.88
CA LEU D 449 69.76 -5.41 -43.78
C LEU D 449 71.00 -4.56 -43.96
N LYS D 450 71.58 -4.07 -42.86
CA LYS D 450 72.71 -3.17 -42.95
C LYS D 450 73.91 -3.74 -42.20
N PRO D 451 75.12 -3.44 -42.65
CA PRO D 451 76.31 -3.92 -41.93
C PRO D 451 76.51 -3.19 -40.61
N TRP D 452 75.78 -3.61 -39.58
CA TRP D 452 75.83 -2.92 -38.30
C TRP D 452 77.20 -3.04 -37.66
N ASP D 453 77.85 -4.21 -37.79
CA ASP D 453 79.14 -4.41 -37.14
C ASP D 453 80.20 -3.47 -37.69
N LYS D 454 80.19 -3.24 -39.00
CA LYS D 454 81.12 -2.29 -39.59
C LYS D 454 80.82 -0.86 -39.17
N TRP D 455 79.56 -0.56 -38.82
CA TRP D 455 79.19 0.79 -38.47
C TRP D 455 79.54 1.12 -37.03
N VAL D 456 79.36 0.16 -36.12
CA VAL D 456 79.51 0.44 -34.69
C VAL D 456 80.95 0.81 -34.33
N GLN D 457 81.91 0.50 -35.20
CA GLN D 457 83.32 0.73 -34.87
C GLN D 457 83.73 2.19 -34.87
N ASN D 458 82.83 3.11 -35.20
CA ASN D 458 83.20 4.52 -35.22
C ASN D 458 83.28 5.13 -33.83
N THR D 459 82.57 4.56 -32.86
CA THR D 459 82.53 5.14 -31.52
C THR D 459 83.88 4.98 -30.83
N THR D 460 84.20 5.96 -29.99
CA THR D 460 85.42 5.96 -29.20
C THR D 460 85.07 6.05 -27.72
N HIS D 461 85.81 5.31 -26.90
CA HIS D 461 85.56 5.29 -25.47
C HIS D 461 86.42 6.36 -24.79
N LEU D 462 86.42 6.37 -23.47
CA LEU D 462 87.19 7.35 -22.70
C LEU D 462 88.35 6.75 -21.94
N ASP D 463 88.23 5.48 -21.50
CA ASP D 463 89.33 4.85 -20.78
C ASP D 463 90.60 4.85 -21.62
N GLU D 464 90.47 4.66 -22.93
CA GLU D 464 91.63 4.79 -23.81
C GLU D 464 92.22 6.19 -23.75
N LEU D 465 91.35 7.20 -23.68
CA LEU D 465 91.83 8.58 -23.65
C LEU D 465 92.55 8.89 -22.34
N VAL D 466 92.06 8.36 -21.23
CA VAL D 466 92.72 8.60 -19.96
C VAL D 466 93.94 7.72 -19.76
N LYS D 467 94.08 6.66 -20.56
CA LYS D 467 95.29 5.85 -20.49
C LYS D 467 96.39 6.42 -21.37
N THR D 468 96.05 6.85 -22.58
CA THR D 468 97.03 7.49 -23.45
C THR D 468 97.41 8.87 -22.96
N ALA D 469 96.63 9.47 -22.07
CA ALA D 469 96.97 10.77 -21.49
C ALA D 469 98.24 10.63 -20.67
N SER D 470 99.23 11.47 -20.95
CA SER D 470 100.52 11.36 -20.29
C SER D 470 100.38 11.67 -18.80
N LEU D 471 101.32 11.11 -18.03
CA LEU D 471 101.33 11.27 -16.58
C LEU D 471 101.94 12.62 -16.19
N LYS D 472 101.30 13.68 -16.70
CA LYS D 472 101.79 15.03 -16.49
C LYS D 472 100.61 15.98 -16.36
N GLY D 473 100.91 17.21 -15.95
CA GLY D 473 99.90 18.22 -15.78
C GLY D 473 99.13 18.15 -14.49
N GLU D 474 99.60 17.39 -13.51
CA GLU D 474 98.91 17.29 -12.23
C GLU D 474 98.99 18.61 -11.48
N PRO D 475 97.89 19.31 -11.26
CA PRO D 475 97.95 20.60 -10.57
C PRO D 475 98.13 20.42 -9.07
N SER D 476 98.44 21.53 -8.41
CA SER D 476 98.66 21.53 -6.97
C SER D 476 97.35 21.78 -6.24
N ASP D 477 97.15 21.05 -5.15
CA ASP D 477 95.93 21.17 -4.37
C ASP D 477 95.87 22.52 -3.65
N MET D 478 94.66 22.97 -3.37
CA MET D 478 94.46 24.26 -2.74
C MET D 478 94.97 24.24 -1.30
N ASP D 479 95.11 25.44 -0.74
CA ASP D 479 95.54 25.58 0.64
C ASP D 479 94.40 25.23 1.60
N LYS D 480 94.78 24.81 2.81
CA LYS D 480 93.78 24.50 3.83
C LYS D 480 92.89 25.69 4.10
N ALA D 481 93.47 26.89 4.18
CA ALA D 481 92.67 28.09 4.42
C ALA D 481 91.73 28.34 3.25
N GLU D 482 92.22 28.22 2.02
CA GLU D 482 91.37 28.43 0.84
C GLU D 482 90.28 27.39 0.77
N LEU D 483 90.61 26.13 1.07
CA LEU D 483 89.59 25.09 1.05
C LEU D 483 88.52 25.33 2.09
N ARG D 484 88.91 25.75 3.30
CA ARG D 484 87.92 26.02 4.33
C ARG D 484 87.07 27.22 3.96
N ARG D 485 87.66 28.24 3.34
CA ARG D 485 86.89 29.40 2.95
C ARG D 485 85.90 29.08 1.83
N ARG D 486 86.27 28.18 0.91
CA ARG D 486 85.35 27.80 -0.14
C ARG D 486 84.31 26.79 0.32
N GLN D 487 84.60 26.03 1.38
CA GLN D 487 83.60 25.13 1.95
C GLN D 487 82.59 25.91 2.79
N GLN D 488 83.07 26.88 3.56
CA GLN D 488 82.17 27.66 4.41
C GLN D 488 81.20 28.49 3.59
N ALA D 489 81.55 28.83 2.35
CA ALA D 489 80.67 29.65 1.52
C ALA D 489 79.41 28.93 1.09
N PHE D 490 79.37 27.59 1.19
CA PHE D 490 78.22 26.82 0.78
C PHE D 490 77.49 26.14 1.92
N GLY D 491 78.04 26.18 3.13
CA GLY D 491 77.37 25.59 4.28
C GLY D 491 77.77 24.17 4.59
N LEU D 492 78.92 23.70 4.13
CA LEU D 492 79.39 22.37 4.45
C LEU D 492 79.97 22.36 5.86
N THR D 493 79.34 21.61 6.76
CA THR D 493 79.81 21.50 8.13
C THR D 493 80.83 20.37 8.22
N MET D 494 81.33 20.11 9.42
CA MET D 494 82.22 18.97 9.63
C MET D 494 81.47 17.66 9.74
N GLU D 495 80.15 17.71 9.92
CA GLU D 495 79.37 16.48 10.02
C GLU D 495 78.98 15.92 8.65
N ASP D 496 79.09 16.71 7.59
CA ASP D 496 78.94 16.19 6.24
C ASP D 496 80.20 15.52 5.73
N MET D 497 81.28 15.53 6.50
CA MET D 497 82.51 14.84 6.14
C MET D 497 82.86 13.69 7.07
N GLU D 498 82.41 13.72 8.32
CA GLU D 498 82.65 12.63 9.24
C GLU D 498 81.55 11.59 9.22
N LEU D 499 80.36 11.93 8.73
CA LEU D 499 79.21 11.05 8.77
C LEU D 499 78.80 10.51 7.40
N ILE D 500 78.77 11.36 6.38
CA ILE D 500 78.25 10.96 5.07
C ILE D 500 79.32 10.91 3.99
N LEU D 501 80.56 11.30 4.28
CA LEU D 501 81.63 11.21 3.31
C LEU D 501 82.67 10.17 3.65
N HIS D 502 82.93 9.94 4.93
CA HIS D 502 83.88 8.90 5.34
C HIS D 502 83.41 7.50 4.95
N PRO D 503 82.14 7.13 5.13
CA PRO D 503 81.71 5.80 4.70
C PRO D 503 81.85 5.59 3.20
N MET D 504 81.61 6.63 2.39
CA MET D 504 81.74 6.48 0.95
C MET D 504 83.15 6.11 0.54
N VAL D 505 84.14 6.88 1.00
CA VAL D 505 85.52 6.63 0.60
C VAL D 505 86.06 5.38 1.29
N GLU D 506 85.55 5.05 2.47
CA GLU D 506 86.07 3.90 3.21
C GLU D 506 85.56 2.58 2.62
N ASP D 507 84.25 2.46 2.46
CA ASP D 507 83.62 1.21 2.05
C ASP D 507 83.15 1.23 0.60
N GLY D 508 82.37 2.22 0.21
CA GLY D 508 81.74 2.26 -1.08
C GLY D 508 80.23 2.26 -1.04
N LYS D 509 79.62 2.47 0.12
CA LYS D 509 78.18 2.52 0.26
C LYS D 509 77.82 3.71 1.15
N GLU D 510 76.57 4.16 1.02
CA GLU D 510 76.15 5.38 1.68
C GLU D 510 75.88 5.13 3.17
N ALA D 511 75.57 6.20 3.88
CA ALA D 511 75.30 6.09 5.31
C ALA D 511 73.94 5.44 5.54
N ILE D 512 73.65 5.14 6.80
CA ILE D 512 72.41 4.49 7.20
C ILE D 512 71.90 5.15 8.47
N GLY D 513 70.64 5.58 8.45
CA GLY D 513 70.02 6.20 9.60
C GLY D 513 68.95 5.30 10.19
N SER D 514 68.48 5.62 11.39
CA SER D 514 67.56 4.73 12.08
C SER D 514 66.44 5.50 12.75
N MET D 515 65.92 6.54 12.10
CA MET D 515 64.75 7.24 12.62
C MET D 515 64.27 8.22 11.56
N GLY D 516 63.05 8.69 11.74
CA GLY D 516 62.44 9.59 10.78
C GLY D 516 63.08 10.97 10.77
N ASP D 517 62.55 11.82 9.91
CA ASP D 517 63.02 13.19 9.75
C ASP D 517 62.12 14.14 10.51
N ASP D 518 62.66 14.81 11.51
CA ASP D 518 61.91 15.76 12.32
C ASP D 518 62.49 17.17 12.23
N SER D 519 63.24 17.44 11.20
CA SER D 519 63.82 18.74 10.90
C SER D 519 62.84 19.57 10.08
N PRO D 520 62.85 20.89 10.23
CA PRO D 520 61.89 21.73 9.49
C PRO D 520 62.12 21.67 7.99
N ILE D 521 61.05 21.99 7.25
CA ILE D 521 61.10 22.04 5.80
C ILE D 521 61.93 23.24 5.36
N ALA D 522 62.26 23.30 4.07
CA ALA D 522 63.29 24.22 3.60
C ALA D 522 62.89 25.67 3.83
N VAL D 523 61.70 26.06 3.39
CA VAL D 523 61.33 27.48 3.44
C VAL D 523 61.13 27.95 4.87
N LEU D 524 60.59 27.11 5.75
CA LEU D 524 60.39 27.50 7.13
C LEU D 524 61.66 27.44 7.97
N SER D 525 62.78 27.05 7.37
CA SER D 525 64.04 26.99 8.09
C SER D 525 64.59 28.40 8.31
N ASP D 526 65.73 28.46 8.98
CA ASP D 526 66.41 29.74 9.24
C ASP D 526 67.90 29.71 8.98
N LYS D 527 68.49 28.53 8.74
CA LYS D 527 69.89 28.44 8.36
C LYS D 527 70.01 28.58 6.85
N TYR D 528 71.19 28.32 6.30
CA TYR D 528 71.38 28.33 4.84
C TYR D 528 71.20 26.90 4.34
N ARG D 529 69.99 26.59 3.90
CA ARG D 529 69.71 25.32 3.26
C ARG D 529 69.91 25.45 1.76
N GLY D 530 70.75 24.57 1.20
CA GLY D 530 71.03 24.63 -0.22
C GLY D 530 69.79 24.48 -1.06
N LEU D 531 69.89 24.95 -2.31
CA LEU D 531 68.74 24.93 -3.20
C LEU D 531 68.29 23.53 -3.53
N HIS D 532 69.15 22.53 -3.38
CA HIS D 532 68.78 21.16 -3.68
C HIS D 532 67.95 20.51 -2.58
N HIS D 533 67.63 21.25 -1.52
CA HIS D 533 66.75 20.75 -0.47
C HIS D 533 65.27 21.02 -0.76
N PHE D 534 64.97 21.86 -1.74
CA PHE D 534 63.60 22.19 -2.08
C PHE D 534 62.96 21.18 -3.03
N PHE D 535 63.73 20.24 -3.56
CA PHE D 535 63.25 19.29 -4.56
C PHE D 535 63.11 17.92 -3.91
N ARG D 536 61.88 17.45 -3.76
CA ARG D 536 61.62 16.11 -3.29
C ARG D 536 61.66 15.14 -4.46
N GLN D 537 62.15 13.93 -4.18
CA GLN D 537 62.24 12.89 -5.20
C GLN D 537 60.84 12.36 -5.53
N ASN D 538 60.79 11.46 -6.50
CA ASN D 538 59.55 10.81 -6.91
C ASN D 538 59.66 9.31 -6.71
N PHE D 539 58.53 8.63 -6.87
CA PHE D 539 58.45 7.18 -6.75
C PHE D 539 57.14 6.74 -7.38
N SER D 540 56.82 5.45 -7.24
CA SER D 540 55.67 4.87 -7.93
C SER D 540 54.82 4.09 -6.96
N GLN D 541 53.53 4.44 -6.90
CA GLN D 541 52.53 3.65 -6.19
C GLN D 541 51.94 2.62 -7.15
N VAL D 542 50.78 2.07 -6.81
CA VAL D 542 50.18 0.90 -7.46
C VAL D 542 50.16 0.99 -8.97
N THR D 543 50.22 2.21 -9.52
CA THR D 543 50.11 2.36 -10.97
C THR D 543 51.34 1.83 -11.71
N ASN D 544 52.50 1.86 -11.07
CA ASN D 544 53.75 1.38 -11.66
C ASN D 544 54.56 0.68 -10.60
N PRO D 545 55.31 -0.35 -10.96
CA PRO D 545 56.18 -1.01 -9.99
C PRO D 545 57.58 -0.42 -10.03
N PRO D 546 58.24 -0.32 -8.88
CA PRO D 546 59.66 0.06 -8.89
C PRO D 546 60.54 -1.06 -9.42
N ILE D 547 61.84 -0.82 -9.51
CA ILE D 547 62.77 -1.80 -10.05
C ILE D 547 63.82 -2.11 -8.99
N ASP D 548 64.12 -3.39 -8.82
CA ASP D 548 65.15 -3.82 -7.88
C ASP D 548 66.53 -3.59 -8.49
N SER D 549 67.38 -2.85 -7.80
CA SER D 549 68.69 -2.49 -8.32
C SER D 549 69.82 -3.30 -7.70
N LEU D 550 69.53 -4.16 -6.74
CA LEU D 550 70.56 -4.99 -6.14
C LEU D 550 70.76 -6.30 -6.89
N ARG D 551 69.70 -6.83 -7.49
CA ARG D 551 69.75 -8.12 -8.17
C ARG D 551 69.54 -7.99 -9.67
N GLU D 552 68.54 -7.22 -10.09
CA GLU D 552 68.30 -6.94 -11.50
C GLU D 552 69.13 -5.75 -11.97
N ARG D 553 70.44 -5.79 -11.71
CA ARG D 553 71.32 -4.72 -12.11
C ARG D 553 71.83 -4.89 -13.54
N ARG D 554 71.62 -6.05 -14.15
CA ARG D 554 72.10 -6.28 -15.52
C ARG D 554 71.29 -5.54 -16.57
N VAL D 555 70.12 -5.01 -16.22
CA VAL D 555 69.25 -4.34 -17.16
C VAL D 555 69.25 -2.83 -16.94
N MET D 556 70.22 -2.32 -16.19
CA MET D 556 70.32 -0.89 -15.90
C MET D 556 71.65 -0.39 -16.42
N SER D 557 71.61 0.64 -17.26
CA SER D 557 72.80 1.18 -17.91
C SER D 557 72.97 2.64 -17.55
N LEU D 558 74.23 3.06 -17.40
CA LEU D 558 74.58 4.44 -17.11
C LEU D 558 75.41 5.07 -18.23
N LYS D 559 75.14 4.66 -19.47
CA LYS D 559 75.90 5.15 -20.61
C LYS D 559 75.61 6.62 -20.87
N THR D 560 76.65 7.37 -21.25
CA THR D 560 76.51 8.77 -21.63
C THR D 560 77.20 8.96 -22.97
N ARG D 561 76.59 9.73 -23.86
CA ARG D 561 77.13 9.95 -25.20
C ARG D 561 77.15 11.43 -25.51
N LEU D 562 78.32 11.94 -25.90
CA LEU D 562 78.48 13.30 -26.39
C LEU D 562 78.60 13.27 -27.91
N GLY D 563 77.87 14.16 -28.57
CA GLY D 563 77.83 14.18 -30.03
C GLY D 563 76.89 13.16 -30.61
N ASN D 564 75.69 13.03 -30.04
CA ASN D 564 74.76 11.96 -30.40
C ASN D 564 73.54 12.46 -31.17
N LEU D 565 72.94 13.55 -30.74
CA LEU D 565 71.68 14.00 -31.33
C LEU D 565 71.85 14.36 -32.80
N GLY D 566 70.91 13.93 -33.61
CA GLY D 566 70.97 14.22 -35.03
C GLY D 566 69.66 13.88 -35.71
N ASN D 567 69.73 13.68 -37.02
CA ASN D 567 68.57 13.28 -37.79
C ASN D 567 68.16 11.88 -37.38
N ILE D 568 66.94 11.74 -36.88
CA ILE D 568 66.45 10.46 -36.39
C ILE D 568 65.68 9.74 -37.49
N LEU D 569 65.84 10.20 -38.72
CA LEU D 569 65.18 9.59 -39.87
C LEU D 569 66.20 9.18 -40.93
N ASP D 570 67.38 8.76 -40.51
CA ASP D 570 68.45 8.39 -41.43
C ASP D 570 69.05 7.06 -41.00
N GLU D 571 69.79 6.45 -41.94
CA GLU D 571 70.49 5.18 -41.71
C GLU D 571 71.82 5.27 -42.44
N ASP D 572 72.86 5.68 -41.73
CA ASP D 572 74.18 5.82 -42.32
C ASP D 572 75.21 5.74 -41.20
N GLU D 573 76.48 5.65 -41.61
CA GLU D 573 77.56 5.46 -40.65
C GLU D 573 77.89 6.72 -39.86
N THR D 574 77.49 7.89 -40.35
CA THR D 574 77.75 9.12 -39.62
C THR D 574 76.86 9.27 -38.38
N GLN D 575 75.87 8.41 -38.21
CA GLN D 575 74.99 8.48 -37.05
C GLN D 575 75.63 7.95 -35.78
N THR D 576 76.64 7.09 -35.90
CA THR D 576 77.25 6.41 -34.77
C THR D 576 78.69 6.86 -34.55
N ARG D 577 78.96 8.15 -34.75
CA ARG D 577 80.29 8.73 -34.52
C ARG D 577 80.15 9.74 -33.37
N LEU D 578 80.58 9.33 -32.18
CA LEU D 578 80.42 10.15 -30.99
C LEU D 578 81.46 9.73 -29.96
N LEU D 579 81.36 10.31 -28.77
CA LEU D 579 82.20 9.91 -27.64
C LEU D 579 81.32 9.30 -26.56
N GLN D 580 81.77 8.18 -25.99
CA GLN D 580 80.96 7.43 -25.05
C GLN D 580 81.68 7.32 -23.71
N LEU D 581 81.02 7.78 -22.65
CA LEU D 581 81.48 7.61 -21.29
C LEU D 581 80.61 6.59 -20.57
N GLU D 582 81.23 5.84 -19.66
CA GLU D 582 80.54 4.78 -18.94
C GLU D 582 79.89 5.25 -17.65
N SER D 583 79.94 6.55 -17.36
CA SER D 583 79.32 7.09 -16.15
C SER D 583 79.16 8.58 -16.33
N PRO D 584 78.04 9.18 -15.91
CA PRO D 584 77.86 10.62 -16.10
C PRO D 584 78.69 11.46 -15.15
N VAL D 585 79.25 10.90 -14.11
CA VAL D 585 80.08 11.64 -13.17
C VAL D 585 81.54 11.47 -13.56
N LEU D 586 82.30 12.56 -13.50
CA LEU D 586 83.68 12.57 -13.95
C LEU D 586 84.61 12.98 -12.81
N THR D 587 85.81 12.41 -12.82
CA THR D 587 86.87 12.83 -11.91
C THR D 587 87.59 14.00 -12.58
N THR D 588 88.53 14.64 -11.87
CA THR D 588 89.21 15.80 -12.44
C THR D 588 90.13 15.40 -13.60
N ALA D 589 90.85 14.29 -13.46
CA ALA D 589 91.71 13.84 -14.54
C ALA D 589 90.89 13.45 -15.77
N GLU D 590 89.79 12.72 -15.57
CA GLU D 590 88.93 12.37 -16.69
C GLU D 590 88.32 13.61 -17.32
N PHE D 591 87.98 14.61 -16.50
CA PHE D 591 87.46 15.85 -17.04
C PHE D 591 88.50 16.56 -17.90
N ARG D 592 89.75 16.58 -17.45
CA ARG D 592 90.79 17.23 -18.24
C ARG D 592 91.03 16.49 -19.55
N ALA D 593 91.02 15.15 -19.50
CA ALA D 593 91.17 14.38 -20.73
C ALA D 593 90.03 14.68 -21.71
N MET D 594 88.79 14.72 -21.20
CA MET D 594 87.65 15.02 -22.07
C MET D 594 87.74 16.44 -22.62
N ARG D 595 88.21 17.39 -21.81
CA ARG D 595 88.34 18.76 -22.27
C ARG D 595 89.39 18.90 -23.36
N ASP D 596 90.51 18.19 -23.20
CA ASP D 596 91.54 18.23 -24.23
C ASP D 596 91.09 17.51 -25.50
N TYR D 597 90.25 16.49 -25.37
CA TYR D 597 89.68 15.87 -26.56
C TYR D 597 88.70 16.80 -27.26
N MET D 598 87.92 17.56 -26.48
CA MET D 598 86.99 18.51 -27.07
C MET D 598 87.75 19.60 -27.82
N GLY D 599 88.64 20.30 -27.12
CA GLY D 599 89.50 21.25 -27.80
C GLY D 599 88.81 22.56 -28.09
N ASP D 600 88.92 23.01 -29.33
CA ASP D 600 88.48 24.35 -29.72
C ASP D 600 87.00 24.40 -30.10
N THR D 601 86.22 23.40 -29.70
CA THR D 601 84.78 23.44 -29.92
C THR D 601 83.99 23.78 -28.67
N ALA D 602 84.64 23.80 -27.51
CA ALA D 602 83.98 24.10 -26.25
C ALA D 602 84.01 25.59 -25.96
N ALA D 603 83.04 26.04 -25.17
CA ALA D 603 82.94 27.44 -24.78
C ALA D 603 82.61 27.50 -23.29
N GLU D 604 83.48 28.14 -22.52
CA GLU D 604 83.30 28.25 -21.08
C GLU D 604 82.41 29.45 -20.75
N ILE D 605 81.52 29.27 -19.78
CA ILE D 605 80.58 30.30 -19.37
C ILE D 605 80.73 30.51 -17.87
N ASP D 606 80.90 31.77 -17.46
CA ASP D 606 80.98 32.08 -16.05
C ASP D 606 79.60 31.96 -15.40
N ALA D 607 79.59 31.66 -14.10
CA ALA D 607 78.35 31.47 -13.37
C ALA D 607 78.41 32.17 -12.02
N THR D 608 78.96 33.39 -12.00
CA THR D 608 79.11 34.15 -10.78
C THR D 608 78.45 35.52 -10.94
N PHE D 609 77.84 36.00 -9.88
CA PHE D 609 77.29 37.34 -9.94
C PHE D 609 77.97 38.24 -8.93
N PRO D 610 78.16 39.52 -9.26
CA PRO D 610 78.88 40.42 -8.35
C PRO D 610 78.09 40.67 -7.07
N VAL D 611 78.80 40.59 -5.95
CA VAL D 611 78.18 40.84 -4.65
C VAL D 611 77.73 42.30 -4.54
N ASP D 612 78.40 43.20 -5.26
CA ASP D 612 78.03 44.61 -5.28
C ASP D 612 77.13 44.96 -6.45
N GLY D 613 76.45 43.98 -7.02
CA GLY D 613 75.60 44.25 -8.18
C GLY D 613 74.39 45.11 -7.82
N GLY D 614 73.69 44.74 -6.75
CA GLY D 614 72.53 45.47 -6.32
C GLY D 614 71.38 44.56 -5.93
N PRO D 615 70.17 45.11 -5.89
CA PRO D 615 69.01 44.32 -5.47
C PRO D 615 68.53 43.33 -6.52
N GLU D 616 69.01 43.43 -7.76
CA GLU D 616 68.62 42.53 -8.84
C GLU D 616 69.83 42.04 -9.61
N ALA D 617 70.86 41.59 -8.88
CA ALA D 617 72.07 41.14 -9.55
C ALA D 617 71.93 39.71 -10.06
N LEU D 618 71.22 38.86 -9.32
CA LEU D 618 71.09 37.46 -9.73
C LEU D 618 70.30 37.32 -11.01
N ARG D 619 69.21 38.09 -11.16
CA ARG D 619 68.44 38.07 -12.38
C ARG D 619 69.27 38.54 -13.57
N ASP D 620 70.06 39.60 -13.37
CA ASP D 620 70.93 40.08 -14.44
C ASP D 620 71.96 39.03 -14.84
N ALA D 621 72.53 38.33 -13.85
CA ALA D 621 73.51 37.30 -14.16
C ALA D 621 72.87 36.15 -14.93
N LEU D 622 71.65 35.75 -14.54
CA LEU D 622 70.95 34.71 -15.28
C LEU D 622 70.71 35.13 -16.71
N ARG D 623 70.19 36.34 -16.92
CA ARG D 623 70.00 36.89 -18.25
C ARG D 623 71.30 36.82 -19.05
N ARG D 624 72.39 37.27 -18.44
CA ARG D 624 73.67 37.36 -19.13
C ARG D 624 74.14 35.98 -19.59
N ILE D 625 74.11 34.99 -18.69
CA ILE D 625 74.63 33.69 -19.06
C ILE D 625 73.72 33.01 -20.09
N ARG D 626 72.40 33.18 -19.96
CA ARG D 626 71.51 32.52 -20.91
C ARG D 626 71.52 33.22 -22.26
N GLN D 627 72.03 34.45 -22.33
CA GLN D 627 72.28 35.05 -23.64
C GLN D 627 73.63 34.65 -24.23
N GLU D 628 74.68 34.60 -23.40
CA GLU D 628 75.99 34.21 -23.91
C GLU D 628 75.97 32.79 -24.44
N THR D 629 75.23 31.89 -23.77
CA THR D 629 75.19 30.50 -24.23
C THR D 629 74.59 30.42 -25.63
N GLU D 630 73.47 31.11 -25.86
CA GLU D 630 72.85 31.10 -27.18
C GLU D 630 73.74 31.75 -28.22
N ASP D 631 74.40 32.85 -27.87
CA ASP D 631 75.28 33.52 -28.82
C ASP D 631 76.49 32.66 -29.16
N ALA D 632 76.94 31.82 -28.23
CA ALA D 632 78.09 30.97 -28.50
C ALA D 632 77.70 29.72 -29.27
N VAL D 633 76.49 29.21 -29.07
CA VAL D 633 76.07 28.01 -29.80
C VAL D 633 75.88 28.34 -31.29
N ARG D 634 75.33 29.51 -31.60
CA ARG D 634 75.16 29.91 -32.99
C ARG D 634 76.50 30.10 -33.70
N GLY D 635 77.58 30.30 -32.95
CA GLY D 635 78.88 30.54 -33.52
C GLY D 635 79.73 29.31 -33.77
N GLY D 636 79.14 28.11 -33.71
CA GLY D 636 79.85 26.89 -34.01
C GLY D 636 80.26 26.07 -32.81
N ALA D 637 80.16 26.62 -31.60
CA ALA D 637 80.51 25.86 -30.41
C ALA D 637 79.54 24.71 -30.22
N THR D 638 80.09 23.52 -29.96
CA THR D 638 79.28 22.31 -29.80
C THR D 638 79.43 21.70 -28.41
N HIS D 639 80.00 22.43 -27.46
CA HIS D 639 80.13 21.95 -26.09
C HIS D 639 80.11 23.15 -25.17
N VAL D 640 79.31 23.06 -24.10
CA VAL D 640 79.13 24.17 -23.17
C VAL D 640 79.62 23.71 -21.80
N ILE D 641 80.66 24.37 -21.30
CA ILE D 641 81.23 24.07 -19.99
C ILE D 641 80.86 25.21 -19.06
N LEU D 642 79.95 24.94 -18.14
CA LEU D 642 79.40 25.95 -17.25
C LEU D 642 80.14 25.84 -15.91
N THR D 643 81.15 26.69 -15.74
CA THR D 643 82.02 26.62 -14.57
C THR D 643 81.79 27.81 -13.64
N ASP D 644 82.25 27.65 -12.40
CA ASP D 644 82.13 28.70 -11.39
C ASP D 644 83.42 28.82 -10.58
N GLU D 645 84.56 28.61 -11.22
CA GLU D 645 85.85 28.72 -10.56
C GLU D 645 86.27 30.16 -10.32
N ALA D 646 85.47 31.14 -10.71
CA ALA D 646 85.79 32.54 -10.51
C ALA D 646 85.22 33.09 -9.21
N MET D 647 84.75 32.21 -8.31
CA MET D 647 84.16 32.67 -7.06
C MET D 647 85.25 33.19 -6.14
N GLY D 648 85.12 34.45 -5.73
CA GLY D 648 86.10 35.06 -4.87
C GLY D 648 85.46 35.99 -3.85
N PRO D 649 86.27 36.84 -3.22
CA PRO D 649 85.72 37.75 -2.20
C PRO D 649 84.75 38.78 -2.73
N ALA D 650 84.64 38.96 -4.05
CA ALA D 650 83.76 39.97 -4.63
C ALA D 650 82.77 39.40 -5.63
N ARG D 651 82.73 38.08 -5.81
CA ARG D 651 81.82 37.45 -6.75
C ARG D 651 81.21 36.22 -6.10
N ALA D 652 79.89 36.23 -5.91
CA ALA D 652 79.21 35.08 -5.34
C ALA D 652 78.85 34.09 -6.44
N ALA D 653 78.64 32.84 -6.04
CA ALA D 653 78.40 31.76 -6.99
C ALA D 653 76.90 31.56 -7.17
N ILE D 654 76.45 31.60 -8.43
CA ILE D 654 75.05 31.29 -8.73
C ILE D 654 74.78 29.84 -8.33
N PRO D 655 73.64 29.53 -7.74
CA PRO D 655 73.31 28.12 -7.49
C PRO D 655 73.31 27.34 -8.79
N ALA D 656 74.06 26.23 -8.79
CA ALA D 656 74.31 25.50 -10.03
C ALA D 656 73.02 25.00 -10.66
N ILE D 657 72.07 24.55 -9.83
CA ILE D 657 70.82 24.02 -10.35
C ILE D 657 70.08 25.08 -11.15
N LEU D 658 69.99 26.29 -10.60
CA LEU D 658 69.30 27.37 -11.29
C LEU D 658 69.98 27.71 -12.61
N ALA D 659 71.31 27.77 -12.61
CA ALA D 659 72.04 28.10 -13.83
C ALA D 659 71.79 27.05 -14.91
N THR D 660 71.98 25.77 -14.57
CA THR D 660 71.79 24.75 -15.60
C THR D 660 70.35 24.65 -16.05
N GLY D 661 69.39 24.89 -15.15
CA GLY D 661 68.00 24.89 -15.57
C GLY D 661 67.70 25.98 -16.56
N ALA D 662 68.12 27.21 -16.24
CA ALA D 662 67.91 28.33 -17.15
C ALA D 662 68.55 28.05 -18.51
N VAL D 663 69.80 27.58 -18.50
CA VAL D 663 70.51 27.37 -19.76
C VAL D 663 69.84 26.28 -20.59
N HIS D 664 69.50 25.15 -19.97
CA HIS D 664 68.90 24.06 -20.71
C HIS D 664 67.52 24.43 -21.25
N THR D 665 66.72 25.13 -20.45
CA THR D 665 65.40 25.53 -20.92
C THR D 665 65.50 26.53 -22.06
N HIS D 666 66.44 27.48 -21.97
CA HIS D 666 66.62 28.43 -23.06
C HIS D 666 67.07 27.73 -24.34
N LEU D 667 68.00 26.78 -24.22
CA LEU D 667 68.45 26.06 -25.40
C LEU D 667 67.34 25.23 -26.01
N ILE D 668 66.46 24.67 -25.18
CA ILE D 668 65.35 23.89 -25.71
C ILE D 668 64.35 24.78 -26.42
N ARG D 669 64.07 25.95 -25.84
CA ARG D 669 63.07 26.84 -26.44
C ARG D 669 63.55 27.44 -27.75
N SER D 670 64.86 27.63 -27.91
CA SER D 670 65.42 28.30 -29.08
C SER D 670 65.86 27.34 -30.17
N ASN D 671 65.54 26.04 -30.04
CA ASN D 671 65.91 25.03 -31.02
C ASN D 671 67.42 25.00 -31.24
N LEU D 672 68.17 24.90 -30.15
CA LEU D 672 69.62 24.79 -30.20
C LEU D 672 70.18 23.70 -29.31
N ARG D 673 69.39 23.15 -28.38
CA ARG D 673 69.86 22.05 -27.54
C ARG D 673 70.27 20.84 -28.36
N THR D 674 69.73 20.69 -29.57
CA THR D 674 70.08 19.58 -30.44
C THR D 674 71.50 19.66 -30.97
N PHE D 675 72.22 20.76 -30.71
CA PHE D 675 73.54 20.96 -31.28
C PHE D 675 74.68 20.66 -30.31
N THR D 676 74.48 20.87 -29.01
CA THR D 676 75.58 20.82 -28.07
C THR D 676 75.36 19.84 -26.94
N SER D 677 76.25 19.86 -25.96
CA SER D 677 76.11 19.15 -24.69
C SER D 677 76.05 20.18 -23.57
N LEU D 678 76.09 19.71 -22.33
CA LEU D 678 75.99 20.60 -21.18
C LEU D 678 76.80 20.00 -20.04
N ASN D 679 77.98 20.57 -19.78
CA ASN D 679 78.88 20.09 -18.75
C ASN D 679 78.96 21.11 -17.63
N VAL D 680 78.83 20.64 -16.40
CA VAL D 680 78.76 21.50 -15.22
C VAL D 680 79.90 21.16 -14.28
N ARG D 681 80.60 22.19 -13.81
CA ARG D 681 81.61 22.07 -12.76
C ARG D 681 81.04 22.72 -11.50
N THR D 682 80.68 21.90 -10.52
CA THR D 682 80.06 22.38 -9.29
C THR D 682 81.06 22.37 -8.16
N ALA D 683 80.84 23.24 -7.18
CA ALA D 683 81.64 23.30 -5.98
C ALA D 683 80.88 22.88 -4.73
N GLU D 684 79.57 22.65 -4.84
CA GLU D 684 78.76 22.21 -3.72
C GLU D 684 78.44 20.72 -3.76
N GLY D 685 78.75 20.04 -4.86
CA GLY D 685 78.42 18.63 -5.00
C GLY D 685 79.19 17.75 -4.05
N LEU D 686 78.49 17.20 -3.05
CA LEU D 686 79.08 16.26 -2.13
C LEU D 686 78.20 15.04 -1.86
N ASP D 687 76.89 15.13 -2.05
CA ASP D 687 75.97 14.04 -1.78
C ASP D 687 75.35 13.54 -3.08
N THR D 688 74.75 12.36 -3.01
CA THR D 688 74.18 11.73 -4.19
C THR D 688 72.93 12.45 -4.68
N HIS D 689 72.22 13.17 -3.82
CA HIS D 689 71.01 13.85 -4.24
C HIS D 689 71.31 15.05 -5.13
N TYR D 690 72.50 15.61 -5.04
CA TYR D 690 72.91 16.72 -5.90
C TYR D 690 73.04 16.26 -7.34
N PHE D 691 73.85 15.23 -7.59
CA PHE D 691 74.02 14.72 -8.94
C PHE D 691 72.68 14.32 -9.54
N ALA D 692 71.80 13.74 -8.73
CA ALA D 692 70.50 13.33 -9.22
C ALA D 692 69.72 14.50 -9.77
N VAL D 693 69.62 15.59 -8.99
CA VAL D 693 68.82 16.73 -9.45
C VAL D 693 69.50 17.44 -10.61
N LEU D 694 70.83 17.50 -10.62
CA LEU D 694 71.51 18.14 -11.75
C LEU D 694 71.28 17.38 -13.05
N ILE D 695 71.33 16.05 -13.01
CA ILE D 695 71.08 15.30 -14.23
C ILE D 695 69.60 15.30 -14.59
N GLY D 696 68.73 15.38 -13.58
CA GLY D 696 67.30 15.46 -13.88
C GLY D 696 66.90 16.77 -14.50
N VAL D 697 67.62 17.84 -14.18
CA VAL D 697 67.30 19.15 -14.75
C VAL D 697 67.76 19.24 -16.20
N GLY D 698 68.83 18.53 -16.58
CA GLY D 698 69.24 18.54 -17.96
C GLY D 698 70.73 18.46 -18.23
N ALA D 699 71.55 18.53 -17.19
CA ALA D 699 72.99 18.44 -17.37
C ALA D 699 73.37 17.10 -18.00
N THR D 700 74.47 17.11 -18.77
CA THR D 700 74.95 15.89 -19.41
C THR D 700 75.97 15.17 -18.54
N THR D 701 77.08 15.84 -18.22
CA THR D 701 78.10 15.31 -17.33
C THR D 701 78.32 16.28 -16.18
N VAL D 702 78.56 15.74 -15.00
CA VAL D 702 78.72 16.54 -13.79
C VAL D 702 80.10 16.29 -13.21
N ASN D 703 80.82 17.38 -12.92
CA ASN D 703 82.14 17.31 -12.32
C ASN D 703 82.12 17.99 -10.96
N ALA D 704 82.64 17.29 -9.94
CA ALA D 704 82.70 17.82 -8.57
C ALA D 704 84.16 17.79 -8.15
N TYR D 705 84.80 18.96 -8.13
CA TYR D 705 86.22 19.03 -7.82
C TYR D 705 86.49 19.31 -6.34
N LEU D 706 85.58 20.03 -5.67
CA LEU D 706 85.82 20.35 -4.26
C LEU D 706 85.74 19.11 -3.39
N ALA D 707 84.84 18.18 -3.72
CA ALA D 707 84.80 16.93 -2.98
C ALA D 707 86.10 16.15 -3.13
N GLN D 708 86.66 16.13 -4.34
CA GLN D 708 87.94 15.45 -4.55
C GLN D 708 89.05 16.13 -3.78
N GLU D 709 89.06 17.47 -3.77
CA GLU D 709 90.06 18.19 -3.00
C GLU D 709 89.96 17.86 -1.52
N ALA D 710 88.74 17.81 -0.99
CA ALA D 710 88.55 17.48 0.42
C ALA D 710 88.99 16.05 0.72
N ILE D 711 88.71 15.13 -0.20
CA ILE D 711 89.15 13.74 0.00
C ILE D 711 90.66 13.67 0.05
N ALA D 712 91.33 14.36 -0.88
CA ALA D 712 92.79 14.35 -0.90
C ALA D 712 93.36 14.97 0.38
N GLU D 713 92.76 16.07 0.84
CA GLU D 713 93.25 16.72 2.05
C GLU D 713 93.05 15.85 3.27
N ARG D 714 91.90 15.18 3.38
CA ARG D 714 91.68 14.26 4.49
C ARG D 714 92.60 13.05 4.40
N HIS D 715 93.02 12.68 3.19
CA HIS D 715 93.90 11.53 3.04
C HIS D 715 95.34 11.86 3.47
N ARG D 716 95.84 13.03 3.07
CA ARG D 716 97.23 13.35 3.40
C ARG D 716 97.44 13.47 4.90
N ARG D 717 96.39 13.76 5.67
CA ARG D 717 96.50 13.69 7.12
C ARG D 717 96.54 12.26 7.63
N GLY D 718 96.27 11.27 6.78
CA GLY D 718 96.32 9.89 7.17
C GLY D 718 95.14 9.45 8.02
N LEU D 719 93.93 9.68 7.52
CA LEU D 719 92.72 9.28 8.23
C LEU D 719 92.14 7.97 7.74
N PHE D 720 92.26 7.68 6.44
CA PHE D 720 91.71 6.44 5.90
C PHE D 720 92.55 5.22 6.26
N GLY D 721 93.79 5.42 6.68
CA GLY D 721 94.63 4.30 7.07
C GLY D 721 95.75 4.01 6.09
N SER D 722 95.66 2.89 5.39
CA SER D 722 96.72 2.45 4.50
C SER D 722 96.23 2.26 3.06
N MET D 723 95.18 2.97 2.67
CA MET D 723 94.76 2.73 1.30
C MET D 723 95.25 3.86 0.39
N PRO D 724 95.60 3.54 -0.85
CA PRO D 724 96.04 4.58 -1.79
C PRO D 724 94.94 5.56 -2.12
N LEU D 725 95.31 6.61 -2.83
CA LEU D 725 94.34 7.64 -3.19
C LEU D 725 93.44 7.20 -4.33
N GLU D 726 93.99 6.47 -5.30
CA GLU D 726 93.19 6.02 -6.43
C GLU D 726 92.10 5.05 -5.98
N LYS D 727 92.42 4.18 -5.03
CA LYS D 727 91.40 3.28 -4.49
C LYS D 727 90.29 4.06 -3.81
N GLY D 728 90.66 5.12 -3.07
CA GLY D 728 89.63 5.95 -2.44
C GLY D 728 88.74 6.63 -3.44
N MET D 729 89.33 7.21 -4.49
CA MET D 729 88.53 7.85 -5.52
C MET D 729 87.62 6.85 -6.23
N ALA D 730 88.13 5.65 -6.50
CA ALA D 730 87.32 4.62 -7.14
C ALA D 730 86.15 4.23 -6.24
N ASN D 731 86.39 4.07 -4.95
CA ASN D 731 85.31 3.73 -4.02
C ASN D 731 84.26 4.82 -3.98
N TYR D 732 84.71 6.08 -3.95
CA TYR D 732 83.78 7.21 -3.91
C TYR D 732 82.92 7.23 -5.16
N LYS D 733 83.54 7.05 -6.33
CA LYS D 733 82.79 7.06 -7.58
C LYS D 733 81.81 5.90 -7.64
N LYS D 734 82.23 4.72 -7.18
CA LYS D 734 81.33 3.57 -7.18
C LYS D 734 80.13 3.82 -6.27
N ALA D 735 80.36 4.42 -5.10
CA ALA D 735 79.26 4.73 -4.20
C ALA D 735 78.30 5.73 -4.84
N ILE D 736 78.84 6.74 -5.52
CA ILE D 736 77.99 7.72 -6.17
C ILE D 736 77.15 7.07 -7.28
N ASP D 737 77.76 6.18 -8.05
CA ASP D 737 77.01 5.52 -9.13
C ASP D 737 75.94 4.60 -8.57
N ASP D 738 76.22 3.89 -7.47
CA ASP D 738 75.21 3.04 -6.88
C ASP D 738 74.05 3.86 -6.30
N GLY D 739 74.37 5.01 -5.69
CA GLY D 739 73.30 5.88 -5.22
C GLY D 739 72.47 6.45 -6.35
N LEU D 740 73.11 6.78 -7.47
CA LEU D 740 72.38 7.22 -8.65
C LEU D 740 71.45 6.13 -9.16
N LEU D 741 71.93 4.90 -9.20
CA LEU D 741 71.07 3.79 -9.62
C LEU D 741 69.89 3.62 -8.67
N LYS D 742 70.13 3.77 -7.37
CA LYS D 742 69.03 3.64 -6.41
C LYS D 742 67.99 4.73 -6.60
N ILE D 743 68.44 5.98 -6.78
CA ILE D 743 67.49 7.07 -6.98
C ILE D 743 66.74 6.89 -8.29
N MET D 744 67.42 6.39 -9.32
CA MET D 744 66.79 6.18 -10.61
C MET D 744 65.77 5.05 -10.57
N SER D 745 66.01 4.04 -9.74
CA SER D 745 65.14 2.87 -9.72
C SER D 745 63.89 3.04 -8.87
N LYS D 746 63.80 4.12 -8.10
CA LYS D 746 62.58 4.36 -7.32
C LYS D 746 61.38 4.65 -8.21
N MET D 747 61.61 5.07 -9.45
CA MET D 747 60.53 5.43 -10.36
C MET D 747 60.23 4.36 -11.39
N GLY D 748 61.16 3.46 -11.65
CA GLY D 748 60.99 2.45 -12.68
C GLY D 748 61.77 2.71 -13.96
N ILE D 749 62.75 3.60 -13.93
CA ILE D 749 63.55 3.94 -15.09
C ILE D 749 64.86 3.18 -15.01
N SER D 750 65.17 2.38 -16.03
CA SER D 750 66.37 1.57 -16.05
C SER D 750 67.47 2.14 -16.93
N VAL D 751 67.27 3.31 -17.52
CA VAL D 751 68.26 3.94 -18.38
C VAL D 751 68.40 5.40 -17.99
N ILE D 752 69.63 5.92 -18.09
CA ILE D 752 69.88 7.30 -17.72
C ILE D 752 69.59 8.24 -18.88
N SER D 753 69.67 7.75 -20.12
CA SER D 753 69.52 8.64 -21.28
C SER D 753 68.12 9.20 -21.38
N SER D 754 67.10 8.45 -20.94
CA SER D 754 65.74 8.93 -20.95
C SER D 754 65.32 9.58 -19.63
N TYR D 755 66.16 9.50 -18.60
CA TYR D 755 65.91 10.16 -17.33
C TYR D 755 66.45 11.58 -17.29
N ARG D 756 67.45 11.88 -18.11
CA ARG D 756 68.07 13.19 -18.07
C ARG D 756 67.15 14.25 -18.66
N GLY D 757 67.04 15.38 -17.99
CA GLY D 757 66.23 16.47 -18.49
C GLY D 757 64.76 16.18 -18.57
N GLY D 758 64.20 15.52 -17.54
CA GLY D 758 62.80 15.21 -17.53
C GLY D 758 62.05 15.90 -16.41
N GLY D 759 62.76 16.18 -15.31
CA GLY D 759 62.14 16.82 -14.18
C GLY D 759 61.35 15.86 -13.33
N ASN D 760 61.97 14.75 -12.95
CA ASN D 760 61.32 13.74 -12.11
C ASN D 760 61.43 14.10 -10.62
N PHE D 761 61.01 15.32 -10.28
CA PHE D 761 61.10 15.81 -8.93
C PHE D 761 59.87 16.65 -8.64
N GLU D 762 59.78 17.19 -7.44
CA GLU D 762 58.68 18.09 -7.08
C GLU D 762 59.21 19.18 -6.18
N ALA D 763 59.00 20.43 -6.57
CA ALA D 763 59.49 21.57 -5.82
C ALA D 763 58.45 21.98 -4.78
N ILE D 764 58.87 22.09 -3.52
CA ILE D 764 58.00 22.53 -2.43
C ILE D 764 58.65 23.75 -1.80
N GLY D 765 58.07 24.92 -2.08
CA GLY D 765 58.57 26.16 -1.54
C GLY D 765 59.20 27.10 -2.55
N LEU D 766 59.13 26.80 -3.84
CA LEU D 766 59.61 27.69 -4.89
C LEU D 766 58.42 28.31 -5.59
N SER D 767 58.52 29.60 -5.91
CA SER D 767 57.39 30.34 -6.46
C SER D 767 56.96 29.73 -7.78
N ARG D 768 55.66 29.88 -8.08
CA ARG D 768 55.09 29.29 -9.28
C ARG D 768 55.74 29.84 -10.54
N ALA D 769 55.96 31.16 -10.59
CA ALA D 769 56.55 31.77 -11.76
C ALA D 769 57.96 31.27 -12.00
N LEU D 770 58.77 31.20 -10.94
CA LEU D 770 60.17 30.78 -11.08
C LEU D 770 60.25 29.37 -11.64
N VAL D 771 59.49 28.44 -11.07
CA VAL D 771 59.53 27.06 -11.53
C VAL D 771 58.98 26.95 -12.94
N ALA D 772 57.86 27.60 -13.23
CA ALA D 772 57.27 27.53 -14.55
C ALA D 772 58.13 28.19 -15.61
N GLU D 773 59.08 29.05 -15.22
CA GLU D 773 59.92 29.75 -16.17
C GLU D 773 61.27 29.08 -16.37
N HIS D 774 61.92 28.61 -15.31
CA HIS D 774 63.28 28.08 -15.41
C HIS D 774 63.35 26.56 -15.37
N PHE D 775 62.29 25.87 -15.01
CA PHE D 775 62.35 24.43 -14.94
C PHE D 775 61.32 23.78 -15.85
N PRO D 776 61.67 22.70 -16.54
CA PRO D 776 60.84 22.21 -17.65
C PRO D 776 59.42 21.84 -17.25
N ALA D 777 59.25 20.87 -16.35
CA ALA D 777 57.92 20.39 -15.99
C ALA D 777 57.98 19.91 -14.55
N MET D 778 57.64 20.79 -13.62
CA MET D 778 57.52 20.45 -12.22
C MET D 778 56.33 21.19 -11.64
N VAL D 779 55.78 20.65 -10.56
CA VAL D 779 54.59 21.19 -9.91
C VAL D 779 55.00 21.79 -8.58
N SER D 780 54.58 23.02 -8.33
CA SER D 780 54.76 23.68 -7.04
C SER D 780 53.35 24.09 -6.60
N ARG D 781 52.69 23.20 -5.85
CA ARG D 781 51.29 23.42 -5.52
C ARG D 781 51.12 24.63 -4.59
N ILE D 782 52.15 24.98 -3.84
CA ILE D 782 52.16 26.19 -3.04
C ILE D 782 53.35 27.04 -3.48
N SER D 783 53.08 28.30 -3.80
CA SER D 783 54.15 29.20 -4.18
C SER D 783 55.08 29.42 -2.99
N GLY D 784 56.30 29.84 -3.29
CA GLY D 784 57.28 30.06 -2.24
C GLY D 784 58.15 31.27 -2.48
N ILE D 785 59.44 31.15 -2.19
CA ILE D 785 60.34 32.28 -2.38
C ILE D 785 60.61 32.48 -3.87
N GLY D 786 60.77 33.73 -4.26
CA GLY D 786 61.12 34.05 -5.63
C GLY D 786 62.62 34.01 -5.84
N LEU D 787 63.17 35.06 -6.43
CA LEU D 787 64.61 35.19 -6.61
C LEU D 787 65.27 36.03 -5.54
N ASN D 788 64.52 36.97 -4.94
CA ASN D 788 65.10 37.86 -3.95
C ASN D 788 65.51 37.10 -2.68
N GLY D 789 64.69 36.15 -2.24
CA GLY D 789 65.06 35.37 -1.07
C GLY D 789 66.31 34.53 -1.30
N ILE D 790 66.40 33.91 -2.48
CA ILE D 790 67.60 33.14 -2.83
C ILE D 790 68.82 34.03 -2.84
N GLN D 791 68.71 35.21 -3.46
CA GLN D 791 69.81 36.14 -3.49
C GLN D 791 70.22 36.56 -2.08
N LYS D 792 69.25 36.84 -1.23
CA LYS D 792 69.55 37.27 0.14
C LYS D 792 70.30 36.17 0.90
N LYS D 793 69.79 34.95 0.83
CA LYS D 793 70.45 33.85 1.54
C LYS D 793 71.87 33.64 1.04
N VAL D 794 72.04 33.63 -0.28
CA VAL D 794 73.37 33.41 -0.86
C VAL D 794 74.33 34.50 -0.43
N LEU D 795 73.89 35.76 -0.49
CA LEU D 795 74.76 36.87 -0.11
C LEU D 795 75.11 36.83 1.37
N GLU D 796 74.16 36.47 2.23
CA GLU D 796 74.45 36.41 3.65
C GLU D 796 75.50 35.35 3.94
N GLN D 797 75.32 34.14 3.38
CA GLN D 797 76.32 33.10 3.63
C GLN D 797 77.68 33.48 3.05
N HIS D 798 77.69 34.11 1.87
CA HIS D 798 78.95 34.49 1.26
C HIS D 798 79.69 35.53 2.09
N ALA D 799 78.96 36.53 2.58
CA ALA D 799 79.58 37.55 3.43
C ALA D 799 80.12 36.93 4.71
N THR D 800 79.31 36.07 5.36
CA THR D 800 79.77 35.39 6.56
C THR D 800 81.04 34.60 6.31
N ALA D 801 81.15 33.99 5.13
CA ALA D 801 82.33 33.18 4.85
C ALA D 801 83.55 34.03 4.52
N TYR D 802 83.38 35.14 3.81
CA TYR D 802 84.52 35.84 3.23
C TYR D 802 84.93 37.12 3.94
N ASN D 803 84.16 37.59 4.93
CA ASN D 803 84.60 38.74 5.70
C ASN D 803 84.93 38.40 7.15
N GLU D 804 84.70 37.16 7.58
CA GLU D 804 85.06 36.71 8.91
C GLU D 804 86.27 35.78 8.83
N GLU D 805 87.20 35.96 9.76
CA GLU D 805 88.40 35.13 9.79
C GLU D 805 88.00 33.72 10.23
N VAL D 806 87.86 32.82 9.26
CA VAL D 806 87.43 31.47 9.54
C VAL D 806 88.63 30.64 9.99
N VAL D 807 88.43 29.86 11.06
CA VAL D 807 89.47 28.98 11.55
C VAL D 807 89.03 27.52 11.61
N ALA D 808 87.73 27.24 11.60
CA ALA D 808 87.24 25.87 11.60
C ALA D 808 85.82 25.87 11.07
N LEU D 809 85.30 24.70 10.84
CA LEU D 809 83.94 24.61 10.35
C LEU D 809 82.98 24.39 11.52
N PRO D 810 81.75 24.88 11.41
CA PRO D 810 80.78 24.64 12.48
C PRO D 810 80.42 23.17 12.54
N VAL D 811 80.12 22.71 13.75
CA VAL D 811 79.79 21.29 13.94
C VAL D 811 78.50 20.95 13.20
N GLY D 812 77.50 21.83 13.27
CA GLY D 812 76.33 21.70 12.44
C GLY D 812 75.35 20.64 12.90
N GLY D 813 74.07 20.96 12.90
CA GLY D 813 73.08 19.95 13.17
C GLY D 813 72.07 19.80 12.06
N PHE D 814 72.17 18.71 11.33
CA PHE D 814 71.16 18.32 10.35
C PHE D 814 70.71 16.89 10.52
N TYR D 815 71.61 15.99 10.91
CA TYR D 815 71.27 14.61 11.19
C TYR D 815 71.25 14.29 12.67
N ARG D 816 71.94 15.07 13.50
CA ARG D 816 71.91 14.91 14.95
C ARG D 816 71.75 16.27 15.59
N PHE D 817 71.03 16.30 16.70
CA PHE D 817 70.73 17.56 17.37
C PHE D 817 72.00 18.16 17.97
N ARG D 818 72.21 19.45 17.72
CA ARG D 818 73.29 20.21 18.33
C ARG D 818 72.77 21.59 18.70
N LYS D 819 73.37 22.18 19.73
CA LYS D 819 72.89 23.46 20.21
C LYS D 819 73.08 24.57 19.18
N SER D 820 74.09 24.45 18.32
CA SER D 820 74.33 25.46 17.30
C SER D 820 73.57 25.21 16.02
N GLY D 821 73.14 23.97 15.77
CA GLY D 821 72.44 23.64 14.55
C GLY D 821 71.00 24.11 14.52
N ASP D 822 70.20 23.52 13.63
CA ASP D 822 68.80 23.90 13.49
C ASP D 822 67.98 23.34 14.65
N ARG D 823 66.69 23.68 14.65
CA ARG D 823 65.78 23.14 15.66
C ARG D 823 65.26 21.78 15.22
N HIS D 824 64.87 20.98 16.20
CA HIS D 824 64.33 19.65 15.95
C HIS D 824 62.96 19.53 16.61
N GLY D 825 62.17 18.59 16.10
CA GLY D 825 60.85 18.36 16.68
C GLY D 825 60.93 17.72 18.05
N TRP D 826 61.87 16.80 18.24
CA TRP D 826 62.04 16.09 19.50
C TRP D 826 63.32 16.57 20.16
N GLU D 827 63.20 17.51 21.08
CA GLU D 827 64.33 17.98 21.88
C GLU D 827 64.38 17.18 23.18
N GLY D 828 65.21 17.62 24.13
CA GLY D 828 65.37 16.88 25.37
C GLY D 828 64.29 17.16 26.39
N GLY D 829 64.02 18.44 26.63
CA GLY D 829 62.99 18.80 27.60
C GLY D 829 61.63 18.23 27.25
N VAL D 830 61.31 18.22 25.95
CA VAL D 830 60.04 17.64 25.50
C VAL D 830 59.94 16.18 25.88
N ILE D 831 60.99 15.41 25.58
CA ILE D 831 61.00 13.99 25.88
C ILE D 831 60.86 13.75 27.37
N HIS D 832 61.65 14.48 28.17
CA HIS D 832 61.60 14.28 29.62
C HIS D 832 60.23 14.63 30.18
N THR D 833 59.65 15.73 29.73
CA THR D 833 58.34 16.13 30.24
C THR D 833 57.27 15.12 29.85
N LEU D 834 57.31 14.61 28.62
CA LEU D 834 56.33 13.61 28.22
C LEU D 834 56.47 12.34 29.04
N GLN D 835 57.71 11.87 29.24
CA GLN D 835 57.90 10.65 30.02
C GLN D 835 57.45 10.83 31.46
N GLN D 836 57.72 12.00 32.05
CA GLN D 836 57.26 12.26 33.41
C GLN D 836 55.74 12.27 33.49
N ALA D 837 55.09 12.97 32.56
CA ALA D 837 53.64 13.04 32.59
C ALA D 837 52.99 11.69 32.35
N VAL D 838 53.64 10.82 31.58
CA VAL D 838 53.07 9.51 31.33
C VAL D 838 53.30 8.58 32.51
N THR D 839 54.47 8.67 33.15
CA THR D 839 54.76 7.78 34.27
C THR D 839 53.96 8.16 35.50
N ASN D 840 54.06 9.42 35.93
CA ASN D 840 53.40 9.83 37.17
C ASN D 840 51.90 10.02 37.03
N ASP D 841 51.37 10.05 35.81
CA ASP D 841 49.94 10.19 35.55
C ASP D 841 49.40 11.48 36.16
N SER D 842 49.89 12.60 35.62
CA SER D 842 49.43 13.92 36.01
C SER D 842 49.10 14.71 34.74
N TYR D 843 47.81 14.95 34.51
CA TYR D 843 47.37 15.60 33.28
C TYR D 843 47.96 16.99 33.14
N THR D 844 48.24 17.67 34.25
CA THR D 844 48.79 19.01 34.19
C THR D 844 50.17 18.99 33.53
N THR D 845 50.99 17.99 33.85
CA THR D 845 52.29 17.88 33.19
C THR D 845 52.14 17.60 31.71
N PHE D 846 51.10 16.85 31.32
CA PHE D 846 50.88 16.62 29.90
C PHE D 846 50.47 17.92 29.19
N LYS D 847 49.67 18.75 29.86
CA LYS D 847 49.36 20.05 29.27
C LYS D 847 50.60 20.92 29.17
N LYS D 848 51.50 20.83 30.15
CA LYS D 848 52.78 21.53 30.07
C LYS D 848 53.56 21.08 28.83
N TYR D 849 53.65 19.76 28.63
CA TYR D 849 54.29 19.22 27.43
C TYR D 849 53.66 19.76 26.15
N SER D 850 52.32 19.73 26.08
CA SER D 850 51.64 20.17 24.87
C SER D 850 51.90 21.64 24.59
N GLU D 851 51.89 22.47 25.63
CA GLU D 851 52.18 23.89 25.47
C GLU D 851 53.61 24.11 24.99
N GLN D 852 54.57 23.40 25.59
CA GLN D 852 55.95 23.49 25.13
C GLN D 852 56.08 23.11 23.66
N VAL D 853 55.31 22.12 23.22
CA VAL D 853 55.36 21.73 21.81
C VAL D 853 54.76 22.82 20.93
N ASN D 854 53.60 23.35 21.32
CA ASN D 854 52.87 24.31 20.51
C ASN D 854 53.35 25.74 20.65
N LYS D 855 54.47 25.97 21.35
CA LYS D 855 55.00 27.31 21.46
C LYS D 855 56.21 27.60 20.58
N ARG D 856 56.83 26.60 19.97
CA ARG D 856 57.99 26.85 19.14
C ARG D 856 57.59 27.60 17.87
N PRO D 857 58.54 28.28 17.23
CA PRO D 857 58.27 28.92 15.95
C PRO D 857 57.78 27.91 14.92
N PRO D 858 57.16 28.37 13.83
CA PRO D 858 56.63 27.43 12.84
C PRO D 858 57.71 26.54 12.26
N MET D 859 57.41 25.25 12.17
CA MET D 859 58.33 24.28 11.61
C MET D 859 57.72 23.37 10.56
N GLN D 860 56.41 23.21 10.52
CA GLN D 860 55.75 22.36 9.53
C GLN D 860 54.57 23.13 8.93
N LEU D 861 53.93 22.52 7.93
CA LEU D 861 52.85 23.18 7.22
C LEU D 861 51.66 23.47 8.13
N ARG D 862 51.38 22.60 9.08
CA ARG D 862 50.24 22.74 9.97
C ARG D 862 50.46 23.75 11.08
N ASP D 863 51.57 24.49 11.05
CA ASP D 863 51.83 25.53 12.04
C ASP D 863 51.35 26.90 11.61
N LEU D 864 51.01 27.08 10.33
CA LEU D 864 50.47 28.33 9.85
C LEU D 864 48.94 28.34 9.84
N LEU D 865 48.30 27.19 10.01
CA LEU D 865 46.85 27.13 10.10
C LEU D 865 46.39 27.46 11.51
N GLU D 866 45.22 28.09 11.58
CA GLU D 866 44.65 28.51 12.86
C GLU D 866 43.16 28.25 12.86
N LEU D 867 42.66 27.68 13.95
CA LEU D 867 41.26 27.35 14.08
C LEU D 867 40.45 28.59 14.42
N ARG D 868 39.28 28.72 13.81
CA ARG D 868 38.43 29.89 14.03
C ARG D 868 36.98 29.49 13.75
N SER D 869 36.19 29.37 14.80
CA SER D 869 34.78 29.03 14.67
C SER D 869 33.91 30.27 14.84
N THR D 870 32.60 30.08 14.73
CA THR D 870 31.66 31.18 14.87
C THR D 870 30.54 30.90 15.86
N LYS D 871 30.49 29.73 16.46
CA LYS D 871 29.43 29.39 17.42
C LYS D 871 29.87 29.82 18.81
N ALA D 872 29.07 29.45 19.82
CA ALA D 872 29.40 29.76 21.20
C ALA D 872 29.89 28.51 21.92
N PRO D 873 30.89 28.66 22.79
CA PRO D 873 31.44 27.49 23.49
C PRO D 873 30.39 26.69 24.24
N VAL D 874 30.65 25.40 24.43
CA VAL D 874 29.73 24.51 25.13
C VAL D 874 30.48 23.94 26.33
N PRO D 875 29.78 23.45 27.34
CA PRO D 875 30.47 22.82 28.48
C PRO D 875 31.23 21.58 28.03
N VAL D 876 32.36 21.34 28.70
CA VAL D 876 33.25 20.26 28.28
C VAL D 876 32.58 18.91 28.44
N ASP D 877 31.87 18.71 29.55
CA ASP D 877 31.26 17.42 29.84
C ASP D 877 30.18 17.02 28.85
N GLU D 878 29.79 17.91 27.94
CA GLU D 878 28.75 17.60 26.96
C GLU D 878 29.28 16.86 25.74
N VAL D 879 30.57 16.96 25.46
CA VAL D 879 31.18 16.29 24.32
C VAL D 879 31.20 14.79 24.58
N GLU D 880 31.44 14.00 23.53
CA GLU D 880 31.39 12.55 23.62
C GLU D 880 32.39 12.02 24.64
N SER D 881 32.21 10.76 25.02
CA SER D 881 33.04 10.14 26.04
C SER D 881 34.46 9.92 25.53
N ILE D 882 35.37 9.70 26.47
CA ILE D 882 36.76 9.44 26.09
C ILE D 882 36.89 8.10 25.38
N THR D 883 36.06 7.13 25.74
CA THR D 883 36.14 5.82 25.11
C THR D 883 35.81 5.91 23.62
N ALA D 884 34.71 6.60 23.29
CA ALA D 884 34.31 6.73 21.90
C ALA D 884 35.32 7.49 21.06
N ILE D 885 36.22 8.24 21.68
CA ILE D 885 37.30 8.90 20.96
C ILE D 885 38.57 8.06 20.95
N ARG D 886 38.89 7.41 22.07
CA ARG D 886 40.06 6.54 22.10
C ARG D 886 39.91 5.38 21.12
N LYS D 887 38.68 4.99 20.81
CA LYS D 887 38.46 3.95 19.81
C LYS D 887 38.68 4.43 18.38
N ARG D 888 39.22 5.64 18.21
CA ARG D 888 39.58 6.17 16.90
C ARG D 888 41.07 6.23 16.67
N PHE D 889 41.88 5.97 17.68
CA PHE D 889 43.33 5.95 17.57
C PHE D 889 43.81 4.52 17.37
N ILE D 890 44.80 4.36 16.49
CA ILE D 890 45.46 3.07 16.32
C ILE D 890 46.96 3.31 16.36
N THR D 891 47.70 2.25 16.63
CA THR D 891 49.15 2.33 16.57
C THR D 891 49.64 1.68 15.29
N PRO D 892 50.60 2.28 14.59
CA PRO D 892 51.04 1.73 13.32
C PRO D 892 51.86 0.46 13.52
N GLY D 893 52.13 -0.20 12.40
CA GLY D 893 52.85 -1.46 12.44
C GLY D 893 54.35 -1.24 12.54
N MET D 894 54.98 -1.99 13.46
CA MET D 894 56.43 -1.98 13.60
C MET D 894 56.89 -3.42 13.77
N SER D 895 57.71 -3.88 12.82
CA SER D 895 58.04 -5.29 12.72
C SER D 895 58.76 -5.80 13.98
N MET D 896 58.68 -7.11 14.19
CA MET D 896 59.44 -7.74 15.26
C MET D 896 60.93 -7.79 14.94
N GLY D 897 61.32 -7.67 13.68
CA GLY D 897 62.74 -7.59 13.38
C GLY D 897 63.35 -6.32 13.94
N ALA D 898 62.66 -5.19 13.81
CA ALA D 898 63.16 -3.93 14.32
C ALA D 898 63.02 -3.87 15.84
N LEU D 899 61.79 -3.99 16.34
CA LEU D 899 61.55 -3.92 17.76
C LEU D 899 61.98 -5.22 18.45
N SER D 900 61.88 -5.22 19.76
CA SER D 900 62.13 -6.43 20.54
C SER D 900 60.81 -7.13 20.83
N PRO D 901 60.86 -8.41 21.20
CA PRO D 901 59.60 -9.11 21.54
C PRO D 901 58.84 -8.44 22.67
N GLU D 902 59.55 -7.96 23.69
CA GLU D 902 58.87 -7.34 24.84
C GLU D 902 58.10 -6.09 24.42
N ALA D 903 58.73 -5.22 23.63
CA ALA D 903 58.07 -3.98 23.24
C ALA D 903 56.88 -4.25 22.32
N HIS D 904 57.05 -5.17 21.36
CA HIS D 904 55.95 -5.52 20.48
C HIS D 904 54.77 -6.06 21.27
N GLY D 905 55.02 -7.04 22.14
CA GLY D 905 53.95 -7.57 22.96
C GLY D 905 53.32 -6.54 23.88
N THR D 906 54.14 -5.61 24.39
CA THR D 906 53.62 -4.58 25.28
C THR D 906 52.66 -3.65 24.55
N LEU D 907 53.05 -3.20 23.35
CA LEU D 907 52.15 -2.39 22.56
C LEU D 907 50.86 -3.13 22.25
N ASN D 908 50.99 -4.42 21.88
CA ASN D 908 49.79 -5.19 21.52
C ASN D 908 48.86 -5.35 22.71
N VAL D 909 49.40 -5.61 23.90
CA VAL D 909 48.53 -5.83 25.06
C VAL D 909 47.95 -4.49 25.53
N ALA D 910 48.69 -3.40 25.36
CA ALA D 910 48.18 -2.10 25.80
C ALA D 910 47.09 -1.58 24.88
N MET D 911 47.16 -1.87 23.59
CA MET D 911 46.14 -1.34 22.68
C MET D 911 44.87 -2.17 22.67
N ASN D 912 44.96 -3.45 23.01
CA ASN D 912 43.77 -4.29 23.09
C ASN D 912 43.00 -4.11 24.40
N ARG D 913 43.52 -3.31 25.32
CA ARG D 913 42.88 -3.13 26.61
C ARG D 913 41.88 -1.98 26.60
N ILE D 914 42.15 -0.91 25.86
CA ILE D 914 41.22 0.22 25.77
C ILE D 914 40.16 0.03 24.70
N GLY D 915 40.33 -0.94 23.80
CA GLY D 915 39.35 -1.21 22.77
C GLY D 915 39.75 -0.81 21.37
N ALA D 916 40.94 -0.24 21.19
CA ALA D 916 41.37 0.20 19.88
C ALA D 916 42.22 -0.86 19.19
N LYS D 917 42.41 -0.69 17.88
CA LYS D 917 43.16 -1.63 17.09
C LYS D 917 44.66 -1.35 17.17
N SER D 918 45.45 -2.41 17.22
CA SER D 918 46.90 -2.35 17.15
C SER D 918 47.33 -2.83 15.77
N ASP D 919 48.65 -2.97 15.58
CA ASP D 919 49.17 -3.40 14.29
C ASP D 919 50.45 -4.19 14.51
N SER D 920 50.66 -5.19 13.66
CA SER D 920 51.80 -6.08 13.78
C SER D 920 52.92 -5.77 12.80
N GLY D 921 52.62 -5.08 11.71
CA GLY D 921 53.65 -4.81 10.72
C GLY D 921 54.14 -6.08 10.07
N GLU D 922 55.14 -5.90 9.20
CA GLU D 922 55.76 -7.02 8.51
C GLU D 922 56.54 -7.88 9.50
N GLY D 923 57.10 -8.97 8.99
CA GLY D 923 57.89 -9.85 9.82
C GLY D 923 57.12 -10.96 10.50
N GLY D 924 55.85 -11.14 10.18
CA GLY D 924 55.08 -12.21 10.76
C GLY D 924 54.77 -11.99 12.23
N GLU D 925 54.30 -13.07 12.86
CA GLU D 925 53.89 -13.02 14.25
C GLU D 925 54.03 -14.41 14.85
N ASP D 926 54.03 -14.46 16.19
CA ASP D 926 54.21 -15.70 16.93
C ASP D 926 52.86 -16.37 17.15
N PRO D 927 52.68 -17.62 16.72
CA PRO D 927 51.37 -18.26 16.87
C PRO D 927 50.97 -18.53 18.31
N ALA D 928 51.94 -18.80 19.21
CA ALA D 928 51.61 -19.07 20.61
C ALA D 928 50.87 -17.90 21.26
N ARG D 929 50.87 -16.74 20.61
CA ARG D 929 50.20 -15.54 21.08
C ARG D 929 48.77 -15.42 20.56
N PHE D 930 48.20 -16.52 20.06
CA PHE D 930 46.88 -16.47 19.44
C PHE D 930 45.73 -16.62 20.43
N ARG D 931 46.03 -16.87 21.70
CA ARG D 931 45.02 -17.06 22.72
C ARG D 931 45.29 -16.17 23.92
N PRO D 932 44.24 -15.67 24.58
CA PRO D 932 44.45 -14.83 25.75
C PRO D 932 45.19 -15.56 26.86
N ASP D 933 45.94 -14.81 27.64
CA ASP D 933 46.74 -15.37 28.72
C ASP D 933 45.83 -15.72 29.90
N LYS D 934 46.44 -16.23 30.97
CA LYS D 934 45.68 -16.57 32.16
C LYS D 934 45.25 -15.33 32.94
N ASN D 935 46.02 -14.25 32.86
CA ASN D 935 45.69 -13.01 33.54
C ASN D 935 44.72 -12.15 32.77
N GLY D 936 44.33 -12.55 31.56
CA GLY D 936 43.40 -11.80 30.74
C GLY D 936 44.05 -10.99 29.64
N ASP D 937 45.38 -10.89 29.62
CA ASP D 937 46.06 -10.11 28.59
C ASP D 937 45.95 -10.80 27.24
N ASN D 938 45.71 -10.01 26.20
CA ASN D 938 45.53 -10.51 24.84
C ASN D 938 46.69 -9.98 23.99
N TRP D 939 47.67 -10.83 23.73
CA TRP D 939 48.89 -10.43 23.05
C TRP D 939 48.75 -10.41 21.53
N ASN D 940 47.55 -10.61 21.00
CA ASN D 940 47.38 -10.67 19.56
C ASN D 940 47.39 -9.26 18.98
N SER D 941 47.24 -9.17 17.65
CA SER D 941 47.18 -7.89 16.96
C SER D 941 46.04 -7.94 15.95
N ALA D 942 45.19 -6.92 15.97
CA ALA D 942 43.97 -6.91 15.18
C ALA D 942 44.18 -6.46 13.74
N ILE D 943 45.40 -6.14 13.34
CA ILE D 943 45.67 -5.69 11.97
C ILE D 943 46.94 -6.39 11.49
N LYS D 944 46.80 -7.27 10.50
CA LYS D 944 47.94 -7.97 9.93
C LYS D 944 48.34 -7.32 8.62
N GLN D 945 49.63 -7.28 8.35
CA GLN D 945 50.17 -6.63 7.17
C GLN D 945 50.66 -7.67 6.16
N VAL D 946 50.57 -7.31 4.89
CA VAL D 946 51.06 -8.13 3.78
C VAL D 946 52.13 -7.30 3.09
N ALA D 947 53.39 -7.51 3.45
CA ALA D 947 54.49 -6.69 2.95
C ALA D 947 54.93 -7.20 1.58
N SER D 948 56.06 -6.69 1.09
CA SER D 948 56.58 -7.10 -0.20
C SER D 948 57.36 -8.41 -0.11
N GLY D 949 57.79 -8.80 1.08
CA GLY D 949 58.53 -10.04 1.23
C GLY D 949 57.68 -11.24 1.55
N ARG D 950 56.47 -11.03 2.08
CA ARG D 950 55.60 -12.11 2.53
C ARG D 950 56.36 -13.04 3.47
N PHE D 951 56.82 -12.47 4.57
CA PHE D 951 57.78 -13.17 5.42
C PHE D 951 57.12 -14.10 6.43
N GLY D 952 55.83 -13.93 6.69
CA GLY D 952 55.14 -14.81 7.62
C GLY D 952 53.74 -15.11 7.17
N VAL D 953 53.41 -14.76 5.92
CA VAL D 953 52.05 -14.89 5.42
C VAL D 953 51.76 -16.38 5.23
N THR D 954 50.96 -16.95 6.11
CA THR D 954 50.46 -18.31 5.99
C THR D 954 48.94 -18.27 5.87
N ALA D 955 48.32 -19.44 5.86
CA ALA D 955 46.86 -19.51 5.81
C ALA D 955 46.23 -19.24 7.17
N GLU D 956 46.97 -19.47 8.26
CA GLU D 956 46.46 -19.17 9.59
C GLU D 956 46.80 -17.76 10.04
N TYR D 957 47.86 -17.18 9.49
CA TYR D 957 48.22 -15.80 9.80
C TYR D 957 47.17 -14.81 9.31
N LEU D 958 46.30 -15.21 8.39
CA LEU D 958 45.29 -14.33 7.85
C LEU D 958 43.91 -14.53 8.46
N ASN D 959 43.65 -15.68 9.08
CA ASN D 959 42.37 -15.94 9.72
C ASN D 959 42.38 -15.60 11.20
N GLN D 960 43.24 -14.69 11.63
CA GLN D 960 43.34 -14.29 13.02
C GLN D 960 43.44 -12.78 13.13
N CYS D 961 42.59 -12.08 12.39
CA CYS D 961 42.63 -10.63 12.37
C CYS D 961 41.26 -10.08 12.00
N ARG D 962 41.06 -8.80 12.28
CA ARG D 962 39.82 -8.11 11.95
C ARG D 962 39.98 -7.11 10.81
N GLU D 963 41.21 -6.86 10.35
CA GLU D 963 41.43 -5.94 9.23
C GLU D 963 42.78 -6.26 8.62
N LEU D 964 42.78 -6.64 7.35
CA LEU D 964 44.04 -6.85 6.63
C LEU D 964 44.56 -5.52 6.12
N GLU D 965 45.79 -5.53 5.62
CA GLU D 965 46.42 -4.29 5.17
C GLU D 965 47.49 -4.61 4.15
N ILE D 966 47.51 -3.84 3.06
CA ILE D 966 48.50 -3.98 2.00
C ILE D 966 49.43 -2.78 2.06
N LYS D 967 50.71 -3.03 2.22
CA LYS D 967 51.72 -1.96 2.35
C LYS D 967 52.36 -1.75 0.99
N VAL D 968 51.98 -0.67 0.32
CA VAL D 968 52.53 -0.35 -0.99
C VAL D 968 53.82 0.45 -0.87
N ALA D 969 53.88 1.39 0.07
CA ALA D 969 55.08 2.20 0.26
C ALA D 969 55.08 2.76 1.67
N GLN D 970 56.26 2.79 2.28
CA GLN D 970 56.41 3.30 3.64
C GLN D 970 56.69 4.79 3.62
N GLY D 971 56.50 5.43 4.78
CA GLY D 971 56.64 6.87 4.85
C GLY D 971 58.08 7.33 4.76
N ALA D 972 58.97 6.65 5.49
CA ALA D 972 60.36 7.11 5.55
C ALA D 972 61.09 6.81 4.26
N LYS D 973 61.02 5.57 3.78
CA LYS D 973 61.70 5.15 2.55
C LYS D 973 60.65 4.75 1.52
N PRO D 974 60.13 5.72 0.77
CA PRO D 974 59.15 5.38 -0.26
C PRO D 974 59.80 4.74 -1.47
N GLY D 975 59.10 3.76 -2.05
CA GLY D 975 59.63 3.07 -3.21
C GLY D 975 60.85 2.24 -2.94
N GLU D 976 60.85 1.50 -1.83
CA GLU D 976 62.01 0.70 -1.44
C GLU D 976 61.55 -0.38 -0.48
N GLY D 977 62.47 -1.27 -0.15
CA GLY D 977 62.19 -2.40 0.73
C GLY D 977 62.91 -2.25 2.06
N GLY D 978 62.26 -2.72 3.12
CA GLY D 978 62.87 -2.66 4.43
C GLY D 978 64.10 -3.56 4.52
N GLN D 979 65.01 -3.19 5.42
CA GLN D 979 66.26 -3.91 5.59
C GLN D 979 66.33 -4.49 7.00
N LEU D 980 67.28 -5.41 7.18
CA LEU D 980 67.53 -6.01 8.48
C LEU D 980 68.97 -6.51 8.52
N PRO D 981 69.76 -6.04 9.47
CA PRO D 981 71.19 -6.42 9.53
C PRO D 981 71.35 -7.93 9.72
N GLY D 982 72.59 -8.38 9.49
CA GLY D 982 72.88 -9.80 9.61
C GLY D 982 72.91 -10.28 11.04
N PHE D 983 73.25 -9.41 11.98
CA PHE D 983 73.30 -9.79 13.38
C PHE D 983 71.98 -9.54 14.12
N LYS D 984 71.02 -8.86 13.50
CA LYS D 984 69.69 -8.75 14.09
C LYS D 984 68.90 -10.04 13.95
N VAL D 985 69.29 -10.92 13.03
CA VAL D 985 68.56 -12.16 12.80
C VAL D 985 69.05 -13.22 13.77
N THR D 986 68.35 -13.35 14.90
CA THR D 986 68.65 -14.37 15.89
C THR D 986 68.02 -15.69 15.46
N GLU D 987 68.02 -16.69 16.35
CA GLU D 987 67.37 -17.96 16.00
C GLU D 987 65.85 -17.81 16.00
N MET D 988 65.28 -17.03 16.92
CA MET D 988 63.83 -16.92 16.99
C MET D 988 63.26 -16.25 15.75
N ILE D 989 63.84 -15.15 15.32
CA ILE D 989 63.35 -14.50 14.10
C ILE D 989 63.60 -15.36 12.88
N ALA D 990 64.70 -16.11 12.86
CA ALA D 990 64.96 -17.01 11.75
C ALA D 990 63.87 -18.06 11.64
N ARG D 991 63.45 -18.64 12.78
CA ARG D 991 62.35 -19.59 12.74
C ARG D 991 61.02 -18.92 12.43
N LEU D 992 60.86 -17.66 12.83
CA LEU D 992 59.59 -16.98 12.62
C LEU D 992 59.38 -16.54 11.18
N ARG D 993 60.46 -16.26 10.45
CA ARG D 993 60.37 -15.84 9.07
C ARG D 993 60.73 -16.94 8.08
N HIS D 994 61.06 -18.13 8.57
CA HIS D 994 61.49 -19.25 7.74
C HIS D 994 62.68 -18.84 6.86
N SER D 995 63.78 -18.50 7.52
CA SER D 995 64.96 -18.00 6.84
C SER D 995 66.20 -18.64 7.47
N THR D 996 67.37 -18.13 7.09
CA THR D 996 68.66 -18.61 7.58
C THR D 996 69.15 -17.74 8.71
N PRO D 997 69.60 -18.33 9.83
CA PRO D 997 70.10 -17.52 10.95
C PRO D 997 71.39 -16.79 10.56
N GLY D 998 71.34 -15.46 10.61
CA GLY D 998 72.53 -14.66 10.39
C GLY D 998 72.79 -14.31 8.94
N VAL D 999 71.82 -13.69 8.28
CA VAL D 999 71.99 -13.22 6.91
C VAL D 999 71.12 -11.99 6.73
N MET D 1000 71.68 -10.98 6.07
CA MET D 1000 70.98 -9.72 5.85
C MET D 1000 69.73 -9.95 5.01
N LEU D 1001 68.57 -9.57 5.54
CA LEU D 1001 67.31 -9.72 4.85
C LEU D 1001 66.86 -8.35 4.35
N ILE D 1002 66.88 -8.17 3.04
CA ILE D 1002 66.47 -6.92 2.40
C ILE D 1002 65.26 -7.23 1.54
N SER D 1003 64.20 -6.44 1.71
CA SER D 1003 62.95 -6.70 1.00
C SER D 1003 63.06 -6.23 -0.45
N PRO D 1004 62.34 -6.85 -1.37
CA PRO D 1004 62.32 -6.39 -2.75
C PRO D 1004 61.53 -5.10 -2.87
N PRO D 1005 62.05 -4.12 -3.59
CA PRO D 1005 61.30 -2.87 -3.81
C PRO D 1005 59.94 -3.12 -4.45
N PRO D 1006 59.86 -3.87 -5.58
CA PRO D 1006 58.54 -4.07 -6.18
C PRO D 1006 57.73 -5.10 -5.43
N HIS D 1007 56.57 -5.45 -5.95
CA HIS D 1007 55.65 -6.34 -5.26
C HIS D 1007 55.59 -7.74 -5.86
N HIS D 1008 55.98 -7.90 -7.13
CA HIS D 1008 55.91 -9.17 -7.84
C HIS D 1008 54.49 -9.70 -7.93
N ASP D 1009 53.52 -8.97 -7.40
CA ASP D 1009 52.12 -9.35 -7.51
C ASP D 1009 51.35 -8.13 -8.00
N ILE D 1010 51.82 -6.95 -7.63
CA ILE D 1010 51.15 -5.70 -7.99
C ILE D 1010 51.98 -4.96 -9.03
N TYR D 1011 51.67 -5.19 -10.30
CA TYR D 1011 52.32 -4.49 -11.40
C TYR D 1011 51.41 -3.48 -12.07
N SER D 1012 50.15 -3.39 -11.65
CA SER D 1012 49.19 -2.43 -12.17
C SER D 1012 48.02 -2.41 -11.19
N ILE D 1013 46.93 -1.76 -11.58
CA ILE D 1013 45.77 -1.69 -10.69
C ILE D 1013 44.84 -2.89 -10.85
N GLU D 1014 44.82 -3.55 -12.01
CA GLU D 1014 44.03 -4.76 -12.13
C GLU D 1014 44.63 -5.88 -11.27
N ASP D 1015 45.95 -5.94 -11.16
CA ASP D 1015 46.57 -6.88 -10.25
C ASP D 1015 46.26 -6.54 -8.79
N LEU D 1016 46.16 -5.24 -8.47
CA LEU D 1016 45.75 -4.86 -7.12
C LEU D 1016 44.32 -5.30 -6.84
N ALA D 1017 43.42 -5.14 -7.82
CA ALA D 1017 42.06 -5.64 -7.66
C ALA D 1017 42.05 -7.14 -7.45
N GLN D 1018 42.88 -7.87 -8.20
CA GLN D 1018 42.96 -9.32 -8.03
C GLN D 1018 43.45 -9.69 -6.64
N LEU D 1019 44.48 -8.99 -6.15
CA LEU D 1019 45.01 -9.29 -4.83
C LEU D 1019 43.98 -8.99 -3.74
N ILE D 1020 43.23 -7.90 -3.89
CA ILE D 1020 42.21 -7.57 -2.91
C ILE D 1020 41.09 -8.60 -2.94
N TYR D 1021 40.74 -9.08 -4.13
CA TYR D 1021 39.76 -10.16 -4.24
C TYR D 1021 40.25 -11.42 -3.52
N ASP D 1022 41.51 -11.77 -3.72
CA ASP D 1022 42.08 -12.93 -3.03
C ASP D 1022 41.99 -12.76 -1.52
N LEU D 1023 42.41 -11.61 -1.03
CA LEU D 1023 42.42 -11.37 0.41
C LEU D 1023 41.01 -11.39 0.98
N LYS D 1024 40.03 -10.87 0.24
CA LYS D 1024 38.66 -10.90 0.72
C LYS D 1024 38.06 -12.30 0.62
N GLN D 1025 38.63 -13.16 -0.21
CA GLN D 1025 38.19 -14.55 -0.25
C GLN D 1025 38.75 -15.36 0.90
N ILE D 1026 40.02 -15.14 1.25
CA ILE D 1026 40.65 -15.99 2.27
C ILE D 1026 40.10 -15.67 3.65
N ASN D 1027 39.71 -14.42 3.92
CA ASN D 1027 39.21 -14.01 5.22
C ASN D 1027 37.85 -13.35 5.02
N PRO D 1028 36.75 -14.05 5.30
CA PRO D 1028 35.42 -13.53 4.97
C PRO D 1028 34.90 -12.47 5.91
N ASP D 1029 35.67 -12.05 6.93
CA ASP D 1029 35.18 -11.10 7.91
C ASP D 1029 35.98 -9.80 7.97
N ALA D 1030 37.19 -9.76 7.41
CA ALA D 1030 38.08 -8.62 7.60
C ALA D 1030 37.93 -7.60 6.48
N LYS D 1031 38.51 -6.42 6.72
CA LYS D 1031 38.56 -5.34 5.75
C LYS D 1031 39.98 -5.22 5.19
N VAL D 1032 40.08 -4.62 4.01
CA VAL D 1032 41.35 -4.49 3.30
C VAL D 1032 41.76 -3.03 3.29
N THR D 1033 42.96 -2.74 3.77
CA THR D 1033 43.50 -1.39 3.82
C THR D 1033 44.69 -1.28 2.88
N VAL D 1034 44.74 -0.19 2.12
CA VAL D 1034 45.85 0.09 1.22
C VAL D 1034 46.60 1.30 1.76
N LYS D 1035 47.91 1.15 1.92
CA LYS D 1035 48.75 2.18 2.51
C LYS D 1035 49.57 2.85 1.41
N LEU D 1036 49.44 4.17 1.29
CA LEU D 1036 50.16 4.94 0.28
C LEU D 1036 51.06 5.97 0.97
N VAL D 1037 51.67 6.83 0.16
CA VAL D 1037 52.55 7.88 0.64
C VAL D 1037 52.18 9.17 -0.06
N SER D 1038 52.22 10.28 0.69
CA SER D 1038 51.82 11.56 0.14
C SER D 1038 52.77 12.01 -0.96
N ARG D 1039 52.20 12.47 -2.07
CA ARG D 1039 52.95 13.07 -3.17
C ARG D 1039 51.93 13.72 -4.10
N SER D 1040 52.42 14.27 -5.21
CA SER D 1040 51.56 14.86 -6.23
C SER D 1040 51.10 13.78 -7.20
N GLY D 1041 49.83 13.84 -7.56
CA GLY D 1041 49.24 12.79 -8.37
C GLY D 1041 48.67 11.64 -7.60
N ILE D 1042 48.49 11.79 -6.28
CA ILE D 1042 47.91 10.73 -5.47
C ILE D 1042 46.39 10.70 -5.60
N GLY D 1043 45.77 11.78 -6.07
CA GLY D 1043 44.32 11.81 -6.19
C GLY D 1043 43.79 10.77 -7.15
N THR D 1044 44.43 10.66 -8.33
CA THR D 1044 43.98 9.67 -9.31
C THR D 1044 44.22 8.26 -8.81
N ILE D 1045 45.35 8.03 -8.14
CA ILE D 1045 45.64 6.71 -7.59
C ILE D 1045 44.60 6.34 -6.53
N ALA D 1046 44.20 7.31 -5.72
CA ALA D 1046 43.20 7.04 -4.69
C ALA D 1046 41.83 6.79 -5.31
N ALA D 1047 41.50 7.51 -6.37
CA ALA D 1047 40.25 7.25 -7.07
C ALA D 1047 40.26 5.89 -7.75
N GLY D 1048 41.44 5.41 -8.14
CA GLY D 1048 41.55 4.12 -8.76
C GLY D 1048 41.46 2.97 -7.77
N VAL D 1049 42.13 3.12 -6.62
CA VAL D 1049 42.09 2.07 -5.61
C VAL D 1049 40.74 2.01 -4.92
N ALA D 1050 39.97 3.10 -4.95
CA ALA D 1050 38.62 3.08 -4.38
C ALA D 1050 37.66 2.28 -5.23
N LYS D 1051 37.96 2.10 -6.51
CA LYS D 1051 37.12 1.30 -7.40
C LYS D 1051 37.46 -0.19 -7.33
N ALA D 1052 38.58 -0.55 -6.71
CA ALA D 1052 38.99 -1.94 -6.56
C ALA D 1052 38.41 -2.58 -5.30
N ASN D 1053 37.30 -2.03 -4.79
CA ASN D 1053 36.61 -2.55 -3.60
C ASN D 1053 37.46 -2.46 -2.34
N ALA D 1054 38.51 -1.65 -2.34
CA ALA D 1054 39.18 -1.30 -1.10
C ALA D 1054 38.28 -0.38 -0.29
N ASP D 1055 38.37 -0.50 1.03
CA ASP D 1055 37.46 0.23 1.91
C ASP D 1055 38.14 1.02 3.01
N ILE D 1056 39.46 1.00 3.11
CA ILE D 1056 40.20 1.88 4.01
C ILE D 1056 41.47 2.35 3.29
N ILE D 1057 41.72 3.65 3.31
CA ILE D 1057 42.92 4.23 2.71
C ILE D 1057 43.75 4.83 3.83
N LEU D 1058 45.07 4.66 3.73
CA LEU D 1058 46.00 5.17 4.73
C LEU D 1058 47.03 6.03 4.03
N ILE D 1059 47.13 7.29 4.45
CA ILE D 1059 48.00 8.27 3.79
C ILE D 1059 49.11 8.62 4.77
N SER D 1060 50.28 8.02 4.58
CA SER D 1060 51.43 8.32 5.41
C SER D 1060 52.06 9.65 4.97
N GLY D 1061 53.03 10.10 5.76
CA GLY D 1061 53.74 11.32 5.49
C GLY D 1061 55.22 11.09 5.26
N ASN D 1062 55.93 12.20 5.08
CA ASN D 1062 57.37 12.15 4.84
C ASN D 1062 58.20 12.13 6.11
N SER D 1063 57.57 12.26 7.28
CA SER D 1063 58.29 12.38 8.55
C SER D 1063 58.13 11.13 9.41
N GLY D 1064 57.74 10.01 8.82
CA GLY D 1064 57.57 8.80 9.59
C GLY D 1064 58.88 8.14 9.94
N GLY D 1065 58.90 7.44 11.07
CA GLY D 1065 60.10 6.76 11.51
C GLY D 1065 60.34 5.47 10.76
N THR D 1066 61.51 4.88 11.04
CA THR D 1066 61.87 3.61 10.43
C THR D 1066 62.96 2.95 11.26
N GLY D 1067 63.19 1.67 11.00
CA GLY D 1067 64.19 0.92 11.73
C GLY D 1067 65.59 1.09 11.17
N ALA D 1068 65.72 1.04 9.85
CA ALA D 1068 67.03 1.20 9.20
C ALA D 1068 66.80 1.50 7.73
N SER D 1069 67.42 2.57 7.25
CA SER D 1069 67.26 3.01 5.86
C SER D 1069 68.32 4.07 5.58
N PRO D 1070 68.67 4.27 4.30
CA PRO D 1070 69.66 5.30 3.98
C PRO D 1070 69.19 6.69 4.37
N GLN D 1071 70.15 7.61 4.46
CA GLN D 1071 69.84 8.95 4.92
C GLN D 1071 69.18 9.79 3.84
N THR D 1072 69.62 9.64 2.58
CA THR D 1072 69.05 10.44 1.51
C THR D 1072 67.59 10.10 1.29
N SER D 1073 67.22 8.83 1.46
CA SER D 1073 65.81 8.47 1.36
C SER D 1073 65.00 9.00 2.53
N ILE D 1074 65.62 9.10 3.71
CA ILE D 1074 64.93 9.66 4.86
C ILE D 1074 64.65 11.13 4.65
N LYS D 1075 65.67 11.89 4.26
CA LYS D 1075 65.57 13.35 4.27
C LYS D 1075 65.03 13.93 2.98
N PHE D 1076 65.21 13.25 1.85
CA PHE D 1076 64.92 13.84 0.55
C PHE D 1076 63.92 13.02 -0.25
N ALA D 1077 62.86 12.56 0.40
CA ALA D 1077 61.85 11.76 -0.28
C ALA D 1077 60.53 11.84 0.50
N GLY D 1078 59.46 12.16 -0.21
CA GLY D 1078 58.14 12.27 0.38
C GLY D 1078 57.66 13.71 0.41
N LEU D 1079 56.46 13.88 0.97
CA LEU D 1079 55.83 15.19 1.09
C LEU D 1079 54.95 15.17 2.33
N PRO D 1080 54.70 16.32 2.95
CA PRO D 1080 53.88 16.33 4.16
C PRO D 1080 52.46 15.88 3.86
N TRP D 1081 51.83 15.25 4.86
CA TRP D 1081 50.51 14.67 4.63
C TRP D 1081 49.42 15.71 4.47
N GLU D 1082 49.70 16.98 4.77
CA GLU D 1082 48.73 18.03 4.53
C GLU D 1082 48.37 18.11 3.04
N MET D 1083 49.32 17.79 2.17
CA MET D 1083 49.06 17.82 0.74
C MET D 1083 48.30 16.58 0.29
N GLY D 1084 48.81 15.40 0.64
CA GLY D 1084 48.20 14.17 0.17
C GLY D 1084 46.78 13.99 0.69
N LEU D 1085 46.56 14.26 1.97
CA LEU D 1085 45.23 14.05 2.54
C LEU D 1085 44.21 14.99 1.91
N SER D 1086 44.57 16.27 1.80
CA SER D 1086 43.64 17.25 1.23
C SER D 1086 43.46 17.08 -0.27
N GLU D 1087 44.38 16.39 -0.95
CA GLU D 1087 44.15 16.07 -2.35
C GLU D 1087 43.23 14.86 -2.49
N VAL D 1088 43.49 13.81 -1.70
CA VAL D 1088 42.69 12.60 -1.79
C VAL D 1088 41.25 12.89 -1.42
N HIS D 1089 41.03 13.70 -0.38
CA HIS D 1089 39.66 14.00 0.03
C HIS D 1089 38.89 14.68 -1.09
N GLN D 1090 39.47 15.71 -1.70
CA GLN D 1090 38.78 16.44 -2.75
C GLN D 1090 38.55 15.58 -3.98
N VAL D 1091 39.55 14.79 -4.38
CA VAL D 1091 39.39 13.98 -5.58
C VAL D 1091 38.35 12.89 -5.36
N LEU D 1092 38.29 12.34 -4.15
CA LEU D 1092 37.29 11.33 -3.85
C LEU D 1092 35.89 11.93 -3.78
N THR D 1093 35.77 13.15 -3.26
CA THR D 1093 34.47 13.81 -3.21
C THR D 1093 33.99 14.15 -4.62
N LEU D 1094 34.92 14.51 -5.52
CA LEU D 1094 34.53 14.91 -6.87
C LEU D 1094 33.95 13.75 -7.66
N ASN D 1095 34.39 12.53 -7.39
CA ASN D 1095 33.94 11.36 -8.14
C ASN D 1095 32.76 10.65 -7.47
N ARG D 1096 32.14 11.27 -6.48
CA ARG D 1096 31.01 10.69 -5.76
C ARG D 1096 31.40 9.34 -5.16
N LEU D 1097 32.59 9.26 -4.57
CA LEU D 1097 33.11 8.02 -4.03
C LEU D 1097 33.50 8.11 -2.56
N ARG D 1098 33.40 9.28 -1.95
CA ARG D 1098 33.87 9.44 -0.57
C ARG D 1098 33.02 8.65 0.40
N HIS D 1099 31.74 8.46 0.11
CA HIS D 1099 30.84 7.77 1.02
C HIS D 1099 31.09 6.27 1.11
N ARG D 1100 32.15 5.72 0.52
CA ARG D 1100 32.40 4.29 0.58
C ARG D 1100 33.66 3.91 1.36
N VAL D 1101 34.68 4.76 1.35
CA VAL D 1101 35.96 4.41 1.96
C VAL D 1101 36.26 5.39 3.09
N ARG D 1102 37.07 4.91 4.04
CA ARG D 1102 37.55 5.72 5.14
C ARG D 1102 38.95 6.24 4.84
N LEU D 1103 39.34 7.30 5.55
CA LEU D 1103 40.66 7.89 5.41
C LEU D 1103 41.37 7.82 6.75
N ARG D 1104 42.66 7.56 6.71
CA ARG D 1104 43.47 7.41 7.92
C ARG D 1104 44.84 8.03 7.65
N THR D 1105 45.30 8.85 8.58
CA THR D 1105 46.57 9.55 8.42
C THR D 1105 47.47 9.27 9.61
N ASP D 1106 48.77 9.48 9.40
CA ASP D 1106 49.77 9.29 10.45
C ASP D 1106 51.07 9.91 9.99
N GLY D 1107 51.95 10.15 10.96
CA GLY D 1107 53.24 10.74 10.68
C GLY D 1107 53.37 12.16 11.21
N GLY D 1108 54.01 12.30 12.37
CA GLY D 1108 54.20 13.60 12.97
C GLY D 1108 53.07 14.08 13.86
N LEU D 1109 52.28 13.17 14.42
CA LEU D 1109 51.18 13.54 15.30
C LEU D 1109 51.66 13.50 16.74
N LYS D 1110 51.59 14.63 17.44
CA LYS D 1110 52.17 14.73 18.77
C LYS D 1110 51.18 15.23 19.81
N THR D 1111 50.29 16.14 19.42
CA THR D 1111 49.34 16.73 20.37
C THR D 1111 47.91 16.58 19.88
N GLY D 1112 46.97 17.24 20.56
CA GLY D 1112 45.57 17.15 20.19
C GLY D 1112 45.20 18.14 19.09
N ARG D 1113 45.88 19.28 19.06
CA ARG D 1113 45.65 20.24 17.99
C ARG D 1113 45.94 19.61 16.63
N ASP D 1114 47.01 18.82 16.54
CA ASP D 1114 47.32 18.13 15.29
C ASP D 1114 46.20 17.18 14.89
N ILE D 1115 45.63 16.47 15.86
CA ILE D 1115 44.56 15.52 15.57
C ILE D 1115 43.32 16.25 15.09
N VAL D 1116 42.98 17.38 15.71
CA VAL D 1116 41.80 18.12 15.28
C VAL D 1116 42.00 18.69 13.88
N ILE D 1117 43.22 19.16 13.58
CA ILE D 1117 43.48 19.67 12.24
C ILE D 1117 43.38 18.56 11.21
N ALA D 1118 43.93 17.39 11.53
CA ALA D 1118 43.84 16.26 10.61
C ALA D 1118 42.40 15.83 10.39
N ALA D 1119 41.57 15.91 11.44
CA ALA D 1119 40.17 15.56 11.30
C ALA D 1119 39.44 16.58 10.44
N MET D 1120 39.79 17.86 10.58
CA MET D 1120 39.18 18.87 9.71
C MET D 1120 39.55 18.66 8.26
N LEU D 1121 40.80 18.28 8.00
CA LEU D 1121 41.24 18.13 6.62
C LEU D 1121 40.55 16.97 5.91
N GLY D 1122 40.04 15.98 6.64
CA GLY D 1122 39.30 14.91 6.01
C GLY D 1122 39.47 13.53 6.62
N ALA D 1123 40.51 13.34 7.43
CA ALA D 1123 40.76 12.03 8.00
C ALA D 1123 39.70 11.67 9.05
N GLU D 1124 39.68 10.39 9.41
CA GLU D 1124 38.70 9.89 10.38
C GLU D 1124 39.39 9.14 11.51
N GLU D 1125 40.46 8.42 11.20
CA GLU D 1125 41.24 7.69 12.19
C GLU D 1125 42.68 8.21 12.14
N PHE D 1126 43.46 7.85 13.17
CA PHE D 1126 44.78 8.43 13.33
C PHE D 1126 45.76 7.39 13.85
N GLY D 1127 47.00 7.49 13.40
CA GLY D 1127 48.08 6.65 13.90
C GLY D 1127 49.13 7.52 14.57
N ILE D 1128 49.71 6.99 15.64
CA ILE D 1128 50.60 7.74 16.51
C ILE D 1128 52.07 7.34 16.31
N GLY D 1129 52.40 6.09 16.64
CA GLY D 1129 53.72 5.58 16.34
C GLY D 1129 54.84 6.02 17.27
N THR D 1130 55.70 6.91 16.79
CA THR D 1130 56.94 7.24 17.49
C THR D 1130 56.68 7.72 18.91
N ALA D 1131 55.68 8.59 19.09
CA ALA D 1131 55.37 9.08 20.42
C ALA D 1131 55.12 7.94 21.38
N SER D 1132 54.41 6.90 20.94
CA SER D 1132 54.19 5.72 21.77
C SER D 1132 55.51 5.12 22.23
N LEU D 1133 56.46 4.97 21.31
CA LEU D 1133 57.78 4.46 21.68
C LEU D 1133 58.43 5.31 22.75
N ILE D 1134 58.20 6.63 22.70
CA ILE D 1134 58.79 7.50 23.72
C ILE D 1134 58.11 7.26 25.07
N ALA D 1135 56.82 6.93 25.05
CA ALA D 1135 56.12 6.63 26.29
C ALA D 1135 56.63 5.36 26.95
N MET D 1136 57.24 4.46 26.18
CA MET D 1136 57.76 3.21 26.74
C MET D 1136 59.23 3.29 27.13
N GLY D 1137 59.91 4.39 26.84
CA GLY D 1137 61.27 4.54 27.31
C GLY D 1137 62.26 5.04 26.28
N CYS D 1138 61.92 4.96 25.00
CA CYS D 1138 62.85 5.39 23.96
C CYS D 1138 63.15 6.87 24.11
N ILE D 1139 64.43 7.21 23.96
CA ILE D 1139 64.89 8.58 24.21
C ILE D 1139 65.61 9.12 22.98
N MET D 1140 65.24 8.62 21.81
CA MET D 1140 65.75 9.11 20.53
C MET D 1140 67.27 9.00 20.46
N VAL D 1141 67.77 7.79 20.62
CA VAL D 1141 69.20 7.55 20.53
C VAL D 1141 69.65 7.50 19.07
N ARG D 1142 68.79 7.01 18.18
CA ARG D 1142 69.08 6.88 16.75
C ARG D 1142 70.25 5.93 16.50
N GLN D 1143 70.18 4.76 17.12
CA GLN D 1143 71.12 3.67 16.82
C GLN D 1143 70.37 2.35 16.75
N CYS D 1144 69.19 2.37 16.15
CA CYS D 1144 68.39 1.15 16.06
C CYS D 1144 69.05 0.13 15.15
N HIS D 1145 69.73 0.58 14.10
CA HIS D 1145 70.34 -0.34 13.14
C HIS D 1145 71.60 -1.00 13.68
N SER D 1146 72.22 -0.42 14.71
CA SER D 1146 73.46 -0.98 15.25
C SER D 1146 73.22 -2.06 16.30
N ASN D 1147 71.96 -2.31 16.68
CA ASN D 1147 71.61 -3.37 17.62
C ASN D 1147 72.20 -3.11 19.01
N THR D 1148 72.37 -1.86 19.39
CA THR D 1148 72.89 -1.49 20.71
C THR D 1148 72.09 -0.35 21.31
N CYS D 1149 70.76 -0.41 21.23
CA CYS D 1149 69.95 0.61 21.89
C CYS D 1149 70.01 0.40 23.39
N PRO D 1150 70.39 1.42 24.16
CA PRO D 1150 70.65 1.18 25.60
C PRO D 1150 69.42 0.80 26.38
N VAL D 1151 68.28 1.46 26.13
CA VAL D 1151 67.08 1.17 26.90
C VAL D 1151 66.58 -0.24 26.59
N GLY D 1152 66.64 -0.64 25.33
CA GLY D 1152 66.25 -2.00 24.96
C GLY D 1152 64.94 -2.06 24.23
N VAL D 1153 64.64 -1.05 23.43
CA VAL D 1153 63.40 -1.02 22.65
C VAL D 1153 63.58 -1.73 21.32
N CYS D 1154 64.59 -1.35 20.54
CA CYS D 1154 64.91 -2.03 19.29
C CYS D 1154 66.26 -2.72 19.48
N VAL D 1155 66.22 -3.89 20.11
CA VAL D 1155 67.41 -4.70 20.36
C VAL D 1155 67.03 -6.17 20.26
N GLN D 1156 67.92 -6.98 19.71
CA GLN D 1156 67.74 -8.42 19.70
C GLN D 1156 68.71 -9.16 20.61
N ASP D 1157 69.68 -8.46 21.19
CA ASP D 1157 70.56 -9.07 22.18
C ASP D 1157 69.78 -9.31 23.47
N ASP D 1158 70.36 -10.13 24.34
CA ASP D 1158 69.69 -10.51 25.58
C ASP D 1158 70.07 -9.59 26.74
N LYS D 1159 71.37 -9.35 26.91
CA LYS D 1159 71.84 -8.50 28.02
C LYS D 1159 71.29 -7.09 27.92
N LEU D 1160 70.95 -6.62 26.72
CA LEU D 1160 70.29 -5.33 26.57
C LEU D 1160 68.78 -5.43 26.71
N ARG D 1161 68.18 -6.52 26.22
CA ARG D 1161 66.74 -6.70 26.40
C ARG D 1161 66.37 -6.81 27.87
N GLN D 1162 67.32 -7.21 28.73
CA GLN D 1162 67.03 -7.27 30.16
C GLN D 1162 66.90 -5.89 30.80
N LYS D 1163 67.09 -4.81 30.04
CA LYS D 1163 67.00 -3.46 30.56
C LYS D 1163 65.64 -2.81 30.28
N PHE D 1164 64.68 -3.56 29.76
CA PHE D 1164 63.40 -2.97 29.36
C PHE D 1164 62.67 -2.43 30.58
N VAL D 1165 61.98 -1.30 30.39
CA VAL D 1165 61.30 -0.62 31.49
C VAL D 1165 59.88 -0.27 31.07
N GLY D 1166 59.43 -0.81 29.94
CA GLY D 1166 58.11 -0.50 29.45
C GLY D 1166 57.01 -1.07 30.32
N THR D 1167 55.80 -0.57 30.10
CA THR D 1167 54.63 -0.94 30.87
C THR D 1167 53.36 -0.47 30.15
N PRO D 1168 52.34 -1.33 30.01
CA PRO D 1168 51.17 -0.95 29.21
C PRO D 1168 50.40 0.25 29.76
N GLU D 1169 50.34 0.40 31.08
CA GLU D 1169 49.64 1.54 31.67
C GLU D 1169 50.21 2.86 31.16
N LYS D 1170 51.50 2.89 30.81
CA LYS D 1170 52.08 4.10 30.24
C LYS D 1170 51.38 4.48 28.95
N VAL D 1171 51.25 3.52 28.03
CA VAL D 1171 50.60 3.80 26.75
C VAL D 1171 49.14 4.15 26.97
N VAL D 1172 48.48 3.47 27.92
CA VAL D 1172 47.07 3.78 28.18
C VAL D 1172 46.92 5.21 28.66
N ASN D 1173 47.80 5.66 29.56
CA ASN D 1173 47.74 7.03 30.04
C ASN D 1173 48.02 8.03 28.92
N LEU D 1174 48.98 7.70 28.04
CA LEU D 1174 49.24 8.54 26.88
C LEU D 1174 47.99 8.75 26.06
N PHE D 1175 47.31 7.65 25.70
CA PHE D 1175 46.13 7.76 24.86
C PHE D 1175 45.00 8.49 25.58
N THR D 1176 44.86 8.28 26.89
CA THR D 1176 43.83 8.97 27.64
C THR D 1176 44.04 10.48 27.61
N PHE D 1177 45.28 10.92 27.87
CA PHE D 1177 45.57 12.35 27.83
C PHE D 1177 45.34 12.91 26.43
N LEU D 1178 45.77 12.17 25.41
CA LEU D 1178 45.63 12.65 24.05
C LEU D 1178 44.17 12.80 23.65
N ALA D 1179 43.30 11.92 24.16
CA ALA D 1179 41.87 12.06 23.86
C ALA D 1179 41.22 13.17 24.67
N GLU D 1180 41.64 13.35 25.93
CA GLU D 1180 41.07 14.43 26.72
C GLU D 1180 41.42 15.80 26.14
N GLU D 1181 42.61 15.94 25.56
CA GLU D 1181 42.95 17.20 24.90
C GLU D 1181 42.01 17.49 23.74
N VAL D 1182 41.72 16.48 22.92
CA VAL D 1182 40.80 16.67 21.80
C VAL D 1182 39.42 17.04 22.30
N ARG D 1183 38.98 16.42 23.40
CA ARG D 1183 37.69 16.79 23.96
C ARG D 1183 37.69 18.25 24.40
N GLU D 1184 38.76 18.69 25.06
CA GLU D 1184 38.84 20.08 25.49
C GLU D 1184 38.75 21.03 24.29
N ILE D 1185 39.48 20.71 23.22
CA ILE D 1185 39.51 21.60 22.06
C ILE D 1185 38.14 21.64 21.38
N LEU D 1186 37.51 20.48 21.20
CA LEU D 1186 36.21 20.44 20.54
C LEU D 1186 35.16 21.16 21.38
N ALA D 1187 35.24 21.06 22.71
CA ALA D 1187 34.33 21.81 23.55
C ALA D 1187 34.56 23.31 23.40
N GLY D 1188 35.82 23.74 23.41
CA GLY D 1188 36.11 25.15 23.22
C GLY D 1188 35.65 25.68 21.88
N LEU D 1189 35.62 24.83 20.86
CA LEU D 1189 35.17 25.28 19.54
C LEU D 1189 33.66 25.45 19.48
N GLY D 1190 32.90 24.45 19.92
CA GLY D 1190 31.46 24.57 19.92
C GLY D 1190 30.71 23.38 19.37
N PHE D 1191 31.41 22.27 19.14
CA PHE D 1191 30.79 21.05 18.65
C PHE D 1191 30.83 19.97 19.72
N ARG D 1192 30.01 18.94 19.52
CA ARG D 1192 29.86 17.87 20.51
C ARG D 1192 30.27 16.50 19.98
N SER D 1193 30.93 16.43 18.83
CA SER D 1193 31.36 15.16 18.28
C SER D 1193 32.34 15.42 17.14
N LEU D 1194 33.24 14.46 16.92
CA LEU D 1194 34.18 14.57 15.82
C LEU D 1194 33.50 14.46 14.45
N ASN D 1195 32.34 13.79 14.38
CA ASN D 1195 31.66 13.67 13.10
C ASN D 1195 31.18 15.04 12.60
N GLU D 1196 30.93 15.97 13.50
CA GLU D 1196 30.44 17.28 13.12
C GLU D 1196 31.53 18.17 12.52
N VAL D 1197 32.80 17.80 12.68
CA VAL D 1197 33.91 18.64 12.25
C VAL D 1197 34.69 18.04 11.09
N ILE D 1198 34.45 16.78 10.75
CA ILE D 1198 35.19 16.15 9.66
C ILE D 1198 34.80 16.80 8.34
N GLY D 1199 35.81 17.23 7.58
CA GLY D 1199 35.59 17.81 6.28
C GLY D 1199 35.29 19.30 6.27
N ARG D 1200 34.91 19.87 7.41
CA ARG D 1200 34.54 21.28 7.48
C ARG D 1200 35.82 22.12 7.41
N THR D 1201 36.32 22.28 6.19
CA THR D 1201 37.61 22.95 5.99
C THR D 1201 37.51 24.44 6.29
N ASP D 1202 36.32 25.03 6.13
CA ASP D 1202 36.17 26.47 6.31
C ASP D 1202 36.38 26.95 7.73
N LEU D 1203 36.69 26.06 8.68
CA LEU D 1203 37.04 26.44 10.03
C LEU D 1203 38.54 26.65 10.22
N LEU D 1204 39.27 26.89 9.13
CA LEU D 1204 40.72 27.03 9.18
C LEU D 1204 41.13 28.29 8.44
N HIS D 1205 42.03 29.06 9.02
CA HIS D 1205 42.56 30.25 8.37
C HIS D 1205 44.08 30.17 8.32
N GLN D 1206 44.65 30.91 7.38
CA GLN D 1206 46.10 30.95 7.20
C GLN D 1206 46.62 32.29 7.69
N VAL D 1207 47.58 32.25 8.61
CA VAL D 1207 48.21 33.45 9.14
C VAL D 1207 49.66 33.48 8.71
N SER D 1208 50.19 34.68 8.55
CA SER D 1208 51.56 34.87 8.12
C SER D 1208 52.50 34.94 9.32
N ARG D 1209 53.76 34.57 9.08
CA ARG D 1209 54.76 34.62 10.14
C ARG D 1209 55.14 36.05 10.50
N GLY D 1210 54.90 37.00 9.62
CA GLY D 1210 55.25 38.38 9.87
C GLY D 1210 55.71 39.06 8.60
N ALA D 1211 55.95 40.36 8.72
CA ALA D 1211 56.40 41.19 7.61
C ALA D 1211 57.91 41.26 7.50
N GLU D 1212 58.63 40.28 8.04
CA GLU D 1212 60.08 40.27 7.99
C GLU D 1212 60.65 38.99 7.39
N HIS D 1213 59.83 38.01 7.07
CA HIS D 1213 60.28 36.76 6.46
C HIS D 1213 60.00 36.68 4.97
N LEU D 1214 58.86 37.22 4.52
CA LEU D 1214 58.58 37.41 3.10
C LEU D 1214 58.56 36.09 2.33
N ASP D 1215 57.74 35.16 2.80
CA ASP D 1215 57.42 33.96 2.03
C ASP D 1215 55.99 34.05 1.55
N ASP D 1216 55.78 33.75 0.27
CA ASP D 1216 54.48 33.90 -0.36
C ASP D 1216 53.68 32.59 -0.39
N LEU D 1217 53.85 31.75 0.63
CA LEU D 1217 53.10 30.51 0.70
C LEU D 1217 51.60 30.80 0.75
N ASP D 1218 50.85 30.13 -0.11
CA ASP D 1218 49.39 30.21 -0.11
C ASP D 1218 48.84 28.80 0.01
N LEU D 1219 48.28 28.48 1.16
CA LEU D 1219 47.75 27.14 1.42
C LEU D 1219 46.33 26.97 0.92
N ASN D 1220 45.78 27.96 0.22
CA ASN D 1220 44.44 27.84 -0.33
C ASN D 1220 44.21 26.59 -1.16
N PRO D 1221 45.19 26.06 -1.93
CA PRO D 1221 44.96 24.80 -2.64
C PRO D 1221 44.46 23.65 -1.76
N ARG D 1222 44.73 23.70 -0.46
CA ARG D 1222 44.23 22.68 0.46
C ARG D 1222 43.10 23.18 1.34
N LEU D 1223 42.71 24.45 1.22
CA LEU D 1223 41.54 24.96 1.91
C LEU D 1223 40.32 25.06 1.00
N ALA D 1224 40.47 24.73 -0.27
CA ALA D 1224 39.33 24.73 -1.17
C ALA D 1224 38.33 23.66 -0.75
N GLN D 1225 37.05 24.02 -0.75
CA GLN D 1225 35.98 23.15 -0.28
C GLN D 1225 35.15 22.69 -1.46
N VAL D 1226 35.13 21.38 -1.70
CA VAL D 1226 34.29 20.79 -2.72
C VAL D 1226 32.98 20.38 -2.07
N ASP D 1227 31.87 20.92 -2.56
CA ASP D 1227 30.59 20.66 -1.94
C ASP D 1227 30.14 19.24 -2.21
N PRO D 1228 29.81 18.46 -1.18
CA PRO D 1228 29.53 17.02 -1.38
C PRO D 1228 28.26 16.75 -2.18
N GLY D 1229 27.16 17.36 -1.77
CA GLY D 1229 25.88 17.12 -2.43
C GLY D 1229 24.87 16.44 -1.52
N GLU D 1230 24.47 15.23 -1.89
CA GLU D 1230 23.49 14.49 -1.10
C GLU D 1230 24.14 13.68 0.01
N ASN D 1231 25.24 13.00 -0.28
CA ASN D 1231 25.90 12.15 0.69
C ASN D 1231 26.65 12.99 1.73
N ALA D 1232 26.99 12.35 2.84
CA ALA D 1232 27.72 13.01 3.91
C ALA D 1232 29.18 13.14 3.52
N ARG D 1233 30.01 13.59 4.46
CA ARG D 1233 31.43 13.79 4.21
C ARG D 1233 32.29 12.69 4.83
N TYR D 1234 31.73 11.51 5.08
CA TYR D 1234 32.50 10.42 5.66
C TYR D 1234 31.81 9.10 5.30
N CYS D 1235 32.47 8.01 5.68
CA CYS D 1235 31.94 6.68 5.40
C CYS D 1235 30.58 6.48 6.07
N THR D 1236 29.61 6.00 5.31
CA THR D 1236 28.26 5.77 5.80
C THR D 1236 27.76 4.40 5.37
N LEU D 1237 28.59 3.38 5.52
CA LEU D 1237 28.15 2.00 5.30
C LEU D 1237 28.87 1.10 6.28
N GLN D 1238 28.16 0.08 6.75
CA GLN D 1238 28.71 -0.89 7.68
C GLN D 1238 29.12 -2.15 6.93
N GLY D 1239 30.14 -2.82 7.42
CA GLY D 1239 30.68 -4.00 6.77
C GLY D 1239 31.48 -3.66 5.53
N ARG D 1240 32.29 -4.62 5.11
CA ARG D 1240 33.16 -4.42 3.97
C ARG D 1240 32.37 -4.37 2.67
N ASN D 1241 33.01 -3.85 1.63
CA ASN D 1241 32.41 -3.83 0.29
C ASN D 1241 32.48 -5.22 -0.32
N GLU D 1242 31.33 -5.79 -0.63
CA GLU D 1242 31.27 -7.19 -1.03
C GLU D 1242 31.80 -7.38 -2.46
N VAL D 1243 32.11 -8.63 -2.78
CA VAL D 1243 32.69 -8.98 -4.07
C VAL D 1243 31.89 -10.13 -4.67
N PRO D 1244 31.97 -10.32 -5.98
CA PRO D 1244 31.26 -11.45 -6.62
C PRO D 1244 31.76 -12.78 -6.08
N ASP D 1245 31.04 -13.84 -6.46
CA ASP D 1245 31.25 -15.16 -5.89
C ASP D 1245 31.73 -16.11 -6.98
N THR D 1246 32.80 -16.84 -6.70
CA THR D 1246 33.44 -17.73 -7.65
C THR D 1246 32.91 -19.15 -7.51
N LEU D 1247 33.60 -20.11 -8.13
CA LEU D 1247 33.20 -21.50 -8.09
C LEU D 1247 33.19 -22.05 -6.66
N ASP D 1248 34.03 -21.51 -5.78
CA ASP D 1248 34.23 -22.08 -4.46
C ASP D 1248 32.90 -22.33 -3.75
N ALA D 1249 31.94 -21.42 -3.92
CA ALA D 1249 30.64 -21.57 -3.27
C ALA D 1249 30.03 -22.93 -3.55
N ARG D 1250 29.94 -23.31 -4.83
CA ARG D 1250 29.38 -24.61 -5.18
C ARG D 1250 30.10 -25.72 -4.43
N ILE D 1251 31.43 -25.65 -4.36
CA ILE D 1251 32.18 -26.68 -3.66
C ILE D 1251 31.76 -26.76 -2.21
N VAL D 1252 31.60 -25.60 -1.56
CA VAL D 1252 31.18 -25.59 -0.16
C VAL D 1252 29.79 -26.18 -0.03
N ALA D 1253 28.96 -26.05 -1.07
CA ALA D 1253 27.62 -26.62 -1.03
C ALA D 1253 27.62 -28.11 -1.32
N ASP D 1254 28.72 -28.65 -1.87
CA ASP D 1254 28.78 -30.04 -2.26
C ASP D 1254 29.53 -30.91 -1.27
N ALA D 1255 30.63 -30.41 -0.71
CA ALA D 1255 31.42 -31.17 0.26
C ALA D 1255 31.01 -30.83 1.69
N ARG D 1256 29.72 -30.99 1.96
CA ARG D 1256 29.19 -30.77 3.30
C ARG D 1256 29.54 -31.91 4.25
N PRO D 1257 29.49 -33.18 3.82
CA PRO D 1257 29.96 -34.26 4.69
C PRO D 1257 31.36 -34.06 5.24
N LEU D 1258 32.24 -33.35 4.53
CA LEU D 1258 33.56 -33.09 5.08
C LEU D 1258 33.48 -32.17 6.28
N PHE D 1259 32.57 -31.20 6.25
CA PHE D 1259 32.48 -30.21 7.31
C PHE D 1259 31.57 -30.64 8.46
N GLU D 1260 30.65 -31.57 8.22
CA GLU D 1260 29.79 -32.10 9.28
C GLU D 1260 30.17 -33.50 9.71
N GLU D 1261 30.47 -34.38 8.76
CA GLU D 1261 30.65 -35.79 9.08
C GLU D 1261 32.13 -36.11 9.34
N GLY D 1262 33.03 -35.47 8.61
CA GLY D 1262 34.45 -35.70 8.76
C GLY D 1262 34.96 -36.84 7.89
N GLU D 1263 34.68 -36.78 6.59
CA GLU D 1263 34.98 -37.88 5.68
C GLU D 1263 35.64 -37.37 4.42
N LYS D 1264 36.22 -38.29 3.66
CA LYS D 1264 36.86 -37.96 2.39
C LYS D 1264 35.82 -37.57 1.35
N MET D 1265 36.27 -36.87 0.32
CA MET D 1265 35.42 -36.46 -0.79
C MET D 1265 36.23 -36.51 -2.08
N GLN D 1266 35.54 -36.29 -3.20
CA GLN D 1266 36.17 -36.27 -4.51
C GLN D 1266 35.23 -35.55 -5.46
N LEU D 1267 35.67 -34.42 -5.99
CA LEU D 1267 34.80 -33.57 -6.81
C LEU D 1267 35.41 -33.33 -8.17
N ALA D 1268 34.56 -33.09 -9.17
CA ALA D 1268 35.00 -32.84 -10.53
C ALA D 1268 34.13 -31.76 -11.15
N TYR D 1269 34.77 -30.69 -11.62
CA TYR D 1269 34.05 -29.57 -12.22
C TYR D 1269 34.73 -29.19 -13.53
N ASN D 1270 34.27 -28.10 -14.12
CA ASN D 1270 34.85 -27.55 -15.34
C ASN D 1270 35.34 -26.14 -15.03
N ALA D 1271 36.63 -25.90 -15.22
CA ALA D 1271 37.24 -24.63 -14.91
C ALA D 1271 37.28 -23.75 -16.15
N ARG D 1272 37.02 -22.46 -15.96
CA ARG D 1272 37.09 -21.47 -17.02
C ARG D 1272 37.94 -20.30 -16.56
N ASN D 1273 38.55 -19.60 -17.52
CA ASN D 1273 39.46 -18.52 -17.19
C ASN D 1273 38.78 -17.34 -16.51
N THR D 1274 37.44 -17.32 -16.48
CA THR D 1274 36.71 -16.26 -15.81
C THR D 1274 36.40 -16.57 -14.36
N GLN D 1275 37.12 -17.52 -13.76
CA GLN D 1275 36.90 -17.92 -12.38
C GLN D 1275 38.22 -17.78 -11.63
N ARG D 1276 38.27 -16.84 -10.69
CA ARG D 1276 39.50 -16.50 -10.00
C ARG D 1276 39.54 -17.13 -8.62
N ALA D 1277 40.76 -17.50 -8.20
CA ALA D 1277 41.03 -18.00 -6.85
C ALA D 1277 40.17 -19.22 -6.52
N ILE D 1278 40.37 -20.27 -7.30
CA ILE D 1278 39.64 -21.52 -7.10
C ILE D 1278 40.29 -22.28 -5.94
N GLY D 1279 39.52 -22.52 -4.89
CA GLY D 1279 40.01 -23.28 -3.76
C GLY D 1279 40.56 -22.47 -2.62
N THR D 1280 40.21 -21.20 -2.50
CA THR D 1280 40.64 -20.35 -1.39
C THR D 1280 39.64 -20.33 -0.25
N ARG D 1281 38.35 -20.20 -0.56
CA ARG D 1281 37.33 -20.21 0.48
C ARG D 1281 37.30 -21.55 1.21
N LEU D 1282 37.39 -22.64 0.44
CA LEU D 1282 37.47 -23.97 1.06
C LEU D 1282 38.65 -24.06 2.01
N SER D 1283 39.78 -23.44 1.65
CA SER D 1283 40.93 -23.41 2.54
C SER D 1283 40.60 -22.65 3.82
N SER D 1284 39.81 -21.58 3.71
CA SER D 1284 39.41 -20.84 4.91
C SER D 1284 38.56 -21.70 5.83
N MET D 1285 37.57 -22.39 5.27
CA MET D 1285 36.72 -23.25 6.11
C MET D 1285 37.54 -24.35 6.75
N VAL D 1286 38.47 -24.95 6.01
CA VAL D 1286 39.26 -26.04 6.57
C VAL D 1286 40.18 -25.52 7.67
N THR D 1287 40.79 -24.36 7.46
CA THR D 1287 41.65 -23.77 8.48
C THR D 1287 40.87 -23.47 9.75
N ARG D 1288 39.67 -22.89 9.61
CA ARG D 1288 38.88 -22.60 10.80
C ARG D 1288 38.41 -23.87 11.49
N LYS D 1289 38.17 -24.95 10.74
CA LYS D 1289 37.65 -26.17 11.34
C LYS D 1289 38.76 -27.01 11.98
N PHE D 1290 39.73 -27.45 11.18
CA PHE D 1290 40.76 -28.35 11.67
C PHE D 1290 42.11 -27.68 11.89
N GLY D 1291 42.44 -26.67 11.12
CA GLY D 1291 43.75 -26.05 11.18
C GLY D 1291 44.56 -26.35 9.93
N MET D 1292 45.80 -25.88 9.93
CA MET D 1292 46.64 -26.02 8.76
C MET D 1292 47.07 -27.47 8.54
N PHE D 1293 47.39 -28.18 9.62
CA PHE D 1293 47.89 -29.54 9.48
C PHE D 1293 47.01 -30.55 10.23
N GLY D 1294 45.69 -30.42 10.07
CA GLY D 1294 44.78 -31.30 10.76
C GLY D 1294 44.30 -32.47 9.95
N LEU D 1295 44.52 -32.44 8.63
CA LEU D 1295 44.04 -33.48 7.73
C LEU D 1295 45.21 -34.15 7.04
N GLN D 1296 45.05 -35.44 6.76
CA GLN D 1296 46.03 -36.17 5.98
C GLN D 1296 46.10 -35.62 4.57
N PRO D 1297 47.20 -35.83 3.86
CA PRO D 1297 47.29 -35.36 2.47
C PRO D 1297 46.25 -36.03 1.58
N GLY D 1298 45.66 -35.24 0.70
CA GLY D 1298 44.67 -35.78 -0.23
C GLY D 1298 43.34 -36.11 0.41
N HIS D 1299 42.95 -35.39 1.45
CA HIS D 1299 41.67 -35.68 2.10
C HIS D 1299 40.50 -35.24 1.22
N ILE D 1300 40.61 -34.09 0.57
CA ILE D 1300 39.62 -33.62 -0.37
C ILE D 1300 40.32 -33.24 -1.67
N THR D 1301 39.87 -33.83 -2.78
CA THR D 1301 40.51 -33.63 -4.07
C THR D 1301 39.50 -33.15 -5.09
N ILE D 1302 39.95 -32.23 -5.95
CA ILE D 1302 39.13 -31.60 -6.96
C ILE D 1302 39.81 -31.76 -8.31
N ARG D 1303 39.03 -32.05 -9.34
CA ARG D 1303 39.53 -32.25 -10.69
C ARG D 1303 38.86 -31.25 -11.62
N LEU D 1304 39.67 -30.42 -12.28
CA LEU D 1304 39.20 -29.40 -13.20
C LEU D 1304 39.73 -29.68 -14.60
N ARG D 1305 38.92 -29.35 -15.60
CA ARG D 1305 39.27 -29.57 -17.00
C ARG D 1305 39.10 -28.26 -17.76
N GLY D 1306 40.21 -27.63 -18.13
CA GLY D 1306 40.17 -26.40 -18.88
C GLY D 1306 41.10 -25.36 -18.30
N THR D 1307 41.13 -24.22 -18.97
CA THR D 1307 41.99 -23.11 -18.56
C THR D 1307 41.48 -22.52 -17.25
N ALA D 1308 42.24 -22.71 -16.17
CA ALA D 1308 41.90 -22.11 -14.90
C ALA D 1308 42.14 -20.60 -14.95
N GLY D 1309 41.62 -19.91 -13.94
CA GLY D 1309 41.78 -18.46 -13.90
C GLY D 1309 43.13 -18.04 -13.37
N GLN D 1310 43.17 -16.98 -12.57
CA GLN D 1310 44.39 -16.52 -11.94
C GLN D 1310 44.37 -16.88 -10.45
N SER D 1311 45.58 -16.94 -9.87
CA SER D 1311 45.75 -17.22 -8.45
C SER D 1311 45.11 -18.56 -8.08
N LEU D 1312 45.21 -19.53 -8.98
CA LEU D 1312 44.59 -20.83 -8.76
C LEU D 1312 45.17 -21.49 -7.53
N GLY D 1313 44.32 -21.82 -6.57
CA GLY D 1313 44.76 -22.48 -5.36
C GLY D 1313 45.61 -21.64 -4.46
N ALA D 1314 45.32 -20.36 -4.33
CA ALA D 1314 46.08 -19.49 -3.45
C ALA D 1314 45.73 -19.76 -1.99
N PHE D 1315 46.76 -19.84 -1.15
CA PHE D 1315 46.60 -20.03 0.29
C PHE D 1315 45.89 -21.35 0.60
N ALA D 1316 46.29 -22.40 -0.10
CA ALA D 1316 45.72 -23.72 0.11
C ALA D 1316 46.47 -24.44 1.24
N VAL D 1317 45.72 -25.14 2.09
CA VAL D 1317 46.28 -25.80 3.25
C VAL D 1317 46.45 -27.29 2.95
N GLN D 1318 47.17 -27.98 3.83
CA GLN D 1318 47.34 -29.42 3.67
C GLN D 1318 46.02 -30.14 3.83
N GLY D 1319 45.81 -31.17 3.01
CA GLY D 1319 44.55 -31.87 2.94
C GLY D 1319 43.72 -31.54 1.72
N ILE D 1320 44.19 -30.64 0.87
CA ILE D 1320 43.48 -30.23 -0.34
C ILE D 1320 44.37 -30.55 -1.54
N LYS D 1321 43.80 -31.22 -2.54
CA LYS D 1321 44.55 -31.59 -3.73
C LYS D 1321 43.78 -31.17 -4.98
N LEU D 1322 44.33 -30.22 -5.72
CA LEU D 1322 43.75 -29.76 -6.97
C LEU D 1322 44.47 -30.42 -8.14
N GLU D 1323 43.72 -30.78 -9.18
CA GLU D 1323 44.28 -31.42 -10.36
C GLU D 1323 43.67 -30.79 -11.60
N VAL D 1324 44.46 -30.00 -12.32
CA VAL D 1324 43.99 -29.27 -13.49
C VAL D 1324 44.49 -29.98 -14.75
N MET D 1325 43.59 -30.16 -15.71
CA MET D 1325 43.93 -30.72 -17.01
C MET D 1325 43.78 -29.62 -18.04
N GLY D 1326 44.91 -29.13 -18.55
CA GLY D 1326 44.91 -27.93 -19.36
C GLY D 1326 46.05 -27.00 -18.99
N ASP D 1327 45.73 -25.81 -18.49
CA ASP D 1327 46.76 -24.86 -18.11
C ASP D 1327 46.22 -23.89 -17.09
N ALA D 1328 47.12 -23.12 -16.48
CA ALA D 1328 46.79 -22.08 -15.53
C ALA D 1328 47.36 -20.76 -16.04
N ASN D 1329 46.70 -19.65 -15.66
CA ASN D 1329 47.09 -18.36 -16.22
C ASN D 1329 48.28 -17.76 -15.50
N ASP D 1330 48.14 -17.42 -14.22
CA ASP D 1330 49.19 -16.74 -13.50
C ASP D 1330 49.01 -16.95 -12.00
N TYR D 1331 50.07 -16.64 -11.26
CA TYR D 1331 50.05 -16.67 -9.79
C TYR D 1331 49.59 -18.02 -9.26
N VAL D 1332 49.83 -19.09 -10.01
CA VAL D 1332 49.40 -20.41 -9.58
C VAL D 1332 50.17 -20.80 -8.33
N GLY D 1333 49.43 -21.22 -7.30
CA GLY D 1333 50.05 -21.59 -6.05
C GLY D 1333 50.66 -20.44 -5.29
N LYS D 1334 50.09 -19.24 -5.40
CA LYS D 1334 50.59 -18.11 -4.64
C LYS D 1334 50.31 -18.31 -3.16
N GLY D 1335 51.33 -18.15 -2.33
CA GLY D 1335 51.15 -18.25 -0.89
C GLY D 1335 50.68 -19.63 -0.44
N LEU D 1336 51.21 -20.68 -1.04
CA LEU D 1336 50.84 -22.04 -0.67
C LEU D 1336 51.11 -22.26 0.81
N SER D 1337 50.28 -23.10 1.43
CA SER D 1337 50.39 -23.34 2.88
C SER D 1337 50.19 -24.82 3.19
N GLY D 1338 50.79 -25.69 2.40
CA GLY D 1338 50.74 -27.13 2.65
C GLY D 1338 49.90 -27.91 1.67
N GLY D 1339 49.20 -27.26 0.75
CA GLY D 1339 48.37 -27.96 -0.20
C GLY D 1339 49.14 -28.73 -1.24
N THR D 1340 48.49 -29.11 -2.32
CA THR D 1340 49.14 -29.86 -3.39
C THR D 1340 48.44 -29.54 -4.70
N ILE D 1341 49.21 -29.14 -5.71
CA ILE D 1341 48.68 -28.77 -7.01
C ILE D 1341 49.38 -29.61 -8.08
N VAL D 1342 48.60 -30.04 -9.08
CA VAL D 1342 49.11 -30.86 -10.17
C VAL D 1342 48.53 -30.33 -11.47
N VAL D 1343 49.39 -29.91 -12.40
CA VAL D 1343 48.97 -29.38 -13.68
C VAL D 1343 49.61 -30.24 -14.77
N ARG D 1344 48.79 -30.74 -15.69
CA ARG D 1344 49.24 -31.62 -16.75
C ARG D 1344 48.38 -31.39 -17.99
N PRO D 1345 48.95 -31.60 -19.18
CA PRO D 1345 48.14 -31.46 -20.40
C PRO D 1345 47.13 -32.59 -20.49
N THR D 1346 46.04 -32.31 -21.21
CA THR D 1346 44.98 -33.31 -21.36
C THR D 1346 45.51 -34.53 -22.10
N THR D 1347 44.87 -35.67 -21.85
CA THR D 1347 45.39 -36.94 -22.35
C THR D 1347 45.37 -37.01 -23.86
N SER D 1348 44.45 -36.30 -24.51
CA SER D 1348 44.27 -36.37 -25.96
C SER D 1348 44.96 -35.21 -26.68
N SER D 1349 46.02 -34.66 -26.10
CA SER D 1349 46.69 -33.55 -26.76
C SER D 1349 48.01 -34.02 -27.35
N PRO D 1350 48.25 -33.78 -28.63
CA PRO D 1350 49.51 -34.22 -29.27
C PRO D 1350 50.61 -33.17 -29.14
N LEU D 1351 51.10 -32.97 -27.92
CA LEU D 1351 52.08 -31.95 -27.63
C LEU D 1351 53.26 -32.55 -26.87
N GLU D 1352 54.46 -32.11 -27.23
CA GLU D 1352 55.63 -32.42 -26.42
C GLU D 1352 55.54 -31.67 -25.10
N THR D 1353 55.54 -32.41 -24.00
CA THR D 1353 55.27 -31.79 -22.70
C THR D 1353 56.37 -30.81 -22.30
N ASN D 1354 57.60 -31.01 -22.78
CA ASN D 1354 58.73 -30.22 -22.34
C ASN D 1354 59.05 -29.05 -23.28
N LYS D 1355 58.15 -28.73 -24.21
CA LYS D 1355 58.40 -27.62 -25.13
C LYS D 1355 57.16 -26.76 -25.32
N ASN D 1356 56.32 -26.64 -24.30
CA ASN D 1356 55.14 -25.79 -24.35
C ASN D 1356 54.89 -25.20 -22.97
N THR D 1357 54.61 -23.89 -22.93
CA THR D 1357 54.34 -23.23 -21.67
C THR D 1357 53.00 -23.69 -21.11
N ILE D 1358 52.99 -24.10 -19.84
CA ILE D 1358 51.77 -24.57 -19.20
C ILE D 1358 51.28 -23.66 -18.10
N ILE D 1359 52.16 -22.98 -17.37
CA ILE D 1359 51.76 -22.06 -16.31
C ILE D 1359 52.45 -20.72 -16.57
N GLY D 1360 52.00 -19.69 -15.84
CA GLY D 1360 52.41 -18.34 -16.13
C GLY D 1360 53.42 -17.73 -15.18
N ASN D 1361 53.38 -16.41 -15.07
CA ASN D 1361 54.37 -15.67 -14.29
C ASN D 1361 54.08 -15.78 -12.80
N THR D 1362 55.14 -15.61 -12.00
CA THR D 1362 55.07 -15.51 -10.55
C THR D 1362 54.38 -16.74 -9.93
N VAL D 1363 55.05 -17.86 -10.10
CA VAL D 1363 54.58 -19.13 -9.55
C VAL D 1363 55.12 -19.28 -8.14
N LEU D 1364 54.28 -19.78 -7.23
CA LEU D 1364 54.69 -20.09 -5.86
C LEU D 1364 55.31 -18.88 -5.17
N TYR D 1365 54.65 -17.74 -5.29
CA TYR D 1365 55.16 -16.51 -4.69
C TYR D 1365 54.97 -16.56 -3.19
N GLY D 1366 56.07 -16.76 -2.46
CA GLY D 1366 56.01 -16.73 -1.02
C GLY D 1366 55.35 -17.94 -0.38
N ALA D 1367 55.53 -19.13 -0.95
CA ALA D 1367 54.96 -20.33 -0.39
C ALA D 1367 55.73 -20.75 0.86
N THR D 1368 55.04 -21.42 1.77
CA THR D 1368 55.63 -21.88 3.02
C THR D 1368 55.68 -23.39 3.17
N ALA D 1369 54.81 -24.13 2.49
CA ALA D 1369 54.79 -25.59 2.55
C ALA D 1369 53.85 -26.09 1.48
N GLY D 1370 54.07 -27.32 1.05
CA GLY D 1370 53.26 -27.96 0.03
C GLY D 1370 54.09 -28.43 -1.13
N LYS D 1371 53.40 -28.84 -2.19
CA LYS D 1371 54.05 -29.40 -3.37
C LYS D 1371 53.34 -28.93 -4.63
N LEU D 1372 54.08 -28.89 -5.73
CA LEU D 1372 53.53 -28.49 -7.02
C LEU D 1372 54.26 -29.25 -8.11
N PHE D 1373 53.53 -30.04 -8.89
CA PHE D 1373 54.08 -30.79 -10.02
C PHE D 1373 53.42 -30.29 -11.30
N ALA D 1374 54.21 -29.67 -12.16
CA ALA D 1374 53.76 -29.23 -13.47
C ALA D 1374 54.49 -30.02 -14.54
N ALA D 1375 53.81 -30.25 -15.66
CA ALA D 1375 54.34 -31.03 -16.78
C ALA D 1375 54.64 -30.15 -17.98
N GLY D 1376 55.12 -28.94 -17.74
CA GLY D 1376 55.46 -28.04 -18.81
C GLY D 1376 56.50 -27.05 -18.37
N GLN D 1377 56.52 -25.90 -19.03
CA GLN D 1377 57.44 -24.83 -18.70
C GLN D 1377 56.71 -23.72 -17.97
N ALA D 1378 57.37 -23.13 -16.98
CA ALA D 1378 56.79 -22.05 -16.21
C ALA D 1378 57.06 -20.72 -16.92
N GLY D 1379 56.74 -19.62 -16.27
CA GLY D 1379 56.93 -18.30 -16.82
C GLY D 1379 58.15 -17.61 -16.25
N GLU D 1380 58.01 -16.34 -15.94
CA GLU D 1380 59.09 -15.53 -15.37
C GLU D 1380 58.96 -15.49 -13.85
N ARG D 1381 60.09 -15.24 -13.20
CA ARG D 1381 60.15 -15.14 -11.74
C ARG D 1381 59.58 -16.40 -11.09
N PHE D 1382 59.95 -17.55 -11.64
CA PHE D 1382 59.44 -18.82 -11.14
C PHE D 1382 59.95 -19.07 -9.74
N ALA D 1383 59.03 -19.30 -8.80
CA ALA D 1383 59.35 -19.65 -7.42
C ALA D 1383 60.18 -18.56 -6.74
N VAL D 1384 59.65 -17.34 -6.74
CA VAL D 1384 60.28 -16.25 -6.01
C VAL D 1384 59.84 -16.31 -4.56
N ARG D 1385 60.77 -16.02 -3.65
CA ARG D 1385 60.51 -16.03 -2.21
C ARG D 1385 59.95 -17.36 -1.73
N ASN D 1386 60.35 -18.46 -2.36
CA ASN D 1386 59.97 -19.76 -1.86
C ASN D 1386 60.61 -20.03 -0.51
N SER D 1387 59.86 -20.60 0.41
CA SER D 1387 60.33 -20.81 1.76
C SER D 1387 60.28 -22.26 2.22
N GLY D 1388 59.24 -23.00 1.84
CA GLY D 1388 59.17 -24.40 2.22
C GLY D 1388 58.59 -25.30 1.16
N ALA D 1389 58.23 -24.74 0.02
CA ALA D 1389 57.55 -25.52 -1.02
C ALA D 1389 58.52 -26.44 -1.73
N THR D 1390 57.96 -27.36 -2.50
CA THR D 1390 58.72 -28.31 -3.30
C THR D 1390 58.07 -28.41 -4.67
N VAL D 1391 58.80 -28.07 -5.72
CA VAL D 1391 58.23 -27.96 -7.06
C VAL D 1391 59.13 -28.70 -8.04
N VAL D 1392 58.50 -29.42 -8.97
CA VAL D 1392 59.19 -30.12 -10.04
C VAL D 1392 58.58 -29.63 -11.35
N VAL D 1393 59.32 -28.83 -12.09
CA VAL D 1393 58.83 -28.23 -13.33
C VAL D 1393 59.77 -28.61 -14.46
N GLU D 1394 59.24 -28.66 -15.68
CA GLU D 1394 59.97 -29.11 -16.86
C GLU D 1394 60.52 -27.95 -17.67
N GLY D 1395 60.93 -26.87 -17.02
CA GLY D 1395 61.44 -25.71 -17.71
C GLY D 1395 61.26 -24.48 -16.85
N CYS D 1396 61.73 -23.35 -17.37
CA CYS D 1396 61.63 -22.10 -16.66
C CYS D 1396 61.89 -20.95 -17.64
N GLY D 1397 61.84 -19.73 -17.11
CA GLY D 1397 62.11 -18.55 -17.91
C GLY D 1397 63.21 -17.71 -17.31
N SER D 1398 63.13 -16.39 -17.49
CA SER D 1398 64.14 -15.51 -16.96
C SER D 1398 63.88 -15.20 -15.48
N ASN D 1399 64.94 -14.78 -14.79
CA ASN D 1399 64.88 -14.37 -13.39
C ASN D 1399 64.33 -15.46 -12.48
N GLY D 1400 64.37 -16.72 -12.90
CA GLY D 1400 63.76 -17.78 -12.14
C GLY D 1400 64.50 -18.06 -10.83
N CYS D 1401 63.76 -18.58 -9.87
CA CYS D 1401 64.30 -18.97 -8.56
C CYS D 1401 65.00 -17.79 -7.88
N GLU D 1402 64.37 -16.62 -7.95
CA GLU D 1402 64.98 -15.39 -7.46
C GLU D 1402 64.70 -15.21 -5.98
N TYR D 1403 65.76 -14.93 -5.21
CA TYR D 1403 65.66 -14.59 -3.80
C TYR D 1403 64.96 -15.69 -3.01
N MET D 1404 65.14 -16.93 -3.42
CA MET D 1404 64.56 -18.06 -2.71
C MET D 1404 65.23 -18.24 -1.36
N THR D 1405 64.49 -18.80 -0.41
CA THR D 1405 65.00 -18.96 0.96
C THR D 1405 64.91 -20.37 1.50
N GLY D 1406 64.00 -21.21 1.01
CA GLY D 1406 63.92 -22.58 1.48
C GLY D 1406 63.10 -23.48 0.58
N GLY D 1407 63.42 -24.76 0.58
CA GLY D 1407 62.75 -25.74 -0.27
C GLY D 1407 63.68 -26.30 -1.32
N THR D 1408 63.13 -27.18 -2.14
CA THR D 1408 63.86 -27.82 -3.22
C THR D 1408 63.10 -27.60 -4.52
N ALA D 1409 63.83 -27.25 -5.59
CA ALA D 1409 63.23 -26.98 -6.88
C ALA D 1409 64.03 -27.71 -7.95
N VAL D 1410 63.37 -28.60 -8.69
CA VAL D 1410 63.99 -29.38 -9.75
C VAL D 1410 63.47 -28.86 -11.08
N ILE D 1411 64.39 -28.53 -11.98
CA ILE D 1411 64.05 -27.98 -13.29
C ILE D 1411 64.64 -28.89 -14.35
N LEU D 1412 63.77 -29.59 -15.08
CA LEU D 1412 64.21 -30.53 -16.11
C LEU D 1412 64.15 -29.86 -17.48
N GLY D 1413 65.02 -28.87 -17.67
CA GLY D 1413 65.09 -28.16 -18.93
C GLY D 1413 66.07 -27.01 -18.94
N ARG D 1414 65.75 -25.96 -19.67
CA ARG D 1414 66.58 -24.77 -19.76
C ARG D 1414 66.08 -23.69 -18.82
N VAL D 1415 66.94 -22.71 -18.56
CA VAL D 1415 66.59 -21.58 -17.71
C VAL D 1415 66.90 -20.29 -18.45
N GLY D 1416 66.57 -19.15 -17.83
CA GLY D 1416 66.81 -17.85 -18.41
C GLY D 1416 67.96 -17.13 -17.74
N ASP D 1417 68.16 -15.89 -18.16
CA ASP D 1417 69.22 -15.07 -17.61
C ASP D 1417 68.93 -14.74 -16.15
N ASN D 1418 70.00 -14.39 -15.43
CA ASN D 1418 69.91 -13.95 -14.04
C ASN D 1418 69.26 -15.01 -13.15
N PHE D 1419 69.57 -16.28 -13.43
CA PHE D 1419 69.00 -17.38 -12.67
C PHE D 1419 69.55 -17.41 -11.25
N ALA D 1420 68.69 -17.75 -10.30
CA ALA D 1420 69.06 -17.90 -8.90
C ALA D 1420 69.74 -16.64 -8.36
N ALA D 1421 69.11 -15.51 -8.60
CA ALA D 1421 69.64 -14.23 -8.15
C ALA D 1421 69.21 -13.97 -6.70
N GLY D 1422 70.17 -13.57 -5.87
CA GLY D 1422 69.87 -13.27 -4.49
C GLY D 1422 69.44 -14.44 -3.64
N MET D 1423 69.61 -15.67 -4.13
CA MET D 1423 69.24 -16.84 -3.37
C MET D 1423 70.08 -16.93 -2.10
N THR D 1424 69.44 -17.31 -1.00
CA THR D 1424 70.13 -17.37 0.28
C THR D 1424 69.77 -18.61 1.09
N GLY D 1425 69.07 -19.58 0.52
CA GLY D 1425 68.71 -20.77 1.26
C GLY D 1425 67.92 -21.77 0.44
N GLY D 1426 68.19 -23.06 0.64
CA GLY D 1426 67.52 -24.11 -0.11
C GLY D 1426 68.51 -24.88 -0.96
N MET D 1427 68.03 -25.38 -2.09
CA MET D 1427 68.84 -26.14 -3.02
C MET D 1427 68.11 -26.19 -4.36
N ALA D 1428 68.88 -26.39 -5.43
CA ALA D 1428 68.28 -26.50 -6.76
C ALA D 1428 69.03 -27.54 -7.58
N TYR D 1429 68.32 -28.16 -8.51
CA TYR D 1429 68.92 -29.10 -9.46
C TYR D 1429 68.46 -28.73 -10.86
N VAL D 1430 69.41 -28.60 -11.78
CA VAL D 1430 69.13 -28.24 -13.16
C VAL D 1430 69.60 -29.37 -14.06
N TYR D 1431 68.73 -29.79 -14.98
CA TYR D 1431 69.04 -30.86 -15.93
C TYR D 1431 69.50 -30.19 -17.22
N ASP D 1432 70.81 -29.99 -17.32
CA ASP D 1432 71.40 -29.26 -18.45
C ASP D 1432 71.95 -30.27 -19.44
N LEU D 1433 71.29 -30.38 -20.60
CA LEU D 1433 71.78 -31.23 -21.68
C LEU D 1433 72.78 -30.52 -22.58
N ASP D 1434 72.65 -29.20 -22.73
CA ASP D 1434 73.50 -28.43 -23.63
C ASP D 1434 74.72 -27.85 -22.93
N ASP D 1435 74.84 -28.04 -21.61
CA ASP D 1435 75.94 -27.49 -20.82
C ASP D 1435 76.06 -25.99 -21.05
N SER D 1436 75.00 -25.27 -20.70
CA SER D 1436 74.94 -23.83 -20.87
C SER D 1436 74.51 -23.12 -19.59
N LEU D 1437 74.71 -23.75 -18.44
CA LEU D 1437 74.37 -23.14 -17.16
C LEU D 1437 75.39 -22.09 -16.73
N PRO D 1438 76.70 -22.34 -16.83
CA PRO D 1438 77.67 -21.33 -16.39
C PRO D 1438 77.56 -20.01 -17.14
N LEU D 1439 76.73 -19.92 -18.18
CA LEU D 1439 76.53 -18.65 -18.87
C LEU D 1439 75.32 -17.89 -18.35
N TYR D 1440 74.30 -18.59 -17.86
CA TYR D 1440 73.07 -17.96 -17.41
C TYR D 1440 73.03 -17.70 -15.91
N ILE D 1441 73.76 -18.46 -15.11
CA ILE D 1441 73.61 -18.38 -13.67
C ILE D 1441 74.15 -17.05 -13.15
N ASN D 1442 73.62 -16.61 -12.01
CA ASN D 1442 74.11 -15.41 -11.32
C ASN D 1442 75.02 -15.88 -10.19
N ASP D 1443 76.25 -16.21 -10.57
CA ASP D 1443 77.18 -16.89 -9.67
C ASP D 1443 77.89 -15.95 -8.71
N GLU D 1444 77.15 -15.35 -7.78
CA GLU D 1444 77.74 -14.54 -6.72
C GLU D 1444 77.37 -15.05 -5.34
N SER D 1445 76.11 -15.47 -5.15
CA SER D 1445 75.64 -15.93 -3.85
C SER D 1445 75.43 -17.43 -3.79
N VAL D 1446 75.59 -18.13 -4.90
CA VAL D 1446 75.37 -19.58 -4.94
C VAL D 1446 76.53 -20.22 -5.71
N ILE D 1447 76.82 -21.47 -5.36
CA ILE D 1447 77.82 -22.25 -6.07
C ILE D 1447 77.14 -23.45 -6.69
N PHE D 1448 77.61 -23.84 -7.87
CA PHE D 1448 77.04 -24.95 -8.61
C PHE D 1448 78.12 -25.99 -8.89
N GLN D 1449 77.78 -27.25 -8.67
CA GLN D 1449 78.71 -28.35 -8.85
C GLN D 1449 77.95 -29.55 -9.42
N ARG D 1450 78.58 -30.71 -9.40
CA ARG D 1450 77.96 -31.96 -9.81
C ARG D 1450 77.69 -32.83 -8.60
N ILE D 1451 76.66 -33.66 -8.70
CA ILE D 1451 76.24 -34.47 -7.56
C ILE D 1451 77.31 -35.52 -7.28
N GLU D 1452 77.82 -35.53 -6.06
CA GLU D 1452 78.86 -36.47 -5.66
C GLU D 1452 78.52 -37.24 -4.39
N VAL D 1453 77.33 -37.05 -3.83
CA VAL D 1453 76.92 -37.74 -2.61
C VAL D 1453 75.64 -38.50 -2.90
N GLY D 1454 75.56 -39.75 -2.45
CA GLY D 1454 74.40 -40.57 -2.74
C GLY D 1454 73.15 -40.13 -2.03
N HIS D 1455 73.28 -39.55 -0.83
CA HIS D 1455 72.12 -39.11 -0.10
C HIS D 1455 71.37 -38.01 -0.86
N TYR D 1456 72.08 -37.20 -1.63
CA TYR D 1456 71.42 -36.20 -2.47
C TYR D 1456 70.98 -36.78 -3.80
N GLU D 1457 71.46 -37.96 -4.18
CA GLU D 1457 70.97 -38.61 -5.38
C GLU D 1457 69.63 -39.29 -5.13
N SER D 1458 69.49 -39.94 -3.98
CA SER D 1458 68.21 -40.56 -3.64
C SER D 1458 67.11 -39.52 -3.52
N GLN D 1459 67.45 -38.31 -3.08
CA GLN D 1459 66.48 -37.23 -2.98
C GLN D 1459 65.92 -36.88 -4.36
N LEU D 1460 66.81 -36.63 -5.32
CA LEU D 1460 66.39 -36.35 -6.69
C LEU D 1460 65.60 -37.50 -7.28
N LYS D 1461 66.06 -38.73 -7.02
CA LYS D 1461 65.36 -39.91 -7.54
C LYS D 1461 63.93 -39.95 -7.04
N HIS D 1462 63.73 -39.74 -5.74
CA HIS D 1462 62.39 -39.80 -5.17
C HIS D 1462 61.52 -38.67 -5.69
N LEU D 1463 62.10 -37.47 -5.85
CA LEU D 1463 61.32 -36.35 -6.37
C LEU D 1463 60.83 -36.63 -7.78
N ILE D 1464 61.72 -37.14 -8.65
CA ILE D 1464 61.31 -37.40 -10.03
C ILE D 1464 60.33 -38.57 -10.07
N GLU D 1465 60.48 -39.56 -9.19
CA GLU D 1465 59.51 -40.65 -9.14
C GLU D 1465 58.13 -40.13 -8.76
N GLU D 1466 58.07 -39.24 -7.78
CA GLU D 1466 56.79 -38.65 -7.41
C GLU D 1466 56.20 -37.86 -8.56
N HIS D 1467 57.04 -37.11 -9.29
CA HIS D 1467 56.57 -36.40 -10.47
C HIS D 1467 55.94 -37.36 -11.47
N VAL D 1468 56.64 -38.43 -11.81
CA VAL D 1468 56.13 -39.40 -12.78
C VAL D 1468 54.81 -39.98 -12.30
N THR D 1469 54.73 -40.30 -11.01
CA THR D 1469 53.50 -40.89 -10.47
C THR D 1469 52.32 -39.92 -10.57
N GLU D 1470 52.56 -38.64 -10.28
CA GLU D 1470 51.45 -37.69 -10.28
C GLU D 1470 51.03 -37.29 -11.69
N THR D 1471 51.94 -36.73 -12.47
CA THR D 1471 51.54 -36.15 -13.75
C THR D 1471 51.63 -37.14 -14.92
N GLN D 1472 52.15 -38.34 -14.69
CA GLN D 1472 52.25 -39.36 -15.74
C GLN D 1472 52.98 -38.82 -16.97
N SER D 1473 54.03 -38.05 -16.74
CA SER D 1473 54.79 -37.48 -17.84
C SER D 1473 55.56 -38.56 -18.59
N ARG D 1474 56.12 -38.17 -19.74
CA ARG D 1474 56.93 -39.07 -20.54
C ARG D 1474 58.40 -38.68 -20.56
N PHE D 1475 58.72 -37.39 -20.46
CA PHE D 1475 60.10 -36.96 -20.37
C PHE D 1475 60.76 -37.48 -19.10
N ALA D 1476 60.11 -37.24 -17.96
CA ALA D 1476 60.67 -37.71 -16.68
C ALA D 1476 60.74 -39.23 -16.63
N ALA D 1477 59.79 -39.92 -17.28
CA ALA D 1477 59.88 -41.38 -17.36
C ALA D 1477 61.15 -41.80 -18.08
N GLU D 1478 61.47 -41.15 -19.19
CA GLU D 1478 62.70 -41.46 -19.91
C GLU D 1478 63.92 -41.16 -19.08
N ILE D 1479 63.91 -40.03 -18.36
CA ILE D 1479 65.05 -39.68 -17.50
C ILE D 1479 65.23 -40.74 -16.41
N LEU D 1480 64.13 -41.25 -15.88
CA LEU D 1480 64.24 -42.28 -14.85
C LEU D 1480 64.69 -43.61 -15.41
N ASN D 1481 64.33 -43.90 -16.67
CA ASN D 1481 64.75 -45.16 -17.28
C ASN D 1481 66.26 -45.21 -17.44
N ASP D 1482 66.83 -44.19 -18.07
CA ASP D 1482 68.28 -44.11 -18.28
C ASP D 1482 68.90 -43.25 -17.19
N TRP D 1483 68.94 -43.80 -15.97
CA TRP D 1483 69.36 -43.03 -14.82
C TRP D 1483 70.87 -42.93 -14.71
N ALA D 1484 71.58 -44.03 -14.96
CA ALA D 1484 73.02 -44.07 -14.71
C ALA D 1484 73.78 -43.12 -15.62
N ARG D 1485 73.30 -42.90 -16.85
CA ARG D 1485 73.99 -42.01 -17.76
C ARG D 1485 73.48 -40.58 -17.70
N GLU D 1486 72.30 -40.35 -17.14
CA GLU D 1486 71.76 -39.00 -17.02
C GLU D 1486 72.05 -38.35 -15.68
N VAL D 1487 72.44 -39.13 -14.67
CA VAL D 1487 72.78 -38.52 -13.38
C VAL D 1487 73.95 -37.56 -13.52
N THR D 1488 74.82 -37.79 -14.51
CA THR D 1488 75.98 -36.94 -14.74
C THR D 1488 75.65 -35.71 -15.57
N LYS D 1489 74.37 -35.39 -15.75
CA LYS D 1489 73.97 -34.19 -16.46
C LYS D 1489 73.36 -33.14 -15.54
N PHE D 1490 73.18 -33.45 -14.25
CA PHE D 1490 72.52 -32.53 -13.32
C PHE D 1490 73.54 -31.63 -12.66
N TRP D 1491 73.24 -30.33 -12.63
CA TRP D 1491 73.99 -29.37 -11.82
C TRP D 1491 73.24 -29.15 -10.52
N GLN D 1492 73.98 -29.16 -9.41
CA GLN D 1492 73.41 -28.87 -8.10
C GLN D 1492 73.85 -27.48 -7.67
N VAL D 1493 72.87 -26.64 -7.33
CA VAL D 1493 73.11 -25.26 -6.94
C VAL D 1493 72.77 -25.14 -5.45
N VAL D 1494 73.75 -24.65 -4.68
CA VAL D 1494 73.61 -24.51 -3.23
C VAL D 1494 74.07 -23.11 -2.83
N PRO D 1495 73.33 -22.43 -1.97
CA PRO D 1495 73.76 -21.10 -1.52
C PRO D 1495 75.08 -21.16 -0.77
N LYS D 1496 75.77 -20.02 -0.72
CA LYS D 1496 77.06 -19.97 -0.05
C LYS D 1496 76.89 -19.98 1.47
N GLU D 1497 75.86 -19.30 1.97
CA GLU D 1497 75.67 -19.20 3.41
C GLU D 1497 75.31 -20.54 4.05
N MET D 1498 74.72 -21.46 3.30
CA MET D 1498 74.32 -22.77 3.82
C MET D 1498 75.39 -23.82 3.57
N LEU D 1499 76.63 -23.41 3.30
CA LEU D 1499 77.69 -24.37 3.02
C LEU D 1499 78.27 -24.98 4.28
N ASN D 1500 78.11 -24.34 5.43
CA ASN D 1500 78.63 -24.85 6.69
C ASN D 1500 77.52 -25.05 7.73
N ARG D 1501 76.27 -25.11 7.28
CA ARG D 1501 75.15 -25.34 8.18
C ARG D 1501 74.39 -26.63 7.91
N LEU D 1502 74.53 -27.21 6.72
CA LEU D 1502 73.82 -28.43 6.38
C LEU D 1502 74.32 -29.60 7.22
N GLU D 1503 73.50 -30.65 7.28
CA GLU D 1503 73.92 -31.88 7.97
C GLU D 1503 75.01 -32.60 7.19
N VAL D 1504 74.68 -33.06 5.99
CA VAL D 1504 75.60 -33.83 5.17
C VAL D 1504 76.35 -32.88 4.25
N PRO D 1505 77.68 -32.81 4.33
CA PRO D 1505 78.41 -31.89 3.45
C PRO D 1505 78.31 -32.32 2.00
N VAL D 1506 78.17 -31.33 1.12
CA VAL D 1506 78.10 -31.62 -0.31
C VAL D 1506 79.42 -32.15 -0.85
N HIS D 1507 80.52 -31.88 -0.16
CA HIS D 1507 81.82 -32.40 -0.56
C HIS D 1507 82.11 -33.71 0.16
N LEU D 1508 83.33 -34.21 0.02
CA LEU D 1508 83.72 -35.45 0.68
C LEU D 1508 84.79 -35.20 1.73
N CYS E 37 -11.46 -49.57 4.24
CA CYS E 37 -11.31 -50.94 3.79
C CYS E 37 -11.75 -51.93 4.86
N GLY E 38 -12.83 -52.66 4.59
CA GLY E 38 -13.31 -53.65 5.53
C GLY E 38 -14.74 -54.09 5.31
N VAL E 39 -15.05 -55.31 5.73
CA VAL E 39 -16.41 -55.83 5.72
C VAL E 39 -16.86 -55.98 7.17
N GLY E 40 -18.17 -56.11 7.34
CA GLY E 40 -18.71 -56.37 8.66
C GLY E 40 -20.16 -56.77 8.63
N PHE E 41 -20.60 -57.53 9.64
CA PHE E 41 -21.97 -58.01 9.66
C PHE E 41 -22.46 -58.10 11.10
N ILE E 42 -23.73 -57.74 11.28
CA ILE E 42 -24.39 -57.76 12.58
C ILE E 42 -25.68 -58.55 12.43
N ALA E 43 -25.96 -59.43 13.38
CA ALA E 43 -27.13 -60.29 13.27
C ALA E 43 -27.77 -60.49 14.64
N ALA E 44 -29.10 -60.45 14.67
CA ALA E 44 -29.86 -60.80 15.86
C ALA E 44 -30.09 -62.30 15.86
N ILE E 45 -29.62 -62.97 16.92
CA ILE E 45 -29.62 -64.43 16.95
C ILE E 45 -31.03 -64.97 16.96
N ASP E 46 -31.91 -64.39 17.78
CA ASP E 46 -33.27 -64.90 17.87
C ASP E 46 -34.05 -64.68 16.58
N GLY E 47 -33.81 -63.57 15.89
CA GLY E 47 -34.46 -63.34 14.61
C GLY E 47 -35.65 -62.41 14.67
N LYS E 48 -35.59 -61.38 15.51
CA LYS E 48 -36.64 -60.39 15.62
C LYS E 48 -36.12 -59.04 15.16
N PRO E 49 -36.85 -58.34 14.30
CA PRO E 49 -36.37 -57.03 13.83
C PRO E 49 -36.26 -56.02 14.96
N ARG E 50 -35.31 -55.10 14.81
CA ARG E 50 -35.11 -54.04 15.79
C ARG E 50 -34.19 -52.98 15.20
N ARG E 51 -34.33 -51.75 15.69
CA ARG E 51 -33.52 -50.63 15.21
C ARG E 51 -32.07 -50.73 15.67
N SER E 52 -31.82 -51.53 16.71
CA SER E 52 -30.50 -51.63 17.30
C SER E 52 -29.46 -52.10 16.29
N VAL E 53 -29.79 -53.11 15.49
CA VAL E 53 -28.81 -53.66 14.56
C VAL E 53 -28.43 -52.61 13.52
N VAL E 54 -29.41 -51.84 13.04
CA VAL E 54 -29.12 -50.84 12.02
C VAL E 54 -28.28 -49.70 12.60
N GLU E 55 -28.62 -49.22 13.80
CA GLU E 55 -27.83 -48.14 14.37
C GLU E 55 -26.41 -48.60 14.71
N LYS E 56 -26.26 -49.85 15.17
CA LYS E 56 -24.91 -50.37 15.41
C LYS E 56 -24.14 -50.55 14.10
N GLY E 57 -24.83 -50.91 13.02
CA GLY E 57 -24.15 -50.98 11.73
C GLY E 57 -23.63 -49.63 11.29
N ILE E 58 -24.45 -48.59 11.43
CA ILE E 58 -24.01 -47.25 11.10
C ILE E 58 -22.84 -46.83 11.97
N GLU E 59 -22.91 -47.15 13.27
CA GLU E 59 -21.81 -46.83 14.18
C GLU E 59 -20.53 -47.53 13.77
N ALA E 60 -20.62 -48.80 13.37
CA ALA E 60 -19.45 -49.54 12.93
C ALA E 60 -18.86 -48.94 11.66
N LEU E 61 -19.73 -48.51 10.74
CA LEU E 61 -19.23 -47.87 9.53
C LEU E 61 -18.56 -46.54 9.82
N LYS E 62 -18.99 -45.84 10.86
CA LYS E 62 -18.42 -44.54 11.18
C LYS E 62 -16.99 -44.61 11.72
N ALA E 63 -16.38 -45.79 11.82
CA ALA E 63 -15.08 -45.92 12.47
C ALA E 63 -14.15 -46.83 11.67
N VAL E 64 -14.09 -46.63 10.35
CA VAL E 64 -13.14 -47.36 9.53
C VAL E 64 -12.39 -46.36 8.67
N TRP E 65 -12.32 -45.11 9.12
CA TRP E 65 -11.70 -44.05 8.34
C TRP E 65 -10.18 -44.09 8.37
N HIS E 66 -9.58 -44.87 9.27
CA HIS E 66 -8.12 -44.89 9.34
C HIS E 66 -7.52 -45.78 8.26
N ARG E 67 -8.23 -46.82 7.83
CA ARG E 67 -7.73 -47.72 6.81
C ARG E 67 -7.93 -47.19 5.40
N GLY E 68 -8.89 -46.31 5.19
CA GLY E 68 -9.18 -45.80 3.87
C GLY E 68 -8.08 -44.91 3.34
N ALA E 69 -8.28 -44.46 2.11
CA ALA E 69 -7.30 -43.60 1.42
C ALA E 69 -7.67 -42.16 1.72
N VAL E 70 -7.01 -41.57 2.73
CA VAL E 70 -7.24 -40.18 3.07
C VAL E 70 -6.77 -39.31 1.91
N ASP E 71 -7.50 -38.22 1.68
CA ASP E 71 -7.26 -37.35 0.52
C ASP E 71 -7.21 -35.90 0.98
N ALA E 72 -6.48 -35.09 0.22
CA ALA E 72 -6.37 -33.67 0.53
C ALA E 72 -7.71 -32.96 0.41
N ASP E 73 -8.65 -33.50 -0.37
CA ASP E 73 -9.96 -32.87 -0.50
C ASP E 73 -10.78 -33.07 0.77
N GLY E 74 -10.90 -34.30 1.24
CA GLY E 74 -11.72 -34.63 2.38
C GLY E 74 -13.14 -35.03 2.03
N LYS E 75 -13.57 -34.82 0.78
CA LYS E 75 -14.88 -35.25 0.32
C LYS E 75 -14.84 -36.44 -0.61
N THR E 76 -13.71 -36.69 -1.27
CA THR E 76 -13.61 -37.74 -2.27
C THR E 76 -13.38 -39.08 -1.59
N GLY E 77 -14.34 -40.00 -1.77
CA GLY E 77 -14.19 -41.37 -1.34
C GLY E 77 -13.92 -42.31 -2.48
N ASP E 78 -14.02 -43.61 -2.19
CA ASP E 78 -13.79 -44.61 -3.22
C ASP E 78 -14.83 -45.73 -3.16
N GLY E 79 -15.90 -45.55 -2.40
CA GLY E 79 -16.95 -46.55 -2.34
C GLY E 79 -17.32 -46.96 -0.93
N ALA E 80 -18.61 -47.05 -0.65
CA ALA E 80 -19.08 -47.48 0.65
C ALA E 80 -20.50 -48.00 0.49
N GLY E 81 -20.92 -48.88 1.40
CA GLY E 81 -22.26 -49.38 1.30
C GLY E 81 -22.77 -50.19 2.47
N ILE E 82 -24.10 -50.25 2.60
CA ILE E 82 -24.77 -51.03 3.63
C ILE E 82 -25.91 -51.79 2.98
N HIS E 83 -26.27 -52.92 3.59
CA HIS E 83 -27.25 -53.86 3.07
C HIS E 83 -28.09 -54.35 4.23
N VAL E 84 -29.37 -54.01 4.23
CA VAL E 84 -30.24 -54.24 5.37
C VAL E 84 -31.54 -54.88 4.88
N ALA E 85 -32.45 -55.11 5.83
CA ALA E 85 -33.76 -55.65 5.51
C ALA E 85 -34.72 -54.54 5.07
N VAL E 86 -35.84 -54.95 4.51
CA VAL E 86 -36.78 -53.99 3.93
C VAL E 86 -37.69 -53.46 5.04
N PRO E 87 -37.77 -52.15 5.23
CA PRO E 87 -38.68 -51.60 6.25
C PRO E 87 -40.12 -51.53 5.75
N GLN E 88 -40.86 -52.62 5.93
CA GLN E 88 -42.21 -52.72 5.38
C GLN E 88 -43.11 -51.57 5.81
N LYS E 89 -43.07 -51.20 7.09
CA LYS E 89 -43.98 -50.19 7.59
C LYS E 89 -43.71 -48.83 6.96
N PHE E 90 -42.45 -48.51 6.70
CA PHE E 90 -42.09 -47.24 6.06
C PHE E 90 -42.80 -47.11 4.71
N PHE E 91 -42.56 -48.07 3.82
CA PHE E 91 -43.12 -47.97 2.47
C PHE E 91 -44.63 -48.17 2.47
N LYS E 92 -45.17 -48.95 3.41
CA LYS E 92 -46.61 -49.09 3.49
C LYS E 92 -47.26 -47.77 3.91
N ASP E 93 -46.65 -47.06 4.85
CA ASP E 93 -47.17 -45.75 5.22
C ASP E 93 -47.03 -44.76 4.07
N HIS E 94 -45.94 -44.86 3.31
CA HIS E 94 -45.80 -44.03 2.12
C HIS E 94 -46.94 -44.27 1.13
N VAL E 95 -47.22 -45.54 0.85
CA VAL E 95 -48.29 -45.88 -0.09
C VAL E 95 -49.64 -45.40 0.45
N LYS E 96 -49.89 -45.60 1.74
CA LYS E 96 -51.11 -45.08 2.35
C LYS E 96 -51.25 -43.58 2.17
N VAL E 97 -50.15 -42.84 2.38
CA VAL E 97 -50.19 -41.40 2.23
C VAL E 97 -50.48 -41.02 0.79
N ILE E 98 -49.94 -41.78 -0.16
CA ILE E 98 -50.19 -41.49 -1.58
C ILE E 98 -51.67 -41.58 -1.89
N GLY E 99 -52.35 -42.62 -1.38
CA GLY E 99 -53.77 -42.74 -1.58
C GLY E 99 -54.26 -44.13 -1.91
N HIS E 100 -53.35 -45.10 -1.97
CA HIS E 100 -53.72 -46.48 -2.27
C HIS E 100 -54.06 -47.21 -0.98
N ARG E 101 -54.21 -48.53 -1.07
CA ARG E 101 -54.48 -49.38 0.08
C ARG E 101 -53.26 -50.24 0.35
N ALA E 102 -52.85 -50.31 1.61
CA ALA E 102 -51.70 -51.13 1.97
C ALA E 102 -52.05 -52.60 1.82
N PRO E 103 -51.30 -53.37 1.04
CA PRO E 103 -51.65 -54.78 0.84
C PRO E 103 -51.36 -55.61 2.09
N ASP E 104 -51.79 -56.86 2.01
CA ASP E 104 -51.58 -57.78 3.13
C ASP E 104 -50.19 -58.37 3.12
N ASN E 105 -49.72 -58.80 1.96
CA ASN E 105 -48.42 -59.45 1.85
C ASN E 105 -47.29 -58.43 1.97
N LYS E 106 -46.06 -58.94 1.82
CA LYS E 106 -44.90 -58.06 1.87
C LYS E 106 -44.79 -57.26 0.58
N LEU E 107 -43.95 -56.24 0.62
CA LEU E 107 -43.73 -55.36 -0.51
C LEU E 107 -42.45 -55.75 -1.26
N ALA E 108 -42.26 -55.15 -2.43
CA ALA E 108 -41.03 -55.30 -3.18
C ALA E 108 -40.56 -53.90 -3.59
N VAL E 109 -39.30 -53.60 -3.32
CA VAL E 109 -38.75 -52.28 -3.59
C VAL E 109 -37.47 -52.45 -4.40
N GLY E 110 -37.42 -51.85 -5.58
CA GLY E 110 -36.25 -51.90 -6.45
C GLY E 110 -35.57 -50.54 -6.48
N GLN E 111 -34.25 -50.54 -6.34
CA GLN E 111 -33.47 -49.32 -6.38
C GLN E 111 -32.68 -49.29 -7.68
N VAL E 112 -32.83 -48.20 -8.43
CA VAL E 112 -32.25 -48.11 -9.76
C VAL E 112 -31.42 -46.84 -9.90
N PHE E 113 -30.35 -46.95 -10.70
CA PHE E 113 -29.51 -45.84 -11.13
C PHE E 113 -29.80 -45.60 -12.60
N LEU E 114 -30.45 -44.48 -12.90
CA LEU E 114 -30.73 -44.05 -14.26
C LEU E 114 -29.76 -42.96 -14.68
N PRO E 115 -29.57 -42.76 -15.98
CA PRO E 115 -28.70 -41.67 -16.44
C PRO E 115 -29.22 -40.32 -15.98
N ARG E 116 -28.30 -39.38 -15.82
CA ARG E 116 -28.63 -38.05 -15.32
C ARG E 116 -28.49 -36.95 -16.35
N ILE E 117 -27.68 -37.17 -17.39
CA ILE E 117 -27.36 -36.10 -18.33
C ILE E 117 -28.49 -35.89 -19.32
N SER E 118 -29.22 -36.95 -19.64
CA SER E 118 -30.27 -36.90 -20.65
C SER E 118 -31.64 -37.05 -20.02
N LEU E 119 -32.66 -36.79 -20.83
CA LEU E 119 -34.05 -36.98 -20.41
C LEU E 119 -34.79 -38.00 -21.26
N ASP E 120 -34.17 -38.50 -22.34
CA ASP E 120 -34.73 -39.64 -23.04
C ASP E 120 -34.24 -40.96 -22.45
N ALA E 121 -32.97 -41.00 -22.04
CA ALA E 121 -32.46 -42.18 -21.37
C ALA E 121 -33.29 -42.53 -20.15
N GLN E 122 -33.63 -41.52 -19.34
CA GLN E 122 -34.49 -41.78 -18.19
C GLN E 122 -35.83 -42.32 -18.64
N GLU E 123 -36.44 -41.69 -19.64
CA GLU E 123 -37.77 -42.12 -20.09
C GLU E 123 -37.69 -43.49 -20.75
N ALA E 124 -36.66 -43.74 -21.55
CA ALA E 124 -36.51 -45.05 -22.19
C ALA E 124 -36.34 -46.14 -21.15
N CYS E 125 -35.51 -45.92 -20.13
CA CYS E 125 -35.32 -46.93 -19.09
C CYS E 125 -36.60 -47.14 -18.28
N ARG E 126 -37.31 -46.07 -17.96
CA ARG E 126 -38.57 -46.24 -17.24
C ARG E 126 -39.56 -47.06 -18.06
N CYS E 127 -39.68 -46.75 -19.35
CA CYS E 127 -40.57 -47.53 -20.21
C CYS E 127 -40.15 -48.99 -20.23
N ILE E 128 -38.86 -49.27 -20.38
CA ILE E 128 -38.40 -50.66 -20.43
C ILE E 128 -38.78 -51.39 -19.14
N VAL E 129 -38.48 -50.77 -17.99
CA VAL E 129 -38.80 -51.40 -16.72
C VAL E 129 -40.29 -51.66 -16.60
N GLU E 130 -41.12 -50.71 -17.01
CA GLU E 130 -42.55 -50.86 -16.80
C GLU E 130 -43.17 -51.90 -17.73
N THR E 131 -42.78 -51.93 -19.01
CA THR E 131 -43.29 -53.01 -19.84
C THR E 131 -42.64 -54.35 -19.52
N GLU E 132 -41.57 -54.37 -18.74
CA GLU E 132 -41.00 -55.68 -18.43
C GLU E 132 -41.53 -56.24 -17.12
N ILE E 133 -41.97 -55.38 -16.21
CA ILE E 133 -42.59 -55.86 -14.98
C ILE E 133 -44.03 -56.29 -15.23
N LEU E 134 -44.79 -55.51 -15.99
CA LEU E 134 -46.19 -55.79 -16.23
C LEU E 134 -46.42 -57.00 -17.12
N ALA E 135 -45.37 -57.52 -17.77
CA ALA E 135 -45.53 -58.71 -18.59
C ALA E 135 -45.77 -59.96 -17.75
N PHE E 136 -45.55 -59.90 -16.44
CA PHE E 136 -45.78 -61.03 -15.56
C PHE E 136 -47.14 -60.97 -14.87
N GLY E 137 -47.64 -59.77 -14.59
CA GLY E 137 -48.93 -59.59 -13.96
C GLY E 137 -48.90 -58.86 -12.63
N TYR E 138 -47.76 -58.38 -12.17
CA TYR E 138 -47.70 -57.72 -10.87
C TYR E 138 -48.17 -56.28 -10.98
N TYR E 139 -48.49 -55.70 -9.83
CA TYR E 139 -49.06 -54.37 -9.75
C TYR E 139 -48.00 -53.37 -9.31
N ILE E 140 -47.84 -52.30 -10.08
CA ILE E 140 -46.84 -51.27 -9.79
C ILE E 140 -47.52 -50.16 -8.98
N TYR E 141 -46.97 -49.86 -7.82
CA TYR E 141 -47.54 -48.81 -6.98
C TYR E 141 -47.01 -47.43 -7.34
N GLY E 142 -45.79 -47.32 -7.82
CA GLY E 142 -45.28 -46.05 -8.30
C GLY E 142 -43.79 -45.91 -8.04
N TRP E 143 -43.27 -44.79 -8.49
CA TRP E 143 -41.86 -44.44 -8.32
C TRP E 143 -41.70 -43.46 -7.17
N ARG E 144 -40.48 -43.38 -6.66
CA ARG E 144 -40.14 -42.47 -5.58
C ARG E 144 -38.71 -42.00 -5.75
N GLN E 145 -38.47 -40.71 -5.55
CA GLN E 145 -37.15 -40.13 -5.69
C GLN E 145 -36.49 -40.04 -4.33
N VAL E 146 -35.36 -40.72 -4.17
CA VAL E 146 -34.71 -40.80 -2.86
C VAL E 146 -34.13 -39.44 -2.51
N PRO E 147 -34.37 -38.93 -1.29
CA PRO E 147 -33.76 -37.65 -0.91
C PRO E 147 -32.27 -37.82 -0.65
N ILE E 148 -31.48 -36.95 -1.26
CA ILE E 148 -30.03 -36.99 -1.16
C ILE E 148 -29.51 -35.58 -0.83
N ASN E 149 -28.21 -35.49 -0.58
CA ASN E 149 -27.58 -34.22 -0.26
C ASN E 149 -26.21 -34.22 -0.93
N VAL E 150 -26.03 -33.40 -1.95
CA VAL E 150 -24.83 -33.46 -2.77
C VAL E 150 -23.76 -32.55 -2.18
N ASP E 151 -23.99 -32.08 -0.95
CA ASP E 151 -23.05 -31.17 -0.31
C ASP E 151 -21.76 -31.86 0.10
N ILE E 152 -21.76 -33.19 0.25
CA ILE E 152 -20.60 -33.89 0.78
C ILE E 152 -19.75 -34.57 -0.29
N ILE E 153 -20.24 -34.68 -1.51
CA ILE E 153 -19.49 -35.34 -2.57
C ILE E 153 -18.51 -34.35 -3.20
N GLY E 154 -17.32 -34.85 -3.54
CA GLY E 154 -16.32 -34.05 -4.22
C GLY E 154 -16.69 -33.75 -5.66
N GLU E 155 -15.68 -33.43 -6.46
CA GLU E 155 -15.91 -33.18 -7.88
C GLU E 155 -16.00 -34.47 -8.68
N LYS E 156 -14.89 -35.20 -8.76
CA LYS E 156 -14.80 -36.28 -9.74
C LYS E 156 -15.73 -37.43 -9.40
N ALA E 157 -16.20 -37.49 -8.16
CA ALA E 157 -17.27 -38.41 -7.78
C ALA E 157 -18.65 -37.82 -8.03
N ASN E 158 -18.74 -36.59 -8.52
CA ASN E 158 -20.02 -35.95 -8.81
C ASN E 158 -20.28 -35.80 -10.29
N ALA E 159 -19.25 -35.81 -11.13
CA ALA E 159 -19.45 -35.71 -12.57
C ALA E 159 -20.08 -36.97 -13.14
N THR E 160 -20.01 -38.09 -12.42
CA THR E 160 -20.61 -39.34 -12.86
C THR E 160 -21.71 -39.81 -11.90
N ARG E 161 -22.29 -38.90 -11.15
CA ARG E 161 -23.35 -39.27 -10.21
C ARG E 161 -24.62 -39.63 -10.99
N PRO E 162 -25.19 -40.81 -10.77
CA PRO E 162 -26.42 -41.18 -11.46
C PRO E 162 -27.65 -40.70 -10.71
N GLU E 163 -28.79 -40.78 -11.37
CA GLU E 163 -30.07 -40.44 -10.77
C GLU E 163 -30.60 -41.66 -10.03
N ILE E 164 -30.78 -41.53 -8.72
CA ILE E 164 -31.21 -42.64 -7.88
C ILE E 164 -32.72 -42.60 -7.74
N GLU E 165 -33.37 -43.73 -8.00
CA GLU E 165 -34.82 -43.80 -7.87
C GLU E 165 -35.21 -45.16 -7.28
N GLN E 166 -36.46 -45.25 -6.82
CA GLN E 166 -37.00 -46.49 -6.29
C GLN E 166 -38.35 -46.76 -6.93
N ILE E 167 -38.62 -48.03 -7.19
CA ILE E 167 -39.88 -48.48 -7.76
C ILE E 167 -40.52 -49.44 -6.77
N ILE E 168 -41.82 -49.25 -6.52
CA ILE E 168 -42.55 -50.03 -5.53
C ILE E 168 -43.47 -50.99 -6.26
N VAL E 169 -43.20 -52.29 -6.12
CA VAL E 169 -43.97 -53.34 -6.78
C VAL E 169 -44.65 -54.17 -5.69
N GLY E 170 -45.96 -54.35 -5.83
CA GLY E 170 -46.74 -55.16 -4.92
C GLY E 170 -47.18 -56.45 -5.58
N ASN E 171 -47.38 -57.48 -4.78
CA ASN E 171 -47.78 -58.79 -5.27
C ASN E 171 -49.28 -58.95 -5.06
N ASN E 172 -50.03 -59.06 -6.16
CA ASN E 172 -51.47 -59.22 -6.10
C ASN E 172 -51.94 -60.60 -6.50
N LYS E 173 -51.10 -61.40 -7.17
CA LYS E 173 -51.49 -62.75 -7.55
C LYS E 173 -51.53 -63.71 -6.37
N GLY E 174 -51.07 -63.29 -5.19
CA GLY E 174 -51.13 -64.15 -4.03
C GLY E 174 -50.16 -65.31 -4.06
N VAL E 175 -49.09 -65.21 -4.84
CA VAL E 175 -48.10 -66.28 -4.93
C VAL E 175 -47.31 -66.35 -3.63
N SER E 176 -46.56 -67.44 -3.44
CA SER E 176 -45.75 -67.60 -2.25
C SER E 176 -44.54 -66.68 -2.30
N ASP E 177 -43.68 -66.81 -1.28
CA ASP E 177 -42.49 -65.95 -1.22
C ASP E 177 -41.40 -66.44 -2.17
N GLU E 178 -41.16 -67.74 -2.23
CA GLU E 178 -40.09 -68.26 -3.07
C GLU E 178 -40.38 -67.99 -4.55
N GLN E 179 -41.62 -68.26 -4.97
CA GLN E 179 -41.99 -67.97 -6.34
C GLN E 179 -41.84 -66.49 -6.64
N PHE E 180 -42.25 -65.63 -5.71
CA PHE E 180 -42.15 -64.19 -5.93
C PHE E 180 -40.70 -63.76 -6.10
N GLU E 181 -39.81 -64.28 -5.25
CA GLU E 181 -38.40 -63.96 -5.39
C GLU E 181 -37.84 -64.46 -6.72
N LEU E 182 -38.27 -65.66 -7.14
CA LEU E 182 -37.78 -66.21 -8.41
C LEU E 182 -38.19 -65.32 -9.59
N ASP E 183 -39.47 -64.93 -9.64
CA ASP E 183 -39.90 -64.05 -10.72
C ASP E 183 -39.23 -62.68 -10.63
N LEU E 184 -38.96 -62.17 -9.43
CA LEU E 184 -38.24 -60.90 -9.34
C LEU E 184 -36.84 -61.02 -9.93
N TYR E 185 -36.15 -62.11 -9.63
CA TYR E 185 -34.80 -62.30 -10.19
C TYR E 185 -34.86 -62.40 -11.71
N ILE E 186 -35.82 -63.18 -12.23
CA ILE E 186 -35.93 -63.33 -13.67
C ILE E 186 -36.24 -61.99 -14.34
N ILE E 187 -37.09 -61.19 -13.70
CA ILE E 187 -37.43 -59.88 -14.24
C ILE E 187 -36.22 -58.98 -14.25
N ARG E 188 -35.41 -59.03 -13.19
CA ARG E 188 -34.18 -58.23 -13.17
C ARG E 188 -33.26 -58.60 -14.32
N ARG E 189 -33.05 -59.91 -14.52
CA ARG E 189 -32.16 -60.35 -15.59
C ARG E 189 -32.67 -59.92 -16.95
N ARG E 190 -33.97 -60.07 -17.18
CA ARG E 190 -34.52 -59.72 -18.49
C ARG E 190 -34.46 -58.21 -18.72
N ILE E 191 -34.69 -57.41 -17.67
CA ILE E 191 -34.55 -55.97 -17.80
C ILE E 191 -33.11 -55.61 -18.17
N GLU E 192 -32.15 -56.23 -17.50
CA GLU E 192 -30.75 -55.95 -17.82
C GLU E 192 -30.46 -56.27 -19.28
N LYS E 193 -30.87 -57.44 -19.75
CA LYS E 193 -30.62 -57.81 -21.14
C LYS E 193 -31.29 -56.85 -22.11
N ALA E 194 -32.54 -56.47 -21.84
CA ALA E 194 -33.26 -55.60 -22.75
C ALA E 194 -32.61 -54.22 -22.81
N VAL E 195 -32.20 -53.68 -21.67
CA VAL E 195 -31.56 -52.37 -21.66
C VAL E 195 -30.22 -52.45 -22.39
N LYS E 196 -29.46 -53.52 -22.18
CA LYS E 196 -28.21 -53.67 -22.92
C LYS E 196 -28.44 -53.81 -24.41
N GLY E 197 -29.59 -54.34 -24.81
CA GLY E 197 -29.87 -54.51 -26.22
C GLY E 197 -29.87 -53.20 -27.00
N GLU E 198 -30.43 -52.15 -26.40
CA GLU E 198 -30.43 -50.84 -27.02
C GLU E 198 -29.15 -50.06 -26.77
N GLN E 199 -28.15 -50.70 -26.16
CA GLN E 199 -26.86 -50.07 -25.85
C GLN E 199 -27.05 -48.82 -25.01
N ILE E 200 -28.12 -48.80 -24.21
CA ILE E 200 -28.40 -47.68 -23.33
C ILE E 200 -27.45 -47.75 -22.14
N ASN E 201 -26.55 -46.78 -22.06
CA ASN E 201 -25.50 -46.71 -21.07
C ASN E 201 -25.94 -46.00 -19.78
N ASP E 202 -25.07 -46.07 -18.76
CA ASP E 202 -25.27 -45.43 -17.45
C ASP E 202 -26.45 -46.01 -16.66
N PHE E 203 -26.81 -47.28 -16.87
CA PHE E 203 -27.97 -47.85 -16.20
C PHE E 203 -27.54 -48.95 -15.25
N TYR E 204 -28.20 -49.04 -14.10
CA TYR E 204 -27.85 -50.05 -13.12
C TYR E 204 -29.03 -50.32 -12.19
N ILE E 205 -29.03 -51.51 -11.59
CA ILE E 205 -30.06 -51.91 -10.64
C ILE E 205 -29.36 -52.44 -9.39
N CYS E 206 -29.50 -51.71 -8.27
CA CYS E 206 -28.78 -52.07 -7.05
C CYS E 206 -29.49 -53.15 -6.25
N SER E 207 -30.78 -53.36 -6.46
CA SER E 207 -31.53 -54.44 -5.83
C SER E 207 -32.93 -54.47 -6.39
N LEU E 208 -33.52 -55.66 -6.42
CA LEU E 208 -34.95 -55.81 -6.70
C LEU E 208 -35.41 -57.08 -5.99
N SER E 209 -35.94 -56.92 -4.79
CA SER E 209 -36.34 -58.07 -3.99
C SER E 209 -37.36 -57.62 -2.95
N ALA E 210 -37.99 -58.60 -2.32
CA ALA E 210 -38.99 -58.36 -1.30
C ALA E 210 -38.43 -58.52 0.10
N ARG E 211 -37.15 -58.81 0.23
CA ARG E 211 -36.54 -59.11 1.53
C ARG E 211 -35.52 -58.09 1.98
N SER E 212 -34.66 -57.61 1.09
CA SER E 212 -33.54 -56.79 1.49
C SER E 212 -33.37 -55.60 0.55
N ILE E 213 -32.66 -54.59 1.04
CA ILE E 213 -32.36 -53.38 0.28
C ILE E 213 -30.91 -53.00 0.51
N ILE E 214 -30.37 -52.21 -0.42
CA ILE E 214 -28.97 -51.86 -0.46
C ILE E 214 -28.83 -50.36 -0.66
N TYR E 215 -28.10 -49.70 0.23
CA TYR E 215 -27.77 -48.28 0.10
C TYR E 215 -26.27 -48.16 -0.04
N LYS E 216 -25.80 -47.78 -1.23
CA LYS E 216 -24.38 -47.71 -1.51
C LYS E 216 -24.08 -46.49 -2.36
N GLY E 217 -22.81 -46.09 -2.37
CA GLY E 217 -22.42 -44.93 -3.14
C GLY E 217 -20.91 -44.72 -3.12
N MET E 218 -20.51 -43.55 -3.60
CA MET E 218 -19.11 -43.18 -3.76
C MET E 218 -18.72 -42.05 -2.81
N PHE E 219 -19.21 -42.10 -1.58
CA PHE E 219 -18.92 -41.12 -0.55
C PHE E 219 -17.98 -41.74 0.49
N LEU E 220 -17.59 -40.93 1.47
CA LEU E 220 -16.79 -41.44 2.57
C LEU E 220 -17.64 -42.36 3.45
N ALA E 221 -16.95 -43.15 4.27
CA ALA E 221 -17.66 -44.10 5.12
C ALA E 221 -18.49 -43.40 6.18
N GLU E 222 -17.94 -42.36 6.82
CA GLU E 222 -18.65 -41.70 7.89
C GLU E 222 -19.79 -40.82 7.40
N GLN E 223 -19.79 -40.46 6.13
CA GLN E 223 -20.81 -39.58 5.57
C GLN E 223 -21.96 -40.33 4.92
N LEU E 224 -22.16 -41.60 5.27
CA LEU E 224 -23.23 -42.38 4.64
C LEU E 224 -24.60 -41.93 5.14
N THR E 225 -24.71 -41.67 6.44
CA THR E 225 -25.99 -41.23 7.00
C THR E 225 -26.32 -39.79 6.69
N THR E 226 -25.39 -39.04 6.10
CA THR E 226 -25.65 -37.66 5.69
C THR E 226 -26.12 -37.59 4.24
N PHE E 227 -25.56 -38.43 3.37
CA PHE E 227 -26.02 -38.47 1.98
C PHE E 227 -27.41 -39.10 1.89
N TYR E 228 -27.66 -40.14 2.68
CA TYR E 228 -28.94 -40.85 2.70
C TYR E 228 -29.62 -40.59 4.03
N PRO E 229 -30.40 -39.52 4.17
CA PRO E 229 -31.08 -39.26 5.45
C PRO E 229 -32.17 -40.27 5.77
N ASP E 230 -32.59 -41.08 4.81
CA ASP E 230 -33.63 -42.07 5.06
C ASP E 230 -33.24 -43.01 6.18
N LEU E 231 -31.97 -43.39 6.25
CA LEU E 231 -31.50 -44.30 7.30
C LEU E 231 -31.55 -43.67 8.69
N LEU E 232 -31.76 -42.36 8.79
CA LEU E 232 -31.91 -41.72 10.09
C LEU E 232 -33.32 -41.85 10.64
N ASP E 233 -34.22 -42.50 9.93
CA ASP E 233 -35.60 -42.62 10.38
C ASP E 233 -35.70 -43.57 11.57
N GLU E 234 -36.85 -43.56 12.21
CA GLU E 234 -37.12 -44.43 13.35
C GLU E 234 -37.73 -45.77 12.95
N ARG E 235 -38.21 -45.90 11.72
CA ARG E 235 -38.90 -47.10 11.28
C ARG E 235 -37.99 -48.06 10.52
N PHE E 236 -36.71 -47.70 10.32
CA PHE E 236 -35.77 -48.59 9.66
C PHE E 236 -35.21 -49.57 10.70
N GLU E 237 -35.97 -50.62 10.95
CA GLU E 237 -35.54 -51.70 11.82
C GLU E 237 -35.31 -52.97 11.01
N SER E 238 -34.33 -53.77 11.42
CA SER E 238 -33.98 -54.98 10.71
C SER E 238 -33.56 -56.04 11.72
N ASP E 239 -33.22 -57.22 11.19
CA ASP E 239 -32.67 -58.30 11.98
C ASP E 239 -31.28 -58.71 11.53
N PHE E 240 -30.73 -58.02 10.53
CA PHE E 240 -29.37 -58.28 10.07
C PHE E 240 -28.90 -57.06 9.28
N ALA E 241 -27.58 -56.91 9.21
CA ALA E 241 -26.99 -55.80 8.47
C ALA E 241 -25.59 -56.17 8.03
N ILE E 242 -25.26 -55.82 6.79
CA ILE E 242 -23.91 -56.00 6.25
C ILE E 242 -23.40 -54.65 5.79
N TYR E 243 -22.12 -54.39 6.02
CA TYR E 243 -21.54 -53.12 5.60
C TYR E 243 -20.15 -53.36 5.03
N HIS E 244 -19.78 -52.51 4.07
CA HIS E 244 -18.52 -52.69 3.37
C HIS E 244 -17.95 -51.34 2.94
N GLN E 245 -16.63 -51.22 2.98
CA GLN E 245 -15.91 -50.10 2.42
C GLN E 245 -14.68 -50.61 1.70
N ARG E 246 -14.38 -50.02 0.54
CA ARG E 246 -13.32 -50.54 -0.32
C ARG E 246 -12.17 -49.54 -0.43
N TYR E 247 -11.10 -49.98 -1.07
CA TYR E 247 -9.87 -49.21 -1.23
C TYR E 247 -9.40 -49.42 -2.67
N SER E 248 -9.81 -48.55 -3.57
CA SER E 248 -9.51 -48.71 -4.99
C SER E 248 -8.11 -48.22 -5.31
N THR E 249 -7.55 -48.76 -6.39
CA THR E 249 -6.19 -48.44 -6.79
C THR E 249 -6.10 -47.23 -7.71
N ASN E 250 -7.18 -46.85 -8.36
CA ASN E 250 -7.19 -45.70 -9.27
C ASN E 250 -8.05 -44.59 -8.68
N THR E 251 -8.10 -43.45 -9.37
CA THR E 251 -8.82 -42.28 -8.91
C THR E 251 -9.88 -41.86 -9.93
N PHE E 252 -10.64 -42.83 -10.43
CA PHE E 252 -11.78 -42.56 -11.31
C PHE E 252 -12.94 -43.42 -10.84
N PRO E 253 -13.85 -42.87 -10.04
CA PRO E 253 -14.89 -43.69 -9.42
C PRO E 253 -16.04 -43.99 -10.38
N THR E 254 -16.56 -45.20 -10.26
CA THR E 254 -17.73 -45.63 -11.03
C THR E 254 -18.76 -46.16 -10.03
N TRP E 255 -19.92 -45.50 -9.98
CA TRP E 255 -20.90 -45.82 -8.94
C TRP E 255 -21.40 -47.26 -8.96
N PRO E 256 -21.65 -47.90 -10.11
CA PRO E 256 -22.13 -49.29 -10.06
C PRO E 256 -21.08 -50.30 -9.60
N LEU E 257 -19.92 -49.83 -9.16
CA LEU E 257 -18.84 -50.72 -8.74
C LEU E 257 -18.63 -50.73 -7.24
N ALA E 258 -19.57 -50.18 -6.46
CA ALA E 258 -19.43 -50.13 -5.01
C ALA E 258 -20.15 -51.31 -4.38
N GLN E 259 -19.51 -51.95 -3.42
CA GLN E 259 -20.09 -53.05 -2.67
C GLN E 259 -20.87 -52.50 -1.47
N PRO E 260 -21.68 -53.33 -0.80
CA PRO E 260 -21.96 -54.77 -0.95
C PRO E 260 -22.77 -55.07 -2.19
N PHE E 261 -22.71 -56.31 -2.65
CA PHE E 261 -23.55 -56.75 -3.75
C PHE E 261 -24.77 -57.50 -3.23
N ARG E 262 -25.63 -57.83 -4.18
CA ARG E 262 -26.87 -58.56 -3.96
C ARG E 262 -26.54 -60.00 -3.58
N MET E 263 -26.64 -60.29 -2.28
CA MET E 263 -26.39 -61.61 -1.71
C MET E 263 -24.89 -61.94 -1.68
N LEU E 264 -24.05 -60.93 -1.45
CA LEU E 264 -22.62 -61.12 -1.27
C LEU E 264 -21.92 -59.85 -0.80
N ALA E 265 -20.79 -60.01 -0.11
CA ALA E 265 -19.90 -58.91 0.25
C ALA E 265 -18.51 -59.47 0.44
N HIS E 266 -17.53 -58.87 -0.23
CA HIS E 266 -16.21 -59.46 -0.37
C HIS E 266 -15.13 -58.49 0.09
N ASN E 267 -14.22 -58.97 0.94
CA ASN E 267 -12.97 -58.29 1.21
C ASN E 267 -11.83 -59.19 0.75
N GLY E 268 -10.73 -58.57 0.35
CA GLY E 268 -9.66 -59.32 -0.28
C GLY E 268 -9.70 -59.09 -1.77
N GLU E 269 -9.09 -59.97 -2.54
CA GLU E 269 -9.01 -59.74 -3.99
C GLU E 269 -8.68 -61.05 -4.67
N ILE E 270 -9.54 -61.46 -5.60
CA ILE E 270 -9.53 -62.81 -6.14
C ILE E 270 -8.43 -62.94 -7.19
N ASN E 271 -7.77 -64.10 -7.20
CA ASN E 271 -6.69 -64.36 -8.15
C ASN E 271 -7.22 -64.81 -9.50
N THR E 272 -7.90 -65.94 -9.53
CA THR E 272 -8.23 -66.66 -10.77
C THR E 272 -9.65 -66.29 -11.21
N VAL E 273 -9.73 -65.33 -12.12
CA VAL E 273 -11.02 -64.98 -12.74
C VAL E 273 -10.93 -65.17 -14.24
N LYS E 274 -9.71 -65.05 -14.78
CA LYS E 274 -9.53 -65.28 -16.21
C LYS E 274 -9.65 -66.76 -16.56
N GLY E 275 -9.57 -67.64 -15.57
CA GLY E 275 -9.75 -69.06 -15.80
C GLY E 275 -11.13 -69.54 -15.40
N ASN E 276 -11.73 -68.90 -14.40
CA ASN E 276 -13.06 -69.30 -13.97
C ASN E 276 -14.13 -68.85 -14.95
N VAL E 277 -13.95 -67.67 -15.55
CA VAL E 277 -14.91 -67.21 -16.55
C VAL E 277 -14.89 -68.12 -17.76
N ASN E 278 -13.70 -68.57 -18.18
CA ASN E 278 -13.60 -69.46 -19.32
C ASN E 278 -14.27 -70.80 -19.05
N TRP E 279 -14.23 -71.27 -17.80
CA TRP E 279 -14.89 -72.52 -17.48
C TRP E 279 -16.39 -72.35 -17.32
N MET E 280 -16.83 -71.18 -16.86
CA MET E 280 -18.26 -70.90 -16.84
C MET E 280 -18.81 -70.82 -18.27
N LYS E 281 -18.01 -70.33 -19.20
CA LYS E 281 -18.42 -70.30 -20.60
C LYS E 281 -18.66 -71.68 -21.17
N ALA E 282 -18.06 -72.72 -20.57
CA ALA E 282 -18.34 -74.08 -20.99
C ALA E 282 -19.43 -74.73 -20.15
N HIS E 283 -19.56 -74.33 -18.88
CA HIS E 283 -20.61 -74.88 -18.03
C HIS E 283 -21.99 -74.39 -18.44
N GLU E 284 -22.08 -73.19 -19.03
CA GLU E 284 -23.38 -72.63 -19.36
C GLU E 284 -24.13 -73.48 -20.38
N THR E 285 -23.40 -74.17 -21.26
CA THR E 285 -24.04 -74.83 -22.40
C THR E 285 -24.75 -76.13 -22.03
N ARG E 286 -24.74 -76.54 -20.75
CA ARG E 286 -25.44 -77.75 -20.35
C ARG E 286 -26.33 -77.56 -19.13
N MET E 287 -26.21 -76.44 -18.42
CA MET E 287 -26.93 -76.29 -17.17
C MET E 287 -28.39 -75.94 -17.44
N GLU E 288 -29.27 -76.50 -16.61
CA GLU E 288 -30.71 -76.29 -16.72
C GLU E 288 -31.37 -76.88 -15.49
N HIS E 289 -32.49 -76.29 -15.09
CA HIS E 289 -33.18 -76.69 -13.88
C HIS E 289 -34.67 -76.46 -14.04
N PRO E 290 -35.52 -77.34 -13.51
CA PRO E 290 -36.97 -77.16 -13.69
C PRO E 290 -37.55 -76.01 -12.89
N ALA E 291 -36.81 -75.41 -11.96
CA ALA E 291 -37.34 -74.28 -11.22
C ALA E 291 -37.52 -73.06 -12.11
N PHE E 292 -36.58 -72.84 -13.04
CA PHE E 292 -36.66 -71.69 -13.92
C PHE E 292 -37.65 -71.95 -15.06
N GLY E 293 -37.47 -73.04 -15.78
CA GLY E 293 -38.31 -73.34 -16.92
C GLY E 293 -37.77 -72.77 -18.21
N THR E 294 -38.67 -72.44 -19.14
CA THR E 294 -38.26 -71.85 -20.41
C THR E 294 -37.45 -70.59 -20.19
N HIS E 295 -37.75 -69.83 -19.14
CA HIS E 295 -37.03 -68.61 -18.84
C HIS E 295 -35.53 -68.83 -18.70
N MET E 296 -35.11 -70.08 -18.45
CA MET E 296 -33.69 -70.40 -18.42
C MET E 296 -32.96 -69.83 -19.63
N GLN E 297 -33.63 -69.78 -20.78
CA GLN E 297 -32.98 -69.32 -22.00
C GLN E 297 -32.40 -67.92 -21.86
N ASP E 298 -33.01 -67.07 -21.05
CA ASP E 298 -32.53 -65.70 -20.91
C ASP E 298 -31.56 -65.52 -19.74
N LEU E 299 -30.94 -66.61 -19.27
CA LEU E 299 -29.84 -66.53 -18.32
C LEU E 299 -28.59 -67.22 -18.84
N LYS E 300 -28.46 -67.39 -20.15
CA LYS E 300 -27.34 -68.17 -20.68
C LYS E 300 -26.01 -67.46 -20.50
N PRO E 301 -25.84 -66.19 -20.92
CA PRO E 301 -24.58 -65.51 -20.57
C PRO E 301 -24.63 -64.95 -19.15
N VAL E 302 -24.37 -65.83 -18.18
CA VAL E 302 -24.60 -65.48 -16.78
C VAL E 302 -23.65 -64.38 -16.33
N ILE E 303 -22.41 -64.41 -16.80
CA ILE E 303 -21.40 -63.41 -16.42
C ILE E 303 -21.36 -62.38 -17.55
N GLY E 304 -21.96 -61.22 -17.31
CA GLY E 304 -22.02 -60.17 -18.30
C GLY E 304 -20.69 -59.46 -18.51
N VAL E 305 -20.74 -58.25 -19.02
CA VAL E 305 -19.53 -57.48 -19.29
C VAL E 305 -19.52 -56.23 -18.41
N GLY E 306 -18.32 -55.82 -18.03
CA GLY E 306 -18.18 -54.66 -17.17
C GLY E 306 -18.29 -54.95 -15.70
N LEU E 307 -17.87 -56.14 -15.26
CA LEU E 307 -17.89 -56.52 -13.86
C LEU E 307 -16.48 -56.81 -13.38
N SER E 308 -16.29 -56.69 -12.08
CA SER E 308 -15.02 -57.06 -11.47
C SER E 308 -15.08 -58.52 -11.04
N ASP E 309 -14.09 -58.97 -10.28
CA ASP E 309 -14.12 -60.34 -9.76
C ASP E 309 -15.25 -60.50 -8.75
N SER E 310 -15.41 -59.54 -7.85
CA SER E 310 -16.47 -59.57 -6.86
C SER E 310 -17.85 -59.47 -7.48
N GLY E 311 -17.96 -59.11 -8.75
CA GLY E 311 -19.24 -59.09 -9.44
C GLY E 311 -19.55 -60.42 -10.07
N SER E 312 -18.56 -61.02 -10.73
CA SER E 312 -18.77 -62.32 -11.35
C SER E 312 -19.00 -63.41 -10.30
N LEU E 313 -18.19 -63.40 -9.25
CA LEU E 313 -18.41 -64.34 -8.15
C LEU E 313 -19.81 -64.17 -7.57
N ASP E 314 -20.25 -62.92 -7.41
CA ASP E 314 -21.58 -62.66 -6.86
C ASP E 314 -22.66 -63.19 -7.79
N THR E 315 -22.51 -63.00 -9.10
CA THR E 315 -23.50 -63.48 -10.05
C THR E 315 -23.61 -65.00 -10.01
N VAL E 316 -22.47 -65.69 -10.02
CA VAL E 316 -22.49 -67.15 -9.95
C VAL E 316 -23.13 -67.60 -8.65
N PHE E 317 -22.78 -66.95 -7.54
CA PHE E 317 -23.32 -67.33 -6.24
C PHE E 317 -24.84 -67.15 -6.22
N GLU E 318 -25.33 -66.04 -6.77
CA GLU E 318 -26.77 -65.79 -6.78
C GLU E 318 -27.51 -66.80 -7.64
N VAL E 319 -26.95 -67.12 -8.81
CA VAL E 319 -27.59 -68.12 -9.66
C VAL E 319 -27.66 -69.47 -8.96
N MET E 320 -26.57 -69.86 -8.30
CA MET E 320 -26.57 -71.16 -7.65
C MET E 320 -27.47 -71.20 -6.42
N VAL E 321 -27.66 -70.06 -5.76
CA VAL E 321 -28.55 -70.03 -4.60
C VAL E 321 -30.01 -70.08 -5.04
N ARG E 322 -30.36 -69.30 -6.08
CA ARG E 322 -31.74 -69.21 -6.50
C ARG E 322 -32.30 -70.49 -7.10
N ALA E 323 -31.50 -71.55 -7.18
CA ALA E 323 -31.94 -72.79 -7.83
C ALA E 323 -32.12 -73.95 -6.85
N GLY E 324 -32.07 -73.68 -5.54
CA GLY E 324 -32.38 -74.72 -4.59
C GLY E 324 -31.41 -74.86 -3.43
N ARG E 325 -30.13 -74.60 -3.67
CA ARG E 325 -29.13 -74.77 -2.62
C ARG E 325 -29.24 -73.64 -1.60
N THR E 326 -28.54 -73.82 -0.49
CA THR E 326 -28.48 -72.84 0.59
C THR E 326 -27.12 -72.18 0.62
N ALA E 327 -27.06 -71.02 1.27
CA ALA E 327 -25.82 -70.25 1.31
C ALA E 327 -24.62 -71.04 1.82
N PRO E 328 -24.71 -71.81 2.91
CA PRO E 328 -23.54 -72.61 3.31
C PRO E 328 -23.10 -73.60 2.25
N MET E 329 -24.05 -74.28 1.60
CA MET E 329 -23.70 -75.26 0.59
C MET E 329 -23.01 -74.61 -0.60
N VAL E 330 -23.50 -73.46 -1.05
CA VAL E 330 -22.87 -72.77 -2.17
C VAL E 330 -21.49 -72.26 -1.78
N LYS E 331 -21.35 -71.76 -0.55
CA LYS E 331 -20.04 -71.30 -0.10
C LYS E 331 -19.05 -72.46 -0.07
N MET E 332 -19.51 -73.65 0.32
CA MET E 332 -18.63 -74.80 0.32
C MET E 332 -18.31 -75.28 -1.09
N MET E 333 -19.27 -75.12 -2.02
CA MET E 333 -19.06 -75.60 -3.38
C MET E 333 -18.17 -74.67 -4.19
N LEU E 334 -18.17 -73.37 -3.88
CA LEU E 334 -17.36 -72.42 -4.62
C LEU E 334 -15.99 -72.21 -3.99
N VAL E 335 -15.95 -71.93 -2.70
CA VAL E 335 -14.70 -71.75 -1.98
C VAL E 335 -14.55 -72.90 -0.98
N PRO E 336 -13.99 -74.02 -1.38
CA PRO E 336 -13.97 -75.20 -0.53
C PRO E 336 -12.87 -75.11 0.53
N GLN E 337 -12.80 -76.13 1.37
CA GLN E 337 -11.74 -76.28 2.34
C GLN E 337 -10.55 -77.00 1.72
N ALA E 338 -9.44 -77.00 2.44
CA ALA E 338 -8.23 -77.68 2.00
C ALA E 338 -8.33 -79.15 2.39
N LEU E 339 -8.47 -80.02 1.40
CA LEU E 339 -8.62 -81.46 1.64
C LEU E 339 -7.24 -82.05 1.91
N THR E 340 -6.95 -82.32 3.17
CA THR E 340 -5.67 -82.90 3.55
C THR E 340 -5.82 -84.38 3.87
N SER E 341 -4.72 -85.11 3.71
CA SER E 341 -4.69 -86.56 3.95
C SER E 341 -4.27 -86.88 5.38
N SER E 342 -4.98 -86.31 6.35
CA SER E 342 -4.68 -86.51 7.76
C SER E 342 -5.96 -86.94 8.48
N GLN E 343 -5.78 -87.49 9.68
CA GLN E 343 -6.87 -88.08 10.44
C GLN E 343 -7.48 -87.12 11.46
N THR E 344 -7.45 -85.81 11.18
CA THR E 344 -7.97 -84.81 12.09
C THR E 344 -9.36 -84.32 11.72
N THR E 345 -10.04 -84.98 10.78
CA THR E 345 -11.44 -84.72 10.53
C THR E 345 -12.17 -86.04 10.33
N PRO E 346 -13.45 -86.11 10.69
CA PRO E 346 -14.24 -87.30 10.36
C PRO E 346 -14.32 -87.47 8.85
N ASP E 347 -14.48 -88.73 8.43
CA ASP E 347 -14.53 -89.03 7.00
C ASP E 347 -15.73 -88.39 6.31
N ASN E 348 -16.73 -87.97 7.08
CA ASN E 348 -17.90 -87.31 6.50
C ASN E 348 -17.49 -86.03 5.78
N HIS E 349 -16.76 -85.16 6.48
CA HIS E 349 -16.30 -83.92 5.86
C HIS E 349 -15.39 -84.20 4.67
N LYS E 350 -14.58 -85.27 4.74
CA LYS E 350 -13.72 -85.60 3.62
C LYS E 350 -14.54 -85.98 2.39
N ALA E 351 -15.57 -86.81 2.57
CA ALA E 351 -16.43 -87.17 1.44
C ALA E 351 -17.14 -85.94 0.88
N LEU E 352 -17.63 -85.07 1.77
CA LEU E 352 -18.31 -83.86 1.32
C LEU E 352 -17.38 -82.97 0.50
N ILE E 353 -16.15 -82.78 0.99
CA ILE E 353 -15.19 -81.94 0.28
C ILE E 353 -14.79 -82.59 -1.04
N GLN E 354 -14.69 -83.92 -1.08
CA GLN E 354 -14.41 -84.60 -2.34
C GLN E 354 -15.50 -84.32 -3.36
N TYR E 355 -16.76 -84.47 -2.94
CA TYR E 355 -17.88 -84.18 -3.85
C TYR E 355 -17.82 -82.73 -4.34
N CYS E 356 -17.63 -81.79 -3.41
CA CYS E 356 -17.63 -80.37 -3.78
C CYS E 356 -16.51 -80.05 -4.74
N ASN E 357 -15.30 -80.56 -4.47
CA ASN E 357 -14.18 -80.30 -5.36
C ASN E 357 -14.34 -81.00 -6.69
N SER E 358 -15.09 -82.10 -6.72
CA SER E 358 -15.30 -82.81 -7.98
C SER E 358 -16.32 -82.12 -8.86
N VAL E 359 -17.30 -81.44 -8.26
CA VAL E 359 -18.37 -80.88 -9.09
C VAL E 359 -18.00 -79.52 -9.69
N MET E 360 -17.14 -78.75 -9.03
CA MET E 360 -16.87 -77.38 -9.46
C MET E 360 -15.40 -77.03 -9.24
N GLU E 361 -14.92 -76.07 -10.04
CA GLU E 361 -13.58 -75.53 -9.86
C GLU E 361 -13.59 -74.46 -8.78
N PRO E 362 -12.65 -74.47 -7.84
CA PRO E 362 -12.64 -73.47 -6.78
C PRO E 362 -12.32 -72.08 -7.31
N TRP E 363 -12.69 -71.09 -6.51
CA TRP E 363 -12.39 -69.68 -6.78
C TRP E 363 -11.37 -69.23 -5.74
N ASP E 364 -10.10 -69.42 -6.05
CA ASP E 364 -9.04 -69.20 -5.08
C ASP E 364 -8.82 -67.70 -4.85
N GLY E 365 -7.84 -67.38 -4.02
CA GLY E 365 -7.49 -66.01 -3.73
C GLY E 365 -7.87 -65.59 -2.32
N PRO E 366 -7.23 -64.54 -1.82
CA PRO E 366 -7.58 -64.02 -0.49
C PRO E 366 -9.01 -63.49 -0.49
N ALA E 367 -9.84 -64.03 0.40
CA ALA E 367 -11.25 -63.70 0.41
C ALA E 367 -11.81 -63.86 1.82
N ALA E 368 -12.32 -62.76 2.37
CA ALA E 368 -13.15 -62.76 3.56
C ALA E 368 -14.55 -62.40 3.13
N LEU E 369 -15.49 -63.34 3.27
CA LEU E 369 -16.82 -63.20 2.72
C LEU E 369 -17.85 -63.05 3.83
N ALA E 370 -18.85 -62.21 3.58
CA ALA E 370 -19.99 -62.03 4.50
C ALA E 370 -21.23 -61.99 3.62
N MET E 371 -21.85 -63.15 3.42
CA MET E 371 -22.96 -63.29 2.50
C MET E 371 -24.24 -63.63 3.25
N THR E 372 -25.36 -63.52 2.56
CA THR E 372 -26.65 -63.75 3.18
C THR E 372 -27.65 -64.27 2.15
N ASP E 373 -28.28 -65.40 2.44
CA ASP E 373 -29.45 -65.83 1.72
C ASP E 373 -30.66 -65.09 2.27
N GLY E 374 -31.85 -65.43 1.77
CA GLY E 374 -33.06 -64.91 2.38
C GLY E 374 -33.29 -65.41 3.80
N ARG E 375 -32.63 -66.50 4.17
CA ARG E 375 -32.81 -67.11 5.48
C ARG E 375 -31.52 -67.16 6.29
N TRP E 376 -30.42 -67.60 5.68
CA TRP E 376 -29.16 -67.75 6.38
C TRP E 376 -28.33 -66.47 6.29
N VAL E 377 -27.40 -66.33 7.25
CA VAL E 377 -26.38 -65.30 7.20
C VAL E 377 -25.05 -65.96 7.53
N VAL E 378 -24.12 -65.94 6.57
CA VAL E 378 -22.88 -66.71 6.67
C VAL E 378 -21.70 -65.75 6.60
N GLY E 379 -20.67 -66.05 7.41
CA GLY E 379 -19.39 -65.38 7.32
C GLY E 379 -18.29 -66.40 7.19
N GLY E 380 -17.46 -66.28 6.14
CA GLY E 380 -16.53 -67.33 5.81
C GLY E 380 -15.20 -66.79 5.35
N MET E 381 -14.24 -67.71 5.25
CA MET E 381 -12.86 -67.42 4.89
C MET E 381 -12.43 -68.37 3.78
N ASP E 382 -11.32 -68.06 3.13
CA ASP E 382 -10.83 -68.82 1.99
C ASP E 382 -9.98 -69.99 2.47
N ARG E 383 -9.26 -70.61 1.54
CA ARG E 383 -8.48 -71.81 1.85
C ARG E 383 -7.29 -71.48 2.75
N ASN E 384 -6.50 -70.48 2.37
CA ASN E 384 -5.29 -70.16 3.12
C ASN E 384 -5.56 -69.34 4.38
N GLY E 385 -6.69 -68.63 4.43
CA GLY E 385 -6.98 -67.82 5.59
C GLY E 385 -6.03 -66.66 5.73
N LEU E 386 -6.08 -65.71 4.80
CA LEU E 386 -5.15 -64.59 4.78
C LEU E 386 -5.73 -63.37 5.48
N ARG E 387 -6.91 -62.93 5.07
CA ARG E 387 -7.55 -61.79 5.72
C ARG E 387 -8.03 -62.18 7.12
N PRO E 388 -8.16 -61.22 8.02
CA PRO E 388 -8.65 -61.51 9.37
C PRO E 388 -10.16 -61.34 9.50
N MET E 389 -10.74 -62.13 10.41
CA MET E 389 -12.17 -62.04 10.69
C MET E 389 -12.40 -62.43 12.14
N ARG E 390 -12.96 -61.51 12.93
CA ARG E 390 -13.18 -61.69 14.35
C ARG E 390 -14.62 -61.36 14.69
N TYR E 391 -15.23 -62.16 15.56
CA TYR E 391 -16.63 -62.01 15.90
C TYR E 391 -16.79 -61.96 17.42
N THR E 392 -18.03 -61.70 17.85
CA THR E 392 -18.34 -61.54 19.27
C THR E 392 -19.83 -61.75 19.48
N ILE E 393 -20.17 -62.50 20.54
CA ILE E 393 -21.54 -62.72 20.94
C ILE E 393 -21.81 -61.95 22.21
N THR E 394 -22.93 -61.23 22.26
CA THR E 394 -23.35 -60.55 23.47
C THR E 394 -24.59 -61.24 24.05
N THR E 395 -24.87 -60.93 25.32
CA THR E 395 -26.02 -61.53 26.00
C THR E 395 -27.36 -61.09 25.44
N ASP E 396 -27.40 -60.14 24.51
CA ASP E 396 -28.63 -59.69 23.90
C ASP E 396 -29.02 -60.53 22.69
N GLY E 397 -28.41 -61.70 22.51
CA GLY E 397 -28.66 -62.51 21.34
C GLY E 397 -28.19 -61.80 20.08
N LEU E 398 -27.02 -61.18 20.16
CA LEU E 398 -26.50 -60.35 19.09
C LEU E 398 -25.08 -60.77 18.76
N ILE E 399 -24.83 -61.07 17.49
CA ILE E 399 -23.51 -61.44 17.01
C ILE E 399 -23.00 -60.33 16.11
N ILE E 400 -21.75 -59.93 16.33
CA ILE E 400 -21.10 -58.87 15.57
C ILE E 400 -19.77 -59.40 15.08
N GLY E 401 -19.58 -59.39 13.76
CA GLY E 401 -18.33 -59.86 13.17
C GLY E 401 -17.78 -58.83 12.19
N GLY E 402 -16.46 -58.83 12.07
CA GLY E 402 -15.84 -57.88 11.17
C GLY E 402 -14.34 -58.11 11.11
N SER E 403 -13.67 -57.21 10.38
CA SER E 403 -12.23 -57.30 10.22
C SER E 403 -11.46 -56.75 11.42
N GLU E 404 -12.12 -55.98 12.29
CA GLU E 404 -11.48 -55.44 13.47
C GLU E 404 -12.39 -55.66 14.68
N THR E 405 -11.78 -55.96 15.83
CA THR E 405 -12.52 -56.34 17.02
C THR E 405 -12.83 -55.16 17.94
N GLY E 406 -12.76 -53.94 17.43
CA GLY E 406 -13.03 -52.78 18.27
C GLY E 406 -13.87 -51.73 17.57
N MET E 407 -14.69 -52.16 16.61
CA MET E 407 -15.48 -51.21 15.83
C MET E 407 -16.71 -50.73 16.60
N VAL E 408 -17.42 -51.66 17.23
CA VAL E 408 -18.63 -51.34 17.99
C VAL E 408 -18.30 -51.33 19.47
N LYS E 409 -18.68 -50.25 20.15
CA LYS E 409 -18.42 -50.11 21.58
C LYS E 409 -19.33 -51.05 22.37
N ILE E 410 -18.72 -51.97 23.12
CA ILE E 410 -19.44 -52.95 23.91
C ILE E 410 -18.64 -53.23 25.17
N ASP E 411 -19.31 -53.14 26.33
CA ASP E 411 -18.64 -53.40 27.59
C ASP E 411 -18.47 -54.90 27.81
N GLU E 412 -17.36 -55.26 28.46
CA GLU E 412 -17.05 -56.68 28.65
C GLU E 412 -18.01 -57.36 29.62
N THR E 413 -18.85 -56.61 30.32
CA THR E 413 -19.91 -57.19 31.13
C THR E 413 -21.13 -57.60 30.30
N GLN E 414 -20.98 -57.61 28.98
CA GLN E 414 -22.06 -58.01 28.08
C GLN E 414 -21.64 -59.14 27.15
N VAL E 415 -20.37 -59.52 27.13
CA VAL E 415 -19.87 -60.47 26.16
C VAL E 415 -20.06 -61.88 26.70
N ILE E 416 -20.11 -62.85 25.79
CA ILE E 416 -20.20 -64.25 26.13
C ILE E 416 -19.02 -65.04 25.59
N GLU E 417 -18.60 -64.76 24.35
CA GLU E 417 -17.49 -65.46 23.75
C GLU E 417 -16.90 -64.61 22.64
N LYS E 418 -15.58 -64.51 22.61
CA LYS E 418 -14.87 -63.92 21.48
C LYS E 418 -14.16 -65.02 20.69
N GLY E 419 -14.06 -64.82 19.39
CA GLY E 419 -13.50 -65.86 18.55
C GLY E 419 -12.91 -65.30 17.28
N ARG E 420 -12.56 -66.21 16.39
CA ARG E 420 -11.93 -65.88 15.12
C ARG E 420 -12.39 -66.90 14.08
N LEU E 421 -11.85 -66.79 12.87
CA LEU E 421 -12.17 -67.72 11.79
C LEU E 421 -10.86 -68.20 11.18
N GLY E 422 -10.60 -69.50 11.28
CA GLY E 422 -9.41 -70.08 10.72
C GLY E 422 -9.52 -70.27 9.24
N PRO E 423 -8.54 -70.96 8.64
CA PRO E 423 -8.57 -71.20 7.20
C PRO E 423 -9.68 -72.18 6.83
N GLY E 424 -10.55 -71.76 5.92
CA GLY E 424 -11.65 -72.59 5.47
C GLY E 424 -12.85 -72.66 6.39
N GLU E 425 -12.81 -71.98 7.53
CA GLU E 425 -13.91 -72.04 8.47
C GLU E 425 -15.06 -71.15 8.02
N MET E 426 -16.17 -71.26 8.75
CA MET E 426 -17.36 -70.45 8.48
C MET E 426 -18.23 -70.45 9.71
N ILE E 427 -19.03 -69.39 9.86
CA ILE E 427 -19.99 -69.27 10.96
C ILE E 427 -21.32 -68.83 10.37
N ALA E 428 -22.41 -69.48 10.78
CA ALA E 428 -23.70 -69.26 10.17
C ALA E 428 -24.73 -68.92 11.23
N VAL E 429 -25.75 -68.17 10.81
CA VAL E 429 -26.89 -67.84 11.66
C VAL E 429 -28.15 -68.11 10.86
N ASP E 430 -29.04 -68.93 11.41
CA ASP E 430 -30.33 -69.24 10.80
C ASP E 430 -31.38 -68.34 11.43
N LEU E 431 -31.96 -67.46 10.61
CA LEU E 431 -32.94 -66.50 11.11
C LEU E 431 -34.34 -67.09 11.21
N GLN E 432 -34.67 -68.05 10.35
CA GLN E 432 -36.01 -68.62 10.37
C GLN E 432 -36.29 -69.33 11.70
N SER E 433 -35.33 -70.11 12.19
CA SER E 433 -35.46 -70.77 13.48
C SER E 433 -34.65 -70.08 14.57
N GLY E 434 -33.81 -69.12 14.23
CA GLY E 434 -33.05 -68.38 15.22
C GLY E 434 -32.01 -69.23 15.93
N LYS E 435 -30.98 -69.67 15.21
CA LYS E 435 -29.92 -70.47 15.81
C LYS E 435 -28.58 -70.02 15.26
N LEU E 436 -27.52 -70.38 16.00
CA LEU E 436 -26.17 -69.98 15.67
C LEU E 436 -25.30 -71.23 15.54
N TYR E 437 -24.80 -71.48 14.33
CA TYR E 437 -23.97 -72.64 14.04
C TYR E 437 -22.52 -72.18 13.90
N ARG E 438 -21.64 -72.76 14.71
CA ARG E 438 -20.21 -72.54 14.58
C ARG E 438 -19.68 -73.43 13.47
N ASP E 439 -18.35 -73.54 13.37
CA ASP E 439 -17.73 -74.29 12.27
C ASP E 439 -18.14 -75.76 12.31
N ARG E 440 -17.75 -76.46 13.38
CA ARG E 440 -17.93 -77.90 13.42
C ARG E 440 -19.40 -78.29 13.40
N GLU E 441 -20.23 -77.59 14.18
CA GLU E 441 -21.65 -77.90 14.18
C GLU E 441 -22.26 -77.74 12.81
N LEU E 442 -21.89 -76.67 12.10
CA LEU E 442 -22.40 -76.46 10.75
C LEU E 442 -21.92 -77.56 9.80
N LYS E 443 -20.66 -77.99 9.95
CA LYS E 443 -20.16 -79.07 9.10
C LYS E 443 -20.94 -80.36 9.33
N ASP E 444 -21.15 -80.73 10.60
CA ASP E 444 -21.93 -81.94 10.88
C ASP E 444 -23.36 -81.83 10.38
N HIS E 445 -23.97 -80.65 10.54
CA HIS E 445 -25.33 -80.48 10.05
C HIS E 445 -25.41 -80.46 8.53
N LEU E 446 -24.32 -80.10 7.85
CA LEU E 446 -24.34 -80.05 6.40
C LEU E 446 -24.00 -81.40 5.78
N ALA E 447 -23.23 -82.22 6.49
CA ALA E 447 -22.83 -83.53 5.98
C ALA E 447 -23.89 -84.61 6.23
N THR E 448 -25.14 -84.21 6.47
CA THR E 448 -26.22 -85.15 6.74
C THR E 448 -27.28 -85.18 5.66
N LEU E 449 -27.40 -84.11 4.87
CA LEU E 449 -28.48 -84.00 3.89
C LEU E 449 -28.48 -85.16 2.91
N LYS E 450 -27.32 -85.47 2.35
CA LYS E 450 -27.22 -86.49 1.31
C LYS E 450 -26.17 -87.53 1.69
N PRO E 451 -26.34 -88.77 1.22
CA PRO E 451 -25.33 -89.82 1.47
C PRO E 451 -24.09 -89.66 0.59
N TRP E 452 -23.17 -88.80 1.05
CA TRP E 452 -21.98 -88.49 0.25
C TRP E 452 -21.03 -89.69 0.16
N ASP E 453 -20.88 -90.44 1.27
CA ASP E 453 -19.92 -91.53 1.30
C ASP E 453 -20.27 -92.61 0.28
N LYS E 454 -21.56 -92.95 0.16
CA LYS E 454 -21.98 -93.94 -0.83
C LYS E 454 -21.85 -93.42 -2.25
N TRP E 455 -21.89 -92.10 -2.44
CA TRP E 455 -21.79 -91.54 -3.78
C TRP E 455 -20.35 -91.46 -4.26
N VAL E 456 -19.42 -91.12 -3.36
CA VAL E 456 -18.04 -90.89 -3.75
C VAL E 456 -17.39 -92.18 -4.26
N GLN E 457 -17.89 -93.33 -3.80
CA GLN E 457 -17.27 -94.61 -4.14
C GLN E 457 -17.33 -94.94 -5.64
N ASN E 458 -17.97 -94.07 -6.42
CA ASN E 458 -18.01 -94.26 -7.87
C ASN E 458 -16.71 -93.84 -8.55
N THR E 459 -15.79 -93.19 -7.84
CA THR E 459 -14.56 -92.73 -8.44
C THR E 459 -13.61 -93.90 -8.65
N THR E 460 -12.88 -93.86 -9.77
CA THR E 460 -11.89 -94.89 -10.08
C THR E 460 -10.54 -94.24 -10.36
N HIS E 461 -9.49 -94.84 -9.83
CA HIS E 461 -8.15 -94.28 -9.93
C HIS E 461 -7.41 -94.92 -11.11
N LEU E 462 -6.11 -94.66 -11.22
CA LEU E 462 -5.33 -95.21 -12.32
C LEU E 462 -4.19 -96.12 -11.88
N ASP E 463 -3.61 -95.91 -10.70
CA ASP E 463 -2.60 -96.86 -10.22
C ASP E 463 -3.17 -98.26 -10.11
N GLU E 464 -4.43 -98.40 -9.70
CA GLU E 464 -5.08 -99.70 -9.78
C GLU E 464 -5.07 -100.22 -11.21
N LEU E 465 -5.40 -99.34 -12.16
CA LEU E 465 -5.44 -99.75 -13.56
C LEU E 465 -4.05 -100.06 -14.11
N VAL E 466 -3.03 -99.31 -13.69
CA VAL E 466 -1.69 -99.58 -14.20
C VAL E 466 -1.11 -100.82 -13.54
N LYS E 467 -1.62 -101.22 -12.37
CA LYS E 467 -1.14 -102.45 -11.74
C LYS E 467 -1.83 -103.67 -12.34
N THR E 468 -3.14 -103.57 -12.62
CA THR E 468 -3.76 -104.64 -13.41
C THR E 468 -3.20 -104.69 -14.82
N ALA E 469 -2.68 -103.59 -15.35
CA ALA E 469 -2.03 -103.59 -16.65
C ALA E 469 -0.79 -104.48 -16.58
N SER E 470 -0.79 -105.54 -17.37
CA SER E 470 0.30 -106.51 -17.34
C SER E 470 1.59 -105.90 -17.86
N LEU E 471 2.70 -106.52 -17.48
CA LEU E 471 4.03 -106.12 -17.93
C LEU E 471 4.35 -106.72 -19.30
N LYS E 472 3.46 -106.46 -20.25
CA LYS E 472 3.57 -107.00 -21.60
C LYS E 472 3.16 -105.94 -22.60
N GLY E 473 3.67 -106.06 -23.81
CA GLY E 473 3.30 -105.17 -24.89
C GLY E 473 4.13 -103.91 -25.02
N GLU E 474 5.24 -103.81 -24.28
CA GLU E 474 6.10 -102.65 -24.39
C GLU E 474 6.87 -102.69 -25.70
N PRO E 475 6.89 -101.61 -26.48
CA PRO E 475 7.59 -101.64 -27.77
C PRO E 475 9.10 -101.53 -27.58
N SER E 476 9.81 -101.83 -28.67
CA SER E 476 11.27 -101.81 -28.65
C SER E 476 11.77 -100.38 -28.73
N ASP E 477 12.94 -100.13 -28.14
CA ASP E 477 13.49 -98.79 -28.07
C ASP E 477 13.81 -98.25 -29.46
N MET E 478 13.78 -96.93 -29.59
CA MET E 478 14.11 -96.29 -30.85
C MET E 478 15.61 -96.38 -31.09
N ASP E 479 15.97 -96.29 -32.37
CA ASP E 479 17.36 -96.29 -32.75
C ASP E 479 18.04 -94.97 -32.35
N LYS E 480 19.36 -95.05 -32.13
CA LYS E 480 20.12 -93.87 -31.74
C LYS E 480 20.07 -92.80 -32.83
N ALA E 481 20.24 -93.21 -34.09
CA ALA E 481 20.21 -92.24 -35.19
C ALA E 481 18.85 -91.60 -35.32
N GLU E 482 17.78 -92.37 -35.18
CA GLU E 482 16.43 -91.80 -35.24
C GLU E 482 16.21 -90.82 -34.11
N LEU E 483 16.67 -91.16 -32.90
CA LEU E 483 16.52 -90.26 -31.77
C LEU E 483 17.28 -88.95 -32.00
N ARG E 484 18.51 -89.04 -32.52
CA ARG E 484 19.28 -87.83 -32.76
C ARG E 484 18.64 -86.99 -33.87
N ARG E 485 18.10 -87.63 -34.90
CA ARG E 485 17.47 -86.87 -35.97
C ARG E 485 16.20 -86.18 -35.49
N ARG E 486 15.44 -86.83 -34.60
CA ARG E 486 14.25 -86.19 -34.07
C ARG E 486 14.60 -85.09 -33.08
N GLN E 487 15.68 -85.26 -32.31
CA GLN E 487 16.08 -84.22 -31.37
C GLN E 487 16.63 -82.99 -32.09
N GLN E 488 17.39 -83.21 -33.16
CA GLN E 488 17.91 -82.09 -33.93
C GLN E 488 16.80 -81.28 -34.60
N ALA E 489 15.68 -81.94 -34.92
CA ALA E 489 14.57 -81.25 -35.57
C ALA E 489 13.94 -80.19 -34.69
N PHE E 490 14.07 -80.31 -33.37
CA PHE E 490 13.50 -79.35 -32.44
C PHE E 490 14.54 -78.41 -31.84
N GLY E 491 15.81 -78.62 -32.14
CA GLY E 491 16.85 -77.72 -31.66
C GLY E 491 17.38 -78.02 -30.28
N LEU E 492 17.39 -79.29 -29.85
CA LEU E 492 17.90 -79.66 -28.56
C LEU E 492 19.40 -79.89 -28.63
N THR E 493 20.15 -79.22 -27.76
CA THR E 493 21.59 -79.34 -27.70
C THR E 493 21.99 -80.23 -26.53
N MET E 494 23.28 -80.60 -26.50
CA MET E 494 23.78 -81.44 -25.42
C MET E 494 23.78 -80.72 -24.07
N GLU E 495 23.86 -79.38 -24.07
CA GLU E 495 23.76 -78.65 -22.82
C GLU E 495 22.35 -78.68 -22.25
N ASP E 496 21.36 -79.02 -23.07
CA ASP E 496 20.01 -79.25 -22.56
C ASP E 496 19.87 -80.61 -21.88
N MET E 497 20.88 -81.46 -21.99
CA MET E 497 20.85 -82.80 -21.40
C MET E 497 21.85 -82.98 -20.27
N GLU E 498 22.95 -82.24 -20.27
CA GLU E 498 23.95 -82.34 -19.22
C GLU E 498 23.74 -81.33 -18.09
N LEU E 499 22.98 -80.27 -18.34
CA LEU E 499 22.79 -79.20 -17.36
C LEU E 499 21.40 -79.20 -16.73
N ILE E 500 20.34 -79.36 -17.53
CA ILE E 500 18.99 -79.26 -17.02
C ILE E 500 18.22 -80.57 -17.07
N LEU E 501 18.82 -81.64 -17.59
CA LEU E 501 18.21 -82.96 -17.56
C LEU E 501 18.88 -83.91 -16.58
N HIS E 502 20.21 -83.86 -16.47
CA HIS E 502 20.91 -84.74 -15.54
C HIS E 502 20.53 -84.48 -14.08
N PRO E 503 20.49 -83.24 -13.59
CA PRO E 503 20.12 -83.05 -12.18
C PRO E 503 18.74 -83.53 -11.84
N MET E 504 17.78 -83.44 -12.78
CA MET E 504 16.43 -83.89 -12.49
C MET E 504 16.41 -85.39 -12.16
N VAL E 505 16.94 -86.21 -13.06
CA VAL E 505 16.93 -87.65 -12.87
C VAL E 505 17.94 -88.10 -11.83
N GLU E 506 18.94 -87.27 -11.50
CA GLU E 506 19.94 -87.66 -10.51
C GLU E 506 19.56 -87.28 -9.09
N ASP E 507 18.82 -86.20 -8.91
CA ASP E 507 18.66 -85.58 -7.60
C ASP E 507 17.20 -85.52 -7.14
N GLY E 508 16.28 -85.29 -8.06
CA GLY E 508 14.90 -85.01 -7.69
C GLY E 508 14.56 -83.54 -7.66
N LYS E 509 15.49 -82.66 -8.01
CA LYS E 509 15.23 -81.23 -8.03
C LYS E 509 15.82 -80.64 -9.30
N GLU E 510 15.62 -79.33 -9.45
CA GLU E 510 15.91 -78.65 -10.70
C GLU E 510 17.26 -77.95 -10.66
N ALA E 511 17.66 -77.43 -11.81
CA ALA E 511 18.96 -76.80 -11.94
C ALA E 511 18.96 -75.45 -11.23
N ILE E 512 20.16 -74.87 -11.10
CA ILE E 512 20.34 -73.60 -10.40
C ILE E 512 21.37 -72.77 -11.15
N GLY E 513 21.05 -71.51 -11.40
CA GLY E 513 21.97 -70.56 -11.99
C GLY E 513 22.21 -69.39 -11.07
N SER E 514 23.27 -68.61 -11.29
CA SER E 514 23.61 -67.56 -10.34
C SER E 514 24.04 -66.29 -11.04
N MET E 515 23.32 -65.90 -12.10
CA MET E 515 23.59 -64.62 -12.74
C MET E 515 22.42 -64.29 -13.65
N GLY E 516 22.30 -63.00 -13.98
CA GLY E 516 21.20 -62.53 -14.79
C GLY E 516 21.22 -63.09 -16.19
N ASP E 517 20.14 -62.81 -16.90
CA ASP E 517 19.94 -63.30 -18.26
C ASP E 517 20.27 -62.19 -19.24
N ASP E 518 21.37 -62.34 -19.97
CA ASP E 518 21.80 -61.38 -20.97
C ASP E 518 21.56 -61.90 -22.39
N SER E 519 20.72 -62.87 -22.53
CA SER E 519 20.41 -63.42 -23.85
C SER E 519 19.44 -62.49 -24.58
N PRO E 520 19.51 -62.45 -25.92
CA PRO E 520 18.54 -61.65 -26.67
C PRO E 520 17.13 -62.18 -26.51
N ILE E 521 16.15 -61.30 -26.71
CA ILE E 521 14.75 -61.71 -26.64
C ILE E 521 14.44 -62.57 -27.86
N ALA E 522 13.29 -63.26 -27.81
CA ALA E 522 13.04 -64.32 -28.78
C ALA E 522 12.92 -63.80 -30.20
N VAL E 523 12.26 -62.66 -30.39
CA VAL E 523 12.01 -62.18 -31.74
C VAL E 523 13.28 -61.64 -32.38
N LEU E 524 14.13 -60.98 -31.59
CA LEU E 524 15.35 -60.40 -32.15
C LEU E 524 16.47 -61.41 -32.32
N SER E 525 16.33 -62.62 -31.80
CA SER E 525 17.37 -63.61 -31.94
C SER E 525 17.38 -64.16 -33.37
N ASP E 526 18.36 -65.00 -33.68
CA ASP E 526 18.56 -65.50 -35.03
C ASP E 526 18.60 -67.01 -35.15
N LYS E 527 18.75 -67.75 -34.05
CA LYS E 527 18.73 -69.19 -34.09
C LYS E 527 17.28 -69.67 -34.00
N TYR E 528 17.07 -70.97 -33.80
CA TYR E 528 15.72 -71.51 -33.65
C TYR E 528 15.34 -71.51 -32.18
N ARG E 529 14.58 -70.50 -31.77
CA ARG E 529 14.02 -70.46 -30.43
C ARG E 529 12.60 -71.03 -30.47
N GLY E 530 12.34 -72.02 -29.63
CA GLY E 530 11.03 -72.64 -29.59
C GLY E 530 9.94 -71.65 -29.26
N LEU E 531 8.71 -72.03 -29.59
CA LEU E 531 7.57 -71.15 -29.37
C LEU E 531 7.31 -70.93 -27.88
N HIS E 532 7.80 -71.79 -27.01
CA HIS E 532 7.60 -71.62 -25.59
C HIS E 532 8.53 -70.59 -24.97
N HIS E 533 9.37 -69.94 -25.76
CA HIS E 533 10.20 -68.85 -25.26
C HIS E 533 9.52 -67.50 -25.38
N PHE E 534 8.44 -67.39 -26.14
CA PHE E 534 7.75 -66.12 -26.31
C PHE E 534 6.78 -65.82 -25.18
N PHE E 535 6.59 -66.75 -24.24
CA PHE E 535 5.60 -66.61 -23.18
C PHE E 535 6.32 -66.38 -21.85
N ARG E 536 6.22 -65.17 -21.33
CA ARG E 536 6.73 -64.87 -20.00
C ARG E 536 5.67 -65.20 -18.96
N GLN E 537 6.13 -65.65 -17.79
CA GLN E 537 5.24 -66.05 -16.72
C GLN E 537 4.69 -64.83 -16.00
N ASN E 538 3.79 -65.09 -15.04
CA ASN E 538 3.13 -64.05 -14.27
C ASN E 538 3.48 -64.20 -12.79
N PHE E 539 3.21 -63.15 -12.04
CA PHE E 539 3.42 -63.13 -10.59
C PHE E 539 2.53 -62.06 -10.00
N SER E 540 2.69 -61.80 -8.71
CA SER E 540 1.79 -60.92 -7.97
C SER E 540 2.59 -59.90 -7.18
N GLN E 541 2.37 -58.62 -7.48
CA GLN E 541 2.85 -57.54 -6.64
C GLN E 541 1.88 -57.35 -5.48
N VAL E 542 2.00 -56.20 -4.80
CA VAL E 542 1.40 -56.01 -3.47
C VAL E 542 -0.06 -56.43 -3.43
N THR E 543 -0.79 -56.25 -4.53
CA THR E 543 -2.22 -56.48 -4.52
C THR E 543 -2.60 -57.92 -4.15
N ASN E 544 -1.70 -58.88 -4.36
CA ASN E 544 -1.92 -60.27 -4.01
C ASN E 544 -0.65 -60.85 -3.43
N PRO E 545 -0.76 -61.74 -2.45
CA PRO E 545 0.43 -62.39 -1.91
C PRO E 545 0.72 -63.67 -2.66
N PRO E 546 1.99 -63.91 -3.02
CA PRO E 546 2.36 -65.22 -3.55
C PRO E 546 2.28 -66.27 -2.45
N ILE E 547 2.00 -67.50 -2.86
CA ILE E 547 1.81 -68.61 -1.94
C ILE E 547 3.14 -69.33 -1.78
N ASP E 548 3.69 -69.28 -0.58
CA ASP E 548 4.82 -70.12 -0.25
C ASP E 548 4.42 -71.58 -0.37
N SER E 549 5.36 -72.44 -0.80
CA SER E 549 5.03 -73.80 -1.16
C SER E 549 5.93 -74.85 -0.51
N LEU E 550 7.11 -74.48 -0.02
CA LEU E 550 7.97 -75.45 0.63
C LEU E 550 7.50 -75.80 2.03
N ARG E 551 6.53 -75.06 2.57
CA ARG E 551 6.01 -75.30 3.91
C ARG E 551 4.53 -75.62 3.91
N GLU E 552 3.71 -74.84 3.21
CA GLU E 552 2.29 -75.15 3.06
C GLU E 552 2.05 -75.91 1.75
N ARG E 553 2.74 -77.03 1.61
CA ARG E 553 2.52 -77.93 0.49
C ARG E 553 1.30 -78.81 0.69
N ARG E 554 0.63 -78.70 1.83
CA ARG E 554 -0.54 -79.51 2.11
C ARG E 554 -1.82 -78.93 1.52
N VAL E 555 -1.83 -77.65 1.16
CA VAL E 555 -3.02 -77.00 0.63
C VAL E 555 -2.99 -76.90 -0.88
N MET E 556 -1.92 -77.39 -1.53
CA MET E 556 -1.80 -77.36 -2.97
C MET E 556 -2.08 -78.76 -3.52
N SER E 557 -2.99 -78.84 -4.49
CA SER E 557 -3.41 -80.12 -5.05
C SER E 557 -3.18 -80.11 -6.55
N LEU E 558 -2.83 -81.28 -7.09
CA LEU E 558 -2.61 -81.47 -8.52
C LEU E 558 -3.57 -82.50 -9.11
N LYS E 559 -4.75 -82.64 -8.52
CA LYS E 559 -5.70 -83.64 -8.97
C LYS E 559 -6.20 -83.33 -10.37
N THR E 560 -6.39 -84.37 -11.18
CA THR E 560 -6.94 -84.21 -12.52
C THR E 560 -8.08 -85.19 -12.69
N ARG E 561 -9.16 -84.74 -13.34
CA ARG E 561 -10.35 -85.57 -13.49
C ARG E 561 -10.81 -85.54 -14.95
N LEU E 562 -10.97 -86.73 -15.53
CA LEU E 562 -11.49 -86.89 -16.87
C LEU E 562 -12.91 -87.45 -16.80
N GLY E 563 -13.78 -86.91 -17.65
CA GLY E 563 -15.20 -87.23 -17.56
C GLY E 563 -15.90 -86.49 -16.44
N ASN E 564 -15.62 -85.21 -16.28
CA ASN E 564 -16.03 -84.43 -15.13
C ASN E 564 -17.12 -83.41 -15.43
N LEU E 565 -16.96 -82.63 -16.49
CA LEU E 565 -17.87 -81.53 -16.76
C LEU E 565 -19.29 -82.04 -17.04
N GLY E 566 -20.27 -81.32 -16.52
CA GLY E 566 -21.65 -81.68 -16.71
C GLY E 566 -22.57 -80.60 -16.20
N ASN E 567 -23.77 -81.02 -15.80
CA ASN E 567 -24.72 -80.09 -15.21
C ASN E 567 -24.28 -79.73 -13.80
N ILE E 568 -24.13 -78.43 -13.53
CA ILE E 568 -23.70 -77.98 -12.22
C ILE E 568 -24.86 -77.65 -11.30
N LEU E 569 -26.09 -77.77 -11.77
CA LEU E 569 -27.27 -77.48 -10.97
C LEU E 569 -28.03 -78.74 -10.59
N ASP E 570 -27.31 -79.84 -10.40
CA ASP E 570 -27.90 -81.14 -10.13
C ASP E 570 -27.30 -81.74 -8.86
N GLU E 571 -27.88 -82.85 -8.42
CA GLU E 571 -27.38 -83.58 -7.26
C GLU E 571 -27.79 -85.03 -7.43
N ASP E 572 -26.84 -85.88 -7.82
CA ASP E 572 -27.10 -87.30 -8.00
C ASP E 572 -25.76 -88.03 -8.07
N GLU E 573 -25.83 -89.36 -8.04
CA GLU E 573 -24.62 -90.16 -8.01
C GLU E 573 -23.87 -90.15 -9.33
N THR E 574 -24.54 -89.86 -10.44
CA THR E 574 -23.87 -89.85 -11.73
C THR E 574 -22.90 -88.68 -11.89
N GLN E 575 -22.93 -87.70 -10.98
CA GLN E 575 -22.05 -86.56 -11.08
C GLN E 575 -20.63 -86.86 -10.63
N THR E 576 -20.43 -87.93 -9.85
CA THR E 576 -19.12 -88.30 -9.33
C THR E 576 -18.64 -89.63 -9.89
N ARG E 577 -18.94 -89.90 -11.15
CA ARG E 577 -18.46 -91.11 -11.83
C ARG E 577 -17.53 -90.67 -12.95
N LEU E 578 -16.23 -90.76 -12.70
CA LEU E 578 -15.23 -90.23 -13.61
C LEU E 578 -13.91 -90.98 -13.37
N LEU E 579 -12.88 -90.58 -14.11
CA LEU E 579 -11.54 -91.11 -13.91
C LEU E 579 -10.69 -90.03 -13.24
N GLN E 580 -9.86 -90.43 -12.28
CA GLN E 580 -9.08 -89.49 -11.50
C GLN E 580 -7.61 -89.85 -11.56
N LEU E 581 -6.78 -88.88 -11.92
CA LEU E 581 -5.33 -89.02 -11.90
C LEU E 581 -4.72 -88.09 -10.85
N GLU E 582 -3.57 -88.48 -10.34
CA GLU E 582 -2.90 -87.80 -9.25
C GLU E 582 -1.98 -86.68 -9.72
N SER E 583 -1.76 -86.57 -11.03
CA SER E 583 -0.88 -85.57 -11.59
C SER E 583 -1.16 -85.43 -13.08
N PRO E 584 -1.15 -84.22 -13.63
CA PRO E 584 -1.48 -84.05 -15.05
C PRO E 584 -0.40 -84.59 -15.98
N VAL E 585 0.80 -84.85 -15.48
CA VAL E 585 1.88 -85.40 -16.30
C VAL E 585 1.85 -86.91 -16.20
N LEU E 586 1.90 -87.58 -17.36
CA LEU E 586 1.85 -89.03 -17.43
C LEU E 586 3.10 -89.57 -18.11
N THR E 587 3.52 -90.75 -17.66
CA THR E 587 4.62 -91.45 -18.31
C THR E 587 4.08 -92.21 -19.52
N THR E 588 4.90 -93.06 -20.13
CA THR E 588 4.45 -93.81 -21.29
C THR E 588 3.58 -94.99 -20.89
N ALA E 589 3.99 -95.73 -19.86
CA ALA E 589 3.19 -96.87 -19.41
C ALA E 589 1.85 -96.41 -18.87
N GLU E 590 1.84 -95.33 -18.07
CA GLU E 590 0.58 -94.80 -17.58
C GLU E 590 -0.29 -94.30 -18.72
N PHE E 591 0.32 -93.70 -19.74
CA PHE E 591 -0.46 -93.26 -20.89
C PHE E 591 -1.06 -94.44 -21.64
N ARG E 592 -0.34 -95.54 -21.76
CA ARG E 592 -0.89 -96.70 -22.44
C ARG E 592 -2.00 -97.35 -21.62
N ALA E 593 -1.87 -97.35 -20.29
CA ALA E 593 -2.95 -97.88 -19.46
C ALA E 593 -4.20 -97.00 -19.54
N MET E 594 -4.02 -95.68 -19.51
CA MET E 594 -5.17 -94.78 -19.66
C MET E 594 -5.77 -94.89 -21.05
N ARG E 595 -4.94 -95.12 -22.07
CA ARG E 595 -5.48 -95.32 -23.41
C ARG E 595 -6.23 -96.64 -23.50
N ASP E 596 -5.78 -97.65 -22.76
CA ASP E 596 -6.58 -98.87 -22.59
C ASP E 596 -7.95 -98.56 -22.03
N TYR E 597 -7.99 -97.79 -20.92
CA TYR E 597 -9.28 -97.52 -20.29
C TYR E 597 -10.18 -96.71 -21.23
N MET E 598 -9.61 -95.74 -21.95
CA MET E 598 -10.36 -94.96 -22.91
C MET E 598 -10.86 -95.84 -24.05
N GLY E 599 -9.93 -96.32 -24.88
CA GLY E 599 -10.20 -97.32 -25.88
C GLY E 599 -11.11 -96.91 -27.01
N ASP E 600 -12.29 -97.49 -27.02
CA ASP E 600 -13.20 -97.46 -28.15
C ASP E 600 -14.06 -96.19 -28.21
N THR E 601 -13.76 -95.16 -27.43
CA THR E 601 -14.45 -93.89 -27.54
C THR E 601 -13.55 -92.74 -27.96
N ALA E 602 -12.24 -92.90 -27.91
CA ALA E 602 -11.31 -91.80 -28.17
C ALA E 602 -11.01 -91.68 -29.65
N ALA E 603 -10.58 -90.48 -30.05
CA ALA E 603 -10.22 -90.18 -31.43
C ALA E 603 -8.87 -89.49 -31.46
N GLU E 604 -7.95 -89.99 -32.29
CA GLU E 604 -6.64 -89.41 -32.45
C GLU E 604 -6.62 -88.44 -33.62
N ILE E 605 -5.79 -87.40 -33.50
CA ILE E 605 -5.73 -86.33 -34.50
C ILE E 605 -4.27 -86.13 -34.89
N ASP E 606 -4.02 -86.04 -36.19
CA ASP E 606 -2.68 -85.73 -36.66
C ASP E 606 -2.38 -84.25 -36.45
N ALA E 607 -1.10 -83.96 -36.21
CA ALA E 607 -0.66 -82.60 -35.95
C ALA E 607 0.60 -82.27 -36.74
N THR E 608 0.67 -82.76 -37.98
CA THR E 608 1.81 -82.53 -38.85
C THR E 608 1.33 -81.92 -40.15
N PHE E 609 2.21 -81.15 -40.80
CA PHE E 609 1.85 -80.53 -42.06
C PHE E 609 2.94 -80.81 -43.11
N PRO E 610 2.54 -80.98 -44.37
CA PRO E 610 3.53 -81.28 -45.42
C PRO E 610 4.49 -80.12 -45.62
N VAL E 611 5.78 -80.47 -45.75
CA VAL E 611 6.81 -79.44 -45.90
C VAL E 611 6.69 -78.74 -47.24
N ASP E 612 6.20 -79.43 -48.28
CA ASP E 612 6.08 -78.89 -49.62
C ASP E 612 4.69 -78.30 -49.89
N GLY E 613 3.91 -78.00 -48.86
CA GLY E 613 2.57 -77.50 -49.06
C GLY E 613 2.55 -76.13 -49.71
N GLY E 614 3.57 -75.32 -49.45
CA GLY E 614 3.66 -74.00 -50.02
C GLY E 614 3.78 -72.91 -48.96
N PRO E 615 3.52 -71.66 -49.36
CA PRO E 615 3.69 -70.55 -48.42
C PRO E 615 2.61 -70.48 -47.35
N GLU E 616 1.53 -71.24 -47.47
CA GLU E 616 0.40 -71.16 -46.55
C GLU E 616 0.00 -72.56 -46.08
N ALA E 617 0.98 -73.36 -45.69
CA ALA E 617 0.72 -74.73 -45.27
C ALA E 617 0.31 -74.84 -43.81
N LEU E 618 0.92 -74.04 -42.94
CA LEU E 618 0.63 -74.14 -41.51
C LEU E 618 -0.79 -73.70 -41.21
N ARG E 619 -1.25 -72.62 -41.86
CA ARG E 619 -2.63 -72.17 -41.66
C ARG E 619 -3.62 -73.23 -42.11
N ASP E 620 -3.36 -73.85 -43.26
CA ASP E 620 -4.25 -74.89 -43.75
C ASP E 620 -4.26 -76.09 -42.81
N ALA E 621 -3.11 -76.45 -42.26
CA ALA E 621 -3.07 -77.55 -41.31
C ALA E 621 -3.88 -77.22 -40.05
N LEU E 622 -3.74 -75.98 -39.55
CA LEU E 622 -4.53 -75.56 -38.41
C LEU E 622 -6.02 -75.65 -38.70
N ARG E 623 -6.44 -75.12 -39.85
CA ARG E 623 -7.83 -75.21 -40.28
C ARG E 623 -8.31 -76.66 -40.29
N ARG E 624 -7.51 -77.54 -40.90
CA ARG E 624 -7.92 -78.92 -41.07
C ARG E 624 -8.09 -79.61 -39.72
N ILE E 625 -7.13 -79.42 -38.81
CA ILE E 625 -7.23 -80.11 -37.53
C ILE E 625 -8.37 -79.56 -36.69
N ARG E 626 -8.59 -78.24 -36.74
CA ARG E 626 -9.67 -77.70 -35.93
C ARG E 626 -11.04 -77.97 -36.54
N GLN E 627 -11.10 -78.37 -37.82
CA GLN E 627 -12.36 -78.86 -38.36
C GLN E 627 -12.58 -80.33 -38.03
N GLU E 628 -11.54 -81.16 -38.16
CA GLU E 628 -11.69 -82.58 -37.84
C GLU E 628 -12.01 -82.80 -36.37
N THR E 629 -11.44 -81.99 -35.48
CA THR E 629 -11.75 -82.13 -34.06
C THR E 629 -13.23 -81.91 -33.80
N GLU E 630 -13.78 -80.84 -34.37
CA GLU E 630 -15.20 -80.57 -34.18
C GLU E 630 -16.07 -81.64 -34.82
N ASP E 631 -15.69 -82.10 -36.01
CA ASP E 631 -16.51 -83.11 -36.68
C ASP E 631 -16.44 -84.46 -35.97
N ALA E 632 -15.36 -84.73 -35.24
CA ALA E 632 -15.25 -85.98 -34.51
C ALA E 632 -15.93 -85.90 -33.15
N VAL E 633 -15.87 -84.75 -32.48
CA VAL E 633 -16.53 -84.61 -31.18
C VAL E 633 -18.04 -84.74 -31.34
N ARG E 634 -18.60 -84.14 -32.38
CA ARG E 634 -20.03 -84.24 -32.65
C ARG E 634 -20.46 -85.68 -32.96
N GLY E 635 -19.53 -86.55 -33.31
CA GLY E 635 -19.83 -87.92 -33.65
C GLY E 635 -19.89 -88.87 -32.47
N GLY E 636 -19.80 -88.36 -31.24
CA GLY E 636 -19.89 -89.18 -30.05
C GLY E 636 -18.59 -89.38 -29.31
N ALA E 637 -17.48 -88.89 -29.82
CA ALA E 637 -16.20 -89.06 -29.15
C ALA E 637 -16.14 -88.23 -27.88
N THR E 638 -15.46 -88.76 -26.87
CA THR E 638 -15.31 -88.07 -25.60
C THR E 638 -13.85 -87.84 -25.21
N HIS E 639 -12.91 -88.22 -26.06
CA HIS E 639 -11.49 -88.04 -25.75
C HIS E 639 -10.73 -87.78 -27.04
N VAL E 640 -9.95 -86.69 -27.05
CA VAL E 640 -9.20 -86.28 -28.22
C VAL E 640 -7.72 -86.36 -27.87
N ILE E 641 -6.97 -87.16 -28.62
CA ILE E 641 -5.54 -87.31 -28.43
C ILE E 641 -4.85 -86.62 -29.60
N LEU E 642 -4.09 -85.58 -29.30
CA LEU E 642 -3.45 -84.75 -30.32
C LEU E 642 -1.97 -85.11 -30.37
N THR E 643 -1.58 -85.90 -31.36
CA THR E 643 -0.22 -86.40 -31.46
C THR E 643 0.48 -85.87 -32.71
N ASP E 644 1.79 -85.68 -32.58
CA ASP E 644 2.67 -85.43 -33.71
C ASP E 644 3.53 -86.66 -34.02
N GLU E 645 2.97 -87.85 -33.79
CA GLU E 645 3.72 -89.10 -33.86
C GLU E 645 4.19 -89.44 -35.27
N ALA E 646 3.54 -88.90 -36.31
CA ALA E 646 3.88 -89.23 -37.68
C ALA E 646 4.88 -88.26 -38.30
N MET E 647 5.72 -87.62 -37.49
CA MET E 647 6.69 -86.67 -38.03
C MET E 647 7.78 -87.41 -38.78
N GLY E 648 7.98 -87.04 -40.05
CA GLY E 648 8.95 -87.70 -40.89
C GLY E 648 9.69 -86.75 -41.80
N PRO E 649 10.47 -87.29 -42.74
CA PRO E 649 11.28 -86.44 -43.61
C PRO E 649 10.46 -85.58 -44.57
N ALA E 650 9.15 -85.80 -44.68
CA ALA E 650 8.31 -85.00 -45.56
C ALA E 650 7.18 -84.30 -44.84
N ARG E 651 7.06 -84.47 -43.52
CA ARG E 651 6.00 -83.84 -42.74
C ARG E 651 6.62 -83.16 -41.52
N ALA E 652 6.53 -81.84 -41.48
CA ALA E 652 7.02 -81.12 -40.31
C ALA E 652 5.97 -81.14 -39.21
N ALA E 653 6.42 -80.91 -37.99
CA ALA E 653 5.55 -80.99 -36.82
C ALA E 653 5.01 -79.61 -36.46
N ILE E 654 3.70 -79.53 -36.25
CA ILE E 654 3.10 -78.28 -35.76
C ILE E 654 3.52 -78.06 -34.32
N PRO E 655 3.92 -76.85 -33.93
CA PRO E 655 4.22 -76.60 -32.51
C PRO E 655 3.03 -76.94 -31.63
N ALA E 656 3.26 -77.78 -30.63
CA ALA E 656 2.17 -78.32 -29.83
C ALA E 656 1.35 -77.22 -29.16
N ILE E 657 2.00 -76.14 -28.75
CA ILE E 657 1.29 -75.05 -28.08
C ILE E 657 0.24 -74.46 -29.01
N LEU E 658 0.63 -74.15 -30.24
CA LEU E 658 -0.31 -73.58 -31.20
C LEU E 658 -1.46 -74.54 -31.47
N ALA E 659 -1.15 -75.83 -31.61
CA ALA E 659 -2.19 -76.81 -31.91
C ALA E 659 -3.21 -76.89 -30.77
N THR E 660 -2.74 -77.07 -29.55
CA THR E 660 -3.69 -77.18 -28.44
C THR E 660 -4.44 -75.88 -28.21
N GLY E 661 -3.80 -74.73 -28.46
CA GLY E 661 -4.50 -73.47 -28.34
C GLY E 661 -5.64 -73.36 -29.32
N ALA E 662 -5.37 -73.63 -30.60
CA ALA E 662 -6.41 -73.56 -31.61
C ALA E 662 -7.54 -74.52 -31.29
N VAL E 663 -7.20 -75.76 -30.92
CA VAL E 663 -8.23 -76.77 -30.68
C VAL E 663 -9.09 -76.39 -29.49
N HIS E 664 -8.46 -75.99 -28.38
CA HIS E 664 -9.21 -75.65 -27.18
C HIS E 664 -10.10 -74.43 -27.42
N THR E 665 -9.57 -73.42 -28.10
CA THR E 665 -10.38 -72.23 -28.36
C THR E 665 -11.56 -72.56 -29.24
N HIS E 666 -11.35 -73.36 -30.28
CA HIS E 666 -12.46 -73.73 -31.16
C HIS E 666 -13.50 -74.54 -30.42
N LEU E 667 -13.07 -75.44 -29.54
CA LEU E 667 -14.04 -76.24 -28.78
C LEU E 667 -14.82 -75.38 -27.81
N ILE E 668 -14.18 -74.35 -27.23
CA ILE E 668 -14.91 -73.44 -26.35
C ILE E 668 -15.91 -72.63 -27.15
N ARG E 669 -15.52 -72.16 -28.34
CA ARG E 669 -16.39 -71.29 -29.13
C ARG E 669 -17.53 -72.05 -29.80
N SER E 670 -17.46 -73.38 -29.85
CA SER E 670 -18.49 -74.19 -30.49
C SER E 670 -19.35 -74.95 -29.49
N ASN E 671 -19.25 -74.63 -28.21
CA ASN E 671 -20.06 -75.27 -27.16
C ASN E 671 -19.87 -76.78 -27.16
N LEU E 672 -18.61 -77.21 -27.25
CA LEU E 672 -18.29 -78.63 -27.22
C LEU E 672 -17.17 -78.99 -26.24
N ARG E 673 -16.47 -78.00 -25.68
CA ARG E 673 -15.41 -78.32 -24.71
C ARG E 673 -15.97 -79.01 -23.49
N THR E 674 -17.23 -78.77 -23.16
CA THR E 674 -17.88 -79.43 -22.03
C THR E 674 -18.06 -80.92 -22.22
N PHE E 675 -17.83 -81.44 -23.42
CA PHE E 675 -18.09 -82.85 -23.71
C PHE E 675 -16.87 -83.74 -23.56
N THR E 676 -15.71 -83.30 -24.03
CA THR E 676 -14.55 -84.16 -24.14
C THR E 676 -13.43 -83.68 -23.21
N SER E 677 -12.29 -84.35 -23.33
CA SER E 677 -11.04 -83.96 -22.69
C SER E 677 -10.04 -83.61 -23.78
N LEU E 678 -8.79 -83.36 -23.39
CA LEU E 678 -7.78 -82.94 -24.36
C LEU E 678 -6.43 -83.47 -23.89
N ASN E 679 -5.93 -84.50 -24.57
CA ASN E 679 -4.66 -85.13 -24.25
C ASN E 679 -3.66 -84.82 -25.35
N VAL E 680 -2.43 -84.48 -24.96
CA VAL E 680 -1.40 -84.06 -25.89
C VAL E 680 -0.19 -84.96 -25.75
N ARG E 681 0.27 -85.50 -26.88
CA ARG E 681 1.55 -86.18 -26.97
C ARG E 681 2.52 -85.27 -27.69
N THR E 682 3.58 -84.85 -27.00
CA THR E 682 4.55 -83.92 -27.55
C THR E 682 5.93 -84.56 -27.60
N ALA E 683 6.76 -84.05 -28.50
CA ALA E 683 8.13 -84.52 -28.67
C ALA E 683 9.17 -83.49 -28.28
N GLU E 684 8.74 -82.31 -27.83
CA GLU E 684 9.67 -81.24 -27.47
C GLU E 684 9.73 -81.00 -25.96
N GLY E 685 8.81 -81.55 -25.19
CA GLY E 685 8.77 -81.30 -23.76
C GLY E 685 9.96 -81.86 -23.01
N LEU E 686 10.83 -80.97 -22.53
CA LEU E 686 11.98 -81.37 -21.74
C LEU E 686 12.19 -80.55 -20.49
N ASP E 687 11.69 -79.32 -20.43
CA ASP E 687 11.83 -78.44 -19.28
C ASP E 687 10.48 -78.21 -18.63
N THR E 688 10.52 -77.78 -17.36
CA THR E 688 9.30 -77.58 -16.60
C THR E 688 8.48 -76.39 -17.08
N HIS E 689 9.03 -75.56 -17.97
CA HIS E 689 8.28 -74.42 -18.49
C HIS E 689 7.38 -74.80 -19.66
N TYR E 690 7.64 -75.94 -20.31
CA TYR E 690 6.75 -76.42 -21.35
C TYR E 690 5.42 -76.88 -20.79
N PHE E 691 5.45 -77.79 -19.81
CA PHE E 691 4.22 -78.31 -19.24
C PHE E 691 3.37 -77.21 -18.65
N ALA E 692 4.01 -76.20 -18.04
CA ALA E 692 3.27 -75.09 -17.46
C ALA E 692 2.44 -74.38 -18.52
N VAL E 693 3.06 -74.01 -19.64
CA VAL E 693 2.32 -73.27 -20.66
C VAL E 693 1.30 -74.16 -21.35
N LEU E 694 1.59 -75.44 -21.52
CA LEU E 694 0.61 -76.32 -22.14
C LEU E 694 -0.64 -76.46 -21.27
N ILE E 695 -0.46 -76.68 -19.97
CA ILE E 695 -1.63 -76.79 -19.09
C ILE E 695 -2.32 -75.44 -18.96
N GLY E 696 -1.57 -74.33 -19.10
CA GLY E 696 -2.20 -73.02 -19.05
C GLY E 696 -3.01 -72.72 -20.29
N VAL E 697 -2.66 -73.33 -21.42
CA VAL E 697 -3.41 -73.11 -22.64
C VAL E 697 -4.73 -73.85 -22.62
N GLY E 698 -4.78 -75.02 -22.00
CA GLY E 698 -6.05 -75.73 -21.90
C GLY E 698 -5.97 -77.24 -21.95
N ALA E 699 -4.79 -77.80 -22.20
CA ALA E 699 -4.64 -79.25 -22.25
C ALA E 699 -4.97 -79.86 -20.90
N THR E 700 -5.48 -81.09 -20.93
CA THR E 700 -5.81 -81.81 -19.69
C THR E 700 -4.62 -82.60 -19.18
N THR E 701 -4.10 -83.52 -19.98
CA THR E 701 -2.91 -84.28 -19.66
C THR E 701 -1.86 -84.06 -20.74
N VAL E 702 -0.60 -84.22 -20.36
CA VAL E 702 0.52 -84.02 -21.26
C VAL E 702 1.44 -85.23 -21.15
N ASN E 703 1.83 -85.77 -22.30
CA ASN E 703 2.76 -86.89 -22.37
C ASN E 703 3.99 -86.50 -23.17
N ALA E 704 5.16 -86.67 -22.58
CA ALA E 704 6.44 -86.36 -23.23
C ALA E 704 7.21 -87.66 -23.37
N TYR E 705 7.20 -88.24 -24.57
CA TYR E 705 7.83 -89.54 -24.79
C TYR E 705 9.28 -89.42 -25.25
N LEU E 706 9.65 -88.36 -25.96
CA LEU E 706 11.02 -88.21 -26.40
C LEU E 706 11.96 -88.00 -25.22
N ALA E 707 11.51 -87.27 -24.21
CA ALA E 707 12.33 -87.09 -23.02
C ALA E 707 12.56 -88.41 -22.29
N GLN E 708 11.53 -89.25 -22.21
CA GLN E 708 11.71 -90.55 -21.58
C GLN E 708 12.63 -91.44 -22.40
N GLU E 709 12.52 -91.39 -23.72
CA GLU E 709 13.45 -92.13 -24.57
C GLU E 709 14.88 -91.67 -24.36
N ALA E 710 15.09 -90.36 -24.24
CA ALA E 710 16.44 -89.85 -23.98
C ALA E 710 16.95 -90.29 -22.62
N ILE E 711 16.07 -90.30 -21.61
CA ILE E 711 16.47 -90.79 -20.29
C ILE E 711 16.91 -92.23 -20.36
N ALA E 712 16.13 -93.07 -21.05
CA ALA E 712 16.48 -94.48 -21.16
C ALA E 712 17.79 -94.67 -21.91
N GLU E 713 17.98 -93.92 -23.00
CA GLU E 713 19.21 -94.05 -23.77
C GLU E 713 20.42 -93.60 -22.97
N ARG E 714 20.27 -92.56 -22.15
CA ARG E 714 21.37 -92.12 -21.31
C ARG E 714 21.61 -93.10 -20.17
N HIS E 715 20.59 -93.83 -19.74
CA HIS E 715 20.78 -94.79 -18.67
C HIS E 715 21.47 -96.06 -19.17
N ARG E 716 21.14 -96.51 -20.38
CA ARG E 716 21.73 -97.75 -20.88
C ARG E 716 23.24 -97.61 -21.09
N ARG E 717 23.74 -96.39 -21.27
CA ARG E 717 25.18 -96.17 -21.44
C ARG E 717 25.92 -96.17 -20.10
N GLY E 718 25.23 -96.34 -18.99
CA GLY E 718 25.87 -96.33 -17.70
C GLY E 718 26.37 -94.96 -17.30
N LEU E 719 25.46 -93.97 -17.26
CA LEU E 719 25.80 -92.62 -16.87
C LEU E 719 25.27 -92.22 -15.51
N PHE E 720 24.19 -92.85 -15.04
CA PHE E 720 23.62 -92.52 -13.73
C PHE E 720 24.23 -93.35 -12.60
N GLY E 721 24.95 -94.41 -12.93
CA GLY E 721 25.58 -95.22 -11.90
C GLY E 721 24.90 -96.56 -11.69
N SER E 722 24.21 -96.72 -10.55
CA SER E 722 23.59 -97.98 -10.18
C SER E 722 22.09 -97.84 -9.93
N MET E 723 21.49 -96.74 -10.35
CA MET E 723 20.07 -96.65 -10.04
C MET E 723 19.24 -97.26 -11.17
N PRO E 724 18.13 -97.91 -10.82
CA PRO E 724 17.26 -98.48 -11.86
C PRO E 724 16.61 -97.43 -12.74
N LEU E 725 15.87 -97.86 -13.75
CA LEU E 725 15.21 -96.92 -14.63
C LEU E 725 13.93 -96.37 -14.01
N GLU E 726 13.20 -97.22 -13.27
CA GLU E 726 11.96 -96.77 -12.65
C GLU E 726 12.22 -95.70 -11.59
N LYS E 727 13.30 -95.85 -10.82
CA LYS E 727 13.65 -94.82 -9.86
C LYS E 727 13.97 -93.50 -10.56
N GLY E 728 14.67 -93.56 -11.69
CA GLY E 728 14.96 -92.35 -12.45
C GLY E 728 13.70 -91.68 -12.96
N MET E 729 12.77 -92.47 -13.50
CA MET E 729 11.52 -91.89 -13.98
C MET E 729 10.71 -91.29 -12.84
N ALA E 730 10.71 -91.95 -11.68
CA ALA E 730 10.00 -91.41 -10.52
C ALA E 730 10.61 -90.09 -10.07
N ASN E 731 11.95 -90.02 -10.04
CA ASN E 731 12.61 -88.77 -9.67
C ASN E 731 12.30 -87.67 -10.67
N TYR E 732 12.29 -88.00 -11.96
CA TYR E 732 11.97 -87.01 -12.97
C TYR E 732 10.55 -86.48 -12.81
N LYS E 733 9.59 -87.38 -12.58
CA LYS E 733 8.21 -86.94 -12.40
C LYS E 733 8.06 -86.10 -11.14
N LYS E 734 8.75 -86.47 -10.06
CA LYS E 734 8.67 -85.69 -8.83
C LYS E 734 9.23 -84.29 -9.03
N ALA E 735 10.37 -84.19 -9.73
CA ALA E 735 10.95 -82.88 -10.01
C ALA E 735 10.02 -82.04 -10.88
N ILE E 736 9.40 -82.66 -11.89
CA ILE E 736 8.47 -81.94 -12.75
C ILE E 736 7.29 -81.42 -11.95
N ASP E 737 6.73 -82.25 -11.07
CA ASP E 737 5.59 -81.81 -10.29
C ASP E 737 5.97 -80.71 -9.31
N ASP E 738 7.16 -80.80 -8.71
CA ASP E 738 7.60 -79.73 -7.81
C ASP E 738 7.79 -78.42 -8.56
N GLY E 739 8.38 -78.47 -9.75
CA GLY E 739 8.53 -77.26 -10.53
C GLY E 739 7.20 -76.69 -10.99
N LEU E 740 6.25 -77.56 -11.33
CA LEU E 740 4.91 -77.10 -11.69
C LEU E 740 4.24 -76.40 -10.52
N LEU E 741 4.39 -76.96 -9.31
CA LEU E 741 3.83 -76.30 -8.13
C LEU E 741 4.51 -74.96 -7.89
N LYS E 742 5.82 -74.88 -8.12
CA LYS E 742 6.52 -73.62 -7.97
C LYS E 742 5.98 -72.57 -8.94
N ILE E 743 5.81 -72.95 -10.20
CA ILE E 743 5.30 -72.02 -11.20
C ILE E 743 3.87 -71.60 -10.86
N MET E 744 3.07 -72.54 -10.36
CA MET E 744 1.70 -72.24 -10.01
C MET E 744 1.60 -71.35 -8.77
N SER E 745 2.62 -71.39 -7.91
CA SER E 745 2.59 -70.64 -6.66
C SER E 745 3.11 -69.22 -6.79
N LYS E 746 3.77 -68.88 -7.90
CA LYS E 746 4.22 -67.50 -8.08
C LYS E 746 3.05 -66.54 -8.17
N MET E 747 1.87 -67.01 -8.58
CA MET E 747 0.72 -66.15 -8.79
C MET E 747 -0.28 -66.15 -7.65
N GLY E 748 -0.35 -67.24 -6.89
CA GLY E 748 -1.32 -67.35 -5.82
C GLY E 748 -2.39 -68.40 -6.03
N ILE E 749 -2.20 -69.32 -6.97
CA ILE E 749 -3.17 -70.36 -7.26
C ILE E 749 -2.71 -71.65 -6.62
N SER E 750 -3.58 -72.29 -5.85
CA SER E 750 -3.22 -73.49 -5.10
C SER E 750 -3.86 -74.76 -5.65
N VAL E 751 -4.61 -74.68 -6.74
CA VAL E 751 -5.21 -75.86 -7.36
C VAL E 751 -5.02 -75.77 -8.86
N ILE E 752 -4.78 -76.93 -9.48
CA ILE E 752 -4.51 -76.96 -10.92
C ILE E 752 -5.79 -76.83 -11.75
N SER E 753 -6.93 -77.23 -11.19
CA SER E 753 -8.17 -77.21 -11.96
C SER E 753 -8.59 -75.80 -12.32
N SER E 754 -8.34 -74.84 -11.44
CA SER E 754 -8.66 -73.45 -11.71
C SER E 754 -7.54 -72.72 -12.45
N TYR E 755 -6.37 -73.33 -12.58
CA TYR E 755 -5.28 -72.76 -13.35
C TYR E 755 -5.30 -73.20 -14.81
N ARG E 756 -5.91 -74.33 -15.11
CA ARG E 756 -5.91 -74.86 -16.46
C ARG E 756 -6.80 -74.04 -17.38
N GLY E 757 -6.29 -73.74 -18.57
CA GLY E 757 -7.07 -73.02 -19.55
C GLY E 757 -7.37 -71.59 -19.19
N GLY E 758 -6.58 -71.00 -18.29
CA GLY E 758 -6.80 -69.63 -17.90
C GLY E 758 -5.88 -68.66 -18.62
N GLY E 759 -4.74 -69.17 -19.09
CA GLY E 759 -3.80 -68.34 -19.80
C GLY E 759 -3.16 -67.29 -18.92
N ASN E 760 -2.39 -67.74 -17.92
CA ASN E 760 -1.69 -66.84 -17.01
C ASN E 760 -0.26 -66.60 -17.49
N PHE E 761 -0.17 -66.05 -18.70
CA PHE E 761 1.11 -65.78 -19.34
C PHE E 761 0.98 -64.47 -20.12
N GLU E 762 2.10 -63.99 -20.64
CA GLU E 762 2.08 -62.89 -21.60
C GLU E 762 3.00 -63.19 -22.76
N ALA E 763 2.50 -63.00 -23.98
CA ALA E 763 3.29 -63.20 -25.17
C ALA E 763 3.92 -61.87 -25.60
N ILE E 764 5.25 -61.84 -25.62
CA ILE E 764 5.99 -60.66 -26.06
C ILE E 764 6.64 -61.01 -27.39
N GLY E 765 6.16 -60.38 -28.47
CA GLY E 765 6.69 -60.61 -29.79
C GLY E 765 5.82 -61.44 -30.71
N LEU E 766 4.55 -61.64 -30.38
CA LEU E 766 3.62 -62.33 -31.25
C LEU E 766 2.58 -61.34 -31.78
N SER E 767 2.09 -61.62 -32.99
CA SER E 767 1.14 -60.73 -33.63
C SER E 767 -0.13 -60.63 -32.80
N ARG E 768 -0.72 -59.43 -32.77
CA ARG E 768 -1.98 -59.24 -32.06
C ARG E 768 -3.07 -60.14 -32.63
N ALA E 769 -3.07 -60.34 -33.96
CA ALA E 769 -4.08 -61.17 -34.57
C ALA E 769 -3.96 -62.63 -34.12
N LEU E 770 -2.74 -63.17 -34.18
CA LEU E 770 -2.53 -64.57 -33.80
C LEU E 770 -2.93 -64.82 -32.37
N VAL E 771 -2.51 -63.94 -31.46
CA VAL E 771 -2.81 -64.13 -30.04
C VAL E 771 -4.31 -63.97 -29.79
N ALA E 772 -4.90 -62.90 -30.31
CA ALA E 772 -6.32 -62.66 -30.09
C ALA E 772 -7.22 -63.67 -30.79
N GLU E 773 -6.69 -64.44 -31.74
CA GLU E 773 -7.50 -65.42 -32.45
C GLU E 773 -7.34 -66.83 -31.90
N HIS E 774 -6.13 -67.24 -31.54
CA HIS E 774 -5.90 -68.61 -31.11
C HIS E 774 -5.74 -68.77 -29.60
N PHE E 775 -5.48 -67.70 -28.87
CA PHE E 775 -5.25 -67.83 -27.44
C PHE E 775 -6.33 -67.11 -26.66
N PRO E 776 -6.79 -67.68 -25.53
CA PRO E 776 -7.98 -67.15 -24.86
C PRO E 776 -7.83 -65.71 -24.38
N ALA E 777 -6.87 -65.44 -23.50
CA ALA E 777 -6.76 -64.11 -22.90
C ALA E 777 -5.28 -63.82 -22.61
N MET E 778 -4.63 -63.20 -23.57
CA MET E 778 -3.28 -62.69 -23.40
C MET E 778 -3.16 -61.37 -24.15
N VAL E 779 -2.29 -60.50 -23.67
CA VAL E 779 -2.10 -59.18 -24.26
C VAL E 779 -0.73 -59.14 -24.89
N SER E 780 -0.67 -58.67 -26.14
CA SER E 780 0.57 -58.45 -26.86
C SER E 780 0.68 -56.96 -27.10
N ARG E 781 1.32 -56.24 -26.17
CA ARG E 781 1.40 -54.79 -26.29
C ARG E 781 2.21 -54.37 -27.50
N ILE E 782 3.12 -55.22 -27.97
CA ILE E 782 3.80 -55.00 -29.23
C ILE E 782 3.61 -56.25 -30.09
N SER E 783 3.00 -56.07 -31.25
CA SER E 783 2.78 -57.21 -32.13
C SER E 783 4.12 -57.70 -32.69
N GLY E 784 4.12 -58.94 -33.15
CA GLY E 784 5.34 -59.54 -33.66
C GLY E 784 5.12 -60.38 -34.90
N ILE E 785 5.85 -61.48 -35.01
CA ILE E 785 5.75 -62.33 -36.18
C ILE E 785 4.39 -63.00 -36.24
N GLY E 786 3.90 -63.22 -37.45
CA GLY E 786 2.63 -63.90 -37.64
C GLY E 786 2.82 -65.39 -37.80
N LEU E 787 2.14 -65.98 -38.78
CA LEU E 787 2.29 -67.39 -39.07
C LEU E 787 3.42 -67.68 -40.06
N ASN E 788 3.73 -66.71 -40.92
CA ASN E 788 4.76 -66.93 -41.92
C ASN E 788 6.14 -67.08 -41.28
N GLY E 789 6.44 -66.26 -40.27
CA GLY E 789 7.72 -66.39 -39.60
C GLY E 789 7.87 -67.71 -38.87
N ILE E 790 6.81 -68.16 -38.19
CA ILE E 790 6.84 -69.44 -37.51
C ILE E 790 7.03 -70.57 -38.52
N GLN E 791 6.32 -70.50 -39.66
CA GLN E 791 6.47 -71.53 -40.68
C GLN E 791 7.88 -71.55 -41.24
N LYS E 792 8.46 -70.37 -41.48
CA LYS E 792 9.82 -70.30 -42.00
C LYS E 792 10.80 -70.92 -41.02
N LYS E 793 10.70 -70.56 -39.74
CA LYS E 793 11.61 -71.12 -38.74
C LYS E 793 11.48 -72.64 -38.67
N VAL E 794 10.23 -73.13 -38.61
CA VAL E 794 10.01 -74.57 -38.47
C VAL E 794 10.56 -75.31 -39.68
N LEU E 795 10.26 -74.82 -40.88
CA LEU E 795 10.73 -75.48 -42.09
C LEU E 795 12.25 -75.46 -42.18
N GLU E 796 12.86 -74.34 -41.79
CA GLU E 796 14.32 -74.24 -41.83
C GLU E 796 14.95 -75.27 -40.91
N GLN E 797 14.49 -75.35 -39.67
CA GLN E 797 15.06 -76.31 -38.75
C GLN E 797 14.81 -77.75 -39.20
N HIS E 798 13.62 -78.02 -39.73
CA HIS E 798 13.30 -79.36 -40.20
C HIS E 798 14.21 -79.77 -41.35
N ALA E 799 14.43 -78.87 -42.31
CA ALA E 799 15.33 -79.18 -43.41
C ALA E 799 16.75 -79.40 -42.91
N THR E 800 17.22 -78.53 -42.02
CA THR E 800 18.57 -78.68 -41.48
C THR E 800 18.72 -80.01 -40.76
N ALA E 801 17.65 -80.50 -40.14
CA ALA E 801 17.77 -81.76 -39.40
C ALA E 801 17.63 -82.98 -40.28
N TYR E 802 16.81 -82.93 -41.33
CA TYR E 802 16.46 -84.13 -42.07
C TYR E 802 17.13 -84.27 -43.43
N ASN E 803 17.57 -83.18 -44.06
CA ASN E 803 18.31 -83.28 -45.31
C ASN E 803 19.81 -83.20 -45.10
N GLU E 804 20.27 -82.54 -44.06
CA GLU E 804 21.67 -82.47 -43.66
C GLU E 804 22.02 -83.68 -42.82
N GLU E 805 23.16 -84.30 -43.15
CA GLU E 805 23.55 -85.61 -42.61
C GLU E 805 24.18 -85.40 -41.23
N VAL E 806 23.35 -85.41 -40.20
CA VAL E 806 23.82 -85.13 -38.85
C VAL E 806 24.55 -86.35 -38.29
N VAL E 807 25.53 -86.07 -37.44
CA VAL E 807 26.24 -87.13 -36.73
C VAL E 807 26.24 -86.93 -35.21
N ALA E 808 26.06 -85.70 -34.73
CA ALA E 808 26.03 -85.43 -33.30
C ALA E 808 25.34 -84.08 -33.08
N LEU E 809 24.95 -83.84 -31.85
CA LEU E 809 24.25 -82.60 -31.58
C LEU E 809 25.24 -81.48 -31.30
N PRO E 810 24.90 -80.24 -31.65
CA PRO E 810 25.76 -79.12 -31.30
C PRO E 810 25.79 -78.90 -29.79
N VAL E 811 26.92 -78.36 -29.32
CA VAL E 811 27.05 -78.11 -27.90
C VAL E 811 26.03 -77.08 -27.43
N GLY E 812 25.81 -76.04 -28.24
CA GLY E 812 24.79 -75.06 -27.95
C GLY E 812 25.16 -74.11 -26.83
N GLY E 813 24.91 -72.81 -27.03
CA GLY E 813 25.09 -71.87 -25.96
C GLY E 813 23.83 -71.08 -25.67
N PHE E 814 23.20 -71.37 -24.55
CA PHE E 814 22.05 -70.60 -24.09
C PHE E 814 22.22 -70.13 -22.65
N TYR E 815 22.82 -70.95 -21.79
CA TYR E 815 23.15 -70.56 -20.43
C TYR E 815 24.61 -70.21 -20.26
N ARG E 816 25.48 -70.67 -21.16
CA ARG E 816 26.90 -70.37 -21.14
C ARG E 816 27.31 -69.95 -22.55
N PHE E 817 28.31 -69.08 -22.63
CA PHE E 817 28.74 -68.55 -23.91
C PHE E 817 29.53 -69.59 -24.67
N ARG E 818 29.21 -69.77 -25.95
CA ARG E 818 29.91 -70.68 -26.83
C ARG E 818 29.99 -70.06 -28.22
N LYS E 819 31.14 -70.19 -28.87
CA LYS E 819 31.33 -69.57 -30.18
C LYS E 819 30.33 -70.10 -31.20
N SER E 820 30.10 -71.41 -31.20
CA SER E 820 29.10 -71.97 -32.09
C SER E 820 27.68 -71.62 -31.66
N GLY E 821 27.51 -71.18 -30.42
CA GLY E 821 26.20 -70.95 -29.85
C GLY E 821 25.56 -69.62 -30.19
N ASP E 822 24.83 -69.06 -29.23
CA ASP E 822 24.08 -67.82 -29.42
C ASP E 822 24.87 -66.63 -28.89
N ARG E 823 24.42 -65.44 -29.29
CA ARG E 823 25.10 -64.22 -28.88
C ARG E 823 24.68 -63.84 -27.47
N HIS E 824 25.54 -63.06 -26.81
CA HIS E 824 25.33 -62.68 -25.42
C HIS E 824 25.63 -61.20 -25.25
N GLY E 825 25.18 -60.65 -24.12
CA GLY E 825 25.44 -59.25 -23.84
C GLY E 825 26.83 -59.01 -23.31
N TRP E 826 27.30 -59.87 -22.42
CA TRP E 826 28.64 -59.78 -21.85
C TRP E 826 29.52 -60.84 -22.50
N GLU E 827 30.40 -60.40 -23.39
CA GLU E 827 31.40 -61.27 -24.00
C GLU E 827 32.74 -61.03 -23.32
N GLY E 828 33.80 -61.63 -23.88
CA GLY E 828 35.12 -61.50 -23.28
C GLY E 828 35.79 -60.18 -23.56
N GLY E 829 35.82 -59.79 -24.83
CA GLY E 829 36.51 -58.56 -25.20
C GLY E 829 35.94 -57.34 -24.52
N VAL E 830 34.60 -57.28 -24.41
CA VAL E 830 33.96 -56.14 -23.76
C VAL E 830 34.41 -56.03 -22.32
N ILE E 831 34.44 -57.16 -21.60
CA ILE E 831 34.81 -57.14 -20.19
C ILE E 831 36.26 -56.73 -20.03
N HIS E 832 37.16 -57.32 -20.83
CA HIS E 832 38.57 -56.97 -20.73
C HIS E 832 38.79 -55.49 -21.01
N THR E 833 38.16 -54.98 -22.06
CA THR E 833 38.35 -53.58 -22.41
C THR E 833 37.77 -52.65 -21.34
N LEU E 834 36.66 -53.04 -20.71
CA LEU E 834 36.10 -52.23 -19.63
C LEU E 834 37.01 -52.22 -18.41
N GLN E 835 37.51 -53.40 -18.02
CA GLN E 835 38.41 -53.46 -16.87
C GLN E 835 39.68 -52.67 -17.13
N GLN E 836 40.21 -52.73 -18.35
CA GLN E 836 41.41 -51.97 -18.68
C GLN E 836 41.12 -50.47 -18.61
N ALA E 837 40.02 -50.02 -19.22
CA ALA E 837 39.69 -48.61 -19.17
C ALA E 837 39.49 -48.13 -17.74
N VAL E 838 39.01 -49.00 -16.86
CA VAL E 838 38.76 -48.59 -15.48
C VAL E 838 40.06 -48.55 -14.68
N THR E 839 40.92 -49.56 -14.84
CA THR E 839 42.12 -49.62 -14.02
C THR E 839 43.21 -48.66 -14.50
N ASN E 840 43.27 -48.38 -15.80
CA ASN E 840 44.25 -47.40 -16.28
C ASN E 840 43.77 -45.96 -16.14
N ASP E 841 42.49 -45.74 -15.84
CA ASP E 841 41.94 -44.41 -15.61
C ASP E 841 42.18 -43.51 -16.82
N SER E 842 41.58 -43.93 -17.94
CA SER E 842 41.72 -43.24 -19.22
C SER E 842 40.38 -43.28 -19.92
N TYR E 843 39.97 -42.15 -20.50
CA TYR E 843 38.63 -42.03 -21.04
C TYR E 843 38.53 -42.59 -22.46
N THR E 844 39.54 -42.35 -23.30
CA THR E 844 39.49 -42.83 -24.67
C THR E 844 39.31 -44.34 -24.73
N THR E 845 39.93 -45.07 -23.81
CA THR E 845 39.68 -46.50 -23.68
C THR E 845 38.21 -46.78 -23.43
N PHE E 846 37.58 -45.95 -22.58
CA PHE E 846 36.17 -46.17 -22.27
C PHE E 846 35.28 -45.86 -23.48
N LYS E 847 35.67 -44.88 -24.30
CA LYS E 847 34.92 -44.63 -25.53
C LYS E 847 35.11 -45.77 -26.52
N LYS E 848 36.29 -46.37 -26.56
CA LYS E 848 36.48 -47.58 -27.36
C LYS E 848 35.56 -48.69 -26.87
N TYR E 849 35.41 -48.81 -25.55
CA TYR E 849 34.47 -49.79 -24.99
C TYR E 849 33.04 -49.50 -25.43
N SER E 850 32.64 -48.22 -25.34
CA SER E 850 31.30 -47.83 -25.76
C SER E 850 31.07 -48.12 -27.23
N GLU E 851 32.09 -47.89 -28.08
CA GLU E 851 31.95 -48.15 -29.49
C GLU E 851 31.84 -49.65 -29.76
N GLN E 852 32.56 -50.46 -28.99
CA GLN E 852 32.42 -51.91 -29.13
C GLN E 852 31.03 -52.37 -28.75
N VAL E 853 30.47 -51.82 -27.67
CA VAL E 853 29.19 -52.33 -27.19
C VAL E 853 28.01 -51.77 -27.98
N ASN E 854 28.15 -50.59 -28.58
CA ASN E 854 27.06 -49.96 -29.32
C ASN E 854 27.13 -50.25 -30.82
N LYS E 855 27.65 -51.40 -31.22
CA LYS E 855 27.76 -51.74 -32.63
C LYS E 855 27.25 -53.13 -32.99
N ARG E 856 26.94 -53.97 -32.01
CA ARG E 856 26.40 -55.28 -32.32
C ARG E 856 25.00 -55.16 -32.92
N PRO E 857 24.53 -56.20 -33.60
CA PRO E 857 23.13 -56.23 -34.04
C PRO E 857 22.20 -56.07 -32.85
N PRO E 858 20.96 -55.64 -33.09
CA PRO E 858 20.04 -55.39 -31.97
C PRO E 858 19.81 -56.64 -31.13
N MET E 859 19.78 -56.44 -29.81
CA MET E 859 19.56 -57.53 -28.87
C MET E 859 18.49 -57.25 -27.83
N GLN E 860 18.12 -55.99 -27.60
CA GLN E 860 17.11 -55.64 -26.61
C GLN E 860 16.15 -54.63 -27.23
N LEU E 861 15.11 -54.28 -26.48
CA LEU E 861 14.10 -53.36 -27.00
C LEU E 861 14.70 -51.99 -27.28
N ARG E 862 15.57 -51.52 -26.41
CA ARG E 862 16.16 -50.19 -26.50
C ARG E 862 17.23 -50.08 -27.58
N ASP E 863 17.37 -51.09 -28.43
CA ASP E 863 18.31 -51.04 -29.53
C ASP E 863 17.70 -50.53 -30.83
N LEU E 864 16.37 -50.55 -30.94
CA LEU E 864 15.70 -50.13 -32.16
C LEU E 864 15.36 -48.64 -32.17
N LEU E 865 15.28 -48.00 -31.02
CA LEU E 865 14.96 -46.59 -30.98
C LEU E 865 16.16 -45.74 -31.35
N GLU E 866 15.89 -44.50 -31.71
CA GLU E 866 16.87 -43.60 -32.29
C GLU E 866 16.62 -42.19 -31.78
N LEU E 867 17.70 -41.50 -31.42
CA LEU E 867 17.61 -40.14 -30.94
C LEU E 867 17.64 -39.16 -32.11
N ARG E 868 16.79 -38.14 -32.05
CA ARG E 868 16.67 -37.18 -33.14
C ARG E 868 16.12 -35.88 -32.58
N SER E 869 16.90 -34.81 -32.67
CA SER E 869 16.49 -33.49 -32.23
C SER E 869 16.31 -32.58 -33.44
N THR E 870 15.86 -31.35 -33.16
CA THR E 870 15.69 -30.34 -34.18
C THR E 870 16.36 -29.02 -33.82
N LYS E 871 17.13 -28.97 -32.74
CA LYS E 871 17.77 -27.75 -32.30
C LYS E 871 19.24 -27.76 -32.71
N ALA E 872 19.96 -26.71 -32.32
CA ALA E 872 21.36 -26.71 -32.70
C ALA E 872 22.25 -27.11 -31.54
N PRO E 873 23.33 -27.84 -31.81
CA PRO E 873 24.22 -28.28 -30.74
C PRO E 873 24.78 -27.11 -29.93
N VAL E 874 25.11 -27.40 -28.68
CA VAL E 874 25.71 -26.41 -27.79
C VAL E 874 27.03 -26.98 -27.30
N PRO E 875 27.96 -26.12 -26.86
CA PRO E 875 29.29 -26.60 -26.49
C PRO E 875 29.26 -27.51 -25.26
N VAL E 876 30.35 -28.25 -25.08
CA VAL E 876 30.42 -29.23 -23.99
C VAL E 876 30.57 -28.54 -22.65
N ASP E 877 31.17 -27.35 -22.62
CA ASP E 877 31.41 -26.72 -21.32
C ASP E 877 30.19 -26.01 -20.74
N GLU E 878 29.02 -26.17 -21.34
CA GLU E 878 27.82 -25.44 -20.92
C GLU E 878 26.84 -26.30 -20.14
N VAL E 879 26.84 -27.62 -20.37
CA VAL E 879 25.93 -28.53 -19.68
C VAL E 879 26.34 -28.65 -18.22
N GLU E 880 25.49 -29.29 -17.42
CA GLU E 880 25.74 -29.51 -15.99
C GLU E 880 27.11 -30.14 -15.74
N SER E 881 27.67 -29.90 -14.56
CA SER E 881 28.94 -30.50 -14.20
C SER E 881 28.76 -31.98 -13.88
N ILE E 882 29.88 -32.68 -13.72
CA ILE E 882 29.84 -34.10 -13.46
C ILE E 882 29.28 -34.41 -12.08
N THR E 883 29.40 -33.49 -11.13
CA THR E 883 28.93 -33.77 -9.77
C THR E 883 27.41 -33.89 -9.73
N ALA E 884 26.71 -32.89 -10.25
CA ALA E 884 25.25 -32.89 -10.25
C ALA E 884 24.65 -34.04 -11.05
N ILE E 885 25.43 -34.63 -11.96
CA ILE E 885 24.94 -35.79 -12.70
C ILE E 885 25.32 -37.09 -12.01
N ARG E 886 26.53 -37.16 -11.45
CA ARG E 886 26.92 -38.36 -10.70
C ARG E 886 26.05 -38.55 -9.48
N LYS E 887 25.51 -37.48 -8.90
CA LYS E 887 24.63 -37.69 -7.76
C LYS E 887 23.28 -38.25 -8.14
N ARG E 888 23.09 -38.64 -9.40
CA ARG E 888 21.86 -39.28 -9.84
C ARG E 888 22.00 -40.79 -9.97
N PHE E 889 23.21 -41.32 -9.78
CA PHE E 889 23.48 -42.75 -9.90
C PHE E 889 23.56 -43.38 -8.52
N ILE E 890 23.00 -44.58 -8.38
CA ILE E 890 23.11 -45.38 -7.17
C ILE E 890 23.45 -46.81 -7.58
N THR E 891 23.80 -47.61 -6.58
CA THR E 891 24.04 -49.03 -6.81
C THR E 891 22.98 -49.85 -6.09
N PRO E 892 22.39 -50.84 -6.74
CA PRO E 892 21.33 -51.62 -6.11
C PRO E 892 21.85 -52.44 -4.94
N GLY E 893 20.92 -53.09 -4.24
CA GLY E 893 21.28 -53.86 -3.07
C GLY E 893 21.86 -55.21 -3.44
N MET E 894 22.92 -55.58 -2.73
CA MET E 894 23.52 -56.91 -2.86
C MET E 894 23.85 -57.41 -1.46
N SER E 895 23.17 -58.48 -1.04
CA SER E 895 23.26 -58.95 0.33
C SER E 895 24.69 -59.36 0.68
N MET E 896 24.97 -59.35 1.98
CA MET E 896 26.25 -59.83 2.49
C MET E 896 26.35 -61.35 2.47
N GLY E 897 25.22 -62.06 2.43
CA GLY E 897 25.28 -63.51 2.28
C GLY E 897 25.86 -63.92 0.95
N ALA E 898 25.56 -63.17 -0.12
CA ALA E 898 26.08 -63.48 -1.44
C ALA E 898 27.49 -62.92 -1.62
N LEU E 899 27.62 -61.61 -1.50
CA LEU E 899 28.91 -60.95 -1.69
C LEU E 899 29.82 -61.20 -0.49
N SER E 900 31.09 -60.94 -0.69
CA SER E 900 32.04 -61.02 0.39
C SER E 900 32.08 -59.70 1.16
N PRO E 901 32.43 -59.73 2.45
CA PRO E 901 32.46 -58.48 3.23
C PRO E 901 33.36 -57.42 2.60
N GLU E 902 34.47 -57.83 1.98
CA GLU E 902 35.39 -56.86 1.42
C GLU E 902 34.77 -56.11 0.24
N ALA E 903 34.10 -56.84 -0.66
CA ALA E 903 33.48 -56.20 -1.81
C ALA E 903 32.32 -55.30 -1.39
N HIS E 904 31.50 -55.77 -0.45
CA HIS E 904 30.40 -54.97 0.07
C HIS E 904 30.92 -53.66 0.67
N GLY E 905 31.94 -53.77 1.53
CA GLY E 905 32.51 -52.58 2.12
C GLY E 905 33.14 -51.65 1.09
N THR E 906 33.78 -52.24 0.06
CA THR E 906 34.38 -51.42 -0.98
C THR E 906 33.33 -50.62 -1.73
N LEU E 907 32.21 -51.26 -2.09
CA LEU E 907 31.13 -50.54 -2.75
C LEU E 907 30.58 -49.45 -1.86
N ASN E 908 30.34 -49.76 -0.58
CA ASN E 908 29.80 -48.76 0.34
C ASN E 908 30.72 -47.56 0.47
N VAL E 909 32.04 -47.81 0.54
CA VAL E 909 32.98 -46.71 0.67
C VAL E 909 33.07 -45.89 -0.61
N ALA E 910 33.09 -46.56 -1.77
CA ALA E 910 33.22 -45.84 -3.03
C ALA E 910 32.01 -44.98 -3.32
N MET E 911 30.81 -45.48 -3.06
CA MET E 911 29.62 -44.72 -3.44
C MET E 911 29.39 -43.53 -2.52
N ASN E 912 29.87 -43.58 -1.29
CA ASN E 912 29.75 -42.45 -0.38
C ASN E 912 30.82 -41.39 -0.61
N ARG E 913 31.88 -41.72 -1.33
CA ARG E 913 32.96 -40.77 -1.54
C ARG E 913 32.57 -39.69 -2.55
N ILE E 914 31.72 -40.02 -3.52
CA ILE E 914 31.33 -39.06 -4.56
C ILE E 914 30.02 -38.35 -4.24
N GLY E 915 29.39 -38.67 -3.12
CA GLY E 915 28.16 -38.01 -2.72
C GLY E 915 26.90 -38.75 -3.09
N ALA E 916 26.99 -39.87 -3.81
CA ALA E 916 25.82 -40.63 -4.20
C ALA E 916 25.38 -41.54 -3.06
N LYS E 917 24.41 -42.42 -3.35
CA LYS E 917 23.90 -43.35 -2.38
C LYS E 917 24.23 -44.79 -2.77
N SER E 918 24.45 -45.61 -1.76
CA SER E 918 24.68 -47.04 -1.92
C SER E 918 23.49 -47.81 -1.38
N ASP E 919 23.60 -49.12 -1.35
CA ASP E 919 22.52 -49.96 -0.83
C ASP E 919 23.12 -51.15 -0.09
N SER E 920 22.46 -51.54 1.00
CA SER E 920 22.91 -52.69 1.78
C SER E 920 22.15 -53.96 1.44
N GLY E 921 20.96 -53.85 0.88
CA GLY E 921 20.19 -55.03 0.55
C GLY E 921 19.80 -55.83 1.78
N GLU E 922 19.24 -57.01 1.51
CA GLU E 922 18.85 -57.91 2.58
C GLU E 922 20.10 -58.46 3.29
N GLY E 923 19.86 -59.19 4.38
CA GLY E 923 20.94 -59.78 5.13
C GLY E 923 21.52 -58.91 6.22
N GLY E 924 20.97 -57.73 6.45
CA GLY E 924 21.45 -56.89 7.53
C GLY E 924 22.80 -56.25 7.23
N GLU E 925 23.35 -55.63 8.26
CA GLU E 925 24.63 -54.95 8.14
C GLU E 925 25.36 -55.00 9.46
N ASP E 926 26.66 -54.74 9.41
CA ASP E 926 27.50 -54.77 10.60
C ASP E 926 27.27 -53.51 11.43
N PRO E 927 26.90 -53.63 12.70
CA PRO E 927 26.77 -52.42 13.53
C PRO E 927 28.08 -51.67 13.71
N ALA E 928 29.19 -52.38 13.84
CA ALA E 928 30.48 -51.73 14.07
C ALA E 928 30.89 -50.83 12.92
N ARG E 929 30.27 -50.98 11.75
CA ARG E 929 30.57 -50.11 10.62
C ARG E 929 29.79 -48.81 10.65
N PHE E 930 29.10 -48.52 11.75
CA PHE E 930 28.19 -47.39 11.82
C PHE E 930 28.89 -46.07 12.07
N ARG E 931 30.22 -46.05 12.11
CA ARG E 931 31.00 -44.84 12.33
C ARG E 931 32.08 -44.71 11.28
N PRO E 932 32.40 -43.48 10.87
CA PRO E 932 33.41 -43.30 9.83
C PRO E 932 34.76 -43.87 10.25
N ASP E 933 35.43 -44.51 9.30
CA ASP E 933 36.80 -44.97 9.55
C ASP E 933 37.72 -43.76 9.66
N LYS E 934 39.01 -44.04 9.84
CA LYS E 934 39.89 -42.97 10.30
C LYS E 934 40.50 -42.22 9.13
N ASN E 935 40.54 -42.85 7.96
CA ASN E 935 40.68 -42.15 6.70
C ASN E 935 39.41 -41.42 6.27
N GLY E 936 38.42 -41.32 7.15
CA GLY E 936 37.14 -40.77 6.77
C GLY E 936 36.31 -41.66 5.87
N ASP E 937 36.86 -42.80 5.43
CA ASP E 937 36.10 -43.71 4.60
C ASP E 937 34.99 -44.34 5.43
N ASN E 938 33.78 -43.83 5.28
CA ASN E 938 32.65 -44.32 6.05
C ASN E 938 32.10 -45.55 5.34
N TRP E 939 31.96 -46.64 6.09
CA TRP E 939 31.55 -47.91 5.51
C TRP E 939 30.04 -48.12 5.58
N ASN E 940 29.31 -47.11 6.05
CA ASN E 940 27.86 -47.22 6.18
C ASN E 940 27.21 -47.23 4.80
N SER E 941 25.89 -47.44 4.79
CA SER E 941 25.11 -47.43 3.57
C SER E 941 23.89 -46.53 3.76
N ALA E 942 23.61 -45.70 2.77
CA ALA E 942 22.55 -44.71 2.89
C ALA E 942 21.17 -45.28 2.58
N ILE E 943 21.06 -46.56 2.25
CA ILE E 943 19.77 -47.17 1.92
C ILE E 943 19.71 -48.53 2.60
N LYS E 944 18.66 -48.75 3.39
CA LYS E 944 18.44 -50.01 4.06
C LYS E 944 17.19 -50.68 3.52
N GLN E 945 17.25 -52.00 3.37
CA GLN E 945 16.16 -52.78 2.80
C GLN E 945 15.36 -53.47 3.90
N VAL E 946 14.07 -53.62 3.65
CA VAL E 946 13.20 -54.43 4.51
C VAL E 946 12.80 -55.65 3.70
N ALA E 947 13.56 -56.73 3.85
CA ALA E 947 13.37 -57.92 3.03
C ALA E 947 12.10 -58.65 3.47
N SER E 948 11.86 -59.81 2.86
CA SER E 948 10.71 -60.62 3.21
C SER E 948 10.97 -61.49 4.44
N GLY E 949 12.23 -61.66 4.81
CA GLY E 949 12.56 -62.49 5.95
C GLY E 949 12.87 -61.69 7.20
N ARG E 950 13.16 -60.41 7.06
CA ARG E 950 13.53 -59.54 8.16
C ARG E 950 14.68 -60.15 8.96
N PHE E 951 15.78 -60.43 8.25
CA PHE E 951 16.85 -61.23 8.84
C PHE E 951 17.72 -60.45 9.80
N GLY E 952 17.77 -59.12 9.68
CA GLY E 952 18.57 -58.33 10.59
C GLY E 952 17.89 -57.03 10.95
N VAL E 953 16.61 -56.92 10.66
CA VAL E 953 15.88 -55.66 10.84
C VAL E 953 15.65 -55.45 12.33
N THR E 954 16.30 -54.44 12.91
CA THR E 954 16.09 -54.08 14.31
C THR E 954 15.73 -52.61 14.41
N ALA E 955 15.70 -52.07 15.63
CA ALA E 955 15.37 -50.66 15.79
C ALA E 955 16.55 -49.75 15.44
N GLU E 956 17.78 -50.20 15.70
CA GLU E 956 18.94 -49.41 15.32
C GLU E 956 19.24 -49.51 13.84
N TYR E 957 18.89 -50.63 13.21
CA TYR E 957 19.14 -50.82 11.79
C TYR E 957 18.31 -49.86 10.94
N LEU E 958 17.21 -49.34 11.48
CA LEU E 958 16.34 -48.43 10.73
C LEU E 958 16.56 -46.97 11.08
N ASN E 959 17.29 -46.66 12.15
CA ASN E 959 17.61 -45.29 12.52
C ASN E 959 19.03 -44.89 12.12
N GLN E 960 19.69 -45.72 11.33
CA GLN E 960 21.05 -45.42 10.86
C GLN E 960 21.07 -45.38 9.34
N CYS E 961 20.09 -44.70 8.77
CA CYS E 961 20.00 -44.53 7.33
C CYS E 961 19.35 -43.19 7.03
N ARG E 962 19.42 -42.80 5.75
CA ARG E 962 18.73 -41.61 5.28
C ARG E 962 17.50 -41.92 4.44
N GLU E 963 17.42 -43.11 3.86
CA GLU E 963 16.42 -43.36 2.83
C GLU E 963 16.14 -44.85 2.78
N LEU E 964 14.89 -45.25 3.05
CA LEU E 964 14.55 -46.66 3.17
C LEU E 964 14.09 -47.25 1.84
N GLU E 965 13.82 -48.55 1.85
CA GLU E 965 13.43 -49.27 0.64
C GLU E 965 12.70 -50.55 1.00
N ILE E 966 11.50 -50.70 0.47
CA ILE E 966 10.72 -51.93 0.60
C ILE E 966 10.91 -52.75 -0.67
N LYS E 967 11.25 -54.02 -0.50
CA LYS E 967 11.50 -54.91 -1.62
C LYS E 967 10.34 -55.90 -1.73
N VAL E 968 9.53 -55.75 -2.77
CA VAL E 968 8.39 -56.65 -2.97
C VAL E 968 8.76 -57.81 -3.87
N ALA E 969 9.49 -57.56 -4.96
CA ALA E 969 9.89 -58.61 -5.88
C ALA E 969 11.19 -58.21 -6.56
N GLN E 970 12.05 -59.19 -6.79
CA GLN E 970 13.36 -58.95 -7.39
C GLN E 970 13.28 -59.12 -8.91
N GLY E 971 14.25 -58.53 -9.60
CA GLY E 971 14.22 -58.54 -11.05
C GLY E 971 14.47 -59.92 -11.65
N ALA E 972 15.39 -60.68 -11.06
CA ALA E 972 15.74 -61.97 -11.62
C ALA E 972 14.69 -63.02 -11.30
N LYS E 973 14.31 -63.15 -10.03
CA LYS E 973 13.33 -64.13 -9.57
C LYS E 973 12.11 -63.42 -9.02
N PRO E 974 11.17 -63.03 -9.88
CA PRO E 974 9.94 -62.40 -9.38
C PRO E 974 9.03 -63.42 -8.73
N GLY E 975 8.33 -63.00 -7.69
CA GLY E 975 7.46 -63.91 -6.96
C GLY E 975 8.21 -65.03 -6.29
N GLU E 976 9.40 -64.75 -5.76
CA GLU E 976 10.22 -65.76 -5.14
C GLU E 976 11.11 -65.11 -4.10
N GLY E 977 11.62 -65.93 -3.18
CA GLY E 977 12.47 -65.46 -2.10
C GLY E 977 13.92 -65.82 -2.36
N GLY E 978 14.83 -64.97 -1.86
CA GLY E 978 16.24 -65.23 -2.02
C GLY E 978 16.68 -66.48 -1.28
N GLN E 979 17.72 -67.12 -1.81
CA GLN E 979 18.26 -68.34 -1.23
C GLN E 979 19.68 -68.12 -0.77
N LEU E 980 20.15 -69.03 0.07
CA LEU E 980 21.52 -69.02 0.57
C LEU E 980 21.94 -70.43 0.95
N PRO E 981 22.95 -70.99 0.30
CA PRO E 981 23.30 -72.39 0.53
C PRO E 981 23.72 -72.65 1.97
N GLY E 982 23.70 -73.93 2.33
CA GLY E 982 23.94 -74.31 3.72
C GLY E 982 25.39 -74.20 4.14
N PHE E 983 26.31 -74.13 3.18
CA PHE E 983 27.73 -73.96 3.50
C PHE E 983 28.20 -72.51 3.33
N LYS E 984 27.37 -71.63 2.79
CA LYS E 984 27.71 -70.22 2.71
C LYS E 984 27.56 -69.52 4.04
N VAL E 985 26.86 -70.13 4.99
CA VAL E 985 26.50 -69.46 6.26
C VAL E 985 27.65 -69.71 7.22
N THR E 986 28.60 -68.79 7.24
CA THR E 986 29.70 -68.84 8.19
C THR E 986 29.20 -68.43 9.57
N GLU E 987 30.09 -68.41 10.56
CA GLU E 987 29.68 -67.99 11.89
C GLU E 987 29.38 -66.51 11.92
N MET E 988 30.11 -65.71 11.15
CA MET E 988 29.88 -64.27 11.14
C MET E 988 28.49 -63.95 10.58
N ILE E 989 28.12 -64.58 9.46
CA ILE E 989 26.81 -64.35 8.89
C ILE E 989 25.72 -64.91 9.81
N ALA E 990 26.00 -66.03 10.47
CA ALA E 990 25.02 -66.59 11.41
C ALA E 990 24.75 -65.62 12.55
N ARG E 991 25.80 -64.97 13.06
CA ARG E 991 25.61 -63.98 14.10
C ARG E 991 24.94 -62.71 13.57
N LEU E 992 25.23 -62.35 12.33
CA LEU E 992 24.68 -61.12 11.77
C LEU E 992 23.20 -61.27 11.41
N ARG E 993 22.75 -62.49 11.14
CA ARG E 993 21.36 -62.75 10.77
C ARG E 993 20.58 -63.43 11.88
N HIS E 994 21.20 -63.72 13.02
CA HIS E 994 20.54 -64.40 14.14
C HIS E 994 19.94 -65.72 13.69
N SER E 995 20.82 -66.61 13.23
CA SER E 995 20.40 -67.89 12.67
C SER E 995 21.34 -68.98 13.17
N THR E 996 21.24 -70.16 12.56
CA THR E 996 22.03 -71.32 12.93
C THR E 996 23.14 -71.54 11.91
N PRO E 997 24.39 -71.68 12.36
CA PRO E 997 25.48 -71.90 11.41
C PRO E 997 25.33 -73.21 10.66
N GLY E 998 25.57 -73.17 9.35
CA GLY E 998 25.51 -74.35 8.52
C GLY E 998 24.11 -74.83 8.21
N VAL E 999 23.20 -73.89 7.94
CA VAL E 999 21.82 -74.20 7.61
C VAL E 999 21.41 -73.38 6.40
N MET E 1000 20.75 -74.03 5.45
CA MET E 1000 20.24 -73.33 4.28
C MET E 1000 19.15 -72.35 4.69
N LEU E 1001 19.22 -71.13 4.19
CA LEU E 1001 18.27 -70.07 4.52
C LEU E 1001 17.54 -69.66 3.24
N ILE E 1002 16.25 -69.97 3.17
CA ILE E 1002 15.40 -69.62 2.05
C ILE E 1002 14.33 -68.66 2.54
N SER E 1003 14.28 -67.47 1.95
CA SER E 1003 13.32 -66.47 2.37
C SER E 1003 11.91 -66.88 1.95
N PRO E 1004 10.89 -66.48 2.70
CA PRO E 1004 9.51 -66.78 2.32
C PRO E 1004 9.09 -65.94 1.13
N PRO E 1005 8.47 -66.56 0.12
CA PRO E 1005 7.99 -65.80 -1.04
C PRO E 1005 7.07 -64.65 -0.65
N PRO E 1006 6.02 -64.89 0.18
CA PRO E 1006 5.17 -63.75 0.56
C PRO E 1006 5.83 -62.90 1.62
N HIS E 1007 5.10 -61.91 2.14
CA HIS E 1007 5.64 -61.01 3.14
C HIS E 1007 5.08 -61.24 4.53
N HIS E 1008 3.94 -61.92 4.65
CA HIS E 1008 3.23 -62.16 5.91
C HIS E 1008 2.84 -60.86 6.60
N ASP E 1009 3.04 -59.73 5.96
CA ASP E 1009 2.72 -58.43 6.52
C ASP E 1009 1.98 -57.63 5.46
N ILE E 1010 2.16 -58.01 4.20
CA ILE E 1010 1.57 -57.32 3.06
C ILE E 1010 0.70 -58.34 2.33
N TYR E 1011 -0.59 -58.35 2.65
CA TYR E 1011 -1.55 -59.19 1.96
C TYR E 1011 -2.48 -58.42 1.04
N SER E 1012 -2.46 -57.08 1.11
CA SER E 1012 -3.23 -56.22 0.23
C SER E 1012 -2.71 -54.80 0.39
N ILE E 1013 -3.24 -53.88 -0.41
CA ILE E 1013 -2.73 -52.53 -0.43
C ILE E 1013 -2.96 -51.82 0.89
N GLU E 1014 -4.01 -52.18 1.63
CA GLU E 1014 -4.21 -51.55 2.93
C GLU E 1014 -3.10 -51.93 3.90
N ASP E 1015 -2.65 -53.19 3.85
CA ASP E 1015 -1.51 -53.59 4.66
C ASP E 1015 -0.24 -52.91 4.22
N LEU E 1016 -0.11 -52.62 2.93
CA LEU E 1016 1.06 -51.85 2.47
C LEU E 1016 1.02 -50.43 3.02
N ALA E 1017 -0.15 -49.81 3.03
CA ALA E 1017 -0.25 -48.48 3.64
C ALA E 1017 0.07 -48.52 5.12
N GLN E 1018 -0.39 -49.58 5.80
CA GLN E 1018 -0.08 -49.73 7.23
C GLN E 1018 1.42 -49.87 7.45
N LEU E 1019 2.09 -50.67 6.63
CA LEU E 1019 3.53 -50.86 6.78
C LEU E 1019 4.29 -49.57 6.47
N ILE E 1020 3.83 -48.81 5.47
CA ILE E 1020 4.48 -47.55 5.15
C ILE E 1020 4.31 -46.57 6.31
N TYR E 1021 3.13 -46.54 6.92
CA TYR E 1021 2.93 -45.71 8.10
C TYR E 1021 3.86 -46.14 9.23
N ASP E 1022 4.02 -47.44 9.44
CA ASP E 1022 4.95 -47.94 10.45
C ASP E 1022 6.37 -47.46 10.18
N LEU E 1023 6.83 -47.63 8.94
CA LEU E 1023 8.20 -47.25 8.60
C LEU E 1023 8.41 -45.75 8.74
N LYS E 1024 7.41 -44.95 8.39
CA LYS E 1024 7.54 -43.50 8.52
C LYS E 1024 7.43 -43.05 9.98
N GLN E 1025 6.85 -43.88 10.85
CA GLN E 1025 6.82 -43.54 12.26
C GLN E 1025 8.11 -43.93 12.97
N ILE E 1026 8.70 -45.07 12.61
CA ILE E 1026 9.89 -45.53 13.33
C ILE E 1026 11.09 -44.65 13.00
N ASN E 1027 11.15 -44.09 11.79
CA ASN E 1027 12.24 -43.22 11.37
C ASN E 1027 11.63 -41.91 10.87
N PRO E 1028 11.78 -40.81 11.59
CA PRO E 1028 11.07 -39.57 11.23
C PRO E 1028 11.76 -38.75 10.15
N ASP E 1029 12.88 -39.23 9.60
CA ASP E 1029 13.65 -38.47 8.62
C ASP E 1029 13.80 -39.15 7.26
N ALA E 1030 13.49 -40.43 7.13
CA ALA E 1030 13.78 -41.15 5.90
C ALA E 1030 12.57 -41.20 4.98
N LYS E 1031 12.83 -41.57 3.73
CA LYS E 1031 11.79 -41.81 2.74
C LYS E 1031 11.57 -43.31 2.55
N VAL E 1032 10.46 -43.65 1.91
CA VAL E 1032 10.07 -45.04 1.73
C VAL E 1032 10.03 -45.34 0.23
N THR E 1033 10.82 -46.32 -0.20
CA THR E 1033 10.91 -46.70 -1.60
C THR E 1033 10.30 -48.09 -1.79
N VAL E 1034 9.49 -48.23 -2.83
CA VAL E 1034 8.86 -49.50 -3.18
C VAL E 1034 9.52 -50.02 -4.44
N LYS E 1035 9.87 -51.30 -4.46
CA LYS E 1035 10.57 -51.91 -5.58
C LYS E 1035 9.65 -52.94 -6.23
N LEU E 1036 9.33 -52.72 -7.50
CA LEU E 1036 8.47 -53.61 -8.26
C LEU E 1036 9.25 -54.25 -9.40
N VAL E 1037 8.54 -55.02 -10.21
CA VAL E 1037 9.12 -55.70 -11.37
C VAL E 1037 8.21 -55.43 -12.56
N SER E 1038 8.83 -55.15 -13.72
CA SER E 1038 8.08 -54.75 -14.88
C SER E 1038 7.22 -55.88 -15.42
N ARG E 1039 5.94 -55.59 -15.66
CA ARG E 1039 4.99 -56.51 -16.28
C ARG E 1039 3.77 -55.69 -16.67
N SER E 1040 2.81 -56.35 -17.31
CA SER E 1040 1.56 -55.69 -17.68
C SER E 1040 0.65 -55.60 -16.48
N GLY E 1041 -0.10 -54.49 -16.40
CA GLY E 1041 -0.91 -54.22 -15.23
C GLY E 1041 -0.18 -53.54 -14.09
N ILE E 1042 1.08 -53.20 -14.28
CA ILE E 1042 1.82 -52.53 -13.22
C ILE E 1042 1.37 -51.08 -13.07
N GLY E 1043 0.69 -50.52 -14.07
CA GLY E 1043 0.26 -49.14 -13.99
C GLY E 1043 -0.72 -48.89 -12.87
N THR E 1044 -1.74 -49.76 -12.77
CA THR E 1044 -2.73 -49.60 -11.71
C THR E 1044 -2.10 -49.82 -10.34
N ILE E 1045 -1.19 -50.80 -10.23
CA ILE E 1045 -0.51 -51.03 -8.97
C ILE E 1045 0.31 -49.81 -8.57
N ALA E 1046 0.94 -49.16 -9.55
CA ALA E 1046 1.73 -47.97 -9.25
C ALA E 1046 0.84 -46.80 -8.86
N ALA E 1047 -0.32 -46.66 -9.51
CA ALA E 1047 -1.25 -45.62 -9.11
C ALA E 1047 -1.84 -45.88 -7.74
N GLY E 1048 -1.88 -47.14 -7.32
CA GLY E 1048 -2.36 -47.49 -6.00
C GLY E 1048 -1.34 -47.25 -4.90
N VAL E 1049 -0.08 -47.62 -5.16
CA VAL E 1049 0.95 -47.43 -4.15
C VAL E 1049 1.24 -45.95 -3.97
N ALA E 1050 1.04 -45.13 -5.00
CA ALA E 1050 1.26 -43.70 -4.88
C ALA E 1050 0.25 -43.05 -3.94
N LYS E 1051 -0.92 -43.65 -3.77
CA LYS E 1051 -1.89 -43.16 -2.81
C LYS E 1051 -1.60 -43.62 -1.38
N ALA E 1052 -0.70 -44.60 -1.21
CA ALA E 1052 -0.29 -45.06 0.10
C ALA E 1052 0.90 -44.30 0.65
N ASN E 1053 1.11 -43.07 0.20
CA ASN E 1053 2.15 -42.16 0.70
C ASN E 1053 3.56 -42.65 0.40
N ALA E 1054 3.73 -43.52 -0.59
CA ALA E 1054 5.06 -43.85 -1.05
C ALA E 1054 5.56 -42.77 -2.00
N ASP E 1055 6.84 -42.42 -1.88
CA ASP E 1055 7.38 -41.29 -2.61
C ASP E 1055 8.49 -41.64 -3.60
N ILE E 1056 8.94 -42.89 -3.65
CA ILE E 1056 9.89 -43.33 -4.66
C ILE E 1056 9.47 -44.72 -5.14
N ILE E 1057 9.37 -44.88 -6.45
CA ILE E 1057 9.04 -46.17 -7.06
C ILE E 1057 10.26 -46.63 -7.85
N LEU E 1058 10.54 -47.93 -7.77
CA LEU E 1058 11.68 -48.53 -8.46
C LEU E 1058 11.17 -49.65 -9.36
N ILE E 1059 11.54 -49.61 -10.63
CA ILE E 1059 11.05 -50.55 -11.64
C ILE E 1059 12.25 -51.33 -12.14
N SER E 1060 12.36 -52.59 -11.74
CA SER E 1060 13.44 -53.43 -12.23
C SER E 1060 12.99 -54.21 -13.47
N GLY E 1061 13.97 -54.64 -14.25
CA GLY E 1061 13.73 -55.41 -15.46
C GLY E 1061 13.90 -56.90 -15.24
N ASN E 1062 13.89 -57.63 -16.35
CA ASN E 1062 14.04 -59.07 -16.31
C ASN E 1062 15.48 -59.54 -16.46
N SER E 1063 16.40 -58.64 -16.81
CA SER E 1063 17.79 -59.01 -17.08
C SER E 1063 18.70 -58.69 -15.90
N GLY E 1064 18.18 -58.68 -14.68
CA GLY E 1064 19.00 -58.38 -13.51
C GLY E 1064 19.66 -59.61 -12.95
N GLY E 1065 20.83 -59.40 -12.34
CA GLY E 1065 21.59 -60.48 -11.74
C GLY E 1065 20.98 -60.96 -10.43
N THR E 1066 21.59 -62.01 -9.88
CA THR E 1066 21.13 -62.59 -8.64
C THR E 1066 22.25 -63.43 -8.05
N GLY E 1067 22.03 -63.89 -6.82
CA GLY E 1067 23.01 -64.71 -6.12
C GLY E 1067 22.80 -66.20 -6.34
N ALA E 1068 21.54 -66.62 -6.36
CA ALA E 1068 21.20 -68.02 -6.60
C ALA E 1068 19.72 -68.10 -6.95
N SER E 1069 19.41 -68.73 -8.08
CA SER E 1069 18.03 -68.79 -8.55
C SER E 1069 17.91 -69.96 -9.52
N PRO E 1070 16.73 -70.58 -9.61
CA PRO E 1070 16.52 -71.59 -10.65
C PRO E 1070 16.63 -70.97 -12.03
N GLN E 1071 16.99 -71.80 -13.00
CA GLN E 1071 17.21 -71.29 -14.35
C GLN E 1071 15.90 -70.91 -15.03
N THR E 1072 14.82 -71.61 -14.72
CA THR E 1072 13.53 -71.29 -15.33
C THR E 1072 13.03 -69.92 -14.89
N SER E 1073 13.23 -69.58 -13.61
CA SER E 1073 12.83 -68.27 -13.14
C SER E 1073 13.74 -67.16 -13.67
N ILE E 1074 14.98 -67.51 -14.01
CA ILE E 1074 15.90 -66.51 -14.55
C ILE E 1074 15.57 -66.22 -16.00
N LYS E 1075 15.34 -67.26 -16.80
CA LYS E 1075 15.17 -67.10 -18.23
C LYS E 1075 13.73 -66.86 -18.65
N PHE E 1076 12.75 -67.25 -17.86
CA PHE E 1076 11.36 -67.26 -18.31
C PHE E 1076 10.46 -66.53 -17.32
N ALA E 1077 10.88 -65.36 -16.84
CA ALA E 1077 10.06 -64.61 -15.90
C ALA E 1077 10.47 -63.14 -15.94
N GLY E 1078 9.47 -62.27 -16.04
CA GLY E 1078 9.70 -60.84 -16.08
C GLY E 1078 9.48 -60.27 -17.47
N LEU E 1079 9.76 -58.97 -17.58
CA LEU E 1079 9.64 -58.24 -18.83
C LEU E 1079 10.68 -57.14 -18.83
N PRO E 1080 11.09 -56.66 -20.01
CA PRO E 1080 12.06 -55.56 -20.06
C PRO E 1080 11.47 -54.29 -19.46
N TRP E 1081 12.33 -53.53 -18.79
CA TRP E 1081 11.87 -52.34 -18.09
C TRP E 1081 11.36 -51.26 -19.04
N GLU E 1082 11.69 -51.35 -20.33
CA GLU E 1082 11.19 -50.38 -21.30
C GLU E 1082 9.67 -50.34 -21.32
N MET E 1083 9.02 -51.47 -21.08
CA MET E 1083 7.56 -51.50 -21.04
C MET E 1083 7.03 -50.93 -19.74
N GLY E 1084 7.50 -51.48 -18.62
CA GLY E 1084 6.93 -51.10 -17.33
C GLY E 1084 7.18 -49.64 -16.98
N LEU E 1085 8.36 -49.13 -17.32
CA LEU E 1085 8.66 -47.74 -16.99
C LEU E 1085 7.72 -46.79 -17.71
N SER E 1086 7.53 -47.00 -19.02
CA SER E 1086 6.63 -46.16 -19.79
C SER E 1086 5.19 -46.31 -19.32
N GLU E 1087 4.77 -47.53 -19.00
CA GLU E 1087 3.41 -47.73 -18.50
C GLU E 1087 3.18 -46.99 -17.19
N VAL E 1088 4.10 -47.13 -16.25
CA VAL E 1088 3.97 -46.44 -14.96
C VAL E 1088 3.95 -44.93 -15.18
N HIS E 1089 4.82 -44.43 -16.06
CA HIS E 1089 4.86 -42.99 -16.29
C HIS E 1089 3.54 -42.49 -16.85
N GLN E 1090 3.00 -43.17 -17.87
CA GLN E 1090 1.75 -42.72 -18.46
C GLN E 1090 0.59 -42.81 -17.48
N VAL E 1091 0.52 -43.91 -16.72
CA VAL E 1091 -0.60 -44.06 -15.79
C VAL E 1091 -0.51 -43.03 -14.67
N LEU E 1092 0.70 -42.75 -14.19
CA LEU E 1092 0.85 -41.77 -13.13
C LEU E 1092 0.54 -40.37 -13.63
N THR E 1093 0.87 -40.07 -14.89
CA THR E 1093 0.53 -38.76 -15.45
C THR E 1093 -0.97 -38.64 -15.67
N LEU E 1094 -1.63 -39.75 -16.01
CA LEU E 1094 -3.07 -39.71 -16.25
C LEU E 1094 -3.85 -39.38 -14.99
N ASN E 1095 -3.37 -39.83 -13.83
CA ASN E 1095 -4.09 -39.66 -12.57
C ASN E 1095 -3.63 -38.45 -11.78
N ARG E 1096 -2.87 -37.55 -12.41
CA ARG E 1096 -2.40 -36.33 -11.74
C ARG E 1096 -1.58 -36.64 -10.50
N LEU E 1097 -0.80 -37.73 -10.56
CA LEU E 1097 0.00 -38.17 -9.44
C LEU E 1097 1.49 -38.16 -9.71
N ARG E 1098 1.93 -37.80 -10.91
CA ARG E 1098 3.34 -37.87 -11.24
C ARG E 1098 4.15 -36.83 -10.46
N HIS E 1099 3.55 -35.70 -10.12
CA HIS E 1099 4.29 -34.67 -9.42
C HIS E 1099 4.55 -34.98 -7.96
N ARG E 1100 4.22 -36.16 -7.44
CA ARG E 1100 4.46 -36.47 -6.03
C ARG E 1100 5.53 -37.52 -5.80
N VAL E 1101 5.82 -38.37 -6.78
CA VAL E 1101 6.76 -39.47 -6.61
C VAL E 1101 7.91 -39.32 -7.60
N ARG E 1102 8.98 -40.06 -7.34
CA ARG E 1102 10.14 -40.15 -8.22
C ARG E 1102 10.18 -41.54 -8.82
N LEU E 1103 10.82 -41.65 -9.99
CA LEU E 1103 10.95 -42.92 -10.68
C LEU E 1103 12.42 -43.29 -10.80
N ARG E 1104 12.73 -44.54 -10.50
CA ARG E 1104 14.08 -45.07 -10.55
C ARG E 1104 14.05 -46.40 -11.29
N THR E 1105 15.04 -46.63 -12.16
CA THR E 1105 15.08 -47.84 -12.94
C THR E 1105 16.50 -48.42 -12.92
N ASP E 1106 16.57 -49.72 -13.17
CA ASP E 1106 17.86 -50.41 -13.27
C ASP E 1106 17.65 -51.71 -14.02
N GLY E 1107 18.76 -52.36 -14.35
CA GLY E 1107 18.71 -53.60 -15.09
C GLY E 1107 19.25 -53.48 -16.50
N GLY E 1108 20.49 -53.90 -16.70
CA GLY E 1108 21.08 -53.86 -18.02
C GLY E 1108 21.57 -52.51 -18.49
N LEU E 1109 21.90 -51.61 -17.57
CA LEU E 1109 22.41 -50.30 -17.92
C LEU E 1109 23.93 -50.39 -18.05
N LYS E 1110 24.45 -50.02 -19.21
CA LYS E 1110 25.88 -50.19 -19.47
C LYS E 1110 26.57 -48.91 -19.92
N THR E 1111 25.91 -48.10 -20.73
CA THR E 1111 26.54 -46.95 -21.36
C THR E 1111 25.77 -45.67 -21.02
N GLY E 1112 26.14 -44.58 -21.68
CA GLY E 1112 25.46 -43.32 -21.50
C GLY E 1112 24.22 -43.20 -22.36
N ARG E 1113 24.26 -43.80 -23.54
CA ARG E 1113 23.08 -43.83 -24.41
C ARG E 1113 21.90 -44.51 -23.72
N ASP E 1114 22.17 -45.60 -23.00
CA ASP E 1114 21.12 -46.29 -22.27
C ASP E 1114 20.51 -45.38 -21.22
N ILE E 1115 21.36 -44.65 -20.49
CA ILE E 1115 20.87 -43.76 -19.44
C ILE E 1115 20.06 -42.62 -20.03
N VAL E 1116 20.48 -42.08 -21.17
CA VAL E 1116 19.72 -41.00 -21.79
C VAL E 1116 18.37 -41.50 -22.27
N ILE E 1117 18.32 -42.71 -22.83
CA ILE E 1117 17.04 -43.27 -23.26
C ILE E 1117 16.12 -43.47 -22.06
N ALA E 1118 16.66 -44.03 -20.98
CA ALA E 1118 15.85 -44.24 -19.78
C ALA E 1118 15.35 -42.93 -19.22
N ALA E 1119 16.17 -41.88 -19.27
CA ALA E 1119 15.74 -40.57 -18.78
C ALA E 1119 14.64 -39.99 -19.67
N MET E 1120 14.74 -40.21 -20.98
CA MET E 1120 13.66 -39.78 -21.87
C MET E 1120 12.37 -40.53 -21.57
N LEU E 1121 12.48 -41.79 -21.15
CA LEU E 1121 11.27 -42.58 -20.90
C LEU E 1121 10.53 -42.09 -19.66
N GLY E 1122 11.23 -41.49 -18.70
CA GLY E 1122 10.57 -40.96 -17.53
C GLY E 1122 11.31 -41.09 -16.22
N ALA E 1123 12.36 -41.90 -16.18
CA ALA E 1123 13.11 -42.11 -14.96
C ALA E 1123 13.89 -40.85 -14.58
N GLU E 1124 14.28 -40.79 -13.30
CA GLU E 1124 15.04 -39.64 -12.81
C GLU E 1124 16.33 -40.09 -12.14
N GLU E 1125 16.35 -41.30 -11.60
CA GLU E 1125 17.57 -41.88 -11.03
C GLU E 1125 17.83 -43.21 -11.71
N PHE E 1126 19.06 -43.70 -11.56
CA PHE E 1126 19.50 -44.88 -12.29
C PHE E 1126 20.35 -45.78 -11.40
N GLY E 1127 20.13 -47.08 -11.50
CA GLY E 1127 20.94 -48.07 -10.82
C GLY E 1127 21.77 -48.84 -11.84
N ILE E 1128 22.97 -49.23 -11.45
CA ILE E 1128 23.93 -49.85 -12.36
C ILE E 1128 24.10 -51.34 -12.07
N GLY E 1129 24.58 -51.68 -10.88
CA GLY E 1129 24.63 -53.07 -10.46
C GLY E 1129 25.79 -53.88 -11.00
N THR E 1130 25.52 -54.81 -11.92
CA THR E 1130 26.51 -55.80 -12.30
C THR E 1130 27.75 -55.18 -12.93
N ALA E 1131 27.60 -54.06 -13.63
CA ALA E 1131 28.77 -53.40 -14.20
C ALA E 1131 29.76 -53.02 -13.10
N SER E 1132 29.25 -52.56 -11.96
CA SER E 1132 30.13 -52.29 -10.82
C SER E 1132 30.93 -53.52 -10.44
N LEU E 1133 30.29 -54.70 -10.43
CA LEU E 1133 31.02 -55.92 -10.10
C LEU E 1133 32.13 -56.18 -11.10
N ILE E 1134 31.93 -55.80 -12.36
CA ILE E 1134 32.98 -55.98 -13.35
C ILE E 1134 34.10 -54.98 -13.12
N ALA E 1135 33.77 -53.79 -12.61
CA ALA E 1135 34.80 -52.80 -12.33
C ALA E 1135 35.69 -53.22 -11.16
N MET E 1136 35.16 -54.04 -10.25
CA MET E 1136 35.93 -54.50 -9.11
C MET E 1136 36.68 -55.78 -9.37
N GLY E 1137 36.34 -56.52 -10.41
CA GLY E 1137 37.11 -57.72 -10.75
C GLY E 1137 36.33 -58.91 -11.26
N CYS E 1138 35.01 -58.91 -11.09
CA CYS E 1138 34.20 -60.04 -11.53
C CYS E 1138 34.24 -60.16 -13.05
N ILE E 1139 34.46 -61.38 -13.53
CA ILE E 1139 34.56 -61.64 -14.97
C ILE E 1139 33.51 -62.64 -15.42
N MET E 1140 32.34 -62.63 -14.77
CA MET E 1140 31.18 -63.38 -15.23
C MET E 1140 31.48 -64.88 -15.29
N VAL E 1141 31.94 -65.42 -14.16
CA VAL E 1141 32.22 -66.84 -14.08
C VAL E 1141 30.91 -67.63 -13.91
N ARG E 1142 29.90 -67.01 -13.29
CA ARG E 1142 28.59 -67.63 -13.08
C ARG E 1142 28.68 -68.87 -12.19
N GLN E 1143 29.51 -68.76 -11.15
CA GLN E 1143 29.61 -69.81 -10.13
C GLN E 1143 29.53 -69.18 -8.75
N CYS E 1144 28.56 -68.29 -8.57
CA CYS E 1144 28.39 -67.63 -7.28
C CYS E 1144 27.81 -68.57 -6.24
N HIS E 1145 26.94 -69.48 -6.66
CA HIS E 1145 26.30 -70.42 -5.73
C HIS E 1145 27.22 -71.53 -5.26
N SER E 1146 28.39 -71.68 -5.86
CA SER E 1146 29.30 -72.76 -5.49
C SER E 1146 30.27 -72.36 -4.37
N ASN E 1147 30.30 -71.09 -3.98
CA ASN E 1147 31.24 -70.57 -2.99
C ASN E 1147 32.69 -70.79 -3.42
N THR E 1148 32.92 -70.80 -4.74
CA THR E 1148 34.26 -70.97 -5.29
C THR E 1148 34.51 -69.97 -6.42
N CYS E 1149 34.21 -68.71 -6.18
CA CYS E 1149 34.50 -67.69 -7.19
C CYS E 1149 36.01 -67.41 -7.18
N PRO E 1150 36.69 -67.51 -8.32
CA PRO E 1150 38.15 -67.39 -8.30
C PRO E 1150 38.64 -66.03 -7.83
N VAL E 1151 38.07 -64.95 -8.35
CA VAL E 1151 38.52 -63.61 -7.95
C VAL E 1151 38.22 -63.37 -6.48
N GLY E 1152 37.07 -63.81 -6.00
CA GLY E 1152 36.72 -63.64 -4.61
C GLY E 1152 35.77 -62.48 -4.37
N VAL E 1153 34.77 -62.35 -5.24
CA VAL E 1153 33.78 -61.28 -5.11
C VAL E 1153 32.62 -61.81 -4.29
N CYS E 1154 31.93 -62.83 -4.80
CA CYS E 1154 30.85 -63.50 -4.08
C CYS E 1154 31.43 -64.78 -3.48
N VAL E 1155 31.99 -64.66 -2.28
CA VAL E 1155 32.70 -65.76 -1.65
C VAL E 1155 32.64 -65.57 -0.14
N GLN E 1156 32.71 -66.69 0.59
CA GLN E 1156 32.79 -66.68 2.04
C GLN E 1156 33.95 -67.51 2.57
N ASP E 1157 34.88 -67.89 1.70
CA ASP E 1157 36.09 -68.58 2.12
C ASP E 1157 37.08 -67.61 2.73
N ASP E 1158 38.25 -68.14 3.09
CA ASP E 1158 39.39 -67.32 3.42
C ASP E 1158 40.46 -67.42 2.34
N LYS E 1159 40.73 -68.66 1.91
CA LYS E 1159 41.59 -68.91 0.76
C LYS E 1159 41.25 -68.01 -0.41
N LEU E 1160 39.96 -67.85 -0.71
CA LEU E 1160 39.54 -67.09 -1.87
C LEU E 1160 39.31 -65.62 -1.58
N ARG E 1161 38.87 -65.28 -0.36
CA ARG E 1161 38.78 -63.86 0.00
C ARG E 1161 40.16 -63.21 0.00
N GLN E 1162 41.22 -63.98 0.19
CA GLN E 1162 42.56 -63.39 0.13
C GLN E 1162 42.96 -62.99 -1.28
N LYS E 1163 42.19 -63.36 -2.31
CA LYS E 1163 42.52 -63.04 -3.68
C LYS E 1163 41.78 -61.82 -4.22
N PHE E 1164 41.20 -60.99 -3.36
CA PHE E 1164 40.43 -59.85 -3.83
C PHE E 1164 41.36 -58.78 -4.38
N VAL E 1165 40.88 -58.04 -5.38
CA VAL E 1165 41.70 -57.07 -6.09
C VAL E 1165 40.95 -55.75 -6.23
N GLY E 1166 39.85 -55.60 -5.51
CA GLY E 1166 39.01 -54.43 -5.68
C GLY E 1166 39.60 -53.19 -5.04
N THR E 1167 39.17 -52.04 -5.57
CA THR E 1167 39.55 -50.74 -5.03
C THR E 1167 38.48 -49.71 -5.37
N PRO E 1168 38.17 -48.79 -4.45
CA PRO E 1168 37.08 -47.83 -4.71
C PRO E 1168 37.34 -46.91 -5.89
N GLU E 1169 38.60 -46.55 -6.14
CA GLU E 1169 38.91 -45.64 -7.23
C GLU E 1169 38.44 -46.20 -8.57
N LYS E 1170 38.45 -47.53 -8.72
CA LYS E 1170 37.93 -48.14 -9.94
C LYS E 1170 36.48 -47.77 -10.16
N VAL E 1171 35.65 -47.94 -9.12
CA VAL E 1171 34.23 -47.66 -9.24
C VAL E 1171 34.00 -46.17 -9.45
N VAL E 1172 34.76 -45.33 -8.74
CA VAL E 1172 34.64 -43.88 -8.93
C VAL E 1172 34.93 -43.51 -10.38
N ASN E 1173 35.98 -44.10 -10.96
CA ASN E 1173 36.32 -43.79 -12.34
C ASN E 1173 35.24 -44.28 -13.31
N LEU E 1174 34.69 -45.46 -13.04
CA LEU E 1174 33.59 -45.95 -13.86
C LEU E 1174 32.43 -44.97 -13.87
N PHE E 1175 32.01 -44.51 -12.68
CA PHE E 1175 30.89 -43.59 -12.60
C PHE E 1175 31.22 -42.25 -13.27
N THR E 1176 32.46 -41.78 -13.12
CA THR E 1176 32.84 -40.52 -13.76
C THR E 1176 32.73 -40.62 -15.27
N PHE E 1177 33.27 -41.69 -15.85
CA PHE E 1177 33.17 -41.88 -17.29
C PHE E 1177 31.72 -41.98 -17.73
N LEU E 1178 30.91 -42.73 -16.98
CA LEU E 1178 29.52 -42.93 -17.37
C LEU E 1178 28.75 -41.62 -17.34
N ALA E 1179 29.06 -40.75 -16.38
CA ALA E 1179 28.37 -39.47 -16.30
C ALA E 1179 28.83 -38.52 -17.39
N GLU E 1180 30.13 -38.48 -17.66
CA GLU E 1180 30.60 -37.57 -18.70
C GLU E 1180 30.18 -38.00 -20.09
N GLU E 1181 29.94 -39.30 -20.31
CA GLU E 1181 29.32 -39.73 -21.56
C GLU E 1181 27.93 -39.11 -21.73
N VAL E 1182 27.13 -39.10 -20.66
CA VAL E 1182 25.82 -38.46 -20.71
C VAL E 1182 25.97 -36.98 -21.01
N ARG E 1183 26.97 -36.33 -20.39
CA ARG E 1183 27.23 -34.93 -20.71
C ARG E 1183 27.51 -34.75 -22.20
N GLU E 1184 28.36 -35.63 -22.76
CA GLU E 1184 28.69 -35.57 -24.17
C GLU E 1184 27.44 -35.68 -25.04
N ILE E 1185 26.60 -36.68 -24.76
CA ILE E 1185 25.42 -36.91 -25.58
C ILE E 1185 24.44 -35.75 -25.46
N LEU E 1186 24.28 -35.20 -24.25
CA LEU E 1186 23.38 -34.08 -24.06
C LEU E 1186 23.87 -32.85 -24.82
N ALA E 1187 25.17 -32.55 -24.70
CA ALA E 1187 25.71 -31.40 -25.41
C ALA E 1187 25.57 -31.57 -26.92
N GLY E 1188 25.74 -32.79 -27.43
CA GLY E 1188 25.53 -33.02 -28.85
C GLY E 1188 24.07 -32.97 -29.24
N LEU E 1189 23.16 -33.21 -28.29
CA LEU E 1189 21.73 -33.24 -28.57
C LEU E 1189 21.14 -31.83 -28.65
N GLY E 1190 21.52 -30.94 -27.73
CA GLY E 1190 21.05 -29.57 -27.78
C GLY E 1190 20.45 -29.07 -26.48
N PHE E 1191 20.69 -29.78 -25.37
CA PHE E 1191 20.18 -29.41 -24.06
C PHE E 1191 21.34 -29.18 -23.09
N ARG E 1192 20.99 -28.69 -21.89
CA ARG E 1192 21.98 -28.35 -20.89
C ARG E 1192 21.70 -28.96 -19.52
N SER E 1193 20.68 -29.79 -19.40
CA SER E 1193 20.38 -30.41 -18.11
C SER E 1193 19.44 -31.57 -18.35
N LEU E 1194 19.49 -32.56 -17.44
CA LEU E 1194 18.62 -33.71 -17.57
C LEU E 1194 17.16 -33.37 -17.35
N ASN E 1195 16.87 -32.30 -16.60
CA ASN E 1195 15.48 -31.89 -16.43
C ASN E 1195 14.86 -31.36 -17.71
N GLU E 1196 15.68 -30.93 -18.68
CA GLU E 1196 15.16 -30.51 -19.96
C GLU E 1196 14.64 -31.67 -20.79
N VAL E 1197 15.08 -32.89 -20.52
CA VAL E 1197 14.82 -34.01 -21.40
C VAL E 1197 13.91 -35.06 -20.77
N ILE E 1198 13.73 -35.06 -19.44
CA ILE E 1198 12.94 -36.11 -18.81
C ILE E 1198 11.50 -36.05 -19.27
N GLY E 1199 10.98 -37.18 -19.73
CA GLY E 1199 9.62 -37.28 -20.19
C GLY E 1199 9.38 -36.88 -21.63
N ARG E 1200 10.33 -36.20 -22.27
CA ARG E 1200 10.17 -35.75 -23.64
C ARG E 1200 10.32 -36.95 -24.58
N THR E 1201 9.21 -37.67 -24.74
CA THR E 1201 9.24 -38.89 -25.53
C THR E 1201 9.39 -38.61 -27.02
N ASP E 1202 8.94 -37.44 -27.48
CA ASP E 1202 8.94 -37.14 -28.90
C ASP E 1202 10.34 -36.99 -29.50
N LEU E 1203 11.39 -37.17 -28.71
CA LEU E 1203 12.76 -37.16 -29.22
C LEU E 1203 13.22 -38.55 -29.67
N LEU E 1204 12.35 -39.54 -29.61
CA LEU E 1204 12.71 -40.91 -29.94
C LEU E 1204 11.92 -41.36 -31.16
N HIS E 1205 12.61 -42.00 -32.10
CA HIS E 1205 11.98 -42.56 -33.28
C HIS E 1205 12.28 -44.05 -33.33
N GLN E 1206 11.52 -44.77 -34.16
CA GLN E 1206 11.68 -46.21 -34.30
C GLN E 1206 12.06 -46.55 -35.73
N VAL E 1207 13.18 -47.23 -35.89
CA VAL E 1207 13.57 -47.79 -37.18
C VAL E 1207 13.75 -49.29 -37.00
N SER E 1208 13.26 -50.05 -37.97
CA SER E 1208 13.28 -51.51 -37.87
C SER E 1208 14.51 -52.07 -38.57
N ARG E 1209 14.74 -53.37 -38.37
CA ARG E 1209 16.00 -53.99 -38.77
C ARG E 1209 16.12 -54.13 -40.29
N GLY E 1210 15.04 -53.96 -41.04
CA GLY E 1210 15.15 -54.00 -42.48
C GLY E 1210 14.04 -54.77 -43.17
N ALA E 1211 14.07 -54.80 -44.50
CA ALA E 1211 13.08 -55.51 -45.30
C ALA E 1211 13.45 -56.96 -45.55
N GLU E 1212 14.33 -57.52 -44.73
CA GLU E 1212 14.75 -58.92 -44.85
C GLU E 1212 14.39 -59.74 -43.63
N HIS E 1213 13.89 -59.12 -42.56
CA HIS E 1213 13.47 -59.82 -41.36
C HIS E 1213 11.96 -59.83 -41.16
N LEU E 1214 11.32 -58.68 -41.33
CA LEU E 1214 9.86 -58.55 -41.23
C LEU E 1214 9.35 -59.01 -39.86
N ASP E 1215 9.84 -58.36 -38.81
CA ASP E 1215 9.17 -58.35 -37.52
C ASP E 1215 8.35 -57.08 -37.44
N ASP E 1216 7.07 -57.21 -37.11
CA ASP E 1216 6.15 -56.09 -37.13
C ASP E 1216 6.03 -55.39 -35.78
N LEU E 1217 7.13 -55.35 -35.02
CA LEU E 1217 7.14 -54.68 -33.73
C LEU E 1217 6.77 -53.22 -33.90
N ASP E 1218 5.67 -52.80 -33.27
CA ASP E 1218 5.25 -51.41 -33.23
C ASP E 1218 5.39 -50.92 -31.80
N LEU E 1219 6.37 -50.06 -31.56
CA LEU E 1219 6.64 -49.53 -30.24
C LEU E 1219 5.87 -48.25 -29.95
N ASN E 1220 4.81 -47.99 -30.70
CA ASN E 1220 4.00 -46.79 -30.52
C ASN E 1220 3.31 -46.79 -29.16
N PRO E 1221 2.77 -47.93 -28.67
CA PRO E 1221 2.29 -47.96 -27.28
C PRO E 1221 3.35 -47.53 -26.29
N ARG E 1222 4.61 -47.70 -26.69
CA ARG E 1222 5.75 -47.31 -25.88
C ARG E 1222 6.13 -45.85 -26.03
N LEU E 1223 5.70 -45.19 -27.10
CA LEU E 1223 6.06 -43.80 -27.37
C LEU E 1223 4.89 -42.84 -27.23
N ALA E 1224 3.77 -43.29 -26.67
CA ALA E 1224 2.63 -42.41 -26.51
C ALA E 1224 2.94 -41.32 -25.49
N GLN E 1225 2.53 -40.10 -25.82
CA GLN E 1225 2.81 -38.93 -25.00
C GLN E 1225 1.51 -38.43 -24.37
N VAL E 1226 1.38 -38.60 -23.06
CA VAL E 1226 0.24 -38.08 -22.32
C VAL E 1226 0.60 -36.68 -21.81
N ASP E 1227 -0.24 -35.71 -22.11
CA ASP E 1227 0.07 -34.32 -21.81
C ASP E 1227 -0.18 -34.03 -20.33
N PRO E 1228 0.81 -33.51 -19.59
CA PRO E 1228 0.59 -33.19 -18.18
C PRO E 1228 -0.31 -31.99 -17.97
N GLY E 1229 -0.07 -30.90 -18.71
CA GLY E 1229 -0.87 -29.70 -18.57
C GLY E 1229 -0.27 -28.68 -17.62
N GLU E 1230 -0.79 -28.62 -16.39
CA GLU E 1230 -0.24 -27.69 -15.40
C GLU E 1230 1.03 -28.21 -14.75
N ASN E 1231 1.11 -29.51 -14.54
CA ASN E 1231 2.16 -30.03 -13.68
C ASN E 1231 3.44 -30.29 -14.47
N ALA E 1232 4.54 -30.36 -13.75
CA ALA E 1232 5.81 -30.72 -14.36
C ALA E 1232 5.84 -32.21 -14.66
N ARG E 1233 6.94 -32.68 -15.24
CA ARG E 1233 7.10 -34.09 -15.57
C ARG E 1233 8.05 -34.80 -14.62
N TYR E 1234 8.14 -34.33 -13.38
CA TYR E 1234 9.00 -34.95 -12.39
C TYR E 1234 8.55 -34.48 -11.00
N CYS E 1235 9.23 -34.98 -9.98
CA CYS E 1235 8.89 -34.63 -8.61
C CYS E 1235 9.17 -33.15 -8.35
N THR E 1236 8.24 -32.48 -7.67
CA THR E 1236 8.39 -31.06 -7.40
C THR E 1236 8.11 -30.72 -5.94
N LEU E 1237 8.14 -31.72 -5.05
CA LEU E 1237 7.87 -31.50 -3.64
C LEU E 1237 9.14 -31.64 -2.83
N GLN E 1238 9.11 -31.09 -1.62
CA GLN E 1238 10.28 -31.03 -0.75
C GLN E 1238 10.07 -31.98 0.42
N GLY E 1239 11.06 -32.84 0.66
CA GLY E 1239 10.97 -33.81 1.74
C GLY E 1239 9.96 -34.90 1.45
N ARG E 1240 9.70 -35.71 2.47
CA ARG E 1240 8.77 -36.82 2.32
C ARG E 1240 7.33 -36.31 2.45
N ASN E 1241 6.40 -37.26 2.49
CA ASN E 1241 4.98 -36.96 2.67
C ASN E 1241 4.59 -37.33 4.10
N GLU E 1242 4.45 -36.32 4.95
CA GLU E 1242 4.13 -36.58 6.35
C GLU E 1242 2.76 -37.22 6.49
N VAL E 1243 2.56 -37.86 7.64
CA VAL E 1243 1.35 -38.63 7.91
C VAL E 1243 0.73 -38.12 9.21
N PRO E 1244 -0.55 -38.37 9.42
CA PRO E 1244 -1.20 -37.92 10.67
C PRO E 1244 -0.56 -38.56 11.90
N ASP E 1245 -0.68 -37.85 13.02
CA ASP E 1245 -0.07 -38.27 14.27
C ASP E 1245 -0.98 -39.20 15.04
N THR E 1246 -0.38 -40.23 15.64
CA THR E 1246 -1.09 -41.15 16.52
C THR E 1246 -0.96 -40.66 17.97
N LEU E 1247 -1.33 -41.51 18.92
CA LEU E 1247 -1.25 -41.14 20.33
C LEU E 1247 0.18 -40.83 20.76
N ASP E 1248 1.16 -41.44 20.08
CA ASP E 1248 2.56 -41.26 20.45
C ASP E 1248 2.91 -39.79 20.65
N ALA E 1249 2.37 -38.91 19.81
CA ALA E 1249 2.62 -37.48 19.93
C ALA E 1249 2.42 -36.99 21.36
N ARG E 1250 1.23 -37.25 21.91
CA ARG E 1250 0.95 -36.80 23.27
C ARG E 1250 1.97 -37.36 24.25
N ILE E 1251 2.34 -38.62 24.08
CA ILE E 1251 3.33 -39.23 24.96
C ILE E 1251 4.64 -38.44 24.91
N VAL E 1252 5.06 -38.03 23.72
CA VAL E 1252 6.31 -37.30 23.61
C VAL E 1252 6.19 -35.93 24.28
N ALA E 1253 4.98 -35.39 24.36
CA ALA E 1253 4.77 -34.14 25.06
C ALA E 1253 4.63 -34.33 26.57
N ASP E 1254 4.55 -35.57 27.03
CA ASP E 1254 4.35 -35.85 28.45
C ASP E 1254 5.59 -36.42 29.13
N ALA E 1255 6.33 -37.28 28.44
CA ALA E 1255 7.51 -37.92 29.02
C ALA E 1255 8.77 -37.09 28.71
N ARG E 1256 8.71 -35.82 29.11
CA ARG E 1256 9.86 -34.93 28.95
C ARG E 1256 10.92 -35.16 30.03
N PRO E 1257 10.54 -35.36 31.30
CA PRO E 1257 11.56 -35.71 32.31
C PRO E 1257 12.40 -36.91 31.93
N LEU E 1258 11.86 -37.86 31.17
CA LEU E 1258 12.67 -39.01 30.77
C LEU E 1258 13.75 -38.61 29.78
N PHE E 1259 13.47 -37.62 28.94
CA PHE E 1259 14.44 -37.19 27.93
C PHE E 1259 15.35 -36.08 28.42
N GLU E 1260 15.02 -35.41 29.52
CA GLU E 1260 15.85 -34.33 30.06
C GLU E 1260 16.59 -34.75 31.32
N GLU E 1261 15.89 -35.28 32.32
CA GLU E 1261 16.56 -35.81 33.49
C GLU E 1261 16.96 -37.26 33.32
N GLY E 1262 16.18 -38.03 32.57
CA GLY E 1262 16.43 -39.46 32.47
C GLY E 1262 15.95 -40.18 33.71
N GLU E 1263 14.69 -39.98 34.07
CA GLU E 1263 14.12 -40.55 35.28
C GLU E 1263 12.96 -41.48 34.92
N LYS E 1264 12.49 -42.22 35.91
CA LYS E 1264 11.40 -43.16 35.68
C LYS E 1264 10.09 -42.43 35.47
N MET E 1265 9.20 -43.04 34.70
CA MET E 1265 7.91 -42.44 34.38
C MET E 1265 6.84 -43.52 34.41
N GLN E 1266 5.59 -43.08 34.37
CA GLN E 1266 4.45 -44.00 34.40
C GLN E 1266 3.24 -43.25 33.86
N LEU E 1267 2.69 -43.72 32.75
CA LEU E 1267 1.61 -43.02 32.07
C LEU E 1267 0.41 -43.94 31.87
N ALA E 1268 -0.77 -43.32 31.77
CA ALA E 1268 -2.01 -44.05 31.57
C ALA E 1268 -2.86 -43.32 30.56
N TYR E 1269 -3.38 -44.04 29.56
CA TYR E 1269 -4.18 -43.44 28.51
C TYR E 1269 -5.33 -44.37 28.16
N ASN E 1270 -6.17 -43.93 27.21
CA ASN E 1270 -7.28 -44.69 26.70
C ASN E 1270 -7.04 -44.98 25.23
N ALA E 1271 -7.03 -46.26 24.86
CA ALA E 1271 -6.73 -46.67 23.50
C ALA E 1271 -8.02 -46.89 22.72
N ARG E 1272 -7.90 -46.84 21.40
CA ARG E 1272 -9.02 -47.10 20.51
C ARG E 1272 -8.48 -47.68 19.20
N ASN E 1273 -9.35 -48.39 18.49
CA ASN E 1273 -8.92 -49.08 17.27
C ASN E 1273 -8.53 -48.13 16.14
N THR E 1274 -8.81 -46.83 16.29
CA THR E 1274 -8.41 -45.84 15.28
C THR E 1274 -7.05 -45.22 15.59
N GLN E 1275 -6.19 -45.94 16.29
CA GLN E 1275 -4.87 -45.44 16.66
C GLN E 1275 -3.85 -46.54 16.38
N ARG E 1276 -3.01 -46.31 15.36
CA ARG E 1276 -2.08 -47.32 14.89
C ARG E 1276 -0.68 -47.05 15.40
N ALA E 1277 0.08 -48.12 15.61
CA ALA E 1277 1.49 -48.06 16.00
C ALA E 1277 1.68 -47.22 17.27
N ILE E 1278 1.07 -47.69 18.35
CA ILE E 1278 1.19 -47.02 19.64
C ILE E 1278 2.50 -47.42 20.28
N GLY E 1279 3.36 -46.43 20.52
CA GLY E 1279 4.64 -46.68 21.15
C GLY E 1279 5.79 -46.94 20.21
N THR E 1280 5.75 -46.39 19.01
CA THR E 1280 6.84 -46.54 18.05
C THR E 1280 7.72 -45.30 17.97
N ARG E 1281 7.12 -44.11 17.89
CA ARG E 1281 7.91 -42.88 17.86
C ARG E 1281 8.71 -42.72 19.15
N LEU E 1282 8.09 -43.04 20.29
CA LEU E 1282 8.81 -43.04 21.55
C LEU E 1282 10.02 -43.95 21.50
N SER E 1283 9.88 -45.13 20.89
CA SER E 1283 11.01 -46.03 20.75
C SER E 1283 12.10 -45.40 19.90
N SER E 1284 11.72 -44.62 18.88
CA SER E 1284 12.71 -43.94 18.05
C SER E 1284 13.48 -42.92 18.86
N MET E 1285 12.79 -42.09 19.65
CA MET E 1285 13.47 -41.13 20.48
C MET E 1285 14.40 -41.81 21.48
N VAL E 1286 13.94 -42.90 22.09
CA VAL E 1286 14.76 -43.60 23.07
C VAL E 1286 16.00 -44.18 22.41
N THR E 1287 15.85 -44.74 21.20
CA THR E 1287 16.99 -45.28 20.49
C THR E 1287 18.00 -44.20 20.15
N ARG E 1288 17.53 -43.05 19.66
CA ARG E 1288 18.44 -41.96 19.35
C ARG E 1288 19.14 -41.42 20.60
N LYS E 1289 18.47 -41.44 21.75
CA LYS E 1289 19.07 -40.88 22.95
C LYS E 1289 20.02 -41.85 23.63
N PHE E 1290 19.51 -43.00 24.08
CA PHE E 1290 20.30 -43.94 24.86
C PHE E 1290 20.74 -45.18 24.09
N GLY E 1291 19.97 -45.62 23.11
CA GLY E 1291 20.28 -46.83 22.39
C GLY E 1291 19.31 -47.96 22.74
N MET E 1292 19.51 -49.09 22.08
CA MET E 1292 18.58 -50.20 22.22
C MET E 1292 18.62 -50.79 23.62
N PHE E 1293 19.79 -50.85 24.24
CA PHE E 1293 19.97 -51.52 25.53
C PHE E 1293 20.59 -50.58 26.55
N GLY E 1294 20.09 -49.35 26.61
CA GLY E 1294 20.65 -48.37 27.53
C GLY E 1294 19.85 -48.20 28.81
N LEU E 1295 18.58 -48.58 28.77
CA LEU E 1295 17.68 -48.41 29.90
C LEU E 1295 17.36 -49.75 30.52
N GLN E 1296 17.21 -49.77 31.85
CA GLN E 1296 16.85 -50.99 32.54
C GLN E 1296 15.42 -51.39 32.16
N PRO E 1297 15.10 -52.69 32.26
CA PRO E 1297 13.75 -53.13 31.88
C PRO E 1297 12.68 -52.49 32.75
N GLY E 1298 11.67 -51.91 32.11
CA GLY E 1298 10.59 -51.28 32.82
C GLY E 1298 10.86 -49.86 33.25
N HIS E 1299 11.66 -49.11 32.49
CA HIS E 1299 11.96 -47.73 32.87
C HIS E 1299 10.74 -46.85 32.68
N ILE E 1300 10.15 -46.85 31.48
CA ILE E 1300 8.93 -46.13 31.21
C ILE E 1300 7.83 -47.14 30.89
N THR E 1301 6.69 -47.00 31.56
CA THR E 1301 5.58 -47.93 31.40
C THR E 1301 4.30 -47.15 31.11
N ILE E 1302 3.50 -47.70 30.20
CA ILE E 1302 2.25 -47.10 29.76
C ILE E 1302 1.13 -48.12 29.98
N ARG E 1303 -0.03 -47.63 30.42
CA ARG E 1303 -1.19 -48.48 30.66
C ARG E 1303 -2.33 -48.01 29.78
N LEU E 1304 -2.76 -48.89 28.87
CA LEU E 1304 -3.86 -48.61 27.97
C LEU E 1304 -5.08 -49.43 28.37
N ARG E 1305 -6.27 -48.84 28.23
CA ARG E 1305 -7.52 -49.49 28.57
C ARG E 1305 -8.43 -49.42 27.35
N GLY E 1306 -8.60 -50.56 26.68
CA GLY E 1306 -9.46 -50.61 25.52
C GLY E 1306 -8.86 -51.39 24.36
N THR E 1307 -9.65 -51.63 23.33
CA THR E 1307 -9.19 -52.35 22.15
C THR E 1307 -8.25 -51.44 21.36
N ALA E 1308 -6.98 -51.83 21.30
CA ALA E 1308 -5.97 -51.03 20.61
C ALA E 1308 -6.00 -51.30 19.11
N GLY E 1309 -5.25 -50.49 18.37
CA GLY E 1309 -5.22 -50.61 16.93
C GLY E 1309 -4.29 -51.69 16.44
N GLN E 1310 -3.62 -51.45 15.32
CA GLN E 1310 -2.71 -52.41 14.72
C GLN E 1310 -1.27 -51.97 14.94
N SER E 1311 -0.36 -52.94 14.81
CA SER E 1311 1.07 -52.69 14.98
C SER E 1311 1.38 -52.11 16.35
N LEU E 1312 0.70 -52.63 17.37
CA LEU E 1312 0.90 -52.13 18.73
C LEU E 1312 2.30 -52.43 19.20
N GLY E 1313 3.05 -51.39 19.56
CA GLY E 1313 4.40 -51.57 20.04
C GLY E 1313 5.36 -52.14 19.04
N ALA E 1314 5.18 -51.82 17.76
CA ALA E 1314 6.09 -52.29 16.72
C ALA E 1314 7.45 -51.61 16.88
N PHE E 1315 8.51 -52.41 16.82
CA PHE E 1315 9.89 -51.93 16.94
C PHE E 1315 10.11 -51.24 18.28
N ALA E 1316 9.75 -51.92 19.36
CA ALA E 1316 9.93 -51.39 20.70
C ALA E 1316 11.25 -51.89 21.27
N VAL E 1317 12.00 -50.98 21.90
CA VAL E 1317 13.30 -51.30 22.44
C VAL E 1317 13.19 -51.55 23.93
N GLN E 1318 14.25 -52.11 24.51
CA GLN E 1318 14.26 -52.39 25.94
C GLN E 1318 14.14 -51.09 26.75
N GLY E 1319 13.40 -51.17 27.85
CA GLY E 1319 13.13 -50.01 28.67
C GLY E 1319 11.74 -49.45 28.52
N ILE E 1320 10.89 -50.06 27.68
CA ILE E 1320 9.53 -49.61 27.47
C ILE E 1320 8.59 -50.77 27.77
N LYS E 1321 7.57 -50.52 28.57
CA LYS E 1321 6.63 -51.56 28.98
C LYS E 1321 5.21 -51.09 28.72
N LEU E 1322 4.55 -51.72 27.75
CA LEU E 1322 3.15 -51.43 27.45
C LEU E 1322 2.26 -52.49 28.08
N GLU E 1323 1.18 -52.05 28.71
CA GLU E 1323 0.23 -52.96 29.34
C GLU E 1323 -1.17 -52.61 28.85
N VAL E 1324 -1.76 -53.49 28.06
CA VAL E 1324 -3.08 -53.28 27.48
C VAL E 1324 -4.10 -54.10 28.25
N MET E 1325 -5.23 -53.47 28.59
CA MET E 1325 -6.35 -54.14 29.22
C MET E 1325 -7.49 -54.17 28.20
N GLY E 1326 -7.78 -55.34 27.65
CA GLY E 1326 -8.66 -55.46 26.52
C GLY E 1326 -8.12 -56.45 25.50
N ASP E 1327 -7.85 -55.98 24.28
CA ASP E 1327 -7.30 -56.85 23.26
C ASP E 1327 -6.56 -56.01 22.22
N ALA E 1328 -5.78 -56.70 21.38
CA ALA E 1328 -5.06 -56.09 20.28
C ALA E 1328 -5.58 -56.65 18.97
N ASN E 1329 -5.47 -55.85 17.91
CA ASN E 1329 -6.08 -56.23 16.63
C ASN E 1329 -5.19 -57.18 15.84
N ASP E 1330 -4.02 -56.71 15.41
CA ASP E 1330 -3.16 -57.48 14.51
C ASP E 1330 -1.75 -56.94 14.57
N TYR E 1331 -0.80 -57.77 14.13
CA TYR E 1331 0.62 -57.39 14.03
C TYR E 1331 1.16 -56.83 15.34
N VAL E 1332 0.61 -57.31 16.46
CA VAL E 1332 1.09 -56.83 17.76
C VAL E 1332 2.50 -57.37 17.99
N GLY E 1333 3.40 -56.47 18.39
CA GLY E 1333 4.78 -56.87 18.60
C GLY E 1333 5.53 -57.21 17.33
N LYS E 1334 5.16 -56.60 16.20
CA LYS E 1334 5.89 -56.81 14.97
C LYS E 1334 7.31 -56.25 15.09
N GLY E 1335 8.30 -57.10 14.88
CA GLY E 1335 9.67 -56.65 14.96
C GLY E 1335 10.07 -56.15 16.33
N LEU E 1336 9.71 -56.88 17.38
CA LEU E 1336 10.07 -56.48 18.73
C LEU E 1336 11.59 -56.44 18.87
N SER E 1337 12.09 -55.37 19.49
CA SER E 1337 13.53 -55.12 19.57
C SER E 1337 13.95 -54.94 21.02
N GLY E 1338 13.44 -55.78 21.90
CA GLY E 1338 13.87 -55.81 23.29
C GLY E 1338 12.85 -55.28 24.29
N GLY E 1339 11.72 -54.77 23.84
CA GLY E 1339 10.73 -54.20 24.74
C GLY E 1339 9.99 -55.24 25.56
N THR E 1340 8.78 -54.90 26.01
CA THR E 1340 7.96 -55.82 26.80
C THR E 1340 6.51 -55.42 26.65
N ILE E 1341 5.68 -56.37 26.23
CA ILE E 1341 4.26 -56.14 26.03
C ILE E 1341 3.46 -57.18 26.82
N VAL E 1342 2.39 -56.73 27.45
CA VAL E 1342 1.52 -57.59 28.24
C VAL E 1342 0.07 -57.28 27.90
N VAL E 1343 -0.69 -58.30 27.54
CA VAL E 1343 -2.09 -58.15 27.17
C VAL E 1343 -2.93 -59.07 28.04
N ARG E 1344 -3.92 -58.51 28.71
CA ARG E 1344 -4.81 -59.25 29.60
C ARG E 1344 -6.22 -58.70 29.50
N PRO E 1345 -7.23 -59.52 29.76
CA PRO E 1345 -8.61 -58.99 29.79
C PRO E 1345 -8.83 -58.12 31.02
N THR E 1346 -9.97 -57.44 31.02
CA THR E 1346 -10.31 -56.59 32.14
C THR E 1346 -10.58 -57.42 33.39
N THR E 1347 -10.49 -56.76 34.55
CA THR E 1347 -10.71 -57.46 35.81
C THR E 1347 -12.18 -57.82 36.01
N SER E 1348 -13.09 -57.07 35.37
CA SER E 1348 -14.52 -57.33 35.47
C SER E 1348 -15.04 -58.16 34.31
N SER E 1349 -14.22 -59.07 33.78
CA SER E 1349 -14.60 -59.84 32.60
C SER E 1349 -15.13 -61.20 33.02
N PRO E 1350 -16.33 -61.59 32.62
CA PRO E 1350 -16.82 -62.95 32.87
C PRO E 1350 -16.47 -63.89 31.71
N LEU E 1351 -15.17 -64.07 31.49
CA LEU E 1351 -14.68 -64.86 30.37
C LEU E 1351 -13.60 -65.82 30.85
N GLU E 1352 -13.62 -67.03 30.28
CA GLU E 1352 -12.52 -67.96 30.48
C GLU E 1352 -11.33 -67.51 29.64
N THR E 1353 -10.23 -67.15 30.30
CA THR E 1353 -9.11 -66.55 29.60
C THR E 1353 -8.42 -67.51 28.63
N ASN E 1354 -8.69 -68.81 28.75
CA ASN E 1354 -8.07 -69.80 27.88
C ASN E 1354 -9.00 -70.26 26.76
N LYS E 1355 -10.10 -69.53 26.52
CA LYS E 1355 -11.06 -69.94 25.51
C LYS E 1355 -11.55 -68.77 24.66
N ASN E 1356 -10.83 -67.64 24.65
CA ASN E 1356 -11.25 -66.48 23.90
C ASN E 1356 -10.02 -65.82 23.28
N THR E 1357 -10.15 -65.44 22.00
CA THR E 1357 -9.04 -64.84 21.29
C THR E 1357 -8.78 -63.43 21.79
N ILE E 1358 -7.52 -63.12 22.07
CA ILE E 1358 -7.14 -61.79 22.54
C ILE E 1358 -6.27 -61.05 21.53
N ILE E 1359 -5.42 -61.73 20.77
CA ILE E 1359 -4.58 -61.10 19.77
C ILE E 1359 -4.82 -61.75 18.41
N GLY E 1360 -4.55 -61.00 17.37
CA GLY E 1360 -4.90 -61.38 16.00
C GLY E 1360 -3.82 -62.18 15.32
N ASN E 1361 -3.61 -61.89 14.04
CA ASN E 1361 -2.75 -62.69 13.19
C ASN E 1361 -1.35 -62.06 13.08
N THR E 1362 -0.37 -62.91 12.81
CA THR E 1362 1.02 -62.51 12.57
C THR E 1362 1.57 -61.73 13.77
N VAL E 1363 1.66 -62.43 14.89
CA VAL E 1363 2.19 -61.87 16.12
C VAL E 1363 3.68 -62.14 16.17
N LEU E 1364 4.46 -61.13 16.56
CA LEU E 1364 5.91 -61.25 16.70
C LEU E 1364 6.56 -61.65 15.38
N TYR E 1365 6.40 -60.81 14.37
CA TYR E 1365 6.95 -61.08 13.04
C TYR E 1365 8.36 -60.53 12.99
N GLY E 1366 9.35 -61.43 13.03
CA GLY E 1366 10.74 -61.02 12.92
C GLY E 1366 11.27 -60.27 14.12
N ALA E 1367 10.96 -60.75 15.33
CA ALA E 1367 11.44 -60.12 16.54
C ALA E 1367 12.80 -60.69 16.93
N THR E 1368 13.63 -59.84 17.54
CA THR E 1368 14.98 -60.24 17.93
C THR E 1368 15.21 -60.27 19.42
N ALA E 1369 14.38 -59.59 20.21
CA ALA E 1369 14.55 -59.58 21.66
C ALA E 1369 13.27 -59.02 22.29
N GLY E 1370 13.10 -59.32 23.56
CA GLY E 1370 11.97 -58.83 24.33
C GLY E 1370 11.14 -59.97 24.88
N LYS E 1371 9.99 -59.61 25.44
CA LYS E 1371 9.07 -60.57 26.01
C LYS E 1371 7.63 -60.13 25.71
N LEU E 1372 6.74 -61.12 25.61
CA LEU E 1372 5.33 -60.84 25.33
C LEU E 1372 4.48 -61.89 26.03
N PHE E 1373 3.61 -61.44 26.94
CA PHE E 1373 2.73 -62.33 27.68
C PHE E 1373 1.29 -61.96 27.37
N ALA E 1374 0.52 -62.92 26.89
CA ALA E 1374 -0.89 -62.73 26.60
C ALA E 1374 -1.71 -63.73 27.40
N ALA E 1375 -2.98 -63.36 27.65
CA ALA E 1375 -3.89 -64.16 28.45
C ALA E 1375 -5.06 -64.67 27.61
N GLY E 1376 -4.76 -65.13 26.41
CA GLY E 1376 -5.78 -65.66 25.53
C GLY E 1376 -5.17 -66.54 24.46
N GLN E 1377 -5.88 -66.63 23.34
CA GLN E 1377 -5.39 -67.35 22.18
C GLN E 1377 -4.97 -66.38 21.09
N ALA E 1378 -3.99 -66.79 20.28
CA ALA E 1378 -3.53 -65.98 19.19
C ALA E 1378 -4.19 -66.44 17.88
N GLY E 1379 -3.91 -65.73 16.80
CA GLY E 1379 -4.48 -66.02 15.50
C GLY E 1379 -3.65 -66.99 14.71
N GLU E 1380 -3.59 -66.78 13.40
CA GLU E 1380 -2.80 -67.63 12.53
C GLU E 1380 -1.39 -67.08 12.39
N ARG E 1381 -0.47 -67.95 11.98
CA ARG E 1381 0.93 -67.60 11.76
C ARG E 1381 1.53 -66.96 13.01
N PHE E 1382 1.26 -67.57 14.16
CA PHE E 1382 1.76 -67.05 15.42
C PHE E 1382 3.27 -67.25 15.52
N ALA E 1383 3.98 -66.16 15.76
CA ALA E 1383 5.43 -66.18 15.97
C ALA E 1383 6.15 -66.77 14.76
N VAL E 1384 5.98 -66.11 13.62
CA VAL E 1384 6.70 -66.48 12.41
C VAL E 1384 8.01 -65.69 12.36
N ARG E 1385 9.08 -66.36 11.92
CA ARG E 1385 10.40 -65.75 11.82
C ARG E 1385 10.86 -65.16 13.15
N ASN E 1386 10.50 -65.80 14.26
CA ASN E 1386 11.00 -65.37 15.56
C ASN E 1386 12.50 -65.64 15.64
N SER E 1387 13.24 -64.71 16.22
CA SER E 1387 14.69 -64.83 16.26
C SER E 1387 15.25 -64.82 17.67
N GLY E 1388 14.75 -63.97 18.56
CA GLY E 1388 15.26 -63.95 19.92
C GLY E 1388 14.21 -63.70 20.99
N ALA E 1389 12.95 -63.58 20.59
CA ALA E 1389 11.90 -63.19 21.53
C ALA E 1389 11.47 -64.38 22.38
N THR E 1390 10.75 -64.06 23.46
CA THR E 1390 10.20 -65.05 24.38
C THR E 1390 8.73 -64.71 24.60
N VAL E 1391 7.86 -65.67 24.33
CA VAL E 1391 6.42 -65.43 24.35
C VAL E 1391 5.73 -66.56 25.11
N VAL E 1392 4.73 -66.20 25.90
CA VAL E 1392 3.90 -67.16 26.63
C VAL E 1392 2.45 -66.80 26.37
N VAL E 1393 1.75 -67.67 25.65
CA VAL E 1393 0.37 -67.41 25.26
C VAL E 1393 -0.45 -68.66 25.54
N GLU E 1394 -1.73 -68.46 25.85
CA GLU E 1394 -2.62 -69.54 26.28
C GLU E 1394 -3.31 -70.24 25.12
N GLY E 1395 -2.74 -70.19 23.93
CA GLY E 1395 -3.35 -70.84 22.79
C GLY E 1395 -2.64 -70.43 21.51
N CYS E 1396 -3.13 -70.99 20.41
CA CYS E 1396 -2.55 -70.71 19.11
C CYS E 1396 -3.54 -71.14 18.02
N GLY E 1397 -3.22 -70.77 16.78
CA GLY E 1397 -4.04 -71.13 15.66
C GLY E 1397 -3.31 -72.04 14.69
N SER E 1398 -3.53 -71.87 13.39
CA SER E 1398 -2.83 -72.67 12.41
C SER E 1398 -1.51 -72.01 12.03
N ASN E 1399 -0.61 -72.82 11.49
CA ASN E 1399 0.69 -72.35 10.99
C ASN E 1399 1.50 -71.67 12.08
N GLY E 1400 1.37 -72.14 13.32
CA GLY E 1400 2.09 -71.52 14.42
C GLY E 1400 3.57 -71.85 14.39
N CYS E 1401 4.37 -70.87 14.80
CA CYS E 1401 5.83 -71.02 14.87
C CYS E 1401 6.41 -71.48 13.54
N GLU E 1402 5.87 -70.94 12.46
CA GLU E 1402 6.33 -71.32 11.12
C GLU E 1402 7.67 -70.67 10.84
N TYR E 1403 8.66 -71.50 10.49
CA TYR E 1403 9.99 -71.03 10.07
C TYR E 1403 10.63 -70.18 11.16
N MET E 1404 10.51 -70.64 12.41
CA MET E 1404 11.12 -69.95 13.54
C MET E 1404 12.62 -70.22 13.56
N THR E 1405 13.38 -69.28 14.13
CA THR E 1405 14.82 -69.35 14.13
C THR E 1405 15.47 -69.30 15.51
N GLY E 1406 14.84 -68.64 16.49
CA GLY E 1406 15.43 -68.56 17.81
C GLY E 1406 14.49 -68.03 18.87
N GLY E 1407 14.70 -68.45 20.11
CA GLY E 1407 13.86 -68.05 21.22
C GLY E 1407 13.07 -69.22 21.77
N THR E 1408 12.20 -68.91 22.73
CA THR E 1408 11.35 -69.90 23.37
C THR E 1408 9.90 -69.47 23.27
N ALA E 1409 9.01 -70.45 23.10
CA ALA E 1409 7.58 -70.20 22.99
C ALA E 1409 6.82 -71.26 23.77
N VAL E 1410 5.99 -70.84 24.70
CA VAL E 1410 5.17 -71.74 25.52
C VAL E 1410 3.72 -71.55 25.14
N ILE E 1411 3.05 -72.62 24.74
CA ILE E 1411 1.67 -72.60 24.31
C ILE E 1411 0.87 -73.48 25.24
N LEU E 1412 0.02 -72.86 26.06
CA LEU E 1412 -0.79 -73.59 27.03
C LEU E 1412 -2.18 -73.83 26.46
N GLY E 1413 -2.23 -74.67 25.42
CA GLY E 1413 -3.48 -74.97 24.77
C GLY E 1413 -3.35 -75.85 23.54
N ARG E 1414 -4.21 -75.64 22.56
CA ARG E 1414 -4.22 -76.42 21.33
C ARG E 1414 -3.55 -75.65 20.20
N VAL E 1415 -3.17 -76.39 19.15
CA VAL E 1415 -2.54 -75.84 17.97
C VAL E 1415 -3.24 -76.39 16.74
N GLY E 1416 -2.84 -75.90 15.57
CA GLY E 1416 -3.41 -76.30 14.31
C GLY E 1416 -2.43 -77.07 13.44
N ASP E 1417 -2.90 -77.42 12.25
CA ASP E 1417 -2.10 -78.18 11.33
C ASP E 1417 -0.88 -77.38 10.89
N ASN E 1418 0.12 -78.10 10.36
CA ASN E 1418 1.35 -77.48 9.85
C ASN E 1418 2.04 -76.67 10.94
N PHE E 1419 1.92 -77.12 12.18
CA PHE E 1419 2.59 -76.44 13.29
C PHE E 1419 4.09 -76.72 13.24
N ALA E 1420 4.88 -75.71 13.58
CA ALA E 1420 6.34 -75.81 13.62
C ALA E 1420 6.90 -76.28 12.27
N ALA E 1421 6.33 -75.78 11.19
CA ALA E 1421 6.77 -76.12 9.85
C ALA E 1421 7.94 -75.23 9.46
N GLY E 1422 9.01 -75.84 8.98
CA GLY E 1422 10.19 -75.08 8.62
C GLY E 1422 10.96 -74.52 9.79
N MET E 1423 10.67 -74.96 11.01
CA MET E 1423 11.41 -74.50 12.17
C MET E 1423 12.85 -74.97 12.09
N THR E 1424 13.79 -74.07 12.39
CA THR E 1424 15.21 -74.37 12.23
C THR E 1424 16.05 -73.91 13.42
N GLY E 1425 15.42 -73.44 14.50
CA GLY E 1425 16.16 -73.01 15.66
C GLY E 1425 15.28 -72.54 16.80
N GLY E 1426 15.67 -72.82 18.04
CA GLY E 1426 14.91 -72.44 19.20
C GLY E 1426 14.41 -73.65 19.97
N MET E 1427 13.21 -73.51 20.53
CA MET E 1427 12.60 -74.57 21.33
C MET E 1427 11.14 -74.22 21.55
N ALA E 1428 10.32 -75.25 21.77
CA ALA E 1428 8.91 -75.02 22.04
C ALA E 1428 8.40 -76.00 23.08
N TYR E 1429 7.39 -75.59 23.83
CA TYR E 1429 6.72 -76.45 24.81
C TYR E 1429 5.22 -76.32 24.63
N VAL E 1430 4.56 -77.46 24.42
CA VAL E 1430 3.12 -77.51 24.23
C VAL E 1430 2.48 -78.22 25.42
N TYR E 1431 1.33 -77.74 25.84
CA TYR E 1431 0.60 -78.33 26.97
C TYR E 1431 -0.58 -79.11 26.41
N ASP E 1432 -0.50 -80.43 26.48
CA ASP E 1432 -1.42 -81.34 25.80
C ASP E 1432 -2.33 -82.03 26.81
N LEU E 1433 -3.62 -81.70 26.78
CA LEU E 1433 -4.59 -82.53 27.49
C LEU E 1433 -5.18 -83.58 26.57
N ASP E 1434 -5.45 -83.22 25.32
CA ASP E 1434 -6.11 -84.07 24.36
C ASP E 1434 -5.20 -85.18 23.85
N ASP E 1435 -3.89 -85.08 24.09
CA ASP E 1435 -2.91 -86.02 23.58
C ASP E 1435 -3.07 -86.16 22.07
N SER E 1436 -3.10 -85.01 21.38
CA SER E 1436 -3.38 -84.95 19.96
C SER E 1436 -2.36 -84.07 19.23
N LEU E 1437 -1.17 -83.95 19.78
CA LEU E 1437 -0.12 -83.19 19.12
C LEU E 1437 0.46 -83.94 17.92
N PRO E 1438 0.75 -85.24 18.02
CA PRO E 1438 1.30 -85.95 16.85
C PRO E 1438 0.40 -85.93 15.62
N LEU E 1439 -0.86 -85.51 15.76
CA LEU E 1439 -1.74 -85.38 14.60
C LEU E 1439 -1.65 -84.01 13.96
N TYR E 1440 -1.20 -82.99 14.70
CA TYR E 1440 -1.13 -81.64 14.18
C TYR E 1440 0.28 -81.20 13.80
N ILE E 1441 1.31 -81.76 14.46
CA ILE E 1441 2.67 -81.29 14.23
C ILE E 1441 3.14 -81.72 12.85
N ASN E 1442 4.13 -80.99 12.33
CA ASN E 1442 4.77 -81.30 11.06
C ASN E 1442 6.12 -81.94 11.35
N ASP E 1443 6.10 -83.27 11.53
CA ASP E 1443 7.31 -83.99 11.88
C ASP E 1443 8.22 -84.15 10.67
N GLU E 1444 8.76 -83.03 10.18
CA GLU E 1444 9.68 -83.04 9.05
C GLU E 1444 11.08 -82.60 9.45
N SER E 1445 11.21 -81.48 10.16
CA SER E 1445 12.50 -80.96 10.57
C SER E 1445 12.64 -80.79 12.08
N VAL E 1446 11.61 -81.15 12.86
CA VAL E 1446 11.65 -81.02 14.30
C VAL E 1446 11.30 -82.35 14.93
N ILE E 1447 11.78 -82.57 16.14
CA ILE E 1447 11.48 -83.76 16.93
C ILE E 1447 10.74 -83.33 18.19
N PHE E 1448 9.78 -84.14 18.61
CA PHE E 1448 8.98 -83.86 19.80
C PHE E 1448 9.09 -85.03 20.77
N GLN E 1449 9.33 -84.71 22.03
CA GLN E 1449 9.50 -85.74 23.06
C GLN E 1449 8.92 -85.19 24.36
N ARG E 1450 9.20 -85.86 25.47
CA ARG E 1450 8.77 -85.41 26.78
C ARG E 1450 9.97 -84.92 27.59
N ILE E 1451 9.69 -84.01 28.52
CA ILE E 1451 10.75 -83.39 29.30
C ILE E 1451 11.40 -84.43 30.20
N GLU E 1452 12.74 -84.51 30.15
CA GLU E 1452 13.49 -85.47 30.94
C GLU E 1452 14.68 -84.86 31.66
N VAL E 1453 14.87 -83.55 31.58
CA VAL E 1453 16.00 -82.88 32.20
C VAL E 1453 15.48 -81.76 33.09
N GLY E 1454 15.96 -81.71 34.34
CA GLY E 1454 15.52 -80.67 35.25
C GLY E 1454 15.98 -79.28 34.85
N HIS E 1455 17.08 -79.20 34.09
CA HIS E 1455 17.54 -77.91 33.59
C HIS E 1455 16.49 -77.26 32.70
N TYR E 1456 15.87 -78.06 31.82
CA TYR E 1456 14.81 -77.55 30.97
C TYR E 1456 13.49 -77.42 31.71
N GLU E 1457 13.39 -77.98 32.91
CA GLU E 1457 12.19 -77.84 33.73
C GLU E 1457 12.20 -76.52 34.51
N SER E 1458 13.37 -76.12 35.01
CA SER E 1458 13.48 -74.81 35.66
C SER E 1458 13.11 -73.69 34.70
N GLN E 1459 13.47 -73.84 33.42
CA GLN E 1459 13.12 -72.86 32.41
C GLN E 1459 11.61 -72.68 32.33
N LEU E 1460 10.88 -73.78 32.11
CA LEU E 1460 9.44 -73.71 32.00
C LEU E 1460 8.80 -73.19 33.27
N LYS E 1461 9.28 -73.65 34.42
CA LYS E 1461 8.72 -73.19 35.69
C LYS E 1461 8.86 -71.69 35.84
N HIS E 1462 10.06 -71.16 35.56
CA HIS E 1462 10.27 -69.72 35.71
C HIS E 1462 9.46 -68.93 34.69
N LEU E 1463 9.31 -69.46 33.48
CA LEU E 1463 8.51 -68.75 32.48
C LEU E 1463 7.05 -68.67 32.90
N ILE E 1464 6.49 -69.78 33.39
CA ILE E 1464 5.10 -69.74 33.81
C ILE E 1464 4.93 -68.89 35.06
N GLU E 1465 5.93 -68.86 35.93
CA GLU E 1465 5.85 -67.99 37.11
C GLU E 1465 5.86 -66.52 36.70
N GLU E 1466 6.70 -66.16 35.73
CA GLU E 1466 6.71 -64.79 35.23
C GLU E 1466 5.38 -64.43 34.58
N HIS E 1467 4.81 -65.37 33.82
CA HIS E 1467 3.50 -65.16 33.23
C HIS E 1467 2.46 -64.87 34.31
N VAL E 1468 2.38 -65.74 35.33
CA VAL E 1468 1.42 -65.55 36.42
C VAL E 1468 1.65 -64.22 37.11
N THR E 1469 2.92 -63.83 37.28
CA THR E 1469 3.22 -62.57 37.94
C THR E 1469 2.69 -61.39 37.15
N GLU E 1470 2.94 -61.38 35.83
CA GLU E 1470 2.52 -60.24 35.02
C GLU E 1470 1.01 -60.22 34.79
N THR E 1471 0.47 -61.24 34.12
CA THR E 1471 -0.92 -61.14 33.68
C THR E 1471 -1.91 -61.53 34.77
N GLN E 1472 -1.46 -62.07 35.89
CA GLN E 1472 -2.34 -62.49 36.99
C GLN E 1472 -3.38 -63.50 36.49
N SER E 1473 -2.97 -64.36 35.58
CA SER E 1473 -3.88 -65.34 35.01
C SER E 1473 -4.31 -66.37 36.06
N ARG E 1474 -5.36 -67.10 35.74
CA ARG E 1474 -5.89 -68.14 36.60
C ARG E 1474 -5.63 -69.55 36.08
N PHE E 1475 -5.59 -69.72 34.76
CA PHE E 1475 -5.21 -71.00 34.18
C PHE E 1475 -3.79 -71.36 34.56
N ALA E 1476 -2.85 -70.46 34.26
CA ALA E 1476 -1.45 -70.73 34.56
C ALA E 1476 -1.19 -70.88 36.05
N ALA E 1477 -1.93 -70.12 36.88
CA ALA E 1477 -1.78 -70.28 38.32
C ALA E 1477 -2.18 -71.68 38.77
N GLU E 1478 -3.28 -72.20 38.22
CA GLU E 1478 -3.72 -73.53 38.59
C GLU E 1478 -2.78 -74.60 38.04
N ILE E 1479 -2.15 -74.33 36.88
CA ILE E 1479 -1.12 -75.25 36.39
C ILE E 1479 0.07 -75.26 37.32
N LEU E 1480 0.48 -74.08 37.81
CA LEU E 1480 1.61 -74.00 38.74
C LEU E 1480 1.28 -74.67 40.08
N ASN E 1481 0.02 -74.62 40.49
CA ASN E 1481 -0.38 -75.30 41.72
C ASN E 1481 -0.10 -76.80 41.63
N ASP E 1482 -0.65 -77.45 40.61
CA ASP E 1482 -0.41 -78.87 40.38
C ASP E 1482 0.72 -79.03 39.36
N TRP E 1483 1.95 -78.88 39.86
CA TRP E 1483 3.11 -78.96 38.97
C TRP E 1483 3.58 -80.39 38.78
N ALA E 1484 3.57 -81.20 39.84
CA ALA E 1484 4.15 -82.54 39.78
C ALA E 1484 3.38 -83.45 38.82
N ARG E 1485 2.07 -83.29 38.72
CA ARG E 1485 1.27 -84.15 37.84
C ARG E 1485 1.02 -83.53 36.47
N GLU E 1486 1.32 -82.24 36.29
CA GLU E 1486 1.16 -81.60 34.99
C GLU E 1486 2.47 -81.46 34.23
N VAL E 1487 3.62 -81.62 34.89
CA VAL E 1487 4.89 -81.54 34.18
C VAL E 1487 4.99 -82.65 33.14
N THR E 1488 4.29 -83.76 33.36
CA THR E 1488 4.29 -84.88 32.43
C THR E 1488 3.21 -84.77 31.36
N LYS E 1489 2.59 -83.60 31.22
CA LYS E 1489 1.63 -83.35 30.15
C LYS E 1489 2.19 -82.43 29.08
N PHE E 1490 3.49 -82.13 29.11
CA PHE E 1490 4.10 -81.19 28.18
C PHE E 1490 4.91 -81.93 27.14
N TRP E 1491 4.82 -81.47 25.90
CA TRP E 1491 5.69 -81.92 24.81
C TRP E 1491 6.74 -80.86 24.55
N GLN E 1492 7.99 -81.32 24.39
CA GLN E 1492 9.10 -80.45 24.03
C GLN E 1492 9.45 -80.67 22.57
N VAL E 1493 9.50 -79.57 21.82
CA VAL E 1493 9.78 -79.60 20.38
C VAL E 1493 11.12 -78.92 20.14
N VAL E 1494 12.03 -79.63 19.48
CA VAL E 1494 13.39 -79.16 19.25
C VAL E 1494 13.75 -79.41 17.79
N PRO E 1495 14.36 -78.46 17.10
CA PRO E 1495 14.73 -78.68 15.69
C PRO E 1495 15.77 -79.79 15.54
N LYS E 1496 15.91 -80.27 14.31
CA LYS E 1496 16.85 -81.35 14.04
C LYS E 1496 18.28 -80.85 13.90
N GLU E 1497 18.48 -79.67 13.30
CA GLU E 1497 19.82 -79.13 13.15
C GLU E 1497 20.45 -78.77 14.49
N MET E 1498 19.65 -78.63 15.55
CA MET E 1498 20.14 -78.26 16.87
C MET E 1498 20.32 -79.47 17.77
N LEU E 1499 20.81 -80.59 17.22
CA LEU E 1499 21.00 -81.78 18.03
C LEU E 1499 22.44 -81.97 18.48
N ASN E 1500 23.42 -81.45 17.73
CA ASN E 1500 24.79 -81.42 18.22
C ASN E 1500 25.07 -80.17 19.03
N ARG E 1501 24.39 -79.08 18.71
CA ARG E 1501 24.80 -77.76 19.15
C ARG E 1501 24.22 -77.39 20.51
N LEU E 1502 23.16 -78.07 20.95
CA LEU E 1502 22.69 -77.87 22.32
C LEU E 1502 23.78 -78.27 23.30
N GLU E 1503 23.79 -77.55 24.42
CA GLU E 1503 24.93 -77.56 25.35
C GLU E 1503 24.64 -78.40 26.58
N VAL E 1504 23.40 -78.40 27.05
CA VAL E 1504 22.91 -79.42 27.96
C VAL E 1504 22.03 -80.34 27.12
N PRO E 1505 22.54 -81.52 26.74
CA PRO E 1505 21.82 -82.37 25.80
C PRO E 1505 20.44 -82.75 26.32
N VAL E 1506 19.54 -83.05 25.39
CA VAL E 1506 18.15 -83.33 25.75
C VAL E 1506 17.95 -84.76 26.22
N HIS E 1507 18.85 -85.68 25.87
CA HIS E 1507 18.71 -87.08 26.20
C HIS E 1507 19.48 -87.39 27.48
N LEU E 1508 19.45 -88.66 27.86
CA LEU E 1508 20.12 -89.12 29.08
C LEU E 1508 21.41 -89.85 28.75
N CYS F 37 11.70 15.45 43.75
CA CYS F 37 11.69 15.49 45.21
C CYS F 37 12.97 16.11 45.75
N GLY F 38 12.83 17.22 46.48
CA GLY F 38 13.98 17.86 47.08
C GLY F 38 13.82 19.34 47.32
N VAL F 39 14.59 19.85 48.28
CA VAL F 39 14.66 21.27 48.56
C VAL F 39 16.04 21.77 48.17
N GLY F 40 16.16 23.10 48.06
CA GLY F 40 17.45 23.69 47.80
C GLY F 40 17.46 25.19 48.03
N PHE F 41 18.61 25.74 48.39
CA PHE F 41 18.69 27.16 48.68
C PHE F 41 20.05 27.71 48.27
N ILE F 42 20.03 28.85 47.59
CA ILE F 42 21.22 29.56 47.15
C ILE F 42 21.22 30.93 47.80
N ALA F 43 22.38 31.35 48.30
CA ALA F 43 22.46 32.63 49.01
C ALA F 43 23.76 33.33 48.68
N ALA F 44 23.68 34.64 48.46
CA ALA F 44 24.84 35.49 48.30
C ALA F 44 25.32 35.93 49.68
N ILE F 45 26.57 35.60 50.00
CA ILE F 45 27.06 35.80 51.37
C ILE F 45 27.15 37.28 51.70
N ASP F 46 27.68 38.08 50.77
CA ASP F 46 27.87 39.51 51.05
C ASP F 46 26.55 40.24 51.19
N GLY F 47 25.54 39.84 50.43
CA GLY F 47 24.23 40.44 50.50
C GLY F 47 23.91 41.43 49.41
N LYS F 48 24.38 41.21 48.18
CA LYS F 48 24.10 42.10 47.07
C LYS F 48 23.29 41.36 46.02
N PRO F 49 22.20 41.93 45.53
CA PRO F 49 21.39 41.24 44.51
C PRO F 49 22.18 41.02 43.23
N ARG F 50 21.85 39.94 42.53
CA ARG F 50 22.51 39.59 41.27
C ARG F 50 21.71 38.50 40.58
N ARG F 51 21.82 38.46 39.25
CA ARG F 51 21.00 37.55 38.44
C ARG F 51 21.48 36.11 38.53
N SER F 52 22.79 35.93 38.76
CA SER F 52 23.35 34.58 38.79
C SER F 52 22.66 33.71 39.84
N VAL F 53 22.32 34.29 41.00
CA VAL F 53 21.61 33.53 42.02
C VAL F 53 20.32 32.93 41.45
N VAL F 54 19.51 33.77 40.79
CA VAL F 54 18.22 33.32 40.29
C VAL F 54 18.39 32.25 39.21
N GLU F 55 19.29 32.48 38.25
CA GLU F 55 19.39 31.51 37.17
C GLU F 55 19.97 30.20 37.68
N LYS F 56 20.92 30.28 38.62
CA LYS F 56 21.45 29.05 39.21
C LYS F 56 20.37 28.29 39.98
N GLY F 57 19.45 29.00 40.61
CA GLY F 57 18.29 28.33 41.17
C GLY F 57 17.48 27.59 40.11
N ILE F 58 17.25 28.26 38.97
CA ILE F 58 16.53 27.61 37.87
C ILE F 58 17.28 26.39 37.37
N GLU F 59 18.61 26.51 37.25
CA GLU F 59 19.43 25.41 36.76
C GLU F 59 19.39 24.23 37.73
N ALA F 60 19.42 24.51 39.03
CA ALA F 60 19.30 23.44 40.01
C ALA F 60 17.94 22.77 39.92
N LEU F 61 16.90 23.55 39.68
CA LEU F 61 15.57 22.95 39.53
C LEU F 61 15.48 22.11 38.27
N LYS F 62 16.22 22.46 37.22
CA LYS F 62 16.15 21.71 35.96
C LYS F 62 16.79 20.33 36.04
N ALA F 63 17.33 19.91 37.17
CA ALA F 63 18.08 18.65 37.25
C ALA F 63 17.67 17.86 38.49
N VAL F 64 16.37 17.74 38.73
CA VAL F 64 15.88 16.88 39.80
C VAL F 64 14.80 15.97 39.23
N TRP F 65 14.83 15.76 37.91
CA TRP F 65 13.80 15.00 37.25
C TRP F 65 13.93 13.49 37.47
N HIS F 66 15.05 13.02 38.00
CA HIS F 66 15.21 11.58 38.19
C HIS F 66 14.49 11.08 39.43
N ARG F 67 14.39 11.93 40.45
CA ARG F 67 13.72 11.51 41.69
C ARG F 67 12.21 11.63 41.60
N GLY F 68 11.69 12.43 40.68
CA GLY F 68 10.25 12.59 40.55
C GLY F 68 9.56 11.34 40.04
N ALA F 69 8.23 11.42 40.00
CA ALA F 69 7.40 10.32 39.56
C ALA F 69 7.23 10.41 38.05
N VAL F 70 7.86 9.49 37.32
CA VAL F 70 7.71 9.45 35.88
C VAL F 70 6.27 9.10 35.52
N ASP F 71 5.78 9.69 34.43
CA ASP F 71 4.42 9.46 33.98
C ASP F 71 4.41 9.24 32.47
N ALA F 72 3.50 8.37 32.03
CA ALA F 72 3.39 8.09 30.59
C ALA F 72 2.96 9.31 29.79
N ASP F 73 2.39 10.32 30.46
CA ASP F 73 2.01 11.54 29.75
C ASP F 73 3.23 12.35 29.35
N GLY F 74 4.08 12.69 30.31
CA GLY F 74 5.18 13.59 30.10
C GLY F 74 4.87 15.04 30.37
N LYS F 75 3.63 15.35 30.74
CA LYS F 75 3.21 16.70 31.10
C LYS F 75 2.71 16.82 32.52
N THR F 76 2.21 15.75 33.12
CA THR F 76 1.62 15.81 34.45
C THR F 76 2.71 15.78 35.50
N GLY F 77 2.80 16.85 36.31
CA GLY F 77 3.64 16.88 37.47
C GLY F 77 2.85 16.70 38.74
N ASP F 78 3.51 16.97 39.87
CA ASP F 78 2.85 16.86 41.16
C ASP F 78 3.19 18.01 42.09
N GLY F 79 3.76 19.10 41.57
CA GLY F 79 4.05 20.25 42.38
C GLY F 79 5.50 20.70 42.26
N ALA F 80 5.70 22.01 42.09
CA ALA F 80 7.04 22.56 42.03
C ALA F 80 6.95 24.05 42.37
N GLY F 81 8.07 24.60 42.83
CA GLY F 81 8.05 26.01 43.16
C GLY F 81 9.38 26.65 43.48
N ILE F 82 9.43 27.98 43.33
CA ILE F 82 10.60 28.79 43.65
C ILE F 82 10.15 30.01 44.43
N HIS F 83 11.05 30.54 45.24
CA HIS F 83 10.78 31.63 46.17
C HIS F 83 11.98 32.54 46.16
N VAL F 84 11.78 33.78 45.69
CA VAL F 84 12.87 34.71 45.46
C VAL F 84 12.52 36.06 46.07
N ALA F 85 13.40 37.03 45.86
CA ALA F 85 13.15 38.39 46.32
C ALA F 85 12.38 39.17 45.27
N VAL F 86 11.88 40.33 45.67
CA VAL F 86 10.99 41.12 44.81
C VAL F 86 11.85 41.94 43.83
N PRO F 87 11.61 41.84 42.53
CA PRO F 87 12.35 42.68 41.57
C PRO F 87 11.77 44.08 41.46
N GLN F 88 12.23 44.98 42.34
CA GLN F 88 11.64 46.31 42.44
C GLN F 88 11.63 47.04 41.11
N LYS F 89 12.74 46.98 40.35
CA LYS F 89 12.82 47.76 39.12
C LYS F 89 11.82 47.29 38.09
N PHE F 90 11.56 45.98 38.03
CA PHE F 90 10.57 45.44 37.09
C PHE F 90 9.21 46.08 37.31
N PHE F 91 8.69 45.98 38.53
CA PHE F 91 7.34 46.50 38.79
C PHE F 91 7.32 48.02 38.78
N LYS F 92 8.44 48.67 39.14
CA LYS F 92 8.45 50.13 39.06
C LYS F 92 8.40 50.61 37.62
N ASP F 93 9.11 49.94 36.71
CA ASP F 93 8.99 50.29 35.30
C ASP F 93 7.61 49.95 34.76
N HIS F 94 7.00 48.87 35.24
CA HIS F 94 5.62 48.57 34.88
C HIS F 94 4.68 49.71 35.26
N VAL F 95 4.79 50.19 36.51
CA VAL F 95 3.93 51.27 36.98
C VAL F 95 4.20 52.54 36.18
N LYS F 96 5.48 52.85 35.94
CA LYS F 96 5.83 54.02 35.14
C LYS F 96 5.18 53.96 33.76
N VAL F 97 5.26 52.79 33.11
CA VAL F 97 4.66 52.65 31.79
C VAL F 97 3.15 52.79 31.87
N ILE F 98 2.54 52.28 32.95
CA ILE F 98 1.10 52.37 33.10
C ILE F 98 0.65 53.83 33.15
N GLY F 99 1.41 54.68 33.83
CA GLY F 99 1.12 56.09 33.83
C GLY F 99 1.15 56.78 35.18
N HIS F 100 1.54 56.06 36.22
CA HIS F 100 1.64 56.64 37.55
C HIS F 100 3.08 57.13 37.78
N ARG F 101 3.40 57.47 39.03
CA ARG F 101 4.73 57.89 39.43
C ARG F 101 5.32 56.83 40.34
N ALA F 102 6.56 56.44 40.07
CA ALA F 102 7.22 55.43 40.89
C ALA F 102 7.57 56.02 42.25
N PRO F 103 7.15 55.40 43.35
CA PRO F 103 7.44 55.96 44.67
C PRO F 103 8.91 55.77 45.04
N ASP F 104 9.25 56.26 46.23
CA ASP F 104 10.63 56.16 46.69
C ASP F 104 10.86 54.90 47.52
N ASN F 105 9.87 54.52 48.32
CA ASN F 105 9.98 53.34 49.16
C ASN F 105 9.85 52.07 48.32
N LYS F 106 9.95 50.93 48.99
CA LYS F 106 9.80 49.66 48.31
C LYS F 106 8.34 49.40 47.98
N LEU F 107 8.13 48.56 46.98
CA LEU F 107 6.79 48.16 46.56
C LEU F 107 6.33 46.93 47.33
N ALA F 108 5.04 46.65 47.24
CA ALA F 108 4.48 45.42 47.77
C ALA F 108 3.60 44.79 46.70
N VAL F 109 3.79 43.50 46.46
CA VAL F 109 3.06 42.80 45.41
C VAL F 109 2.53 41.50 46.00
N GLY F 110 1.28 41.19 45.69
CA GLY F 110 0.63 39.99 46.20
C GLY F 110 0.13 39.12 45.06
N GLN F 111 0.48 37.85 45.09
CA GLN F 111 0.08 36.89 44.07
C GLN F 111 -1.11 36.09 44.57
N VAL F 112 -2.19 36.07 43.79
CA VAL F 112 -3.43 35.45 44.21
C VAL F 112 -3.92 34.45 43.17
N PHE F 113 -4.57 33.40 43.67
CA PHE F 113 -5.28 32.40 42.87
C PHE F 113 -6.77 32.62 43.07
N LEU F 114 -7.46 33.05 42.02
CA LEU F 114 -8.90 33.24 42.01
C LEU F 114 -9.57 32.10 41.25
N PRO F 115 -10.86 31.86 41.52
CA PRO F 115 -11.58 30.84 40.75
C PRO F 115 -11.64 31.21 39.27
N ARG F 116 -11.91 30.20 38.45
CA ARG F 116 -11.86 30.35 37.01
C ARG F 116 -13.15 29.99 36.29
N ILE F 117 -14.06 29.24 36.94
CA ILE F 117 -15.22 28.73 36.22
C ILE F 117 -16.25 29.82 35.99
N SER F 118 -16.56 30.59 37.03
CA SER F 118 -17.62 31.59 36.94
C SER F 118 -17.01 32.99 37.03
N LEU F 119 -17.86 33.99 36.77
CA LEU F 119 -17.42 35.38 36.76
C LEU F 119 -17.89 36.17 37.97
N ASP F 120 -18.57 35.53 38.92
CA ASP F 120 -18.89 36.17 40.18
C ASP F 120 -17.77 36.01 41.20
N ALA F 121 -17.24 34.79 41.33
CA ALA F 121 -16.21 34.53 42.33
C ALA F 121 -15.01 35.46 42.14
N GLN F 122 -14.59 35.68 40.89
CA GLN F 122 -13.52 36.63 40.63
C GLN F 122 -13.89 38.02 41.13
N GLU F 123 -15.09 38.48 40.78
CA GLU F 123 -15.49 39.83 41.17
C GLU F 123 -15.69 39.94 42.68
N ALA F 124 -16.28 38.91 43.30
CA ALA F 124 -16.48 38.95 44.74
C ALA F 124 -15.15 38.97 45.48
N CYS F 125 -14.20 38.14 45.06
CA CYS F 125 -12.89 38.14 45.71
C CYS F 125 -12.16 39.45 45.50
N ARG F 126 -12.24 40.03 44.29
CA ARG F 126 -11.62 41.33 44.07
C ARG F 126 -12.22 42.39 44.97
N CYS F 127 -13.55 42.41 45.09
CA CYS F 127 -14.18 43.37 45.98
C CYS F 127 -13.74 43.18 47.42
N ILE F 128 -13.64 41.93 47.87
CA ILE F 128 -13.23 41.67 49.25
C ILE F 128 -11.81 42.18 49.47
N VAL F 129 -10.90 41.84 48.56
CA VAL F 129 -9.50 42.26 48.72
C VAL F 129 -9.39 43.77 48.73
N GLU F 130 -10.11 44.45 47.83
CA GLU F 130 -9.96 45.89 47.75
C GLU F 130 -10.62 46.61 48.93
N THR F 131 -11.73 46.09 49.44
CA THR F 131 -12.30 46.66 50.65
C THR F 131 -11.41 46.42 51.85
N GLU F 132 -10.64 45.33 51.86
CA GLU F 132 -9.89 45.02 53.06
C GLU F 132 -8.51 45.67 53.06
N ILE F 133 -7.97 45.98 51.89
CA ILE F 133 -6.69 46.69 51.84
C ILE F 133 -6.90 48.17 52.13
N LEU F 134 -7.95 48.77 51.55
CA LEU F 134 -8.18 50.20 51.72
C LEU F 134 -8.67 50.57 53.11
N ALA F 135 -9.05 49.59 53.93
CA ALA F 135 -9.47 49.89 55.30
C ALA F 135 -8.30 50.32 56.18
N PHE F 136 -7.07 50.11 55.73
CA PHE F 136 -5.88 50.52 56.48
C PHE F 136 -5.34 51.86 56.04
N GLY F 137 -5.51 52.22 54.76
CA GLY F 137 -5.04 53.49 54.24
C GLY F 137 -4.00 53.39 53.14
N TYR F 138 -3.64 52.20 52.69
CA TYR F 138 -2.61 52.08 51.66
C TYR F 138 -3.19 52.33 50.28
N TYR F 139 -2.30 52.59 49.32
CA TYR F 139 -2.68 52.97 47.97
C TYR F 139 -2.50 51.79 47.04
N ILE F 140 -3.54 51.48 46.28
CA ILE F 140 -3.52 50.36 45.33
C ILE F 140 -3.15 50.89 43.95
N TYR F 141 -2.10 50.32 43.37
CA TYR F 141 -1.67 50.75 42.05
C TYR F 141 -2.39 50.03 40.92
N GLY F 142 -2.81 48.80 41.14
CA GLY F 142 -3.61 48.10 40.15
C GLY F 142 -3.32 46.61 40.14
N TRP F 143 -4.07 45.92 39.28
CA TRP F 143 -3.93 44.49 39.09
C TRP F 143 -3.13 44.21 37.81
N ARG F 144 -2.56 43.02 37.74
CA ARG F 144 -1.80 42.58 36.59
C ARG F 144 -2.04 41.09 36.39
N GLN F 145 -2.21 40.68 35.14
CA GLN F 145 -2.44 39.28 34.80
C GLN F 145 -1.11 38.65 34.37
N VAL F 146 -0.68 37.63 35.11
CA VAL F 146 0.62 37.01 34.86
C VAL F 146 0.58 36.27 33.53
N PRO F 147 1.55 36.47 32.63
CA PRO F 147 1.58 35.70 31.38
C PRO F 147 1.96 34.26 31.65
N ILE F 148 1.17 33.33 31.12
CA ILE F 148 1.38 31.90 31.31
C ILE F 148 1.29 31.20 29.96
N ASN F 149 1.54 29.90 29.97
CA ASN F 149 1.49 29.09 28.75
C ASN F 149 0.97 27.72 29.14
N VAL F 150 -0.26 27.40 28.75
CA VAL F 150 -0.92 26.20 29.22
C VAL F 150 -0.60 25.03 28.29
N ASP F 151 0.37 25.24 27.39
CA ASP F 151 0.74 24.18 26.46
C ASP F 151 1.48 23.03 27.13
N ILE F 152 2.08 23.26 28.29
CA ILE F 152 2.90 22.24 28.94
C ILE F 152 2.17 21.46 30.02
N ILE F 153 1.03 21.94 30.50
CA ILE F 153 0.32 21.27 31.57
C ILE F 153 -0.48 20.11 31.01
N GLY F 154 -0.56 19.03 31.80
CA GLY F 154 -1.37 17.88 31.43
C GLY F 154 -2.85 18.19 31.54
N GLU F 155 -3.66 17.11 31.55
CA GLU F 155 -5.10 17.29 31.62
C GLU F 155 -5.58 17.46 33.07
N LYS F 156 -5.42 16.43 33.89
CA LYS F 156 -5.90 16.49 35.26
C LYS F 156 -5.28 17.64 36.04
N ALA F 157 -4.11 18.10 35.62
CA ALA F 157 -3.53 19.30 36.23
C ALA F 157 -4.06 20.58 35.62
N ASN F 158 -4.96 20.48 34.63
CA ASN F 158 -5.55 21.65 33.98
C ASN F 158 -7.02 21.86 34.32
N ALA F 159 -7.72 20.81 34.74
CA ALA F 159 -9.13 20.96 35.09
C ALA F 159 -9.33 21.75 36.37
N THR F 160 -8.29 21.87 37.20
CA THR F 160 -8.35 22.63 38.43
C THR F 160 -7.39 23.81 38.42
N ARG F 161 -6.99 24.27 37.26
CA ARG F 161 -6.07 25.40 37.17
C ARG F 161 -6.78 26.69 37.58
N PRO F 162 -6.25 27.43 38.55
CA PRO F 162 -6.88 28.67 38.96
C PRO F 162 -6.39 29.85 38.12
N GLU F 163 -7.07 30.97 38.28
CA GLU F 163 -6.69 32.21 37.61
C GLU F 163 -5.64 32.92 38.45
N ILE F 164 -4.45 33.10 37.90
CA ILE F 164 -3.34 33.70 38.62
C ILE F 164 -3.32 35.19 38.33
N GLU F 165 -3.24 36.00 39.39
CA GLU F 165 -3.18 37.44 39.23
C GLU F 165 -2.23 38.03 40.27
N GLN F 166 -1.87 39.29 40.06
CA GLN F 166 -1.02 40.01 40.99
C GLN F 166 -1.64 41.37 41.30
N ILE F 167 -1.53 41.80 42.54
CA ILE F 167 -2.02 43.10 42.98
C ILE F 167 -0.83 43.91 43.49
N ILE F 168 -0.74 45.16 43.05
CA ILE F 168 0.40 46.01 43.38
C ILE F 168 -0.06 47.09 44.34
N VAL F 169 0.43 47.03 45.58
CA VAL F 169 0.11 48.01 46.61
C VAL F 169 1.39 48.72 47.02
N GLY F 170 1.31 50.03 47.18
CA GLY F 170 2.44 50.84 47.59
C GLY F 170 2.16 51.52 48.92
N ASN F 171 3.24 51.81 49.66
CA ASN F 171 3.14 52.42 50.98
C ASN F 171 3.25 53.94 50.81
N ASN F 172 2.18 54.66 51.14
CA ASN F 172 2.19 56.10 51.06
C ASN F 172 2.21 56.79 52.42
N LYS F 173 1.88 56.07 53.49
CA LYS F 173 1.91 56.66 54.83
C LYS F 173 3.33 56.87 55.35
N GLY F 174 4.35 56.42 54.61
CA GLY F 174 5.72 56.62 55.04
C GLY F 174 6.13 55.78 56.23
N VAL F 175 5.39 54.72 56.55
CA VAL F 175 5.75 53.87 57.68
C VAL F 175 7.03 53.09 57.36
N SER F 176 7.64 52.56 58.42
CA SER F 176 8.84 51.75 58.28
C SER F 176 8.51 50.42 57.62
N ASP F 177 9.55 49.71 57.17
CA ASP F 177 9.36 48.36 56.65
C ASP F 177 8.76 47.42 57.69
N GLU F 178 9.10 47.63 58.96
CA GLU F 178 8.72 46.66 59.98
C GLU F 178 7.20 46.67 60.19
N GLN F 179 6.65 47.84 60.48
CA GLN F 179 5.21 47.98 60.61
C GLN F 179 4.52 47.62 59.30
N PHE F 180 5.15 47.94 58.16
CA PHE F 180 4.53 47.64 56.87
C PHE F 180 4.33 46.14 56.70
N GLU F 181 5.38 45.36 56.95
CA GLU F 181 5.25 43.91 56.90
C GLU F 181 4.19 43.42 57.88
N LEU F 182 4.12 44.04 59.06
CA LEU F 182 3.15 43.61 60.07
C LEU F 182 1.72 43.79 59.58
N ASP F 183 1.36 45.00 59.13
CA ASP F 183 0.04 45.22 58.56
C ASP F 183 -0.21 44.36 57.35
N LEU F 184 0.79 44.10 56.50
CA LEU F 184 0.53 43.21 55.37
C LEU F 184 0.12 41.81 55.84
N TYR F 185 0.81 41.27 56.85
CA TYR F 185 0.40 39.97 57.38
C TYR F 185 -1.01 40.02 57.95
N ILE F 186 -1.32 41.07 58.72
CA ILE F 186 -2.65 41.17 59.31
C ILE F 186 -3.72 41.26 58.24
N ILE F 187 -3.44 42.00 57.17
CA ILE F 187 -4.39 42.15 56.07
C ILE F 187 -4.60 40.81 55.37
N ARG F 188 -3.52 40.04 55.18
CA ARG F 188 -3.66 38.73 54.56
C ARG F 188 -4.58 37.84 55.41
N ARG F 189 -4.36 37.82 56.72
CA ARG F 189 -5.18 36.97 57.58
C ARG F 189 -6.64 37.40 57.54
N ARG F 190 -6.89 38.72 57.60
CA ARG F 190 -8.27 39.19 57.57
C ARG F 190 -8.94 38.86 56.25
N ILE F 191 -8.22 38.99 55.14
CA ILE F 191 -8.79 38.64 53.84
C ILE F 191 -9.14 37.17 53.79
N GLU F 192 -8.25 36.32 54.30
CA GLU F 192 -8.53 34.88 54.33
C GLU F 192 -9.81 34.60 55.11
N LYS F 193 -9.92 35.17 56.30
CA LYS F 193 -11.12 34.92 57.11
C LYS F 193 -12.38 35.43 56.42
N ALA F 194 -12.32 36.63 55.84
CA ALA F 194 -13.51 37.19 55.22
C ALA F 194 -13.95 36.38 54.01
N VAL F 195 -12.99 35.90 53.20
CA VAL F 195 -13.35 35.09 52.05
C VAL F 195 -13.91 33.75 52.49
N LYS F 196 -13.31 33.14 53.51
CA LYS F 196 -13.86 31.90 54.05
C LYS F 196 -15.25 32.11 54.62
N GLY F 197 -15.58 33.34 55.02
CA GLY F 197 -16.91 33.61 55.54
C GLY F 197 -18.01 33.24 54.58
N GLU F 198 -17.77 33.50 53.29
CA GLU F 198 -18.81 33.36 52.30
C GLU F 198 -18.73 32.02 51.59
N GLN F 199 -17.87 31.13 52.08
CA GLN F 199 -17.69 29.80 51.58
C GLN F 199 -17.34 29.78 50.09
N ILE F 200 -16.50 30.71 49.67
CA ILE F 200 -16.02 30.78 48.30
C ILE F 200 -14.85 29.81 48.15
N ASN F 201 -14.94 28.94 47.15
CA ASN F 201 -13.98 27.86 46.98
C ASN F 201 -12.88 28.23 46.00
N ASP F 202 -11.72 27.59 46.16
CA ASP F 202 -10.57 27.76 45.28
C ASP F 202 -10.09 29.20 45.25
N PHE F 203 -9.78 29.73 46.43
CA PHE F 203 -9.18 31.05 46.58
C PHE F 203 -7.93 30.91 47.43
N TYR F 204 -6.83 31.52 46.98
CA TYR F 204 -5.57 31.34 47.69
C TYR F 204 -4.70 32.57 47.51
N ILE F 205 -3.80 32.79 48.45
CA ILE F 205 -2.85 33.90 48.39
C ILE F 205 -1.45 33.32 48.56
N CYS F 206 -0.68 33.28 47.48
CA CYS F 206 0.63 32.66 47.51
C CYS F 206 1.69 33.53 48.18
N SER F 207 1.45 34.83 48.29
CA SER F 207 2.34 35.74 49.00
C SER F 207 1.70 37.11 49.03
N LEU F 208 2.00 37.86 50.09
CA LEU F 208 1.66 39.29 50.13
C LEU F 208 2.69 39.96 51.03
N SER F 209 3.73 40.51 50.43
CA SER F 209 4.83 41.09 51.19
C SER F 209 5.60 42.05 50.29
N ALA F 210 6.45 42.85 50.92
CA ALA F 210 7.29 43.81 50.23
C ALA F 210 8.71 43.32 50.03
N ARG F 211 8.98 42.08 50.42
CA ARG F 211 10.34 41.53 50.39
C ARG F 211 10.52 40.38 49.43
N SER F 212 9.58 39.44 49.37
CA SER F 212 9.78 38.21 48.62
C SER F 212 8.52 37.86 47.84
N ILE F 213 8.71 37.03 46.82
CA ILE F 213 7.64 36.55 45.94
C ILE F 213 7.83 35.06 45.72
N ILE F 214 6.75 34.40 45.33
CA ILE F 214 6.71 32.94 45.20
C ILE F 214 6.06 32.59 43.87
N TYR F 215 6.75 31.81 43.05
CA TYR F 215 6.21 31.28 41.81
C TYR F 215 6.13 29.76 41.93
N LYS F 216 4.92 29.23 42.02
CA LYS F 216 4.73 27.80 42.23
C LYS F 216 3.56 27.31 41.39
N GLY F 217 3.53 26.00 41.19
CA GLY F 217 2.44 25.42 40.40
C GLY F 217 2.51 23.91 40.39
N MET F 218 1.73 23.33 39.48
CA MET F 218 1.56 21.89 39.36
C MET F 218 2.13 21.37 38.04
N PHE F 219 3.29 21.87 37.65
CA PHE F 219 3.97 21.46 36.43
C PHE F 219 5.22 20.66 36.78
N LEU F 220 5.92 20.19 35.76
CA LEU F 220 7.17 19.50 35.99
C LEU F 220 8.24 20.49 36.46
N ALA F 221 9.32 19.94 37.01
CA ALA F 221 10.38 20.79 37.55
C ALA F 221 11.10 21.55 36.44
N GLU F 222 11.43 20.87 35.34
CA GLU F 222 12.19 21.51 34.28
C GLU F 222 11.36 22.49 33.48
N GLN F 223 10.04 22.40 33.54
CA GLN F 223 9.16 23.26 32.76
C GLN F 223 8.69 24.47 33.55
N LEU F 224 9.43 24.88 34.59
CA LEU F 224 9.00 26.03 35.38
C LEU F 224 9.21 27.33 34.63
N THR F 225 10.35 27.46 33.96
CA THR F 225 10.65 28.68 33.22
C THR F 225 9.86 28.79 31.92
N THR F 226 9.18 27.73 31.50
CA THR F 226 8.34 27.79 30.32
C THR F 226 6.92 28.22 30.65
N PHE F 227 6.39 27.77 31.78
CA PHE F 227 5.07 28.20 32.21
C PHE F 227 5.09 29.66 32.65
N TYR F 228 6.16 30.08 33.34
CA TYR F 228 6.30 31.44 33.83
C TYR F 228 7.44 32.12 33.08
N PRO F 229 7.18 32.73 31.93
CA PRO F 229 8.27 33.40 31.20
C PRO F 229 8.81 34.63 31.90
N ASP F 230 8.12 35.14 32.92
CA ASP F 230 8.58 36.31 33.65
C ASP F 230 9.99 36.10 34.22
N LEU F 231 10.26 34.88 34.71
CA LEU F 231 11.56 34.58 35.28
C LEU F 231 12.68 34.59 34.25
N LEU F 232 12.35 34.60 32.96
CA LEU F 232 13.37 34.70 31.92
C LEU F 232 13.84 36.13 31.68
N ASP F 233 13.30 37.09 32.41
CA ASP F 233 13.67 38.48 32.20
C ASP F 233 15.08 38.75 32.71
N GLU F 234 15.61 39.91 32.35
CA GLU F 234 16.94 40.32 32.76
C GLU F 234 16.94 41.08 34.08
N ARG F 235 15.79 41.58 34.52
CA ARG F 235 15.69 42.39 35.73
C ARG F 235 15.35 41.60 36.97
N PHE F 236 15.16 40.28 36.85
CA PHE F 236 14.87 39.43 38.01
C PHE F 236 16.19 39.02 38.65
N GLU F 237 16.75 39.95 39.44
CA GLU F 237 17.95 39.68 40.22
C GLU F 237 17.59 39.64 41.70
N SER F 238 18.27 38.76 42.44
CA SER F 238 17.98 38.57 43.86
C SER F 238 19.28 38.27 44.60
N ASP F 239 19.16 38.18 45.91
CA ASP F 239 20.27 37.82 46.78
C ASP F 239 20.06 36.50 47.49
N PHE F 240 18.92 35.84 47.26
CA PHE F 240 18.67 34.52 47.82
C PHE F 240 17.58 33.87 47.00
N ALA F 241 17.54 32.54 47.04
CA ALA F 241 16.53 31.79 46.31
C ALA F 241 16.32 30.45 46.97
N ILE F 242 15.07 30.03 47.08
CA ILE F 242 14.71 28.71 47.59
C ILE F 242 13.89 28.00 46.53
N TYR F 243 14.10 26.70 46.37
CA TYR F 243 13.34 25.94 45.39
C TYR F 243 12.97 24.59 45.98
N HIS F 244 11.83 24.08 45.54
CA HIS F 244 11.31 22.83 46.08
C HIS F 244 10.52 22.07 45.03
N GLN F 245 10.62 20.74 45.08
CA GLN F 245 9.78 19.86 44.29
C GLN F 245 9.35 18.69 45.16
N ARG F 246 8.09 18.28 45.02
CA ARG F 246 7.52 17.28 45.91
C ARG F 246 7.19 16.01 45.14
N TYR F 247 6.75 15.00 45.89
CA TYR F 247 6.44 13.67 45.35
C TYR F 247 5.18 13.20 46.06
N SER F 248 4.02 13.46 45.48
CA SER F 248 2.75 13.17 46.11
C SER F 248 2.36 11.72 45.91
N THR F 249 1.55 11.21 46.84
CA THR F 249 1.17 9.80 46.84
C THR F 249 -0.08 9.51 46.01
N ASN F 250 -0.90 10.53 45.73
CA ASN F 250 -2.11 10.35 44.95
C ASN F 250 -1.96 11.06 43.60
N THR F 251 -2.98 10.94 42.76
CA THR F 251 -2.97 11.52 41.43
C THR F 251 -4.11 12.50 41.23
N PHE F 252 -4.37 13.33 42.25
CA PHE F 252 -5.33 14.43 42.14
C PHE F 252 -4.64 15.70 42.62
N PRO F 253 -4.13 16.52 41.72
CA PRO F 253 -3.34 17.69 42.13
C PRO F 253 -4.23 18.84 42.57
N THR F 254 -3.79 19.52 43.62
CA THR F 254 -4.46 20.71 44.13
C THR F 254 -3.44 21.83 44.18
N TRP F 255 -3.66 22.88 43.40
CA TRP F 255 -2.65 23.93 43.23
C TRP F 255 -2.26 24.62 44.53
N PRO F 256 -3.16 24.93 45.47
CA PRO F 256 -2.72 25.59 46.70
C PRO F 256 -1.90 24.71 47.64
N LEU F 257 -1.56 23.51 47.20
CA LEU F 257 -0.80 22.58 48.04
C LEU F 257 0.64 22.40 47.57
N ALA F 258 1.15 23.28 46.74
CA ALA F 258 2.50 23.19 46.23
C ALA F 258 3.43 24.08 47.05
N GLN F 259 4.59 23.55 47.41
CA GLN F 259 5.61 24.30 48.13
C GLN F 259 6.51 25.03 47.15
N PRO F 260 7.36 25.96 47.61
CA PRO F 260 7.64 26.43 48.98
C PRO F 260 6.51 27.25 49.56
N PHE F 261 6.45 27.34 50.88
CA PHE F 261 5.50 28.22 51.52
C PHE F 261 6.14 29.54 51.91
N ARG F 262 5.31 30.41 52.46
CA ARG F 262 5.68 31.75 52.89
C ARG F 262 6.51 31.65 54.17
N MET F 263 7.82 31.80 54.01
CA MET F 263 8.80 31.70 55.11
C MET F 263 8.95 30.26 55.60
N LEU F 264 8.93 29.30 54.66
CA LEU F 264 9.23 27.91 54.98
C LEU F 264 9.32 27.06 53.72
N ALA F 265 10.14 26.01 53.77
CA ALA F 265 10.18 24.99 52.75
C ALA F 265 10.61 23.69 53.42
N HIS F 266 9.85 22.61 53.16
CA HIS F 266 9.98 21.39 53.94
C HIS F 266 10.19 20.20 53.02
N ASN F 267 11.16 19.36 53.35
CA ASN F 267 11.28 18.04 52.75
C ASN F 267 11.15 16.99 53.84
N GLY F 268 10.44 15.92 53.53
CA GLY F 268 10.17 14.87 54.49
C GLY F 268 8.71 14.75 54.81
N GLU F 269 8.43 14.38 56.06
CA GLU F 269 7.06 14.09 56.48
C GLU F 269 7.01 14.16 58.00
N ILE F 270 6.07 14.93 58.52
CA ILE F 270 5.99 15.16 59.96
C ILE F 270 5.11 14.08 60.58
N ASN F 271 5.56 13.53 61.72
CA ASN F 271 4.82 12.46 62.39
C ASN F 271 3.67 13.01 63.21
N THR F 272 3.95 13.93 64.14
CA THR F 272 3.00 14.36 65.14
C THR F 272 2.33 15.65 64.68
N VAL F 273 1.17 15.50 64.03
CA VAL F 273 0.32 16.64 63.72
C VAL F 273 -1.06 16.53 64.33
N LYS F 274 -1.55 15.32 64.60
CA LYS F 274 -2.82 15.17 65.29
C LYS F 274 -2.73 15.52 66.76
N GLY F 275 -1.52 15.67 67.29
CA GLY F 275 -1.32 16.05 68.67
C GLY F 275 -0.86 17.49 68.82
N ASN F 276 -0.09 17.98 67.85
CA ASN F 276 0.37 19.35 67.91
C ASN F 276 -0.75 20.33 67.65
N VAL F 277 -1.68 19.97 66.76
CA VAL F 277 -2.83 20.83 66.51
C VAL F 277 -3.70 20.93 67.75
N ASN F 278 -3.89 19.81 68.44
CA ASN F 278 -4.70 19.82 69.66
C ASN F 278 -4.07 20.69 70.74
N TRP F 279 -2.74 20.70 70.81
CA TRP F 279 -2.09 21.54 71.82
C TRP F 279 -2.07 23.00 71.41
N MET F 280 -2.02 23.28 70.10
CA MET F 280 -2.19 24.66 69.66
C MET F 280 -3.58 25.16 69.97
N LYS F 281 -4.59 24.28 69.91
CA LYS F 281 -5.95 24.66 70.27
C LYS F 281 -6.07 25.09 71.72
N ALA F 282 -5.15 24.65 72.58
CA ALA F 282 -5.13 25.12 73.96
C ALA F 282 -4.19 26.29 74.16
N HIS F 283 -3.13 26.38 73.37
CA HIS F 283 -2.20 27.50 73.49
C HIS F 283 -2.83 28.80 72.98
N GLU F 284 -3.78 28.71 72.04
CA GLU F 284 -4.33 29.91 71.46
C GLU F 284 -5.09 30.76 72.48
N THR F 285 -5.67 30.13 73.50
CA THR F 285 -6.58 30.83 74.39
C THR F 285 -5.88 31.73 75.40
N ARG F 286 -4.55 31.80 75.41
CA ARG F 286 -3.85 32.67 76.35
C ARG F 286 -2.81 33.56 75.70
N MET F 287 -2.49 33.37 74.43
CA MET F 287 -1.39 34.08 73.80
C MET F 287 -1.84 35.46 73.37
N GLU F 288 -0.93 36.43 73.49
CA GLU F 288 -1.16 37.81 73.10
C GLU F 288 0.20 38.51 73.04
N HIS F 289 0.28 39.54 72.21
CA HIS F 289 1.51 40.30 72.12
C HIS F 289 1.17 41.75 71.77
N PRO F 290 1.84 42.72 72.39
CA PRO F 290 1.51 44.13 72.11
C PRO F 290 1.86 44.58 70.71
N ALA F 291 2.61 43.79 69.94
CA ALA F 291 2.93 44.18 68.57
C ALA F 291 1.68 44.13 67.70
N PHE F 292 0.81 43.16 67.93
CA PHE F 292 -0.41 43.05 67.14
C PHE F 292 -1.48 44.03 67.63
N GLY F 293 -1.79 44.00 68.92
CA GLY F 293 -2.81 44.86 69.48
C GLY F 293 -4.18 44.23 69.44
N THR F 294 -5.22 45.07 69.32
CA THR F 294 -6.58 44.54 69.20
C THR F 294 -6.69 43.54 68.06
N HIS F 295 -5.97 43.79 66.96
CA HIS F 295 -6.01 42.90 65.82
C HIS F 295 -5.66 41.47 66.17
N MET F 296 -5.00 41.22 67.31
CA MET F 296 -4.78 39.84 67.76
C MET F 296 -6.04 38.99 67.57
N GLN F 297 -7.21 39.62 67.66
CA GLN F 297 -8.46 38.87 67.67
C GLN F 297 -8.67 38.06 66.39
N ASP F 298 -8.16 38.49 65.24
CA ASP F 298 -8.51 37.70 64.05
C ASP F 298 -7.46 36.63 63.78
N LEU F 299 -6.53 36.41 64.71
CA LEU F 299 -5.54 35.36 64.57
C LEU F 299 -5.74 34.25 65.59
N LYS F 300 -6.96 34.14 66.14
CA LYS F 300 -7.19 33.15 67.19
C LYS F 300 -7.19 31.74 66.64
N PRO F 301 -7.96 31.40 65.58
CA PRO F 301 -7.77 30.06 64.99
C PRO F 301 -6.61 30.07 64.00
N VAL F 302 -5.38 29.94 64.54
CA VAL F 302 -4.19 30.15 63.73
C VAL F 302 -4.05 29.04 62.69
N ILE F 303 -4.40 27.81 63.04
CA ILE F 303 -4.29 26.68 62.13
C ILE F 303 -5.69 26.45 61.55
N GLY F 304 -5.88 26.90 60.31
CA GLY F 304 -7.17 26.79 59.66
C GLY F 304 -7.49 25.38 59.18
N VAL F 305 -8.36 25.28 58.19
CA VAL F 305 -8.78 24.01 57.63
C VAL F 305 -8.22 23.89 56.21
N GLY F 306 -8.03 22.66 55.77
CA GLY F 306 -7.55 22.43 54.41
C GLY F 306 -6.05 22.56 54.25
N LEU F 307 -5.29 22.25 55.29
CA LEU F 307 -3.84 22.34 55.24
C LEU F 307 -3.22 20.99 55.55
N SER F 308 -1.99 20.80 55.08
CA SER F 308 -1.22 19.61 55.39
C SER F 308 -0.36 19.90 56.62
N ASP F 309 0.59 18.99 56.91
CA ASP F 309 1.51 19.24 58.01
C ASP F 309 2.45 20.40 57.69
N SER F 310 2.99 20.43 56.48
CA SER F 310 3.86 21.51 56.06
C SER F 310 3.16 22.85 55.98
N GLY F 311 1.83 22.87 56.04
CA GLY F 311 1.10 24.12 56.07
C GLY F 311 0.91 24.61 57.48
N SER F 312 0.53 23.71 58.38
CA SER F 312 0.34 24.09 59.78
C SER F 312 1.67 24.50 60.42
N LEU F 313 2.72 23.72 60.18
CA LEU F 313 4.04 24.10 60.68
C LEU F 313 4.43 25.47 60.16
N ASP F 314 4.17 25.73 58.89
CA ASP F 314 4.52 27.02 58.30
C ASP F 314 3.73 28.15 58.94
N THR F 315 2.44 27.93 59.21
CA THR F 315 1.62 28.96 59.84
C THR F 315 2.12 29.29 61.23
N VAL F 316 2.39 28.26 62.03
CA VAL F 316 2.91 28.51 63.38
C VAL F 316 4.24 29.23 63.32
N PHE F 317 5.12 28.81 62.40
CA PHE F 317 6.43 29.43 62.27
C PHE F 317 6.29 30.91 61.91
N GLU F 318 5.42 31.22 60.97
CA GLU F 318 5.24 32.62 60.55
C GLU F 318 4.68 33.46 61.67
N VAL F 319 3.71 32.93 62.41
CA VAL F 319 3.15 33.68 63.53
C VAL F 319 4.21 33.95 64.58
N MET F 320 5.03 32.95 64.89
CA MET F 320 6.04 33.14 65.93
C MET F 320 7.16 34.08 65.46
N VAL F 321 7.44 34.12 64.15
CA VAL F 321 8.46 35.03 63.66
C VAL F 321 7.94 36.47 63.66
N ARG F 322 6.71 36.68 63.21
CA ARG F 322 6.18 38.03 63.07
C ARG F 322 5.96 38.73 64.40
N ALA F 323 6.31 38.10 65.53
CA ALA F 323 6.06 38.68 66.84
C ALA F 323 7.33 39.05 67.58
N GLY F 324 8.49 39.00 66.93
CA GLY F 324 9.70 39.47 67.55
C GLY F 324 10.90 38.56 67.44
N ARG F 325 10.67 37.24 67.42
CA ARG F 325 11.78 36.31 67.38
C ARG F 325 12.39 36.27 65.99
N THR F 326 13.55 35.62 65.90
CA THR F 326 14.27 35.45 64.64
C THR F 326 14.17 34.01 64.19
N ALA F 327 14.43 33.81 62.89
CA ALA F 327 14.32 32.46 62.31
C ALA F 327 15.14 31.40 63.05
N PRO F 328 16.41 31.64 63.41
CA PRO F 328 17.12 30.60 64.18
C PRO F 328 16.45 30.28 65.51
N MET F 329 15.97 31.31 66.23
CA MET F 329 15.34 31.07 67.51
C MET F 329 14.06 30.26 67.36
N VAL F 330 13.24 30.58 66.36
CA VAL F 330 12.01 29.82 66.17
C VAL F 330 12.32 28.39 65.74
N LYS F 331 13.34 28.21 64.89
CA LYS F 331 13.70 26.86 64.48
C LYS F 331 14.17 26.05 65.67
N MET F 332 14.88 26.69 66.60
CA MET F 332 15.30 25.98 67.82
C MET F 332 14.14 25.71 68.74
N MET F 333 13.14 26.59 68.75
CA MET F 333 12.01 26.41 69.67
C MET F 333 11.02 25.37 69.17
N LEU F 334 10.90 25.19 67.86
CA LEU F 334 9.93 24.24 67.33
C LEU F 334 10.56 22.87 67.09
N VAL F 335 11.71 22.83 66.43
CA VAL F 335 12.42 21.58 66.18
C VAL F 335 13.74 21.63 66.95
N PRO F 336 13.75 21.26 68.22
CA PRO F 336 14.94 21.43 69.05
C PRO F 336 15.97 20.34 68.78
N GLN F 337 17.14 20.53 69.36
CA GLN F 337 18.16 19.50 69.38
C GLN F 337 17.83 18.44 70.42
N ALA F 338 18.46 17.28 70.28
CA ALA F 338 18.31 16.21 71.26
C ALA F 338 19.11 16.57 72.50
N LEU F 339 18.44 16.74 73.63
CA LEU F 339 19.11 17.09 74.87
C LEU F 339 19.74 15.83 75.45
N THR F 340 21.03 15.63 75.20
CA THR F 340 21.75 14.47 75.71
C THR F 340 22.62 14.86 76.90
N SER F 341 22.73 13.93 77.85
CA SER F 341 23.42 14.20 79.10
C SER F 341 24.90 13.80 79.06
N SER F 342 25.65 14.37 78.13
CA SER F 342 27.07 14.12 78.03
C SER F 342 27.83 15.45 78.05
N GLN F 343 29.13 15.35 78.27
CA GLN F 343 29.98 16.53 78.45
C GLN F 343 30.56 17.05 77.15
N THR F 344 29.90 16.80 76.02
CA THR F 344 30.40 17.21 74.71
C THR F 344 29.83 18.53 74.22
N THR F 345 29.03 19.22 75.02
CA THR F 345 28.59 20.56 74.67
C THR F 345 28.80 21.49 75.84
N PRO F 346 29.06 22.77 75.59
CA PRO F 346 29.06 23.74 76.69
C PRO F 346 27.69 23.81 77.33
N ASP F 347 27.68 24.04 78.64
CA ASP F 347 26.43 24.06 79.40
C ASP F 347 25.48 25.17 78.92
N ASN F 348 25.99 26.17 78.20
CA ASN F 348 25.13 27.21 77.66
C ASN F 348 24.07 26.61 76.74
N HIS F 349 24.51 25.79 75.78
CA HIS F 349 23.57 25.15 74.88
C HIS F 349 22.61 24.24 75.63
N LYS F 350 23.07 23.59 76.70
CA LYS F 350 22.18 22.75 77.48
C LYS F 350 21.07 23.56 78.13
N ALA F 351 21.42 24.70 78.73
CA ALA F 351 20.40 25.55 79.33
C ALA F 351 19.43 26.09 78.28
N LEU F 352 19.96 26.49 77.12
CA LEU F 352 19.10 26.99 76.05
C LEU F 352 18.13 25.92 75.58
N ILE F 353 18.61 24.69 75.39
CA ILE F 353 17.75 23.60 74.94
C ILE F 353 16.72 23.26 76.01
N GLN F 354 17.12 23.33 77.29
CA GLN F 354 16.16 23.11 78.37
C GLN F 354 15.03 24.11 78.30
N TYR F 355 15.37 25.40 78.15
CA TYR F 355 14.35 26.43 78.05
C TYR F 355 13.43 26.18 76.85
N CYS F 356 14.02 25.90 75.69
CA CYS F 356 13.24 25.71 74.47
C CYS F 356 12.30 24.52 74.60
N ASN F 357 12.80 23.40 75.14
CA ASN F 357 11.95 22.23 75.31
C ASN F 357 10.90 22.45 76.39
N SER F 358 11.17 23.35 77.33
CA SER F 358 10.20 23.61 78.38
C SER F 358 9.06 24.50 77.90
N VAL F 359 9.34 25.40 76.95
CA VAL F 359 8.30 26.36 76.58
C VAL F 359 7.33 25.78 75.55
N MET F 360 7.75 24.84 74.71
CA MET F 360 6.93 24.38 73.60
C MET F 360 7.14 22.89 73.36
N GLU F 361 6.12 22.26 72.73
CA GLU F 361 6.17 20.86 72.30
C GLU F 361 6.93 20.75 70.99
N PRO F 362 7.83 19.78 70.84
CA PRO F 362 8.54 19.63 69.57
C PRO F 362 7.62 19.13 68.46
N TRP F 363 8.07 19.35 67.23
CA TRP F 363 7.39 18.86 66.03
C TRP F 363 8.31 17.82 65.39
N ASP F 364 8.12 16.57 65.78
CA ASP F 364 9.03 15.49 65.39
C ASP F 364 8.85 15.12 63.93
N GLY F 365 9.58 14.09 63.50
CA GLY F 365 9.47 13.57 62.16
C GLY F 365 10.66 13.94 61.28
N PRO F 366 10.88 13.15 60.23
CA PRO F 366 11.95 13.48 59.27
C PRO F 366 11.65 14.81 58.58
N ALA F 367 12.57 15.76 58.74
CA ALA F 367 12.35 17.10 58.26
C ALA F 367 13.68 17.74 57.89
N ALA F 368 13.84 18.07 56.62
CA ALA F 368 14.92 18.92 56.14
C ALA F 368 14.31 20.27 55.77
N LEU F 369 14.70 21.31 56.50
CA LEU F 369 14.05 22.60 56.39
C LEU F 369 14.99 23.62 55.76
N ALA F 370 14.44 24.49 54.92
CA ALA F 370 15.18 25.60 54.32
C ALA F 370 14.25 26.82 54.40
N MET F 371 14.37 27.58 55.47
CA MET F 371 13.46 28.67 55.75
C MET F 371 14.18 30.01 55.66
N THR F 372 13.39 31.07 55.61
CA THR F 372 13.95 32.41 55.46
C THR F 372 13.07 33.43 56.17
N ASP F 373 13.67 34.20 57.06
CA ASP F 373 13.06 35.41 57.58
C ASP F 373 13.26 36.54 56.58
N GLY F 374 12.80 37.74 56.94
CA GLY F 374 13.11 38.89 56.12
C GLY F 374 14.59 39.25 56.11
N ARG F 375 15.34 38.75 57.09
CA ARG F 375 16.76 39.04 57.21
C ARG F 375 17.63 37.80 57.14
N TRP F 376 17.29 36.76 57.90
CA TRP F 376 18.09 35.55 57.96
C TRP F 376 17.68 34.55 56.89
N VAL F 377 18.59 33.63 56.58
CA VAL F 377 18.31 32.47 55.73
C VAL F 377 18.90 31.26 56.42
N VAL F 378 18.05 30.32 56.84
CA VAL F 378 18.47 29.21 57.68
C VAL F 378 18.21 27.89 56.95
N GLY F 379 19.14 26.96 57.08
CA GLY F 379 18.94 25.59 56.63
C GLY F 379 19.20 24.63 57.78
N GLY F 380 18.22 23.78 58.11
CA GLY F 380 18.29 23.00 59.32
C GLY F 380 17.77 21.58 59.12
N MET F 381 18.03 20.76 60.14
CA MET F 381 17.70 19.35 60.15
C MET F 381 16.97 19.03 61.44
N ASP F 382 16.32 17.87 61.48
CA ASP F 382 15.52 17.45 62.61
C ASP F 382 16.40 16.81 63.68
N ARG F 383 15.77 16.14 64.65
CA ARG F 383 16.49 15.57 65.78
C ARG F 383 17.35 14.38 65.35
N ASN F 384 16.76 13.45 64.60
CA ASN F 384 17.45 12.23 64.23
C ASN F 384 18.35 12.39 63.01
N GLY F 385 18.13 13.42 62.19
CA GLY F 385 18.93 13.61 61.00
C GLY F 385 18.74 12.49 59.99
N LEU F 386 17.54 12.39 59.45
CA LEU F 386 17.21 11.31 58.52
C LEU F 386 17.44 11.72 57.06
N ARG F 387 16.87 12.83 56.64
CA ARG F 387 17.09 13.32 55.29
C ARG F 387 18.50 13.87 55.15
N PRO F 388 19.04 13.90 53.94
CA PRO F 388 20.38 14.46 53.73
C PRO F 388 20.34 15.93 53.34
N MET F 389 21.41 16.63 53.70
CA MET F 389 21.55 18.04 53.35
C MET F 389 23.03 18.36 53.22
N ARG F 390 23.44 18.81 52.03
CA ARG F 390 24.84 19.08 51.71
C ARG F 390 24.95 20.47 51.10
N TYR F 391 26.00 21.19 51.48
CA TYR F 391 26.20 22.56 51.04
C TYR F 391 27.62 22.75 50.51
N THR F 392 27.87 23.95 49.99
CA THR F 392 29.13 24.26 49.35
C THR F 392 29.30 25.77 49.28
N ILE F 393 30.52 26.24 49.58
CA ILE F 393 30.88 27.65 49.48
C ILE F 393 31.81 27.83 48.29
N THR F 394 31.53 28.83 47.46
CA THR F 394 32.43 29.18 46.37
C THR F 394 33.11 30.51 46.67
N THR F 395 34.17 30.80 45.91
CA THR F 395 34.95 32.02 46.11
C THR F 395 34.20 33.28 45.75
N ASP F 396 33.03 33.18 45.11
CA ASP F 396 32.23 34.35 44.78
C ASP F 396 31.35 34.82 45.93
N GLY F 397 31.59 34.34 47.15
CA GLY F 397 30.73 34.65 48.27
C GLY F 397 29.34 34.08 48.07
N LEU F 398 29.29 32.82 47.64
CA LEU F 398 28.03 32.18 47.27
C LEU F 398 27.94 30.82 47.96
N ILE F 399 26.85 30.58 48.66
CA ILE F 399 26.61 29.31 49.33
C ILE F 399 25.45 28.62 48.63
N ILE F 400 25.62 27.34 48.34
CA ILE F 400 24.61 26.53 47.66
C ILE F 400 24.38 25.28 48.49
N GLY F 401 23.15 25.05 48.90
CA GLY F 401 22.81 23.88 49.68
C GLY F 401 21.60 23.17 49.12
N GLY F 402 21.53 21.87 49.36
CA GLY F 402 20.42 21.09 48.87
C GLY F 402 20.52 19.65 49.29
N SER F 403 19.79 18.81 48.55
CA SER F 403 19.76 17.37 48.83
C SER F 403 20.86 16.60 48.11
N GLU F 404 21.37 17.12 47.00
CA GLU F 404 22.40 16.44 46.23
C GLU F 404 23.53 17.41 45.94
N THR F 405 24.76 16.91 45.97
CA THR F 405 25.94 17.74 45.82
C THR F 405 26.37 17.92 44.37
N GLY F 406 25.48 17.69 43.42
CA GLY F 406 25.84 17.83 42.02
C GLY F 406 24.75 18.47 41.20
N MET F 407 23.90 19.27 41.84
CA MET F 407 22.79 19.89 41.14
C MET F 407 23.24 21.06 40.28
N VAL F 408 24.06 21.93 40.84
CA VAL F 408 24.57 23.10 40.14
C VAL F 408 26.00 22.82 39.68
N LYS F 409 26.23 22.93 38.37
CA LYS F 409 27.56 22.71 37.82
C LYS F 409 28.49 23.82 38.28
N ILE F 410 29.61 23.43 38.90
CA ILE F 410 30.57 24.37 39.45
C ILE F 410 31.97 23.82 39.17
N ASP F 411 32.84 24.65 38.61
CA ASP F 411 34.20 24.23 38.35
C ASP F 411 34.93 23.96 39.65
N GLU F 412 35.72 22.87 39.66
CA GLU F 412 36.30 22.36 40.90
C GLU F 412 37.27 23.35 41.51
N THR F 413 37.86 24.24 40.70
CA THR F 413 38.82 25.22 41.20
C THR F 413 38.16 26.47 41.75
N GLN F 414 36.89 26.41 42.13
CA GLN F 414 36.17 27.55 42.68
C GLN F 414 35.63 27.29 44.08
N VAL F 415 35.81 26.09 44.62
CA VAL F 415 35.23 25.73 45.89
C VAL F 415 36.16 26.16 47.02
N ILE F 416 35.58 26.36 48.20
CA ILE F 416 36.35 26.69 49.40
C ILE F 416 36.17 25.63 50.48
N GLU F 417 34.95 25.14 50.66
CA GLU F 417 34.68 24.13 51.67
C GLU F 417 33.39 23.41 51.32
N LYS F 418 33.42 22.08 51.40
CA LYS F 418 32.22 21.26 51.31
C LYS F 418 31.88 20.72 52.69
N GLY F 419 30.59 20.51 52.92
CA GLY F 419 30.16 20.08 54.23
C GLY F 419 28.81 19.40 54.18
N ARG F 420 28.28 19.15 55.38
CA ARG F 420 27.01 18.46 55.53
C ARG F 420 26.32 19.05 56.77
N LEU F 421 25.17 18.47 57.12
CA LEU F 421 24.43 18.88 58.30
C LEU F 421 24.07 17.64 59.11
N GLY F 422 24.63 17.53 60.31
CA GLY F 422 24.34 16.42 61.17
C GLY F 422 22.98 16.56 61.83
N PRO F 423 22.69 15.66 62.77
CA PRO F 423 21.39 15.72 63.45
C PRO F 423 21.29 16.94 64.36
N GLY F 424 20.22 17.71 64.20
CA GLY F 424 20.01 18.89 65.00
C GLY F 424 20.82 20.11 64.62
N GLU F 425 21.68 20.01 63.60
CA GLU F 425 22.51 21.12 63.22
C GLU F 425 21.72 22.13 62.38
N MET F 426 22.37 23.26 62.09
CA MET F 426 21.77 24.30 61.28
C MET F 426 22.88 25.21 60.78
N ILE F 427 22.64 25.83 59.63
CA ILE F 427 23.56 26.80 59.05
C ILE F 427 22.77 28.05 58.67
N ALA F 428 23.29 29.22 59.04
CA ALA F 428 22.55 30.46 58.86
C ALA F 428 23.37 31.46 58.07
N VAL F 429 22.66 32.35 57.38
CA VAL F 429 23.28 33.45 56.64
C VAL F 429 22.51 34.72 56.99
N ASP F 430 23.24 35.73 57.47
CA ASP F 430 22.67 37.04 57.79
C ASP F 430 22.91 37.95 56.59
N LEU F 431 21.82 38.36 55.93
CA LEU F 431 21.93 39.18 54.75
C LEU F 431 22.12 40.66 55.08
N GLN F 432 21.61 41.11 56.22
CA GLN F 432 21.73 42.51 56.58
C GLN F 432 23.19 42.91 56.77
N SER F 433 23.93 42.15 57.56
CA SER F 433 25.36 42.38 57.74
C SER F 433 26.22 41.51 56.85
N GLY F 434 25.62 40.54 56.15
CA GLY F 434 26.38 39.70 55.24
C GLY F 434 27.39 38.81 55.93
N LYS F 435 26.92 37.84 56.71
CA LYS F 435 27.82 36.92 57.40
C LYS F 435 27.26 35.50 57.31
N LEU F 436 28.14 34.53 57.52
CA LEU F 436 27.80 33.12 57.43
C LEU F 436 28.13 32.44 58.75
N TYR F 437 27.10 31.96 59.44
CA TYR F 437 27.25 31.29 60.73
C TYR F 437 27.09 29.79 60.54
N ARG F 438 28.11 29.04 60.93
CA ARG F 438 28.02 27.58 60.95
C ARG F 438 27.29 27.16 62.22
N ASP F 439 27.31 25.85 62.52
CA ASP F 439 26.55 25.34 63.64
C ASP F 439 27.03 25.92 64.97
N ARG F 440 28.28 25.67 65.32
CA ARG F 440 28.78 26.03 66.65
C ARG F 440 28.81 27.54 66.82
N GLU F 441 29.22 28.27 65.79
CA GLU F 441 29.24 29.74 65.88
C GLU F 441 27.84 30.28 66.10
N LEU F 442 26.85 29.74 65.40
CA LEU F 442 25.48 30.19 65.58
C LEU F 442 24.97 29.87 66.97
N LYS F 443 25.29 28.68 67.48
CA LYS F 443 24.87 28.34 68.84
C LYS F 443 25.49 29.29 69.85
N ASP F 444 26.78 29.58 69.72
CA ASP F 444 27.43 30.51 70.62
C ASP F 444 26.80 31.90 70.55
N HIS F 445 26.60 32.41 69.33
CA HIS F 445 26.00 33.72 69.16
C HIS F 445 24.55 33.78 69.64
N LEU F 446 23.86 32.65 69.66
CA LEU F 446 22.47 32.64 70.10
C LEU F 446 22.35 32.47 71.60
N ALA F 447 23.33 31.83 72.25
CA ALA F 447 23.27 31.58 73.68
C ALA F 447 23.68 32.79 74.52
N THR F 448 23.80 33.98 73.93
CA THR F 448 24.17 35.17 74.67
C THR F 448 23.09 36.25 74.70
N LEU F 449 21.93 36.01 74.08
CA LEU F 449 20.88 37.02 74.05
C LEU F 449 20.27 37.21 75.43
N LYS F 450 19.94 36.12 76.11
CA LYS F 450 19.28 36.18 77.41
C LYS F 450 20.01 35.30 78.40
N PRO F 451 19.93 35.61 79.69
CA PRO F 451 20.57 34.78 80.74
C PRO F 451 19.79 33.49 81.01
N TRP F 452 20.05 32.46 80.18
CA TRP F 452 19.32 31.21 80.29
C TRP F 452 19.69 30.45 81.55
N ASP F 453 20.98 30.45 81.91
CA ASP F 453 21.42 29.67 83.06
C ASP F 453 20.75 30.15 84.35
N LYS F 454 20.63 31.46 84.52
CA LYS F 454 19.97 32.00 85.69
C LYS F 454 18.47 31.76 85.67
N TRP F 455 17.89 31.51 84.50
CA TRP F 455 16.45 31.32 84.41
C TRP F 455 16.06 29.87 84.66
N VAL F 456 16.84 28.92 84.14
CA VAL F 456 16.51 27.51 84.28
C VAL F 456 16.54 27.06 85.73
N GLN F 457 17.27 27.75 86.59
CA GLN F 457 17.42 27.34 87.99
C GLN F 457 16.11 27.43 88.76
N ASN F 458 15.05 27.91 88.11
CA ASN F 458 13.74 27.97 88.76
C ASN F 458 13.02 26.63 88.77
N THR F 459 13.50 25.65 88.00
CA THR F 459 12.83 24.36 87.91
C THR F 459 12.98 23.58 89.21
N THR F 460 11.91 22.92 89.62
CA THR F 460 11.91 22.12 90.84
C THR F 460 11.58 20.67 90.47
N HIS F 461 12.44 19.76 90.90
CA HIS F 461 12.24 18.35 90.63
C HIS F 461 11.41 17.73 91.76
N LEU F 462 10.98 16.49 91.53
CA LEU F 462 10.33 15.72 92.57
C LEU F 462 11.25 14.70 93.21
N ASP F 463 12.34 14.34 92.53
CA ASP F 463 13.31 13.43 93.11
C ASP F 463 13.80 13.95 94.46
N GLU F 464 14.16 15.23 94.52
CA GLU F 464 14.52 15.83 95.80
C GLU F 464 13.33 15.85 96.75
N LEU F 465 12.12 16.07 96.22
CA LEU F 465 10.94 16.13 97.07
C LEU F 465 10.61 14.77 97.67
N VAL F 466 10.89 13.68 96.95
CA VAL F 466 10.65 12.36 97.51
C VAL F 466 11.82 11.88 98.35
N LYS F 467 13.03 12.44 98.13
CA LYS F 467 14.15 12.14 98.99
C LYS F 467 13.98 12.76 100.37
N THR F 468 13.62 14.04 100.41
CA THR F 468 13.47 14.76 101.68
C THR F 468 12.21 14.35 102.44
N ALA F 469 11.23 13.75 101.77
CA ALA F 469 10.03 13.28 102.45
C ALA F 469 10.41 12.15 103.41
N SER F 470 10.39 12.45 104.70
CA SER F 470 10.83 11.47 105.69
C SER F 470 9.97 10.21 105.63
N LEU F 471 10.55 9.09 106.06
CA LEU F 471 9.93 7.78 105.90
C LEU F 471 8.81 7.56 106.93
N LYS F 472 7.74 8.33 106.77
CA LYS F 472 6.58 8.25 107.64
C LYS F 472 5.31 8.29 106.81
N GLY F 473 4.18 7.98 107.45
CA GLY F 473 2.92 7.92 106.75
C GLY F 473 2.69 6.64 105.97
N GLU F 474 3.40 5.57 106.34
CA GLU F 474 3.28 4.27 105.69
C GLU F 474 1.87 3.70 105.86
N PRO F 475 1.14 3.47 104.76
CA PRO F 475 -0.22 2.97 104.88
C PRO F 475 -0.27 1.46 105.12
N SER F 476 -1.30 1.05 105.85
CA SER F 476 -1.54 -0.36 106.12
C SER F 476 -2.04 -1.07 104.87
N ASP F 477 -1.56 -2.29 104.65
CA ASP F 477 -1.87 -3.02 103.43
C ASP F 477 -3.34 -3.44 103.39
N MET F 478 -3.85 -3.58 102.17
CA MET F 478 -5.22 -4.03 101.99
C MET F 478 -5.33 -5.52 102.31
N ASP F 479 -6.54 -5.92 102.71
CA ASP F 479 -6.80 -7.31 103.06
C ASP F 479 -6.85 -8.18 101.79
N LYS F 480 -6.51 -9.45 101.96
CA LYS F 480 -6.47 -10.37 100.81
C LYS F 480 -7.84 -10.51 100.16
N ALA F 481 -8.89 -10.64 100.97
CA ALA F 481 -10.23 -10.80 100.42
C ALA F 481 -10.67 -9.54 99.67
N GLU F 482 -10.36 -8.37 100.22
CA GLU F 482 -10.69 -7.13 99.52
C GLU F 482 -9.93 -7.02 98.21
N LEU F 483 -8.65 -7.38 98.21
CA LEU F 483 -7.86 -7.35 96.98
C LEU F 483 -8.46 -8.28 95.93
N ARG F 484 -8.83 -9.50 96.32
CA ARG F 484 -9.39 -10.43 95.36
C ARG F 484 -10.75 -9.97 94.85
N ARG F 485 -11.56 -9.36 95.72
CA ARG F 485 -12.87 -8.89 95.28
C ARG F 485 -12.73 -7.72 94.31
N ARG F 486 -11.75 -6.84 94.54
CA ARG F 486 -11.54 -5.74 93.61
C ARG F 486 -10.93 -6.22 92.31
N GLN F 487 -10.06 -7.24 92.36
CA GLN F 487 -9.46 -7.76 91.14
C GLN F 487 -10.50 -8.50 90.29
N GLN F 488 -11.43 -9.20 90.94
CA GLN F 488 -12.47 -9.91 90.21
C GLN F 488 -13.42 -8.95 89.52
N ALA F 489 -13.60 -7.75 90.07
CA ALA F 489 -14.53 -6.79 89.49
C ALA F 489 -14.07 -6.28 88.13
N PHE F 490 -12.78 -6.40 87.82
CA PHE F 490 -12.25 -5.93 86.55
C PHE F 490 -11.89 -7.07 85.61
N GLY F 491 -12.01 -8.32 86.06
CA GLY F 491 -11.75 -9.46 85.20
C GLY F 491 -10.30 -9.88 85.12
N LEU F 492 -9.54 -9.73 86.20
CA LEU F 492 -8.15 -10.15 86.22
C LEU F 492 -8.05 -11.60 86.66
N THR F 493 -7.38 -12.42 85.85
CA THR F 493 -7.22 -13.83 86.14
C THR F 493 -5.82 -14.11 86.67
N MET F 494 -5.59 -15.34 87.12
CA MET F 494 -4.28 -15.71 87.64
C MET F 494 -3.23 -15.79 86.53
N GLU F 495 -3.63 -16.01 85.29
CA GLU F 495 -2.68 -16.00 84.19
C GLU F 495 -2.18 -14.59 83.87
N ASP F 496 -2.90 -13.55 84.33
CA ASP F 496 -2.40 -12.19 84.19
C ASP F 496 -1.34 -11.87 85.23
N MET F 497 -1.15 -12.73 86.23
CA MET F 497 -0.17 -12.51 87.28
C MET F 497 1.01 -13.45 87.22
N GLU F 498 0.85 -14.62 86.62
CA GLU F 498 1.94 -15.59 86.49
C GLU F 498 2.67 -15.49 85.17
N LEU F 499 2.05 -14.91 84.14
CA LEU F 499 2.63 -14.87 82.80
C LEU F 499 3.14 -13.49 82.42
N ILE F 500 2.34 -12.44 82.61
CA ILE F 500 2.69 -11.11 82.15
C ILE F 500 3.05 -10.17 83.30
N LEU F 501 2.99 -10.63 84.54
CA LEU F 501 3.43 -9.84 85.68
C LEU F 501 4.76 -10.32 86.24
N HIS F 502 4.86 -11.60 86.57
CA HIS F 502 6.07 -12.16 87.18
C HIS F 502 7.35 -11.83 86.43
N PRO F 503 7.43 -11.96 85.10
CA PRO F 503 8.66 -11.55 84.41
C PRO F 503 8.99 -10.08 84.60
N MET F 504 7.99 -9.22 84.70
CA MET F 504 8.26 -7.80 84.95
C MET F 504 8.95 -7.60 86.29
N VAL F 505 8.45 -8.24 87.34
CA VAL F 505 9.02 -8.02 88.66
C VAL F 505 10.39 -8.67 88.77
N GLU F 506 10.57 -9.86 88.19
CA GLU F 506 11.85 -10.53 88.35
C GLU F 506 12.93 -9.97 87.43
N ASP F 507 12.67 -9.92 86.13
CA ASP F 507 13.71 -9.67 85.14
C ASP F 507 13.96 -8.21 84.84
N GLY F 508 12.94 -7.37 84.95
CA GLY F 508 13.04 -6.01 84.48
C GLY F 508 12.72 -5.82 83.01
N LYS F 509 12.41 -6.89 82.29
CA LYS F 509 11.98 -6.83 80.90
C LYS F 509 10.58 -7.42 80.79
N GLU F 510 10.12 -7.56 79.55
CA GLU F 510 8.71 -7.79 79.25
C GLU F 510 8.49 -9.20 78.69
N ALA F 511 7.24 -9.64 78.75
CA ALA F 511 6.88 -10.99 78.36
C ALA F 511 7.08 -11.21 76.86
N ILE F 512 7.07 -12.48 76.47
CA ILE F 512 7.35 -12.87 75.09
C ILE F 512 6.43 -14.02 74.69
N GLY F 513 5.79 -13.89 73.53
CA GLY F 513 5.01 -14.97 72.95
C GLY F 513 5.55 -15.33 71.58
N SER F 514 5.12 -16.49 71.08
CA SER F 514 5.71 -17.01 69.86
C SER F 514 4.70 -17.62 68.90
N MET F 515 3.50 -17.05 68.81
CA MET F 515 2.55 -17.52 67.80
C MET F 515 1.50 -16.46 67.58
N GLY F 516 0.80 -16.56 66.46
CA GLY F 516 -0.21 -15.58 66.11
C GLY F 516 -1.36 -15.54 67.08
N ASP F 517 -2.18 -14.51 66.93
CA ASP F 517 -3.33 -14.26 67.78
C ASP F 517 -4.59 -14.76 67.08
N ASP F 518 -5.15 -15.85 67.58
CA ASP F 518 -6.42 -16.39 67.07
C ASP F 518 -7.58 -16.10 68.01
N SER F 519 -7.44 -15.16 68.87
CA SER F 519 -8.52 -14.78 69.77
C SER F 519 -9.59 -13.99 69.01
N PRO F 520 -10.85 -14.12 69.39
CA PRO F 520 -11.90 -13.32 68.74
C PRO F 520 -11.70 -11.84 69.01
N ILE F 521 -12.24 -11.00 68.13
CA ILE F 521 -12.16 -9.56 68.30
C ILE F 521 -13.05 -9.15 69.46
N ALA F 522 -12.87 -7.92 69.95
CA ALA F 522 -13.45 -7.53 71.22
C ALA F 522 -14.98 -7.53 71.18
N VAL F 523 -15.57 -7.05 70.08
CA VAL F 523 -17.00 -6.87 70.04
C VAL F 523 -17.72 -8.21 69.90
N LEU F 524 -17.10 -9.15 69.18
CA LEU F 524 -17.75 -10.45 68.96
C LEU F 524 -17.53 -11.42 70.11
N SER F 525 -16.65 -11.10 71.05
CA SER F 525 -16.40 -12.00 72.17
C SER F 525 -17.59 -11.98 73.13
N ASP F 526 -17.54 -12.85 74.12
CA ASP F 526 -18.66 -13.00 75.05
C ASP F 526 -18.30 -12.81 76.51
N LYS F 527 -17.02 -12.79 76.85
CA LYS F 527 -16.58 -12.56 78.23
C LYS F 527 -16.47 -11.05 78.46
N TYR F 528 -15.89 -10.67 79.59
CA TYR F 528 -15.68 -9.24 79.88
C TYR F 528 -14.30 -8.84 79.37
N ARG F 529 -14.28 -8.22 78.20
CA ARG F 529 -13.06 -7.65 77.66
C ARG F 529 -13.00 -6.16 78.01
N GLY F 530 -11.91 -5.75 78.66
CA GLY F 530 -11.77 -4.36 79.04
C GLY F 530 -11.84 -3.41 77.87
N LEU F 531 -12.15 -2.15 78.17
CA LEU F 531 -12.27 -1.15 77.11
C LEU F 531 -10.96 -0.89 76.40
N HIS F 532 -9.83 -1.25 77.00
CA HIS F 532 -8.54 -1.05 76.37
C HIS F 532 -8.22 -2.10 75.32
N HIS F 533 -9.13 -3.04 75.06
CA HIS F 533 -8.94 -4.00 73.98
C HIS F 533 -9.52 -3.52 72.66
N PHE F 534 -10.32 -2.46 72.66
CA PHE F 534 -10.93 -1.95 71.44
C PHE F 534 -10.03 -1.01 70.67
N PHE F 535 -8.86 -0.68 71.21
CA PHE F 535 -7.95 0.30 70.62
C PHE F 535 -6.71 -0.39 70.10
N ARG F 536 -6.58 -0.47 68.78
CA ARG F 536 -5.37 -1.00 68.17
C ARG F 536 -4.32 0.11 68.06
N GLN F 537 -3.06 -0.28 68.13
CA GLN F 537 -1.97 0.68 68.05
C GLN F 537 -1.70 1.07 66.60
N ASN F 538 -0.79 2.04 66.43
CA ASN F 538 -0.44 2.57 65.13
C ASN F 538 1.03 2.29 64.84
N PHE F 539 1.39 2.43 63.57
CA PHE F 539 2.76 2.25 63.11
C PHE F 539 2.92 3.01 61.80
N SER F 540 4.06 2.84 61.15
CA SER F 540 4.42 3.63 59.97
C SER F 540 4.93 2.72 58.87
N GLN F 541 4.24 2.71 57.74
CA GLN F 541 4.76 2.08 56.53
C GLN F 541 5.75 3.05 55.86
N VAL F 542 6.06 2.78 54.59
CA VAL F 542 7.19 3.39 53.90
C VAL F 542 7.27 4.90 54.11
N THR F 543 6.11 5.57 54.20
CA THR F 543 6.10 7.03 54.22
C THR F 543 6.88 7.59 55.41
N ASN F 544 7.03 6.82 56.48
CA ASN F 544 7.76 7.26 57.65
C ASN F 544 8.60 6.10 58.17
N PRO F 545 9.79 6.38 58.68
CA PRO F 545 10.59 5.33 59.29
C PRO F 545 10.30 5.20 60.77
N PRO F 546 10.11 3.99 61.27
CA PRO F 546 10.04 3.81 62.72
C PRO F 546 11.40 4.03 63.35
N ILE F 547 11.38 4.47 64.60
CA ILE F 547 12.60 4.81 65.33
C ILE F 547 12.98 3.61 66.17
N ASP F 548 14.11 2.99 65.84
CA ASP F 548 14.65 1.95 66.70
C ASP F 548 15.07 2.56 68.03
N SER F 549 14.96 1.78 69.10
CA SER F 549 15.11 2.31 70.45
C SER F 549 16.11 1.57 71.31
N LEU F 550 16.66 0.45 70.85
CA LEU F 550 17.65 -0.26 71.64
C LEU F 550 19.05 0.31 71.45
N ARG F 551 19.28 1.12 70.43
CA ARG F 551 20.58 1.71 70.16
C ARG F 551 20.63 3.22 70.32
N GLU F 552 19.77 3.96 69.63
CA GLU F 552 19.71 5.41 69.83
C GLU F 552 18.61 5.76 70.83
N ARG F 553 18.76 5.19 72.03
CA ARG F 553 17.88 5.54 73.14
C ARG F 553 18.22 6.88 73.75
N ARG F 554 19.32 7.51 73.32
CA ARG F 554 19.73 8.80 73.88
C ARG F 554 18.89 9.96 73.40
N VAL F 555 18.11 9.80 72.32
CA VAL F 555 17.32 10.87 71.76
C VAL F 555 15.86 10.78 72.15
N MET F 556 15.47 9.78 72.93
CA MET F 556 14.10 9.60 73.38
C MET F 556 14.00 10.07 74.83
N SER F 557 13.04 10.95 75.10
CA SER F 557 12.86 11.54 76.42
C SER F 557 11.45 11.27 76.92
N LEU F 558 11.32 11.08 78.23
CA LEU F 558 10.04 10.87 78.88
C LEU F 558 9.73 11.95 79.91
N LYS F 559 10.28 13.15 79.72
CA LYS F 559 10.11 14.21 80.69
C LYS F 559 8.65 14.65 80.75
N THR F 560 8.18 14.95 81.95
CA THR F 560 6.82 15.44 82.16
C THR F 560 6.88 16.70 83.00
N ARG F 561 6.08 17.69 82.64
CA ARG F 561 6.10 18.98 83.32
C ARG F 561 4.69 19.39 83.69
N LEU F 562 4.50 19.71 84.98
CA LEU F 562 3.23 20.22 85.49
C LEU F 562 3.39 21.70 85.81
N GLY F 563 2.37 22.48 85.47
CA GLY F 563 2.45 23.93 85.56
C GLY F 563 3.25 24.55 84.44
N ASN F 564 3.02 24.09 83.21
CA ASN F 564 3.86 24.44 82.07
C ASN F 564 3.17 25.37 81.08
N LEU F 565 1.93 25.08 80.72
CA LEU F 565 1.27 25.82 79.65
C LEU F 565 1.07 27.28 80.03
N GLY F 566 1.23 28.16 79.06
CA GLY F 566 1.07 29.58 79.30
C GLY F 566 1.16 30.35 78.00
N ASN F 567 1.56 31.62 78.13
CA ASN F 567 1.77 32.45 76.95
C ASN F 567 3.04 32.00 76.23
N ILE F 568 2.91 31.64 74.95
CA ILE F 568 4.06 31.20 74.18
C ILE F 568 4.75 32.33 73.44
N LEU F 569 4.29 33.56 73.61
CA LEU F 569 4.85 34.72 72.92
C LEU F 569 5.54 35.66 73.90
N ASP F 570 6.21 35.10 74.91
CA ASP F 570 6.87 35.89 75.94
C ASP F 570 8.28 35.35 76.16
N GLU F 571 9.03 36.08 76.99
CA GLU F 571 10.39 35.68 77.35
C GLU F 571 10.69 36.28 78.72
N ASP F 572 10.63 35.45 79.75
CA ASP F 572 10.87 35.91 81.12
C ASP F 572 11.13 34.70 82.00
N GLU F 573 11.54 34.97 83.24
CA GLU F 573 11.91 33.90 84.15
C GLU F 573 10.70 33.12 84.66
N THR F 574 9.50 33.71 84.61
CA THR F 574 8.32 33.01 85.10
C THR F 574 7.88 31.88 84.21
N GLN F 575 8.40 31.80 82.98
CA GLN F 575 8.00 30.74 82.06
C GLN F 575 8.64 29.40 82.37
N THR F 576 9.72 29.39 83.15
CA THR F 576 10.44 28.17 83.49
C THR F 576 10.34 27.82 84.96
N ARG F 577 9.20 28.12 85.59
CA ARG F 577 8.95 27.79 86.99
C ARG F 577 7.80 26.80 87.04
N LEU F 578 8.13 25.52 87.21
CA LEU F 578 7.16 24.45 87.13
C LEU F 578 7.68 23.26 87.92
N LEU F 579 6.93 22.16 87.89
CA LEU F 579 7.35 20.91 88.50
C LEU F 579 7.69 19.91 87.41
N GLN F 580 8.78 19.18 87.59
CA GLN F 580 9.30 18.29 86.55
C GLN F 580 9.45 16.88 87.09
N LEU F 581 8.85 15.92 86.41
CA LEU F 581 9.00 14.51 86.69
C LEU F 581 9.73 13.83 85.54
N GLU F 582 10.45 12.76 85.88
CA GLU F 582 11.31 12.06 84.94
C GLU F 582 10.63 10.88 84.26
N SER F 583 9.36 10.64 84.57
CA SER F 583 8.60 9.55 83.97
C SER F 583 7.13 9.82 84.27
N PRO F 584 6.23 9.65 83.30
CA PRO F 584 4.82 9.95 83.56
C PRO F 584 4.15 8.97 84.50
N VAL F 585 4.73 7.81 84.73
CA VAL F 585 4.15 6.82 85.64
C VAL F 585 4.73 7.04 87.04
N LEU F 586 3.85 7.07 88.04
CA LEU F 586 4.24 7.32 89.41
C LEU F 586 3.85 6.14 90.29
N THR F 587 4.70 5.87 91.29
CA THR F 587 4.38 4.87 92.30
C THR F 587 3.43 5.49 93.32
N THR F 588 3.21 4.80 94.44
CA THR F 588 2.32 5.34 95.46
C THR F 588 3.03 6.36 96.33
N ALA F 589 4.27 6.09 96.73
CA ALA F 589 5.01 7.04 97.55
C ALA F 589 5.29 8.32 96.77
N GLU F 590 5.69 8.21 95.51
CA GLU F 590 5.91 9.39 94.69
C GLU F 590 4.61 10.15 94.50
N PHE F 591 3.49 9.44 94.36
CA PHE F 591 2.21 10.12 94.22
C PHE F 591 1.85 10.88 95.49
N ARG F 592 2.14 10.30 96.66
CA ARG F 592 1.85 10.99 97.90
C ARG F 592 2.75 12.21 98.08
N ALA F 593 4.01 12.11 97.64
CA ALA F 593 4.89 13.28 97.73
C ALA F 593 4.44 14.39 96.78
N MET F 594 4.08 14.02 95.55
CA MET F 594 3.57 15.03 94.62
C MET F 594 2.26 15.62 95.10
N ARG F 595 1.42 14.81 95.75
CA ARG F 595 0.17 15.33 96.30
C ARG F 595 0.46 16.25 97.48
N ASP F 596 1.52 15.97 98.23
CA ASP F 596 2.01 16.93 99.23
C ASP F 596 2.36 18.27 98.58
N TYR F 597 3.14 18.23 97.51
CA TYR F 597 3.55 19.48 96.87
C TYR F 597 2.34 20.24 96.34
N MET F 598 1.39 19.52 95.73
CA MET F 598 0.16 20.15 95.25
C MET F 598 -0.64 20.71 96.40
N GLY F 599 -1.16 19.84 97.26
CA GLY F 599 -1.83 20.20 98.49
C GLY F 599 -3.11 20.97 98.34
N ASP F 600 -3.04 22.21 98.81
CA ASP F 600 -4.14 23.14 98.97
C ASP F 600 -4.55 23.85 97.67
N THR F 601 -4.16 23.32 96.51
CA THR F 601 -4.64 23.86 95.24
C THR F 601 -5.31 22.83 94.34
N ALA F 602 -5.28 21.55 94.71
CA ALA F 602 -5.82 20.49 93.86
C ALA F 602 -7.29 20.23 94.20
N ALA F 603 -7.97 19.53 93.28
CA ALA F 603 -9.36 19.15 93.46
C ALA F 603 -9.56 17.72 92.97
N GLU F 604 -10.09 16.86 93.82
CA GLU F 604 -10.31 15.46 93.50
C GLU F 604 -11.73 15.24 93.04
N ILE F 605 -11.90 14.33 92.07
CA ILE F 605 -13.18 14.03 91.47
C ILE F 605 -13.36 12.52 91.45
N ASP F 606 -14.50 12.04 91.91
CA ASP F 606 -14.79 10.62 91.86
C ASP F 606 -15.27 10.21 90.47
N ALA F 607 -15.11 8.93 90.15
CA ALA F 607 -15.45 8.40 88.83
C ALA F 607 -16.23 7.09 88.99
N THR F 608 -17.21 7.10 89.88
CA THR F 608 -18.05 5.92 90.13
C THR F 608 -19.50 6.30 89.92
N PHE F 609 -20.29 5.33 89.46
CA PHE F 609 -21.71 5.56 89.25
C PHE F 609 -22.53 4.51 89.99
N PRO F 610 -23.71 4.88 90.50
CA PRO F 610 -24.53 3.92 91.24
C PRO F 610 -25.00 2.78 90.37
N VAL F 611 -24.88 1.56 90.90
CA VAL F 611 -25.25 0.37 90.14
C VAL F 611 -26.75 0.32 89.91
N ASP F 612 -27.54 0.90 90.81
CA ASP F 612 -28.99 0.89 90.73
C ASP F 612 -29.57 2.18 90.16
N GLY F 613 -28.77 2.94 89.42
CA GLY F 613 -29.25 4.21 88.89
C GLY F 613 -30.33 4.03 87.84
N GLY F 614 -30.19 3.01 87.01
CA GLY F 614 -31.16 2.74 85.96
C GLY F 614 -30.50 2.48 84.62
N PRO F 615 -31.29 2.60 83.54
CA PRO F 615 -30.75 2.29 82.21
C PRO F 615 -29.78 3.34 81.68
N GLU F 616 -29.70 4.51 82.31
CA GLU F 616 -28.85 5.60 81.83
C GLU F 616 -28.00 6.15 82.97
N ALA F 617 -27.38 5.26 83.74
CA ALA F 617 -26.55 5.70 84.85
C ALA F 617 -25.18 6.17 84.38
N LEU F 618 -24.60 5.48 83.40
CA LEU F 618 -23.25 5.81 82.95
C LEU F 618 -23.21 7.18 82.26
N ARG F 619 -24.20 7.47 81.41
CA ARG F 619 -24.24 8.76 80.75
C ARG F 619 -24.41 9.88 81.76
N ASP F 620 -25.28 9.71 82.75
CA ASP F 620 -25.47 10.73 83.76
C ASP F 620 -24.22 10.93 84.59
N ALA F 621 -23.50 9.85 84.89
CA ALA F 621 -22.24 10.00 85.61
C ALA F 621 -21.22 10.79 84.79
N LEU F 622 -21.13 10.48 83.50
CA LEU F 622 -20.24 11.23 82.61
C LEU F 622 -20.59 12.71 82.62
N ARG F 623 -21.88 13.02 82.46
CA ARG F 623 -22.35 14.40 82.52
C ARG F 623 -21.93 15.08 83.81
N ARG F 624 -22.18 14.40 84.93
CA ARG F 624 -21.93 14.99 86.24
C ARG F 624 -20.44 15.29 86.42
N ILE F 625 -19.57 14.33 86.06
CA ILE F 625 -18.15 14.54 86.28
C ILE F 625 -17.62 15.62 85.34
N ARG F 626 -18.11 15.66 84.10
CA ARG F 626 -17.59 16.69 83.19
C ARG F 626 -18.18 18.05 83.47
N GLN F 627 -19.24 18.13 84.28
CA GLN F 627 -19.68 19.44 84.75
C GLN F 627 -18.92 19.87 86.01
N GLU F 628 -18.71 18.95 86.94
CA GLU F 628 -17.96 19.29 88.15
C GLU F 628 -16.53 19.68 87.83
N THR F 629 -15.91 19.03 86.82
CA THR F 629 -14.56 19.40 86.46
C THR F 629 -14.48 20.86 86.02
N GLU F 630 -15.42 21.28 85.17
CA GLU F 630 -15.42 22.66 84.70
C GLU F 630 -15.74 23.62 85.84
N ASP F 631 -16.69 23.26 86.71
CA ASP F 631 -17.04 24.15 87.80
C ASP F 631 -15.92 24.27 88.82
N ALA F 632 -15.04 23.26 88.91
CA ALA F 632 -13.92 23.34 89.83
C ALA F 632 -12.74 24.06 89.22
N VAL F 633 -12.50 23.89 87.93
CA VAL F 633 -11.37 24.56 87.28
C VAL F 633 -11.59 26.07 87.27
N ARG F 634 -12.82 26.51 87.02
CA ARG F 634 -13.13 27.94 87.04
C ARG F 634 -13.01 28.54 88.43
N GLY F 635 -13.01 27.73 89.47
CA GLY F 635 -12.91 28.20 90.84
C GLY F 635 -11.51 28.42 91.34
N GLY F 636 -10.51 28.36 90.45
CA GLY F 636 -9.13 28.57 90.85
C GLY F 636 -8.31 27.30 91.00
N ALA F 637 -8.92 26.13 90.83
CA ALA F 637 -8.17 24.88 90.92
C ALA F 637 -7.16 24.78 89.78
N THR F 638 -6.02 24.18 90.09
CA THR F 638 -4.91 24.06 89.13
C THR F 638 -4.56 22.61 88.87
N HIS F 639 -5.03 21.68 89.69
CA HIS F 639 -4.70 20.28 89.51
C HIS F 639 -5.95 19.44 89.75
N VAL F 640 -6.26 18.55 88.84
CA VAL F 640 -7.44 17.69 88.91
C VAL F 640 -6.97 16.26 89.07
N ILE F 641 -7.44 15.59 90.11
CA ILE F 641 -7.11 14.19 90.37
C ILE F 641 -8.38 13.37 90.18
N LEU F 642 -8.43 12.60 89.11
CA LEU F 642 -9.59 11.81 88.75
C LEU F 642 -9.36 10.37 89.23
N THR F 643 -10.10 9.97 90.26
CA THR F 643 -9.87 8.70 90.92
C THR F 643 -11.16 7.92 91.08
N ASP F 644 -11.04 6.60 91.08
CA ASP F 644 -12.17 5.71 91.32
C ASP F 644 -12.04 5.02 92.69
N GLU F 645 -11.35 5.67 93.61
CA GLU F 645 -11.06 5.21 94.97
C GLU F 645 -12.29 4.84 95.78
N ALA F 646 -13.49 5.28 95.39
CA ALA F 646 -14.69 5.05 96.16
C ALA F 646 -15.53 3.89 95.65
N MET F 647 -14.92 2.97 94.89
CA MET F 647 -15.67 1.85 94.34
C MET F 647 -16.07 0.89 95.45
N GLY F 648 -17.37 0.56 95.50
CA GLY F 648 -17.89 -0.30 96.53
C GLY F 648 -18.96 -1.23 96.02
N PRO F 649 -19.62 -1.94 96.93
CA PRO F 649 -20.65 -2.92 96.52
C PRO F 649 -21.88 -2.30 95.88
N ALA F 650 -22.06 -0.98 95.97
CA ALA F 650 -23.21 -0.31 95.37
C ALA F 650 -22.81 0.74 94.34
N ARG F 651 -21.52 0.92 94.07
CA ARG F 651 -21.04 1.90 93.10
C ARG F 651 -20.07 1.21 92.16
N ALA F 652 -20.44 1.11 90.88
CA ALA F 652 -19.53 0.56 89.90
C ALA F 652 -18.56 1.63 89.41
N ALA F 653 -17.43 1.17 88.89
CA ALA F 653 -16.36 2.08 88.48
C ALA F 653 -16.50 2.40 87.00
N ILE F 654 -16.43 3.69 86.67
CA ILE F 654 -16.39 4.10 85.26
C ILE F 654 -15.06 3.68 84.65
N PRO F 655 -15.04 3.14 83.45
CA PRO F 655 -13.76 2.84 82.80
C PRO F 655 -12.91 4.10 82.68
N ALA F 656 -11.68 4.02 83.22
CA ALA F 656 -10.84 5.21 83.34
C ALA F 656 -10.59 5.87 82.00
N ILE F 657 -10.49 5.07 80.92
CA ILE F 657 -10.25 5.62 79.59
C ILE F 657 -11.38 6.58 79.20
N LEU F 658 -12.62 6.12 79.36
CA LEU F 658 -13.77 6.95 79.01
C LEU F 658 -13.80 8.22 79.85
N ALA F 659 -13.51 8.10 81.15
CA ALA F 659 -13.55 9.26 82.03
C ALA F 659 -12.53 10.30 81.61
N THR F 660 -11.26 9.89 81.45
CA THR F 660 -10.25 10.86 81.09
C THR F 660 -10.48 11.42 79.69
N GLY F 661 -11.03 10.61 78.78
CA GLY F 661 -11.36 11.14 77.46
C GLY F 661 -12.40 12.23 77.51
N ALA F 662 -13.51 11.96 78.20
CA ALA F 662 -14.56 12.97 78.32
C ALA F 662 -14.04 14.23 78.98
N VAL F 663 -13.29 14.08 80.06
CA VAL F 663 -12.82 15.25 80.81
C VAL F 663 -11.84 16.08 79.97
N HIS F 664 -10.89 15.42 79.32
CA HIS F 664 -9.90 16.14 78.52
C HIS F 664 -10.57 16.83 77.34
N THR F 665 -11.49 16.15 76.66
CA THR F 665 -12.16 16.77 75.54
C THR F 665 -12.97 17.97 75.97
N HIS F 666 -13.69 17.86 77.09
CA HIS F 666 -14.48 18.99 77.57
C HIS F 666 -13.58 20.16 77.96
N LEU F 667 -12.45 19.88 78.61
CA LEU F 667 -11.55 20.96 78.99
C LEU F 667 -10.95 21.63 77.78
N ILE F 668 -10.70 20.87 76.71
CA ILE F 668 -10.21 21.49 75.48
C ILE F 668 -11.28 22.35 74.83
N ARG F 669 -12.53 21.87 74.84
CA ARG F 669 -13.60 22.59 74.17
C ARG F 669 -14.07 23.81 74.95
N SER F 670 -13.67 23.95 76.21
CA SER F 670 -14.09 25.06 77.05
C SER F 670 -12.97 26.04 77.35
N ASN F 671 -11.83 25.92 76.66
CA ASN F 671 -10.69 26.82 76.83
C ASN F 671 -10.22 26.84 78.28
N LEU F 672 -10.10 25.65 78.87
CA LEU F 672 -9.62 25.53 80.24
C LEU F 672 -8.51 24.50 80.41
N ARG F 673 -8.26 23.64 79.40
CA ARG F 673 -7.17 22.68 79.51
C ARG F 673 -5.82 23.36 79.68
N THR F 674 -5.69 24.59 79.21
CA THR F 674 -4.45 25.36 79.38
C THR F 674 -4.17 25.74 80.82
N PHE F 675 -5.14 25.58 81.73
CA PHE F 675 -4.99 26.04 83.09
C PHE F 675 -4.50 24.96 84.05
N THR F 676 -4.96 23.73 83.88
CA THR F 676 -4.73 22.68 84.87
C THR F 676 -3.94 21.54 84.26
N SER F 677 -3.75 20.50 85.07
CA SER F 677 -3.18 19.22 84.66
C SER F 677 -4.26 18.16 84.84
N LEU F 678 -3.87 16.90 84.63
CA LEU F 678 -4.85 15.81 84.69
C LEU F 678 -4.16 14.57 85.22
N ASN F 679 -4.46 14.21 86.46
CA ASN F 679 -3.89 13.04 87.12
C ASN F 679 -4.96 12.00 87.31
N VAL F 680 -4.62 10.74 87.02
CA VAL F 680 -5.58 9.64 87.05
C VAL F 680 -5.08 8.57 88.00
N ARG F 681 -5.94 8.16 88.92
CA ARG F 681 -5.72 6.98 89.76
C ARG F 681 -6.63 5.87 89.26
N THR F 682 -6.03 4.81 88.72
CA THR F 682 -6.76 3.71 88.14
C THR F 682 -6.53 2.43 88.94
N ALA F 683 -7.47 1.50 88.82
CA ALA F 683 -7.39 0.22 89.50
C ALA F 683 -7.31 -0.95 88.54
N GLU F 684 -7.06 -0.71 87.26
CA GLU F 684 -6.98 -1.79 86.28
C GLU F 684 -5.64 -1.85 85.55
N GLY F 685 -4.81 -0.83 85.67
CA GLY F 685 -3.53 -0.80 84.97
C GLY F 685 -2.58 -1.89 85.41
N LEU F 686 -2.36 -2.88 84.55
CA LEU F 686 -1.45 -3.98 84.88
C LEU F 686 -0.49 -4.22 83.73
N ASP F 687 -0.89 -3.88 82.51
CA ASP F 687 -0.09 -4.11 81.33
C ASP F 687 0.33 -2.79 80.71
N THR F 688 1.42 -2.84 79.94
CA THR F 688 1.98 -1.63 79.35
C THR F 688 1.11 -1.04 78.25
N HIS F 689 0.00 -1.68 77.88
CA HIS F 689 -0.89 -1.12 76.88
C HIS F 689 -1.94 -0.20 77.49
N TYR F 690 -2.19 -0.32 78.79
CA TYR F 690 -3.11 0.60 79.46
C TYR F 690 -2.50 2.00 79.55
N PHE F 691 -1.30 2.11 80.10
CA PHE F 691 -0.67 3.41 80.25
C PHE F 691 -0.51 4.11 78.91
N ALA F 692 -0.19 3.35 77.87
CA ALA F 692 -0.05 3.93 76.55
C ALA F 692 -1.32 4.64 76.11
N VAL F 693 -2.47 3.96 76.21
CA VAL F 693 -3.70 4.56 75.74
C VAL F 693 -4.15 5.69 76.66
N LEU F 694 -3.89 5.58 77.96
CA LEU F 694 -4.26 6.67 78.87
C LEU F 694 -3.47 7.93 78.57
N ILE F 695 -2.15 7.80 78.38
CA ILE F 695 -1.37 8.99 78.05
C ILE F 695 -1.70 9.49 76.65
N GLY F 696 -2.12 8.60 75.75
CA GLY F 696 -2.52 9.04 74.43
C GLY F 696 -3.83 9.78 74.43
N VAL F 697 -4.70 9.49 75.39
CA VAL F 697 -5.98 10.18 75.44
C VAL F 697 -5.83 11.59 76.00
N GLY F 698 -4.87 11.83 76.89
CA GLY F 698 -4.66 13.17 77.39
C GLY F 698 -4.23 13.30 78.83
N ALA F 699 -4.21 12.19 79.57
CA ALA F 699 -3.79 12.24 80.97
C ALA F 699 -2.34 12.69 81.08
N THR F 700 -2.02 13.40 82.15
CA THR F 700 -0.65 13.86 82.39
C THR F 700 0.17 12.80 83.13
N THR F 701 -0.27 12.42 84.32
CA THR F 701 0.35 11.35 85.08
C THR F 701 -0.68 10.26 85.36
N VAL F 702 -0.18 9.04 85.53
CA VAL F 702 -1.03 7.88 85.77
C VAL F 702 -0.50 7.14 87.00
N ASN F 703 -1.39 6.82 87.92
CA ASN F 703 -1.05 6.06 89.12
C ASN F 703 -1.83 4.76 89.14
N ALA F 704 -1.13 3.65 89.23
CA ALA F 704 -1.73 2.32 89.29
C ALA F 704 -1.37 1.72 90.65
N TYR F 705 -2.33 1.70 91.57
CA TYR F 705 -2.09 1.26 92.93
C TYR F 705 -2.47 -0.20 93.17
N LEU F 706 -3.48 -0.71 92.46
CA LEU F 706 -3.86 -2.11 92.64
C LEU F 706 -2.73 -3.04 92.20
N ALA F 707 -2.04 -2.68 91.12
CA ALA F 707 -0.90 -3.50 90.68
C ALA F 707 0.21 -3.51 91.71
N GLN F 708 0.47 -2.36 92.34
CA GLN F 708 1.51 -2.31 93.37
C GLN F 708 1.09 -3.12 94.60
N GLU F 709 -0.21 -3.07 94.96
CA GLU F 709 -0.69 -3.89 96.06
C GLU F 709 -0.54 -5.38 95.74
N ALA F 710 -0.83 -5.77 94.51
CA ALA F 710 -0.67 -7.16 94.11
C ALA F 710 0.79 -7.58 94.16
N ILE F 711 1.69 -6.69 93.73
CA ILE F 711 3.12 -6.99 93.79
C ILE F 711 3.56 -7.19 95.24
N ALA F 712 3.11 -6.31 96.13
CA ALA F 712 3.48 -6.45 97.54
C ALA F 712 2.94 -7.73 98.13
N GLU F 713 1.68 -8.07 97.81
CA GLU F 713 1.09 -9.30 98.34
C GLU F 713 1.82 -10.53 97.83
N ARG F 714 2.22 -10.52 96.56
CA ARG F 714 2.97 -11.65 96.02
C ARG F 714 4.38 -11.71 96.59
N HIS F 715 4.93 -10.57 97.01
CA HIS F 715 6.27 -10.58 97.58
C HIS F 715 6.25 -11.08 99.02
N ARG F 716 5.22 -10.73 99.80
CA ARG F 716 5.19 -11.15 101.19
C ARG F 716 5.05 -12.66 101.34
N ARG F 717 4.56 -13.35 100.31
CA ARG F 717 4.44 -14.80 100.35
C ARG F 717 5.74 -15.51 100.00
N GLY F 718 6.83 -14.78 99.76
CA GLY F 718 8.09 -15.41 99.42
C GLY F 718 8.08 -16.07 98.07
N LEU F 719 7.76 -15.31 97.02
CA LEU F 719 7.71 -15.83 95.67
C LEU F 719 8.83 -15.32 94.77
N PHE F 720 9.46 -14.21 95.12
CA PHE F 720 10.53 -13.65 94.30
C PHE F 720 11.92 -14.06 94.77
N GLY F 721 12.03 -14.67 95.95
CA GLY F 721 13.33 -15.09 96.45
C GLY F 721 13.85 -14.21 97.57
N SER F 722 14.95 -13.51 97.30
CA SER F 722 15.60 -12.67 98.29
C SER F 722 15.63 -11.20 97.88
N MET F 723 14.88 -10.85 96.84
CA MET F 723 15.00 -9.44 96.47
C MET F 723 14.06 -8.58 97.31
N PRO F 724 14.48 -7.37 97.66
CA PRO F 724 13.62 -6.49 98.46
C PRO F 724 12.40 -6.03 97.68
N LEU F 725 11.56 -5.22 98.32
CA LEU F 725 10.36 -4.72 97.65
C LEU F 725 10.69 -3.54 96.74
N GLU F 726 11.56 -2.64 97.20
CA GLU F 726 11.90 -1.47 96.40
C GLU F 726 12.63 -1.86 95.11
N LYS F 727 13.47 -2.89 95.16
CA LYS F 727 14.10 -3.37 93.94
C LYS F 727 13.07 -3.88 92.95
N GLY F 728 12.06 -4.61 93.45
CA GLY F 728 11.00 -5.08 92.57
C GLY F 728 10.21 -3.95 91.96
N MET F 729 9.89 -2.93 92.75
CA MET F 729 9.16 -1.78 92.23
C MET F 729 9.99 -1.03 91.19
N ALA F 730 11.29 -0.90 91.44
CA ALA F 730 12.15 -0.24 90.46
C ALA F 730 12.22 -1.03 89.17
N ASN F 731 12.31 -2.36 89.26
CA ASN F 731 12.32 -3.18 88.06
C ASN F 731 11.01 -3.05 87.30
N TYR F 732 9.89 -3.01 88.03
CA TYR F 732 8.59 -2.87 87.38
C TYR F 732 8.48 -1.54 86.65
N LYS F 733 8.93 -0.46 87.29
CA LYS F 733 8.86 0.85 86.65
C LYS F 733 9.79 0.92 85.45
N LYS F 734 10.98 0.32 85.54
CA LYS F 734 11.88 0.30 84.39
C LYS F 734 11.27 -0.45 83.23
N ALA F 735 10.64 -1.60 83.50
CA ALA F 735 10.01 -2.36 82.43
C ALA F 735 8.85 -1.58 81.81
N ILE F 736 8.08 -0.88 82.64
CA ILE F 736 6.97 -0.07 82.12
C ILE F 736 7.50 1.04 81.22
N ASP F 737 8.54 1.73 81.64
CA ASP F 737 9.10 2.80 80.81
C ASP F 737 9.68 2.26 79.52
N ASP F 738 10.33 1.09 79.57
CA ASP F 738 10.86 0.50 78.34
C ASP F 738 9.74 0.12 77.38
N GLY F 739 8.67 -0.47 77.89
CA GLY F 739 7.54 -0.80 77.03
C GLY F 739 6.85 0.43 76.47
N LEU F 740 6.76 1.50 77.27
CA LEU F 740 6.19 2.74 76.78
C LEU F 740 7.03 3.33 75.66
N LEU F 741 8.36 3.30 75.82
CA LEU F 741 9.24 3.77 74.75
C LEU F 741 9.10 2.91 73.50
N LYS F 742 8.92 1.60 73.67
CA LYS F 742 8.71 0.73 72.53
C LYS F 742 7.42 1.09 71.79
N ILE F 743 6.34 1.30 72.53
CA ILE F 743 5.07 1.66 71.91
C ILE F 743 5.17 3.01 71.22
N MET F 744 5.87 3.95 71.85
CA MET F 744 6.03 5.28 71.27
C MET F 744 6.92 5.27 70.05
N SER F 745 7.81 4.28 69.94
CA SER F 745 8.77 4.22 68.85
C SER F 745 8.25 3.50 67.63
N LYS F 746 7.13 2.78 67.73
CA LYS F 746 6.56 2.14 66.56
C LYS F 746 6.10 3.15 65.51
N MET F 747 5.85 4.39 65.92
CA MET F 747 5.31 5.39 65.02
C MET F 747 6.32 6.42 64.56
N GLY F 748 7.38 6.65 65.33
CA GLY F 748 8.38 7.65 64.99
C GLY F 748 8.42 8.85 65.89
N ILE F 749 7.77 8.79 67.06
CA ILE F 749 7.77 9.90 68.00
C ILE F 749 8.81 9.62 69.08
N SER F 750 9.65 10.61 69.35
CA SER F 750 10.77 10.45 70.28
C SER F 750 10.60 11.20 71.58
N VAL F 751 9.51 11.95 71.74
CA VAL F 751 9.24 12.68 72.98
C VAL F 751 7.80 12.43 73.40
N ILE F 752 7.57 12.36 74.71
CA ILE F 752 6.24 12.06 75.21
C ILE F 752 5.35 13.29 75.21
N SER F 753 5.93 14.50 75.25
CA SER F 753 5.13 15.71 75.33
C SER F 753 4.28 15.92 74.08
N SER F 754 4.82 15.56 72.92
CA SER F 754 4.09 15.69 71.67
C SER F 754 3.23 14.48 71.36
N TYR F 755 3.39 13.39 72.10
CA TYR F 755 2.55 12.21 71.94
C TYR F 755 1.32 12.24 72.84
N ARG F 756 1.38 12.98 73.95
CA ARG F 756 0.28 13.02 74.90
C ARG F 756 -0.89 13.79 74.30
N GLY F 757 -2.09 13.26 74.49
CA GLY F 757 -3.30 13.94 74.06
C GLY F 757 -3.46 14.04 72.56
N GLY F 758 -2.66 13.29 71.81
CA GLY F 758 -2.81 13.28 70.37
C GLY F 758 -3.65 12.11 69.92
N GLY F 759 -3.62 11.03 70.69
CA GLY F 759 -4.45 9.88 70.41
C GLY F 759 -4.14 9.20 69.11
N ASN F 760 -2.93 8.65 68.98
CA ASN F 760 -2.57 7.88 67.80
C ASN F 760 -2.88 6.39 68.00
N PHE F 761 -4.14 6.11 68.28
CA PHE F 761 -4.68 4.76 68.34
C PHE F 761 -5.78 4.67 67.31
N GLU F 762 -6.44 3.52 67.23
CA GLU F 762 -7.57 3.42 66.34
C GLU F 762 -8.59 2.44 66.91
N ALA F 763 -9.83 2.90 67.02
CA ALA F 763 -10.90 2.12 67.63
C ALA F 763 -11.60 1.28 66.57
N ILE F 764 -11.74 -0.02 66.84
CA ILE F 764 -12.47 -0.93 65.98
C ILE F 764 -13.57 -1.55 66.82
N GLY F 765 -14.82 -1.23 66.50
CA GLY F 765 -15.95 -1.77 67.22
C GLY F 765 -16.62 -0.82 68.19
N LEU F 766 -16.42 0.49 68.06
CA LEU F 766 -17.10 1.47 68.87
C LEU F 766 -18.00 2.34 68.00
N SER F 767 -19.09 2.81 68.57
CA SER F 767 -20.04 3.63 67.82
C SER F 767 -19.38 4.91 67.35
N ARG F 768 -19.77 5.36 66.15
CA ARG F 768 -19.20 6.58 65.60
C ARG F 768 -19.53 7.78 66.48
N ALA F 769 -20.73 7.81 67.05
CA ALA F 769 -21.11 8.92 67.92
C ALA F 769 -20.22 8.99 69.15
N LEU F 770 -20.04 7.86 69.82
CA LEU F 770 -19.25 7.83 71.05
C LEU F 770 -17.82 8.30 70.78
N VAL F 771 -17.20 7.78 69.72
CA VAL F 771 -15.81 8.12 69.42
C VAL F 771 -15.71 9.58 69.01
N ALA F 772 -16.56 10.03 68.09
CA ALA F 772 -16.49 11.40 67.62
C ALA F 772 -16.92 12.41 68.68
N GLU F 773 -17.53 11.96 69.78
CA GLU F 773 -17.95 12.88 70.82
C GLU F 773 -16.97 12.93 72.00
N HIS F 774 -16.43 11.80 72.42
CA HIS F 774 -15.58 11.75 73.59
C HIS F 774 -14.10 11.64 73.29
N PHE F 775 -13.72 11.31 72.05
CA PHE F 775 -12.32 11.13 71.76
C PHE F 775 -11.86 12.12 70.69
N PRO F 776 -10.65 12.67 70.82
CA PRO F 776 -10.24 13.78 69.95
C PRO F 776 -10.24 13.44 68.46
N ALA F 777 -9.42 12.47 68.06
CA ALA F 777 -9.26 12.18 66.63
C ALA F 777 -8.96 10.69 66.47
N MET F 778 -10.02 9.91 66.28
CA MET F 778 -9.89 8.49 65.95
C MET F 778 -10.98 8.15 64.94
N VAL F 779 -10.72 7.13 64.14
CA VAL F 779 -11.64 6.72 63.09
C VAL F 779 -12.22 5.37 63.48
N SER F 780 -13.53 5.23 63.33
CA SER F 780 -14.24 3.97 63.55
C SER F 780 -14.98 3.67 62.25
N ARG F 781 -14.29 2.97 61.34
CA ARG F 781 -14.88 2.70 60.03
C ARG F 781 -16.11 1.81 60.13
N ILE F 782 -16.27 1.08 61.22
CA ILE F 782 -17.50 0.34 61.51
C ILE F 782 -17.94 0.69 62.92
N SER F 783 -19.20 1.07 63.06
CA SER F 783 -19.72 1.38 64.38
C SER F 783 -19.85 0.11 65.21
N GLY F 784 -19.95 0.29 66.50
CA GLY F 784 -20.05 -0.83 67.43
C GLY F 784 -21.01 -0.51 68.55
N ILE F 785 -20.74 -1.08 69.72
CA ILE F 785 -21.61 -0.86 70.87
C ILE F 785 -21.53 0.59 71.31
N GLY F 786 -22.66 1.11 71.80
CA GLY F 786 -22.70 2.47 72.31
C GLY F 786 -22.37 2.52 73.78
N LEU F 787 -23.17 3.24 74.56
CA LEU F 787 -22.98 3.30 75.99
C LEU F 787 -23.74 2.20 76.73
N ASN F 788 -24.84 1.71 76.14
CA ASN F 788 -25.64 0.69 76.80
C ASN F 788 -24.89 -0.62 76.92
N GLY F 789 -24.16 -1.02 75.87
CA GLY F 789 -23.39 -2.24 75.95
C GLY F 789 -22.28 -2.18 76.98
N ILE F 790 -21.58 -1.05 77.03
CA ILE F 790 -20.54 -0.86 78.04
C ILE F 790 -21.14 -0.92 79.43
N GLN F 791 -22.27 -0.25 79.64
CA GLN F 791 -22.92 -0.26 80.95
C GLN F 791 -23.34 -1.68 81.32
N LYS F 792 -23.90 -2.43 80.37
CA LYS F 792 -24.32 -3.79 80.67
C LYS F 792 -23.13 -4.66 81.06
N LYS F 793 -22.05 -4.59 80.30
CA LYS F 793 -20.87 -5.38 80.63
C LYS F 793 -20.33 -5.03 82.00
N VAL F 794 -20.20 -3.72 82.29
CA VAL F 794 -19.65 -3.29 83.56
C VAL F 794 -20.53 -3.76 84.71
N LEU F 795 -21.84 -3.57 84.59
CA LEU F 795 -22.74 -3.97 85.65
C LEU F 795 -22.73 -5.48 85.85
N GLU F 796 -22.66 -6.24 84.76
CA GLU F 796 -22.62 -7.69 84.87
C GLU F 796 -21.39 -8.14 85.65
N GLN F 797 -20.21 -7.63 85.27
CA GLN F 797 -18.99 -8.03 85.96
C GLN F 797 -19.01 -7.58 87.42
N HIS F 798 -19.51 -6.37 87.67
CA HIS F 798 -19.58 -5.88 89.05
C HIS F 798 -20.48 -6.75 89.90
N ALA F 799 -21.64 -7.15 89.37
CA ALA F 799 -22.54 -8.02 90.11
C ALA F 799 -21.90 -9.37 90.37
N THR F 800 -21.28 -9.96 89.34
CA THR F 800 -20.61 -11.24 89.51
C THR F 800 -19.55 -11.17 90.60
N ALA F 801 -18.84 -10.04 90.70
CA ALA F 801 -17.75 -9.97 91.66
C ALA F 801 -18.23 -9.64 93.07
N TYR F 802 -19.27 -8.82 93.21
CA TYR F 802 -19.64 -8.30 94.52
C TYR F 802 -20.87 -8.93 95.13
N ASN F 803 -21.59 -9.77 94.39
CA ASN F 803 -22.70 -10.51 94.95
C ASN F 803 -22.44 -12.00 95.03
N GLU F 804 -21.50 -12.51 94.25
CA GLU F 804 -21.12 -13.90 94.32
C GLU F 804 -19.89 -14.05 95.20
N GLU F 805 -19.75 -15.23 95.77
CA GLU F 805 -18.93 -15.42 96.95
C GLU F 805 -17.56 -15.94 96.52
N VAL F 806 -16.64 -15.04 96.20
CA VAL F 806 -15.38 -15.41 95.57
C VAL F 806 -14.46 -16.08 96.58
N VAL F 807 -13.74 -17.11 96.11
CA VAL F 807 -12.76 -17.81 96.94
C VAL F 807 -11.39 -17.76 96.27
N ALA F 808 -11.38 -17.62 94.94
CA ALA F 808 -10.15 -17.57 94.16
C ALA F 808 -10.49 -17.06 92.78
N LEU F 809 -9.47 -16.55 92.10
CA LEU F 809 -9.65 -16.02 90.75
C LEU F 809 -9.73 -17.15 89.73
N PRO F 810 -10.48 -16.97 88.66
CA PRO F 810 -10.52 -17.99 87.61
C PRO F 810 -9.18 -18.09 86.90
N VAL F 811 -8.92 -19.28 86.34
CA VAL F 811 -7.66 -19.50 85.63
C VAL F 811 -7.56 -18.58 84.43
N GLY F 812 -8.60 -18.52 83.62
CA GLY F 812 -8.64 -17.59 82.50
C GLY F 812 -7.84 -18.05 81.31
N GLY F 813 -8.44 -18.00 80.12
CA GLY F 813 -7.69 -18.29 78.92
C GLY F 813 -7.73 -17.16 77.92
N PHE F 814 -6.62 -16.46 77.77
CA PHE F 814 -6.50 -15.43 76.75
C PHE F 814 -5.26 -15.61 75.89
N TYR F 815 -4.14 -16.04 76.48
CA TYR F 815 -2.94 -16.36 75.73
C TYR F 815 -2.78 -17.85 75.50
N ARG F 816 -3.35 -18.68 76.36
CA ARG F 816 -3.34 -20.12 76.24
C ARG F 816 -4.77 -20.62 76.45
N PHE F 817 -5.13 -21.70 75.77
CA PHE F 817 -6.49 -22.20 75.91
C PHE F 817 -6.72 -22.88 77.25
N ARG F 818 -7.89 -22.60 77.82
CA ARG F 818 -8.40 -23.27 79.01
C ARG F 818 -9.90 -23.42 78.80
N LYS F 819 -10.45 -24.54 79.27
CA LYS F 819 -11.86 -24.84 78.99
C LYS F 819 -12.78 -23.78 79.56
N SER F 820 -12.36 -23.12 80.65
CA SER F 820 -13.20 -22.11 81.27
C SER F 820 -13.11 -20.77 80.55
N GLY F 821 -12.07 -20.54 79.75
CA GLY F 821 -11.83 -19.26 79.13
C GLY F 821 -12.60 -19.04 77.84
N ASP F 822 -12.00 -18.26 76.94
CA ASP F 822 -12.62 -17.88 75.69
C ASP F 822 -12.49 -18.99 74.66
N ARG F 823 -12.99 -18.72 73.46
CA ARG F 823 -12.82 -19.62 72.33
C ARG F 823 -11.59 -19.20 71.52
N HIS F 824 -11.11 -20.12 70.70
CA HIS F 824 -9.92 -19.87 69.89
C HIS F 824 -10.14 -20.40 68.49
N GLY F 825 -9.22 -20.05 67.60
CA GLY F 825 -9.30 -20.51 66.22
C GLY F 825 -8.81 -21.94 66.04
N TRP F 826 -7.56 -22.20 66.38
CA TRP F 826 -6.96 -23.51 66.22
C TRP F 826 -7.05 -24.26 67.55
N GLU F 827 -7.78 -25.37 67.58
CA GLU F 827 -7.85 -26.16 68.80
C GLU F 827 -7.83 -27.66 68.50
N GLY F 828 -8.02 -28.46 69.55
CA GLY F 828 -7.63 -29.86 69.50
C GLY F 828 -8.41 -30.66 68.47
N GLY F 829 -9.73 -30.55 68.50
CA GLY F 829 -10.54 -31.32 67.57
C GLY F 829 -10.21 -31.01 66.12
N VAL F 830 -10.16 -29.72 65.78
CA VAL F 830 -9.94 -29.33 64.40
C VAL F 830 -8.52 -29.69 63.96
N ILE F 831 -7.55 -29.57 64.86
CA ILE F 831 -6.17 -29.88 64.48
C ILE F 831 -5.99 -31.38 64.26
N HIS F 832 -6.51 -32.19 65.17
CA HIS F 832 -6.43 -33.64 64.98
C HIS F 832 -7.14 -34.07 63.72
N THR F 833 -8.33 -33.52 63.47
CA THR F 833 -9.07 -33.93 62.28
C THR F 833 -8.37 -33.46 61.01
N LEU F 834 -7.71 -32.29 61.03
CA LEU F 834 -6.97 -31.84 59.86
C LEU F 834 -5.75 -32.72 59.62
N GLN F 835 -5.01 -33.06 60.67
CA GLN F 835 -3.85 -33.93 60.51
C GLN F 835 -4.27 -35.30 60.01
N GLN F 836 -5.40 -35.81 60.48
CA GLN F 836 -5.87 -37.12 59.99
C GLN F 836 -6.26 -37.04 58.53
N ALA F 837 -7.02 -36.01 58.15
CA ALA F 837 -7.41 -35.86 56.75
C ALA F 837 -6.19 -35.71 55.84
N VAL F 838 -5.13 -35.06 56.34
CA VAL F 838 -3.96 -34.83 55.50
C VAL F 838 -3.08 -36.07 55.44
N THR F 839 -3.04 -36.85 56.52
CA THR F 839 -2.17 -38.02 56.55
C THR F 839 -2.78 -39.19 55.81
N ASN F 840 -4.07 -39.49 56.04
CA ASN F 840 -4.71 -40.60 55.37
C ASN F 840 -5.03 -40.32 53.90
N ASP F 841 -5.06 -39.04 53.51
CA ASP F 841 -5.34 -38.61 52.15
C ASP F 841 -6.72 -39.11 51.71
N SER F 842 -7.73 -38.55 52.37
CA SER F 842 -9.12 -38.79 52.04
C SER F 842 -9.88 -37.48 52.11
N TYR F 843 -10.74 -37.23 51.13
CA TYR F 843 -11.38 -35.92 51.03
C TYR F 843 -12.51 -35.74 52.05
N THR F 844 -13.37 -36.76 52.20
CA THR F 844 -14.49 -36.63 53.11
C THR F 844 -14.06 -36.24 54.52
N THR F 845 -12.89 -36.71 54.95
CA THR F 845 -12.34 -36.26 56.22
C THR F 845 -12.09 -34.75 56.21
N PHE F 846 -11.60 -34.23 55.08
CA PHE F 846 -11.35 -32.80 55.00
C PHE F 846 -12.65 -32.00 54.97
N LYS F 847 -13.70 -32.54 54.35
CA LYS F 847 -14.99 -31.87 54.43
C LYS F 847 -15.54 -31.89 55.85
N LYS F 848 -15.29 -32.98 56.58
CA LYS F 848 -15.66 -33.00 58.00
C LYS F 848 -14.92 -31.91 58.77
N TYR F 849 -13.64 -31.72 58.43
CA TYR F 849 -12.86 -30.65 59.05
C TYR F 849 -13.47 -29.28 58.77
N SER F 850 -13.74 -29.00 57.50
CA SER F 850 -14.32 -27.71 57.13
C SER F 850 -15.71 -27.53 57.74
N GLU F 851 -16.48 -28.61 57.85
CA GLU F 851 -17.80 -28.53 58.45
C GLU F 851 -17.70 -28.20 59.92
N GLN F 852 -16.70 -28.76 60.62
CA GLN F 852 -16.50 -28.41 62.02
C GLN F 852 -16.10 -26.95 62.16
N VAL F 853 -15.16 -26.48 61.34
CA VAL F 853 -14.64 -25.12 61.55
C VAL F 853 -15.62 -24.05 61.07
N ASN F 854 -16.52 -24.37 60.14
CA ASN F 854 -17.50 -23.39 59.66
C ASN F 854 -18.81 -23.44 60.40
N LYS F 855 -18.81 -23.83 61.68
CA LYS F 855 -20.03 -23.92 62.45
C LYS F 855 -19.97 -23.24 63.81
N ARG F 856 -18.80 -22.80 64.26
CA ARG F 856 -18.72 -22.11 65.53
C ARG F 856 -19.41 -20.75 65.44
N PRO F 857 -19.77 -20.16 66.57
CA PRO F 857 -20.26 -18.78 66.57
C PRO F 857 -19.25 -17.85 65.93
N PRO F 858 -19.68 -16.70 65.44
CA PRO F 858 -18.75 -15.81 64.73
C PRO F 858 -17.59 -15.38 65.60
N MET F 859 -16.40 -15.38 65.01
CA MET F 859 -15.18 -14.97 65.70
C MET F 859 -14.37 -13.92 64.97
N GLN F 860 -14.58 -13.72 63.67
CA GLN F 860 -13.85 -12.73 62.91
C GLN F 860 -14.83 -11.96 62.04
N LEU F 861 -14.34 -10.93 61.36
CA LEU F 861 -15.21 -10.10 60.53
C LEU F 861 -15.83 -10.89 59.39
N ARG F 862 -15.05 -11.78 58.77
CA ARG F 862 -15.51 -12.54 57.61
C ARG F 862 -16.47 -13.65 57.97
N ASP F 863 -16.91 -13.74 59.23
CA ASP F 863 -17.91 -14.73 59.61
C ASP F 863 -19.33 -14.23 59.50
N LEU F 864 -19.53 -12.90 59.45
CA LEU F 864 -20.87 -12.33 59.36
C LEU F 864 -21.37 -12.22 57.93
N LEU F 865 -20.49 -12.09 56.94
CA LEU F 865 -20.90 -11.95 55.55
C LEU F 865 -21.40 -13.27 55.00
N GLU F 866 -22.13 -13.20 53.92
CA GLU F 866 -22.87 -14.34 53.42
C GLU F 866 -22.86 -14.29 51.90
N LEU F 867 -22.64 -15.43 51.26
CA LEU F 867 -22.68 -15.49 49.81
C LEU F 867 -24.10 -15.65 49.32
N ARG F 868 -24.43 -14.98 48.22
CA ARG F 868 -25.78 -15.03 47.66
C ARG F 868 -25.72 -14.67 46.19
N SER F 869 -26.00 -15.63 45.31
CA SER F 869 -25.99 -15.40 43.88
C SER F 869 -27.43 -15.36 43.35
N THR F 870 -27.55 -15.08 42.05
CA THR F 870 -28.84 -15.05 41.38
C THR F 870 -28.87 -15.85 40.09
N LYS F 871 -27.81 -16.58 39.76
CA LYS F 871 -27.78 -17.40 38.57
C LYS F 871 -28.10 -18.86 38.93
N ALA F 872 -28.02 -19.75 37.95
CA ALA F 872 -28.31 -21.14 38.25
C ALA F 872 -27.02 -21.95 38.35
N PRO F 873 -26.99 -22.94 39.24
CA PRO F 873 -25.78 -23.73 39.42
C PRO F 873 -25.34 -24.42 38.14
N VAL F 874 -24.05 -24.67 38.05
CA VAL F 874 -23.46 -25.38 36.92
C VAL F 874 -22.72 -26.59 37.48
N PRO F 875 -22.51 -27.63 36.66
CA PRO F 875 -21.90 -28.86 37.18
C PRO F 875 -20.46 -28.67 37.60
N VAL F 876 -19.96 -29.68 38.32
CA VAL F 876 -18.62 -29.60 38.89
C VAL F 876 -17.55 -29.77 37.82
N ASP F 877 -17.84 -30.49 36.74
CA ASP F 877 -16.84 -30.80 35.73
C ASP F 877 -16.57 -29.63 34.81
N GLU F 878 -17.31 -28.53 34.95
CA GLU F 878 -17.19 -27.41 34.02
C GLU F 878 -16.27 -26.31 34.51
N VAL F 879 -16.05 -26.21 35.82
CA VAL F 879 -15.18 -25.20 36.42
C VAL F 879 -13.72 -25.52 36.08
N GLU F 880 -12.83 -24.57 36.36
CA GLU F 880 -11.39 -24.75 36.14
C GLU F 880 -10.86 -26.02 36.76
N SER F 881 -9.75 -26.54 36.24
CA SER F 881 -9.12 -27.69 36.84
C SER F 881 -8.38 -27.28 38.12
N ILE F 882 -8.01 -28.29 38.92
CA ILE F 882 -7.29 -28.03 40.15
C ILE F 882 -5.92 -27.43 39.88
N THR F 883 -5.37 -27.62 38.69
CA THR F 883 -4.02 -27.14 38.39
C THR F 883 -3.96 -25.62 38.40
N ALA F 884 -4.74 -24.98 37.54
CA ALA F 884 -4.71 -23.53 37.41
C ALA F 884 -5.20 -22.82 38.67
N ILE F 885 -5.91 -23.52 39.55
CA ILE F 885 -6.31 -22.93 40.82
C ILE F 885 -5.24 -23.11 41.87
N ARG F 886 -4.58 -24.28 41.90
CA ARG F 886 -3.48 -24.46 42.84
C ARG F 886 -2.31 -23.55 42.51
N LYS F 887 -2.13 -23.19 41.24
CA LYS F 887 -1.03 -22.25 41.00
C LYS F 887 -1.31 -20.85 41.52
N ARG F 888 -2.43 -20.60 42.19
CA ARG F 888 -2.73 -19.31 42.79
C ARG F 888 -2.36 -19.25 44.26
N PHE F 889 -1.93 -20.35 44.85
CA PHE F 889 -1.56 -20.40 46.26
C PHE F 889 -0.04 -20.35 46.39
N ILE F 890 0.42 -19.63 47.41
CA ILE F 890 1.84 -19.59 47.74
C ILE F 890 1.99 -19.81 49.25
N THR F 891 3.24 -20.01 49.67
CA THR F 891 3.56 -20.17 51.07
C THR F 891 4.29 -18.93 51.57
N PRO F 892 3.86 -18.34 52.69
CA PRO F 892 4.52 -17.14 53.18
C PRO F 892 5.95 -17.44 53.64
N GLY F 893 6.65 -16.36 54.02
CA GLY F 893 8.04 -16.50 54.41
C GLY F 893 8.18 -16.95 55.86
N MET F 894 9.09 -17.89 56.07
CA MET F 894 9.45 -18.36 57.41
C MET F 894 10.96 -18.56 57.43
N SER F 895 11.65 -17.76 58.24
CA SER F 895 13.10 -17.75 58.22
C SER F 895 13.68 -19.08 58.67
N MET F 896 14.94 -19.31 58.28
CA MET F 896 15.66 -20.50 58.73
C MET F 896 16.14 -20.38 60.17
N GLY F 897 16.23 -19.16 60.71
CA GLY F 897 16.56 -19.02 62.12
C GLY F 897 15.47 -19.57 63.04
N ALA F 898 14.21 -19.38 62.64
CA ALA F 898 13.10 -19.89 63.43
C ALA F 898 12.83 -21.36 63.13
N LEU F 899 12.54 -21.69 61.88
CA LEU F 899 12.24 -23.06 61.50
C LEU F 899 13.52 -23.89 61.47
N SER F 900 13.35 -25.18 61.47
CA SER F 900 14.48 -26.08 61.33
C SER F 900 14.79 -26.30 59.85
N PRO F 901 16.04 -26.60 59.52
CA PRO F 901 16.39 -26.80 58.09
C PRO F 901 15.53 -27.85 57.41
N GLU F 902 15.14 -28.91 58.12
CA GLU F 902 14.36 -29.96 57.50
C GLU F 902 12.97 -29.47 57.10
N ALA F 903 12.30 -28.74 57.99
CA ALA F 903 10.97 -28.24 57.67
C ALA F 903 11.02 -27.21 56.54
N HIS F 904 12.00 -26.31 56.57
CA HIS F 904 12.17 -25.33 55.51
C HIS F 904 12.37 -26.02 54.16
N GLY F 905 13.28 -26.99 54.13
CA GLY F 905 13.50 -27.72 52.89
C GLY F 905 12.27 -28.48 52.43
N THR F 906 11.52 -29.05 53.39
CA THR F 906 10.31 -29.78 53.03
C THR F 906 9.29 -28.87 52.37
N LEU F 907 9.09 -27.68 52.95
CA LEU F 907 8.18 -26.72 52.34
C LEU F 907 8.65 -26.32 50.95
N ASN F 908 9.94 -26.02 50.81
CA ASN F 908 10.47 -25.61 49.51
C ASN F 908 10.30 -26.70 48.46
N VAL F 909 10.47 -27.95 48.86
CA VAL F 909 10.30 -29.05 47.91
C VAL F 909 8.84 -29.27 47.56
N ALA F 910 7.95 -29.21 48.56
CA ALA F 910 6.54 -29.48 48.30
C ALA F 910 5.93 -28.40 47.40
N MET F 911 6.31 -27.13 47.62
CA MET F 911 5.66 -26.06 46.86
C MET F 911 6.14 -26.02 45.42
N ASN F 912 7.36 -26.48 45.14
CA ASN F 912 7.85 -26.53 43.78
C ASN F 912 7.33 -27.73 43.01
N ARG F 913 6.81 -28.74 43.69
CA ARG F 913 6.36 -29.96 43.02
C ARG F 913 5.04 -29.73 42.27
N ILE F 914 4.17 -28.87 42.79
CA ILE F 914 2.87 -28.63 42.18
C ILE F 914 2.88 -27.44 41.23
N GLY F 915 4.01 -26.75 41.10
CA GLY F 915 4.12 -25.61 40.21
C GLY F 915 3.84 -24.27 40.84
N ALA F 916 3.60 -24.22 42.14
CA ALA F 916 3.31 -22.96 42.82
C ALA F 916 4.62 -22.29 43.25
N LYS F 917 4.50 -21.26 44.08
CA LYS F 917 5.64 -20.52 44.57
C LYS F 917 5.80 -20.72 46.07
N SER F 918 7.05 -20.76 46.52
CA SER F 918 7.41 -20.83 47.93
C SER F 918 8.08 -19.53 48.34
N ASP F 919 8.56 -19.47 49.57
CA ASP F 919 9.22 -18.28 50.07
C ASP F 919 10.33 -18.68 51.03
N SER F 920 11.44 -17.95 50.95
CA SER F 920 12.58 -18.21 51.83
C SER F 920 12.61 -17.30 53.05
N GLY F 921 11.96 -16.15 52.99
CA GLY F 921 11.96 -15.23 54.11
C GLY F 921 13.35 -14.71 54.41
N GLU F 922 13.42 -13.98 55.52
CA GLU F 922 14.69 -13.45 55.98
C GLU F 922 15.61 -14.58 56.44
N GLY F 923 16.85 -14.23 56.75
CA GLY F 923 17.82 -15.20 57.20
C GLY F 923 18.62 -15.88 56.12
N GLY F 924 18.47 -15.48 54.87
CA GLY F 924 19.27 -16.04 53.80
C GLY F 924 18.86 -17.48 53.45
N GLU F 925 19.70 -18.10 52.62
CA GLU F 925 19.46 -19.45 52.18
C GLU F 925 20.79 -20.13 51.88
N ASP F 926 20.74 -21.47 51.80
CA ASP F 926 21.92 -22.28 51.55
C ASP F 926 22.29 -22.22 50.07
N PRO F 927 23.52 -21.82 49.73
CA PRO F 927 23.91 -21.84 48.31
C PRO F 927 23.92 -23.24 47.73
N ALA F 928 24.34 -24.24 48.50
CA ALA F 928 24.44 -25.60 47.98
C ALA F 928 23.10 -26.16 47.54
N ARG F 929 21.99 -25.54 47.95
CA ARG F 929 20.67 -25.98 47.52
C ARG F 929 20.25 -25.37 46.19
N PHE F 930 21.19 -24.77 45.45
CA PHE F 930 20.86 -24.00 44.26
C PHE F 930 20.75 -24.86 43.00
N ARG F 931 20.91 -26.17 43.11
CA ARG F 931 20.78 -27.03 41.95
C ARG F 931 19.74 -28.11 42.21
N PRO F 932 18.98 -28.50 41.19
CA PRO F 932 17.95 -29.52 41.39
C PRO F 932 18.56 -30.83 41.88
N ASP F 933 17.87 -31.50 42.78
CA ASP F 933 18.34 -32.78 43.23
C ASP F 933 18.11 -33.84 42.16
N LYS F 934 18.87 -34.92 42.27
CA LYS F 934 18.78 -36.08 41.40
C LYS F 934 17.69 -37.05 41.84
N ASN F 935 16.98 -36.74 42.93
CA ASN F 935 15.62 -37.24 43.10
C ASN F 935 14.62 -36.45 42.28
N GLY F 936 15.05 -35.37 41.63
CA GLY F 936 14.15 -34.42 41.03
C GLY F 936 13.66 -33.33 41.95
N ASP F 937 13.81 -33.51 43.27
CA ASP F 937 13.23 -32.56 44.21
C ASP F 937 14.03 -31.27 44.24
N ASN F 938 13.41 -30.16 43.88
CA ASN F 938 14.08 -28.86 43.81
C ASN F 938 13.94 -28.17 45.15
N TRP F 939 15.04 -28.06 45.90
CA TRP F 939 15.03 -27.46 47.23
C TRP F 939 15.12 -25.94 47.18
N ASN F 940 15.19 -25.33 46.01
CA ASN F 940 15.30 -23.88 45.91
C ASN F 940 13.97 -23.23 46.29
N SER F 941 13.99 -21.90 46.40
CA SER F 941 12.79 -21.11 46.68
C SER F 941 12.60 -20.07 45.59
N ALA F 942 11.37 -19.94 45.11
CA ALA F 942 11.08 -19.05 43.99
C ALA F 942 10.94 -17.60 44.39
N ILE F 943 10.91 -17.28 45.68
CA ILE F 943 10.73 -15.92 46.15
C ILE F 943 11.75 -15.63 47.24
N LYS F 944 12.55 -14.58 47.06
CA LYS F 944 13.55 -14.17 48.03
C LYS F 944 13.12 -12.86 48.69
N GLN F 945 13.44 -12.71 49.96
CA GLN F 945 13.07 -11.54 50.73
C GLN F 945 14.27 -10.62 50.93
N VAL F 946 13.99 -9.33 51.02
CA VAL F 946 14.99 -8.34 51.39
C VAL F 946 14.53 -7.73 52.71
N ALA F 947 15.00 -8.31 53.82
CA ALA F 947 14.63 -7.80 55.11
C ALA F 947 15.33 -6.49 55.37
N SER F 948 15.03 -5.93 56.53
CA SER F 948 15.68 -4.69 56.95
C SER F 948 17.04 -4.95 57.58
N GLY F 949 17.38 -6.20 57.84
CA GLY F 949 18.68 -6.54 58.40
C GLY F 949 19.71 -6.90 57.36
N ARG F 950 19.27 -7.35 56.19
CA ARG F 950 20.15 -7.77 55.10
C ARG F 950 21.18 -8.78 55.61
N PHE F 951 20.66 -9.89 56.13
CA PHE F 951 21.53 -10.82 56.86
C PHE F 951 22.29 -11.74 55.92
N GLY F 952 21.73 -12.05 54.75
CA GLY F 952 22.42 -12.91 53.81
C GLY F 952 22.29 -12.42 52.38
N VAL F 953 21.91 -11.16 52.21
CA VAL F 953 21.65 -10.61 50.88
C VAL F 953 22.98 -10.37 50.18
N THR F 954 23.24 -11.15 49.12
CA THR F 954 24.45 -10.96 48.31
C THR F 954 24.06 -10.81 46.85
N ALA F 955 25.04 -10.84 45.95
CA ALA F 955 24.73 -10.70 44.54
C ALA F 955 24.21 -12.00 43.94
N GLU F 956 24.66 -13.15 44.44
CA GLU F 956 24.13 -14.42 43.97
C GLU F 956 22.78 -14.75 44.58
N TYR F 957 22.51 -14.25 45.78
CA TYR F 957 21.24 -14.51 46.44
C TYR F 957 20.08 -13.84 45.72
N LEU F 958 20.34 -12.82 44.91
CA LEU F 958 19.29 -12.11 44.19
C LEU F 958 19.19 -12.53 42.73
N ASN F 959 20.17 -13.24 42.20
CA ASN F 959 20.11 -13.75 40.83
C ASN F 959 19.72 -15.21 40.78
N GLN F 960 19.22 -15.78 41.87
CA GLN F 960 18.77 -17.16 41.92
C GLN F 960 17.32 -17.22 42.37
N CYS F 961 16.49 -16.38 41.76
CA CYS F 961 15.07 -16.34 42.05
C CYS F 961 14.33 -15.87 40.81
N ARG F 962 13.01 -16.04 40.85
CA ARG F 962 12.14 -15.54 39.80
C ARG F 962 11.38 -14.29 40.20
N GLU F 963 11.25 -14.02 41.50
CA GLU F 963 10.31 -13.01 41.94
C GLU F 963 10.73 -12.53 43.33
N LEU F 964 10.98 -11.23 43.47
CA LEU F 964 11.53 -10.68 44.70
C LEU F 964 10.42 -10.16 45.62
N GLU F 965 10.80 -9.81 46.85
CA GLU F 965 9.81 -9.37 47.84
C GLU F 965 10.48 -8.44 48.84
N ILE F 966 9.96 -7.23 48.97
CA ILE F 966 10.41 -6.28 49.98
C ILE F 966 9.47 -6.38 51.18
N LYS F 967 10.05 -6.54 52.37
CA LYS F 967 9.27 -6.67 53.60
C LYS F 967 9.40 -5.39 54.40
N VAL F 968 8.30 -4.63 54.48
CA VAL F 968 8.30 -3.39 55.24
C VAL F 968 7.84 -3.60 56.67
N ALA F 969 6.78 -4.39 56.87
CA ALA F 969 6.27 -4.65 58.20
C ALA F 969 5.59 -6.01 58.21
N GLN F 970 5.73 -6.72 59.32
CA GLN F 970 5.18 -8.06 59.45
C GLN F 970 3.79 -8.00 60.08
N GLY F 971 3.01 -9.06 59.85
CA GLY F 971 1.63 -9.07 60.31
C GLY F 971 1.50 -9.12 61.82
N ALA F 972 2.34 -9.94 62.47
CA ALA F 972 2.22 -10.12 63.92
C ALA F 972 2.78 -8.93 64.68
N LYS F 973 4.01 -8.51 64.34
CA LYS F 973 4.69 -7.41 65.02
C LYS F 973 4.92 -6.29 64.02
N PRO F 974 3.94 -5.42 63.82
CA PRO F 974 4.15 -4.27 62.92
C PRO F 974 5.01 -3.22 63.57
N GLY F 975 5.81 -2.55 62.75
CA GLY F 975 6.73 -1.55 63.27
C GLY F 975 7.79 -2.12 64.18
N GLU F 976 8.25 -3.33 63.89
CA GLU F 976 9.24 -3.99 64.73
C GLU F 976 10.05 -4.95 63.88
N GLY F 977 11.20 -5.35 64.41
CA GLY F 977 12.11 -6.25 63.73
C GLY F 977 12.08 -7.63 64.34
N GLY F 978 12.33 -8.65 63.52
CA GLY F 978 12.36 -10.00 64.01
C GLY F 978 13.49 -10.22 65.00
N GLN F 979 13.29 -11.19 65.89
CA GLN F 979 14.25 -11.52 66.92
C GLN F 979 14.74 -12.96 66.76
N LEU F 980 15.85 -13.25 67.41
CA LEU F 980 16.42 -14.59 67.42
C LEU F 980 17.26 -14.77 68.68
N PRO F 981 16.89 -15.70 69.56
CA PRO F 981 17.60 -15.83 70.84
C PRO F 981 19.06 -16.18 70.66
N GLY F 982 19.82 -15.97 71.74
CA GLY F 982 21.26 -16.14 71.68
C GLY F 982 21.72 -17.57 71.56
N PHE F 983 20.88 -18.52 71.96
CA PHE F 983 21.22 -19.93 71.86
C PHE F 983 20.64 -20.60 70.62
N LYS F 984 19.86 -19.88 69.82
CA LYS F 984 19.35 -20.43 68.57
C LYS F 984 20.37 -20.36 67.44
N VAL F 985 21.50 -19.69 67.64
CA VAL F 985 22.47 -19.44 66.58
C VAL F 985 23.58 -20.47 66.72
N THR F 986 23.61 -21.44 65.79
CA THR F 986 24.64 -22.44 65.72
C THR F 986 25.71 -22.02 64.72
N GLU F 987 26.63 -22.94 64.42
CA GLU F 987 27.60 -22.71 63.34
C GLU F 987 26.92 -22.53 61.99
N MET F 988 25.92 -23.37 61.69
CA MET F 988 25.30 -23.29 60.38
C MET F 988 24.62 -21.95 60.17
N ILE F 989 23.86 -21.49 61.17
CA ILE F 989 23.18 -20.21 61.03
C ILE F 989 24.17 -19.06 61.08
N ALA F 990 25.21 -19.16 61.93
CA ALA F 990 26.19 -18.08 62.01
C ALA F 990 26.93 -17.92 60.69
N ARG F 991 27.24 -19.03 60.03
CA ARG F 991 27.88 -18.97 58.73
C ARG F 991 26.92 -18.52 57.64
N LEU F 992 25.64 -18.87 57.78
CA LEU F 992 24.66 -18.50 56.76
C LEU F 992 24.28 -17.03 56.86
N ARG F 993 24.46 -16.42 58.02
CA ARG F 993 24.12 -15.03 58.23
C ARG F 993 25.33 -14.12 58.41
N HIS F 994 26.53 -14.68 58.39
CA HIS F 994 27.76 -13.89 58.55
C HIS F 994 27.72 -13.10 59.86
N SER F 995 27.55 -13.84 60.96
CA SER F 995 27.39 -13.23 62.28
C SER F 995 28.29 -13.98 63.26
N THR F 996 28.10 -13.69 64.55
CA THR F 996 28.91 -14.30 65.60
C THR F 996 28.13 -15.41 66.28
N PRO F 997 28.70 -16.60 66.43
CA PRO F 997 27.97 -17.71 67.04
C PRO F 997 27.64 -17.43 68.50
N GLY F 998 26.43 -17.81 68.91
CA GLY F 998 26.01 -17.64 70.28
C GLY F 998 25.66 -16.22 70.66
N VAL F 999 25.06 -15.47 69.73
CA VAL F 999 24.76 -14.06 69.93
C VAL F 999 23.32 -13.79 69.55
N MET F 1000 22.62 -13.02 70.38
CA MET F 1000 21.28 -12.60 70.03
C MET F 1000 21.31 -11.67 68.84
N LEU F 1001 20.42 -11.92 67.87
CA LEU F 1001 20.36 -11.12 66.64
C LEU F 1001 18.97 -10.50 66.56
N ILE F 1002 18.91 -9.18 66.71
CA ILE F 1002 17.66 -8.43 66.65
C ILE F 1002 17.74 -7.49 65.45
N SER F 1003 16.79 -7.61 64.54
CA SER F 1003 16.79 -6.79 63.35
C SER F 1003 16.38 -5.35 63.70
N PRO F 1004 16.90 -4.37 62.97
CA PRO F 1004 16.50 -2.99 63.21
C PRO F 1004 15.09 -2.73 62.70
N PRO F 1005 14.25 -2.10 63.52
CA PRO F 1005 12.89 -1.74 63.07
C PRO F 1005 12.93 -0.88 61.82
N PRO F 1006 13.67 0.23 61.78
CA PRO F 1006 13.67 1.00 60.54
C PRO F 1006 14.42 0.26 59.45
N HIS F 1007 14.63 0.93 58.34
CA HIS F 1007 15.13 0.29 57.14
C HIS F 1007 16.51 0.78 56.72
N HIS F 1008 16.90 1.97 57.17
CA HIS F 1008 18.16 2.66 56.87
C HIS F 1008 18.39 2.85 55.39
N ASP F 1009 17.41 2.51 54.56
CA ASP F 1009 17.51 2.66 53.12
C ASP F 1009 16.20 3.29 52.63
N ILE F 1010 15.16 3.14 53.43
CA ILE F 1010 13.81 3.61 53.10
C ILE F 1010 13.39 4.59 54.17
N TYR F 1011 13.59 5.88 53.91
CA TYR F 1011 13.11 6.93 54.80
C TYR F 1011 11.93 7.70 54.23
N SER F 1012 11.61 7.51 52.97
CA SER F 1012 10.47 8.14 52.33
C SER F 1012 10.21 7.41 51.01
N ILE F 1013 9.16 7.83 50.31
CA ILE F 1013 8.74 7.10 49.11
C ILE F 1013 9.76 7.27 47.99
N GLU F 1014 10.49 8.38 47.96
CA GLU F 1014 11.54 8.50 46.94
C GLU F 1014 12.63 7.47 47.16
N ASP F 1015 12.97 7.21 48.42
CA ASP F 1015 13.96 6.16 48.71
C ASP F 1015 13.41 4.79 48.35
N LEU F 1016 12.11 4.59 48.50
CA LEU F 1016 11.51 3.32 48.08
C LEU F 1016 11.60 3.16 46.57
N ALA F 1017 11.33 4.22 45.82
CA ALA F 1017 11.48 4.15 44.37
C ALA F 1017 12.93 3.87 43.99
N GLN F 1018 13.87 4.49 44.70
CA GLN F 1018 15.28 4.23 44.44
C GLN F 1018 15.65 2.77 44.69
N LEU F 1019 15.16 2.20 45.80
CA LEU F 1019 15.46 0.82 46.10
C LEU F 1019 14.81 -0.12 45.09
N ILE F 1020 13.60 0.20 44.64
CA ILE F 1020 12.95 -0.63 43.63
C ILE F 1020 13.73 -0.57 42.32
N TYR F 1021 14.24 0.60 41.96
CA TYR F 1021 15.08 0.72 40.78
C TYR F 1021 16.33 -0.12 40.93
N ASP F 1022 16.96 -0.08 42.11
CA ASP F 1022 18.14 -0.91 42.36
C ASP F 1022 17.81 -2.39 42.17
N LEU F 1023 16.72 -2.85 42.78
CA LEU F 1023 16.38 -4.27 42.71
C LEU F 1023 16.05 -4.69 41.28
N LYS F 1024 15.39 -3.81 40.52
CA LYS F 1024 15.08 -4.14 39.14
C LYS F 1024 16.30 -4.06 38.24
N GLN F 1025 17.35 -3.35 38.66
CA GLN F 1025 18.59 -3.34 37.89
C GLN F 1025 19.46 -4.55 38.18
N ILE F 1026 19.53 -4.97 39.45
CA ILE F 1026 20.42 -6.08 39.79
C ILE F 1026 19.92 -7.40 39.21
N ASN F 1027 18.60 -7.57 39.11
CA ASN F 1027 18.00 -8.77 38.57
C ASN F 1027 17.07 -8.36 37.43
N PRO F 1028 17.42 -8.64 36.17
CA PRO F 1028 16.65 -8.11 35.05
C PRO F 1028 15.42 -8.92 34.68
N ASP F 1029 15.10 -9.98 35.45
CA ASP F 1029 13.96 -10.84 35.13
C ASP F 1029 12.93 -10.96 36.23
N ALA F 1030 13.20 -10.47 37.43
CA ALA F 1030 12.29 -10.70 38.56
C ALA F 1030 11.34 -9.52 38.74
N LYS F 1031 10.29 -9.75 39.53
CA LYS F 1031 9.35 -8.73 39.93
C LYS F 1031 9.62 -8.31 41.37
N VAL F 1032 9.06 -7.16 41.74
CA VAL F 1032 9.30 -6.58 43.07
C VAL F 1032 7.97 -6.53 43.80
N THR F 1033 7.92 -7.18 44.97
CA THR F 1033 6.72 -7.26 45.78
C THR F 1033 6.91 -6.48 47.07
N VAL F 1034 5.93 -5.66 47.42
CA VAL F 1034 5.95 -4.87 48.64
C VAL F 1034 4.95 -5.50 49.61
N LYS F 1035 5.35 -5.65 50.87
CA LYS F 1035 4.53 -6.27 51.89
C LYS F 1035 4.16 -5.24 52.94
N LEU F 1036 2.87 -4.97 53.08
CA LEU F 1036 2.36 -4.01 54.05
C LEU F 1036 1.55 -4.73 55.11
N VAL F 1037 0.97 -3.95 56.02
CA VAL F 1037 0.13 -4.45 57.10
C VAL F 1037 -1.15 -3.62 57.11
N SER F 1038 -2.29 -4.29 57.29
CA SER F 1038 -3.58 -3.64 57.18
C SER F 1038 -3.79 -2.65 58.31
N ARG F 1039 -4.13 -1.41 57.95
CA ARG F 1039 -4.51 -0.37 58.90
C ARG F 1039 -5.24 0.72 58.12
N SER F 1040 -5.60 1.79 58.81
CA SER F 1040 -6.25 2.91 58.13
C SER F 1040 -5.21 3.80 57.48
N GLY F 1041 -5.60 4.46 56.39
CA GLY F 1041 -4.67 5.25 55.62
C GLY F 1041 -3.78 4.44 54.71
N ILE F 1042 -3.96 3.12 54.66
CA ILE F 1042 -3.14 2.29 53.79
C ILE F 1042 -3.48 2.53 52.32
N GLY F 1043 -4.65 3.09 52.02
CA GLY F 1043 -5.03 3.32 50.64
C GLY F 1043 -4.11 4.31 49.94
N THR F 1044 -3.80 5.43 50.60
CA THR F 1044 -2.91 6.41 50.00
C THR F 1044 -1.50 5.85 49.86
N ILE F 1045 -1.04 5.09 50.85
CA ILE F 1045 0.28 4.47 50.74
C ILE F 1045 0.32 3.49 49.57
N ALA F 1046 -0.77 2.76 49.35
CA ALA F 1046 -0.81 1.82 48.24
C ALA F 1046 -0.85 2.55 46.91
N ALA F 1047 -1.59 3.66 46.83
CA ALA F 1047 -1.59 4.46 45.61
C ALA F 1047 -0.24 5.09 45.35
N GLY F 1048 0.54 5.34 46.40
CA GLY F 1048 1.87 5.90 46.24
C GLY F 1048 2.89 4.87 45.79
N VAL F 1049 2.85 3.67 46.38
CA VAL F 1049 3.82 2.65 46.01
C VAL F 1049 3.56 2.15 44.60
N ALA F 1050 2.31 2.21 44.13
CA ALA F 1050 2.02 1.79 42.77
C ALA F 1050 2.64 2.72 41.73
N LYS F 1051 2.89 3.97 42.09
CA LYS F 1051 3.60 4.89 41.20
C LYS F 1051 5.10 4.70 41.23
N ALA F 1052 5.62 3.94 42.20
CA ALA F 1052 7.04 3.64 42.29
C ALA F 1052 7.42 2.37 41.54
N ASN F 1053 6.62 1.98 40.54
CA ASN F 1053 6.89 0.84 39.67
C ASN F 1053 6.85 -0.50 40.39
N ALA F 1054 6.22 -0.57 41.55
CA ALA F 1054 5.96 -1.85 42.18
C ALA F 1054 4.76 -2.52 41.52
N ASP F 1055 4.85 -3.83 41.33
CA ASP F 1055 3.83 -4.54 40.56
C ASP F 1055 3.07 -5.61 41.34
N ILE F 1056 3.44 -5.87 42.59
CA ILE F 1056 2.69 -6.78 43.45
C ILE F 1056 2.64 -6.19 44.86
N ILE F 1057 1.44 -6.05 45.40
CA ILE F 1057 1.23 -5.57 46.77
C ILE F 1057 0.71 -6.73 47.59
N LEU F 1058 1.21 -6.84 48.83
CA LEU F 1058 0.82 -7.90 49.74
C LEU F 1058 0.27 -7.27 51.01
N ILE F 1059 -0.92 -7.67 51.41
CA ILE F 1059 -1.63 -7.08 52.55
C ILE F 1059 -1.76 -8.17 53.61
N SER F 1060 -0.99 -8.07 54.68
CA SER F 1060 -1.13 -8.99 55.79
C SER F 1060 -2.04 -8.38 56.85
N GLY F 1061 -2.61 -9.25 57.68
CA GLY F 1061 -3.48 -8.86 58.76
C GLY F 1061 -2.81 -8.98 60.11
N ASN F 1062 -3.61 -8.76 61.15
CA ASN F 1062 -3.15 -8.87 62.53
C ASN F 1062 -3.18 -10.29 63.05
N SER F 1063 -3.66 -11.25 62.25
CA SER F 1063 -3.86 -12.62 62.70
C SER F 1063 -2.74 -13.55 62.25
N GLY F 1064 -1.56 -13.01 61.95
CA GLY F 1064 -0.47 -13.83 61.48
C GLY F 1064 0.44 -14.32 62.59
N GLY F 1065 1.06 -15.47 62.36
CA GLY F 1065 1.99 -16.05 63.29
C GLY F 1065 3.34 -15.35 63.25
N THR F 1066 4.23 -15.81 64.12
CA THR F 1066 5.57 -15.24 64.21
C THR F 1066 6.49 -16.21 64.93
N GLY F 1067 7.77 -15.84 65.00
CA GLY F 1067 8.76 -16.65 65.67
C GLY F 1067 8.95 -16.26 67.12
N ALA F 1068 9.06 -14.96 67.38
CA ALA F 1068 9.22 -14.46 68.74
C ALA F 1068 8.93 -12.97 68.74
N SER F 1069 8.07 -12.53 69.64
CA SER F 1069 7.70 -11.12 69.76
C SER F 1069 6.95 -10.93 71.05
N PRO F 1070 6.97 -9.72 71.61
CA PRO F 1070 6.23 -9.47 72.85
C PRO F 1070 4.73 -9.70 72.66
N GLN F 1071 4.05 -9.96 73.77
CA GLN F 1071 2.63 -10.30 73.72
C GLN F 1071 1.79 -9.07 73.40
N THR F 1072 2.20 -7.89 73.83
CA THR F 1072 1.44 -6.69 73.55
C THR F 1072 1.43 -6.38 72.05
N SER F 1073 2.53 -6.64 71.36
CA SER F 1073 2.56 -6.43 69.92
C SER F 1073 1.76 -7.49 69.18
N ILE F 1074 1.60 -8.67 69.77
CA ILE F 1074 0.82 -9.72 69.13
C ILE F 1074 -0.68 -9.44 69.28
N LYS F 1075 -1.11 -9.09 70.50
CA LYS F 1075 -2.53 -8.97 70.79
C LYS F 1075 -3.09 -7.58 70.52
N PHE F 1076 -2.26 -6.54 70.49
CA PHE F 1076 -2.76 -5.17 70.46
C PHE F 1076 -2.10 -4.37 69.35
N ALA F 1077 -1.97 -4.95 68.16
CA ALA F 1077 -1.36 -4.23 67.05
C ALA F 1077 -1.81 -4.86 65.74
N GLY F 1078 -2.21 -4.02 64.80
CA GLY F 1078 -2.67 -4.46 63.50
C GLY F 1078 -4.18 -4.38 63.37
N LEU F 1079 -4.67 -4.91 62.27
CA LEU F 1079 -6.09 -4.91 61.96
C LEU F 1079 -6.40 -6.10 61.06
N PRO F 1080 -7.65 -6.55 61.02
CA PRO F 1080 -8.00 -7.63 60.10
C PRO F 1080 -7.86 -7.19 58.66
N TRP F 1081 -7.40 -8.12 57.82
CA TRP F 1081 -7.15 -7.80 56.42
C TRP F 1081 -8.41 -7.47 55.65
N GLU F 1082 -9.59 -7.81 56.19
CA GLU F 1082 -10.84 -7.48 55.52
C GLU F 1082 -10.97 -5.98 55.28
N MET F 1083 -10.46 -5.17 56.19
CA MET F 1083 -10.52 -3.72 56.03
C MET F 1083 -9.49 -3.24 55.02
N GLY F 1084 -8.22 -3.60 55.24
CA GLY F 1084 -7.16 -3.07 54.42
C GLY F 1084 -7.25 -3.50 52.97
N LEU F 1085 -7.65 -4.75 52.73
CA LEU F 1085 -7.75 -5.24 51.37
C LEU F 1085 -8.79 -4.46 50.58
N SER F 1086 -9.99 -4.28 51.16
CA SER F 1086 -11.03 -3.51 50.49
C SER F 1086 -10.61 -2.06 50.31
N GLU F 1087 -9.95 -1.47 51.31
CA GLU F 1087 -9.50 -0.09 51.17
C GLU F 1087 -8.52 0.07 50.03
N VAL F 1088 -7.51 -0.81 49.97
CA VAL F 1088 -6.52 -0.74 48.91
C VAL F 1088 -7.18 -0.94 47.55
N HIS F 1089 -8.12 -1.89 47.47
CA HIS F 1089 -8.78 -2.15 46.19
C HIS F 1089 -9.56 -0.92 45.72
N GLN F 1090 -10.36 -0.32 46.61
CA GLN F 1090 -11.15 0.83 46.21
C GLN F 1090 -10.25 2.02 45.84
N VAL F 1091 -9.20 2.27 46.63
CA VAL F 1091 -8.36 3.42 46.36
C VAL F 1091 -7.59 3.22 45.05
N LEU F 1092 -7.16 1.98 44.77
CA LEU F 1092 -6.44 1.73 43.54
C LEU F 1092 -7.36 1.81 42.33
N THR F 1093 -8.61 1.38 42.48
CA THR F 1093 -9.56 1.51 41.38
C THR F 1093 -9.90 2.96 41.12
N LEU F 1094 -9.96 3.78 42.18
CA LEU F 1094 -10.32 5.18 42.02
C LEU F 1094 -9.27 5.96 41.25
N ASN F 1095 -7.99 5.61 41.40
CA ASN F 1095 -6.91 6.34 40.76
C ASN F 1095 -6.50 5.73 39.43
N ARG F 1096 -7.31 4.83 38.86
CA ARG F 1096 -7.03 4.21 37.57
C ARG F 1096 -5.70 3.48 37.58
N LEU F 1097 -5.38 2.85 38.71
CA LEU F 1097 -4.12 2.15 38.88
C LEU F 1097 -4.27 0.66 39.15
N ARG F 1098 -5.50 0.15 39.24
CA ARG F 1098 -5.70 -1.24 39.59
C ARG F 1098 -5.22 -2.18 38.48
N HIS F 1099 -5.30 -1.73 37.23
CA HIS F 1099 -4.93 -2.61 36.12
C HIS F 1099 -3.43 -2.78 35.97
N ARG F 1100 -2.58 -2.27 36.88
CA ARG F 1100 -1.14 -2.43 36.74
C ARG F 1100 -0.51 -3.33 37.79
N VAL F 1101 -1.15 -3.51 38.95
CA VAL F 1101 -0.58 -4.28 40.04
C VAL F 1101 -1.48 -5.46 40.36
N ARG F 1102 -0.92 -6.41 41.10
CA ARG F 1102 -1.65 -7.56 41.61
C ARG F 1102 -1.79 -7.44 43.12
N LEU F 1103 -2.82 -8.08 43.67
CA LEU F 1103 -3.07 -8.04 45.09
C LEU F 1103 -2.97 -9.45 45.67
N ARG F 1104 -2.29 -9.58 46.79
CA ARG F 1104 -2.09 -10.84 47.47
C ARG F 1104 -2.36 -10.63 48.95
N THR F 1105 -3.03 -11.61 49.57
CA THR F 1105 -3.40 -11.50 50.97
C THR F 1105 -3.10 -12.82 51.67
N ASP F 1106 -2.90 -12.73 52.98
CA ASP F 1106 -2.76 -13.90 53.84
C ASP F 1106 -3.14 -13.50 55.26
N GLY F 1107 -3.11 -14.50 56.14
CA GLY F 1107 -3.45 -14.29 57.53
C GLY F 1107 -4.78 -14.90 57.91
N GLY F 1108 -4.75 -16.07 58.56
CA GLY F 1108 -5.98 -16.70 59.02
C GLY F 1108 -6.80 -17.38 57.96
N LEU F 1109 -6.20 -17.78 56.84
CA LEU F 1109 -6.91 -18.50 55.79
C LEU F 1109 -6.89 -19.98 56.11
N LYS F 1110 -8.07 -20.57 56.21
CA LYS F 1110 -8.17 -21.96 56.63
C LYS F 1110 -8.92 -22.85 55.65
N THR F 1111 -10.00 -22.35 55.05
CA THR F 1111 -10.88 -23.18 54.24
C THR F 1111 -11.02 -22.58 52.83
N GLY F 1112 -11.93 -23.14 52.05
CA GLY F 1112 -12.19 -22.60 50.73
C GLY F 1112 -13.15 -21.43 50.74
N ARG F 1113 -14.08 -21.41 51.69
CA ARG F 1113 -14.99 -20.28 51.83
C ARG F 1113 -14.23 -18.99 52.09
N ASP F 1114 -13.25 -19.05 52.98
CA ASP F 1114 -12.41 -17.89 53.26
C ASP F 1114 -11.71 -17.41 51.99
N ILE F 1115 -11.21 -18.35 51.19
CA ILE F 1115 -10.50 -17.97 49.97
C ILE F 1115 -11.45 -17.34 48.96
N VAL F 1116 -12.66 -17.86 48.86
CA VAL F 1116 -13.64 -17.28 47.93
C VAL F 1116 -14.03 -15.88 48.37
N ILE F 1117 -14.20 -15.67 49.69
CA ILE F 1117 -14.54 -14.35 50.19
C ILE F 1117 -13.40 -13.37 49.89
N ALA F 1118 -12.16 -13.78 50.16
CA ALA F 1118 -11.02 -12.93 49.87
C ALA F 1118 -10.90 -12.60 48.39
N ALA F 1119 -11.22 -13.57 47.52
CA ALA F 1119 -11.17 -13.31 46.09
C ALA F 1119 -12.27 -12.35 45.67
N MET F 1120 -13.45 -12.45 46.29
CA MET F 1120 -14.49 -11.46 46.03
C MET F 1120 -14.06 -10.07 46.48
N LEU F 1121 -13.29 -9.99 47.56
CA LEU F 1121 -12.87 -8.68 48.07
C LEU F 1121 -11.91 -7.98 47.12
N GLY F 1122 -11.12 -8.73 46.35
CA GLY F 1122 -10.23 -8.12 45.39
C GLY F 1122 -8.89 -8.79 45.20
N ALA F 1123 -8.54 -9.72 46.09
CA ALA F 1123 -7.25 -10.40 45.98
C ALA F 1123 -7.23 -11.33 44.78
N GLU F 1124 -6.01 -11.70 44.38
CA GLU F 1124 -5.83 -12.59 43.24
C GLU F 1124 -4.97 -13.80 43.60
N GLU F 1125 -4.12 -13.65 44.60
CA GLU F 1125 -3.31 -14.74 45.12
C GLU F 1125 -3.52 -14.85 46.62
N PHE F 1126 -3.14 -15.99 47.18
CA PHE F 1126 -3.43 -16.28 48.58
C PHE F 1126 -2.25 -16.99 49.23
N GLY F 1127 -1.95 -16.60 50.47
CA GLY F 1127 -0.95 -17.26 51.29
C GLY F 1127 -1.63 -17.98 52.44
N ILE F 1128 -1.03 -19.10 52.87
CA ILE F 1128 -1.64 -19.98 53.85
C ILE F 1128 -0.89 -19.93 55.19
N GLY F 1129 0.37 -20.36 55.19
CA GLY F 1129 1.19 -20.23 56.38
C GLY F 1129 0.94 -21.24 57.47
N THR F 1130 0.29 -20.80 58.56
CA THR F 1130 0.20 -21.62 59.77
C THR F 1130 -0.43 -22.98 59.49
N ALA F 1131 -1.49 -23.02 58.70
CA ALA F 1131 -2.13 -24.29 58.38
C ALA F 1131 -1.13 -25.29 57.80
N SER F 1132 -0.24 -24.82 56.94
CA SER F 1132 0.79 -25.69 56.39
C SER F 1132 1.63 -26.31 57.49
N LEU F 1133 2.03 -25.50 58.48
CA LEU F 1133 2.80 -26.03 59.60
C LEU F 1133 2.02 -27.13 60.32
N ILE F 1134 0.70 -27.01 60.38
CA ILE F 1134 -0.09 -28.05 61.04
C ILE F 1134 -0.12 -29.30 60.18
N ALA F 1135 -0.05 -29.15 58.87
CA ALA F 1135 -0.03 -30.32 58.00
C ALA F 1135 1.27 -31.10 58.15
N MET F 1136 2.36 -30.43 58.51
CA MET F 1136 3.64 -31.11 58.67
C MET F 1136 3.84 -31.69 60.07
N GLY F 1137 3.03 -31.30 61.04
CA GLY F 1137 3.13 -31.92 62.35
C GLY F 1137 3.01 -30.99 63.53
N CYS F 1138 3.11 -29.68 63.30
CA CYS F 1138 3.00 -28.73 64.40
C CYS F 1138 1.66 -28.87 65.08
N ILE F 1139 1.66 -28.74 66.41
CA ILE F 1139 0.48 -29.07 67.21
C ILE F 1139 0.14 -27.87 68.10
N MET F 1140 0.66 -26.70 67.74
CA MET F 1140 0.37 -25.45 68.44
C MET F 1140 0.78 -25.52 69.91
N VAL F 1141 2.07 -25.75 70.12
CA VAL F 1141 2.60 -25.73 71.47
C VAL F 1141 2.84 -24.30 71.95
N ARG F 1142 3.15 -23.39 71.02
CA ARG F 1142 3.45 -21.99 71.33
C ARG F 1142 4.70 -21.87 72.20
N GLN F 1143 5.72 -22.66 71.89
CA GLN F 1143 7.02 -22.59 72.55
C GLN F 1143 8.13 -22.59 71.51
N CYS F 1144 7.96 -21.79 70.46
CA CYS F 1144 8.97 -21.71 69.42
C CYS F 1144 10.20 -20.97 69.90
N HIS F 1145 10.03 -19.99 70.80
CA HIS F 1145 11.16 -19.21 71.30
C HIS F 1145 12.02 -19.96 72.30
N SER F 1146 11.59 -21.14 72.76
CA SER F 1146 12.32 -21.87 73.77
C SER F 1146 13.33 -22.85 73.19
N ASN F 1147 13.31 -23.07 71.87
CA ASN F 1147 14.19 -24.04 71.21
C ASN F 1147 13.96 -25.45 71.72
N THR F 1148 12.75 -25.73 72.20
CA THR F 1148 12.36 -27.04 72.70
C THR F 1148 10.99 -27.44 72.17
N CYS F 1149 10.78 -27.30 70.88
CA CYS F 1149 9.52 -27.74 70.29
C CYS F 1149 9.52 -29.27 70.18
N PRO F 1150 8.49 -29.94 70.68
CA PRO F 1150 8.56 -31.41 70.76
C PRO F 1150 8.64 -32.10 69.41
N VAL F 1151 7.75 -31.78 68.48
CA VAL F 1151 7.71 -32.51 67.21
C VAL F 1151 8.98 -32.25 66.42
N GLY F 1152 9.56 -31.07 66.54
CA GLY F 1152 10.79 -30.76 65.85
C GLY F 1152 10.61 -29.90 64.61
N VAL F 1153 9.72 -28.92 64.68
CA VAL F 1153 9.45 -28.06 63.54
C VAL F 1153 10.35 -26.83 63.61
N CYS F 1154 10.25 -26.06 64.70
CA CYS F 1154 11.07 -24.88 64.91
C CYS F 1154 11.98 -25.11 66.12
N VAL F 1155 13.13 -25.73 65.87
CA VAL F 1155 14.12 -25.99 66.91
C VAL F 1155 15.46 -26.18 66.25
N GLN F 1156 16.53 -25.69 66.91
CA GLN F 1156 17.88 -25.81 66.38
C GLN F 1156 18.72 -26.86 67.12
N ASP F 1157 18.09 -27.72 67.91
CA ASP F 1157 18.78 -28.86 68.49
C ASP F 1157 19.00 -29.95 67.45
N ASP F 1158 19.69 -31.01 67.86
CA ASP F 1158 19.81 -32.21 67.04
C ASP F 1158 18.91 -33.32 67.55
N LYS F 1159 18.93 -33.55 68.87
CA LYS F 1159 18.11 -34.57 69.49
C LYS F 1159 16.62 -34.32 69.26
N LEU F 1160 16.21 -33.08 69.06
CA LEU F 1160 14.83 -32.77 68.75
C LEU F 1160 14.55 -32.67 67.26
N ARG F 1161 15.52 -32.23 66.46
CA ARG F 1161 15.35 -32.30 65.01
C ARG F 1161 15.22 -33.74 64.53
N GLN F 1162 15.74 -34.70 65.29
CA GLN F 1162 15.59 -36.10 64.89
C GLN F 1162 14.16 -36.61 65.02
N LYS F 1163 13.24 -35.82 65.58
CA LYS F 1163 11.85 -36.25 65.76
C LYS F 1163 10.92 -35.72 64.68
N PHE F 1164 11.45 -35.20 63.58
CA PHE F 1164 10.60 -34.64 62.55
C PHE F 1164 9.83 -35.73 61.82
N VAL F 1165 8.60 -35.43 61.44
CA VAL F 1165 7.72 -36.42 60.83
C VAL F 1165 7.09 -35.86 59.56
N GLY F 1166 7.57 -34.71 59.10
CA GLY F 1166 6.99 -34.08 57.94
C GLY F 1166 7.36 -34.76 56.64
N THR F 1167 6.53 -34.53 55.62
CA THR F 1167 6.76 -35.06 54.28
C THR F 1167 5.98 -34.22 53.29
N PRO F 1168 6.50 -34.00 52.07
CA PRO F 1168 5.83 -33.07 51.15
C PRO F 1168 4.44 -33.51 50.71
N GLU F 1169 4.18 -34.82 50.67
CA GLU F 1169 2.87 -35.28 50.21
C GLU F 1169 1.74 -34.74 51.06
N LYS F 1170 2.00 -34.52 52.36
CA LYS F 1170 0.99 -33.93 53.23
C LYS F 1170 0.60 -32.54 52.75
N VAL F 1171 1.59 -31.70 52.47
CA VAL F 1171 1.31 -30.34 52.03
C VAL F 1171 0.63 -30.35 50.66
N VAL F 1172 1.08 -31.23 49.76
CA VAL F 1172 0.45 -31.33 48.45
C VAL F 1172 -1.03 -31.70 48.60
N ASN F 1173 -1.32 -32.66 49.47
CA ASN F 1173 -2.72 -33.07 49.66
C ASN F 1173 -3.54 -31.95 50.27
N LEU F 1174 -2.97 -31.23 51.23
CA LEU F 1174 -3.67 -30.08 51.81
C LEU F 1174 -4.07 -29.08 50.74
N PHE F 1175 -3.10 -28.71 49.88
CA PHE F 1175 -3.39 -27.73 48.84
C PHE F 1175 -4.42 -28.26 47.86
N THR F 1176 -4.34 -29.54 47.52
CA THR F 1176 -5.31 -30.13 46.59
C THR F 1176 -6.72 -30.04 47.15
N PHE F 1177 -6.89 -30.43 48.41
CA PHE F 1177 -8.21 -30.33 49.04
C PHE F 1177 -8.70 -28.89 49.09
N LEU F 1178 -7.81 -27.97 49.45
CA LEU F 1178 -8.21 -26.57 49.60
C LEU F 1178 -8.66 -25.99 48.26
N ALA F 1179 -8.00 -26.40 47.16
CA ALA F 1179 -8.40 -25.91 45.85
C ALA F 1179 -9.70 -26.54 45.36
N GLU F 1180 -9.87 -27.84 45.60
CA GLU F 1180 -11.09 -28.47 45.13
C GLU F 1180 -12.31 -28.01 45.94
N GLU F 1181 -12.10 -27.57 47.19
CA GLU F 1181 -13.19 -26.92 47.92
C GLU F 1181 -13.65 -25.65 47.21
N VAL F 1182 -12.70 -24.83 46.75
CA VAL F 1182 -13.04 -23.63 45.99
C VAL F 1182 -13.78 -24.01 44.72
N ARG F 1183 -13.35 -25.10 44.07
CA ARG F 1183 -14.08 -25.57 42.89
C ARG F 1183 -15.53 -25.90 43.23
N GLU F 1184 -15.74 -26.62 44.34
CA GLU F 1184 -17.08 -26.94 44.80
C GLU F 1184 -17.93 -25.69 44.97
N ILE F 1185 -17.40 -24.71 45.71
CA ILE F 1185 -18.17 -23.51 46.02
C ILE F 1185 -18.47 -22.73 44.75
N LEU F 1186 -17.49 -22.62 43.85
CA LEU F 1186 -17.72 -21.89 42.60
C LEU F 1186 -18.79 -22.57 41.75
N ALA F 1187 -18.72 -23.90 41.64
CA ALA F 1187 -19.73 -24.62 40.86
C ALA F 1187 -21.11 -24.48 41.49
N GLY F 1188 -21.17 -24.44 42.82
CA GLY F 1188 -22.45 -24.27 43.48
C GLY F 1188 -23.00 -22.86 43.34
N LEU F 1189 -22.12 -21.87 43.14
CA LEU F 1189 -22.57 -20.50 43.06
C LEU F 1189 -23.01 -20.11 41.66
N GLY F 1190 -22.29 -20.55 40.63
CA GLY F 1190 -22.74 -20.34 39.26
C GLY F 1190 -21.71 -19.82 38.28
N PHE F 1191 -20.44 -19.80 38.67
CA PHE F 1191 -19.37 -19.33 37.80
C PHE F 1191 -18.44 -20.47 37.44
N ARG F 1192 -17.51 -20.19 36.53
CA ARG F 1192 -16.60 -21.21 36.00
C ARG F 1192 -15.13 -20.79 36.10
N SER F 1193 -14.82 -19.67 36.73
CA SER F 1193 -13.43 -19.23 36.84
C SER F 1193 -13.34 -18.18 37.92
N LEU F 1194 -12.17 -18.12 38.57
CA LEU F 1194 -11.97 -17.11 39.59
C LEU F 1194 -11.88 -15.71 39.01
N ASN F 1195 -11.53 -15.58 37.73
CA ASN F 1195 -11.45 -14.25 37.13
C ASN F 1195 -12.82 -13.60 36.99
N GLU F 1196 -13.88 -14.40 36.97
CA GLU F 1196 -15.23 -13.86 36.85
C GLU F 1196 -15.84 -13.48 38.20
N VAL F 1197 -15.17 -13.77 39.30
CA VAL F 1197 -15.68 -13.45 40.63
C VAL F 1197 -14.86 -12.39 41.33
N ILE F 1198 -13.64 -12.13 40.89
CA ILE F 1198 -12.77 -11.17 41.58
C ILE F 1198 -13.36 -9.77 41.45
N GLY F 1199 -13.48 -9.09 42.59
CA GLY F 1199 -13.98 -7.73 42.63
C GLY F 1199 -15.48 -7.59 42.69
N ARG F 1200 -16.23 -8.65 42.37
CA ARG F 1200 -17.69 -8.58 42.35
C ARG F 1200 -18.18 -8.59 43.80
N THR F 1201 -18.15 -7.39 44.42
CA THR F 1201 -18.49 -7.27 45.82
C THR F 1201 -19.97 -7.49 46.06
N ASP F 1202 -20.82 -7.22 45.07
CA ASP F 1202 -22.26 -7.29 45.26
C ASP F 1202 -22.78 -8.70 45.48
N LEU F 1203 -21.92 -9.72 45.51
CA LEU F 1203 -22.32 -11.07 45.83
C LEU F 1203 -22.30 -11.36 47.33
N LEU F 1204 -21.98 -10.36 48.15
CA LEU F 1204 -21.85 -10.53 49.59
C LEU F 1204 -22.93 -9.73 50.30
N HIS F 1205 -23.54 -10.33 51.31
CA HIS F 1205 -24.54 -9.66 52.13
C HIS F 1205 -24.12 -9.75 53.59
N GLN F 1206 -24.69 -8.88 54.41
CA GLN F 1206 -24.37 -8.85 55.84
C GLN F 1206 -25.61 -9.24 56.64
N VAL F 1207 -25.46 -10.25 57.48
CA VAL F 1207 -26.48 -10.62 58.46
C VAL F 1207 -25.86 -10.57 59.85
N SER F 1208 -26.60 -10.01 60.79
CA SER F 1208 -26.08 -9.80 62.13
C SER F 1208 -26.50 -10.96 63.05
N ARG F 1209 -25.85 -11.01 64.21
CA ARG F 1209 -25.98 -12.17 65.09
C ARG F 1209 -27.35 -12.30 65.72
N GLY F 1210 -28.15 -11.25 65.73
CA GLY F 1210 -29.50 -11.36 66.24
C GLY F 1210 -29.96 -10.17 67.07
N ALA F 1211 -31.19 -10.25 67.57
CA ALA F 1211 -31.79 -9.19 68.38
C ALA F 1211 -31.53 -9.35 69.87
N GLU F 1212 -30.51 -10.12 70.23
CA GLU F 1212 -30.15 -10.33 71.63
C GLU F 1212 -28.75 -9.82 71.95
N HIS F 1213 -28.00 -9.36 70.96
CA HIS F 1213 -26.67 -8.79 71.15
C HIS F 1213 -26.62 -7.29 70.92
N LEU F 1214 -27.22 -6.82 69.82
CA LEU F 1214 -27.25 -5.40 69.47
C LEU F 1214 -25.85 -4.80 69.40
N ASP F 1215 -25.02 -5.41 68.55
CA ASP F 1215 -23.82 -4.76 68.04
C ASP F 1215 -24.15 -4.20 66.67
N ASP F 1216 -23.92 -2.90 66.48
CA ASP F 1216 -24.38 -2.19 65.30
C ASP F 1216 -23.34 -2.15 64.20
N LEU F 1217 -22.54 -3.20 64.06
CA LEU F 1217 -21.54 -3.27 63.01
C LEU F 1217 -22.18 -3.09 61.63
N ASP F 1218 -21.80 -2.03 60.94
CA ASP F 1218 -22.24 -1.77 59.57
C ASP F 1218 -21.03 -1.93 58.65
N LEU F 1219 -21.01 -3.02 57.89
CA LEU F 1219 -19.90 -3.31 56.99
C LEU F 1219 -20.10 -2.70 55.62
N ASN F 1220 -20.98 -1.70 55.50
CA ASN F 1220 -21.20 -1.08 54.20
C ASN F 1220 -19.98 -0.33 53.69
N PRO F 1221 -19.22 0.42 54.51
CA PRO F 1221 -17.93 0.93 54.04
C PRO F 1221 -17.02 -0.14 53.49
N ARG F 1222 -17.23 -1.39 53.90
CA ARG F 1222 -16.46 -2.53 53.42
C ARG F 1222 -17.01 -3.15 52.15
N LEU F 1223 -18.25 -2.84 51.79
CA LEU F 1223 -18.89 -3.45 50.63
C LEU F 1223 -19.15 -2.44 49.52
N ALA F 1224 -18.61 -1.23 49.62
CA ALA F 1224 -18.81 -0.24 48.59
C ALA F 1224 -18.17 -0.69 47.28
N GLN F 1225 -18.84 -0.42 46.18
CA GLN F 1225 -18.42 -0.86 44.85
C GLN F 1225 -18.07 0.36 44.02
N VAL F 1226 -16.78 0.53 43.74
CA VAL F 1226 -16.32 1.60 42.85
C VAL F 1226 -16.26 1.06 41.43
N ASP F 1227 -16.90 1.76 40.50
CA ASP F 1227 -16.99 1.28 39.14
C ASP F 1227 -15.67 1.51 38.41
N PRO F 1228 -15.10 0.48 37.78
CA PRO F 1228 -13.78 0.63 37.16
C PRO F 1228 -13.78 1.55 35.93
N GLY F 1229 -14.74 1.35 35.04
CA GLY F 1229 -14.76 2.07 33.79
C GLY F 1229 -14.54 1.15 32.61
N GLU F 1230 -13.47 1.40 31.85
CA GLU F 1230 -13.14 0.54 30.72
C GLU F 1230 -12.18 -0.57 31.10
N ASN F 1231 -11.39 -0.38 32.14
CA ASN F 1231 -10.40 -1.36 32.56
C ASN F 1231 -11.07 -2.52 33.29
N ALA F 1232 -10.33 -3.63 33.37
CA ALA F 1232 -10.79 -4.79 34.11
C ALA F 1232 -10.56 -4.59 35.60
N ARG F 1233 -10.91 -5.61 36.40
CA ARG F 1233 -10.76 -5.55 37.84
C ARG F 1233 -9.57 -6.37 38.33
N TYR F 1234 -8.53 -6.52 37.51
CA TYR F 1234 -7.34 -7.25 37.90
C TYR F 1234 -6.20 -6.85 36.97
N CYS F 1235 -5.03 -7.42 37.21
CA CYS F 1235 -3.86 -7.11 36.40
C CYS F 1235 -4.04 -7.63 34.98
N THR F 1236 -3.71 -6.81 33.99
CA THR F 1236 -3.89 -7.14 32.59
C THR F 1236 -2.65 -6.81 31.78
N LEU F 1237 -1.50 -6.79 32.42
CA LEU F 1237 -0.25 -6.50 31.72
C LEU F 1237 0.68 -7.70 31.76
N GLN F 1238 1.67 -7.68 30.88
CA GLN F 1238 2.59 -8.81 30.70
C GLN F 1238 3.98 -8.40 31.15
N GLY F 1239 4.58 -9.20 32.01
CA GLY F 1239 5.89 -8.89 32.54
C GLY F 1239 5.84 -7.81 33.60
N ARG F 1240 7.02 -7.37 34.00
CA ARG F 1240 7.13 -6.35 35.03
C ARG F 1240 6.99 -4.95 34.43
N ASN F 1241 6.70 -3.98 35.29
CA ASN F 1241 6.69 -2.59 34.88
C ASN F 1241 8.10 -2.17 34.47
N GLU F 1242 8.20 -1.56 33.28
CA GLU F 1242 9.51 -1.33 32.70
C GLU F 1242 10.18 -0.12 33.35
N VAL F 1243 11.50 -0.07 33.25
CA VAL F 1243 12.29 0.99 33.85
C VAL F 1243 13.27 1.56 32.82
N PRO F 1244 13.65 2.83 32.93
CA PRO F 1244 14.65 3.39 32.01
C PRO F 1244 16.02 2.76 32.23
N ASP F 1245 16.93 3.11 31.33
CA ASP F 1245 18.30 2.63 31.38
C ASP F 1245 19.22 3.73 31.89
N THR F 1246 20.16 3.35 32.75
CA THR F 1246 21.19 4.24 33.24
C THR F 1246 22.41 4.11 32.33
N LEU F 1247 23.55 4.65 32.79
CA LEU F 1247 24.77 4.59 32.00
C LEU F 1247 25.20 3.16 31.70
N ASP F 1248 24.86 2.22 32.59
CA ASP F 1248 25.36 0.85 32.48
C ASP F 1248 25.13 0.26 31.10
N ALA F 1249 24.02 0.62 30.45
CA ALA F 1249 23.72 0.11 29.12
C ALA F 1249 24.90 0.30 28.18
N ARG F 1250 25.41 1.54 28.08
CA ARG F 1250 26.56 1.80 27.22
C ARG F 1250 27.73 0.91 27.58
N ILE F 1251 27.99 0.72 28.87
CA ILE F 1251 29.08 -0.14 29.30
C ILE F 1251 28.90 -1.55 28.74
N VAL F 1252 27.67 -2.06 28.79
CA VAL F 1252 27.43 -3.41 28.28
C VAL F 1252 27.63 -3.46 26.78
N ALA F 1253 27.42 -2.33 26.10
CA ALA F 1253 27.68 -2.28 24.66
C ALA F 1253 29.15 -2.10 24.33
N ASP F 1254 29.99 -1.86 25.34
CA ASP F 1254 31.41 -1.59 25.14
C ASP F 1254 32.30 -2.72 25.60
N ALA F 1255 31.95 -3.39 26.70
CA ALA F 1255 32.79 -4.45 27.26
C ALA F 1255 32.30 -5.83 26.78
N ARG F 1256 32.28 -5.99 25.46
CA ARG F 1256 31.93 -7.26 24.84
C ARG F 1256 33.12 -8.24 24.86
N PRO F 1257 34.34 -7.79 24.56
CA PRO F 1257 35.50 -8.69 24.72
C PRO F 1257 35.60 -9.34 26.09
N LEU F 1258 35.19 -8.63 27.14
CA LEU F 1258 35.24 -9.23 28.47
C LEU F 1258 34.27 -10.40 28.59
N PHE F 1259 33.08 -10.28 28.00
CA PHE F 1259 32.07 -11.31 28.14
C PHE F 1259 32.20 -12.42 27.11
N GLU F 1260 32.98 -12.24 26.06
CA GLU F 1260 33.00 -13.28 25.03
C GLU F 1260 34.37 -13.92 24.84
N GLU F 1261 35.46 -13.15 24.91
CA GLU F 1261 36.79 -13.75 25.00
C GLU F 1261 37.31 -13.83 26.42
N GLY F 1262 36.83 -12.99 27.32
CA GLY F 1262 37.26 -13.01 28.71
C GLY F 1262 38.61 -12.37 28.91
N GLU F 1263 38.76 -11.14 28.43
CA GLU F 1263 40.02 -10.41 28.52
C GLU F 1263 39.84 -9.14 29.33
N LYS F 1264 40.97 -8.57 29.74
CA LYS F 1264 40.94 -7.36 30.57
C LYS F 1264 40.42 -6.18 29.77
N MET F 1265 39.80 -5.23 30.48
CA MET F 1265 39.24 -4.04 29.87
C MET F 1265 39.55 -2.83 30.75
N GLN F 1266 39.26 -1.65 30.21
CA GLN F 1266 39.51 -0.40 30.92
C GLN F 1266 38.69 0.68 30.26
N LEU F 1267 37.76 1.28 31.00
CA LEU F 1267 36.82 2.25 30.43
C LEU F 1267 36.87 3.56 31.20
N ALA F 1268 36.48 4.64 30.53
CA ALA F 1268 36.45 5.97 31.12
C ALA F 1268 35.18 6.68 30.70
N TYR F 1269 34.53 7.36 31.64
CA TYR F 1269 33.26 8.03 31.37
C TYR F 1269 33.12 9.27 32.26
N ASN F 1270 32.14 10.09 31.91
CA ASN F 1270 31.78 11.28 32.68
C ASN F 1270 30.48 11.01 33.42
N ALA F 1271 30.50 11.14 34.74
CA ALA F 1271 29.34 10.86 35.58
C ALA F 1271 28.58 12.13 35.88
N ARG F 1272 27.29 11.97 36.19
CA ARG F 1272 26.42 13.07 36.56
C ARG F 1272 25.41 12.58 37.57
N ASN F 1273 24.90 13.51 38.40
CA ASN F 1273 24.00 13.13 39.48
C ASN F 1273 22.67 12.58 38.99
N THR F 1274 22.36 12.71 37.70
CA THR F 1274 21.14 12.14 37.13
C THR F 1274 21.33 10.72 36.63
N GLN F 1275 22.30 9.99 37.17
CA GLN F 1275 22.59 8.62 36.76
C GLN F 1275 22.73 7.77 38.01
N ARG F 1276 21.77 6.89 38.24
CA ARG F 1276 21.70 6.10 39.46
C ARG F 1276 22.20 4.69 39.23
N ALA F 1277 22.78 4.11 40.29
CA ALA F 1277 23.21 2.71 40.29
C ALA F 1277 24.17 2.42 39.14
N ILE F 1278 25.30 3.12 39.14
CA ILE F 1278 26.31 2.92 38.10
C ILE F 1278 27.14 1.70 38.47
N GLY F 1279 27.11 0.68 37.61
CA GLY F 1279 27.86 -0.52 37.83
C GLY F 1279 27.12 -1.65 38.50
N THR F 1280 25.81 -1.77 38.28
CA THR F 1280 25.02 -2.84 38.85
C THR F 1280 24.62 -3.88 37.82
N ARG F 1281 24.13 -3.44 36.66
CA ARG F 1281 23.77 -4.38 35.60
C ARG F 1281 24.99 -5.15 35.13
N LEU F 1282 26.13 -4.46 35.01
CA LEU F 1282 27.38 -5.14 34.69
C LEU F 1282 27.71 -6.22 35.71
N SER F 1283 27.47 -5.93 36.99
CA SER F 1283 27.69 -6.93 38.02
C SER F 1283 26.75 -8.12 37.83
N SER F 1284 25.53 -7.87 37.37
CA SER F 1284 24.60 -8.96 37.10
C SER F 1284 25.10 -9.86 35.99
N MET F 1285 25.56 -9.26 34.88
CA MET F 1285 26.10 -10.05 33.79
C MET F 1285 27.32 -10.85 34.24
N VAL F 1286 28.20 -10.22 35.03
CA VAL F 1286 29.39 -10.91 35.49
C VAL F 1286 29.03 -12.07 36.39
N THR F 1287 28.05 -11.89 37.28
CA THR F 1287 27.63 -12.96 38.16
C THR F 1287 27.03 -14.13 37.36
N ARG F 1288 26.17 -13.82 36.38
CA ARG F 1288 25.60 -14.89 35.57
C ARG F 1288 26.66 -15.62 34.75
N LYS F 1289 27.72 -14.91 34.33
CA LYS F 1289 28.72 -15.55 33.48
C LYS F 1289 29.73 -16.34 34.29
N PHE F 1290 30.49 -15.67 35.16
CA PHE F 1290 31.58 -16.30 35.88
C PHE F 1290 31.28 -16.58 37.35
N GLY F 1291 30.40 -15.83 37.97
CA GLY F 1291 30.12 -15.98 39.39
C GLY F 1291 30.74 -14.86 40.20
N MET F 1292 30.51 -14.93 41.51
CA MET F 1292 30.93 -13.84 42.39
C MET F 1292 32.44 -13.75 42.49
N PHE F 1293 33.13 -14.89 42.54
CA PHE F 1293 34.56 -14.93 42.78
C PHE F 1293 35.30 -15.64 41.65
N GLY F 1294 34.93 -15.35 40.41
CA GLY F 1294 35.54 -16.00 39.27
C GLY F 1294 36.61 -15.18 38.61
N LEU F 1295 36.60 -13.87 38.84
CA LEU F 1295 37.53 -12.94 38.21
C LEU F 1295 38.54 -12.44 39.23
N GLN F 1296 39.77 -12.24 38.77
CA GLN F 1296 40.81 -11.69 39.65
C GLN F 1296 40.48 -10.24 39.98
N PRO F 1297 40.94 -9.75 41.13
CA PRO F 1297 40.64 -8.37 41.52
C PRO F 1297 41.20 -7.37 40.52
N GLY F 1298 40.32 -6.52 39.99
CA GLY F 1298 40.73 -5.51 39.04
C GLY F 1298 40.69 -5.96 37.60
N HIS F 1299 39.82 -6.90 37.25
CA HIS F 1299 39.75 -7.37 35.87
C HIS F 1299 39.20 -6.28 34.95
N ILE F 1300 38.03 -5.72 35.28
CA ILE F 1300 37.46 -4.61 34.54
C ILE F 1300 37.43 -3.40 35.46
N THR F 1301 37.92 -2.28 34.96
CA THR F 1301 38.00 -1.05 35.74
C THR F 1301 37.40 0.10 34.94
N ILE F 1302 36.64 0.94 35.65
CA ILE F 1302 35.98 2.10 35.07
C ILE F 1302 36.44 3.34 35.82
N ARG F 1303 36.66 4.41 35.09
CA ARG F 1303 37.09 5.69 35.65
C ARG F 1303 36.03 6.73 35.34
N LEU F 1304 35.28 7.13 36.37
CA LEU F 1304 34.24 8.14 36.24
C LEU F 1304 34.80 9.49 36.67
N ARG F 1305 34.47 10.53 35.90
CA ARG F 1305 34.88 11.89 36.23
C ARG F 1305 33.62 12.74 36.38
N GLY F 1306 33.36 13.22 37.59
CA GLY F 1306 32.21 14.05 37.86
C GLY F 1306 31.61 13.69 39.19
N THR F 1307 30.34 14.06 39.36
CA THR F 1307 29.59 13.75 40.58
C THR F 1307 28.77 12.49 40.34
N ALA F 1308 29.04 11.44 41.11
CA ALA F 1308 28.30 10.21 40.97
C ALA F 1308 26.89 10.36 41.53
N GLY F 1309 25.98 9.53 41.03
CA GLY F 1309 24.60 9.56 41.50
C GLY F 1309 24.44 8.85 42.83
N GLN F 1310 23.31 8.17 43.01
CA GLN F 1310 23.06 7.41 44.22
C GLN F 1310 23.22 5.92 43.93
N SER F 1311 23.42 5.16 45.00
CA SER F 1311 23.60 3.71 44.92
C SER F 1311 24.72 3.35 43.96
N LEU F 1312 25.79 4.13 44.00
CA LEU F 1312 26.92 3.90 43.10
C LEU F 1312 27.61 2.59 43.45
N GLY F 1313 27.66 1.69 42.48
CA GLY F 1313 28.30 0.41 42.70
C GLY F 1313 27.59 -0.49 43.68
N ALA F 1314 26.26 -0.40 43.75
CA ALA F 1314 25.51 -1.27 44.64
C ALA F 1314 25.53 -2.70 44.12
N PHE F 1315 25.81 -3.65 45.01
CA PHE F 1315 25.85 -5.08 44.69
C PHE F 1315 26.91 -5.37 43.62
N ALA F 1316 28.12 -4.89 43.87
CA ALA F 1316 29.24 -5.13 42.97
C ALA F 1316 30.02 -6.36 43.42
N VAL F 1317 30.39 -7.20 42.47
CA VAL F 1317 31.08 -8.44 42.75
C VAL F 1317 32.57 -8.24 42.51
N GLN F 1318 33.37 -9.20 42.98
CA GLN F 1318 34.82 -9.12 42.80
C GLN F 1318 35.17 -9.16 41.32
N GLY F 1319 36.18 -8.38 40.94
CA GLY F 1319 36.59 -8.24 39.57
C GLY F 1319 36.17 -6.95 38.90
N ILE F 1320 35.51 -6.05 39.63
CA ILE F 1320 35.06 -4.77 39.10
C ILE F 1320 35.65 -3.68 39.98
N LYS F 1321 36.29 -2.70 39.35
CA LYS F 1321 36.95 -1.60 40.08
C LYS F 1321 36.45 -0.27 39.54
N LEU F 1322 35.69 0.45 40.35
CA LEU F 1322 35.21 1.78 40.00
C LEU F 1322 36.08 2.83 40.68
N GLU F 1323 36.48 3.84 39.91
CA GLU F 1323 37.30 4.94 40.44
C GLU F 1323 36.61 6.25 40.08
N VAL F 1324 36.13 6.96 41.10
CA VAL F 1324 35.39 8.19 40.91
C VAL F 1324 36.29 9.38 41.24
N MET F 1325 36.32 10.37 40.35
CA MET F 1325 37.01 11.63 40.60
C MET F 1325 35.95 12.70 40.74
N GLY F 1326 35.77 13.18 41.96
CA GLY F 1326 34.64 14.03 42.31
C GLY F 1326 34.06 13.63 43.65
N ASP F 1327 32.79 13.21 43.65
CA ASP F 1327 32.15 12.80 44.89
C ASP F 1327 30.95 11.92 44.57
N ALA F 1328 30.50 11.18 45.58
CA ALA F 1328 29.30 10.36 45.49
C ALA F 1328 28.24 10.88 46.44
N ASN F 1329 26.98 10.71 46.05
CA ASN F 1329 25.89 11.35 46.80
C ASN F 1329 25.50 10.54 48.03
N ASP F 1330 24.90 9.36 47.82
CA ASP F 1330 24.28 8.59 48.89
C ASP F 1330 24.40 7.10 48.59
N TYR F 1331 24.28 6.30 49.64
CA TYR F 1331 24.19 4.84 49.55
C TYR F 1331 25.30 4.26 48.69
N VAL F 1332 26.47 4.88 48.70
CA VAL F 1332 27.59 4.37 47.91
C VAL F 1332 28.07 3.06 48.52
N GLY F 1333 28.22 2.05 47.69
CA GLY F 1333 28.63 0.75 48.18
C GLY F 1333 27.59 0.03 48.99
N LYS F 1334 26.31 0.25 48.71
CA LYS F 1334 25.24 -0.47 49.39
C LYS F 1334 25.28 -1.94 49.00
N GLY F 1335 25.41 -2.81 50.00
CA GLY F 1335 25.43 -4.23 49.75
C GLY F 1335 26.58 -4.67 48.87
N LEU F 1336 27.78 -4.20 49.19
CA LEU F 1336 28.97 -4.59 48.44
C LEU F 1336 29.18 -6.10 48.55
N SER F 1337 29.52 -6.73 47.43
CA SER F 1337 29.65 -8.17 47.35
C SER F 1337 31.00 -8.56 46.74
N GLY F 1338 32.07 -7.92 47.19
CA GLY F 1338 33.41 -8.30 46.80
C GLY F 1338 34.10 -7.34 45.87
N GLY F 1339 33.43 -6.29 45.40
CA GLY F 1339 34.02 -5.36 44.46
C GLY F 1339 35.08 -4.46 45.07
N THR F 1340 35.31 -3.31 44.45
CA THR F 1340 36.29 -2.35 44.95
C THR F 1340 35.91 -0.96 44.45
N ILE F 1341 35.76 -0.02 45.37
CA ILE F 1341 35.38 1.35 45.04
C ILE F 1341 36.40 2.30 45.65
N VAL F 1342 36.79 3.31 44.89
CA VAL F 1342 37.76 4.31 45.31
C VAL F 1342 37.22 5.69 44.95
N VAL F 1343 37.17 6.58 45.93
CA VAL F 1343 36.69 7.95 45.73
C VAL F 1343 37.76 8.91 46.19
N ARG F 1344 38.16 9.83 45.32
CA ARG F 1344 39.18 10.81 45.61
C ARG F 1344 38.81 12.13 44.95
N PRO F 1345 39.26 13.26 45.51
CA PRO F 1345 39.00 14.55 44.87
C PRO F 1345 39.85 14.72 43.61
N THR F 1346 39.52 15.76 42.85
CA THR F 1346 40.24 16.07 41.64
C THR F 1346 41.67 16.50 41.97
N THR F 1347 42.61 16.14 41.11
CA THR F 1347 44.01 16.47 41.34
C THR F 1347 44.23 17.98 41.38
N SER F 1348 43.36 18.75 40.72
CA SER F 1348 43.45 20.21 40.72
C SER F 1348 42.50 20.86 41.71
N SER F 1349 42.18 20.17 42.81
CA SER F 1349 41.26 20.70 43.80
C SER F 1349 42.04 21.32 44.94
N PRO F 1350 41.80 22.59 45.26
CA PRO F 1350 42.48 23.23 46.40
C PRO F 1350 41.72 23.02 47.70
N LEU F 1351 41.67 21.77 48.15
CA LEU F 1351 40.92 21.40 49.34
C LEU F 1351 41.76 20.51 50.24
N GLU F 1352 41.55 20.65 51.55
CA GLU F 1352 42.12 19.71 52.51
C GLU F 1352 41.29 18.44 52.50
N THR F 1353 41.89 17.34 52.07
CA THR F 1353 41.13 16.11 51.87
C THR F 1353 40.61 15.51 53.17
N ASN F 1354 41.09 15.98 54.32
CA ASN F 1354 40.64 15.46 55.61
C ASN F 1354 39.66 16.40 56.31
N LYS F 1355 39.10 17.37 55.59
CA LYS F 1355 38.20 18.33 56.20
C LYS F 1355 36.97 18.62 55.35
N ASN F 1356 36.69 17.79 54.35
CA ASN F 1356 35.55 18.03 53.45
C ASN F 1356 34.85 16.71 53.17
N THR F 1357 33.52 16.75 53.22
CA THR F 1357 32.72 15.55 52.97
C THR F 1357 32.81 15.14 51.51
N ILE F 1358 32.95 13.85 51.26
CA ILE F 1358 33.06 13.34 49.90
C ILE F 1358 31.98 12.29 49.62
N ILE F 1359 31.46 11.66 50.67
CA ILE F 1359 30.39 10.68 50.53
C ILE F 1359 29.32 10.97 51.58
N GLY F 1360 28.09 10.60 51.24
CA GLY F 1360 26.92 10.96 52.03
C GLY F 1360 26.59 9.94 53.09
N ASN F 1361 25.30 9.66 53.24
CA ASN F 1361 24.79 8.87 54.35
C ASN F 1361 24.62 7.41 53.95
N THR F 1362 24.68 6.54 54.96
CA THR F 1362 24.42 5.10 54.81
C THR F 1362 25.36 4.48 53.77
N VAL F 1363 26.64 4.51 54.12
CA VAL F 1363 27.69 3.93 53.28
C VAL F 1363 27.93 2.50 53.73
N LEU F 1364 28.02 1.59 52.77
CA LEU F 1364 28.29 0.18 53.03
C LEU F 1364 27.20 -0.42 53.92
N TYR F 1365 25.97 -0.42 53.40
CA TYR F 1365 24.83 -0.96 54.14
C TYR F 1365 24.69 -2.44 53.83
N GLY F 1366 25.04 -3.29 54.79
CA GLY F 1366 24.90 -4.72 54.63
C GLY F 1366 25.85 -5.34 53.63
N ALA F 1367 27.10 -4.90 53.62
CA ALA F 1367 28.10 -5.48 52.74
C ALA F 1367 28.70 -6.73 53.36
N THR F 1368 29.08 -7.66 52.48
CA THR F 1368 29.74 -8.90 52.85
C THR F 1368 31.17 -9.09 52.36
N ALA F 1369 31.64 -8.33 51.38
CA ALA F 1369 33.01 -8.45 50.94
C ALA F 1369 33.34 -7.26 50.07
N GLY F 1370 34.64 -7.02 49.92
CA GLY F 1370 35.14 -5.96 49.07
C GLY F 1370 35.97 -4.97 49.85
N LYS F 1371 36.32 -3.87 49.19
CA LYS F 1371 37.10 -2.81 49.78
C LYS F 1371 36.59 -1.47 49.30
N LEU F 1372 36.71 -0.45 50.14
CA LEU F 1372 36.26 0.90 49.80
C LEU F 1372 37.18 1.90 50.46
N PHE F 1373 37.87 2.70 49.66
CA PHE F 1373 38.78 3.72 50.14
C PHE F 1373 38.30 5.09 49.69
N ALA F 1374 38.05 5.97 50.64
CA ALA F 1374 37.63 7.33 50.36
C ALA F 1374 38.65 8.32 50.92
N ALA F 1375 38.69 9.50 50.33
CA ALA F 1375 39.65 10.53 50.70
C ALA F 1375 38.95 11.76 51.29
N GLY F 1376 37.97 11.52 52.15
CA GLY F 1376 37.25 12.60 52.79
C GLY F 1376 36.54 12.08 54.02
N GLN F 1377 35.47 12.77 54.40
CA GLN F 1377 34.64 12.36 55.52
C GLN F 1377 33.33 11.77 55.00
N ALA F 1378 32.76 10.86 55.78
CA ALA F 1378 31.49 10.25 55.43
C ALA F 1378 30.36 10.93 56.20
N GLY F 1379 29.14 10.56 55.87
CA GLY F 1379 27.94 11.14 56.48
C GLY F 1379 27.57 10.43 57.76
N GLU F 1380 26.27 10.27 57.96
CA GLU F 1380 25.74 9.59 59.14
C GLU F 1380 25.55 8.11 58.86
N ARG F 1381 25.49 7.34 59.94
CA ARG F 1381 25.28 5.89 59.86
C ARG F 1381 26.31 5.23 58.95
N PHE F 1382 27.56 5.63 59.14
CA PHE F 1382 28.64 5.08 58.32
C PHE F 1382 28.88 3.61 58.67
N ALA F 1383 28.82 2.75 57.67
CA ALA F 1383 29.11 1.32 57.81
C ALA F 1383 28.17 0.68 58.85
N VAL F 1384 26.90 0.70 58.55
CA VAL F 1384 25.89 0.02 59.37
C VAL F 1384 25.68 -1.37 58.81
N ARG F 1385 25.56 -2.35 59.72
CA ARG F 1385 25.34 -3.75 59.35
C ARG F 1385 26.44 -4.28 58.44
N ASN F 1386 27.67 -3.78 58.59
CA ASN F 1386 28.79 -4.32 57.85
C ASN F 1386 29.05 -5.76 58.27
N SER F 1387 29.39 -6.60 57.30
CA SER F 1387 29.58 -8.01 57.63
C SER F 1387 30.94 -8.55 57.24
N GLY F 1388 31.49 -8.13 56.10
CA GLY F 1388 32.80 -8.61 55.71
C GLY F 1388 33.66 -7.58 55.01
N ALA F 1389 33.14 -6.36 54.85
CA ALA F 1389 33.84 -5.35 54.06
C ALA F 1389 35.00 -4.75 54.84
N THR F 1390 35.86 -4.05 54.10
CA THR F 1390 37.01 -3.35 54.66
C THR F 1390 37.02 -1.94 54.10
N VAL F 1391 37.00 -0.94 54.97
CA VAL F 1391 36.85 0.45 54.56
C VAL F 1391 37.88 1.30 55.29
N VAL F 1392 38.45 2.26 54.56
CA VAL F 1392 39.40 3.23 55.11
C VAL F 1392 38.93 4.61 54.68
N VAL F 1393 38.49 5.42 55.64
CA VAL F 1393 37.94 6.74 55.35
C VAL F 1393 38.53 7.73 56.33
N GLU F 1394 38.66 8.98 55.87
CA GLU F 1394 39.35 10.02 56.62
C GLU F 1394 38.42 10.80 57.56
N GLY F 1395 37.32 10.19 57.97
CA GLY F 1395 36.40 10.86 58.86
C GLY F 1395 35.11 10.07 58.97
N CYS F 1396 34.20 10.59 59.80
CA CYS F 1396 32.93 9.91 60.04
C CYS F 1396 31.96 10.91 60.66
N GLY F 1397 30.72 10.48 60.79
CA GLY F 1397 29.68 11.28 61.41
C GLY F 1397 29.05 10.57 62.58
N SER F 1398 27.83 10.97 62.95
CA SER F 1398 27.16 10.38 64.09
C SER F 1398 26.60 9.01 63.75
N ASN F 1399 26.41 8.19 64.80
CA ASN F 1399 25.89 6.84 64.67
C ASN F 1399 26.72 5.98 63.71
N GLY F 1400 28.03 6.20 63.69
CA GLY F 1400 28.89 5.43 62.81
C GLY F 1400 29.16 4.04 63.35
N CYS F 1401 29.38 3.11 62.43
CA CYS F 1401 29.67 1.70 62.77
C CYS F 1401 28.60 1.13 63.69
N GLU F 1402 27.35 1.51 63.43
CA GLU F 1402 26.24 1.09 64.26
C GLU F 1402 25.85 -0.34 63.93
N TYR F 1403 25.83 -1.20 64.94
CA TYR F 1403 25.37 -2.59 64.81
C TYR F 1403 26.18 -3.34 63.75
N MET F 1404 27.48 -3.07 63.72
CA MET F 1404 28.38 -3.75 62.79
C MET F 1404 28.57 -5.20 63.22
N THR F 1405 28.85 -6.07 62.24
CA THR F 1405 28.93 -7.49 62.50
C THR F 1405 30.27 -8.12 62.13
N GLY F 1406 30.97 -7.59 61.13
CA GLY F 1406 32.25 -8.16 60.76
C GLY F 1406 33.03 -7.31 59.79
N GLY F 1407 34.35 -7.42 59.81
CA GLY F 1407 35.22 -6.63 58.97
C GLY F 1407 36.05 -5.66 59.78
N THR F 1408 36.76 -4.80 59.06
CA THR F 1408 37.62 -3.80 59.67
C THR F 1408 37.24 -2.42 59.14
N ALA F 1409 37.36 -1.41 60.00
CA ALA F 1409 37.05 -0.04 59.64
C ALA F 1409 38.08 0.88 60.29
N VAL F 1410 38.81 1.63 59.46
CA VAL F 1410 39.83 2.56 59.93
C VAL F 1410 39.33 3.97 59.67
N ILE F 1411 39.26 4.78 60.72
CA ILE F 1411 38.78 6.15 60.64
C ILE F 1411 39.91 7.07 61.05
N LEU F 1412 40.47 7.81 60.08
CA LEU F 1412 41.59 8.70 60.34
C LEU F 1412 41.07 10.11 60.58
N GLY F 1413 40.38 10.27 61.70
CA GLY F 1413 39.86 11.57 62.08
C GLY F 1413 38.92 11.53 63.27
N ARG F 1414 37.98 12.46 63.32
CA ARG F 1414 37.02 12.54 64.41
C ARG F 1414 35.78 11.72 64.08
N VAL F 1415 35.07 11.29 65.13
CA VAL F 1415 33.86 10.51 64.99
C VAL F 1415 32.69 11.33 65.51
N GLY F 1416 31.47 10.81 65.27
CA GLY F 1416 30.27 11.43 65.78
C GLY F 1416 29.82 10.80 67.08
N ASP F 1417 28.77 11.39 67.66
CA ASP F 1417 28.28 10.91 68.94
C ASP F 1417 27.56 9.58 68.75
N ASN F 1418 27.48 8.82 69.84
CA ASN F 1418 26.90 7.47 69.83
C ASN F 1418 27.62 6.57 68.82
N PHE F 1419 28.94 6.59 68.83
CA PHE F 1419 29.72 5.75 67.94
C PHE F 1419 29.74 4.32 68.44
N ALA F 1420 29.74 3.38 67.49
CA ALA F 1420 29.87 1.95 67.78
C ALA F 1420 28.78 1.46 68.73
N ALA F 1421 27.53 1.79 68.39
CA ALA F 1421 26.39 1.35 69.18
C ALA F 1421 25.87 0.03 68.64
N GLY F 1422 25.71 -0.95 69.53
CA GLY F 1422 25.23 -2.25 69.12
C GLY F 1422 26.21 -3.08 68.33
N MET F 1423 27.49 -2.69 68.29
CA MET F 1423 28.49 -3.47 67.59
C MET F 1423 28.66 -4.82 68.27
N THR F 1424 28.73 -5.89 67.46
CA THR F 1424 28.82 -7.24 68.01
C THR F 1424 29.85 -8.10 67.29
N GLY F 1425 30.64 -7.54 66.38
CA GLY F 1425 31.64 -8.31 65.68
C GLY F 1425 32.50 -7.48 64.75
N GLY F 1426 33.79 -7.79 64.68
CA GLY F 1426 34.71 -7.06 63.84
C GLY F 1426 35.79 -6.38 64.67
N MET F 1427 36.20 -5.19 64.21
CA MET F 1427 37.23 -4.41 64.87
C MET F 1427 37.23 -3.02 64.27
N ALA F 1428 37.69 -2.04 65.04
CA ALA F 1428 37.78 -0.68 64.56
C ALA F 1428 39.04 -0.01 65.10
N TYR F 1429 39.55 0.96 64.35
CA TYR F 1429 40.69 1.75 64.76
C TYR F 1429 40.40 3.22 64.52
N VAL F 1430 40.60 4.04 65.55
CA VAL F 1430 40.35 5.48 65.47
C VAL F 1430 41.66 6.23 65.71
N TYR F 1431 41.90 7.24 64.89
CA TYR F 1431 43.10 8.07 65.00
C TYR F 1431 42.72 9.30 65.81
N ASP F 1432 43.15 9.33 67.07
CA ASP F 1432 42.68 10.31 68.04
C ASP F 1432 43.77 11.33 68.33
N LEU F 1433 43.64 12.52 67.76
CA LEU F 1433 44.47 13.68 68.13
C LEU F 1433 43.82 14.55 69.20
N ASP F 1434 42.51 14.68 69.18
CA ASP F 1434 41.83 15.47 70.20
C ASP F 1434 41.74 14.76 71.54
N ASP F 1435 42.03 13.46 71.58
CA ASP F 1435 41.90 12.65 72.79
C ASP F 1435 40.51 12.85 73.38
N SER F 1436 39.49 12.63 72.55
CA SER F 1436 38.10 12.87 72.94
C SER F 1436 37.21 11.72 72.50
N LEU F 1437 37.77 10.52 72.39
CA LEU F 1437 36.98 9.35 72.03
C LEU F 1437 36.14 8.83 73.19
N PRO F 1438 36.67 8.74 74.43
CA PRO F 1438 35.84 8.27 75.54
C PRO F 1438 34.61 9.12 75.81
N LEU F 1439 34.50 10.30 75.22
CA LEU F 1439 33.31 11.12 75.37
C LEU F 1439 32.24 10.80 74.34
N TYR F 1440 32.62 10.25 73.19
CA TYR F 1440 31.67 9.98 72.11
C TYR F 1440 31.27 8.52 72.02
N ILE F 1441 32.15 7.60 72.42
CA ILE F 1441 31.88 6.19 72.21
C ILE F 1441 30.74 5.73 73.11
N ASN F 1442 30.04 4.68 72.67
CA ASN F 1442 28.98 4.06 73.46
C ASN F 1442 29.56 2.81 74.12
N ASP F 1443 30.22 3.03 75.25
CA ASP F 1443 30.90 1.93 75.95
C ASP F 1443 29.92 0.99 76.62
N GLU F 1444 29.13 0.28 75.82
CA GLU F 1444 28.14 -0.66 76.33
C GLU F 1444 28.50 -2.08 75.99
N SER F 1445 28.77 -2.38 74.71
CA SER F 1445 29.10 -3.73 74.27
C SER F 1445 30.48 -3.82 73.64
N VAL F 1446 31.25 -2.74 73.61
CA VAL F 1446 32.58 -2.74 73.03
C VAL F 1446 33.56 -2.19 74.04
N ILE F 1447 34.82 -2.60 73.92
CA ILE F 1447 35.90 -2.09 74.75
C ILE F 1447 36.92 -1.41 73.85
N PHE F 1448 37.52 -0.35 74.36
CA PHE F 1448 38.50 0.42 73.62
C PHE F 1448 39.80 0.50 74.41
N GLN F 1449 40.90 0.21 73.74
CA GLN F 1449 42.22 0.20 74.37
C GLN F 1449 43.23 0.73 73.37
N ARG F 1450 44.51 0.54 73.66
CA ARG F 1450 45.58 0.95 72.76
C ARG F 1450 46.28 -0.27 72.18
N ILE F 1451 46.85 -0.11 70.99
CA ILE F 1451 47.47 -1.21 70.28
C ILE F 1451 48.70 -1.70 71.06
N GLU F 1452 48.76 -3.00 71.31
CA GLU F 1452 49.86 -3.59 72.05
C GLU F 1452 50.41 -4.85 71.40
N VAL F 1453 49.98 -5.20 70.20
CA VAL F 1453 50.43 -6.40 69.51
C VAL F 1453 50.92 -6.01 68.12
N GLY F 1454 52.11 -6.50 67.74
CA GLY F 1454 52.64 -6.20 66.43
C GLY F 1454 51.82 -6.82 65.30
N HIS F 1455 51.14 -7.93 65.59
CA HIS F 1455 50.29 -8.55 64.58
C HIS F 1455 49.17 -7.61 64.16
N TYR F 1456 48.56 -6.91 65.13
CA TYR F 1456 47.54 -5.93 64.83
C TYR F 1456 48.12 -4.63 64.30
N GLU F 1457 49.43 -4.42 64.45
CA GLU F 1457 50.09 -3.24 63.89
C GLU F 1457 50.38 -3.41 62.41
N SER F 1458 50.84 -4.60 62.01
CA SER F 1458 51.05 -4.87 60.59
C SER F 1458 49.75 -4.72 59.81
N GLN F 1459 48.62 -5.11 60.41
CA GLN F 1459 47.32 -4.95 59.76
C GLN F 1459 47.06 -3.49 59.42
N LEU F 1460 47.13 -2.62 60.43
CA LEU F 1460 46.88 -1.20 60.21
C LEU F 1460 47.88 -0.60 59.24
N LYS F 1461 49.15 -0.98 59.37
CA LYS F 1461 50.18 -0.46 58.46
C LYS F 1461 49.85 -0.81 57.01
N HIS F 1462 49.50 -2.08 56.76
CA HIS F 1462 49.21 -2.49 55.40
C HIS F 1462 47.94 -1.82 54.87
N LEU F 1463 46.94 -1.64 55.74
CA LEU F 1463 45.72 -0.97 55.30
C LEU F 1463 46.00 0.47 54.89
N ILE F 1464 46.76 1.20 55.70
CA ILE F 1464 47.05 2.58 55.35
C ILE F 1464 47.97 2.64 54.12
N GLU F 1465 48.86 1.67 53.96
CA GLU F 1465 49.68 1.64 52.75
C GLU F 1465 48.85 1.42 51.50
N GLU F 1466 47.86 0.52 51.58
CA GLU F 1466 46.98 0.34 50.43
C GLU F 1466 46.16 1.58 50.16
N HIS F 1467 45.70 2.26 51.21
CA HIS F 1467 44.99 3.52 51.05
C HIS F 1467 45.86 4.52 50.30
N VAL F 1468 47.08 4.75 50.78
CA VAL F 1468 47.99 5.69 50.13
C VAL F 1468 48.25 5.29 48.69
N THR F 1469 48.40 3.99 48.44
CA THR F 1469 48.65 3.52 47.09
C THR F 1469 47.51 3.85 46.15
N GLU F 1470 46.27 3.60 46.57
CA GLU F 1470 45.13 3.82 45.68
C GLU F 1470 44.78 5.30 45.57
N THR F 1471 44.40 5.94 46.68
CA THR F 1471 43.86 7.28 46.55
C THR F 1471 44.94 8.35 46.43
N GLN F 1472 46.21 8.00 46.61
CA GLN F 1472 47.31 8.95 46.55
C GLN F 1472 47.09 10.11 47.52
N SER F 1473 46.56 9.80 48.69
CA SER F 1473 46.26 10.82 49.68
C SER F 1473 47.55 11.42 50.23
N ARG F 1474 47.40 12.59 50.88
CA ARG F 1474 48.51 13.28 51.50
C ARG F 1474 48.47 13.22 53.02
N PHE F 1475 47.27 13.19 53.61
CA PHE F 1475 47.17 13.01 55.05
C PHE F 1475 47.73 11.66 55.48
N ALA F 1476 47.18 10.57 54.91
CA ALA F 1476 47.65 9.25 55.27
C ALA F 1476 49.12 9.05 54.91
N ALA F 1477 49.59 9.73 53.87
CA ALA F 1477 51.00 9.63 53.51
C ALA F 1477 51.89 10.11 54.63
N GLU F 1478 51.58 11.27 55.19
CA GLU F 1478 52.43 11.83 56.24
C GLU F 1478 52.16 11.16 57.59
N ILE F 1479 51.00 10.54 57.75
CA ILE F 1479 50.82 9.63 58.88
C ILE F 1479 51.77 8.44 58.76
N LEU F 1480 51.89 7.87 57.56
CA LEU F 1480 52.80 6.75 57.35
C LEU F 1480 54.25 7.17 57.49
N ASN F 1481 54.57 8.42 57.12
CA ASN F 1481 55.91 8.93 57.31
C ASN F 1481 56.31 8.90 58.77
N ASP F 1482 55.49 9.51 59.63
CA ASP F 1482 55.71 9.50 61.06
C ASP F 1482 54.89 8.38 61.70
N TRP F 1483 55.41 7.16 61.57
CA TRP F 1483 54.70 6.00 62.08
C TRP F 1483 55.02 5.72 63.54
N ALA F 1484 56.29 5.88 63.92
CA ALA F 1484 56.73 5.50 65.26
C ALA F 1484 56.07 6.34 66.34
N ARG F 1485 55.80 7.62 66.07
CA ARG F 1485 55.20 8.50 67.06
C ARG F 1485 53.69 8.62 66.91
N GLU F 1486 53.11 8.17 65.79
CA GLU F 1486 51.67 8.21 65.61
C GLU F 1486 50.98 6.88 65.87
N VAL F 1487 51.75 5.78 65.95
CA VAL F 1487 51.15 4.49 66.28
C VAL F 1487 50.53 4.52 67.67
N THR F 1488 51.02 5.40 68.53
CA THR F 1488 50.52 5.51 69.91
C THR F 1488 49.36 6.48 70.03
N LYS F 1489 48.78 6.92 68.91
CA LYS F 1489 47.62 7.79 68.94
C LYS F 1489 46.34 7.10 68.50
N PHE F 1490 46.37 5.78 68.32
CA PHE F 1490 45.23 5.03 67.82
C PHE F 1490 44.53 4.28 68.94
N TRP F 1491 43.21 4.36 68.94
CA TRP F 1491 42.36 3.53 69.80
C TRP F 1491 41.86 2.34 69.01
N GLN F 1492 41.96 1.16 69.62
CA GLN F 1492 41.42 -0.07 69.05
C GLN F 1492 40.13 -0.42 69.77
N VAL F 1493 39.06 -0.60 69.00
CA VAL F 1493 37.73 -0.90 69.52
C VAL F 1493 37.38 -2.33 69.12
N VAL F 1494 37.09 -3.16 70.11
CA VAL F 1494 36.80 -4.57 69.92
C VAL F 1494 35.54 -4.93 70.68
N PRO F 1495 34.60 -5.67 70.08
CA PRO F 1495 33.39 -6.05 70.81
C PRO F 1495 33.70 -6.94 72.00
N LYS F 1496 32.75 -6.97 72.94
CA LYS F 1496 32.93 -7.77 74.15
C LYS F 1496 32.81 -9.25 73.85
N GLU F 1497 31.95 -9.62 72.90
CA GLU F 1497 31.71 -11.01 72.55
C GLU F 1497 32.82 -11.58 71.68
N MET F 1498 33.66 -10.73 71.11
CA MET F 1498 34.85 -11.15 70.37
C MET F 1498 36.08 -11.27 71.26
N LEU F 1499 35.93 -11.47 72.56
CA LEU F 1499 37.07 -11.58 73.46
C LEU F 1499 37.57 -13.00 73.65
N ASN F 1500 36.68 -13.99 73.50
CA ASN F 1500 37.05 -15.39 73.63
C ASN F 1500 37.28 -16.07 72.29
N ARG F 1501 37.11 -15.35 71.18
CA ARG F 1501 37.08 -15.96 69.87
C ARG F 1501 38.11 -15.43 68.90
N LEU F 1502 38.76 -14.31 69.18
CA LEU F 1502 39.82 -13.83 68.31
C LEU F 1502 40.96 -14.85 68.23
N GLU F 1503 41.75 -14.73 67.16
CA GLU F 1503 42.66 -15.82 66.83
C GLU F 1503 43.89 -15.78 67.73
N VAL F 1504 44.44 -14.60 67.93
CA VAL F 1504 45.42 -14.34 68.98
C VAL F 1504 44.80 -13.36 69.96
N PRO F 1505 45.10 -13.45 71.25
CA PRO F 1505 44.48 -12.51 72.20
C PRO F 1505 44.96 -11.09 71.97
N VAL F 1506 44.15 -10.14 72.42
CA VAL F 1506 44.50 -8.72 72.28
C VAL F 1506 45.39 -8.21 73.41
N HIS F 1507 45.47 -8.95 74.51
CA HIS F 1507 46.25 -8.53 75.66
C HIS F 1507 47.62 -9.21 75.64
N LEU F 1508 48.39 -8.99 76.71
CA LEU F 1508 49.73 -9.56 76.82
C LEU F 1508 49.74 -10.75 77.77
N GLN G 4 -2.75 49.44 -75.08
CA GLN G 4 -3.40 49.46 -73.78
C GLN G 4 -3.17 48.15 -73.03
N ARG G 5 -3.31 48.20 -71.70
CA ARG G 5 -3.26 47.00 -70.88
C ARG G 5 -4.34 46.03 -71.34
N MET G 6 -3.92 44.89 -71.90
CA MET G 6 -4.79 44.04 -72.70
C MET G 6 -5.43 42.96 -71.82
N LEU G 7 -6.52 43.34 -71.16
CA LEU G 7 -7.36 42.39 -70.44
C LEU G 7 -8.82 42.72 -70.70
N GLY G 8 -9.13 43.19 -71.90
CA GLY G 8 -10.43 43.76 -72.18
C GLY G 8 -11.54 42.79 -72.51
N PHE G 9 -11.42 41.53 -72.08
CA PHE G 9 -12.51 40.60 -72.30
C PHE G 9 -13.70 40.86 -71.39
N VAL G 10 -13.57 41.79 -70.45
CA VAL G 10 -14.64 42.04 -69.49
C VAL G 10 -15.69 42.94 -70.09
N HIS G 11 -15.28 43.99 -70.80
CA HIS G 11 -16.20 45.01 -71.30
C HIS G 11 -16.29 45.04 -72.82
N THR G 12 -15.89 43.97 -73.49
CA THR G 12 -16.05 43.84 -74.93
C THR G 12 -16.66 42.49 -75.26
N ALA G 13 -17.23 42.40 -76.46
CA ALA G 13 -17.87 41.18 -76.93
C ALA G 13 -17.17 40.69 -78.19
N GLN G 14 -17.03 39.37 -78.30
CA GLN G 14 -16.35 38.78 -79.43
C GLN G 14 -17.21 38.88 -80.69
N ARG G 15 -16.58 39.21 -81.81
CA ARG G 15 -17.31 39.27 -83.08
C ARG G 15 -16.33 39.02 -84.22
N MET G 16 -16.63 38.00 -85.02
CA MET G 16 -15.79 37.63 -86.15
C MET G 16 -15.88 38.69 -87.24
N PRO G 17 -14.99 38.63 -88.25
CA PRO G 17 -15.00 39.68 -89.28
C PRO G 17 -16.24 39.66 -90.16
N ASP G 18 -16.26 40.53 -91.16
CA ASP G 18 -17.44 40.70 -92.00
C ASP G 18 -17.77 39.42 -92.75
N LYS G 19 -19.07 39.15 -92.90
CA LYS G 19 -19.54 38.01 -93.65
C LYS G 19 -20.60 38.46 -94.65
N ARG G 20 -20.68 37.74 -95.78
CA ARG G 20 -21.66 38.00 -96.82
C ARG G 20 -22.89 37.13 -96.63
N PRO G 21 -24.08 37.64 -96.96
CA PRO G 21 -25.31 36.89 -96.70
C PRO G 21 -25.40 35.62 -97.54
N ALA G 22 -26.35 34.76 -97.16
CA ALA G 22 -26.47 33.46 -97.80
C ALA G 22 -27.00 33.58 -99.23
N ALA G 23 -27.99 34.46 -99.45
CA ALA G 23 -28.58 34.61 -100.77
C ALA G 23 -27.56 35.07 -101.80
N GLU G 24 -26.46 35.69 -101.37
CA GLU G 24 -25.40 36.13 -102.27
C GLU G 24 -24.25 35.16 -102.34
N ARG G 25 -24.00 34.40 -101.26
CA ARG G 25 -22.89 33.46 -101.23
C ARG G 25 -23.06 32.34 -102.25
N ARG G 26 -24.30 31.93 -102.52
CA ARG G 26 -24.56 30.73 -103.30
C ARG G 26 -24.10 30.85 -104.75
N GLN G 27 -23.90 32.06 -105.26
CA GLN G 27 -23.60 32.22 -106.68
C GLN G 27 -22.12 32.01 -106.99
N ASP G 28 -21.26 32.84 -106.41
CA ASP G 28 -19.86 32.87 -106.80
C ASP G 28 -19.10 31.73 -106.15
N PHE G 29 -17.76 31.74 -106.29
CA PHE G 29 -16.89 30.74 -105.71
C PHE G 29 -15.81 31.34 -104.82
N ALA G 30 -15.94 32.62 -104.47
CA ALA G 30 -14.94 33.29 -103.65
C ALA G 30 -15.14 32.92 -102.18
N GLU G 31 -14.38 33.54 -101.30
CA GLU G 31 -14.48 33.24 -99.87
C GLU G 31 -15.77 33.83 -99.30
N ILE G 32 -16.03 33.48 -98.04
CA ILE G 32 -17.23 33.94 -97.36
C ILE G 32 -16.95 34.96 -96.27
N TYR G 33 -15.71 35.04 -95.78
CA TYR G 33 -15.35 35.99 -94.75
C TYR G 33 -14.59 37.16 -95.38
N ALA G 34 -14.07 38.04 -94.53
CA ALA G 34 -13.28 39.17 -94.99
C ALA G 34 -12.18 39.44 -93.99
N ARG G 35 -11.19 40.21 -94.40
CA ARG G 35 -10.09 40.57 -93.51
C ARG G 35 -10.56 41.63 -92.52
N PHE G 36 -10.08 41.51 -91.27
CA PHE G 36 -10.38 42.51 -90.26
C PHE G 36 -9.99 43.90 -90.73
N SER G 37 -10.68 44.89 -90.19
CA SER G 37 -10.20 46.26 -90.26
C SER G 37 -9.14 46.48 -89.18
N ASP G 38 -8.46 47.62 -89.27
CA ASP G 38 -7.38 47.88 -88.32
C ASP G 38 -7.92 48.12 -86.92
N GLU G 39 -8.90 49.00 -86.78
CA GLU G 39 -9.44 49.31 -85.46
C GLU G 39 -10.21 48.14 -84.86
N ARG G 40 -10.73 47.24 -85.68
CA ARG G 40 -11.39 46.05 -85.15
C ARG G 40 -10.41 44.95 -84.80
N ALA G 41 -9.32 44.81 -85.55
CA ALA G 41 -8.30 43.83 -85.17
C ALA G 41 -7.58 44.25 -83.89
N ASN G 42 -7.25 45.53 -83.78
CA ASN G 42 -6.62 46.03 -82.57
C ASN G 42 -7.54 45.94 -81.36
N GLU G 43 -8.84 45.71 -81.56
CA GLU G 43 -9.78 45.51 -80.48
C GLU G 43 -9.97 44.03 -80.16
N GLN G 44 -10.13 43.19 -81.18
CA GLN G 44 -10.34 41.77 -80.95
C GLN G 44 -9.07 41.06 -80.48
N ALA G 45 -7.90 41.58 -80.80
CA ALA G 45 -6.66 41.04 -80.26
C ALA G 45 -6.39 41.52 -78.84
N ASN G 46 -7.23 42.41 -78.31
CA ASN G 46 -7.06 42.96 -76.98
C ASN G 46 -7.82 42.16 -75.92
N ARG G 47 -8.71 41.27 -76.32
CA ARG G 47 -9.46 40.46 -75.35
C ARG G 47 -8.64 39.36 -74.72
N CYS G 48 -7.40 39.15 -75.17
CA CYS G 48 -6.55 38.17 -74.53
C CYS G 48 -6.30 38.56 -73.08
N SER G 49 -5.85 37.57 -72.30
CA SER G 49 -5.61 37.80 -70.88
C SER G 49 -4.17 37.56 -70.46
N GLN G 50 -3.29 37.16 -71.38
CA GLN G 50 -1.90 36.85 -71.06
C GLN G 50 -1.80 35.90 -69.88
N CYS G 51 -2.61 34.86 -69.94
CA CYS G 51 -2.73 33.90 -68.86
C CYS G 51 -1.50 33.01 -68.79
N GLY G 52 -1.03 32.76 -67.57
CA GLY G 52 -0.02 31.74 -67.37
C GLY G 52 -0.58 30.37 -67.69
N VAL G 53 0.31 29.48 -68.14
CA VAL G 53 -0.09 28.16 -68.64
C VAL G 53 -1.11 28.39 -69.76
N PRO G 54 -0.70 28.90 -70.92
CA PRO G 54 -1.66 29.22 -71.98
C PRO G 54 -2.12 27.95 -72.70
N PHE G 55 -3.40 27.64 -72.55
CA PHE G 55 -3.97 26.49 -73.26
C PHE G 55 -4.10 26.73 -74.76
N CYS G 56 -4.07 27.99 -75.20
CA CYS G 56 -4.13 28.27 -76.63
C CYS G 56 -2.91 27.71 -77.35
N GLN G 57 -1.81 27.49 -76.64
CA GLN G 57 -0.58 27.00 -77.23
C GLN G 57 -0.36 25.51 -77.00
N VAL G 58 -0.84 24.98 -75.87
CA VAL G 58 -0.70 23.55 -75.59
C VAL G 58 -1.42 22.71 -76.61
N HIS G 59 -2.54 23.21 -77.15
CA HIS G 59 -3.39 22.43 -78.02
C HIS G 59 -3.25 22.80 -79.49
N CYS G 60 -2.30 23.67 -79.84
CA CYS G 60 -2.05 23.99 -81.24
C CYS G 60 -0.95 23.09 -81.76
N PRO G 61 -1.20 22.29 -82.79
CA PRO G 61 -0.22 21.25 -83.16
C PRO G 61 1.15 21.79 -83.52
N VAL G 62 1.26 23.00 -84.05
CA VAL G 62 2.55 23.60 -84.32
C VAL G 62 3.06 24.41 -83.13
N SER G 63 2.18 24.78 -82.19
CA SER G 63 2.55 25.45 -80.95
C SER G 63 3.21 26.81 -81.20
N ASN G 64 2.45 27.69 -81.84
CA ASN G 64 2.89 29.06 -82.02
C ASN G 64 2.95 29.77 -80.67
N ASN G 65 3.69 30.88 -80.63
CA ASN G 65 3.75 31.73 -79.45
C ASN G 65 2.58 32.72 -79.50
N ILE G 66 1.39 32.18 -79.27
CA ILE G 66 0.16 32.94 -79.51
C ILE G 66 0.07 34.19 -78.66
N PRO G 67 0.26 34.14 -77.32
CA PRO G 67 0.13 35.38 -76.54
C PRO G 67 1.09 36.46 -76.97
N ASP G 68 2.27 36.10 -77.47
CA ASP G 68 3.28 37.12 -77.77
C ASP G 68 2.88 37.97 -78.98
N TRP G 69 2.44 37.34 -80.06
CA TRP G 69 2.00 38.20 -81.16
C TRP G 69 0.60 38.75 -80.94
N LEU G 70 -0.23 38.12 -80.09
CA LEU G 70 -1.45 38.79 -79.70
C LEU G 70 -1.17 40.08 -78.93
N LYS G 71 -0.08 40.10 -78.16
CA LYS G 71 0.32 41.34 -77.49
C LYS G 71 0.91 42.32 -78.48
N LEU G 72 1.90 41.88 -79.26
CA LEU G 72 2.54 42.76 -80.23
C LEU G 72 1.60 43.26 -81.30
N THR G 73 0.39 42.69 -81.41
CA THR G 73 -0.61 43.24 -82.33
C THR G 73 -1.48 44.29 -81.66
N SER G 74 -1.80 44.10 -80.38
CA SER G 74 -2.64 45.02 -79.64
C SER G 74 -1.94 46.31 -79.28
N GLU G 75 -0.74 46.57 -79.79
CA GLU G 75 0.00 47.79 -79.49
C GLU G 75 0.63 48.37 -80.75
N GLY G 76 -0.04 48.26 -81.88
CA GLY G 76 0.59 48.58 -83.15
C GLY G 76 1.63 47.52 -83.45
N ARG G 77 2.86 47.94 -83.77
CA ARG G 77 4.01 47.06 -83.84
C ARG G 77 3.71 45.78 -84.62
N LEU G 78 3.21 45.95 -85.84
CA LEU G 78 2.76 44.79 -86.59
C LEU G 78 3.91 44.00 -87.18
N GLU G 79 5.04 44.65 -87.49
CA GLU G 79 6.14 43.95 -88.13
C GLU G 79 6.78 42.95 -87.18
N GLU G 80 7.01 43.35 -85.92
CA GLU G 80 7.57 42.42 -84.95
C GLU G 80 6.62 41.26 -84.69
N ALA G 81 5.31 41.54 -84.71
CA ALA G 81 4.34 40.46 -84.58
C ALA G 81 4.43 39.49 -85.76
N TYR G 82 4.61 40.02 -86.97
CA TYR G 82 4.82 39.14 -88.12
C TYR G 82 6.06 38.28 -87.95
N GLU G 83 7.14 38.87 -87.47
CA GLU G 83 8.35 38.09 -87.23
C GLU G 83 8.09 36.97 -86.25
N VAL G 84 7.44 37.28 -85.12
CA VAL G 84 7.19 36.29 -84.09
C VAL G 84 6.30 35.17 -84.63
N SER G 85 5.31 35.53 -85.45
CA SER G 85 4.39 34.51 -85.97
C SER G 85 5.08 33.64 -87.01
N GLN G 86 5.89 34.24 -87.87
CA GLN G 86 6.50 33.50 -88.97
C GLN G 86 7.64 32.61 -88.49
N ALA G 87 8.32 33.01 -87.41
CA ALA G 87 9.49 32.26 -86.96
C ALA G 87 9.17 30.86 -86.45
N THR G 88 7.89 30.47 -86.40
CA THR G 88 7.54 29.13 -85.94
C THR G 88 6.49 28.45 -86.80
N ASN G 89 6.19 28.99 -87.98
CA ASN G 89 5.18 28.39 -88.86
C ASN G 89 5.45 28.86 -90.28
N ASN G 90 5.43 27.93 -91.23
CA ASN G 90 5.82 28.27 -92.59
C ASN G 90 4.65 28.82 -93.40
N PHE G 91 3.45 28.27 -93.21
CA PHE G 91 2.24 28.73 -93.90
C PHE G 91 1.24 29.23 -92.87
N PRO G 92 1.44 30.46 -92.36
CA PRO G 92 0.50 30.96 -91.34
C PRO G 92 -0.86 31.32 -91.91
N GLU G 93 -0.92 31.98 -93.07
CA GLU G 93 -2.21 32.42 -93.59
C GLU G 93 -3.05 31.23 -94.04
N ILE G 94 -2.44 30.23 -94.67
CA ILE G 94 -3.17 29.04 -95.08
C ILE G 94 -3.79 28.35 -93.87
N CYS G 95 -3.00 28.22 -92.79
CA CYS G 95 -3.52 27.65 -91.57
C CYS G 95 -4.68 28.48 -91.02
N GLY G 96 -4.49 29.79 -90.88
CA GLY G 96 -5.57 30.63 -90.40
C GLY G 96 -6.83 30.55 -91.24
N ARG G 97 -6.68 30.19 -92.51
CA ARG G 97 -7.85 30.11 -93.37
C ARG G 97 -8.55 28.76 -93.27
N ILE G 98 -7.82 27.67 -93.12
CA ILE G 98 -8.42 26.35 -93.19
C ILE G 98 -8.40 25.59 -91.88
N CYS G 99 -7.48 25.89 -90.96
CA CYS G 99 -7.35 25.10 -89.74
C CYS G 99 -8.62 25.15 -88.92
N PRO G 100 -9.19 24.00 -88.55
CA PRO G 100 -10.40 24.01 -87.72
C PRO G 100 -10.09 24.46 -86.30
N GLN G 101 -10.46 25.70 -85.98
CA GLN G 101 -10.02 26.32 -84.74
C GLN G 101 -10.88 25.94 -83.54
N ASP G 102 -12.12 25.51 -83.76
CA ASP G 102 -13.00 25.16 -82.65
C ASP G 102 -12.54 23.92 -81.91
N ARG G 103 -11.59 23.17 -82.46
CA ARG G 103 -11.09 21.95 -81.84
C ARG G 103 -9.63 22.02 -81.46
N LEU G 104 -8.89 23.04 -81.89
CA LEU G 104 -7.46 23.12 -81.65
C LEU G 104 -7.08 24.27 -80.74
N CYS G 105 -7.40 25.50 -81.12
CA CYS G 105 -6.96 26.67 -80.33
C CYS G 105 -8.14 27.43 -79.76
N GLU G 106 -9.11 27.82 -80.59
CA GLU G 106 -10.25 28.58 -80.10
C GLU G 106 -11.14 27.75 -79.19
N GLY G 107 -11.06 26.43 -79.26
CA GLY G 107 -11.90 25.59 -78.43
C GLY G 107 -11.39 25.36 -77.03
N ASN G 108 -10.18 25.81 -76.71
CA ASN G 108 -9.61 25.59 -75.40
C ASN G 108 -9.03 26.86 -74.76
N CYS G 109 -9.34 28.04 -75.27
CA CYS G 109 -8.91 29.27 -74.65
C CYS G 109 -9.50 29.37 -73.24
N VAL G 110 -8.73 29.95 -72.32
CA VAL G 110 -9.16 30.00 -70.92
C VAL G 110 -10.45 30.79 -70.79
N ILE G 111 -10.57 31.90 -71.51
CA ILE G 111 -11.82 32.67 -71.50
C ILE G 111 -12.91 32.01 -72.33
N GLU G 112 -12.57 30.97 -73.09
CA GLU G 112 -13.61 30.19 -73.77
C GLU G 112 -14.22 29.15 -72.83
N GLN G 113 -13.40 28.58 -71.95
CA GLN G 113 -13.89 27.61 -70.98
C GLN G 113 -14.85 28.24 -69.97
N SER G 114 -14.80 29.56 -69.79
CA SER G 114 -15.65 30.26 -68.85
C SER G 114 -16.81 30.98 -69.53
N THR G 115 -17.22 30.51 -70.69
CA THR G 115 -18.39 31.01 -71.42
C THR G 115 -18.27 32.49 -71.78
N HIS G 116 -17.06 33.03 -71.82
CA HIS G 116 -16.84 34.41 -72.22
C HIS G 116 -16.57 34.53 -73.72
N GLY G 117 -16.75 33.47 -74.49
CA GLY G 117 -16.30 33.44 -75.86
C GLY G 117 -14.81 33.21 -75.94
N ALA G 118 -14.34 32.98 -77.16
CA ALA G 118 -12.93 32.69 -77.39
C ALA G 118 -12.28 33.82 -78.16
N VAL G 119 -11.03 34.13 -77.80
CA VAL G 119 -10.25 35.08 -78.56
C VAL G 119 -10.10 34.57 -79.99
N THR G 120 -10.48 35.40 -80.95
CA THR G 120 -10.42 34.99 -82.35
C THR G 120 -8.97 34.92 -82.80
N ILE G 121 -8.37 33.73 -82.72
CA ILE G 121 -6.94 33.61 -82.96
C ILE G 121 -6.64 33.51 -84.45
N GLY G 122 -7.29 32.57 -85.15
CA GLY G 122 -6.98 32.36 -86.55
C GLY G 122 -7.24 33.55 -87.42
N SER G 123 -8.28 34.32 -87.12
CA SER G 123 -8.55 35.52 -87.91
C SER G 123 -7.47 36.57 -87.69
N VAL G 124 -6.97 36.70 -86.47
CA VAL G 124 -5.85 37.61 -86.24
C VAL G 124 -4.59 37.08 -86.91
N GLU G 125 -4.42 35.76 -86.97
CA GLU G 125 -3.32 35.18 -87.74
C GLU G 125 -3.40 35.64 -89.19
N LYS G 126 -4.57 35.48 -89.82
CA LYS G 126 -4.78 35.97 -91.18
C LYS G 126 -4.44 37.46 -91.29
N TYR G 127 -4.97 38.26 -90.37
CA TYR G 127 -4.78 39.71 -90.48
C TYR G 127 -3.31 40.09 -90.40
N ILE G 128 -2.62 39.63 -89.36
CA ILE G 128 -1.22 39.98 -89.18
C ILE G 128 -0.31 39.35 -90.21
N ASN G 129 -0.74 38.28 -90.87
CA ASN G 129 0.13 37.63 -91.84
C ASN G 129 -0.16 38.00 -93.27
N ASP G 130 -1.28 38.66 -93.55
CA ASP G 130 -1.58 39.16 -94.88
C ASP G 130 -1.29 40.63 -95.04
N THR G 131 -1.48 41.44 -93.99
CA THR G 131 -1.08 42.83 -94.06
C THR G 131 0.44 42.97 -94.11
N ALA G 132 1.17 41.93 -93.74
CA ALA G 132 2.62 41.96 -93.88
C ALA G 132 3.05 41.63 -95.30
N TRP G 133 2.23 40.88 -96.03
CA TRP G 133 2.60 40.51 -97.39
C TRP G 133 2.54 41.71 -98.32
N ASP G 134 1.63 42.65 -98.07
CA ASP G 134 1.45 43.76 -99.00
C ASP G 134 2.56 44.80 -98.91
N GLN G 135 3.31 44.83 -97.82
CA GLN G 135 4.34 45.84 -97.62
C GLN G 135 5.74 45.27 -97.69
N GLY G 136 5.91 44.11 -98.31
CA GLY G 136 7.23 43.58 -98.58
C GLY G 136 8.03 43.14 -97.38
N TRP G 137 7.38 42.91 -96.24
CA TRP G 137 8.10 42.39 -95.09
C TRP G 137 8.45 40.92 -95.23
N VAL G 138 7.96 40.25 -96.26
CA VAL G 138 8.22 38.83 -96.49
C VAL G 138 9.39 38.72 -97.46
N LYS G 139 10.35 37.87 -97.13
CA LYS G 139 11.53 37.66 -97.95
C LYS G 139 11.94 36.20 -97.91
N PRO G 140 12.48 35.67 -99.01
CA PRO G 140 12.93 34.27 -99.00
C PRO G 140 14.16 34.08 -98.16
N ARG G 141 14.34 32.86 -97.66
CA ARG G 141 15.47 32.52 -96.79
C ARG G 141 16.54 31.85 -97.64
N THR G 142 17.26 32.68 -98.39
CA THR G 142 18.37 32.17 -99.19
C THR G 142 19.54 31.82 -98.28
N PRO G 143 20.12 30.63 -98.41
CA PRO G 143 21.24 30.27 -97.53
C PRO G 143 22.46 31.13 -97.81
N SER G 144 23.16 31.50 -96.73
CA SER G 144 24.34 32.34 -96.85
C SER G 144 25.44 31.62 -97.63
N ARG G 145 25.94 30.52 -97.07
CA ARG G 145 26.97 29.71 -97.71
C ARG G 145 26.34 28.44 -98.23
N GLU G 146 26.40 28.22 -99.54
CA GLU G 146 25.75 27.08 -100.16
C GLU G 146 26.52 25.81 -99.80
N LEU G 147 25.87 24.92 -99.06
CA LEU G 147 26.49 23.66 -98.66
C LEU G 147 26.41 22.64 -99.79
N GLY G 148 27.46 21.84 -99.94
CA GLY G 148 27.56 20.93 -101.06
C GLY G 148 26.90 19.59 -100.85
N LEU G 149 25.57 19.58 -100.74
CA LEU G 149 24.81 18.35 -100.63
C LEU G 149 23.46 18.53 -101.29
N SER G 150 22.82 17.42 -101.62
CA SER G 150 21.54 17.42 -102.33
C SER G 150 20.58 16.44 -101.67
N VAL G 151 19.34 16.87 -101.48
CA VAL G 151 18.32 16.10 -100.79
C VAL G 151 17.10 16.00 -101.69
N GLY G 152 16.44 14.85 -101.67
CA GLY G 152 15.29 14.60 -102.52
C GLY G 152 14.04 14.35 -101.69
N VAL G 153 12.90 14.82 -102.20
CA VAL G 153 11.61 14.58 -101.56
C VAL G 153 10.61 14.13 -102.61
N ILE G 154 9.56 13.45 -102.15
CA ILE G 154 8.52 12.92 -103.01
C ILE G 154 7.19 13.53 -102.56
N GLY G 155 6.55 14.26 -103.45
CA GLY G 155 5.30 14.90 -103.12
C GLY G 155 5.50 16.39 -102.87
N ALA G 156 4.47 17.17 -103.21
CA ALA G 156 4.52 18.62 -103.06
C ALA G 156 3.39 19.13 -102.18
N GLY G 157 2.97 18.32 -101.21
CA GLY G 157 1.93 18.72 -100.29
C GLY G 157 2.47 19.64 -99.21
N PRO G 158 1.69 19.85 -98.16
CA PRO G 158 2.18 20.68 -97.05
C PRO G 158 3.48 20.17 -96.46
N ALA G 159 3.55 18.88 -96.15
CA ALA G 159 4.77 18.32 -95.56
C ALA G 159 5.96 18.48 -96.49
N GLY G 160 5.75 18.19 -97.78
CA GLY G 160 6.84 18.32 -98.73
C GLY G 160 7.37 19.74 -98.84
N LEU G 161 6.46 20.71 -98.95
CA LEU G 161 6.88 22.10 -99.09
C LEU G 161 7.56 22.60 -97.82
N ALA G 162 7.04 22.22 -96.65
CA ALA G 162 7.67 22.63 -95.40
C ALA G 162 9.07 22.07 -95.27
N ALA G 163 9.23 20.77 -95.54
CA ALA G 163 10.55 20.16 -95.49
C ALA G 163 11.49 20.81 -96.50
N ALA G 164 10.99 21.12 -97.69
CA ALA G 164 11.83 21.75 -98.71
C ALA G 164 12.30 23.12 -98.25
N GLU G 165 11.39 23.92 -97.69
CA GLU G 165 11.78 25.24 -97.21
C GLU G 165 12.81 25.13 -96.10
N GLU G 166 12.62 24.20 -95.17
CA GLU G 166 13.57 24.05 -94.07
C GLU G 166 14.95 23.64 -94.59
N LEU G 167 14.99 22.64 -95.47
CA LEU G 167 16.27 22.19 -96.02
C LEU G 167 16.96 23.32 -96.79
N ARG G 168 16.21 24.05 -97.61
CA ARG G 168 16.82 25.15 -98.36
C ARG G 168 17.33 26.23 -97.42
N ALA G 169 16.65 26.45 -96.29
CA ALA G 169 17.14 27.42 -95.32
C ALA G 169 18.40 26.95 -94.63
N LYS G 170 18.54 25.63 -94.42
CA LYS G 170 19.76 25.12 -93.79
C LYS G 170 20.97 25.33 -94.69
N GLY G 171 20.80 25.13 -96.00
CA GLY G 171 21.89 25.36 -96.93
C GLY G 171 22.05 24.27 -97.98
N TYR G 172 21.13 23.31 -98.00
CA TYR G 172 21.22 22.18 -98.91
C TYR G 172 20.69 22.58 -100.29
N GLU G 173 20.67 21.60 -101.19
CA GLU G 173 20.05 21.76 -102.50
C GLU G 173 18.95 20.73 -102.63
N VAL G 174 17.73 21.19 -102.91
CA VAL G 174 16.55 20.34 -102.84
C VAL G 174 16.02 20.06 -104.24
N HIS G 175 15.35 18.92 -104.39
CA HIS G 175 14.66 18.57 -105.61
C HIS G 175 13.34 17.91 -105.24
N VAL G 176 12.24 18.52 -105.67
CA VAL G 176 10.90 18.01 -105.40
C VAL G 176 10.41 17.26 -106.63
N TYR G 177 9.58 16.25 -106.41
CA TYR G 177 9.04 15.41 -107.49
C TYR G 177 7.55 15.21 -107.23
N ASP G 178 6.72 15.98 -107.91
CA ASP G 178 5.27 15.89 -107.79
C ASP G 178 4.67 15.19 -108.99
N ARG G 179 3.52 14.57 -108.79
CA ARG G 179 2.82 13.88 -109.86
C ARG G 179 2.03 14.84 -110.73
N TYR G 180 1.46 15.90 -110.14
CA TYR G 180 0.60 16.80 -110.89
C TYR G 180 1.44 17.77 -111.73
N ASP G 181 0.74 18.72 -112.37
CA ASP G 181 1.40 19.76 -113.14
C ASP G 181 1.53 21.07 -112.37
N ARG G 182 0.63 21.32 -111.42
CA ARG G 182 0.69 22.50 -110.55
C ARG G 182 0.96 22.01 -109.13
N MET G 183 2.18 22.23 -108.66
CA MET G 183 2.56 21.74 -107.35
C MET G 183 1.79 22.46 -106.25
N GLY G 184 1.69 21.79 -105.10
CA GLY G 184 0.95 22.32 -103.98
C GLY G 184 0.14 21.25 -103.29
N GLY G 185 0.09 20.07 -103.88
CA GLY G 185 -0.69 18.99 -103.30
C GLY G 185 -2.18 19.32 -103.32
N LEU G 186 -2.92 18.54 -102.54
CA LEU G 186 -4.36 18.74 -102.49
C LEU G 186 -4.75 20.06 -101.86
N LEU G 187 -3.78 20.90 -101.47
CA LEU G 187 -4.10 22.28 -101.13
C LEU G 187 -4.65 23.03 -102.33
N VAL G 188 -4.30 22.60 -103.55
CA VAL G 188 -4.75 23.27 -104.75
C VAL G 188 -5.77 22.44 -105.53
N TYR G 189 -5.84 21.13 -105.32
CA TYR G 189 -6.77 20.29 -106.04
C TYR G 189 -7.81 19.61 -105.17
N GLY G 190 -7.62 19.56 -103.86
CA GLY G 190 -8.61 18.97 -102.98
C GLY G 190 -9.55 19.97 -102.36
N ILE G 191 -9.00 21.02 -101.76
CA ILE G 191 -9.81 22.00 -101.04
C ILE G 191 -10.46 22.94 -102.04
N PRO G 192 -11.76 23.22 -101.92
CA PRO G 192 -12.42 24.10 -102.89
C PRO G 192 -11.98 25.56 -102.77
N GLY G 193 -12.58 26.42 -103.59
CA GLY G 193 -12.19 27.81 -103.64
C GLY G 193 -12.72 28.66 -102.49
N PHE G 194 -13.98 28.42 -102.09
CA PHE G 194 -14.57 29.24 -101.05
C PHE G 194 -13.86 29.07 -99.71
N LYS G 195 -13.30 27.88 -99.46
CA LYS G 195 -12.52 27.67 -98.25
C LYS G 195 -11.18 28.40 -98.34
N LEU G 196 -10.36 28.04 -99.32
CA LEU G 196 -9.04 28.62 -99.49
C LEU G 196 -8.86 29.03 -100.96
N GLU G 197 -8.50 30.28 -101.17
CA GLU G 197 -8.32 30.79 -102.53
C GLU G 197 -7.01 30.27 -103.11
N LYS G 198 -7.03 29.96 -104.40
CA LYS G 198 -5.88 29.38 -105.07
C LYS G 198 -4.81 30.39 -105.43
N SER G 199 -4.93 31.64 -105.00
CA SER G 199 -3.93 32.65 -105.28
C SER G 199 -2.81 32.67 -104.25
N VAL G 200 -3.15 32.56 -102.97
CA VAL G 200 -2.13 32.60 -101.92
C VAL G 200 -1.23 31.37 -102.02
N VAL G 201 -1.76 30.23 -102.46
CA VAL G 201 -0.96 29.02 -102.57
C VAL G 201 0.11 29.20 -103.66
N GLU G 202 -0.29 29.70 -104.82
CA GLU G 202 0.69 29.92 -105.88
C GLU G 202 1.64 31.05 -105.51
N ARG G 203 1.19 32.02 -104.72
CA ARG G 203 2.09 33.05 -104.24
C ARG G 203 3.19 32.45 -103.36
N ARG G 204 2.80 31.60 -102.41
CA ARG G 204 3.79 31.00 -101.52
C ARG G 204 4.71 30.05 -102.27
N VAL G 205 4.18 29.31 -103.25
CA VAL G 205 5.04 28.40 -103.99
C VAL G 205 5.99 29.19 -104.90
N LYS G 206 5.56 30.36 -105.38
CA LYS G 206 6.48 31.23 -106.12
C LYS G 206 7.60 31.73 -105.22
N LEU G 207 7.26 32.11 -103.98
CA LEU G 207 8.30 32.48 -103.03
C LEU G 207 9.28 31.35 -102.78
N LEU G 208 8.75 30.13 -102.62
CA LEU G 208 9.60 28.97 -102.42
C LEU G 208 10.54 28.77 -103.60
N ALA G 209 10.01 28.83 -104.82
CA ALA G 209 10.85 28.68 -106.00
C ALA G 209 11.90 29.79 -106.08
N ASP G 210 11.53 30.99 -105.65
CA ASP G 210 12.49 32.09 -105.63
C ASP G 210 13.59 31.84 -104.61
N ALA G 211 13.29 31.10 -103.54
CA ALA G 211 14.33 30.79 -102.56
C ALA G 211 15.42 29.92 -103.15
N GLY G 212 15.10 29.12 -104.18
CA GLY G 212 16.11 28.31 -104.84
C GLY G 212 15.71 26.87 -105.08
N VAL G 213 14.45 26.54 -104.80
CA VAL G 213 13.98 25.16 -104.98
C VAL G 213 13.84 24.85 -106.46
N ILE G 214 14.12 23.61 -106.83
CA ILE G 214 13.97 23.11 -108.19
C ILE G 214 12.69 22.29 -108.25
N TYR G 215 11.85 22.56 -109.25
CA TYR G 215 10.54 21.94 -109.37
C TYR G 215 10.54 20.94 -110.52
N HIS G 216 9.94 19.77 -110.28
CA HIS G 216 9.82 18.71 -111.29
C HIS G 216 8.36 18.31 -111.41
N PRO G 217 7.57 19.09 -112.14
CA PRO G 217 6.15 18.74 -112.30
C PRO G 217 5.96 17.65 -113.34
N ASN G 218 4.77 17.03 -113.28
CA ASN G 218 4.40 15.94 -114.17
C ASN G 218 5.43 14.82 -114.13
N PHE G 219 5.76 14.39 -112.91
CA PHE G 219 6.82 13.42 -112.70
C PHE G 219 6.38 12.45 -111.61
N GLU G 220 5.81 11.31 -112.03
CA GLU G 220 5.43 10.27 -111.09
C GLU G 220 6.64 9.41 -110.75
N VAL G 221 6.75 9.06 -109.47
CA VAL G 221 7.85 8.20 -109.04
C VAL G 221 7.73 6.80 -109.62
N GLY G 222 6.50 6.27 -109.67
CA GLY G 222 6.32 4.90 -110.15
C GLY G 222 6.68 4.74 -111.61
N ARG G 223 6.20 5.64 -112.46
CA ARG G 223 6.44 5.50 -113.90
C ARG G 223 7.82 6.03 -114.29
N ASP G 224 8.06 7.31 -114.05
CA ASP G 224 9.22 8.00 -114.60
C ASP G 224 10.48 7.85 -113.77
N ALA G 225 10.47 7.00 -112.74
CA ALA G 225 11.64 6.85 -111.88
C ALA G 225 11.50 5.55 -111.09
N SER G 226 12.37 5.39 -110.09
CA SER G 226 12.35 4.26 -109.18
C SER G 226 13.07 4.66 -107.90
N LEU G 227 12.59 4.15 -106.78
CA LEU G 227 13.16 4.54 -105.50
C LEU G 227 14.66 4.29 -105.38
N PRO G 228 15.21 3.14 -105.83
CA PRO G 228 16.68 2.99 -105.75
C PRO G 228 17.43 4.02 -106.56
N GLU G 229 16.90 4.43 -107.71
CA GLU G 229 17.59 5.42 -108.53
C GLU G 229 17.72 6.75 -107.79
N LEU G 230 16.63 7.22 -107.19
CA LEU G 230 16.69 8.46 -106.41
C LEU G 230 17.56 8.28 -105.17
N ARG G 231 17.49 7.11 -104.55
CA ARG G 231 18.36 6.83 -103.40
C ARG G 231 19.83 6.94 -103.79
N ARG G 232 20.17 6.57 -105.02
CA ARG G 232 21.55 6.68 -105.48
C ARG G 232 21.89 8.11 -105.92
N LYS G 233 20.89 8.87 -106.40
CA LYS G 233 21.16 10.22 -106.86
C LYS G 233 21.54 11.14 -105.70
N HIS G 234 20.63 11.31 -104.73
CA HIS G 234 20.84 12.22 -103.63
C HIS G 234 21.35 11.48 -102.40
N VAL G 235 21.49 12.22 -101.30
CA VAL G 235 21.99 11.63 -100.06
C VAL G 235 20.86 11.14 -99.16
N ALA G 236 19.66 11.71 -99.28
CA ALA G 236 18.53 11.28 -98.47
C ALA G 236 17.25 11.71 -99.15
N VAL G 237 16.25 10.82 -99.10
CA VAL G 237 14.96 11.05 -99.73
C VAL G 237 13.88 11.03 -98.67
N LEU G 238 12.87 11.87 -98.84
CA LEU G 238 11.77 12.03 -97.90
C LEU G 238 10.48 11.63 -98.61
N VAL G 239 9.89 10.52 -98.18
CA VAL G 239 8.62 10.05 -98.74
C VAL G 239 7.49 10.82 -98.06
N ALA G 240 6.81 11.66 -98.82
CA ALA G 240 5.69 12.46 -98.32
C ALA G 240 4.54 12.43 -99.33
N THR G 241 4.20 11.24 -99.80
CA THR G 241 3.25 11.11 -100.90
C THR G 241 1.80 11.10 -100.44
N GLY G 242 1.53 11.04 -99.15
CA GLY G 242 0.16 11.10 -98.67
C GLY G 242 -0.63 9.84 -98.92
N VAL G 243 -1.96 9.93 -98.87
CA VAL G 243 -2.85 8.79 -99.06
C VAL G 243 -3.83 9.12 -100.17
N TYR G 244 -4.00 8.20 -101.12
CA TYR G 244 -4.90 8.45 -102.23
C TYR G 244 -5.77 7.28 -102.63
N LYS G 245 -5.52 6.06 -102.15
CA LYS G 245 -6.35 4.91 -102.47
C LYS G 245 -7.65 5.03 -101.68
N ALA G 246 -8.72 5.44 -102.35
CA ALA G 246 -9.98 5.72 -101.68
C ALA G 246 -10.67 4.41 -101.28
N ARG G 247 -11.81 4.56 -100.61
CA ARG G 247 -12.63 3.43 -100.21
C ARG G 247 -13.81 3.28 -101.16
N ASP G 248 -14.56 2.19 -100.96
CA ASP G 248 -15.65 1.85 -101.87
C ASP G 248 -16.79 1.25 -101.06
N ILE G 249 -17.79 0.74 -101.76
CA ILE G 249 -18.95 0.11 -101.15
C ILE G 249 -19.42 -1.01 -102.06
N LYS G 250 -19.85 -2.12 -101.45
CA LYS G 250 -20.36 -3.28 -102.18
C LYS G 250 -21.79 -3.54 -101.74
N ALA G 251 -22.74 -3.22 -102.61
CA ALA G 251 -24.16 -3.40 -102.32
C ALA G 251 -24.87 -3.69 -103.62
N PRO G 252 -26.06 -4.31 -103.55
CA PRO G 252 -26.84 -4.52 -104.78
C PRO G 252 -27.16 -3.21 -105.49
N GLY G 253 -26.62 -3.03 -106.68
CA GLY G 253 -26.80 -1.81 -107.44
C GLY G 253 -25.62 -0.87 -107.43
N SER G 254 -24.48 -1.28 -106.88
CA SER G 254 -23.30 -0.43 -106.80
C SER G 254 -22.47 -0.44 -108.09
N GLY G 255 -23.04 -0.89 -109.20
CA GLY G 255 -22.31 -0.94 -110.45
C GLY G 255 -22.98 -0.17 -111.57
N LEU G 256 -23.95 0.67 -111.21
CA LEU G 256 -24.70 1.44 -112.20
C LEU G 256 -23.86 2.64 -112.65
N GLY G 257 -24.48 3.54 -113.40
CA GLY G 257 -23.81 4.75 -113.83
C GLY G 257 -24.04 5.90 -112.89
N ASN G 258 -23.29 6.98 -113.12
CA ASN G 258 -23.41 8.22 -112.35
C ASN G 258 -23.11 8.01 -110.87
N ILE G 259 -22.25 7.03 -110.55
CA ILE G 259 -21.76 6.87 -109.19
C ILE G 259 -20.27 7.22 -109.19
N VAL G 260 -19.96 8.47 -108.88
CA VAL G 260 -18.62 9.00 -109.05
C VAL G 260 -17.98 9.23 -107.69
N ALA G 261 -16.67 8.95 -107.61
CA ALA G 261 -15.91 9.22 -106.41
C ALA G 261 -15.84 10.73 -106.16
N ALA G 262 -15.55 11.08 -104.90
CA ALA G 262 -15.59 12.49 -104.50
C ALA G 262 -14.37 13.25 -105.01
N LEU G 263 -13.19 12.62 -104.96
CA LEU G 263 -11.97 13.32 -105.33
C LEU G 263 -12.00 13.76 -106.78
N ASP G 264 -12.57 12.94 -107.65
CA ASP G 264 -12.66 13.29 -109.07
C ASP G 264 -13.52 14.54 -109.25
N TYR G 265 -14.70 14.55 -108.62
CA TYR G 265 -15.58 15.71 -108.69
C TYR G 265 -14.87 16.97 -108.20
N LEU G 266 -14.23 16.89 -107.04
CA LEU G 266 -13.58 18.07 -106.49
C LEU G 266 -12.42 18.54 -107.38
N THR G 267 -11.65 17.60 -107.92
CA THR G 267 -10.53 17.96 -108.78
C THR G 267 -11.01 18.66 -110.04
N THR G 268 -12.05 18.11 -110.68
CA THR G 268 -12.55 18.76 -111.89
C THR G 268 -13.19 20.10 -111.58
N SER G 269 -13.81 20.25 -110.41
CA SER G 269 -14.34 21.56 -110.03
C SER G 269 -13.22 22.57 -109.88
N ASN G 270 -12.14 22.18 -109.19
CA ASN G 270 -10.98 23.07 -109.08
C ASN G 270 -10.43 23.43 -110.44
N LYS G 271 -10.31 22.45 -111.33
CA LYS G 271 -9.77 22.73 -112.66
C LYS G 271 -10.65 23.71 -113.42
N VAL G 272 -11.95 23.45 -113.49
CA VAL G 272 -12.84 24.35 -114.23
C VAL G 272 -12.87 25.74 -113.59
N SER G 273 -12.69 25.85 -112.27
CA SER G 273 -12.53 27.16 -111.68
C SER G 273 -11.23 27.82 -112.13
N LEU G 274 -10.19 27.03 -112.37
CA LEU G 274 -8.96 27.58 -112.91
C LEU G 274 -9.01 27.66 -114.43
N GLY G 275 -9.35 26.57 -115.10
CA GLY G 275 -9.47 26.56 -116.53
C GLY G 275 -9.23 25.15 -117.09
N ASP G 276 -8.47 25.10 -118.19
CA ASP G 276 -8.02 23.87 -118.83
C ASP G 276 -9.14 23.14 -119.56
N THR G 277 -10.39 23.59 -119.38
CA THR G 277 -11.55 23.14 -120.15
C THR G 277 -11.59 21.62 -120.31
N VAL G 278 -11.77 20.93 -119.18
CA VAL G 278 -11.99 19.49 -119.23
C VAL G 278 -13.37 19.22 -119.83
N GLU G 279 -13.47 18.13 -120.61
CA GLU G 279 -14.72 17.85 -121.30
C GLU G 279 -15.77 17.27 -120.37
N ALA G 280 -15.35 16.57 -119.32
CA ALA G 280 -16.28 16.00 -118.35
C ALA G 280 -17.12 17.06 -117.66
N TYR G 281 -16.72 18.32 -117.74
CA TYR G 281 -17.59 19.41 -117.31
C TYR G 281 -18.59 19.81 -118.38
N GLU G 282 -18.25 19.58 -119.66
CA GLU G 282 -19.18 19.85 -120.74
C GLU G 282 -20.17 18.70 -120.93
N ASN G 283 -19.65 17.52 -121.27
CA ASN G 283 -20.45 16.31 -121.42
C ASN G 283 -19.90 15.25 -120.47
N GLY G 284 -20.40 15.27 -119.24
CA GLY G 284 -19.94 14.30 -118.24
C GLY G 284 -20.82 14.37 -117.02
N SER G 285 -20.66 13.36 -116.17
CA SER G 285 -21.41 13.26 -114.93
C SER G 285 -20.72 13.97 -113.78
N LEU G 286 -19.87 14.96 -114.08
CA LEU G 286 -19.19 15.75 -113.06
C LEU G 286 -19.77 17.15 -112.94
N ASN G 287 -21.01 17.33 -113.36
CA ASN G 287 -21.72 18.58 -113.19
C ASN G 287 -23.05 18.29 -112.50
N ALA G 288 -23.55 19.25 -111.74
CA ALA G 288 -24.80 19.11 -111.00
C ALA G 288 -25.70 20.31 -111.25
N ALA G 289 -25.83 20.70 -112.52
CA ALA G 289 -26.59 21.89 -112.86
C ALA G 289 -28.05 21.76 -112.46
N GLY G 290 -28.76 20.81 -113.04
CA GLY G 290 -30.17 20.66 -112.78
C GLY G 290 -30.55 19.28 -112.28
N LYS G 291 -29.72 18.69 -111.45
CA LYS G 291 -29.93 17.35 -110.94
C LYS G 291 -30.07 17.36 -109.42
N HIS G 292 -30.53 16.24 -108.88
CA HIS G 292 -30.61 16.03 -107.43
C HIS G 292 -29.37 15.28 -106.98
N VAL G 293 -28.66 15.85 -106.01
CA VAL G 293 -27.38 15.31 -105.55
C VAL G 293 -27.59 14.61 -104.22
N VAL G 294 -26.89 13.50 -104.03
CA VAL G 294 -26.90 12.75 -102.77
C VAL G 294 -25.49 12.25 -102.51
N VAL G 295 -24.90 12.68 -101.38
CA VAL G 295 -23.55 12.26 -101.03
C VAL G 295 -23.63 11.26 -99.88
N LEU G 296 -22.67 10.36 -99.85
CA LEU G 296 -22.59 9.33 -98.82
C LEU G 296 -21.39 9.59 -97.92
N GLY G 297 -21.49 9.11 -96.68
CA GLY G 297 -20.42 9.26 -95.72
C GLY G 297 -20.36 10.67 -95.15
N GLY G 298 -19.43 10.86 -94.21
CA GLY G 298 -19.27 12.14 -93.55
C GLY G 298 -17.87 12.72 -93.63
N GLY G 299 -17.55 13.63 -92.73
CA GLY G 299 -16.25 14.26 -92.70
C GLY G 299 -16.23 15.59 -93.43
N ASP G 300 -15.05 16.21 -93.44
CA ASP G 300 -14.93 17.49 -94.12
C ASP G 300 -15.01 17.31 -95.63
N THR G 301 -14.63 16.13 -96.14
CA THR G 301 -14.78 15.88 -97.57
C THR G 301 -16.25 15.96 -97.98
N ALA G 302 -17.15 15.42 -97.15
CA ALA G 302 -18.57 15.53 -97.45
C ALA G 302 -19.02 16.99 -97.50
N MET G 303 -18.52 17.82 -96.58
CA MET G 303 -18.90 19.22 -96.56
C MET G 303 -18.44 19.93 -97.83
N ASP G 304 -17.17 19.71 -98.19
CA ASP G 304 -16.65 20.30 -99.42
C ASP G 304 -17.49 19.88 -100.62
N CYS G 305 -17.80 18.58 -100.71
CA CYS G 305 -18.55 18.09 -101.86
C CYS G 305 -19.94 18.70 -101.92
N VAL G 306 -20.65 18.72 -100.79
CA VAL G 306 -22.02 19.20 -100.81
C VAL G 306 -22.07 20.68 -101.12
N ARG G 307 -21.10 21.46 -100.61
CA ARG G 307 -21.10 22.89 -100.89
C ARG G 307 -20.75 23.16 -102.35
N THR G 308 -19.69 22.52 -102.86
CA THR G 308 -19.33 22.72 -104.26
C THR G 308 -20.40 22.20 -105.20
N ALA G 309 -21.28 21.30 -104.75
CA ALA G 309 -22.40 20.89 -105.56
C ALA G 309 -23.52 21.93 -105.52
N ILE G 310 -23.86 22.41 -104.32
CA ILE G 310 -24.93 23.39 -104.21
C ILE G 310 -24.57 24.72 -104.86
N ARG G 311 -23.28 24.97 -105.12
CA ARG G 311 -22.93 26.18 -105.84
C ARG G 311 -23.37 26.14 -107.29
N GLN G 312 -23.24 24.97 -107.93
CA GLN G 312 -23.52 24.85 -109.37
C GLN G 312 -24.96 24.38 -109.62
N GLY G 313 -25.92 25.13 -109.07
CA GLY G 313 -27.31 24.78 -109.26
C GLY G 313 -27.80 23.79 -108.22
N ALA G 314 -27.92 22.51 -108.61
CA ALA G 314 -28.21 21.42 -107.68
C ALA G 314 -29.54 21.67 -106.94
N THR G 315 -30.62 21.55 -107.71
CA THR G 315 -31.98 21.85 -107.26
C THR G 315 -32.29 21.30 -105.87
N SER G 316 -31.67 20.18 -105.48
CA SER G 316 -31.87 19.64 -104.14
C SER G 316 -30.68 18.75 -103.79
N VAL G 317 -30.11 18.97 -102.61
CA VAL G 317 -28.95 18.22 -102.16
C VAL G 317 -29.26 17.60 -100.80
N LYS G 318 -28.72 16.40 -100.57
CA LYS G 318 -28.89 15.70 -99.31
C LYS G 318 -27.57 15.03 -98.95
N CYS G 319 -27.37 14.83 -97.65
CA CYS G 319 -26.15 14.21 -97.14
C CYS G 319 -26.52 13.21 -96.05
N LEU G 320 -26.05 11.97 -96.20
CA LEU G 320 -26.38 10.89 -95.27
C LEU G 320 -25.13 10.55 -94.45
N TYR G 321 -25.18 10.87 -93.16
CA TYR G 321 -24.16 10.45 -92.21
C TYR G 321 -24.70 9.35 -91.32
N ARG G 322 -23.85 8.40 -90.97
CA ARG G 322 -24.27 7.21 -90.23
C ARG G 322 -24.00 7.33 -88.73
N ARG G 323 -23.96 8.54 -88.21
CA ARG G 323 -23.80 8.77 -86.78
C ARG G 323 -24.64 9.98 -86.40
N ASP G 324 -24.44 10.48 -85.18
CA ASP G 324 -25.15 11.65 -84.72
C ASP G 324 -24.43 12.93 -85.19
N ARG G 325 -24.96 14.08 -84.77
CA ARG G 325 -24.40 15.35 -85.22
C ARG G 325 -23.14 15.72 -84.45
N LYS G 326 -23.09 15.42 -83.15
CA LYS G 326 -21.99 15.84 -82.31
C LYS G 326 -20.71 15.04 -82.56
N ASN G 327 -20.78 13.95 -83.32
CA ASN G 327 -19.61 13.14 -83.63
C ASN G 327 -19.08 13.41 -85.04
N MET G 328 -19.44 14.55 -85.62
CA MET G 328 -18.94 14.90 -86.95
C MET G 328 -17.42 14.99 -86.91
N PRO G 329 -16.71 14.33 -87.84
CA PRO G 329 -15.25 14.35 -87.78
C PRO G 329 -14.64 15.71 -88.02
N GLY G 330 -15.22 16.52 -88.91
CA GLY G 330 -14.72 17.84 -89.21
C GLY G 330 -15.10 18.86 -88.17
N SER G 331 -15.01 20.13 -88.56
CA SER G 331 -15.42 21.21 -87.68
C SER G 331 -16.95 21.37 -87.74
N GLN G 332 -17.45 22.34 -86.99
CA GLN G 332 -18.89 22.57 -86.92
C GLN G 332 -19.34 23.91 -87.49
N ARG G 333 -18.41 24.81 -87.81
CA ARG G 333 -18.83 26.03 -88.49
C ARG G 333 -19.28 25.75 -89.91
N GLU G 334 -18.61 24.83 -90.61
CA GLU G 334 -19.02 24.51 -91.97
C GLU G 334 -20.36 23.81 -92.00
N VAL G 335 -20.71 23.04 -90.96
CA VAL G 335 -22.02 22.41 -90.91
C VAL G 335 -23.12 23.47 -90.85
N ALA G 336 -22.93 24.46 -89.98
CA ALA G 336 -23.90 25.54 -89.89
C ALA G 336 -23.94 26.36 -91.18
N HIS G 337 -22.79 26.54 -91.81
CA HIS G 337 -22.76 27.26 -93.09
C HIS G 337 -23.56 26.52 -94.15
N ALA G 338 -23.35 25.20 -94.27
CA ALA G 338 -24.09 24.42 -95.24
C ALA G 338 -25.58 24.44 -94.94
N GLU G 339 -25.95 24.37 -93.66
CA GLU G 339 -27.37 24.44 -93.31
C GLU G 339 -27.96 25.78 -93.71
N GLU G 340 -27.23 26.87 -93.47
CA GLU G 340 -27.73 28.19 -93.83
C GLU G 340 -27.79 28.38 -95.35
N GLU G 341 -26.94 27.66 -96.10
CA GLU G 341 -26.90 27.84 -97.54
C GLU G 341 -27.97 27.05 -98.26
N GLY G 342 -28.52 26.00 -97.65
CA GLY G 342 -29.63 25.30 -98.25
C GLY G 342 -29.58 23.79 -98.19
N VAL G 343 -28.52 23.24 -97.57
CA VAL G 343 -28.38 21.79 -97.48
C VAL G 343 -29.36 21.23 -96.45
N GLU G 344 -29.81 20.01 -96.70
CA GLU G 344 -30.62 19.24 -95.76
C GLU G 344 -29.83 18.03 -95.31
N PHE G 345 -29.79 17.78 -94.01
CA PHE G 345 -29.00 16.71 -93.44
C PHE G 345 -29.90 15.58 -92.93
N ILE G 346 -29.39 14.36 -93.03
CA ILE G 346 -30.08 13.17 -92.53
C ILE G 346 -29.08 12.42 -91.66
N TRP G 347 -29.22 12.57 -90.34
CA TRP G 347 -28.31 11.94 -89.40
C TRP G 347 -28.73 10.52 -89.08
N GLN G 348 -27.73 9.69 -88.78
CA GLN G 348 -27.95 8.28 -88.41
C GLN G 348 -28.71 7.53 -89.50
N ALA G 349 -28.09 7.45 -90.67
CA ALA G 349 -28.63 6.71 -91.78
C ALA G 349 -27.49 6.01 -92.51
N ALA G 350 -27.76 4.79 -92.98
CA ALA G 350 -26.75 4.00 -93.66
C ALA G 350 -27.29 3.54 -95.00
N PRO G 351 -26.50 3.62 -96.07
CA PRO G 351 -26.99 3.18 -97.38
C PRO G 351 -27.10 1.67 -97.46
N GLU G 352 -28.12 1.22 -98.19
CA GLU G 352 -28.36 -0.20 -98.38
C GLU G 352 -28.27 -0.63 -99.84
N GLY G 353 -28.83 0.15 -100.76
CA GLY G 353 -28.79 -0.22 -102.16
C GLY G 353 -29.11 0.96 -103.05
N PHE G 354 -28.93 0.73 -104.36
CA PHE G 354 -29.18 1.73 -105.38
C PHE G 354 -30.17 1.15 -106.38
N THR G 355 -31.35 1.76 -106.48
CA THR G 355 -32.38 1.31 -107.41
C THR G 355 -32.27 2.08 -108.73
N GLY G 356 -32.26 1.33 -109.83
CA GLY G 356 -32.15 1.90 -111.15
C GLY G 356 -32.02 0.78 -112.17
N ASP G 357 -31.78 1.19 -113.42
CA ASP G 357 -31.58 0.23 -114.50
C ASP G 357 -30.16 0.28 -115.06
N THR G 358 -29.71 1.46 -115.51
CA THR G 358 -28.35 1.62 -115.99
C THR G 358 -27.73 2.86 -115.35
N VAL G 359 -28.58 3.82 -114.98
CA VAL G 359 -28.20 4.98 -114.19
C VAL G 359 -28.97 4.91 -112.89
N VAL G 360 -28.34 5.34 -111.79
CA VAL G 360 -28.99 5.30 -110.49
C VAL G 360 -30.23 6.17 -110.50
N THR G 361 -31.33 5.64 -109.96
CA THR G 361 -32.54 6.43 -109.85
C THR G 361 -32.91 6.76 -108.42
N GLY G 362 -32.47 5.96 -107.45
CA GLY G 362 -32.77 6.25 -106.06
C GLY G 362 -31.86 5.46 -105.15
N VAL G 363 -31.79 5.92 -103.90
CA VAL G 363 -30.94 5.31 -102.89
C VAL G 363 -31.83 4.76 -101.79
N ARG G 364 -31.81 3.45 -101.60
CA ARG G 364 -32.51 2.81 -100.49
C ARG G 364 -31.56 2.73 -99.30
N ALA G 365 -31.99 3.29 -98.17
CA ALA G 365 -31.16 3.36 -96.97
C ALA G 365 -31.95 2.88 -95.77
N VAL G 366 -31.22 2.63 -94.69
CA VAL G 366 -31.79 2.18 -93.43
C VAL G 366 -31.57 3.26 -92.38
N ARG G 367 -32.11 3.06 -91.19
CA ARG G 367 -31.93 3.99 -90.07
C ARG G 367 -31.41 3.21 -88.88
N ILE G 368 -30.23 3.59 -88.38
CA ILE G 368 -29.57 2.87 -87.33
C ILE G 368 -29.78 3.59 -86.00
N HIS G 369 -29.47 2.90 -84.91
CA HIS G 369 -29.61 3.43 -83.56
C HIS G 369 -28.32 3.15 -82.79
N LEU G 370 -27.82 4.16 -82.09
CA LEU G 370 -26.54 4.09 -81.39
C LEU G 370 -26.77 3.71 -79.94
N GLY G 371 -25.96 2.78 -79.43
CA GLY G 371 -26.03 2.42 -78.03
C GLY G 371 -25.34 3.43 -77.14
N VAL G 372 -25.51 3.24 -75.83
CA VAL G 372 -24.86 4.11 -74.86
C VAL G 372 -23.36 3.86 -74.86
N ALA G 373 -22.58 4.91 -74.62
CA ALA G 373 -21.14 4.82 -74.64
C ALA G 373 -20.65 3.73 -73.69
N ASP G 374 -19.73 2.90 -74.19
CA ASP G 374 -19.21 1.77 -73.45
C ASP G 374 -18.20 2.24 -72.40
N ALA G 375 -17.76 1.31 -71.56
CA ALA G 375 -16.77 1.61 -70.53
C ALA G 375 -15.44 2.07 -71.12
N THR G 376 -15.18 1.76 -72.38
CA THR G 376 -13.98 2.21 -73.06
C THR G 376 -14.22 3.43 -73.94
N GLY G 377 -15.46 3.89 -74.06
CA GLY G 377 -15.76 5.05 -74.87
C GLY G 377 -15.97 4.71 -76.33
N ARG G 378 -16.83 3.75 -76.61
CA ARG G 378 -17.10 3.32 -77.98
C ARG G 378 -18.55 2.90 -78.10
N GLN G 379 -19.28 3.57 -78.99
CA GLN G 379 -20.69 3.26 -79.22
C GLN G 379 -20.84 2.21 -80.32
N THR G 380 -21.75 1.27 -80.11
CA THR G 380 -21.98 0.19 -81.05
C THR G 380 -23.34 0.37 -81.72
N PRO G 381 -23.38 0.77 -82.99
CA PRO G 381 -24.66 0.98 -83.65
C PRO G 381 -25.30 -0.32 -84.10
N GLN G 382 -26.63 -0.30 -84.17
CA GLN G 382 -27.40 -1.45 -84.65
C GLN G 382 -28.53 -0.94 -85.52
N VAL G 383 -28.76 -1.62 -86.64
CA VAL G 383 -29.75 -1.16 -87.60
C VAL G 383 -31.14 -1.49 -87.09
N ILE G 384 -32.07 -0.54 -87.21
CA ILE G 384 -33.46 -0.76 -86.81
C ILE G 384 -34.14 -1.64 -87.85
N GLU G 385 -34.97 -2.56 -87.37
CA GLU G 385 -35.57 -3.56 -88.25
C GLU G 385 -36.75 -3.00 -89.03
N GLY G 386 -37.45 -2.00 -88.48
CA GLY G 386 -38.70 -1.60 -89.07
C GLY G 386 -38.52 -0.52 -90.15
N SER G 387 -37.81 0.56 -89.81
CA SER G 387 -37.75 1.73 -90.67
C SER G 387 -36.64 1.60 -91.70
N GLU G 388 -37.02 1.43 -92.96
CA GLU G 388 -36.11 1.51 -94.10
C GLU G 388 -36.78 2.31 -95.20
N PHE G 389 -36.06 3.28 -95.76
CA PHE G 389 -36.68 4.26 -96.66
C PHE G 389 -35.86 4.39 -97.93
N THR G 390 -36.33 5.25 -98.82
CA THR G 390 -35.70 5.46 -100.12
C THR G 390 -35.80 6.94 -100.48
N VAL G 391 -34.69 7.50 -100.94
CA VAL G 391 -34.61 8.89 -101.34
C VAL G 391 -34.38 8.96 -102.85
N GLN G 392 -35.09 9.86 -103.51
CA GLN G 392 -34.89 10.07 -104.93
C GLN G 392 -33.53 10.70 -105.17
N ALA G 393 -32.73 10.08 -106.02
CA ALA G 393 -31.36 10.52 -106.27
C ALA G 393 -31.08 10.53 -107.76
N ASP G 394 -30.57 11.64 -108.26
CA ASP G 394 -30.15 11.76 -109.66
C ASP G 394 -28.66 11.51 -109.82
N LEU G 395 -27.84 11.97 -108.86
CA LEU G 395 -26.40 11.80 -108.91
C LEU G 395 -25.90 11.62 -107.48
N VAL G 396 -25.23 10.50 -107.21
CA VAL G 396 -24.71 10.23 -105.88
C VAL G 396 -23.19 10.25 -105.91
N ILE G 397 -22.62 10.62 -104.78
CA ILE G 397 -21.17 10.82 -104.64
C ILE G 397 -20.69 10.06 -103.42
N LYS G 398 -19.83 9.07 -103.63
CA LYS G 398 -19.28 8.28 -102.54
C LYS G 398 -18.05 8.99 -101.98
N ALA G 399 -18.14 9.41 -100.72
CA ALA G 399 -17.08 10.15 -100.04
C ALA G 399 -16.77 9.51 -98.70
N LEU G 400 -16.58 8.20 -98.70
CA LEU G 400 -16.39 7.46 -97.45
C LEU G 400 -15.08 7.86 -96.76
N GLY G 401 -13.94 7.59 -97.41
CA GLY G 401 -12.67 7.88 -96.79
C GLY G 401 -11.47 7.72 -97.69
N PHE G 402 -10.31 7.47 -97.09
CA PHE G 402 -9.07 7.34 -97.83
C PHE G 402 -8.14 6.39 -97.08
N GLU G 403 -7.33 5.66 -97.83
CA GLU G 403 -6.38 4.71 -97.28
C GLU G 403 -5.09 4.77 -98.08
N PRO G 404 -3.96 4.43 -97.47
CA PRO G 404 -2.69 4.46 -98.20
C PRO G 404 -2.66 3.42 -99.30
N GLU G 405 -1.79 3.66 -100.27
CA GLU G 405 -1.58 2.71 -101.36
C GLU G 405 -0.58 1.65 -100.92
N ASP G 406 -0.20 0.78 -101.86
CA ASP G 406 0.77 -0.28 -101.61
C ASP G 406 2.12 0.24 -102.08
N LEU G 407 2.85 0.86 -101.16
CA LEU G 407 4.09 1.54 -101.55
C LEU G 407 5.24 0.56 -101.79
N PRO G 408 5.53 -0.41 -100.91
CA PRO G 408 6.69 -1.29 -101.18
C PRO G 408 6.58 -2.08 -102.47
N ASN G 409 5.37 -2.48 -102.86
CA ASN G 409 5.15 -3.21 -104.10
C ASN G 409 5.00 -2.30 -105.30
N ALA G 410 5.12 -0.99 -105.12
CA ALA G 410 5.10 -0.04 -106.22
C ALA G 410 6.36 0.81 -106.31
N PHE G 411 7.07 1.02 -105.21
CA PHE G 411 8.35 1.70 -105.23
C PHE G 411 9.51 0.75 -105.46
N ASP G 412 9.23 -0.48 -105.89
CA ASP G 412 10.19 -1.54 -106.21
C ASP G 412 10.97 -2.05 -105.01
N GLU G 413 10.75 -1.50 -103.82
CA GLU G 413 11.53 -1.89 -102.65
C GLU G 413 10.65 -2.64 -101.66
N PRO G 414 10.74 -3.97 -101.59
CA PRO G 414 9.83 -4.73 -100.74
C PRO G 414 10.30 -4.83 -99.29
N GLU G 415 11.23 -3.96 -98.89
CA GLU G 415 11.79 -4.00 -97.55
C GLU G 415 11.31 -2.88 -96.66
N LEU G 416 10.48 -1.97 -97.17
CA LEU G 416 9.93 -0.92 -96.33
C LEU G 416 8.91 -1.50 -95.36
N LYS G 417 9.12 -1.29 -94.07
CA LYS G 417 8.23 -1.83 -93.06
C LYS G 417 6.91 -1.06 -93.05
N VAL G 418 5.81 -1.79 -92.99
CA VAL G 418 4.47 -1.21 -93.07
C VAL G 418 3.62 -1.79 -91.95
N THR G 419 2.63 -1.02 -91.52
CA THR G 419 1.62 -1.49 -90.57
C THR G 419 0.53 -2.24 -91.33
N ARG G 420 -0.58 -2.52 -90.66
CA ARG G 420 -1.69 -3.20 -91.33
C ARG G 420 -2.37 -2.27 -92.33
N TRP G 421 -2.72 -1.05 -91.90
CA TRP G 421 -3.52 -0.17 -92.73
C TRP G 421 -2.75 0.42 -93.90
N GLY G 422 -1.42 0.42 -93.84
CA GLY G 422 -0.59 0.97 -94.89
C GLY G 422 0.35 2.07 -94.45
N THR G 423 0.11 2.67 -93.29
CA THR G 423 1.02 3.69 -92.76
C THR G 423 2.33 3.03 -92.34
N LEU G 424 3.43 3.41 -92.98
CA LEU G 424 4.71 2.80 -92.69
C LEU G 424 5.19 3.16 -91.29
N LEU G 425 5.98 2.26 -90.71
CA LEU G 425 6.53 2.49 -89.39
C LEU G 425 7.70 3.46 -89.46
N VAL G 426 7.91 4.19 -88.36
CA VAL G 426 8.98 5.16 -88.29
C VAL G 426 9.28 5.44 -86.82
N ASP G 427 10.54 5.71 -86.51
CA ASP G 427 10.89 6.06 -85.14
C ASP G 427 10.38 7.45 -84.80
N HIS G 428 10.39 7.77 -83.50
CA HIS G 428 9.80 9.02 -83.05
C HIS G 428 10.77 10.19 -83.15
N ARG G 429 12.05 9.96 -82.84
CA ARG G 429 12.99 11.07 -82.74
C ARG G 429 13.50 11.49 -84.12
N THR G 430 14.21 10.60 -84.82
CA THR G 430 14.86 10.98 -86.06
C THR G 430 13.95 10.93 -87.26
N LYS G 431 12.75 10.38 -87.13
CA LYS G 431 11.80 10.27 -88.24
C LYS G 431 12.42 9.51 -89.41
N MET G 432 13.11 8.42 -89.12
CA MET G 432 13.81 7.64 -90.13
C MET G 432 13.06 6.36 -90.43
N THR G 433 13.00 6.03 -91.71
CA THR G 433 12.29 4.83 -92.17
C THR G 433 13.15 3.61 -91.82
N ASN G 434 12.58 2.41 -91.96
CA ASN G 434 13.32 1.18 -91.67
C ASN G 434 14.66 1.14 -92.42
N MET G 435 14.66 1.50 -93.70
CA MET G 435 15.87 1.44 -94.48
C MET G 435 16.76 2.66 -94.24
N ASP G 436 18.07 2.45 -94.38
CA ASP G 436 19.02 3.53 -94.16
C ASP G 436 18.94 4.54 -95.29
N GLY G 437 19.07 5.81 -94.95
CA GLY G 437 19.10 6.89 -95.90
C GLY G 437 17.74 7.45 -96.28
N VAL G 438 16.69 6.65 -96.17
CA VAL G 438 15.34 7.07 -96.55
C VAL G 438 14.58 7.51 -95.31
N PHE G 439 13.82 8.59 -95.46
CA PHE G 439 12.97 9.12 -94.40
C PHE G 439 11.56 9.28 -94.94
N ALA G 440 10.58 9.24 -94.04
CA ALA G 440 9.18 9.37 -94.44
C ALA G 440 8.40 9.98 -93.30
N ALA G 441 7.77 11.13 -93.56
CA ALA G 441 6.96 11.81 -92.58
C ALA G 441 5.99 12.74 -93.28
N GLY G 442 4.80 12.87 -92.72
CA GLY G 442 3.77 13.68 -93.34
C GLY G 442 2.38 13.16 -93.01
N ASP G 443 1.58 12.90 -94.03
CA ASP G 443 0.25 12.34 -93.84
C ASP G 443 0.21 10.84 -94.01
N ILE G 444 1.16 10.25 -94.75
CA ILE G 444 1.19 8.81 -94.96
C ILE G 444 1.55 8.04 -93.70
N VAL G 445 1.98 8.73 -92.64
CA VAL G 445 2.38 8.05 -91.42
C VAL G 445 1.27 8.17 -90.37
N ARG G 446 0.45 9.21 -90.48
CA ARG G 446 -0.61 9.43 -89.51
C ARG G 446 -1.95 8.84 -89.96
N GLY G 447 -2.46 9.30 -91.08
CA GLY G 447 -3.78 8.92 -91.54
C GLY G 447 -4.55 10.09 -92.10
N ALA G 448 -5.79 10.29 -91.65
CA ALA G 448 -6.62 11.40 -92.13
C ALA G 448 -6.51 12.57 -91.15
N SER G 449 -5.34 13.19 -91.15
CA SER G 449 -5.04 14.30 -90.26
C SER G 449 -5.38 15.63 -90.92
N LEU G 450 -4.91 16.71 -90.33
CA LEU G 450 -5.10 18.06 -90.83
C LEU G 450 -3.79 18.57 -91.44
N VAL G 451 -3.79 19.83 -91.84
CA VAL G 451 -2.62 20.40 -92.52
C VAL G 451 -1.51 20.70 -91.52
N VAL G 452 -1.86 21.25 -90.35
CA VAL G 452 -0.84 21.68 -89.41
C VAL G 452 -0.05 20.49 -88.88
N TRP G 453 -0.69 19.34 -88.70
CA TRP G 453 0.05 18.13 -88.33
C TRP G 453 1.07 17.77 -89.41
N ALA G 454 0.68 17.90 -90.68
CA ALA G 454 1.62 17.64 -91.76
C ALA G 454 2.78 18.62 -91.73
N ILE G 455 2.50 19.88 -91.41
CA ILE G 455 3.56 20.88 -91.34
C ILE G 455 4.56 20.53 -90.24
N ARG G 456 4.05 20.15 -89.06
CA ARG G 456 4.93 19.79 -87.96
C ARG G 456 5.76 18.56 -88.30
N ASP G 457 5.13 17.55 -88.92
CA ASP G 457 5.88 16.36 -89.30
C ASP G 457 6.95 16.69 -90.33
N GLY G 458 6.64 17.57 -91.27
CA GLY G 458 7.64 17.97 -92.24
C GLY G 458 8.83 18.68 -91.60
N ARG G 459 8.55 19.58 -90.67
CA ARG G 459 9.65 20.28 -90.00
C ARG G 459 10.51 19.32 -89.18
N ASP G 460 9.87 18.39 -88.48
CA ASP G 460 10.63 17.42 -87.69
C ASP G 460 11.48 16.52 -88.58
N ALA G 461 10.91 16.06 -89.70
CA ALA G 461 11.68 15.23 -90.63
C ALA G 461 12.83 16.02 -91.24
N ALA G 462 12.62 17.31 -91.49
CA ALA G 462 13.70 18.14 -92.00
C ALA G 462 14.85 18.22 -91.00
N GLU G 463 14.53 18.45 -89.73
CA GLU G 463 15.57 18.49 -88.71
C GLU G 463 16.31 17.16 -88.62
N GLY G 464 15.56 16.05 -88.65
CA GLY G 464 16.19 14.75 -88.58
C GLY G 464 17.10 14.46 -89.76
N ILE G 465 16.65 14.84 -90.96
CA ILE G 465 17.47 14.63 -92.16
C ILE G 465 18.74 15.46 -92.08
N HIS G 466 18.63 16.71 -91.62
CA HIS G 466 19.82 17.54 -91.47
C HIS G 466 20.80 16.91 -90.50
N ALA G 467 20.30 16.44 -89.35
CA ALA G 467 21.18 15.83 -88.36
C ALA G 467 21.86 14.59 -88.93
N TYR G 468 21.10 13.73 -89.61
CA TYR G 468 21.67 12.51 -90.17
C TYR G 468 22.72 12.81 -91.23
N ALA G 469 22.42 13.75 -92.14
CA ALA G 469 23.37 14.08 -93.19
C ALA G 469 24.63 14.69 -92.62
N LYS G 470 24.50 15.56 -91.62
CA LYS G 470 25.68 16.15 -90.99
C LYS G 470 26.51 15.06 -90.30
N ALA G 471 25.85 14.13 -89.61
CA ALA G 471 26.59 13.08 -88.94
C ALA G 471 27.26 12.12 -89.92
N LYS G 472 26.66 11.94 -91.10
CA LYS G 472 27.23 11.01 -92.07
C LYS G 472 28.41 11.64 -92.80
N ALA G 473 28.21 12.83 -93.37
CA ALA G 473 29.33 13.54 -93.98
C ALA G 473 30.38 13.95 -92.96
N GLU G 474 30.03 13.93 -91.67
CA GLU G 474 31.00 14.23 -90.62
C GLU G 474 32.06 13.15 -90.54
N ALA G 475 31.63 11.88 -90.56
CA ALA G 475 32.56 10.76 -90.53
C ALA G 475 31.93 9.52 -91.16
N GLN H 4 -80.87 -18.20 -41.47
CA GLN H 4 -79.80 -17.21 -41.46
C GLN H 4 -78.98 -17.22 -40.16
N ARG H 5 -77.78 -16.64 -40.24
CA ARG H 5 -76.88 -16.62 -39.09
C ARG H 5 -77.49 -15.79 -37.96
N MET H 6 -77.98 -16.49 -36.93
CA MET H 6 -78.86 -15.89 -35.94
C MET H 6 -78.06 -15.07 -34.93
N LEU H 7 -77.70 -13.86 -35.33
CA LEU H 7 -77.05 -12.89 -34.46
C LEU H 7 -77.67 -11.51 -34.65
N GLY H 8 -78.98 -11.48 -34.91
CA GLY H 8 -79.66 -10.28 -35.32
C GLY H 8 -80.09 -9.32 -34.23
N PHE H 9 -79.56 -9.47 -33.02
CA PHE H 9 -79.96 -8.53 -31.96
C PHE H 9 -79.34 -7.15 -32.14
N VAL H 10 -78.57 -6.93 -33.20
CA VAL H 10 -77.94 -5.63 -33.41
C VAL H 10 -78.88 -4.69 -34.15
N HIS H 11 -79.58 -5.19 -35.16
CA HIS H 11 -80.40 -4.35 -36.04
C HIS H 11 -81.89 -4.62 -35.89
N THR H 12 -82.30 -5.21 -34.77
CA THR H 12 -83.73 -5.36 -34.45
C THR H 12 -83.93 -5.01 -32.98
N ALA H 13 -85.20 -5.03 -32.55
CA ALA H 13 -85.53 -4.75 -31.16
C ALA H 13 -86.60 -5.74 -30.71
N GLN H 14 -86.66 -5.95 -29.40
CA GLN H 14 -87.59 -6.92 -28.84
C GLN H 14 -89.00 -6.33 -28.84
N ARG H 15 -89.96 -7.10 -29.34
CA ARG H 15 -91.35 -6.68 -29.33
C ARG H 15 -92.23 -7.90 -29.16
N MET H 16 -93.00 -7.94 -28.06
CA MET H 16 -93.90 -9.04 -27.78
C MET H 16 -95.09 -8.97 -28.72
N PRO H 17 -95.90 -10.05 -28.80
CA PRO H 17 -97.08 -10.02 -29.68
C PRO H 17 -98.10 -8.98 -29.28
N ASP H 18 -99.13 -8.82 -30.11
CA ASP H 18 -100.12 -7.77 -29.88
C ASP H 18 -100.91 -8.03 -28.61
N LYS H 19 -101.30 -6.95 -27.93
CA LYS H 19 -102.07 -7.02 -26.70
C LYS H 19 -103.39 -6.31 -26.89
N ARG H 20 -104.42 -6.81 -26.20
CA ARG H 20 -105.69 -6.11 -26.33
C ARG H 20 -105.75 -4.92 -25.36
N PRO H 21 -106.36 -3.82 -25.77
CA PRO H 21 -106.37 -2.62 -24.93
C PRO H 21 -107.13 -2.84 -23.63
N ALA H 22 -106.90 -1.94 -22.67
CA ALA H 22 -107.50 -2.09 -21.35
C ALA H 22 -109.01 -1.88 -21.41
N ALA H 23 -109.48 -0.98 -22.28
CA ALA H 23 -110.91 -0.70 -22.38
C ALA H 23 -111.70 -1.92 -22.82
N GLU H 24 -111.05 -2.90 -23.45
CA GLU H 24 -111.70 -4.13 -23.89
C GLU H 24 -111.33 -5.33 -23.04
N ARG H 25 -110.14 -5.33 -22.43
CA ARG H 25 -109.72 -6.44 -21.58
C ARG H 25 -110.63 -6.61 -20.36
N ARG H 26 -111.18 -5.51 -19.85
CA ARG H 26 -111.91 -5.54 -18.58
C ARG H 26 -113.22 -6.30 -18.68
N GLN H 27 -113.76 -6.50 -19.88
CA GLN H 27 -115.10 -7.07 -20.01
C GLN H 27 -115.08 -8.60 -19.92
N ASP H 28 -114.37 -9.25 -20.83
CA ASP H 28 -114.42 -10.71 -20.91
C ASP H 28 -113.43 -11.34 -19.92
N PHE H 29 -113.36 -12.66 -19.95
CA PHE H 29 -112.47 -13.42 -19.09
C PHE H 29 -111.43 -14.21 -19.87
N ALA H 30 -111.25 -13.93 -21.15
CA ALA H 30 -110.30 -14.65 -21.97
C ALA H 30 -108.89 -14.11 -21.74
N GLU H 31 -107.93 -14.63 -22.50
CA GLU H 31 -106.55 -14.23 -22.35
C GLU H 31 -106.34 -12.82 -22.89
N ILE H 32 -105.19 -12.24 -22.55
CA ILE H 32 -104.87 -10.87 -22.94
C ILE H 32 -103.81 -10.79 -24.02
N TYR H 33 -103.01 -11.84 -24.22
CA TYR H 33 -101.98 -11.84 -25.24
C TYR H 33 -102.45 -12.65 -26.43
N ALA H 34 -101.55 -12.85 -27.40
CA ALA H 34 -101.88 -13.60 -28.60
C ALA H 34 -100.65 -14.34 -29.08
N ARG H 35 -100.87 -15.40 -29.84
CA ARG H 35 -99.76 -16.18 -30.38
C ARG H 35 -99.05 -15.39 -31.48
N PHE H 36 -97.73 -15.52 -31.52
CA PHE H 36 -96.95 -14.90 -32.58
C PHE H 36 -97.46 -15.29 -33.96
N SER H 37 -97.31 -14.37 -34.90
CA SER H 37 -97.37 -14.74 -36.30
C SER H 37 -96.05 -15.39 -36.71
N ASP H 38 -96.08 -16.08 -37.84
CA ASP H 38 -94.89 -16.80 -38.29
C ASP H 38 -93.75 -15.81 -38.60
N GLU H 39 -94.06 -14.76 -39.35
CA GLU H 39 -93.03 -13.79 -39.74
C GLU H 39 -92.48 -13.02 -38.56
N ARG H 40 -93.21 -12.96 -37.45
CA ARG H 40 -92.71 -12.30 -36.26
C ARG H 40 -91.99 -13.24 -35.30
N ALA H 41 -92.44 -14.48 -35.18
CA ALA H 41 -91.71 -15.44 -34.37
C ALA H 41 -90.35 -15.77 -35.01
N ASN H 42 -90.34 -15.96 -36.33
CA ASN H 42 -89.10 -16.22 -37.05
C ASN H 42 -88.12 -15.06 -36.96
N GLU H 43 -88.57 -13.88 -36.56
CA GLU H 43 -87.72 -12.72 -36.38
C GLU H 43 -87.30 -12.53 -34.93
N GLN H 44 -88.23 -12.70 -33.99
CA GLN H 44 -87.89 -12.58 -32.57
C GLN H 44 -86.97 -13.70 -32.11
N ALA H 45 -87.04 -14.86 -32.76
CA ALA H 45 -86.14 -15.96 -32.41
C ALA H 45 -84.79 -15.83 -33.11
N ASN H 46 -84.57 -14.77 -33.89
CA ASN H 46 -83.31 -14.54 -34.57
C ASN H 46 -82.42 -13.56 -33.82
N ARG H 47 -82.87 -13.04 -32.69
CA ARG H 47 -82.08 -12.12 -31.89
C ARG H 47 -81.17 -12.82 -30.90
N CYS H 48 -81.25 -14.15 -30.78
CA CYS H 48 -80.37 -14.87 -29.89
C CYS H 48 -78.91 -14.74 -30.35
N SER H 49 -78.00 -15.21 -29.51
CA SER H 49 -76.58 -15.11 -29.80
C SER H 49 -75.85 -16.44 -29.86
N GLN H 50 -76.48 -17.54 -29.43
CA GLN H 50 -75.84 -18.86 -29.38
C GLN H 50 -74.52 -18.79 -28.63
N CYS H 51 -74.58 -18.18 -27.44
CA CYS H 51 -73.40 -17.89 -26.65
C CYS H 51 -73.06 -19.07 -25.75
N GLY H 52 -71.76 -19.33 -25.61
CA GLY H 52 -71.31 -20.27 -24.60
C GLY H 52 -71.65 -19.77 -23.21
N VAL H 53 -71.81 -20.72 -22.29
CA VAL H 53 -72.28 -20.44 -20.94
C VAL H 53 -73.62 -19.74 -21.08
N PRO H 54 -74.69 -20.44 -21.48
CA PRO H 54 -75.98 -19.78 -21.67
C PRO H 54 -76.69 -19.58 -20.34
N PHE H 55 -76.83 -18.31 -19.94
CA PHE H 55 -77.55 -17.99 -18.72
C PHE H 55 -79.05 -18.21 -18.84
N CYS H 56 -79.58 -18.36 -20.05
CA CYS H 56 -81.00 -18.67 -20.20
C CYS H 56 -81.32 -20.03 -19.60
N GLN H 57 -80.33 -20.90 -19.50
CA GLN H 57 -80.53 -22.28 -19.10
C GLN H 57 -80.08 -22.58 -17.68
N VAL H 58 -79.05 -21.89 -17.17
CA VAL H 58 -78.61 -22.15 -15.82
C VAL H 58 -79.59 -21.58 -14.80
N HIS H 59 -80.48 -20.69 -15.21
CA HIS H 59 -81.46 -20.08 -14.31
C HIS H 59 -82.88 -20.54 -14.58
N CYS H 60 -83.08 -21.56 -15.42
CA CYS H 60 -84.39 -22.11 -15.66
C CYS H 60 -84.55 -23.39 -14.85
N PRO H 61 -85.48 -23.45 -13.89
CA PRO H 61 -85.49 -24.58 -12.96
C PRO H 61 -85.65 -25.94 -13.62
N VAL H 62 -86.22 -26.00 -14.82
CA VAL H 62 -86.28 -27.25 -15.56
C VAL H 62 -85.13 -27.36 -16.55
N SER H 63 -84.48 -26.24 -16.90
CA SER H 63 -83.27 -26.23 -17.73
C SER H 63 -83.53 -26.81 -19.12
N ASN H 64 -84.42 -26.14 -19.85
CA ASN H 64 -84.67 -26.51 -21.22
C ASN H 64 -83.46 -26.18 -22.09
N ASN H 65 -83.30 -26.95 -23.17
CA ASN H 65 -82.22 -26.71 -24.14
C ASN H 65 -82.59 -25.50 -24.99
N ILE H 66 -82.57 -24.33 -24.34
CA ILE H 66 -83.15 -23.13 -24.94
C ILE H 66 -82.46 -22.72 -26.24
N PRO H 67 -81.13 -22.57 -26.30
CA PRO H 67 -80.51 -22.17 -27.56
C PRO H 67 -80.77 -23.15 -28.69
N ASP H 68 -80.93 -24.44 -28.39
CA ASP H 68 -81.12 -25.42 -29.45
C ASP H 68 -82.42 -25.21 -30.19
N TRP H 69 -83.55 -25.14 -29.49
CA TRP H 69 -84.78 -24.91 -30.23
C TRP H 69 -84.93 -23.46 -30.66
N LEU H 70 -84.22 -22.52 -30.04
CA LEU H 70 -84.18 -21.17 -30.60
C LEU H 70 -83.50 -21.17 -31.97
N LYS H 71 -82.46 -21.99 -32.13
CA LYS H 71 -81.84 -22.13 -33.44
C LYS H 71 -82.76 -22.89 -34.40
N LEU H 72 -83.38 -23.96 -33.91
CA LEU H 72 -84.22 -24.77 -34.77
C LEU H 72 -85.44 -24.01 -35.28
N THR H 73 -85.98 -23.06 -34.51
CA THR H 73 -87.16 -22.33 -34.97
C THR H 73 -86.78 -21.18 -35.88
N SER H 74 -85.56 -20.69 -35.79
CA SER H 74 -85.16 -19.58 -36.67
C SER H 74 -84.81 -20.02 -38.05
N GLU H 75 -85.04 -21.30 -38.38
CA GLU H 75 -84.74 -21.84 -39.69
C GLU H 75 -85.84 -22.77 -40.17
N GLY H 76 -87.09 -22.50 -39.81
CA GLY H 76 -88.16 -23.44 -40.10
C GLY H 76 -88.14 -24.54 -39.07
N ARG H 77 -88.23 -25.79 -39.54
CA ARG H 77 -87.92 -26.98 -38.74
C ARG H 77 -88.58 -26.96 -37.37
N LEU H 78 -89.84 -26.51 -37.33
CA LEU H 78 -90.55 -26.46 -36.05
C LEU H 78 -90.80 -27.84 -35.47
N GLU H 79 -90.76 -28.90 -36.28
CA GLU H 79 -91.00 -30.23 -35.74
C GLU H 79 -89.85 -30.67 -34.84
N GLU H 80 -88.62 -30.54 -35.32
CA GLU H 80 -87.46 -30.89 -34.50
C GLU H 80 -87.38 -29.96 -33.29
N ALA H 81 -87.76 -28.71 -33.45
CA ALA H 81 -87.80 -27.80 -32.31
C ALA H 81 -88.79 -28.28 -31.27
N TYR H 82 -89.96 -28.74 -31.70
CA TYR H 82 -90.92 -29.29 -30.75
C TYR H 82 -90.36 -30.54 -30.06
N GLU H 83 -89.70 -31.41 -30.82
CA GLU H 83 -89.09 -32.59 -30.21
C GLU H 83 -88.11 -32.19 -29.11
N VAL H 84 -87.24 -31.22 -29.41
CA VAL H 84 -86.23 -30.79 -28.44
C VAL H 84 -86.90 -30.17 -27.22
N SER H 85 -87.93 -29.36 -27.43
CA SER H 85 -88.59 -28.70 -26.31
C SER H 85 -89.36 -29.69 -25.45
N GLN H 86 -89.92 -30.72 -26.06
CA GLN H 86 -90.71 -31.70 -25.31
C GLN H 86 -89.82 -32.70 -24.58
N ALA H 87 -88.62 -32.97 -25.12
CA ALA H 87 -87.76 -33.98 -24.52
C ALA H 87 -87.29 -33.63 -23.12
N THR H 88 -87.57 -32.42 -22.62
CA THR H 88 -87.09 -32.04 -21.31
C THR H 88 -88.17 -31.37 -20.44
N ASN H 89 -89.40 -31.27 -20.93
CA ASN H 89 -90.46 -30.63 -20.15
C ASN H 89 -91.79 -31.24 -20.57
N ASN H 90 -92.61 -31.59 -19.58
CA ASN H 90 -93.88 -32.26 -19.87
C ASN H 90 -94.96 -31.28 -20.30
N PHE H 91 -95.04 -30.12 -19.64
CA PHE H 91 -96.04 -29.10 -19.94
C PHE H 91 -95.34 -27.83 -20.39
N PRO H 92 -94.91 -27.76 -21.64
CA PRO H 92 -94.20 -26.55 -22.08
C PRO H 92 -95.10 -25.35 -22.24
N GLU H 93 -96.30 -25.52 -22.80
CA GLU H 93 -97.16 -24.37 -23.05
C GLU H 93 -97.66 -23.75 -21.75
N ILE H 94 -98.07 -24.59 -20.80
CA ILE H 94 -98.51 -24.08 -19.50
C ILE H 94 -97.41 -23.26 -18.86
N CYS H 95 -96.18 -23.77 -18.89
CA CYS H 95 -95.05 -23.05 -18.33
C CYS H 95 -94.86 -21.71 -19.04
N GLY H 96 -94.70 -21.75 -20.37
CA GLY H 96 -94.54 -20.52 -21.13
C GLY H 96 -95.64 -19.52 -20.95
N ARG H 97 -96.81 -19.97 -20.50
CA ARG H 97 -97.93 -19.06 -20.25
C ARG H 97 -97.90 -18.48 -18.84
N ILE H 98 -97.49 -19.26 -17.84
CA ILE H 98 -97.59 -18.81 -16.45
C ILE H 98 -96.23 -18.64 -15.76
N CYS H 99 -95.16 -19.21 -16.31
CA CYS H 99 -93.87 -19.09 -15.65
C CYS H 99 -93.37 -17.65 -15.71
N PRO H 100 -93.03 -17.04 -14.57
CA PRO H 100 -92.54 -15.65 -14.60
C PRO H 100 -91.15 -15.56 -15.19
N GLN H 101 -91.07 -15.06 -16.42
CA GLN H 101 -89.81 -15.07 -17.16
C GLN H 101 -88.86 -13.94 -16.76
N ASP H 102 -89.39 -12.84 -16.22
CA ASP H 102 -88.54 -11.71 -15.88
C ASP H 102 -87.62 -12.00 -14.69
N ARG H 103 -87.82 -13.11 -13.99
CA ARG H 103 -86.96 -13.48 -12.88
C ARG H 103 -86.25 -14.80 -13.07
N LEU H 104 -86.60 -15.59 -14.08
CA LEU H 104 -86.02 -16.92 -14.26
C LEU H 104 -85.18 -17.02 -15.52
N CYS H 105 -85.75 -16.74 -16.69
CA CYS H 105 -85.04 -16.91 -17.94
C CYS H 105 -84.86 -15.60 -18.70
N GLU H 106 -85.95 -14.86 -18.92
CA GLU H 106 -85.85 -13.60 -19.65
C GLU H 106 -85.12 -12.53 -18.85
N GLY H 107 -84.97 -12.71 -17.55
CA GLY H 107 -84.31 -11.72 -16.73
C GLY H 107 -82.82 -11.87 -16.57
N ASN H 108 -82.25 -12.96 -17.08
CA ASN H 108 -80.82 -13.21 -16.97
C ASN H 108 -80.14 -13.48 -18.30
N CYS H 109 -80.83 -13.26 -19.42
CA CYS H 109 -80.20 -13.41 -20.72
C CYS H 109 -79.05 -12.42 -20.87
N VAL H 110 -78.05 -12.80 -21.67
CA VAL H 110 -76.86 -11.97 -21.80
C VAL H 110 -77.19 -10.66 -22.51
N ILE H 111 -78.05 -10.72 -23.52
CA ILE H 111 -78.42 -9.52 -24.27
C ILE H 111 -79.43 -8.74 -23.46
N GLU H 112 -79.86 -9.30 -22.33
CA GLU H 112 -80.71 -8.59 -21.38
C GLU H 112 -79.89 -7.82 -20.37
N GLN H 113 -78.78 -8.40 -19.90
CA GLN H 113 -77.91 -7.71 -18.96
C GLN H 113 -77.25 -6.49 -19.58
N SER H 114 -77.14 -6.44 -20.90
CA SER H 114 -76.54 -5.31 -21.59
C SER H 114 -77.55 -4.27 -22.01
N THR H 115 -78.78 -4.34 -21.47
CA THR H 115 -79.85 -3.39 -21.75
C THR H 115 -80.17 -3.31 -23.24
N HIS H 116 -80.03 -4.43 -23.95
CA HIS H 116 -80.44 -4.52 -25.35
C HIS H 116 -81.85 -5.05 -25.51
N GLY H 117 -82.52 -5.42 -24.42
CA GLY H 117 -83.79 -6.12 -24.53
C GLY H 117 -83.57 -7.61 -24.68
N ALA H 118 -84.23 -8.39 -23.82
CA ALA H 118 -83.99 -9.82 -23.77
C ALA H 118 -84.54 -10.51 -25.02
N VAL H 119 -84.28 -11.82 -25.09
CA VAL H 119 -84.99 -12.67 -26.05
C VAL H 119 -86.29 -13.13 -25.42
N THR H 120 -87.33 -13.27 -26.23
CA THR H 120 -88.64 -13.69 -25.76
C THR H 120 -88.67 -15.21 -25.67
N ILE H 121 -88.40 -15.74 -24.48
CA ILE H 121 -88.24 -17.18 -24.33
C ILE H 121 -89.60 -17.87 -24.22
N GLY H 122 -90.39 -17.49 -23.23
CA GLY H 122 -91.69 -18.13 -23.03
C GLY H 122 -92.63 -17.93 -24.20
N SER H 123 -92.52 -16.80 -24.88
CA SER H 123 -93.39 -16.55 -26.03
C SER H 123 -93.05 -17.50 -27.18
N VAL H 124 -91.77 -17.69 -27.45
CA VAL H 124 -91.38 -18.64 -28.50
C VAL H 124 -91.70 -20.07 -28.05
N GLU H 125 -91.60 -20.35 -26.75
CA GLU H 125 -92.04 -21.64 -26.23
C GLU H 125 -93.50 -21.88 -26.58
N LYS H 126 -94.36 -20.92 -26.24
CA LYS H 126 -95.77 -20.99 -26.58
C LYS H 126 -95.98 -21.20 -28.08
N TYR H 127 -95.27 -20.42 -28.89
CA TYR H 127 -95.49 -20.48 -30.33
C TYR H 127 -95.13 -21.85 -30.90
N ILE H 128 -93.91 -22.32 -30.62
CA ILE H 128 -93.46 -23.59 -31.18
C ILE H 128 -94.12 -24.78 -30.51
N ASN H 129 -94.76 -24.60 -29.36
CA ASN H 129 -95.43 -25.71 -28.71
C ASN H 129 -96.94 -25.71 -28.93
N ASP H 130 -97.48 -24.65 -29.51
CA ASP H 130 -98.91 -24.54 -29.76
C ASP H 130 -99.25 -24.94 -31.19
N THR H 131 -98.54 -24.39 -32.17
CA THR H 131 -98.74 -24.79 -33.56
C THR H 131 -98.35 -26.23 -33.80
N ALA H 132 -97.49 -26.81 -32.97
CA ALA H 132 -97.16 -28.22 -33.07
C ALA H 132 -98.29 -29.12 -32.58
N TRP H 133 -99.34 -28.56 -31.99
CA TRP H 133 -100.49 -29.34 -31.57
C TRP H 133 -101.51 -29.50 -32.69
N ASP H 134 -101.61 -28.52 -33.58
CA ASP H 134 -102.62 -28.55 -34.62
C ASP H 134 -102.37 -29.68 -35.62
N GLN H 135 -101.11 -29.88 -36.00
CA GLN H 135 -100.76 -30.84 -37.04
C GLN H 135 -100.46 -32.23 -36.48
N GLY H 136 -101.01 -32.53 -35.30
CA GLY H 136 -100.98 -33.88 -34.76
C GLY H 136 -99.63 -34.45 -34.43
N TRP H 137 -98.59 -33.62 -34.33
CA TRP H 137 -97.28 -34.14 -33.96
C TRP H 137 -97.20 -34.63 -32.53
N VAL H 138 -98.20 -34.34 -31.70
CA VAL H 138 -98.22 -34.76 -30.31
C VAL H 138 -98.89 -36.12 -30.22
N LYS H 139 -98.28 -37.04 -29.48
CA LYS H 139 -98.81 -38.39 -29.31
C LYS H 139 -98.50 -38.86 -27.91
N PRO H 140 -99.35 -39.71 -27.32
CA PRO H 140 -99.09 -40.20 -25.97
C PRO H 140 -97.91 -41.15 -25.92
N ARG H 141 -97.33 -41.26 -24.72
CA ARG H 141 -96.17 -42.12 -24.48
C ARG H 141 -96.64 -43.41 -23.81
N THR H 142 -97.22 -44.29 -24.61
CA THR H 142 -97.68 -45.57 -24.09
C THR H 142 -96.48 -46.46 -23.76
N PRO H 143 -96.54 -47.24 -22.69
CA PRO H 143 -95.41 -48.14 -22.39
C PRO H 143 -95.28 -49.20 -23.46
N SER H 144 -94.04 -49.39 -23.91
CA SER H 144 -93.76 -50.40 -24.92
C SER H 144 -94.10 -51.79 -24.40
N ARG H 145 -93.41 -52.22 -23.35
CA ARG H 145 -93.68 -53.49 -22.69
C ARG H 145 -94.27 -53.22 -21.32
N GLU H 146 -95.37 -53.90 -21.01
CA GLU H 146 -96.08 -53.67 -19.76
C GLU H 146 -95.33 -54.32 -18.60
N LEU H 147 -94.80 -53.49 -17.70
CA LEU H 147 -94.17 -53.97 -16.49
C LEU H 147 -95.22 -54.22 -15.41
N GLY H 148 -94.99 -55.26 -14.60
CA GLY H 148 -95.97 -55.65 -13.60
C GLY H 148 -95.75 -55.13 -12.19
N LEU H 149 -95.73 -53.81 -12.03
CA LEU H 149 -95.63 -53.21 -10.70
C LEU H 149 -96.46 -51.94 -10.66
N SER H 150 -97.30 -51.82 -9.63
CA SER H 150 -98.31 -50.78 -9.57
C SER H 150 -97.92 -49.72 -8.54
N VAL H 151 -98.08 -48.45 -8.94
CA VAL H 151 -97.67 -47.32 -8.12
C VAL H 151 -98.82 -46.32 -8.07
N GLY H 152 -98.95 -45.64 -6.93
CA GLY H 152 -100.01 -44.68 -6.75
C GLY H 152 -99.48 -43.32 -6.31
N VAL H 153 -100.26 -42.29 -6.61
CA VAL H 153 -99.94 -40.93 -6.21
C VAL H 153 -101.15 -40.30 -5.53
N ILE H 154 -100.87 -39.31 -4.69
CA ILE H 154 -101.90 -38.59 -3.96
C ILE H 154 -101.89 -37.15 -4.46
N GLY H 155 -102.87 -36.79 -5.28
CA GLY H 155 -102.95 -35.45 -5.80
C GLY H 155 -102.84 -35.40 -7.31
N ALA H 156 -103.40 -34.35 -7.92
CA ALA H 156 -103.37 -34.20 -9.37
C ALA H 156 -102.81 -32.84 -9.75
N GLY H 157 -101.94 -32.26 -8.93
CA GLY H 157 -101.30 -31.02 -9.24
C GLY H 157 -100.25 -31.20 -10.31
N PRO H 158 -99.47 -30.15 -10.58
CA PRO H 158 -98.41 -30.27 -11.59
C PRO H 158 -97.43 -31.40 -11.30
N ALA H 159 -96.98 -31.50 -10.05
CA ALA H 159 -96.01 -32.53 -9.67
C ALA H 159 -96.61 -33.92 -9.86
N GLY H 160 -97.86 -34.11 -9.42
CA GLY H 160 -98.48 -35.41 -9.56
C GLY H 160 -98.67 -35.81 -11.02
N LEU H 161 -99.13 -34.87 -11.84
CA LEU H 161 -99.32 -35.15 -13.26
C LEU H 161 -97.99 -35.47 -13.93
N ALA H 162 -96.93 -34.73 -13.60
CA ALA H 162 -95.63 -34.99 -14.21
C ALA H 162 -95.10 -36.35 -13.78
N ALA H 163 -95.25 -36.69 -12.50
CA ALA H 163 -94.78 -37.98 -12.02
C ALA H 163 -95.55 -39.12 -12.66
N ALA H 164 -96.86 -38.96 -12.83
CA ALA H 164 -97.65 -39.99 -13.48
C ALA H 164 -97.25 -40.14 -14.95
N GLU H 165 -97.05 -39.01 -15.63
CA GLU H 165 -96.54 -39.03 -17.00
C GLU H 165 -95.25 -39.84 -17.08
N GLU H 166 -94.28 -39.53 -16.21
CA GLU H 166 -93.04 -40.29 -16.14
C GLU H 166 -93.30 -41.77 -15.95
N LEU H 167 -93.98 -42.13 -14.86
CA LEU H 167 -94.09 -43.54 -14.49
C LEU H 167 -94.84 -44.34 -15.55
N ARG H 168 -95.84 -43.75 -16.19
CA ARG H 168 -96.55 -44.47 -17.23
C ARG H 168 -95.73 -44.57 -18.50
N ALA H 169 -94.86 -43.59 -18.77
CA ALA H 169 -93.92 -43.75 -19.87
C ALA H 169 -92.89 -44.83 -19.57
N LYS H 170 -92.62 -45.07 -18.29
CA LYS H 170 -91.67 -46.11 -17.91
C LYS H 170 -92.25 -47.50 -18.14
N GLY H 171 -93.49 -47.73 -17.72
CA GLY H 171 -94.12 -49.02 -17.91
C GLY H 171 -94.89 -49.54 -16.72
N TYR H 172 -94.98 -48.73 -15.68
CA TYR H 172 -95.61 -49.14 -14.42
C TYR H 172 -97.13 -49.06 -14.52
N GLU H 173 -97.79 -49.17 -13.37
CA GLU H 173 -99.26 -49.17 -13.29
C GLU H 173 -99.62 -47.98 -12.40
N VAL H 174 -100.15 -46.92 -13.00
CA VAL H 174 -100.36 -45.67 -12.27
C VAL H 174 -101.80 -45.59 -11.77
N HIS H 175 -101.96 -44.93 -10.63
CA HIS H 175 -103.27 -44.63 -10.05
C HIS H 175 -103.19 -43.27 -9.37
N VAL H 176 -104.12 -42.38 -9.70
CA VAL H 176 -104.16 -41.05 -9.11
C VAL H 176 -105.39 -40.94 -8.20
N TYR H 177 -105.27 -40.12 -7.17
CA TYR H 177 -106.36 -39.90 -6.21
C TYR H 177 -106.47 -38.40 -5.96
N ASP H 178 -107.44 -37.76 -6.60
CA ASP H 178 -107.66 -36.33 -6.45
C ASP H 178 -108.89 -36.07 -5.58
N ARG H 179 -108.89 -34.92 -4.92
CA ARG H 179 -110.02 -34.54 -4.09
C ARG H 179 -111.14 -33.92 -4.91
N TYR H 180 -110.80 -33.09 -5.88
CA TYR H 180 -111.78 -32.36 -6.67
C TYR H 180 -112.40 -33.28 -7.73
N ASP H 181 -113.42 -32.75 -8.42
CA ASP H 181 -114.08 -33.50 -9.47
C ASP H 181 -113.33 -33.43 -10.80
N ARG H 182 -112.80 -32.26 -11.13
CA ARG H 182 -112.04 -32.06 -12.36
C ARG H 182 -110.56 -31.99 -11.98
N MET H 183 -109.81 -33.00 -12.39
CA MET H 183 -108.40 -33.08 -12.00
C MET H 183 -107.57 -32.03 -12.72
N GLY H 184 -106.41 -31.73 -12.14
CA GLY H 184 -105.52 -30.74 -12.69
C GLY H 184 -104.94 -29.84 -11.61
N GLY H 185 -105.39 -30.03 -10.38
CA GLY H 185 -104.93 -29.21 -9.29
C GLY H 185 -105.36 -27.76 -9.46
N LEU H 186 -104.72 -26.90 -8.67
CA LEU H 186 -105.05 -25.48 -8.72
C LEU H 186 -104.67 -24.83 -10.05
N LEU H 187 -104.15 -25.61 -11.01
CA LEU H 187 -104.04 -25.12 -12.37
C LEU H 187 -105.41 -24.83 -12.96
N VAL H 188 -106.43 -25.59 -12.56
CA VAL H 188 -107.76 -25.42 -13.13
C VAL H 188 -108.69 -24.63 -12.20
N TYR H 189 -108.41 -24.59 -10.91
CA TYR H 189 -109.27 -23.90 -9.96
C TYR H 189 -108.64 -22.65 -9.34
N GLY H 190 -107.32 -22.60 -9.21
CA GLY H 190 -106.66 -21.47 -8.59
C GLY H 190 -106.28 -20.38 -9.55
N ILE H 191 -105.70 -20.75 -10.68
CA ILE H 191 -105.26 -19.76 -11.68
C ILE H 191 -106.48 -19.30 -12.47
N PRO H 192 -106.69 -17.99 -12.62
CA PRO H 192 -107.90 -17.50 -13.30
C PRO H 192 -107.92 -17.76 -14.78
N GLY H 193 -108.96 -17.29 -15.46
CA GLY H 193 -109.12 -17.55 -16.87
C GLY H 193 -108.26 -16.66 -17.77
N PHE H 194 -108.08 -15.40 -17.40
CA PHE H 194 -107.28 -14.51 -18.23
C PHE H 194 -105.82 -14.93 -18.24
N LYS H 195 -105.33 -15.50 -17.13
CA LYS H 195 -103.95 -15.97 -17.09
C LYS H 195 -103.77 -17.19 -17.98
N LEU H 196 -104.51 -18.26 -17.70
CA LEU H 196 -104.40 -19.52 -18.41
C LEU H 196 -105.78 -20.07 -18.70
N GLU H 197 -106.05 -20.34 -19.97
CA GLU H 197 -107.33 -20.92 -20.36
C GLU H 197 -107.45 -22.34 -19.86
N LYS H 198 -108.68 -22.75 -19.52
CA LYS H 198 -108.92 -24.06 -18.96
C LYS H 198 -109.06 -25.15 -20.02
N SER H 199 -108.88 -24.82 -21.30
CA SER H 199 -109.00 -25.84 -22.35
C SER H 199 -107.70 -26.59 -22.54
N VAL H 200 -106.56 -25.90 -22.42
CA VAL H 200 -105.28 -26.58 -22.60
C VAL H 200 -105.02 -27.57 -21.48
N VAL H 201 -105.45 -27.25 -20.26
CA VAL H 201 -105.26 -28.16 -19.14
C VAL H 201 -106.08 -29.43 -19.33
N GLU H 202 -107.34 -29.28 -19.75
CA GLU H 202 -108.15 -30.47 -19.97
C GLU H 202 -107.65 -31.26 -21.18
N ARG H 203 -107.08 -30.58 -22.17
CA ARG H 203 -106.48 -31.30 -23.30
C ARG H 203 -105.30 -32.14 -22.83
N ARG H 204 -104.44 -31.57 -21.98
CA ARG H 204 -103.29 -32.31 -21.50
C ARG H 204 -103.72 -33.47 -20.61
N VAL H 205 -104.72 -33.26 -19.74
CA VAL H 205 -105.14 -34.34 -18.87
C VAL H 205 -105.83 -35.43 -19.67
N LYS H 206 -106.49 -35.06 -20.78
CA LYS H 206 -107.01 -36.06 -21.70
C LYS H 206 -105.89 -36.83 -22.37
N LEU H 207 -104.77 -36.16 -22.68
CA LEU H 207 -103.62 -36.86 -23.23
C LEU H 207 -103.09 -37.91 -22.25
N LEU H 208 -102.92 -37.52 -20.98
CA LEU H 208 -102.58 -38.51 -19.95
C LEU H 208 -103.59 -39.66 -19.93
N ALA H 209 -104.89 -39.34 -19.88
CA ALA H 209 -105.90 -40.39 -19.83
C ALA H 209 -105.77 -41.33 -21.03
N ASP H 210 -105.41 -40.79 -22.19
CA ASP H 210 -105.18 -41.62 -23.36
C ASP H 210 -103.93 -42.47 -23.21
N ALA H 211 -102.92 -41.97 -22.48
CA ALA H 211 -101.68 -42.73 -22.32
C ALA H 211 -101.92 -44.03 -21.59
N GLY H 212 -102.92 -44.10 -20.72
CA GLY H 212 -103.22 -45.33 -20.01
C GLY H 212 -103.33 -45.15 -18.51
N VAL H 213 -103.33 -43.90 -18.05
CA VAL H 213 -103.46 -43.62 -16.62
C VAL H 213 -104.90 -43.82 -16.19
N ILE H 214 -105.09 -44.01 -14.89
CA ILE H 214 -106.38 -44.30 -14.31
C ILE H 214 -106.73 -43.18 -13.32
N TYR H 215 -107.97 -42.70 -13.38
CA TYR H 215 -108.41 -41.54 -12.62
C TYR H 215 -109.39 -41.96 -11.54
N HIS H 216 -109.23 -41.40 -10.34
CA HIS H 216 -110.13 -41.64 -9.22
C HIS H 216 -110.59 -40.29 -8.67
N PRO H 217 -111.50 -39.62 -9.36
CA PRO H 217 -111.93 -38.28 -8.92
C PRO H 217 -112.87 -38.36 -7.73
N ASN H 218 -112.98 -37.22 -7.05
CA ASN H 218 -113.79 -37.09 -5.84
C ASN H 218 -113.44 -38.17 -4.82
N PHE H 219 -112.14 -38.33 -4.59
CA PHE H 219 -111.63 -39.38 -3.71
C PHE H 219 -110.56 -38.75 -2.81
N GLU H 220 -110.98 -38.37 -1.60
CA GLU H 220 -110.06 -37.81 -0.61
C GLU H 220 -109.45 -38.94 0.22
N VAL H 221 -108.13 -38.88 0.40
CA VAL H 221 -107.44 -39.94 1.12
C VAL H 221 -107.76 -39.90 2.61
N GLY H 222 -108.14 -38.73 3.12
CA GLY H 222 -108.48 -38.64 4.54
C GLY H 222 -109.78 -39.35 4.88
N ARG H 223 -110.83 -39.07 4.12
CA ARG H 223 -112.13 -39.68 4.38
C ARG H 223 -112.24 -41.07 3.77
N ASP H 224 -112.10 -41.17 2.45
CA ASP H 224 -112.44 -42.36 1.70
C ASP H 224 -111.30 -43.39 1.67
N ALA H 225 -110.23 -43.19 2.42
CA ALA H 225 -109.11 -44.11 2.39
C ALA H 225 -108.25 -43.90 3.64
N SER H 226 -107.09 -44.54 3.65
CA SER H 226 -106.11 -44.39 4.73
C SER H 226 -104.76 -44.83 4.19
N LEU H 227 -103.71 -44.19 4.69
CA LEU H 227 -102.37 -44.39 4.12
C LEU H 227 -101.90 -45.85 4.17
N PRO H 228 -102.06 -46.60 5.26
CA PRO H 228 -101.63 -48.01 5.22
C PRO H 228 -102.33 -48.83 4.14
N GLU H 229 -103.61 -48.54 3.86
CA GLU H 229 -104.30 -49.25 2.80
C GLU H 229 -103.59 -49.05 1.47
N LEU H 230 -103.30 -47.79 1.12
CA LEU H 230 -102.63 -47.51 -0.15
C LEU H 230 -101.21 -48.06 -0.17
N ARG H 231 -100.54 -48.07 0.98
CA ARG H 231 -99.21 -48.67 1.04
C ARG H 231 -99.27 -50.17 0.78
N ARG H 232 -100.32 -50.82 1.26
CA ARG H 232 -100.46 -52.26 1.03
C ARG H 232 -100.89 -52.56 -0.40
N LYS H 233 -101.66 -51.66 -1.02
CA LYS H 233 -102.16 -51.92 -2.37
C LYS H 233 -101.03 -51.88 -3.39
N HIS H 234 -100.38 -50.73 -3.53
CA HIS H 234 -99.34 -50.56 -4.53
C HIS H 234 -97.96 -50.80 -3.93
N VAL H 235 -96.94 -50.78 -4.80
CA VAL H 235 -95.57 -50.94 -4.33
C VAL H 235 -94.99 -49.62 -3.82
N ALA H 236 -95.49 -48.48 -4.30
CA ALA H 236 -95.02 -47.19 -3.85
C ALA H 236 -96.13 -46.17 -4.01
N VAL H 237 -96.10 -45.15 -3.16
CA VAL H 237 -97.08 -44.07 -3.20
C VAL H 237 -96.35 -42.74 -3.04
N LEU H 238 -96.77 -41.76 -3.83
CA LEU H 238 -96.12 -40.45 -3.91
C LEU H 238 -97.04 -39.41 -3.27
N VAL H 239 -96.60 -38.83 -2.17
CA VAL H 239 -97.37 -37.83 -1.45
C VAL H 239 -97.15 -36.47 -2.12
N ALA H 240 -98.16 -35.98 -2.83
CA ALA H 240 -98.09 -34.69 -3.51
C ALA H 240 -99.38 -33.91 -3.28
N THR H 241 -99.80 -33.84 -2.02
CA THR H 241 -101.09 -33.22 -1.70
C THR H 241 -101.06 -31.71 -1.75
N GLY H 242 -99.88 -31.09 -1.78
CA GLY H 242 -99.79 -29.65 -1.89
C GLY H 242 -99.95 -28.96 -0.55
N VAL H 243 -100.22 -27.65 -0.62
CA VAL H 243 -100.37 -26.80 0.55
C VAL H 243 -101.72 -26.11 0.46
N TYR H 244 -102.53 -26.22 1.52
CA TYR H 244 -103.86 -25.65 1.48
C TYR H 244 -104.33 -24.96 2.75
N LYS H 245 -103.67 -25.14 3.89
CA LYS H 245 -104.11 -24.49 5.13
C LYS H 245 -103.77 -23.01 5.07
N ALA H 246 -104.79 -22.16 4.95
CA ALA H 246 -104.59 -20.73 4.76
C ALA H 246 -104.26 -20.05 6.09
N ARG H 247 -104.02 -18.75 6.00
CA ARG H 247 -103.70 -17.92 7.16
C ARG H 247 -104.89 -17.02 7.49
N ASP H 248 -104.95 -16.60 8.76
CA ASP H 248 -106.01 -15.72 9.22
C ASP H 248 -105.39 -14.51 9.88
N ILE H 249 -106.25 -13.54 10.21
CA ILE H 249 -105.85 -12.34 10.92
C ILE H 249 -106.72 -12.20 12.16
N LYS H 250 -106.08 -11.88 13.29
CA LYS H 250 -106.76 -11.65 14.56
C LYS H 250 -106.75 -10.16 14.82
N ALA H 251 -107.93 -9.55 14.89
CA ALA H 251 -108.04 -8.10 14.97
C ALA H 251 -109.33 -7.72 15.67
N PRO H 252 -109.39 -6.55 16.29
CA PRO H 252 -110.67 -6.05 16.80
C PRO H 252 -111.69 -5.88 15.68
N GLY H 253 -112.75 -6.68 15.72
CA GLY H 253 -113.71 -6.68 14.64
C GLY H 253 -113.41 -7.63 13.52
N SER H 254 -112.59 -8.65 13.74
CA SER H 254 -112.24 -9.63 12.72
C SER H 254 -113.23 -10.78 12.66
N GLY H 255 -114.43 -10.61 13.19
CA GLY H 255 -115.44 -11.66 13.15
C GLY H 255 -116.72 -11.20 12.49
N LEU H 256 -116.67 -10.09 11.77
CA LEU H 256 -117.85 -9.55 11.11
C LEU H 256 -118.17 -10.38 9.87
N GLY H 257 -119.12 -9.90 9.07
CA GLY H 257 -119.46 -10.57 7.83
C GLY H 257 -118.65 -10.09 6.66
N ASN H 258 -118.75 -10.84 5.56
CA ASN H 258 -118.10 -10.53 4.29
C ASN H 258 -116.57 -10.47 4.39
N ILE H 259 -115.98 -11.14 5.39
CA ILE H 259 -114.54 -11.31 5.46
C ILE H 259 -114.22 -12.59 4.69
N VAL H 260 -113.97 -12.46 3.40
CA VAL H 260 -113.86 -13.60 2.50
C VAL H 260 -112.40 -13.99 2.33
N ALA H 261 -112.16 -15.28 2.12
CA ALA H 261 -110.84 -15.80 1.80
C ALA H 261 -110.64 -15.82 0.29
N ALA H 262 -109.37 -15.84 -0.11
CA ALA H 262 -109.04 -15.74 -1.53
C ALA H 262 -109.39 -17.01 -2.30
N LEU H 263 -109.08 -18.17 -1.71
CA LEU H 263 -109.24 -19.44 -2.43
C LEU H 263 -110.70 -19.69 -2.77
N ASP H 264 -111.61 -19.35 -1.86
CA ASP H 264 -113.03 -19.55 -2.13
C ASP H 264 -113.50 -18.68 -3.29
N TYR H 265 -113.12 -17.39 -3.26
CA TYR H 265 -113.48 -16.50 -4.35
C TYR H 265 -112.95 -17.03 -5.68
N LEU H 266 -111.71 -17.50 -5.70
CA LEU H 266 -111.13 -17.98 -6.96
C LEU H 266 -111.82 -19.26 -7.43
N THR H 267 -112.12 -20.17 -6.51
CA THR H 267 -112.81 -21.40 -6.87
C THR H 267 -114.17 -21.10 -7.47
N THR H 268 -114.92 -20.17 -6.86
CA THR H 268 -116.24 -19.85 -7.37
C THR H 268 -116.16 -19.10 -8.69
N SER H 269 -115.16 -18.23 -8.84
CA SER H 269 -114.97 -17.54 -10.11
C SER H 269 -114.72 -18.53 -11.24
N ASN H 270 -113.80 -19.47 -11.02
CA ASN H 270 -113.52 -20.47 -12.05
C ASN H 270 -114.72 -21.37 -12.32
N LYS H 271 -115.43 -21.77 -11.26
CA LYS H 271 -116.61 -22.62 -11.46
C LYS H 271 -117.67 -21.90 -12.29
N VAL H 272 -118.04 -20.68 -11.88
CA VAL H 272 -119.00 -19.90 -12.65
C VAL H 272 -118.53 -19.67 -14.08
N SER H 273 -117.22 -19.46 -14.28
CA SER H 273 -116.71 -19.36 -15.64
C SER H 273 -116.89 -20.67 -16.40
N LEU H 274 -116.93 -21.79 -15.69
CA LEU H 274 -117.22 -23.07 -16.32
C LEU H 274 -118.70 -23.42 -16.23
N GLY H 275 -119.30 -23.26 -15.06
CA GLY H 275 -120.73 -23.49 -14.89
C GLY H 275 -121.03 -23.96 -13.47
N ASP H 276 -121.90 -24.97 -13.39
CA ASP H 276 -122.24 -25.69 -12.17
C ASP H 276 -123.11 -24.87 -11.21
N THR H 277 -123.29 -23.58 -11.52
CA THR H 277 -124.27 -22.71 -10.86
C THR H 277 -124.24 -22.85 -9.34
N VAL H 278 -123.12 -22.43 -8.75
CA VAL H 278 -123.06 -22.29 -7.30
C VAL H 278 -123.97 -21.15 -6.87
N GLU H 279 -124.64 -21.33 -5.73
CA GLU H 279 -125.63 -20.35 -5.31
C GLU H 279 -124.98 -19.09 -4.75
N ALA H 280 -123.79 -19.22 -4.17
CA ALA H 280 -123.10 -18.07 -3.58
C ALA H 280 -122.76 -17.00 -4.61
N TYR H 281 -122.73 -17.34 -5.89
CA TYR H 281 -122.63 -16.31 -6.91
C TYR H 281 -123.96 -15.59 -7.11
N GLU H 282 -125.08 -16.27 -6.86
CA GLU H 282 -126.39 -15.63 -6.94
C GLU H 282 -126.72 -14.90 -5.65
N ASN H 283 -126.79 -15.62 -4.54
CA ASN H 283 -127.05 -15.05 -3.22
C ASN H 283 -125.90 -15.40 -2.29
N GLY H 284 -124.88 -14.55 -2.28
CA GLY H 284 -123.73 -14.75 -1.43
C GLY H 284 -122.78 -13.58 -1.56
N SER H 285 -121.78 -13.58 -0.68
CA SER H 285 -120.77 -12.53 -0.66
C SER H 285 -119.63 -12.78 -1.63
N LEU H 286 -119.82 -13.64 -2.62
CA LEU H 286 -118.78 -14.02 -3.56
C LEU H 286 -118.90 -13.31 -4.90
N ASN H 287 -119.56 -12.16 -4.93
CA ASN H 287 -119.61 -11.32 -6.11
C ASN H 287 -119.23 -9.90 -5.72
N ALA H 288 -118.72 -9.14 -6.68
CA ALA H 288 -118.30 -7.76 -6.47
C ALA H 288 -118.83 -6.87 -7.59
N ALA H 289 -120.13 -7.01 -7.86
CA ALA H 289 -120.74 -6.26 -8.96
C ALA H 289 -120.63 -4.76 -8.74
N GLY H 290 -121.27 -4.26 -7.68
CA GLY H 290 -121.25 -2.83 -7.41
C GLY H 290 -120.75 -2.48 -6.03
N LYS H 291 -119.74 -3.18 -5.54
CA LYS H 291 -119.23 -2.96 -4.20
C LYS H 291 -117.79 -2.47 -4.25
N HIS H 292 -117.32 -1.98 -3.10
CA HIS H 292 -115.94 -1.55 -2.93
C HIS H 292 -115.13 -2.72 -2.39
N VAL H 293 -114.09 -3.11 -3.12
CA VAL H 293 -113.28 -4.28 -2.78
C VAL H 293 -111.95 -3.82 -2.20
N VAL H 294 -111.51 -4.51 -1.14
CA VAL H 294 -110.21 -4.27 -0.53
C VAL H 294 -109.57 -5.63 -0.23
N VAL H 295 -108.40 -5.87 -0.81
CA VAL H 295 -107.69 -7.13 -0.65
C VAL H 295 -106.48 -6.90 0.26
N LEU H 296 -106.25 -7.86 1.15
CA LEU H 296 -105.10 -7.84 2.04
C LEU H 296 -104.07 -8.86 1.58
N GLY H 297 -102.87 -8.77 2.18
CA GLY H 297 -101.78 -9.63 1.80
C GLY H 297 -101.17 -9.23 0.47
N GLY H 298 -100.04 -9.86 0.14
CA GLY H 298 -99.33 -9.57 -1.08
C GLY H 298 -98.96 -10.85 -1.82
N GLY H 299 -98.43 -10.66 -3.02
CA GLY H 299 -98.01 -11.75 -3.87
C GLY H 299 -98.90 -11.88 -5.09
N ASP H 300 -98.66 -12.95 -5.83
CA ASP H 300 -99.41 -13.21 -7.06
C ASP H 300 -100.86 -13.55 -6.76
N THR H 301 -101.12 -14.20 -5.63
CA THR H 301 -102.50 -14.50 -5.23
C THR H 301 -103.33 -13.23 -5.16
N ALA H 302 -102.78 -12.18 -4.55
CA ALA H 302 -103.50 -10.92 -4.45
C ALA H 302 -103.74 -10.31 -5.82
N MET H 303 -102.76 -10.43 -6.73
CA MET H 303 -102.94 -9.91 -8.08
C MET H 303 -104.09 -10.61 -8.79
N ASP H 304 -104.09 -11.95 -8.74
CA ASP H 304 -105.16 -12.71 -9.36
C ASP H 304 -106.52 -12.33 -8.77
N CYS H 305 -106.57 -12.18 -7.44
CA CYS H 305 -107.83 -11.84 -6.78
C CYS H 305 -108.33 -10.47 -7.23
N VAL H 306 -107.46 -9.46 -7.20
CA VAL H 306 -107.92 -8.12 -7.54
C VAL H 306 -108.31 -8.04 -9.01
N ARG H 307 -107.60 -8.75 -9.89
CA ARG H 307 -107.96 -8.72 -11.30
C ARG H 307 -109.30 -9.41 -11.54
N THR H 308 -109.47 -10.62 -11.02
CA THR H 308 -110.74 -11.32 -11.20
C THR H 308 -111.89 -10.60 -10.49
N ALA H 309 -111.59 -9.72 -9.54
CA ALA H 309 -112.63 -8.90 -8.94
C ALA H 309 -113.00 -7.72 -9.85
N ILE H 310 -111.98 -7.04 -10.38
CA ILE H 310 -112.25 -5.90 -11.26
C ILE H 310 -112.88 -6.33 -12.57
N ARG H 311 -112.80 -7.61 -12.92
CA ARG H 311 -113.49 -8.07 -14.13
C ARG H 311 -115.00 -8.09 -13.93
N GLN H 312 -115.46 -8.40 -12.72
CA GLN H 312 -116.90 -8.49 -12.43
C GLN H 312 -117.42 -7.18 -11.85
N GLY H 313 -117.30 -6.12 -12.62
CA GLY H 313 -117.74 -4.80 -12.17
C GLY H 313 -116.74 -4.17 -11.20
N ALA H 314 -117.10 -4.10 -9.92
CA ALA H 314 -116.21 -3.63 -8.86
C ALA H 314 -115.70 -2.22 -9.16
N THR H 315 -116.64 -1.28 -9.13
CA THR H 315 -116.41 0.11 -9.49
C THR H 315 -115.20 0.72 -8.77
N SER H 316 -114.87 0.22 -7.58
CA SER H 316 -113.71 0.73 -6.85
C SER H 316 -113.01 -0.42 -6.16
N VAL H 317 -111.72 -0.58 -6.44
CA VAL H 317 -110.91 -1.65 -5.86
C VAL H 317 -109.64 -1.04 -5.28
N LYS H 318 -109.14 -1.65 -4.22
CA LYS H 318 -107.91 -1.21 -3.56
C LYS H 318 -107.12 -2.43 -3.13
N CYS H 319 -105.84 -2.21 -2.84
CA CYS H 319 -104.94 -3.28 -2.40
C CYS H 319 -103.94 -2.70 -1.41
N LEU H 320 -103.78 -3.39 -0.27
CA LEU H 320 -102.92 -2.94 0.81
C LEU H 320 -101.79 -3.94 1.02
N TYR H 321 -100.58 -3.56 0.61
CA TYR H 321 -99.38 -4.35 0.83
C TYR H 321 -98.52 -3.68 1.90
N ARG H 322 -97.88 -4.51 2.71
CA ARG H 322 -97.12 -4.04 3.87
C ARG H 322 -95.64 -3.84 3.57
N ARG H 323 -95.28 -3.75 2.30
CA ARG H 323 -93.88 -3.56 1.93
C ARG H 323 -93.80 -2.63 0.74
N ASP H 324 -92.62 -2.59 0.12
CA ASP H 324 -92.33 -1.72 -1.01
C ASP H 324 -92.72 -2.40 -2.32
N ARG H 325 -92.64 -1.64 -3.41
CA ARG H 325 -93.03 -2.15 -4.72
C ARG H 325 -91.98 -3.08 -5.30
N LYS H 326 -90.70 -2.79 -5.08
CA LYS H 326 -89.65 -3.59 -5.69
C LYS H 326 -89.57 -5.00 -5.12
N ASN H 327 -90.15 -5.25 -3.94
CA ASN H 327 -90.05 -6.55 -3.30
C ASN H 327 -91.31 -7.39 -3.45
N MET H 328 -92.05 -7.19 -4.54
CA MET H 328 -93.26 -7.94 -4.79
C MET H 328 -92.91 -9.41 -5.03
N PRO H 329 -93.48 -10.35 -4.27
CA PRO H 329 -93.15 -11.77 -4.48
C PRO H 329 -93.60 -12.32 -5.82
N GLY H 330 -94.37 -11.55 -6.60
CA GLY H 330 -94.74 -11.93 -7.93
C GLY H 330 -93.95 -11.16 -8.97
N SER H 331 -94.49 -11.13 -10.19
CA SER H 331 -93.86 -10.37 -11.26
C SER H 331 -94.31 -8.91 -11.20
N GLN H 332 -93.67 -8.09 -12.03
CA GLN H 332 -94.04 -6.68 -12.17
C GLN H 332 -94.67 -6.36 -13.51
N ARG H 333 -94.66 -7.29 -14.47
CA ARG H 333 -95.46 -7.11 -15.67
C ARG H 333 -96.93 -6.95 -15.33
N GLU H 334 -97.46 -7.92 -14.58
CA GLU H 334 -98.87 -7.98 -14.26
C GLU H 334 -99.29 -6.92 -13.26
N VAL H 335 -98.38 -6.44 -12.42
CA VAL H 335 -98.71 -5.27 -11.60
C VAL H 335 -98.95 -4.06 -12.49
N ALA H 336 -98.13 -3.91 -13.53
CA ALA H 336 -98.37 -2.83 -14.49
C ALA H 336 -99.66 -3.05 -15.27
N HIS H 337 -99.97 -4.31 -15.59
CA HIS H 337 -101.24 -4.60 -16.25
C HIS H 337 -102.43 -4.20 -15.38
N ALA H 338 -102.37 -4.54 -14.09
CA ALA H 338 -103.43 -4.15 -13.17
C ALA H 338 -103.55 -2.64 -13.07
N GLU H 339 -102.41 -1.95 -12.94
CA GLU H 339 -102.43 -0.49 -12.92
C GLU H 339 -103.04 0.08 -14.19
N GLU H 340 -102.85 -0.58 -15.32
CA GLU H 340 -103.51 -0.16 -16.55
C GLU H 340 -105.00 -0.45 -16.51
N GLU H 341 -105.41 -1.53 -15.82
CA GLU H 341 -106.81 -1.94 -15.82
C GLU H 341 -107.66 -1.11 -14.88
N GLY H 342 -107.06 -0.36 -13.96
CA GLY H 342 -107.82 0.55 -13.11
C GLY H 342 -107.68 0.30 -11.63
N VAL H 343 -106.71 -0.53 -11.24
CA VAL H 343 -106.53 -0.85 -9.83
C VAL H 343 -105.84 0.30 -9.10
N GLU H 344 -106.14 0.41 -7.81
CA GLU H 344 -105.47 1.34 -6.90
C GLU H 344 -104.53 0.55 -6.01
N PHE H 345 -103.34 1.09 -5.78
CA PHE H 345 -102.35 0.45 -4.93
C PHE H 345 -101.94 1.37 -3.79
N ILE H 346 -101.73 0.77 -2.63
CA ILE H 346 -101.20 1.48 -1.45
C ILE H 346 -100.05 0.65 -0.91
N TRP H 347 -98.82 1.10 -1.15
CA TRP H 347 -97.63 0.39 -0.69
C TRP H 347 -97.28 0.81 0.73
N GLN H 348 -96.62 -0.10 1.45
CA GLN H 348 -96.18 0.13 2.82
C GLN H 348 -97.35 0.52 3.72
N ALA H 349 -98.30 -0.41 3.83
CA ALA H 349 -99.48 -0.21 4.67
C ALA H 349 -99.87 -1.52 5.31
N ALA H 350 -100.04 -1.50 6.63
CA ALA H 350 -100.42 -2.67 7.39
C ALA H 350 -101.79 -2.45 8.02
N PRO H 351 -102.78 -3.26 7.69
CA PRO H 351 -104.12 -3.04 8.25
C PRO H 351 -104.22 -3.55 9.67
N GLU H 352 -104.89 -2.76 10.51
CA GLU H 352 -105.02 -3.13 11.92
C GLU H 352 -106.37 -3.82 12.15
N GLY H 353 -107.47 -3.13 11.88
CA GLY H 353 -108.78 -3.65 12.23
C GLY H 353 -109.85 -3.32 11.21
N PHE H 354 -111.07 -3.76 11.51
CA PHE H 354 -112.23 -3.58 10.63
C PHE H 354 -113.35 -2.90 11.42
N THR H 355 -113.80 -1.75 10.92
CA THR H 355 -114.91 -1.03 11.53
C THR H 355 -116.23 -1.38 10.86
N GLY H 356 -117.26 -1.60 11.68
CA GLY H 356 -118.58 -1.95 11.18
C GLY H 356 -119.48 -2.32 12.35
N ASP H 357 -120.68 -2.76 12.00
CA ASP H 357 -121.67 -3.18 12.98
C ASP H 357 -121.94 -4.68 12.93
N THR H 358 -122.36 -5.20 11.77
CA THR H 358 -122.56 -6.63 11.61
C THR H 358 -121.78 -7.12 10.39
N VAL H 359 -121.57 -6.22 9.43
CA VAL H 359 -120.72 -6.47 8.28
C VAL H 359 -119.68 -5.36 8.23
N VAL H 360 -118.50 -5.70 7.72
CA VAL H 360 -117.42 -4.73 7.65
C VAL H 360 -117.78 -3.62 6.68
N THR H 361 -117.67 -2.37 7.14
CA THR H 361 -117.90 -1.22 6.31
C THR H 361 -116.66 -0.37 6.09
N GLY H 362 -115.60 -0.60 6.88
CA GLY H 362 -114.33 0.08 6.63
C GLY H 362 -113.19 -0.71 7.24
N VAL H 363 -111.98 -0.35 6.81
CA VAL H 363 -110.77 -0.98 7.30
C VAL H 363 -109.85 0.11 7.84
N ARG H 364 -109.53 0.02 9.13
CA ARG H 364 -108.62 0.96 9.77
C ARG H 364 -107.21 0.39 9.72
N ALA H 365 -106.30 1.12 9.07
CA ALA H 365 -104.94 0.66 8.83
C ALA H 365 -103.95 1.71 9.32
N VAL H 366 -102.70 1.28 9.45
CA VAL H 366 -101.60 2.14 9.85
C VAL H 366 -100.51 2.04 8.78
N ARG H 367 -99.79 3.13 8.60
CA ARG H 367 -98.70 3.22 7.64
C ARG H 367 -97.40 2.90 8.37
N ILE H 368 -96.52 2.14 7.71
CA ILE H 368 -95.26 1.71 8.29
C ILE H 368 -94.11 2.29 7.47
N HIS H 369 -92.89 2.13 8.01
CA HIS H 369 -91.68 2.61 7.36
C HIS H 369 -90.62 1.52 7.47
N LEU H 370 -89.97 1.24 6.35
CA LEU H 370 -88.98 0.17 6.27
C LEU H 370 -87.59 0.73 6.57
N GLY H 371 -86.89 0.08 7.50
CA GLY H 371 -85.55 0.49 7.84
C GLY H 371 -84.54 0.16 6.76
N VAL H 372 -83.30 0.55 7.02
CA VAL H 372 -82.22 0.29 6.07
C VAL H 372 -81.95 -1.21 5.98
N ALA H 373 -81.50 -1.66 4.82
CA ALA H 373 -81.16 -3.05 4.62
C ALA H 373 -80.03 -3.46 5.54
N ASP H 374 -80.28 -4.46 6.38
CA ASP H 374 -79.28 -4.89 7.34
C ASP H 374 -78.12 -5.58 6.62
N ALA H 375 -77.18 -6.07 7.41
CA ALA H 375 -75.95 -6.69 6.93
C ALA H 375 -76.17 -8.07 6.31
N THR H 376 -77.42 -8.50 6.12
CA THR H 376 -77.72 -9.81 5.55
C THR H 376 -78.88 -9.78 4.57
N GLY H 377 -79.19 -8.62 3.97
CA GLY H 377 -80.36 -8.52 3.12
C GLY H 377 -81.63 -8.61 3.91
N ARG H 378 -81.84 -7.62 4.79
CA ARG H 378 -82.86 -7.70 5.82
C ARG H 378 -83.34 -6.28 6.11
N GLN H 379 -84.65 -6.06 6.04
CA GLN H 379 -85.24 -4.76 6.34
C GLN H 379 -86.18 -4.88 7.53
N THR H 380 -86.00 -4.00 8.51
CA THR H 380 -86.78 -4.02 9.74
C THR H 380 -87.89 -2.98 9.67
N PRO H 381 -89.14 -3.38 9.49
CA PRO H 381 -90.22 -2.40 9.41
C PRO H 381 -90.65 -1.93 10.80
N GLN H 382 -91.05 -0.66 10.87
CA GLN H 382 -91.52 -0.06 12.11
C GLN H 382 -92.73 0.81 11.81
N VAL H 383 -93.72 0.76 12.70
CA VAL H 383 -94.95 1.50 12.47
C VAL H 383 -94.69 2.99 12.64
N ILE H 384 -95.22 3.80 11.71
CA ILE H 384 -95.09 5.25 11.82
C ILE H 384 -95.81 5.72 13.07
N GLU H 385 -95.43 6.90 13.56
CA GLU H 385 -95.74 7.30 14.92
C GLU H 385 -97.25 7.44 15.13
N GLY H 386 -97.87 8.40 14.45
CA GLY H 386 -99.28 8.70 14.59
C GLY H 386 -100.10 8.48 13.33
N SER H 387 -99.44 8.40 12.19
CA SER H 387 -100.13 8.31 10.90
C SER H 387 -100.96 7.04 10.84
N GLU H 388 -102.29 7.21 10.92
CA GLU H 388 -103.25 6.11 10.88
C GLU H 388 -104.43 6.56 10.05
N PHE H 389 -104.87 5.73 9.12
CA PHE H 389 -105.93 6.11 8.20
C PHE H 389 -106.97 4.99 8.12
N THR H 390 -108.02 5.23 7.34
CA THR H 390 -109.12 4.29 7.19
C THR H 390 -109.66 4.36 5.77
N VAL H 391 -109.90 3.20 5.18
CA VAL H 391 -110.49 3.11 3.85
C VAL H 391 -111.82 2.37 3.95
N GLN H 392 -112.88 3.03 3.52
CA GLN H 392 -114.21 2.44 3.62
C GLN H 392 -114.35 1.36 2.57
N ALA H 393 -114.77 0.17 3.00
CA ALA H 393 -114.80 -0.98 2.10
C ALA H 393 -116.10 -1.75 2.30
N ASP H 394 -116.69 -2.20 1.19
CA ASP H 394 -117.89 -3.01 1.27
C ASP H 394 -117.59 -4.51 1.31
N LEU H 395 -116.40 -4.92 0.85
CA LEU H 395 -116.04 -6.32 0.82
C LEU H 395 -114.52 -6.43 0.89
N VAL H 396 -114.03 -7.18 1.88
CA VAL H 396 -112.60 -7.40 2.05
C VAL H 396 -112.28 -8.85 1.76
N ILE H 397 -111.07 -9.08 1.26
CA ILE H 397 -110.60 -10.40 0.85
C ILE H 397 -109.23 -10.63 1.48
N LYS H 398 -109.14 -11.58 2.39
CA LYS H 398 -107.87 -11.91 3.04
C LYS H 398 -107.11 -12.90 2.18
N ALA H 399 -105.94 -12.48 1.70
CA ALA H 399 -105.06 -13.31 0.86
C ALA H 399 -103.64 -13.27 1.41
N LEU H 400 -103.52 -13.50 2.72
CA LEU H 400 -102.22 -13.38 3.38
C LEU H 400 -101.23 -14.40 2.85
N GLY H 401 -101.56 -15.68 2.94
CA GLY H 401 -100.66 -16.71 2.46
C GLY H 401 -101.21 -18.11 2.60
N PHE H 402 -100.31 -19.09 2.80
CA PHE H 402 -100.72 -20.48 2.93
C PHE H 402 -99.70 -21.20 3.80
N GLU H 403 -100.15 -22.28 4.43
CA GLU H 403 -99.34 -23.07 5.33
C GLU H 403 -99.71 -24.54 5.15
N PRO H 404 -98.79 -25.46 5.41
CA PRO H 404 -99.11 -26.88 5.24
C PRO H 404 -100.08 -27.37 6.29
N GLU H 405 -100.74 -28.49 5.98
CA GLU H 405 -101.70 -29.10 6.89
C GLU H 405 -100.96 -30.01 7.87
N ASP H 406 -101.72 -30.62 8.79
CA ASP H 406 -101.17 -31.56 9.75
C ASP H 406 -101.30 -32.95 9.15
N LEU H 407 -100.33 -33.33 8.33
CA LEU H 407 -100.42 -34.59 7.59
C LEU H 407 -100.28 -35.81 8.48
N PRO H 408 -99.31 -35.91 9.40
CA PRO H 408 -99.20 -37.13 10.20
C PRO H 408 -100.44 -37.45 11.02
N ASN H 409 -101.17 -36.44 11.46
CA ASN H 409 -102.40 -36.66 12.20
C ASN H 409 -103.62 -36.79 11.29
N ALA H 410 -103.47 -36.50 10.00
CA ALA H 410 -104.56 -36.66 9.04
C ALA H 410 -104.39 -37.86 8.12
N PHE H 411 -103.16 -38.35 7.95
CA PHE H 411 -102.89 -39.53 7.13
C PHE H 411 -102.76 -40.80 7.96
N ASP H 412 -103.31 -40.81 9.17
CA ASP H 412 -103.38 -41.96 10.06
C ASP H 412 -102.01 -42.48 10.50
N GLU H 413 -100.91 -41.80 10.14
CA GLU H 413 -99.57 -42.28 10.46
C GLU H 413 -98.82 -41.18 11.21
N PRO H 414 -98.66 -41.31 12.53
CA PRO H 414 -98.02 -40.25 13.30
C PRO H 414 -96.51 -40.34 13.33
N GLU H 415 -95.93 -41.12 12.41
CA GLU H 415 -94.49 -41.33 12.38
C GLU H 415 -93.80 -40.61 11.23
N LEU H 416 -94.54 -39.83 10.43
CA LEU H 416 -93.92 -39.09 9.35
C LEU H 416 -93.00 -38.01 9.91
N LYS H 417 -91.81 -37.88 9.34
CA LYS H 417 -90.83 -36.92 9.82
C LYS H 417 -91.10 -35.58 9.16
N VAL H 418 -91.56 -34.61 9.94
CA VAL H 418 -91.98 -33.31 9.43
C VAL H 418 -91.21 -32.22 10.15
N THR H 419 -91.01 -31.09 9.47
CA THR H 419 -90.25 -29.97 10.00
C THR H 419 -91.12 -29.12 10.91
N ARG H 420 -90.63 -27.93 11.27
CA ARG H 420 -91.37 -27.03 12.13
C ARG H 420 -92.61 -26.48 11.42
N TRP H 421 -92.45 -26.05 10.17
CA TRP H 421 -93.54 -25.38 9.46
C TRP H 421 -94.57 -26.37 8.90
N GLY H 422 -94.17 -27.59 8.59
CA GLY H 422 -95.10 -28.54 8.03
C GLY H 422 -94.60 -29.20 6.76
N THR H 423 -93.51 -28.70 6.21
CA THR H 423 -92.86 -29.33 5.06
C THR H 423 -92.04 -30.51 5.54
N LEU H 424 -92.52 -31.72 5.26
CA LEU H 424 -91.88 -32.92 5.79
C LEU H 424 -90.49 -33.11 5.19
N LEU H 425 -89.65 -33.80 5.95
CA LEU H 425 -88.24 -33.94 5.60
C LEU H 425 -88.07 -34.93 4.45
N VAL H 426 -87.23 -34.56 3.48
CA VAL H 426 -86.99 -35.36 2.30
C VAL H 426 -85.49 -35.32 1.98
N ASP H 427 -84.92 -36.48 1.66
CA ASP H 427 -83.52 -36.53 1.29
C ASP H 427 -83.32 -36.03 -0.14
N HIS H 428 -82.06 -35.73 -0.47
CA HIS H 428 -81.75 -35.21 -1.80
C HIS H 428 -81.61 -36.32 -2.83
N ARG H 429 -81.19 -37.51 -2.40
CA ARG H 429 -80.84 -38.57 -3.34
C ARG H 429 -82.08 -39.18 -3.99
N THR H 430 -82.94 -39.79 -3.19
CA THR H 430 -84.05 -40.59 -3.70
C THR H 430 -85.42 -39.96 -3.43
N LYS H 431 -85.48 -38.81 -2.77
CA LYS H 431 -86.73 -38.13 -2.47
C LYS H 431 -87.67 -39.02 -1.66
N MET H 432 -87.11 -39.73 -0.69
CA MET H 432 -87.86 -40.62 0.18
C MET H 432 -87.95 -40.03 1.58
N THR H 433 -89.13 -40.16 2.20
CA THR H 433 -89.35 -39.65 3.54
C THR H 433 -88.79 -40.60 4.58
N ASN H 434 -89.17 -40.41 5.85
CA ASN H 434 -88.65 -41.27 6.92
C ASN H 434 -89.12 -42.71 6.73
N MET H 435 -90.42 -42.92 6.52
CA MET H 435 -90.92 -44.25 6.24
C MET H 435 -90.30 -44.83 4.97
N ASP H 436 -90.26 -46.15 4.91
CA ASP H 436 -89.74 -46.86 3.76
C ASP H 436 -90.86 -47.07 2.75
N GLY H 437 -90.51 -47.06 1.46
CA GLY H 437 -91.44 -47.35 0.39
C GLY H 437 -92.31 -46.18 -0.04
N VAL H 438 -92.49 -45.18 0.80
CA VAL H 438 -93.30 -44.01 0.47
C VAL H 438 -92.38 -42.84 0.15
N PHE H 439 -92.72 -42.12 -0.91
CA PHE H 439 -91.97 -40.94 -1.33
C PHE H 439 -92.86 -39.72 -1.29
N ALA H 440 -92.24 -38.55 -1.24
CA ALA H 440 -92.97 -37.30 -1.16
C ALA H 440 -92.11 -36.19 -1.74
N ALA H 441 -92.64 -35.51 -2.75
CA ALA H 441 -91.90 -34.42 -3.38
C ALA H 441 -92.88 -33.54 -4.14
N GLY H 442 -92.59 -32.24 -4.15
CA GLY H 442 -93.44 -31.28 -4.83
C GLY H 442 -93.52 -29.95 -4.12
N ASP H 443 -94.74 -29.49 -3.87
CA ASP H 443 -94.94 -28.22 -3.20
C ASP H 443 -94.94 -28.36 -1.68
N ILE H 444 -95.40 -29.50 -1.16
CA ILE H 444 -95.46 -29.72 0.28
C ILE H 444 -94.06 -29.77 0.87
N VAL H 445 -93.04 -29.79 0.01
CA VAL H 445 -91.66 -29.78 0.47
C VAL H 445 -91.02 -28.40 0.36
N ARG H 446 -91.34 -27.62 -0.68
CA ARG H 446 -90.72 -26.32 -0.91
C ARG H 446 -91.43 -25.22 -0.15
N GLY H 447 -92.72 -25.03 -0.42
CA GLY H 447 -93.49 -23.96 0.19
C GLY H 447 -94.32 -23.20 -0.83
N ALA H 448 -94.09 -21.90 -0.95
CA ALA H 448 -94.80 -21.09 -1.95
C ALA H 448 -94.00 -21.01 -3.23
N SER H 449 -93.72 -22.18 -3.80
CA SER H 449 -92.89 -22.29 -4.99
C SER H 449 -93.75 -22.07 -6.24
N LEU H 450 -93.17 -22.35 -7.40
CA LEU H 450 -93.81 -22.15 -8.69
C LEU H 450 -94.13 -23.50 -9.33
N VAL H 451 -94.62 -23.45 -10.57
CA VAL H 451 -95.05 -24.66 -11.26
C VAL H 451 -93.87 -25.46 -11.75
N VAL H 452 -92.89 -24.80 -12.39
CA VAL H 452 -91.74 -25.50 -12.94
C VAL H 452 -90.97 -26.21 -11.83
N TRP H 453 -90.93 -25.62 -10.63
CA TRP H 453 -90.27 -26.28 -9.51
C TRP H 453 -91.01 -27.58 -9.16
N ALA H 454 -92.34 -27.52 -9.15
CA ALA H 454 -93.12 -28.72 -8.88
C ALA H 454 -92.87 -29.79 -9.95
N ILE H 455 -92.73 -29.38 -11.21
CA ILE H 455 -92.47 -30.34 -12.28
C ILE H 455 -91.13 -31.03 -12.07
N ARG H 456 -90.09 -30.24 -11.75
CA ARG H 456 -88.78 -30.82 -11.53
C ARG H 456 -88.78 -31.76 -10.33
N ASP H 457 -89.42 -31.36 -9.23
CA ASP H 457 -89.51 -32.22 -8.07
C ASP H 457 -90.29 -33.50 -8.39
N GLY H 458 -91.31 -33.40 -9.24
CA GLY H 458 -92.06 -34.58 -9.63
C GLY H 458 -91.21 -35.55 -10.43
N ARG H 459 -90.35 -35.03 -11.30
CA ARG H 459 -89.48 -35.91 -12.08
C ARG H 459 -88.43 -36.56 -11.17
N ASP H 460 -87.91 -35.80 -10.21
CA ASP H 460 -87.01 -36.36 -9.20
C ASP H 460 -87.68 -37.52 -8.45
N ALA H 461 -88.89 -37.29 -7.95
CA ALA H 461 -89.61 -38.34 -7.24
C ALA H 461 -89.92 -39.52 -8.17
N ALA H 462 -90.11 -39.23 -9.45
CA ALA H 462 -90.35 -40.30 -10.42
C ALA H 462 -89.17 -41.26 -10.47
N GLU H 463 -87.96 -40.72 -10.64
CA GLU H 463 -86.79 -41.59 -10.60
C GLU H 463 -86.62 -42.25 -9.24
N GLY H 464 -86.88 -41.53 -8.16
CA GLY H 464 -86.77 -42.15 -6.85
C GLY H 464 -87.62 -43.41 -6.77
N ILE H 465 -88.89 -43.30 -7.16
CA ILE H 465 -89.80 -44.43 -7.13
C ILE H 465 -89.33 -45.53 -8.06
N HIS H 466 -88.92 -45.18 -9.28
CA HIS H 466 -88.52 -46.21 -10.24
C HIS H 466 -87.31 -46.98 -9.75
N ALA H 467 -86.27 -46.27 -9.31
CA ALA H 467 -85.05 -46.93 -8.87
C ALA H 467 -85.31 -47.78 -7.63
N TYR H 468 -86.10 -47.27 -6.67
CA TYR H 468 -86.38 -48.04 -5.48
C TYR H 468 -87.18 -49.30 -5.81
N ALA H 469 -88.20 -49.17 -6.66
CA ALA H 469 -89.01 -50.33 -7.03
C ALA H 469 -88.17 -51.35 -7.78
N LYS H 470 -87.29 -50.90 -8.66
CA LYS H 470 -86.43 -51.85 -9.38
C LYS H 470 -85.50 -52.57 -8.43
N ALA H 471 -84.75 -51.83 -7.61
CA ALA H 471 -83.81 -52.44 -6.67
C ALA H 471 -84.50 -53.35 -5.66
N LYS H 472 -85.78 -53.09 -5.36
CA LYS H 472 -86.51 -54.01 -4.49
C LYS H 472 -86.98 -55.24 -5.25
N ALA H 473 -87.39 -55.08 -6.51
CA ALA H 473 -87.83 -56.21 -7.31
C ALA H 473 -86.67 -57.12 -7.72
N GLU H 474 -85.43 -56.64 -7.61
CA GLU H 474 -84.28 -57.51 -7.90
C GLU H 474 -84.26 -58.70 -6.95
N ALA H 475 -84.26 -58.44 -5.65
CA ALA H 475 -84.23 -59.51 -4.66
C ALA H 475 -84.85 -59.05 -3.34
N GLN I 4 -46.65 78.46 20.07
CA GLN I 4 -46.93 77.18 19.38
C GLN I 4 -45.62 76.47 19.04
N ARG I 5 -45.74 75.19 18.68
CA ARG I 5 -44.60 74.33 18.39
C ARG I 5 -43.82 74.79 17.17
N MET I 6 -42.69 75.45 17.41
CA MET I 6 -42.01 76.24 16.40
C MET I 6 -41.26 75.34 15.42
N LEU I 7 -42.03 74.78 14.49
CA LEU I 7 -41.47 73.99 13.39
C LEU I 7 -42.14 74.36 12.08
N GLY I 8 -42.47 75.64 11.92
CA GLY I 8 -43.28 76.10 10.83
C GLY I 8 -42.58 76.41 9.54
N PHE I 9 -41.34 75.94 9.34
CA PHE I 9 -40.66 76.20 8.09
C PHE I 9 -41.22 75.37 6.94
N VAL I 10 -42.23 74.55 7.18
CA VAL I 10 -42.78 73.71 6.12
C VAL I 10 -43.95 74.37 5.40
N HIS I 11 -44.66 75.29 6.05
CA HIS I 11 -45.84 75.92 5.47
C HIS I 11 -45.74 77.43 5.44
N THR I 12 -44.53 77.99 5.59
CA THR I 12 -44.29 79.41 5.41
C THR I 12 -43.03 79.58 4.57
N ALA I 13 -42.71 80.85 4.27
CA ALA I 13 -41.52 81.16 3.48
C ALA I 13 -40.81 82.37 4.09
N GLN I 14 -39.52 82.48 3.82
CA GLN I 14 -38.72 83.54 4.40
C GLN I 14 -39.01 84.84 3.66
N ARG I 15 -39.29 85.91 4.42
CA ARG I 15 -39.53 87.22 3.83
C ARG I 15 -39.04 88.28 4.79
N MET I 16 -38.04 89.05 4.36
CA MET I 16 -37.48 90.11 5.17
C MET I 16 -38.48 91.27 5.24
N PRO I 17 -38.27 92.23 6.16
CA PRO I 17 -39.20 93.36 6.27
C PRO I 17 -39.25 94.23 5.02
N ASP I 18 -40.14 95.21 5.01
CA ASP I 18 -40.34 96.03 3.82
C ASP I 18 -39.11 96.88 3.54
N LYS I 19 -38.85 97.11 2.25
CA LYS I 19 -37.73 97.91 1.79
C LYS I 19 -38.23 99.10 0.98
N ARG I 20 -37.49 100.21 1.08
CA ARG I 20 -37.92 101.35 0.29
C ARG I 20 -37.38 101.23 -1.13
N PRO I 21 -38.16 101.65 -2.14
CA PRO I 21 -37.73 101.48 -3.53
C PRO I 21 -36.50 102.31 -3.84
N ALA I 22 -35.85 101.95 -4.96
CA ALA I 22 -34.61 102.62 -5.35
C ALA I 22 -34.86 104.07 -5.76
N ALA I 23 -36.03 104.35 -6.34
CA ALA I 23 -36.33 105.71 -6.78
C ALA I 23 -36.41 106.69 -5.62
N GLU I 24 -36.61 106.20 -4.40
CA GLU I 24 -36.66 107.04 -3.21
C GLU I 24 -35.46 106.88 -2.31
N ARG I 25 -34.80 105.72 -2.34
CA ARG I 25 -33.62 105.49 -1.51
C ARG I 25 -32.48 106.45 -1.87
N ARG I 26 -32.37 106.82 -3.15
CA ARG I 26 -31.21 107.57 -3.62
C ARG I 26 -31.14 108.99 -3.08
N GLN I 27 -32.25 109.52 -2.57
CA GLN I 27 -32.28 110.93 -2.19
C GLN I 27 -31.70 111.15 -0.79
N ASP I 28 -32.31 110.54 0.22
CA ASP I 28 -31.92 110.80 1.60
C ASP I 28 -30.71 109.95 2.00
N PHE I 29 -30.31 110.08 3.26
CA PHE I 29 -29.20 109.34 3.81
C PHE I 29 -29.61 108.42 4.95
N ALA I 30 -30.89 108.18 5.13
CA ALA I 30 -31.38 107.33 6.21
C ALA I 30 -31.24 105.86 5.83
N GLU I 31 -31.73 104.99 6.71
CA GLU I 31 -31.62 103.55 6.47
C GLU I 31 -32.57 103.12 5.37
N ILE I 32 -32.34 101.91 4.86
CA ILE I 32 -33.12 101.38 3.75
C ILE I 32 -34.09 100.29 4.17
N TYR I 33 -33.90 99.66 5.32
CA TYR I 33 -34.78 98.62 5.80
C TYR I 33 -35.70 99.19 6.88
N ALA I 34 -36.49 98.31 7.50
CA ALA I 34 -37.41 98.73 8.54
C ALA I 34 -37.54 97.61 9.56
N ARG I 35 -37.94 98.00 10.77
CA ARG I 35 -38.12 97.02 11.83
C ARG I 35 -39.36 96.18 11.56
N PHE I 36 -39.28 94.88 11.89
CA PHE I 36 -40.42 93.99 11.76
C PHE I 36 -41.63 94.54 12.50
N SER I 37 -42.80 94.22 11.99
CA SER I 37 -44.01 94.32 12.79
C SER I 37 -44.09 93.11 13.72
N ASP I 38 -44.94 93.22 14.74
CA ASP I 38 -45.05 92.14 15.71
C ASP I 38 -45.59 90.87 15.07
N GLU I 39 -46.65 90.99 14.27
CA GLU I 39 -47.26 89.82 13.65
C GLU I 39 -46.35 89.18 12.61
N ARG I 40 -45.36 89.89 12.10
CA ARG I 40 -44.41 89.31 11.16
C ARG I 40 -43.16 88.77 11.84
N ALA I 41 -42.67 89.42 12.90
CA ALA I 41 -41.56 88.86 13.64
C ALA I 41 -41.98 87.56 14.34
N ASN I 42 -43.16 87.56 14.94
CA ASN I 42 -43.68 86.36 15.60
C ASN I 42 -43.91 85.21 14.64
N GLU I 43 -43.93 85.48 13.33
CA GLU I 43 -44.06 84.45 12.32
C GLU I 43 -42.71 84.03 11.74
N GLN I 44 -41.84 84.99 11.45
CA GLN I 44 -40.52 84.65 10.92
C GLN I 44 -39.66 83.95 11.96
N ALA I 45 -39.91 84.18 13.24
CA ALA I 45 -39.19 83.47 14.29
C ALA I 45 -39.78 82.10 14.58
N ASN I 46 -40.83 81.70 13.87
CA ASN I 46 -41.46 80.41 14.06
C ASN I 46 -41.01 79.39 13.03
N ARG I 47 -40.09 79.75 12.15
CA ARG I 47 -39.58 78.83 11.14
C ARG I 47 -38.34 78.07 11.60
N CYS I 48 -37.83 78.33 12.79
CA CYS I 48 -36.69 77.59 13.31
C CYS I 48 -37.06 76.13 13.52
N SER I 49 -36.05 75.31 13.83
CA SER I 49 -36.25 73.89 14.05
C SER I 49 -35.88 73.41 15.44
N GLN I 50 -35.19 74.24 16.23
CA GLN I 50 -34.67 73.82 17.54
C GLN I 50 -33.85 72.53 17.40
N CYS I 51 -32.95 72.55 16.43
CA CYS I 51 -32.19 71.38 16.02
C CYS I 51 -30.95 71.23 16.88
N GLY I 52 -30.66 69.99 17.26
CA GLY I 52 -29.37 69.71 17.88
C GLY I 52 -28.23 69.99 16.92
N VAL I 53 -27.07 70.32 17.49
CA VAL I 53 -25.92 70.77 16.72
C VAL I 53 -26.37 71.98 15.91
N PRO I 54 -26.61 73.13 16.54
CA PRO I 54 -27.10 74.31 15.81
C PRO I 54 -25.96 75.00 15.07
N PHE I 55 -26.00 74.93 13.75
CA PHE I 55 -25.01 75.63 12.95
C PHE I 55 -25.18 77.14 12.99
N CYS I 56 -26.33 77.63 13.43
CA CYS I 56 -26.50 79.07 13.58
C CYS I 56 -25.55 79.63 14.62
N GLN I 57 -25.05 78.78 15.52
CA GLN I 57 -24.25 79.22 16.65
C GLN I 57 -22.78 78.86 16.53
N VAL I 58 -22.44 77.75 15.89
CA VAL I 58 -21.03 77.38 15.76
C VAL I 58 -20.31 78.27 14.78
N HIS I 59 -21.04 78.99 13.93
CA HIS I 59 -20.44 79.87 12.93
C HIS I 59 -20.65 81.35 13.25
N CYS I 60 -21.10 81.67 14.46
CA CYS I 60 -21.25 83.07 14.86
C CYS I 60 -20.13 83.44 15.79
N PRO I 61 -19.26 84.38 15.42
CA PRO I 61 -18.04 84.61 16.20
C PRO I 61 -18.28 85.02 17.64
N VAL I 62 -19.43 85.58 17.97
CA VAL I 62 -19.74 85.93 19.35
C VAL I 62 -20.53 84.82 20.05
N SER I 63 -21.10 83.88 19.29
CA SER I 63 -21.73 82.68 19.85
C SER I 63 -22.94 83.03 20.72
N ASN I 64 -23.94 83.64 20.10
CA ASN I 64 -25.19 83.91 20.79
C ASN I 64 -25.99 82.62 20.95
N ASN I 65 -26.79 82.57 22.02
CA ASN I 65 -27.71 81.45 22.25
C ASN I 65 -28.93 81.63 21.34
N ILE I 66 -28.67 81.48 20.04
CA ILE I 66 -29.68 81.84 19.03
C ILE I 66 -30.98 81.07 19.20
N PRO I 67 -30.97 79.73 19.30
CA PRO I 67 -32.26 79.01 19.40
C PRO I 67 -33.08 79.43 20.59
N ASP I 68 -32.45 79.78 21.72
CA ASP I 68 -33.23 80.09 22.91
C ASP I 68 -34.03 81.37 22.75
N TRP I 69 -33.40 82.46 22.28
CA TRP I 69 -34.23 83.65 22.11
C TRP I 69 -35.11 83.56 20.87
N LEU I 70 -34.77 82.72 19.89
CA LEU I 70 -35.73 82.48 18.82
C LEU I 70 -36.98 81.79 19.35
N LYS I 71 -36.81 80.88 20.32
CA LYS I 71 -37.96 80.26 20.96
C LYS I 71 -38.73 81.27 21.80
N LEU I 72 -38.00 82.09 22.55
CA LEU I 72 -38.65 83.03 23.45
C LEU I 72 -39.45 84.09 22.70
N THR I 73 -38.95 84.58 21.56
CA THR I 73 -39.68 85.62 20.85
C THR I 73 -40.89 85.08 20.13
N SER I 74 -40.87 83.80 19.74
CA SER I 74 -41.99 83.20 19.03
C SER I 74 -43.12 82.78 19.95
N GLU I 75 -43.04 83.14 21.24
CA GLU I 75 -44.08 82.83 22.21
C GLU I 75 -44.36 84.01 23.12
N GLY I 76 -44.13 85.22 22.65
CA GLY I 76 -44.24 86.40 23.51
C GLY I 76 -42.94 86.62 24.27
N ARG I 77 -43.05 86.77 25.60
CA ARG I 77 -41.92 86.73 26.52
C ARG I 77 -40.69 87.47 26.01
N LEU I 78 -40.89 88.66 25.42
CA LEU I 78 -39.79 89.34 24.77
C LEU I 78 -38.74 89.82 25.76
N GLU I 79 -39.12 90.03 27.02
CA GLU I 79 -38.15 90.52 28.00
C GLU I 79 -37.08 89.47 28.28
N GLU I 80 -37.48 88.23 28.52
CA GLU I 80 -36.51 87.17 28.72
C GLU I 80 -35.66 86.94 27.47
N ALA I 81 -36.26 87.11 26.28
CA ALA I 81 -35.47 87.02 25.06
C ALA I 81 -34.40 88.09 25.03
N TYR I 82 -34.75 89.32 25.43
CA TYR I 82 -33.75 90.38 25.50
C TYR I 82 -32.66 90.03 26.49
N GLU I 83 -33.03 89.50 27.66
CA GLU I 83 -32.03 89.11 28.65
C GLU I 83 -31.06 88.09 28.07
N VAL I 84 -31.59 87.07 27.40
CA VAL I 84 -30.75 86.01 26.84
C VAL I 84 -29.83 86.57 25.76
N SER I 85 -30.37 87.45 24.92
CA SER I 85 -29.56 88.02 23.84
C SER I 85 -28.48 88.95 24.37
N GLN I 86 -28.77 89.67 25.46
CA GLN I 86 -27.80 90.61 26.00
C GLN I 86 -26.73 89.91 26.83
N ALA I 87 -27.06 88.77 27.44
CA ALA I 87 -26.12 88.09 28.31
C ALA I 87 -24.86 87.60 27.59
N THR I 88 -24.79 87.72 26.27
CA THR I 88 -23.62 87.22 25.55
C THR I 88 -23.10 88.20 24.50
N ASN I 89 -23.66 89.40 24.40
CA ASN I 89 -23.21 90.35 23.39
C ASN I 89 -23.52 91.76 23.90
N ASN I 90 -22.52 92.64 23.83
CA ASN I 90 -22.68 93.98 24.37
C ASN I 90 -23.46 94.89 23.43
N PHE I 91 -23.21 94.80 22.11
CA PHE I 91 -23.87 95.62 21.11
C PHE I 91 -24.65 94.71 20.17
N PRO I 92 -25.82 94.25 20.57
CA PRO I 92 -26.58 93.33 19.68
C PRO I 92 -27.18 94.03 18.47
N GLU I 93 -27.74 95.23 18.64
CA GLU I 93 -28.41 95.89 17.53
C GLU I 93 -27.42 96.31 16.46
N ILE I 94 -26.28 96.87 16.86
CA ILE I 94 -25.26 97.26 15.89
C ILE I 94 -24.82 96.05 15.08
N CYS I 95 -24.58 94.92 15.76
CA CYS I 95 -24.21 93.70 15.05
C CYS I 95 -25.29 93.28 14.07
N GLY I 96 -26.52 93.10 14.56
CA GLY I 96 -27.62 92.72 13.68
C GLY I 96 -27.83 93.67 12.52
N ARG I 97 -27.36 94.90 12.64
CA ARG I 97 -27.49 95.86 11.54
C ARG I 97 -26.34 95.77 10.54
N ILE I 98 -25.12 95.51 11.00
CA ILE I 98 -23.96 95.55 10.11
C ILE I 98 -23.28 94.20 9.91
N CYS I 99 -23.53 93.22 10.78
CA CYS I 99 -22.86 91.92 10.64
C CYS I 99 -23.36 91.22 9.39
N PRO I 100 -22.47 90.81 8.47
CA PRO I 100 -22.92 90.10 7.27
C PRO I 100 -23.41 88.71 7.59
N GLN I 101 -24.73 88.53 7.57
CA GLN I 101 -25.35 87.27 7.98
C GLN I 101 -25.25 86.18 6.94
N ASP I 102 -25.12 86.54 5.66
CA ASP I 102 -25.08 85.54 4.60
C ASP I 102 -23.81 84.72 4.60
N ARG I 103 -22.83 85.06 5.43
CA ARG I 103 -21.59 84.29 5.53
C ARG I 103 -21.31 83.78 6.94
N LEU I 104 -22.05 84.24 7.95
CA LEU I 104 -21.77 83.86 9.34
C LEU I 104 -22.87 83.01 9.95
N CYS I 105 -24.11 83.51 9.97
CA CYS I 105 -25.20 82.79 10.62
C CYS I 105 -26.29 82.40 9.64
N GLU I 106 -26.80 83.34 8.85
CA GLU I 106 -27.87 83.02 7.90
C GLU I 106 -27.37 82.18 6.74
N GLY I 107 -26.06 82.08 6.55
CA GLY I 107 -25.52 81.30 5.46
C GLY I 107 -25.22 79.86 5.78
N ASN I 108 -25.34 79.45 7.04
CA ASN I 108 -25.06 78.09 7.44
C ASN I 108 -26.20 77.45 8.22
N CYS I 109 -27.37 78.09 8.27
CA CYS I 109 -28.52 77.48 8.92
C CYS I 109 -28.88 76.16 8.25
N VAL I 110 -29.44 75.24 9.03
CA VAL I 110 -29.73 73.90 8.50
C VAL I 110 -30.81 73.97 7.43
N ILE I 111 -31.83 74.78 7.66
CA ILE I 111 -32.93 74.90 6.71
C ILE I 111 -32.50 75.80 5.57
N GLU I 112 -31.32 76.41 5.71
CA GLU I 112 -30.72 77.16 4.61
C GLU I 112 -29.95 76.25 3.68
N GLN I 113 -29.23 75.26 4.23
CA GLN I 113 -28.50 74.31 3.40
C GLN I 113 -29.43 73.46 2.54
N SER I 114 -30.69 73.31 2.95
CA SER I 114 -31.66 72.52 2.20
C SER I 114 -32.46 73.35 1.20
N THR I 115 -32.02 74.59 0.94
CA THR I 115 -32.67 75.49 -0.01
C THR I 115 -34.12 75.76 0.37
N HIS I 116 -34.43 75.74 1.66
CA HIS I 116 -35.72 76.17 2.16
C HIS I 116 -35.75 77.65 2.52
N GLY I 117 -34.62 78.34 2.42
CA GLY I 117 -34.54 79.70 2.90
C GLY I 117 -34.17 79.76 4.36
N ALA I 118 -33.19 80.57 4.72
CA ALA I 118 -32.70 80.61 6.08
C ALA I 118 -33.73 81.23 7.01
N VAL I 119 -33.38 81.27 8.29
CA VAL I 119 -34.16 82.00 9.27
C VAL I 119 -33.58 83.41 9.40
N THR I 120 -34.45 84.41 9.46
CA THR I 120 -33.98 85.79 9.57
C THR I 120 -33.41 86.02 10.97
N ILE I 121 -32.10 85.84 11.12
CA ILE I 121 -31.49 85.87 12.45
C ILE I 121 -31.21 87.30 12.89
N GLY I 122 -30.38 88.01 12.13
CA GLY I 122 -30.04 89.38 12.51
C GLY I 122 -31.25 90.29 12.55
N SER I 123 -32.25 90.03 11.73
CA SER I 123 -33.45 90.86 11.74
C SER I 123 -34.22 90.67 13.05
N VAL I 124 -34.36 89.43 13.52
CA VAL I 124 -35.00 89.21 14.81
C VAL I 124 -34.14 89.75 15.94
N GLU I 125 -32.81 89.69 15.78
CA GLU I 125 -31.93 90.33 16.76
C GLU I 125 -32.25 91.81 16.87
N LYS I 126 -32.27 92.52 15.74
CA LYS I 126 -32.66 93.92 15.71
C LYS I 126 -34.02 94.15 16.36
N TYR I 127 -35.00 93.33 16.00
CA TYR I 127 -36.36 93.52 16.50
C TYR I 127 -36.41 93.41 18.02
N ILE I 128 -35.97 92.27 18.55
CA ILE I 128 -36.06 92.04 19.99
C ILE I 128 -35.08 92.87 20.78
N ASN I 129 -34.09 93.51 20.15
CA ASN I 129 -33.20 94.39 20.88
C ASN I 129 -33.52 95.86 20.72
N ASP I 130 -34.44 96.20 19.81
CA ASP I 130 -34.84 97.59 19.58
C ASP I 130 -36.08 97.97 20.36
N THR I 131 -37.15 97.18 20.23
CA THR I 131 -38.34 97.42 21.04
C THR I 131 -38.09 97.15 22.52
N ALA I 132 -37.03 96.44 22.87
CA ALA I 132 -36.63 96.28 24.25
C ALA I 132 -35.98 97.54 24.81
N TRP I 133 -35.67 98.51 23.96
CA TRP I 133 -35.10 99.77 24.42
C TRP I 133 -36.17 100.78 24.81
N ASP I 134 -37.35 100.70 24.18
CA ASP I 134 -38.38 101.71 24.40
C ASP I 134 -38.94 101.63 25.83
N GLN I 135 -39.13 100.41 26.33
CA GLN I 135 -39.80 100.21 27.62
C GLN I 135 -38.81 100.15 28.78
N GLY I 136 -37.63 100.76 28.62
CA GLY I 136 -36.69 100.95 29.71
C GLY I 136 -36.10 99.70 30.31
N TRP I 137 -36.20 98.55 29.62
CA TRP I 137 -35.60 97.34 30.15
C TRP I 137 -34.08 97.37 30.14
N VAL I 138 -33.47 98.36 29.49
CA VAL I 138 -32.01 98.47 29.42
C VAL I 138 -31.54 99.35 30.57
N LYS I 139 -30.50 98.91 31.27
CA LYS I 139 -29.93 99.65 32.39
C LYS I 139 -28.43 99.44 32.41
N PRO I 140 -27.67 100.41 32.89
CA PRO I 140 -26.21 100.25 32.93
C PRO I 140 -25.79 99.24 33.99
N ARG I 141 -24.59 98.71 33.80
CA ARG I 141 -24.01 97.70 34.70
C ARG I 141 -23.03 98.39 35.64
N THR I 142 -23.57 99.08 36.63
CA THR I 142 -22.73 99.75 37.62
C THR I 142 -22.07 98.71 38.52
N PRO I 143 -20.80 98.87 38.87
CA PRO I 143 -20.17 97.91 39.77
C PRO I 143 -20.81 97.93 41.15
N SER I 144 -21.07 96.73 41.67
CA SER I 144 -21.65 96.62 43.00
C SER I 144 -20.72 97.21 44.06
N ARG I 145 -19.53 96.61 44.20
CA ARG I 145 -18.52 97.09 45.12
C ARG I 145 -17.36 97.68 44.34
N GLU I 146 -16.90 98.86 44.75
CA GLU I 146 -15.84 99.56 44.03
C GLU I 146 -14.50 98.92 44.35
N LEU I 147 -13.87 98.31 43.34
CA LEU I 147 -12.54 97.76 43.49
C LEU I 147 -11.50 98.85 43.32
N GLY I 148 -10.40 98.74 44.04
CA GLY I 148 -9.38 99.78 44.04
C GLY I 148 -8.24 99.59 43.05
N LEU I 149 -8.56 99.42 41.77
CA LEU I 149 -7.53 99.29 40.75
C LEU I 149 -8.02 99.95 39.46
N SER I 150 -7.12 100.69 38.82
CA SER I 150 -7.46 101.48 37.65
C SER I 150 -6.76 100.91 36.42
N VAL I 151 -7.48 100.89 35.30
CA VAL I 151 -7.00 100.32 34.05
C VAL I 151 -7.36 101.27 32.91
N GLY I 152 -6.47 101.37 31.93
CA GLY I 152 -6.66 102.28 30.82
C GLY I 152 -6.66 101.56 29.48
N VAL I 153 -7.32 102.15 28.49
CA VAL I 153 -7.36 101.62 27.14
C VAL I 153 -7.00 102.73 26.16
N ILE I 154 -6.53 102.32 24.99
CA ILE I 154 -6.14 103.23 23.92
C ILE I 154 -7.06 102.98 22.74
N GLY I 155 -8.01 103.87 22.51
CA GLY I 155 -8.92 103.72 21.41
C GLY I 155 -10.36 103.55 21.87
N ALA I 156 -11.32 103.94 21.02
CA ALA I 156 -12.73 103.84 21.35
C ALA I 156 -13.50 103.07 20.29
N GLY I 157 -12.84 102.13 19.63
CA GLY I 157 -13.49 101.27 18.67
C GLY I 157 -14.37 100.24 19.35
N PRO I 158 -14.93 99.32 18.57
CA PRO I 158 -15.78 98.28 19.18
C PRO I 158 -15.07 97.49 20.26
N ALA I 159 -13.83 97.05 19.99
CA ALA I 159 -13.10 96.27 20.98
C ALA I 159 -12.86 97.07 22.25
N GLY I 160 -12.46 98.34 22.10
CA GLY I 160 -12.22 99.16 23.27
C GLY I 160 -13.48 99.38 24.09
N LEU I 161 -14.60 99.65 23.40
CA LEU I 161 -15.85 99.87 24.10
C LEU I 161 -16.29 98.61 24.84
N ALA I 162 -16.17 97.44 24.21
CA ALA I 162 -16.55 96.20 24.88
C ALA I 162 -15.65 95.92 26.08
N ALA I 163 -14.34 96.15 25.92
CA ALA I 163 -13.41 95.94 27.02
C ALA I 163 -13.72 96.88 28.18
N ALA I 164 -14.05 98.13 27.90
CA ALA I 164 -14.40 99.06 28.97
C ALA I 164 -15.70 98.66 29.64
N GLU I 165 -16.69 98.23 28.85
CA GLU I 165 -17.92 97.70 29.40
C GLU I 165 -17.63 96.60 30.41
N GLU I 166 -16.82 95.62 30.00
CA GLU I 166 -16.48 94.53 30.90
C GLU I 166 -15.73 95.04 32.13
N LEU I 167 -14.64 95.79 31.94
CA LEU I 167 -13.82 96.22 33.09
C LEU I 167 -14.61 97.07 34.06
N ARG I 168 -15.61 97.81 33.59
CA ARG I 168 -16.40 98.60 34.52
C ARG I 168 -17.48 97.77 35.19
N ALA I 169 -18.03 96.77 34.49
CA ALA I 169 -18.96 95.86 35.14
C ALA I 169 -18.28 95.03 36.20
N LYS I 170 -16.96 94.83 36.08
CA LYS I 170 -16.23 94.06 37.09
C LYS I 170 -16.05 94.86 38.37
N GLY I 171 -15.67 96.13 38.26
CA GLY I 171 -15.47 96.96 39.44
C GLY I 171 -14.22 97.81 39.39
N TYR I 172 -13.51 97.78 38.27
CA TYR I 172 -12.24 98.48 38.14
C TYR I 172 -12.48 99.97 37.88
N GLU I 173 -11.41 100.70 37.58
CA GLU I 173 -11.49 102.13 37.28
C GLU I 173 -11.00 102.30 35.85
N VAL I 174 -11.90 102.62 34.94
CA VAL I 174 -11.60 102.64 33.51
C VAL I 174 -11.27 104.06 33.07
N HIS I 175 -10.42 104.14 32.05
CA HIS I 175 -10.09 105.39 31.38
C HIS I 175 -9.86 105.11 29.91
N VAL I 176 -10.52 105.87 29.05
CA VAL I 176 -10.40 105.71 27.61
C VAL I 176 -9.68 106.92 27.04
N TYR I 177 -8.94 106.70 25.95
CA TYR I 177 -8.18 107.76 25.29
C TYR I 177 -8.41 107.63 23.78
N ASP I 178 -9.28 108.48 23.25
CA ASP I 178 -9.61 108.49 21.83
C ASP I 178 -8.94 109.67 21.14
N ARG I 179 -8.71 109.53 19.85
CA ARG I 179 -8.12 110.59 19.03
C ARG I 179 -9.17 111.57 18.54
N TYR I 180 -10.33 111.08 18.11
CA TYR I 180 -11.37 111.92 17.54
C TYR I 180 -12.12 112.66 18.64
N ASP I 181 -13.02 113.56 18.24
CA ASP I 181 -13.82 114.31 19.18
C ASP I 181 -15.04 113.53 19.66
N ARG I 182 -15.68 112.78 18.77
CA ARG I 182 -16.84 111.97 19.10
C ARG I 182 -16.40 110.51 19.14
N MET I 183 -16.42 109.92 20.33
CA MET I 183 -15.94 108.56 20.48
C MET I 183 -16.91 107.56 19.85
N GLY I 184 -16.38 106.39 19.52
CA GLY I 184 -17.15 105.34 18.88
C GLY I 184 -16.38 104.67 17.77
N GLY I 185 -15.18 105.16 17.49
CA GLY I 185 -14.37 104.60 16.42
C GLY I 185 -15.04 104.79 15.07
N LEU I 186 -14.52 104.03 14.10
CA LEU I 186 -15.05 104.13 12.75
C LEU I 186 -16.49 103.64 12.63
N LEU I 187 -17.10 103.22 13.74
CA LEU I 187 -18.55 103.01 13.74
C LEU I 187 -19.30 104.30 13.46
N VAL I 188 -18.74 105.44 13.89
CA VAL I 188 -19.42 106.72 13.72
C VAL I 188 -18.86 107.52 12.55
N TYR I 189 -17.62 107.27 12.13
CA TYR I 189 -17.00 108.03 11.06
C TYR I 189 -16.77 107.23 9.80
N GLY I 190 -16.58 105.91 9.90
CA GLY I 190 -16.30 105.10 8.74
C GLY I 190 -17.54 104.52 8.09
N ILE I 191 -18.43 103.96 8.88
CA ILE I 191 -19.65 103.35 8.35
C ILE I 191 -20.63 104.45 7.98
N PRO I 192 -21.21 104.43 6.78
CA PRO I 192 -22.08 105.53 6.35
C PRO I 192 -23.41 105.57 7.09
N GLY I 193 -24.27 106.51 6.71
CA GLY I 193 -25.54 106.69 7.40
C GLY I 193 -26.61 105.71 6.99
N PHE I 194 -26.66 105.33 5.71
CA PHE I 194 -27.69 104.39 5.27
C PHE I 194 -27.46 103.01 5.87
N LYS I 195 -26.20 102.64 6.12
CA LYS I 195 -25.92 101.36 6.74
C LYS I 195 -26.36 101.37 8.21
N LEU I 196 -25.80 102.28 9.00
CA LEU I 196 -26.07 102.35 10.43
C LEU I 196 -26.26 103.80 10.82
N GLU I 197 -27.39 104.09 11.48
CA GLU I 197 -27.64 105.44 11.95
C GLU I 197 -26.72 105.79 13.11
N LYS I 198 -26.35 107.07 13.19
CA LYS I 198 -25.41 107.54 14.20
C LYS I 198 -26.06 107.83 15.54
N SER I 199 -27.36 107.58 15.69
CA SER I 199 -28.04 107.81 16.97
C SER I 199 -27.91 106.63 17.90
N VAL I 200 -27.93 105.40 17.37
CA VAL I 200 -27.80 104.24 18.25
C VAL I 200 -26.40 104.17 18.86
N VAL I 201 -25.39 104.59 18.11
CA VAL I 201 -24.02 104.57 18.62
C VAL I 201 -23.87 105.59 19.75
N GLU I 202 -24.42 106.79 19.57
CA GLU I 202 -24.34 107.78 20.64
C GLU I 202 -25.17 107.35 21.84
N ARG I 203 -26.27 106.64 21.62
CA ARG I 203 -27.06 106.13 22.74
C ARG I 203 -26.26 105.10 23.53
N ARG I 204 -25.55 104.21 22.83
CA ARG I 204 -24.77 103.20 23.54
C ARG I 204 -23.57 103.81 24.26
N VAL I 205 -22.92 104.80 23.65
CA VAL I 205 -21.78 105.42 24.33
C VAL I 205 -22.26 106.26 25.50
N LYS I 206 -23.47 106.80 25.42
CA LYS I 206 -24.07 107.47 26.58
C LYS I 206 -24.38 106.47 27.68
N LEU I 207 -24.83 105.27 27.31
CA LEU I 207 -25.02 104.21 28.31
C LEU I 207 -23.71 103.89 29.02
N LEU I 208 -22.63 103.76 28.27
CA LEU I 208 -21.31 103.60 28.88
C LEU I 208 -21.01 104.73 29.85
N ALA I 209 -21.16 105.98 29.38
CA ALA I 209 -20.86 107.13 30.23
C ALA I 209 -21.69 107.11 31.50
N ASP I 210 -22.94 106.64 31.40
CA ASP I 210 -23.78 106.51 32.60
C ASP I 210 -23.28 105.41 33.51
N ALA I 211 -22.68 104.36 32.95
CA ALA I 211 -22.19 103.26 33.78
C ALA I 211 -21.09 103.72 34.73
N GLY I 212 -20.31 104.73 34.34
CA GLY I 212 -19.28 105.25 35.22
C GLY I 212 -17.93 105.36 34.55
N VAL I 213 -17.88 105.15 33.23
CA VAL I 213 -16.64 105.26 32.50
C VAL I 213 -16.28 106.74 32.32
N ILE I 214 -14.99 107.00 32.11
CA ILE I 214 -14.46 108.35 31.99
C ILE I 214 -13.88 108.53 30.60
N TYR I 215 -14.17 109.67 29.99
CA TYR I 215 -13.84 109.92 28.59
C TYR I 215 -12.74 110.98 28.50
N HIS I 216 -11.77 110.74 27.61
CA HIS I 216 -10.70 111.69 27.33
C HIS I 216 -10.65 111.93 25.82
N PRO I 217 -11.58 112.71 25.29
CA PRO I 217 -11.62 112.93 23.84
C PRO I 217 -10.52 113.88 23.37
N ASN I 218 -10.24 113.81 22.07
CA ASN I 218 -9.20 114.63 21.45
C ASN I 218 -7.87 114.46 22.17
N PHE I 219 -7.50 113.21 22.44
CA PHE I 219 -6.30 112.90 23.21
C PHE I 219 -5.56 111.78 22.48
N GLU I 220 -4.60 112.16 21.65
CA GLU I 220 -3.78 111.18 20.95
C GLU I 220 -2.61 110.77 21.82
N VAL I 221 -2.36 109.45 21.90
CA VAL I 221 -1.31 108.94 22.77
C VAL I 221 0.07 109.27 22.20
N GLY I 222 0.16 109.47 20.89
CA GLY I 222 1.46 109.80 20.30
C GLY I 222 1.92 111.20 20.68
N ARG I 223 1.05 112.18 20.50
CA ARG I 223 1.41 113.57 20.79
C ARG I 223 1.27 113.89 22.27
N ASP I 224 0.05 113.76 22.79
CA ASP I 224 -0.28 114.26 24.13
C ASP I 224 0.08 113.29 25.24
N ALA I 225 0.79 112.20 24.96
CA ALA I 225 1.12 111.23 25.98
C ALA I 225 2.30 110.39 25.51
N SER I 226 2.59 109.32 26.24
CA SER I 226 3.64 108.37 25.93
C SER I 226 3.35 107.09 26.69
N LEU I 227 3.77 105.96 26.12
CA LEU I 227 3.37 104.67 26.70
C LEU I 227 3.85 104.48 28.13
N PRO I 228 5.11 104.75 28.49
CA PRO I 228 5.51 104.56 29.90
C PRO I 228 4.69 105.37 30.87
N GLU I 229 4.24 106.57 30.49
CA GLU I 229 3.37 107.35 31.35
C GLU I 229 2.11 106.57 31.71
N LEU I 230 1.44 106.02 30.70
CA LEU I 230 0.21 105.28 30.95
C LEU I 230 0.48 103.97 31.69
N ARG I 231 1.63 103.34 31.42
CA ARG I 231 1.99 102.13 32.14
C ARG I 231 2.21 102.42 33.62
N ARG I 232 2.75 103.60 33.94
CA ARG I 232 2.97 103.97 35.33
C ARG I 232 1.69 104.42 36.01
N LYS I 233 0.77 105.04 35.26
CA LYS I 233 -0.47 105.54 35.86
C LYS I 233 -1.36 104.39 36.33
N HIS I 234 -1.80 103.55 35.39
CA HIS I 234 -2.74 102.48 35.71
C HIS I 234 -2.00 101.17 35.94
N VAL I 235 -2.74 100.14 36.36
CA VAL I 235 -2.16 98.82 36.53
C VAL I 235 -2.03 98.08 35.20
N ALA I 236 -2.86 98.40 34.21
CA ALA I 236 -2.79 97.76 32.91
C ALA I 236 -3.36 98.70 31.87
N VAL I 237 -2.90 98.53 30.63
CA VAL I 237 -3.35 99.34 29.51
C VAL I 237 -3.56 98.42 28.31
N LEU I 238 -4.66 98.66 27.58
CA LEU I 238 -5.08 97.81 26.48
C LEU I 238 -4.91 98.58 25.17
N VAL I 239 -4.02 98.09 24.31
CA VAL I 239 -3.75 98.72 23.02
C VAL I 239 -4.81 98.25 22.03
N ALA I 240 -5.71 99.14 21.64
CA ALA I 240 -6.76 98.84 20.68
C ALA I 240 -6.88 99.97 19.66
N THR I 241 -5.73 100.40 19.12
CA THR I 241 -5.70 101.57 18.25
C THR I 241 -6.23 101.28 16.86
N GLY I 242 -6.39 100.03 16.47
CA GLY I 242 -6.92 99.72 15.16
C GLY I 242 -5.89 99.83 14.05
N VAL I 243 -6.41 99.85 12.82
CA VAL I 243 -5.58 99.90 11.61
C VAL I 243 -5.96 101.13 10.81
N TYR I 244 -4.97 101.95 10.47
CA TYR I 244 -5.26 103.20 9.78
C TYR I 244 -4.31 103.57 8.66
N LYS I 245 -3.13 102.96 8.55
CA LYS I 245 -2.18 103.32 7.50
C LYS I 245 -2.68 102.77 6.17
N ALA I 246 -3.17 103.65 5.29
CA ALA I 246 -3.75 103.24 4.03
C ALA I 246 -2.68 102.84 3.02
N ARG I 247 -3.13 102.39 1.86
CA ARG I 247 -2.26 101.94 0.79
C ARG I 247 -2.20 102.97 -0.34
N ASP I 248 -1.18 102.84 -1.18
CA ASP I 248 -0.96 103.74 -2.29
C ASP I 248 -0.77 102.93 -3.57
N ILE I 249 -0.70 103.64 -4.70
CA ILE I 249 -0.48 103.02 -6.00
C ILE I 249 0.56 103.84 -6.77
N LYS I 250 1.53 103.14 -7.34
CA LYS I 250 2.53 103.72 -8.23
C LYS I 250 2.06 103.59 -9.67
N ALA I 251 1.95 104.71 -10.36
CA ALA I 251 1.44 104.71 -11.73
C ALA I 251 1.93 105.96 -12.44
N PRO I 252 2.17 105.89 -13.75
CA PRO I 252 2.50 107.10 -14.51
C PRO I 252 1.32 108.07 -14.49
N GLY I 253 1.52 109.20 -13.83
CA GLY I 253 0.46 110.16 -13.61
C GLY I 253 -0.29 110.00 -12.30
N SER I 254 0.30 109.34 -11.31
CA SER I 254 -0.33 109.13 -10.01
C SER I 254 -0.08 110.28 -9.05
N GLY I 255 0.28 111.46 -9.56
CA GLY I 255 0.52 112.61 -8.71
C GLY I 255 -0.34 113.80 -9.08
N LEU I 256 -1.37 113.56 -9.89
CA LEU I 256 -2.26 114.63 -10.33
C LEU I 256 -3.18 115.03 -9.19
N GLY I 257 -4.16 115.88 -9.50
CA GLY I 257 -5.14 116.28 -8.51
C GLY I 257 -6.35 115.38 -8.50
N ASN I 258 -7.21 115.60 -7.49
CA ASN I 258 -8.48 114.88 -7.32
C ASN I 258 -8.29 113.38 -7.16
N ILE I 259 -7.08 112.92 -6.84
CA ILE I 259 -6.84 111.53 -6.48
C ILE I 259 -7.10 111.40 -4.99
N VAL I 260 -8.33 111.08 -4.64
CA VAL I 260 -8.80 111.14 -3.25
C VAL I 260 -8.74 109.76 -2.62
N ALA I 261 -8.49 109.74 -1.32
CA ALA I 261 -8.55 108.51 -0.53
C ALA I 261 -9.96 108.29 0.00
N ALA I 262 -10.26 107.03 0.32
CA ALA I 262 -11.61 106.68 0.72
C ALA I 262 -11.94 107.19 2.11
N LEU I 263 -11.00 107.06 3.05
CA LEU I 263 -11.29 107.40 4.44
C LEU I 263 -11.62 108.87 4.60
N ASP I 264 -10.93 109.74 3.85
CA ASP I 264 -11.20 111.17 3.93
C ASP I 264 -12.60 111.49 3.42
N TYR I 265 -12.98 110.92 2.28
CA TYR I 265 -14.32 111.11 1.76
C TYR I 265 -15.37 110.66 2.76
N LEU I 266 -15.17 109.50 3.38
CA LEU I 266 -16.16 108.98 4.31
C LEU I 266 -16.24 109.84 5.56
N THR I 267 -15.09 110.28 6.08
CA THR I 267 -15.08 111.15 7.25
C THR I 267 -15.82 112.45 6.96
N THR I 268 -15.56 113.06 5.80
CA THR I 268 -16.21 114.32 5.49
C THR I 268 -17.70 114.12 5.24
N SER I 269 -18.08 113.00 4.63
CA SER I 269 -19.50 112.72 4.41
C SER I 269 -20.24 112.59 5.72
N ASN I 270 -19.71 111.79 6.65
CA ASN I 270 -20.36 111.62 7.94
C ASN I 270 -20.39 112.94 8.71
N LYS I 271 -19.31 113.72 8.64
CA LYS I 271 -19.29 115.00 9.34
C LYS I 271 -20.34 115.95 8.80
N VAL I 272 -20.39 116.15 7.48
CA VAL I 272 -21.36 117.08 6.91
C VAL I 272 -22.77 116.57 7.15
N SER I 273 -22.96 115.24 7.21
CA SER I 273 -24.26 114.71 7.60
C SER I 273 -24.58 115.04 9.05
N LEU I 274 -23.55 115.16 9.89
CA LEU I 274 -23.75 115.62 11.26
C LEU I 274 -23.62 117.14 11.38
N GLY I 275 -22.67 117.74 10.69
CA GLY I 275 -22.53 119.18 10.68
C GLY I 275 -21.05 119.58 10.63
N ASP I 276 -20.71 120.58 11.43
CA ASP I 276 -19.34 121.05 11.65
C ASP I 276 -18.77 121.80 10.44
N THR I 277 -19.49 121.77 9.32
CA THR I 277 -19.23 122.61 8.15
C THR I 277 -17.73 122.64 7.78
N VAL I 278 -17.25 121.48 7.35
CA VAL I 278 -15.92 121.42 6.75
C VAL I 278 -15.94 122.17 5.43
N GLU I 279 -14.86 122.91 5.14
CA GLU I 279 -14.84 123.76 3.96
C GLU I 279 -14.64 122.96 2.68
N ALA I 280 -13.95 121.82 2.77
CA ALA I 280 -13.69 121.00 1.61
C ALA I 280 -14.96 120.44 0.98
N TYR I 281 -16.07 120.41 1.72
CA TYR I 281 -17.36 120.11 1.11
C TYR I 281 -17.89 121.29 0.30
N GLU I 282 -17.51 122.51 0.68
CA GLU I 282 -17.93 123.69 -0.08
C GLU I 282 -16.98 123.94 -1.26
N ASN I 283 -15.71 124.18 -0.98
CA ASN I 283 -14.69 124.40 -2.00
C ASN I 283 -13.64 123.30 -1.88
N GLY I 284 -13.90 122.19 -2.57
CA GLY I 284 -12.98 121.05 -2.55
C GLY I 284 -13.56 119.93 -3.36
N SER I 285 -12.70 118.97 -3.67
CA SER I 285 -13.06 117.82 -4.50
C SER I 285 -13.63 116.67 -3.68
N LEU I 286 -14.07 116.93 -2.44
CA LEU I 286 -14.71 115.92 -1.61
C LEU I 286 -16.21 115.87 -1.83
N ASN I 287 -16.68 116.38 -2.97
CA ASN I 287 -18.08 116.27 -3.36
C ASN I 287 -18.13 115.68 -4.77
N ALA I 288 -19.25 115.04 -5.08
CA ALA I 288 -19.47 114.41 -6.38
C ALA I 288 -20.83 114.79 -6.92
N ALA I 289 -21.14 116.08 -6.88
CA ALA I 289 -22.46 116.56 -7.31
C ALA I 289 -22.72 116.23 -8.77
N GLY I 290 -21.92 116.81 -9.67
CA GLY I 290 -22.11 116.58 -11.09
C GLY I 290 -20.88 116.07 -11.80
N LYS I 291 -20.12 115.20 -11.14
CA LYS I 291 -18.89 114.67 -11.71
C LYS I 291 -19.01 113.17 -11.94
N HIS I 292 -18.04 112.64 -12.69
CA HIS I 292 -17.95 111.21 -12.96
C HIS I 292 -17.03 110.58 -11.93
N VAL I 293 -17.55 109.61 -11.18
CA VAL I 293 -16.83 108.98 -10.08
C VAL I 293 -16.30 107.62 -10.53
N VAL I 294 -15.05 107.34 -10.18
CA VAL I 294 -14.44 106.03 -10.43
C VAL I 294 -13.67 105.62 -9.18
N VAL I 295 -14.04 104.49 -8.60
CA VAL I 295 -13.41 104.00 -7.38
C VAL I 295 -12.56 102.78 -7.72
N LEU I 296 -11.38 102.72 -7.11
CA LEU I 296 -10.48 101.59 -7.27
C LEU I 296 -10.50 100.71 -6.03
N GLY I 297 -9.91 99.54 -6.16
CA GLY I 297 -9.90 98.57 -5.08
C GLY I 297 -11.25 97.91 -4.90
N GLY I 298 -11.27 96.87 -4.06
CA GLY I 298 -12.47 96.11 -3.80
C GLY I 298 -12.73 95.95 -2.31
N GLY I 299 -13.86 95.35 -2.01
CA GLY I 299 -14.29 95.11 -0.65
C GLY I 299 -15.48 95.97 -0.27
N ASP I 300 -15.86 95.88 1.00
CA ASP I 300 -16.99 96.64 1.51
C ASP I 300 -16.71 98.13 1.54
N THR I 301 -15.45 98.51 1.73
CA THR I 301 -15.08 99.93 1.68
C THR I 301 -15.48 100.56 0.36
N ALA I 302 -15.19 99.87 -0.75
CA ALA I 302 -15.55 100.39 -2.06
C ALA I 302 -17.06 100.51 -2.22
N MET I 303 -17.81 99.53 -1.69
CA MET I 303 -19.26 99.59 -1.75
C MET I 303 -19.77 100.83 -1.02
N ASP I 304 -19.31 101.03 0.22
CA ASP I 304 -19.72 102.20 0.99
C ASP I 304 -19.39 103.49 0.25
N CYS I 305 -18.19 103.54 -0.34
CA CYS I 305 -17.76 104.75 -1.04
C CYS I 305 -18.65 105.04 -2.24
N VAL I 306 -18.88 104.03 -3.08
CA VAL I 306 -19.65 104.29 -4.29
C VAL I 306 -21.10 104.60 -3.95
N ARG I 307 -21.64 104.00 -2.89
CA ARG I 307 -23.01 104.31 -2.51
C ARG I 307 -23.12 105.73 -1.97
N THR I 308 -22.25 106.10 -1.01
CA THR I 308 -22.31 107.46 -0.49
C THR I 308 -21.94 108.50 -1.54
N ALA I 309 -21.30 108.09 -2.63
CA ALA I 309 -21.07 109.01 -3.74
C ALA I 309 -22.33 109.17 -4.59
N ILE I 310 -22.97 108.05 -4.94
CA ILE I 310 -24.18 108.12 -5.76
C ILE I 310 -25.33 108.78 -5.01
N ARG I 311 -25.25 108.87 -3.68
CA ARG I 311 -26.29 109.61 -2.96
C ARG I 311 -26.20 111.11 -3.22
N GLN I 312 -24.99 111.64 -3.40
CA GLN I 312 -24.80 113.08 -3.61
C GLN I 312 -24.68 113.39 -5.11
N GLY I 313 -25.72 113.06 -5.86
CA GLY I 313 -25.72 113.31 -7.28
C GLY I 313 -24.98 112.24 -8.06
N ALA I 314 -23.78 112.57 -8.55
CA ALA I 314 -22.89 111.60 -9.20
C ALA I 314 -23.58 110.94 -10.40
N THR I 315 -23.82 111.77 -11.42
CA THR I 315 -24.55 111.37 -12.62
C THR I 315 -24.13 110.01 -13.18
N SER I 316 -22.88 109.61 -12.95
CA SER I 316 -22.41 108.30 -13.39
C SER I 316 -21.29 107.83 -12.47
N VAL I 317 -21.41 106.59 -11.98
CA VAL I 317 -20.43 106.00 -11.09
C VAL I 317 -19.97 104.68 -11.66
N LYS I 318 -18.71 104.33 -11.39
CA LYS I 318 -18.13 103.08 -11.84
C LYS I 318 -17.20 102.54 -10.76
N CYS I 319 -16.97 101.23 -10.82
CA CYS I 319 -16.10 100.56 -9.88
C CYS I 319 -15.27 99.52 -10.61
N LEU I 320 -13.96 99.51 -10.39
CA LEU I 320 -13.03 98.62 -11.08
C LEU I 320 -12.43 97.65 -10.06
N TYR I 321 -12.91 96.40 -10.09
CA TYR I 321 -12.37 95.34 -9.26
C TYR I 321 -11.54 94.38 -10.11
N ARG I 322 -10.51 93.81 -9.50
CA ARG I 322 -9.53 93.00 -10.22
C ARG I 322 -9.76 91.50 -10.03
N ARG I 323 -10.96 91.09 -9.63
CA ARG I 323 -11.28 89.68 -9.47
C ARG I 323 -12.71 89.46 -9.94
N ASP I 324 -13.24 88.28 -9.64
CA ASP I 324 -14.58 87.90 -10.08
C ASP I 324 -15.62 88.27 -9.02
N ARG I 325 -16.88 88.27 -9.44
CA ARG I 325 -17.97 88.72 -8.58
C ARG I 325 -18.11 87.83 -7.34
N LYS I 326 -17.98 86.52 -7.52
CA LYS I 326 -18.16 85.59 -6.41
C LYS I 326 -17.08 85.72 -5.35
N ASN I 327 -15.94 86.30 -5.67
CA ASN I 327 -14.84 86.45 -4.73
C ASN I 327 -14.82 87.82 -4.06
N MET I 328 -16.00 88.42 -3.88
CA MET I 328 -16.08 89.73 -3.25
C MET I 328 -15.77 89.61 -1.77
N PRO I 329 -14.82 90.39 -1.24
CA PRO I 329 -14.51 90.30 0.20
C PRO I 329 -15.64 90.77 1.10
N GLY I 330 -16.68 91.39 0.55
CA GLY I 330 -17.86 91.76 1.30
C GLY I 330 -19.02 90.84 1.00
N SER I 331 -20.22 91.31 1.33
CA SER I 331 -21.43 90.55 1.06
C SER I 331 -21.94 90.86 -0.34
N GLN I 332 -22.98 90.13 -0.75
CA GLN I 332 -23.55 90.27 -2.07
C GLN I 332 -24.98 90.81 -2.05
N ARG I 333 -25.59 90.95 -0.87
CA ARG I 333 -26.90 91.59 -0.79
C ARG I 333 -26.82 93.02 -1.30
N GLU I 334 -25.94 93.81 -0.70
CA GLU I 334 -25.82 95.23 -0.99
C GLU I 334 -24.95 95.50 -2.22
N VAL I 335 -24.21 94.52 -2.72
CA VAL I 335 -23.75 94.62 -4.11
C VAL I 335 -24.94 94.69 -5.04
N ALA I 336 -25.95 93.85 -4.79
CA ALA I 336 -27.19 93.93 -5.55
C ALA I 336 -27.93 95.22 -5.26
N HIS I 337 -27.84 95.73 -4.03
CA HIS I 337 -28.45 97.03 -3.73
C HIS I 337 -27.83 98.14 -4.57
N ALA I 338 -26.50 98.14 -4.67
CA ALA I 338 -25.81 99.14 -5.49
C ALA I 338 -26.19 98.97 -6.96
N GLU I 339 -26.32 97.73 -7.42
CA GLU I 339 -26.77 97.51 -8.79
C GLU I 339 -28.20 98.02 -9.00
N GLU I 340 -29.04 97.94 -7.97
CA GLU I 340 -30.38 98.50 -8.06
C GLU I 340 -30.36 100.03 -8.07
N GLU I 341 -29.45 100.63 -7.31
CA GLU I 341 -29.42 102.07 -7.14
C GLU I 341 -28.85 102.79 -8.37
N GLY I 342 -28.17 102.08 -9.26
CA GLY I 342 -27.70 102.69 -10.49
C GLY I 342 -26.22 102.55 -10.74
N VAL I 343 -25.52 101.82 -9.87
CA VAL I 343 -24.08 101.65 -10.02
C VAL I 343 -23.79 100.70 -11.18
N GLU I 344 -22.68 100.96 -11.86
CA GLU I 344 -22.22 100.15 -12.99
C GLU I 344 -20.87 99.55 -12.62
N PHE I 345 -20.73 98.25 -12.84
CA PHE I 345 -19.56 97.51 -12.37
C PHE I 345 -18.74 96.99 -13.55
N ILE I 346 -17.44 96.87 -13.31
CA ILE I 346 -16.51 96.24 -14.26
C ILE I 346 -15.67 95.24 -13.48
N TRP I 347 -15.92 93.95 -13.68
CA TRP I 347 -15.19 92.90 -13.01
C TRP I 347 -13.95 92.53 -13.81
N GLN I 348 -12.93 92.03 -13.10
CA GLN I 348 -11.68 91.58 -13.70
C GLN I 348 -11.03 92.71 -14.52
N ALA I 349 -10.70 93.79 -13.82
CA ALA I 349 -10.08 94.94 -14.44
C ALA I 349 -9.07 95.55 -13.47
N ALA I 350 -7.86 95.82 -13.95
CA ALA I 350 -6.81 96.39 -13.14
C ALA I 350 -6.32 97.69 -13.75
N PRO I 351 -6.41 98.81 -13.04
CA PRO I 351 -5.96 100.08 -13.61
C PRO I 351 -4.44 100.18 -13.62
N GLU I 352 -3.93 100.87 -14.65
CA GLU I 352 -2.50 101.04 -14.81
C GLU I 352 -2.09 102.52 -14.79
N GLY I 353 -2.89 103.41 -15.37
CA GLY I 353 -2.47 104.80 -15.44
C GLY I 353 -3.61 105.77 -15.31
N PHE I 354 -3.26 107.03 -15.09
CA PHE I 354 -4.22 108.13 -15.04
C PHE I 354 -3.80 109.18 -16.06
N THR I 355 -4.61 109.35 -17.10
CA THR I 355 -4.33 110.34 -18.13
C THR I 355 -4.97 111.67 -17.76
N GLY I 356 -4.19 112.75 -17.89
CA GLY I 356 -4.63 114.08 -17.54
C GLY I 356 -3.47 115.05 -17.64
N ASP I 357 -3.77 116.30 -17.32
CA ASP I 357 -2.78 117.37 -17.40
C ASP I 357 -2.45 117.97 -16.05
N THR I 358 -3.47 118.37 -15.27
CA THR I 358 -3.25 118.80 -13.90
C THR I 358 -4.19 118.04 -12.97
N VAL I 359 -5.36 117.67 -13.47
CA VAL I 359 -6.30 116.83 -12.75
C VAL I 359 -6.66 115.65 -13.64
N VAL I 360 -6.90 114.50 -12.99
CA VAL I 360 -7.17 113.28 -13.73
C VAL I 360 -8.46 113.45 -14.54
N THR I 361 -8.36 113.22 -15.85
CA THR I 361 -9.53 113.23 -16.72
C THR I 361 -9.86 111.86 -17.29
N GLY I 362 -8.97 110.88 -17.15
CA GLY I 362 -9.29 109.52 -17.55
C GLY I 362 -8.41 108.54 -16.82
N VAL I 363 -8.87 107.29 -16.78
CA VAL I 363 -8.14 106.19 -16.16
C VAL I 363 -7.93 105.12 -17.22
N ARG I 364 -6.67 104.85 -17.53
CA ARG I 364 -6.30 103.80 -18.48
C ARG I 364 -6.11 102.49 -17.73
N ALA I 365 -6.92 101.51 -18.05
CA ALA I 365 -6.92 100.22 -17.38
C ALA I 365 -6.72 99.09 -18.38
N VAL I 366 -6.34 97.94 -17.85
CA VAL I 366 -6.15 96.73 -18.63
C VAL I 366 -7.01 95.63 -18.03
N ARG I 367 -7.50 94.74 -18.89
CA ARG I 367 -8.31 93.62 -18.47
C ARG I 367 -7.41 92.43 -18.18
N ILE I 368 -7.74 91.65 -17.16
CA ILE I 368 -6.95 90.50 -16.76
C ILE I 368 -7.80 89.24 -16.89
N HIS I 369 -7.16 88.09 -16.71
CA HIS I 369 -7.81 86.80 -16.81
C HIS I 369 -7.34 85.90 -15.69
N LEU I 370 -8.28 85.25 -15.01
CA LEU I 370 -7.98 84.43 -13.84
C LEU I 370 -7.85 82.97 -14.24
N GLY I 371 -6.78 82.33 -13.78
CA GLY I 371 -6.58 80.93 -14.01
C GLY I 371 -7.32 80.06 -13.02
N VAL I 372 -7.26 78.75 -13.24
CA VAL I 372 -7.91 77.81 -12.34
C VAL I 372 -7.09 77.64 -11.07
N ALA I 373 -7.77 77.28 -9.99
CA ALA I 373 -7.11 77.12 -8.70
C ALA I 373 -6.20 75.89 -8.71
N ASP I 374 -5.21 75.89 -7.83
CA ASP I 374 -4.27 74.79 -7.71
C ASP I 374 -4.88 73.67 -6.89
N ALA I 375 -4.06 72.73 -6.45
CA ALA I 375 -4.49 71.78 -5.42
C ALA I 375 -4.69 72.44 -4.07
N THR I 376 -4.57 73.78 -3.97
CA THR I 376 -4.79 74.49 -2.72
C THR I 376 -5.81 75.62 -2.83
N GLY I 377 -6.48 75.79 -3.97
CA GLY I 377 -7.52 76.79 -4.10
C GLY I 377 -7.02 78.22 -4.13
N ARG I 378 -6.32 78.59 -5.20
CA ARG I 378 -5.58 79.86 -5.22
C ARG I 378 -5.27 80.22 -6.68
N GLN I 379 -5.96 81.25 -7.19
CA GLN I 379 -5.95 81.57 -8.61
C GLN I 379 -4.86 82.58 -8.95
N THR I 380 -4.13 82.30 -10.04
CA THR I 380 -3.05 83.17 -10.48
C THR I 380 -3.52 84.03 -11.65
N PRO I 381 -3.78 85.32 -11.44
CA PRO I 381 -4.24 86.17 -12.55
C PRO I 381 -3.11 86.54 -13.49
N GLN I 382 -3.45 86.63 -14.78
CA GLN I 382 -2.49 86.98 -15.81
C GLN I 382 -3.05 88.10 -16.67
N VAL I 383 -2.17 88.97 -17.14
CA VAL I 383 -2.60 90.12 -17.92
C VAL I 383 -3.08 89.67 -19.28
N ILE I 384 -4.32 90.04 -19.64
CA ILE I 384 -4.73 89.89 -21.03
C ILE I 384 -3.86 90.78 -21.88
N GLU I 385 -3.11 90.17 -22.79
CA GLU I 385 -1.92 90.81 -23.33
C GLU I 385 -2.31 91.85 -24.38
N GLY I 386 -3.48 91.70 -24.98
CA GLY I 386 -3.89 92.56 -26.08
C GLY I 386 -4.77 93.76 -25.76
N SER I 387 -5.87 93.53 -25.05
CA SER I 387 -6.92 94.55 -24.92
C SER I 387 -6.61 95.49 -23.77
N GLU I 388 -6.67 96.80 -24.04
CA GLU I 388 -6.43 97.84 -23.05
C GLU I 388 -7.44 98.97 -23.30
N PHE I 389 -8.15 99.39 -22.26
CA PHE I 389 -9.23 100.36 -22.43
C PHE I 389 -9.00 101.55 -21.50
N THR I 390 -9.89 102.54 -21.60
CA THR I 390 -9.80 103.76 -20.81
C THR I 390 -11.20 104.26 -20.49
N VAL I 391 -11.41 104.64 -19.24
CA VAL I 391 -12.68 105.21 -18.79
C VAL I 391 -12.43 106.66 -18.36
N GLN I 392 -13.14 107.59 -19.00
CA GLN I 392 -12.95 109.00 -18.69
C GLN I 392 -13.61 109.30 -17.36
N ALA I 393 -12.85 109.88 -16.44
CA ALA I 393 -13.32 110.08 -15.07
C ALA I 393 -12.98 111.47 -14.59
N ASP I 394 -13.93 112.10 -13.90
CA ASP I 394 -13.71 113.42 -13.33
C ASP I 394 -13.20 113.38 -11.89
N LEU I 395 -13.34 112.24 -11.21
CA LEU I 395 -12.91 112.11 -9.83
C LEU I 395 -12.70 110.64 -9.51
N VAL I 396 -11.49 110.30 -9.08
CA VAL I 396 -11.16 108.93 -8.72
C VAL I 396 -10.94 108.84 -7.21
N ILE I 397 -11.23 107.65 -6.67
CA ILE I 397 -11.15 107.39 -5.25
C ILE I 397 -10.40 106.09 -5.04
N LYS I 398 -9.23 106.16 -4.42
CA LYS I 398 -8.42 104.99 -4.15
C LYS I 398 -8.86 104.37 -2.83
N ALA I 399 -9.35 103.13 -2.89
CA ALA I 399 -9.83 102.39 -1.73
C ALA I 399 -9.24 100.99 -1.73
N LEU I 400 -7.92 100.92 -1.91
CA LEU I 400 -7.25 99.63 -2.04
C LEU I 400 -7.37 98.81 -0.76
N GLY I 401 -6.88 99.34 0.36
CA GLY I 401 -6.95 98.61 1.61
C GLY I 401 -6.40 99.38 2.79
N PHE I 402 -5.84 98.66 3.75
CA PHE I 402 -5.29 99.27 4.95
C PHE I 402 -4.15 98.40 5.47
N GLU I 403 -3.26 99.03 6.23
CA GLU I 403 -2.10 98.36 6.80
C GLU I 403 -1.83 98.96 8.18
N PRO I 404 -1.26 98.20 9.09
CA PRO I 404 -0.99 98.74 10.43
C PRO I 404 0.11 99.79 10.40
N GLU I 405 0.12 100.63 11.43
CA GLU I 405 1.12 101.68 11.57
C GLU I 405 2.38 101.12 12.21
N ASP I 406 3.38 101.99 12.36
CA ASP I 406 4.64 101.61 13.01
C ASP I 406 4.49 101.96 14.48
N LEU I 407 3.89 101.05 15.24
CA LEU I 407 3.59 101.34 16.65
C LEU I 407 4.84 101.39 17.51
N PRO I 408 5.79 100.45 17.44
CA PRO I 408 6.95 100.53 18.33
C PRO I 408 7.76 101.81 18.19
N ASN I 409 7.79 102.40 17.00
CA ASN I 409 8.48 103.67 16.80
C ASN I 409 7.59 104.88 17.03
N ALA I 410 6.27 104.69 17.10
CA ALA I 410 5.36 105.78 17.42
C ALA I 410 4.91 105.77 18.87
N PHE I 411 5.07 104.65 19.57
CA PHE I 411 4.73 104.56 21.00
C PHE I 411 5.94 104.67 21.90
N ASP I 412 7.04 105.25 21.40
CA ASP I 412 8.25 105.54 22.15
C ASP I 412 8.95 104.29 22.70
N GLU I 413 8.49 103.10 22.32
CA GLU I 413 9.00 101.84 22.86
C GLU I 413 9.36 100.90 21.73
N PRO I 414 10.64 100.79 21.37
CA PRO I 414 11.02 99.91 20.25
C PRO I 414 11.19 98.45 20.65
N GLU I 415 10.69 98.07 21.82
CA GLU I 415 10.83 96.72 22.32
C GLU I 415 9.60 95.86 22.06
N LEU I 416 8.47 96.46 21.73
CA LEU I 416 7.28 95.70 21.40
C LEU I 416 7.51 94.90 20.11
N LYS I 417 7.17 93.62 20.14
CA LYS I 417 7.37 92.77 18.98
C LYS I 417 6.11 92.69 18.14
N VAL I 418 6.28 92.91 16.83
CA VAL I 418 5.20 92.88 15.85
C VAL I 418 5.62 91.95 14.72
N THR I 419 4.64 91.53 13.93
CA THR I 419 4.91 90.66 12.79
C THR I 419 5.45 91.50 11.63
N ARG I 420 5.61 90.87 10.47
CA ARG I 420 6.10 91.59 9.30
C ARG I 420 5.08 92.61 8.82
N TRP I 421 3.80 92.25 8.81
CA TRP I 421 2.76 93.15 8.34
C TRP I 421 2.48 94.28 9.34
N GLY I 422 2.72 94.05 10.62
CA GLY I 422 2.45 95.03 11.66
C GLY I 422 1.56 94.54 12.77
N THR I 423 0.86 93.43 12.58
CA THR I 423 0.04 92.85 13.64
C THR I 423 0.95 92.31 14.73
N LEU I 424 0.91 92.93 15.91
CA LEU I 424 1.84 92.58 16.97
C LEU I 424 1.52 91.20 17.55
N LEU I 425 2.58 90.51 17.97
CA LEU I 425 2.43 89.15 18.49
C LEU I 425 1.63 89.14 19.78
N VAL I 426 0.71 88.19 19.89
CA VAL I 426 -0.17 88.06 21.05
C VAL I 426 -0.27 86.59 21.41
N ASP I 427 -0.07 86.27 22.68
CA ASP I 427 -0.30 84.90 23.14
C ASP I 427 -1.79 84.60 23.13
N HIS I 428 -2.12 83.35 22.80
CA HIS I 428 -3.53 82.98 22.66
C HIS I 428 -4.23 82.79 24.00
N ARG I 429 -3.48 82.66 25.08
CA ARG I 429 -4.09 82.35 26.37
C ARG I 429 -4.62 83.61 27.06
N THR I 430 -3.72 84.54 27.38
CA THR I 430 -4.08 85.72 28.16
C THR I 430 -4.07 87.01 27.36
N LYS I 431 -3.76 86.94 26.07
CA LYS I 431 -3.76 88.12 25.18
C LYS I 431 -2.74 89.16 25.63
N MET I 432 -1.57 88.71 26.06
CA MET I 432 -0.50 89.60 26.48
C MET I 432 0.40 89.93 25.28
N THR I 433 0.96 91.14 25.31
CA THR I 433 1.98 91.53 24.35
C THR I 433 3.33 90.96 24.77
N ASN I 434 4.41 91.43 24.13
CA ASN I 434 5.74 91.01 24.55
C ASN I 434 6.09 91.57 25.93
N MET I 435 5.86 92.87 26.13
CA MET I 435 6.17 93.50 27.42
C MET I 435 5.26 92.97 28.51
N ASP I 436 5.58 93.35 29.74
CA ASP I 436 4.86 92.88 30.92
C ASP I 436 3.77 93.87 31.31
N GLY I 437 2.60 93.33 31.66
CA GLY I 437 1.50 94.13 32.15
C GLY I 437 0.66 94.81 31.10
N VAL I 438 1.17 94.99 29.89
CA VAL I 438 0.45 95.66 28.82
C VAL I 438 -0.12 94.61 27.87
N PHE I 439 -1.40 94.77 27.53
CA PHE I 439 -2.13 93.84 26.68
C PHE I 439 -2.55 94.56 25.41
N ALA I 440 -2.88 93.77 24.38
CA ALA I 440 -3.35 94.33 23.12
C ALA I 440 -4.17 93.27 22.40
N ALA I 441 -5.40 93.62 22.04
CA ALA I 441 -6.29 92.70 21.35
C ALA I 441 -7.36 93.50 20.63
N GLY I 442 -7.76 93.01 19.47
CA GLY I 442 -8.79 93.68 18.70
C GLY I 442 -8.57 93.56 17.21
N ASP I 443 -8.52 94.69 16.52
CA ASP I 443 -8.35 94.69 15.07
C ASP I 443 -6.88 94.70 14.69
N ILE I 444 -6.05 95.43 15.43
CA ILE I 444 -4.61 95.49 15.12
C ILE I 444 -3.93 94.14 15.17
N VAL I 445 -4.59 93.11 15.70
CA VAL I 445 -3.99 91.78 15.77
C VAL I 445 -4.50 90.84 14.68
N ARG I 446 -5.67 91.11 14.09
CA ARG I 446 -6.25 90.24 13.07
C ARG I 446 -5.91 90.70 11.66
N GLY I 447 -6.31 91.91 11.30
CA GLY I 447 -6.14 92.39 9.94
C GLY I 447 -7.32 93.22 9.46
N ALA I 448 -7.98 92.78 8.39
CA ALA I 448 -9.21 93.42 7.91
C ALA I 448 -10.43 92.60 8.34
N SER I 449 -10.62 92.49 9.65
CA SER I 449 -11.68 91.66 10.20
C SER I 449 -12.96 92.47 10.35
N LEU I 450 -13.95 91.91 11.04
CA LEU I 450 -15.27 92.49 11.20
C LEU I 450 -15.47 93.01 12.62
N VAL I 451 -16.69 93.45 12.91
CA VAL I 451 -16.98 94.06 14.20
C VAL I 451 -17.10 93.01 15.29
N VAL I 452 -17.85 91.93 15.01
CA VAL I 452 -18.07 90.90 16.02
C VAL I 452 -16.75 90.28 16.46
N TRP I 453 -15.80 90.15 15.54
CA TRP I 453 -14.49 89.63 15.90
C TRP I 453 -13.79 90.56 16.88
N ALA I 454 -13.91 91.86 16.64
CA ALA I 454 -13.33 92.84 17.57
C ALA I 454 -13.99 92.76 18.93
N ILE I 455 -15.30 92.55 18.96
CA ILE I 455 -16.00 92.43 20.24
C ILE I 455 -15.50 91.22 21.02
N ARG I 456 -15.39 90.08 20.33
CA ARG I 456 -14.90 88.87 20.99
C ARG I 456 -13.47 89.05 21.49
N ASP I 457 -12.61 89.65 20.67
CA ASP I 457 -11.24 89.88 21.09
C ASP I 457 -11.18 90.83 22.26
N GLY I 458 -12.06 91.83 22.29
CA GLY I 458 -12.09 92.73 23.43
C GLY I 458 -12.50 92.03 24.70
N ARG I 459 -13.46 91.11 24.62
CA ARG I 459 -13.87 90.36 25.80
C ARG I 459 -12.75 89.44 26.29
N ASP I 460 -12.05 88.79 25.35
CA ASP I 460 -10.86 88.03 25.69
C ASP I 460 -9.84 88.89 26.44
N ALA I 461 -9.52 90.05 25.89
CA ALA I 461 -8.52 90.92 26.51
C ALA I 461 -9.00 91.39 27.88
N ALA I 462 -10.30 91.64 28.03
CA ALA I 462 -10.84 92.06 29.32
C ALA I 462 -10.65 90.97 30.37
N GLU I 463 -11.01 89.73 30.03
CA GLU I 463 -10.85 88.64 30.98
C GLU I 463 -9.38 88.43 31.32
N GLY I 464 -8.51 88.56 30.32
CA GLY I 464 -7.08 88.41 30.57
C GLY I 464 -6.56 89.50 31.51
N ILE I 465 -6.95 90.74 31.26
CA ILE I 465 -6.51 91.86 32.10
C ILE I 465 -7.00 91.66 33.53
N HIS I 466 -8.25 91.22 33.70
CA HIS I 466 -8.77 91.00 35.04
C HIS I 466 -7.98 89.91 35.76
N ALA I 467 -7.74 88.79 35.08
CA ALA I 467 -7.00 87.70 35.69
C ALA I 467 -5.59 88.14 36.08
N TYR I 468 -4.92 88.87 35.18
CA TYR I 468 -3.56 89.31 35.47
C TYR I 468 -3.52 90.29 36.62
N ALA I 469 -4.46 91.23 36.67
CA ALA I 469 -4.50 92.19 37.77
C ALA I 469 -4.72 91.48 39.09
N LYS I 470 -5.66 90.53 39.14
CA LYS I 470 -5.93 89.82 40.38
C LYS I 470 -4.72 89.00 40.83
N ALA I 471 -4.12 88.26 39.89
CA ALA I 471 -2.94 87.45 40.22
C ALA I 471 -1.72 88.30 40.58
N LYS I 472 -1.63 89.52 40.07
CA LYS I 472 -0.60 90.41 40.57
C LYS I 472 -0.98 90.93 41.95
N ALA I 473 -2.29 91.02 42.21
CA ALA I 473 -2.78 91.58 43.46
C ALA I 473 -2.71 90.62 44.64
N GLU I 474 -2.53 89.30 44.42
CA GLU I 474 -2.40 88.42 45.58
C GLU I 474 -1.24 88.87 46.44
N ALA I 475 -0.06 88.98 45.83
CA ALA I 475 1.19 89.19 46.53
C ALA I 475 2.24 89.73 45.56
N GLN J 4 88.28 3.11 16.57
CA GLN J 4 87.26 2.08 16.39
C GLN J 4 85.85 2.68 16.44
N ARG J 5 84.89 1.95 15.87
CA ARG J 5 83.49 2.33 15.97
C ARG J 5 83.09 2.39 17.43
N MET J 6 82.78 3.60 17.91
CA MET J 6 82.73 3.89 19.34
C MET J 6 81.31 3.72 19.86
N LEU J 7 80.97 2.47 20.18
CA LEU J 7 79.73 2.14 20.87
C LEU J 7 80.00 1.09 21.93
N GLY J 8 81.17 1.15 22.55
CA GLY J 8 81.64 0.07 23.39
C GLY J 8 81.13 0.05 24.81
N PHE J 9 80.00 0.70 25.07
CA PHE J 9 79.44 0.63 26.42
C PHE J 9 78.83 -0.72 26.72
N VAL J 10 78.75 -1.62 25.74
CA VAL J 10 78.12 -2.92 25.94
C VAL J 10 79.07 -3.89 26.61
N HIS J 11 80.33 -3.91 26.19
CA HIS J 11 81.29 -4.91 26.65
C HIS J 11 82.42 -4.30 27.47
N THR J 12 82.25 -3.10 27.99
CA THR J 12 83.22 -2.47 28.88
C THR J 12 82.51 -1.93 30.11
N ALA J 13 83.28 -1.71 31.16
CA ALA J 13 82.76 -1.19 32.43
C ALA J 13 83.43 0.13 32.75
N GLN J 14 82.65 1.05 33.30
CA GLN J 14 83.16 2.38 33.63
C GLN J 14 84.08 2.29 34.85
N ARG J 15 85.19 3.03 34.79
CA ARG J 15 86.11 3.08 35.92
C ARG J 15 86.87 4.39 35.88
N MET J 16 86.76 5.16 36.96
CA MET J 16 87.43 6.45 37.06
C MET J 16 88.93 6.25 37.20
N PRO J 17 89.73 7.34 37.06
CA PRO J 17 91.19 7.17 37.11
C PRO J 17 91.71 6.75 38.48
N ASP J 18 93.03 6.68 38.60
CA ASP J 18 93.66 6.17 39.81
C ASP J 18 93.34 7.04 41.01
N LYS J 19 93.14 6.40 42.16
CA LYS J 19 92.90 7.11 43.41
C LYS J 19 93.85 6.59 44.49
N ARG J 20 94.18 7.47 45.43
CA ARG J 20 95.05 7.13 46.55
C ARG J 20 94.22 6.74 47.77
N PRO J 21 94.69 5.80 48.58
CA PRO J 21 93.88 5.31 49.70
C PRO J 21 93.65 6.39 50.75
N ALA J 22 92.72 6.09 51.65
CA ALA J 22 92.32 7.08 52.66
C ALA J 22 93.40 7.29 53.70
N ALA J 23 94.06 6.22 54.13
CA ALA J 23 95.09 6.34 55.17
C ALA J 23 96.26 7.19 54.73
N GLU J 24 96.45 7.36 53.41
CA GLU J 24 97.51 8.21 52.88
C GLU J 24 97.01 9.60 52.50
N ARG J 25 95.74 9.72 52.12
CA ARG J 25 95.20 11.01 51.71
C ARG J 25 95.20 12.02 52.85
N ARG J 26 95.00 11.55 54.08
CA ARG J 26 94.75 12.45 55.21
C ARG J 26 95.95 13.34 55.53
N GLN J 27 97.16 12.98 55.09
CA GLN J 27 98.35 13.72 55.50
C GLN J 27 98.57 14.97 54.66
N ASP J 28 98.77 14.79 53.36
CA ASP J 28 99.21 15.88 52.50
C ASP J 28 98.03 16.77 52.13
N PHE J 29 98.27 17.72 51.20
CA PHE J 29 97.25 18.63 50.72
C PHE J 29 97.10 18.59 49.21
N ALA J 30 97.67 17.59 48.54
CA ALA J 30 97.60 17.49 47.09
C ALA J 30 96.25 16.91 46.68
N GLU J 31 96.07 16.65 45.40
CA GLU J 31 94.81 16.12 44.91
C GLU J 31 94.66 14.66 45.30
N ILE J 32 93.47 14.12 45.04
CA ILE J 32 93.16 12.74 45.38
C ILE J 32 93.05 11.83 44.16
N TYR J 33 92.85 12.38 42.97
CA TYR J 33 92.76 11.59 41.76
C TYR J 33 94.07 11.69 40.98
N ALA J 34 94.08 11.13 39.77
CA ALA J 34 95.24 11.19 38.91
C ALA J 34 94.77 11.30 37.47
N ARG J 35 95.70 11.70 36.59
CA ARG J 35 95.37 11.81 35.19
C ARG J 35 95.29 10.42 34.55
N PHE J 36 94.34 10.25 33.63
CA PHE J 36 94.22 9.00 32.90
C PHE J 36 95.54 8.65 32.21
N SER J 37 95.72 7.34 32.01
CA SER J 37 96.74 6.88 31.08
C SER J 37 96.18 6.97 29.66
N ASP J 38 97.05 6.79 28.67
CA ASP J 38 96.63 6.92 27.28
C ASP J 38 95.69 5.80 26.89
N GLU J 39 96.09 4.55 27.14
CA GLU J 39 95.27 3.42 26.75
C GLU J 39 93.98 3.32 27.54
N ARG J 40 93.94 3.89 28.75
CA ARG J 40 92.70 3.92 29.50
C ARG J 40 91.79 5.07 29.10
N ALA J 41 92.35 6.22 28.73
CA ALA J 41 91.52 7.30 28.24
C ALA J 41 90.91 6.96 26.89
N ASN J 42 91.72 6.37 25.99
CA ASN J 42 91.20 5.94 24.69
C ASN J 42 90.17 4.84 24.82
N GLU J 43 90.05 4.21 25.98
CA GLU J 43 89.02 3.20 26.24
C GLU J 43 87.78 3.81 26.89
N GLN J 44 87.97 4.66 27.89
CA GLN J 44 86.83 5.27 28.58
C GLN J 44 86.12 6.32 27.72
N ALA J 45 86.82 6.94 26.77
CA ALA J 45 86.16 7.83 25.84
C ALA J 45 85.47 7.09 24.71
N ASN J 46 85.59 5.77 24.67
CA ASN J 46 84.98 4.96 23.64
C ASN J 46 83.59 4.45 24.02
N ARG J 47 83.21 4.57 25.29
CA ARG J 47 81.89 4.11 25.74
C ARG J 47 80.77 5.03 25.31
N CYS J 48 81.07 6.18 24.72
CA CYS J 48 80.03 7.05 24.20
C CYS J 48 79.23 6.32 23.12
N SER J 49 78.03 6.85 22.85
CA SER J 49 77.16 6.24 21.86
C SER J 49 76.82 7.15 20.70
N GLN J 50 77.32 8.39 20.68
CA GLN J 50 77.01 9.35 19.62
C GLN J 50 75.51 9.47 19.40
N CYS J 51 74.79 9.56 20.51
CA CYS J 51 73.33 9.57 20.47
C CYS J 51 72.81 10.89 19.94
N GLY J 52 71.78 10.80 19.10
CA GLY J 52 71.05 11.99 18.72
C GLY J 52 70.33 12.58 19.91
N VAL J 53 70.14 13.89 19.88
CA VAL J 53 69.61 14.64 21.02
C VAL J 53 70.50 14.32 22.22
N PRO J 54 71.73 14.82 22.26
CA PRO J 54 72.64 14.47 23.36
C PRO J 54 72.29 15.24 24.63
N PHE J 55 71.85 14.52 25.66
CA PHE J 55 71.56 15.14 26.94
C PHE J 55 72.81 15.58 27.66
N CYS J 56 73.99 15.05 27.30
CA CYS J 56 75.23 15.49 27.92
C CYS J 56 75.50 16.96 27.64
N GLN J 57 74.93 17.50 26.56
CA GLN J 57 75.15 18.87 26.17
C GLN J 57 74.01 19.80 26.57
N VAL J 58 72.78 19.29 26.60
CA VAL J 58 71.63 20.10 26.99
C VAL J 58 71.77 20.59 28.43
N HIS J 59 72.40 19.79 29.29
CA HIS J 59 72.45 20.08 30.72
C HIS J 59 73.80 20.62 31.17
N CYS J 60 74.71 20.89 30.25
CA CYS J 60 75.99 21.49 30.61
C CYS J 60 75.88 22.99 30.46
N PRO J 61 76.09 23.78 31.52
CA PRO J 61 75.77 25.22 31.45
C PRO J 61 76.51 25.97 30.37
N VAL J 62 77.72 25.54 30.00
CA VAL J 62 78.44 26.18 28.91
C VAL J 62 78.14 25.50 27.57
N SER J 63 77.62 24.27 27.60
CA SER J 63 77.17 23.56 26.41
C SER J 63 78.32 23.31 25.42
N ASN J 64 79.31 22.56 25.91
CA ASN J 64 80.39 22.12 25.05
C ASN J 64 79.88 21.12 24.02
N ASN J 65 80.65 20.95 22.95
CA ASN J 65 80.34 19.94 21.93
C ASN J 65 80.93 18.60 22.37
N ILE J 66 80.29 18.03 23.39
CA ILE J 66 80.86 16.87 24.07
C ILE J 66 81.05 15.67 23.14
N PRO J 67 80.05 15.23 22.37
CA PRO J 67 80.27 14.05 21.51
C PRO J 67 81.40 14.24 20.53
N ASP J 68 81.65 15.47 20.06
CA ASP J 68 82.64 15.67 19.01
C ASP J 68 84.06 15.45 19.52
N TRP J 69 84.41 16.00 20.68
CA TRP J 69 85.75 15.70 21.16
C TRP J 69 85.83 14.34 21.83
N LEU J 70 84.70 13.79 22.30
CA LEU J 70 84.75 12.39 22.72
C LEU J 70 85.05 11.48 21.54
N LYS J 71 84.60 11.83 20.34
CA LYS J 71 84.95 11.06 19.16
C LYS J 71 86.40 11.32 18.76
N LEU J 72 86.78 12.58 18.63
CA LEU J 72 88.14 12.93 18.22
C LEU J 72 89.19 12.49 19.24
N THR J 73 88.78 12.07 20.44
CA THR J 73 89.72 11.49 21.39
C THR J 73 89.84 9.98 21.23
N SER J 74 88.74 9.32 20.92
CA SER J 74 88.73 7.86 20.75
C SER J 74 89.39 7.40 19.47
N GLU J 75 90.04 8.28 18.72
CA GLU J 75 90.70 7.92 17.47
C GLU J 75 92.07 8.55 17.37
N GLY J 76 92.78 8.68 18.48
CA GLY J 76 93.99 9.48 18.48
C GLY J 76 93.61 10.94 18.35
N ARG J 77 94.23 11.64 17.41
CA ARG J 77 93.81 12.98 17.00
C ARG J 77 93.51 13.89 18.18
N LEU J 78 94.47 14.01 19.08
CA LEU J 78 94.23 14.74 20.32
C LEU J 78 94.24 16.24 20.11
N GLU J 79 95.01 16.73 19.14
CA GLU J 79 95.12 18.17 18.95
C GLU J 79 93.80 18.77 18.45
N GLU J 80 93.17 18.11 17.48
CA GLU J 80 91.88 18.60 17.00
C GLU J 80 90.83 18.54 18.11
N ALA J 81 90.91 17.52 18.96
CA ALA J 81 90.01 17.46 20.11
C ALA J 81 90.24 18.62 21.05
N TYR J 82 91.51 18.98 21.28
CA TYR J 82 91.80 20.15 22.11
C TYR J 82 91.21 21.41 21.49
N GLU J 83 91.36 21.57 20.17
CA GLU J 83 90.76 22.73 19.51
C GLU J 83 89.26 22.78 19.72
N VAL J 84 88.58 21.65 19.50
CA VAL J 84 87.13 21.62 19.63
C VAL J 84 86.71 21.93 21.06
N SER J 85 87.45 21.42 22.05
CA SER J 85 87.10 21.65 23.44
C SER J 85 87.35 23.09 23.84
N GLN J 86 88.46 23.67 23.39
CA GLN J 86 88.83 25.01 23.83
C GLN J 86 87.99 26.07 23.14
N ALA J 87 87.52 25.81 21.92
CA ALA J 87 86.80 26.84 21.17
C ALA J 87 85.46 27.21 21.79
N THR J 88 85.04 26.58 22.90
CA THR J 88 83.78 26.94 23.52
C THR J 88 83.87 27.03 25.04
N ASN J 89 85.07 27.04 25.61
CA ASN J 89 85.23 27.13 27.05
C ASN J 89 86.62 27.66 27.34
N ASN J 90 86.71 28.63 28.26
CA ASN J 90 87.98 29.30 28.50
C ASN J 90 88.84 28.57 29.51
N PHE J 91 88.22 28.00 30.56
CA PHE J 91 88.93 27.24 31.59
C PHE J 91 88.41 25.81 31.58
N PRO J 92 88.85 24.98 30.63
CA PRO J 92 88.35 23.59 30.60
C PRO J 92 88.89 22.73 31.73
N GLU J 93 90.17 22.82 32.05
CA GLU J 93 90.74 21.95 33.07
C GLU J 93 90.20 22.29 34.45
N ILE J 94 90.06 23.58 34.76
CA ILE J 94 89.51 23.98 36.04
C ILE J 94 88.09 23.43 36.20
N CYS J 95 87.29 23.55 35.15
CA CYS J 95 85.95 22.99 35.18
C CYS J 95 85.98 21.49 35.39
N GLY J 96 86.77 20.76 34.60
CA GLY J 96 86.87 19.33 34.77
C GLY J 96 87.33 18.93 36.15
N ARG J 97 88.05 19.81 36.84
CA ARG J 97 88.53 19.47 38.18
C ARG J 97 87.49 19.75 39.26
N ILE J 98 86.71 20.83 39.13
CA ILE J 98 85.84 21.25 40.21
C ILE J 98 84.35 21.12 39.88
N CYS J 99 83.96 21.12 38.61
CA CYS J 99 82.55 21.15 38.27
C CYS J 99 81.86 19.89 38.77
N PRO J 100 80.76 20.03 39.53
CA PRO J 100 80.04 18.85 40.01
C PRO J 100 79.32 18.15 38.87
N GLN J 101 79.87 17.02 38.42
CA GLN J 101 79.41 16.38 37.21
C GLN J 101 78.19 15.50 37.42
N ASP J 102 77.95 15.02 38.65
CA ASP J 102 76.81 14.16 38.89
C ASP J 102 75.47 14.86 38.75
N ARG J 103 75.48 16.19 38.66
CA ARG J 103 74.25 16.95 38.54
C ARG J 103 74.15 17.73 37.23
N LEU J 104 75.22 17.80 36.44
CA LEU J 104 75.23 18.60 35.22
C LEU J 104 75.35 17.76 33.96
N CYS J 105 76.42 16.98 33.83
CA CYS J 105 76.65 16.23 32.60
C CYS J 105 76.63 14.72 32.83
N GLU J 106 77.41 14.23 33.79
CA GLU J 106 77.44 12.80 34.05
C GLU J 106 76.13 12.28 34.62
N GLY J 107 75.32 13.16 35.20
CA GLY J 107 74.07 12.73 35.78
C GLY J 107 72.92 12.57 34.82
N ASN J 108 73.10 12.96 33.56
CA ASN J 108 72.03 12.88 32.58
C ASN J 108 72.44 12.23 31.27
N CYS J 109 73.59 11.54 31.22
CA CYS J 109 73.98 10.81 30.03
C CYS J 109 72.95 9.73 29.72
N VAL J 110 72.72 9.49 28.43
CA VAL J 110 71.69 8.53 28.03
C VAL J 110 71.98 7.15 28.57
N ILE J 111 73.25 6.73 28.52
CA ILE J 111 73.63 5.44 29.09
C ILE J 111 73.72 5.48 30.60
N GLU J 112 73.61 6.66 31.21
CA GLU J 112 73.51 6.75 32.65
C GLU J 112 72.07 6.55 33.11
N GLN J 113 71.10 7.03 32.32
CA GLN J 113 69.70 6.83 32.65
C GLN J 113 69.29 5.37 32.57
N SER J 114 70.03 4.54 31.85
CA SER J 114 69.72 3.13 31.69
C SER J 114 70.60 2.24 32.56
N THR J 115 71.11 2.77 33.67
CA THR J 115 71.88 2.02 34.66
C THR J 115 73.13 1.37 34.08
N HIS J 116 73.63 1.88 32.95
CA HIS J 116 74.87 1.40 32.39
C HIS J 116 76.09 2.17 32.86
N GLY J 117 75.93 3.02 33.86
CA GLY J 117 76.97 3.96 34.24
C GLY J 117 77.02 5.13 33.27
N ALA J 118 77.82 6.13 33.63
CA ALA J 118 77.91 7.34 32.82
C ALA J 118 79.31 7.46 32.21
N VAL J 119 79.35 7.94 30.97
CA VAL J 119 80.63 8.24 30.35
C VAL J 119 81.35 9.28 31.18
N THR J 120 82.59 8.97 31.56
CA THR J 120 83.35 9.89 32.40
C THR J 120 83.78 11.09 31.58
N ILE J 121 82.99 12.16 31.64
CA ILE J 121 83.20 13.30 30.75
C ILE J 121 84.27 14.23 31.31
N GLY J 122 84.11 14.66 32.57
CA GLY J 122 85.03 15.63 33.12
C GLY J 122 86.46 15.14 33.21
N SER J 123 86.65 13.85 33.48
CA SER J 123 88.00 13.31 33.54
C SER J 123 88.64 13.30 32.15
N VAL J 124 87.86 13.02 31.12
CA VAL J 124 88.41 13.12 29.76
C VAL J 124 88.66 14.58 29.39
N GLU J 125 87.85 15.50 29.90
CA GLU J 125 88.14 16.92 29.73
C GLU J 125 89.51 17.25 30.30
N LYS J 126 89.75 16.85 31.55
CA LYS J 126 91.07 17.03 32.16
C LYS J 126 92.17 16.43 31.30
N TYR J 127 91.99 15.18 30.87
CA TYR J 127 93.03 14.49 30.13
C TYR J 127 93.37 15.22 28.83
N ILE J 128 92.36 15.48 28.00
CA ILE J 128 92.59 16.11 26.72
C ILE J 128 93.00 17.56 26.84
N ASN J 129 92.75 18.21 27.98
CA ASN J 129 93.10 19.61 28.11
C ASN J 129 94.41 19.85 28.86
N ASP J 130 94.94 18.82 29.53
CA ASP J 130 96.24 18.94 30.20
C ASP J 130 97.36 18.32 29.39
N THR J 131 97.10 17.24 28.65
CA THR J 131 98.11 16.72 27.75
C THR J 131 98.38 17.66 26.59
N ALA J 132 97.48 18.60 26.33
CA ALA J 132 97.74 19.61 25.31
C ALA J 132 98.61 20.73 25.85
N TRP J 133 98.58 20.96 27.16
CA TRP J 133 99.38 22.04 27.74
C TRP J 133 100.86 21.72 27.70
N ASP J 134 101.22 20.44 27.82
CA ASP J 134 102.62 20.06 27.92
C ASP J 134 103.35 20.15 26.59
N GLN J 135 102.62 20.15 25.46
CA GLN J 135 103.24 20.13 24.15
C GLN J 135 103.05 21.44 23.40
N GLY J 136 102.75 22.52 24.12
CA GLY J 136 102.73 23.83 23.50
C GLY J 136 101.61 24.08 22.51
N TRP J 137 100.56 23.27 22.53
CA TRP J 137 99.42 23.55 21.65
C TRP J 137 98.58 24.71 22.14
N VAL J 138 98.86 25.26 23.32
CA VAL J 138 98.11 26.38 23.87
C VAL J 138 98.86 27.66 23.55
N LYS J 139 98.14 28.66 23.05
CA LYS J 139 98.72 29.93 22.68
C LYS J 139 97.75 31.06 23.02
N PRO J 140 98.26 32.22 23.40
CA PRO J 140 97.38 33.35 23.71
C PRO J 140 96.73 33.90 22.45
N ARG J 141 95.57 34.52 22.63
CA ARG J 141 94.81 35.08 21.52
C ARG J 141 95.10 36.58 21.44
N THR J 142 96.26 36.91 20.91
CA THR J 142 96.62 38.30 20.72
C THR J 142 95.83 38.88 19.56
N PRO J 143 95.18 40.04 19.73
CA PRO J 143 94.40 40.60 18.63
C PRO J 143 95.29 41.02 17.47
N SER J 144 94.80 40.78 16.25
CA SER J 144 95.55 41.13 15.05
C SER J 144 95.75 42.63 14.95
N ARG J 145 94.65 43.37 14.80
CA ARG J 145 94.68 44.83 14.72
C ARG J 145 94.16 45.40 16.03
N GLU J 146 95.00 46.16 16.72
CA GLU J 146 94.64 46.70 18.03
C GLU J 146 93.59 47.79 17.87
N LEU J 147 92.39 47.56 18.38
CA LEU J 147 91.32 48.54 18.28
C LEU J 147 91.47 49.60 19.37
N GLY J 148 91.15 50.83 19.01
CA GLY J 148 91.38 51.95 19.91
C GLY J 148 90.28 52.21 20.91
N LEU J 149 90.07 51.28 21.84
CA LEU J 149 89.09 51.47 22.90
C LEU J 149 89.58 50.76 24.15
N SER J 150 89.03 51.15 25.30
CA SER J 150 89.44 50.62 26.59
C SER J 150 88.21 50.25 27.42
N VAL J 151 88.24 49.08 28.03
CA VAL J 151 87.13 48.55 28.81
C VAL J 151 87.61 48.21 30.21
N GLY J 152 86.77 48.46 31.20
CA GLY J 152 87.13 48.20 32.59
C GLY J 152 86.23 47.15 33.22
N VAL J 153 86.81 46.35 34.11
CA VAL J 153 86.06 45.34 34.85
C VAL J 153 86.45 45.43 36.31
N ILE J 154 85.57 44.91 37.17
CA ILE J 154 85.76 44.92 38.61
C ILE J 154 85.70 43.48 39.09
N GLY J 155 86.79 43.02 39.68
CA GLY J 155 86.86 41.65 40.16
C GLY J 155 87.68 40.79 39.21
N ALA J 156 88.35 39.79 39.78
CA ALA J 156 89.21 38.90 39.02
C ALA J 156 88.79 37.45 39.19
N GLY J 157 87.49 37.21 39.40
CA GLY J 157 86.98 35.87 39.51
C GLY J 157 86.84 35.21 38.16
N PRO J 158 86.13 34.07 38.13
CA PRO J 158 85.91 33.41 36.82
C PRO J 158 85.25 34.31 35.80
N ALA J 159 84.17 34.99 36.18
CA ALA J 159 83.47 35.86 35.24
C ALA J 159 84.39 36.97 34.76
N GLY J 160 85.12 37.59 35.67
CA GLY J 160 86.01 38.67 35.28
C GLY J 160 87.08 38.23 34.30
N LEU J 161 87.73 37.09 34.59
CA LEU J 161 88.80 36.61 33.72
C LEU J 161 88.25 36.19 32.36
N ALA J 162 87.07 35.56 32.34
CA ALA J 162 86.48 35.15 31.07
C ALA J 162 86.14 36.36 30.21
N ALA J 163 85.50 37.36 30.82
CA ALA J 163 85.18 38.58 30.09
C ALA J 163 86.44 39.28 29.60
N ALA J 164 87.48 39.30 30.43
CA ALA J 164 88.73 39.94 30.03
C ALA J 164 89.35 39.23 28.83
N GLU J 165 89.38 37.90 28.86
CA GLU J 165 89.94 37.15 27.74
C GLU J 165 89.14 37.40 26.47
N GLU J 166 87.81 37.41 26.58
CA GLU J 166 86.99 37.64 25.39
C GLU J 166 87.22 39.03 24.82
N LEU J 167 87.22 40.05 25.67
CA LEU J 167 87.44 41.42 25.20
C LEU J 167 88.82 41.55 24.56
N ARG J 168 89.86 41.00 25.20
CA ARG J 168 91.19 41.08 24.63
C ARG J 168 91.27 40.35 23.29
N ALA J 169 90.51 39.26 23.13
CA ALA J 169 90.48 38.58 21.85
C ALA J 169 89.77 39.39 20.78
N LYS J 170 88.75 40.15 21.18
CA LYS J 170 88.06 40.99 20.20
C LYS J 170 88.97 42.08 19.65
N GLY J 171 89.81 42.68 20.51
CA GLY J 171 90.74 43.69 20.06
C GLY J 171 90.80 44.91 20.95
N TYR J 172 90.09 44.88 22.07
CA TYR J 172 90.04 46.02 22.97
C TYR J 172 91.27 46.06 23.87
N GLU J 173 91.29 47.02 24.79
CA GLU J 173 92.31 47.11 25.82
C GLU J 173 91.62 47.05 27.17
N VAL J 174 92.02 46.10 28.00
CA VAL J 174 91.30 45.78 29.23
C VAL J 174 92.10 46.23 30.44
N HIS J 175 91.39 46.53 31.51
CA HIS J 175 92.00 46.83 32.81
C HIS J 175 91.17 46.17 33.89
N VAL J 176 91.79 45.28 34.65
CA VAL J 176 91.13 44.57 35.74
C VAL J 176 91.50 45.23 37.05
N TYR J 177 90.58 45.20 38.01
CA TYR J 177 90.77 45.81 39.32
C TYR J 177 90.31 44.83 40.39
N ASP J 178 91.25 44.12 40.99
CA ASP J 178 90.97 43.15 42.04
C ASP J 178 91.35 43.71 43.40
N ARG J 179 90.66 43.22 44.44
CA ARG J 179 90.95 43.65 45.80
C ARG J 179 92.16 42.95 46.39
N TYR J 180 92.37 41.69 46.05
CA TYR J 180 93.44 40.90 46.63
C TYR J 180 94.79 41.25 46.00
N ASP J 181 95.82 40.52 46.40
CA ASP J 181 97.15 40.68 45.83
C ASP J 181 97.46 39.64 44.76
N ARG J 182 96.84 38.47 44.83
CA ARG J 182 96.99 37.42 43.83
C ARG J 182 95.64 37.24 43.14
N MET J 183 95.55 37.72 41.91
CA MET J 183 94.28 37.67 41.20
C MET J 183 93.87 36.24 40.89
N GLY J 184 92.57 36.04 40.70
CA GLY J 184 92.02 34.73 40.45
C GLY J 184 90.72 34.51 41.19
N GLY J 185 90.36 35.46 42.05
CA GLY J 185 89.16 35.32 42.84
C GLY J 185 89.25 34.15 43.80
N LEU J 186 88.09 33.76 44.31
CA LEU J 186 88.04 32.66 45.26
C LEU J 186 88.43 31.32 44.63
N LEU J 187 88.78 31.29 43.35
CA LEU J 187 89.42 30.11 42.79
C LEU J 187 90.76 29.85 43.46
N VAL J 188 91.40 30.88 43.98
CA VAL J 188 92.70 30.72 44.62
C VAL J 188 92.63 30.88 46.14
N TYR J 189 91.60 31.53 46.68
CA TYR J 189 91.49 31.74 48.11
C TYR J 189 90.30 31.06 48.76
N GLY J 190 89.30 30.61 47.98
CA GLY J 190 88.17 29.92 48.54
C GLY J 190 88.29 28.41 48.48
N ILE J 191 88.59 27.89 47.30
CA ILE J 191 88.63 26.44 47.10
C ILE J 191 89.94 25.90 47.65
N PRO J 192 89.92 24.81 48.42
CA PRO J 192 91.17 24.29 49.01
C PRO J 192 92.08 23.66 47.97
N GLY J 193 93.20 23.11 48.42
CA GLY J 193 94.20 22.57 47.54
C GLY J 193 93.87 21.20 46.98
N PHE J 194 93.29 20.32 47.82
CA PHE J 194 93.01 18.96 47.36
C PHE J 194 91.98 18.95 46.25
N LYS J 195 91.05 19.91 46.25
CA LYS J 195 90.08 20.01 45.16
C LYS J 195 90.75 20.50 43.88
N LEU J 196 91.32 21.71 43.92
CA LEU J 196 91.96 22.32 42.78
C LEU J 196 93.33 22.86 43.19
N GLU J 197 94.36 22.44 42.46
CA GLU J 197 95.72 22.87 42.76
C GLU J 197 95.92 24.31 42.32
N LYS J 198 96.68 25.07 43.11
CA LYS J 198 96.89 26.48 42.87
C LYS J 198 97.93 26.75 41.78
N SER J 199 98.42 25.73 41.10
CA SER J 199 99.41 25.93 40.04
C SER J 199 98.75 26.20 38.69
N VAL J 200 97.70 25.45 38.36
CA VAL J 200 97.05 25.66 37.07
C VAL J 200 96.38 27.02 37.00
N VAL J 201 95.90 27.54 38.13
CA VAL J 201 95.25 28.84 38.13
C VAL J 201 96.28 29.93 37.80
N GLU J 202 97.44 29.90 38.46
CA GLU J 202 98.45 30.90 38.16
C GLU J 202 99.02 30.69 36.76
N ARG J 203 99.03 29.45 36.26
CA ARG J 203 99.44 29.23 34.88
C ARG J 203 98.50 29.92 33.90
N ARG J 204 97.19 29.74 34.11
CA ARG J 204 96.23 30.35 33.20
C ARG J 204 96.24 31.87 33.32
N VAL J 205 96.42 32.39 34.54
CA VAL J 205 96.45 33.85 34.67
C VAL J 205 97.73 34.41 34.07
N LYS J 206 98.82 33.65 34.09
CA LYS J 206 100.03 34.07 33.39
C LYS J 206 99.81 34.11 31.89
N LEU J 207 99.11 33.11 31.35
CA LEU J 207 98.75 33.15 29.93
C LEU J 207 97.90 34.37 29.61
N LEU J 208 96.92 34.67 30.47
CA LEU J 208 96.08 35.84 30.27
C LEU J 208 96.90 37.12 30.25
N ALA J 209 97.80 37.27 31.21
CA ALA J 209 98.66 38.46 31.24
C ALA J 209 99.56 38.52 30.01
N ASP J 210 100.00 37.37 29.52
CA ASP J 210 100.80 37.34 28.30
C ASP J 210 99.98 37.77 27.09
N ALA J 211 98.67 37.53 27.12
CA ALA J 211 97.83 37.95 26.00
C ALA J 211 97.78 39.48 25.89
N GLY J 212 97.99 40.19 26.99
CA GLY J 212 98.03 41.64 26.94
C GLY J 212 97.22 42.35 28.01
N VAL J 213 96.67 41.58 28.95
CA VAL J 213 95.85 42.16 30.01
C VAL J 213 96.74 42.92 30.99
N ILE J 214 96.20 44.01 31.53
CA ILE J 214 96.87 44.82 32.54
C ILE J 214 96.25 44.49 33.90
N TYR J 215 97.09 44.22 34.89
CA TYR J 215 96.64 43.77 36.20
C TYR J 215 96.83 44.89 37.22
N HIS J 216 95.83 45.08 38.08
CA HIS J 216 95.86 46.08 39.14
C HIS J 216 95.55 45.40 40.46
N PRO J 217 96.53 44.74 41.07
CA PRO J 217 96.30 44.07 42.35
C PRO J 217 96.32 45.06 43.51
N ASN J 218 95.75 44.61 44.63
CA ASN J 218 95.65 45.42 45.85
C ASN J 218 94.98 46.75 45.57
N PHE J 219 93.82 46.69 44.91
CA PHE J 219 93.11 47.87 44.46
C PHE J 219 91.62 47.66 44.69
N GLU J 220 91.12 48.14 45.83
CA GLU J 220 89.69 48.09 46.11
C GLU J 220 88.98 49.26 45.43
N VAL J 221 87.80 48.97 44.88
CA VAL J 221 87.02 50.01 44.23
C VAL J 221 86.52 51.02 45.25
N GLY J 222 86.08 50.55 46.41
CA GLY J 222 85.51 51.45 47.41
C GLY J 222 86.52 52.45 47.94
N ARG J 223 87.71 51.97 48.32
CA ARG J 223 88.70 52.87 48.91
C ARG J 223 89.46 53.65 47.85
N ASP J 224 90.16 52.94 46.96
CA ASP J 224 91.14 53.55 46.08
C ASP J 224 90.53 54.11 44.79
N ALA J 225 89.20 54.14 44.68
CA ALA J 225 88.58 54.61 43.45
C ALA J 225 87.12 54.94 43.74
N SER J 226 86.35 55.17 42.67
CA SER J 226 84.92 55.40 42.76
C SER J 226 84.31 55.08 41.40
N LEU J 227 83.09 54.56 41.43
CA LEU J 227 82.46 54.12 40.19
C LEU J 227 82.34 55.22 39.14
N PRO J 228 81.96 56.46 39.47
CA PRO J 228 81.94 57.50 38.42
C PRO J 228 83.29 57.76 37.80
N GLU J 229 84.36 57.67 38.57
CA GLU J 229 85.70 57.91 38.02
C GLU J 229 86.04 56.88 36.96
N LEU J 230 85.81 55.60 37.25
CA LEU J 230 86.06 54.56 36.27
C LEU J 230 85.11 54.67 35.09
N ARG J 231 83.85 55.06 35.35
CA ARG J 231 82.91 55.28 34.26
C ARG J 231 83.39 56.37 33.32
N ARG J 232 84.10 57.36 33.86
CA ARG J 232 84.64 58.42 33.01
C ARG J 232 85.93 58.00 32.33
N LYS J 233 86.70 57.11 32.96
CA LYS J 233 87.98 56.68 32.37
C LYS J 233 87.76 55.86 31.10
N HIS J 234 87.08 54.73 31.22
CA HIS J 234 86.89 53.82 30.10
C HIS J 234 85.52 54.06 29.45
N VAL J 235 85.21 53.21 28.47
CA VAL J 235 83.94 53.33 27.75
C VAL J 235 82.85 52.47 28.36
N ALA J 236 83.20 51.38 29.05
CA ALA J 236 82.21 50.52 29.67
C ALA J 236 82.89 49.72 30.77
N VAL J 237 82.17 49.56 31.89
CA VAL J 237 82.68 48.85 33.06
C VAL J 237 81.77 47.66 33.33
N LEU J 238 82.37 46.57 33.80
CA LEU J 238 81.66 45.32 34.07
C LEU J 238 81.80 45.01 35.56
N VAL J 239 80.70 45.09 36.28
CA VAL J 239 80.69 44.77 37.71
C VAL J 239 80.59 43.26 37.85
N ALA J 240 81.65 42.65 38.35
CA ALA J 240 81.70 41.20 38.58
C ALA J 240 82.32 40.91 39.94
N THR J 241 81.85 41.62 40.98
CA THR J 241 82.50 41.56 42.28
C THR J 241 82.02 40.39 43.14
N GLY J 242 80.99 39.66 42.71
CA GLY J 242 80.55 38.49 43.47
C GLY J 242 79.82 38.83 44.74
N VAL J 243 79.72 37.86 45.66
CA VAL J 243 79.03 38.05 46.93
C VAL J 243 79.98 37.69 48.07
N TYR J 244 80.05 38.55 49.08
CA TYR J 244 80.97 38.31 50.18
C TYR J 244 80.40 38.60 51.56
N LYS J 245 79.26 39.29 51.67
CA LYS J 245 78.66 39.56 52.98
C LYS J 245 78.03 38.26 53.49
N ALA J 246 78.71 37.62 54.43
CA ALA J 246 78.28 36.31 54.90
C ALA J 246 77.05 36.45 55.81
N ARG J 247 76.55 35.30 56.25
CA ARG J 247 75.42 35.23 57.17
C ARG J 247 75.90 34.97 58.58
N ASP J 248 74.98 35.03 59.53
CA ASP J 248 75.31 34.93 60.94
C ASP J 248 74.22 34.14 61.65
N ILE J 249 74.31 34.11 62.98
CA ILE J 249 73.33 33.43 63.82
C ILE J 249 73.22 34.20 65.13
N LYS J 250 71.99 34.31 65.64
CA LYS J 250 71.71 34.98 66.91
C LYS J 250 71.07 33.98 67.86
N ALA J 251 71.84 33.55 68.86
CA ALA J 251 71.38 32.58 69.84
C ALA J 251 72.08 32.86 71.15
N PRO J 252 71.52 32.42 72.28
CA PRO J 252 72.22 32.57 73.56
C PRO J 252 73.58 31.90 73.56
N GLY J 253 74.63 32.69 73.67
CA GLY J 253 75.99 32.18 73.62
C GLY J 253 76.72 32.41 72.32
N SER J 254 76.14 33.16 71.39
CA SER J 254 76.76 33.41 70.10
C SER J 254 77.77 34.54 70.13
N GLY J 255 78.26 34.93 71.30
CA GLY J 255 79.22 36.01 71.41
C GLY J 255 80.50 35.61 72.11
N LEU J 256 80.70 34.30 72.27
CA LEU J 256 81.87 33.79 72.97
C LEU J 256 83.08 33.85 72.04
N GLY J 257 84.18 33.24 72.46
CA GLY J 257 85.36 33.16 71.62
C GLY J 257 85.42 31.88 70.82
N ASN J 258 86.37 31.85 69.88
CA ASN J 258 86.61 30.69 69.02
C ASN J 258 85.40 30.35 68.16
N ILE J 259 84.59 31.35 67.82
CA ILE J 259 83.52 31.17 66.84
C ILE J 259 83.89 31.95 65.58
N VAL J 260 84.52 31.27 64.64
CA VAL J 260 85.13 31.93 63.48
C VAL J 260 84.33 31.61 62.23
N ALA J 261 84.20 32.61 61.36
CA ALA J 261 83.57 32.40 60.06
C ALA J 261 84.39 31.44 59.21
N ALA J 262 83.71 30.85 58.21
CA ALA J 262 84.35 29.82 57.40
C ALA J 262 85.35 30.41 56.42
N LEU J 263 85.00 31.53 55.80
CA LEU J 263 85.84 32.09 54.76
C LEU J 263 87.21 32.48 55.30
N ASP J 264 87.26 32.99 56.54
CA ASP J 264 88.54 33.34 57.14
C ASP J 264 89.42 32.10 57.31
N TYR J 265 88.85 31.03 57.85
CA TYR J 265 89.60 29.79 58.02
C TYR J 265 90.14 29.29 56.69
N LEU J 266 89.28 29.24 55.67
CA LEU J 266 89.72 28.73 54.37
C LEU J 266 90.79 29.62 53.75
N THR J 267 90.64 30.94 53.88
CA THR J 267 91.62 31.86 53.31
C THR J 267 92.98 31.68 53.98
N THR J 268 92.99 31.61 55.31
CA THR J 268 94.27 31.44 55.99
C THR J 268 94.88 30.07 55.71
N SER J 269 94.05 29.04 55.52
CA SER J 269 94.59 27.74 55.12
C SER J 269 95.26 27.82 53.76
N ASN J 270 94.59 28.46 52.80
CA ASN J 270 95.19 28.65 51.48
C ASN J 270 96.50 29.42 51.59
N LYS J 271 96.53 30.48 52.39
CA LYS J 271 97.74 31.28 52.52
C LYS J 271 98.88 30.44 53.10
N VAL J 272 98.64 29.77 54.23
CA VAL J 272 99.69 28.97 54.84
C VAL J 272 100.14 27.84 53.92
N SER J 273 99.25 27.30 53.08
CA SER J 273 99.70 26.35 52.08
C SER J 273 100.60 27.03 51.04
N LEU J 274 100.34 28.30 50.75
CA LEU J 274 101.23 29.04 49.84
C LEU J 274 102.40 29.65 50.61
N GLY J 275 102.13 30.36 51.68
CA GLY J 275 103.19 30.94 52.49
C GLY J 275 102.68 32.19 53.22
N ASP J 276 103.52 33.22 53.23
CA ASP J 276 103.24 34.54 53.78
C ASP J 276 103.20 34.56 55.30
N THR J 277 103.23 33.38 55.93
CA THR J 277 103.40 33.21 57.37
C THR J 277 102.50 34.16 58.17
N VAL J 278 101.20 33.94 58.05
CA VAL J 278 100.25 34.68 58.90
C VAL J 278 100.39 34.20 60.34
N GLU J 279 100.23 35.12 61.29
CA GLU J 279 100.45 34.78 62.69
C GLU J 279 99.28 34.00 63.26
N ALA J 280 98.07 34.24 62.75
CA ALA J 280 96.89 33.52 63.22
C ALA J 280 97.00 32.01 63.01
N TYR J 281 97.93 31.55 62.20
CA TYR J 281 98.26 30.14 62.13
C TYR J 281 99.23 29.73 63.22
N GLU J 282 100.05 30.65 63.71
CA GLU J 282 100.95 30.36 64.81
C GLU J 282 100.23 30.48 66.15
N ASN J 283 99.75 31.68 66.47
CA ASN J 283 98.98 31.93 67.69
C ASN J 283 97.62 32.50 67.29
N GLY J 284 96.68 31.60 67.04
CA GLY J 284 95.35 32.03 66.64
C GLY J 284 94.40 30.86 66.65
N SER J 285 93.11 31.18 66.56
CA SER J 285 92.05 30.19 66.54
C SER J 285 91.74 29.70 65.14
N LEU J 286 92.70 29.81 64.22
CA LEU J 286 92.52 29.34 62.85
C LEU J 286 93.31 28.07 62.58
N ASN J 287 93.64 27.32 63.63
CA ASN J 287 94.27 26.01 63.51
C ASN J 287 93.45 25.00 64.29
N ALA J 288 93.48 23.76 63.85
CA ALA J 288 92.72 22.67 64.46
C ALA J 288 93.62 21.48 64.70
N ALA J 289 94.81 21.73 65.26
CA ALA J 289 95.78 20.66 65.46
C ALA J 289 95.26 19.59 66.40
N GLY J 290 95.00 19.95 67.65
CA GLY J 290 94.57 18.98 68.63
C GLY J 290 93.25 19.33 69.29
N LYS J 291 92.32 19.85 68.51
CA LYS J 291 91.03 20.28 69.03
C LYS J 291 89.90 19.49 68.37
N HIS J 292 88.71 19.62 68.95
CA HIS J 292 87.50 19.03 68.39
C HIS J 292 86.77 20.10 67.58
N VAL J 293 86.49 19.80 66.32
CA VAL J 293 85.92 20.77 65.39
C VAL J 293 84.44 20.44 65.18
N VAL J 294 83.62 21.48 65.07
CA VAL J 294 82.20 21.35 64.81
C VAL J 294 81.80 22.46 63.85
N VAL J 295 81.31 22.10 62.67
CA VAL J 295 80.89 23.08 61.67
C VAL J 295 79.37 23.11 61.62
N LEU J 296 78.82 24.28 61.30
CA LEU J 296 77.39 24.47 61.19
C LEU J 296 77.01 24.72 59.73
N GLY J 297 75.76 24.38 59.41
CA GLY J 297 75.25 24.57 58.07
C GLY J 297 75.77 23.51 57.10
N GLY J 298 75.28 23.59 55.87
CA GLY J 298 75.66 22.64 54.85
C GLY J 298 76.23 23.26 53.58
N GLY J 299 76.20 22.53 52.49
CA GLY J 299 76.72 23.00 51.23
C GLY J 299 78.14 22.55 50.97
N ASP J 300 78.67 22.97 49.82
CA ASP J 300 80.04 22.60 49.49
C ASP J 300 81.03 23.34 50.39
N THR J 301 80.66 24.52 50.89
CA THR J 301 81.54 25.21 51.83
C THR J 301 81.76 24.38 53.08
N ALA J 302 80.71 23.72 53.58
CA ALA J 302 80.87 22.84 54.73
C ALA J 302 81.83 21.70 54.43
N MET J 303 81.74 21.13 53.23
CA MET J 303 82.63 20.02 52.87
C MET J 303 84.08 20.49 52.83
N ASP J 304 84.33 21.62 52.17
CA ASP J 304 85.67 22.17 52.13
C ASP J 304 86.21 22.40 53.54
N CYS J 305 85.39 23.01 54.40
CA CYS J 305 85.84 23.32 55.75
C CYS J 305 86.17 22.05 56.54
N VAL J 306 85.27 21.07 56.49
CA VAL J 306 85.48 19.88 57.30
C VAL J 306 86.69 19.10 56.81
N ARG J 307 86.91 19.06 55.49
CA ARG J 307 88.07 18.33 55.00
C ARG J 307 89.37 19.06 55.34
N THR J 308 89.42 20.37 55.09
CA THR J 308 90.62 21.13 55.43
C THR J 308 90.88 21.15 56.94
N ALA J 309 89.85 20.90 57.75
CA ALA J 309 90.09 20.76 59.18
C ALA J 309 90.65 19.38 59.51
N ILE J 310 90.05 18.32 58.95
CA ILE J 310 90.52 16.98 59.25
C ILE J 310 91.92 16.72 58.70
N ARG J 311 92.39 17.56 57.78
CA ARG J 311 93.77 17.38 57.31
C ARG J 311 94.77 17.78 58.39
N GLN J 312 94.49 18.84 59.14
CA GLN J 312 95.44 19.38 60.11
C GLN J 312 95.18 18.81 61.52
N GLY J 313 95.19 17.48 61.61
CA GLY J 313 94.97 16.84 62.89
C GLY J 313 93.50 16.64 63.20
N ALA J 314 92.92 17.49 64.05
CA ALA J 314 91.48 17.53 64.29
C ALA J 314 90.97 16.17 64.80
N THR J 315 91.37 15.86 66.04
CA THR J 315 91.09 14.59 66.68
C THR J 315 89.68 14.07 66.47
N SER J 316 88.70 14.98 66.34
CA SER J 316 87.33 14.57 66.05
C SER J 316 86.59 15.72 65.40
N VAL J 317 85.91 15.44 64.29
CA VAL J 317 85.18 16.45 63.55
C VAL J 317 83.73 16.00 63.38
N LYS J 318 82.82 16.97 63.40
CA LYS J 318 81.41 16.72 63.23
C LYS J 318 80.81 17.83 62.38
N CYS J 319 79.74 17.50 61.66
CA CYS J 319 79.06 18.44 60.79
C CYS J 319 77.55 18.30 60.98
N LEU J 320 76.88 19.42 61.26
CA LEU J 320 75.45 19.43 61.52
C LEU J 320 74.73 20.08 60.35
N TYR J 321 73.97 19.28 59.60
CA TYR J 321 73.10 19.79 58.56
C TYR J 321 71.65 19.67 59.02
N ARG J 322 70.83 20.65 58.63
CA ARG J 322 69.46 20.76 59.12
C ARG J 322 68.45 20.18 58.14
N ARG J 323 68.88 19.25 57.28
CA ARG J 323 67.98 18.58 56.35
C ARG J 323 68.43 17.13 56.25
N ASP J 324 67.87 16.41 55.26
CA ASP J 324 68.24 15.03 55.03
C ASP J 324 69.50 14.96 54.16
N ARG J 325 69.91 13.74 53.81
CA ARG J 325 71.14 13.57 53.05
C ARG J 325 70.92 13.84 51.56
N LYS J 326 69.77 13.45 51.02
CA LYS J 326 69.52 13.57 49.60
C LYS J 326 69.30 15.00 49.14
N ASN J 327 69.14 15.95 50.06
CA ASN J 327 68.94 17.35 49.70
C ASN J 327 70.22 18.17 49.89
N MET J 328 71.37 17.52 49.93
CA MET J 328 72.62 18.24 50.07
C MET J 328 72.80 19.19 48.89
N PRO J 329 73.12 20.46 49.12
CA PRO J 329 73.22 21.39 48.00
C PRO J 329 74.36 21.10 47.05
N GLY J 330 75.50 20.63 47.56
CA GLY J 330 76.65 20.32 46.74
C GLY J 330 76.52 18.98 46.05
N SER J 331 77.66 18.47 45.59
CA SER J 331 77.69 17.15 44.98
C SER J 331 77.70 16.07 46.05
N GLN J 332 77.75 14.81 45.63
CA GLN J 332 77.71 13.70 46.56
C GLN J 332 78.97 12.86 46.57
N ARG J 333 79.91 13.08 45.63
CA ARG J 333 81.18 12.38 45.72
C ARG J 333 82.00 12.89 46.90
N GLU J 334 81.96 14.19 47.16
CA GLU J 334 82.73 14.73 48.28
C GLU J 334 82.16 14.27 49.62
N VAL J 335 80.85 14.03 49.69
CA VAL J 335 80.27 13.51 50.92
C VAL J 335 80.83 12.12 51.23
N ALA J 336 80.85 11.26 50.21
CA ALA J 336 81.43 9.93 50.40
C ALA J 336 82.91 10.00 50.70
N HIS J 337 83.62 10.94 50.07
CA HIS J 337 85.04 11.12 50.36
C HIS J 337 85.26 11.49 51.82
N ALA J 338 84.49 12.47 52.31
CA ALA J 338 84.63 12.88 53.70
C ALA J 338 84.28 11.75 54.65
N GLU J 339 83.25 10.97 54.32
CA GLU J 339 82.90 9.82 55.17
C GLU J 339 84.04 8.80 55.20
N GLU J 340 84.65 8.54 54.04
CA GLU J 340 85.76 7.59 53.99
C GLU J 340 86.99 8.12 54.71
N GLU J 341 87.15 9.44 54.77
CA GLU J 341 88.34 10.01 55.38
C GLU J 341 88.25 10.11 56.89
N GLY J 342 87.05 10.08 57.47
CA GLY J 342 86.94 10.03 58.91
C GLY J 342 85.88 10.94 59.52
N VAL J 343 85.17 11.69 58.68
CA VAL J 343 84.15 12.60 59.19
C VAL J 343 82.92 11.82 59.66
N GLU J 344 82.25 12.35 60.66
CA GLU J 344 80.97 11.85 61.13
C GLU J 344 79.91 12.91 60.88
N PHE J 345 78.77 12.49 60.32
CA PHE J 345 77.71 13.40 59.93
C PHE J 345 76.51 13.24 60.85
N ILE J 346 75.81 14.35 61.08
CA ILE J 346 74.59 14.37 61.87
C ILE J 346 73.54 15.09 61.03
N TRP J 347 72.65 14.32 60.42
CA TRP J 347 71.61 14.86 59.56
C TRP J 347 70.39 15.30 60.36
N GLN J 348 69.71 16.32 59.85
CA GLN J 348 68.49 16.85 60.45
C GLN J 348 68.72 17.27 61.90
N ALA J 349 69.59 18.26 62.06
CA ALA J 349 69.88 18.85 63.35
C ALA J 349 70.06 20.35 63.18
N ALA J 350 69.57 21.11 64.17
CA ALA J 350 69.63 22.56 64.11
C ALA J 350 70.28 23.08 65.39
N PRO J 351 71.20 24.03 65.31
CA PRO J 351 71.83 24.55 66.52
C PRO J 351 70.88 25.42 67.31
N GLU J 352 71.02 25.34 68.63
CA GLU J 352 70.20 26.11 69.55
C GLU J 352 71.00 27.08 70.40
N GLY J 353 72.15 26.66 70.93
CA GLY J 353 72.95 27.53 71.76
C GLY J 353 74.36 27.03 71.92
N PHE J 354 75.19 27.87 72.52
CA PHE J 354 76.60 27.56 72.78
C PHE J 354 76.86 27.71 74.26
N THR J 355 77.23 26.60 74.91
CA THR J 355 77.53 26.61 76.34
C THR J 355 79.02 26.82 76.56
N GLY J 356 79.34 27.76 77.44
CA GLY J 356 80.72 28.10 77.76
C GLY J 356 80.74 29.30 78.67
N ASP J 357 81.95 29.79 78.94
CA ASP J 357 82.14 30.98 79.76
C ASP J 357 82.72 32.14 78.96
N THR J 358 83.88 31.94 78.33
CA THR J 358 84.46 32.97 77.47
C THR J 358 84.87 32.36 76.14
N VAL J 359 85.16 31.05 76.15
CA VAL J 359 85.38 30.26 74.95
C VAL J 359 84.29 29.19 74.90
N VAL J 360 83.83 28.87 73.70
CA VAL J 360 82.77 27.88 73.55
C VAL J 360 83.24 26.54 74.09
N THR J 361 82.39 25.88 74.87
CA THR J 361 82.72 24.54 75.36
C THR J 361 81.85 23.46 74.76
N GLY J 362 80.64 23.79 74.32
CA GLY J 362 79.77 22.80 73.73
C GLY J 362 78.66 23.46 72.96
N VAL J 363 78.04 22.68 72.07
CA VAL J 363 76.96 23.15 71.22
C VAL J 363 75.70 22.38 71.58
N ARG J 364 74.69 23.09 72.05
CA ARG J 364 73.38 22.51 72.32
C ARG J 364 72.53 22.65 71.06
N ALA J 365 72.03 21.52 70.55
CA ALA J 365 71.26 21.49 69.32
C ALA J 365 69.98 20.71 69.52
N VAL J 366 69.08 20.86 68.55
CA VAL J 366 67.79 20.17 68.55
C VAL J 366 67.76 19.20 67.39
N ARG J 367 66.68 18.43 67.28
CA ARG J 367 66.49 17.50 66.17
C ARG J 367 65.14 17.77 65.55
N ILE J 368 65.14 18.10 64.26
CA ILE J 368 63.93 18.50 63.57
C ILE J 368 63.41 17.33 62.74
N HIS J 369 62.16 17.46 62.27
CA HIS J 369 61.51 16.44 61.47
C HIS J 369 60.86 17.12 60.26
N LEU J 370 61.06 16.53 59.08
CA LEU J 370 60.61 17.11 57.83
C LEU J 370 59.26 16.52 57.45
N GLY J 371 58.35 17.38 57.00
CA GLY J 371 57.07 16.93 56.53
C GLY J 371 57.14 16.39 55.11
N VAL J 372 56.03 15.80 54.68
CA VAL J 372 55.95 15.27 53.32
C VAL J 372 55.91 16.42 52.33
N ALA J 373 56.51 16.20 51.16
CA ALA J 373 56.60 17.23 50.13
C ALA J 373 55.22 17.78 49.79
N ASP J 374 55.12 19.10 49.73
CA ASP J 374 53.86 19.79 49.49
C ASP J 374 53.50 19.71 48.01
N ALA J 375 52.29 20.18 47.69
CA ALA J 375 51.83 20.18 46.31
C ALA J 375 52.68 21.07 45.41
N THR J 376 53.43 22.00 45.99
CA THR J 376 54.35 22.84 45.23
C THR J 376 55.79 22.34 45.28
N GLY J 377 56.07 21.30 46.05
CA GLY J 377 57.41 20.78 46.16
C GLY J 377 58.26 21.50 47.19
N ARG J 378 57.74 21.61 48.42
CA ARG J 378 58.45 22.31 49.48
C ARG J 378 58.13 21.66 50.81
N GLN J 379 59.17 21.16 51.49
CA GLN J 379 59.00 20.53 52.78
C GLN J 379 59.09 21.54 53.91
N THR J 380 58.24 21.39 54.90
CA THR J 380 58.19 22.31 56.04
C THR J 380 58.68 21.60 57.29
N PRO J 381 59.89 21.91 57.78
CA PRO J 381 60.40 21.23 58.96
C PRO J 381 59.81 21.78 60.24
N GLN J 382 59.75 20.91 61.25
CA GLN J 382 59.28 21.30 62.57
C GLN J 382 60.15 20.64 63.62
N VAL J 383 60.52 21.40 64.65
CA VAL J 383 61.44 20.90 65.65
C VAL J 383 60.71 19.94 66.59
N ILE J 384 61.35 18.81 66.90
CA ILE J 384 60.78 17.84 67.82
C ILE J 384 60.90 18.38 69.25
N GLU J 385 59.85 18.16 70.04
CA GLU J 385 59.78 18.75 71.37
C GLU J 385 60.63 17.98 72.38
N GLY J 386 60.82 16.67 72.18
CA GLY J 386 61.42 15.86 73.22
C GLY J 386 62.94 15.83 73.13
N SER J 387 63.48 15.50 71.96
CA SER J 387 64.91 15.24 71.80
C SER J 387 65.67 16.52 71.55
N GLU J 388 66.47 16.93 72.54
CA GLU J 388 67.44 18.01 72.39
C GLU J 388 68.73 17.58 73.08
N PHE J 389 69.86 17.73 72.39
CA PHE J 389 71.12 17.14 72.85
C PHE J 389 72.22 18.19 72.82
N THR J 390 73.41 17.76 73.22
CA THR J 390 74.58 18.63 73.30
C THR J 390 75.82 17.86 72.88
N VAL J 391 76.63 18.48 72.04
CA VAL J 391 77.86 17.88 71.54
C VAL J 391 79.05 18.67 72.09
N GLN J 392 80.07 17.96 72.54
CA GLN J 392 81.28 18.61 73.01
C GLN J 392 82.00 19.24 71.83
N ALA J 393 82.30 20.53 71.95
CA ALA J 393 82.90 21.29 70.86
C ALA J 393 84.03 22.14 71.39
N ASP J 394 85.19 22.05 70.75
CA ASP J 394 86.34 22.88 71.08
C ASP J 394 86.44 24.10 70.16
N LEU J 395 86.10 23.94 68.89
CA LEU J 395 86.15 25.02 67.92
C LEU J 395 85.02 24.82 66.92
N VAL J 396 84.15 25.80 66.79
CA VAL J 396 83.03 25.71 65.87
C VAL J 396 83.21 26.72 64.76
N ILE J 397 82.67 26.38 63.58
CA ILE J 397 82.83 27.16 62.36
C ILE J 397 81.47 27.38 61.74
N LYS J 398 81.04 28.63 61.65
CA LYS J 398 79.76 28.98 61.06
C LYS J 398 79.92 29.12 59.55
N ALA J 399 79.26 28.24 58.80
CA ALA J 399 79.35 28.21 57.34
C ALA J 399 77.96 28.19 56.74
N LEU J 400 77.10 29.10 57.18
CA LEU J 400 75.71 29.09 56.76
C LEU J 400 75.58 29.42 55.27
N GLY J 401 75.99 30.62 54.88
CA GLY J 401 75.84 31.02 53.49
C GLY J 401 76.51 32.32 53.12
N PHE J 402 76.01 32.98 52.07
CA PHE J 402 76.58 34.22 51.59
C PHE J 402 75.48 35.05 50.95
N GLU J 403 75.63 36.37 51.05
CA GLU J 403 74.67 37.32 50.51
C GLU J 403 75.42 38.50 49.92
N PRO J 404 74.84 39.18 48.94
CA PRO J 404 75.52 40.33 48.35
C PRO J 404 75.66 41.47 49.34
N GLU J 405 76.61 42.34 49.07
CA GLU J 405 76.81 43.53 49.88
C GLU J 405 75.87 44.64 49.41
N ASP J 406 76.03 45.82 49.98
CA ASP J 406 75.22 46.99 49.62
C ASP J 406 76.05 47.79 48.62
N LEU J 407 75.84 47.49 47.34
CA LEU J 407 76.69 48.10 46.30
C LEU J 407 76.33 49.55 46.02
N PRO J 408 75.07 49.93 45.80
CA PRO J 408 74.79 51.34 45.48
C PRO J 408 75.20 52.31 46.56
N ASN J 409 75.11 51.92 47.82
CA ASN J 409 75.52 52.78 48.93
C ASN J 409 77.01 52.67 49.22
N ALA J 410 77.76 51.89 48.46
CA ALA J 410 79.20 51.81 48.59
C ALA J 410 79.95 52.19 47.33
N PHE J 411 79.34 52.04 46.15
CA PHE J 411 79.93 52.49 44.90
C PHE J 411 79.58 53.94 44.59
N ASP J 412 79.04 54.67 45.57
CA ASP J 412 78.67 56.09 45.50
C ASP J 412 77.50 56.36 44.55
N GLU J 413 76.97 55.36 43.87
CA GLU J 413 75.92 55.58 42.89
C GLU J 413 74.61 55.00 43.40
N PRO J 414 73.68 55.83 43.88
CA PRO J 414 72.45 55.29 44.48
C PRO J 414 71.37 54.99 43.46
N GLU J 415 71.73 54.93 42.18
CA GLU J 415 70.76 54.72 41.12
C GLU J 415 70.79 53.33 40.52
N LEU J 416 71.69 52.46 40.98
CA LEU J 416 71.73 51.08 40.50
C LEU J 416 70.53 50.32 41.03
N LYS J 417 69.74 49.75 40.13
CA LYS J 417 68.54 49.03 40.54
C LYS J 417 68.92 47.70 41.16
N VAL J 418 68.29 47.36 42.29
CA VAL J 418 68.61 46.16 43.05
C VAL J 418 67.32 45.44 43.39
N THR J 419 67.43 44.12 43.56
CA THR J 419 66.33 43.31 44.04
C THR J 419 66.29 43.37 45.57
N ARG J 420 65.50 42.49 46.19
CA ARG J 420 65.44 42.46 47.65
C ARG J 420 66.74 41.91 48.24
N TRP J 421 67.19 40.76 47.73
CA TRP J 421 68.32 40.07 48.33
C TRP J 421 69.65 40.76 48.08
N GLY J 422 69.73 41.62 47.05
CA GLY J 422 70.95 42.32 46.73
C GLY J 422 71.43 42.09 45.31
N THR J 423 70.95 41.05 44.63
CA THR J 423 71.33 40.82 43.24
C THR J 423 70.69 41.88 42.37
N LEU J 424 71.53 42.67 41.70
CA LEU J 424 71.02 43.77 40.88
C LEU J 424 70.27 43.24 39.66
N LEU J 425 69.31 44.03 39.19
CA LEU J 425 68.53 43.67 38.02
C LEU J 425 69.34 43.91 36.76
N VAL J 426 69.03 43.12 35.72
CA VAL J 426 69.72 43.22 34.44
C VAL J 426 68.84 42.58 33.38
N ASP J 427 68.91 43.12 32.17
CA ASP J 427 68.15 42.53 31.07
C ASP J 427 68.78 41.20 30.64
N HIS J 428 68.03 40.45 29.85
CA HIS J 428 68.48 39.11 29.50
C HIS J 428 69.42 39.10 28.31
N ARG J 429 69.15 39.95 27.31
CA ARG J 429 69.91 39.87 26.06
C ARG J 429 71.26 40.57 26.17
N THR J 430 71.25 41.89 26.39
CA THR J 430 72.48 42.67 26.35
C THR J 430 73.26 42.63 27.66
N LYS J 431 72.68 42.10 28.73
CA LYS J 431 73.34 42.03 30.04
C LYS J 431 73.77 43.42 30.50
N MET J 432 72.89 44.40 30.33
CA MET J 432 73.18 45.78 30.67
C MET J 432 72.47 46.19 31.95
N THR J 433 73.20 46.91 32.79
CA THR J 433 72.69 47.37 34.08
C THR J 433 71.70 48.51 33.82
N ASN J 434 70.95 48.91 34.85
CA ASN J 434 69.98 50.00 34.71
C ASN J 434 70.63 51.25 34.12
N MET J 435 71.82 51.61 34.59
CA MET J 435 72.48 52.82 34.12
C MET J 435 73.18 52.56 32.79
N ASP J 436 73.26 53.62 31.97
CA ASP J 436 73.91 53.52 30.68
C ASP J 436 75.42 53.38 30.84
N GLY J 437 76.02 52.54 30.00
CA GLY J 437 77.45 52.35 29.97
C GLY J 437 77.98 51.28 30.90
N VAL J 438 77.26 51.01 31.99
CA VAL J 438 77.71 50.04 32.99
C VAL J 438 77.01 48.70 32.74
N PHE J 439 77.77 47.62 32.89
CA PHE J 439 77.26 46.27 32.75
C PHE J 439 77.63 45.47 33.99
N ALA J 440 76.85 44.44 34.28
CA ALA J 440 77.09 43.62 35.46
C ALA J 440 76.59 42.22 35.20
N ALA J 441 77.48 41.24 35.28
CA ALA J 441 77.12 39.85 35.08
C ALA J 441 78.19 38.98 35.73
N GLY J 442 77.75 37.85 36.28
CA GLY J 442 78.65 36.96 36.98
C GLY J 442 77.92 36.20 38.08
N ASP J 443 78.45 36.28 39.30
CA ASP J 443 77.80 35.64 40.44
C ASP J 443 76.93 36.58 41.24
N ILE J 444 77.18 37.89 41.15
CA ILE J 444 76.38 38.87 41.88
C ILE J 444 74.96 39.00 41.34
N VAL J 445 74.68 38.40 40.18
CA VAL J 445 73.35 38.52 39.59
C VAL J 445 72.56 37.24 39.84
N ARG J 446 73.25 36.13 40.03
CA ARG J 446 72.57 34.84 40.23
C ARG J 446 72.39 34.52 41.71
N GLY J 447 73.49 34.40 42.44
CA GLY J 447 73.45 33.95 43.82
C GLY J 447 74.58 33.00 44.14
N ALA J 448 74.26 31.85 44.75
CA ALA J 448 75.27 30.86 45.09
C ALA J 448 75.34 29.79 44.00
N SER J 449 75.86 30.21 42.85
CA SER J 449 75.95 29.35 41.69
C SER J 449 77.30 28.62 41.68
N LEU J 450 77.64 28.01 40.54
CA LEU J 450 78.89 27.32 40.32
C LEU J 450 79.79 28.16 39.41
N VAL J 451 80.94 27.59 39.05
CA VAL J 451 81.92 28.33 38.26
C VAL J 451 81.48 28.45 36.82
N VAL J 452 80.95 27.36 36.24
CA VAL J 452 80.63 27.36 34.82
C VAL J 452 79.51 28.36 34.50
N TRP J 453 78.56 28.53 35.42
CA TRP J 453 77.56 29.58 35.22
C TRP J 453 78.20 30.95 35.17
N ALA J 454 79.19 31.19 36.03
CA ALA J 454 79.91 32.46 36.00
C ALA J 454 80.64 32.64 34.67
N ILE J 455 81.22 31.56 34.16
CA ILE J 455 81.94 31.64 32.88
C ILE J 455 80.97 32.01 31.76
N ARG J 456 79.80 31.36 31.73
CA ARG J 456 78.82 31.67 30.69
C ARG J 456 78.34 33.11 30.79
N ASP J 457 78.06 33.56 32.02
CA ASP J 457 77.63 34.94 32.20
C ASP J 457 78.71 35.93 31.76
N GLY J 458 79.97 35.61 32.06
CA GLY J 458 81.05 36.48 31.62
C GLY J 458 81.15 36.57 30.12
N ARG J 459 81.03 35.43 29.44
CA ARG J 459 81.11 35.44 27.98
C ARG J 459 79.94 36.22 27.37
N ASP J 460 78.73 36.02 27.91
CA ASP J 460 77.58 36.75 27.39
C ASP J 460 77.72 38.26 27.62
N ALA J 461 78.19 38.66 28.80
CA ALA J 461 78.40 40.08 29.06
C ALA J 461 79.48 40.65 28.16
N ALA J 462 80.50 39.85 27.85
CA ALA J 462 81.54 40.30 26.93
C ALA J 462 80.96 40.58 25.55
N GLU J 463 80.14 39.64 25.05
CA GLU J 463 79.50 39.86 23.75
C GLU J 463 78.62 41.10 23.78
N GLY J 464 77.84 41.28 24.84
CA GLY J 464 76.97 42.44 24.93
C GLY J 464 77.75 43.75 24.97
N ILE J 465 78.85 43.77 25.72
CA ILE J 465 79.67 44.97 25.81
C ILE J 465 80.28 45.30 24.46
N HIS J 466 80.75 44.26 23.75
CA HIS J 466 81.30 44.49 22.41
C HIS J 466 80.26 45.08 21.49
N ALA J 467 79.04 44.52 21.49
CA ALA J 467 77.98 45.02 20.63
C ALA J 467 77.65 46.47 20.97
N TYR J 468 77.53 46.78 22.26
CA TYR J 468 77.17 48.14 22.66
C TYR J 468 78.26 49.13 22.29
N ALA J 469 79.52 48.78 22.53
CA ALA J 469 80.61 49.69 22.20
C ALA J 469 80.71 49.92 20.70
N LYS J 470 80.53 48.86 19.91
CA LYS J 470 80.55 49.01 18.47
C LYS J 470 79.41 49.89 18.00
N ALA J 471 78.21 49.71 18.56
CA ALA J 471 77.08 50.52 18.15
C ALA J 471 77.24 51.97 18.58
N LYS J 472 77.94 52.22 19.70
CA LYS J 472 78.09 53.58 20.17
C LYS J 472 79.16 54.32 19.38
N ALA J 473 80.37 53.74 19.27
CA ALA J 473 81.39 54.34 18.42
C ALA J 473 81.00 54.34 16.95
N GLU J 474 80.00 53.53 16.58
CA GLU J 474 79.51 53.52 15.21
C GLU J 474 78.82 54.84 14.87
N ALA J 475 77.96 55.32 15.77
CA ALA J 475 77.28 56.59 15.57
C ALA J 475 76.88 57.20 16.91
N GLN K 4 33.15 -86.77 -10.83
CA GLN K 4 32.89 -85.86 -9.73
C GLN K 4 32.71 -84.41 -10.18
N ARG K 5 32.09 -83.60 -9.31
CA ARG K 5 31.83 -82.20 -9.62
C ARG K 5 33.12 -81.44 -9.82
N MET K 6 33.46 -81.14 -11.07
CA MET K 6 34.80 -80.70 -11.44
C MET K 6 34.98 -79.23 -11.10
N LEU K 7 35.26 -78.97 -9.83
CA LEU K 7 35.61 -77.63 -9.35
C LEU K 7 36.78 -77.71 -8.39
N GLY K 8 37.70 -78.64 -8.64
CA GLY K 8 38.75 -78.97 -7.71
C GLY K 8 39.98 -78.09 -7.71
N PHE K 9 39.92 -76.90 -8.32
CA PHE K 9 41.09 -76.04 -8.31
C PHE K 9 41.34 -75.40 -6.95
N VAL K 10 40.52 -75.71 -5.95
CA VAL K 10 40.70 -75.11 -4.62
C VAL K 10 41.69 -75.92 -3.80
N HIS K 11 41.59 -77.25 -3.85
CA HIS K 11 42.38 -78.12 -2.99
C HIS K 11 43.42 -78.94 -3.77
N THR K 12 43.78 -78.50 -4.98
CA THR K 12 44.87 -79.10 -5.73
C THR K 12 45.73 -78.00 -6.32
N ALA K 13 46.81 -78.39 -7.00
CA ALA K 13 47.70 -77.45 -7.66
C ALA K 13 48.10 -78.00 -9.01
N GLN K 14 48.47 -77.10 -9.90
CA GLN K 14 48.83 -77.50 -11.27
C GLN K 14 50.21 -78.12 -11.27
N ARG K 15 50.34 -79.28 -11.90
CA ARG K 15 51.63 -79.95 -12.03
C ARG K 15 51.68 -80.68 -13.36
N MET K 16 52.60 -80.29 -14.23
CA MET K 16 52.75 -80.92 -15.52
C MET K 16 53.38 -82.30 -15.35
N PRO K 17 53.36 -83.15 -16.39
CA PRO K 17 53.96 -84.48 -16.27
C PRO K 17 55.46 -84.44 -16.02
N ASP K 18 56.05 -85.61 -15.79
CA ASP K 18 57.46 -85.68 -15.42
C ASP K 18 58.35 -85.23 -16.58
N LYS K 19 59.47 -84.61 -16.24
CA LYS K 19 60.43 -84.12 -17.22
C LYS K 19 61.78 -84.81 -16.99
N ARG K 20 62.50 -85.01 -18.09
CA ARG K 20 63.81 -85.62 -17.90
C ARG K 20 64.84 -84.55 -17.54
N PRO K 21 65.79 -84.88 -16.66
CA PRO K 21 66.75 -83.87 -16.20
C PRO K 21 67.64 -83.38 -17.34
N ALA K 22 68.28 -82.24 -17.09
CA ALA K 22 69.11 -81.62 -18.13
C ALA K 22 70.35 -82.46 -18.42
N ALA K 23 70.91 -83.12 -17.40
CA ALA K 23 72.11 -83.92 -17.60
C ALA K 23 71.88 -85.08 -18.55
N GLU K 24 70.63 -85.49 -18.76
CA GLU K 24 70.28 -86.57 -19.67
C GLU K 24 69.62 -86.07 -20.94
N ARG K 25 68.93 -84.93 -20.89
CA ARG K 25 68.27 -84.39 -22.08
C ARG K 25 69.28 -84.02 -23.16
N ARG K 26 70.48 -83.61 -22.78
CA ARG K 26 71.44 -83.07 -23.73
C ARG K 26 71.98 -84.11 -24.70
N GLN K 27 71.87 -85.40 -24.37
CA GLN K 27 72.51 -86.44 -25.17
C GLN K 27 71.68 -86.82 -26.39
N ASP K 28 70.46 -87.32 -26.16
CA ASP K 28 69.66 -87.84 -27.25
C ASP K 28 68.91 -86.72 -27.96
N PHE K 29 68.08 -87.11 -28.94
CA PHE K 29 67.29 -86.18 -29.71
C PHE K 29 65.79 -86.42 -29.56
N ALA K 30 65.38 -87.21 -28.57
CA ALA K 30 63.98 -87.52 -28.37
C ALA K 30 63.30 -86.38 -27.62
N GLU K 31 62.01 -86.58 -27.30
CA GLU K 31 61.25 -85.55 -26.62
C GLU K 31 61.70 -85.41 -25.17
N ILE K 32 61.27 -84.33 -24.54
CA ILE K 32 61.66 -84.02 -23.16
C ILE K 32 60.54 -84.21 -22.16
N TYR K 33 59.29 -84.24 -22.60
CA TYR K 33 58.15 -84.42 -21.71
C TYR K 33 57.65 -85.86 -21.83
N ALA K 34 56.54 -86.15 -21.15
CA ALA K 34 55.96 -87.49 -21.18
C ALA K 34 54.45 -87.36 -21.09
N ARG K 35 53.76 -88.40 -21.57
CA ARG K 35 52.31 -88.43 -21.49
C ARG K 35 51.85 -88.62 -20.06
N PHE K 36 50.75 -87.94 -19.71
CA PHE K 36 50.15 -88.11 -18.39
C PHE K 36 49.86 -89.57 -18.10
N SER K 37 49.94 -89.93 -16.82
CA SER K 37 49.31 -91.14 -16.37
C SER K 37 47.81 -90.91 -16.21
N ASP K 38 47.05 -92.00 -16.13
CA ASP K 38 45.60 -91.88 -16.04
C ASP K 38 45.19 -91.19 -14.75
N GLU K 39 45.76 -91.60 -13.63
CA GLU K 39 45.39 -91.02 -12.34
C GLU K 39 45.81 -89.57 -12.22
N ARG K 40 46.77 -89.12 -13.01
CA ARG K 40 47.16 -87.71 -12.99
C ARG K 40 46.42 -86.87 -14.01
N ALA K 41 46.10 -87.41 -15.18
CA ALA K 41 45.28 -86.67 -16.13
C ALA K 41 43.87 -86.48 -15.59
N ASN K 42 43.30 -87.54 -15.02
CA ASN K 42 41.97 -87.47 -14.41
C ASN K 42 41.91 -86.49 -13.25
N GLU K 43 43.06 -86.09 -12.70
CA GLU K 43 43.11 -85.10 -11.63
C GLU K 43 43.38 -83.70 -12.15
N GLN K 44 44.32 -83.55 -13.10
CA GLN K 44 44.61 -82.25 -13.67
C GLN K 44 43.44 -81.72 -14.48
N ALA K 45 42.63 -82.60 -15.05
CA ALA K 45 41.45 -82.16 -15.77
C ALA K 45 40.27 -81.88 -14.87
N ASN K 46 40.43 -82.04 -13.56
CA ASN K 46 39.38 -81.77 -12.60
C ASN K 46 39.50 -80.40 -11.96
N ARG K 47 40.52 -79.62 -12.34
CA ARG K 47 40.71 -78.29 -11.80
C ARG K 47 39.96 -77.22 -12.60
N CYS K 48 39.32 -77.59 -13.70
CA CYS K 48 38.55 -76.62 -14.47
C CYS K 48 37.37 -76.11 -13.64
N SER K 49 36.69 -75.09 -14.17
CA SER K 49 35.58 -74.47 -13.47
C SER K 49 34.27 -74.52 -14.22
N GLN K 50 34.27 -74.88 -15.51
CA GLN K 50 33.07 -74.88 -16.34
C GLN K 50 32.36 -73.53 -16.27
N CYS K 51 33.14 -72.48 -16.48
CA CYS K 51 32.68 -71.11 -16.32
C CYS K 51 32.07 -70.59 -17.60
N GLY K 52 31.00 -69.82 -17.45
CA GLY K 52 30.47 -69.09 -18.58
C GLY K 52 31.48 -68.06 -19.07
N VAL K 53 31.37 -67.73 -20.36
CA VAL K 53 32.34 -66.89 -21.04
C VAL K 53 33.72 -67.53 -20.86
N PRO K 54 33.98 -68.67 -21.52
CA PRO K 54 35.26 -69.36 -21.33
C PRO K 54 36.36 -68.67 -22.13
N PHE K 55 37.31 -68.06 -21.42
CA PHE K 55 38.45 -67.44 -22.09
C PHE K 55 39.42 -68.45 -22.68
N CYS K 56 39.32 -69.72 -22.29
CA CYS K 56 40.18 -70.74 -22.92
C CYS K 56 39.86 -70.88 -24.39
N GLN K 57 38.65 -70.50 -24.80
CA GLN K 57 38.16 -70.74 -26.15
C GLN K 57 38.14 -69.49 -27.01
N VAL K 58 37.91 -68.31 -26.42
CA VAL K 58 37.91 -67.09 -27.23
C VAL K 58 39.31 -66.70 -27.67
N HIS K 59 40.34 -67.25 -27.05
CA HIS K 59 41.72 -66.93 -27.39
C HIS K 59 42.45 -68.09 -28.06
N CYS K 60 41.74 -69.15 -28.45
CA CYS K 60 42.35 -70.25 -29.17
C CYS K 60 42.02 -70.11 -30.64
N PRO K 61 43.02 -69.92 -31.52
CA PRO K 61 42.71 -69.56 -32.91
C PRO K 61 41.86 -70.57 -33.64
N VAL K 62 41.84 -71.84 -33.20
CA VAL K 62 40.93 -72.81 -33.78
C VAL K 62 39.66 -72.96 -32.95
N SER K 63 39.68 -72.51 -31.69
CA SER K 63 38.49 -72.45 -30.82
C SER K 63 37.89 -73.83 -30.60
N ASN K 64 38.70 -74.69 -29.98
CA ASN K 64 38.21 -76.01 -29.58
C ASN K 64 37.19 -75.88 -28.46
N ASN K 65 36.27 -76.84 -28.40
CA ASN K 65 35.27 -76.90 -27.34
C ASN K 65 35.93 -77.39 -26.05
N ILE K 66 36.79 -76.52 -25.51
CA ILE K 66 37.70 -76.94 -24.45
C ILE K 66 36.97 -77.43 -23.20
N PRO K 67 36.03 -76.66 -22.62
CA PRO K 67 35.35 -77.16 -21.41
C PRO K 67 34.62 -78.47 -21.63
N ASP K 68 34.12 -78.72 -22.84
CA ASP K 68 33.35 -79.93 -23.08
C ASP K 68 34.21 -81.18 -22.92
N TRP K 69 35.34 -81.26 -23.63
CA TRP K 69 36.14 -82.47 -23.43
C TRP K 69 36.92 -82.44 -22.13
N LEU K 70 37.13 -81.26 -21.52
CA LEU K 70 37.66 -81.26 -20.17
C LEU K 70 36.68 -81.92 -19.19
N LYS K 71 35.38 -81.71 -19.40
CA LYS K 71 34.39 -82.39 -18.58
C LYS K 71 34.34 -83.87 -18.93
N LEU K 72 34.38 -84.19 -20.23
CA LEU K 72 34.27 -85.56 -20.66
C LEU K 72 35.44 -86.42 -20.19
N THR K 73 36.63 -85.85 -20.06
CA THR K 73 37.78 -86.65 -19.63
C THR K 73 37.84 -86.78 -18.11
N SER K 74 37.21 -85.87 -17.38
CA SER K 74 37.25 -85.96 -15.93
C SER K 74 36.26 -86.96 -15.39
N GLU K 75 35.61 -87.72 -16.26
CA GLU K 75 34.63 -88.72 -15.86
C GLU K 75 34.77 -90.01 -16.68
N GLY K 76 35.99 -90.36 -17.07
CA GLY K 76 36.18 -91.46 -17.99
C GLY K 76 35.88 -91.00 -19.39
N ARG K 77 35.11 -91.80 -20.12
CA ARG K 77 34.47 -91.38 -21.38
C ARG K 77 35.45 -90.70 -22.32
N LEU K 78 36.67 -91.24 -22.42
CA LEU K 78 37.66 -90.65 -23.30
C LEU K 78 37.27 -90.77 -24.77
N GLU K 79 36.38 -91.70 -25.13
CA GLU K 79 35.99 -91.83 -26.53
C GLU K 79 35.19 -90.62 -26.99
N GLU K 80 34.16 -90.25 -26.22
CA GLU K 80 33.37 -89.07 -26.57
C GLU K 80 34.23 -87.82 -26.50
N ALA K 81 35.18 -87.77 -25.56
CA ALA K 81 36.11 -86.65 -25.49
C ALA K 81 36.94 -86.55 -26.77
N TYR K 82 37.42 -87.69 -27.27
CA TYR K 82 38.15 -87.68 -28.53
C TYR K 82 37.27 -87.22 -29.68
N GLU K 83 36.02 -87.68 -29.72
CA GLU K 83 35.10 -87.23 -30.76
C GLU K 83 34.96 -85.71 -30.74
N VAL K 84 34.74 -85.16 -29.55
CA VAL K 84 34.55 -83.72 -29.42
C VAL K 84 35.82 -82.97 -29.83
N SER K 85 36.99 -83.47 -29.42
CA SER K 85 38.23 -82.78 -29.74
C SER K 85 38.54 -82.86 -31.23
N GLN K 86 38.18 -83.97 -31.88
CA GLN K 86 38.48 -84.14 -33.29
C GLN K 86 37.50 -83.38 -34.18
N ALA K 87 36.26 -83.20 -33.70
CA ALA K 87 35.24 -82.56 -34.52
C ALA K 87 35.56 -81.11 -34.87
N THR K 88 36.61 -80.52 -34.30
CA THR K 88 36.92 -79.13 -34.58
C THR K 88 38.39 -78.88 -34.89
N ASN K 89 39.22 -79.92 -34.95
CA ASN K 89 40.64 -79.73 -35.23
C ASN K 89 41.17 -80.99 -35.90
N ASN K 90 41.92 -80.80 -36.98
CA ASN K 90 42.40 -81.95 -37.75
C ASN K 90 43.63 -82.59 -37.10
N PHE K 91 44.56 -81.78 -36.60
CA PHE K 91 45.79 -82.27 -35.99
C PHE K 91 45.83 -81.83 -34.53
N PRO K 92 45.11 -82.52 -33.64
CA PRO K 92 45.10 -82.08 -32.23
C PRO K 92 46.40 -82.35 -31.52
N GLU K 93 47.03 -83.52 -31.73
CA GLU K 93 48.23 -83.85 -30.99
C GLU K 93 49.39 -82.95 -31.39
N ILE K 94 49.57 -82.71 -32.69
CA ILE K 94 50.62 -81.81 -33.15
C ILE K 94 50.46 -80.44 -32.52
N CYS K 95 49.24 -79.92 -32.50
CA CYS K 95 48.98 -78.63 -31.87
C CYS K 95 49.34 -78.66 -30.39
N GLY K 96 48.75 -79.60 -29.64
CA GLY K 96 49.05 -79.71 -28.22
C GLY K 96 50.52 -79.89 -27.92
N ARG K 97 51.30 -80.37 -28.89
CA ARG K 97 52.74 -80.52 -28.69
C ARG K 97 53.52 -79.25 -29.01
N ILE K 98 53.11 -78.49 -30.02
CA ILE K 98 53.91 -77.35 -30.47
C ILE K 98 53.21 -76.01 -30.28
N CYS K 99 51.90 -75.97 -30.07
CA CYS K 99 51.21 -74.70 -29.92
C CYS K 99 51.62 -74.03 -28.62
N PRO K 100 52.09 -72.78 -28.66
CA PRO K 100 52.49 -72.10 -27.42
C PRO K 100 51.29 -71.74 -26.57
N GLN K 101 51.09 -72.47 -25.48
CA GLN K 101 49.89 -72.33 -24.67
C GLN K 101 49.94 -71.14 -23.72
N ASP K 102 51.14 -70.69 -23.34
CA ASP K 102 51.24 -69.59 -22.38
C ASP K 102 50.79 -68.26 -22.96
N ARG K 103 50.54 -68.18 -24.27
CA ARG K 103 50.07 -66.95 -24.89
C ARG K 103 48.72 -67.09 -25.57
N LEU K 104 48.21 -68.31 -25.73
CA LEU K 104 46.96 -68.52 -26.46
C LEU K 104 45.85 -69.03 -25.56
N CYS K 105 46.03 -70.17 -24.90
CA CYS K 105 44.97 -70.76 -24.11
C CYS K 105 45.32 -70.86 -22.63
N GLU K 106 46.48 -71.41 -22.30
CA GLU K 106 46.87 -71.53 -20.89
C GLU K 106 47.19 -70.18 -20.26
N GLY K 107 47.42 -69.15 -21.08
CA GLY K 107 47.76 -67.85 -20.55
C GLY K 107 46.59 -66.93 -20.28
N ASN K 108 45.37 -67.33 -20.63
CA ASN K 108 44.20 -66.50 -20.42
C ASN K 108 43.08 -67.22 -19.68
N CYS K 109 43.34 -68.39 -19.12
CA CYS K 109 42.34 -69.08 -18.31
C CYS K 109 41.97 -68.23 -17.10
N VAL K 110 40.74 -68.39 -16.63
CA VAL K 110 40.26 -67.56 -15.53
C VAL K 110 41.00 -67.89 -14.24
N ILE K 111 41.28 -69.17 -14.02
CA ILE K 111 41.97 -69.59 -12.80
C ILE K 111 43.46 -69.31 -12.97
N GLU K 112 43.85 -68.86 -14.17
CA GLU K 112 45.21 -68.41 -14.41
C GLU K 112 45.36 -66.92 -14.11
N GLN K 113 44.36 -66.11 -14.46
CA GLN K 113 44.40 -64.69 -14.15
C GLN K 113 44.38 -64.42 -12.67
N SER K 114 43.87 -65.35 -11.86
CA SER K 114 43.81 -65.19 -10.41
C SER K 114 45.03 -65.77 -9.71
N THR K 115 46.09 -66.07 -10.47
CA THR K 115 47.35 -66.60 -9.93
C THR K 115 47.13 -67.90 -9.15
N HIS K 116 46.16 -68.71 -9.57
CA HIS K 116 45.95 -70.04 -9.01
C HIS K 116 46.66 -71.12 -9.79
N GLY K 117 47.32 -70.79 -10.89
CA GLY K 117 47.86 -71.80 -11.78
C GLY K 117 46.81 -72.25 -12.78
N ALA K 118 47.16 -72.20 -14.06
CA ALA K 118 46.19 -72.47 -15.12
C ALA K 118 45.79 -73.94 -15.15
N VAL K 119 44.85 -74.26 -16.02
CA VAL K 119 44.58 -75.64 -16.38
C VAL K 119 45.51 -76.04 -17.51
N THR K 120 45.95 -77.30 -17.51
CA THR K 120 46.87 -77.81 -18.51
C THR K 120 46.06 -78.22 -19.73
N ILE K 121 45.97 -77.32 -20.71
CA ILE K 121 45.09 -77.55 -21.86
C ILE K 121 45.77 -78.46 -22.89
N GLY K 122 46.92 -78.03 -23.40
CA GLY K 122 47.60 -78.81 -24.42
C GLY K 122 48.03 -80.18 -23.93
N SER K 123 48.36 -80.29 -22.64
CA SER K 123 48.76 -81.59 -22.10
C SER K 123 47.59 -82.56 -22.09
N VAL K 124 46.40 -82.11 -21.67
CA VAL K 124 45.24 -82.97 -21.71
C VAL K 124 44.83 -83.26 -23.15
N GLU K 125 45.03 -82.28 -24.05
CA GLU K 125 44.81 -82.53 -25.47
C GLU K 125 45.67 -83.70 -25.95
N LYS K 126 46.98 -83.64 -25.67
CA LYS K 126 47.89 -84.72 -26.00
C LYS K 126 47.42 -86.04 -25.40
N TYR K 127 47.04 -86.03 -24.12
CA TYR K 127 46.68 -87.27 -23.45
C TYR K 127 45.45 -87.92 -24.08
N ILE K 128 44.37 -87.15 -24.20
CA ILE K 128 43.13 -87.71 -24.73
C ILE K 128 43.18 -87.95 -26.22
N ASN K 129 44.16 -87.37 -26.92
CA ASN K 129 44.27 -87.60 -28.35
C ASN K 129 45.31 -88.63 -28.72
N ASP K 130 46.14 -89.05 -27.76
CA ASP K 130 47.19 -90.03 -28.00
C ASP K 130 46.75 -91.43 -27.64
N THR K 131 46.17 -91.60 -26.44
CA THR K 131 45.65 -92.90 -26.05
C THR K 131 44.45 -93.31 -26.90
N ALA K 132 43.76 -92.36 -27.53
CA ALA K 132 42.69 -92.67 -28.45
C ALA K 132 43.20 -93.22 -29.78
N TRP K 133 44.51 -93.19 -30.00
CA TRP K 133 45.08 -93.77 -31.21
C TRP K 133 45.38 -95.24 -31.05
N ASP K 134 45.70 -95.68 -29.84
CA ASP K 134 46.10 -97.07 -29.62
C ASP K 134 44.94 -98.03 -29.86
N GLN K 135 43.75 -97.67 -29.40
CA GLN K 135 42.59 -98.55 -29.45
C GLN K 135 41.79 -98.38 -30.74
N GLY K 136 42.42 -97.87 -31.79
CA GLY K 136 41.83 -97.87 -33.12
C GLY K 136 40.60 -97.02 -33.30
N TRP K 137 40.32 -96.10 -32.38
CA TRP K 137 39.15 -95.23 -32.56
C TRP K 137 39.31 -94.24 -33.70
N VAL K 138 40.50 -94.09 -34.25
CA VAL K 138 40.75 -93.16 -35.34
C VAL K 138 40.53 -93.89 -36.67
N LYS K 139 39.81 -93.27 -37.58
CA LYS K 139 39.51 -93.85 -38.88
C LYS K 139 39.48 -92.74 -39.91
N PRO K 140 39.84 -93.03 -41.16
CA PRO K 140 39.84 -92.00 -42.20
C PRO K 140 38.42 -91.58 -42.57
N ARG K 141 38.32 -90.37 -43.12
CA ARG K 141 37.06 -89.79 -43.55
C ARG K 141 36.91 -89.94 -45.06
N THR K 142 36.59 -91.15 -45.49
CA THR K 142 36.39 -91.40 -46.91
C THR K 142 35.10 -90.75 -47.38
N PRO K 143 35.07 -90.19 -48.59
CA PRO K 143 33.82 -89.60 -49.09
C PRO K 143 32.75 -90.66 -49.28
N SER K 144 31.55 -90.36 -48.75
CA SER K 144 30.44 -91.29 -48.89
C SER K 144 30.09 -91.51 -50.37
N ARG K 145 29.70 -90.44 -51.05
CA ARG K 145 29.40 -90.48 -52.48
C ARG K 145 30.47 -89.69 -53.22
N GLU K 146 31.02 -90.29 -54.27
CA GLU K 146 32.11 -89.66 -55.01
C GLU K 146 31.57 -88.55 -55.90
N LEU K 147 31.94 -87.31 -55.58
CA LEU K 147 31.60 -86.17 -56.41
C LEU K 147 32.62 -86.01 -57.53
N GLY K 148 32.15 -85.59 -58.70
CA GLY K 148 33.00 -85.49 -59.88
C GLY K 148 33.61 -84.13 -60.17
N LEU K 149 34.39 -83.59 -59.24
CA LEU K 149 35.10 -82.34 -59.48
C LEU K 149 36.45 -82.40 -58.79
N SER K 150 37.50 -82.05 -59.54
CA SER K 150 38.87 -82.26 -59.10
C SER K 150 39.52 -80.93 -58.72
N VAL K 151 40.21 -80.92 -57.58
CA VAL K 151 40.81 -79.73 -57.02
C VAL K 151 42.26 -80.04 -56.65
N GLY K 152 43.12 -79.04 -56.80
CA GLY K 152 44.53 -79.21 -56.50
C GLY K 152 45.03 -78.17 -55.53
N VAL K 153 46.11 -78.52 -54.82
CA VAL K 153 46.75 -77.61 -53.89
C VAL K 153 48.25 -77.59 -54.18
N ILE K 154 48.89 -76.49 -53.79
CA ILE K 154 50.31 -76.29 -53.97
C ILE K 154 50.94 -76.23 -52.58
N GLY K 155 51.61 -77.30 -52.18
CA GLY K 155 52.25 -77.33 -50.87
C GLY K 155 51.68 -78.41 -49.97
N ALA K 156 52.47 -78.87 -49.02
CA ALA K 156 52.05 -79.92 -48.09
C ALA K 156 52.26 -79.49 -46.65
N GLY K 157 52.20 -78.18 -46.38
CA GLY K 157 52.31 -77.68 -45.04
C GLY K 157 51.06 -77.96 -44.24
N PRO K 158 50.96 -77.39 -43.03
CA PRO K 158 49.74 -77.60 -42.23
C PRO K 158 48.48 -77.16 -42.94
N ALA K 159 48.51 -75.98 -43.56
CA ALA K 159 47.32 -75.46 -44.24
C ALA K 159 46.93 -76.36 -45.41
N GLY K 160 47.91 -76.80 -46.20
CA GLY K 160 47.60 -77.66 -47.33
C GLY K 160 47.04 -79.00 -46.90
N LEU K 161 47.64 -79.60 -45.87
CA LEU K 161 47.13 -80.88 -45.37
C LEU K 161 45.72 -80.73 -44.82
N ALA K 162 45.46 -79.65 -44.08
CA ALA K 162 44.12 -79.46 -43.53
C ALA K 162 43.10 -79.24 -44.63
N ALA K 163 43.46 -78.45 -45.65
CA ALA K 163 42.55 -78.21 -46.76
C ALA K 163 42.26 -79.50 -47.53
N ALA K 164 43.29 -80.32 -47.74
CA ALA K 164 43.09 -81.59 -48.43
C ALA K 164 42.21 -82.52 -47.61
N GLU K 165 42.46 -82.59 -46.29
CA GLU K 165 41.59 -83.33 -45.39
C GLU K 165 40.14 -82.92 -45.56
N GLU K 166 39.88 -81.61 -45.48
CA GLU K 166 38.54 -81.08 -45.70
C GLU K 166 37.96 -81.54 -47.03
N LEU K 167 38.64 -81.20 -48.13
CA LEU K 167 38.07 -81.40 -49.45
C LEU K 167 37.82 -82.88 -49.74
N ARG K 168 38.70 -83.76 -49.25
CA ARG K 168 38.49 -85.19 -49.47
C ARG K 168 37.36 -85.71 -48.58
N ALA K 169 37.17 -85.14 -47.39
CA ALA K 169 36.01 -85.49 -46.60
C ALA K 169 34.72 -85.00 -47.27
N LYS K 170 34.81 -83.94 -48.07
CA LYS K 170 33.64 -83.43 -48.76
C LYS K 170 33.22 -84.36 -49.90
N GLY K 171 34.17 -84.82 -50.71
CA GLY K 171 33.87 -85.71 -51.80
C GLY K 171 34.55 -85.39 -53.10
N TYR K 172 35.44 -84.40 -53.08
CA TYR K 172 36.10 -83.92 -54.29
C TYR K 172 37.26 -84.85 -54.67
N GLU K 173 38.09 -84.39 -55.60
CA GLU K 173 39.22 -85.15 -56.12
C GLU K 173 40.46 -84.31 -55.82
N VAL K 174 41.26 -84.74 -54.84
CA VAL K 174 42.37 -83.92 -54.35
C VAL K 174 43.66 -84.33 -55.03
N HIS K 175 44.55 -83.35 -55.21
CA HIS K 175 45.90 -83.57 -55.71
C HIS K 175 46.83 -82.58 -55.02
N VAL K 176 47.92 -83.10 -54.45
CA VAL K 176 48.90 -82.26 -53.77
C VAL K 176 50.19 -82.23 -54.57
N TYR K 177 50.92 -81.13 -54.47
CA TYR K 177 52.19 -80.94 -55.18
C TYR K 177 53.19 -80.35 -54.20
N ASP K 178 54.06 -81.20 -53.68
CA ASP K 178 55.08 -80.78 -52.73
C ASP K 178 56.45 -80.74 -53.41
N ARG K 179 57.32 -79.89 -52.88
CA ARG K 179 58.68 -79.77 -53.41
C ARG K 179 59.59 -80.85 -52.85
N TYR K 180 59.47 -81.15 -51.56
CA TYR K 180 60.35 -82.08 -50.89
C TYR K 180 59.96 -83.52 -51.21
N ASP K 181 60.77 -84.46 -50.77
CA ASP K 181 60.50 -85.88 -50.98
C ASP K 181 59.53 -86.45 -49.95
N ARG K 182 59.66 -86.03 -48.69
CA ARG K 182 58.79 -86.47 -47.61
C ARG K 182 57.84 -85.32 -47.29
N MET K 183 56.56 -85.51 -47.59
CA MET K 183 55.59 -84.45 -47.42
C MET K 183 55.30 -84.21 -45.94
N GLY K 184 54.78 -83.02 -45.65
CA GLY K 184 54.49 -82.62 -44.30
C GLY K 184 54.92 -81.20 -44.00
N GLY K 185 55.57 -80.57 -44.98
CA GLY K 185 56.05 -79.22 -44.79
C GLY K 185 57.13 -79.15 -43.73
N LEU K 186 57.40 -77.93 -43.29
CA LEU K 186 58.43 -77.72 -42.28
C LEU K 186 58.05 -78.33 -40.93
N LEU K 187 56.90 -78.99 -40.83
CA LEU K 187 56.63 -79.83 -39.66
C LEU K 187 57.63 -80.96 -39.56
N VAL K 188 58.11 -81.47 -40.70
CA VAL K 188 59.02 -82.61 -40.70
C VAL K 188 60.47 -82.19 -40.89
N TYR K 189 60.73 -81.02 -41.48
CA TYR K 189 62.08 -80.58 -41.75
C TYR K 189 62.51 -79.37 -40.93
N GLY K 190 61.59 -78.50 -40.53
CA GLY K 190 61.94 -77.31 -39.78
C GLY K 190 61.94 -77.50 -38.28
N ILE K 191 60.90 -78.15 -37.77
CA ILE K 191 60.79 -78.36 -36.33
C ILE K 191 61.70 -79.51 -35.91
N PRO K 192 62.54 -79.34 -34.90
CA PRO K 192 63.51 -80.39 -34.55
C PRO K 192 62.87 -81.63 -33.93
N GLY K 193 63.70 -82.60 -33.54
CA GLY K 193 63.18 -83.84 -33.01
C GLY K 193 62.74 -83.77 -31.57
N PHE K 194 63.43 -82.99 -30.73
CA PHE K 194 63.04 -82.90 -29.34
C PHE K 194 61.70 -82.21 -29.17
N LYS K 195 61.38 -81.26 -30.06
CA LYS K 195 60.09 -80.58 -30.00
C LYS K 195 58.96 -81.53 -30.40
N LEU K 196 59.04 -82.07 -31.62
CA LEU K 196 57.98 -82.93 -32.16
C LEU K 196 58.63 -84.11 -32.87
N GLU K 197 58.25 -85.31 -32.47
CA GLU K 197 58.77 -86.51 -33.11
C GLU K 197 58.22 -86.64 -34.53
N LYS K 198 59.04 -87.19 -35.42
CA LYS K 198 58.68 -87.31 -36.82
C LYS K 198 57.81 -88.54 -37.12
N SER K 199 57.44 -89.32 -36.11
CA SER K 199 56.60 -90.48 -36.35
C SER K 199 55.13 -90.11 -36.41
N VAL K 200 54.69 -89.17 -35.57
CA VAL K 200 53.28 -88.80 -35.57
C VAL K 200 52.91 -88.09 -36.87
N VAL K 201 53.84 -87.30 -37.43
CA VAL K 201 53.55 -86.62 -38.68
C VAL K 201 53.39 -87.61 -39.82
N GLU K 202 54.29 -88.60 -39.89
CA GLU K 202 54.17 -89.60 -40.94
C GLU K 202 52.94 -90.47 -40.72
N ARG K 203 52.55 -90.71 -39.47
CA ARG K 203 51.31 -91.45 -39.22
C ARG K 203 50.10 -90.67 -39.73
N ARG K 204 50.07 -89.36 -39.48
CA ARG K 204 48.95 -88.56 -39.95
C ARG K 204 48.92 -88.48 -41.47
N VAL K 205 50.09 -88.33 -42.11
CA VAL K 205 50.09 -88.23 -43.57
C VAL K 205 49.73 -89.57 -44.18
N LYS K 206 50.06 -90.68 -43.50
CA LYS K 206 49.59 -91.98 -43.94
C LYS K 206 48.07 -92.09 -43.79
N LEU K 207 47.51 -91.49 -42.75
CA LEU K 207 46.06 -91.47 -42.62
C LEU K 207 45.40 -90.73 -43.77
N LEU K 208 45.92 -89.55 -44.12
CA LEU K 208 45.46 -88.87 -45.34
C LEU K 208 45.58 -89.78 -46.56
N ALA K 209 46.76 -90.38 -46.77
CA ALA K 209 46.95 -91.24 -47.93
C ALA K 209 45.93 -92.37 -47.96
N ASP K 210 45.56 -92.88 -46.78
CA ASP K 210 44.52 -93.91 -46.70
C ASP K 210 43.15 -93.34 -47.03
N ALA K 211 42.92 -92.06 -46.72
CA ALA K 211 41.62 -91.46 -47.00
C ALA K 211 41.30 -91.43 -48.48
N GLY K 212 42.32 -91.36 -49.33
CA GLY K 212 42.11 -91.37 -50.76
C GLY K 212 42.79 -90.22 -51.48
N VAL K 213 43.65 -89.50 -50.77
CA VAL K 213 44.37 -88.39 -51.39
C VAL K 213 45.50 -88.95 -52.24
N ILE K 214 45.98 -88.11 -53.16
CA ILE K 214 47.01 -88.49 -54.13
C ILE K 214 48.22 -87.59 -53.93
N TYR K 215 49.40 -88.19 -53.93
CA TYR K 215 50.65 -87.50 -53.59
C TYR K 215 51.52 -87.37 -54.83
N HIS K 216 52.12 -86.19 -55.01
CA HIS K 216 53.05 -85.92 -56.10
C HIS K 216 54.33 -85.35 -55.51
N PRO K 217 55.16 -86.19 -54.90
CA PRO K 217 56.38 -85.70 -54.26
C PRO K 217 57.45 -85.34 -55.28
N ASN K 218 58.40 -84.53 -54.81
CA ASN K 218 59.50 -84.03 -55.64
C ASN K 218 58.97 -83.38 -56.92
N PHE K 219 57.98 -82.51 -56.75
CA PHE K 219 57.30 -81.87 -57.87
C PHE K 219 57.16 -80.38 -57.54
N GLU K 220 58.09 -79.58 -58.04
CA GLU K 220 58.04 -78.13 -57.85
C GLU K 220 57.24 -77.50 -58.98
N VAL K 221 56.33 -76.59 -58.60
CA VAL K 221 55.45 -75.98 -59.60
C VAL K 221 56.23 -75.00 -60.48
N GLY K 222 57.35 -74.47 -59.99
CA GLY K 222 58.13 -73.56 -60.81
C GLY K 222 58.83 -74.25 -61.96
N ARG K 223 59.52 -75.35 -61.67
CA ARG K 223 60.26 -76.07 -62.71
C ARG K 223 59.35 -77.01 -63.48
N ASP K 224 58.76 -77.97 -62.78
CA ASP K 224 58.07 -79.10 -63.41
C ASP K 224 56.64 -78.80 -63.81
N ALA K 225 56.18 -77.56 -63.71
CA ALA K 225 54.81 -77.23 -64.05
C ALA K 225 54.71 -75.72 -64.29
N SER K 226 53.47 -75.24 -64.41
CA SER K 226 53.19 -73.83 -64.56
C SER K 226 51.74 -73.59 -64.17
N LEU K 227 51.46 -72.42 -63.61
CA LEU K 227 50.15 -72.17 -63.02
C LEU K 227 48.99 -72.30 -64.01
N PRO K 228 49.06 -71.78 -65.25
CA PRO K 228 47.94 -72.00 -66.18
C PRO K 228 47.65 -73.47 -66.44
N GLU K 229 48.67 -74.32 -66.48
CA GLU K 229 48.44 -75.75 -66.67
C GLU K 229 47.56 -76.31 -65.55
N LEU K 230 47.93 -76.02 -64.30
CA LEU K 230 47.15 -76.53 -63.16
C LEU K 230 45.76 -75.89 -63.11
N ARG K 231 45.64 -74.64 -63.53
CA ARG K 231 44.32 -74.02 -63.59
C ARG K 231 43.43 -74.71 -64.62
N ARG K 232 44.02 -75.14 -65.74
CA ARG K 232 43.25 -75.84 -66.76
C ARG K 232 42.92 -77.26 -66.34
N LYS K 233 43.80 -77.90 -65.57
CA LYS K 233 43.57 -79.29 -65.18
C LYS K 233 42.39 -79.42 -64.22
N HIS K 234 42.50 -78.80 -63.05
CA HIS K 234 41.47 -78.93 -62.03
C HIS K 234 40.49 -77.76 -62.10
N VAL K 235 39.44 -77.83 -61.29
CA VAL K 235 38.48 -76.74 -61.20
C VAL K 235 38.95 -75.62 -60.29
N ALA K 236 39.80 -75.93 -59.31
CA ALA K 236 40.32 -74.92 -58.41
C ALA K 236 41.68 -75.36 -57.90
N VAL K 237 42.52 -74.38 -57.57
CA VAL K 237 43.85 -74.64 -57.04
C VAL K 237 44.10 -73.70 -55.86
N LEU K 238 44.70 -74.24 -54.81
CA LEU K 238 44.91 -73.54 -53.55
C LEU K 238 46.41 -73.26 -53.40
N VAL K 239 46.77 -71.98 -53.41
CA VAL K 239 48.17 -71.58 -53.28
C VAL K 239 48.53 -71.54 -51.81
N ALA K 240 49.32 -72.51 -51.35
CA ALA K 240 49.76 -72.60 -49.97
C ALA K 240 51.25 -72.91 -49.91
N THR K 241 52.04 -72.17 -50.69
CA THR K 241 53.47 -72.47 -50.81
C THR K 241 54.27 -72.03 -49.60
N GLY K 242 53.72 -71.19 -48.73
CA GLY K 242 54.43 -70.78 -47.54
C GLY K 242 55.39 -69.64 -47.79
N VAL K 243 56.30 -69.45 -46.83
CA VAL K 243 57.29 -68.38 -46.86
C VAL K 243 58.67 -69.01 -46.72
N TYR K 244 59.57 -68.68 -47.65
CA TYR K 244 60.89 -69.30 -47.63
C TYR K 244 62.06 -68.38 -47.94
N LYS K 245 61.84 -67.19 -48.49
CA LYS K 245 62.96 -66.30 -48.82
C LYS K 245 63.51 -65.70 -47.53
N ALA K 246 64.72 -66.11 -47.15
CA ALA K 246 65.30 -65.71 -45.88
C ALA K 246 65.88 -64.30 -45.97
N ARG K 247 66.40 -63.83 -44.85
CA ARG K 247 67.02 -62.52 -44.74
C ARG K 247 68.53 -62.66 -44.62
N ASP K 248 69.23 -61.60 -45.01
CA ASP K 248 70.69 -61.58 -44.94
C ASP K 248 71.13 -60.34 -44.16
N ILE K 249 72.43 -60.29 -43.87
CA ILE K 249 73.06 -59.16 -43.21
C ILE K 249 74.20 -58.65 -44.07
N LYS K 250 74.27 -57.34 -44.23
CA LYS K 250 75.34 -56.69 -44.97
C LYS K 250 76.27 -56.02 -43.96
N ALA K 251 77.52 -56.47 -43.91
CA ALA K 251 78.44 -56.01 -42.87
C ALA K 251 79.87 -56.10 -43.39
N PRO K 252 80.78 -55.30 -42.84
CA PRO K 252 82.20 -55.48 -43.17
C PRO K 252 82.68 -56.86 -42.75
N GLY K 253 83.05 -57.69 -43.72
CA GLY K 253 83.42 -59.06 -43.45
C GLY K 253 82.28 -60.04 -43.46
N SER K 254 81.16 -59.70 -44.10
CA SER K 254 80.00 -60.58 -44.19
C SER K 254 80.08 -61.55 -45.37
N GLY K 255 81.27 -61.78 -45.91
CA GLY K 255 81.43 -62.70 -47.02
C GLY K 255 82.43 -63.79 -46.73
N LEU K 256 82.77 -63.97 -45.46
CA LEU K 256 83.74 -64.98 -45.06
C LEU K 256 83.10 -66.36 -45.13
N GLY K 257 83.81 -67.37 -44.63
CA GLY K 257 83.28 -68.71 -44.58
C GLY K 257 82.54 -69.00 -43.29
N ASN K 258 81.82 -70.12 -43.30
CA ASN K 258 81.07 -70.63 -42.14
C ASN K 258 79.98 -69.67 -41.67
N ILE K 259 79.51 -68.77 -42.54
CA ILE K 259 78.33 -67.96 -42.24
C ILE K 259 77.12 -68.76 -42.71
N VAL K 260 76.57 -69.56 -41.80
CA VAL K 260 75.54 -70.53 -42.17
C VAL K 260 74.16 -69.94 -41.88
N ALA K 261 73.19 -70.36 -42.69
CA ALA K 261 71.79 -70.02 -42.49
C ALA K 261 71.11 -71.06 -41.60
N ALA K 262 70.00 -70.66 -40.99
CA ALA K 262 69.33 -71.52 -40.02
C ALA K 262 68.63 -72.69 -40.70
N LEU K 263 67.93 -72.42 -41.82
CA LEU K 263 67.11 -73.45 -42.44
C LEU K 263 67.95 -74.61 -42.93
N ASP K 264 69.15 -74.34 -43.46
CA ASP K 264 70.01 -75.41 -43.92
C ASP K 264 70.47 -76.29 -42.77
N TYR K 265 70.91 -75.68 -41.68
CA TYR K 265 71.31 -76.44 -40.50
C TYR K 265 70.16 -77.32 -40.01
N LEU K 266 68.95 -76.76 -39.96
CA LEU K 266 67.82 -77.54 -39.45
C LEU K 266 67.47 -78.68 -40.39
N THR K 267 67.49 -78.42 -41.70
CA THR K 267 67.21 -79.47 -42.67
C THR K 267 68.21 -80.61 -42.56
N THR K 268 69.49 -80.29 -42.42
CA THR K 268 70.49 -81.34 -42.32
C THR K 268 70.41 -82.07 -40.99
N SER K 269 70.08 -81.34 -39.91
CA SER K 269 69.90 -82.00 -38.62
C SER K 269 68.78 -83.02 -38.68
N ASN K 270 67.63 -82.62 -39.24
CA ASN K 270 66.51 -83.55 -39.34
C ASN K 270 66.83 -84.71 -40.28
N LYS K 271 67.49 -84.44 -41.40
CA LYS K 271 67.84 -85.51 -42.33
C LYS K 271 68.77 -86.52 -41.66
N VAL K 272 69.86 -86.05 -41.07
CA VAL K 272 70.77 -86.94 -40.36
C VAL K 272 70.05 -87.69 -39.24
N SER K 273 69.12 -87.05 -38.54
CA SER K 273 68.33 -87.77 -37.55
C SER K 273 67.48 -88.85 -38.20
N LEU K 274 67.11 -88.67 -39.47
CA LEU K 274 66.40 -89.70 -40.20
C LEU K 274 67.36 -90.58 -41.00
N GLY K 275 68.30 -89.99 -41.72
CA GLY K 275 69.30 -90.73 -42.45
C GLY K 275 69.74 -89.97 -43.69
N ASP K 276 69.86 -90.71 -44.79
CA ASP K 276 70.13 -90.19 -46.13
C ASP K 276 71.58 -89.69 -46.30
N THR K 277 72.33 -89.64 -45.21
CA THR K 277 73.78 -89.43 -45.21
C THR K 277 74.20 -88.29 -46.15
N VAL K 278 73.79 -87.08 -45.78
CA VAL K 278 74.31 -85.89 -46.45
C VAL K 278 75.78 -85.74 -46.11
N GLU K 279 76.57 -85.30 -47.09
CA GLU K 279 78.02 -85.24 -46.89
C GLU K 279 78.42 -84.06 -46.02
N ALA K 280 77.63 -82.98 -46.04
CA ALA K 280 77.96 -81.79 -45.26
C ALA K 280 77.96 -82.05 -43.76
N TYR K 281 77.31 -83.12 -43.31
CA TYR K 281 77.47 -83.53 -41.92
C TYR K 281 78.81 -84.22 -41.69
N GLU K 282 79.35 -84.87 -42.72
CA GLU K 282 80.67 -85.48 -42.61
C GLU K 282 81.78 -84.46 -42.86
N ASN K 283 81.79 -83.87 -44.05
CA ASN K 283 82.76 -82.84 -44.42
C ASN K 283 82.01 -81.58 -44.83
N GLY K 284 81.73 -80.74 -43.84
CA GLY K 284 81.03 -79.49 -44.09
C GLY K 284 80.91 -78.69 -42.82
N SER K 285 80.46 -77.45 -42.97
CA SER K 285 80.30 -76.54 -41.84
C SER K 285 78.97 -76.71 -41.13
N LEU K 286 78.29 -77.85 -41.31
CA LEU K 286 76.97 -78.08 -40.75
C LEU K 286 77.02 -78.96 -39.51
N ASN K 287 78.14 -79.00 -38.81
CA ASN K 287 78.25 -79.68 -37.54
C ASN K 287 78.90 -78.73 -36.54
N ALA K 288 78.61 -78.95 -35.26
CA ALA K 288 79.13 -78.12 -34.17
C ALA K 288 79.66 -79.01 -33.05
N ALA K 289 80.47 -80.00 -33.42
CA ALA K 289 80.97 -80.96 -32.45
C ALA K 289 81.81 -80.26 -31.37
N GLY K 290 82.92 -79.67 -31.77
CA GLY K 290 83.80 -79.02 -30.82
C GLY K 290 84.10 -77.57 -31.15
N LYS K 291 83.10 -76.83 -31.62
CA LYS K 291 83.29 -75.45 -32.03
C LYS K 291 82.46 -74.52 -31.16
N HIS K 292 82.77 -73.23 -31.26
CA HIS K 292 82.02 -72.19 -30.57
C HIS K 292 80.94 -71.66 -31.51
N VAL K 293 79.69 -71.74 -31.07
CA VAL K 293 78.54 -71.39 -31.89
C VAL K 293 77.99 -70.04 -31.42
N VAL K 294 77.63 -69.21 -32.39
CA VAL K 294 76.98 -67.92 -32.13
C VAL K 294 75.85 -67.74 -33.12
N VAL K 295 74.63 -67.59 -32.62
CA VAL K 295 73.44 -67.44 -33.43
C VAL K 295 72.96 -66.01 -33.37
N LEU K 296 72.54 -65.48 -34.52
CA LEU K 296 71.99 -64.14 -34.62
C LEU K 296 70.48 -64.22 -34.82
N GLY K 297 69.84 -63.06 -34.69
CA GLY K 297 68.39 -62.98 -34.79
C GLY K 297 67.72 -63.53 -33.55
N GLY K 298 66.40 -63.33 -33.49
CA GLY K 298 65.61 -63.78 -32.37
C GLY K 298 64.36 -64.51 -32.83
N GLY K 299 63.66 -65.07 -31.85
CA GLY K 299 62.45 -65.81 -32.09
C GLY K 299 62.63 -67.30 -31.81
N ASP K 300 61.59 -68.05 -32.14
CA ASP K 300 61.60 -69.49 -31.90
C ASP K 300 62.61 -70.21 -32.81
N THR K 301 62.82 -69.68 -34.02
CA THR K 301 63.83 -70.26 -34.90
C THR K 301 65.20 -70.28 -34.25
N ALA K 302 65.58 -69.18 -33.59
CA ALA K 302 66.86 -69.13 -32.91
C ALA K 302 66.92 -70.13 -31.76
N MET K 303 65.81 -70.31 -31.04
CA MET K 303 65.78 -71.27 -29.95
C MET K 303 66.01 -72.69 -30.48
N ASP K 304 65.27 -73.06 -31.54
CA ASP K 304 65.45 -74.38 -32.14
C ASP K 304 66.89 -74.57 -32.60
N CYS K 305 67.47 -73.55 -33.23
CA CYS K 305 68.83 -73.66 -33.74
C CYS K 305 69.83 -73.87 -32.61
N VAL K 306 69.75 -73.04 -31.57
CA VAL K 306 70.73 -73.14 -30.49
C VAL K 306 70.56 -74.47 -29.75
N ARG K 307 69.33 -74.96 -29.59
CA ARG K 307 69.15 -76.23 -28.91
C ARG K 307 69.70 -77.38 -29.73
N THR K 308 69.31 -77.46 -31.02
CA THR K 308 69.83 -78.53 -31.86
C THR K 308 71.34 -78.42 -32.07
N ALA K 309 71.93 -77.25 -31.83
CA ALA K 309 73.38 -77.14 -31.85
C ALA K 309 74.00 -77.68 -30.57
N ILE K 310 73.45 -77.30 -29.41
CA ILE K 310 73.99 -77.77 -28.15
C ILE K 310 73.78 -79.27 -27.97
N ARG K 311 72.87 -79.88 -28.73
CA ARG K 311 72.73 -81.34 -28.65
C ARG K 311 73.93 -82.05 -29.26
N GLN K 312 74.50 -81.49 -30.31
CA GLN K 312 75.64 -82.11 -31.00
C GLN K 312 76.97 -81.55 -30.50
N GLY K 313 77.21 -81.75 -29.21
CA GLY K 313 78.45 -81.26 -28.59
C GLY K 313 78.36 -79.76 -28.30
N ALA K 314 79.11 -78.96 -29.07
CA ALA K 314 79.06 -77.50 -29.01
C ALA K 314 79.36 -77.01 -27.58
N THR K 315 80.61 -77.24 -27.19
CA THR K 315 81.09 -76.95 -25.84
C THR K 315 80.77 -75.53 -25.38
N SER K 316 80.63 -74.58 -26.30
CA SER K 316 80.29 -73.22 -25.93
C SER K 316 79.35 -72.63 -26.98
N VAL K 317 78.19 -72.17 -26.53
CA VAL K 317 77.18 -71.59 -27.40
C VAL K 317 76.76 -70.24 -26.83
N LYS K 318 76.40 -69.33 -27.73
CA LYS K 318 75.93 -68.00 -27.36
C LYS K 318 74.79 -67.59 -28.28
N CYS K 319 74.05 -66.57 -27.85
CA CYS K 319 72.93 -66.05 -28.61
C CYS K 319 72.83 -64.55 -28.41
N LEU K 320 72.71 -63.79 -29.50
CA LEU K 320 72.68 -62.33 -29.47
C LEU K 320 71.33 -61.85 -29.98
N TYR K 321 70.49 -61.36 -29.07
CA TYR K 321 69.22 -60.75 -29.41
C TYR K 321 69.30 -59.24 -29.21
N ARG K 322 68.62 -58.50 -30.09
CA ARG K 322 68.71 -57.05 -30.11
C ARG K 322 67.60 -56.38 -29.31
N ARG K 323 66.95 -57.10 -28.41
CA ARG K 323 65.87 -56.54 -27.62
C ARG K 323 65.93 -57.13 -26.21
N ASP K 324 64.85 -56.92 -25.47
CA ASP K 324 64.73 -57.35 -24.09
C ASP K 324 64.21 -58.78 -24.01
N ARG K 325 64.20 -59.33 -22.81
CA ARG K 325 63.77 -60.71 -22.61
C ARG K 325 62.25 -60.84 -22.67
N LYS K 326 61.53 -59.85 -22.15
CA LYS K 326 60.08 -59.97 -22.10
C LYS K 326 59.42 -59.91 -23.46
N ASN K 327 60.12 -59.42 -24.48
CA ASN K 327 59.53 -59.26 -25.81
C ASN K 327 59.97 -60.36 -26.77
N MET K 328 60.26 -61.55 -26.26
CA MET K 328 60.67 -62.66 -27.10
C MET K 328 59.50 -63.09 -27.99
N PRO K 329 59.67 -63.13 -29.31
CA PRO K 329 58.55 -63.53 -30.18
C PRO K 329 58.14 -64.97 -30.02
N GLY K 330 58.87 -65.77 -29.25
CA GLY K 330 58.49 -67.12 -28.92
C GLY K 330 57.96 -67.23 -27.51
N SER K 331 57.99 -68.45 -26.99
CA SER K 331 57.58 -68.68 -25.62
C SER K 331 58.75 -68.46 -24.67
N GLN K 332 58.45 -68.46 -23.37
CA GLN K 332 59.47 -68.36 -22.34
C GLN K 332 59.68 -69.64 -21.55
N ARG K 333 58.83 -70.65 -21.74
CA ARG K 333 59.12 -71.97 -21.19
C ARG K 333 60.44 -72.49 -21.74
N GLU K 334 60.54 -72.52 -23.06
CA GLU K 334 61.69 -73.10 -23.75
C GLU K 334 62.94 -72.25 -23.62
N VAL K 335 62.81 -70.94 -23.42
CA VAL K 335 63.98 -70.14 -23.08
C VAL K 335 64.54 -70.59 -21.74
N ALA K 336 63.66 -70.88 -20.78
CA ALA K 336 64.11 -71.42 -19.49
C ALA K 336 64.71 -72.81 -19.67
N HIS K 337 64.13 -73.63 -20.55
CA HIS K 337 64.71 -74.93 -20.83
C HIS K 337 66.11 -74.82 -21.39
N ALA K 338 66.32 -73.90 -22.33
CA ALA K 338 67.65 -73.69 -22.90
C ALA K 338 68.62 -73.21 -21.82
N GLU K 339 68.18 -72.26 -20.98
CA GLU K 339 69.03 -71.81 -19.89
C GLU K 339 69.39 -72.95 -18.94
N GLU K 340 68.48 -73.91 -18.77
CA GLU K 340 68.80 -75.10 -17.99
C GLU K 340 69.79 -76.00 -18.72
N GLU K 341 69.72 -76.04 -20.04
CA GLU K 341 70.54 -76.95 -20.82
C GLU K 341 71.99 -76.47 -20.98
N GLY K 342 72.25 -75.20 -20.70
CA GLY K 342 73.62 -74.71 -20.73
C GLY K 342 73.88 -73.57 -21.68
N VAL K 343 72.81 -72.97 -22.22
CA VAL K 343 72.97 -71.89 -23.19
C VAL K 343 73.34 -70.59 -22.48
N GLU K 344 74.07 -69.74 -23.19
CA GLU K 344 74.40 -68.39 -22.76
C GLU K 344 73.54 -67.41 -23.55
N PHE K 345 73.02 -66.39 -22.89
CA PHE K 345 72.20 -65.38 -23.52
C PHE K 345 72.79 -63.99 -23.30
N ILE K 346 72.69 -63.15 -24.33
CA ILE K 346 73.08 -61.75 -24.26
C ILE K 346 71.93 -60.94 -24.83
N TRP K 347 71.18 -60.28 -23.95
CA TRP K 347 70.04 -59.47 -24.35
C TRP K 347 70.48 -58.06 -24.70
N GLN K 348 69.72 -57.42 -25.59
CA GLN K 348 69.98 -56.05 -26.01
C GLN K 348 71.39 -55.90 -26.59
N ALA K 349 71.63 -56.63 -27.67
CA ALA K 349 72.91 -56.61 -28.36
C ALA K 349 72.68 -56.73 -29.85
N ALA K 350 73.27 -55.81 -30.61
CA ALA K 350 73.17 -55.82 -32.06
C ALA K 350 74.53 -56.04 -32.68
N PRO K 351 74.73 -57.11 -33.45
CA PRO K 351 76.05 -57.38 -34.02
C PRO K 351 76.31 -56.50 -35.23
N GLU K 352 77.54 -56.00 -35.31
CA GLU K 352 77.91 -55.11 -36.39
C GLU K 352 78.62 -55.92 -37.49
N GLY K 353 79.76 -56.54 -37.17
CA GLY K 353 80.58 -57.17 -38.19
C GLY K 353 81.22 -58.45 -37.72
N PHE K 354 82.00 -59.05 -38.62
CA PHE K 354 82.67 -60.33 -38.38
C PHE K 354 84.16 -60.16 -38.65
N THR K 355 84.99 -60.45 -37.64
CA THR K 355 86.44 -60.38 -37.78
C THR K 355 87.01 -61.75 -38.11
N GLY K 356 87.94 -61.78 -39.06
CA GLY K 356 88.57 -63.01 -39.49
C GLY K 356 89.44 -62.75 -40.70
N ASP K 357 89.98 -63.84 -41.25
CA ASP K 357 90.83 -63.78 -42.43
C ASP K 357 90.18 -64.43 -43.64
N THR K 358 89.81 -65.71 -43.54
CA THR K 358 89.10 -66.38 -44.62
C THR K 358 87.83 -67.02 -44.08
N VAL K 359 87.85 -67.36 -42.80
CA VAL K 359 86.68 -67.83 -42.07
C VAL K 359 86.49 -66.94 -40.86
N VAL K 360 85.24 -66.77 -40.45
CA VAL K 360 84.95 -65.91 -39.31
C VAL K 360 85.52 -66.52 -38.04
N THR K 361 86.28 -65.73 -37.31
CA THR K 361 86.83 -66.14 -36.02
C THR K 361 86.28 -65.33 -34.85
N GLY K 362 85.62 -64.20 -35.12
CA GLY K 362 84.97 -63.46 -34.05
C GLY K 362 83.87 -62.59 -34.62
N VAL K 363 83.01 -62.12 -33.71
CA VAL K 363 81.89 -61.25 -34.06
C VAL K 363 82.01 -59.99 -33.23
N ARG K 364 82.14 -58.84 -33.89
CA ARG K 364 82.20 -57.55 -33.23
C ARG K 364 80.80 -56.96 -33.19
N ALA K 365 80.30 -56.72 -31.98
CA ALA K 365 78.94 -56.26 -31.76
C ALA K 365 78.94 -55.01 -30.89
N VAL K 366 77.80 -54.33 -30.90
CA VAL K 366 77.57 -53.13 -30.10
C VAL K 366 76.34 -53.37 -29.23
N ARG K 367 76.35 -52.76 -28.06
CA ARG K 367 75.25 -52.85 -27.11
C ARG K 367 74.32 -51.66 -27.33
N ILE K 368 73.01 -51.89 -27.27
CA ILE K 368 72.02 -50.85 -27.50
C ILE K 368 71.20 -50.65 -26.23
N HIS K 369 70.38 -49.60 -26.26
CA HIS K 369 69.51 -49.26 -25.14
C HIS K 369 68.13 -48.91 -25.69
N LEU K 370 67.10 -49.47 -25.08
CA LEU K 370 65.73 -49.30 -25.54
C LEU K 370 65.10 -48.11 -24.83
N GLY K 371 64.51 -47.21 -25.60
CA GLY K 371 63.84 -46.05 -25.05
C GLY K 371 62.53 -46.41 -24.38
N VAL K 372 61.89 -45.39 -23.81
CA VAL K 372 60.61 -45.58 -23.14
C VAL K 372 59.54 -45.95 -24.16
N ALA K 373 58.55 -46.72 -23.71
CA ALA K 373 57.45 -47.11 -24.58
C ALA K 373 56.68 -45.88 -25.03
N ASP K 374 56.59 -45.69 -26.34
CA ASP K 374 55.92 -44.51 -26.88
C ASP K 374 54.42 -44.62 -26.63
N ALA K 375 53.70 -43.63 -27.14
CA ALA K 375 52.26 -43.48 -26.96
C ALA K 375 51.44 -44.51 -27.74
N THR K 376 52.08 -45.50 -28.38
CA THR K 376 51.38 -46.50 -29.17
C THR K 376 51.94 -47.90 -28.98
N GLY K 377 52.62 -48.18 -27.88
CA GLY K 377 53.26 -49.46 -27.69
C GLY K 377 54.46 -49.60 -28.61
N ARG K 378 55.46 -48.75 -28.41
CA ARG K 378 56.55 -48.58 -29.36
C ARG K 378 57.80 -48.19 -28.60
N GLN K 379 58.89 -48.92 -28.81
CA GLN K 379 60.16 -48.62 -28.16
C GLN K 379 61.20 -48.28 -29.22
N THR K 380 61.89 -47.17 -29.01
CA THR K 380 62.89 -46.68 -29.96
C THR K 380 64.28 -47.04 -29.49
N PRO K 381 64.95 -48.02 -30.10
CA PRO K 381 66.29 -48.40 -29.64
C PRO K 381 67.34 -47.43 -30.19
N GLN K 382 68.38 -47.21 -29.38
CA GLN K 382 69.49 -46.35 -29.75
C GLN K 382 70.80 -47.00 -29.31
N VAL K 383 71.82 -46.91 -30.16
CA VAL K 383 73.09 -47.55 -29.86
C VAL K 383 73.79 -46.81 -28.72
N ILE K 384 74.32 -47.58 -27.76
CA ILE K 384 75.07 -46.99 -26.66
C ILE K 384 76.31 -46.30 -27.23
N GLU K 385 76.84 -45.35 -26.46
CA GLU K 385 77.76 -44.36 -27.00
C GLU K 385 79.04 -45.01 -27.50
N GLY K 386 79.82 -45.60 -26.58
CA GLY K 386 81.10 -46.20 -26.89
C GLY K 386 81.18 -47.69 -26.64
N SER K 387 80.25 -48.22 -25.85
CA SER K 387 80.28 -49.62 -25.43
C SER K 387 80.19 -50.53 -26.66
N GLU K 388 81.31 -51.17 -27.01
CA GLU K 388 81.40 -52.08 -28.13
C GLU K 388 82.27 -53.25 -27.72
N PHE K 389 81.82 -54.47 -27.99
CA PHE K 389 82.53 -55.65 -27.54
C PHE K 389 82.66 -56.64 -28.69
N THR K 390 83.32 -57.77 -28.42
CA THR K 390 83.58 -58.79 -29.42
C THR K 390 83.54 -60.15 -28.76
N VAL K 391 82.87 -61.10 -29.41
CA VAL K 391 82.82 -62.48 -28.94
C VAL K 391 83.44 -63.38 -29.99
N GLN K 392 84.48 -64.12 -29.60
CA GLN K 392 85.17 -64.96 -30.54
C GLN K 392 84.32 -66.19 -30.85
N ALA K 393 84.11 -66.46 -32.12
CA ALA K 393 83.19 -67.52 -32.53
C ALA K 393 83.81 -68.34 -33.65
N ASP K 394 83.63 -69.65 -33.58
CA ASP K 394 84.10 -70.54 -34.64
C ASP K 394 83.05 -70.79 -35.71
N LEU K 395 81.77 -70.59 -35.39
CA LEU K 395 80.69 -70.83 -36.34
C LEU K 395 79.51 -69.94 -35.98
N VAL K 396 79.06 -69.14 -36.93
CA VAL K 396 77.92 -68.26 -36.72
C VAL K 396 76.75 -68.75 -37.58
N ILE K 397 75.54 -68.51 -37.09
CA ILE K 397 74.31 -68.95 -37.74
C ILE K 397 73.36 -67.77 -37.79
N LYS K 398 73.06 -67.31 -39.01
CA LYS K 398 72.15 -66.19 -39.21
C LYS K 398 70.72 -66.72 -39.25
N ALA K 399 69.91 -66.30 -38.28
CA ALA K 399 68.51 -66.69 -38.17
C ALA K 399 67.64 -65.45 -37.98
N LEU K 400 67.85 -64.45 -38.84
CA LEU K 400 67.17 -63.17 -38.69
C LEU K 400 65.66 -63.33 -38.86
N GLY K 401 65.23 -63.84 -40.00
CA GLY K 401 63.81 -64.00 -40.24
C GLY K 401 63.48 -64.65 -41.57
N PHE K 402 62.34 -64.28 -42.15
CA PHE K 402 61.89 -64.83 -43.42
C PHE K 402 61.03 -63.81 -44.12
N GLU K 403 60.97 -63.91 -45.44
CA GLU K 403 60.21 -63.01 -46.29
C GLU K 403 59.62 -63.80 -47.44
N PRO K 404 58.49 -63.36 -47.99
CA PRO K 404 57.87 -64.11 -49.09
C PRO K 404 58.69 -64.00 -50.37
N GLU K 405 58.46 -64.96 -51.27
CA GLU K 405 59.14 -64.99 -52.55
C GLU K 405 58.41 -64.10 -53.55
N ASP K 406 58.95 -64.02 -54.77
CA ASP K 406 58.33 -63.25 -55.85
C ASP K 406 57.45 -64.22 -56.63
N LEU K 407 56.22 -64.40 -56.15
CA LEU K 407 55.34 -65.41 -56.74
C LEU K 407 54.85 -65.02 -58.14
N PRO K 408 54.38 -63.79 -58.39
CA PRO K 408 53.87 -63.49 -59.74
C PRO K 408 54.91 -63.67 -60.83
N ASN K 409 56.18 -63.44 -60.55
CA ASN K 409 57.24 -63.64 -61.52
C ASN K 409 57.78 -65.07 -61.51
N ALA K 410 57.40 -65.88 -60.53
CA ALA K 410 57.80 -67.28 -60.48
C ALA K 410 56.69 -68.25 -60.85
N PHE K 411 55.42 -67.84 -60.72
CA PHE K 411 54.30 -68.67 -61.09
C PHE K 411 53.76 -68.35 -62.49
N ASP K 412 54.57 -67.74 -63.34
CA ASP K 412 54.28 -67.46 -64.74
C ASP K 412 53.10 -66.50 -64.93
N GLU K 413 52.54 -65.94 -63.86
CA GLU K 413 51.37 -65.08 -63.96
C GLU K 413 51.66 -63.74 -63.29
N PRO K 414 51.91 -62.69 -64.06
CA PRO K 414 52.29 -61.40 -63.46
C PRO K 414 51.10 -60.55 -63.06
N GLU K 415 49.92 -61.16 -62.97
CA GLU K 415 48.70 -60.44 -62.63
C GLU K 415 48.20 -60.70 -61.23
N LEU K 416 48.92 -61.49 -60.43
CA LEU K 416 48.50 -61.74 -59.06
C LEU K 416 48.61 -60.46 -58.25
N LYS K 417 47.58 -60.17 -57.45
CA LYS K 417 47.54 -58.96 -56.65
C LYS K 417 48.27 -59.21 -55.34
N VAL K 418 49.44 -58.58 -55.18
CA VAL K 418 50.30 -58.82 -54.03
C VAL K 418 50.57 -57.49 -53.33
N THR K 419 50.82 -57.56 -52.03
CA THR K 419 51.06 -56.38 -51.21
C THR K 419 52.51 -55.92 -51.34
N ARG K 420 52.91 -55.00 -50.46
CA ARG K 420 54.27 -54.49 -50.48
C ARG K 420 55.28 -55.56 -50.06
N TRP K 421 54.98 -56.30 -49.00
CA TRP K 421 55.93 -57.26 -48.46
C TRP K 421 55.97 -58.57 -49.23
N GLY K 422 54.88 -58.95 -49.87
CA GLY K 422 54.86 -60.21 -50.61
C GLY K 422 53.68 -61.09 -50.26
N THR K 423 52.95 -60.73 -49.20
CA THR K 423 51.73 -61.44 -48.84
C THR K 423 50.60 -60.96 -49.76
N LEU K 424 50.19 -61.81 -50.69
CA LEU K 424 49.22 -61.42 -51.70
C LEU K 424 47.86 -61.14 -51.06
N LEU K 425 47.08 -60.29 -51.73
CA LEU K 425 45.82 -59.81 -51.20
C LEU K 425 44.76 -60.89 -51.27
N VAL K 426 44.00 -61.04 -50.18
CA VAL K 426 42.96 -62.05 -50.07
C VAL K 426 41.76 -61.43 -49.37
N ASP K 427 40.56 -61.70 -49.91
CA ASP K 427 39.35 -61.20 -49.28
C ASP K 427 38.99 -62.03 -48.05
N HIS K 428 38.09 -61.48 -47.24
CA HIS K 428 37.70 -62.15 -46.00
C HIS K 428 36.63 -63.21 -46.25
N ARG K 429 35.79 -63.00 -47.27
CA ARG K 429 34.61 -63.84 -47.43
C ARG K 429 34.99 -65.22 -47.96
N THR K 430 35.57 -65.29 -49.16
CA THR K 430 35.79 -66.56 -49.85
C THR K 430 37.26 -66.94 -49.96
N LYS K 431 38.17 -66.11 -49.45
CA LYS K 431 39.61 -66.38 -49.50
C LYS K 431 40.09 -66.58 -50.94
N MET K 432 39.59 -65.73 -51.84
CA MET K 432 39.96 -65.77 -53.24
C MET K 432 40.84 -64.57 -53.59
N THR K 433 41.86 -64.80 -54.40
CA THR K 433 42.78 -63.75 -54.82
C THR K 433 42.16 -62.92 -55.94
N ASN K 434 42.98 -62.12 -56.61
CA ASN K 434 42.48 -61.27 -57.70
C ASN K 434 41.95 -62.12 -58.85
N MET K 435 42.75 -63.08 -59.32
CA MET K 435 42.30 -63.99 -60.36
C MET K 435 41.07 -64.77 -59.89
N ASP K 436 40.28 -65.20 -60.87
CA ASP K 436 39.10 -66.01 -60.63
C ASP K 436 39.48 -67.48 -60.59
N GLY K 437 38.79 -68.26 -59.76
CA GLY K 437 38.97 -69.69 -59.70
C GLY K 437 40.12 -70.16 -58.85
N VAL K 438 41.11 -69.31 -58.59
CA VAL K 438 42.27 -69.67 -57.78
C VAL K 438 42.12 -69.04 -56.41
N PHE K 439 42.43 -69.81 -55.37
CA PHE K 439 42.37 -69.36 -53.99
C PHE K 439 43.75 -69.46 -53.37
N ALA K 440 43.95 -68.71 -52.29
CA ALA K 440 45.24 -68.68 -51.60
C ALA K 440 45.00 -68.30 -50.15
N ALA K 441 45.44 -69.16 -49.24
CA ALA K 441 45.28 -68.90 -47.82
C ALA K 441 46.26 -69.76 -47.04
N GLY K 442 46.77 -69.21 -45.95
CA GLY K 442 47.71 -69.91 -45.11
C GLY K 442 48.76 -69.01 -44.51
N ASP K 443 50.03 -69.37 -44.69
CA ASP K 443 51.12 -68.59 -44.13
C ASP K 443 51.55 -67.48 -45.07
N ILE K 444 51.44 -67.68 -46.38
CA ILE K 444 51.84 -66.68 -47.37
C ILE K 444 50.95 -65.45 -47.27
N VAL K 445 49.88 -65.53 -46.49
CA VAL K 445 49.01 -64.40 -46.28
C VAL K 445 49.26 -63.70 -44.95
N ARG K 446 49.58 -64.44 -43.89
CA ARG K 446 49.77 -63.86 -42.56
C ARG K 446 51.19 -63.35 -42.36
N GLY K 447 52.18 -64.23 -42.49
CA GLY K 447 53.55 -63.88 -42.24
C GLY K 447 54.27 -64.89 -41.38
N ALA K 448 54.77 -64.47 -40.22
CA ALA K 448 55.44 -65.37 -39.29
C ALA K 448 54.43 -65.88 -38.26
N SER K 449 53.37 -66.51 -38.76
CA SER K 449 52.28 -66.99 -37.92
C SER K 449 52.63 -68.35 -37.35
N LEU K 450 51.64 -69.00 -36.73
CA LEU K 450 51.81 -70.29 -36.09
C LEU K 450 51.08 -71.37 -36.87
N VAL K 451 51.06 -72.58 -36.30
CA VAL K 451 50.47 -73.72 -37.01
C VAL K 451 48.95 -73.67 -36.96
N VAL K 452 48.38 -73.41 -35.79
CA VAL K 452 46.92 -73.37 -35.66
C VAL K 452 46.32 -72.31 -36.56
N TRP K 453 47.03 -71.20 -36.75
CA TRP K 453 46.54 -70.18 -37.67
C TRP K 453 46.49 -70.70 -39.08
N ALA K 454 47.53 -71.45 -39.49
CA ALA K 454 47.53 -72.05 -40.81
C ALA K 454 46.39 -73.04 -40.97
N ILE K 455 46.09 -73.80 -39.91
CA ILE K 455 45.00 -74.77 -39.97
C ILE K 455 43.67 -74.06 -40.19
N ARG K 456 43.44 -72.99 -39.42
CA ARG K 456 42.18 -72.24 -39.56
C ARG K 456 42.06 -71.62 -40.94
N ASP K 457 43.15 -71.02 -41.44
CA ASP K 457 43.13 -70.45 -42.78
C ASP K 457 42.89 -71.52 -43.84
N GLY K 458 43.42 -72.72 -43.62
CA GLY K 458 43.20 -73.80 -44.56
C GLY K 458 41.74 -74.23 -44.59
N ARG K 459 41.09 -74.25 -43.44
CA ARG K 459 39.67 -74.62 -43.41
C ARG K 459 38.82 -73.53 -44.06
N ASP K 460 39.18 -72.26 -43.84
CA ASP K 460 38.53 -71.15 -44.54
C ASP K 460 38.64 -71.32 -46.05
N ALA K 461 39.86 -71.55 -46.54
CA ALA K 461 40.04 -71.74 -47.97
C ALA K 461 39.31 -72.97 -48.46
N ALA K 462 39.18 -73.98 -47.61
CA ALA K 462 38.44 -75.18 -47.98
C ALA K 462 36.99 -74.84 -48.30
N GLU K 463 36.32 -74.12 -47.40
CA GLU K 463 34.96 -73.69 -47.71
C GLU K 463 34.92 -72.77 -48.92
N GLY K 464 35.89 -71.85 -49.03
CA GLY K 464 35.89 -70.99 -50.20
C GLY K 464 35.87 -71.79 -51.49
N ILE K 465 36.75 -72.78 -51.60
CA ILE K 465 36.83 -73.62 -52.79
C ILE K 465 35.53 -74.39 -52.97
N HIS K 466 35.00 -74.98 -51.90
CA HIS K 466 33.80 -75.81 -52.03
C HIS K 466 32.61 -74.98 -52.51
N ALA K 467 32.38 -73.84 -51.86
CA ALA K 467 31.24 -73.00 -52.22
C ALA K 467 31.38 -72.47 -53.64
N TYR K 468 32.59 -72.02 -54.02
CA TYR K 468 32.77 -71.52 -55.37
C TYR K 468 32.55 -72.61 -56.40
N ALA K 469 33.11 -73.80 -56.18
CA ALA K 469 32.95 -74.89 -57.12
C ALA K 469 31.49 -75.30 -57.24
N LYS K 470 30.76 -75.34 -56.11
CA LYS K 470 29.36 -75.69 -56.16
C LYS K 470 28.55 -74.65 -56.94
N ALA K 471 28.70 -73.37 -56.58
CA ALA K 471 27.95 -72.31 -57.26
C ALA K 471 28.32 -72.21 -58.74
N LYS K 472 29.52 -72.63 -59.13
CA LYS K 472 29.86 -72.66 -60.54
C LYS K 472 29.26 -73.88 -61.23
N ALA K 473 29.24 -75.03 -60.55
CA ALA K 473 28.66 -76.23 -61.13
C ALA K 473 27.14 -76.16 -61.22
N GLU K 474 26.51 -75.23 -60.50
CA GLU K 474 25.06 -75.07 -60.64
C GLU K 474 24.69 -74.68 -62.07
N ALA K 475 25.28 -73.61 -62.58
CA ALA K 475 25.00 -73.17 -63.94
C ALA K 475 26.16 -72.37 -64.52
N GLN L 4 11.62 -24.02 88.82
CA GLN L 4 12.40 -23.79 87.57
C GLN L 4 11.50 -23.92 86.35
N ARG L 5 11.99 -23.46 85.21
CA ARG L 5 11.25 -23.43 83.96
C ARG L 5 10.89 -24.82 83.46
N MET L 6 9.64 -25.21 83.66
CA MET L 6 9.24 -26.61 83.57
C MET L 6 9.11 -27.03 82.10
N LEU L 7 10.27 -27.30 81.50
CA LEU L 7 10.32 -27.84 80.15
C LEU L 7 11.35 -28.97 80.08
N GLY L 8 11.43 -29.76 81.15
CA GLY L 8 12.48 -30.74 81.31
C GLY L 8 12.24 -32.10 80.68
N PHE L 9 11.30 -32.22 79.75
CA PHE L 9 11.09 -33.51 79.11
C PHE L 9 12.20 -33.86 78.11
N VAL L 10 13.19 -33.00 77.95
CA VAL L 10 14.26 -33.26 76.98
C VAL L 10 15.45 -33.98 77.61
N HIS L 11 15.66 -33.83 78.93
CA HIS L 11 16.80 -34.43 79.59
C HIS L 11 16.41 -35.34 80.75
N THR L 12 15.15 -35.76 80.81
CA THR L 12 14.70 -36.76 81.77
C THR L 12 13.83 -37.78 81.04
N ALA L 13 13.38 -38.79 81.78
CA ALA L 13 12.53 -39.83 81.22
C ALA L 13 11.42 -40.17 82.20
N GLN L 14 10.33 -40.70 81.67
CA GLN L 14 9.17 -41.00 82.50
C GLN L 14 9.43 -42.27 83.30
N ARG L 15 9.19 -42.20 84.60
CA ARG L 15 9.35 -43.37 85.46
C ARG L 15 8.32 -43.30 86.58
N MET L 16 7.41 -44.27 86.61
CA MET L 16 6.39 -44.34 87.63
C MET L 16 7.03 -44.74 88.97
N PRO L 17 6.30 -44.58 90.08
CA PRO L 17 6.87 -44.96 91.40
C PRO L 17 7.18 -46.44 91.50
N ASP L 18 7.79 -46.83 92.62
CA ASP L 18 8.24 -48.20 92.78
C ASP L 18 7.05 -49.16 92.86
N LYS L 19 7.25 -50.37 92.36
CA LYS L 19 6.23 -51.41 92.35
C LYS L 19 6.73 -52.63 93.11
N ARG L 20 5.80 -53.31 93.76
CA ARG L 20 6.25 -54.52 94.46
C ARG L 20 6.31 -55.70 93.49
N PRO L 21 7.29 -56.58 93.65
CA PRO L 21 7.45 -57.69 92.69
C PRO L 21 6.28 -58.65 92.74
N ALA L 22 6.18 -59.47 91.69
CA ALA L 22 5.06 -60.40 91.58
C ALA L 22 5.14 -61.50 92.64
N ALA L 23 6.34 -61.90 93.01
CA ALA L 23 6.51 -62.96 94.01
C ALA L 23 5.93 -62.57 95.36
N GLU L 24 5.77 -61.28 95.63
CA GLU L 24 5.21 -60.80 96.88
C GLU L 24 3.81 -60.21 96.73
N ARG L 25 3.47 -59.70 95.54
CA ARG L 25 2.15 -59.15 95.31
C ARG L 25 1.05 -60.19 95.46
N ARG L 26 1.35 -61.46 95.13
CA ARG L 26 0.31 -62.49 95.05
C ARG L 26 -0.25 -62.87 96.42
N GLN L 27 0.46 -62.55 97.51
CA GLN L 27 0.04 -63.03 98.82
C GLN L 27 -1.04 -62.15 99.43
N ASP L 28 -0.73 -60.87 99.66
CA ASP L 28 -1.64 -59.99 100.36
C ASP L 28 -2.71 -59.43 99.42
N PHE L 29 -3.56 -58.57 99.97
CA PHE L 29 -4.63 -57.93 99.22
C PHE L 29 -4.48 -56.41 99.17
N ALA L 30 -3.33 -55.88 99.56
CA ALA L 30 -3.11 -54.44 99.57
C ALA L 30 -2.79 -53.95 98.17
N GLU L 31 -2.49 -52.65 98.06
CA GLU L 31 -2.20 -52.05 96.77
C GLU L 31 -0.84 -52.50 96.25
N ILE L 32 -0.62 -52.27 94.96
CA ILE L 32 0.60 -52.71 94.31
C ILE L 32 1.56 -51.56 94.00
N TYR L 33 1.09 -50.33 93.97
CA TYR L 33 1.94 -49.18 93.71
C TYR L 33 2.25 -48.46 95.01
N ALA L 34 2.92 -47.32 94.91
CA ALA L 34 3.28 -46.53 96.07
C ALA L 34 3.26 -45.06 95.71
N ARG L 35 3.09 -44.23 96.74
CA ARG L 35 3.07 -42.78 96.53
C ARG L 35 4.47 -42.28 96.19
N PHE L 36 4.53 -41.31 95.29
CA PHE L 36 5.81 -40.68 94.95
C PHE L 36 6.52 -40.16 96.18
N SER L 37 7.84 -40.15 96.13
CA SER L 37 8.62 -39.33 97.04
C SER L 37 8.59 -37.89 96.54
N ASP L 38 8.97 -36.96 97.43
CA ASP L 38 8.94 -35.55 97.07
C ASP L 38 9.92 -35.24 95.95
N GLU L 39 11.15 -35.75 96.07
CA GLU L 39 12.18 -35.47 95.08
C GLU L 39 11.87 -36.10 93.73
N ARG L 40 11.01 -37.12 93.69
CA ARG L 40 10.62 -37.72 92.42
C ARG L 40 9.35 -37.13 91.84
N ALA L 41 8.39 -36.74 92.68
CA ALA L 41 7.22 -36.04 92.16
C ALA L 41 7.60 -34.68 91.61
N ASN L 42 8.45 -33.94 92.34
CA ASN L 42 8.93 -32.64 91.88
C ASN L 42 9.74 -32.73 90.60
N GLU L 43 10.18 -33.91 90.22
CA GLU L 43 10.89 -34.13 88.95
C GLU L 43 9.97 -34.60 87.84
N GLN L 44 9.09 -35.56 88.14
CA GLN L 44 8.15 -36.05 87.14
C GLN L 44 7.15 -34.99 86.74
N ALA L 45 6.85 -34.04 87.63
CA ALA L 45 5.95 -32.94 87.28
C ALA L 45 6.67 -31.82 86.55
N ASN L 46 7.97 -31.95 86.29
CA ASN L 46 8.74 -30.95 85.58
C ASN L 46 8.92 -31.29 84.11
N ARG L 47 8.33 -32.38 83.64
CA ARG L 47 8.44 -32.76 82.24
C ARG L 47 7.31 -32.21 81.38
N CYS L 48 6.35 -31.50 81.96
CA CYS L 48 5.28 -30.90 81.18
C CYS L 48 5.85 -29.81 80.25
N SER L 49 4.98 -29.31 79.38
CA SER L 49 5.39 -28.29 78.42
C SER L 49 4.63 -26.98 78.56
N GLN L 50 3.54 -26.94 79.32
CA GLN L 50 2.67 -25.76 79.41
C GLN L 50 2.25 -25.31 78.01
N CYS L 51 1.80 -26.28 77.23
CA CYS L 51 1.50 -26.08 75.83
C CYS L 51 0.09 -25.55 75.63
N GLY L 52 -0.06 -24.60 74.72
CA GLY L 52 -1.39 -24.21 74.30
C GLY L 52 -2.13 -25.36 73.65
N VAL L 53 -3.45 -25.31 73.74
CA VAL L 53 -4.31 -26.41 73.31
C VAL L 53 -3.86 -27.65 74.07
N PRO L 54 -4.11 -27.75 75.37
CA PRO L 54 -3.65 -28.90 76.14
C PRO L 54 -4.54 -30.11 75.92
N PHE L 55 -4.01 -31.13 75.26
CA PHE L 55 -4.76 -32.36 75.06
C PHE L 55 -4.94 -33.15 76.34
N CYS L 56 -4.16 -32.85 77.38
CA CYS L 56 -4.36 -33.50 78.67
C CYS L 56 -5.72 -33.18 79.24
N GLN L 57 -6.33 -32.08 78.81
CA GLN L 57 -7.56 -31.57 79.39
C GLN L 57 -8.77 -31.76 78.49
N VAL L 58 -8.62 -31.70 77.17
CA VAL L 58 -9.77 -31.86 76.29
C VAL L 58 -10.24 -33.32 76.27
N HIS L 59 -9.41 -34.26 76.72
CA HIS L 59 -9.77 -35.67 76.72
C HIS L 59 -10.01 -36.21 78.13
N CYS L 60 -10.12 -35.34 79.13
CA CYS L 60 -10.40 -35.77 80.49
C CYS L 60 -11.86 -35.45 80.80
N PRO L 61 -12.70 -36.46 81.05
CA PRO L 61 -14.14 -36.20 81.14
C PRO L 61 -14.55 -35.23 82.23
N VAL L 62 -13.73 -35.06 83.27
CA VAL L 62 -14.04 -34.09 84.32
C VAL L 62 -13.36 -32.75 84.06
N SER L 63 -12.36 -32.71 83.17
CA SER L 63 -11.74 -31.47 82.71
C SER L 63 -11.05 -30.73 83.85
N ASN L 64 -10.03 -31.37 84.42
CA ASN L 64 -9.22 -30.73 85.43
C ASN L 64 -8.27 -29.71 84.79
N ASN L 65 -7.93 -28.67 85.55
CA ASN L 65 -6.96 -27.67 85.10
C ASN L 65 -5.56 -28.26 85.27
N ILE L 66 -5.27 -29.27 84.45
CA ILE L 66 -4.07 -30.09 84.64
C ILE L 66 -2.79 -29.26 84.59
N PRO L 67 -2.56 -28.43 83.56
CA PRO L 67 -1.28 -27.69 83.53
C PRO L 67 -1.06 -26.81 84.73
N ASP L 68 -2.11 -26.22 85.30
CA ASP L 68 -1.92 -25.29 86.41
C ASP L 68 -1.39 -26.00 87.66
N TRP L 69 -2.02 -27.09 88.07
CA TRP L 69 -1.46 -27.75 89.25
C TRP L 69 -0.19 -28.52 88.93
N LEU L 70 0.04 -28.91 87.66
CA LEU L 70 1.36 -29.43 87.32
C LEU L 70 2.43 -28.37 87.49
N LYS L 71 2.11 -27.12 87.16
CA LYS L 71 3.05 -26.03 87.40
C LYS L 71 3.23 -25.77 88.89
N LEU L 72 2.12 -25.77 89.63
CA LEU L 72 2.18 -25.46 91.04
C LEU L 72 2.96 -26.51 91.84
N THR L 73 2.83 -27.78 91.50
CA THR L 73 3.52 -28.81 92.27
C THR L 73 5.01 -28.83 91.96
N SER L 74 5.40 -28.44 90.74
CA SER L 74 6.80 -28.46 90.36
C SER L 74 7.57 -27.25 90.88
N GLU L 75 6.95 -26.43 91.73
CA GLU L 75 7.60 -25.28 92.34
C GLU L 75 7.27 -25.16 93.82
N GLY L 76 6.99 -26.26 94.48
CA GLY L 76 6.51 -26.23 95.86
C GLY L 76 5.01 -25.99 95.92
N ARG L 77 4.59 -24.99 96.69
CA ARG L 77 3.23 -24.46 96.67
C ARG L 77 2.16 -25.53 96.57
N LEU L 78 2.31 -26.62 97.30
CA LEU L 78 1.41 -27.76 97.13
C LEU L 78 -0.01 -27.43 97.58
N GLU L 79 -0.17 -26.47 98.49
CA GLU L 79 -1.51 -26.15 98.98
C GLU L 79 -2.37 -25.55 97.87
N GLU L 80 -1.83 -24.58 97.14
CA GLU L 80 -2.57 -24.00 96.02
C GLU L 80 -2.82 -25.04 94.94
N ALA L 81 -1.88 -25.96 94.73
CA ALA L 81 -2.12 -27.05 93.79
C ALA L 81 -3.30 -27.90 94.23
N TYR L 82 -3.40 -28.21 95.53
CA TYR L 82 -4.55 -28.94 96.03
C TYR L 82 -5.83 -28.16 95.82
N GLU L 83 -5.81 -26.85 96.07
CA GLU L 83 -7.01 -26.04 95.86
C GLU L 83 -7.46 -26.11 94.41
N VAL L 84 -6.51 -25.97 93.48
CA VAL L 84 -6.85 -25.97 92.06
C VAL L 84 -7.39 -27.34 91.65
N SER L 85 -6.78 -28.41 92.16
CA SER L 85 -7.24 -29.75 91.79
C SER L 85 -8.61 -30.06 92.38
N GLN L 86 -8.90 -29.54 93.58
CA GLN L 86 -10.17 -29.83 94.22
C GLN L 86 -11.30 -28.98 93.64
N ALA L 87 -10.98 -27.78 93.15
CA ALA L 87 -12.02 -26.89 92.67
C ALA L 87 -12.80 -27.43 91.47
N THR L 88 -12.40 -28.57 90.91
CA THR L 88 -13.09 -29.09 89.73
C THR L 88 -13.37 -30.59 89.82
N ASN L 89 -13.06 -31.24 90.94
CA ASN L 89 -13.30 -32.68 91.05
C ASN L 89 -13.52 -33.01 92.53
N ASN L 90 -14.58 -33.76 92.82
CA ASN L 90 -14.91 -34.05 94.21
C ASN L 90 -14.04 -35.16 94.78
N PHE L 91 -13.77 -36.22 94.00
CA PHE L 91 -12.96 -37.36 94.44
C PHE L 91 -11.73 -37.45 93.55
N PRO L 92 -10.71 -36.63 93.82
CA PRO L 92 -9.51 -36.67 92.95
C PRO L 92 -8.67 -37.92 93.16
N GLU L 93 -8.47 -38.35 94.41
CA GLU L 93 -7.59 -39.48 94.67
C GLU L 93 -8.17 -40.78 94.12
N ILE L 94 -9.48 -41.00 94.33
CA ILE L 94 -10.12 -42.19 93.80
C ILE L 94 -9.98 -42.25 92.29
N CYS L 95 -10.20 -41.11 91.62
CA CYS L 95 -10.03 -41.05 90.17
C CYS L 95 -8.60 -41.39 89.78
N GLY L 96 -7.62 -40.66 90.33
CA GLY L 96 -6.23 -40.92 90.03
C GLY L 96 -5.80 -42.35 90.32
N ARG L 97 -6.53 -43.05 91.17
CA ARG L 97 -6.22 -44.45 91.46
C ARG L 97 -6.87 -45.42 90.49
N ILE L 98 -8.09 -45.15 90.03
CA ILE L 98 -8.82 -46.11 89.22
C ILE L 98 -9.08 -45.63 87.79
N CYS L 99 -8.97 -44.34 87.51
CA CYS L 99 -9.25 -43.85 86.16
C CYS L 99 -8.19 -44.36 85.20
N PRO L 100 -8.57 -45.02 84.10
CA PRO L 100 -7.57 -45.51 83.15
C PRO L 100 -6.95 -44.36 82.37
N GLN L 101 -5.72 -44.01 82.71
CA GLN L 101 -5.06 -42.86 82.13
C GLN L 101 -4.53 -43.10 80.73
N ASP L 102 -4.25 -44.35 80.37
CA ASP L 102 -3.68 -44.64 79.06
C ASP L 102 -4.67 -44.42 77.92
N ARG L 103 -5.93 -44.14 78.22
CA ARG L 103 -6.93 -43.86 77.19
C ARG L 103 -7.58 -42.50 77.34
N LEU L 104 -7.38 -41.81 78.46
CA LEU L 104 -8.08 -40.55 78.71
C LEU L 104 -7.13 -39.35 78.74
N CYS L 105 -6.12 -39.37 79.61
CA CYS L 105 -5.23 -38.24 79.75
C CYS L 105 -3.79 -38.59 79.38
N GLU L 106 -3.23 -39.65 79.95
CA GLU L 106 -1.86 -40.02 79.65
C GLU L 106 -1.70 -40.57 78.25
N GLY L 107 -2.80 -40.93 77.58
CA GLY L 107 -2.72 -41.47 76.24
C GLY L 107 -2.80 -40.46 75.13
N ASN L 108 -3.07 -39.19 75.45
CA ASN L 108 -3.19 -38.14 74.44
C ASN L 108 -2.31 -36.94 74.73
N CYS L 109 -1.41 -37.03 75.71
CA CYS L 109 -0.48 -35.94 75.96
C CYS L 109 0.37 -35.66 74.72
N VAL L 110 0.78 -34.40 74.57
CA VAL L 110 1.51 -34.02 73.36
C VAL L 110 2.88 -34.69 73.32
N ILE L 111 3.55 -34.78 74.46
CA ILE L 111 4.87 -35.38 74.52
C ILE L 111 4.72 -36.90 74.53
N GLU L 112 3.47 -37.36 74.64
CA GLU L 112 3.17 -38.78 74.49
C GLU L 112 3.00 -39.17 73.04
N GLN L 113 2.36 -38.30 72.25
CA GLN L 113 2.21 -38.57 70.83
C GLN L 113 3.54 -38.60 70.09
N SER L 114 4.56 -37.95 70.63
CA SER L 114 5.88 -37.90 70.01
C SER L 114 6.79 -39.02 70.50
N THR L 115 6.24 -40.01 71.19
CA THR L 115 6.98 -41.16 71.72
C THR L 115 8.11 -40.73 72.65
N HIS L 116 7.91 -39.61 73.36
CA HIS L 116 8.81 -39.21 74.43
C HIS L 116 8.39 -39.75 75.79
N GLY L 117 7.27 -40.43 75.87
CA GLY L 117 6.73 -40.85 77.16
C GLY L 117 5.84 -39.78 77.75
N ALA L 118 4.65 -40.15 78.20
CA ALA L 118 3.70 -39.17 78.69
C ALA L 118 4.16 -38.57 80.02
N VAL L 119 3.37 -37.63 80.52
CA VAL L 119 3.56 -37.11 81.86
C VAL L 119 2.69 -37.92 82.81
N THR L 120 3.24 -38.27 83.96
CA THR L 120 2.49 -39.05 84.94
C THR L 120 1.41 -38.18 85.58
N ILE L 121 0.21 -38.22 85.01
CA ILE L 121 -0.84 -37.28 85.43
C ILE L 121 -1.55 -37.79 86.67
N GLY L 122 -2.17 -38.97 86.58
CA GLY L 122 -2.90 -39.50 87.71
C GLY L 122 -2.03 -39.74 88.91
N SER L 123 -0.75 -40.07 88.69
CA SER L 123 0.16 -40.28 89.81
C SER L 123 0.41 -38.99 90.57
N VAL L 124 0.62 -37.88 89.86
CA VAL L 124 0.78 -36.60 90.52
C VAL L 124 -0.54 -36.17 91.17
N GLU L 125 -1.67 -36.51 90.55
CA GLU L 125 -2.96 -36.27 91.18
C GLU L 125 -3.02 -36.95 92.55
N LYS L 126 -2.73 -38.25 92.58
CA LYS L 126 -2.66 -39.00 93.83
C LYS L 126 -1.73 -38.33 94.83
N TYR L 127 -0.52 -37.97 94.37
CA TYR L 127 0.48 -37.42 95.28
C TYR L 127 -0.01 -36.12 95.92
N ILE L 128 -0.37 -35.13 95.10
CA ILE L 128 -0.77 -33.83 95.62
C ILE L 128 -2.13 -33.86 96.30
N ASN L 129 -2.91 -34.92 96.14
CA ASN L 129 -4.18 -35.01 96.84
C ASN L 129 -4.13 -35.92 98.06
N ASP L 130 -3.04 -36.66 98.25
CA ASP L 130 -2.89 -37.55 99.39
C ASP L 130 -2.12 -36.89 100.53
N THR L 131 -0.94 -36.34 100.25
CA THR L 131 -0.22 -35.60 101.26
C THR L 131 -0.93 -34.32 101.67
N ALA L 132 -1.87 -33.83 100.86
CA ALA L 132 -2.70 -32.71 101.24
C ALA L 132 -3.77 -33.10 102.26
N TRP L 133 -3.94 -34.40 102.52
CA TRP L 133 -4.89 -34.85 103.53
C TRP L 133 -4.26 -34.90 104.92
N ASP L 134 -2.95 -35.13 105.00
CA ASP L 134 -2.31 -35.31 106.30
C ASP L 134 -2.31 -34.02 107.11
N GLN L 135 -2.07 -32.89 106.45
CA GLN L 135 -1.91 -31.62 107.15
C GLN L 135 -3.22 -30.85 107.27
N GLY L 136 -4.35 -31.56 107.24
CA GLY L 136 -5.63 -30.97 107.56
C GLY L 136 -6.14 -29.91 106.62
N TRP L 137 -5.55 -29.78 105.42
CA TRP L 137 -6.05 -28.79 104.47
C TRP L 137 -7.43 -29.11 103.92
N VAL L 138 -7.94 -30.30 104.18
CA VAL L 138 -9.26 -30.72 103.69
C VAL L 138 -10.29 -30.39 104.75
N LYS L 139 -11.40 -29.78 104.34
CA LYS L 139 -12.47 -29.42 105.25
C LYS L 139 -13.80 -29.57 104.53
N PRO L 140 -14.87 -29.89 105.24
CA PRO L 140 -16.18 -30.04 104.59
C PRO L 140 -16.73 -28.71 104.12
N ARG L 141 -17.65 -28.80 103.15
CA ARG L 141 -18.29 -27.61 102.56
C ARG L 141 -19.67 -27.44 103.17
N THR L 142 -19.69 -26.94 104.41
CA THR L 142 -20.95 -26.69 105.08
C THR L 142 -21.67 -25.51 104.44
N PRO L 143 -22.98 -25.57 104.25
CA PRO L 143 -23.68 -24.43 103.66
C PRO L 143 -23.62 -23.21 104.57
N SER L 144 -23.32 -22.06 103.96
CA SER L 144 -23.26 -20.81 104.73
C SER L 144 -24.62 -20.48 105.33
N ARG L 145 -25.63 -20.28 104.49
CA ARG L 145 -26.98 -20.00 104.92
C ARG L 145 -27.87 -21.19 104.58
N GLU L 146 -28.68 -21.61 105.54
CA GLU L 146 -29.51 -22.80 105.36
C GLU L 146 -30.72 -22.45 104.51
N LEU L 147 -30.78 -23.03 103.30
CA LEU L 147 -31.93 -22.86 102.43
C LEU L 147 -33.04 -23.82 102.84
N GLY L 148 -34.28 -23.39 102.67
CA GLY L 148 -35.42 -24.19 103.12
C GLY L 148 -36.05 -25.08 102.07
N LEU L 149 -35.25 -25.95 101.45
CA LEU L 149 -35.77 -26.90 100.48
C LEU L 149 -35.00 -28.20 100.59
N SER L 150 -35.72 -29.32 100.53
CA SER L 150 -35.17 -30.64 100.74
C SER L 150 -35.22 -31.44 99.44
N VAL L 151 -34.14 -32.18 99.16
CA VAL L 151 -34.00 -32.96 97.94
C VAL L 151 -33.45 -34.33 98.30
N GLY L 152 -33.93 -35.35 97.59
CA GLY L 152 -33.53 -36.72 97.86
C GLY L 152 -32.89 -37.38 96.64
N VAL L 153 -32.04 -38.38 96.91
CA VAL L 153 -31.40 -39.15 95.86
C VAL L 153 -31.59 -40.63 96.14
N ILE L 154 -31.50 -41.43 95.09
CA ILE L 154 -31.65 -42.88 95.16
C ILE L 154 -30.33 -43.51 94.75
N GLY L 155 -29.58 -44.01 95.71
CA GLY L 155 -28.30 -44.62 95.42
C GLY L 155 -27.14 -43.89 96.05
N ALA L 156 -26.04 -44.59 96.30
CA ALA L 156 -24.87 -44.00 96.92
C ALA L 156 -23.61 -44.26 96.09
N GLY L 157 -23.77 -44.38 94.77
CA GLY L 157 -22.65 -44.55 93.89
C GLY L 157 -21.89 -43.24 93.72
N PRO L 158 -20.90 -43.23 92.82
CA PRO L 158 -20.14 -41.99 92.60
C PRO L 158 -21.01 -40.81 92.21
N ALA L 159 -21.94 -41.03 91.28
CA ALA L 159 -22.81 -39.94 90.84
C ALA L 159 -23.67 -39.42 91.99
N GLY L 160 -24.25 -40.33 92.77
CA GLY L 160 -25.06 -39.90 93.90
C GLY L 160 -24.27 -39.14 94.94
N LEU L 161 -23.06 -39.62 95.23
CA LEU L 161 -22.22 -38.93 96.22
C LEU L 161 -21.83 -37.53 95.73
N ALA L 162 -21.47 -37.40 94.45
CA ALA L 162 -21.11 -36.09 93.92
C ALA L 162 -22.32 -35.16 93.93
N ALA L 163 -23.49 -35.67 93.54
CA ALA L 163 -24.69 -34.85 93.55
C ALA L 163 -25.03 -34.38 94.95
N ALA L 164 -24.89 -35.27 95.94
CA ALA L 164 -25.16 -34.87 97.32
C ALA L 164 -24.15 -33.85 97.82
N GLU L 165 -22.88 -34.04 97.46
CA GLU L 165 -21.85 -33.06 97.76
C GLU L 165 -22.26 -31.68 97.25
N GLU L 166 -22.64 -31.61 95.97
CA GLU L 166 -23.05 -30.35 95.39
C GLU L 166 -24.29 -29.79 96.10
N LEU L 167 -25.36 -30.58 96.20
CA LEU L 167 -26.63 -30.06 96.78
C LEU L 167 -26.44 -29.62 98.22
N ARG L 168 -25.51 -30.21 98.96
CA ARG L 168 -25.30 -29.77 100.34
C ARG L 168 -24.39 -28.55 100.39
N ALA L 169 -23.44 -28.43 99.47
CA ALA L 169 -22.64 -27.22 99.40
C ALA L 169 -23.49 -26.02 98.97
N LYS L 170 -24.59 -26.26 98.27
CA LYS L 170 -25.45 -25.17 97.85
C LYS L 170 -26.27 -24.63 99.02
N GLY L 171 -26.83 -25.50 99.85
CA GLY L 171 -27.62 -25.08 100.98
C GLY L 171 -28.91 -25.84 101.18
N TYR L 172 -29.14 -26.86 100.35
CA TYR L 172 -30.39 -27.62 100.37
C TYR L 172 -30.37 -28.61 101.53
N GLU L 173 -31.39 -29.48 101.56
CA GLU L 173 -31.51 -30.52 102.59
C GLU L 173 -31.46 -31.85 101.88
N VAL L 174 -30.38 -32.58 102.04
CA VAL L 174 -30.12 -33.79 101.27
C VAL L 174 -30.55 -35.01 102.06
N HIS L 175 -30.97 -36.05 101.33
CA HIS L 175 -31.28 -37.36 101.89
C HIS L 175 -30.89 -38.42 100.89
N VAL L 176 -30.13 -39.41 101.34
CA VAL L 176 -29.67 -40.50 100.49
C VAL L 176 -30.38 -41.78 100.91
N TYR L 177 -30.59 -42.67 99.94
CA TYR L 177 -31.25 -43.95 100.18
C TYR L 177 -30.46 -45.04 99.47
N ASP L 178 -29.65 -45.78 100.22
CA ASP L 178 -28.84 -46.85 99.68
C ASP L 178 -29.44 -48.21 100.05
N ARG L 179 -29.13 -49.21 99.23
CA ARG L 179 -29.59 -50.57 99.47
C ARG L 179 -28.66 -51.32 100.42
N TYR L 180 -27.36 -51.16 100.27
CA TYR L 180 -26.37 -51.89 101.05
C TYR L 180 -26.26 -51.27 102.45
N ASP L 181 -25.49 -51.93 103.30
CA ASP L 181 -25.26 -51.44 104.66
C ASP L 181 -24.17 -50.38 104.73
N ARG L 182 -23.11 -50.54 103.93
CA ARG L 182 -22.00 -49.59 103.88
C ARG L 182 -22.11 -48.83 102.58
N MET L 183 -22.40 -47.53 102.67
CA MET L 183 -22.61 -46.73 101.48
C MET L 183 -21.30 -46.48 100.75
N GLY L 184 -21.42 -46.19 99.46
CA GLY L 184 -20.26 -45.96 98.62
C GLY L 184 -20.41 -46.62 97.26
N GLY L 185 -21.50 -47.35 97.07
CA GLY L 185 -21.72 -48.05 95.82
C GLY L 185 -20.66 -49.11 95.58
N LEU L 186 -20.61 -49.56 94.32
CA LEU L 186 -19.65 -50.60 93.96
C LEU L 186 -18.20 -50.12 94.04
N LEU L 187 -17.96 -48.88 94.48
CA LEU L 187 -16.62 -48.48 94.85
C LEU L 187 -16.11 -49.29 96.03
N VAL L 188 -17.00 -49.70 96.93
CA VAL L 188 -16.58 -50.42 98.13
C VAL L 188 -16.83 -51.93 98.01
N TYR L 189 -17.75 -52.36 97.15
CA TYR L 189 -18.07 -53.78 97.02
C TYR L 189 -17.66 -54.37 95.69
N GLY L 190 -17.60 -53.58 94.62
CA GLY L 190 -17.24 -54.11 93.31
C GLY L 190 -15.75 -54.06 93.01
N ILE L 191 -15.13 -52.93 93.27
CA ILE L 191 -13.70 -52.77 92.98
C ILE L 191 -12.91 -53.50 94.07
N PRO L 192 -11.93 -54.33 93.70
CA PRO L 192 -11.22 -55.13 94.70
C PRO L 192 -10.28 -54.30 95.58
N GLY L 193 -9.56 -54.98 96.48
CA GLY L 193 -8.70 -54.27 97.42
C GLY L 193 -7.39 -53.84 96.84
N PHE L 194 -6.78 -54.63 95.96
CA PHE L 194 -5.50 -54.26 95.39
C PHE L 194 -5.63 -53.04 94.49
N LYS L 195 -6.79 -52.88 93.84
CA LYS L 195 -7.02 -51.70 93.01
C LYS L 195 -7.16 -50.46 93.86
N LEU L 196 -8.15 -50.44 94.75
CA LEU L 196 -8.44 -49.29 95.58
C LEU L 196 -8.72 -49.76 97.00
N GLU L 197 -8.00 -49.17 97.97
CA GLU L 197 -8.22 -49.51 99.36
C GLU L 197 -9.56 -48.97 99.84
N LYS L 198 -10.18 -49.69 100.77
CA LYS L 198 -11.51 -49.33 101.26
C LYS L 198 -11.47 -48.29 102.36
N SER L 199 -10.30 -47.79 102.73
CA SER L 199 -10.20 -46.76 103.77
C SER L 199 -10.43 -45.36 103.22
N VAL L 200 -9.95 -45.08 102.00
CA VAL L 200 -10.15 -43.75 101.43
C VAL L 200 -11.62 -43.50 101.14
N VAL L 201 -12.36 -44.54 100.74
CA VAL L 201 -13.79 -44.38 100.45
C VAL L 201 -14.55 -44.09 101.74
N GLU L 202 -14.24 -44.80 102.83
CA GLU L 202 -14.91 -44.52 104.09
C GLU L 202 -14.51 -43.15 104.62
N ARG L 203 -13.28 -42.71 104.37
CA ARG L 203 -12.88 -41.37 104.78
C ARG L 203 -13.68 -40.31 104.03
N ARG L 204 -13.88 -40.50 102.73
CA ARG L 204 -14.64 -39.52 101.96
C ARG L 204 -16.12 -39.52 102.34
N VAL L 205 -16.69 -40.70 102.59
CA VAL L 205 -18.10 -40.73 102.99
C VAL L 205 -18.27 -40.17 104.39
N LYS L 206 -17.25 -40.31 105.24
CA LYS L 206 -17.28 -39.64 106.53
C LYS L 206 -17.19 -38.12 106.38
N LEU L 207 -16.40 -37.66 105.41
CA LEU L 207 -16.37 -36.22 105.11
C LEU L 207 -17.75 -35.73 104.70
N LEU L 208 -18.43 -36.47 103.84
CA LEU L 208 -19.82 -36.15 103.49
C LEU L 208 -20.69 -36.07 104.75
N ALA L 209 -20.63 -37.12 105.58
CA ALA L 209 -21.46 -37.15 106.78
C ALA L 209 -21.17 -35.97 107.69
N ASP L 210 -19.91 -35.52 107.72
CA ASP L 210 -19.56 -34.34 108.50
C ASP L 210 -20.12 -33.08 107.87
N ALA L 211 -20.23 -33.05 106.54
CA ALA L 211 -20.76 -31.85 105.87
C ALA L 211 -22.20 -31.57 106.27
N GLY L 212 -22.97 -32.61 106.60
CA GLY L 212 -24.33 -32.40 107.04
C GLY L 212 -25.34 -33.26 106.30
N VAL L 213 -24.86 -34.20 105.50
CA VAL L 213 -25.74 -35.10 104.77
C VAL L 213 -26.29 -36.16 105.73
N ILE L 214 -27.44 -36.72 105.36
CA ILE L 214 -28.16 -37.67 106.19
C ILE L 214 -28.21 -39.01 105.45
N TYR L 215 -27.96 -40.10 106.19
CA TYR L 215 -27.80 -41.42 105.60
C TYR L 215 -28.97 -42.31 105.98
N HIS L 216 -29.48 -43.08 105.01
CA HIS L 216 -30.54 -44.05 105.24
C HIS L 216 -30.08 -45.40 104.69
N PRO L 217 -29.21 -46.09 105.42
CA PRO L 217 -28.69 -47.36 104.92
C PRO L 217 -29.70 -48.49 105.05
N ASN L 218 -29.46 -49.55 104.27
CA ASN L 218 -30.34 -50.72 104.23
C ASN L 218 -31.78 -50.31 103.95
N PHE L 219 -31.95 -49.45 102.94
CA PHE L 219 -33.26 -48.89 102.61
C PHE L 219 -33.44 -48.98 101.09
N GLU L 220 -34.07 -50.05 100.63
CA GLU L 220 -34.35 -50.22 99.22
C GLU L 220 -35.65 -49.52 98.86
N VAL L 221 -35.63 -48.76 97.76
CA VAL L 221 -36.79 -47.98 97.37
C VAL L 221 -37.90 -48.90 96.84
N GLY L 222 -37.55 -50.08 96.34
CA GLY L 222 -38.57 -50.98 95.84
C GLY L 222 -39.42 -51.57 96.97
N ARG L 223 -38.77 -52.10 98.00
CA ARG L 223 -39.50 -52.73 99.10
C ARG L 223 -39.98 -51.68 100.10
N ASP L 224 -39.04 -50.96 100.71
CA ASP L 224 -39.34 -50.10 101.86
C ASP L 224 -39.88 -48.73 101.48
N ALA L 225 -40.18 -48.49 100.21
CA ALA L 225 -40.65 -47.18 99.79
C ALA L 225 -41.37 -47.31 98.46
N SER L 226 -41.67 -46.18 97.84
CA SER L 226 -42.32 -46.10 96.54
C SER L 226 -42.07 -44.71 95.98
N LEU L 227 -42.00 -44.60 94.66
CA LEU L 227 -41.60 -43.34 94.05
C LEU L 227 -42.51 -42.17 94.39
N PRO L 228 -43.85 -42.29 94.31
CA PRO L 228 -44.69 -41.13 94.67
C PRO L 228 -44.47 -40.64 96.09
N GLU L 229 -44.16 -41.55 97.02
CA GLU L 229 -43.86 -41.13 98.39
C GLU L 229 -42.70 -40.15 98.41
N LEU L 230 -41.61 -40.51 97.74
CA LEU L 230 -40.43 -39.65 97.73
C LEU L 230 -40.67 -38.38 96.93
N ARG L 231 -41.49 -38.47 95.87
CA ARG L 231 -41.83 -37.27 95.11
C ARG L 231 -42.62 -36.29 95.96
N ARG L 232 -43.48 -36.80 96.84
CA ARG L 232 -44.27 -35.95 97.72
C ARG L 232 -43.45 -35.41 98.88
N LYS L 233 -42.47 -36.17 99.36
CA LYS L 233 -41.68 -35.73 100.50
C LYS L 233 -40.80 -34.54 100.15
N HIS L 234 -39.89 -34.73 99.19
CA HIS L 234 -38.92 -33.69 98.85
C HIS L 234 -39.41 -32.90 97.62
N VAL L 235 -38.68 -31.84 97.29
CA VAL L 235 -38.99 -31.06 96.10
C VAL L 235 -38.46 -31.73 94.83
N ALA L 236 -37.41 -32.54 94.94
CA ALA L 236 -36.86 -33.24 93.78
C ALA L 236 -36.16 -34.50 94.25
N VAL L 237 -36.08 -35.48 93.37
CA VAL L 237 -35.42 -36.76 93.65
C VAL L 237 -34.60 -37.15 92.43
N LEU L 238 -33.40 -37.66 92.69
CA LEU L 238 -32.42 -37.98 91.65
C LEU L 238 -32.26 -39.49 91.58
N VAL L 239 -32.65 -40.08 90.45
CA VAL L 239 -32.55 -41.52 90.25
C VAL L 239 -31.13 -41.84 89.79
N ALA L 240 -30.35 -42.48 90.67
CA ALA L 240 -28.98 -42.87 90.37
C ALA L 240 -28.74 -44.31 90.83
N THR L 241 -29.67 -45.20 90.50
CA THR L 241 -29.62 -46.57 91.00
C THR L 241 -28.55 -47.43 90.31
N GLY L 242 -28.01 -47.00 89.19
CA GLY L 242 -26.97 -47.75 88.52
C GLY L 242 -27.52 -48.91 87.70
N VAL L 243 -26.62 -49.81 87.32
CA VAL L 243 -26.93 -50.95 86.48
C VAL L 243 -26.54 -52.22 87.24
N TYR L 244 -27.49 -53.15 87.36
CA TYR L 244 -27.23 -54.36 88.14
C TYR L 244 -27.76 -55.66 87.56
N LYS L 245 -28.65 -55.63 86.57
CA LYS L 245 -29.20 -56.87 86.01
C LYS L 245 -28.14 -57.51 85.12
N ALA L 246 -27.57 -58.62 85.60
CA ALA L 246 -26.47 -59.28 84.90
C ALA L 246 -27.00 -60.07 83.70
N ARG L 247 -26.07 -60.66 82.96
CA ARG L 247 -26.37 -61.44 81.76
C ARG L 247 -26.21 -62.93 82.04
N ASP L 248 -26.81 -63.73 81.15
CA ASP L 248 -26.78 -65.19 81.26
C ASP L 248 -26.31 -65.79 79.95
N ILE L 249 -26.11 -67.10 79.95
CA ILE L 249 -25.70 -67.84 78.77
C ILE L 249 -26.52 -69.12 78.66
N LYS L 250 -27.05 -69.36 77.47
CA LYS L 250 -27.75 -70.61 77.14
C LYS L 250 -26.76 -71.58 76.53
N ALA L 251 -26.65 -72.77 77.14
CA ALA L 251 -25.67 -73.76 76.69
C ALA L 251 -26.12 -75.13 77.16
N PRO L 252 -25.84 -76.19 76.39
CA PRO L 252 -26.10 -77.55 76.88
C PRO L 252 -25.25 -77.85 78.10
N GLY L 253 -25.91 -77.99 79.25
CA GLY L 253 -25.24 -78.15 80.51
C GLY L 253 -25.00 -76.87 81.29
N SER L 254 -25.76 -75.81 80.99
CA SER L 254 -25.62 -74.54 81.69
C SER L 254 -26.45 -74.47 82.97
N GLY L 255 -26.83 -75.61 83.52
CA GLY L 255 -27.60 -75.63 84.76
C GLY L 255 -26.94 -76.43 85.85
N LEU L 256 -25.66 -76.75 85.67
CA LEU L 256 -24.92 -77.53 86.65
C LEU L 256 -24.58 -76.66 87.85
N GLY L 257 -23.76 -77.19 88.76
CA GLY L 257 -23.32 -76.43 89.91
C GLY L 257 -22.04 -75.68 89.64
N ASN L 258 -21.68 -74.83 90.61
CA ASN L 258 -20.44 -74.04 90.60
C ASN L 258 -20.36 -73.09 89.41
N ILE L 259 -21.48 -72.82 88.75
CA ILE L 259 -21.54 -71.79 87.71
C ILE L 259 -21.83 -70.47 88.41
N VAL L 260 -20.77 -69.77 88.78
CA VAL L 260 -20.88 -68.60 89.67
C VAL L 260 -20.87 -67.32 88.84
N ALA L 261 -21.58 -66.32 89.33
CA ALA L 261 -21.56 -64.98 88.76
C ALA L 261 -20.43 -64.16 89.36
N ALA L 262 -20.02 -63.13 88.62
CA ALA L 262 -18.86 -62.34 89.03
C ALA L 262 -19.18 -61.45 90.23
N LEU L 263 -20.35 -60.80 90.20
CA LEU L 263 -20.67 -59.83 91.24
C LEU L 263 -20.74 -60.48 92.62
N ASP L 264 -21.27 -61.71 92.69
CA ASP L 264 -21.35 -62.39 93.97
C ASP L 264 -19.96 -62.71 94.51
N TYR L 265 -19.08 -63.23 93.65
CA TYR L 265 -17.71 -63.49 94.07
C TYR L 265 -17.03 -62.22 94.58
N LEU L 266 -17.20 -61.12 93.86
CA LEU L 266 -16.54 -59.88 94.28
C LEU L 266 -17.11 -59.35 95.58
N THR L 267 -18.44 -59.40 95.74
CA THR L 267 -19.06 -58.96 96.98
C THR L 267 -18.55 -59.78 98.15
N THR L 268 -18.50 -61.11 98.00
CA THR L 268 -18.05 -61.94 99.11
C THR L 268 -16.57 -61.74 99.39
N SER L 269 -15.76 -61.52 98.35
CA SER L 269 -14.33 -61.27 98.56
C SER L 269 -14.11 -59.98 99.35
N ASN L 270 -14.78 -58.91 98.94
CA ASN L 270 -14.63 -57.65 99.67
C ASN L 270 -15.16 -57.77 101.09
N LYS L 271 -16.28 -58.48 101.28
CA LYS L 271 -16.82 -58.65 102.61
C LYS L 271 -15.86 -59.41 103.52
N VAL L 272 -15.38 -60.57 103.06
CA VAL L 272 -14.49 -61.35 103.91
C VAL L 272 -13.18 -60.60 104.14
N SER L 273 -12.75 -59.77 103.19
CA SER L 273 -11.61 -58.91 103.44
C SER L 273 -11.93 -57.86 104.50
N LEU L 274 -13.20 -57.46 104.61
CA LEU L 274 -13.62 -56.58 105.69
C LEU L 274 -14.09 -57.37 106.92
N GLY L 275 -14.83 -58.45 106.71
CA GLY L 275 -15.26 -59.30 107.81
C GLY L 275 -16.65 -59.86 107.54
N ASP L 276 -17.47 -59.85 108.59
CA ASP L 276 -18.89 -60.21 108.55
C ASP L 276 -19.12 -61.70 108.37
N THR L 277 -18.05 -62.45 108.08
CA THR L 277 -18.03 -63.91 108.11
C THR L 277 -19.25 -64.52 107.39
N VAL L 278 -19.29 -64.30 106.08
CA VAL L 278 -20.26 -65.01 105.26
C VAL L 278 -19.91 -66.49 105.23
N GLU L 279 -20.94 -67.35 105.29
CA GLU L 279 -20.69 -68.78 105.41
C GLU L 279 -20.24 -69.38 104.08
N ALA L 280 -20.65 -68.80 102.96
CA ALA L 280 -20.29 -69.33 101.65
C ALA L 280 -18.78 -69.27 101.39
N TYR L 281 -18.05 -68.44 102.13
CA TYR L 281 -16.60 -68.51 102.09
C TYR L 281 -16.07 -69.72 102.84
N GLU L 282 -16.79 -70.18 103.86
CA GLU L 282 -16.39 -71.37 104.60
C GLU L 282 -16.86 -72.64 103.89
N ASN L 283 -18.17 -72.80 103.73
CA ASN L 283 -18.76 -73.94 103.04
C ASN L 283 -19.53 -73.43 101.82
N GLY L 284 -18.82 -73.30 100.71
CA GLY L 284 -19.40 -72.83 99.48
C GLY L 284 -18.35 -72.73 98.41
N SER L 285 -18.82 -72.61 97.17
CA SER L 285 -17.94 -72.55 96.01
C SER L 285 -17.49 -71.13 95.68
N LEU L 286 -17.60 -70.20 96.64
CA LEU L 286 -17.12 -68.83 96.47
C LEU L 286 -15.66 -68.68 96.89
N ASN L 287 -14.92 -69.79 96.94
CA ASN L 287 -13.49 -69.77 97.19
C ASN L 287 -12.81 -70.56 96.08
N ALA L 288 -11.54 -70.22 95.84
CA ALA L 288 -10.74 -70.87 94.79
C ALA L 288 -9.38 -71.25 95.36
N ALA L 289 -9.38 -71.89 96.53
CA ALA L 289 -8.13 -72.23 97.20
C ALA L 289 -7.29 -73.18 96.35
N GLY L 290 -7.80 -74.38 96.08
CA GLY L 290 -7.06 -75.34 95.31
C GLY L 290 -7.81 -75.87 94.10
N LYS L 291 -8.56 -75.00 93.43
CA LYS L 291 -9.36 -75.39 92.28
C LYS L 291 -8.84 -74.71 91.02
N HIS L 292 -9.33 -75.20 89.87
CA HIS L 292 -9.01 -74.62 88.58
C HIS L 292 -10.10 -73.62 88.20
N VAL L 293 -9.70 -72.37 87.99
CA VAL L 293 -10.64 -71.27 87.73
C VAL L 293 -10.66 -70.97 86.24
N VAL L 294 -11.86 -70.77 85.70
CA VAL L 294 -12.04 -70.36 84.32
C VAL L 294 -13.12 -69.28 84.29
N VAL L 295 -12.76 -68.10 83.80
CA VAL L 295 -13.68 -66.96 83.74
C VAL L 295 -14.08 -66.71 82.29
N LEU L 296 -15.35 -66.42 82.09
CA LEU L 296 -15.89 -66.09 80.77
C LEU L 296 -16.13 -64.59 80.67
N GLY L 297 -16.38 -64.14 79.45
CA GLY L 297 -16.58 -62.74 79.18
C GLY L 297 -15.28 -61.95 79.25
N GLY L 298 -15.37 -60.69 78.82
CA GLY L 298 -14.21 -59.82 78.79
C GLY L 298 -14.50 -58.48 79.46
N GLY L 299 -13.45 -57.68 79.55
CA GLY L 299 -13.52 -56.37 80.17
C GLY L 299 -12.75 -56.32 81.47
N ASP L 300 -12.87 -55.18 82.14
CA ASP L 300 -12.18 -54.97 83.41
C ASP L 300 -12.76 -55.85 84.52
N THR L 301 -14.05 -56.16 84.44
CA THR L 301 -14.66 -57.07 85.41
C THR L 301 -13.95 -58.41 85.43
N ALA L 302 -13.66 -58.97 84.25
CA ALA L 302 -12.96 -60.24 84.18
C ALA L 302 -11.55 -60.13 84.77
N MET L 303 -10.87 -59.01 84.52
CA MET L 303 -9.54 -58.81 85.09
C MET L 303 -9.60 -58.83 86.61
N ASP L 304 -10.52 -58.03 87.19
CA ASP L 304 -10.67 -58.00 88.63
C ASP L 304 -10.98 -59.39 89.18
N CYS L 305 -11.86 -60.13 88.50
CA CYS L 305 -12.24 -61.45 88.98
C CYS L 305 -11.06 -62.41 88.97
N VAL L 306 -10.32 -62.47 87.85
CA VAL L 306 -9.24 -63.43 87.78
C VAL L 306 -8.11 -63.05 88.74
N ARG L 307 -7.88 -61.75 88.96
CA ARG L 307 -6.86 -61.35 89.90
C ARG L 307 -7.24 -61.71 91.34
N THR L 308 -8.45 -61.32 91.75
CA THR L 308 -8.89 -61.66 93.11
C THR L 308 -9.06 -63.16 93.29
N ALA L 309 -9.14 -63.92 92.21
CA ALA L 309 -9.13 -65.37 92.34
C ALA L 309 -7.71 -65.90 92.53
N ILE L 310 -6.77 -65.42 91.72
CA ILE L 310 -5.39 -65.88 91.85
C ILE L 310 -4.76 -65.44 93.15
N ARG L 311 -5.34 -64.44 93.83
CA ARG L 311 -4.82 -64.08 95.15
C ARG L 311 -5.11 -65.15 96.19
N GLN L 312 -6.25 -65.83 96.08
CA GLN L 312 -6.65 -66.86 97.04
C GLN L 312 -6.28 -68.25 96.54
N GLY L 313 -4.97 -68.46 96.32
CA GLY L 313 -4.50 -69.74 95.85
C GLY L 313 -4.67 -69.91 94.35
N ALA L 314 -5.64 -70.72 93.93
CA ALA L 314 -6.01 -70.87 92.52
C ALA L 314 -4.80 -71.31 91.69
N THR L 315 -4.39 -72.55 91.95
CA THR L 315 -3.20 -73.15 91.35
C THR L 315 -3.09 -72.91 89.84
N SER L 316 -4.22 -72.74 89.15
CA SER L 316 -4.20 -72.44 87.73
C SER L 316 -5.46 -71.66 87.36
N VAL L 317 -5.28 -70.55 86.65
CA VAL L 317 -6.38 -69.69 86.24
C VAL L 317 -6.31 -69.48 84.73
N LYS L 318 -7.48 -69.32 84.12
CA LYS L 318 -7.58 -69.10 82.69
C LYS L 318 -8.69 -68.10 82.42
N CYS L 319 -8.61 -67.45 81.25
CA CYS L 319 -9.61 -66.48 80.83
C CYS L 319 -9.86 -66.65 79.34
N LEU L 320 -11.14 -66.72 78.96
CA LEU L 320 -11.54 -66.95 77.57
C LEU L 320 -12.25 -65.70 77.05
N TYR L 321 -11.56 -64.94 76.22
CA TYR L 321 -12.12 -63.77 75.56
C TYR L 321 -12.36 -64.09 74.09
N ARG L 322 -13.41 -63.47 73.53
CA ARG L 322 -13.85 -63.76 72.17
C ARG L 322 -13.41 -62.73 71.15
N ARG L 323 -12.38 -61.95 71.47
CA ARG L 323 -11.86 -60.95 70.54
C ARG L 323 -10.34 -60.93 70.68
N ASP L 324 -9.72 -59.91 70.09
CA ASP L 324 -8.27 -59.78 70.07
C ASP L 324 -7.80 -58.94 71.25
N ARG L 325 -6.50 -59.04 71.53
CA ARG L 325 -5.92 -58.38 72.70
C ARG L 325 -6.07 -56.87 72.63
N LYS L 326 -5.85 -56.29 71.45
CA LYS L 326 -5.89 -54.84 71.31
C LYS L 326 -7.29 -54.27 71.50
N ASN L 327 -8.34 -55.09 71.39
CA ASN L 327 -9.71 -54.63 71.53
C ASN L 327 -10.24 -54.86 72.94
N MET L 328 -9.38 -54.84 73.94
CA MET L 328 -9.80 -55.06 75.31
C MET L 328 -10.61 -53.87 75.80
N PRO L 329 -11.83 -54.06 76.32
CA PRO L 329 -12.61 -52.92 76.81
C PRO L 329 -12.03 -52.25 78.04
N GLY L 330 -11.02 -52.84 78.66
CA GLY L 330 -10.30 -52.22 79.75
C GLY L 330 -8.95 -51.70 79.31
N SER L 331 -8.08 -51.47 80.29
CA SER L 331 -6.73 -51.02 80.02
C SER L 331 -5.81 -52.22 79.79
N GLN L 332 -4.57 -51.92 79.41
CA GLN L 332 -3.59 -52.96 79.11
C GLN L 332 -2.42 -52.96 80.08
N ARG L 333 -2.33 -51.98 80.98
CA ARG L 333 -1.31 -52.02 82.03
C ARG L 333 -1.48 -53.26 82.89
N GLU L 334 -2.66 -53.40 83.48
CA GLU L 334 -2.97 -54.46 84.42
C GLU L 334 -3.36 -55.77 83.74
N VAL L 335 -3.64 -55.75 82.44
CA VAL L 335 -3.57 -57.00 81.69
C VAL L 335 -2.16 -57.56 81.76
N ALA L 336 -1.16 -56.68 81.59
CA ALA L 336 0.22 -57.10 81.75
C ALA L 336 0.52 -57.46 83.20
N HIS L 337 -0.12 -56.78 84.16
CA HIS L 337 0.05 -57.14 85.55
C HIS L 337 -0.44 -58.57 85.82
N ALA L 338 -1.61 -58.91 85.27
CA ALA L 338 -2.12 -60.27 85.41
C ALA L 338 -1.21 -61.27 84.75
N GLU L 339 -0.66 -60.92 83.58
CA GLU L 339 0.30 -61.80 82.93
C GLU L 339 1.56 -61.98 83.77
N GLU L 340 1.95 -60.95 84.51
CA GLU L 340 3.09 -61.07 85.42
C GLU L 340 2.75 -61.95 86.62
N GLU L 341 1.52 -61.85 87.12
CA GLU L 341 1.13 -62.55 88.34
C GLU L 341 0.92 -64.04 88.12
N GLY L 342 0.78 -64.49 86.88
CA GLY L 342 0.68 -65.90 86.61
C GLY L 342 -0.54 -66.32 85.81
N VAL L 343 -1.34 -65.35 85.39
CA VAL L 343 -2.56 -65.65 84.63
C VAL L 343 -2.19 -66.11 83.23
N GLU L 344 -2.99 -67.02 82.69
CA GLU L 344 -2.83 -67.55 81.35
C GLU L 344 -4.06 -67.18 80.53
N PHE L 345 -3.84 -66.64 79.33
CA PHE L 345 -4.91 -66.08 78.52
C PHE L 345 -5.12 -66.89 77.25
N ILE L 346 -6.36 -66.89 76.77
CA ILE L 346 -6.72 -67.48 75.48
C ILE L 346 -7.56 -66.45 74.73
N TRP L 347 -6.99 -65.84 73.71
CA TRP L 347 -7.69 -64.84 72.91
C TRP L 347 -8.43 -65.51 71.76
N GLN L 348 -9.51 -64.86 71.33
CA GLN L 348 -10.34 -65.34 70.21
C GLN L 348 -10.85 -66.75 70.48
N ALA L 349 -11.63 -66.88 71.55
CA ALA L 349 -12.21 -68.15 71.95
C ALA L 349 -13.61 -67.90 72.51
N ALA L 350 -14.57 -68.69 72.04
CA ALA L 350 -15.95 -68.55 72.48
C ALA L 350 -16.43 -69.89 73.05
N PRO L 351 -16.85 -69.93 74.30
CA PRO L 351 -17.31 -71.19 74.88
C PRO L 351 -18.71 -71.57 74.39
N GLU L 352 -18.93 -72.87 74.25
CA GLU L 352 -20.21 -73.38 73.79
C GLU L 352 -20.90 -74.28 74.82
N GLY L 353 -20.14 -75.09 75.56
CA GLY L 353 -20.79 -76.01 76.47
C GLY L 353 -20.00 -76.24 77.74
N PHE L 354 -20.67 -76.84 78.72
CA PHE L 354 -20.05 -77.24 79.98
C PHE L 354 -20.27 -78.73 80.17
N THR L 355 -19.19 -79.50 80.14
CA THR L 355 -19.26 -80.94 80.32
C THR L 355 -19.10 -81.28 81.81
N GLY L 356 -19.98 -82.14 82.30
CA GLY L 356 -19.99 -82.52 83.69
C GLY L 356 -21.20 -83.38 83.99
N ASP L 357 -21.31 -83.77 85.26
CA ASP L 357 -22.40 -84.64 85.69
C ASP L 357 -23.33 -83.96 86.69
N THR L 358 -22.77 -83.36 87.75
CA THR L 358 -23.57 -82.55 88.67
C THR L 358 -22.91 -81.19 88.84
N VAL L 359 -21.57 -81.16 88.76
CA VAL L 359 -20.82 -79.91 88.78
C VAL L 359 -19.92 -79.88 87.55
N VAL L 360 -19.70 -78.67 87.03
CA VAL L 360 -18.92 -78.53 85.81
C VAL L 360 -17.49 -79.01 86.05
N THR L 361 -17.05 -79.94 85.21
CA THR L 361 -15.67 -80.42 85.25
C THR L 361 -14.88 -80.04 84.01
N GLY L 362 -15.54 -79.56 82.96
CA GLY L 362 -14.81 -79.04 81.81
C GLY L 362 -15.67 -78.07 81.04
N VAL L 363 -15.02 -77.25 80.23
CA VAL L 363 -15.68 -76.27 79.38
C VAL L 363 -15.26 -76.55 77.94
N ARG L 364 -16.22 -76.89 77.10
CA ARG L 364 -15.99 -77.14 75.69
C ARG L 364 -16.17 -75.83 74.93
N ALA L 365 -15.10 -75.37 74.29
CA ALA L 365 -15.09 -74.10 73.58
C ALA L 365 -14.66 -74.30 72.13
N VAL L 366 -14.96 -73.31 71.32
CA VAL L 366 -14.60 -73.28 69.91
C VAL L 366 -13.80 -72.01 69.64
N ARG L 367 -12.86 -72.10 68.72
CA ARG L 367 -12.05 -70.96 68.33
C ARG L 367 -12.72 -70.24 67.17
N ILE L 368 -12.63 -68.91 67.16
CA ILE L 368 -13.26 -68.11 66.12
C ILE L 368 -12.18 -67.34 65.38
N HIS L 369 -12.59 -66.66 64.30
CA HIS L 369 -11.68 -65.88 63.47
C HIS L 369 -12.34 -64.57 63.10
N LEU L 370 -11.60 -63.48 63.26
CA LEU L 370 -12.13 -62.13 63.05
C LEU L 370 -11.80 -61.66 61.64
N GLY L 371 -12.81 -61.12 60.96
CA GLY L 371 -12.62 -60.56 59.64
C GLY L 371 -12.13 -59.12 59.71
N VAL L 372 -11.83 -58.58 58.53
CA VAL L 372 -11.37 -57.20 58.46
C VAL L 372 -12.55 -56.24 58.62
N ALA L 373 -12.26 -55.03 59.08
CA ALA L 373 -13.29 -54.04 59.31
C ALA L 373 -13.85 -53.53 57.99
N ASP L 374 -15.09 -53.02 58.04
CA ASP L 374 -15.76 -52.50 56.85
C ASP L 374 -15.26 -51.09 56.57
N ALA L 375 -15.98 -50.36 55.72
CA ALA L 375 -15.77 -48.92 55.61
C ALA L 375 -16.22 -48.16 56.86
N THR L 376 -16.64 -48.86 57.93
CA THR L 376 -17.05 -48.23 59.17
C THR L 376 -16.33 -48.75 60.40
N GLY L 377 -15.34 -49.63 60.25
CA GLY L 377 -14.55 -50.09 61.38
C GLY L 377 -15.30 -51.03 62.31
N ARG L 378 -15.62 -52.23 61.84
CA ARG L 378 -16.53 -53.11 62.57
C ARG L 378 -16.35 -54.54 62.05
N GLN L 379 -15.76 -55.40 62.89
CA GLN L 379 -15.30 -56.72 62.47
C GLN L 379 -16.38 -57.78 62.70
N THR L 380 -16.59 -58.64 61.70
CA THR L 380 -17.58 -59.69 61.78
C THR L 380 -16.90 -61.02 62.09
N PRO L 381 -17.02 -61.54 63.31
CA PRO L 381 -16.36 -62.80 63.64
C PRO L 381 -17.12 -63.99 63.07
N GLN L 382 -16.36 -65.02 62.66
CA GLN L 382 -16.92 -66.22 62.09
C GLN L 382 -16.32 -67.44 62.78
N VAL L 383 -17.13 -68.48 62.94
CA VAL L 383 -16.69 -69.67 63.65
C VAL L 383 -15.66 -70.41 62.82
N ILE L 384 -14.49 -70.67 63.41
CA ILE L 384 -13.57 -71.61 62.79
C ILE L 384 -14.23 -72.97 62.78
N GLU L 385 -14.44 -73.50 61.57
CA GLU L 385 -15.45 -74.52 61.39
C GLU L 385 -14.93 -75.88 61.87
N GLY L 386 -13.62 -76.05 61.91
CA GLY L 386 -13.02 -77.34 62.23
C GLY L 386 -12.59 -77.58 63.66
N SER L 387 -11.80 -76.67 64.23
CA SER L 387 -11.12 -76.94 65.49
C SER L 387 -12.02 -76.61 66.68
N GLU L 388 -12.13 -77.56 67.62
CA GLU L 388 -12.93 -77.40 68.82
C GLU L 388 -12.17 -78.04 69.98
N PHE L 389 -12.00 -77.31 71.08
CA PHE L 389 -11.16 -77.78 72.17
C PHE L 389 -11.95 -77.75 73.47
N THR L 390 -11.32 -78.21 74.55
CA THR L 390 -11.95 -78.30 75.87
C THR L 390 -10.90 -78.05 76.94
N VAL L 391 -11.25 -77.21 77.92
CA VAL L 391 -10.39 -76.94 79.06
C VAL L 391 -11.07 -77.45 80.32
N GLN L 392 -10.39 -78.35 81.03
CA GLN L 392 -10.97 -78.94 82.22
C GLN L 392 -10.93 -77.91 83.36
N ALA L 393 -12.08 -77.66 83.95
CA ALA L 393 -12.19 -76.58 84.93
C ALA L 393 -12.96 -77.06 86.15
N ASP L 394 -12.50 -76.66 87.33
CA ASP L 394 -13.18 -76.99 88.57
C ASP L 394 -14.16 -75.92 89.03
N LEU L 395 -14.05 -74.71 88.49
CA LEU L 395 -14.93 -73.61 88.88
C LEU L 395 -14.93 -72.57 87.78
N VAL L 396 -16.11 -72.25 87.25
CA VAL L 396 -16.26 -71.27 86.20
C VAL L 396 -16.99 -70.06 86.76
N ILE L 397 -16.68 -68.90 86.18
CA ILE L 397 -17.23 -67.62 86.62
C ILE L 397 -17.71 -66.86 85.38
N LYS L 398 -19.02 -66.64 85.30
CA LYS L 398 -19.60 -65.91 84.18
C LYS L 398 -19.56 -64.42 84.48
N ALA L 399 -18.83 -63.68 83.65
CA ALA L 399 -18.67 -62.23 83.78
C ALA L 399 -18.92 -61.55 82.44
N LEU L 400 -20.03 -61.91 81.80
CA LEU L 400 -20.32 -61.42 80.46
C LEU L 400 -20.52 -59.90 80.46
N GLY L 401 -21.48 -59.41 81.22
CA GLY L 401 -21.72 -57.98 81.26
C GLY L 401 -22.82 -57.58 82.22
N PHE L 402 -23.54 -56.51 81.90
CA PHE L 402 -24.60 -56.00 82.74
C PHE L 402 -25.64 -55.32 81.87
N GLU L 403 -26.86 -55.23 82.40
CA GLU L 403 -27.99 -54.63 81.69
C GLU L 403 -28.86 -53.92 82.72
N PRO L 404 -29.56 -52.86 82.32
CA PRO L 404 -30.41 -52.16 83.29
C PRO L 404 -31.61 -53.00 83.70
N GLU L 405 -32.17 -52.64 84.85
CA GLU L 405 -33.34 -53.32 85.38
C GLU L 405 -34.61 -52.74 84.76
N ASP L 406 -35.75 -53.31 85.14
CA ASP L 406 -37.05 -52.81 84.68
C ASP L 406 -37.54 -51.81 85.71
N LEU L 407 -37.08 -50.56 85.57
CA LEU L 407 -37.39 -49.54 86.57
C LEU L 407 -38.85 -49.12 86.55
N PRO L 408 -39.49 -48.84 85.40
CA PRO L 408 -40.89 -48.40 85.45
C PRO L 408 -41.83 -49.39 86.11
N ASN L 409 -41.54 -50.68 86.01
CA ASN L 409 -42.36 -51.70 86.65
C ASN L 409 -41.89 -52.01 88.07
N ALA L 410 -40.69 -51.60 88.44
CA ALA L 410 -40.20 -51.79 89.81
C ALA L 410 -40.32 -50.53 90.66
N PHE L 411 -40.50 -49.36 90.04
CA PHE L 411 -40.69 -48.11 90.78
C PHE L 411 -42.15 -47.68 90.81
N ASP L 412 -43.08 -48.63 90.64
CA ASP L 412 -44.52 -48.43 90.77
C ASP L 412 -45.09 -47.42 89.77
N GLU L 413 -44.28 -46.96 88.81
CA GLU L 413 -44.69 -45.92 87.87
C GLU L 413 -44.40 -46.36 86.45
N PRO L 414 -45.40 -46.83 85.71
CA PRO L 414 -45.16 -47.31 84.35
C PRO L 414 -45.14 -46.19 83.30
N GLU L 415 -45.04 -44.95 83.74
CA GLU L 415 -45.07 -43.80 82.84
C GLU L 415 -43.69 -43.27 82.49
N LEU L 416 -42.67 -43.67 83.24
CA LEU L 416 -41.30 -43.27 82.92
C LEU L 416 -40.88 -43.89 81.60
N LYS L 417 -40.31 -43.07 80.72
CA LYS L 417 -39.89 -43.58 79.41
C LYS L 417 -38.42 -43.96 79.42
N VAL L 418 -38.13 -45.16 78.93
CA VAL L 418 -36.79 -45.71 78.85
C VAL L 418 -36.56 -46.16 77.41
N THR L 419 -35.29 -46.38 77.07
CA THR L 419 -34.93 -46.86 75.74
C THR L 419 -35.18 -48.36 75.65
N ARG L 420 -34.76 -48.96 74.54
CA ARG L 420 -34.92 -50.40 74.39
C ARG L 420 -34.03 -51.17 75.37
N TRP L 421 -32.79 -50.71 75.54
CA TRP L 421 -31.87 -51.40 76.44
C TRP L 421 -32.21 -51.19 77.91
N GLY L 422 -32.85 -50.08 78.24
CA GLY L 422 -33.20 -49.75 79.61
C GLY L 422 -32.71 -48.41 80.08
N THR L 423 -31.77 -47.79 79.37
CA THR L 423 -31.30 -46.46 79.73
C THR L 423 -32.42 -45.45 79.46
N LEU L 424 -32.93 -44.85 80.52
CA LEU L 424 -34.09 -43.99 80.38
C LEU L 424 -33.73 -42.68 79.68
N LEU L 425 -34.71 -42.15 78.94
CA LEU L 425 -34.48 -40.94 78.15
C LEU L 425 -34.23 -39.75 79.05
N VAL L 426 -33.23 -38.94 78.68
CA VAL L 426 -32.85 -37.77 79.46
C VAL L 426 -32.57 -36.62 78.49
N ASP L 427 -33.15 -35.47 78.77
CA ASP L 427 -32.83 -34.29 77.98
C ASP L 427 -31.42 -33.82 78.30
N HIS L 428 -30.73 -33.31 77.27
CA HIS L 428 -29.33 -32.95 77.43
C HIS L 428 -29.14 -31.63 78.18
N ARG L 429 -30.20 -30.83 78.30
CA ARG L 429 -30.05 -29.51 78.90
C ARG L 429 -30.09 -29.56 80.42
N THR L 430 -31.22 -30.01 80.98
CA THR L 430 -31.43 -29.97 82.43
C THR L 430 -31.42 -31.35 83.07
N LYS L 431 -31.20 -32.42 82.29
CA LYS L 431 -31.12 -33.79 82.81
C LYS L 431 -32.43 -34.22 83.47
N MET L 432 -33.55 -33.85 82.87
CA MET L 432 -34.86 -34.23 83.37
C MET L 432 -35.30 -35.55 82.74
N THR L 433 -36.07 -36.32 83.50
CA THR L 433 -36.73 -37.51 82.98
C THR L 433 -37.99 -37.12 82.22
N ASN L 434 -38.83 -38.09 81.89
CA ASN L 434 -40.10 -37.78 81.24
C ASN L 434 -41.04 -37.07 82.22
N MET L 435 -41.18 -37.60 83.44
CA MET L 435 -42.06 -36.99 84.42
C MET L 435 -41.53 -35.63 84.86
N ASP L 436 -42.35 -34.92 85.63
CA ASP L 436 -42.04 -33.58 86.08
C ASP L 436 -41.40 -33.61 87.46
N GLY L 437 -40.35 -32.80 87.64
CA GLY L 437 -39.72 -32.64 88.92
C GLY L 437 -38.71 -33.70 89.29
N VAL L 438 -38.76 -34.87 88.66
CA VAL L 438 -37.85 -35.97 88.95
C VAL L 438 -36.75 -36.02 87.89
N PHE L 439 -35.52 -36.13 88.34
CA PHE L 439 -34.34 -36.15 87.47
C PHE L 439 -33.64 -37.49 87.60
N ALA L 440 -32.81 -37.81 86.61
CA ALA L 440 -32.03 -39.04 86.63
C ALA L 440 -30.80 -38.85 85.77
N ALA L 441 -29.62 -39.09 86.33
CA ALA L 441 -28.38 -38.95 85.60
C ALA L 441 -27.30 -39.76 86.31
N GLY L 442 -26.40 -40.34 85.52
CA GLY L 442 -25.34 -41.15 86.09
C GLY L 442 -24.95 -42.30 85.20
N ASP L 443 -24.98 -43.52 85.75
CA ASP L 443 -24.60 -44.70 85.01
C ASP L 443 -25.80 -45.31 84.29
N ILE L 444 -26.98 -45.29 84.90
CA ILE L 444 -28.18 -45.85 84.28
C ILE L 444 -28.54 -45.18 82.96
N VAL L 445 -27.91 -44.05 82.63
CA VAL L 445 -28.20 -43.36 81.38
C VAL L 445 -27.14 -43.59 80.31
N ARG L 446 -25.93 -43.99 80.69
CA ARG L 446 -24.85 -44.20 79.72
C ARG L 446 -24.72 -45.66 79.31
N GLY L 447 -24.48 -46.56 80.25
CA GLY L 447 -24.23 -47.94 79.93
C GLY L 447 -23.17 -48.58 80.79
N ALA L 448 -22.09 -49.04 80.19
CA ALA L 448 -20.93 -49.55 80.94
C ALA L 448 -19.81 -48.51 80.95
N SER L 449 -20.09 -47.36 81.56
CA SER L 449 -19.17 -46.24 81.54
C SER L 449 -18.22 -46.33 82.75
N LEU L 450 -17.47 -45.26 82.98
CA LEU L 450 -16.45 -45.21 84.02
C LEU L 450 -16.90 -44.32 85.19
N VAL L 451 -16.00 -44.11 86.13
CA VAL L 451 -16.33 -43.35 87.34
C VAL L 451 -16.41 -41.86 87.06
N VAL L 452 -15.41 -41.33 86.35
CA VAL L 452 -15.37 -39.89 86.09
C VAL L 452 -16.59 -39.46 85.30
N TRP L 453 -17.09 -40.30 84.40
CA TRP L 453 -18.30 -39.97 83.66
C TRP L 453 -19.48 -39.86 84.61
N ALA L 454 -19.57 -40.76 85.58
CA ALA L 454 -20.63 -40.69 86.57
C ALA L 454 -20.52 -39.42 87.41
N ILE L 455 -19.30 -39.02 87.75
CA ILE L 455 -19.11 -37.79 88.53
C ILE L 455 -19.60 -36.58 87.74
N ARG L 456 -19.22 -36.51 86.45
CA ARG L 456 -19.64 -35.38 85.63
C ARG L 456 -21.15 -35.37 85.46
N ASP L 457 -21.76 -36.53 85.22
CA ASP L 457 -23.20 -36.60 85.09
C ASP L 457 -23.89 -36.21 86.39
N GLY L 458 -23.32 -36.57 87.53
CA GLY L 458 -23.89 -36.17 88.80
C GLY L 458 -23.85 -34.67 88.99
N ARG L 459 -22.76 -34.03 88.57
CA ARG L 459 -22.66 -32.58 88.69
C ARG L 459 -23.66 -31.88 87.76
N ASP L 460 -23.82 -32.41 86.54
CA ASP L 460 -24.86 -31.93 85.64
C ASP L 460 -26.23 -32.01 86.30
N ALA L 461 -26.57 -33.19 86.85
CA ALA L 461 -27.88 -33.37 87.47
C ALA L 461 -28.06 -32.45 88.67
N ALA L 462 -26.99 -32.22 89.43
CA ALA L 462 -27.06 -31.31 90.57
C ALA L 462 -27.38 -29.90 90.13
N GLU L 463 -26.67 -29.40 89.11
CA GLU L 463 -26.95 -28.04 88.63
C GLU L 463 -28.36 -27.95 88.06
N GLY L 464 -28.80 -28.99 87.36
CA GLY L 464 -30.17 -28.99 86.85
C GLY L 464 -31.21 -28.95 87.94
N ILE L 465 -31.03 -29.78 88.97
CA ILE L 465 -31.96 -29.82 90.09
C ILE L 465 -32.01 -28.47 90.78
N HIS L 466 -30.85 -27.85 90.99
CA HIS L 466 -30.81 -26.54 91.64
C HIS L 466 -31.58 -25.50 90.82
N ALA L 467 -31.31 -25.46 89.50
CA ALA L 467 -31.98 -24.49 88.65
C ALA L 467 -33.49 -24.71 88.65
N TYR L 468 -33.92 -25.97 88.57
CA TYR L 468 -35.35 -26.26 88.53
C TYR L 468 -36.01 -25.90 89.85
N ALA L 469 -35.37 -26.22 90.97
CA ALA L 469 -35.95 -25.87 92.27
C ALA L 469 -36.09 -24.36 92.42
N LYS L 470 -35.06 -23.61 92.02
CA LYS L 470 -35.12 -22.16 92.15
C LYS L 470 -36.22 -21.57 91.25
N ALA L 471 -36.26 -22.01 89.99
CA ALA L 471 -37.27 -21.52 89.06
C ALA L 471 -38.67 -21.96 89.45
N LYS L 472 -38.83 -23.08 90.16
CA LYS L 472 -40.14 -23.37 90.71
C LYS L 472 -40.41 -22.50 91.91
N ALA L 473 -39.35 -22.08 92.60
CA ALA L 473 -39.48 -21.30 93.82
C ALA L 473 -39.77 -19.83 93.58
N GLU L 474 -39.57 -19.29 92.36
CA GLU L 474 -39.93 -17.88 92.17
C GLU L 474 -41.41 -17.68 92.49
N ALA L 475 -42.26 -18.46 91.85
CA ALA L 475 -43.70 -18.27 91.87
C ALA L 475 -44.41 -19.55 91.45
N1 FMN M . -1.15 32.60 -45.99
C2 FMN M . -1.32 33.36 -44.85
O2 FMN M . -0.72 33.08 -43.83
N3 FMN M . -2.18 34.45 -44.88
C4 FMN M . -2.87 34.76 -46.03
O4 FMN M . -3.63 35.72 -46.04
C4A FMN M . -2.69 34.00 -47.16
N5 FMN M . -3.37 34.32 -48.31
C5A FMN M . -3.19 33.56 -49.45
C6 FMN M . -3.88 33.87 -50.60
C7 FMN M . -3.70 33.12 -51.75
C7M FMN M . -4.44 33.47 -53.00
C8 FMN M . -2.83 32.03 -51.73
C8M FMN M . -2.64 31.20 -52.96
C9 FMN M . -2.14 31.71 -50.57
C9A FMN M . -2.33 32.48 -49.43
N10 FMN M . -1.65 32.15 -48.27
C10 FMN M . -1.83 32.92 -47.14
C1' FMN M . -0.71 31.00 -48.23
C2' FMN M . -1.39 29.75 -47.71
O2' FMN M . -1.80 29.98 -46.38
C3' FMN M . -0.42 28.59 -47.75
O3' FMN M . 0.76 28.95 -47.09
C4' FMN M . -0.10 28.25 -49.20
O4' FMN M . -1.29 28.28 -49.94
C5' FMN M . 0.53 26.87 -49.32
O5' FMN M . 0.95 26.70 -50.65
P FMN M . 0.54 25.36 -51.43
O1P FMN M . -0.91 25.47 -51.79
O2P FMN M . 1.38 25.21 -52.67
O3P FMN M . 0.74 24.17 -50.53
FE1 F3S N . -8.05 32.89 -60.66
FE3 F3S N . -6.30 30.82 -60.70
FE4 F3S N . -5.51 33.28 -59.95
S1 F3S N . -7.89 31.28 -62.19
S2 F3S N . -6.76 34.72 -61.15
S3 F3S N . -7.02 31.94 -58.83
S4 F3S N . -4.30 31.81 -61.17
N1 FMN O . -51.14 -13.56 -27.87
C2 FMN O . -50.18 -13.02 -28.71
O2 FMN O . -49.02 -13.41 -28.63
N3 FMN O . -50.52 -12.03 -29.60
C4 FMN O . -51.81 -11.58 -29.68
O4 FMN O . -52.11 -10.70 -30.48
C4A FMN O . -52.79 -12.12 -28.86
N5 FMN O . -54.08 -11.67 -28.94
C5A FMN O . -55.04 -12.21 -28.11
C6 FMN O . -56.35 -11.75 -28.19
C7 FMN O . -57.32 -12.30 -27.35
C7M FMN O . -58.73 -11.80 -27.44
C8 FMN O . -56.98 -13.28 -26.45
C8M FMN O . -58.03 -13.88 -25.56
C9 FMN O . -55.68 -13.74 -26.38
C9A FMN O . -54.70 -13.20 -27.21
N10 FMN O . -53.41 -13.65 -27.12
C10 FMN O . -52.45 -13.11 -27.96
C1' FMN O . -53.06 -14.72 -26.14
C2' FMN O . -52.53 -14.07 -24.87
O2' FMN O . -51.34 -13.38 -25.17
C3' FMN O . -52.23 -15.10 -23.80
O3' FMN O . -51.39 -16.10 -24.31
C4' FMN O . -53.54 -15.72 -23.33
O4' FMN O . -54.51 -14.72 -23.20
C5' FMN O . -53.37 -16.43 -21.99
O5' FMN O . -54.56 -17.13 -21.71
P FMN O . -55.25 -16.97 -20.26
O1P FMN O . -55.91 -15.62 -20.21
O2P FMN O . -56.28 -18.05 -20.08
O3P FMN O . -54.21 -17.06 -19.18
FE1 F3S P . -66.91 -10.34 -26.18
FE3 F3S P . -66.29 -12.18 -24.29
FE4 F3S P . -65.64 -12.58 -26.88
S1 F3S P . -68.17 -11.00 -24.47
S2 F3S P . -67.27 -11.56 -28.08
S3 F3S P . -64.79 -10.93 -25.50
S4 F3S P . -66.37 -14.15 -25.44
N1 FMN Q . -32.77 48.56 14.88
C2 FMN Q . -33.65 47.50 14.76
O2 FMN Q . -33.37 46.41 15.25
N3 FMN Q . -34.84 47.65 14.07
C4 FMN Q . -35.15 48.87 13.51
O4 FMN Q . -36.21 49.02 12.90
C4A FMN Q . -34.28 49.94 13.64
N5 FMN Q . -34.59 51.15 13.07
C5A FMN Q . -33.72 52.21 13.19
C6 FMN Q . -34.04 53.44 12.62
C7 FMN Q . -33.15 54.50 12.75
C7M FMN Q . -33.50 55.82 12.14
C8 FMN Q . -31.96 54.34 13.44
C8M FMN Q . -31.01 55.49 13.57
C9 FMN Q . -31.64 53.12 14.00
C9A FMN Q . -32.52 52.05 13.88
N10 FMN Q . -32.21 50.84 14.43
C10 FMN Q . -33.08 49.77 14.32
C1' FMN Q . -30.91 50.67 15.18
C2' FMN Q . -29.88 50.11 14.23
O2' FMN Q . -30.28 48.82 13.82
C3' FMN Q . -28.51 50.00 14.90
O3' FMN Q . -28.63 49.28 16.11
C4' FMN Q . -27.98 51.39 15.18
O4' FMN Q . -28.24 52.22 14.07
C5' FMN Q . -26.49 51.37 15.46
O5' FMN Q . -26.11 52.67 15.87
P FMN Q . -24.83 53.37 15.19
O1P FMN Q . -25.24 53.82 13.80
O2P FMN Q . -24.40 54.57 15.99
O3P FMN Q . -23.69 52.39 15.07
FE1 F3S R . -33.22 63.83 9.33
FE3 F3S R . -30.89 63.31 10.59
FE4 F3S R . -33.26 62.90 11.84
S1 F3S R . -31.35 65.04 9.26
S2 F3S R . -34.66 64.47 11.00
S3 F3S R . -32.47 61.76 9.99
S4 F3S R . -31.39 63.73 12.78
N1 FMN S . 55.79 0.76 8.72
C2 FMN S . 55.44 -0.32 7.95
O2 FMN S . 54.54 -0.20 7.12
N3 FMN S . 56.09 -1.52 8.11
C4 FMN S . 57.09 -1.64 9.04
O4 FMN S . 57.67 -2.72 9.18
C4A FMN S . 57.45 -0.55 9.81
N5 FMN S . 58.45 -0.67 10.74
C5A FMN S . 58.81 0.41 11.52
C6 FMN S . 59.82 0.29 12.46
C7 FMN S . 60.17 1.38 13.23
C7M FMN S . 61.27 1.25 14.23
C8 FMN S . 59.52 2.59 13.07
C8M FMN S . 59.90 3.77 13.90
C9 FMN S . 58.50 2.71 12.12
C9A FMN S . 58.15 1.62 11.35
N10 FMN S . 57.14 1.73 10.42
C10 FMN S . 56.79 0.65 9.65
C1' FMN S . 56.42 3.03 10.23
C2' FMN S . 55.15 3.07 11.04
O2' FMN S . 54.27 2.07 10.58
C3' FMN S . 54.49 4.44 10.87
O3' FMN S . 54.35 4.70 9.50
C4' FMN S . 55.36 5.51 11.49
O4' FMN S . 55.84 5.05 12.73
C5' FMN S . 54.59 6.80 11.71
O5' FMN S . 55.51 7.79 12.14
P FMN S . 55.16 8.67 13.43
O1P FMN S . 55.38 7.80 14.63
O2P FMN S . 56.06 9.87 13.49
O3P FMN S . 53.72 9.10 13.36
FE1 F3S T . 66.25 2.68 20.96
FE3 F3S T . 65.06 5.07 20.62
FE4 F3S T . 66.21 3.80 18.54
S1 F3S T . 66.33 4.43 22.32
S2 F3S T . 67.95 2.66 19.42
S3 F3S T . 64.35 3.08 19.72
S4 F3S T . 66.25 6.03 18.91
N1 FMN U . 18.37 -57.46 -5.14
C2 FMN U . 17.69 -57.37 -3.95
O2 FMN U . 16.62 -56.76 -3.89
N3 FMN U . 18.20 -57.93 -2.80
C4 FMN U . 19.40 -58.61 -2.84
O4 FMN U . 19.86 -59.12 -1.83
C4A FMN U . 20.09 -58.71 -4.04
N5 FMN U . 21.30 -59.38 -4.09
C5A FMN U . 21.98 -59.47 -5.28
C6 FMN U . 23.19 -60.15 -5.33
C7 FMN U . 23.88 -60.24 -6.53
C7M FMN U . 25.18 -60.97 -6.58
C8 FMN U . 23.36 -59.66 -7.68
C8M FMN U . 24.10 -59.76 -8.97
C9 FMN U . 22.15 -59.00 -7.63
C9A FMN U . 21.45 -58.90 -6.43
N10 FMN U . 20.26 -58.22 -6.38
C10 FMN U . 19.57 -58.13 -5.19
C1' FMN U . 19.71 -57.61 -7.64
C2' FMN U . 20.11 -56.14 -7.67
O2' FMN U . 19.53 -55.47 -6.58
C3' FMN U . 19.67 -55.47 -8.95
O3' FMN U . 18.29 -55.66 -9.14
C4' FMN U . 20.44 -56.06 -10.13
O4' FMN U . 21.78 -56.21 -9.76
C5' FMN U . 20.34 -55.17 -11.36
O5' FMN U . 20.94 -55.85 -12.45
P FMN U . 22.02 -55.10 -13.35
O1P FMN U . 23.30 -55.04 -12.58
O2P FMN U . 22.24 -55.89 -14.63
O3P FMN U . 21.56 -53.71 -13.69
FE1 F3S V . 32.55 -64.29 -8.91
FE3 F3S V . 31.66 -63.07 -11.15
FE4 F3S V . 30.07 -64.77 -9.79
S1 F3S V . 33.69 -63.91 -10.79
S2 F3S V . 31.47 -66.31 -8.89
S3 F3S V . 30.86 -62.73 -9.04
S4 F3S V . 30.20 -64.59 -12.03
N1 FMN W . 7.17 -13.17 57.95
C2 FMN W . 8.23 -12.48 57.39
O2 FMN W . 8.02 -11.50 56.68
N3 FMN W . 9.52 -12.87 57.63
C4 FMN W . 9.77 -13.97 58.44
O4 FMN W . 10.93 -14.32 58.66
C4A FMN W . 8.71 -14.66 59.01
N5 FMN W . 8.96 -15.75 59.80
C5A FMN W . 7.92 -16.44 60.36
C6 FMN W . 8.17 -17.54 61.16
C7 FMN W . 7.10 -18.24 61.72
C7M FMN W . 7.37 -19.42 62.60
C8 FMN W . 5.80 -17.85 61.47
C8M FMN W . 4.65 -18.60 62.09
C9 FMN W . 5.55 -16.74 60.68
C9A FMN W . 6.61 -16.05 60.11
N10 FMN W . 6.36 -14.95 59.30
C10 FMN W . 7.41 -14.25 58.75
C1' FMN W . 4.95 -14.54 59.05
C2' FMN W . 4.49 -15.16 57.73
O2' FMN W . 5.27 -14.64 56.69
C3' FMN W . 3.03 -14.83 57.45
O3' FMN W . 2.82 -13.45 57.53
C4' FMN W . 2.15 -15.53 58.49
O4' FMN W . 2.64 -16.84 58.69
C5' FMN W . 0.71 -15.60 58.04
O5' FMN W . -0.07 -16.11 59.11
P FMN W . -1.10 -17.30 58.84
O1P FMN W . -0.30 -18.58 58.68
O2P FMN W . -2.04 -17.45 60.01
O3P FMN W . -1.89 -17.05 57.58
FE1 F3S X . 6.55 -26.37 67.41
FE3 F3S X . 4.07 -25.53 66.74
FE4 F3S X . 5.82 -23.85 67.92
S1 F3S X . 4.64 -27.49 67.61
S2 F3S X . 7.08 -25.14 69.28
S3 F3S X . 6.04 -24.79 65.82
S4 F3S X . 3.61 -23.95 68.32
FE1 SF4 Y . -4.49 32.97 -72.73
FE2 SF4 Y . -4.94 31.90 -75.21
FE3 SF4 Y . -5.37 34.56 -74.78
FE4 SF4 Y . -7.05 32.71 -73.67
S1 SF4 Y . -6.74 33.12 -75.88
S2 SF4 Y . -6.15 34.54 -72.64
S3 SF4 Y . -5.58 31.03 -73.21
S4 SF4 Y . -3.38 33.46 -74.66
FE1 SF4 Z . -4.91 28.12 -84.27
FE2 SF4 Z . -2.47 26.94 -84.62
FE3 SF4 Z . -3.28 28.95 -86.30
FE4 SF4 Z . -4.47 26.48 -86.42
S1 SF4 Z . -2.30 26.98 -86.89
S2 SF4 Z . -5.51 28.52 -86.43
S3 SF4 Z . -4.44 25.89 -84.23
S4 SF4 Z . -2.87 29.12 -84.07
PA FAD AA . -0.68 15.62 -99.69
O1A FAD AA . -1.20 16.84 -100.34
O2A FAD AA . -1.64 14.60 -99.17
O5B FAD AA . 0.35 14.90 -100.69
C5B FAD AA . -0.19 14.61 -102.00
C4B FAD AA . 0.87 14.87 -103.04
O4B FAD AA . 1.57 13.64 -103.31
C3B FAD AA . 0.37 15.36 -104.40
O3B FAD AA . 1.28 16.32 -104.92
C2B FAD AA . 0.48 14.11 -105.26
O2B FAD AA . 0.57 14.38 -106.64
C1B FAD AA . 1.77 13.53 -104.69
N9A FAD AA . 1.92 12.13 -105.02
C8A FAD AA . 1.05 11.12 -104.74
N7A FAD AA . 1.48 9.95 -105.15
C5A FAD AA . 2.72 10.21 -105.72
C6A FAD AA . 3.68 9.39 -106.32
N6A FAD AA . 3.55 8.08 -106.46
N1A FAD AA . 4.81 9.98 -106.78
C2A FAD AA . 4.94 11.31 -106.64
N3A FAD AA . 4.11 12.18 -106.09
C4A FAD AA . 3.00 11.56 -105.64
N1 FAD AA . -8.17 15.74 -97.32
C2 FAD AA . -8.85 15.28 -98.38
O2 FAD AA . -8.53 14.23 -98.92
N3 FAD AA . -9.90 15.94 -98.89
C4 FAD AA . -10.35 17.12 -98.36
O4 FAD AA . -11.31 17.69 -98.86
C4X FAD AA . -9.66 17.65 -97.25
N5 FAD AA . -10.08 18.77 -96.73
C5X FAD AA . -9.38 19.24 -95.65
C6 FAD AA . -9.82 20.45 -95.09
C7 FAD AA . -9.17 21.00 -94.00
C7M FAD AA . -9.66 22.29 -93.42
C8 FAD AA . -8.06 20.33 -93.44
C8M FAD AA . -7.34 20.91 -92.25
C9 FAD AA . -7.64 19.14 -93.98
C9A FAD AA . -8.28 18.58 -95.09
N10 FAD AA . -7.87 17.39 -95.68
C10 FAD AA . -8.55 16.87 -96.77
C1' FAD AA . -6.74 16.63 -95.13
C2' FAD AA . -5.39 17.29 -95.37
O2' FAD AA . -5.51 18.21 -96.44
C3' FAD AA . -4.38 16.23 -95.79
O3' FAD AA . -4.44 15.14 -94.89
C4' FAD AA . -2.93 16.73 -95.83
O4' FAD AA . -2.92 17.98 -96.51
C5' FAD AA . -2.03 15.77 -96.57
O5' FAD AA . -0.63 16.02 -96.24
P FAD AA . 0.51 15.32 -97.10
O1P FAD AA . 1.86 15.67 -96.55
O2P FAD AA . 0.18 13.88 -97.29
O3P FAD AA . 0.31 16.04 -98.51
FE1 SF4 BA . -77.42 -16.34 -25.21
FE2 SF4 BA . -79.29 -17.71 -23.76
FE3 SF4 BA . -79.93 -16.73 -26.23
FE4 SF4 BA . -79.57 -15.02 -24.13
S1 SF4 BA . -81.19 -16.60 -24.34
S2 SF4 BA . -78.74 -14.80 -26.25
S3 SF4 BA . -77.90 -16.08 -23.00
S4 SF4 BA . -78.38 -18.33 -25.75
FE1 SF4 CA . -88.46 -19.80 -19.42
FE2 SF4 CA . -88.01 -22.30 -18.40
FE3 SF4 CA . -90.05 -21.88 -20.18
FE4 SF4 CA . -90.22 -20.89 -17.63
S1 SF4 CA . -90.15 -23.08 -18.23
S2 SF4 CA . -90.73 -19.79 -19.57
S3 SF4 CA . -88.04 -20.34 -17.24
S4 SF4 CA . -87.82 -21.65 -20.58
PA FAD DA . -101.61 -28.33 -6.44
O1A FAD DA . -101.77 -27.56 -7.70
O2A FAD DA . -101.89 -27.64 -5.14
O5B FAD DA . -102.47 -29.67 -6.53
C5B FAD DA . -102.77 -30.41 -5.32
C4B FAD DA . -103.93 -31.34 -5.60
O4B FAD DA . -104.07 -32.25 -4.48
C3B FAD DA . -105.30 -30.68 -5.78
O3B FAD DA . -106.02 -31.35 -6.80
C2B FAD DA . -105.98 -30.96 -4.43
O2B FAD DA . -107.39 -30.93 -4.48
C1B FAD DA . -105.44 -32.35 -4.15
N9A FAD DA . -105.50 -32.76 -2.76
C8A FAD DA . -105.17 -32.00 -1.66
N7A FAD DA . -105.31 -32.67 -0.53
C5A FAD DA . -105.76 -33.92 -0.92
C6A FAD DA . -106.09 -35.08 -0.20
N6A FAD DA . -106.01 -35.17 1.13
N1A FAD DA . -106.51 -36.16 -0.91
C2A FAD DA . -106.57 -36.06 -2.24
N3A FAD DA . -106.29 -35.04 -3.03
C4A FAD DA . -105.88 -33.98 -2.30
N1 FAD DA . -99.93 -20.44 -5.79
C2 FAD DA . -100.94 -20.05 -4.99
O2 FAD DA . -101.08 -20.52 -3.87
N3 FAD DA . -101.86 -19.12 -5.39
C4 FAD DA . -101.80 -18.53 -6.63
O4 FAD DA . -102.64 -17.70 -6.94
C4X FAD DA . -100.76 -18.91 -7.48
N5 FAD DA . -100.70 -18.36 -8.67
C5X FAD DA . -99.67 -18.74 -9.48
C6 FAD DA . -99.59 -18.14 -10.76
C7 FAD DA . -98.58 -18.47 -11.63
C7M FAD DA . -98.52 -17.82 -12.98
C8 FAD DA . -97.61 -19.44 -11.25
C8M FAD DA . -96.50 -19.83 -12.20
C9 FAD DA . -97.68 -20.02 -10.01
C9A FAD DA . -98.70 -19.69 -9.10
N10 FAD DA . -98.81 -20.27 -7.83
C10 FAD DA . -99.83 -19.90 -6.99
C1' FAD DA . -97.80 -21.26 -7.41
C2' FAD DA . -98.06 -22.65 -7.97
O2' FAD DA . -98.88 -22.58 -9.13
C3' FAD DA . -98.70 -23.60 -6.95
O3' FAD DA . -97.81 -23.80 -5.86
C4' FAD DA . -99.11 -24.96 -7.53
O4' FAD DA . -99.62 -24.77 -8.85
C5' FAD DA . -97.98 -25.95 -7.58
O5' FAD DA . -98.57 -27.28 -7.58
P FAD DA . -98.74 -28.05 -6.19
O1P FAD DA . -97.59 -28.99 -6.04
O2P FAD DA . -98.96 -27.03 -5.13
O3P FAD DA . -100.10 -28.87 -6.38
FE1 SF4 EA . -31.42 75.34 13.82
FE2 SF4 EA . -30.03 77.68 13.65
FE3 SF4 EA . -32.75 77.72 13.72
FE4 SF4 EA . -31.46 76.80 11.50
S1 SF4 EA . -31.40 78.92 12.32
S2 SF4 EA . -33.25 75.84 12.55
S3 SF4 EA . -29.65 75.79 12.45
S4 SF4 EA . -31.36 77.00 15.37
FE1 SF4 FA . -25.87 86.65 13.25
FE2 SF4 FA . -24.09 86.57 15.33
FE3 SF4 FA . -26.02 88.52 15.24
FE4 SF4 FA . -23.93 88.57 13.46
S1 SF4 FA . -23.81 88.80 15.73
S2 SF4 FA . -26.14 88.90 13.00
S3 SF4 FA . -23.62 86.34 13.12
S4 SF4 FA . -26.35 86.27 15.45
PA FAD GA . -11.68 101.23 15.26
O1A FAD GA . -13.01 101.31 14.57
O2A FAD GA . -10.45 101.04 14.45
O5B FAD GA . -11.51 102.50 16.22
C5B FAD GA . -10.23 102.71 16.85
C4B FAD GA . -10.25 104.06 17.51
O4B FAD GA . -8.90 104.39 17.93
C3B FAD GA . -10.70 105.24 16.64
O3B FAD GA . -11.40 106.17 17.43
C2B FAD GA . -9.36 105.88 16.25
O2B FAD GA . -9.48 107.21 15.84
C1B FAD GA . -8.63 105.71 17.57
N9A FAD GA . -7.19 105.85 17.47
C8A FAD GA . -6.40 105.57 16.39
N7A FAD GA . -5.13 105.78 16.63
C5A FAD GA . -5.09 106.22 17.94
C6A FAD GA . -4.04 106.61 18.78
N6A FAD GA . -2.76 106.62 18.42
N1A FAD GA . -4.36 107.00 20.05
C2A FAD GA . -5.65 106.99 20.41
N3A FAD GA . -6.72 106.64 19.70
C4A FAD GA . -6.37 106.26 18.47
N1 FAD GA . -13.86 99.25 7.87
C2 FAD GA . -13.47 100.32 7.17
O2 FAD GA . -12.33 100.76 7.25
N3 FAD GA . -14.33 100.98 6.35
C4 FAD GA . -15.63 100.59 6.18
O4 FAD GA . -16.35 101.22 5.43
C4X FAD GA . -16.06 99.47 6.89
N5 FAD GA . -17.29 99.08 6.72
C5X FAD GA . -17.69 97.97 7.42
C6 FAD GA . -19.01 97.54 7.26
C7 FAD GA . -19.49 96.44 7.92
C7M FAD GA . -20.92 96.01 7.69
C8 FAD GA . -18.64 95.72 8.78
C8M FAD GA . -19.15 94.51 9.51
C9 FAD GA . -17.34 96.14 8.96
C9A FAD GA . -16.83 97.26 8.29
N10 FAD GA . -15.53 97.72 8.43
C10 FAD GA . -15.09 98.83 7.73
C1' FAD GA . -14.57 97.03 9.32
C2' FAD GA . -15.17 96.66 10.66
O2' FAD GA . -16.00 97.73 11.08
C3' FAD GA . -14.10 96.44 11.74
O3' FAD GA . -12.87 96.06 11.13
C4' FAD GA . -13.86 97.64 12.65
O4' FAD GA . -15.14 98.16 13.05
C5' FAD GA . -13.07 97.29 13.89
O5' FAD GA . -12.87 98.50 14.68
P FAD GA . -11.82 98.48 15.89
O1P FAD GA . -12.37 97.66 17.02
O2P FAD GA . -10.48 98.15 15.36
O3P FAD GA . -11.80 100.02 16.29
FE1 SF4 HA . 75.43 10.70 24.14
FE2 SF4 HA . 76.51 12.15 26.19
FE3 SF4 HA . 77.92 10.09 25.08
FE4 SF4 HA . 75.71 9.56 26.61
S1 SF4 HA . 77.66 10.53 27.30
S2 SF4 HA . 76.25 8.63 24.61
S3 SF4 HA . 74.39 11.33 26.05
S4 SF4 HA . 77.29 12.01 24.05
FE1 SF4 IA . 80.72 18.51 32.38
FE2 SF4 IA . 80.42 20.99 31.27
FE3 SF4 IA . 82.93 20.01 31.80
FE4 SF4 IA . 81.27 20.74 33.86
S1 SF4 IA . 82.15 22.10 32.26
S2 SF4 IA . 82.54 18.84 33.71
S3 SF4 IA . 79.25 20.12 33.01
S4 SF4 IA . 81.42 19.17 30.31
PA FAD JA . 84.57 35.59 42.66
O1A FAD JA . 83.59 35.78 43.76
O2A FAD JA . 85.23 34.26 42.54
O5B FAD JA . 85.69 36.73 42.74
C5B FAD JA . 85.28 38.11 42.88
C4B FAD JA . 86.52 38.95 43.00
O4B FAD JA . 86.11 40.32 43.26
C3B FAD JA . 87.49 38.59 44.13
O3B FAD JA . 88.82 38.85 43.72
C2B FAD JA . 87.13 39.65 45.19
O2B FAD JA . 88.15 39.86 46.14
C1B FAD JA . 86.93 40.85 44.28
N9A FAD JA . 86.22 41.93 44.91
C8A FAD JA . 85.26 41.85 45.87
N7A FAD JA . 84.80 43.02 46.22
C5A FAD JA . 85.49 43.93 45.44
C6A FAD JA . 85.45 45.33 45.34
N6A FAD JA . 84.65 46.10 46.06
N1A FAD JA . 86.28 45.91 44.45
C2A FAD JA . 87.09 45.12 43.71
N3A FAD JA . 87.21 43.81 43.72
C4A FAD JA . 86.37 43.26 44.62
N1 FAD JA . 82.06 29.53 47.01
C2 FAD JA . 82.49 29.81 48.24
O2 FAD JA . 82.23 30.90 48.76
N3 FAD JA . 83.19 28.93 48.98
C4 FAD JA . 83.52 27.69 48.49
O4 FAD JA . 84.16 26.93 49.20
C4X FAD JA . 83.10 27.36 47.21
N5 FAD JA . 83.40 26.19 46.72
C5X FAD JA . 82.98 25.90 45.45
C6 FAD JA . 83.30 24.64 44.92
C7 FAD JA . 82.92 24.29 43.66
C7M FAD JA . 83.28 22.93 43.11
C8 FAD JA . 82.18 25.19 42.87
C8M FAD JA . 81.75 24.82 41.48
C9 FAD JA . 81.85 26.43 43.38
C9A FAD JA . 82.24 26.81 44.67
N10 FAD JA . 81.93 28.04 45.22
C10 FAD JA . 82.35 28.36 46.49
C1' FAD JA . 81.16 29.04 44.45
C2' FAD JA . 81.80 29.41 43.13
O2' FAD JA . 83.21 29.34 43.25
C3' FAD JA . 81.43 30.85 42.80
O3' FAD JA . 80.04 30.97 42.59
C4' FAD JA . 82.20 31.49 41.64
O4' FAD JA . 83.58 31.55 41.99
C5' FAD JA . 81.68 32.86 41.31
O5' FAD JA . 82.75 33.75 40.88
P FAD JA . 82.47 35.32 40.78
O1P FAD JA . 82.16 35.72 39.38
O2P FAD JA . 81.51 35.65 41.86
O3P FAD JA . 83.87 35.91 41.25
FE1 SF4 KA . 37.09 -71.83 -17.21
FE2 SF4 KA . 38.22 -72.20 -19.67
FE3 SF4 KA . 38.42 -74.15 -17.77
FE4 SF4 KA . 39.81 -71.81 -17.48
S1 SF4 KA . 40.08 -73.39 -19.12
S2 SF4 KA . 38.59 -72.90 -15.87
S3 SF4 KA . 38.34 -70.33 -18.38
S4 SF4 KA . 36.51 -73.40 -18.75
FE1 SF4 LA . 45.44 -74.72 -26.64
FE2 SF4 LA . 44.05 -74.46 -28.98
FE3 SF4 LA . 45.23 -76.85 -28.35
FE4 SF4 LA . 46.78 -74.69 -29.03
S1 SF4 LA . 45.29 -75.78 -30.35
S2 SF4 LA . 47.12 -76.13 -27.29
S3 SF4 LA . 45.56 -72.99 -28.11
S4 SF4 LA . 43.54 -75.82 -27.22
PA FAD MA . 54.60 -74.67 -44.52
O1A FAD MA . 55.10 -73.27 -44.57
O2A FAD MA . 55.15 -75.61 -43.50
O5B FAD MA . 54.73 -75.33 -45.97
C5B FAD MA . 56.03 -75.23 -46.58
C4B FAD MA . 56.15 -76.35 -47.60
O4B FAD MA . 55.44 -75.99 -48.80
C3B FAD MA . 57.55 -76.65 -48.12
O3B FAD MA . 58.33 -77.34 -47.15
C2B FAD MA . 57.15 -77.55 -49.28
O2B FAD MA . 56.62 -78.71 -48.66
C1B FAD MA . 55.97 -76.77 -49.86
N9A FAD MA . 56.36 -75.86 -50.93
C8A FAD MA . 57.04 -74.68 -50.80
N7A FAD MA . 57.21 -74.09 -51.96
C5A FAD MA . 56.61 -74.92 -52.89
C6A FAD MA . 56.47 -74.86 -54.29
N6A FAD MA . 56.93 -73.85 -55.02
N1A FAD MA . 55.82 -75.87 -54.89
C2A FAD MA . 55.35 -76.88 -54.14
N3A FAD MA . 55.43 -77.05 -52.82
C4A FAD MA . 56.09 -76.03 -52.25
N1 FAD MA . 58.73 -71.70 -38.39
C2 FAD MA . 59.98 -71.78 -38.88
O2 FAD MA . 60.26 -71.28 -39.97
N3 FAD MA . 60.97 -72.41 -38.22
C4 FAD MA . 60.76 -73.01 -37.00
O4 FAD MA . 61.69 -73.57 -36.43
C4X FAD MA . 59.49 -72.93 -36.45
N5 FAD MA . 59.27 -73.49 -35.30
C5X FAD MA . 58.01 -73.40 -34.78
C6 FAD MA . 57.77 -73.98 -33.52
C7 FAD MA . 56.54 -73.93 -32.93
C7M FAD MA . 56.34 -74.56 -31.59
C8 FAD MA . 55.48 -73.28 -33.61
C8M FAD MA . 54.10 -73.22 -32.99
C9 FAD MA . 55.69 -72.71 -34.83
C9A FAD MA . 56.95 -72.74 -35.44
N10 FAD MA . 57.22 -72.18 -36.69
C10 FAD MA . 58.48 -72.25 -37.22
C1' FAD MA . 56.15 -71.47 -37.42
C2' FAD MA . 55.08 -72.41 -37.92
O2' FAD MA . 55.59 -73.73 -37.96
C3' FAD MA . 54.66 -72.03 -39.35
O3' FAD MA . 54.12 -70.72 -39.37
C4' FAD MA . 53.66 -73.01 -39.97
O4' FAD MA . 54.30 -74.28 -40.10
C5' FAD MA . 53.17 -72.55 -41.32
O5' FAD MA . 52.83 -73.72 -42.12
P FAD MA . 52.20 -73.53 -43.57
O1P FAD MA . 52.66 -72.23 -44.14
O2P FAD MA . 50.76 -73.87 -43.57
O3P FAD MA . 53.01 -74.63 -44.38
FE1 SF4 NA . 0.79 -30.25 77.64
FE2 SF4 NA . -0.90 -31.98 78.92
FE3 SF4 NA . 1.54 -31.41 80.01
FE4 SF4 NA . 1.37 -32.92 77.73
S1 SF4 NA . 0.58 -33.47 79.79
S2 SF4 NA . 2.81 -31.18 78.13
S3 SF4 NA . -0.40 -31.93 76.70
S4 SF4 NA . -0.18 -29.95 79.69
FE1 SF4 OA . -6.39 -38.19 84.32
FE2 SF4 OA . -8.75 -36.82 84.56
FE3 SF4 OA . -7.37 -37.62 86.80
FE4 SF4 OA . -8.62 -39.47 85.22
S1 SF4 OA . -9.62 -37.81 86.42
S2 SF4 OA . -6.52 -39.60 86.10
S3 SF4 OA . -8.32 -38.56 83.17
S4 SF4 OA . -6.69 -36.12 85.24
PA FAD PA . -22.80 -47.74 91.78
O1A FAD PA . -21.37 -47.69 92.18
O2A FAD PA . -23.30 -48.92 91.03
O5B FAD PA . -23.71 -47.53 93.08
C5B FAD PA . -25.11 -47.87 92.97
C4B FAD PA . -25.72 -47.83 94.35
O4B FAD PA . -27.16 -47.89 94.23
C3B FAD PA . -25.34 -49.00 95.29
O3B FAD PA . -25.08 -48.48 96.59
C2B FAD PA . -26.64 -49.82 95.34
O2B FAD PA . -26.79 -50.60 96.50
C1B FAD PA . -27.67 -48.72 95.23
N9A FAD PA . -28.97 -49.17 94.74
C8A FAD PA . -29.22 -49.80 93.55
N7A FAD PA . -30.49 -50.04 93.38
C5A FAD PA . -31.11 -49.52 94.51
C6A FAD PA . -32.46 -49.47 94.92
N6A FAD PA . -33.46 -49.93 94.20
N1A FAD PA . -32.71 -48.88 96.12
C2A FAD PA . -31.69 -48.40 96.83
N3A FAD PA . -30.39 -48.40 96.55
C4A FAD PA . -30.17 -48.99 95.35
N1 FAD PA . -18.03 -52.06 86.82
C2 FAD PA . -18.32 -53.37 87.01
O2 FAD PA . -19.47 -53.78 86.88
N3 FAD PA . -17.37 -54.27 87.35
C4 FAD PA . -16.06 -53.93 87.52
O4 FAD PA . -15.24 -54.78 87.83
C4X FAD PA . -15.71 -52.57 87.34
N5 FAD PA . -14.46 -52.23 87.49
C5X FAD PA . -14.16 -50.90 87.30
C6 FAD PA . -12.82 -50.52 87.46
C7 FAD PA . -12.43 -49.22 87.28
C7M FAD PA . -10.98 -48.84 87.47
C8 FAD PA . -13.39 -48.23 86.93
C8M FAD PA . -12.98 -46.80 86.73
C9 FAD PA . -14.71 -48.61 86.76
C9A FAD PA . -15.13 -49.93 86.94
N10 FAD PA . -16.45 -50.36 86.79
C10 FAD PA . -16.79 -51.68 86.98
C1' FAD PA . -17.51 -49.40 86.42
C2' FAD PA . -17.35 -48.04 87.09
O2' FAD PA . -17.03 -48.24 88.46
C3' FAD PA . -18.64 -47.22 87.01
O3' FAD PA . -19.42 -47.65 85.91
C4' FAD PA . -19.48 -47.17 88.28
O4' FAD PA . -18.62 -47.23 89.41
C5' FAD PA . -20.26 -45.88 88.38
O5' FAD PA . -21.12 -45.85 89.56
P FAD PA . -22.68 -46.13 89.40
O1P FAD PA . -22.86 -47.38 88.64
O2P FAD PA . -23.35 -44.88 88.93
O3P FAD PA . -23.13 -46.43 90.92
#